data_8QV0
#
_entry.id   8QV0
#
_cell.length_a   1.00
_cell.length_b   1.00
_cell.length_c   1.00
_cell.angle_alpha   90.00
_cell.angle_beta   90.00
_cell.angle_gamma   90.00
#
_symmetry.space_group_name_H-M   'P 1'
#
loop_
_entity.id
_entity.type
_entity.pdbx_description
1 polymer 'Tubulin alpha-1 chain'
2 polymer 'Tubulin beta chain'
#
loop_
_entity_poly.entity_id
_entity_poly.type
_entity_poly.pdbx_seq_one_letter_code
_entity_poly.pdbx_strand_id
1 'polypeptide(L)'
;MREVISINVGQAGCQIGNACWELYSLEHGIKPDGHLEDGLSKPKGGEEGFSTFFHETGYGKFVPRAIYVDLEPNVIDEVR
NGPYKDLFHPEQLISGKEDAANNYARGHYTVGREILGDVLDRIRKLADQCDGLQGFLFTHSLGGGTGSGLGSLLLEELSA
EYGKKSKLEFAVYPAPQVSTSVVEPYNTVLTTHTTLEHADCTFMVDNEAIYDMCKRNLDIPRPSFANLNNLIAQVVSSVT
ASLRFDGSLNVDLNEFQTNLVPYPRIHFPLVSYSPVLSKSKAFHESNSVSEITNACFEPGNQMVKCDPRDGKYMATCLLY
RGDVVTRDVQRAVEQVKNKKTVQLVDWCPTGFKIGICYEPPTATPNSQLATVDRAVCMLSNTTSIAEAWKRIDRKFDLMY
AKRAFVHWYVGEGMEEGEFTEAREDLAALERDYIEVGADSYAEEEEF
;
A,C,D,E,F,G,H,I,J,K,L,M,N
2 'polypeptide(L)'
;MREIIHISTGQCGNQIGAAFWETICGEHGLDFNGTYHGHDDIQKERLNVYFNEASSGKWVPRSINVDLEPGTIDAVRNSA
IGNLFRPDNYIFGQSSAGNVWAKGHYTEGAELVDSVMDVIRREAEGCDSLQGFQITHSLGGGTGSGMGTLLISKIREEFP
DRMMATFSVLPSPKTSDTVVEPYNATLSVHQLVEHSDETFCIDNEALYDICQRTLKLNQPSYGDLNNLVSSVMSGVTTSL
RYPGQLNSDLRKLAVNLVPFPRLHFFMVGYAPLTAIGSQSFRSLTVPELTQQMFDAKNMMAAADPRNGRYLTVAAFFRGK
VSVKEVEDEMHKVQSKNSDYFVEWIPNNVQTAVCSVAPQGLDMAATFIANSTSIQELFKRVGDQFSAMFKRKAFLHWYTS
EGMDELEFSEAESNMNDLVSEYQQYQEATVEDDEEVDENGDFGAPQNQDEPITENFE
;
B,O,P,Q,R,S,T,U,V,W,X,Y,Z
#
# COMPACT_ATOMS: atom_id res chain seq x y z
N MET A 1 83.39 -43.15 63.91
CA MET A 1 84.37 -42.55 63.02
C MET A 1 83.63 -41.97 61.82
N ARG A 2 82.50 -41.32 62.09
CA ARG A 2 81.67 -40.77 61.02
C ARG A 2 81.32 -39.31 61.21
N GLU A 3 81.08 -38.87 62.44
CA GLU A 3 80.53 -37.54 62.70
C GLU A 3 81.57 -36.64 63.35
N VAL A 4 81.44 -35.34 63.11
CA VAL A 4 82.29 -34.32 63.68
C VAL A 4 81.42 -33.33 64.44
N ILE A 5 81.77 -33.05 65.69
CA ILE A 5 81.02 -32.16 66.56
C ILE A 5 81.78 -30.85 66.67
N SER A 6 81.08 -29.74 66.48
CA SER A 6 81.67 -28.41 66.49
C SER A 6 81.12 -27.63 67.68
N ILE A 7 82.02 -26.95 68.41
CA ILE A 7 81.66 -26.15 69.56
C ILE A 7 82.28 -24.77 69.41
N ASN A 8 81.47 -23.73 69.59
CA ASN A 8 81.92 -22.35 69.49
C ASN A 8 81.81 -21.68 70.85
N VAL A 9 82.89 -21.03 71.27
CA VAL A 9 82.95 -20.34 72.56
C VAL A 9 83.37 -18.90 72.31
N GLY A 10 82.66 -17.96 72.95
CA GLY A 10 82.95 -16.55 72.78
C GLY A 10 82.14 -15.92 71.67
N GLN A 11 81.99 -14.59 71.75
CA GLN A 11 81.19 -13.88 70.76
C GLN A 11 81.80 -13.99 69.37
N ALA A 12 83.12 -13.87 69.26
CA ALA A 12 83.78 -14.01 67.96
C ALA A 12 83.58 -15.42 67.40
N GLY A 13 83.74 -16.44 68.25
CA GLY A 13 83.52 -17.80 67.80
C GLY A 13 82.08 -18.04 67.36
N CYS A 14 81.13 -17.44 68.08
CA CYS A 14 79.73 -17.56 67.69
C CYS A 14 79.45 -16.90 66.35
N GLN A 15 80.05 -15.73 66.10
CA GLN A 15 79.88 -15.08 64.80
C GLN A 15 80.49 -15.91 63.68
N ILE A 16 81.68 -16.48 63.93
CA ILE A 16 82.31 -17.33 62.92
C ILE A 16 81.44 -18.55 62.64
N GLY A 17 80.88 -19.15 63.69
CA GLY A 17 79.99 -20.28 63.50
C GLY A 17 78.75 -19.92 62.73
N ASN A 18 78.13 -18.78 63.06
CA ASN A 18 76.95 -18.33 62.32
C ASN A 18 77.27 -18.20 60.84
N ALA A 19 78.40 -17.56 60.53
CA ALA A 19 78.79 -17.42 59.13
C ALA A 19 78.99 -18.77 58.47
N CYS A 20 79.68 -19.70 59.16
CA CYS A 20 80.03 -20.96 58.53
C CYS A 20 78.80 -21.84 58.30
N TRP A 21 77.84 -21.83 59.24
CA TRP A 21 76.60 -22.56 58.95
C TRP A 21 75.77 -21.87 57.88
N GLU A 22 75.82 -20.53 57.80
CA GLU A 22 75.18 -19.87 56.67
C GLU A 22 75.75 -20.36 55.35
N LEU A 23 77.08 -20.42 55.24
CA LEU A 23 77.67 -21.01 54.03
C LEU A 23 77.20 -22.44 53.82
N TYR A 24 77.36 -23.30 54.84
CA TYR A 24 76.99 -24.71 54.69
C TYR A 24 75.58 -24.86 54.15
N SER A 25 74.65 -24.04 54.64
CA SER A 25 73.31 -24.01 54.06
C SER A 25 73.36 -23.55 52.61
N LEU A 26 74.28 -22.64 52.29
CA LEU A 26 74.32 -22.11 50.92
C LEU A 26 74.74 -23.17 49.91
N GLU A 27 75.92 -23.80 50.09
CA GLU A 27 76.35 -24.72 49.05
C GLU A 27 75.53 -26.01 49.04
N HIS A 28 75.16 -26.52 50.22
CA HIS A 28 74.42 -27.77 50.25
C HIS A 28 72.92 -27.59 50.06
N GLY A 29 72.47 -26.37 49.77
CA GLY A 29 71.10 -26.17 49.33
C GLY A 29 70.05 -26.20 50.43
N ILE A 30 70.44 -25.96 51.67
CA ILE A 30 69.48 -25.86 52.77
C ILE A 30 69.06 -24.41 52.92
N LYS A 31 67.75 -24.18 52.99
CA LYS A 31 67.22 -22.85 53.19
C LYS A 31 67.56 -22.37 54.61
N PRO A 32 67.52 -21.04 54.85
CA PRO A 32 67.93 -20.52 56.16
C PRO A 32 67.11 -21.04 57.34
N ASP A 33 66.09 -21.86 57.08
CA ASP A 33 65.33 -22.50 58.14
C ASP A 33 65.36 -24.02 58.09
N GLY A 34 65.73 -24.62 56.97
CA GLY A 34 65.83 -26.06 56.86
C GLY A 34 64.52 -26.71 56.47
N HIS A 35 64.64 -27.95 56.00
CA HIS A 35 63.50 -28.80 55.63
C HIS A 35 62.63 -28.13 54.56
N LEU A 36 63.19 -28.02 53.35
CA LEU A 36 64.51 -28.55 53.02
C LEU A 36 65.52 -27.46 52.60
N GLU A 37 65.26 -26.55 51.64
CA GLU A 37 64.11 -26.44 50.72
C GLU A 37 64.61 -26.11 49.31
N ASP A 38 64.83 -27.10 48.45
CA ASP A 38 64.65 -28.52 48.73
C ASP A 38 66.01 -29.22 48.73
N GLY A 39 65.98 -30.54 48.81
CA GLY A 39 67.19 -31.33 48.69
C GLY A 39 67.77 -31.20 47.31
N LEU A 40 69.09 -31.35 47.23
CA LEU A 40 69.81 -31.09 45.99
C LEU A 40 70.46 -32.34 45.41
N SER A 41 71.24 -33.03 46.23
CA SER A 41 72.13 -34.09 45.77
C SER A 41 72.31 -35.06 46.94
N LYS A 42 72.81 -36.29 46.69
CA LYS A 42 73.35 -36.92 45.46
C LYS A 42 74.62 -36.29 44.86
N PRO A 43 75.71 -36.20 45.63
CA PRO A 43 75.85 -36.49 47.06
C PRO A 43 75.81 -35.25 47.97
N LYS A 44 74.77 -35.15 48.80
CA LYS A 44 74.75 -34.24 49.94
C LYS A 44 74.15 -34.88 51.18
N GLY A 45 73.66 -36.12 51.09
CA GLY A 45 73.00 -36.78 52.19
C GLY A 45 71.52 -37.00 51.94
N GLY A 46 71.16 -38.20 51.49
CA GLY A 46 72.13 -39.23 51.14
C GLY A 46 72.73 -39.02 49.76
N GLU A 47 73.87 -39.65 49.49
CA GLU A 47 74.53 -40.54 50.44
C GLU A 47 75.40 -39.76 51.43
N GLU A 48 75.85 -40.44 52.48
CA GLU A 48 76.67 -39.83 53.51
C GLU A 48 78.05 -39.47 52.95
N GLY A 49 78.52 -38.26 53.25
CA GLY A 49 77.77 -37.27 54.00
C GLY A 49 76.87 -36.43 53.12
N PHE A 50 75.83 -35.83 53.69
CA PHE A 50 75.56 -35.81 55.13
C PHE A 50 74.90 -37.13 55.58
N SER A 51 74.88 -37.45 56.87
CA SER A 51 75.25 -36.57 57.98
C SER A 51 76.74 -36.54 58.32
N THR A 52 77.30 -35.32 58.30
CA THR A 52 78.63 -35.05 58.81
C THR A 52 78.66 -33.89 59.80
N PHE A 53 77.85 -32.84 59.56
CA PHE A 53 77.75 -31.72 60.48
C PHE A 53 76.28 -31.44 60.80
N PHE A 54 75.40 -31.72 59.84
CA PHE A 54 73.96 -31.55 59.99
C PHE A 54 73.33 -32.89 60.33
N HIS A 55 72.59 -32.93 61.44
CA HIS A 55 71.89 -34.15 61.83
C HIS A 55 70.77 -34.44 60.84
N GLU A 56 70.62 -35.70 60.46
CA GLU A 56 69.58 -36.13 59.53
C GLU A 56 68.35 -36.50 60.35
N THR A 57 67.41 -35.57 60.45
CA THR A 57 66.17 -35.82 61.17
C THR A 57 65.32 -36.84 60.43
N GLY A 58 64.61 -37.67 61.19
CA GLY A 58 63.73 -38.66 60.58
C GLY A 58 62.64 -38.04 59.75
N TYR A 59 62.17 -36.85 60.12
CA TYR A 59 61.18 -36.14 59.33
C TYR A 59 61.75 -35.59 58.03
N GLY A 60 63.07 -35.64 57.84
CA GLY A 60 63.71 -35.09 56.67
C GLY A 60 64.40 -33.76 56.89
N LYS A 61 64.42 -33.26 58.13
CA LYS A 61 65.04 -31.98 58.41
C LYS A 61 66.55 -32.15 58.60
N PHE A 62 67.26 -31.02 58.52
CA PHE A 62 68.70 -30.98 58.73
C PHE A 62 68.99 -30.08 59.92
N VAL A 63 69.65 -30.64 60.93
CA VAL A 63 69.92 -29.93 62.18
C VAL A 63 71.41 -29.91 62.45
N PRO A 64 72.06 -28.75 62.45
CA PRO A 64 73.46 -28.68 62.86
C PRO A 64 73.64 -29.21 64.27
N ARG A 65 74.73 -29.95 64.48
CA ARG A 65 75.05 -30.53 65.78
C ARG A 65 76.16 -29.68 66.40
N ALA A 66 75.75 -28.58 67.04
CA ALA A 66 76.69 -27.68 67.68
C ALA A 66 76.15 -27.28 69.05
N ILE A 67 77.08 -26.94 69.94
CA ILE A 67 76.75 -26.52 71.30
C ILE A 67 77.28 -25.12 71.50
N TYR A 68 76.38 -24.18 71.80
CA TYR A 68 76.74 -22.80 72.06
C TYR A 68 76.81 -22.59 73.57
N VAL A 69 78.03 -22.55 74.10
CA VAL A 69 78.26 -22.32 75.52
C VAL A 69 78.89 -20.95 75.70
N ASP A 70 78.31 -20.15 76.58
CA ASP A 70 78.76 -18.79 76.85
C ASP A 70 78.02 -18.27 78.08
N LEU A 71 78.71 -17.42 78.83
CA LEU A 71 78.13 -16.81 80.02
C LEU A 71 77.48 -15.46 79.76
N GLU A 72 77.54 -14.98 78.52
CA GLU A 72 76.90 -13.72 78.15
C GLU A 72 75.63 -14.03 77.36
N PRO A 73 74.44 -13.79 77.92
CA PRO A 73 73.21 -14.20 77.24
C PRO A 73 72.90 -13.41 75.98
N ASN A 74 73.58 -12.29 75.74
CA ASN A 74 73.27 -11.45 74.58
C ASN A 74 73.51 -12.20 73.27
N VAL A 75 74.61 -12.94 73.18
CA VAL A 75 74.90 -13.68 71.96
C VAL A 75 73.85 -14.76 71.72
N ILE A 76 73.46 -15.47 72.78
CA ILE A 76 72.45 -16.52 72.63
C ILE A 76 71.12 -15.92 72.22
N ASP A 77 70.76 -14.77 72.78
CA ASP A 77 69.52 -14.10 72.38
C ASP A 77 69.58 -13.66 70.93
N GLU A 78 70.72 -13.13 70.48
CA GLU A 78 70.87 -12.74 69.08
C GLU A 78 70.77 -13.94 68.15
N VAL A 79 71.28 -15.10 68.58
CA VAL A 79 71.13 -16.31 67.78
C VAL A 79 69.66 -16.74 67.75
N ARG A 80 68.99 -16.67 68.89
CA ARG A 80 67.63 -17.19 69.02
C ARG A 80 66.56 -16.30 68.38
N ASN A 81 66.81 -15.01 68.23
CA ASN A 81 65.82 -14.11 67.64
C ASN A 81 65.95 -13.97 66.13
N GLY A 82 66.89 -14.69 65.51
CA GLY A 82 67.07 -14.64 64.08
C GLY A 82 66.68 -15.95 63.42
N PRO A 83 67.10 -16.13 62.17
CA PRO A 83 66.78 -17.39 61.46
C PRO A 83 67.51 -18.60 61.98
N TYR A 84 68.47 -18.42 62.89
CA TYR A 84 69.24 -19.55 63.43
C TYR A 84 68.44 -20.40 64.40
N LYS A 85 67.24 -19.94 64.80
CA LYS A 85 66.46 -20.68 65.79
C LYS A 85 66.00 -22.03 65.24
N ASP A 86 65.75 -22.12 63.94
CA ASP A 86 65.27 -23.35 63.34
C ASP A 86 66.38 -24.35 63.06
N LEU A 87 67.64 -23.99 63.29
CA LEU A 87 68.76 -24.89 63.03
C LEU A 87 69.32 -25.53 64.28
N PHE A 88 69.29 -24.85 65.42
CA PHE A 88 69.92 -25.33 66.65
C PHE A 88 68.86 -25.85 67.61
N HIS A 89 69.13 -27.02 68.19
CA HIS A 89 68.22 -27.59 69.18
C HIS A 89 68.15 -26.68 70.40
N PRO A 90 66.97 -26.52 71.00
CA PRO A 90 66.86 -25.63 72.17
C PRO A 90 67.77 -26.00 73.33
N GLU A 91 67.97 -27.31 73.57
CA GLU A 91 68.83 -27.74 74.65
C GLU A 91 70.31 -27.59 74.33
N GLN A 92 70.66 -27.48 73.04
CA GLN A 92 72.06 -27.27 72.65
C GLN A 92 72.51 -25.83 72.83
N LEU A 93 71.58 -24.89 73.01
CA LEU A 93 71.91 -23.48 73.21
C LEU A 93 72.03 -23.23 74.70
N ILE A 94 73.23 -23.40 75.24
CA ILE A 94 73.48 -23.20 76.66
C ILE A 94 73.66 -21.71 76.92
N SER A 95 72.61 -21.05 77.39
CA SER A 95 72.65 -19.62 77.66
C SER A 95 73.08 -19.38 79.10
N GLY A 96 74.11 -18.56 79.28
CA GLY A 96 74.58 -18.21 80.60
C GLY A 96 73.92 -16.96 81.15
N LYS A 97 73.91 -16.87 82.48
CA LYS A 97 73.29 -15.74 83.16
C LYS A 97 74.21 -15.06 84.17
N GLU A 98 75.45 -15.49 84.31
CA GLU A 98 76.38 -14.93 85.28
C GLU A 98 77.46 -14.13 84.55
N ASP A 99 77.61 -12.86 84.92
CA ASP A 99 78.60 -11.97 84.32
C ASP A 99 79.42 -11.33 85.43
N ALA A 100 80.68 -11.72 85.53
CA ALA A 100 81.57 -11.14 86.53
C ALA A 100 82.91 -10.75 85.92
N ALA A 101 83.22 -11.30 84.75
CA ALA A 101 84.44 -10.98 84.03
C ALA A 101 84.25 -11.42 82.59
N ASN A 102 85.17 -10.99 81.72
CA ASN A 102 85.16 -11.40 80.31
C ASN A 102 86.55 -11.90 79.91
N ASN A 103 86.83 -13.17 80.21
CA ASN A 103 86.10 -13.98 81.19
C ASN A 103 87.11 -14.86 81.91
N TYR A 104 88.36 -14.76 81.49
CA TYR A 104 89.39 -15.70 81.93
C TYR A 104 89.72 -15.57 83.42
N ALA A 105 89.33 -14.46 84.05
CA ALA A 105 89.57 -14.31 85.49
C ALA A 105 88.91 -15.44 86.27
N ARG A 106 87.66 -15.74 85.94
CA ARG A 106 86.91 -16.82 86.58
C ARG A 106 86.60 -17.97 85.65
N GLY A 107 86.82 -17.82 84.35
CA GLY A 107 86.45 -18.87 83.41
C GLY A 107 87.26 -20.15 83.59
N HIS A 108 88.57 -20.02 83.80
CA HIS A 108 89.46 -21.17 83.92
C HIS A 108 89.60 -21.67 85.36
N TYR A 109 88.59 -21.44 86.20
CA TYR A 109 88.68 -21.75 87.61
C TYR A 109 87.39 -22.45 88.03
N THR A 110 87.18 -22.56 89.35
CA THR A 110 86.05 -23.32 89.89
C THR A 110 84.71 -22.74 89.45
N VAL A 111 84.67 -21.50 88.98
CA VAL A 111 83.41 -20.87 88.61
C VAL A 111 82.81 -21.54 87.37
N GLY A 112 83.66 -22.10 86.51
CA GLY A 112 83.16 -22.65 85.25
C GLY A 112 82.83 -24.12 85.30
N ARG A 113 83.44 -24.86 86.23
CA ARG A 113 83.35 -26.31 86.15
C ARG A 113 82.10 -26.89 86.84
N GLU A 114 81.27 -26.07 87.47
CA GLU A 114 79.97 -26.60 87.89
C GLU A 114 78.94 -26.59 86.76
N ILE A 115 79.22 -25.85 85.68
CA ILE A 115 78.41 -25.92 84.48
C ILE A 115 78.97 -26.90 83.46
N LEU A 116 80.28 -27.17 83.49
CA LEU A 116 80.88 -28.10 82.54
C LEU A 116 80.27 -29.50 82.63
N GLY A 117 79.75 -29.89 83.79
CA GLY A 117 79.13 -31.20 83.89
C GLY A 117 77.94 -31.35 82.95
N ASP A 118 77.08 -30.34 82.91
CA ASP A 118 75.94 -30.36 82.01
C ASP A 118 76.39 -30.37 80.55
N VAL A 119 77.45 -29.62 80.23
CA VAL A 119 77.95 -29.60 78.86
C VAL A 119 78.47 -30.97 78.45
N LEU A 120 79.25 -31.62 79.33
CA LEU A 120 79.74 -32.95 79.03
C LEU A 120 78.60 -33.96 78.90
N ASP A 121 77.60 -33.86 79.76
CA ASP A 121 76.45 -34.76 79.64
C ASP A 121 75.73 -34.55 78.30
N ARG A 122 75.54 -33.30 77.90
CA ARG A 122 74.86 -33.02 76.64
C ARG A 122 75.66 -33.53 75.45
N ILE A 123 76.98 -33.33 75.45
CA ILE A 123 77.77 -33.78 74.32
C ILE A 123 77.85 -35.31 74.29
N ARG A 124 77.87 -35.95 75.46
CA ARG A 124 77.82 -37.41 75.49
C ARG A 124 76.50 -37.93 74.94
N LYS A 125 75.39 -37.29 75.30
CA LYS A 125 74.10 -37.68 74.74
C LYS A 125 74.07 -37.48 73.23
N LEU A 126 74.63 -36.37 72.74
CA LEU A 126 74.66 -36.13 71.31
C LEU A 126 75.53 -37.16 70.59
N ALA A 127 76.67 -37.55 71.19
CA ALA A 127 77.51 -38.58 70.61
C ALA A 127 76.77 -39.91 70.55
N ASP A 128 76.04 -40.25 71.62
CA ASP A 128 75.22 -41.46 71.61
C ASP A 128 74.10 -41.38 70.58
N GLN A 129 73.65 -40.15 70.27
CA GLN A 129 72.61 -39.99 69.26
C GLN A 129 73.09 -40.44 67.89
N CYS A 130 74.31 -40.09 67.52
CA CYS A 130 74.86 -40.42 66.21
C CYS A 130 75.64 -41.73 66.26
N ASP A 131 75.96 -42.24 65.08
CA ASP A 131 76.71 -43.49 64.93
C ASP A 131 78.17 -43.15 64.68
N GLY A 132 79.01 -43.36 65.69
CA GLY A 132 80.43 -43.11 65.57
C GLY A 132 80.80 -41.65 65.83
N LEU A 133 82.10 -41.41 65.92
CA LEU A 133 82.63 -40.08 66.17
C LEU A 133 84.03 -39.99 65.58
N GLN A 134 84.28 -38.95 64.80
CA GLN A 134 85.55 -38.77 64.11
C GLN A 134 86.45 -37.72 64.73
N GLY A 135 85.95 -36.50 64.90
CA GLY A 135 86.77 -35.44 65.47
C GLY A 135 85.91 -34.29 65.93
N PHE A 136 86.56 -33.29 66.52
CA PHE A 136 85.90 -32.11 67.05
C PHE A 136 86.43 -30.85 66.39
N LEU A 137 85.55 -29.87 66.21
CA LEU A 137 85.90 -28.57 65.66
C LEU A 137 85.73 -27.52 66.74
N PHE A 138 86.74 -26.68 66.92
CA PHE A 138 86.74 -25.65 67.95
C PHE A 138 86.87 -24.28 67.28
N THR A 139 86.02 -23.34 67.70
CA THR A 139 86.05 -21.98 67.21
C THR A 139 85.91 -21.04 68.40
N HIS A 140 87.03 -20.50 68.88
CA HIS A 140 87.02 -19.58 70.00
C HIS A 140 88.08 -18.51 69.78
N SER A 141 87.90 -17.38 70.45
CA SER A 141 88.81 -16.25 70.34
C SER A 141 89.71 -16.21 71.56
N LEU A 142 91.03 -16.21 71.32
CA LEU A 142 91.99 -16.10 72.41
C LEU A 142 92.03 -14.70 73.01
N GLY A 143 91.44 -13.71 72.36
CA GLY A 143 91.33 -12.38 72.93
C GLY A 143 90.28 -12.34 74.02
N GLY A 144 89.04 -12.71 73.68
CA GLY A 144 88.00 -12.81 74.67
C GLY A 144 88.30 -13.92 75.65
N GLY A 145 88.28 -13.61 76.95
CA GLY A 145 88.59 -14.61 77.96
C GLY A 145 87.63 -15.78 77.99
N THR A 146 86.36 -15.56 77.60
CA THR A 146 85.41 -16.66 77.53
C THR A 146 85.92 -17.77 76.64
N GLY A 147 86.31 -17.41 75.40
CA GLY A 147 86.82 -18.41 74.49
C GLY A 147 88.01 -19.16 75.07
N SER A 148 89.04 -18.42 75.46
CA SER A 148 90.25 -19.05 76.01
C SER A 148 89.91 -20.01 77.13
N GLY A 149 89.33 -19.50 78.21
CA GLY A 149 89.06 -20.32 79.38
C GLY A 149 88.13 -21.49 79.14
N LEU A 150 86.93 -21.23 78.64
CA LEU A 150 85.96 -22.30 78.46
C LEU A 150 86.45 -23.32 77.42
N GLY A 151 87.02 -22.84 76.31
CA GLY A 151 87.54 -23.75 75.31
C GLY A 151 88.63 -24.64 75.87
N SER A 152 89.56 -24.08 76.66
CA SER A 152 90.62 -24.91 77.23
C SER A 152 90.03 -25.94 78.20
N LEU A 153 89.06 -25.52 79.02
CA LEU A 153 88.44 -26.47 79.95
C LEU A 153 87.80 -27.63 79.20
N LEU A 154 87.02 -27.31 78.16
CA LEU A 154 86.48 -28.36 77.31
C LEU A 154 87.58 -29.20 76.68
N LEU A 155 88.71 -28.58 76.33
CA LEU A 155 89.81 -29.35 75.74
C LEU A 155 90.27 -30.45 76.69
N GLU A 156 90.57 -30.09 77.95
CA GLU A 156 91.06 -31.15 78.84
C GLU A 156 89.95 -32.15 79.13
N GLU A 157 88.69 -31.69 79.25
CA GLU A 157 87.60 -32.60 79.57
C GLU A 157 87.42 -33.65 78.46
N LEU A 158 87.35 -33.21 77.20
CA LEU A 158 87.12 -34.15 76.11
C LEU A 158 88.38 -34.87 75.68
N SER A 159 89.56 -34.40 76.07
CA SER A 159 90.75 -35.23 75.90
C SER A 159 90.78 -36.34 76.95
N ALA A 160 90.21 -36.08 78.13
CA ALA A 160 90.12 -37.13 79.14
C ALA A 160 89.04 -38.15 78.81
N GLU A 161 87.90 -37.71 78.28
CA GLU A 161 86.78 -38.64 78.10
C GLU A 161 87.06 -39.66 76.99
N TYR A 162 87.65 -39.23 75.88
CA TYR A 162 87.99 -40.14 74.78
C TYR A 162 89.49 -40.33 74.62
N GLY A 163 90.23 -39.24 74.37
CA GLY A 163 91.66 -39.35 74.15
C GLY A 163 92.06 -40.01 72.86
N LYS A 164 91.11 -40.28 71.95
CA LYS A 164 91.41 -40.96 70.70
C LYS A 164 90.87 -40.24 69.46
N LYS A 165 90.17 -39.12 69.62
CA LYS A 165 89.58 -38.40 68.51
C LYS A 165 90.45 -37.21 68.12
N SER A 166 90.40 -36.86 66.83
CA SER A 166 91.14 -35.71 66.33
C SER A 166 90.59 -34.42 66.93
N LYS A 167 91.48 -33.51 67.28
CA LYS A 167 91.14 -32.25 67.93
C LYS A 167 91.58 -31.10 67.05
N LEU A 168 90.63 -30.48 66.35
CA LEU A 168 90.90 -29.34 65.48
C LEU A 168 90.40 -28.06 66.16
N GLU A 169 91.30 -27.09 66.35
CA GLU A 169 90.99 -25.86 67.06
C GLU A 169 91.29 -24.67 66.15
N PHE A 170 90.25 -23.94 65.77
CA PHE A 170 90.39 -22.68 65.04
C PHE A 170 90.33 -21.55 66.06
N ALA A 171 91.49 -21.18 66.60
CA ALA A 171 91.59 -20.18 67.65
C ALA A 171 91.95 -18.83 67.04
N VAL A 172 91.18 -17.80 67.39
CA VAL A 172 91.44 -16.45 66.93
C VAL A 172 92.49 -15.82 67.83
N TYR A 173 93.63 -15.47 67.25
CA TYR A 173 94.71 -14.92 68.05
C TYR A 173 94.62 -13.39 68.11
N PRO A 174 95.03 -12.80 69.23
CA PRO A 174 95.06 -11.34 69.32
C PRO A 174 96.04 -10.75 68.32
N ALA A 175 95.73 -9.54 67.86
CA ALA A 175 96.58 -8.88 66.88
C ALA A 175 97.94 -8.58 67.50
N PRO A 176 99.04 -8.96 66.85
CA PRO A 176 100.37 -8.71 67.44
C PRO A 176 100.78 -7.24 67.43
N GLN A 177 100.14 -6.41 66.62
CA GLN A 177 100.47 -4.98 66.61
C GLN A 177 99.95 -4.31 67.88
N VAL A 178 98.63 -4.34 68.08
CA VAL A 178 98.00 -3.85 69.30
C VAL A 178 96.98 -4.87 69.76
N SER A 179 96.67 -4.83 71.04
CA SER A 179 95.67 -5.70 71.65
C SER A 179 94.46 -4.89 72.05
N THR A 180 93.27 -5.43 71.75
CA THR A 180 92.04 -4.74 72.10
C THR A 180 91.87 -4.62 73.61
N SER A 181 92.30 -5.62 74.37
CA SER A 181 92.33 -5.54 75.82
C SER A 181 93.66 -6.10 76.31
N VAL A 182 94.07 -5.62 77.49
CA VAL A 182 95.41 -5.93 78.00
C VAL A 182 95.54 -7.39 78.43
N VAL A 183 94.45 -8.00 78.91
CA VAL A 183 94.53 -9.34 79.47
C VAL A 183 94.51 -10.45 78.42
N GLU A 184 94.38 -10.09 77.14
CA GLU A 184 94.35 -11.11 76.08
C GLU A 184 95.61 -11.96 76.02
N PRO A 185 96.83 -11.40 76.14
CA PRO A 185 98.01 -12.28 76.16
C PRO A 185 97.98 -13.31 77.28
N TYR A 186 97.50 -12.95 78.47
CA TYR A 186 97.32 -13.95 79.52
C TYR A 186 96.31 -15.01 79.09
N ASN A 187 95.15 -14.60 78.58
CA ASN A 187 94.14 -15.55 78.15
C ASN A 187 94.70 -16.52 77.11
N THR A 188 95.65 -16.07 76.30
CA THR A 188 96.25 -16.95 75.30
C THR A 188 97.30 -17.87 75.91
N VAL A 189 98.28 -17.31 76.62
CA VAL A 189 99.44 -18.10 77.00
C VAL A 189 99.17 -18.99 78.22
N LEU A 190 98.33 -18.54 79.16
CA LEU A 190 97.99 -19.41 80.28
C LEU A 190 97.21 -20.64 79.84
N THR A 191 96.70 -20.66 78.61
CA THR A 191 96.10 -21.85 78.03
C THR A 191 96.94 -22.48 76.93
N THR A 192 98.03 -21.82 76.50
CA THR A 192 98.93 -22.44 75.52
C THR A 192 99.49 -23.76 76.05
N HIS A 193 99.75 -23.86 77.35
CA HIS A 193 100.25 -25.10 77.92
C HIS A 193 99.22 -26.22 77.80
N THR A 194 97.95 -25.91 78.12
CA THR A 194 96.88 -26.89 77.97
C THR A 194 96.70 -27.27 76.51
N THR A 195 96.85 -26.30 75.61
CA THR A 195 96.77 -26.60 74.18
C THR A 195 97.89 -27.55 73.76
N LEU A 196 99.11 -27.29 74.24
CA LEU A 196 100.24 -28.15 73.91
C LEU A 196 100.01 -29.57 74.41
N GLU A 197 99.48 -29.72 75.63
CA GLU A 197 99.29 -31.04 76.21
C GLU A 197 97.99 -31.72 75.80
N HIS A 198 97.06 -31.01 75.16
CA HIS A 198 95.74 -31.58 74.92
C HIS A 198 95.19 -31.20 73.55
N ALA A 199 96.03 -31.05 72.54
CA ALA A 199 95.57 -30.76 71.19
C ALA A 199 96.31 -31.61 70.18
N ASP A 200 95.65 -31.86 69.04
CA ASP A 200 96.23 -32.64 67.95
C ASP A 200 96.56 -31.80 66.73
N CYS A 201 95.76 -30.79 66.43
CA CYS A 201 96.00 -29.92 65.28
C CYS A 201 95.34 -28.58 65.54
N THR A 202 96.14 -27.52 65.60
CA THR A 202 95.66 -26.17 65.87
C THR A 202 95.93 -25.27 64.69
N PHE A 203 94.95 -24.45 64.33
CA PHE A 203 95.04 -23.52 63.22
C PHE A 203 95.09 -22.09 63.77
N MET A 204 96.07 -21.32 63.30
CA MET A 204 96.27 -19.96 63.76
C MET A 204 95.71 -18.98 62.73
N VAL A 205 94.85 -18.08 63.18
CA VAL A 205 94.26 -17.05 62.34
C VAL A 205 94.45 -15.70 63.03
N ASP A 206 94.82 -14.69 62.25
CA ASP A 206 95.03 -13.34 62.75
C ASP A 206 94.06 -12.38 62.08
N ASN A 207 93.39 -11.55 62.88
CA ASN A 207 92.45 -10.58 62.34
C ASN A 207 93.15 -9.48 61.56
N GLU A 208 94.38 -9.14 61.97
CA GLU A 208 95.11 -8.07 61.30
C GLU A 208 95.40 -8.40 59.84
N ALA A 209 95.81 -9.64 59.57
CA ALA A 209 96.09 -10.04 58.20
C ALA A 209 94.81 -10.07 57.35
N ILE A 210 93.70 -10.52 57.94
CA ILE A 210 92.43 -10.51 57.21
C ILE A 210 92.03 -9.08 56.87
N TYR A 211 92.18 -8.16 57.82
CA TYR A 211 91.89 -6.76 57.55
C TYR A 211 92.83 -6.20 56.48
N ASP A 212 94.10 -6.61 56.50
CA ASP A 212 95.05 -6.14 55.52
C ASP A 212 94.66 -6.59 54.11
N MET A 213 94.27 -7.86 53.97
CA MET A 213 93.87 -8.34 52.66
C MET A 213 92.52 -7.77 52.22
N CYS A 214 91.63 -7.48 53.17
CA CYS A 214 90.39 -6.80 52.83
C CYS A 214 90.65 -5.40 52.31
N LYS A 215 91.59 -4.68 52.94
CA LYS A 215 91.93 -3.34 52.46
C LYS A 215 92.66 -3.39 51.12
N ARG A 216 93.53 -4.38 50.93
CA ARG A 216 94.35 -4.45 49.73
C ARG A 216 93.70 -5.28 48.62
N ASN A 217 93.44 -6.56 48.89
CA ASN A 217 92.89 -7.43 47.85
C ASN A 217 91.43 -7.13 47.57
N LEU A 218 90.63 -6.93 48.62
CA LEU A 218 89.21 -6.68 48.45
C LEU A 218 88.90 -5.22 48.14
N ASP A 219 89.87 -4.32 48.32
CA ASP A 219 89.67 -2.89 48.09
C ASP A 219 88.49 -2.34 48.90
N ILE A 220 88.33 -2.86 50.11
CA ILE A 220 87.27 -2.44 51.03
C ILE A 220 87.84 -1.38 51.96
N PRO A 221 87.30 -0.15 51.95
CA PRO A 221 87.85 0.88 52.85
C PRO A 221 87.53 0.63 54.30
N ARG A 222 86.38 0.03 54.61
CA ARG A 222 85.97 -0.26 55.98
C ARG A 222 85.59 -1.74 56.09
N PRO A 223 86.59 -2.62 56.24
CA PRO A 223 86.27 -4.03 56.48
C PRO A 223 85.45 -4.21 57.76
N SER A 224 84.62 -5.26 57.74
CA SER A 224 83.78 -5.58 58.88
C SER A 224 84.12 -6.97 59.40
N PHE A 225 83.76 -7.21 60.66
CA PHE A 225 83.99 -8.52 61.26
C PHE A 225 83.24 -9.62 60.51
N ALA A 226 82.10 -9.27 59.90
CA ALA A 226 81.35 -10.25 59.12
C ALA A 226 82.15 -10.73 57.92
N ASN A 227 82.89 -9.84 57.27
CA ASN A 227 83.74 -10.23 56.14
C ASN A 227 84.82 -11.20 56.60
N LEU A 228 85.44 -10.92 57.75
CA LEU A 228 86.44 -11.84 58.31
C LEU A 228 85.82 -13.20 58.60
N ASN A 229 84.63 -13.20 59.19
CA ASN A 229 83.95 -14.46 59.50
C ASN A 229 83.67 -15.24 58.22
N ASN A 230 83.20 -14.56 57.17
CA ASN A 230 82.92 -15.26 55.91
C ASN A 230 84.20 -15.82 55.29
N LEU A 231 85.27 -15.04 55.28
CA LEU A 231 86.52 -15.51 54.69
C LEU A 231 87.05 -16.75 55.41
N ILE A 232 87.14 -16.68 56.74
CA ILE A 232 87.59 -17.85 57.46
C ILE A 232 86.55 -18.97 57.40
N ALA A 233 85.29 -18.65 57.07
CA ALA A 233 84.30 -19.69 56.85
C ALA A 233 84.60 -20.48 55.59
N GLN A 234 84.95 -19.80 54.50
CA GLN A 234 85.40 -20.55 53.31
C GLN A 234 86.67 -21.33 53.62
N VAL A 235 87.59 -20.71 54.37
CA VAL A 235 88.83 -21.38 54.73
C VAL A 235 88.54 -22.69 55.47
N VAL A 236 87.61 -22.65 56.42
CA VAL A 236 87.24 -23.85 57.18
C VAL A 236 86.52 -24.85 56.28
N SER A 237 85.58 -24.36 55.45
CA SER A 237 84.74 -25.23 54.64
C SER A 237 85.47 -25.82 53.43
N SER A 238 86.71 -25.45 53.20
CA SER A 238 87.51 -26.04 52.12
C SER A 238 88.57 -27.00 52.65
N VAL A 239 88.28 -27.82 53.68
CA VAL A 239 89.31 -28.56 54.39
C VAL A 239 89.12 -30.08 54.30
N THR A 240 87.95 -30.62 54.70
CA THR A 240 86.53 -30.18 54.71
C THR A 240 86.08 -29.78 53.30
N ALA A 241 86.88 -30.18 52.30
CA ALA A 241 86.52 -30.02 50.90
C ALA A 241 86.11 -31.34 50.26
N SER A 242 86.87 -32.41 50.50
CA SER A 242 86.56 -33.72 49.94
C SER A 242 85.73 -34.58 50.88
N LEU A 243 85.50 -34.14 52.12
CA LEU A 243 84.72 -34.92 53.07
C LEU A 243 83.22 -34.88 52.77
N ARG A 244 82.76 -33.89 52.00
CA ARG A 244 81.36 -33.77 51.66
C ARG A 244 81.08 -33.85 50.17
N PHE A 245 82.12 -33.81 49.32
CA PHE A 245 81.96 -33.86 47.88
C PHE A 245 82.93 -34.88 47.30
N ASP A 246 82.57 -35.42 46.13
CA ASP A 246 83.39 -36.42 45.48
C ASP A 246 84.68 -35.80 44.94
N GLY A 247 85.74 -36.59 44.93
CA GLY A 247 87.02 -36.15 44.41
C GLY A 247 87.83 -37.32 43.91
N SER A 248 88.74 -37.03 42.98
CA SER A 248 89.59 -38.09 42.43
C SER A 248 90.48 -38.69 43.51
N LEU A 249 91.06 -37.85 44.36
CA LEU A 249 91.92 -38.29 45.47
C LEU A 249 91.47 -37.55 46.71
N ASN A 250 90.56 -38.17 47.47
CA ASN A 250 90.07 -37.57 48.69
C ASN A 250 91.15 -37.56 49.77
N VAL A 251 91.07 -36.58 50.66
CA VAL A 251 92.02 -36.43 51.76
C VAL A 251 91.28 -36.73 53.06
N ASP A 252 91.90 -37.55 53.91
CA ASP A 252 91.31 -37.96 55.17
C ASP A 252 91.83 -37.08 56.30
N LEU A 253 91.02 -36.95 57.35
CA LEU A 253 91.42 -36.12 58.49
C LEU A 253 92.64 -36.72 59.21
N ASN A 254 92.68 -38.05 59.33
CA ASN A 254 93.82 -38.69 59.97
C ASN A 254 95.09 -38.49 59.15
N GLU A 255 94.96 -38.39 57.82
CA GLU A 255 96.14 -38.22 56.97
C GLU A 255 96.92 -36.97 57.36
N PHE A 256 96.23 -35.93 57.81
CA PHE A 256 96.91 -34.69 58.22
C PHE A 256 97.91 -34.95 59.33
N GLN A 257 97.49 -35.68 60.37
CA GLN A 257 98.41 -35.97 61.46
C GLN A 257 99.35 -37.13 61.16
N THR A 258 99.06 -37.93 60.14
CA THR A 258 100.02 -38.97 59.75
C THR A 258 101.20 -38.36 58.99
N ASN A 259 100.94 -37.41 58.09
CA ASN A 259 102.01 -36.86 57.27
C ASN A 259 102.61 -35.58 57.83
N LEU A 260 101.77 -34.62 58.23
CA LEU A 260 102.29 -33.34 58.72
C LEU A 260 102.97 -33.49 60.08
N VAL A 261 102.49 -34.41 60.91
CA VAL A 261 103.02 -34.54 62.27
C VAL A 261 103.61 -35.94 62.45
N PRO A 262 104.90 -36.13 62.22
CA PRO A 262 105.54 -37.43 62.41
C PRO A 262 106.13 -37.66 63.80
N TYR A 263 105.89 -36.77 64.74
CA TYR A 263 106.48 -36.81 66.08
C TYR A 263 105.40 -36.57 67.13
N PRO A 264 105.71 -36.81 68.41
CA PRO A 264 104.85 -36.32 69.49
C PRO A 264 105.02 -34.82 69.71
N ARG A 265 105.59 -34.15 68.70
CA ARG A 265 106.04 -32.77 68.73
C ARG A 265 105.18 -31.92 67.78
N ILE A 266 105.65 -30.70 67.50
CA ILE A 266 104.87 -29.58 67.00
C ILE A 266 103.85 -29.99 65.95
N HIS A 267 102.59 -29.58 66.16
CA HIS A 267 101.46 -29.96 65.34
C HIS A 267 100.55 -28.77 65.09
N PHE A 268 101.15 -27.63 64.72
CA PHE A 268 100.41 -26.37 64.57
C PHE A 268 100.64 -25.83 63.16
N PRO A 269 99.92 -26.36 62.17
CA PRO A 269 100.13 -25.92 60.79
C PRO A 269 99.42 -24.62 60.47
N LEU A 270 100.05 -23.84 59.59
CA LEU A 270 99.44 -22.64 59.05
C LEU A 270 98.44 -22.99 57.95
N VAL A 271 97.62 -22.01 57.60
CA VAL A 271 96.61 -22.15 56.56
C VAL A 271 96.67 -20.91 55.67
N SER A 272 96.28 -21.07 54.42
CA SER A 272 96.19 -19.96 53.49
C SER A 272 95.16 -20.29 52.42
N TYR A 273 94.45 -19.27 51.96
CA TYR A 273 93.43 -19.43 50.93
C TYR A 273 93.67 -18.43 49.81
N SER A 274 93.50 -18.89 48.57
CA SER A 274 93.71 -18.08 47.39
C SER A 274 93.06 -18.78 46.21
N PRO A 275 92.71 -18.04 45.13
CA PRO A 275 92.87 -16.60 44.91
C PRO A 275 91.92 -15.76 45.74
N VAL A 276 92.30 -14.51 46.00
CA VAL A 276 91.50 -13.57 46.76
C VAL A 276 91.33 -12.34 45.88
N LEU A 277 90.13 -12.18 45.31
CA LEU A 277 89.85 -11.08 44.41
C LEU A 277 88.40 -10.62 44.61
N SER A 278 88.12 -9.40 44.17
CA SER A 278 86.79 -8.82 44.27
C SER A 278 85.96 -9.15 43.03
N LYS A 279 84.71 -8.71 43.03
CA LYS A 279 83.82 -8.93 41.91
C LYS A 279 84.16 -8.04 40.71
N SER A 280 84.92 -6.97 40.89
CA SER A 280 85.32 -6.10 39.80
C SER A 280 86.64 -6.50 39.17
N LYS A 281 87.45 -7.31 39.85
CA LYS A 281 88.73 -7.78 39.32
C LYS A 281 88.62 -9.14 38.65
N ALA A 282 87.43 -9.70 38.55
CA ALA A 282 87.22 -10.99 37.92
C ALA A 282 87.18 -10.90 36.40
N PHE A 283 87.22 -9.69 35.84
CA PHE A 283 87.22 -9.49 34.40
C PHE A 283 88.62 -9.31 33.83
N HIS A 284 89.65 -9.52 34.64
CA HIS A 284 91.02 -9.36 34.17
C HIS A 284 91.97 -10.48 34.59
N GLU A 285 91.56 -11.39 35.46
CA GLU A 285 92.45 -12.43 35.99
C GLU A 285 91.88 -13.80 35.67
N SER A 286 92.68 -14.63 35.00
CA SER A 286 92.37 -16.04 34.77
C SER A 286 93.63 -16.89 34.98
N ASN A 287 94.33 -16.62 36.07
CA ASN A 287 95.63 -17.20 36.31
C ASN A 287 95.54 -18.70 36.57
N SER A 288 96.70 -19.37 36.45
CA SER A 288 96.81 -20.79 36.73
C SER A 288 97.15 -21.01 38.21
N VAL A 289 97.39 -22.27 38.57
CA VAL A 289 97.62 -22.62 39.96
C VAL A 289 98.97 -22.13 40.47
N SER A 290 99.93 -21.86 39.57
CA SER A 290 101.25 -21.42 40.01
C SER A 290 101.17 -20.06 40.72
N GLU A 291 100.44 -19.12 40.12
CA GLU A 291 100.31 -17.80 40.74
C GLU A 291 99.46 -17.85 42.00
N ILE A 292 98.50 -18.78 42.06
CA ILE A 292 97.72 -18.96 43.28
C ILE A 292 98.61 -19.47 44.41
N THR A 293 99.49 -20.42 44.10
CA THR A 293 100.45 -20.89 45.09
C THR A 293 101.39 -19.77 45.53
N ASN A 294 101.82 -18.94 44.57
CA ASN A 294 102.67 -17.81 44.90
C ASN A 294 101.95 -16.84 45.84
N ALA A 295 100.66 -16.61 45.59
CA ALA A 295 99.87 -15.77 46.50
C ALA A 295 99.75 -16.41 47.87
N CYS A 296 99.63 -17.74 47.92
CA CYS A 296 99.61 -18.44 49.20
C CYS A 296 100.91 -18.24 49.96
N PHE A 297 102.05 -18.26 49.26
CA PHE A 297 103.34 -18.03 49.89
C PHE A 297 103.56 -16.59 50.34
N GLU A 298 102.71 -15.66 49.90
CA GLU A 298 102.85 -14.28 50.30
C GLU A 298 102.56 -14.13 51.79
N PRO A 299 103.33 -13.33 52.51
CA PRO A 299 103.06 -13.14 53.95
C PRO A 299 101.69 -12.58 54.24
N GLY A 300 101.13 -11.75 53.35
CA GLY A 300 99.84 -11.13 53.61
C GLY A 300 98.68 -12.10 53.58
N ASN A 301 98.83 -13.21 52.88
CA ASN A 301 97.76 -14.21 52.74
C ASN A 301 97.93 -15.40 53.67
N GLN A 302 98.91 -15.35 54.58
CA GLN A 302 99.18 -16.45 55.49
C GLN A 302 98.43 -16.33 56.81
N MET A 303 97.67 -15.26 57.00
CA MET A 303 96.98 -14.99 58.27
C MET A 303 97.93 -14.97 59.45
N VAL A 304 99.13 -14.46 59.25
CA VAL A 304 100.10 -14.27 60.32
C VAL A 304 101.00 -13.09 59.95
N LYS A 305 101.28 -12.23 60.93
CA LYS A 305 102.09 -11.03 60.70
C LYS A 305 103.56 -11.40 60.83
N CYS A 306 104.03 -12.17 59.84
CA CYS A 306 105.41 -12.64 59.80
C CYS A 306 105.74 -12.99 58.36
N ASP A 307 106.98 -13.39 58.14
CA ASP A 307 107.42 -13.80 56.81
C ASP A 307 107.52 -15.31 56.76
N PRO A 308 106.62 -16.00 56.05
CA PRO A 308 106.73 -17.47 55.96
C PRO A 308 107.88 -17.93 55.08
N ARG A 309 108.40 -17.06 54.21
CA ARG A 309 109.52 -17.44 53.35
C ARG A 309 110.86 -17.38 54.07
N ASP A 310 110.92 -16.74 55.24
CA ASP A 310 112.14 -16.68 56.03
C ASP A 310 112.33 -17.89 56.92
N GLY A 311 111.32 -18.74 57.05
CA GLY A 311 111.41 -19.93 57.88
C GLY A 311 112.06 -21.09 57.14
N LYS A 312 111.92 -22.27 57.74
CA LYS A 312 112.47 -23.50 57.19
C LYS A 312 111.34 -24.45 56.80
N TYR A 313 111.58 -25.23 55.76
CA TYR A 313 110.52 -26.05 55.17
C TYR A 313 110.04 -27.13 56.13
N MET A 314 108.74 -27.41 56.06
CA MET A 314 108.12 -28.50 56.80
C MET A 314 107.06 -29.11 55.91
N ALA A 315 106.67 -30.34 56.23
CA ALA A 315 105.68 -31.04 55.42
C ALA A 315 104.41 -30.22 55.28
N THR A 316 103.89 -30.16 54.05
CA THR A 316 102.76 -29.31 53.74
C THR A 316 101.74 -30.07 52.90
N CYS A 317 100.49 -29.58 52.93
CA CYS A 317 99.39 -30.15 52.19
C CYS A 317 98.81 -29.10 51.25
N LEU A 318 98.49 -29.52 50.03
CA LEU A 318 97.90 -28.65 49.02
C LEU A 318 96.55 -29.24 48.61
N LEU A 319 95.49 -28.46 48.80
CA LEU A 319 94.13 -28.89 48.48
C LEU A 319 93.59 -28.05 47.34
N TYR A 320 93.04 -28.72 46.33
CA TYR A 320 92.63 -28.09 45.08
C TYR A 320 91.16 -28.38 44.81
N ARG A 321 90.43 -27.37 44.37
CA ARG A 321 89.01 -27.49 44.08
C ARG A 321 88.72 -26.94 42.69
N GLY A 322 87.74 -27.55 42.03
CA GLY A 322 87.34 -27.12 40.70
C GLY A 322 88.10 -27.85 39.60
N ASP A 323 88.39 -27.14 38.51
CA ASP A 323 89.07 -27.72 37.36
C ASP A 323 90.58 -27.55 37.55
N VAL A 324 91.27 -28.65 37.86
CA VAL A 324 92.72 -28.65 38.06
C VAL A 324 93.32 -29.80 37.28
N VAL A 325 94.61 -29.67 36.99
CA VAL A 325 95.36 -30.67 36.22
C VAL A 325 96.59 -31.07 37.04
N THR A 326 96.78 -32.38 37.21
CA THR A 326 97.88 -32.87 38.05
C THR A 326 99.24 -32.50 37.46
N ARG A 327 99.38 -32.57 36.13
CA ARG A 327 100.63 -32.17 35.50
C ARG A 327 100.94 -30.71 35.75
N ASP A 328 99.91 -29.86 35.69
CA ASP A 328 100.10 -28.43 35.95
C ASP A 328 100.58 -28.18 37.37
N VAL A 329 99.97 -28.85 38.35
CA VAL A 329 100.34 -28.60 39.73
C VAL A 329 101.71 -29.21 40.05
N GLN A 330 102.04 -30.33 39.41
CA GLN A 330 103.39 -30.88 39.58
C GLN A 330 104.43 -29.93 39.01
N ARG A 331 104.15 -29.35 37.84
CA ARG A 331 105.05 -28.36 37.27
C ARG A 331 105.18 -27.15 38.18
N ALA A 332 104.06 -26.68 38.75
CA ALA A 332 104.09 -25.52 39.63
C ALA A 332 104.93 -25.79 40.87
N VAL A 333 104.71 -26.93 41.53
CA VAL A 333 105.47 -27.21 42.75
C VAL A 333 106.94 -27.45 42.42
N GLU A 334 107.25 -28.04 41.27
CA GLU A 334 108.65 -28.18 40.87
C GLU A 334 109.29 -26.84 40.64
N GLN A 335 108.56 -25.90 40.03
CA GLN A 335 109.09 -24.55 39.87
C GLN A 335 109.33 -23.89 41.22
N VAL A 336 108.39 -24.06 42.16
CA VAL A 336 108.56 -23.48 43.48
C VAL A 336 109.81 -24.04 44.16
N LYS A 337 110.03 -25.36 44.04
CA LYS A 337 111.26 -25.94 44.56
C LYS A 337 112.49 -25.38 43.85
N ASN A 338 112.38 -25.09 42.55
CA ASN A 338 113.51 -24.56 41.80
C ASN A 338 113.85 -23.13 42.23
N LYS A 339 112.86 -22.37 42.69
CA LYS A 339 113.09 -20.98 43.09
C LYS A 339 113.85 -20.87 44.41
N LYS A 340 114.27 -21.98 45.02
CA LYS A 340 115.02 -21.99 46.27
C LYS A 340 114.23 -21.28 47.38
N THR A 341 113.11 -21.89 47.70
CA THR A 341 112.25 -21.42 48.78
C THR A 341 112.81 -21.88 50.12
N VAL A 342 111.97 -21.84 51.16
CA VAL A 342 112.33 -22.22 52.53
C VAL A 342 113.14 -23.51 52.54
N GLN A 343 114.18 -23.55 53.37
CA GLN A 343 115.18 -24.62 53.32
C GLN A 343 114.55 -25.97 53.60
N LEU A 344 114.62 -26.86 52.62
CA LEU A 344 114.04 -28.20 52.75
C LEU A 344 114.80 -29.01 53.80
N VAL A 345 114.04 -29.75 54.60
CA VAL A 345 114.63 -30.61 55.62
C VAL A 345 115.02 -31.95 54.99
N ASP A 346 115.89 -32.67 55.67
CA ASP A 346 116.38 -33.96 55.20
C ASP A 346 115.57 -35.14 55.75
N TRP A 347 114.52 -34.88 56.52
CA TRP A 347 113.75 -35.96 57.12
C TRP A 347 112.58 -36.41 56.27
N CYS A 348 111.97 -35.51 55.50
CA CYS A 348 110.83 -35.90 54.67
C CYS A 348 111.28 -36.69 53.45
N PRO A 349 112.23 -36.17 52.62
CA PRO A 349 112.92 -34.88 52.60
C PRO A 349 112.15 -33.81 51.84
N THR A 350 111.34 -34.24 50.86
CA THR A 350 110.46 -33.35 50.12
C THR A 350 109.10 -34.01 50.00
N GLY A 351 108.13 -33.51 50.77
CA GLY A 351 106.79 -34.06 50.71
C GLY A 351 105.72 -33.03 50.44
N PHE A 352 105.08 -33.12 49.28
CA PHE A 352 104.01 -32.21 48.86
C PHE A 352 102.73 -33.03 48.75
N LYS A 353 101.88 -32.95 49.76
CA LYS A 353 100.59 -33.64 49.72
C LYS A 353 99.64 -32.86 48.82
N ILE A 354 99.12 -33.54 47.79
CA ILE A 354 98.26 -32.92 46.79
C ILE A 354 96.85 -33.48 46.94
N GLY A 355 95.89 -32.57 47.10
CA GLY A 355 94.50 -32.97 47.18
C GLY A 355 93.67 -32.40 46.04
N ILE A 356 92.88 -33.24 45.39
CA ILE A 356 92.08 -32.84 44.24
C ILE A 356 90.61 -33.03 44.59
N CYS A 357 89.81 -31.99 44.37
CA CYS A 357 88.38 -32.01 44.65
C CYS A 357 87.61 -31.60 43.40
N TYR A 358 86.51 -32.31 43.13
CA TYR A 358 85.73 -32.04 41.92
C TYR A 358 84.87 -30.79 42.05
N GLU A 359 84.35 -30.51 43.25
CA GLU A 359 83.40 -29.41 43.40
C GLU A 359 84.08 -28.07 43.14
N PRO A 360 83.40 -27.15 42.47
CA PRO A 360 83.99 -25.83 42.24
C PRO A 360 84.11 -25.05 43.52
N PRO A 361 85.06 -24.12 43.62
CA PRO A 361 85.13 -23.25 44.79
C PRO A 361 83.88 -22.39 44.92
N THR A 362 83.50 -22.11 46.16
CA THR A 362 82.28 -21.37 46.47
C THR A 362 82.63 -20.12 47.26
N ALA A 363 81.80 -19.09 47.12
CA ALA A 363 82.00 -17.81 47.78
C ALA A 363 80.70 -17.33 48.39
N THR A 364 80.82 -16.47 49.40
CA THR A 364 79.66 -15.97 50.13
C THR A 364 79.09 -14.74 49.44
N PRO A 365 77.78 -14.69 49.19
CA PRO A 365 77.17 -13.46 48.67
C PRO A 365 77.32 -12.28 49.60
N ASN A 366 77.39 -12.50 50.91
CA ASN A 366 77.62 -11.42 51.86
C ASN A 366 79.05 -10.88 51.80
N SER A 367 79.98 -11.64 51.24
CA SER A 367 81.36 -11.21 51.08
C SER A 367 81.60 -10.80 49.63
N GLN A 368 82.68 -10.04 49.41
CA GLN A 368 83.03 -9.51 48.10
C GLN A 368 84.03 -10.39 47.37
N LEU A 369 84.02 -11.70 47.64
CA LEU A 369 84.92 -12.64 46.98
C LEU A 369 84.24 -13.19 45.73
N ALA A 370 84.87 -12.98 44.57
CA ALA A 370 84.31 -13.46 43.31
C ALA A 370 84.45 -14.97 43.20
N THR A 371 83.44 -15.61 42.62
CA THR A 371 83.50 -17.04 42.38
C THR A 371 84.58 -17.37 41.35
N VAL A 372 85.41 -18.36 41.66
CA VAL A 372 86.52 -18.74 40.80
C VAL A 372 86.42 -20.22 40.47
N ASP A 373 86.94 -20.59 39.30
CA ASP A 373 86.90 -21.97 38.85
C ASP A 373 87.93 -22.86 39.52
N ARG A 374 88.92 -22.29 40.19
CA ARG A 374 89.95 -23.07 40.88
C ARG A 374 90.48 -22.26 42.05
N ALA A 375 90.67 -22.94 43.18
CA ALA A 375 91.16 -22.31 44.40
C ALA A 375 92.14 -23.25 45.09
N VAL A 376 93.03 -22.66 45.90
CA VAL A 376 94.04 -23.40 46.65
C VAL A 376 93.91 -23.09 48.14
N CYS A 377 93.84 -24.14 48.94
CA CYS A 377 94.00 -24.06 50.39
C CYS A 377 95.28 -24.79 50.75
N MET A 378 96.23 -24.07 51.34
CA MET A 378 97.55 -24.61 51.65
C MET A 378 97.73 -24.71 53.15
N LEU A 379 98.12 -25.89 53.62
CA LEU A 379 98.39 -26.14 55.03
C LEU A 379 99.85 -26.51 55.20
N SER A 380 100.56 -25.81 56.09
CA SER A 380 101.98 -26.06 56.32
C SER A 380 102.31 -25.73 57.76
N ASN A 381 103.12 -26.58 58.39
CA ASN A 381 103.57 -26.38 59.76
C ASN A 381 104.92 -25.68 59.75
N THR A 382 104.95 -24.51 59.13
CA THR A 382 106.16 -23.73 59.02
C THR A 382 106.52 -23.11 60.37
N THR A 383 107.83 -23.00 60.62
CA THR A 383 108.35 -22.46 61.87
C THR A 383 108.47 -20.93 61.86
N SER A 384 107.71 -20.25 61.00
CA SER A 384 107.84 -18.81 60.85
C SER A 384 107.04 -18.01 61.88
N ILE A 385 106.18 -18.67 62.68
CA ILE A 385 105.47 -17.94 63.73
C ILE A 385 106.30 -17.88 65.01
N ALA A 386 107.50 -18.45 64.98
CA ALA A 386 108.37 -18.45 66.16
C ALA A 386 108.67 -17.02 66.62
N GLU A 387 108.98 -16.13 65.68
CA GLU A 387 109.18 -14.74 66.05
C GLU A 387 107.89 -14.07 66.52
N ALA A 388 106.73 -14.58 66.08
CA ALA A 388 105.47 -14.04 66.60
C ALA A 388 105.30 -14.38 68.08
N TRP A 389 105.49 -15.65 68.45
CA TRP A 389 105.48 -15.95 69.88
C TRP A 389 106.62 -15.25 70.61
N LYS A 390 107.74 -15.00 69.94
CA LYS A 390 108.83 -14.26 70.58
C LYS A 390 108.42 -12.84 70.91
N ARG A 391 107.72 -12.17 69.98
CA ARG A 391 107.23 -10.83 70.25
C ARG A 391 106.20 -10.83 71.38
N ILE A 392 105.28 -11.82 71.36
CA ILE A 392 104.31 -11.94 72.44
C ILE A 392 105.02 -12.15 73.76
N ASP A 393 106.10 -12.94 73.76
CA ASP A 393 106.83 -13.25 74.98
C ASP A 393 107.64 -12.05 75.46
N ARG A 394 108.12 -11.21 74.54
CA ARG A 394 108.77 -9.97 74.96
C ARG A 394 107.76 -9.03 75.62
N LYS A 395 106.56 -8.93 75.04
CA LYS A 395 105.48 -8.22 75.70
C LYS A 395 105.23 -8.80 77.09
N PHE A 396 105.25 -10.14 77.19
CA PHE A 396 105.05 -10.80 78.48
C PHE A 396 106.12 -10.42 79.48
N ASP A 397 107.39 -10.41 79.06
CA ASP A 397 108.47 -10.05 79.98
C ASP A 397 108.31 -8.62 80.46
N LEU A 398 108.00 -7.70 79.54
CA LEU A 398 107.93 -6.29 79.92
C LEU A 398 106.73 -6.01 80.82
N MET A 399 105.62 -6.72 80.61
CA MET A 399 104.48 -6.48 81.49
C MET A 399 104.43 -7.44 82.67
N TYR A 400 105.38 -8.37 82.75
CA TYR A 400 105.57 -9.23 83.91
C TYR A 400 106.64 -8.71 84.85
N ALA A 401 107.45 -7.75 84.41
CA ALA A 401 108.39 -7.10 85.31
C ALA A 401 107.67 -6.54 86.54
N LYS A 402 106.54 -5.86 86.34
CA LYS A 402 105.68 -5.43 87.43
C LYS A 402 104.57 -6.43 87.72
N ARG A 403 104.30 -7.33 86.78
CA ARG A 403 103.34 -8.43 86.80
C ARG A 403 101.90 -7.95 86.67
N ALA A 404 101.64 -6.70 87.03
CA ALA A 404 100.49 -5.90 86.61
C ALA A 404 99.11 -6.48 86.95
N PHE A 405 99.03 -7.77 87.26
CA PHE A 405 97.74 -8.45 87.40
C PHE A 405 97.76 -9.51 88.51
N VAL A 406 98.94 -9.79 89.04
CA VAL A 406 99.09 -10.86 90.01
C VAL A 406 98.26 -10.61 91.26
N HIS A 407 97.86 -9.37 91.52
CA HIS A 407 96.96 -9.10 92.64
C HIS A 407 95.70 -9.97 92.53
N TRP A 408 94.91 -9.74 91.48
CA TRP A 408 93.70 -10.54 91.29
C TRP A 408 94.03 -12.01 91.01
N TYR A 409 95.09 -12.25 90.23
CA TYR A 409 95.38 -13.64 89.86
C TYR A 409 95.69 -14.49 91.08
N VAL A 410 96.45 -13.95 92.04
CA VAL A 410 96.70 -14.67 93.28
C VAL A 410 95.47 -14.66 94.18
N GLY A 411 94.74 -13.54 94.19
CA GLY A 411 93.57 -13.44 95.04
C GLY A 411 92.50 -14.47 94.73
N GLU A 412 92.38 -14.87 93.47
CA GLU A 412 91.44 -15.93 93.15
C GLU A 412 92.00 -17.34 93.42
N GLY A 413 93.31 -17.47 93.57
CA GLY A 413 93.87 -18.75 93.97
C GLY A 413 95.13 -19.19 93.24
N MET A 414 95.56 -18.42 92.26
CA MET A 414 96.75 -18.77 91.49
C MET A 414 97.99 -18.15 92.14
N GLU A 415 99.14 -18.30 91.46
CA GLU A 415 100.39 -17.76 91.94
C GLU A 415 101.37 -17.68 90.77
N GLU A 416 102.49 -16.99 91.02
CA GLU A 416 103.44 -16.68 89.95
C GLU A 416 104.10 -17.93 89.37
N GLY A 417 104.04 -19.06 90.08
CA GLY A 417 104.64 -20.28 89.56
C GLY A 417 104.01 -20.74 88.26
N GLU A 418 102.69 -20.59 88.14
CA GLU A 418 102.02 -20.96 86.89
C GLU A 418 102.48 -20.07 85.75
N PHE A 419 102.62 -18.76 85.99
CA PHE A 419 103.10 -17.85 84.96
C PHE A 419 104.53 -18.20 84.55
N THR A 420 105.39 -18.52 85.52
CA THR A 420 106.76 -18.91 85.20
C THR A 420 106.80 -20.20 84.40
N GLU A 421 105.95 -21.17 84.76
CA GLU A 421 105.88 -22.42 84.02
C GLU A 421 105.41 -22.20 82.60
N ALA A 422 104.40 -21.34 82.41
CA ALA A 422 103.98 -21.01 81.05
C ALA A 422 105.08 -20.30 80.27
N ARG A 423 105.83 -19.42 80.93
CA ARG A 423 106.94 -18.74 80.29
C ARG A 423 107.99 -19.73 79.81
N GLU A 424 108.38 -20.67 80.66
CA GLU A 424 109.40 -21.63 80.27
C GLU A 424 108.86 -22.62 79.24
N ASP A 425 107.56 -22.93 79.28
CA ASP A 425 106.96 -23.76 78.24
C ASP A 425 107.02 -23.06 76.88
N LEU A 426 106.70 -21.77 76.85
CA LEU A 426 106.78 -21.02 75.59
C LEU A 426 108.23 -20.94 75.10
N ALA A 427 109.17 -20.74 76.01
CA ALA A 427 110.58 -20.73 75.62
C ALA A 427 111.00 -22.07 75.05
N ALA A 428 110.56 -23.18 75.67
CA ALA A 428 110.88 -24.49 75.15
C ALA A 428 110.25 -24.73 73.78
N LEU A 429 109.02 -24.25 73.59
CA LEU A 429 108.38 -24.37 72.29
C LEU A 429 109.14 -23.61 71.22
N GLU A 430 109.59 -22.39 71.52
CA GLU A 430 110.39 -21.64 70.56
C GLU A 430 111.72 -22.34 70.27
N ARG A 431 112.35 -22.89 71.30
CA ARG A 431 113.60 -23.62 71.12
C ARG A 431 113.40 -24.85 70.23
N ASP A 432 112.29 -25.57 70.44
CA ASP A 432 111.98 -26.70 69.58
C ASP A 432 111.70 -26.25 68.15
N TYR A 433 111.03 -25.10 68.00
CA TYR A 433 110.81 -24.52 66.67
C TYR A 433 112.13 -24.29 65.95
N ILE A 434 113.11 -23.74 66.66
CA ILE A 434 114.42 -23.51 66.06
C ILE A 434 115.11 -24.84 65.76
N GLU A 435 115.03 -25.79 66.69
CA GLU A 435 115.82 -27.01 66.58
C GLU A 435 115.30 -27.93 65.48
N VAL A 436 113.98 -28.00 65.29
CA VAL A 436 113.42 -28.93 64.32
C VAL A 436 113.89 -28.61 62.91
N GLY A 437 114.19 -27.33 62.65
CA GLY A 437 114.75 -26.95 61.37
C GLY A 437 116.26 -26.87 61.40
N ALA A 438 116.83 -26.69 62.60
CA ALA A 438 118.28 -26.64 62.74
C ALA A 438 118.93 -28.01 62.65
N ASP A 439 118.18 -29.08 62.91
CA ASP A 439 118.75 -30.42 62.84
C ASP A 439 119.18 -30.76 61.41
N SER A 440 118.38 -30.39 60.42
CA SER A 440 118.70 -30.66 59.03
C SER A 440 119.84 -29.76 58.54
N MET B 1 72.21 -11.15 84.97
CA MET B 1 73.06 -10.36 85.86
C MET B 1 73.24 -8.96 85.28
N ARG B 2 72.14 -8.21 85.22
CA ARG B 2 72.13 -6.90 84.59
C ARG B 2 71.48 -5.80 85.41
N GLU B 3 70.56 -6.13 86.31
CA GLU B 3 69.76 -5.11 86.98
C GLU B 3 70.64 -4.21 87.85
N ILE B 4 70.34 -2.92 87.82
CA ILE B 4 71.09 -1.90 88.53
C ILE B 4 70.13 -1.11 89.42
N ILE B 5 70.51 -0.93 90.68
CA ILE B 5 69.75 -0.12 91.62
C ILE B 5 70.48 1.20 91.81
N HIS B 6 69.79 2.30 91.54
CA HIS B 6 70.38 3.63 91.57
C HIS B 6 70.07 4.28 92.92
N ILE B 7 71.10 4.45 93.75
CA ILE B 7 70.96 5.11 95.03
C ILE B 7 71.27 6.59 94.88
N SER B 8 70.41 7.44 95.45
CA SER B 8 70.56 8.88 95.35
C SER B 8 70.59 9.49 96.75
N THR B 9 71.56 10.37 96.99
CA THR B 9 71.67 11.07 98.26
C THR B 9 72.35 12.41 98.03
N GLY B 10 72.11 13.34 98.95
CA GLY B 10 72.70 14.66 98.86
C GLY B 10 71.86 15.62 98.03
N GLN B 11 72.13 16.92 98.22
CA GLN B 11 71.39 17.94 97.49
C GLN B 11 71.69 17.87 96.00
N CYS B 12 72.96 17.84 95.64
CA CYS B 12 73.33 17.70 94.23
C CYS B 12 73.02 16.31 93.71
N GLY B 13 73.11 15.30 94.57
CA GLY B 13 72.86 13.93 94.13
C GLY B 13 71.44 13.71 93.66
N ASN B 14 70.47 14.36 94.33
CA ASN B 14 69.08 14.23 93.90
C ASN B 14 68.87 14.79 92.51
N GLN B 15 69.44 15.96 92.23
CA GLN B 15 69.31 16.57 90.91
C GLN B 15 69.98 15.71 89.85
N ILE B 16 71.18 15.20 90.15
CA ILE B 16 71.89 14.36 89.18
C ILE B 16 71.11 13.10 88.89
N GLY B 17 70.57 12.45 89.93
CA GLY B 17 69.78 11.26 89.73
C GLY B 17 68.51 11.51 88.95
N ALA B 18 67.82 12.62 89.24
CA ALA B 18 66.62 12.96 88.50
C ALA B 18 66.94 13.17 87.02
N ALA B 19 67.98 13.97 86.73
CA ALA B 19 68.35 14.23 85.34
C ALA B 19 68.74 12.94 84.64
N PHE B 20 69.46 12.06 85.34
CA PHE B 20 69.76 10.74 84.78
C PHE B 20 68.48 9.99 84.46
N TRP B 21 67.45 10.15 85.30
CA TRP B 21 66.18 9.47 85.05
C TRP B 21 65.50 10.00 83.79
N GLU B 22 65.46 11.32 83.59
CA GLU B 22 64.88 11.81 82.34
C GLU B 22 65.70 11.39 81.13
N THR B 23 67.04 11.40 81.26
CA THR B 23 67.86 10.97 80.13
C THR B 23 67.60 9.51 79.79
N ILE B 24 67.46 8.66 80.81
CA ILE B 24 67.17 7.25 80.57
C ILE B 24 65.81 7.09 79.89
N CYS B 25 64.77 7.71 80.45
CA CYS B 25 63.43 7.55 79.90
C CYS B 25 63.32 8.15 78.50
N GLY B 26 64.19 9.10 78.15
CA GLY B 26 64.19 9.61 76.80
C GLY B 26 65.02 8.79 75.84
N GLU B 27 66.09 8.15 76.32
CA GLU B 27 66.95 7.39 75.42
C GLU B 27 66.34 6.05 75.04
N HIS B 28 65.60 5.40 75.94
CA HIS B 28 64.92 4.18 75.54
C HIS B 28 63.48 4.42 75.12
N GLY B 29 62.85 5.48 75.62
CA GLY B 29 61.51 5.84 75.21
C GLY B 29 60.44 5.30 76.13
N LEU B 30 59.88 6.16 76.98
CA LEU B 30 58.79 5.77 77.86
C LEU B 30 58.10 7.04 78.35
N ASP B 31 56.83 7.21 77.99
CA ASP B 31 56.07 8.35 78.47
C ASP B 31 55.70 8.16 79.93
N PHE B 32 55.44 9.28 80.61
CA PHE B 32 55.23 9.27 82.06
C PHE B 32 53.87 8.70 82.47
N ASN B 33 52.95 8.50 81.53
CA ASN B 33 51.63 7.95 81.85
C ASN B 33 51.58 6.43 81.72
N GLY B 34 52.70 5.79 81.38
CA GLY B 34 52.73 4.35 81.27
C GLY B 34 52.41 3.83 79.88
N THR B 35 52.96 4.49 78.86
CA THR B 35 52.75 4.10 77.48
C THR B 35 54.04 3.50 76.91
N TYR B 36 53.92 2.33 76.32
CA TYR B 36 55.08 1.64 75.75
C TYR B 36 55.53 2.33 74.47
N HIS B 37 56.83 2.62 74.37
CA HIS B 37 57.36 3.28 73.19
C HIS B 37 58.68 2.66 72.72
N GLY B 38 59.03 1.47 73.21
CA GLY B 38 60.26 0.83 72.78
C GLY B 38 60.17 0.35 71.34
N HIS B 39 61.31 0.35 70.67
CA HIS B 39 61.39 -0.08 69.26
C HIS B 39 62.68 -0.86 69.08
N ASP B 40 62.56 -2.19 69.01
CA ASP B 40 61.29 -2.86 69.20
C ASP B 40 61.38 -3.87 70.35
N ASP B 41 62.42 -4.70 70.32
CA ASP B 41 62.63 -5.74 71.31
C ASP B 41 63.74 -5.37 72.30
N ILE B 42 64.90 -4.97 71.78
CA ILE B 42 66.06 -4.68 72.63
C ILE B 42 65.78 -3.58 73.64
N GLN B 43 64.79 -2.73 73.37
CA GLN B 43 64.40 -1.67 74.29
C GLN B 43 63.36 -2.13 75.30
N LYS B 44 63.06 -3.43 75.35
CA LYS B 44 62.06 -3.96 76.27
C LYS B 44 62.66 -4.84 77.36
N GLU B 45 63.56 -5.76 77.03
CA GLU B 45 64.20 -6.57 78.06
C GLU B 45 65.26 -5.81 78.83
N ARG B 46 65.81 -4.74 78.25
CA ARG B 46 66.86 -3.97 78.91
C ARG B 46 66.32 -2.92 79.87
N LEU B 47 65.02 -2.62 79.83
CA LEU B 47 64.46 -1.69 80.81
C LEU B 47 64.16 -2.34 82.14
N ASN B 48 64.28 -3.67 82.23
CA ASN B 48 64.19 -4.36 83.52
C ASN B 48 65.36 -4.02 84.43
N VAL B 49 66.44 -3.45 83.88
CA VAL B 49 67.59 -3.07 84.68
C VAL B 49 67.21 -1.99 85.68
N TYR B 50 66.45 -0.98 85.24
CA TYR B 50 66.08 0.15 86.08
C TYR B 50 64.64 0.11 86.56
N PHE B 51 63.74 -0.49 85.79
CA PHE B 51 62.32 -0.52 86.11
C PHE B 51 61.86 -1.95 86.38
N ASN B 52 60.75 -2.06 87.12
CA ASN B 52 60.11 -3.34 87.40
C ASN B 52 58.66 -3.28 86.97
N GLU B 53 58.14 -4.41 86.50
CA GLU B 53 56.79 -4.47 85.95
C GLU B 53 55.77 -4.41 87.07
N ALA B 54 54.97 -3.34 87.09
CA ALA B 54 53.88 -3.20 88.04
C ALA B 54 52.60 -3.78 87.42
N SER B 55 51.47 -3.58 88.10
CA SER B 55 50.20 -4.08 87.58
C SER B 55 49.74 -3.25 86.39
N SER B 56 48.90 -3.88 85.57
CA SER B 56 48.32 -3.23 84.37
C SER B 56 49.39 -2.74 83.41
N GLY B 57 50.48 -3.49 83.27
CA GLY B 57 51.53 -3.12 82.35
C GLY B 57 52.24 -1.82 82.67
N LYS B 58 52.43 -1.53 83.95
CA LYS B 58 53.10 -0.31 84.39
C LYS B 58 54.52 -0.62 84.81
N TRP B 59 55.43 0.31 84.51
CA TRP B 59 56.84 0.18 84.87
C TRP B 59 57.19 1.24 85.90
N VAL B 60 57.79 0.82 87.01
CA VAL B 60 58.13 1.74 88.09
C VAL B 60 59.60 1.57 88.44
N PRO B 61 60.30 2.64 88.85
CA PRO B 61 61.72 2.52 89.14
C PRO B 61 62.00 1.77 90.44
N ARG B 62 63.19 1.17 90.50
CA ARG B 62 63.72 0.57 91.72
C ARG B 62 64.92 1.41 92.14
N SER B 63 64.65 2.49 92.88
CA SER B 63 65.68 3.43 93.27
C SER B 63 65.30 4.03 94.61
N ILE B 64 66.22 3.99 95.57
CA ILE B 64 66.01 4.52 96.91
C ILE B 64 66.69 5.88 96.96
N ASN B 65 65.89 6.93 97.03
CA ASN B 65 66.39 8.29 97.19
C ASN B 65 66.23 8.71 98.64
N VAL B 66 67.33 9.17 99.25
CA VAL B 66 67.35 9.54 100.65
C VAL B 66 67.96 10.92 100.79
N ASP B 67 67.32 11.76 101.60
CA ASP B 67 67.82 13.10 101.89
C ASP B 67 67.12 13.62 103.12
N LEU B 68 67.85 14.38 103.93
CA LEU B 68 67.28 14.89 105.17
C LEU B 68 66.40 16.12 104.96
N GLU B 69 66.43 16.73 103.79
CA GLU B 69 65.52 17.82 103.46
C GLU B 69 64.46 17.33 102.50
N PRO B 70 63.17 17.46 102.82
CA PRO B 70 62.11 16.91 101.97
C PRO B 70 61.61 17.84 100.87
N GLY B 71 62.32 18.93 100.58
CA GLY B 71 61.85 19.87 99.57
C GLY B 71 62.22 19.51 98.16
N THR B 72 63.17 18.57 98.00
CA THR B 72 63.60 18.20 96.66
C THR B 72 62.60 17.29 95.96
N ILE B 73 61.91 16.42 96.72
CA ILE B 73 60.95 15.51 96.11
C ILE B 73 59.72 16.24 95.60
N ASP B 74 59.36 17.38 96.20
CA ASP B 74 58.27 18.19 95.69
C ASP B 74 58.60 18.71 94.30
N ALA B 75 59.85 19.10 94.07
CA ALA B 75 60.33 19.51 92.76
C ALA B 75 60.71 18.33 91.88
N VAL B 76 60.24 17.12 92.22
CA VAL B 76 60.48 15.92 91.44
C VAL B 76 59.18 15.28 90.99
N ARG B 77 58.23 15.10 91.91
CA ARG B 77 56.97 14.45 91.56
C ARG B 77 56.06 15.37 90.76
N ASN B 78 56.09 16.68 91.02
CA ASN B 78 55.26 17.62 90.28
C ASN B 78 55.97 18.24 89.09
N SER B 79 57.29 18.09 89.01
CA SER B 79 58.10 18.62 87.92
C SER B 79 58.17 17.58 86.80
N ALA B 80 59.18 17.69 85.93
CA ALA B 80 59.37 16.75 84.82
C ALA B 80 59.57 15.34 85.36
N ILE B 81 59.76 14.36 84.46
CA ILE B 81 59.31 13.00 84.72
C ILE B 81 59.93 12.43 85.98
N GLY B 82 59.08 12.30 87.01
CA GLY B 82 59.40 11.58 88.23
C GLY B 82 58.14 10.94 88.77
N ASN B 83 57.06 11.02 88.00
CA ASN B 83 55.76 10.51 88.44
C ASN B 83 55.75 8.99 88.55
N LEU B 84 56.67 8.30 87.86
CA LEU B 84 56.75 6.85 87.96
C LEU B 84 57.22 6.40 89.34
N PHE B 85 57.84 7.30 90.11
CA PHE B 85 58.41 6.94 91.41
C PHE B 85 57.29 6.51 92.36
N ARG B 86 57.39 5.30 92.87
CA ARG B 86 56.42 4.80 93.84
C ARG B 86 56.57 5.55 95.16
N PRO B 87 55.47 5.75 95.89
CA PRO B 87 55.56 6.53 97.15
C PRO B 87 56.49 5.93 98.19
N ASP B 88 56.69 4.62 98.17
CA ASP B 88 57.59 4.00 99.14
C ASP B 88 59.05 4.36 98.88
N ASN B 89 59.39 4.76 97.64
CA ASN B 89 60.75 5.18 97.34
C ASN B 89 61.15 6.46 98.06
N TYR B 90 60.19 7.22 98.58
CA TYR B 90 60.47 8.48 99.24
C TYR B 90 60.81 8.20 100.69
N ILE B 91 62.11 8.14 101.00
CA ILE B 91 62.60 8.01 102.36
C ILE B 91 63.28 9.33 102.70
N PHE B 92 62.57 10.20 103.41
CA PHE B 92 63.07 11.51 103.78
C PHE B 92 62.76 11.77 105.25
N GLY B 93 63.59 12.60 105.87
CA GLY B 93 63.42 12.94 107.27
C GLY B 93 63.50 14.44 107.54
N GLN B 94 63.79 14.80 108.78
CA GLN B 94 63.95 16.19 109.18
C GLN B 94 65.18 16.34 110.05
N SER B 95 65.96 17.39 109.83
CA SER B 95 65.67 18.36 108.78
C SER B 95 66.89 18.58 107.88
N SER B 96 68.07 18.37 108.45
CA SER B 96 69.32 18.50 107.71
C SER B 96 70.43 17.83 108.50
N ALA B 97 71.54 17.56 107.82
CA ALA B 97 72.72 16.99 108.45
C ALA B 97 73.64 18.04 109.05
N GLY B 98 73.30 19.31 108.94
CA GLY B 98 74.13 20.38 109.44
C GLY B 98 75.23 20.82 108.50
N ASN B 99 75.30 20.26 107.29
CA ASN B 99 76.34 20.56 106.32
C ASN B 99 77.74 20.32 106.90
N VAL B 100 77.86 19.31 107.76
CA VAL B 100 79.11 18.96 108.42
C VAL B 100 79.27 17.45 108.41
N TRP B 101 80.43 17.00 108.88
CA TRP B 101 80.74 15.57 108.94
C TRP B 101 80.51 14.96 110.31
N ALA B 102 80.62 15.75 111.39
CA ALA B 102 80.40 15.22 112.73
C ALA B 102 78.94 14.85 112.96
N LYS B 103 78.01 15.60 112.38
CA LYS B 103 76.58 15.32 112.52
C LYS B 103 75.99 14.63 111.30
N GLY B 104 76.77 14.43 110.24
CA GLY B 104 76.23 13.81 109.04
C GLY B 104 75.82 12.36 109.27
N HIS B 105 76.74 11.55 109.80
CA HIS B 105 76.45 10.14 110.05
C HIS B 105 76.99 9.61 111.37
N TYR B 106 77.76 10.39 112.14
CA TYR B 106 78.41 9.85 113.32
C TYR B 106 77.41 9.62 114.45
N THR B 107 76.51 10.57 114.67
CA THR B 107 75.57 10.49 115.79
C THR B 107 74.11 10.42 115.34
N GLU B 108 73.67 11.35 114.50
CA GLU B 108 72.27 11.41 114.10
C GLU B 108 71.98 10.74 112.77
N GLY B 109 73.00 10.53 111.93
CA GLY B 109 72.78 9.92 110.64
C GLY B 109 72.62 8.42 110.66
N ALA B 110 72.78 7.80 111.84
CA ALA B 110 72.72 6.35 111.97
C ALA B 110 71.36 5.86 112.49
N GLU B 111 70.33 6.70 112.43
CA GLU B 111 69.02 6.35 112.96
C GLU B 111 68.10 5.76 111.89
N LEU B 112 67.80 6.54 110.84
CA LEU B 112 66.94 6.07 109.77
C LEU B 112 67.66 5.18 108.78
N VAL B 113 69.00 5.10 108.85
CA VAL B 113 69.73 4.31 107.89
C VAL B 113 69.52 2.82 108.12
N ASP B 114 69.07 2.42 109.31
CA ASP B 114 68.67 1.03 109.50
C ASP B 114 67.45 0.68 108.65
N SER B 115 66.47 1.58 108.60
CA SER B 115 65.32 1.38 107.71
C SER B 115 65.77 1.41 106.25
N VAL B 116 66.73 2.26 105.92
CA VAL B 116 67.29 2.28 104.57
C VAL B 116 67.91 0.92 104.23
N MET B 117 68.66 0.35 105.16
CA MET B 117 69.28 -0.95 104.94
C MET B 117 68.21 -2.04 104.79
N ASP B 118 67.14 -1.95 105.59
CA ASP B 118 66.04 -2.92 105.47
C ASP B 118 65.38 -2.84 104.09
N VAL B 119 65.12 -1.62 103.60
CA VAL B 119 64.47 -1.51 102.29
C VAL B 119 65.44 -1.93 101.19
N ILE B 120 66.75 -1.72 101.38
CA ILE B 120 67.72 -2.26 100.42
C ILE B 120 67.65 -3.78 100.40
N ARG B 121 67.55 -4.42 101.57
CA ARG B 121 67.42 -5.87 101.61
C ARG B 121 66.16 -6.31 100.87
N ARG B 122 65.03 -5.66 101.14
CA ARG B 122 63.77 -6.11 100.55
C ARG B 122 63.78 -5.91 99.04
N GLU B 123 64.44 -4.84 98.56
CA GLU B 123 64.66 -4.71 97.13
C GLU B 123 65.61 -5.78 96.60
N ALA B 124 66.54 -6.24 97.45
CA ALA B 124 67.49 -7.27 97.03
C ALA B 124 66.77 -8.59 96.76
N GLU B 125 65.92 -9.04 97.67
CA GLU B 125 65.14 -10.24 97.31
C GLU B 125 64.03 -9.92 96.31
N GLY B 126 63.67 -8.64 96.16
CA GLY B 126 62.77 -8.27 95.08
C GLY B 126 63.44 -8.25 93.72
N CYS B 127 64.77 -8.19 93.69
CA CYS B 127 65.55 -8.19 92.47
C CYS B 127 66.06 -9.60 92.16
N ASP B 128 66.21 -9.89 90.88
CA ASP B 128 66.64 -11.21 90.43
C ASP B 128 68.06 -11.25 89.90
N SER B 129 68.53 -10.17 89.26
CA SER B 129 69.85 -10.13 88.62
C SER B 129 70.58 -8.86 89.00
N LEU B 130 70.63 -8.57 90.30
CA LEU B 130 71.31 -7.39 90.80
C LEU B 130 72.78 -7.40 90.40
N GLN B 131 73.22 -6.34 89.73
CA GLN B 131 74.55 -6.26 89.16
C GLN B 131 75.46 -5.27 89.88
N GLY B 132 75.04 -4.01 90.01
CA GLY B 132 75.89 -2.99 90.59
C GLY B 132 75.06 -1.97 91.35
N PHE B 133 75.77 -1.02 91.96
CA PHE B 133 75.15 0.00 92.81
C PHE B 133 75.68 1.36 92.37
N GLN B 134 74.78 2.24 91.95
CA GLN B 134 75.14 3.58 91.50
C GLN B 134 74.75 4.58 92.58
N ILE B 135 75.71 5.40 93.00
CA ILE B 135 75.48 6.44 94.00
C ILE B 135 75.98 7.76 93.45
N THR B 136 75.17 8.81 93.60
CA THR B 136 75.55 10.17 93.23
C THR B 136 75.45 11.05 94.47
N HIS B 137 76.54 11.71 94.82
CA HIS B 137 76.60 12.54 96.01
C HIS B 137 77.66 13.61 95.82
N SER B 138 77.79 14.48 96.82
CA SER B 138 78.76 15.56 96.81
C SER B 138 79.87 15.27 97.81
N LEU B 139 81.12 15.42 97.37
CA LEU B 139 82.24 15.16 98.25
C LEU B 139 82.29 16.14 99.42
N GLY B 140 82.04 17.42 99.16
CA GLY B 140 82.09 18.42 100.22
C GLY B 140 80.76 18.69 100.88
N GLY B 141 79.67 18.19 100.28
CA GLY B 141 78.37 18.39 100.86
C GLY B 141 78.20 17.62 102.16
N GLY B 142 77.47 18.22 103.09
CA GLY B 142 77.26 17.63 104.39
C GLY B 142 76.49 16.32 104.35
N THR B 143 75.38 16.30 103.61
CA THR B 143 74.57 15.10 103.53
C THR B 143 75.25 14.02 102.69
N GLY B 144 75.69 14.36 101.48
CA GLY B 144 76.27 13.36 100.61
C GLY B 144 77.52 12.72 101.19
N SER B 145 78.45 13.54 101.68
CA SER B 145 79.63 13.00 102.34
C SER B 145 79.30 12.39 103.69
N GLY B 146 78.22 12.84 104.32
CA GLY B 146 77.88 12.36 105.64
C GLY B 146 77.44 10.92 105.68
N MET B 147 76.25 10.61 105.16
CA MET B 147 75.79 9.23 105.22
C MET B 147 76.14 8.44 103.97
N GLY B 148 76.75 9.06 102.96
CA GLY B 148 77.15 8.31 101.78
C GLY B 148 78.17 7.25 102.10
N THR B 149 79.22 7.62 102.85
CA THR B 149 80.25 6.66 103.22
C THR B 149 79.69 5.54 104.11
N LEU B 150 78.74 5.88 104.99
CA LEU B 150 78.19 4.86 105.88
C LEU B 150 77.27 3.91 105.12
N LEU B 151 76.54 4.43 104.12
CA LEU B 151 75.82 3.56 103.20
C LEU B 151 76.77 2.65 102.44
N ILE B 152 77.92 3.18 102.03
CA ILE B 152 78.93 2.34 101.38
C ILE B 152 79.38 1.24 102.33
N SER B 153 79.56 1.59 103.62
CA SER B 153 79.96 0.60 104.61
C SER B 153 78.94 -0.52 104.72
N LYS B 154 77.65 -0.18 104.82
CA LYS B 154 76.65 -1.25 104.89
C LYS B 154 76.58 -2.05 103.59
N ILE B 155 76.69 -1.39 102.43
CA ILE B 155 76.55 -2.13 101.18
C ILE B 155 77.74 -3.06 100.98
N ARG B 156 78.89 -2.73 101.57
CA ARG B 156 80.00 -3.68 101.59
C ARG B 156 79.74 -4.78 102.60
N GLU B 157 79.17 -4.45 103.76
CA GLU B 157 78.94 -5.45 104.80
C GLU B 157 77.97 -6.52 104.33
N GLU B 158 76.88 -6.13 103.68
CA GLU B 158 75.84 -7.07 103.28
C GLU B 158 76.09 -7.71 101.92
N PHE B 159 76.89 -7.07 101.07
CA PHE B 159 77.24 -7.61 99.76
C PHE B 159 78.75 -7.65 99.61
N PRO B 160 79.42 -8.72 100.05
CA PRO B 160 80.87 -8.82 99.91
C PRO B 160 81.32 -9.23 98.51
N ASP B 161 80.41 -9.64 97.64
CA ASP B 161 80.75 -10.06 96.28
C ASP B 161 80.35 -9.03 95.23
N ARG B 162 79.72 -7.92 95.63
CA ARG B 162 79.27 -6.89 94.71
C ARG B 162 80.20 -5.68 94.81
N MET B 163 80.71 -5.23 93.67
CA MET B 163 81.53 -4.03 93.66
C MET B 163 80.66 -2.78 93.85
N MET B 164 81.31 -1.66 94.11
CA MET B 164 80.63 -0.40 94.35
C MET B 164 81.14 0.66 93.39
N ALA B 165 80.23 1.45 92.83
CA ALA B 165 80.55 2.54 91.93
C ALA B 165 80.15 3.86 92.58
N THR B 166 81.10 4.80 92.63
CA THR B 166 80.88 6.09 93.24
C THR B 166 81.19 7.19 92.24
N PHE B 167 80.36 8.23 92.22
CA PHE B 167 80.48 9.36 91.31
C PHE B 167 80.38 10.67 92.06
N SER B 168 81.11 10.78 93.17
CA SER B 168 81.08 11.99 93.98
C SER B 168 81.67 13.17 93.21
N VAL B 169 81.12 14.35 93.44
CA VAL B 169 81.58 15.57 92.79
C VAL B 169 82.65 16.20 93.65
N LEU B 170 83.86 16.34 93.09
CA LEU B 170 84.99 16.87 93.85
C LEU B 170 84.99 18.38 93.80
N PRO B 171 84.89 19.07 94.94
CA PRO B 171 84.98 20.54 94.92
C PRO B 171 86.35 21.01 94.46
N SER B 172 86.36 22.15 93.78
CA SER B 172 87.61 22.72 93.29
C SER B 172 88.40 23.33 94.46
N PRO B 173 89.74 23.29 94.38
CA PRO B 173 90.55 23.89 95.45
C PRO B 173 90.55 25.41 95.46
N LYS B 174 89.93 26.06 94.47
CA LYS B 174 89.92 27.51 94.39
C LYS B 174 88.58 28.14 94.75
N THR B 175 87.51 27.36 94.81
CA THR B 175 86.19 27.85 95.19
C THR B 175 85.83 27.30 96.56
N SER B 176 85.42 28.19 97.46
CA SER B 176 85.09 27.83 98.85
C SER B 176 83.69 28.35 99.17
N ASP B 177 82.68 27.49 98.97
CA ASP B 177 81.33 27.83 99.40
C ASP B 177 81.26 27.97 100.91
N THR B 178 81.92 27.05 101.62
CA THR B 178 82.02 27.11 103.07
C THR B 178 83.46 26.78 103.48
N VAL B 179 83.83 27.22 104.68
CA VAL B 179 85.20 27.06 105.15
C VAL B 179 85.55 25.59 105.39
N VAL B 180 84.55 24.73 105.57
CA VAL B 180 84.80 23.34 105.95
C VAL B 180 84.41 22.37 104.82
N GLU B 181 84.23 22.87 103.60
CA GLU B 181 83.92 21.99 102.48
C GLU B 181 85.06 21.01 102.18
N PRO B 182 86.32 21.44 102.02
CA PRO B 182 87.41 20.45 101.90
C PRO B 182 87.55 19.58 103.12
N TYR B 183 87.23 20.10 104.31
CA TYR B 183 87.29 19.31 105.53
C TYR B 183 86.34 18.12 105.46
N ASN B 184 85.08 18.39 105.07
CA ASN B 184 84.12 17.30 104.89
C ASN B 184 84.54 16.38 103.77
N ALA B 185 85.08 16.94 102.68
CA ALA B 185 85.52 16.11 101.55
C ALA B 185 86.59 15.11 102.00
N THR B 186 87.55 15.57 102.79
CA THR B 186 88.63 14.68 103.23
C THR B 186 88.14 13.71 104.30
N LEU B 187 87.25 14.16 105.19
CA LEU B 187 86.68 13.22 106.15
C LEU B 187 85.85 12.15 105.46
N SER B 188 85.34 12.43 104.27
CA SER B 188 84.61 11.42 103.51
C SER B 188 85.56 10.48 102.78
N VAL B 189 86.58 11.03 102.11
CA VAL B 189 87.54 10.19 101.40
C VAL B 189 88.37 9.36 102.35
N HIS B 190 88.41 9.73 103.63
CA HIS B 190 89.07 8.91 104.64
C HIS B 190 88.53 7.48 104.65
N GLN B 191 87.23 7.32 104.41
CA GLN B 191 86.63 6.00 104.31
C GLN B 191 86.27 5.60 102.89
N LEU B 192 86.19 6.57 101.97
CA LEU B 192 85.87 6.26 100.59
C LEU B 192 86.95 5.37 99.96
N VAL B 193 88.22 5.67 100.23
CA VAL B 193 89.30 4.86 99.66
C VAL B 193 89.30 3.46 100.26
N GLU B 194 88.83 3.31 101.50
CA GLU B 194 88.81 2.02 102.18
C GLU B 194 87.52 1.24 101.94
N HIS B 195 86.56 1.80 101.20
CA HIS B 195 85.29 1.13 101.00
C HIS B 195 84.78 1.15 99.57
N SER B 196 85.48 1.79 98.63
CA SER B 196 85.04 1.87 97.25
C SER B 196 86.02 1.18 96.32
N ASP B 197 85.51 0.71 95.19
CA ASP B 197 86.33 0.02 94.20
C ASP B 197 86.70 0.89 93.00
N GLU B 198 85.89 1.90 92.68
CA GLU B 198 86.23 2.84 91.61
C GLU B 198 85.42 4.12 91.82
N THR B 199 85.96 5.21 91.29
CA THR B 199 85.32 6.52 91.43
C THR B 199 85.70 7.40 90.25
N PHE B 200 84.90 8.45 90.04
CA PHE B 200 85.10 9.40 88.98
C PHE B 200 85.35 10.79 89.55
N CYS B 201 86.27 11.53 88.94
CA CYS B 201 86.60 12.88 89.36
C CYS B 201 85.72 13.86 88.57
N ILE B 202 84.85 14.58 89.27
CA ILE B 202 83.92 15.53 88.66
C ILE B 202 84.16 16.89 89.31
N ASP B 203 84.39 17.91 88.48
CA ASP B 203 84.60 19.27 88.94
C ASP B 203 83.64 20.20 88.20
N ASN B 204 82.93 21.04 88.96
CA ASN B 204 81.95 21.94 88.36
C ASN B 204 82.62 23.06 87.57
N GLU B 205 83.80 23.50 88.02
CA GLU B 205 84.51 24.56 87.30
C GLU B 205 84.96 24.12 85.92
N ALA B 206 85.33 22.84 85.78
CA ALA B 206 85.62 22.31 84.45
C ALA B 206 84.38 22.35 83.57
N LEU B 207 83.22 22.05 84.15
CA LEU B 207 81.97 22.15 83.40
C LEU B 207 81.70 23.58 82.97
N TYR B 208 81.95 24.55 83.85
CA TYR B 208 81.79 25.95 83.48
C TYR B 208 82.75 26.34 82.36
N ASP B 209 83.99 25.87 82.43
CA ASP B 209 84.97 26.19 81.39
C ASP B 209 84.55 25.61 80.05
N ILE B 210 84.08 24.36 80.04
CA ILE B 210 83.67 23.75 78.77
C ILE B 210 82.39 24.38 78.25
N CYS B 211 81.54 24.89 79.14
CA CYS B 211 80.34 25.60 78.69
C CYS B 211 80.70 26.95 78.08
N GLN B 212 81.64 27.67 78.67
CA GLN B 212 82.04 28.96 78.13
C GLN B 212 82.98 28.84 76.93
N ARG B 213 83.56 27.67 76.70
CA ARG B 213 84.45 27.47 75.56
C ARG B 213 83.70 27.00 74.32
N THR B 214 83.00 25.88 74.43
CA THR B 214 82.29 25.29 73.29
C THR B 214 80.80 25.61 73.28
N LEU B 215 80.14 25.51 74.44
CA LEU B 215 78.70 25.76 74.50
C LEU B 215 78.37 27.24 74.42
N LYS B 216 79.27 28.10 74.88
CA LYS B 216 79.03 29.56 74.95
C LYS B 216 77.75 29.84 75.73
N LEU B 217 77.56 29.12 76.83
CA LEU B 217 76.36 29.28 77.64
C LEU B 217 76.40 30.61 78.39
N ASN B 218 75.30 31.36 78.31
CA ASN B 218 75.22 32.66 78.96
C ASN B 218 74.70 32.59 80.39
N GLN B 219 73.79 31.66 80.67
CA GLN B 219 73.19 31.52 81.99
C GLN B 219 73.80 30.34 82.71
N PRO B 220 74.47 30.52 83.85
CA PRO B 220 75.02 29.37 84.57
C PRO B 220 73.94 28.53 85.21
N SER B 221 73.67 27.37 84.64
CA SER B 221 72.57 26.51 85.08
C SER B 221 73.13 25.13 85.40
N TYR B 222 72.71 24.58 86.54
CA TYR B 222 73.12 23.24 86.93
C TYR B 222 72.38 22.17 86.14
N GLY B 223 71.27 22.52 85.48
CA GLY B 223 70.53 21.53 84.72
C GLY B 223 71.28 21.02 83.51
N ASP B 224 71.94 21.91 82.77
CA ASP B 224 72.73 21.49 81.63
C ASP B 224 73.90 20.62 82.06
N LEU B 225 74.54 20.97 83.18
CA LEU B 225 75.65 20.17 83.68
C LEU B 225 75.17 18.78 84.10
N ASN B 226 74.00 18.72 84.73
CA ASN B 226 73.39 17.43 85.06
C ASN B 226 73.09 16.63 83.81
N ASN B 227 72.60 17.30 82.75
CA ASN B 227 72.34 16.62 81.50
C ASN B 227 73.61 16.01 80.93
N LEU B 228 74.71 16.77 80.96
CA LEU B 228 75.98 16.28 80.43
C LEU B 228 76.48 15.08 81.24
N VAL B 229 76.47 15.19 82.57
CA VAL B 229 76.99 14.10 83.39
C VAL B 229 76.08 12.88 83.28
N SER B 230 74.78 13.07 83.09
CA SER B 230 73.87 11.94 82.95
C SER B 230 74.06 11.27 81.60
N SER B 231 74.34 12.05 80.54
CA SER B 231 74.67 11.44 79.26
C SER B 231 75.94 10.61 79.36
N VAL B 232 76.94 11.12 80.08
CA VAL B 232 78.17 10.35 80.29
C VAL B 232 77.86 9.06 81.06
N MET B 233 77.04 9.17 82.12
CA MET B 233 76.70 8.01 82.93
C MET B 233 75.93 6.96 82.14
N SER B 234 75.02 7.39 81.27
CA SER B 234 74.34 6.45 80.38
C SER B 234 75.33 5.82 79.41
N GLY B 235 76.27 6.60 78.88
CA GLY B 235 77.24 6.09 77.92
C GLY B 235 78.16 5.03 78.48
N VAL B 236 78.53 5.13 79.76
CA VAL B 236 79.42 4.11 80.34
C VAL B 236 78.76 2.76 80.51
N THR B 237 77.44 2.68 80.37
CA THR B 237 76.73 1.41 80.48
C THR B 237 75.94 1.03 79.22
N THR B 238 75.95 1.87 78.19
CA THR B 238 75.36 1.46 76.91
C THR B 238 76.02 0.20 76.37
N SER B 239 77.31 0.02 76.63
CA SER B 239 77.99 -1.19 76.19
C SER B 239 77.40 -2.44 76.83
N LEU B 240 77.07 -2.36 78.13
CA LEU B 240 76.47 -3.49 78.81
C LEU B 240 75.04 -3.72 78.33
N ARG B 241 74.24 -2.66 78.25
CA ARG B 241 72.83 -2.85 77.93
C ARG B 241 72.55 -2.85 76.43
N TYR B 242 73.58 -2.69 75.58
CA TYR B 242 73.43 -2.85 74.14
C TYR B 242 74.65 -3.61 73.62
N PRO B 243 74.46 -4.78 73.02
CA PRO B 243 75.61 -5.58 72.59
C PRO B 243 76.42 -4.90 71.49
N GLY B 244 77.72 -5.16 71.48
CA GLY B 244 78.62 -4.68 70.46
C GLY B 244 79.72 -5.67 70.18
N GLN B 245 80.84 -5.20 69.62
CA GLN B 245 81.99 -6.09 69.43
C GLN B 245 82.56 -6.55 70.76
N LEU B 246 82.65 -5.64 71.73
CA LEU B 246 83.18 -5.97 73.05
C LEU B 246 82.33 -5.26 74.11
N ASN B 247 81.42 -6.00 74.73
CA ASN B 247 80.63 -5.44 75.81
C ASN B 247 81.50 -5.22 77.04
N SER B 248 81.27 -4.10 77.74
CA SER B 248 82.04 -3.73 78.91
C SER B 248 81.14 -3.69 80.14
N ASP B 249 81.69 -4.14 81.27
CA ASP B 249 81.00 -4.16 82.54
C ASP B 249 81.85 -3.48 83.59
N LEU B 250 81.20 -3.09 84.69
CA LEU B 250 81.92 -2.41 85.77
C LEU B 250 83.04 -3.27 86.33
N ARG B 251 82.79 -4.58 86.45
CA ARG B 251 83.84 -5.49 86.87
C ARG B 251 84.97 -5.54 85.85
N LYS B 252 84.65 -5.38 84.56
CA LYS B 252 85.71 -5.28 83.56
C LYS B 252 86.52 -4.00 83.73
N LEU B 253 85.87 -2.90 84.12
CA LEU B 253 86.60 -1.69 84.48
C LEU B 253 87.53 -1.95 85.65
N ALA B 254 87.04 -2.68 86.68
CA ALA B 254 87.89 -2.98 87.83
C ALA B 254 89.07 -3.86 87.42
N VAL B 255 88.85 -4.82 86.54
CA VAL B 255 89.92 -5.73 86.14
C VAL B 255 90.96 -5.00 85.29
N ASN B 256 90.52 -4.23 84.30
CA ASN B 256 91.41 -3.64 83.31
C ASN B 256 91.89 -2.25 83.72
N LEU B 257 90.97 -1.31 83.89
CA LEU B 257 91.35 0.08 84.16
C LEU B 257 92.01 0.25 85.52
N VAL B 258 91.47 -0.37 86.56
CA VAL B 258 92.02 -0.23 87.91
C VAL B 258 93.34 -1.00 87.98
N PRO B 259 94.43 -0.38 88.43
CA PRO B 259 95.69 -1.13 88.59
C PRO B 259 95.69 -1.95 89.87
N PHE B 260 95.04 -1.44 90.92
CA PHE B 260 94.86 -2.13 92.18
C PHE B 260 93.80 -1.36 92.99
N PRO B 261 93.07 -2.02 93.90
CA PRO B 261 91.93 -1.36 94.55
C PRO B 261 92.27 -0.11 95.32
N ARG B 262 93.53 0.05 95.75
CA ARG B 262 93.92 1.28 96.44
C ARG B 262 93.83 2.49 95.52
N LEU B 263 94.27 2.34 94.27
CA LEU B 263 94.22 3.42 93.29
C LEU B 263 93.01 3.19 92.40
N HIS B 264 91.98 4.03 92.56
CA HIS B 264 90.75 3.89 91.79
C HIS B 264 90.18 5.22 91.34
N PHE B 265 91.00 6.28 91.29
CA PHE B 265 90.55 7.59 90.89
C PHE B 265 90.68 7.74 89.38
N PHE B 266 89.61 8.18 88.73
CA PHE B 266 89.55 8.33 87.28
C PHE B 266 89.10 9.74 86.93
N MET B 267 89.62 10.26 85.82
CA MET B 267 89.14 11.50 85.24
C MET B 267 88.23 11.18 84.06
N VAL B 268 87.20 11.99 83.87
CA VAL B 268 86.15 11.72 82.90
C VAL B 268 86.26 12.71 81.74
N GLY B 269 86.16 12.18 80.53
CA GLY B 269 86.11 13.01 79.34
C GLY B 269 85.01 12.54 78.43
N TYR B 270 84.37 13.51 77.75
CA TYR B 270 83.23 13.23 76.91
C TYR B 270 83.40 13.89 75.55
N ALA B 271 82.81 13.28 74.53
CA ALA B 271 82.85 13.77 73.17
C ALA B 271 81.62 13.25 72.43
N PRO B 272 81.09 14.01 71.46
CA PRO B 272 81.57 15.32 71.01
C PRO B 272 81.08 16.47 71.89
N LEU B 273 81.93 17.48 72.05
CA LEU B 273 81.58 18.69 72.79
C LEU B 273 81.23 19.80 71.82
N THR B 274 80.03 19.70 71.24
CA THR B 274 79.53 20.63 70.25
C THR B 274 78.25 21.28 70.74
N ALA B 275 77.99 22.49 70.25
CA ALA B 275 76.83 23.27 70.63
C ALA B 275 75.99 23.61 69.40
N ILE B 276 74.85 24.25 69.65
CA ILE B 276 73.97 24.69 68.57
C ILE B 276 74.67 25.81 67.80
N GLY B 277 74.59 25.73 66.48
CA GLY B 277 75.29 26.66 65.60
C GLY B 277 76.54 26.10 64.96
N SER B 278 76.99 24.92 65.38
CA SER B 278 78.13 24.25 64.78
C SER B 278 77.78 22.86 64.27
N GLN B 279 76.50 22.48 64.31
CA GLN B 279 76.09 21.14 63.89
C GLN B 279 76.12 20.96 62.39
N SER B 280 75.91 22.03 61.63
CA SER B 280 75.88 21.97 60.17
C SER B 280 77.24 22.24 59.54
N PHE B 281 78.29 22.38 60.35
CA PHE B 281 79.61 22.72 59.84
C PHE B 281 80.70 21.70 60.19
N ARG B 282 80.42 20.71 61.04
CA ARG B 282 81.39 19.68 61.37
C ARG B 282 80.98 18.34 60.80
N SER B 283 81.98 17.49 60.58
CA SER B 283 81.79 16.09 60.28
C SER B 283 82.06 15.29 61.55
N LEU B 284 81.04 14.63 62.07
CA LEU B 284 81.18 13.87 63.32
C LEU B 284 81.70 12.49 62.97
N THR B 285 83.00 12.28 63.21
CA THR B 285 83.68 11.05 62.86
C THR B 285 84.52 10.57 64.03
N VAL B 286 84.98 9.32 63.93
CA VAL B 286 85.83 8.75 64.97
C VAL B 286 87.11 9.54 65.19
N PRO B 287 87.87 9.92 64.16
CA PRO B 287 89.10 10.69 64.43
C PRO B 287 88.84 12.00 65.15
N GLU B 288 87.81 12.74 64.75
CA GLU B 288 87.50 14.02 65.41
C GLU B 288 87.15 13.79 66.87
N LEU B 289 86.34 12.77 67.16
CA LEU B 289 86.07 12.41 68.53
C LEU B 289 87.35 12.06 69.28
N THR B 290 88.32 11.48 68.58
CA THR B 290 89.58 11.13 69.24
C THR B 290 90.40 12.36 69.60
N GLN B 291 90.55 13.31 68.66
CA GLN B 291 91.26 14.54 69.04
C GLN B 291 90.50 15.30 70.11
N GLN B 292 89.17 15.19 70.14
CA GLN B 292 88.42 15.77 71.25
C GLN B 292 88.62 14.98 72.55
N MET B 293 89.02 13.72 72.46
CA MET B 293 89.22 12.92 73.65
C MET B 293 90.52 13.28 74.36
N PHE B 294 91.62 13.32 73.60
CA PHE B 294 92.94 13.63 74.16
C PHE B 294 93.20 15.12 74.26
N ASP B 295 92.25 15.96 73.86
CA ASP B 295 92.41 17.40 74.03
C ASP B 295 92.51 17.75 75.51
N ALA B 296 93.46 18.63 75.83
CA ALA B 296 93.77 18.95 77.22
C ALA B 296 92.67 19.76 77.91
N LYS B 297 91.69 20.26 77.16
CA LYS B 297 90.64 21.09 77.73
C LYS B 297 89.27 20.41 77.68
N ASN B 298 89.22 19.09 77.59
CA ASN B 298 87.96 18.37 77.46
C ASN B 298 87.65 17.46 78.64
N MET B 299 88.62 17.12 79.48
CA MET B 299 88.35 16.32 80.66
C MET B 299 87.89 17.22 81.80
N MET B 300 87.23 16.59 82.78
CA MET B 300 86.62 17.30 83.90
C MET B 300 87.27 16.96 85.23
N ALA B 301 88.58 16.71 85.24
CA ALA B 301 89.26 16.37 86.48
C ALA B 301 89.28 17.55 87.46
N ALA B 302 89.72 18.75 87.02
CA ALA B 302 90.34 19.06 85.74
C ALA B 302 91.81 19.43 85.95
N ALA B 303 92.70 18.73 85.27
CA ALA B 303 94.13 18.92 85.42
C ALA B 303 94.79 18.96 84.05
N ASP B 304 96.13 18.96 84.05
CA ASP B 304 96.89 19.10 82.82
C ASP B 304 97.41 17.73 82.39
N PRO B 305 96.97 17.19 81.25
CA PRO B 305 97.38 15.84 80.87
C PRO B 305 98.76 15.75 80.22
N ARG B 306 99.17 16.78 79.48
CA ARG B 306 100.44 16.68 78.76
C ARG B 306 101.63 17.14 79.59
N ASN B 307 101.41 17.58 80.83
CA ASN B 307 102.52 17.82 81.75
C ASN B 307 102.85 16.59 82.59
N GLY B 308 101.94 15.62 82.66
CA GLY B 308 102.22 14.37 83.34
C GLY B 308 102.26 13.22 82.35
N ARG B 309 101.68 12.07 82.71
CA ARG B 309 101.60 10.94 81.80
C ARG B 309 100.45 10.05 82.22
N TYR B 310 99.94 9.29 81.25
CA TYR B 310 98.86 8.34 81.53
C TYR B 310 99.43 7.00 81.98
N LEU B 311 98.64 6.29 82.79
CA LEU B 311 98.96 4.92 83.16
C LEU B 311 98.16 3.89 82.39
N THR B 312 96.88 4.16 82.11
CA THR B 312 96.07 3.33 81.24
C THR B 312 94.85 4.15 80.82
N VAL B 313 94.49 4.06 79.54
CA VAL B 313 93.36 4.81 79.01
C VAL B 313 92.38 3.83 78.38
N ALA B 314 91.12 4.23 78.31
CA ALA B 314 90.07 3.39 77.79
C ALA B 314 89.14 4.20 76.90
N ALA B 315 88.51 3.50 75.96
CA ALA B 315 87.57 4.11 75.03
C ALA B 315 86.26 3.34 75.07
N PHE B 316 85.15 4.05 75.20
CA PHE B 316 83.81 3.45 75.26
C PHE B 316 82.97 4.09 74.14
N PHE B 317 83.00 3.47 72.97
CA PHE B 317 82.40 4.06 71.79
C PHE B 317 80.94 3.63 71.64
N ARG B 318 80.15 4.49 71.00
CA ARG B 318 78.73 4.29 70.83
C ARG B 318 78.33 4.55 69.39
N GLY B 319 77.35 3.80 68.91
CA GLY B 319 76.77 4.03 67.59
C GLY B 319 77.31 3.08 66.54
N LYS B 320 76.81 3.27 65.32
CA LYS B 320 77.23 2.48 64.16
C LYS B 320 78.65 2.86 63.79
N VAL B 321 79.62 2.03 64.18
CA VAL B 321 81.03 2.29 63.90
C VAL B 321 81.67 1.03 63.35
N SER B 322 82.55 1.21 62.37
CA SER B 322 83.34 0.13 61.81
C SER B 322 84.53 -0.17 62.71
N VAL B 323 84.97 -1.43 62.70
CA VAL B 323 86.08 -1.83 63.55
C VAL B 323 87.39 -1.20 63.08
N LYS B 324 87.51 -0.91 61.78
CA LYS B 324 88.79 -0.44 61.25
C LYS B 324 89.09 1.01 61.64
N GLU B 325 88.06 1.86 61.68
CA GLU B 325 88.30 3.27 61.98
C GLU B 325 88.90 3.44 63.38
N VAL B 326 88.31 2.77 64.37
CA VAL B 326 88.72 2.97 65.75
C VAL B 326 90.13 2.42 65.97
N GLU B 327 90.42 1.24 65.43
CA GLU B 327 91.75 0.67 65.60
C GLU B 327 92.81 1.46 64.85
N ASP B 328 92.47 1.96 63.65
CA ASP B 328 93.41 2.78 62.90
C ASP B 328 93.75 4.07 63.66
N GLU B 329 92.72 4.73 64.20
CA GLU B 329 92.96 5.92 65.00
C GLU B 329 93.75 5.59 66.26
N MET B 330 93.55 4.39 66.82
CA MET B 330 94.31 4.00 68.01
C MET B 330 95.77 3.76 67.66
N HIS B 331 96.06 3.17 66.50
CA HIS B 331 97.43 3.11 66.00
C HIS B 331 98.01 4.51 65.86
N LYS B 332 97.23 5.44 65.30
CA LYS B 332 97.73 6.80 65.11
C LYS B 332 98.09 7.44 66.44
N VAL B 333 97.22 7.33 67.43
CA VAL B 333 97.48 7.98 68.73
C VAL B 333 98.63 7.29 69.45
N GLN B 334 98.71 5.95 69.35
CA GLN B 334 99.84 5.26 69.97
C GLN B 334 101.16 5.58 69.29
N SER B 335 101.12 5.96 68.00
CA SER B 335 102.34 6.35 67.31
C SER B 335 102.75 7.78 67.67
N LYS B 336 101.79 8.70 67.75
CA LYS B 336 102.12 10.10 68.00
C LYS B 336 102.16 10.44 69.48
N ASN B 337 101.42 9.72 70.32
CA ASN B 337 101.35 9.99 71.76
C ASN B 337 102.07 8.92 72.58
N SER B 338 103.12 8.32 72.02
CA SER B 338 103.81 7.22 72.69
C SER B 338 104.56 7.69 73.94
N ASP B 339 104.99 8.94 73.98
CA ASP B 339 105.81 9.42 75.09
C ASP B 339 105.05 9.41 76.41
N TYR B 340 103.77 9.77 76.40
CA TYR B 340 102.99 9.92 77.62
C TYR B 340 102.33 8.64 78.09
N PHE B 341 102.50 7.53 77.36
CA PHE B 341 102.03 6.23 77.82
C PHE B 341 103.11 5.55 78.65
N VAL B 342 102.67 4.76 79.64
CA VAL B 342 103.63 4.03 80.46
C VAL B 342 104.37 2.99 79.62
N GLU B 343 105.62 2.75 79.99
CA GLU B 343 106.51 1.87 79.22
C GLU B 343 106.48 0.43 79.73
N TRP B 344 105.37 0.00 80.32
CA TRP B 344 105.27 -1.35 80.84
C TRP B 344 104.00 -2.10 80.48
N ILE B 345 103.03 -1.46 79.83
CA ILE B 345 101.84 -2.19 79.38
C ILE B 345 102.10 -2.91 78.07
N PRO B 346 102.64 -2.27 77.02
CA PRO B 346 102.95 -0.85 76.78
C PRO B 346 101.84 -0.14 76.02
N ASN B 347 100.80 -0.89 75.65
CA ASN B 347 99.70 -0.38 74.83
C ASN B 347 98.51 -0.12 75.75
N ASN B 348 98.43 1.10 76.26
CA ASN B 348 97.35 1.49 77.17
C ASN B 348 96.08 1.67 76.36
N VAL B 349 95.21 0.66 76.38
CA VAL B 349 94.00 0.68 75.56
C VAL B 349 92.99 -0.31 76.12
N GLN B 350 91.73 0.12 76.17
CA GLN B 350 90.58 -0.73 76.44
C GLN B 350 89.41 -0.22 75.62
N THR B 351 88.87 -1.07 74.76
CA THR B 351 87.86 -0.65 73.80
C THR B 351 86.54 -1.36 74.07
N ALA B 352 85.45 -0.63 73.84
CA ALA B 352 84.10 -1.17 73.95
C ALA B 352 83.24 -0.55 72.86
N VAL B 353 82.34 -1.36 72.30
CA VAL B 353 81.50 -0.96 71.17
C VAL B 353 80.04 -1.03 71.60
N CYS B 354 79.29 0.04 71.31
CA CYS B 354 77.85 0.09 71.56
C CYS B 354 77.12 0.17 70.23
N SER B 355 75.92 -0.41 70.19
CA SER B 355 75.17 -0.48 68.95
C SER B 355 74.34 0.77 68.70
N VAL B 356 73.47 1.16 69.63
CA VAL B 356 72.53 2.25 69.42
C VAL B 356 73.29 3.57 69.48
N ALA B 357 72.76 4.56 68.74
CA ALA B 357 73.34 5.90 68.73
C ALA B 357 72.89 6.69 69.95
N PRO B 358 73.70 7.64 70.42
CA PRO B 358 73.29 8.47 71.55
C PRO B 358 72.10 9.34 71.21
N GLN B 359 71.30 9.64 72.22
CA GLN B 359 70.16 10.53 72.04
C GLN B 359 70.62 11.95 71.74
N GLY B 360 69.99 12.57 70.74
CA GLY B 360 70.35 13.91 70.36
C GLY B 360 71.65 14.04 69.59
N LEU B 361 72.26 12.91 69.21
CA LEU B 361 73.53 12.93 68.50
C LEU B 361 73.61 11.71 67.62
N ASP B 362 74.69 11.62 66.85
CA ASP B 362 74.93 10.48 65.97
C ASP B 362 75.98 9.52 66.53
N MET B 363 77.14 10.04 66.92
CA MET B 363 78.24 9.22 67.41
C MET B 363 78.81 9.91 68.63
N ALA B 364 79.13 9.12 69.66
CA ALA B 364 79.63 9.68 70.91
C ALA B 364 80.46 8.62 71.64
N ALA B 365 81.18 9.08 72.66
CA ALA B 365 82.08 8.21 73.42
C ALA B 365 82.33 8.83 74.79
N THR B 366 82.90 8.02 75.67
CA THR B 366 83.34 8.45 76.99
C THR B 366 84.81 8.08 77.20
N PHE B 367 85.48 8.85 78.04
CA PHE B 367 86.91 8.71 78.27
C PHE B 367 87.14 8.37 79.74
N ILE B 368 87.78 7.22 79.99
CA ILE B 368 88.17 6.81 81.34
C ILE B 368 89.65 6.44 81.29
N ALA B 369 90.43 7.00 82.22
CA ALA B 369 91.87 6.80 82.20
C ALA B 369 92.43 7.00 83.60
N ASN B 370 93.72 6.67 83.74
CA ASN B 370 94.47 6.90 84.97
C ASN B 370 95.73 7.69 84.62
N SER B 371 95.91 8.84 85.26
CA SER B 371 97.10 9.65 85.12
C SER B 371 97.65 9.99 86.51
N THR B 372 98.77 10.72 86.52
CA THR B 372 99.41 11.14 87.76
C THR B 372 99.03 12.54 88.18
N SER B 373 97.95 13.09 87.64
CA SER B 373 97.56 14.47 87.91
C SER B 373 96.61 14.63 89.08
N ILE B 374 96.12 13.52 89.66
CA ILE B 374 95.18 13.62 90.77
C ILE B 374 95.93 13.89 92.07
N GLN B 375 97.19 13.45 92.15
CA GLN B 375 98.00 13.73 93.34
C GLN B 375 98.22 15.23 93.50
N GLU B 376 98.20 16.00 92.40
CA GLU B 376 98.29 17.45 92.51
C GLU B 376 97.09 18.02 93.24
N LEU B 377 95.88 17.57 92.89
CA LEU B 377 94.70 18.01 93.62
C LEU B 377 94.76 17.59 95.07
N PHE B 378 95.23 16.36 95.32
CA PHE B 378 95.35 15.89 96.70
C PHE B 378 96.31 16.75 97.51
N LYS B 379 97.47 17.09 96.94
CA LYS B 379 98.40 17.92 97.68
C LYS B 379 97.88 19.35 97.84
N ARG B 380 97.09 19.83 96.87
CA ARG B 380 96.47 21.15 97.04
C ARG B 380 95.53 21.13 98.25
N VAL B 381 94.70 20.11 98.37
CA VAL B 381 93.79 20.02 99.52
C VAL B 381 94.59 19.86 100.81
N GLY B 382 95.64 19.04 100.79
CA GLY B 382 96.46 18.87 101.97
C GLY B 382 97.15 20.14 102.41
N ASP B 383 97.62 20.94 101.45
CA ASP B 383 98.23 22.22 101.77
C ASP B 383 97.18 23.20 102.31
N GLN B 384 95.96 23.14 101.77
CA GLN B 384 94.89 23.96 102.32
C GLN B 384 94.65 23.61 103.79
N PHE B 385 94.66 22.32 104.12
CA PHE B 385 94.54 21.92 105.52
C PHE B 385 95.72 22.43 106.34
N SER B 386 96.95 22.20 105.86
CA SER B 386 98.13 22.59 106.61
C SER B 386 98.24 24.09 106.78
N ALA B 387 97.53 24.86 105.97
CA ALA B 387 97.53 26.32 106.13
C ALA B 387 96.39 26.78 107.04
N MET B 388 95.15 26.46 106.69
CA MET B 388 94.00 27.00 107.41
C MET B 388 93.80 26.35 108.78
N PHE B 389 93.97 25.03 108.87
CA PHE B 389 93.55 24.29 110.06
C PHE B 389 94.61 24.23 111.15
N LYS B 390 95.76 24.86 110.96
CA LYS B 390 96.74 24.94 112.04
C LYS B 390 96.35 25.96 113.10
N ARG B 391 95.41 26.85 112.79
CA ARG B 391 94.94 27.82 113.78
C ARG B 391 93.86 27.23 114.70
N LYS B 392 93.31 26.07 114.36
CA LYS B 392 92.24 25.44 115.12
C LYS B 392 91.05 26.38 115.30
N ALA B 393 90.69 27.05 114.21
CA ALA B 393 89.57 27.98 114.19
C ALA B 393 88.32 27.25 113.69
N PHE B 394 87.22 27.37 114.44
CA PHE B 394 85.96 26.70 114.13
C PHE B 394 86.11 25.18 114.07
N LEU B 395 87.14 24.64 114.72
CA LEU B 395 87.39 23.20 114.74
C LEU B 395 86.69 22.50 115.90
N HIS B 396 86.25 23.25 116.91
CA HIS B 396 85.57 22.64 118.05
C HIS B 396 84.20 22.08 117.70
N TRP B 397 83.60 22.55 116.60
CA TRP B 397 82.27 22.08 116.22
C TRP B 397 82.25 20.58 115.95
N TYR B 398 83.39 20.00 115.59
CA TYR B 398 83.51 18.57 115.34
C TYR B 398 84.06 17.81 116.54
N THR B 399 85.04 18.37 117.24
CA THR B 399 85.58 17.71 118.42
C THR B 399 84.58 17.69 119.58
N SER B 400 83.52 18.50 119.50
CA SER B 400 82.50 18.45 120.55
C SER B 400 81.82 17.11 120.63
N GLU B 401 81.73 16.38 119.50
CA GLU B 401 81.08 15.09 119.46
C GLU B 401 82.04 13.92 119.68
N GLY B 402 83.33 14.19 119.85
CA GLY B 402 84.27 13.13 120.14
C GLY B 402 85.26 12.83 119.04
N MET B 403 85.63 13.86 118.25
CA MET B 403 86.63 13.70 117.21
C MET B 403 88.03 13.93 117.79
N ASP B 404 88.98 13.14 117.32
CA ASP B 404 90.36 13.21 117.76
C ASP B 404 91.27 13.59 116.59
N GLU B 405 92.42 14.18 116.94
CA GLU B 405 93.41 14.54 115.91
C GLU B 405 94.03 13.31 115.27
N LEU B 406 93.88 12.13 115.88
CA LEU B 406 94.41 10.90 115.29
C LEU B 406 93.76 10.62 113.95
N GLU B 407 92.45 10.85 113.83
CA GLU B 407 91.76 10.62 112.57
C GLU B 407 92.28 11.54 111.48
N PHE B 408 92.50 12.81 111.79
CA PHE B 408 93.00 13.75 110.79
C PHE B 408 94.43 13.41 110.39
N SER B 409 95.27 13.03 111.36
CA SER B 409 96.63 12.62 111.02
C SER B 409 96.62 11.36 110.15
N GLU B 410 95.70 10.42 110.44
CA GLU B 410 95.59 9.23 109.63
C GLU B 410 95.10 9.55 108.22
N ALA B 411 94.20 10.53 108.07
CA ALA B 411 93.77 10.96 106.74
C ALA B 411 94.93 11.60 105.98
N GLU B 412 95.75 12.40 106.66
CA GLU B 412 96.92 12.97 106.01
C GLU B 412 97.89 11.87 105.58
N SER B 413 98.07 10.86 106.42
CA SER B 413 98.90 9.72 106.04
C SER B 413 98.32 8.99 104.84
N ASN B 414 96.99 8.88 104.79
CA ASN B 414 96.33 8.24 103.65
C ASN B 414 96.57 9.01 102.36
N MET B 415 96.47 10.34 102.41
CA MET B 415 96.70 11.10 101.18
C MET B 415 98.18 11.08 100.79
N ASN B 416 99.08 11.02 101.77
CA ASN B 416 100.49 10.79 101.47
C ASN B 416 100.69 9.45 100.77
N ASP B 417 100.01 8.41 101.26
CA ASP B 417 100.11 7.09 100.64
C ASP B 417 99.55 7.11 99.22
N LEU B 418 98.45 7.84 99.00
CA LEU B 418 97.90 7.97 97.66
C LEU B 418 98.88 8.67 96.73
N VAL B 419 99.56 9.72 97.22
CA VAL B 419 100.56 10.39 96.41
C VAL B 419 101.70 9.44 96.07
N SER B 420 102.17 8.68 97.05
CA SER B 420 103.25 7.73 96.81
C SER B 420 102.82 6.67 95.79
N GLU B 421 101.58 6.20 95.87
CA GLU B 421 101.05 5.30 94.86
C GLU B 421 101.02 5.96 93.48
N TYR B 422 100.68 7.24 93.42
CA TYR B 422 100.76 8.02 92.20
C TYR B 422 102.20 8.30 91.76
N GLN B 423 103.19 7.81 92.50
CA GLN B 423 104.59 7.96 92.16
C GLN B 423 105.32 6.61 92.17
N GLN B 424 104.75 5.61 91.51
CA GLN B 424 105.33 4.26 91.51
C GLN B 424 105.87 3.78 90.17
N TYR B 425 105.16 3.89 89.02
CA TYR B 425 104.03 4.75 88.61
C TYR B 425 104.38 6.22 88.77
N GLN B 426 105.60 6.57 88.39
CA GLN B 426 106.08 7.94 88.47
C GLN B 426 105.37 8.82 87.44
N GLU B 427 105.34 10.11 87.70
CA GLU B 427 104.73 11.08 86.80
C GLU B 427 105.61 11.31 85.58
N MET C 1 37.03 -63.51 85.96
CA MET C 1 38.39 -63.19 85.56
C MET C 1 38.34 -62.33 84.30
N ARG C 2 37.40 -61.39 84.27
CA ARG C 2 37.19 -60.56 83.09
C ARG C 2 37.21 -59.07 83.38
N GLU C 3 36.64 -58.65 84.51
CA GLU C 3 36.41 -57.24 84.79
C GLU C 3 37.33 -56.74 85.90
N VAL C 4 37.63 -55.44 85.84
CA VAL C 4 38.46 -54.77 86.84
C VAL C 4 37.65 -53.60 87.41
N ILE C 5 37.57 -53.53 88.73
CA ILE C 5 36.80 -52.50 89.42
C ILE C 5 37.78 -51.49 90.01
N SER C 6 37.52 -50.20 89.77
CA SER C 6 38.39 -49.12 90.20
C SER C 6 37.67 -48.28 91.25
N ILE C 7 38.37 -47.96 92.33
CA ILE C 7 37.82 -47.15 93.42
C ILE C 7 38.80 -46.02 93.71
N ASN C 8 38.28 -44.79 93.78
CA ASN C 8 39.08 -43.61 94.06
C ASN C 8 38.65 -43.02 95.40
N VAL C 9 39.62 -42.75 96.27
CA VAL C 9 39.37 -42.19 97.59
C VAL C 9 40.21 -40.93 97.75
N GLY C 10 39.60 -39.87 98.25
CA GLY C 10 40.28 -38.60 98.43
C GLY C 10 40.13 -37.69 97.22
N GLN C 11 40.32 -36.40 97.47
CA GLN C 11 40.16 -35.42 96.40
C GLN C 11 41.20 -35.62 95.30
N ALA C 12 42.45 -35.90 95.67
CA ALA C 12 43.47 -36.16 94.67
C ALA C 12 43.14 -37.40 93.85
N GLY C 13 42.71 -38.47 94.51
CA GLY C 13 42.32 -39.67 93.80
C GLY C 13 41.15 -39.44 92.86
N CYS C 14 40.18 -38.62 93.30
CA CYS C 14 39.05 -38.29 92.44
C CYS C 14 39.49 -37.50 91.22
N GLN C 15 40.41 -36.54 91.39
CA GLN C 15 40.92 -35.80 90.24
C GLN C 15 41.65 -36.72 89.27
N ILE C 16 42.48 -37.62 89.80
CA ILE C 16 43.19 -38.58 88.95
C ILE C 16 42.21 -39.45 88.20
N GLY C 17 41.16 -39.92 88.89
CA GLY C 17 40.15 -40.72 88.21
C GLY C 17 39.43 -39.94 87.12
N ASN C 18 39.05 -38.69 87.41
CA ASN C 18 38.39 -37.87 86.41
C ASN C 18 39.26 -37.75 85.16
N ALA C 19 40.55 -37.46 85.36
CA ALA C 19 41.46 -37.37 84.23
C ALA C 19 41.54 -38.68 83.47
N CYS C 20 41.64 -39.80 84.19
CA CYS C 20 41.86 -41.08 83.51
C CYS C 20 40.62 -41.52 82.73
N TRP C 21 39.41 -41.28 83.27
CA TRP C 21 38.23 -41.58 82.47
C TRP C 21 38.07 -40.61 81.31
N GLU C 22 38.50 -39.35 81.47
CA GLU C 22 38.52 -38.46 80.31
C GLU C 22 39.40 -39.02 79.21
N LEU C 23 40.61 -39.48 79.54
CA LEU C 23 41.43 -40.13 78.52
C LEU C 23 40.71 -41.34 77.94
N TYR C 24 40.25 -42.26 78.79
CA TYR C 24 39.62 -43.49 78.30
C TYR C 24 38.52 -43.17 77.29
N SER C 25 37.72 -42.15 77.57
CA SER C 25 36.76 -41.67 76.58
C SER C 25 37.46 -41.17 75.33
N LEU C 26 38.64 -40.56 75.49
CA LEU C 26 39.33 -39.99 74.33
C LEU C 26 39.81 -41.07 73.37
N GLU C 27 40.62 -42.03 73.83
CA GLU C 27 41.16 -42.98 72.85
C GLU C 27 40.08 -43.95 72.36
N HIS C 28 39.19 -44.40 73.24
CA HIS C 28 38.18 -45.36 72.81
C HIS C 28 36.97 -44.72 72.15
N GLY C 29 37.00 -43.41 71.93
CA GLY C 29 35.99 -42.78 71.10
C GLY C 29 34.65 -42.55 71.74
N ILE C 30 34.58 -42.51 73.07
CA ILE C 30 33.35 -42.19 73.77
C ILE C 30 33.29 -40.69 74.01
N LYS C 31 32.16 -40.08 73.66
CA LYS C 31 31.97 -38.66 73.90
C LYS C 31 31.87 -38.40 75.39
N PRO C 32 32.08 -37.14 75.83
CA PRO C 32 32.10 -36.84 77.27
C PRO C 32 30.80 -37.15 78.00
N ASP C 33 29.77 -37.60 77.27
CA ASP C 33 28.53 -38.04 77.89
C ASP C 33 28.18 -39.49 77.60
N GLY C 34 28.77 -40.11 76.59
CA GLY C 34 28.52 -41.50 76.29
C GLY C 34 27.33 -41.71 75.37
N HIS C 35 27.28 -42.89 74.76
CA HIS C 35 26.19 -43.33 73.89
C HIS C 35 25.99 -42.38 72.72
N LEU C 36 26.97 -42.36 71.82
CA LEU C 36 28.13 -43.25 71.86
C LEU C 36 29.47 -42.50 72.01
N GLU C 37 29.83 -41.50 71.18
CA GLU C 37 29.19 -40.99 69.96
C GLU C 37 30.24 -40.75 68.87
N ASP C 38 30.50 -41.70 67.98
CA ASP C 38 29.87 -43.01 67.96
C ASP C 38 30.89 -44.10 68.29
N GLY C 39 30.49 -45.35 68.15
CA GLY C 39 31.40 -46.47 68.32
C GLY C 39 32.47 -46.43 67.25
N LEU C 40 33.63 -46.97 67.60
CA LEU C 40 34.81 -46.87 66.74
C LEU C 40 35.27 -48.23 66.22
N SER C 41 35.48 -49.17 67.13
CA SER C 41 36.17 -50.42 66.84
C SER C 41 35.65 -51.46 67.82
N LYS C 42 35.86 -52.76 67.55
CA LYS C 42 36.64 -53.46 66.50
C LYS C 42 38.15 -53.21 66.46
N PRO C 43 38.86 -53.51 67.57
CA PRO C 43 38.38 -53.90 68.90
C PRO C 43 38.31 -52.77 69.93
N LYS C 44 37.10 -52.40 70.37
CA LYS C 44 36.90 -51.60 71.56
C LYS C 44 35.74 -52.09 72.40
N GLY C 45 35.01 -53.11 71.94
CA GLY C 45 33.83 -53.61 72.62
C GLY C 45 32.56 -53.36 71.86
N GLY C 46 32.09 -54.36 71.11
CA GLY C 46 32.82 -55.61 70.96
C GLY C 46 33.92 -55.51 69.91
N GLU C 47 34.87 -56.44 69.94
CA GLU C 47 34.88 -57.55 70.91
C GLU C 47 35.48 -57.13 72.24
N GLU C 48 35.31 -57.98 73.26
CA GLU C 48 35.82 -57.70 74.59
C GLU C 48 37.34 -57.75 74.60
N GLY C 49 37.97 -56.76 75.24
CA GLY C 49 37.28 -55.63 75.84
C GLY C 49 37.02 -54.51 74.85
N PHE C 50 36.04 -53.65 75.14
CA PHE C 50 35.28 -53.64 76.38
C PHE C 50 34.17 -54.72 76.35
N SER C 51 33.58 -55.10 77.49
CA SER C 51 33.73 -54.43 78.79
C SER C 51 34.94 -54.87 79.61
N THR C 52 35.76 -53.89 79.98
CA THR C 52 36.82 -54.06 80.96
C THR C 52 36.79 -53.02 82.07
N PHE C 53 36.44 -51.77 81.76
CA PHE C 53 36.28 -50.73 82.76
C PHE C 53 34.93 -50.04 82.59
N PHE C 54 34.44 -49.98 81.36
CA PHE C 54 33.15 -49.39 81.04
C PHE C 54 32.10 -50.49 80.92
N HIS C 55 31.03 -50.36 81.69
CA HIS C 55 29.94 -51.33 81.60
C HIS C 55 29.23 -51.21 80.26
N GLU C 56 28.92 -52.35 79.65
CA GLU C 56 28.22 -52.38 78.36
C GLU C 56 26.72 -52.41 78.64
N THR C 57 26.10 -51.24 78.57
CA THR C 57 24.65 -51.14 78.78
C THR C 57 23.90 -51.80 77.63
N GLY C 58 22.78 -52.43 77.96
CA GLY C 58 21.97 -53.07 76.93
C GLY C 58 21.46 -52.10 75.88
N TYR C 59 21.22 -50.85 76.27
CA TYR C 59 20.83 -49.82 75.32
C TYR C 59 21.96 -49.40 74.39
N GLY C 60 23.19 -49.84 74.66
CA GLY C 60 24.34 -49.43 73.89
C GLY C 60 25.21 -48.39 74.55
N LYS C 61 24.90 -48.00 75.78
CA LYS C 61 25.69 -46.99 76.48
C LYS C 61 26.91 -47.62 77.13
N PHE C 62 27.86 -46.76 77.49
CA PHE C 62 29.08 -47.17 78.17
C PHE C 62 29.14 -46.48 79.53
N VAL C 63 29.19 -47.27 80.60
CA VAL C 63 29.15 -46.74 81.96
C VAL C 63 30.39 -47.20 82.72
N PRO C 64 31.27 -46.28 83.13
CA PRO C 64 32.39 -46.67 84.00
C PRO C 64 31.88 -47.30 85.28
N ARG C 65 32.57 -48.36 85.71
CA ARG C 65 32.22 -49.08 86.94
C ARG C 65 33.18 -48.65 88.03
N ALA C 66 32.88 -47.52 88.67
CA ALA C 66 33.71 -46.98 89.73
C ALA C 66 32.82 -46.53 90.87
N ILE C 67 33.40 -46.52 92.07
CA ILE C 67 32.71 -46.12 93.29
C ILE C 67 33.47 -44.95 93.90
N TYR C 68 32.81 -43.81 94.02
CA TYR C 68 33.39 -42.61 94.60
C TYR C 68 32.95 -42.52 96.06
N VAL C 69 33.84 -42.89 96.98
CA VAL C 69 33.58 -42.82 98.41
C VAL C 69 34.43 -41.72 99.02
N ASP C 70 33.78 -40.83 99.76
CA ASP C 70 34.44 -39.69 100.39
C ASP C 70 33.47 -39.06 101.36
N LEU C 71 34.01 -38.49 102.44
CA LEU C 71 33.21 -37.81 103.45
C LEU C 71 33.10 -36.31 103.20
N GLU C 72 33.73 -35.80 102.16
CA GLU C 72 33.62 -34.39 101.79
C GLU C 72 32.71 -34.25 100.58
N PRO C 73 31.51 -33.69 100.74
CA PRO C 73 30.56 -33.67 99.62
C PRO C 73 30.96 -32.74 98.48
N ASN C 74 31.95 -31.87 98.68
CA ASN C 74 32.32 -30.91 97.64
C ASN C 74 32.84 -31.61 96.39
N VAL C 75 33.66 -32.66 96.56
CA VAL C 75 34.18 -33.38 95.39
C VAL C 75 33.05 -34.07 94.64
N ILE C 76 32.12 -34.69 95.37
CA ILE C 76 31.00 -35.37 94.72
C ILE C 76 30.12 -34.37 93.98
N ASP C 77 29.90 -33.20 94.57
CA ASP C 77 29.12 -32.16 93.89
C ASP C 77 29.83 -31.68 92.63
N GLU C 78 31.16 -31.51 92.70
CA GLU C 78 31.92 -31.10 91.52
C GLU C 78 31.86 -32.15 90.43
N VAL C 79 31.85 -33.43 90.80
CA VAL C 79 31.69 -34.48 89.81
C VAL C 79 30.29 -34.46 89.21
N ARG C 80 29.27 -34.24 90.04
CA ARG C 80 27.88 -34.33 89.62
C ARG C 80 27.41 -33.13 88.82
N ASN C 81 28.04 -31.96 88.97
CA ASN C 81 27.59 -30.77 88.24
C ASN C 81 28.32 -30.59 86.91
N GLY C 82 29.20 -31.52 86.54
CA GLY C 82 29.91 -31.45 85.29
C GLY C 82 29.47 -32.53 84.32
N PRO C 83 30.26 -32.77 83.27
CA PRO C 83 29.91 -33.81 82.30
C PRO C 83 30.05 -35.22 82.84
N TYR C 84 30.61 -35.40 84.04
CA TYR C 84 30.80 -36.73 84.61
C TYR C 84 29.49 -37.35 85.09
N LYS C 85 28.40 -36.58 85.13
CA LYS C 85 27.14 -37.11 85.65
C LYS C 85 26.58 -38.22 84.78
N ASP C 86 26.83 -38.15 83.46
CA ASP C 86 26.30 -39.14 82.54
C ASP C 86 27.13 -40.41 82.49
N LEU C 87 28.27 -40.47 83.19
CA LEU C 87 29.12 -41.64 83.19
C LEU C 87 28.99 -42.51 84.43
N PHE C 88 28.71 -41.91 85.59
CA PHE C 88 28.69 -42.62 86.85
C PHE C 88 27.25 -42.86 87.29
N HIS C 89 26.96 -44.08 87.74
CA HIS C 89 25.64 -44.40 88.24
C HIS C 89 25.35 -43.60 89.51
N PRO C 90 24.12 -43.12 89.68
CA PRO C 90 23.82 -42.30 90.87
C PRO C 90 24.10 -43.01 92.20
N GLU C 91 23.84 -44.31 92.27
CA GLU C 91 24.09 -45.05 93.50
C GLU C 91 25.57 -45.35 93.71
N GLN C 92 26.39 -45.27 92.67
CA GLN C 92 27.83 -45.47 92.82
C GLN C 92 28.54 -44.25 93.38
N LEU C 93 27.90 -43.09 93.39
CA LEU C 93 28.49 -41.86 93.91
C LEU C 93 28.09 -41.74 95.37
N ILE C 94 28.91 -42.31 96.26
CA ILE C 94 28.67 -42.27 97.69
C ILE C 94 29.12 -40.93 98.24
N SER C 95 28.18 -40.01 98.42
CA SER C 95 28.48 -38.68 98.93
C SER C 95 28.39 -38.66 100.45
N GLY C 96 29.47 -38.20 101.10
CA GLY C 96 29.47 -38.10 102.53
C GLY C 96 29.00 -36.74 103.03
N LYS C 97 28.52 -36.72 104.26
CA LYS C 97 28.02 -35.50 104.88
C LYS C 97 28.63 -35.19 106.24
N GLU C 98 29.57 -35.99 106.72
CA GLU C 98 30.18 -35.80 108.03
C GLU C 98 31.62 -35.32 107.85
N ASP C 99 31.95 -34.18 108.44
CA ASP C 99 33.28 -33.60 108.37
C ASP C 99 33.77 -33.30 109.79
N ALA C 100 34.75 -34.07 110.26
CA ALA C 100 35.32 -33.84 111.58
C ALA C 100 36.84 -33.84 111.53
N ALA C 101 37.41 -34.40 110.46
CA ALA C 101 38.85 -34.41 110.26
C ALA C 101 39.11 -34.70 108.79
N ASN C 102 40.37 -34.51 108.38
CA ASN C 102 40.78 -34.82 107.00
C ASN C 102 42.03 -35.69 107.03
N ASN C 103 41.84 -37.01 107.17
CA ASN C 103 40.62 -37.61 107.70
C ASN C 103 41.00 -38.79 108.57
N TYR C 104 42.31 -39.05 108.62
CA TYR C 104 42.80 -40.29 109.23
C TYR C 104 42.58 -40.34 110.73
N ALA C 105 42.28 -39.21 111.37
CA ALA C 105 42.00 -39.23 112.80
C ALA C 105 40.83 -40.15 113.12
N ARG C 106 39.75 -40.03 112.34
CA ARG C 106 38.58 -40.88 112.51
C ARG C 106 38.34 -41.82 111.34
N GLY C 107 39.06 -41.67 110.24
CA GLY C 107 38.81 -42.50 109.07
C GLY C 107 39.12 -43.96 109.31
N HIS C 108 40.25 -44.26 109.96
CA HIS C 108 40.70 -45.62 110.18
C HIS C 108 40.15 -46.23 111.48
N TYR C 109 39.00 -45.75 111.95
CA TYR C 109 38.47 -46.16 113.25
C TYR C 109 36.99 -46.46 113.07
N THR C 110 36.28 -46.58 114.20
CA THR C 110 34.87 -46.98 114.18
C THR C 110 33.99 -46.00 113.42
N VAL C 111 34.46 -44.77 113.19
CA VAL C 111 33.64 -43.77 112.51
C VAL C 111 33.40 -44.16 111.06
N GLY C 112 34.33 -44.90 110.45
CA GLY C 112 34.21 -45.19 109.03
C GLY C 112 33.51 -46.49 108.71
N ARG C 113 33.51 -47.44 109.66
CA ARG C 113 33.07 -48.78 109.32
C ARG C 113 31.56 -48.99 109.43
N GLU C 114 30.79 -48.00 109.86
CA GLU C 114 29.35 -48.14 109.72
C GLU C 114 28.86 -47.74 108.34
N ILE C 115 29.70 -47.07 107.55
CA ILE C 115 29.42 -46.81 106.15
C ILE C 115 30.04 -47.86 105.24
N LEU C 116 31.12 -48.51 105.67
CA LEU C 116 31.76 -49.53 104.84
C LEU C 116 30.83 -50.67 104.48
N GLY C 117 29.82 -50.96 105.31
CA GLY C 117 28.88 -52.02 104.97
C GLY C 117 28.15 -51.75 103.68
N ASP C 118 27.66 -50.52 103.52
CA ASP C 118 26.98 -50.14 102.29
C ASP C 118 27.92 -50.21 101.09
N VAL C 119 29.18 -49.80 101.28
CA VAL C 119 30.15 -49.84 100.18
C VAL C 119 30.40 -51.27 99.75
N LEU C 120 30.59 -52.17 100.73
CA LEU C 120 30.80 -53.59 100.40
C LEU C 120 29.57 -54.19 99.72
N ASP C 121 28.37 -53.84 100.19
CA ASP C 121 27.16 -54.34 99.54
C ASP C 121 27.08 -53.85 98.09
N ARG C 122 27.39 -52.58 97.86
CA ARG C 122 27.33 -52.03 96.51
C ARG C 122 28.35 -52.68 95.59
N ILE C 123 29.57 -52.89 96.08
CA ILE C 123 30.59 -53.50 95.22
C ILE C 123 30.28 -54.97 94.98
N ARG C 124 29.68 -55.67 95.96
CA ARG C 124 29.24 -57.04 95.74
C ARG C 124 28.15 -57.10 94.69
N LYS C 125 27.19 -56.17 94.74
CA LYS C 125 26.14 -56.11 93.73
C LYS C 125 26.73 -55.82 92.35
N LEU C 126 27.70 -54.92 92.28
CA LEU C 126 28.35 -54.62 91.00
C LEU C 126 29.12 -55.82 90.46
N ALA C 127 29.79 -56.56 91.34
CA ALA C 127 30.49 -57.77 90.91
C ALA C 127 29.50 -58.81 90.39
N ASP C 128 28.36 -58.96 91.07
CA ASP C 128 27.33 -59.87 90.59
C ASP C 128 26.74 -59.39 89.26
N GLN C 129 26.77 -58.08 89.02
CA GLN C 129 26.27 -57.54 87.76
C GLN C 129 27.09 -58.04 86.58
N CYS C 130 28.42 -58.04 86.72
CA CYS C 130 29.30 -58.45 85.64
C CYS C 130 29.63 -59.94 85.73
N ASP C 131 30.23 -60.45 84.66
CA ASP C 131 30.61 -61.86 84.57
C ASP C 131 32.10 -61.96 84.88
N GLY C 132 32.41 -62.48 86.07
CA GLY C 132 33.79 -62.66 86.48
C GLY C 132 34.40 -61.41 87.09
N LEU C 133 35.58 -61.59 87.66
CA LEU C 133 36.31 -60.50 88.30
C LEU C 133 37.80 -60.80 88.24
N GLN C 134 38.59 -59.83 87.79
CA GLN C 134 40.03 -60.01 87.59
C GLN C 134 40.86 -59.32 88.65
N GLY C 135 40.68 -58.02 88.85
CA GLY C 135 41.47 -57.30 89.84
C GLY C 135 40.83 -55.97 90.15
N PHE C 136 41.47 -55.25 91.09
CA PHE C 136 40.98 -53.96 91.55
C PHE C 136 42.03 -52.89 91.32
N LEU C 137 41.58 -51.68 91.02
CA LEU C 137 42.43 -50.51 90.83
C LEU C 137 42.14 -49.52 91.96
N PHE C 138 43.20 -49.06 92.62
CA PHE C 138 43.09 -48.12 93.73
C PHE C 138 43.80 -46.82 93.39
N THR C 139 43.14 -45.70 93.64
CA THR C 139 43.71 -44.38 93.42
C THR C 139 43.38 -43.51 94.64
N HIS C 140 44.34 -43.37 95.55
CA HIS C 140 44.15 -42.57 96.74
C HIS C 140 45.45 -41.85 97.06
N SER C 141 45.33 -40.76 97.82
CA SER C 141 46.49 -39.95 98.21
C SER C 141 46.84 -40.26 99.65
N LEU C 142 48.10 -40.65 99.89
CA LEU C 142 48.58 -40.89 101.24
C LEU C 142 48.76 -39.62 102.04
N GLY C 143 48.73 -38.46 101.39
CA GLY C 143 48.77 -37.19 102.10
C GLY C 143 47.44 -36.90 102.77
N GLY C 144 46.37 -36.85 101.97
CA GLY C 144 45.04 -36.69 102.53
C GLY C 144 44.65 -37.90 103.34
N GLY C 145 44.22 -37.67 104.58
CA GLY C 145 43.86 -38.78 105.45
C GLY C 145 42.69 -39.60 104.96
N THR C 146 41.77 -38.98 104.21
CA THR C 146 40.66 -39.73 103.65
C THR C 146 41.16 -40.89 102.80
N GLY C 147 42.06 -40.60 101.85
CA GLY C 147 42.61 -41.65 101.02
C GLY C 147 43.24 -42.76 101.83
N SER C 148 44.21 -42.39 102.67
CA SER C 148 44.92 -43.39 103.48
C SER C 148 43.94 -44.27 104.25
N GLY C 149 43.15 -43.67 105.13
CA GLY C 149 42.26 -44.42 105.99
C GLY C 149 41.22 -45.25 105.25
N LEU C 150 40.40 -44.60 104.42
CA LEU C 150 39.33 -45.32 103.75
C LEU C 150 39.88 -46.37 102.79
N GLY C 151 40.93 -46.03 102.04
CA GLY C 151 41.53 -47.00 101.15
C GLY C 151 42.07 -48.21 101.87
N SER C 152 42.74 -48.00 103.01
CA SER C 152 43.24 -49.14 103.78
C SER C 152 42.11 -50.00 104.30
N LEU C 153 41.03 -49.36 104.79
CA LEU C 153 39.89 -50.12 105.29
C LEU C 153 39.29 -50.98 104.18
N LEU C 154 39.07 -50.38 103.01
CA LEU C 154 38.64 -51.16 101.85
C LEU C 154 39.63 -52.27 101.51
N LEU C 155 40.93 -52.01 101.68
CA LEU C 155 41.92 -53.04 101.39
C LEU C 155 41.70 -54.28 102.24
N GLU C 156 41.59 -54.10 103.56
CA GLU C 156 41.41 -55.31 104.37
C GLU C 156 40.04 -55.94 104.10
N GLU C 157 39.01 -55.12 103.86
CA GLU C 157 37.68 -55.68 103.63
C GLU C 157 37.66 -56.55 102.37
N LEU C 158 38.18 -56.04 101.25
CA LEU C 158 38.14 -56.80 100.01
C LEU C 158 39.23 -57.85 99.92
N SER C 159 40.27 -57.78 100.76
CA SER C 159 41.16 -58.92 100.88
C SER C 159 40.52 -60.04 101.67
N ALA C 160 39.63 -59.70 102.61
CA ALA C 160 38.90 -60.72 103.34
C ALA C 160 37.79 -61.34 102.50
N GLU C 161 37.09 -60.55 101.69
CA GLU C 161 35.92 -61.08 100.99
C GLU C 161 36.32 -62.07 99.89
N TYR C 162 37.38 -61.78 99.13
CA TYR C 162 37.84 -62.68 98.08
C TYR C 162 39.19 -63.30 98.41
N GLY C 163 40.23 -62.49 98.62
CA GLY C 163 41.55 -63.01 98.88
C GLY C 163 42.22 -63.69 97.70
N LYS C 164 41.65 -63.60 96.50
CA LYS C 164 42.21 -64.26 95.33
C LYS C 164 42.37 -63.35 94.13
N LYS C 165 41.98 -62.08 94.22
CA LYS C 165 42.06 -61.15 93.10
C LYS C 165 43.30 -60.25 93.23
N SER C 166 43.81 -59.83 92.09
CA SER C 166 44.96 -58.94 92.07
C SER C 166 44.59 -57.58 92.64
N LYS C 167 45.50 -57.00 93.43
CA LYS C 167 45.27 -55.74 94.12
C LYS C 167 46.30 -54.72 93.65
N LEU C 168 45.88 -53.81 92.78
CA LEU C 168 46.74 -52.75 92.26
C LEU C 168 46.38 -51.43 92.93
N GLU C 169 47.36 -50.79 93.56
CA GLU C 169 47.14 -49.56 94.32
C GLU C 169 48.06 -48.48 93.79
N PHE C 170 47.47 -47.44 93.20
CA PHE C 170 48.20 -46.24 92.78
C PHE C 170 48.05 -45.21 93.89
N ALA C 171 48.98 -45.24 94.84
CA ALA C 171 48.94 -44.38 96.02
C ALA C 171 49.84 -43.17 95.80
N VAL C 172 49.29 -41.98 96.03
CA VAL C 172 50.05 -40.74 95.91
C VAL C 172 50.82 -40.52 97.21
N TYR C 173 52.14 -40.50 97.12
CA TYR C 173 52.95 -40.34 98.32
C TYR C 173 53.23 -38.88 98.61
N PRO C 174 53.34 -38.50 99.87
CA PRO C 174 53.71 -37.12 100.21
C PRO C 174 55.12 -36.81 99.71
N ALA C 175 55.32 -35.54 99.38
CA ALA C 175 56.62 -35.11 98.87
C ALA C 175 57.68 -35.27 99.96
N PRO C 176 58.80 -35.94 99.67
CA PRO C 176 59.83 -36.13 100.71
C PRO C 176 60.58 -34.86 101.09
N GLN C 177 60.53 -33.82 100.25
CA GLN C 177 61.20 -32.57 100.60
C GLN C 177 60.44 -31.85 101.70
N VAL C 178 59.18 -31.48 101.43
CA VAL C 178 58.30 -30.90 102.44
C VAL C 178 56.95 -31.59 102.34
N SER C 179 56.20 -31.52 103.43
CA SER C 179 54.87 -32.09 103.51
C SER C 179 53.83 -30.98 103.60
N THR C 180 52.76 -31.10 102.83
CA THR C 180 51.71 -30.10 102.85
C THR C 180 51.02 -30.01 104.21
N SER C 181 50.87 -31.15 104.89
CA SER C 181 50.37 -31.16 106.25
C SER C 181 51.22 -32.13 107.07
N VAL C 182 51.27 -31.87 108.38
CA VAL C 182 52.19 -32.60 109.26
C VAL C 182 51.76 -34.05 109.45
N VAL C 183 50.45 -34.33 109.43
CA VAL C 183 49.96 -35.67 109.75
C VAL C 183 50.05 -36.64 108.59
N GLU C 184 50.51 -36.19 107.41
CA GLU C 184 50.61 -37.08 106.26
C GLU C 184 51.53 -38.27 106.50
N PRO C 185 52.72 -38.12 107.10
CA PRO C 185 53.53 -39.32 107.39
C PRO C 185 52.81 -40.35 108.24
N TYR C 186 52.04 -39.94 109.25
CA TYR C 186 51.22 -40.90 109.98
C TYR C 186 50.21 -41.58 109.07
N ASN C 187 49.48 -40.79 108.27
CA ASN C 187 48.49 -41.37 107.36
C ASN C 187 49.12 -42.39 106.44
N THR C 188 50.39 -42.21 106.08
CA THR C 188 51.06 -43.18 105.22
C THR C 188 51.52 -44.41 105.99
N VAL C 189 52.29 -44.21 107.06
CA VAL C 189 52.97 -45.34 107.69
C VAL C 189 52.04 -46.17 108.58
N LEU C 190 51.06 -45.54 109.24
CA LEU C 190 50.12 -46.33 110.02
C LEU C 190 49.26 -47.24 109.14
N THR C 191 49.26 -47.03 107.82
CA THR C 191 48.63 -47.94 106.88
C THR C 191 49.63 -48.73 106.05
N THR C 192 50.92 -48.42 106.12
CA THR C 192 51.92 -49.22 105.43
C THR C 192 51.88 -50.68 105.88
N HIS C 193 51.61 -50.92 107.17
CA HIS C 193 51.52 -52.30 107.65
C HIS C 193 50.34 -53.03 107.00
N THR C 194 49.18 -52.37 106.93
CA THR C 194 48.03 -52.98 106.26
C THR C 194 48.31 -53.20 104.78
N THR C 195 49.04 -52.27 104.15
CA THR C 195 49.42 -52.45 102.76
C THR C 195 50.34 -53.66 102.59
N LEU C 196 51.30 -53.82 103.50
CA LEU C 196 52.21 -54.96 103.43
C LEU C 196 51.44 -56.27 103.58
N GLU C 197 50.48 -56.31 104.50
CA GLU C 197 49.75 -57.55 104.77
C GLU C 197 48.57 -57.78 103.82
N HIS C 198 48.16 -56.78 103.04
CA HIS C 198 46.93 -56.91 102.27
C HIS C 198 47.04 -56.30 100.87
N ALA C 199 48.22 -56.34 100.25
CA ALA C 199 48.38 -55.86 98.89
C ALA C 199 49.20 -56.84 98.07
N ASP C 200 48.99 -56.80 96.76
CA ASP C 200 49.69 -57.66 95.80
C ASP C 200 50.66 -56.89 94.94
N CYS C 201 50.33 -55.66 94.55
CA CYS C 201 51.20 -54.85 93.70
C CYS C 201 50.86 -53.38 93.94
N THR C 202 51.83 -52.62 94.44
CA THR C 202 51.65 -51.21 94.76
C THR C 202 52.58 -50.36 93.91
N PHE C 203 52.04 -49.27 93.38
CA PHE C 203 52.79 -48.34 92.54
C PHE C 203 53.00 -47.03 93.28
N MET C 204 54.25 -46.58 93.33
CA MET C 204 54.62 -45.36 94.04
C MET C 204 54.76 -44.21 93.07
N VAL C 205 54.05 -43.12 93.34
CA VAL C 205 54.11 -41.90 92.53
C VAL C 205 54.38 -40.72 93.45
N ASP C 206 55.27 -39.82 93.03
CA ASP C 206 55.62 -38.64 93.78
C ASP C 206 55.27 -37.39 93.00
N ASN C 207 54.57 -36.45 93.65
CA ASN C 207 54.20 -35.21 92.98
C ASN C 207 55.40 -34.33 92.69
N GLU C 208 56.43 -34.40 93.54
CA GLU C 208 57.62 -33.56 93.34
C GLU C 208 58.32 -33.89 92.04
N ALA C 209 58.46 -35.18 91.72
CA ALA C 209 59.12 -35.55 90.47
C ALA C 209 58.30 -35.15 89.26
N ILE C 210 56.97 -35.27 89.34
CA ILE C 210 56.12 -34.83 88.24
C ILE C 210 56.27 -33.33 88.03
N TYR C 211 56.29 -32.56 89.12
CA TYR C 211 56.49 -31.12 88.99
C TYR C 211 57.87 -30.81 88.42
N ASP C 212 58.89 -31.58 88.81
CA ASP C 212 60.23 -31.38 88.29
C ASP C 212 60.29 -31.60 86.79
N MET C 213 59.66 -32.67 86.31
CA MET C 213 59.67 -32.94 84.87
C MET C 213 58.79 -31.96 84.12
N CYS C 214 57.71 -31.47 84.74
CA CYS C 214 56.91 -30.43 84.11
C CYS C 214 57.71 -29.14 83.96
N LYS C 215 58.50 -28.79 84.97
CA LYS C 215 59.33 -27.59 84.86
C LYS C 215 60.46 -27.77 83.87
N ARG C 216 61.05 -28.98 83.81
CA ARG C 216 62.21 -29.21 82.97
C ARG C 216 61.84 -29.74 81.59
N ASN C 217 61.16 -30.89 81.53
CA ASN C 217 60.85 -31.49 80.25
C ASN C 217 59.72 -30.76 79.54
N LEU C 218 58.67 -30.38 80.27
CA LEU C 218 57.53 -29.70 79.67
C LEU C 218 57.75 -28.20 79.52
N ASP C 219 58.78 -27.64 80.16
CA ASP C 219 59.07 -26.21 80.12
C ASP C 219 57.86 -25.38 80.57
N ILE C 220 57.13 -25.90 81.54
CA ILE C 220 55.96 -25.23 82.09
C ILE C 220 56.38 -24.44 83.32
N PRO C 221 56.25 -23.12 83.34
CA PRO C 221 56.66 -22.36 84.52
C PRO C 221 55.76 -22.58 85.74
N ARG C 222 54.47 -22.82 85.52
CA ARG C 222 53.51 -23.04 86.61
C ARG C 222 52.75 -24.35 86.33
N PRO C 223 53.34 -25.50 86.67
CA PRO C 223 52.61 -26.76 86.54
C PRO C 223 51.35 -26.75 87.41
N SER C 224 50.35 -27.49 86.95
CA SER C 224 49.08 -27.61 87.66
C SER C 224 48.84 -29.07 88.03
N PHE C 225 47.97 -29.26 89.02
CA PHE C 225 47.61 -30.61 89.44
C PHE C 225 46.94 -31.38 88.31
N ALA C 226 46.24 -30.67 87.42
CA ALA C 226 45.61 -31.33 86.28
C ALA C 226 46.65 -31.97 85.36
N ASN C 227 47.79 -31.29 85.16
CA ASN C 227 48.85 -31.87 84.35
C ASN C 227 49.40 -33.14 84.97
N LEU C 228 49.60 -33.13 86.30
CA LEU C 228 50.03 -34.34 87.00
C LEU C 228 49.01 -35.46 86.83
N ASN C 229 47.73 -35.13 86.97
CA ASN C 229 46.69 -36.14 86.82
C ASN C 229 46.71 -36.73 85.41
N ASN C 230 46.87 -35.88 84.39
CA ASN C 230 46.90 -36.38 83.02
C ASN C 230 48.12 -37.26 82.78
N LEU C 231 49.29 -36.85 83.27
CA LEU C 231 50.50 -37.64 83.07
C LEU C 231 50.37 -39.01 83.71
N ILE C 232 49.97 -39.06 84.98
CA ILE C 232 49.80 -40.36 85.61
C ILE C 232 48.61 -41.10 85.01
N ALA C 233 47.69 -40.40 84.34
CA ALA C 233 46.62 -41.06 83.62
C ALA C 233 47.15 -41.84 82.42
N GLN C 234 48.05 -41.23 81.64
CA GLN C 234 48.70 -42.00 80.58
C GLN C 234 49.51 -43.15 81.16
N VAL C 235 50.21 -42.89 82.27
CA VAL C 235 51.01 -43.93 82.92
C VAL C 235 50.13 -45.12 83.29
N VAL C 236 48.95 -44.86 83.86
CA VAL C 236 48.03 -45.93 84.23
C VAL C 236 47.46 -46.61 82.99
N SER C 237 47.06 -45.82 81.99
CA SER C 237 46.39 -46.35 80.80
C SER C 237 47.33 -47.05 79.83
N SER C 238 48.63 -47.06 80.11
CA SER C 238 49.59 -47.81 79.29
C SER C 238 50.08 -49.07 79.97
N VAL C 239 49.23 -49.82 80.70
CA VAL C 239 49.67 -50.88 81.58
C VAL C 239 49.14 -52.27 81.18
N THR C 240 47.81 -52.45 81.06
CA THR C 240 46.66 -51.60 80.66
C THR C 240 46.90 -51.00 79.27
N ALA C 241 47.88 -51.55 78.55
CA ALA C 241 48.12 -51.22 77.16
C ALA C 241 47.65 -52.31 76.20
N SER C 242 47.96 -53.57 76.51
CA SER C 242 47.55 -54.69 75.67
C SER C 242 46.23 -55.31 76.12
N LEU C 243 45.68 -54.90 77.26
CA LEU C 243 44.42 -55.46 77.73
C LEU C 243 43.21 -54.95 76.96
N ARG C 244 43.35 -53.82 76.27
CA ARG C 244 42.26 -53.26 75.48
C ARG C 244 42.55 -53.16 73.99
N PHE C 245 43.80 -53.39 73.57
CA PHE C 245 44.18 -53.30 72.17
C PHE C 245 45.00 -54.53 71.79
N ASP C 246 44.97 -54.87 70.51
CA ASP C 246 45.69 -56.04 70.02
C ASP C 246 47.19 -55.80 70.06
N GLY C 247 47.93 -56.88 70.28
CA GLY C 247 49.38 -56.81 70.30
C GLY C 247 49.99 -58.15 69.92
N SER C 248 51.22 -58.10 69.41
CA SER C 248 51.91 -59.33 69.02
C SER C 248 52.14 -60.24 70.23
N LEU C 249 52.56 -59.66 71.36
CA LEU C 249 52.80 -60.40 72.60
C LEU C 249 52.11 -59.64 73.72
N ASN C 250 50.87 -60.00 74.00
CA ASN C 250 50.12 -59.34 75.07
C ASN C 250 50.69 -59.73 76.44
N VAL C 251 50.54 -58.82 77.39
CA VAL C 251 51.01 -59.03 78.76
C VAL C 251 49.79 -59.17 79.67
N ASP C 252 49.81 -60.19 80.51
CA ASP C 252 48.71 -60.47 81.43
C ASP C 252 48.98 -59.87 82.79
N LEU C 253 47.90 -59.55 83.51
CA LEU C 253 48.04 -58.96 84.83
C LEU C 253 48.70 -59.93 85.81
N ASN C 254 48.34 -61.22 85.73
CA ASN C 254 48.96 -62.22 86.60
C ASN C 254 50.45 -62.36 86.31
N GLU C 255 50.86 -62.16 85.05
CA GLU C 255 52.26 -62.29 84.69
C GLU C 255 53.14 -61.37 85.53
N PHE C 256 52.63 -60.18 85.88
CA PHE C 256 53.40 -59.25 86.69
C PHE C 256 53.81 -59.87 88.03
N GLN C 257 52.86 -60.49 88.71
CA GLN C 257 53.19 -61.11 89.99
C GLN C 257 53.84 -62.47 89.84
N THR C 258 53.74 -63.10 88.66
CA THR C 258 54.48 -64.34 88.46
C THR C 258 55.97 -64.08 88.25
N ASN C 259 56.32 -63.05 87.50
CA ASN C 259 57.74 -62.80 87.18
C ASN C 259 58.39 -61.79 88.12
N LEU C 260 57.74 -60.66 88.38
CA LEU C 260 58.35 -59.62 89.22
C LEU C 260 58.41 -60.05 90.68
N VAL C 261 57.44 -60.84 91.14
CA VAL C 261 57.35 -61.20 92.55
C VAL C 261 57.46 -62.71 92.69
N PRO C 262 58.65 -63.27 92.88
CA PRO C 262 58.79 -64.72 93.06
C PRO C 262 58.74 -65.20 94.50
N TYR C 263 58.41 -64.33 95.45
CA TYR C 263 58.42 -64.63 96.87
C TYR C 263 57.13 -64.13 97.51
N PRO C 264 56.88 -64.53 98.77
CA PRO C 264 55.83 -63.87 99.55
C PRO C 264 56.29 -62.50 100.07
N ARG C 265 57.34 -61.98 99.44
CA ARG C 265 58.09 -60.82 99.85
C ARG C 265 57.90 -59.68 98.82
N ILE C 266 58.75 -58.66 98.93
CA ILE C 266 58.54 -57.32 98.37
C ILE C 266 57.91 -57.34 96.98
N HIS C 267 56.82 -56.59 96.83
CA HIS C 267 56.02 -56.55 95.61
C HIS C 267 55.63 -55.12 95.28
N PHE C 268 56.58 -54.20 95.32
CA PHE C 268 56.33 -52.77 95.15
C PHE C 268 57.19 -52.24 94.01
N PRO C 269 56.78 -52.46 92.77
CA PRO C 269 57.59 -52.03 91.63
C PRO C 269 57.43 -50.56 91.30
N LEU C 270 58.53 -49.96 90.84
CA LEU C 270 58.50 -48.60 90.32
C LEU C 270 57.92 -48.57 88.91
N VAL C 271 57.58 -47.37 88.47
CA VAL C 271 57.04 -47.13 87.14
C VAL C 271 57.75 -45.92 86.54
N SER C 272 57.82 -45.89 85.22
CA SER C 272 58.39 -44.74 84.51
C SER C 272 57.78 -44.68 83.11
N TYR C 273 57.59 -43.47 82.62
CA TYR C 273 57.02 -43.25 81.29
C TYR C 273 57.92 -42.31 80.50
N SER C 274 58.11 -42.63 79.23
CA SER C 274 58.95 -41.84 78.34
C SER C 274 58.63 -42.25 76.90
N PRO C 275 58.91 -41.38 75.92
CA PRO C 275 59.52 -40.04 76.00
C PRO C 275 58.58 -38.99 76.58
N VAL C 276 59.15 -37.95 77.16
CA VAL C 276 58.40 -36.84 77.75
C VAL C 276 58.89 -35.57 77.08
N LEU C 277 58.09 -35.02 76.17
CA LEU C 277 58.45 -33.83 75.42
C LEU C 277 57.22 -32.98 75.19
N SER C 278 57.46 -31.70 74.88
CA SER C 278 56.38 -30.76 74.62
C SER C 278 56.03 -30.75 73.14
N LYS C 279 55.03 -29.94 72.79
CA LYS C 279 54.60 -29.81 71.41
C LYS C 279 55.57 -29.02 70.55
N SER C 280 56.47 -28.24 71.17
CA SER C 280 57.46 -27.46 70.44
C SER C 280 58.77 -28.21 70.24
N LYS C 281 59.02 -29.26 71.00
CA LYS C 281 60.23 -30.06 70.88
C LYS C 281 60.03 -31.29 70.00
N ALA C 282 58.85 -31.45 69.40
CA ALA C 282 58.57 -32.58 68.52
C ALA C 282 59.13 -32.39 67.13
N PHE C 283 59.69 -31.22 66.82
CA PHE C 283 60.28 -30.96 65.52
C PHE C 283 61.78 -31.16 65.51
N HIS C 284 62.35 -31.73 66.57
CA HIS C 284 63.79 -31.97 66.63
C HIS C 284 64.18 -33.34 67.15
N GLU C 285 63.25 -34.13 67.68
CA GLU C 285 63.57 -35.42 68.28
C GLU C 285 62.82 -36.54 67.58
N SER C 286 63.58 -37.53 67.09
CA SER C 286 63.03 -38.76 66.52
C SER C 286 63.83 -39.95 67.02
N ASN C 287 64.12 -39.98 68.31
CA ASN C 287 65.05 -40.95 68.88
C ASN C 287 64.47 -42.37 68.84
N SER C 288 65.36 -43.34 69.01
CA SER C 288 64.99 -44.74 69.08
C SER C 288 64.69 -45.14 70.52
N VAL C 289 64.43 -46.44 70.73
CA VAL C 289 64.02 -46.92 72.04
C VAL C 289 65.16 -46.90 73.05
N SER C 290 66.42 -46.88 72.59
CA SER C 290 67.55 -46.88 73.51
C SER C 290 67.56 -45.61 74.36
N GLU C 291 67.39 -44.45 73.73
CA GLU C 291 67.39 -43.20 74.48
C GLU C 291 66.14 -43.07 75.34
N ILE C 292 65.03 -43.65 74.91
CA ILE C 292 63.82 -43.66 75.75
C ILE C 292 64.05 -44.48 77.01
N THR C 293 64.71 -45.64 76.87
CA THR C 293 65.07 -46.44 78.04
C THR C 293 66.05 -45.68 78.94
N ASN C 294 67.01 -44.97 78.35
CA ASN C 294 67.93 -44.17 79.13
C ASN C 294 67.19 -43.08 79.92
N ALA C 295 66.19 -42.45 79.28
CA ALA C 295 65.37 -41.47 79.99
C ALA C 295 64.58 -42.13 81.11
N CYS C 296 64.11 -43.35 80.90
CA CYS C 296 63.43 -44.09 81.95
C CYS C 296 64.36 -44.34 83.14
N PHE C 297 65.63 -44.65 82.87
CA PHE C 297 66.60 -44.88 83.94
C PHE C 297 67.00 -43.60 84.66
N GLU C 298 66.65 -42.43 84.11
CA GLU C 298 66.99 -41.18 84.77
C GLU C 298 66.20 -41.04 86.08
N PRO C 299 66.84 -40.56 87.14
CA PRO C 299 66.11 -40.37 88.41
C PRO C 299 64.92 -39.44 88.30
N GLY C 300 64.98 -38.43 87.41
CA GLY C 300 63.90 -37.47 87.33
C GLY C 300 62.62 -38.04 86.75
N ASN C 301 62.72 -39.10 85.96
CA ASN C 301 61.57 -39.71 85.31
C ASN C 301 61.07 -40.95 86.03
N GLN C 302 61.61 -41.25 87.21
CA GLN C 302 61.22 -42.43 87.96
C GLN C 302 60.09 -42.17 88.95
N MET C 303 59.61 -40.92 89.05
CA MET C 303 58.60 -40.53 90.02
C MET C 303 59.00 -40.88 91.45
N VAL C 304 60.29 -40.75 91.75
CA VAL C 304 60.80 -40.92 93.11
C VAL C 304 62.04 -40.05 93.25
N LYS C 305 62.15 -39.37 94.41
CA LYS C 305 63.27 -38.47 94.67
C LYS C 305 64.44 -39.28 95.24
N CYS C 306 65.02 -40.09 94.36
CA CYS C 306 66.14 -40.95 94.71
C CYS C 306 66.88 -41.31 93.43
N ASP C 307 67.97 -42.06 93.57
CA ASP C 307 68.76 -42.49 92.43
C ASP C 307 68.46 -43.96 92.16
N PRO C 308 67.74 -44.30 91.09
CA PRO C 308 67.49 -45.72 90.79
C PRO C 308 68.73 -46.46 90.30
N ARG C 309 69.74 -45.74 89.81
CA ARG C 309 70.95 -46.39 89.34
C ARG C 309 71.89 -46.79 90.48
N ASP C 310 71.67 -46.26 91.67
CA ASP C 310 72.49 -46.62 92.84
C ASP C 310 71.99 -47.88 93.53
N GLY C 311 70.83 -48.39 93.16
CA GLY C 311 70.29 -49.60 93.76
C GLY C 311 70.84 -50.85 93.11
N LYS C 312 70.18 -51.96 93.41
CA LYS C 312 70.56 -53.28 92.90
C LYS C 312 69.46 -53.81 92.00
N TYR C 313 69.85 -54.56 90.97
CA TYR C 313 68.92 -54.98 89.93
C TYR C 313 67.85 -55.93 90.48
N MET C 314 66.65 -55.80 89.94
CA MET C 314 65.53 -56.68 90.23
C MET C 314 64.76 -56.89 88.93
N ALA C 315 63.97 -57.96 88.90
CA ALA C 315 63.21 -58.29 87.69
C ALA C 315 62.35 -57.11 87.27
N THR C 316 62.35 -56.81 85.97
CA THR C 316 61.69 -55.64 85.43
C THR C 316 60.89 -56.01 84.18
N CYS C 317 59.91 -55.16 83.87
CA CYS C 317 59.05 -55.33 82.71
C CYS C 317 59.15 -54.10 81.81
N LEU C 318 59.23 -54.34 80.51
CA LEU C 318 59.31 -53.27 79.52
C LEU C 318 58.11 -53.38 78.58
N LEU C 319 57.29 -52.35 78.53
CA LEU C 319 56.09 -52.32 77.70
C LEU C 319 56.25 -51.29 76.58
N TYR C 320 55.97 -51.70 75.36
CA TYR C 320 56.24 -50.91 74.16
C TYR C 320 54.96 -50.72 73.37
N ARG C 321 54.74 -49.50 72.88
CA ARG C 321 53.55 -49.17 72.11
C ARG C 321 53.95 -48.47 70.81
N GLY C 322 53.17 -48.72 69.77
CA GLY C 322 53.43 -48.12 68.48
C GLY C 322 54.32 -48.97 67.59
N ASP C 323 55.17 -48.32 66.80
CA ASP C 323 56.06 -49.01 65.88
C ASP C 323 57.38 -49.33 66.59
N VAL C 324 57.58 -50.61 66.93
CA VAL C 324 58.79 -51.04 67.61
C VAL C 324 59.32 -52.29 66.90
N VAL C 325 60.61 -52.54 67.09
CA VAL C 325 61.31 -53.67 66.48
C VAL C 325 61.98 -54.47 67.58
N THR C 326 61.75 -55.79 67.59
CA THR C 326 62.29 -56.63 68.65
C THR C 326 63.82 -56.66 68.63
N ARG C 327 64.42 -56.68 67.44
CA ARG C 327 65.87 -56.66 67.35
C ARG C 327 66.44 -55.37 67.93
N ASP C 328 65.76 -54.24 67.67
CA ASP C 328 66.22 -52.96 68.21
C ASP C 328 66.18 -52.95 69.73
N VAL C 329 65.09 -53.46 70.31
CA VAL C 329 64.95 -53.43 71.76
C VAL C 329 65.90 -54.43 72.41
N GLN C 330 66.15 -55.57 71.76
CA GLN C 330 67.14 -56.51 72.28
C GLN C 330 68.53 -55.88 72.27
N ARG C 331 68.87 -55.19 71.18
CA ARG C 331 70.14 -54.47 71.12
C ARG C 331 70.23 -53.42 72.21
N ALA C 332 69.14 -52.68 72.43
CA ALA C 332 69.15 -51.63 73.45
C ALA C 332 69.35 -52.20 74.84
N VAL C 333 68.62 -53.26 75.18
CA VAL C 333 68.77 -53.83 76.52
C VAL C 333 70.14 -54.48 76.70
N GLU C 334 70.69 -55.08 75.63
CA GLU C 334 72.03 -55.63 75.71
C GLU C 334 73.06 -54.52 75.94
N GLN C 335 72.87 -53.37 75.28
CA GLN C 335 73.76 -52.23 75.54
C GLN C 335 73.64 -51.76 76.98
N VAL C 336 72.41 -51.69 77.49
CA VAL C 336 72.20 -51.27 78.88
C VAL C 336 72.93 -52.22 79.83
N LYS C 337 72.83 -53.52 79.58
CA LYS C 337 73.58 -54.49 80.38
C LYS C 337 75.08 -54.29 80.24
N ASN C 338 75.54 -53.92 79.05
CA ASN C 338 76.97 -53.70 78.83
C ASN C 338 77.48 -52.47 79.57
N LYS C 339 76.62 -51.46 79.78
CA LYS C 339 77.05 -50.26 80.48
C LYS C 339 77.26 -50.44 81.98
N LYS C 340 77.11 -51.67 82.49
CA LYS C 340 77.32 -51.98 83.90
C LYS C 340 76.38 -51.14 84.78
N THR C 341 75.09 -51.38 84.59
CA THR C 341 74.05 -50.73 85.38
C THR C 341 73.93 -51.44 86.73
N VAL C 342 72.81 -51.19 87.42
CA VAL C 342 72.52 -51.75 88.74
C VAL C 342 72.89 -53.22 88.82
N GLN C 343 73.50 -53.62 89.94
CA GLN C 343 74.13 -54.94 90.05
C GLN C 343 73.10 -56.05 89.87
N LEU C 344 73.30 -56.86 88.83
CA LEU C 344 72.39 -57.97 88.54
C LEU C 344 72.45 -59.02 89.64
N VAL C 345 71.30 -59.55 90.00
CA VAL C 345 71.21 -60.61 90.99
C VAL C 345 71.43 -61.96 90.33
N ASP C 346 71.78 -62.96 91.13
CA ASP C 346 72.05 -64.30 90.64
C ASP C 346 70.82 -65.20 90.68
N TRP C 347 69.66 -64.68 91.08
CA TRP C 347 68.46 -65.51 91.21
C TRP C 347 67.62 -65.53 89.94
N CYS C 348 67.61 -64.45 89.17
CA CYS C 348 66.81 -64.43 87.95
C CYS C 348 67.46 -65.23 86.84
N PRO C 349 68.74 -64.99 86.48
CA PRO C 349 69.70 -63.97 86.91
C PRO C 349 69.58 -62.67 86.11
N THR C 350 69.10 -62.77 84.88
CA THR C 350 68.84 -61.62 84.03
C THR C 350 67.50 -61.81 83.35
N GLY C 351 66.47 -61.10 83.81
CA GLY C 351 65.16 -61.21 83.21
C GLY C 351 64.59 -59.89 82.77
N PHE C 352 64.43 -59.71 81.46
CA PHE C 352 63.88 -58.50 80.87
C PHE C 352 62.56 -58.88 80.18
N LYS C 353 61.44 -58.61 80.85
CA LYS C 353 60.13 -58.87 80.26
C LYS C 353 59.82 -57.79 79.22
N ILE C 354 59.57 -58.21 77.99
CA ILE C 354 59.34 -57.30 76.87
C ILE C 354 57.89 -57.41 76.44
N GLY C 355 57.20 -56.27 76.40
CA GLY C 355 55.83 -56.23 75.94
C GLY C 355 55.68 -55.36 74.70
N ILE C 356 55.00 -55.89 73.69
CA ILE C 356 54.82 -55.20 72.41
C ILE C 356 53.33 -54.95 72.21
N CYS C 357 52.98 -53.70 71.90
CA CYS C 357 51.59 -53.32 71.67
C CYS C 357 51.49 -52.61 70.33
N TYR C 358 50.43 -52.94 69.58
CA TYR C 358 50.24 -52.37 68.25
C TYR C 358 49.75 -50.93 68.29
N GLU C 359 48.92 -50.58 69.26
CA GLU C 359 48.31 -49.26 69.26
C GLU C 359 49.37 -48.17 69.46
N PRO C 360 49.24 -47.04 68.76
CA PRO C 360 50.21 -45.95 68.96
C PRO C 360 50.03 -45.32 70.34
N PRO C 361 51.08 -44.74 70.89
CA PRO C 361 50.94 -44.00 72.15
C PRO C 361 50.00 -42.81 71.98
N THR C 362 49.27 -42.51 73.05
CA THR C 362 48.27 -41.44 73.05
C THR C 362 48.61 -40.40 74.10
N ALA C 363 48.19 -39.17 73.86
CA ALA C 363 48.46 -38.05 74.75
C ALA C 363 47.20 -37.24 74.96
N THR C 364 47.16 -36.51 76.07
CA THR C 364 45.98 -35.73 76.43
C THR C 364 46.04 -34.34 75.81
N PRO C 365 44.99 -33.89 75.13
CA PRO C 365 44.97 -32.50 74.64
C PRO C 365 45.06 -31.46 75.76
N ASN C 366 44.58 -31.79 76.96
CA ASN C 366 44.71 -30.89 78.10
C ASN C 366 46.14 -30.80 78.62
N SER C 367 46.98 -31.77 78.30
CA SER C 367 48.39 -31.77 78.67
C SER C 367 49.25 -31.36 77.48
N GLN C 368 50.48 -30.96 77.78
CA GLN C 368 51.42 -30.50 76.77
C GLN C 368 52.35 -31.60 76.30
N LEU C 369 51.91 -32.85 76.32
CA LEU C 369 52.71 -33.97 75.86
C LEU C 369 52.43 -34.21 74.38
N ALA C 370 53.48 -34.14 73.56
CA ALA C 370 53.32 -34.35 72.13
C ALA C 370 53.10 -35.83 71.83
N THR C 371 52.25 -36.10 70.83
CA THR C 371 52.01 -37.47 70.39
C THR C 371 53.27 -38.03 69.76
N VAL C 372 53.64 -39.25 70.15
CA VAL C 372 54.85 -39.90 69.69
C VAL C 372 54.49 -41.26 69.10
N ASP C 373 55.30 -41.70 68.13
CA ASP C 373 55.07 -42.97 67.46
C ASP C 373 55.50 -44.18 68.29
N ARG C 374 56.29 -43.97 69.35
CA ARG C 374 56.74 -45.06 70.19
C ARG C 374 56.98 -44.52 71.61
N ALA C 375 56.55 -45.29 72.61
CA ALA C 375 56.70 -44.92 74.00
C ALA C 375 57.07 -46.15 74.82
N VAL C 376 57.71 -45.90 75.97
CA VAL C 376 58.13 -46.96 76.87
C VAL C 376 57.55 -46.72 78.25
N CYS C 377 56.90 -47.75 78.81
CA CYS C 377 56.52 -47.80 80.21
C CYS C 377 57.34 -48.90 80.87
N MET C 378 58.15 -48.54 81.85
CA MET C 378 59.06 -49.47 82.50
C MET C 378 58.64 -49.71 83.94
N LEU C 379 58.51 -50.98 84.32
CA LEU C 379 58.15 -51.38 85.67
C LEU C 379 59.29 -52.19 86.26
N SER C 380 59.76 -51.78 87.43
CA SER C 380 60.88 -52.47 88.09
C SER C 380 60.72 -52.34 89.60
N ASN C 381 60.98 -53.44 90.30
CA ASN C 381 60.92 -53.46 91.77
C ASN C 381 62.32 -53.21 92.34
N THR C 382 62.87 -52.06 91.96
CA THR C 382 64.20 -51.68 92.40
C THR C 382 64.18 -51.28 93.88
N THR C 383 65.27 -51.59 94.57
CA THR C 383 65.41 -51.31 96.00
C THR C 383 65.92 -49.90 96.28
N SER C 384 65.75 -48.96 95.34
CA SER C 384 66.29 -47.61 95.48
C SER C 384 65.40 -46.68 96.30
N ILE C 385 64.17 -47.09 96.64
CA ILE C 385 63.33 -46.24 97.49
C ILE C 385 63.62 -46.50 98.96
N ALA C 386 64.56 -47.42 99.24
CA ALA C 386 64.87 -47.74 100.64
C ALA C 386 65.34 -46.51 101.40
N GLU C 387 66.21 -45.70 100.78
CA GLU C 387 66.61 -44.46 101.44
C GLU C 387 65.46 -43.47 101.52
N ALA C 388 64.45 -43.57 100.65
CA ALA C 388 63.28 -42.71 100.79
C ALA C 388 62.49 -43.06 102.05
N TRP C 389 62.19 -44.34 102.24
CA TRP C 389 61.57 -44.71 103.51
C TRP C 389 62.49 -44.44 104.69
N LYS C 390 63.81 -44.49 104.49
CA LYS C 390 64.73 -44.17 105.58
C LYS C 390 64.61 -42.71 105.98
N ARG C 391 64.51 -41.81 104.99
CA ARG C 391 64.32 -40.39 105.29
C ARG C 391 62.98 -40.16 105.99
N ILE C 392 61.93 -40.81 105.49
CA ILE C 392 60.62 -40.68 106.14
C ILE C 392 60.70 -41.19 107.58
N ASP C 393 61.45 -42.26 107.81
CA ASP C 393 61.57 -42.85 109.14
C ASP C 393 62.42 -41.98 110.06
N ARG C 394 63.41 -41.28 109.50
CA ARG C 394 64.16 -40.32 110.31
C ARG C 394 63.26 -39.16 110.75
N LYS C 395 62.44 -38.67 109.82
CA LYS C 395 61.40 -37.71 110.19
C LYS C 395 60.52 -38.26 111.29
N PHE C 396 60.14 -39.54 111.16
CA PHE C 396 59.31 -40.19 112.18
C PHE C 396 59.99 -40.21 113.53
N ASP C 397 61.28 -40.57 113.58
CA ASP C 397 61.99 -40.60 114.85
C ASP C 397 62.05 -39.22 115.48
N LEU C 398 62.36 -38.20 114.68
CA LEU C 398 62.52 -36.86 115.24
C LEU C 398 61.19 -36.28 115.71
N MET C 399 60.09 -36.60 115.02
CA MET C 399 58.80 -36.07 115.48
C MET C 399 58.08 -37.05 116.41
N TYR C 400 58.65 -38.22 116.65
CA TYR C 400 58.16 -39.17 117.63
C TYR C 400 58.90 -39.06 118.96
N ALA C 401 60.04 -38.36 118.99
CA ALA C 401 60.70 -38.08 120.25
C ALA C 401 59.75 -37.41 121.24
N LYS C 402 59.00 -36.41 120.78
CA LYS C 402 57.93 -35.80 121.56
C LYS C 402 56.58 -36.44 121.29
N ARG C 403 56.45 -37.15 120.18
CA ARG C 403 55.30 -37.90 119.69
C ARG C 403 54.19 -37.00 119.16
N ALA C 404 54.15 -35.75 119.61
CA ALA C 404 53.49 -34.62 118.97
C ALA C 404 52.00 -34.77 118.71
N PHE C 405 51.46 -35.99 118.75
CA PHE C 405 50.09 -36.26 118.33
C PHE C 405 49.41 -37.33 119.19
N VAL C 406 50.20 -37.99 120.04
CA VAL C 406 49.68 -39.11 120.80
C VAL C 406 48.54 -38.70 121.72
N HIS C 407 48.41 -37.40 122.02
CA HIS C 407 47.27 -36.95 122.80
C HIS C 407 45.96 -37.37 122.14
N TRP C 408 45.70 -36.86 120.94
CA TRP C 408 44.49 -37.24 120.21
C TRP C 408 44.51 -38.71 119.82
N TYR C 409 45.68 -39.23 119.42
CA TYR C 409 45.72 -40.61 118.95
C TYR C 409 45.31 -41.59 120.04
N VAL C 410 45.77 -41.36 121.27
CA VAL C 410 45.34 -42.20 122.40
C VAL C 410 43.91 -41.85 122.81
N GLY C 411 43.54 -40.57 122.76
CA GLY C 411 42.21 -40.18 123.16
C GLY C 411 41.11 -40.81 122.34
N GLU C 412 41.36 -41.09 121.06
CA GLU C 412 40.37 -41.79 120.26
C GLU C 412 40.40 -43.30 120.48
N GLY C 413 41.48 -43.84 121.05
CA GLY C 413 41.49 -45.25 121.39
C GLY C 413 42.76 -46.01 121.06
N MET C 414 43.73 -45.35 120.43
CA MET C 414 44.98 -45.99 120.08
C MET C 414 46.01 -45.84 121.19
N GLU C 415 47.23 -46.28 120.93
CA GLU C 415 48.31 -46.18 121.90
C GLU C 415 49.64 -46.33 121.17
N GLU C 416 50.73 -46.03 121.88
CA GLU C 416 52.05 -45.96 121.27
C GLU C 416 52.53 -47.31 120.75
N GLY C 417 51.91 -48.42 121.20
CA GLY C 417 52.32 -49.73 120.72
C GLY C 417 52.14 -49.89 119.22
N GLU C 418 51.04 -49.34 118.69
CA GLU C 418 50.82 -49.41 117.25
C GLU C 418 51.89 -48.65 116.49
N PHE C 419 52.26 -47.46 116.98
CA PHE C 419 53.31 -46.68 116.34
C PHE C 419 54.65 -47.42 116.38
N THR C 420 54.97 -48.05 117.53
CA THR C 420 56.21 -48.81 117.63
C THR C 420 56.19 -50.01 116.68
N GLU C 421 55.05 -50.69 116.57
CA GLU C 421 54.94 -51.81 115.66
C GLU C 421 55.11 -51.38 114.21
N ALA C 422 54.52 -50.25 113.84
CA ALA C 422 54.72 -49.72 112.50
C ALA C 422 56.18 -49.34 112.27
N ARG C 423 56.83 -48.77 113.28
CA ARG C 423 58.25 -48.42 113.18
C ARG C 423 59.11 -49.65 112.92
N GLU C 424 58.88 -50.72 113.70
CA GLU C 424 59.68 -51.92 113.52
C GLU C 424 59.33 -52.64 112.22
N ASP C 425 58.08 -52.53 111.77
CA ASP C 425 57.72 -53.08 110.46
C ASP C 425 58.45 -52.35 109.34
N LEU C 426 58.53 -51.02 109.42
CA LEU C 426 59.26 -50.27 108.40
C LEU C 426 60.75 -50.60 108.45
N ALA C 427 61.30 -50.75 109.66
CA ALA C 427 62.70 -51.15 109.77
C ALA C 427 62.95 -52.52 109.17
N ALA C 428 62.04 -53.46 109.40
CA ALA C 428 62.16 -54.80 108.81
C ALA C 428 62.05 -54.74 107.30
N LEU C 429 61.15 -53.90 106.78
CA LEU C 429 61.03 -53.75 105.33
C LEU C 429 62.33 -53.20 104.72
N GLU C 430 62.93 -52.19 105.36
CA GLU C 430 64.20 -51.66 104.86
C GLU C 430 65.30 -52.71 104.94
N ARG C 431 65.32 -53.48 106.02
CA ARG C 431 66.32 -54.54 106.14
C ARG C 431 66.15 -55.60 105.06
N ASP C 432 64.90 -55.96 104.75
CA ASP C 432 64.65 -56.90 103.66
C ASP C 432 65.05 -56.29 102.32
N TYR C 433 64.82 -54.99 102.13
CA TYR C 433 65.27 -54.30 100.93
C TYR C 433 66.77 -54.44 100.76
N ILE C 434 67.53 -54.25 101.83
CA ILE C 434 68.97 -54.40 101.76
C ILE C 434 69.35 -55.86 101.50
N GLU C 435 68.68 -56.79 102.18
CA GLU C 435 69.11 -58.19 102.14
C GLU C 435 68.83 -58.84 100.79
N VAL C 436 67.70 -58.49 100.16
CA VAL C 436 67.32 -59.15 98.92
C VAL C 436 68.35 -58.89 97.83
N GLY C 437 69.05 -57.76 97.88
CA GLY C 437 70.12 -57.49 96.96
C GLY C 437 71.48 -57.89 97.52
N ALA C 438 71.58 -57.95 98.86
CA ALA C 438 72.83 -58.35 99.48
C ALA C 438 73.08 -59.84 99.39
N ASP C 439 72.04 -60.65 99.21
CA ASP C 439 72.23 -62.10 99.11
C ASP C 439 73.05 -62.47 97.88
N SER C 440 72.80 -61.82 96.76
CA SER C 440 73.54 -62.08 95.54
C SER C 440 74.96 -61.55 95.62
N MET D 1 -17.56 -69.47 87.25
CA MET D 1 -16.12 -69.55 87.40
C MET D 1 -15.48 -68.64 86.34
N ARG D 2 -16.05 -67.46 86.17
CA ARG D 2 -15.58 -66.52 85.16
C ARG D 2 -15.30 -65.13 85.70
N GLU D 3 -16.11 -64.63 86.63
CA GLU D 3 -16.05 -63.25 87.06
C GLU D 3 -15.51 -63.13 88.47
N VAL D 4 -14.87 -61.98 88.75
CA VAL D 4 -14.34 -61.66 90.06
C VAL D 4 -14.96 -60.35 90.52
N ILE D 5 -15.50 -60.34 91.73
CA ILE D 5 -16.17 -59.18 92.30
C ILE D 5 -15.26 -58.55 93.35
N SER D 6 -15.06 -57.24 93.26
CA SER D 6 -14.18 -56.51 94.15
C SER D 6 -14.98 -55.56 95.02
N ILE D 7 -14.67 -55.55 96.31
CA ILE D 7 -15.35 -54.69 97.28
C ILE D 7 -14.29 -53.94 98.07
N ASN D 8 -14.46 -52.62 98.18
CA ASN D 8 -13.54 -51.76 98.91
C ASN D 8 -14.27 -51.16 100.11
N VAL D 9 -13.66 -51.26 101.29
CA VAL D 9 -14.22 -50.75 102.53
C VAL D 9 -13.20 -49.81 103.17
N GLY D 10 -13.66 -48.65 103.62
CA GLY D 10 -12.79 -47.67 104.24
C GLY D 10 -12.23 -46.68 103.23
N GLN D 11 -11.81 -45.52 103.74
CA GLN D 11 -11.30 -44.47 102.87
C GLN D 11 -10.02 -44.91 102.17
N ALA D 12 -9.12 -45.59 102.87
CA ALA D 12 -7.90 -46.08 102.24
C ALA D 12 -8.21 -47.10 101.16
N GLY D 13 -9.13 -48.02 101.45
CA GLY D 13 -9.53 -48.99 100.43
C GLY D 13 -10.17 -48.35 99.23
N CYS D 14 -10.97 -47.31 99.46
CA CYS D 14 -11.58 -46.59 98.34
C CYS D 14 -10.52 -45.88 97.49
N GLN D 15 -9.52 -45.27 98.12
CA GLN D 15 -8.44 -44.65 97.35
C GLN D 15 -7.67 -45.67 96.54
N ILE D 16 -7.37 -46.83 97.15
CA ILE D 16 -6.67 -47.89 96.44
C ILE D 16 -7.49 -48.37 95.25
N GLY D 17 -8.80 -48.53 95.46
CA GLY D 17 -9.66 -48.94 94.36
C GLY D 17 -9.71 -47.91 93.25
N ASN D 18 -9.82 -46.62 93.60
CA ASN D 18 -9.81 -45.57 92.60
C ASN D 18 -8.55 -45.64 91.76
N ALA D 19 -7.39 -45.78 92.43
CA ALA D 19 -6.14 -45.90 91.70
C ALA D 19 -6.14 -47.10 90.78
N CYS D 20 -6.61 -48.25 91.28
CA CYS D 20 -6.49 -49.48 90.51
C CYS D 20 -7.42 -49.48 89.30
N TRP D 21 -8.63 -48.92 89.44
CA TRP D 21 -9.46 -48.78 88.24
C TRP D 21 -8.92 -47.73 87.29
N GLU D 22 -8.27 -46.68 87.80
CA GLU D 22 -7.59 -45.76 86.90
C GLU D 22 -6.55 -46.49 86.06
N LEU D 23 -5.71 -47.31 86.70
CA LEU D 23 -4.78 -48.12 85.92
C LEU D 23 -5.51 -49.01 84.93
N TYR D 24 -6.48 -49.80 85.40
CA TYR D 24 -7.19 -50.73 84.52
C TYR D 24 -7.71 -50.03 83.27
N SER D 25 -8.26 -48.82 83.43
CA SER D 25 -8.63 -48.01 82.29
C SER D 25 -7.40 -47.66 81.45
N LEU D 26 -6.25 -47.46 82.10
CA LEU D 26 -5.06 -47.05 81.35
C LEU D 26 -4.55 -48.15 80.44
N GLU D 27 -4.26 -49.35 80.97
CA GLU D 27 -3.66 -50.36 80.08
C GLU D 27 -4.68 -50.91 79.09
N HIS D 28 -5.93 -51.12 79.52
CA HIS D 28 -6.92 -51.70 78.62
C HIS D 28 -7.59 -50.67 77.73
N GLY D 29 -7.13 -49.42 77.75
CA GLY D 29 -7.56 -48.46 76.75
C GLY D 29 -8.94 -47.86 76.94
N ILE D 30 -9.48 -47.90 78.16
CA ILE D 30 -10.76 -47.26 78.45
C ILE D 30 -10.50 -45.84 78.92
N LYS D 31 -11.21 -44.89 78.32
CA LYS D 31 -11.11 -43.50 78.72
C LYS D 31 -11.69 -43.31 80.12
N PRO D 32 -11.32 -42.22 80.82
CA PRO D 32 -11.76 -42.05 82.21
C PRO D 32 -13.28 -41.99 82.40
N ASP D 33 -14.04 -42.05 81.30
CA ASP D 33 -15.49 -42.12 81.38
C ASP D 33 -16.08 -43.38 80.74
N GLY D 34 -15.34 -44.08 79.89
CA GLY D 34 -15.81 -45.30 79.29
C GLY D 34 -16.59 -45.06 78.01
N HIS D 35 -16.71 -46.14 77.22
CA HIS D 35 -17.48 -46.15 75.98
C HIS D 35 -16.96 -45.10 74.98
N LEU D 36 -15.75 -45.34 74.48
CA LEU D 36 -14.97 -46.54 74.76
C LEU D 36 -13.63 -46.25 75.46
N GLU D 37 -12.74 -45.34 75.00
CA GLU D 37 -12.73 -44.59 73.74
C GLU D 37 -11.32 -44.61 73.14
N ASP D 38 -11.02 -45.54 72.23
CA ASP D 38 -11.91 -46.58 71.76
C ASP D 38 -11.41 -47.95 72.22
N GLY D 39 -12.04 -49.00 71.73
CA GLY D 39 -11.58 -50.35 72.00
C GLY D 39 -10.22 -50.58 71.39
N LEU D 40 -9.46 -51.47 72.00
CA LEU D 40 -8.06 -51.67 71.61
C LEU D 40 -7.81 -53.06 71.05
N SER D 41 -8.22 -54.10 71.80
CA SER D 41 -7.81 -55.47 71.53
C SER D 41 -8.93 -56.36 72.09
N LYS D 42 -8.98 -57.65 71.68
CA LYS D 42 -8.08 -58.48 70.85
C LYS D 42 -6.65 -58.70 71.37
N PRO D 43 -6.50 -59.28 72.58
CA PRO D 43 -7.53 -59.59 73.57
C PRO D 43 -7.67 -58.56 74.71
N LYS D 44 -8.82 -57.88 74.76
CA LYS D 44 -9.23 -57.14 75.96
C LYS D 44 -10.71 -57.30 76.24
N GLY D 45 -11.44 -58.03 75.40
CA GLY D 45 -12.88 -58.19 75.56
C GLY D 45 -13.67 -57.49 74.46
N GLY D 46 -14.07 -58.25 73.45
CA GLY D 46 -13.69 -59.65 73.32
C GLY D 46 -12.29 -59.82 72.74
N GLU D 47 -11.71 -61.00 72.93
CA GLU D 47 -12.35 -62.11 73.62
C GLU D 47 -12.20 -62.00 75.14
N GLU D 48 -12.95 -62.82 75.87
CA GLU D 48 -12.91 -62.80 77.33
C GLU D 48 -11.57 -63.31 77.84
N GLY D 49 -10.98 -62.61 78.81
CA GLY D 49 -11.54 -61.37 79.34
C GLY D 49 -11.11 -60.16 78.53
N PHE D 50 -11.85 -59.06 78.62
CA PHE D 50 -13.00 -58.91 79.52
C PHE D 50 -14.26 -59.59 78.92
N SER D 51 -15.30 -59.84 79.72
CA SER D 51 -15.47 -59.34 81.09
C SER D 51 -14.82 -60.19 82.18
N THR D 52 -13.97 -59.53 82.96
CA THR D 52 -13.43 -60.09 84.20
C THR D 52 -13.60 -59.17 85.40
N PHE D 53 -13.48 -57.86 85.21
CA PHE D 53 -13.71 -56.89 86.27
C PHE D 53 -14.67 -55.79 85.78
N PHE D 54 -14.63 -55.51 84.48
CA PHE D 54 -15.51 -54.53 83.86
C PHE D 54 -16.69 -55.25 83.22
N HIS D 55 -17.90 -54.85 83.58
CA HIS D 55 -19.09 -55.42 82.97
C HIS D 55 -19.19 -55.00 81.50
N GLU D 56 -19.54 -55.95 80.64
CA GLU D 56 -19.69 -55.68 79.21
C GLU D 56 -21.14 -55.26 78.95
N THR D 57 -21.37 -53.96 78.88
CA THR D 57 -22.70 -53.43 78.61
C THR D 57 -23.11 -53.76 77.19
N GLY D 58 -24.40 -54.02 77.00
CA GLY D 58 -24.92 -54.31 75.67
C GLY D 58 -24.72 -53.17 74.70
N TYR D 59 -24.75 -51.93 75.21
CA TYR D 59 -24.48 -50.76 74.36
C TYR D 59 -23.02 -50.65 73.97
N GLY D 60 -22.14 -51.46 74.55
CA GLY D 60 -20.71 -51.38 74.29
C GLY D 60 -19.91 -50.71 75.37
N LYS D 61 -20.54 -50.32 76.48
CA LYS D 61 -19.83 -49.65 77.56
C LYS D 61 -19.15 -50.67 78.47
N PHE D 62 -18.21 -50.16 79.27
CA PHE D 62 -17.49 -50.98 80.24
C PHE D 62 -17.76 -50.43 81.63
N VAL D 63 -18.32 -51.27 82.49
CA VAL D 63 -18.72 -50.85 83.84
C VAL D 63 -18.03 -51.72 84.87
N PRO D 64 -17.15 -51.15 85.70
CA PRO D 64 -16.58 -51.92 86.82
C PRO D 64 -17.68 -52.46 87.72
N ARG D 65 -17.50 -53.70 88.17
CA ARG D 65 -18.45 -54.37 89.06
C ARG D 65 -17.88 -54.32 90.48
N ALA D 66 -18.09 -53.20 91.16
CA ALA D 66 -17.60 -53.01 92.51
C ALA D 66 -18.70 -52.39 93.36
N ILE D 67 -18.63 -52.65 94.66
CA ILE D 67 -19.59 -52.13 95.63
C ILE D 67 -18.83 -51.30 96.65
N TYR D 68 -19.18 -50.02 96.74
CA TYR D 68 -18.55 -49.11 97.69
C TYR D 68 -19.47 -48.99 98.90
N VAL D 69 -19.11 -49.66 99.99
CA VAL D 69 -19.85 -49.62 101.24
C VAL D 69 -19.03 -48.87 102.27
N ASP D 70 -19.65 -47.88 102.91
CA ASP D 70 -19.00 -47.05 103.91
C ASP D 70 -20.06 -46.21 104.59
N LEU D 71 -19.83 -45.91 105.88
CA LEU D 71 -20.75 -45.09 106.65
C LEU D 71 -20.36 -43.62 106.66
N GLU D 72 -19.27 -43.26 105.98
CA GLU D 72 -18.86 -41.86 105.86
C GLU D 72 -19.19 -41.36 104.46
N PRO D 73 -20.17 -40.47 104.30
CA PRO D 73 -20.59 -40.08 102.95
C PRO D 73 -19.57 -39.26 102.19
N ASN D 74 -18.54 -38.74 102.86
CA ASN D 74 -17.57 -37.87 102.18
C ASN D 74 -16.83 -38.62 101.07
N VAL D 75 -16.44 -39.87 101.32
CA VAL D 75 -15.73 -40.64 100.30
C VAL D 75 -16.64 -40.89 99.10
N ILE D 76 -17.90 -41.24 99.35
CA ILE D 76 -18.83 -41.51 98.26
C ILE D 76 -19.07 -40.23 97.46
N ASP D 77 -19.18 -39.09 98.14
CA ASP D 77 -19.36 -37.82 97.43
C ASP D 77 -18.13 -37.50 96.58
N GLU D 78 -16.93 -37.74 97.12
CA GLU D 78 -15.71 -37.51 96.35
C GLU D 78 -15.63 -38.41 95.13
N VAL D 79 -16.11 -39.65 95.26
CA VAL D 79 -16.16 -40.54 94.11
C VAL D 79 -17.18 -40.04 93.08
N ARG D 80 -18.34 -39.58 93.55
CA ARG D 80 -19.44 -39.20 92.67
C ARG D 80 -19.26 -37.86 91.99
N ASN D 81 -18.45 -36.96 92.54
CA ASN D 81 -18.25 -35.65 91.92
C ASN D 81 -17.07 -35.61 90.97
N GLY D 82 -16.40 -36.74 90.76
CA GLY D 82 -15.28 -36.80 89.85
C GLY D 82 -15.60 -37.62 88.61
N PRO D 83 -14.56 -38.02 87.87
CA PRO D 83 -14.79 -38.84 86.67
C PRO D 83 -15.23 -40.26 86.97
N TYR D 84 -15.22 -40.68 88.23
CA TYR D 84 -15.61 -42.04 88.59
C TYR D 84 -17.12 -42.26 88.49
N LYS D 85 -17.91 -41.21 88.29
CA LYS D 85 -19.36 -41.35 88.27
C LYS D 85 -19.83 -42.17 87.07
N ASP D 86 -19.10 -42.09 85.96
CA ASP D 86 -19.49 -42.80 84.75
C ASP D 86 -19.06 -44.27 84.76
N LEU D 87 -18.32 -44.71 85.78
CA LEU D 87 -17.87 -46.09 85.86
C LEU D 87 -18.67 -46.95 86.81
N PHE D 88 -19.19 -46.38 87.90
CA PHE D 88 -19.88 -47.14 88.94
C PHE D 88 -21.38 -46.95 88.82
N HIS D 89 -22.12 -48.05 88.92
CA HIS D 89 -23.57 -47.99 88.88
C HIS D 89 -24.09 -47.22 90.11
N PRO D 90 -25.12 -46.40 89.94
CA PRO D 90 -25.61 -45.61 91.09
C PRO D 90 -26.05 -46.46 92.28
N GLU D 91 -26.64 -47.62 92.04
CA GLU D 91 -27.07 -48.49 93.13
C GLU D 91 -25.91 -49.24 93.77
N GLN D 92 -24.77 -49.34 93.09
CA GLN D 92 -23.59 -49.99 93.67
C GLN D 92 -22.85 -49.09 94.64
N LEU D 93 -23.12 -47.78 94.64
CA LEU D 93 -22.47 -46.84 95.53
C LEU D 93 -23.33 -46.69 96.78
N ILE D 94 -23.07 -47.55 97.77
CA ILE D 94 -23.82 -47.54 99.02
C ILE D 94 -23.26 -46.44 99.92
N SER D 95 -23.93 -45.28 99.94
CA SER D 95 -23.50 -44.15 100.74
C SER D 95 -24.14 -44.22 102.12
N GLY D 96 -23.30 -44.15 103.15
CA GLY D 96 -23.80 -44.16 104.51
C GLY D 96 -24.05 -42.76 105.05
N LYS D 97 -24.94 -42.67 106.04
CA LYS D 97 -25.30 -41.40 106.65
C LYS D 97 -25.16 -41.39 108.16
N GLU D 98 -24.71 -42.47 108.79
CA GLU D 98 -24.60 -42.56 110.24
C GLU D 98 -23.14 -42.55 110.63
N ASP D 99 -22.76 -41.60 111.50
CA ASP D 99 -21.40 -41.45 111.99
C ASP D 99 -21.41 -41.42 113.51
N ALA D 100 -20.91 -42.48 114.14
CA ALA D 100 -20.83 -42.53 115.59
C ALA D 100 -19.45 -42.99 116.05
N ALA D 101 -18.70 -43.62 115.16
CA ALA D 101 -17.35 -44.07 115.45
C ALA D 101 -16.64 -44.31 114.13
N ASN D 102 -15.32 -44.49 114.19
CA ASN D 102 -14.53 -44.82 113.00
C ASN D 102 -13.65 -46.04 113.29
N ASN D 103 -14.22 -47.23 113.13
CA ASN D 103 -15.66 -47.46 113.11
C ASN D 103 -15.95 -48.76 113.84
N TYR D 104 -14.87 -49.42 114.28
CA TYR D 104 -14.98 -50.78 114.78
C TYR D 104 -15.76 -50.87 116.10
N ALA D 105 -15.96 -49.75 116.78
CA ALA D 105 -16.75 -49.78 118.02
C ALA D 105 -18.15 -50.30 117.75
N ARG D 106 -18.79 -49.82 116.69
CA ARG D 106 -20.12 -50.27 116.31
C ARG D 106 -20.15 -51.01 114.98
N GLY D 107 -19.05 -51.01 114.22
CA GLY D 107 -19.06 -51.65 112.92
C GLY D 107 -19.26 -53.16 112.98
N HIS D 108 -18.57 -53.82 113.91
CA HIS D 108 -18.61 -55.26 114.03
C HIS D 108 -19.73 -55.76 114.94
N TYR D 109 -20.81 -54.99 115.08
CA TYR D 109 -21.87 -55.30 116.03
C TYR D 109 -23.22 -55.12 115.32
N THR D 110 -24.29 -55.09 116.11
CA THR D 110 -25.65 -55.04 115.55
C THR D 110 -25.89 -53.78 114.72
N VAL D 111 -25.06 -52.75 114.87
CA VAL D 111 -25.28 -51.50 114.15
C VAL D 111 -25.06 -51.70 112.65
N GLY D 112 -24.20 -52.65 112.28
CA GLY D 112 -23.84 -52.77 110.87
C GLY D 112 -24.70 -53.79 110.12
N ARG D 113 -25.29 -54.74 110.83
CA ARG D 113 -25.91 -55.86 110.13
C ARG D 113 -27.34 -55.61 109.69
N GLU D 114 -27.93 -54.46 110.01
CA GLU D 114 -29.21 -54.14 109.37
C GLU D 114 -29.03 -53.52 108.00
N ILE D 115 -27.81 -53.08 107.66
CA ILE D 115 -27.48 -52.65 106.31
C ILE D 115 -26.87 -53.78 105.50
N LEU D 116 -26.22 -54.76 106.14
CA LEU D 116 -25.61 -55.87 105.42
C LEU D 116 -26.61 -56.64 104.57
N GLY D 117 -27.88 -56.66 104.95
CA GLY D 117 -28.87 -57.36 104.15
C GLY D 117 -28.98 -56.78 102.75
N ASP D 118 -29.03 -55.45 102.65
CA ASP D 118 -29.09 -54.81 101.34
C ASP D 118 -27.82 -55.08 100.54
N VAL D 119 -26.66 -55.08 101.21
CA VAL D 119 -25.41 -55.34 100.51
C VAL D 119 -25.39 -56.76 99.94
N LEU D 120 -25.82 -57.74 100.75
CA LEU D 120 -25.88 -59.11 100.27
C LEU D 120 -26.88 -59.27 99.13
N ASP D 121 -28.04 -58.60 99.22
CA ASP D 121 -29.00 -58.66 98.12
C ASP D 121 -28.41 -58.07 96.85
N ARG D 122 -27.72 -56.94 96.96
CA ARG D 122 -27.12 -56.31 95.78
C ARG D 122 -26.05 -57.18 95.16
N ILE D 123 -25.19 -57.78 95.99
CA ILE D 123 -24.13 -58.62 95.42
C ILE D 123 -24.71 -59.90 94.83
N ARG D 124 -25.78 -60.44 95.43
CA ARG D 124 -26.44 -61.61 94.83
C ARG D 124 -27.04 -61.25 93.47
N LYS D 125 -27.67 -60.07 93.37
CA LYS D 125 -28.21 -59.63 92.09
C LYS D 125 -27.11 -59.44 91.06
N LEU D 126 -25.98 -58.88 91.48
CA LEU D 126 -24.86 -58.70 90.56
C LEU D 126 -24.28 -60.04 90.11
N ALA D 127 -24.20 -61.01 91.02
CA ALA D 127 -23.74 -62.34 90.64
C ALA D 127 -24.69 -63.00 89.66
N ASP D 128 -26.00 -62.83 89.88
CA ASP D 128 -26.97 -63.34 88.92
C ASP D 128 -26.88 -62.62 87.59
N GLN D 129 -26.43 -61.36 87.60
CA GLN D 129 -26.26 -60.62 86.36
C GLN D 129 -25.23 -61.26 85.46
N CYS D 130 -24.11 -61.69 86.03
CA CYS D 130 -23.02 -62.26 85.24
C CYS D 130 -23.15 -63.79 85.18
N ASP D 131 -22.35 -64.39 84.30
CA ASP D 131 -22.34 -65.83 84.10
C ASP D 131 -21.16 -66.41 84.87
N GLY D 132 -21.46 -67.08 85.99
CA GLY D 132 -20.43 -67.70 86.80
C GLY D 132 -19.79 -66.74 87.78
N LEU D 133 -18.98 -67.31 88.67
CA LEU D 133 -18.29 -66.55 89.70
C LEU D 133 -17.02 -67.29 90.09
N GLN D 134 -15.90 -66.58 90.11
CA GLN D 134 -14.59 -67.17 90.36
C GLN D 134 -14.06 -66.85 91.76
N GLY D 135 -13.95 -65.57 92.10
CA GLY D 135 -13.42 -65.19 93.40
C GLY D 135 -13.76 -63.76 93.72
N PHE D 136 -13.36 -63.34 94.92
CA PHE D 136 -13.63 -62.00 95.41
C PHE D 136 -12.33 -61.28 95.74
N LEU D 137 -12.31 -59.98 95.52
CA LEU D 137 -11.17 -59.12 95.84
C LEU D 137 -11.58 -58.17 96.96
N PHE D 138 -10.76 -58.10 98.00
CA PHE D 138 -11.04 -57.25 99.16
C PHE D 138 -9.92 -56.21 99.30
N THR D 139 -10.33 -54.96 99.51
CA THR D 139 -9.39 -53.86 99.74
C THR D 139 -9.90 -53.03 100.90
N HIS D 140 -9.34 -53.25 102.09
CA HIS D 140 -9.74 -52.51 103.27
C HIS D 140 -8.52 -52.25 104.13
N SER D 141 -8.62 -51.23 104.98
CA SER D 141 -7.52 -50.85 105.87
C SER D 141 -7.82 -51.35 107.27
N LEU D 142 -6.89 -52.12 107.84
CA LEU D 142 -7.03 -52.59 109.21
C LEU D 142 -6.84 -51.48 110.23
N GLY D 143 -6.32 -50.33 109.83
CA GLY D 143 -6.22 -49.19 110.72
C GLY D 143 -7.57 -48.55 110.95
N GLY D 144 -8.21 -48.13 109.86
CA GLY D 144 -9.56 -47.59 109.95
C GLY D 144 -10.53 -48.68 110.36
N GLY D 145 -11.32 -48.42 111.42
CA GLY D 145 -12.24 -49.42 111.91
C GLY D 145 -13.32 -49.80 110.92
N THR D 146 -13.70 -48.88 110.02
CA THR D 146 -14.67 -49.21 108.99
C THR D 146 -14.22 -50.41 108.18
N GLY D 147 -12.99 -50.34 107.65
CA GLY D 147 -12.47 -51.45 106.87
C GLY D 147 -12.49 -52.75 107.64
N SER D 148 -11.84 -52.77 108.81
CA SER D 148 -11.77 -53.98 109.63
C SER D 148 -13.16 -54.58 109.85
N GLY D 149 -14.04 -53.82 110.51
CA GLY D 149 -15.34 -54.31 110.88
C GLY D 149 -16.21 -54.74 109.70
N LEU D 150 -16.47 -53.81 108.77
CA LEU D 150 -17.36 -54.12 107.67
C LEU D 150 -16.78 -55.22 106.78
N GLY D 151 -15.48 -55.17 106.50
CA GLY D 151 -14.88 -56.21 105.70
C GLY D 151 -14.99 -57.57 106.34
N SER D 152 -14.75 -57.66 107.65
CA SER D 152 -14.88 -58.95 108.33
C SER D 152 -16.32 -59.45 108.29
N LEU D 153 -17.28 -58.55 108.50
CA LEU D 153 -18.69 -58.95 108.44
C LEU D 153 -19.04 -59.51 107.06
N LEU D 154 -18.64 -58.80 106.01
CA LEU D 154 -18.81 -59.33 104.66
C LEU D 154 -18.09 -60.66 104.49
N LEU D 155 -16.91 -60.82 105.12
CA LEU D 155 -16.19 -62.07 105.00
C LEU D 155 -17.03 -63.25 105.50
N GLU D 156 -17.57 -63.13 106.72
CA GLU D 156 -18.36 -64.28 107.19
C GLU D 156 -19.63 -64.44 106.37
N GLU D 157 -20.25 -63.33 105.96
CA GLU D 157 -21.50 -63.44 105.19
C GLU D 157 -21.29 -64.17 103.87
N LEU D 158 -20.26 -63.77 103.11
CA LEU D 158 -20.04 -64.40 101.81
C LEU D 158 -19.31 -65.72 101.90
N SER D 159 -18.68 -66.04 103.03
CA SER D 159 -18.22 -67.40 103.24
C SER D 159 -19.38 -68.31 103.57
N ALA D 160 -20.43 -67.78 104.20
CA ALA D 160 -21.63 -68.58 104.46
C ALA D 160 -22.47 -68.78 103.20
N GLU D 161 -22.58 -67.74 102.35
CA GLU D 161 -23.50 -67.85 101.22
C GLU D 161 -23.00 -68.84 100.17
N TYR D 162 -21.69 -68.83 99.86
CA TYR D 162 -21.13 -69.76 98.89
C TYR D 162 -20.21 -70.79 99.53
N GLY D 163 -19.16 -70.34 100.21
CA GLY D 163 -18.20 -71.26 100.81
C GLY D 163 -17.35 -72.03 99.82
N LYS D 164 -17.39 -71.68 98.53
CA LYS D 164 -16.63 -72.41 97.52
C LYS D 164 -15.80 -71.51 96.62
N LYS D 165 -15.84 -70.19 96.80
CA LYS D 165 -15.12 -69.26 95.96
C LYS D 165 -13.84 -68.80 96.64
N SER D 166 -12.83 -68.48 95.83
CA SER D 166 -11.57 -67.98 96.37
C SER D 166 -11.76 -66.61 97.00
N LYS D 167 -11.09 -66.40 98.13
CA LYS D 167 -11.22 -65.17 98.91
C LYS D 167 -9.86 -64.50 98.99
N LEU D 168 -9.67 -63.44 98.21
CA LEU D 168 -8.44 -62.67 98.21
C LEU D 168 -8.67 -61.35 98.94
N GLU D 169 -7.86 -61.08 99.96
CA GLU D 169 -8.02 -59.91 100.81
C GLU D 169 -6.71 -59.12 100.81
N PHE D 170 -6.75 -57.91 100.25
CA PHE D 170 -5.64 -56.97 100.31
C PHE D 170 -5.90 -56.02 101.47
N ALA D 171 -5.44 -56.39 102.66
CA ALA D 171 -5.69 -55.65 103.88
C ALA D 171 -4.49 -54.76 104.19
N VAL D 172 -4.75 -53.47 104.43
CA VAL D 172 -3.70 -52.54 104.80
C VAL D 172 -3.45 -52.65 106.29
N TYR D 173 -2.23 -53.02 106.66
CA TYR D 173 -1.92 -53.21 108.06
C TYR D 173 -1.38 -51.92 108.67
N PRO D 174 -1.67 -51.69 109.96
CA PRO D 174 -1.09 -50.51 110.63
C PRO D 174 0.43 -50.61 110.70
N ALA D 175 1.07 -49.45 110.67
CA ALA D 175 2.53 -49.41 110.72
C ALA D 175 3.02 -49.96 112.05
N PRO D 176 3.95 -50.92 112.04
CA PRO D 176 4.44 -51.48 113.32
C PRO D 176 5.30 -50.53 114.13
N GLN D 177 5.84 -49.48 113.53
CA GLN D 177 6.63 -48.52 114.29
C GLN D 177 5.73 -47.67 115.18
N VAL D 178 4.80 -46.92 114.58
CA VAL D 178 3.80 -46.17 115.32
C VAL D 178 2.45 -46.40 114.65
N SER D 179 1.39 -46.19 115.43
CA SER D 179 0.02 -46.32 114.95
C SER D 179 -0.62 -44.95 114.89
N THR D 180 -1.33 -44.69 113.78
CA THR D 180 -2.01 -43.41 113.63
C THR D 180 -3.10 -43.22 114.68
N SER D 181 -3.80 -44.28 115.06
CA SER D 181 -4.75 -44.24 116.16
C SER D 181 -4.55 -45.47 117.03
N VAL D 182 -4.92 -45.34 118.30
CA VAL D 182 -4.62 -46.36 119.29
C VAL D 182 -5.45 -47.63 119.08
N VAL D 183 -6.69 -47.49 118.58
CA VAL D 183 -7.59 -48.63 118.48
C VAL D 183 -7.33 -49.51 117.25
N GLU D 184 -6.37 -49.14 116.40
CA GLU D 184 -6.09 -49.94 115.21
C GLU D 184 -5.66 -51.36 115.53
N PRO D 185 -4.79 -51.63 116.51
CA PRO D 185 -4.49 -53.03 116.84
C PRO D 185 -5.72 -53.85 117.20
N TYR D 186 -6.67 -53.28 117.95
CA TYR D 186 -7.92 -54.00 118.19
C TYR D 186 -8.66 -54.27 116.88
N ASN D 187 -8.80 -53.24 116.04
CA ASN D 187 -9.51 -53.43 114.77
C ASN D 187 -8.87 -54.54 113.94
N THR D 188 -7.56 -54.72 114.07
CA THR D 188 -6.88 -55.79 113.32
C THR D 188 -7.09 -57.15 113.98
N VAL D 189 -6.76 -57.26 115.26
CA VAL D 189 -6.67 -58.60 115.87
C VAL D 189 -8.05 -59.15 116.23
N LEU D 190 -9.01 -58.31 116.63
CA LEU D 190 -10.35 -58.82 116.90
C LEU D 190 -11.02 -59.36 115.65
N THR D 191 -10.47 -59.07 114.46
CA THR D 191 -10.92 -59.68 113.22
C THR D 191 -9.93 -60.68 112.64
N THR D 192 -8.72 -60.78 113.20
CA THR D 192 -7.78 -61.81 112.75
C THR D 192 -8.37 -63.21 112.91
N HIS D 193 -9.16 -63.44 113.96
CA HIS D 193 -9.78 -64.75 114.13
C HIS D 193 -10.77 -65.04 113.02
N THR D 194 -11.61 -64.06 112.68
CA THR D 194 -12.55 -64.23 111.57
C THR D 194 -11.80 -64.42 110.25
N THR D 195 -10.68 -63.72 110.07
CA THR D 195 -9.86 -63.92 108.88
C THR D 195 -9.31 -65.33 108.83
N LEU D 196 -8.82 -65.84 109.96
CA LEU D 196 -8.29 -67.20 109.99
C LEU D 196 -9.38 -68.22 109.65
N GLU D 197 -10.58 -68.03 110.17
CA GLU D 197 -11.65 -69.00 109.96
C GLU D 197 -12.42 -68.79 108.66
N HIS D 198 -12.23 -67.66 107.96
CA HIS D 198 -13.07 -67.35 106.81
C HIS D 198 -12.30 -66.72 105.66
N ALA D 199 -11.02 -67.08 105.47
CA ALA D 199 -10.25 -66.57 104.35
C ALA D 199 -9.47 -67.69 103.69
N ASP D 200 -9.17 -67.51 102.41
CA ASP D 200 -8.42 -68.47 101.63
C ASP D 200 -7.02 -67.98 101.27
N CYS D 201 -6.86 -66.68 101.01
CA CYS D 201 -5.55 -66.13 100.67
C CYS D 201 -5.56 -64.65 101.04
N THR D 202 -4.68 -64.25 101.96
CA THR D 202 -4.59 -62.88 102.44
C THR D 202 -3.23 -62.30 102.10
N PHE D 203 -3.22 -61.06 101.63
CA PHE D 203 -2.00 -60.37 101.26
C PHE D 203 -1.75 -59.23 102.26
N MET D 204 -0.54 -59.19 102.78
CA MET D 204 -0.16 -58.20 103.78
C MET D 204 0.64 -57.08 103.12
N VAL D 205 0.20 -55.83 103.33
CA VAL D 205 0.87 -54.65 102.83
C VAL D 205 1.07 -53.66 103.97
N ASP D 206 2.25 -53.06 104.02
CA ASP D 206 2.60 -52.10 105.06
C ASP D 206 2.89 -50.75 104.42
N ASN D 207 2.29 -49.69 104.96
CA ASN D 207 2.52 -48.35 104.44
C ASN D 207 3.94 -47.87 104.72
N GLU D 208 4.52 -48.31 105.84
CA GLU D 208 5.87 -47.86 106.20
C GLU D 208 6.90 -48.29 105.17
N ALA D 209 6.81 -49.54 104.70
CA ALA D 209 7.76 -50.02 103.70
C ALA D 209 7.59 -49.30 102.37
N ILE D 210 6.34 -49.02 101.98
CA ILE D 210 6.10 -48.26 100.75
C ILE D 210 6.70 -46.86 100.86
N TYR D 211 6.51 -46.22 102.01
CA TYR D 211 7.12 -44.90 102.22
C TYR D 211 8.65 -44.99 102.20
N ASP D 212 9.20 -46.06 102.77
CA ASP D 212 10.64 -46.25 102.79
C ASP D 212 11.19 -46.37 101.36
N MET D 213 10.53 -47.16 100.52
CA MET D 213 11.00 -47.33 99.16
C MET D 213 10.76 -46.08 98.32
N CYS D 214 9.70 -45.32 98.62
CA CYS D 214 9.48 -44.04 97.95
C CYS D 214 10.59 -43.05 98.31
N LYS D 215 11.01 -43.03 99.57
CA LYS D 215 12.11 -42.14 99.97
C LYS D 215 13.44 -42.60 99.38
N ARG D 216 13.66 -43.91 99.33
CA ARG D 216 14.95 -44.45 98.89
C ARG D 216 14.99 -44.73 97.39
N ASN D 217 14.10 -45.61 96.92
CA ASN D 217 14.14 -46.00 95.52
C ASN D 217 13.59 -44.90 94.61
N LEU D 218 12.48 -44.28 95.00
CA LEU D 218 11.88 -43.24 94.18
C LEU D 218 12.53 -41.87 94.37
N ASP D 219 13.35 -41.71 95.41
CA ASP D 219 13.99 -40.43 95.72
C ASP D 219 12.96 -39.31 95.87
N ILE D 220 11.82 -39.64 96.45
CA ILE D 220 10.74 -38.67 96.68
C ILE D 220 10.88 -38.14 98.10
N PRO D 221 11.08 -36.84 98.31
CA PRO D 221 11.22 -36.34 99.68
C PRO D 221 9.92 -36.36 100.44
N ARG D 222 8.77 -36.16 99.78
CA ARG D 222 7.46 -36.16 100.43
C ARG D 222 6.55 -37.14 99.70
N PRO D 223 6.65 -38.44 99.99
CA PRO D 223 5.70 -39.41 99.42
C PRO D 223 4.27 -39.08 99.80
N SER D 224 3.35 -39.44 98.92
CA SER D 224 1.93 -39.21 99.13
C SER D 224 1.19 -40.54 99.13
N PHE D 225 0.00 -40.52 99.73
CA PHE D 225 -0.83 -41.72 99.76
C PHE D 225 -1.21 -42.16 98.35
N ALA D 226 -1.32 -41.22 97.41
CA ALA D 226 -1.62 -41.58 96.04
C ALA D 226 -0.52 -42.43 95.42
N ASN D 227 0.74 -42.13 95.74
CA ASN D 227 1.84 -42.95 95.24
C ASN D 227 1.76 -44.37 95.78
N LEU D 228 1.45 -44.52 97.07
CA LEU D 228 1.26 -45.84 97.65
C LEU D 228 0.12 -46.58 96.96
N ASN D 229 -0.99 -45.88 96.72
CA ASN D 229 -2.12 -46.51 96.05
C ASN D 229 -1.74 -46.98 94.65
N ASN D 230 -1.00 -46.15 93.91
CA ASN D 230 -0.58 -46.55 92.56
C ASN D 230 0.36 -47.74 92.60
N LEU D 231 1.33 -47.74 93.51
CA LEU D 231 2.27 -48.84 93.59
C LEU D 231 1.56 -50.15 93.90
N ILE D 232 0.72 -50.17 94.94
CA ILE D 232 -0.01 -51.39 95.24
C ILE D 232 -1.04 -51.68 94.15
N ALA D 233 -1.41 -50.68 93.35
CA ALA D 233 -2.29 -50.94 92.21
C ALA D 233 -1.57 -51.75 91.14
N GLN D 234 -0.32 -51.41 90.82
CA GLN D 234 0.44 -52.27 89.92
C GLN D 234 0.65 -53.65 90.53
N VAL D 235 0.94 -53.68 91.84
CA VAL D 235 1.13 -54.97 92.53
C VAL D 235 -0.10 -55.85 92.36
N VAL D 236 -1.29 -55.28 92.54
CA VAL D 236 -2.53 -56.05 92.39
C VAL D 236 -2.75 -56.42 90.93
N SER D 237 -2.52 -55.49 90.01
CA SER D 237 -2.83 -55.70 88.60
C SER D 237 -1.82 -56.58 87.89
N SER D 238 -0.75 -57.02 88.58
CA SER D 238 0.19 -57.96 88.00
C SER D 238 0.06 -59.37 88.58
N VAL D 239 -1.17 -59.85 88.84
CA VAL D 239 -1.37 -61.06 89.63
C VAL D 239 -2.06 -62.18 88.83
N THR D 240 -3.25 -61.94 88.24
CA THR D 240 -3.91 -60.75 87.63
C THR D 240 -3.02 -60.16 86.53
N ALA D 241 -2.03 -60.94 86.10
CA ALA D 241 -1.21 -60.61 84.95
C ALA D 241 -1.55 -61.43 83.72
N SER D 242 -1.72 -62.75 83.88
CA SER D 242 -2.08 -63.62 82.78
C SER D 242 -3.58 -63.84 82.63
N LEU D 243 -4.38 -63.35 83.58
CA LEU D 243 -5.82 -63.53 83.51
C LEU D 243 -6.48 -62.63 82.47
N ARG D 244 -5.80 -61.55 82.07
CA ARG D 244 -6.34 -60.63 81.08
C ARG D 244 -5.50 -60.52 79.82
N PHE D 245 -4.29 -61.09 79.81
CA PHE D 245 -3.41 -61.04 78.65
C PHE D 245 -2.87 -62.42 78.36
N ASP D 246 -2.51 -62.65 77.10
CA ASP D 246 -1.98 -63.94 76.68
C ASP D 246 -0.60 -64.18 77.27
N GLY D 247 -0.30 -65.45 77.52
CA GLY D 247 1.00 -65.83 78.05
C GLY D 247 1.33 -67.26 77.66
N SER D 248 2.63 -67.56 77.62
CA SER D 248 3.06 -68.91 77.27
C SER D 248 2.59 -69.93 78.30
N LEU D 249 2.69 -69.59 79.58
CA LEU D 249 2.25 -70.44 80.68
C LEU D 249 1.43 -69.59 81.62
N ASN D 250 0.11 -69.56 81.41
CA ASN D 250 -0.77 -68.79 82.26
C ASN D 250 -0.88 -69.42 83.65
N VAL D 251 -1.12 -68.59 84.65
CA VAL D 251 -1.28 -69.02 86.03
C VAL D 251 -2.73 -68.83 86.44
N ASP D 252 -3.30 -69.87 87.06
CA ASP D 252 -4.69 -69.86 87.48
C ASP D 252 -4.80 -69.47 88.95
N LEU D 253 -5.94 -68.88 89.30
CA LEU D 253 -6.15 -68.45 90.68
C LEU D 253 -6.19 -69.64 91.63
N ASN D 254 -6.81 -70.74 91.21
CA ASN D 254 -6.84 -71.94 92.05
C ASN D 254 -5.45 -72.52 92.25
N GLU D 255 -4.56 -72.36 91.26
CA GLU D 255 -3.21 -72.89 91.37
C GLU D 255 -2.50 -72.35 92.60
N PHE D 256 -2.77 -71.10 92.98
CA PHE D 256 -2.14 -70.50 94.14
C PHE D 256 -2.43 -71.30 95.40
N GLN D 257 -3.70 -71.65 95.62
CA GLN D 257 -4.04 -72.43 96.81
C GLN D 257 -3.77 -73.92 96.64
N THR D 258 -3.57 -74.40 95.41
CA THR D 258 -3.16 -75.79 95.25
C THR D 258 -1.70 -75.99 95.60
N ASN D 259 -0.82 -75.06 95.21
CA ASN D 259 0.60 -75.24 95.43
C ASN D 259 1.11 -74.54 96.69
N LEU D 260 0.74 -73.28 96.91
CA LEU D 260 1.24 -72.54 98.07
C LEU D 260 0.64 -73.07 99.36
N VAL D 261 -0.60 -73.55 99.32
CA VAL D 261 -1.30 -73.96 100.55
C VAL D 261 -1.66 -75.44 100.44
N PRO D 262 -0.81 -76.35 100.92
CA PRO D 262 -1.13 -77.78 100.89
C PRO D 262 -1.83 -78.32 102.12
N TYR D 263 -2.25 -77.46 103.04
CA TYR D 263 -2.85 -77.85 104.31
C TYR D 263 -4.11 -77.03 104.56
N PRO D 264 -4.91 -77.40 105.56
CA PRO D 264 -5.96 -76.50 106.06
C PRO D 264 -5.38 -75.39 106.92
N ARG D 265 -4.08 -75.17 106.79
CA ARG D 265 -3.25 -74.32 107.62
C ARG D 265 -2.74 -73.13 106.81
N ILE D 266 -1.76 -72.42 107.36
CA ILE D 266 -1.40 -71.04 107.02
C ILE D 266 -1.45 -70.77 105.52
N HIS D 267 -2.16 -69.71 105.14
CA HIS D 267 -2.41 -69.35 103.75
C HIS D 267 -2.26 -67.84 103.55
N PHE D 268 -1.19 -67.27 104.08
CA PHE D 268 -0.98 -65.82 104.08
C PHE D 268 0.36 -65.51 103.41
N PRO D 269 0.39 -65.51 102.07
CA PRO D 269 1.65 -65.28 101.38
C PRO D 269 2.01 -63.81 101.28
N LEU D 270 3.31 -63.54 101.32
CA LEU D 270 3.84 -62.21 101.06
C LEU D 270 3.86 -61.91 99.57
N VAL D 271 4.03 -60.63 99.25
CA VAL D 271 4.11 -60.14 97.89
C VAL D 271 5.28 -59.17 97.78
N SER D 272 5.84 -59.07 96.59
CA SER D 272 6.91 -58.11 96.32
C SER D 272 6.90 -57.78 94.83
N TYR D 273 7.23 -56.52 94.52
CA TYR D 273 7.28 -56.06 93.15
C TYR D 273 8.61 -55.39 92.88
N SER D 274 9.18 -55.66 91.71
CA SER D 274 10.46 -55.12 91.30
C SER D 274 10.60 -55.30 89.79
N PRO D 275 11.45 -54.49 89.12
CA PRO D 275 12.31 -53.42 89.64
C PRO D 275 11.52 -52.17 90.05
N VAL D 276 12.10 -51.40 90.96
CA VAL D 276 11.49 -50.16 91.45
C VAL D 276 12.51 -49.05 91.21
N LEU D 277 12.27 -48.22 90.20
CA LEU D 277 13.19 -47.16 89.83
C LEU D 277 12.40 -45.95 89.35
N SER D 278 13.06 -44.80 89.37
CA SER D 278 12.44 -43.55 88.95
C SER D 278 12.69 -43.33 87.45
N LYS D 279 12.13 -42.23 86.93
CA LYS D 279 12.30 -41.88 85.53
C LYS D 279 13.70 -41.36 85.21
N SER D 280 14.46 -40.94 86.22
CA SER D 280 15.81 -40.46 86.00
C SER D 280 16.87 -41.56 86.12
N LYS D 281 16.53 -42.69 86.73
CA LYS D 281 17.45 -43.81 86.88
C LYS D 281 17.27 -44.86 85.79
N ALA D 282 16.41 -44.60 84.81
CA ALA D 282 16.18 -45.53 83.71
C ALA D 282 17.25 -45.44 82.63
N PHE D 283 18.17 -44.47 82.74
CA PHE D 283 19.25 -44.30 81.78
C PHE D 283 20.54 -44.97 82.23
N HIS D 284 20.50 -45.75 83.31
CA HIS D 284 21.69 -46.42 83.80
C HIS D 284 21.49 -47.88 84.17
N GLU D 285 20.26 -48.39 84.21
CA GLU D 285 19.99 -49.75 84.65
C GLU D 285 19.29 -50.53 83.55
N SER D 286 19.88 -51.67 83.19
CA SER D 286 19.28 -52.63 82.26
C SER D 286 19.50 -54.04 82.77
N ASN D 287 19.27 -54.24 84.07
CA ASN D 287 19.63 -55.49 84.73
C ASN D 287 18.76 -56.66 84.26
N SER D 288 19.23 -57.87 84.54
CA SER D 288 18.52 -59.09 84.24
C SER D 288 17.60 -59.47 85.40
N VAL D 289 16.96 -60.64 85.28
CA VAL D 289 15.98 -61.06 86.28
C VAL D 289 16.63 -61.45 87.60
N SER D 290 17.92 -61.79 87.60
CA SER D 290 18.59 -62.20 88.83
C SER D 290 18.62 -61.06 89.84
N GLU D 291 19.00 -59.86 89.40
CA GLU D 291 19.05 -58.73 90.31
C GLU D 291 17.66 -58.28 90.72
N ILE D 292 16.66 -58.47 89.85
CA ILE D 292 15.28 -58.16 90.21
C ILE D 292 14.82 -59.09 91.32
N THR D 293 15.14 -60.38 91.21
CA THR D 293 14.82 -61.33 92.27
C THR D 293 15.55 -60.97 93.56
N ASN D 294 16.81 -60.56 93.45
CA ASN D 294 17.55 -60.12 94.63
C ASN D 294 16.89 -58.93 95.29
N ALA D 295 16.40 -57.98 94.49
CA ALA D 295 15.67 -56.84 95.04
C ALA D 295 14.36 -57.29 95.70
N CYS D 296 13.72 -58.31 95.12
CA CYS D 296 12.52 -58.86 95.76
C CYS D 296 12.85 -59.47 97.12
N PHE D 297 13.99 -60.14 97.24
CA PHE D 297 14.40 -60.72 98.51
C PHE D 297 14.82 -59.68 99.54
N GLU D 298 15.03 -58.43 99.12
CA GLU D 298 15.41 -57.39 100.06
C GLU D 298 14.26 -57.11 101.02
N PRO D 299 14.55 -56.91 102.32
CA PRO D 299 13.48 -56.60 103.28
C PRO D 299 12.71 -55.34 102.94
N GLY D 300 13.36 -54.34 102.33
CA GLY D 300 12.68 -53.09 102.05
C GLY D 300 11.60 -53.20 100.98
N ASN D 301 11.71 -54.19 100.10
CA ASN D 301 10.77 -54.36 99.00
C ASN D 301 9.72 -55.44 99.29
N GLN D 302 9.69 -55.97 100.51
CA GLN D 302 8.75 -57.03 100.87
C GLN D 302 7.45 -56.50 101.44
N MET D 303 7.32 -55.18 101.60
CA MET D 303 6.15 -54.55 102.23
C MET D 303 5.88 -55.11 103.63
N VAL D 304 6.95 -55.40 104.37
CA VAL D 304 6.87 -55.81 105.77
C VAL D 304 8.14 -55.38 106.46
N LYS D 305 7.99 -54.84 107.69
CA LYS D 305 9.13 -54.35 108.46
C LYS D 305 9.75 -55.51 109.23
N CYS D 306 10.39 -56.41 108.47
CA CYS D 306 11.03 -57.58 109.02
C CYS D 306 12.06 -58.07 108.02
N ASP D 307 12.79 -59.12 108.39
CA ASP D 307 13.80 -59.70 107.52
C ASP D 307 13.25 -60.98 106.91
N PRO D 308 12.91 -61.01 105.61
CA PRO D 308 12.44 -62.27 105.01
C PRO D 308 13.52 -63.31 104.84
N ARG D 309 14.79 -62.91 104.85
CA ARG D 309 15.88 -63.87 104.70
C ARG D 309 16.19 -64.61 106.00
N ASP D 310 15.69 -64.12 107.14
CA ASP D 310 15.89 -64.79 108.41
C ASP D 310 14.87 -65.89 108.68
N GLY D 311 13.83 -65.98 107.85
CA GLY D 311 12.81 -67.01 108.02
C GLY D 311 13.22 -68.32 107.38
N LYS D 312 12.22 -69.19 107.25
CA LYS D 312 12.41 -70.52 106.67
C LYS D 312 11.62 -70.63 105.36
N TYR D 313 12.15 -71.40 104.43
CA TYR D 313 11.60 -71.44 103.08
C TYR D 313 10.20 -72.04 103.07
N MET D 314 9.36 -71.51 102.18
CA MET D 314 8.03 -72.03 101.92
C MET D 314 7.77 -71.90 100.42
N ALA D 315 6.79 -72.68 99.93
CA ALA D 315 6.48 -72.66 98.52
C ALA D 315 6.17 -71.24 98.04
N THR D 316 6.74 -70.89 96.89
CA THR D 316 6.66 -69.53 96.37
C THR D 316 6.31 -69.56 94.89
N CYS D 317 5.78 -68.43 94.42
CA CYS D 317 5.39 -68.24 93.03
C CYS D 317 6.15 -67.05 92.45
N LEU D 318 6.63 -67.20 91.22
CA LEU D 318 7.35 -66.14 90.51
C LEU D 318 6.59 -65.83 89.23
N LEU D 319 6.16 -64.58 89.08
CA LEU D 319 5.41 -64.14 87.92
C LEU D 319 6.24 -63.13 87.13
N TYR D 320 6.33 -63.35 85.82
CA TYR D 320 7.21 -62.60 84.95
C TYR D 320 6.41 -61.97 83.81
N ARG D 321 6.73 -60.71 83.50
CA ARG D 321 6.04 -59.98 82.45
C ARG D 321 7.05 -59.35 81.51
N GLY D 322 6.69 -59.27 80.23
CA GLY D 322 7.55 -58.70 79.23
C GLY D 322 8.45 -59.71 78.56
N ASP D 323 9.67 -59.31 78.22
CA ASP D 323 10.63 -60.19 77.54
C ASP D 323 11.45 -60.92 78.59
N VAL D 324 11.18 -62.22 78.75
CA VAL D 324 11.89 -63.07 79.70
C VAL D 324 12.30 -64.36 79.01
N VAL D 325 13.32 -65.01 79.57
CA VAL D 325 13.86 -66.25 79.03
C VAL D 325 13.84 -67.29 80.15
N THR D 326 13.30 -68.47 79.85
CA THR D 326 13.16 -69.50 80.87
C THR D 326 14.52 -70.00 81.35
N ARG D 327 15.49 -70.13 80.44
CA ARG D 327 16.82 -70.55 80.85
C ARG D 327 17.45 -69.54 81.80
N ASP D 328 17.24 -68.25 81.53
CA ASP D 328 17.78 -67.21 82.40
C ASP D 328 17.18 -67.29 83.80
N VAL D 329 15.86 -67.46 83.89
CA VAL D 329 15.22 -67.50 85.20
C VAL D 329 15.55 -68.80 85.94
N GLN D 330 15.72 -69.90 85.21
CA GLN D 330 16.16 -71.13 85.86
C GLN D 330 17.57 -70.97 86.43
N ARG D 331 18.45 -70.33 85.66
CA ARG D 331 19.80 -70.04 86.14
C ARG D 331 19.76 -69.14 87.37
N ALA D 332 18.90 -68.12 87.34
CA ALA D 332 18.80 -67.20 88.47
C ALA D 332 18.32 -67.90 89.73
N VAL D 333 17.26 -68.71 89.62
CA VAL D 333 16.74 -69.38 90.80
C VAL D 333 17.72 -70.43 91.31
N GLU D 334 18.45 -71.09 90.40
CA GLU D 334 19.48 -72.02 90.84
C GLU D 334 20.60 -71.30 91.58
N GLN D 335 20.99 -70.11 91.11
CA GLN D 335 21.97 -69.32 91.84
C GLN D 335 21.46 -68.94 93.22
N VAL D 336 20.19 -68.54 93.30
CA VAL D 336 19.60 -68.16 94.59
C VAL D 336 19.63 -69.35 95.55
N LYS D 337 19.30 -70.55 95.05
CA LYS D 337 19.43 -71.75 95.88
C LYS D 337 20.87 -72.01 96.27
N ASN D 338 21.82 -71.71 95.39
CA ASN D 338 23.22 -71.93 95.71
C ASN D 338 23.73 -70.97 96.79
N LYS D 339 23.15 -69.77 96.87
CA LYS D 339 23.60 -68.80 97.86
C LYS D 339 23.17 -69.15 99.29
N LYS D 340 22.54 -70.30 99.50
CA LYS D 340 22.11 -70.74 100.83
C LYS D 340 21.17 -69.72 101.48
N THR D 341 20.02 -69.55 100.83
CA THR D 341 18.97 -68.67 101.31
C THR D 341 18.18 -69.39 102.40
N VAL D 342 16.99 -68.86 102.71
CA VAL D 342 16.10 -69.39 103.74
C VAL D 342 16.02 -70.92 103.67
N GLN D 343 16.04 -71.55 104.85
CA GLN D 343 16.21 -73.00 104.93
C GLN D 343 15.07 -73.73 104.23
N LEU D 344 15.42 -74.49 103.19
CA LEU D 344 14.43 -75.24 102.43
C LEU D 344 13.81 -76.33 103.28
N VAL D 345 12.50 -76.51 103.13
CA VAL D 345 11.78 -77.55 103.85
C VAL D 345 11.87 -78.85 103.06
N ASP D 346 11.62 -79.96 103.75
CA ASP D 346 11.68 -81.29 103.15
C ASP D 346 10.34 -81.77 102.62
N TRP D 347 9.30 -80.95 102.70
CA TRP D 347 7.97 -81.37 102.27
C TRP D 347 7.68 -81.06 100.81
N CYS D 348 8.24 -79.97 100.27
CA CYS D 348 7.98 -79.62 98.89
C CYS D 348 8.77 -80.52 97.93
N PRO D 349 10.11 -80.64 98.07
CA PRO D 349 11.07 -80.00 98.97
C PRO D 349 11.60 -78.68 98.42
N THR D 350 11.60 -78.55 97.09
CA THR D 350 11.98 -77.31 96.42
C THR D 350 10.99 -77.04 95.30
N GLY D 351 10.09 -76.08 95.52
CA GLY D 351 9.11 -75.74 94.51
C GLY D 351 9.11 -74.27 94.14
N PHE D 352 9.51 -73.96 92.90
CA PHE D 352 9.54 -72.60 92.37
C PHE D 352 8.53 -72.51 91.24
N LYS D 353 7.36 -71.96 91.53
CA LYS D 353 6.35 -71.76 90.50
C LYS D 353 6.73 -70.58 89.62
N ILE D 354 6.86 -70.81 88.32
CA ILE D 354 7.31 -69.81 87.37
C ILE D 354 6.14 -69.43 86.47
N GLY D 355 5.84 -68.15 86.40
CA GLY D 355 4.81 -67.65 85.52
C GLY D 355 5.35 -66.69 84.48
N ILE D 356 4.98 -66.92 83.21
CA ILE D 356 5.48 -66.11 82.10
C ILE D 356 4.30 -65.41 81.45
N CYS D 357 4.42 -64.10 81.27
CA CYS D 357 3.37 -63.29 80.66
C CYS D 357 3.96 -62.49 79.51
N TYR D 358 3.21 -62.43 78.40
CA TYR D 358 3.69 -61.75 77.21
C TYR D 358 3.61 -60.23 77.32
N GLU D 359 2.61 -59.70 78.02
CA GLU D 359 2.40 -58.26 78.04
C GLU D 359 3.55 -57.56 78.77
N PRO D 360 4.00 -56.41 78.28
CA PRO D 360 5.07 -55.69 78.98
C PRO D 360 4.57 -55.13 80.30
N PRO D 361 5.45 -54.93 81.27
CA PRO D 361 5.05 -54.27 82.52
C PRO D 361 4.58 -52.85 82.26
N THR D 362 3.61 -52.41 83.06
CA THR D 362 3.01 -51.09 82.90
C THR D 362 3.19 -50.28 84.17
N ALA D 363 3.22 -48.96 84.03
CA ALA D 363 3.44 -48.05 85.14
C ALA D 363 2.44 -46.89 85.05
N THR D 364 2.19 -46.27 86.19
CA THR D 364 1.20 -45.19 86.27
C THR D 364 1.86 -43.85 85.95
N PRO D 365 1.28 -43.05 85.05
CA PRO D 365 1.82 -41.70 84.84
C PRO D 365 1.75 -40.82 86.08
N ASN D 366 0.79 -41.06 86.98
CA ASN D 366 0.73 -40.32 88.24
C ASN D 366 1.83 -40.71 89.20
N SER D 367 2.45 -41.87 89.02
CA SER D 367 3.55 -42.33 89.84
C SER D 367 4.87 -42.13 89.10
N GLN D 368 5.97 -42.14 89.86
CA GLN D 368 7.30 -41.92 89.31
C GLN D 368 8.02 -43.22 88.99
N LEU D 369 7.29 -44.27 88.65
CA LEU D 369 7.87 -45.55 88.29
C LEU D 369 8.11 -45.59 86.79
N ALA D 370 9.36 -45.79 86.40
CA ALA D 370 9.70 -45.85 84.98
C ALA D 370 9.23 -47.16 84.36
N THR D 371 8.78 -47.09 83.12
CA THR D 371 8.37 -48.28 82.39
C THR D 371 9.58 -49.17 82.11
N VAL D 372 9.43 -50.46 82.40
CA VAL D 372 10.52 -51.42 82.26
C VAL D 372 10.07 -52.56 81.36
N ASP D 373 11.03 -53.16 80.65
CA ASP D 373 10.74 -54.25 79.73
C ASP D 373 10.50 -55.58 80.44
N ARG D 374 10.86 -55.70 81.71
CA ARG D 374 10.66 -56.94 82.46
C ARG D 374 10.50 -56.59 83.94
N ALA D 375 9.54 -57.25 84.59
CA ALA D 375 9.26 -57.04 86.00
C ALA D 375 8.96 -58.37 86.66
N VAL D 376 9.16 -58.42 87.97
CA VAL D 376 8.93 -59.62 88.78
C VAL D 376 7.96 -59.30 89.91
N CYS D 377 6.91 -60.12 90.02
CA CYS D 377 6.04 -60.14 91.19
C CYS D 377 6.24 -61.48 91.87
N MET D 378 6.69 -61.47 93.12
CA MET D 378 7.03 -62.67 93.86
C MET D 378 6.04 -62.86 95.01
N LEU D 379 5.46 -64.05 95.09
CA LEU D 379 4.53 -64.41 96.15
C LEU D 379 5.11 -65.59 96.94
N SER D 380 5.21 -65.42 98.26
CA SER D 380 5.78 -66.46 99.12
C SER D 380 5.11 -66.39 100.48
N ASN D 381 4.80 -67.55 101.04
CA ASN D 381 4.19 -67.66 102.36
C ASN D 381 5.29 -67.88 103.41
N THR D 382 6.23 -66.95 103.45
CA THR D 382 7.35 -67.03 104.36
C THR D 382 6.89 -66.73 105.79
N THR D 383 7.51 -67.41 106.75
CA THR D 383 7.18 -67.28 108.16
C THR D 383 7.91 -66.12 108.83
N SER D 384 8.35 -65.11 108.08
CA SER D 384 9.13 -64.01 108.62
C SER D 384 8.28 -62.91 109.25
N ILE D 385 6.95 -62.94 109.08
CA ILE D 385 6.11 -61.94 109.73
C ILE D 385 5.74 -62.38 111.14
N ALA D 386 6.23 -63.55 111.56
CA ALA D 386 5.92 -64.05 112.90
C ALA D 386 6.37 -63.08 113.98
N GLU D 387 7.59 -62.54 113.84
CA GLU D 387 8.03 -61.53 114.79
C GLU D 387 7.23 -60.24 114.67
N ALA D 388 6.64 -59.97 113.50
CA ALA D 388 5.77 -58.79 113.38
C ALA D 388 4.50 -58.97 114.23
N TRP D 389 3.82 -60.12 114.08
CA TRP D 389 2.70 -60.36 114.99
C TRP D 389 3.16 -60.46 116.44
N LYS D 390 4.39 -60.91 116.67
CA LYS D 390 4.89 -60.96 118.05
C LYS D 390 5.03 -59.56 118.64
N ARG D 391 5.53 -58.60 117.86
CA ARG D 391 5.62 -57.23 118.31
C ARG D 391 4.24 -56.64 118.54
N ILE D 392 3.31 -56.90 117.62
CA ILE D 392 1.94 -56.43 117.81
C ILE D 392 1.33 -57.03 119.08
N ASP D 393 1.64 -58.29 119.36
CA ASP D 393 1.09 -58.96 120.52
C ASP D 393 1.74 -58.47 121.81
N ARG D 394 3.02 -58.07 121.76
CA ARG D 394 3.63 -57.44 122.92
C ARG D 394 2.98 -56.10 123.22
N LYS D 395 2.72 -55.31 122.17
CA LYS D 395 1.91 -54.11 122.33
C LYS D 395 0.56 -54.45 122.96
N PHE D 396 -0.06 -55.53 122.50
CA PHE D 396 -1.34 -55.96 123.05
C PHE D 396 -1.25 -56.29 124.53
N ASP D 397 -0.21 -57.02 124.94
CA ASP D 397 -0.06 -57.36 126.34
C ASP D 397 0.12 -56.11 127.19
N LEU D 398 0.97 -55.17 126.74
CA LEU D 398 1.25 -53.99 127.54
C LEU D 398 0.05 -53.07 127.63
N MET D 399 -0.77 -52.99 126.56
CA MET D 399 -1.94 -52.12 126.66
C MET D 399 -3.19 -52.88 127.11
N TYR D 400 -3.07 -54.20 127.32
CA TYR D 400 -4.12 -55.01 127.90
C TYR D 400 -3.93 -55.22 129.39
N ALA D 401 -2.74 -54.91 129.92
CA ALA D 401 -2.55 -54.94 131.36
C ALA D 401 -3.58 -54.08 132.07
N LYS D 402 -3.83 -52.86 131.57
CA LYS D 402 -4.91 -52.01 132.05
C LYS D 402 -6.18 -52.17 131.23
N ARG D 403 -6.06 -52.74 130.03
CA ARG D 403 -7.10 -53.08 129.06
C ARG D 403 -7.66 -51.84 128.35
N ALA D 404 -7.54 -50.67 128.98
CA ALA D 404 -7.58 -49.35 128.36
C ALA D 404 -8.86 -49.02 127.59
N PHE D 405 -9.68 -50.03 127.25
CA PHE D 405 -10.81 -49.82 126.36
C PHE D 405 -12.02 -50.68 126.74
N VAL D 406 -11.80 -51.61 127.67
CA VAL D 406 -12.85 -52.57 128.01
C VAL D 406 -14.09 -51.88 128.56
N HIS D 407 -13.98 -50.64 129.02
CA HIS D 407 -15.17 -49.91 129.43
C HIS D 407 -16.20 -49.87 128.30
N TRP D 408 -15.84 -49.21 127.19
CA TRP D 408 -16.76 -49.16 126.05
C TRP D 408 -16.98 -50.53 125.45
N TYR D 409 -15.92 -51.35 125.36
CA TYR D 409 -16.08 -52.65 124.70
C TYR D 409 -17.10 -53.52 125.41
N VAL D 410 -17.09 -53.53 126.75
CA VAL D 410 -18.11 -54.27 127.50
C VAL D 410 -19.44 -53.54 127.46
N GLY D 411 -19.42 -52.21 127.52
CA GLY D 411 -20.65 -51.45 127.50
C GLY D 411 -21.49 -51.65 126.27
N GLU D 412 -20.87 -51.91 125.12
CA GLU D 412 -21.64 -52.22 123.92
C GLU D 412 -22.09 -53.67 123.87
N GLY D 413 -21.48 -54.56 124.66
CA GLY D 413 -21.96 -55.92 124.75
C GLY D 413 -20.90 -57.01 124.74
N MET D 414 -19.64 -56.63 124.59
CA MET D 414 -18.56 -57.61 124.56
C MET D 414 -18.02 -57.84 125.97
N GLU D 415 -16.95 -58.63 126.06
CA GLU D 415 -16.31 -58.93 127.34
C GLU D 415 -14.90 -59.44 127.07
N GLU D 416 -14.12 -59.53 128.15
CA GLU D 416 -12.68 -59.84 128.03
C GLU D 416 -12.43 -61.24 127.48
N GLY D 417 -13.42 -62.11 127.50
CA GLY D 417 -13.23 -63.45 126.96
C GLY D 417 -12.89 -63.45 125.49
N GLU D 418 -13.53 -62.56 124.71
CA GLU D 418 -13.21 -62.45 123.30
C GLU D 418 -11.77 -62.00 123.09
N PHE D 419 -11.31 -61.02 123.87
CA PHE D 419 -9.93 -60.57 123.76
C PHE D 419 -8.95 -61.68 124.13
N THR D 420 -9.26 -62.44 125.18
CA THR D 420 -8.39 -63.56 125.55
C THR D 420 -8.36 -64.63 124.47
N GLU D 421 -9.52 -64.92 123.86
CA GLU D 421 -9.57 -65.90 122.79
C GLU D 421 -8.77 -65.44 121.57
N ALA D 422 -8.87 -64.15 121.23
CA ALA D 422 -8.04 -63.62 120.15
C ALA D 422 -6.56 -63.69 120.49
N ARG D 423 -6.20 -63.42 121.75
CA ARG D 423 -4.82 -63.51 122.19
C ARG D 423 -4.28 -64.93 122.01
N GLU D 424 -5.04 -65.93 122.47
CA GLU D 424 -4.57 -67.30 122.36
C GLU D 424 -4.59 -67.78 120.92
N ASP D 425 -5.52 -67.27 120.09
CA ASP D 425 -5.50 -67.59 118.67
C ASP D 425 -4.23 -67.05 118.01
N LEU D 426 -3.85 -65.82 118.34
CA LEU D 426 -2.62 -65.26 117.78
C LEU D 426 -1.40 -66.03 118.26
N ALA D 427 -1.39 -66.42 119.54
CA ALA D 427 -0.30 -67.23 120.04
C ALA D 427 -0.21 -68.57 119.31
N ALA D 428 -1.35 -69.21 119.07
CA ALA D 428 -1.37 -70.47 118.34
C ALA D 428 -0.89 -70.28 116.90
N LEU D 429 -1.28 -69.17 116.27
CA LEU D 429 -0.81 -68.89 114.91
C LEU D 429 0.71 -68.72 114.88
N GLU D 430 1.27 -68.00 115.85
CA GLU D 430 2.72 -67.85 115.90
C GLU D 430 3.41 -69.19 116.16
N ARG D 431 2.82 -70.01 117.04
CA ARG D 431 3.39 -71.33 117.30
C ARG D 431 3.36 -72.20 116.05
N ASP D 432 2.27 -72.15 115.28
CA ASP D 432 2.20 -72.87 114.02
C ASP D 432 3.21 -72.34 113.02
N TYR D 433 3.42 -71.01 113.01
CA TYR D 433 4.45 -70.42 112.16
C TYR D 433 5.81 -71.00 112.48
N ILE D 434 6.13 -71.12 113.76
CA ILE D 434 7.42 -71.71 114.15
C ILE D 434 7.47 -73.18 113.78
N GLU D 435 6.37 -73.91 114.02
CA GLU D 435 6.40 -75.37 113.89
C GLU D 435 6.48 -75.81 112.43
N VAL D 436 5.80 -75.08 111.52
CA VAL D 436 5.75 -75.51 110.13
C VAL D 436 7.14 -75.51 109.51
N GLY D 437 8.03 -74.65 110.00
CA GLY D 437 9.42 -74.67 109.55
C GLY D 437 10.31 -75.50 110.45
N ALA D 438 9.89 -75.69 111.71
CA ALA D 438 10.66 -76.49 112.64
C ALA D 438 10.53 -77.98 112.38
N ASP D 439 9.45 -78.41 111.72
CA ASP D 439 9.29 -79.83 111.43
C ASP D 439 10.38 -80.35 110.52
N SER D 440 10.74 -79.58 109.50
CA SER D 440 11.79 -79.98 108.57
C SER D 440 13.16 -79.92 109.22
N MET E 1 -68.24 -58.88 69.93
CA MET E 1 -67.02 -59.40 70.52
C MET E 1 -65.83 -58.66 69.89
N ARG E 2 -65.97 -57.36 69.75
CA ARG E 2 -64.93 -56.55 69.11
C ARG E 2 -64.50 -55.36 69.93
N GLU E 3 -65.42 -54.69 70.62
CA GLU E 3 -65.15 -53.42 71.27
C GLU E 3 -65.13 -53.56 72.78
N VAL E 4 -64.36 -52.69 73.44
CA VAL E 4 -64.26 -52.63 74.89
C VAL E 4 -64.63 -51.22 75.33
N ILE E 5 -65.56 -51.13 76.29
CA ILE E 5 -66.04 -49.85 76.80
C ILE E 5 -65.42 -49.62 78.17
N SER E 6 -64.86 -48.42 78.37
CA SER E 6 -64.19 -48.06 79.60
C SER E 6 -64.97 -46.97 80.32
N ILE E 7 -65.15 -47.12 81.63
CA ILE E 7 -65.86 -46.16 82.45
C ILE E 7 -64.99 -45.82 83.65
N ASN E 8 -64.83 -44.52 83.92
CA ASN E 8 -64.05 -44.04 85.04
C ASN E 8 -64.96 -43.32 86.03
N VAL E 9 -64.86 -43.69 87.30
CA VAL E 9 -65.66 -43.10 88.37
C VAL E 9 -64.73 -42.58 89.45
N GLY E 10 -64.98 -41.36 89.91
CA GLY E 10 -64.16 -40.73 90.93
C GLY E 10 -63.04 -39.90 90.33
N GLN E 11 -62.54 -38.97 91.14
CA GLN E 11 -61.49 -38.07 90.67
C GLN E 11 -60.21 -38.83 90.34
N ALA E 12 -59.84 -39.80 91.18
CA ALA E 12 -58.65 -40.61 90.90
C ALA E 12 -58.82 -41.41 89.62
N GLY E 13 -59.99 -42.02 89.43
CA GLY E 13 -60.24 -42.76 88.21
C GLY E 13 -60.22 -41.86 86.98
N CYS E 14 -60.74 -40.64 87.11
CA CYS E 14 -60.70 -39.70 85.99
C CYS E 14 -59.26 -39.30 85.66
N GLN E 15 -58.43 -39.08 86.67
CA GLN E 15 -57.02 -38.76 86.41
C GLN E 15 -56.31 -39.93 85.73
N ILE E 16 -56.57 -41.15 86.20
CA ILE E 16 -55.97 -42.34 85.57
C ILE E 16 -56.42 -42.46 84.13
N GLY E 17 -57.71 -42.23 83.87
CA GLY E 17 -58.19 -42.27 82.50
C GLY E 17 -57.56 -41.22 81.62
N ASN E 18 -57.46 -39.98 82.13
CA ASN E 18 -56.81 -38.92 81.37
C ASN E 18 -55.39 -39.32 80.98
N ALA E 19 -54.64 -39.85 81.95
CA ALA E 19 -53.28 -40.29 81.65
C ALA E 19 -53.28 -41.40 80.60
N CYS E 20 -54.19 -42.37 80.73
CA CYS E 20 -54.14 -43.52 79.84
C CYS E 20 -54.54 -43.15 78.41
N TRP E 21 -55.52 -42.26 78.24
CA TRP E 21 -55.81 -41.80 76.89
C TRP E 21 -54.70 -40.90 76.34
N GLU E 22 -54.02 -40.14 77.21
CA GLU E 22 -52.84 -39.42 76.73
C GLU E 22 -51.81 -40.38 76.17
N LEU E 23 -51.51 -41.46 76.89
CA LEU E 23 -50.61 -42.46 76.33
C LEU E 23 -51.15 -43.02 75.01
N TYR E 24 -52.40 -43.51 75.02
CA TYR E 24 -52.96 -44.11 73.81
C TYR E 24 -52.80 -43.20 72.60
N SER E 25 -53.04 -41.91 72.79
CA SER E 25 -52.74 -40.95 71.73
C SER E 25 -51.25 -40.94 71.40
N LEU E 26 -50.39 -41.14 72.41
CA LEU E 26 -48.96 -41.07 72.16
C LEU E 26 -48.47 -42.22 71.27
N GLU E 27 -48.71 -43.48 71.67
CA GLU E 27 -48.13 -44.55 70.87
C GLU E 27 -48.85 -44.71 69.52
N HIS E 28 -50.17 -44.55 69.49
CA HIS E 28 -50.89 -44.74 68.24
C HIS E 28 -50.90 -43.49 67.35
N GLY E 29 -50.17 -42.45 67.74
CA GLY E 29 -49.93 -41.34 66.84
C GLY E 29 -51.08 -40.37 66.67
N ILE E 30 -52.01 -40.31 67.62
CA ILE E 30 -53.09 -39.33 67.60
C ILE E 30 -52.64 -38.09 68.35
N LYS E 31 -52.82 -36.93 67.72
CA LYS E 31 -52.49 -35.68 68.36
C LYS E 31 -53.46 -35.40 69.52
N PRO E 32 -53.09 -34.53 70.46
CA PRO E 32 -53.93 -34.31 71.64
C PRO E 32 -55.33 -33.79 71.35
N ASP E 33 -55.64 -33.56 70.07
CA ASP E 33 -57.00 -33.19 69.66
C ASP E 33 -57.64 -34.15 68.67
N GLY E 34 -56.85 -34.99 68.00
CA GLY E 34 -57.39 -35.97 67.09
C GLY E 34 -57.57 -35.42 65.68
N HIS E 35 -57.68 -36.36 64.73
CA HIS E 35 -57.94 -36.05 63.32
C HIS E 35 -56.85 -35.15 62.73
N LEU E 36 -55.64 -35.72 62.61
CA LEU E 36 -55.35 -37.11 62.92
C LEU E 36 -54.33 -37.29 64.06
N GLU E 37 -53.13 -36.69 64.06
CA GLU E 37 -52.47 -35.89 63.01
C GLU E 37 -51.00 -36.30 62.89
N ASP E 38 -50.64 -37.22 61.99
CA ASP E 38 -51.56 -37.90 61.09
C ASP E 38 -51.65 -39.39 61.46
N GLY E 39 -52.32 -40.16 60.63
CA GLY E 39 -52.37 -41.60 60.81
C GLY E 39 -50.99 -42.20 60.62
N LEU E 40 -50.75 -43.32 61.29
CA LEU E 40 -49.43 -43.92 61.34
C LEU E 40 -49.38 -45.28 60.66
N SER E 41 -50.27 -46.17 61.06
CA SER E 41 -50.19 -47.58 60.72
C SER E 41 -51.62 -48.14 60.73
N LYS E 42 -51.86 -49.31 60.13
CA LYS E 42 -50.99 -50.32 59.49
C LYS E 42 -49.95 -51.01 60.40
N PRO E 43 -50.40 -51.68 61.47
CA PRO E 43 -51.76 -51.72 62.03
C PRO E 43 -52.01 -50.77 63.20
N LYS E 44 -52.88 -49.78 63.01
CA LYS E 44 -53.46 -49.02 64.11
C LYS E 44 -54.94 -48.74 63.88
N GLY E 45 -55.50 -49.14 62.74
CA GLY E 45 -56.88 -48.86 62.40
C GLY E 45 -57.01 -47.89 61.24
N GLY E 46 -57.22 -48.43 60.04
CA GLY E 46 -57.21 -49.85 59.81
C GLY E 46 -55.80 -50.42 59.69
N GLU E 47 -55.65 -51.73 59.85
CA GLU E 47 -56.76 -52.63 60.11
C GLU E 47 -57.14 -52.67 61.60
N GLU E 48 -58.29 -53.26 61.89
CA GLU E 48 -58.77 -53.35 63.27
C GLU E 48 -57.88 -54.28 64.09
N GLY E 49 -57.52 -53.85 65.30
CA GLY E 49 -57.87 -52.54 65.82
C GLY E 49 -56.88 -51.47 65.42
N PHE E 50 -57.28 -50.21 65.44
CA PHE E 50 -58.58 -49.76 65.93
C PHE E 50 -59.68 -49.98 64.87
N SER E 51 -60.97 -49.95 65.24
CA SER E 51 -61.47 -49.51 66.54
C SER E 51 -61.50 -50.58 67.62
N THR E 52 -60.84 -50.28 68.74
CA THR E 52 -60.95 -51.05 69.97
C THR E 52 -61.28 -50.20 71.18
N PHE E 53 -60.75 -48.98 71.26
CA PHE E 53 -61.08 -48.06 72.34
C PHE E 53 -61.47 -46.70 71.77
N PHE E 54 -60.91 -46.36 70.61
CA PHE E 54 -61.21 -45.11 69.91
C PHE E 54 -62.22 -45.39 68.81
N HIS E 55 -63.33 -44.65 68.83
CA HIS E 55 -64.33 -44.79 67.79
C HIS E 55 -63.79 -44.27 66.46
N GLU E 56 -64.06 -45.01 65.39
CA GLU E 56 -63.61 -44.62 64.04
C GLU E 56 -64.71 -43.76 63.42
N THR E 57 -64.54 -42.45 63.49
CA THR E 57 -65.49 -41.52 62.90
C THR E 57 -65.45 -41.60 61.38
N GLY E 58 -66.61 -41.44 60.75
CA GLY E 58 -66.67 -41.49 59.30
C GLY E 58 -65.84 -40.39 58.65
N TYR E 59 -65.71 -39.25 59.31
CA TYR E 59 -64.87 -38.17 58.81
C TYR E 59 -63.39 -38.49 58.93
N GLY E 60 -63.02 -39.56 59.61
CA GLY E 60 -61.64 -39.91 59.84
C GLY E 60 -61.12 -39.59 61.22
N LYS E 61 -61.97 -39.09 62.12
CA LYS E 61 -61.54 -38.75 63.46
C LYS E 61 -61.53 -39.97 64.36
N PHE E 62 -60.83 -39.85 65.48
CA PHE E 62 -60.75 -40.90 66.48
C PHE E 62 -61.34 -40.38 67.79
N VAL E 63 -62.37 -41.06 68.28
CA VAL E 63 -63.10 -40.63 69.48
C VAL E 63 -63.06 -41.73 70.52
N PRO E 64 -62.43 -41.51 71.67
CA PRO E 64 -62.51 -42.49 72.76
C PRO E 64 -63.97 -42.72 73.18
N ARG E 65 -64.29 -43.98 73.44
CA ARG E 65 -65.64 -44.37 73.86
C ARG E 65 -65.62 -44.60 75.36
N ALA E 66 -65.75 -43.52 76.12
CA ALA E 66 -65.74 -43.58 77.56
C ALA E 66 -66.86 -42.69 78.11
N ILE E 67 -67.33 -43.05 79.31
CA ILE E 67 -68.40 -42.33 79.99
C ILE E 67 -67.85 -41.83 81.32
N TYR E 68 -67.85 -40.52 81.50
CA TYR E 68 -67.39 -39.89 82.74
C TYR E 68 -68.60 -39.58 83.60
N VAL E 69 -68.85 -40.40 84.62
CA VAL E 69 -69.95 -40.22 85.54
C VAL E 69 -69.38 -39.83 86.90
N ASP E 70 -69.89 -38.73 87.46
CA ASP E 70 -69.44 -38.22 88.75
C ASP E 70 -70.42 -37.13 89.18
N LEU E 71 -70.58 -37.00 90.50
CA LEU E 71 -71.46 -35.99 91.07
C LEU E 71 -70.71 -34.70 91.44
N GLU E 72 -69.40 -34.65 91.22
CA GLU E 72 -68.62 -33.45 91.47
C GLU E 72 -68.29 -32.79 90.15
N PRO E 73 -68.88 -31.63 89.82
CA PRO E 73 -68.67 -31.04 88.50
C PRO E 73 -67.27 -30.53 88.25
N ASN E 74 -66.44 -30.40 89.29
CA ASN E 74 -65.10 -29.83 89.11
C ASN E 74 -64.24 -30.69 88.19
N VAL E 75 -64.31 -32.02 88.34
CA VAL E 75 -63.52 -32.90 87.49
C VAL E 75 -63.97 -32.79 86.03
N ILE E 76 -65.29 -32.75 85.81
CA ILE E 76 -65.80 -32.64 84.45
C ILE E 76 -65.40 -31.31 83.83
N ASP E 77 -65.44 -30.24 84.62
CA ASP E 77 -65.00 -28.93 84.11
C ASP E 77 -63.51 -28.95 83.77
N GLU E 78 -62.70 -29.58 84.62
CA GLU E 78 -61.27 -29.68 84.33
C GLU E 78 -61.00 -30.49 83.07
N VAL E 79 -61.82 -31.53 82.83
CA VAL E 79 -61.68 -32.28 81.58
C VAL E 79 -62.11 -31.42 80.39
N ARG E 80 -63.19 -30.66 80.53
CA ARG E 80 -63.77 -29.92 79.43
C ARG E 80 -62.99 -28.65 79.06
N ASN E 81 -62.23 -28.08 79.99
CA ASN E 81 -61.48 -26.86 79.69
C ASN E 81 -60.07 -27.12 79.18
N GLY E 82 -59.69 -28.39 79.03
CA GLY E 82 -58.39 -28.74 78.51
C GLY E 82 -58.46 -29.33 77.12
N PRO E 83 -57.37 -29.99 76.70
CA PRO E 83 -57.36 -30.62 75.37
C PRO E 83 -58.24 -31.85 75.26
N TYR E 84 -58.79 -32.34 76.38
CA TYR E 84 -59.64 -33.52 76.37
C TYR E 84 -61.01 -33.26 75.75
N LYS E 85 -61.36 -32.00 75.50
CA LYS E 85 -62.70 -31.68 74.99
C LYS E 85 -62.90 -32.25 73.59
N ASP E 86 -61.85 -32.33 72.79
CA ASP E 86 -61.95 -32.82 71.42
C ASP E 86 -61.97 -34.33 71.32
N LEU E 87 -61.79 -35.04 72.43
CA LEU E 87 -61.77 -36.50 72.42
C LEU E 87 -63.07 -37.13 72.91
N PHE E 88 -63.76 -36.49 73.85
CA PHE E 88 -64.94 -37.07 74.48
C PHE E 88 -66.20 -36.42 73.92
N HIS E 89 -67.19 -37.25 73.60
CA HIS E 89 -68.46 -36.73 73.12
C HIS E 89 -69.16 -35.93 74.21
N PRO E 90 -69.81 -34.82 73.86
CA PRO E 90 -70.44 -33.99 74.91
C PRO E 90 -71.47 -34.74 75.74
N GLU E 91 -72.23 -35.65 75.13
CA GLU E 91 -73.23 -36.40 75.86
C GLU E 91 -72.62 -37.50 76.72
N GLN E 92 -71.38 -37.92 76.43
CA GLN E 92 -70.72 -38.93 77.23
C GLN E 92 -70.15 -38.37 78.52
N LEU E 93 -70.05 -37.05 78.65
CA LEU E 93 -69.53 -36.41 79.86
C LEU E 93 -70.70 -36.08 80.78
N ILE E 94 -71.05 -37.04 81.63
CA ILE E 94 -72.16 -36.87 82.56
C ILE E 94 -71.69 -36.06 83.76
N SER E 95 -71.98 -34.77 83.75
CA SER E 95 -71.58 -33.87 84.82
C SER E 95 -72.66 -33.82 85.90
N GLY E 96 -72.26 -34.08 87.14
CA GLY E 96 -73.19 -34.02 88.25
C GLY E 96 -73.23 -32.65 88.91
N LYS E 97 -74.36 -32.36 89.56
CA LYS E 97 -74.55 -31.08 90.23
C LYS E 97 -74.97 -31.21 91.69
N GLU E 98 -75.07 -32.42 92.23
CA GLU E 98 -75.51 -32.63 93.60
C GLU E 98 -74.33 -33.09 94.44
N ASP E 99 -74.06 -32.36 95.52
CA ASP E 99 -72.96 -32.67 96.44
C ASP E 99 -73.50 -32.73 97.86
N ALA E 100 -73.55 -33.93 98.43
CA ALA E 100 -74.02 -34.09 99.81
C ALA E 100 -73.08 -34.98 100.60
N ALA E 101 -72.25 -35.76 99.90
CA ALA E 101 -71.26 -36.62 100.53
C ALA E 101 -70.23 -36.99 99.48
N ASN E 102 -69.11 -37.57 99.93
CA ASN E 102 -68.06 -38.05 99.02
C ASN E 102 -67.71 -39.49 99.37
N ASN E 103 -68.48 -40.44 98.84
CA ASN E 103 -69.83 -40.21 98.32
C ASN E 103 -70.69 -41.41 98.69
N TYR E 104 -70.06 -42.39 99.34
CA TYR E 104 -70.70 -43.69 99.55
C TYR E 104 -71.88 -43.61 100.51
N ALA E 105 -72.01 -42.52 101.27
CA ALA E 105 -73.16 -42.39 102.17
C ALA E 105 -74.46 -42.45 101.38
N ARG E 106 -74.53 -41.71 100.27
CA ARG E 106 -75.70 -41.70 99.42
C ARG E 106 -75.47 -42.32 98.04
N GLY E 107 -74.21 -42.61 97.69
CA GLY E 107 -73.92 -43.13 96.36
C GLY E 107 -74.52 -44.50 96.11
N HIS E 108 -74.42 -45.40 97.09
CA HIS E 108 -74.89 -46.77 96.94
C HIS E 108 -76.34 -46.95 97.35
N TYR E 109 -77.15 -45.89 97.26
CA TYR E 109 -78.52 -45.93 97.75
C TYR E 109 -79.42 -45.29 96.70
N THR E 110 -80.67 -44.98 97.10
CA THR E 110 -81.66 -44.48 96.16
C THR E 110 -81.25 -43.17 95.50
N VAL E 111 -80.29 -42.45 96.08
CA VAL E 111 -79.89 -41.15 95.55
C VAL E 111 -79.22 -41.31 94.19
N GLY E 112 -78.57 -42.45 93.96
CA GLY E 112 -77.79 -42.60 92.74
C GLY E 112 -78.55 -43.24 91.59
N ARG E 113 -79.60 -44.02 91.90
CA ARG E 113 -80.20 -44.85 90.87
C ARG E 113 -81.26 -44.13 90.04
N GLU E 114 -81.59 -42.87 90.35
CA GLU E 114 -82.43 -42.14 89.40
C GLU E 114 -81.60 -41.52 88.27
N ILE E 115 -80.28 -41.45 88.43
CA ILE E 115 -79.40 -41.06 87.35
C ILE E 115 -78.85 -42.27 86.59
N LEU E 116 -78.78 -43.44 87.23
CA LEU E 116 -78.26 -44.63 86.57
C LEU E 116 -79.06 -45.01 85.32
N GLY E 117 -80.35 -44.66 85.27
CA GLY E 117 -81.13 -44.97 84.08
C GLY E 117 -80.57 -44.30 82.84
N ASP E 118 -80.23 -43.01 82.97
CA ASP E 118 -79.65 -42.29 81.83
C ASP E 118 -78.30 -42.89 81.44
N VAL E 119 -77.50 -43.30 82.44
CA VAL E 119 -76.19 -43.89 82.13
C VAL E 119 -76.36 -45.20 81.38
N LEU E 120 -77.29 -46.05 81.83
CA LEU E 120 -77.55 -47.30 81.14
C LEU E 120 -78.08 -47.07 79.72
N ASP E 121 -78.96 -46.09 79.56
CA ASP E 121 -79.46 -45.78 78.22
C ASP E 121 -78.32 -45.32 77.31
N ARG E 122 -77.43 -44.46 77.83
CA ARG E 122 -76.31 -43.97 77.03
C ARG E 122 -75.37 -45.10 76.64
N ILE E 123 -75.05 -45.99 77.58
CA ILE E 123 -74.12 -47.07 77.26
C ILE E 123 -74.78 -48.07 76.32
N ARG E 124 -76.09 -48.29 76.43
CA ARG E 124 -76.78 -49.15 75.48
C ARG E 124 -76.75 -48.54 74.07
N LYS E 125 -76.96 -47.22 73.97
CA LYS E 125 -76.87 -46.56 72.67
C LYS E 125 -75.46 -46.66 72.10
N LEU E 126 -74.45 -46.50 72.95
CA LEU E 126 -73.07 -46.61 72.48
C LEU E 126 -72.75 -48.03 72.02
N ALA E 127 -73.26 -49.04 72.74
CA ALA E 127 -73.07 -50.43 72.31
C ALA E 127 -73.75 -50.69 70.98
N ASP E 128 -74.96 -50.14 70.79
CA ASP E 128 -75.63 -50.27 69.51
C ASP E 128 -74.88 -49.52 68.41
N GLN E 129 -74.14 -48.47 68.77
CA GLN E 129 -73.35 -47.73 67.80
C GLN E 129 -72.28 -48.61 67.17
N CYS E 130 -71.58 -49.39 67.99
CA CYS E 130 -70.49 -50.23 67.52
C CYS E 130 -70.99 -51.62 67.16
N ASP E 131 -70.13 -52.38 66.50
CA ASP E 131 -70.43 -53.74 66.07
C ASP E 131 -69.80 -54.72 67.07
N GLY E 132 -70.64 -55.32 67.91
CA GLY E 132 -70.18 -56.29 68.89
C GLY E 132 -69.70 -55.63 70.17
N LEU E 133 -69.44 -56.48 71.17
CA LEU E 133 -68.98 -56.04 72.47
C LEU E 133 -68.18 -57.15 73.11
N GLN E 134 -66.98 -56.82 73.60
CA GLN E 134 -66.07 -57.81 74.17
C GLN E 134 -66.00 -57.75 75.69
N GLY E 135 -65.69 -56.60 76.26
CA GLY E 135 -65.57 -56.49 77.71
C GLY E 135 -65.60 -55.04 78.13
N PHE E 136 -65.55 -54.83 79.44
CA PHE E 136 -65.61 -53.51 80.05
C PHE E 136 -64.37 -53.26 80.89
N LEU E 137 -63.92 -52.01 80.90
CA LEU E 137 -62.80 -51.56 81.71
C LEU E 137 -63.30 -50.61 82.78
N PHE E 138 -62.92 -50.85 84.02
CA PHE E 138 -63.35 -50.05 85.16
C PHE E 138 -62.13 -49.41 85.82
N THR E 139 -62.22 -48.11 86.10
CA THR E 139 -61.17 -47.38 86.79
C THR E 139 -61.83 -46.50 87.84
N HIS E 140 -61.81 -46.95 89.10
CA HIS E 140 -62.38 -46.20 90.20
C HIS E 140 -61.52 -46.39 91.44
N SER E 141 -61.64 -45.45 92.36
CA SER E 141 -60.88 -45.48 93.60
C SER E 141 -61.78 -45.95 94.74
N LEU E 142 -61.34 -47.00 95.43
CA LEU E 142 -62.08 -47.49 96.58
C LEU E 142 -61.98 -46.57 97.79
N GLY E 143 -61.05 -45.61 97.77
CA GLY E 143 -60.98 -44.62 98.83
C GLY E 143 -62.10 -43.60 98.71
N GLY E 144 -62.17 -42.93 97.56
CA GLY E 144 -63.27 -42.02 97.30
C GLY E 144 -64.58 -42.78 97.20
N GLY E 145 -65.59 -42.35 97.97
CA GLY E 145 -66.87 -43.05 97.97
C GLY E 145 -67.58 -43.02 96.64
N THR E 146 -67.35 -41.97 95.84
CA THR E 146 -67.95 -41.91 94.50
C THR E 146 -67.58 -43.14 93.69
N GLY E 147 -66.28 -43.42 93.61
CA GLY E 147 -65.82 -44.59 92.85
C GLY E 147 -66.46 -45.86 93.36
N SER E 148 -66.30 -46.15 94.65
CA SER E 148 -66.86 -47.37 95.23
C SER E 148 -68.34 -47.53 94.90
N GLY E 149 -69.15 -46.58 95.36
CA GLY E 149 -70.59 -46.67 95.20
C GLY E 149 -71.06 -46.73 93.76
N LEU E 150 -70.71 -45.72 92.97
CA LEU E 150 -71.20 -45.67 91.59
C LEU E 150 -70.66 -46.83 90.77
N GLY E 151 -69.38 -47.16 90.93
CA GLY E 151 -68.83 -48.29 90.20
C GLY E 151 -69.52 -49.59 90.54
N SER E 152 -69.80 -49.83 91.83
CA SER E 152 -70.50 -51.05 92.21
C SER E 152 -71.91 -51.08 91.62
N LEU E 153 -72.61 -49.95 91.65
CA LEU E 153 -73.95 -49.89 91.09
C LEU E 153 -73.93 -50.22 89.61
N LEU E 154 -73.01 -49.60 88.86
CA LEU E 154 -72.82 -49.97 87.47
C LEU E 154 -72.47 -51.44 87.31
N LEU E 155 -71.69 -52.00 88.24
CA LEU E 155 -71.32 -53.41 88.15
C LEU E 155 -72.57 -54.29 88.17
N GLU E 156 -73.46 -54.10 89.14
CA GLU E 156 -74.64 -54.98 89.15
C GLU E 156 -75.53 -54.68 87.95
N GLU E 157 -75.64 -53.41 87.54
CA GLU E 157 -76.52 -53.08 86.41
C GLU E 157 -76.05 -53.76 85.13
N LEU E 158 -74.76 -53.65 84.80
CA LEU E 158 -74.27 -54.21 83.56
C LEU E 158 -73.99 -55.71 83.66
N SER E 159 -73.92 -56.27 84.87
CA SER E 159 -73.94 -57.72 84.99
C SER E 159 -75.35 -58.25 84.75
N ALA E 160 -76.37 -57.46 85.10
CA ALA E 160 -77.74 -57.87 84.83
C ALA E 160 -78.10 -57.72 83.36
N GLU E 161 -77.63 -56.65 82.70
CA GLU E 161 -78.07 -56.40 81.33
C GLU E 161 -77.52 -57.42 80.35
N TYR E 162 -76.24 -57.80 80.48
CA TYR E 162 -75.64 -58.79 79.61
C TYR E 162 -75.31 -60.08 80.33
N GLY E 163 -74.50 -60.03 81.37
CA GLY E 163 -74.09 -61.23 82.07
C GLY E 163 -73.19 -62.17 81.30
N LYS E 164 -72.68 -61.75 80.15
CA LYS E 164 -71.84 -62.60 79.32
C LYS E 164 -70.53 -61.95 78.90
N LYS E 165 -70.29 -60.70 79.27
CA LYS E 165 -69.08 -59.98 78.87
C LYS E 165 -68.06 -59.98 80.01
N SER E 166 -66.78 -59.94 79.62
CA SER E 166 -65.71 -59.89 80.59
C SER E 166 -65.74 -58.57 81.37
N LYS E 167 -65.48 -58.65 82.66
CA LYS E 167 -65.55 -57.49 83.56
C LYS E 167 -64.17 -57.28 84.18
N LEU E 168 -63.45 -56.28 83.68
CA LEU E 168 -62.14 -55.92 84.21
C LEU E 168 -62.25 -54.65 85.03
N GLU E 169 -61.81 -54.71 86.29
CA GLU E 169 -61.93 -53.60 87.22
C GLU E 169 -60.56 -53.26 87.77
N PHE E 170 -60.07 -52.06 87.43
CA PHE E 170 -58.84 -51.52 88.00
C PHE E 170 -59.24 -50.61 89.16
N ALA E 171 -59.35 -51.19 90.36
CA ALA E 171 -59.80 -50.47 91.54
C ALA E 171 -58.60 -50.02 92.36
N VAL E 172 -58.59 -48.74 92.71
CA VAL E 172 -57.52 -48.19 93.55
C VAL E 172 -57.85 -48.47 95.00
N TYR E 173 -56.98 -49.23 95.68
CA TYR E 173 -57.26 -49.58 97.05
C TYR E 173 -56.65 -48.57 98.01
N PRO E 174 -57.30 -48.33 99.15
CA PRO E 174 -56.71 -47.45 100.16
C PRO E 174 -55.40 -48.00 100.69
N ALA E 175 -54.50 -47.11 101.07
CA ALA E 175 -53.20 -47.52 101.58
C ALA E 175 -53.39 -48.27 102.89
N PRO E 176 -52.80 -49.47 103.02
CA PRO E 176 -52.96 -50.24 104.26
C PRO E 176 -52.24 -49.66 105.46
N GLN E 177 -51.25 -48.79 105.25
CA GLN E 177 -50.55 -48.16 106.38
C GLN E 177 -51.45 -47.14 107.06
N VAL E 178 -51.87 -46.10 106.33
CA VAL E 178 -52.83 -45.13 106.81
C VAL E 178 -53.86 -44.88 105.72
N SER E 179 -55.03 -44.41 106.15
CA SER E 179 -56.12 -44.08 105.25
C SER E 179 -56.31 -42.58 105.20
N THR E 180 -56.49 -42.04 103.99
CA THR E 180 -56.70 -40.61 103.85
C THR E 180 -58.00 -40.16 104.50
N SER E 181 -59.04 -40.98 104.46
CA SER E 181 -60.27 -40.72 105.18
C SER E 181 -60.73 -42.01 105.86
N VAL E 182 -61.48 -41.84 106.95
CA VAL E 182 -61.84 -42.97 107.80
C VAL E 182 -62.84 -43.89 107.13
N VAL E 183 -63.73 -43.36 106.28
CA VAL E 183 -64.81 -44.15 105.72
C VAL E 183 -64.38 -44.98 104.51
N GLU E 184 -63.13 -44.87 104.08
CA GLU E 184 -62.66 -45.64 102.93
C GLU E 184 -62.77 -47.15 103.12
N PRO E 185 -62.41 -47.74 104.28
CA PRO E 185 -62.63 -49.18 104.45
C PRO E 185 -64.08 -49.61 104.26
N TYR E 186 -65.04 -48.82 104.74
CA TYR E 186 -66.44 -49.13 104.45
C TYR E 186 -66.70 -49.08 102.95
N ASN E 187 -66.27 -48.00 102.29
CA ASN E 187 -66.50 -47.88 100.85
C ASN E 187 -65.93 -49.07 100.09
N THR E 188 -64.85 -49.67 100.60
CA THR E 188 -64.27 -50.83 99.94
C THR E 188 -65.04 -52.11 100.27
N VAL E 189 -65.24 -52.41 101.55
CA VAL E 189 -65.73 -53.72 101.93
C VAL E 189 -67.24 -53.86 101.73
N LEU E 190 -68.01 -52.78 101.93
CA LEU E 190 -69.44 -52.87 101.67
C LEU E 190 -69.74 -53.10 100.20
N THR E 191 -68.76 -52.92 99.32
CA THR E 191 -68.88 -53.28 97.91
C THR E 191 -68.06 -54.50 97.52
N THR E 192 -67.20 -55.00 98.41
CA THR E 192 -66.48 -56.24 98.12
C THR E 192 -67.43 -57.39 97.85
N HIS E 193 -68.57 -57.44 98.54
CA HIS E 193 -69.54 -58.51 98.29
C HIS E 193 -70.11 -58.40 96.88
N THR E 194 -70.48 -57.19 96.45
CA THR E 194 -70.97 -57.00 95.10
C THR E 194 -69.89 -57.32 94.07
N THR E 195 -68.63 -56.99 94.38
CA THR E 195 -67.54 -57.35 93.49
C THR E 195 -67.38 -58.87 93.38
N LEU E 196 -67.49 -59.57 94.51
CA LEU E 196 -67.40 -61.02 94.49
C LEU E 196 -68.52 -61.64 93.66
N GLU E 197 -69.73 -61.11 93.79
CA GLU E 197 -70.87 -61.69 93.09
C GLU E 197 -71.04 -61.17 91.66
N HIS E 198 -70.32 -60.12 91.26
CA HIS E 198 -70.58 -59.49 89.97
C HIS E 198 -69.31 -59.05 89.25
N ALA E 199 -68.21 -59.78 89.42
CA ALA E 199 -66.98 -59.47 88.71
C ALA E 199 -66.34 -60.73 88.15
N ASP E 200 -65.57 -60.56 87.09
CA ASP E 200 -64.87 -61.66 86.43
C ASP E 200 -63.36 -61.60 86.62
N CYS E 201 -62.78 -60.40 86.65
CA CYS E 201 -61.35 -60.25 86.84
C CYS E 201 -61.08 -58.87 87.43
N THR E 202 -60.52 -58.83 88.63
CA THR E 202 -60.25 -57.59 89.34
C THR E 202 -58.75 -57.43 89.56
N PHE E 203 -58.24 -56.23 89.33
CA PHE E 203 -56.83 -55.92 89.49
C PHE E 203 -56.65 -54.99 90.69
N MET E 204 -55.74 -55.34 91.58
CA MET E 204 -55.49 -54.59 92.80
C MET E 204 -54.25 -53.73 92.62
N VAL E 205 -54.39 -52.43 92.88
CA VAL E 205 -53.29 -51.47 92.81
C VAL E 205 -53.25 -50.69 94.12
N ASP E 206 -52.05 -50.47 94.65
CA ASP E 206 -51.85 -49.73 95.88
C ASP E 206 -51.00 -48.51 95.60
N ASN E 207 -51.45 -47.35 96.08
CA ASN E 207 -50.70 -46.11 95.89
C ASN E 207 -49.40 -46.11 96.69
N GLU E 208 -49.39 -46.78 97.85
CA GLU E 208 -48.19 -46.79 98.70
C GLU E 208 -47.02 -47.45 97.99
N ALA E 209 -47.26 -48.58 97.31
CA ALA E 209 -46.19 -49.26 96.61
C ALA E 209 -45.68 -48.44 95.43
N ILE E 210 -46.59 -47.76 94.71
CA ILE E 210 -46.16 -46.89 93.62
C ILE E 210 -45.29 -45.77 94.14
N TYR E 211 -45.69 -45.15 95.27
CA TYR E 211 -44.86 -44.12 95.87
C TYR E 211 -43.52 -44.68 96.32
N ASP E 212 -43.51 -45.90 96.85
CA ASP E 212 -42.27 -46.52 97.30
C ASP E 212 -41.31 -46.72 96.13
N MET E 213 -41.82 -47.21 95.00
CA MET E 213 -40.95 -47.42 93.85
C MET E 213 -40.55 -46.10 93.20
N CYS E 214 -41.40 -45.08 93.27
CA CYS E 214 -41.01 -43.75 92.80
C CYS E 214 -39.87 -43.18 93.63
N LYS E 215 -39.94 -43.36 94.96
CA LYS E 215 -38.87 -42.89 95.83
C LYS E 215 -37.60 -43.70 95.62
N ARG E 216 -37.71 -45.01 95.43
CA ARG E 216 -36.55 -45.89 95.34
C ARG E 216 -36.06 -46.06 93.91
N ASN E 217 -36.92 -46.60 93.04
CA ASN E 217 -36.49 -46.90 91.67
C ASN E 217 -36.37 -45.62 90.84
N LEU E 218 -37.34 -44.72 90.96
CA LEU E 218 -37.32 -43.49 90.18
C LEU E 218 -36.44 -42.41 90.79
N ASP E 219 -36.03 -42.57 92.05
CA ASP E 219 -35.21 -41.57 92.76
C ASP E 219 -35.89 -40.20 92.75
N ILE E 220 -37.21 -40.19 92.87
CA ILE E 220 -38.00 -38.97 92.89
C ILE E 220 -38.24 -38.60 94.35
N PRO E 221 -37.77 -37.44 94.83
CA PRO E 221 -38.01 -37.08 96.23
C PRO E 221 -39.46 -36.75 96.53
N ARG E 222 -40.19 -36.17 95.58
CA ARG E 222 -41.59 -35.81 95.75
C ARG E 222 -42.41 -36.41 94.62
N PRO E 223 -42.77 -37.69 94.72
CA PRO E 223 -43.67 -38.28 93.72
C PRO E 223 -45.01 -37.55 93.67
N SER E 224 -45.62 -37.56 92.49
CA SER E 224 -46.90 -36.91 92.27
C SER E 224 -47.91 -37.95 91.82
N PHE E 225 -49.20 -37.61 92.00
CA PHE E 225 -50.26 -38.49 91.57
C PHE E 225 -50.24 -38.71 90.06
N ALA E 226 -49.74 -37.72 89.31
CA ALA E 226 -49.62 -37.87 87.86
C ALA E 226 -48.64 -38.99 87.50
N ASN E 227 -47.55 -39.10 88.24
CA ASN E 227 -46.60 -40.18 87.99
C ASN E 227 -47.24 -41.55 88.24
N LEU E 228 -48.01 -41.67 89.32
CA LEU E 228 -48.75 -42.91 89.58
C LEU E 228 -49.72 -43.21 88.45
N ASN E 229 -50.45 -42.20 87.99
CA ASN E 229 -51.39 -42.40 86.90
C ASN E 229 -50.68 -42.88 85.63
N ASN E 230 -49.53 -42.27 85.31
CA ASN E 230 -48.79 -42.68 84.13
C ASN E 230 -48.26 -44.11 84.25
N LEU E 231 -47.73 -44.47 85.43
CA LEU E 231 -47.21 -45.82 85.62
C LEU E 231 -48.31 -46.86 85.46
N ILE E 232 -49.42 -46.68 86.16
CA ILE E 232 -50.51 -47.62 86.00
C ILE E 232 -51.13 -47.52 84.61
N ALA E 233 -50.92 -46.41 83.91
CA ALA E 233 -51.36 -46.31 82.52
C ALA E 233 -50.56 -47.24 81.62
N GLN E 234 -49.23 -47.27 81.77
CA GLN E 234 -48.46 -48.27 81.04
C GLN E 234 -48.86 -49.68 81.45
N VAL E 235 -49.08 -49.89 82.75
CA VAL E 235 -49.49 -51.21 83.23
C VAL E 235 -50.77 -51.65 82.55
N VAL E 236 -51.75 -50.76 82.43
CA VAL E 236 -53.01 -51.09 81.77
C VAL E 236 -52.79 -51.29 80.27
N SER E 237 -52.00 -50.41 79.64
CA SER E 237 -51.84 -50.43 78.20
C SER E 237 -50.92 -51.54 77.71
N SER E 238 -50.33 -52.32 78.61
CA SER E 238 -49.51 -53.48 78.23
C SER E 238 -50.23 -54.80 78.49
N VAL E 239 -51.55 -54.90 78.25
CA VAL E 239 -52.33 -56.03 78.72
C VAL E 239 -52.96 -56.84 77.58
N THR E 240 -53.76 -56.20 76.68
CA THR E 240 -53.81 -54.83 76.11
C THR E 240 -52.47 -54.48 75.46
N ALA E 241 -51.63 -55.50 75.24
CA ALA E 241 -50.41 -55.35 74.49
C ALA E 241 -50.50 -55.95 73.08
N SER E 242 -51.05 -57.16 72.97
CA SER E 242 -51.21 -57.81 71.68
C SER E 242 -52.57 -57.55 71.04
N LEU E 243 -53.49 -56.90 71.74
CA LEU E 243 -54.81 -56.61 71.18
C LEU E 243 -54.79 -55.49 70.16
N ARG E 244 -53.75 -54.65 70.18
CA ARG E 244 -53.63 -53.54 69.24
C ARG E 244 -52.40 -53.63 68.34
N PHE E 245 -51.47 -54.53 68.62
CA PHE E 245 -50.26 -54.68 67.83
C PHE E 245 -50.03 -56.15 67.50
N ASP E 246 -49.32 -56.39 66.41
CA ASP E 246 -49.05 -57.76 65.97
C ASP E 246 -48.09 -58.45 66.92
N GLY E 247 -48.25 -59.76 67.04
CA GLY E 247 -47.37 -60.56 67.89
C GLY E 247 -47.32 -61.98 67.39
N SER E 248 -46.22 -62.67 67.71
CA SER E 248 -46.07 -64.06 67.30
C SER E 248 -47.13 -64.95 67.95
N LEU E 249 -47.40 -64.74 69.24
CA LEU E 249 -48.42 -65.49 69.98
C LEU E 249 -49.26 -64.47 70.74
N ASN E 250 -50.36 -64.04 70.12
CA ASN E 250 -51.24 -63.08 70.76
C ASN E 250 -52.01 -63.74 71.91
N VAL E 251 -52.35 -62.93 72.92
CA VAL E 251 -53.09 -63.39 74.08
C VAL E 251 -54.49 -62.79 74.03
N ASP E 252 -55.50 -63.63 74.25
CA ASP E 252 -56.89 -63.22 74.20
C ASP E 252 -57.40 -62.91 75.59
N LEU E 253 -58.40 -62.03 75.66
CA LEU E 253 -58.96 -61.65 76.95
C LEU E 253 -59.64 -62.82 77.63
N ASN E 254 -60.35 -63.65 76.85
CA ASN E 254 -60.99 -64.83 77.42
C ASN E 254 -59.98 -65.82 77.96
N GLU E 255 -58.79 -65.88 77.34
CA GLU E 255 -57.75 -66.81 77.80
C GLU E 255 -57.40 -66.59 79.26
N PHE E 256 -57.46 -65.34 79.72
CA PHE E 256 -57.14 -65.04 81.12
C PHE E 256 -58.07 -65.79 82.07
N GLN E 257 -59.37 -65.75 81.81
CA GLN E 257 -60.31 -66.46 82.68
C GLN E 257 -60.40 -67.94 82.37
N THR E 258 -59.91 -68.38 81.20
CA THR E 258 -59.86 -69.82 80.95
C THR E 258 -58.73 -70.48 81.72
N ASN E 259 -57.56 -69.84 81.77
CA ASN E 259 -56.40 -70.46 82.41
C ASN E 259 -56.22 -70.04 83.86
N LEU E 260 -56.29 -68.74 84.15
CA LEU E 260 -56.05 -68.28 85.51
C LEU E 260 -57.19 -68.67 86.46
N VAL E 261 -58.42 -68.74 85.94
CA VAL E 261 -59.58 -69.00 86.78
C VAL E 261 -60.27 -70.29 86.33
N PRO E 262 -59.92 -71.44 86.90
CA PRO E 262 -60.57 -72.70 86.52
C PRO E 262 -61.78 -73.06 87.36
N TYR E 263 -62.26 -72.19 88.23
CA TYR E 263 -63.35 -72.45 89.15
C TYR E 263 -64.34 -71.29 89.12
N PRO E 264 -65.51 -71.47 89.74
CA PRO E 264 -66.39 -70.32 90.02
C PRO E 264 -65.89 -69.50 91.20
N ARG E 265 -64.60 -69.69 91.52
CA ARG E 265 -63.93 -69.18 92.71
C ARG E 265 -62.87 -68.15 92.31
N ILE E 266 -62.00 -67.82 93.26
CA ILE E 266 -61.18 -66.60 93.28
C ILE E 266 -60.62 -66.24 91.91
N HIS E 267 -60.84 -64.99 91.51
CA HIS E 267 -60.49 -64.48 90.19
C HIS E 267 -59.88 -63.09 90.30
N PHE E 268 -58.94 -62.90 91.24
CA PHE E 268 -58.37 -61.59 91.53
C PHE E 268 -56.86 -61.66 91.39
N PRO E 269 -56.35 -61.60 90.16
CA PRO E 269 -54.90 -61.72 89.94
C PRO E 269 -54.16 -60.43 90.22
N LEU E 270 -52.94 -60.57 90.72
CA LEU E 270 -52.02 -59.45 90.86
C LEU E 270 -51.39 -59.08 89.53
N VAL E 271 -50.79 -57.90 89.51
CA VAL E 271 -50.10 -57.38 88.33
C VAL E 271 -48.76 -56.81 88.77
N SER E 272 -47.80 -56.80 87.85
CA SER E 272 -46.50 -56.21 88.11
C SER E 272 -45.88 -55.80 86.78
N TYR E 273 -45.15 -54.69 86.79
CA TYR E 273 -44.49 -54.18 85.60
C TYR E 273 -43.02 -53.93 85.90
N SER E 274 -42.17 -54.29 84.93
CA SER E 274 -40.73 -54.14 85.05
C SER E 274 -40.12 -54.26 83.66
N PRO E 275 -38.91 -53.72 83.44
CA PRO E 275 -38.04 -52.99 84.39
C PRO E 275 -38.55 -51.60 84.71
N VAL E 276 -38.16 -51.09 85.88
CA VAL E 276 -38.53 -49.77 86.34
C VAL E 276 -37.24 -49.02 86.64
N LEU E 277 -36.88 -48.09 85.76
CA LEU E 277 -35.64 -47.34 85.89
C LEU E 277 -35.85 -45.92 85.39
N SER E 278 -34.96 -45.03 85.80
CA SER E 278 -35.02 -43.63 85.42
C SER E 278 -34.23 -43.39 84.13
N LYS E 279 -34.24 -42.15 83.66
CA LYS E 279 -33.50 -41.77 82.46
C LYS E 279 -32.00 -41.70 82.70
N SER E 280 -31.56 -41.60 83.95
CA SER E 280 -30.14 -41.55 84.26
C SER E 280 -29.53 -42.92 84.54
N LYS E 281 -30.35 -43.93 84.80
CA LYS E 281 -29.87 -45.29 85.04
C LYS E 281 -29.93 -46.16 83.80
N ALA E 282 -30.30 -45.58 82.65
CA ALA E 282 -30.35 -46.32 81.39
C ALA E 282 -28.99 -46.50 80.75
N PHE E 283 -27.94 -45.87 81.30
CA PHE E 283 -26.59 -45.99 80.78
C PHE E 283 -25.77 -47.05 81.50
N HIS E 284 -26.41 -47.84 82.37
CA HIS E 284 -25.68 -48.87 83.10
C HIS E 284 -26.39 -50.22 83.14
N GLU E 285 -27.64 -50.34 82.70
CA GLU E 285 -28.40 -51.57 82.80
C GLU E 285 -28.86 -52.02 81.42
N SER E 286 -28.50 -53.26 81.07
CA SER E 286 -28.97 -53.92 79.86
C SER E 286 -29.32 -55.37 80.17
N ASN E 287 -30.04 -55.57 81.27
CA ASN E 287 -30.29 -56.91 81.80
C ASN E 287 -31.21 -57.72 80.88
N SER E 288 -31.21 -59.03 81.11
CA SER E 288 -32.08 -59.95 80.38
C SER E 288 -33.40 -60.11 81.11
N VAL E 289 -34.25 -61.00 80.60
CA VAL E 289 -35.59 -61.17 81.15
C VAL E 289 -35.58 -61.83 82.52
N SER E 290 -34.52 -62.54 82.87
CA SER E 290 -34.47 -63.22 84.17
C SER E 290 -34.50 -62.21 85.31
N GLU E 291 -33.67 -61.16 85.23
CA GLU E 291 -33.65 -60.15 86.28
C GLU E 291 -34.93 -59.33 86.28
N ILE E 292 -35.55 -59.14 85.12
CA ILE E 292 -36.84 -58.45 85.08
C ILE E 292 -37.90 -59.26 85.80
N THR E 293 -37.91 -60.58 85.58
CA THR E 293 -38.83 -61.45 86.32
C THR E 293 -38.54 -61.41 87.82
N ASN E 294 -37.26 -61.40 88.18
CA ASN E 294 -36.89 -61.30 89.60
C ASN E 294 -37.41 -60.00 90.20
N ALA E 295 -37.31 -58.90 89.46
CA ALA E 295 -37.86 -57.63 89.92
C ALA E 295 -39.38 -57.70 90.05
N CYS E 296 -40.03 -58.42 89.13
CA CYS E 296 -41.47 -58.62 89.26
C CYS E 296 -41.82 -59.38 90.53
N PHE E 297 -41.03 -60.39 90.89
CA PHE E 297 -41.25 -61.14 92.11
C PHE E 297 -40.96 -60.35 93.37
N GLU E 298 -40.30 -59.19 93.26
CA GLU E 298 -40.01 -58.38 94.43
C GLU E 298 -41.31 -57.82 95.01
N PRO E 299 -41.44 -57.81 96.35
CA PRO E 299 -42.67 -57.25 96.95
C PRO E 299 -42.90 -55.79 96.60
N GLY E 300 -41.84 -55.00 96.39
CA GLY E 300 -42.02 -53.59 96.12
C GLY E 300 -42.63 -53.29 94.77
N ASN E 301 -42.49 -54.21 93.81
CA ASN E 301 -43.00 -54.01 92.46
C ASN E 301 -44.31 -54.73 92.22
N GLN E 302 -44.92 -55.30 93.25
CA GLN E 302 -46.16 -56.04 93.12
C GLN E 302 -47.40 -55.17 93.33
N MET E 303 -47.22 -53.89 93.64
CA MET E 303 -48.32 -52.97 93.96
C MET E 303 -49.20 -53.51 95.09
N VAL E 304 -48.59 -54.17 96.08
CA VAL E 304 -49.27 -54.62 97.28
C VAL E 304 -48.25 -54.64 98.42
N LYS E 305 -48.68 -54.17 99.59
CA LYS E 305 -47.81 -54.10 100.76
C LYS E 305 -47.84 -55.45 101.50
N CYS E 306 -47.23 -56.43 100.84
CA CYS E 306 -47.17 -57.79 101.35
C CYS E 306 -46.01 -58.50 100.68
N ASP E 307 -45.78 -59.76 101.08
CA ASP E 307 -44.72 -60.56 100.48
C ASP E 307 -45.33 -61.56 99.53
N PRO E 308 -45.19 -61.41 98.21
CA PRO E 308 -45.73 -62.41 97.29
C PRO E 308 -44.98 -63.72 97.31
N ARG E 309 -43.74 -63.74 97.79
CA ARG E 309 -42.96 -64.97 97.84
C ARG E 309 -43.34 -65.85 99.03
N ASP E 310 -44.07 -65.31 100.00
CA ASP E 310 -44.52 -66.09 101.15
C ASP E 310 -45.83 -66.83 100.88
N GLY E 311 -46.49 -66.56 99.77
CA GLY E 311 -47.73 -67.22 99.42
C GLY E 311 -47.50 -68.55 98.74
N LYS E 312 -48.57 -69.07 98.16
CA LYS E 312 -48.55 -70.35 97.46
C LYS E 312 -48.83 -70.12 95.97
N TYR E 313 -48.23 -70.96 95.13
CA TYR E 313 -48.25 -70.74 93.69
C TYR E 313 -49.67 -70.88 93.13
N MET E 314 -49.95 -70.05 92.12
CA MET E 314 -51.20 -70.12 91.37
C MET E 314 -50.86 -69.83 89.92
N ALA E 315 -51.77 -70.23 89.02
CA ALA E 315 -51.54 -70.03 87.59
C ALA E 315 -51.27 -68.56 87.29
N THR E 316 -50.26 -68.32 86.46
CA THR E 316 -49.79 -66.98 86.17
C THR E 316 -49.58 -66.79 84.67
N CYS E 317 -49.60 -65.53 84.25
CA CYS E 317 -49.38 -65.15 82.86
C CYS E 317 -48.19 -64.22 82.76
N LEU E 318 -47.37 -64.43 81.75
CA LEU E 318 -46.19 -63.60 81.49
C LEU E 318 -46.33 -62.98 80.11
N LEU E 319 -46.33 -61.66 80.03
CA LEU E 319 -46.47 -60.93 78.79
C LEU E 319 -45.18 -60.18 78.48
N TYR E 320 -44.69 -60.34 77.26
CA TYR E 320 -43.38 -59.84 76.85
C TYR E 320 -43.53 -58.93 75.64
N ARG E 321 -42.81 -57.81 75.65
CA ARG E 321 -42.85 -56.83 74.58
C ARG E 321 -41.44 -56.49 74.13
N GLY E 322 -41.30 -56.22 72.83
CA GLY E 322 -40.01 -55.88 72.27
C GLY E 322 -39.24 -57.09 71.76
N ASP E 323 -37.91 -57.05 71.91
CA ASP E 323 -37.06 -58.14 71.44
C ASP E 323 -36.89 -59.16 72.55
N VAL E 324 -37.54 -60.32 72.39
CA VAL E 324 -37.47 -61.39 73.37
C VAL E 324 -37.20 -62.70 72.64
N VAL E 325 -36.66 -63.66 73.38
CA VAL E 325 -36.31 -64.98 72.85
C VAL E 325 -37.00 -66.03 73.71
N THR E 326 -37.70 -66.97 73.06
CA THR E 326 -38.46 -67.97 73.80
C THR E 326 -37.54 -68.90 74.59
N ARG E 327 -36.39 -69.26 74.04
CA ARG E 327 -35.45 -70.09 74.77
C ARG E 327 -34.95 -69.38 76.03
N ASP E 328 -34.71 -68.07 75.93
CA ASP E 328 -34.25 -67.31 77.08
C ASP E 328 -35.30 -67.29 78.18
N VAL E 329 -36.57 -67.06 77.82
CA VAL E 329 -37.61 -66.97 78.83
C VAL E 329 -37.93 -68.36 79.41
N GLN E 330 -37.81 -69.41 78.61
CA GLN E 330 -37.97 -70.76 79.15
C GLN E 330 -36.87 -71.07 80.15
N ARG E 331 -35.63 -70.69 79.82
CA ARG E 331 -34.53 -70.87 80.75
C ARG E 331 -34.75 -70.08 82.03
N ALA E 332 -35.24 -68.84 81.90
CA ALA E 332 -35.48 -68.00 83.08
C ALA E 332 -36.55 -68.60 83.98
N VAL E 333 -37.68 -69.03 83.40
CA VAL E 333 -38.74 -69.59 84.23
C VAL E 333 -38.32 -70.92 84.83
N GLU E 334 -37.52 -71.72 84.11
CA GLU E 334 -37.01 -72.95 84.69
C GLU E 334 -36.07 -72.66 85.87
N GLN E 335 -35.24 -71.62 85.75
CA GLN E 335 -34.40 -71.22 86.88
C GLN E 335 -35.25 -70.77 88.06
N VAL E 336 -36.31 -70.00 87.80
CA VAL E 336 -37.20 -69.57 88.88
C VAL E 336 -37.81 -70.76 89.58
N LYS E 337 -38.26 -71.76 88.82
CA LYS E 337 -38.77 -72.98 89.42
C LYS E 337 -37.69 -73.70 90.21
N ASN E 338 -36.44 -73.66 89.75
CA ASN E 338 -35.35 -74.33 90.45
C ASN E 338 -35.02 -73.63 91.77
N LYS E 339 -35.26 -72.32 91.86
CA LYS E 339 -34.95 -71.59 93.09
C LYS E 339 -35.92 -71.89 94.24
N LYS E 340 -36.88 -72.80 94.05
CA LYS E 340 -37.86 -73.17 95.07
C LYS E 340 -38.65 -71.96 95.55
N THR E 341 -39.40 -71.39 94.60
CA THR E 341 -40.28 -70.26 94.86
C THR E 341 -41.57 -70.77 95.51
N VAL E 342 -42.60 -69.92 95.50
CA VAL E 342 -43.91 -70.22 96.09
C VAL E 342 -44.36 -71.64 95.75
N GLN E 343 -44.93 -72.33 96.74
CA GLN E 343 -45.20 -73.76 96.64
C GLN E 343 -46.16 -74.06 95.49
N LEU E 344 -45.68 -74.83 94.51
CA LEU E 344 -46.50 -75.17 93.36
C LEU E 344 -47.65 -76.08 93.77
N VAL E 345 -48.81 -75.83 93.18
CA VAL E 345 -50.00 -76.63 93.44
C VAL E 345 -49.98 -77.85 92.53
N ASP E 346 -50.75 -78.88 92.91
CA ASP E 346 -50.83 -80.11 92.14
C ASP E 346 -51.97 -80.13 91.14
N TRP E 347 -52.72 -79.03 91.02
CA TRP E 347 -53.87 -79.00 90.12
C TRP E 347 -53.52 -78.51 88.72
N CYS E 348 -52.55 -77.62 88.58
CA CYS E 348 -52.20 -77.11 87.26
C CYS E 348 -51.39 -78.14 86.48
N PRO E 349 -50.27 -78.69 87.02
CA PRO E 349 -49.55 -78.44 88.26
C PRO E 349 -48.54 -77.31 88.14
N THR E 350 -48.02 -77.10 86.93
CA THR E 350 -47.11 -76.00 86.63
C THR E 350 -47.54 -75.37 85.32
N GLY E 351 -48.16 -74.20 85.39
CA GLY E 351 -48.58 -73.51 84.18
C GLY E 351 -48.06 -72.09 84.09
N PHE E 352 -47.19 -71.85 83.10
CA PHE E 352 -46.60 -70.53 82.86
C PHE E 352 -47.08 -70.06 81.49
N LYS E 353 -48.10 -69.19 81.48
CA LYS E 353 -48.58 -68.63 80.22
C LYS E 353 -47.61 -67.57 79.73
N ILE E 354 -47.10 -67.74 78.51
CA ILE E 354 -46.08 -66.86 77.94
C ILE E 354 -46.71 -66.09 76.79
N GLY E 355 -46.62 -64.77 76.84
CA GLY E 355 -47.10 -63.92 75.78
C GLY E 355 -45.98 -63.12 75.13
N ILE E 356 -45.92 -63.15 73.80
CA ILE E 356 -44.88 -62.47 73.05
C ILE E 356 -45.51 -61.39 72.19
N CYS E 357 -44.99 -60.17 72.28
CA CYS E 357 -45.49 -59.04 71.50
C CYS E 357 -44.35 -58.39 70.74
N TYR E 358 -44.61 -58.02 69.49
CA TYR E 358 -43.58 -57.45 68.65
C TYR E 358 -43.27 -56.00 68.98
N GLU E 359 -44.28 -55.23 69.39
CA GLU E 359 -44.09 -53.80 69.58
C GLU E 359 -43.13 -53.55 70.75
N PRO E 360 -42.24 -52.55 70.64
CA PRO E 360 -41.35 -52.24 71.74
C PRO E 360 -42.11 -51.64 72.91
N PRO E 361 -41.61 -51.79 74.13
CA PRO E 361 -42.24 -51.12 75.27
C PRO E 361 -42.18 -49.61 75.12
N THR E 362 -43.22 -48.93 75.63
CA THR E 362 -43.35 -47.50 75.51
C THR E 362 -43.43 -46.87 76.89
N ALA E 363 -42.99 -45.61 76.99
CA ALA E 363 -42.96 -44.87 78.24
C ALA E 363 -43.50 -43.48 78.02
N THR E 364 -43.97 -42.87 79.12
CA THR E 364 -44.59 -41.55 79.05
C THR E 364 -43.53 -40.47 79.19
N PRO E 365 -43.52 -39.47 78.31
CA PRO E 365 -42.60 -38.32 78.50
C PRO E 365 -42.87 -37.56 79.78
N ASN E 366 -44.11 -37.55 80.27
CA ASN E 366 -44.41 -36.91 81.55
C ASN E 366 -43.87 -37.68 82.73
N SER E 367 -43.56 -38.95 82.56
CA SER E 367 -42.99 -39.78 83.62
C SER E 367 -41.49 -39.95 83.37
N GLN E 368 -40.78 -40.35 84.43
CA GLN E 368 -39.34 -40.52 84.39
C GLN E 368 -38.92 -41.95 84.10
N LEU E 369 -39.74 -42.70 83.38
CA LEU E 369 -39.43 -44.08 83.01
C LEU E 369 -38.70 -44.10 81.68
N ALA E 370 -37.48 -44.65 81.68
CA ALA E 370 -36.69 -44.71 80.46
C ALA E 370 -37.24 -45.77 79.51
N THR E 371 -37.19 -45.49 78.21
CA THR E 371 -37.62 -46.44 77.22
C THR E 371 -36.68 -47.64 77.20
N VAL E 372 -37.25 -48.85 77.20
CA VAL E 372 -36.48 -50.08 77.25
C VAL E 372 -36.87 -50.96 76.09
N ASP E 373 -35.92 -51.78 75.63
CA ASP E 373 -36.15 -52.67 74.50
C ASP E 373 -36.96 -53.90 74.86
N ARG E 374 -37.13 -54.21 76.15
CA ARG E 374 -37.90 -55.37 76.57
C ARG E 374 -38.48 -55.09 77.95
N ALA E 375 -39.75 -55.46 78.15
CA ALA E 375 -40.45 -55.27 79.40
C ALA E 375 -41.30 -56.48 79.71
N VAL E 376 -41.60 -56.67 80.99
CA VAL E 376 -42.41 -57.79 81.47
C VAL E 376 -43.60 -57.25 82.26
N CYS E 377 -44.79 -57.71 81.89
CA CYS E 377 -46.00 -57.54 82.70
C CYS E 377 -46.42 -58.93 83.18
N MET E 378 -46.46 -59.12 84.49
CA MET E 378 -46.74 -60.42 85.09
C MET E 378 -48.07 -60.37 85.82
N LEU E 379 -48.95 -61.32 85.51
CA LEU E 379 -50.25 -61.45 86.14
C LEU E 379 -50.32 -62.79 86.87
N SER E 380 -50.67 -62.75 88.16
CA SER E 380 -50.73 -63.95 88.97
C SER E 380 -51.79 -63.78 90.05
N ASN E 381 -52.58 -64.83 90.26
CA ASN E 381 -53.62 -64.82 91.29
C ASN E 381 -53.07 -65.44 92.57
N THR E 382 -51.99 -64.84 93.06
CA THR E 382 -51.33 -65.32 94.27
C THR E 382 -52.18 -64.99 95.50
N THR E 383 -52.13 -65.89 96.48
CA THR E 383 -52.89 -65.75 97.72
C THR E 383 -52.18 -64.91 98.77
N SER E 384 -51.25 -64.05 98.37
CA SER E 384 -50.45 -63.28 99.31
C SER E 384 -51.13 -62.01 99.80
N ILE E 385 -52.27 -61.62 99.22
CA ILE E 385 -52.99 -60.46 99.72
C ILE E 385 -53.93 -60.85 100.85
N ALA E 386 -53.95 -62.14 101.21
CA ALA E 386 -54.85 -62.60 102.26
C ALA E 386 -54.56 -61.89 103.58
N GLU E 387 -53.28 -61.74 103.92
CA GLU E 387 -52.96 -60.97 105.13
C GLU E 387 -53.29 -59.49 104.97
N ALA E 388 -53.32 -58.97 103.74
CA ALA E 388 -53.75 -57.60 103.55
C ALA E 388 -55.23 -57.43 103.90
N TRP E 389 -56.10 -58.29 103.35
CA TRP E 389 -57.49 -58.24 103.80
C TRP E 389 -57.62 -58.57 105.27
N LYS E 390 -56.72 -59.38 105.82
CA LYS E 390 -56.77 -59.67 107.26
C LYS E 390 -56.48 -58.43 108.08
N ARG E 391 -55.50 -57.62 107.67
CA ARG E 391 -55.22 -56.38 108.36
C ARG E 391 -56.38 -55.41 108.23
N ILE E 392 -56.96 -55.30 107.03
CA ILE E 392 -58.13 -54.45 106.84
C ILE E 392 -59.27 -54.91 107.73
N ASP E 393 -59.43 -56.22 107.88
CA ASP E 393 -60.52 -56.77 108.68
C ASP E 393 -60.26 -56.58 110.17
N ARG E 394 -59.00 -56.59 110.60
CA ARG E 394 -58.69 -56.26 111.98
C ARG E 394 -59.02 -54.80 112.27
N LYS E 395 -58.67 -53.92 111.34
CA LYS E 395 -59.12 -52.53 111.44
C LYS E 395 -60.65 -52.47 111.54
N PHE E 396 -61.34 -53.27 110.73
CA PHE E 396 -62.79 -53.33 110.75
C PHE E 396 -63.32 -53.76 112.11
N ASP E 397 -62.73 -54.79 112.71
CA ASP E 397 -63.18 -55.26 114.01
C ASP E 397 -62.99 -54.19 115.07
N LEU E 398 -61.83 -53.53 115.06
CA LEU E 398 -61.54 -52.54 116.10
C LEU E 398 -62.41 -51.31 115.95
N MET E 399 -62.73 -50.90 114.72
CA MET E 399 -63.59 -49.73 114.58
C MET E 399 -65.07 -50.09 114.46
N TYR E 400 -65.39 -51.39 114.47
CA TYR E 400 -66.75 -51.88 114.55
C TYR E 400 -67.17 -52.23 115.97
N ALA E 401 -66.20 -52.34 116.89
CA ALA E 401 -66.55 -52.52 118.30
C ALA E 401 -67.50 -51.42 118.77
N LYS E 402 -67.22 -50.16 118.43
CA LYS E 402 -68.12 -49.05 118.67
C LYS E 402 -69.03 -48.77 117.47
N ARG E 403 -68.64 -49.27 116.30
CA ARG E 403 -69.32 -49.19 115.00
C ARG E 403 -69.24 -47.81 114.38
N ALA E 404 -69.03 -46.78 115.19
CA ALA E 404 -68.50 -45.47 114.82
C ALA E 404 -69.30 -44.71 113.75
N PHE E 405 -70.17 -45.40 113.00
CA PHE E 405 -70.81 -44.78 111.84
C PHE E 405 -72.25 -45.26 111.66
N VAL E 406 -72.64 -46.26 112.45
CA VAL E 406 -73.96 -46.87 112.27
C VAL E 406 -75.08 -45.88 112.49
N HIS E 407 -74.81 -44.76 113.17
CA HIS E 407 -75.83 -43.73 113.30
C HIS E 407 -76.34 -43.30 111.93
N TRP E 408 -75.45 -42.72 111.11
CA TRP E 408 -75.85 -42.31 109.77
C TRP E 408 -76.20 -43.50 108.89
N TYR E 409 -75.45 -44.61 109.02
CA TYR E 409 -75.69 -45.74 108.14
C TYR E 409 -77.10 -46.31 108.33
N VAL E 410 -77.57 -46.41 109.57
CA VAL E 410 -78.93 -46.84 109.83
C VAL E 410 -79.93 -45.74 109.49
N GLY E 411 -79.57 -44.48 109.77
CA GLY E 411 -80.47 -43.38 109.50
C GLY E 411 -80.84 -43.24 108.03
N GLU E 412 -79.93 -43.60 107.13
CA GLU E 412 -80.29 -43.57 105.72
C GLU E 412 -81.06 -44.82 105.28
N GLY E 413 -81.03 -45.89 106.06
CA GLY E 413 -81.87 -47.04 105.75
C GLY E 413 -81.20 -48.41 105.90
N MET E 414 -79.92 -48.42 106.23
CA MET E 414 -79.20 -49.68 106.39
C MET E 414 -79.28 -50.17 107.84
N GLU E 415 -78.55 -51.24 108.13
CA GLU E 415 -78.52 -51.81 109.48
C GLU E 415 -77.30 -52.70 109.60
N GLU E 416 -77.00 -53.10 110.83
CA GLU E 416 -75.77 -53.82 111.14
C GLU E 416 -75.70 -55.20 110.47
N GLY E 417 -76.85 -55.73 110.02
CA GLY E 417 -76.84 -57.02 109.36
C GLY E 417 -76.01 -57.03 108.10
N GLU E 418 -76.07 -55.94 107.33
CA GLU E 418 -75.25 -55.85 106.12
C GLU E 418 -73.76 -55.84 106.45
N PHE E 419 -73.37 -55.11 107.50
CA PHE E 419 -71.97 -55.11 107.91
C PHE E 419 -71.52 -56.48 108.38
N THR E 420 -72.37 -57.18 109.14
CA THR E 420 -72.03 -58.53 109.58
C THR E 420 -71.91 -59.48 108.40
N GLU E 421 -72.80 -59.36 107.41
CA GLU E 421 -72.73 -60.20 106.23
C GLU E 421 -71.46 -59.94 105.44
N ALA E 422 -71.07 -58.66 105.29
CA ALA E 422 -69.81 -58.35 104.64
C ALA E 422 -68.62 -58.90 105.42
N ARG E 423 -68.69 -58.83 106.76
CA ARG E 423 -67.62 -59.37 107.59
C ARG E 423 -67.46 -60.87 107.36
N GLU E 424 -68.57 -61.60 107.38
CA GLU E 424 -68.48 -63.05 107.20
C GLU E 424 -68.12 -63.42 105.76
N ASP E 425 -68.51 -62.59 104.78
CA ASP E 425 -68.06 -62.81 103.42
C ASP E 425 -66.56 -62.64 103.28
N LEU E 426 -66.00 -61.61 103.92
CA LEU E 426 -64.55 -61.42 103.89
C LEU E 426 -63.83 -62.56 104.60
N ALA E 427 -64.38 -63.03 105.72
CA ALA E 427 -63.80 -64.16 106.42
C ALA E 427 -63.82 -65.41 105.54
N ALA E 428 -64.93 -65.65 104.84
CA ALA E 428 -65.03 -66.79 103.93
C ALA E 428 -64.04 -66.66 102.78
N LEU E 429 -63.86 -65.45 102.25
CA LEU E 429 -62.89 -65.25 101.18
C LEU E 429 -61.47 -65.55 101.67
N GLU E 430 -61.12 -65.10 102.88
CA GLU E 430 -59.79 -65.41 103.41
C GLU E 430 -59.63 -66.91 103.65
N ARG E 431 -60.68 -67.56 104.15
CA ARG E 431 -60.62 -69.01 104.35
C ARG E 431 -60.43 -69.74 103.03
N ASP E 432 -61.13 -69.30 101.98
CA ASP E 432 -60.93 -69.89 100.66
C ASP E 432 -59.52 -69.64 100.14
N TYR E 433 -58.99 -68.45 100.41
CA TYR E 433 -57.61 -68.15 100.05
C TYR E 433 -56.65 -69.14 100.68
N ILE E 434 -56.85 -69.43 101.96
CA ILE E 434 -56.00 -70.40 102.65
C ILE E 434 -56.21 -71.80 102.07
N GLU E 435 -57.47 -72.17 101.81
CA GLU E 435 -57.79 -73.55 101.46
C GLU E 435 -57.32 -73.90 100.05
N VAL E 436 -57.42 -72.95 99.12
CA VAL E 436 -57.08 -73.25 97.72
C VAL E 436 -55.62 -73.65 97.59
N GLY E 437 -54.76 -73.13 98.47
CA GLY E 437 -53.37 -73.54 98.49
C GLY E 437 -53.11 -74.66 99.48
N ALA E 438 -53.98 -74.79 100.49
CA ALA E 438 -53.82 -75.85 101.48
C ALA E 438 -54.25 -77.21 100.94
N ASP E 439 -55.10 -77.24 99.91
CA ASP E 439 -55.54 -78.52 99.35
C ASP E 439 -54.36 -79.30 98.75
N SER E 440 -53.47 -78.61 98.05
CA SER E 440 -52.31 -79.25 97.45
C SER E 440 -51.29 -79.66 98.51
N MET F 1 110.94 -16.15 25.66
CA MET F 1 111.34 -15.47 24.43
C MET F 1 110.10 -15.30 23.54
N ARG F 2 108.99 -14.94 24.17
CA ARG F 2 107.73 -14.82 23.46
C ARG F 2 107.04 -13.48 23.66
N GLU F 3 107.08 -12.92 24.86
CA GLU F 3 106.29 -11.76 25.23
C GLU F 3 107.16 -10.52 25.39
N VAL F 4 106.57 -9.36 25.14
CA VAL F 4 107.21 -8.07 25.30
C VAL F 4 106.38 -7.23 26.26
N ILE F 5 107.03 -6.68 27.29
CA ILE F 5 106.37 -5.88 28.31
C ILE F 5 106.69 -4.41 28.06
N SER F 6 105.66 -3.57 28.06
CA SER F 6 105.79 -2.15 27.78
C SER F 6 105.46 -1.34 29.03
N ILE F 7 106.30 -0.36 29.33
CA ILE F 7 106.12 0.51 30.50
C ILE F 7 106.21 1.96 30.03
N ASN F 8 105.23 2.76 30.44
CA ASN F 8 105.17 4.18 30.09
C ASN F 8 105.33 5.02 31.36
N VAL F 9 106.23 5.98 31.32
CA VAL F 9 106.51 6.87 32.44
C VAL F 9 106.37 8.31 31.98
N GLY F 10 105.66 9.11 32.77
CA GLY F 10 105.43 10.50 32.43
C GLY F 10 104.13 10.71 31.65
N GLN F 11 103.64 11.94 31.70
CA GLN F 11 102.37 12.25 31.03
C GLN F 11 102.50 12.08 29.52
N ALA F 12 103.61 12.51 28.93
CA ALA F 12 103.80 12.33 27.50
C ALA F 12 103.87 10.85 27.13
N GLY F 13 104.60 10.07 27.92
CA GLY F 13 104.66 8.64 27.66
C GLY F 13 103.31 7.98 27.80
N CYS F 14 102.51 8.40 28.77
CA CYS F 14 101.17 7.85 28.93
C CYS F 14 100.28 8.20 27.74
N GLN F 15 100.37 9.43 27.23
CA GLN F 15 99.59 9.79 26.05
C GLN F 15 100.02 8.96 24.83
N ILE F 16 101.33 8.78 24.66
CA ILE F 16 101.83 7.97 23.55
C ILE F 16 101.32 6.54 23.68
N GLY F 17 101.36 5.99 24.90
CA GLY F 17 100.85 4.65 25.12
C GLY F 17 99.37 4.54 24.82
N ASN F 18 98.58 5.52 25.29
CA ASN F 18 97.15 5.51 25.01
C ASN F 18 96.90 5.48 23.51
N ALA F 19 97.60 6.33 22.77
CA ALA F 19 97.46 6.34 21.31
C ALA F 19 97.83 4.99 20.71
N CYS F 20 98.94 4.41 21.16
CA CYS F 20 99.43 3.19 20.52
C CYS F 20 98.52 2.00 20.82
N TRP F 21 97.98 1.90 22.03
CA TRP F 21 97.00 0.85 22.26
C TRP F 21 95.69 1.10 21.53
N GLU F 22 95.30 2.37 21.35
CA GLU F 22 94.16 2.65 20.49
C GLU F 22 94.38 2.12 19.09
N LEU F 23 95.54 2.39 18.51
CA LEU F 23 95.85 1.79 17.21
C LEU F 23 95.79 0.27 17.27
N TYR F 24 96.53 -0.34 18.20
CA TYR F 24 96.58 -1.80 18.29
C TYR F 24 95.19 -2.40 18.32
N SER F 25 94.27 -1.80 19.07
CA SER F 25 92.88 -2.21 19.01
C SER F 25 92.29 -1.99 17.62
N LEU F 26 92.74 -0.93 16.92
CA LEU F 26 92.16 -0.64 15.61
C LEU F 26 92.53 -1.71 14.58
N GLU F 27 93.82 -1.97 14.36
CA GLU F 27 94.16 -2.91 13.29
C GLU F 27 93.81 -4.35 13.66
N HIS F 28 94.01 -4.75 14.92
CA HIS F 28 93.74 -6.13 15.29
C HIS F 28 92.29 -6.37 15.66
N GLY F 29 91.41 -5.38 15.48
CA GLY F 29 89.98 -5.62 15.56
C GLY F 29 89.42 -5.74 16.96
N ILE F 30 90.11 -5.20 17.96
CA ILE F 30 89.58 -5.17 19.32
C ILE F 30 88.81 -3.88 19.53
N LYS F 31 87.60 -3.99 20.05
CA LYS F 31 86.79 -2.83 20.35
C LYS F 31 87.42 -2.06 21.52
N PRO F 32 87.06 -0.77 21.67
CA PRO F 32 87.71 0.06 22.71
C PRO F 32 87.52 -0.45 24.13
N ASP F 33 86.78 -1.54 24.31
CA ASP F 33 86.63 -2.18 25.62
C ASP F 33 87.11 -3.62 25.66
N GLY F 34 87.25 -4.28 24.51
CA GLY F 34 87.74 -5.64 24.47
C GLY F 34 86.64 -6.67 24.63
N HIS F 35 86.96 -7.89 24.22
CA HIS F 35 86.08 -9.06 24.34
C HIS F 35 84.74 -8.83 23.62
N LEU F 36 84.82 -8.78 22.29
CA LEU F 36 86.04 -8.99 21.53
C LEU F 36 86.48 -7.76 20.71
N GLU F 37 85.65 -7.12 19.86
CA GLU F 37 84.29 -7.47 19.42
C GLU F 37 84.17 -7.26 17.90
N ASP F 38 84.36 -8.28 17.08
CA ASP F 38 84.73 -9.63 17.50
C ASP F 38 86.16 -9.95 17.05
N GLY F 39 86.57 -11.20 17.22
CA GLY F 39 87.85 -11.65 16.71
C GLY F 39 87.86 -11.61 15.20
N LEU F 40 89.06 -11.42 14.66
CA LEU F 40 89.22 -11.19 13.22
C LEU F 40 89.98 -12.31 12.53
N SER F 41 91.16 -12.63 13.05
CA SER F 41 92.13 -13.47 12.37
C SER F 41 92.97 -14.15 13.44
N LYS F 42 93.71 -15.22 13.10
CA LYS F 42 93.98 -15.90 11.80
C LYS F 42 94.72 -15.07 10.73
N PRO F 43 95.93 -14.57 11.05
CA PRO F 43 96.61 -14.56 12.34
C PRO F 43 96.49 -13.25 13.14
N LYS F 44 95.81 -13.28 14.28
CA LYS F 44 95.90 -12.24 15.28
C LYS F 44 95.96 -12.80 16.69
N GLY F 45 95.87 -14.11 16.86
CA GLY F 45 95.84 -14.74 18.16
C GLY F 45 94.51 -15.38 18.48
N GLY F 46 94.40 -16.69 18.28
CA GLY F 46 95.46 -17.47 17.66
C GLY F 46 95.48 -17.33 16.15
N GLU F 47 96.60 -17.69 15.52
CA GLU F 47 97.77 -18.19 16.22
C GLU F 47 98.65 -17.07 16.76
N GLU F 48 99.60 -17.44 17.62
CA GLU F 48 100.49 -16.46 18.24
C GLU F 48 101.42 -15.86 17.20
N GLY F 49 101.58 -14.53 17.22
CA GLY F 49 100.86 -13.66 18.14
C GLY F 49 99.51 -13.24 17.60
N PHE F 50 98.58 -12.84 18.47
CA PHE F 50 98.82 -12.66 19.90
C PHE F 50 98.77 -14.01 20.64
N SER F 51 99.29 -14.11 21.87
CA SER F 51 99.71 -12.98 22.71
C SER F 51 101.14 -12.51 22.48
N THR F 52 101.27 -11.22 22.19
CA THR F 52 102.54 -10.52 22.16
C THR F 52 102.54 -9.26 22.99
N PHE F 53 101.44 -8.51 23.00
CA PHE F 53 101.30 -7.31 23.84
C PHE F 53 100.01 -7.38 24.64
N PHE F 54 99.00 -8.04 24.08
CA PHE F 54 97.71 -8.22 24.75
C PHE F 54 97.66 -9.60 25.38
N HIS F 55 97.38 -9.65 26.67
CA HIS F 55 97.24 -10.93 27.36
C HIS F 55 96.00 -11.66 26.88
N GLU F 56 96.13 -12.97 26.65
CA GLU F 56 95.03 -13.80 26.19
C GLU F 56 94.31 -14.35 27.42
N THR F 57 93.22 -13.68 27.81
CA THR F 57 92.43 -14.12 28.95
C THR F 57 91.73 -15.43 28.64
N GLY F 58 91.60 -16.28 29.65
CA GLY F 58 90.92 -17.55 29.46
C GLY F 58 89.47 -17.40 29.05
N TYR F 59 88.82 -16.32 29.50
CA TYR F 59 87.46 -16.03 29.08
C TYR F 59 87.36 -15.58 27.63
N GLY F 60 88.50 -15.32 26.97
CA GLY F 60 88.51 -14.81 25.62
C GLY F 60 88.80 -13.34 25.49
N LYS F 61 89.08 -12.65 26.60
CA LYS F 61 89.34 -11.22 26.56
C LYS F 61 90.81 -10.95 26.20
N PHE F 62 91.06 -9.71 25.80
CA PHE F 62 92.41 -9.26 25.46
C PHE F 62 92.80 -8.13 26.41
N VAL F 63 93.89 -8.33 27.14
CA VAL F 63 94.32 -7.38 28.15
C VAL F 63 95.75 -6.92 27.86
N PRO F 64 95.97 -5.65 27.54
CA PRO F 64 97.35 -5.15 27.41
C PRO F 64 98.14 -5.37 28.69
N ARG F 65 99.39 -5.77 28.53
CA ARG F 65 100.29 -6.01 29.66
C ARG F 65 101.23 -4.82 29.79
N ALA F 66 100.75 -3.77 30.46
CA ALA F 66 101.52 -2.55 30.65
C ALA F 66 101.37 -2.09 32.10
N ILE F 67 102.39 -1.38 32.56
CA ILE F 67 102.43 -0.85 33.93
C ILE F 67 102.54 0.67 33.83
N TYR F 68 101.55 1.36 34.38
CA TYR F 68 101.53 2.83 34.41
C TYR F 68 102.03 3.29 35.76
N VAL F 69 103.28 3.74 35.82
CA VAL F 69 103.89 4.24 37.03
C VAL F 69 104.10 5.74 36.89
N ASP F 70 103.63 6.50 37.87
CA ASP F 70 103.71 7.95 37.88
C ASP F 70 103.31 8.45 39.25
N LEU F 71 103.90 9.57 39.65
CA LEU F 71 103.60 10.19 40.94
C LEU F 71 102.53 11.26 40.83
N GLU F 72 102.02 11.53 39.64
CA GLU F 72 100.94 12.50 39.44
C GLU F 72 99.64 11.74 39.20
N PRO F 73 98.69 11.75 40.14
CA PRO F 73 97.49 10.93 39.98
C PRO F 73 96.55 11.39 38.88
N ASN F 74 96.75 12.60 38.34
CA ASN F 74 95.82 13.12 37.32
C ASN F 74 95.84 12.26 36.06
N VAL F 75 97.02 11.83 35.62
CA VAL F 75 97.10 11.00 34.42
C VAL F 75 96.41 9.65 34.65
N ILE F 76 96.62 9.05 35.82
CA ILE F 76 95.99 7.76 36.12
C ILE F 76 94.48 7.92 36.18
N ASP F 77 94.00 9.01 36.76
CA ASP F 77 92.56 9.26 36.80
C ASP F 77 91.99 9.46 35.40
N GLU F 78 92.71 10.18 34.54
CA GLU F 78 92.26 10.37 33.17
C GLU F 78 92.22 9.04 32.41
N VAL F 79 93.17 8.14 32.69
CA VAL F 79 93.13 6.82 32.08
C VAL F 79 91.95 6.02 32.61
N ARG F 80 91.70 6.10 33.91
CA ARG F 80 90.69 5.27 34.57
C ARG F 80 89.25 5.74 34.31
N ASN F 81 89.04 7.01 33.99
CA ASN F 81 87.68 7.50 33.76
C ASN F 81 87.26 7.42 32.29
N GLY F 82 88.11 6.89 31.42
CA GLY F 82 87.79 6.74 30.02
C GLY F 82 87.60 5.28 29.63
N PRO F 83 87.63 5.01 28.32
CA PRO F 83 87.48 3.62 27.87
C PRO F 83 88.69 2.74 28.16
N TYR F 84 89.79 3.31 28.64
CA TYR F 84 90.98 2.53 28.92
C TYR F 84 90.84 1.67 30.18
N LYS F 85 89.77 1.85 30.95
CA LYS F 85 89.62 1.11 32.20
C LYS F 85 89.45 -0.38 31.96
N ASP F 86 88.82 -0.74 30.84
CA ASP F 86 88.56 -2.14 30.53
C ASP F 86 89.77 -2.85 29.92
N LEU F 87 90.86 -2.14 29.65
CA LEU F 87 92.04 -2.74 29.06
C LEU F 87 93.16 -3.00 30.06
N PHE F 88 93.30 -2.17 31.09
CA PHE F 88 94.41 -2.25 32.02
C PHE F 88 93.94 -2.88 33.33
N HIS F 89 94.73 -3.82 33.85
CA HIS F 89 94.41 -4.44 35.12
C HIS F 89 94.49 -3.39 36.25
N PRO F 90 93.58 -3.45 37.22
CA PRO F 90 93.60 -2.43 38.29
C PRO F 90 94.90 -2.36 39.05
N GLU F 91 95.56 -3.51 39.28
CA GLU F 91 96.83 -3.51 40.00
C GLU F 91 97.99 -3.04 39.14
N GLN F 92 97.85 -3.06 37.82
CA GLN F 92 98.90 -2.56 36.94
C GLN F 92 98.93 -1.05 36.86
N LEU F 93 97.88 -0.36 37.31
CA LEU F 93 97.81 1.10 37.27
C LEU F 93 98.33 1.62 38.61
N ILE F 94 99.63 1.85 38.68
CA ILE F 94 100.27 2.35 39.90
C ILE F 94 100.06 3.86 39.98
N SER F 95 99.08 4.29 40.75
CA SER F 95 98.77 5.71 40.91
C SER F 95 99.56 6.29 42.07
N GLY F 96 100.29 7.37 41.80
CA GLY F 96 101.04 8.03 42.85
C GLY F 96 100.26 9.13 43.53
N LYS F 97 100.66 9.44 44.76
CA LYS F 97 99.99 10.47 45.55
C LYS F 97 100.93 11.53 46.10
N GLU F 98 102.23 11.46 45.80
CA GLU F 98 103.21 12.40 46.34
C GLU F 98 103.69 13.31 45.21
N ASP F 99 103.56 14.62 45.42
CA ASP F 99 103.97 15.63 44.45
C ASP F 99 104.87 16.64 45.14
N ALA F 100 106.16 16.62 44.81
CA ALA F 100 107.11 17.57 45.37
C ALA F 100 107.98 18.18 44.28
N ALA F 101 108.04 17.54 43.13
CA ALA F 101 108.80 18.05 41.98
C ALA F 101 108.29 17.35 40.74
N ASN F 102 108.69 17.85 39.57
CA ASN F 102 108.34 17.23 38.29
C ASN F 102 109.61 17.04 37.46
N ASN F 103 110.33 15.96 37.69
CA ASN F 103 110.25 15.16 38.93
C ASN F 103 111.66 14.71 39.29
N TYR F 104 112.61 15.07 38.43
CA TYR F 104 113.96 14.51 38.53
C TYR F 104 114.70 14.96 39.77
N ALA F 105 114.23 16.02 40.44
CA ALA F 105 114.88 16.46 41.67
C ALA F 105 114.88 15.35 42.71
N ARG F 106 113.74 14.67 42.88
CA ARG F 106 113.63 13.57 43.82
C ARG F 106 113.39 12.23 43.14
N GLY F 107 113.11 12.21 41.83
CA GLY F 107 112.78 10.96 41.16
C GLY F 107 113.95 9.99 41.12
N HIS F 108 115.15 10.49 40.82
CA HIS F 108 116.33 9.65 40.68
C HIS F 108 117.08 9.45 42.00
N TYR F 109 116.39 9.55 43.13
CA TYR F 109 117.04 9.50 44.43
C TYR F 109 116.24 8.58 45.34
N THR F 110 116.52 8.62 46.64
CA THR F 110 115.91 7.71 47.59
C THR F 110 114.40 7.83 47.64
N VAL F 111 113.83 8.93 47.15
CA VAL F 111 112.39 9.13 47.22
C VAL F 111 111.66 8.14 46.34
N GLY F 112 112.30 7.67 45.25
CA GLY F 112 111.60 6.83 44.31
C GLY F 112 111.76 5.34 44.56
N ARG F 113 112.83 4.96 45.24
CA ARG F 113 113.17 3.53 45.31
C ARG F 113 112.46 2.78 46.43
N GLU F 114 111.67 3.44 47.26
CA GLU F 114 110.82 2.66 48.17
C GLU F 114 109.52 2.23 47.48
N ILE F 115 109.19 2.82 46.34
CA ILE F 115 108.08 2.34 45.52
C ILE F 115 108.55 1.38 44.44
N LEU F 116 109.80 1.48 44.00
CA LEU F 116 110.31 0.59 42.96
C LEU F 116 110.22 -0.87 43.34
N GLY F 117 110.26 -1.20 44.63
CA GLY F 117 110.13 -2.59 45.04
C GLY F 117 108.81 -3.21 44.61
N ASP F 118 107.72 -2.46 44.82
CA ASP F 118 106.40 -2.94 44.41
C ASP F 118 106.34 -3.07 42.89
N VAL F 119 106.94 -2.13 42.15
CA VAL F 119 106.92 -2.20 40.69
C VAL F 119 107.67 -3.44 40.21
N LEU F 120 108.85 -3.70 40.78
CA LEU F 120 109.61 -4.90 40.41
C LEU F 120 108.84 -6.18 40.76
N ASP F 121 108.19 -6.21 41.93
CA ASP F 121 107.40 -7.38 42.28
C ASP F 121 106.26 -7.60 41.29
N ARG F 122 105.58 -6.52 40.92
CA ARG F 122 104.46 -6.63 39.98
C ARG F 122 104.94 -7.11 38.61
N ILE F 123 106.06 -6.57 38.12
CA ILE F 123 106.53 -6.99 36.79
C ILE F 123 107.06 -8.42 36.84
N ARG F 124 107.66 -8.83 37.96
CA ARG F 124 108.06 -10.23 38.10
C ARG F 124 106.86 -11.15 38.09
N LYS F 125 105.79 -10.77 38.79
CA LYS F 125 104.57 -11.58 38.77
C LYS F 125 103.98 -11.65 37.37
N LEU F 126 103.99 -10.53 36.64
CA LEU F 126 103.48 -10.52 35.28
C LEU F 126 104.32 -11.39 34.36
N ALA F 127 105.65 -11.36 34.53
CA ALA F 127 106.53 -12.23 33.74
C ALA F 127 106.25 -13.70 34.05
N ASP F 128 106.05 -14.03 35.32
CA ASP F 128 105.69 -15.39 35.69
C ASP F 128 104.32 -15.77 35.13
N GLN F 129 103.44 -14.80 34.94
CA GLN F 129 102.13 -15.06 34.37
C GLN F 129 102.24 -15.60 32.94
N CYS F 130 103.11 -15.00 32.13
CA CYS F 130 103.25 -15.39 30.74
C CYS F 130 104.36 -16.42 30.58
N ASP F 131 104.42 -17.03 29.39
CA ASP F 131 105.41 -18.05 29.06
C ASP F 131 106.53 -17.37 28.27
N GLY F 132 107.68 -17.19 28.91
CA GLY F 132 108.83 -16.60 28.27
C GLY F 132 108.81 -15.09 28.30
N LEU F 133 109.93 -14.50 27.88
CA LEU F 133 110.09 -13.06 27.84
C LEU F 133 111.12 -12.71 26.78
N GLN F 134 110.76 -11.76 25.91
CA GLN F 134 111.60 -11.39 24.78
C GLN F 134 112.30 -10.04 24.97
N GLY F 135 111.55 -8.99 25.24
CA GLY F 135 112.15 -7.67 25.40
C GLY F 135 111.17 -6.73 26.07
N PHE F 136 111.66 -5.51 26.31
CA PHE F 136 110.88 -4.47 26.98
C PHE F 136 110.76 -3.25 26.08
N LEU F 137 109.62 -2.57 26.19
CA LEU F 137 109.35 -1.34 25.46
C LEU F 137 109.24 -0.20 26.47
N PHE F 138 109.96 0.89 26.22
CA PHE F 138 109.97 2.04 27.11
C PHE F 138 109.45 3.26 26.36
N THR F 139 108.55 4.01 27.01
CA THR F 139 108.00 5.24 26.44
C THR F 139 107.99 6.28 27.55
N HIS F 140 108.98 7.16 27.55
CA HIS F 140 109.07 8.23 28.54
C HIS F 140 109.61 9.48 27.88
N SER F 141 109.33 10.62 28.50
CA SER F 141 109.77 11.91 28.01
C SER F 141 110.97 12.39 28.81
N LEU F 142 112.07 12.70 28.10
CA LEU F 142 113.25 13.24 28.75
C LEU F 142 113.06 14.68 29.22
N GLY F 143 112.01 15.35 28.76
CA GLY F 143 111.70 16.68 29.25
C GLY F 143 111.11 16.63 30.65
N GLY F 144 110.01 15.90 30.80
CA GLY F 144 109.43 15.69 32.11
C GLY F 144 110.37 14.87 32.98
N GLY F 145 110.68 15.38 34.18
CA GLY F 145 111.59 14.67 35.06
C GLY F 145 111.10 13.32 35.51
N THR F 146 109.77 13.14 35.60
CA THR F 146 109.23 11.83 35.95
C THR F 146 109.73 10.76 34.99
N GLY F 147 109.57 10.99 33.69
CA GLY F 147 110.02 10.03 32.72
C GLY F 147 111.49 9.73 32.86
N SER F 148 112.33 10.75 32.80
CA SER F 148 113.78 10.57 32.90
C SER F 148 114.14 9.74 34.13
N GLY F 149 113.81 10.25 35.33
CA GLY F 149 114.21 9.61 36.56
C GLY F 149 113.67 8.21 36.74
N LEU F 150 112.34 8.06 36.69
CA LEU F 150 111.75 6.75 36.95
C LEU F 150 112.14 5.75 35.87
N GLY F 151 112.15 6.17 34.60
CA GLY F 151 112.56 5.27 33.55
C GLY F 151 113.98 4.80 33.72
N SER F 152 114.90 5.71 34.07
CA SER F 152 116.28 5.29 34.28
C SER F 152 116.40 4.33 35.45
N LEU F 153 115.68 4.59 36.54
CA LEU F 153 115.71 3.69 37.69
C LEU F 153 115.24 2.30 37.30
N LEU F 154 114.11 2.23 36.59
CA LEU F 154 113.66 0.94 36.07
C LEU F 154 114.69 0.33 35.14
N LEU F 155 115.40 1.15 34.36
CA LEU F 155 116.42 0.62 33.46
C LEU F 155 117.48 -0.15 34.23
N GLU F 156 118.06 0.47 35.27
CA GLU F 156 119.11 -0.26 35.99
C GLU F 156 118.51 -1.47 36.72
N GLU F 157 117.30 -1.32 37.26
CA GLU F 157 116.70 -2.43 38.01
C GLU F 157 116.49 -3.65 37.12
N LEU F 158 115.88 -3.46 35.95
CA LEU F 158 115.59 -4.59 35.08
C LEU F 158 116.79 -5.03 34.25
N SER F 159 117.83 -4.20 34.16
CA SER F 159 119.10 -4.71 33.62
C SER F 159 119.81 -5.58 34.65
N ALA F 160 119.60 -5.30 35.94
CA ALA F 160 120.18 -6.14 36.98
C ALA F 160 119.41 -7.45 37.14
N GLU F 161 118.08 -7.43 37.02
CA GLU F 161 117.31 -8.63 37.31
C GLU F 161 117.50 -9.70 36.25
N TYR F 162 117.53 -9.33 34.96
CA TYR F 162 117.74 -10.29 33.89
C TYR F 162 119.08 -10.09 33.19
N GLY F 163 119.34 -8.91 32.64
CA GLY F 163 120.56 -8.68 31.91
C GLY F 163 120.70 -9.41 30.61
N LYS F 164 119.64 -10.07 30.12
CA LYS F 164 119.69 -10.84 28.89
C LYS F 164 118.59 -10.51 27.90
N LYS F 165 117.68 -9.60 28.24
CA LYS F 165 116.56 -9.25 27.37
C LYS F 165 116.85 -7.95 26.62
N SER F 166 116.27 -7.85 25.43
CA SER F 166 116.42 -6.65 24.62
C SER F 166 115.73 -5.47 25.29
N LYS F 167 116.38 -4.30 25.23
CA LYS F 167 115.89 -3.09 25.89
C LYS F 167 115.65 -2.03 24.83
N LEU F 168 114.39 -1.80 24.49
CA LEU F 168 114.00 -0.78 23.53
C LEU F 168 113.39 0.40 24.26
N GLU F 169 113.96 1.59 24.03
CA GLU F 169 113.54 2.81 24.74
C GLU F 169 113.15 3.86 23.72
N PHE F 170 111.87 4.23 23.70
CA PHE F 170 111.37 5.33 22.89
C PHE F 170 111.32 6.57 23.79
N ALA F 171 112.41 7.30 23.85
CA ALA F 171 112.54 8.46 24.72
C ALA F 171 112.25 9.73 23.95
N VAL F 172 111.38 10.58 24.49
CA VAL F 172 111.05 11.85 23.88
C VAL F 172 112.10 12.87 24.30
N TYR F 173 112.81 13.41 23.32
CA TYR F 173 113.88 14.35 23.63
C TYR F 173 113.36 15.78 23.64
N PRO F 174 113.91 16.64 24.49
CA PRO F 174 113.52 18.05 24.47
C PRO F 174 113.89 18.70 23.15
N ALA F 175 113.10 19.69 22.75
CA ALA F 175 113.33 20.38 21.49
C ALA F 175 114.66 21.13 21.56
N PRO F 176 115.55 20.94 20.57
CA PRO F 176 116.85 21.63 20.62
C PRO F 176 116.77 23.13 20.37
N GLN F 177 115.67 23.62 19.80
CA GLN F 177 115.53 25.06 19.59
C GLN F 177 115.28 25.78 20.92
N VAL F 178 114.18 25.44 21.59
CA VAL F 178 113.88 25.94 22.92
C VAL F 178 113.43 24.77 23.78
N SER F 179 113.56 24.95 25.09
CA SER F 179 113.14 23.95 26.06
C SER F 179 111.94 24.48 26.83
N THR F 180 110.93 23.61 27.01
CA THR F 180 109.75 24.00 27.75
C THR F 180 110.05 24.32 29.21
N SER F 181 111.01 23.60 29.81
CA SER F 181 111.49 23.93 31.15
C SER F 181 113.00 23.83 31.15
N VAL F 182 113.61 24.58 32.07
CA VAL F 182 115.07 24.72 32.07
C VAL F 182 115.76 23.44 32.52
N VAL F 183 115.15 22.65 33.40
CA VAL F 183 115.81 21.48 33.98
C VAL F 183 115.78 20.26 33.06
N GLU F 184 115.13 20.35 31.91
CA GLU F 184 115.06 19.21 31.00
C GLU F 184 116.42 18.72 30.53
N PRO F 185 117.38 19.58 30.16
CA PRO F 185 118.71 19.06 29.80
C PRO F 185 119.36 18.26 30.92
N TYR F 186 119.23 18.67 32.18
CA TYR F 186 119.71 17.84 33.28
C TYR F 186 119.00 16.49 33.31
N ASN F 187 117.66 16.51 33.23
CA ASN F 187 116.91 15.26 33.26
C ASN F 187 117.35 14.32 32.16
N THR F 188 117.80 14.86 31.03
CA THR F 188 118.27 14.01 29.93
C THR F 188 119.68 13.51 30.18
N VAL F 189 120.63 14.42 30.43
CA VAL F 189 122.04 14.04 30.41
C VAL F 189 122.46 13.33 31.70
N LEU F 190 121.89 13.68 32.85
CA LEU F 190 122.22 12.96 34.07
C LEU F 190 121.76 11.51 34.03
N THR F 191 120.89 11.16 33.07
CA THR F 191 120.52 9.77 32.82
C THR F 191 121.10 9.21 31.54
N THR F 192 121.74 10.05 30.69
CA THR F 192 122.40 9.52 29.50
C THR F 192 123.47 8.51 29.86
N HIS F 193 124.17 8.71 30.98
CA HIS F 193 125.18 7.73 31.40
C HIS F 193 124.55 6.39 31.73
N THR F 194 123.44 6.41 32.49
CA THR F 194 122.74 5.17 32.79
C THR F 194 122.20 4.51 31.53
N THR F 195 121.73 5.33 30.58
CA THR F 195 121.29 4.79 29.30
C THR F 195 122.43 4.11 28.54
N LEU F 196 123.61 4.75 28.54
CA LEU F 196 124.77 4.17 27.87
C LEU F 196 125.16 2.84 28.51
N GLU F 197 125.13 2.77 29.83
CA GLU F 197 125.56 1.57 30.54
C GLU F 197 124.48 0.51 30.67
N HIS F 198 123.21 0.83 30.38
CA HIS F 198 122.12 -0.10 30.66
C HIS F 198 121.05 -0.11 29.57
N ALA F 199 121.43 0.10 28.31
CA ALA F 199 120.48 0.02 27.21
C ALA F 199 121.07 -0.76 26.05
N ASP F 200 120.19 -1.35 25.25
CA ASP F 200 120.57 -2.13 24.08
C ASP F 200 120.21 -1.45 22.77
N CYS F 201 119.08 -0.74 22.72
CA CYS F 201 118.65 -0.05 21.51
C CYS F 201 117.74 1.10 21.92
N THR F 202 118.15 2.33 21.61
CA THR F 202 117.41 3.53 21.96
C THR F 202 116.99 4.27 20.70
N PHE F 203 115.74 4.72 20.68
CA PHE F 203 115.17 5.46 19.56
C PHE F 203 114.97 6.91 19.95
N MET F 204 115.46 7.83 19.12
CA MET F 204 115.38 9.25 19.39
C MET F 204 114.24 9.86 18.57
N VAL F 205 113.34 10.57 19.26
CA VAL F 205 112.23 11.27 18.63
C VAL F 205 112.21 12.70 19.12
N ASP F 206 111.98 13.63 18.19
CA ASP F 206 111.93 15.06 18.50
C ASP F 206 110.55 15.61 18.17
N ASN F 207 109.96 16.35 19.12
CA ASN F 207 108.65 16.94 18.89
C ASN F 207 108.70 18.03 17.85
N GLU F 208 109.82 18.75 17.75
CA GLU F 208 109.92 19.86 16.81
C GLU F 208 109.79 19.37 15.37
N ALA F 209 110.45 18.25 15.03
CA ALA F 209 110.36 17.71 13.68
C ALA F 209 108.95 17.22 13.37
N ILE F 210 108.29 16.60 14.34
CA ILE F 210 106.91 16.16 14.13
C ILE F 210 106.00 17.35 13.88
N TYR F 211 106.18 18.42 14.65
CA TYR F 211 105.40 19.63 14.41
C TYR F 211 105.71 20.23 13.04
N ASP F 212 106.98 20.18 12.63
CA ASP F 212 107.37 20.72 11.33
C ASP F 212 106.69 19.95 10.20
N MET F 213 106.67 18.62 10.29
CA MET F 213 106.03 17.84 9.24
C MET F 213 104.52 17.96 9.29
N CYS F 214 103.95 18.16 10.49
CA CYS F 214 102.51 18.42 10.58
C CYS F 214 102.15 19.74 9.91
N LYS F 215 102.98 20.77 10.11
CA LYS F 215 102.72 22.05 9.46
C LYS F 215 102.94 21.97 7.95
N ARG F 216 103.96 21.23 7.52
CA ARG F 216 104.31 21.18 6.10
C ARG F 216 103.62 20.04 5.37
N ASN F 217 103.85 18.80 5.79
CA ASN F 217 103.30 17.66 5.07
C ASN F 217 101.80 17.51 5.33
N LEU F 218 101.38 17.66 6.59
CA LEU F 218 99.97 17.50 6.93
C LEU F 218 99.15 18.76 6.67
N ASP F 219 99.80 19.90 6.43
CA ASP F 219 99.11 21.17 6.20
C ASP F 219 98.17 21.51 7.35
N ILE F 220 98.58 21.18 8.57
CA ILE F 220 97.80 21.45 9.77
C ILE F 220 98.30 22.77 10.37
N PRO F 221 97.45 23.79 10.47
CA PRO F 221 97.93 25.06 11.04
C PRO F 221 98.20 24.98 12.54
N ARG F 222 97.45 24.16 13.28
CA ARG F 222 97.62 24.00 14.72
C ARG F 222 97.78 22.53 15.06
N PRO F 223 98.98 21.97 14.89
CA PRO F 223 99.20 20.58 15.30
C PRO F 223 98.95 20.40 16.79
N SER F 224 98.53 19.19 17.16
CA SER F 224 98.24 18.86 18.54
C SER F 224 99.14 17.71 18.99
N PHE F 225 99.31 17.59 20.30
CA PHE F 225 100.10 16.50 20.85
C PHE F 225 99.52 15.14 20.51
N ALA F 226 98.20 15.07 20.32
CA ALA F 226 97.56 13.81 19.94
C ALA F 226 98.04 13.37 18.55
N ASN F 227 98.21 14.32 17.63
CA ASN F 227 98.71 13.97 16.30
C ASN F 227 100.13 13.41 16.38
N LEU F 228 100.98 14.02 17.21
CA LEU F 228 102.32 13.50 17.42
C LEU F 228 102.28 12.09 18.00
N ASN F 229 101.42 11.88 18.99
CA ASN F 229 101.29 10.56 19.59
C ASN F 229 100.85 9.52 18.56
N ASN F 230 99.88 9.87 17.71
CA ASN F 230 99.43 8.93 16.69
C ASN F 230 100.52 8.63 15.68
N LEU F 231 101.25 9.66 15.23
CA LEU F 231 102.31 9.44 14.25
C LEU F 231 103.39 8.53 14.80
N ILE F 232 103.89 8.83 16.00
CA ILE F 232 104.89 7.94 16.59
C ILE F 232 104.28 6.60 16.97
N ALA F 233 102.96 6.53 17.11
CA ALA F 233 102.31 5.24 17.33
C ALA F 233 102.40 4.36 16.09
N GLN F 234 102.14 4.91 14.90
CA GLN F 234 102.39 4.12 13.69
C GLN F 234 103.86 3.76 13.57
N VAL F 235 104.73 4.72 13.88
CA VAL F 235 106.18 4.46 13.80
C VAL F 235 106.55 3.27 14.68
N VAL F 236 106.02 3.22 15.90
CA VAL F 236 106.30 2.11 16.81
C VAL F 236 105.66 0.82 16.30
N SER F 237 104.41 0.89 15.84
CA SER F 237 103.66 -0.29 15.46
C SER F 237 104.08 -0.85 14.10
N SER F 238 105.00 -0.21 13.40
CA SER F 238 105.54 -0.75 12.15
C SER F 238 106.95 -1.30 12.31
N VAL F 239 107.27 -1.97 13.42
CA VAL F 239 108.66 -2.29 13.76
C VAL F 239 108.92 -3.81 13.84
N THR F 240 108.17 -4.56 14.66
CA THR F 240 106.77 -4.51 15.17
C THR F 240 105.78 -4.49 13.99
N ALA F 241 106.29 -4.81 12.80
CA ALA F 241 105.46 -4.99 11.62
C ALA F 241 105.27 -6.47 11.25
N SER F 242 106.36 -7.23 11.26
CA SER F 242 106.30 -8.65 10.95
C SER F 242 106.12 -9.55 12.17
N LEU F 243 106.19 -8.97 13.38
CA LEU F 243 106.05 -9.77 14.59
C LEU F 243 104.60 -10.17 14.86
N ARG F 244 103.63 -9.47 14.26
CA ARG F 244 102.23 -9.78 14.44
C ARG F 244 101.51 -10.17 13.16
N PHE F 245 102.14 -10.01 11.99
CA PHE F 245 101.54 -10.34 10.72
C PHE F 245 102.51 -11.14 9.89
N ASP F 246 101.97 -11.94 8.97
CA ASP F 246 102.80 -12.79 8.13
C ASP F 246 103.58 -11.95 7.12
N GLY F 247 104.77 -12.44 6.76
CA GLY F 247 105.60 -11.76 5.79
C GLY F 247 106.51 -12.75 5.10
N SER F 248 106.93 -12.39 3.89
CA SER F 248 107.83 -13.27 3.13
C SER F 248 109.17 -13.42 3.84
N LEU F 249 109.73 -12.33 4.37
CA LEU F 249 110.99 -12.35 5.10
C LEU F 249 110.77 -11.55 6.39
N ASN F 250 110.39 -12.26 7.46
CA ASN F 250 110.17 -11.61 8.74
C ASN F 250 111.50 -11.14 9.35
N VAL F 251 111.43 -10.08 10.13
CA VAL F 251 112.59 -9.51 10.80
C VAL F 251 112.46 -9.77 12.30
N ASP F 252 113.54 -10.25 12.91
CA ASP F 252 113.55 -10.59 14.32
C ASP F 252 114.14 -9.43 15.13
N LEU F 253 113.71 -9.34 16.39
CA LEU F 253 114.20 -8.27 17.26
C LEU F 253 115.69 -8.39 17.51
N ASN F 254 116.18 -9.63 17.70
CA ASN F 254 117.61 -9.83 17.91
C ASN F 254 118.41 -9.45 16.67
N GLU F 255 117.83 -9.61 15.48
CA GLU F 255 118.53 -9.26 14.25
C GLU F 255 119.00 -7.81 14.25
N PHE F 256 118.21 -6.92 14.86
CA PHE F 256 118.58 -5.51 14.91
C PHE F 256 119.92 -5.32 15.60
N GLN F 257 120.12 -5.95 16.76
CA GLN F 257 121.38 -5.80 17.46
C GLN F 257 122.47 -6.71 16.90
N THR F 258 122.12 -7.72 16.11
CA THR F 258 123.16 -8.51 15.46
C THR F 258 123.78 -7.76 14.28
N ASN F 259 122.96 -7.06 13.49
CA ASN F 259 123.48 -6.40 12.30
C ASN F 259 123.80 -4.92 12.52
N LEU F 260 122.90 -4.17 13.14
CA LEU F 260 123.14 -2.74 13.33
C LEU F 260 124.24 -2.47 14.35
N VAL F 261 124.37 -3.33 15.36
CA VAL F 261 125.33 -3.11 16.44
C VAL F 261 126.34 -4.25 16.48
N PRO F 262 127.48 -4.12 15.80
CA PRO F 262 128.50 -5.17 15.82
C PRO F 262 129.56 -5.00 16.90
N TYR F 263 129.40 -4.05 17.82
CA TYR F 263 130.37 -3.73 18.85
C TYR F 263 129.68 -3.61 20.19
N PRO F 264 130.46 -3.54 21.29
CA PRO F 264 129.90 -3.12 22.58
C PRO F 264 129.67 -1.62 22.63
N ARG F 265 129.63 -1.00 21.46
CA ARG F 265 129.63 0.44 21.23
C ARG F 265 128.30 0.87 20.60
N ILE F 266 128.26 2.10 20.10
CA ILE F 266 127.05 2.89 19.85
C ILE F 266 125.91 2.05 19.27
N HIS F 267 124.74 2.14 19.91
CA HIS F 267 123.56 1.35 19.57
C HIS F 267 122.31 2.21 19.60
N PHE F 268 122.37 3.39 18.97
CA PHE F 268 121.29 4.37 19.02
C PHE F 268 120.86 4.71 17.60
N PRO F 269 120.05 3.85 16.97
CA PRO F 269 119.65 4.09 15.59
C PRO F 269 118.51 5.10 15.47
N LEU F 270 118.55 5.86 14.38
CA LEU F 270 117.46 6.74 14.02
C LEU F 270 116.31 5.96 13.39
N VAL F 271 115.16 6.63 13.30
CA VAL F 271 113.96 6.07 12.71
C VAL F 271 113.34 7.11 11.79
N SER F 272 112.62 6.65 10.78
CA SER F 272 111.90 7.53 9.88
C SER F 272 110.73 6.77 9.28
N TYR F 273 109.63 7.48 9.05
CA TYR F 273 108.43 6.89 8.48
C TYR F 273 107.96 7.72 7.29
N SER F 274 107.56 7.02 6.23
CA SER F 274 107.10 7.66 5.00
C SER F 274 106.34 6.63 4.18
N PRO F 275 105.44 7.06 3.27
CA PRO F 275 105.08 8.44 2.91
C PRO F 275 104.24 9.13 3.98
N VAL F 276 104.30 10.46 4.01
CA VAL F 276 103.55 11.27 4.95
C VAL F 276 102.73 12.25 4.13
N LEU F 277 101.42 12.00 4.02
CA LEU F 277 100.53 12.82 3.22
C LEU F 277 99.17 12.91 3.90
N SER F 278 98.40 13.92 3.51
CA SER F 278 97.08 14.14 4.07
C SER F 278 96.03 13.41 3.24
N LYS F 279 94.77 13.51 3.67
CA LYS F 279 93.67 12.88 2.96
C LYS F 279 93.30 13.60 1.67
N SER F 280 93.73 14.86 1.50
CA SER F 280 93.46 15.61 0.29
C SER F 280 94.55 15.47 -0.77
N LYS F 281 95.74 15.02 -0.38
CA LYS F 281 96.85 14.83 -1.31
C LYS F 281 96.96 13.39 -1.80
N ALA F 282 96.01 12.53 -1.42
CA ALA F 282 96.00 11.13 -1.86
C ALA F 282 95.45 10.96 -3.27
N PHE F 283 94.93 12.02 -3.87
CA PHE F 283 94.39 11.98 -5.22
C PHE F 283 95.39 12.43 -6.27
N HIS F 284 96.66 12.64 -5.88
CA HIS F 284 97.68 13.07 -6.82
C HIS F 284 98.99 12.32 -6.72
N GLU F 285 99.20 11.49 -5.69
CA GLU F 285 100.48 10.82 -5.48
C GLU F 285 100.28 9.31 -5.47
N SER F 286 101.03 8.63 -6.33
CA SER F 286 101.10 7.17 -6.36
C SER F 286 102.54 6.73 -6.56
N ASN F 287 103.46 7.34 -5.83
CA ASN F 287 104.88 7.16 -6.05
C ASN F 287 105.35 5.76 -5.67
N SER F 288 106.54 5.41 -6.16
CA SER F 288 107.16 4.13 -5.86
C SER F 288 108.02 4.26 -4.60
N VAL F 289 108.73 3.17 -4.28
CA VAL F 289 109.51 3.13 -3.04
C VAL F 289 110.73 4.04 -3.10
N SER F 290 111.21 4.40 -4.29
CA SER F 290 112.40 5.24 -4.40
C SER F 290 112.15 6.62 -3.79
N GLU F 291 111.02 7.24 -4.14
CA GLU F 291 110.71 8.56 -3.60
C GLU F 291 110.39 8.49 -2.10
N ILE F 292 109.82 7.36 -1.65
CA ILE F 292 109.58 7.19 -0.23
C ILE F 292 110.90 7.13 0.53
N THR F 293 111.89 6.40 -0.02
CA THR F 293 113.21 6.37 0.59
C THR F 293 113.86 7.75 0.57
N ASN F 294 113.68 8.49 -0.53
CA ASN F 294 114.20 9.85 -0.60
C ASN F 294 113.57 10.73 0.49
N ALA F 295 112.27 10.59 0.71
CA ALA F 295 111.61 11.32 1.79
C ALA F 295 112.14 10.90 3.14
N CYS F 296 112.46 9.61 3.31
CA CYS F 296 113.08 9.16 4.55
C CYS F 296 114.43 9.82 4.77
N PHE F 297 115.22 9.98 3.70
CA PHE F 297 116.52 10.64 3.80
C PHE F 297 116.41 12.13 4.05
N GLU F 298 115.24 12.71 3.90
CA GLU F 298 115.08 14.15 4.13
C GLU F 298 115.25 14.45 5.62
N PRO F 299 115.95 15.54 5.96
CA PRO F 299 116.13 15.89 7.38
C PRO F 299 114.81 16.11 8.12
N GLY F 300 113.78 16.60 7.43
CA GLY F 300 112.54 16.90 8.12
C GLY F 300 111.78 15.67 8.58
N ASN F 301 112.01 14.53 7.94
CA ASN F 301 111.32 13.30 8.25
C ASN F 301 112.15 12.35 9.12
N GLN F 302 113.30 12.80 9.61
CA GLN F 302 114.18 11.97 10.43
C GLN F 302 113.91 12.11 11.93
N MET F 303 112.96 12.97 12.32
CA MET F 303 112.67 13.25 13.72
C MET F 303 113.92 13.71 14.48
N VAL F 304 114.78 14.48 13.82
CA VAL F 304 115.93 15.10 14.44
C VAL F 304 116.25 16.39 13.70
N LYS F 305 116.57 17.44 14.46
CA LYS F 305 116.85 18.76 13.88
C LYS F 305 118.33 18.81 13.48
N CYS F 306 118.66 18.04 12.45
CA CYS F 306 120.01 17.94 11.93
C CYS F 306 119.94 17.46 10.49
N ASP F 307 121.10 17.36 9.85
CA ASP F 307 121.18 16.87 8.48
C ASP F 307 121.70 15.44 8.49
N PRO F 308 120.87 14.44 8.21
CA PRO F 308 121.38 13.06 8.17
C PRO F 308 122.26 12.78 6.97
N ARG F 309 122.17 13.59 5.91
CA ARG F 309 123.01 13.39 4.73
C ARG F 309 124.42 13.91 4.91
N ASP F 310 124.67 14.73 5.93
CA ASP F 310 126.00 15.24 6.21
C ASP F 310 126.83 14.29 7.06
N GLY F 311 126.23 13.23 7.59
CA GLY F 311 126.94 12.26 8.40
C GLY F 311 127.63 11.20 7.55
N LYS F 312 128.06 10.15 8.22
CA LYS F 312 128.75 9.03 7.60
C LYS F 312 127.90 7.77 7.70
N TYR F 313 128.01 6.91 6.69
CA TYR F 313 127.11 5.76 6.58
C TYR F 313 127.33 4.77 7.71
N MET F 314 126.24 4.16 8.14
CA MET F 314 126.25 3.07 9.13
C MET F 314 125.19 2.07 8.71
N ALA F 315 125.32 0.85 9.23
CA ALA F 315 124.39 -0.22 8.89
C ALA F 315 122.95 0.21 9.17
N THR F 316 122.06 -0.06 8.22
CA THR F 316 120.68 0.39 8.28
C THR F 316 119.73 -0.73 7.94
N CYS F 317 118.49 -0.58 8.38
CA CYS F 317 117.42 -1.54 8.13
C CYS F 317 116.27 -0.85 7.41
N LEU F 318 115.71 -1.54 6.42
CA LEU F 318 114.58 -1.03 5.63
C LEU F 318 113.42 -2.01 5.79
N LEU F 319 112.30 -1.52 6.31
CA LEU F 319 111.11 -2.33 6.53
C LEU F 319 110.00 -1.87 5.61
N TYR F 320 109.37 -2.82 4.91
CA TYR F 320 108.40 -2.52 3.87
C TYR F 320 107.09 -3.24 4.17
N ARG F 321 105.98 -2.52 3.96
CA ARG F 321 104.66 -3.06 4.22
C ARG F 321 103.76 -2.84 3.01
N GLY F 322 102.86 -3.79 2.78
CA GLY F 322 101.93 -3.71 1.67
C GLY F 322 102.46 -4.38 0.42
N ASP F 323 102.14 -3.81 -0.75
CA ASP F 323 102.56 -4.37 -2.04
C ASP F 323 103.91 -3.78 -2.42
N VAL F 324 104.96 -4.60 -2.31
CA VAL F 324 106.32 -4.19 -2.65
C VAL F 324 106.96 -5.27 -3.53
N VAL F 325 107.97 -4.85 -4.28
CA VAL F 325 108.69 -5.73 -5.20
C VAL F 325 110.18 -5.65 -4.86
N THR F 326 110.81 -6.82 -4.70
CA THR F 326 112.21 -6.86 -4.29
C THR F 326 113.11 -6.25 -5.36
N ARG F 327 112.81 -6.49 -6.64
CA ARG F 327 113.61 -5.90 -7.71
C ARG F 327 113.52 -4.39 -7.67
N ASP F 328 112.33 -3.85 -7.40
CA ASP F 328 112.15 -2.41 -7.33
C ASP F 328 112.98 -1.81 -6.19
N VAL F 329 112.95 -2.44 -5.02
CA VAL F 329 113.67 -1.88 -3.88
C VAL F 329 115.18 -2.06 -4.06
N GLN F 330 115.62 -3.14 -4.71
CA GLN F 330 117.04 -3.28 -5.00
C GLN F 330 117.49 -2.19 -5.97
N ARG F 331 116.68 -1.91 -6.99
CA ARG F 331 116.99 -0.83 -7.91
C ARG F 331 117.04 0.51 -7.19
N ALA F 332 116.10 0.75 -6.28
CA ALA F 332 116.06 2.01 -5.55
C ALA F 332 117.29 2.19 -4.67
N VAL F 333 117.67 1.15 -3.92
CA VAL F 333 118.84 1.28 -3.05
C VAL F 333 120.12 1.39 -3.86
N GLU F 334 120.19 0.72 -5.01
CA GLU F 334 121.35 0.87 -5.88
C GLU F 334 121.44 2.29 -6.42
N GLN F 335 120.31 2.89 -6.78
CA GLN F 335 120.31 4.29 -7.20
C GLN F 335 120.77 5.20 -6.08
N VAL F 336 120.29 4.94 -4.86
CA VAL F 336 120.72 5.75 -3.71
C VAL F 336 122.21 5.66 -3.51
N LYS F 337 122.78 4.46 -3.63
CA LYS F 337 124.23 4.31 -3.56
C LYS F 337 124.92 5.04 -4.70
N ASN F 338 124.30 5.06 -5.88
CA ASN F 338 124.90 5.75 -7.01
C ASN F 338 124.91 7.26 -6.83
N LYS F 339 123.95 7.81 -6.10
CA LYS F 339 123.88 9.25 -5.88
C LYS F 339 124.95 9.78 -4.95
N LYS F 340 125.87 8.94 -4.47
CA LYS F 340 126.96 9.33 -3.58
C LYS F 340 126.41 9.98 -2.30
N THR F 341 125.69 9.16 -1.56
CA THR F 341 125.13 9.56 -0.27
C THR F 341 126.23 9.48 0.80
N VAL F 342 125.80 9.48 2.07
CA VAL F 342 126.70 9.44 3.23
C VAL F 342 127.81 8.42 3.03
N GLN F 343 129.04 8.79 3.42
CA GLN F 343 130.23 8.03 3.07
C GLN F 343 130.16 6.62 3.65
N LEU F 344 130.17 5.63 2.76
CA LEU F 344 130.11 4.24 3.18
C LEU F 344 131.37 3.83 3.93
N VAL F 345 131.19 3.05 4.99
CA VAL F 345 132.31 2.57 5.78
C VAL F 345 132.86 1.30 5.13
N ASP F 346 134.09 0.95 5.49
CA ASP F 346 134.75 -0.24 4.95
C ASP F 346 134.57 -1.47 5.82
N TRP F 347 133.81 -1.37 6.92
CA TRP F 347 133.65 -2.49 7.83
C TRP F 347 132.46 -3.38 7.48
N CYS F 348 131.38 -2.81 6.93
CA CYS F 348 130.21 -3.61 6.61
C CYS F 348 130.44 -4.44 5.35
N PRO F 349 130.86 -3.84 4.21
CA PRO F 349 131.08 -2.44 3.85
C PRO F 349 129.82 -1.75 3.36
N THR F 350 128.89 -2.53 2.79
CA THR F 350 127.59 -2.03 2.36
C THR F 350 126.53 -3.03 2.79
N GLY F 351 125.77 -2.69 3.82
CA GLY F 351 124.72 -3.57 4.30
C GLY F 351 123.36 -2.91 4.37
N PHE F 352 122.44 -3.36 3.53
CA PHE F 352 121.07 -2.85 3.48
C PHE F 352 120.13 -3.97 3.89
N LYS F 353 119.68 -3.95 5.14
CA LYS F 353 118.73 -4.95 5.60
C LYS F 353 117.35 -4.61 5.07
N ILE F 354 116.74 -5.55 4.35
CA ILE F 354 115.46 -5.37 3.69
C ILE F 354 114.42 -6.23 4.38
N GLY F 355 113.34 -5.60 4.83
CA GLY F 355 112.24 -6.33 5.44
C GLY F 355 110.95 -6.19 4.65
N ILE F 356 110.29 -7.30 4.37
CA ILE F 356 109.06 -7.33 3.58
C ILE F 356 107.92 -7.83 4.45
N CYS F 357 106.83 -7.08 4.47
CA CYS F 357 105.65 -7.44 5.26
C CYS F 357 104.42 -7.44 4.35
N TYR F 358 103.57 -8.45 4.54
CA TYR F 358 102.39 -8.60 3.70
C TYR F 358 101.28 -7.62 4.05
N GLU F 359 101.13 -7.28 5.34
CA GLU F 359 100.00 -6.46 5.75
C GLU F 359 100.11 -5.06 5.17
N PRO F 360 98.99 -4.46 4.75
CA PRO F 360 99.05 -3.10 4.23
C PRO F 360 99.35 -2.11 5.34
N PRO F 361 99.95 -0.96 5.03
CA PRO F 361 100.14 0.08 6.03
C PRO F 361 98.80 0.58 6.56
N THR F 362 98.80 0.95 7.84
CA THR F 362 97.58 1.40 8.52
C THR F 362 97.77 2.80 9.06
N ALA F 363 96.67 3.54 9.16
CA ALA F 363 96.69 4.92 9.62
C ALA F 363 95.58 5.14 10.64
N THR F 364 95.76 6.17 11.47
CA THR F 364 94.81 6.45 12.54
C THR F 364 93.69 7.36 12.05
N PRO F 365 92.43 7.01 12.28
CA PRO F 365 91.34 7.94 11.94
C PRO F 365 91.42 9.27 12.69
N ASN F 366 92.00 9.29 13.89
CA ASN F 366 92.19 10.53 14.62
C ASN F 366 93.27 11.41 14.01
N SER F 367 94.16 10.84 13.20
CA SER F 367 95.20 11.59 12.51
C SER F 367 94.81 11.80 11.05
N GLN F 368 95.47 12.77 10.42
CA GLN F 368 95.19 13.13 9.04
C GLN F 368 96.11 12.44 8.04
N LEU F 369 96.59 11.24 8.37
CA LEU F 369 97.46 10.48 7.49
C LEU F 369 96.59 9.57 6.61
N ALA F 370 96.72 9.74 5.30
CA ALA F 370 95.94 8.93 4.37
C ALA F 370 96.50 7.51 4.31
N THR F 371 95.60 6.55 4.17
CA THR F 371 96.00 5.15 4.02
C THR F 371 96.73 4.95 2.69
N VAL F 372 97.87 4.28 2.73
CA VAL F 372 98.70 4.07 1.55
C VAL F 372 98.95 2.58 1.37
N ASP F 373 99.13 2.18 0.12
CA ASP F 373 99.35 0.77 -0.21
C ASP F 373 100.77 0.30 0.10
N ARG F 374 101.71 1.22 0.32
CA ARG F 374 103.08 0.86 0.63
C ARG F 374 103.70 1.96 1.48
N ALA F 375 104.46 1.55 2.50
CA ALA F 375 105.11 2.49 3.42
C ALA F 375 106.50 1.97 3.76
N VAL F 376 107.38 2.88 4.16
CA VAL F 376 108.76 2.57 4.52
C VAL F 376 109.04 3.07 5.93
N CYS F 377 109.56 2.19 6.77
CA CYS F 377 110.15 2.55 8.05
C CYS F 377 111.65 2.25 7.96
N MET F 378 112.48 3.27 8.12
CA MET F 378 113.92 3.16 7.96
C MET F 378 114.60 3.36 9.30
N LEU F 379 115.47 2.42 9.66
CA LEU F 379 116.26 2.48 10.89
C LEU F 379 117.73 2.54 10.54
N SER F 380 118.44 3.54 11.06
CA SER F 380 119.85 3.71 10.77
C SER F 380 120.54 4.35 11.97
N ASN F 381 121.73 3.84 12.31
CA ASN F 381 122.52 4.39 13.41
C ASN F 381 123.52 5.41 12.86
N THR F 382 122.97 6.42 12.20
CA THR F 382 123.79 7.47 11.60
C THR F 382 124.37 8.37 12.70
N THR F 383 125.58 8.87 12.45
CA THR F 383 126.30 9.73 13.38
C THR F 383 125.95 11.19 13.23
N SER F 384 124.78 11.51 12.67
CA SER F 384 124.39 12.89 12.40
C SER F 384 123.78 13.60 13.60
N ILE F 385 123.49 12.89 14.69
CA ILE F 385 122.97 13.57 15.88
C ILE F 385 124.12 14.06 16.75
N ALA F 386 125.37 13.83 16.32
CA ALA F 386 126.52 14.24 17.11
C ALA F 386 126.51 15.74 17.34
N GLU F 387 126.21 16.53 16.29
CA GLU F 387 126.10 17.97 16.49
C GLU F 387 124.89 18.33 17.35
N ALA F 388 123.86 17.48 17.40
CA ALA F 388 122.75 17.75 18.30
C ALA F 388 123.18 17.63 19.76
N TRP F 389 123.86 16.53 20.12
CA TRP F 389 124.42 16.48 21.47
C TRP F 389 125.47 17.56 21.69
N LYS F 390 126.17 17.98 20.64
CA LYS F 390 127.14 19.07 20.79
C LYS F 390 126.45 20.38 21.16
N ARG F 391 125.31 20.67 20.51
CA ARG F 391 124.55 21.87 20.87
C ARG F 391 124.01 21.78 22.28
N ILE F 392 123.48 20.60 22.65
CA ILE F 392 123.01 20.42 24.02
C ILE F 392 124.14 20.61 25.01
N ASP F 393 125.34 20.14 24.66
CA ASP F 393 126.49 20.25 25.55
C ASP F 393 127.01 21.68 25.62
N ARG F 394 126.88 22.45 24.55
CA ARG F 394 127.22 23.87 24.62
C ARG F 394 126.26 24.60 25.54
N LYS F 395 124.96 24.29 25.43
CA LYS F 395 124.01 24.79 26.41
C LYS F 395 124.43 24.40 27.82
N PHE F 396 124.87 23.15 28.00
CA PHE F 396 125.32 22.69 29.30
C PHE F 396 126.50 23.50 29.81
N ASP F 397 127.49 23.76 28.96
CA ASP F 397 128.64 24.53 29.40
C ASP F 397 128.23 25.94 29.81
N LEU F 398 127.38 26.59 29.02
CA LEU F 398 127.01 27.97 29.31
C LEU F 398 126.15 28.07 30.56
N MET F 399 125.30 27.07 30.82
CA MET F 399 124.50 27.15 32.04
C MET F 399 125.14 26.42 33.21
N TYR F 400 126.30 25.79 33.00
CA TYR F 400 127.11 25.21 34.05
C TYR F 400 128.22 26.14 34.50
N ALA F 401 128.51 27.20 33.73
CA ALA F 401 129.45 28.21 34.21
C ALA F 401 129.05 28.76 35.57
N LYS F 402 127.77 29.07 35.75
CA LYS F 402 127.22 29.43 37.06
C LYS F 402 126.64 28.24 37.79
N ARG F 403 126.36 27.16 37.07
CA ARG F 403 125.83 25.86 37.51
C ARG F 403 124.36 25.92 37.88
N ALA F 404 123.86 27.11 38.24
CA ALA F 404 122.46 27.50 38.22
C ALA F 404 121.51 26.64 39.06
N PHE F 405 121.94 25.44 39.47
CA PHE F 405 121.04 24.49 40.11
C PHE F 405 121.73 23.67 41.20
N VAL F 406 123.06 23.80 41.27
CA VAL F 406 123.83 22.97 42.19
C VAL F 406 123.43 23.20 43.63
N HIS F 407 122.78 24.33 43.95
CA HIS F 407 122.27 24.53 45.30
C HIS F 407 121.37 23.36 45.71
N TRP F 408 120.25 23.19 45.02
CA TRP F 408 119.34 22.08 45.33
C TRP F 408 119.99 20.74 45.04
N TYR F 409 120.75 20.64 43.94
CA TYR F 409 121.31 19.35 43.57
C TYR F 409 122.25 18.82 44.65
N VAL F 410 123.08 19.68 45.23
CA VAL F 410 123.95 19.28 46.33
C VAL F 410 123.13 19.12 47.61
N GLY F 411 122.15 19.99 47.83
CA GLY F 411 121.35 19.91 49.04
C GLY F 411 120.60 18.61 49.20
N GLU F 412 120.19 17.98 48.10
CA GLU F 412 119.58 16.66 48.21
C GLU F 412 120.59 15.54 48.35
N GLY F 413 121.86 15.77 48.02
CA GLY F 413 122.88 14.77 48.26
C GLY F 413 123.88 14.55 47.16
N MET F 414 123.72 15.25 46.02
CA MET F 414 124.63 15.10 44.90
C MET F 414 125.77 16.11 45.01
N GLU F 415 126.61 16.15 43.98
CA GLU F 415 127.73 17.08 43.93
C GLU F 415 128.20 17.21 42.49
N GLU F 416 129.07 18.21 42.26
CA GLU F 416 129.47 18.57 40.90
C GLU F 416 130.25 17.46 40.19
N GLY F 417 130.77 16.49 40.95
CA GLY F 417 131.50 15.40 40.32
C GLY F 417 130.65 14.58 39.37
N GLU F 418 129.38 14.36 39.73
CA GLU F 418 128.48 13.63 38.84
C GLU F 418 128.24 14.41 37.55
N PHE F 419 128.05 15.73 37.65
CA PHE F 419 127.87 16.54 36.46
C PHE F 419 129.11 16.51 35.58
N THR F 420 130.30 16.59 36.19
CA THR F 420 131.53 16.54 35.40
C THR F 420 131.69 15.17 34.73
N GLU F 421 131.34 14.09 35.45
CA GLU F 421 131.43 12.77 34.86
C GLU F 421 130.46 12.62 33.69
N ALA F 422 129.24 13.14 33.82
CA ALA F 422 128.31 13.12 32.70
C ALA F 422 128.82 13.95 31.54
N ARG F 423 129.44 15.10 31.82
CA ARG F 423 130.02 15.93 30.77
C ARG F 423 131.10 15.18 30.00
N GLU F 424 132.02 14.53 30.72
CA GLU F 424 133.08 13.82 30.03
C GLU F 424 132.57 12.56 29.33
N ASP F 425 131.51 11.95 29.86
CA ASP F 425 130.88 10.82 29.16
C ASP F 425 130.26 11.28 27.85
N LEU F 426 129.59 12.42 27.85
CA LEU F 426 129.02 12.94 26.61
C LEU F 426 130.11 13.31 25.62
N ALA F 427 131.21 13.91 26.11
CA ALA F 427 132.33 14.22 25.23
C ALA F 427 132.92 12.95 24.62
N ALA F 428 133.07 11.90 25.43
CA ALA F 428 133.59 10.63 24.92
C ALA F 428 132.63 10.02 23.89
N LEU F 429 131.32 10.13 24.13
CA LEU F 429 130.35 9.63 23.16
C LEU F 429 130.45 10.37 21.84
N GLU F 430 130.59 11.69 21.89
CA GLU F 430 130.75 12.46 20.65
C GLU F 430 132.05 12.10 19.94
N ARG F 431 133.13 11.91 20.71
CA ARG F 431 134.41 11.52 20.12
C ARG F 431 134.30 10.15 19.45
N ASP F 432 133.61 9.20 20.09
CA ASP F 432 133.38 7.90 19.47
C ASP F 432 132.51 8.02 18.22
N TYR F 433 131.52 8.92 18.25
CA TYR F 433 130.72 9.19 17.06
C TYR F 433 131.59 9.63 15.90
N ILE F 434 132.52 10.54 16.16
CA ILE F 434 133.44 11.00 15.12
C ILE F 434 134.35 9.86 14.66
N GLU F 435 134.87 9.09 15.62
CA GLU F 435 135.92 8.11 15.31
C GLU F 435 135.37 6.92 14.53
N VAL F 436 134.14 6.48 14.84
CA VAL F 436 133.61 5.29 14.20
C VAL F 436 133.46 5.49 12.69
N GLY F 437 133.26 6.74 12.26
CA GLY F 437 133.22 7.03 10.84
C GLY F 437 134.56 7.50 10.33
N ALA F 438 135.40 8.02 11.22
CA ALA F 438 136.73 8.48 10.81
C ALA F 438 137.70 7.32 10.58
N ASP F 439 137.43 6.15 11.16
CA ASP F 439 138.32 5.02 10.96
C ASP F 439 138.35 4.58 9.50
N SER F 440 137.18 4.56 8.86
CA SER F 440 137.10 4.16 7.46
C SER F 440 137.68 5.22 6.54
N MET G 1 115.33 10.88 -21.90
CA MET G 1 115.06 11.44 -23.21
C MET G 1 113.62 11.09 -23.60
N ARG G 2 112.72 11.23 -22.65
CA ARG G 2 111.33 10.88 -22.87
C ARG G 2 110.35 11.97 -22.50
N GLU G 3 110.60 12.71 -21.42
CA GLU G 3 109.63 13.64 -20.86
C GLU G 3 110.06 15.09 -21.08
N VAL G 4 109.08 15.97 -21.16
CA VAL G 4 109.29 17.40 -21.32
C VAL G 4 108.59 18.11 -20.17
N ILE G 5 109.32 18.98 -19.47
CA ILE G 5 108.80 19.72 -18.32
C ILE G 5 108.54 21.16 -18.75
N SER G 6 107.36 21.66 -18.42
CA SER G 6 106.92 23.00 -18.80
C SER G 6 106.77 23.87 -17.56
N ILE G 7 107.30 25.08 -17.63
CA ILE G 7 107.24 26.04 -16.53
C ILE G 7 106.69 27.36 -17.06
N ASN G 8 105.70 27.91 -16.38
CA ASN G 8 105.09 29.18 -16.75
C ASN G 8 105.36 30.21 -15.67
N VAL G 9 105.85 31.38 -16.07
CA VAL G 9 106.16 32.47 -15.16
C VAL G 9 105.43 33.71 -15.63
N GLY G 10 104.80 34.41 -14.69
CA GLY G 10 104.04 35.60 -14.99
C GLY G 10 102.57 35.30 -15.27
N GLN G 11 101.74 36.33 -15.11
CA GLN G 11 100.30 36.16 -15.31
C GLN G 11 99.97 35.79 -16.75
N ALA G 12 100.64 36.43 -17.72
CA ALA G 12 100.41 36.09 -19.11
C ALA G 12 100.83 34.65 -19.41
N GLY G 13 101.99 34.24 -18.88
CA GLY G 13 102.42 32.86 -19.07
C GLY G 13 101.46 31.86 -18.43
N CYS G 14 100.93 32.20 -17.26
CA CYS G 14 99.96 31.33 -16.61
C CYS G 14 98.67 31.22 -17.41
N GLN G 15 98.20 32.33 -17.99
CA GLN G 15 97.01 32.26 -18.84
C GLN G 15 97.27 31.41 -20.08
N ILE G 16 98.44 31.57 -20.70
CA ILE G 16 98.79 30.77 -21.87
C ILE G 16 98.84 29.28 -21.49
N GLY G 17 99.44 28.97 -20.34
CA GLY G 17 99.48 27.60 -19.89
C GLY G 17 98.10 27.03 -19.63
N ASN G 18 97.24 27.80 -18.97
CA ASN G 18 95.87 27.35 -18.72
C ASN G 18 95.18 27.01 -20.04
N ALA G 19 95.30 27.90 -21.02
CA ALA G 19 94.70 27.63 -22.33
C ALA G 19 95.27 26.37 -22.94
N CYS G 20 96.60 26.20 -22.89
CA CYS G 20 97.22 25.09 -23.60
C CYS G 20 96.88 23.75 -22.94
N TRP G 21 96.82 23.70 -21.60
CA TRP G 21 96.36 22.45 -20.99
C TRP G 21 94.87 22.21 -21.23
N GLU G 22 94.07 23.28 -21.32
CA GLU G 22 92.68 23.08 -21.72
C GLU G 22 92.59 22.40 -23.08
N LEU G 23 93.36 22.90 -24.05
CA LEU G 23 93.40 22.21 -25.35
C LEU G 23 93.86 20.77 -25.19
N TYR G 24 95.01 20.56 -24.55
CA TYR G 24 95.56 19.20 -24.41
C TYR G 24 94.52 18.24 -23.86
N SER G 25 93.75 18.68 -22.86
CA SER G 25 92.62 17.89 -22.40
C SER G 25 91.59 17.70 -23.51
N LEU G 26 91.42 18.71 -24.36
CA LEU G 26 90.38 18.60 -25.40
C LEU G 26 90.73 17.54 -26.44
N GLU G 27 91.89 17.63 -27.08
CA GLU G 27 92.14 16.66 -28.16
C GLU G 27 92.42 15.26 -27.61
N HIS G 28 93.13 15.15 -26.50
CA HIS G 28 93.46 13.83 -25.97
C HIS G 28 92.36 13.24 -25.10
N GLY G 29 91.20 13.91 -25.02
CA GLY G 29 90.03 13.29 -24.41
C GLY G 29 90.01 13.24 -22.91
N ILE G 30 90.78 14.10 -22.24
CA ILE G 30 90.74 14.19 -20.78
C ILE G 30 89.71 15.24 -20.39
N LYS G 31 88.82 14.86 -19.46
CA LYS G 31 87.83 15.79 -18.95
C LYS G 31 88.51 16.89 -18.13
N PRO G 32 87.83 18.03 -17.93
CA PRO G 32 88.48 19.16 -17.23
C PRO G 32 88.92 18.85 -15.81
N ASP G 33 88.67 17.63 -15.32
CA ASP G 33 89.17 17.20 -14.01
C ASP G 33 90.06 15.98 -14.08
N GLY G 34 90.04 15.22 -15.15
CA GLY G 34 90.90 14.06 -15.30
C GLY G 34 90.29 12.80 -14.71
N HIS G 35 90.85 11.66 -15.15
CA HIS G 35 90.47 10.34 -14.66
C HIS G 35 88.97 10.06 -14.87
N LEU G 36 88.59 9.92 -16.14
CA LEU G 36 89.50 9.94 -17.27
C LEU G 36 89.24 11.10 -18.26
N GLU G 37 88.03 11.33 -18.79
CA GLU G 37 86.78 10.55 -18.70
C GLU G 37 86.13 10.47 -20.08
N ASP G 38 86.37 9.42 -20.87
CA ASP G 38 87.26 8.32 -20.54
C ASP G 38 88.49 8.35 -21.45
N GLY G 39 89.31 7.31 -21.37
CA GLY G 39 90.44 7.16 -22.27
C GLY G 39 89.95 6.97 -23.69
N LEU G 40 90.78 7.40 -24.64
CA LEU G 40 90.38 7.43 -26.03
C LEU G 40 91.20 6.48 -26.90
N SER G 41 92.52 6.59 -26.82
CA SER G 41 93.44 5.96 -27.76
C SER G 41 94.75 5.73 -27.01
N LYS G 42 95.63 4.86 -27.54
CA LYS G 42 95.68 4.09 -28.81
C LYS G 42 95.73 4.91 -30.12
N PRO G 43 96.74 5.78 -30.27
CA PRO G 43 97.77 6.18 -29.31
C PRO G 43 97.49 7.53 -28.60
N LYS G 44 97.27 7.47 -27.28
CA LYS G 44 97.34 8.65 -26.43
C LYS G 44 98.02 8.37 -25.10
N GLY G 45 98.42 7.12 -24.85
CA GLY G 45 99.02 6.73 -23.59
C GLY G 45 98.14 5.81 -22.79
N GLY G 46 98.39 4.50 -22.87
CA GLY G 46 99.39 3.97 -23.79
C GLY G 46 98.88 3.86 -25.21
N GLU G 47 99.78 3.74 -26.18
CA GLU G 47 101.22 3.70 -25.92
C GLU G 47 101.81 5.09 -25.78
N GLU G 48 103.05 5.16 -25.29
CA GLU G 48 103.72 6.43 -25.08
C GLU G 48 104.03 7.10 -26.42
N GLY G 49 103.75 8.41 -26.52
CA GLY G 49 103.12 9.17 -25.46
C GLY G 49 101.61 9.10 -25.50
N PHE G 50 100.94 9.36 -24.38
CA PHE G 50 101.56 9.83 -23.14
C PHE G 50 102.19 8.65 -22.36
N SER G 51 103.07 8.90 -21.39
CA SER G 51 103.35 10.22 -20.81
C SER G 51 104.40 11.03 -21.57
N THR G 52 104.00 12.24 -21.95
CA THR G 52 104.92 13.25 -22.46
C THR G 52 104.77 14.59 -21.76
N PHE G 53 103.56 14.99 -21.39
CA PHE G 53 103.31 16.21 -20.62
C PHE G 53 102.44 15.91 -19.41
N PHE G 54 101.58 14.91 -19.53
CA PHE G 54 100.70 14.48 -18.45
C PHE G 54 101.30 13.26 -17.77
N HIS G 55 101.48 13.35 -16.46
CA HIS G 55 101.99 12.21 -15.70
C HIS G 55 100.97 11.08 -15.69
N GLU G 56 101.44 9.85 -15.87
CA GLU G 56 100.57 8.68 -15.86
C GLU G 56 100.49 8.16 -14.43
N THR G 57 99.43 8.54 -13.72
CA THR G 57 99.23 8.08 -12.35
C THR G 57 98.93 6.59 -12.32
N GLY G 58 99.42 5.91 -11.29
CA GLY G 58 99.15 4.49 -11.15
C GLY G 58 97.69 4.16 -11.04
N TYR G 59 96.91 5.07 -10.44
CA TYR G 59 95.46 4.89 -10.36
C TYR G 59 94.77 5.06 -11.71
N GLY G 60 95.48 5.52 -12.74
CA GLY G 60 94.90 5.78 -14.03
C GLY G 60 94.64 7.24 -14.32
N LYS G 61 95.02 8.15 -13.43
CA LYS G 61 94.79 9.57 -13.62
C LYS G 61 95.88 10.17 -14.50
N PHE G 62 95.59 11.36 -15.03
CA PHE G 62 96.54 12.11 -15.85
C PHE G 62 96.83 13.44 -15.16
N VAL G 63 98.10 13.68 -14.85
CA VAL G 63 98.50 14.87 -14.11
C VAL G 63 99.53 15.65 -14.92
N PRO G 64 99.22 16.86 -15.35
CA PRO G 64 100.23 17.71 -15.99
C PRO G 64 101.42 17.93 -15.06
N ARG G 65 102.63 17.89 -15.64
CA ARG G 65 103.87 18.09 -14.89
C ARG G 65 104.35 19.51 -15.17
N ALA G 66 103.81 20.47 -14.43
CA ALA G 66 104.16 21.86 -14.59
C ALA G 66 104.35 22.49 -13.22
N ILE G 67 105.18 23.53 -13.17
CA ILE G 67 105.47 24.26 -11.94
C ILE G 67 105.07 25.71 -12.14
N TYR G 68 104.14 26.17 -11.32
CA TYR G 68 103.66 27.55 -11.36
C TYR G 68 104.40 28.35 -10.29
N VAL G 69 105.38 29.13 -10.72
CA VAL G 69 106.16 29.99 -9.83
C VAL G 69 105.80 31.44 -10.12
N ASP G 70 105.45 32.18 -9.06
CA ASP G 70 105.07 33.58 -9.18
C ASP G 70 104.99 34.15 -7.77
N LEU G 71 105.29 35.44 -7.66
CA LEU G 71 105.24 36.15 -6.39
C LEU G 71 103.90 36.85 -6.16
N GLU G 72 102.98 36.77 -7.11
CA GLU G 72 101.64 37.33 -6.96
C GLU G 72 100.66 36.22 -6.69
N PRO G 73 100.11 36.12 -5.47
CA PRO G 73 99.24 34.97 -5.15
C PRO G 73 97.91 34.97 -5.87
N ASN G 74 97.52 36.08 -6.50
CA ASN G 74 96.21 36.14 -7.15
C ASN G 74 96.09 35.13 -8.29
N VAL G 75 97.14 34.98 -9.10
CA VAL G 75 97.09 34.02 -10.20
C VAL G 75 96.98 32.61 -9.67
N ILE G 76 97.74 32.28 -8.62
CA ILE G 76 97.69 30.94 -8.05
C ILE G 76 96.31 30.66 -7.46
N ASP G 77 95.71 31.66 -6.81
CA ASP G 77 94.37 31.49 -6.27
C ASP G 77 93.35 31.29 -7.39
N GLU G 78 93.48 32.03 -8.49
CA GLU G 78 92.59 31.86 -9.62
C GLU G 78 92.73 30.48 -10.24
N VAL G 79 93.95 29.94 -10.27
CA VAL G 79 94.15 28.58 -10.76
C VAL G 79 93.52 27.58 -9.80
N ARG G 80 93.69 27.79 -8.49
CA ARG G 80 93.26 26.82 -7.49
C ARG G 80 91.76 26.82 -7.25
N ASN G 81 91.05 27.91 -7.53
CA ASN G 81 89.61 27.95 -7.30
C ASN G 81 88.79 27.52 -8.51
N GLY G 82 89.44 27.12 -9.60
CA GLY G 82 88.75 26.67 -10.78
C GLY G 82 88.93 25.18 -11.00
N PRO G 83 88.61 24.71 -12.22
CA PRO G 83 88.78 23.29 -12.53
C PRO G 83 90.24 22.84 -12.63
N TYR G 84 91.19 23.77 -12.60
CA TYR G 84 92.60 23.42 -12.72
C TYR G 84 93.15 22.76 -11.45
N LYS G 85 92.39 22.76 -10.36
CA LYS G 85 92.89 22.22 -9.11
C LYS G 85 93.13 20.71 -9.20
N ASP G 86 92.33 20.01 -10.00
CA ASP G 86 92.46 18.57 -10.13
C ASP G 86 93.56 18.13 -11.08
N LEU G 87 94.21 19.08 -11.75
CA LEU G 87 95.27 18.75 -12.70
C LEU G 87 96.67 18.98 -12.14
N PHE G 88 96.86 19.97 -11.28
CA PHE G 88 98.18 20.34 -10.80
C PHE G 88 98.38 19.85 -9.38
N HIS G 89 99.55 19.27 -9.12
CA HIS G 89 99.88 18.79 -7.79
C HIS G 89 99.97 19.97 -6.83
N PRO G 90 99.49 19.83 -5.59
CA PRO G 90 99.52 20.97 -4.66
C PRO G 90 100.92 21.52 -4.41
N GLU G 91 101.93 20.66 -4.36
CA GLU G 91 103.30 21.13 -4.14
C GLU G 91 103.91 21.77 -5.38
N GLN G 92 103.36 21.50 -6.57
CA GLN G 92 103.85 22.13 -7.79
C GLN G 92 103.37 23.55 -7.95
N LEU G 93 102.36 23.97 -7.20
CA LEU G 93 101.82 25.32 -7.27
C LEU G 93 102.54 26.19 -6.25
N ILE G 94 103.66 26.78 -6.65
CA ILE G 94 104.45 27.63 -5.77
C ILE G 94 103.81 29.01 -5.70
N SER G 95 103.04 29.26 -4.64
CA SER G 95 102.37 30.53 -4.46
C SER G 95 103.26 31.50 -3.69
N GLY G 96 103.47 32.68 -4.26
CA GLY G 96 104.27 33.70 -3.59
C GLY G 96 103.42 34.62 -2.73
N LYS G 97 104.08 35.22 -1.73
CA LYS G 97 103.41 36.13 -0.81
C LYS G 97 104.09 37.49 -0.69
N GLU G 98 105.17 37.75 -1.42
CA GLU G 98 105.92 38.99 -1.33
C GLU G 98 105.68 39.82 -2.59
N ASP G 99 105.22 41.05 -2.41
CA ASP G 99 104.95 41.96 -3.52
C ASP G 99 105.66 43.29 -3.25
N ALA G 100 106.70 43.57 -4.02
CA ALA G 100 107.42 44.83 -3.88
C ALA G 100 107.65 45.49 -5.22
N ALA G 101 107.54 44.71 -6.30
CA ALA G 101 107.68 45.22 -7.66
C ALA G 101 107.05 44.21 -8.60
N ASN G 102 106.87 44.61 -9.87
CA ASN G 102 106.35 43.72 -10.90
C ASN G 102 107.27 43.77 -12.13
N ASN G 103 108.35 42.99 -12.10
CA ASN G 103 108.92 42.41 -10.88
C ASN G 103 110.43 42.44 -11.03
N TYR G 104 110.89 42.91 -12.18
CA TYR G 104 112.30 42.78 -12.54
C TYR G 104 113.22 43.62 -11.65
N ALA G 105 112.67 44.59 -10.92
CA ALA G 105 113.51 45.39 -10.03
C ALA G 105 114.21 44.50 -9.01
N ARG G 106 113.46 43.58 -8.40
CA ARG G 106 114.01 42.65 -7.43
C ARG G 106 114.01 41.20 -7.92
N GLY G 107 113.34 40.90 -9.03
CA GLY G 107 113.24 39.52 -9.48
C GLY G 107 114.58 38.92 -9.88
N HIS G 108 115.39 39.69 -10.61
CA HIS G 108 116.66 39.20 -11.12
C HIS G 108 117.83 39.44 -10.15
N TYR G 109 117.55 39.52 -8.85
CA TYR G 109 118.56 39.87 -7.86
C TYR G 109 118.43 38.89 -6.68
N THR G 110 119.08 39.24 -5.57
CA THR G 110 119.14 38.35 -4.41
C THR G 110 117.77 38.04 -3.84
N VAL G 111 116.75 38.85 -4.15
CA VAL G 111 115.42 38.64 -3.59
C VAL G 111 114.81 37.35 -4.10
N GLY G 112 115.18 36.92 -5.31
CA GLY G 112 114.52 35.78 -5.90
C GLY G 112 115.23 34.46 -5.65
N ARG G 113 116.53 34.50 -5.37
CA ARG G 113 117.30 33.26 -5.36
C ARG G 113 117.27 32.53 -4.03
N GLU G 114 116.62 33.06 -2.99
CA GLU G 114 116.40 32.24 -1.81
C GLU G 114 115.17 31.35 -1.96
N ILE G 115 114.32 31.62 -2.94
CA ILE G 115 113.22 30.74 -3.29
C ILE G 115 113.59 29.78 -4.42
N LEU G 116 114.54 30.16 -5.28
CA LEU G 116 114.94 29.30 -6.39
C LEU G 116 115.46 27.94 -5.91
N GLY G 117 116.01 27.85 -4.71
CA GLY G 117 116.48 26.57 -4.22
C GLY G 117 115.35 25.55 -4.11
N ASP G 118 114.22 25.97 -3.57
CA ASP G 118 113.06 25.09 -3.47
C ASP G 118 112.55 24.70 -4.85
N VAL G 119 112.55 25.64 -5.80
CA VAL G 119 112.10 25.33 -7.15
C VAL G 119 113.00 24.30 -7.80
N LEU G 120 114.32 24.47 -7.67
CA LEU G 120 115.26 23.49 -8.23
C LEU G 120 115.11 22.14 -7.56
N ASP G 121 114.91 22.10 -6.24
CA ASP G 121 114.70 20.83 -5.57
C ASP G 121 113.43 20.15 -6.07
N ARG G 122 112.35 20.91 -6.25
CA ARG G 122 111.10 20.34 -6.72
C ARG G 122 111.23 19.80 -8.14
N ILE G 123 111.90 20.55 -9.02
CA ILE G 123 112.02 20.08 -10.40
C ILE G 123 112.98 18.88 -10.47
N ARG G 124 113.99 18.84 -9.62
CA ARG G 124 114.86 17.65 -9.56
C ARG G 124 114.08 16.43 -9.09
N LYS G 125 113.22 16.60 -8.08
CA LYS G 125 112.40 15.49 -7.62
C LYS G 125 111.43 15.04 -8.72
N LEU G 126 110.86 15.99 -9.45
CA LEU G 126 109.96 15.62 -10.55
C LEU G 126 110.69 14.89 -11.66
N ALA G 127 111.92 15.32 -11.98
CA ALA G 127 112.72 14.62 -12.98
C ALA G 127 113.05 13.20 -12.52
N ASP G 128 113.39 13.04 -11.24
CA ASP G 128 113.62 11.71 -10.71
C ASP G 128 112.35 10.88 -10.71
N GLN G 129 111.18 11.52 -10.64
CA GLN G 129 109.91 10.80 -10.69
C GLN G 129 109.74 10.09 -12.02
N CYS G 130 110.06 10.78 -13.12
CA CYS G 130 109.86 10.23 -14.45
C CYS G 130 111.13 9.54 -14.95
N ASP G 131 110.99 8.79 -16.04
CA ASP G 131 112.09 8.06 -16.65
C ASP G 131 112.63 8.87 -17.82
N GLY G 132 113.79 9.49 -17.64
CA GLY G 132 114.43 10.27 -18.68
C GLY G 132 113.93 11.69 -18.72
N LEU G 133 114.61 12.49 -19.54
CA LEU G 133 114.27 13.91 -19.71
C LEU G 133 114.73 14.36 -21.08
N GLN G 134 113.83 15.01 -21.82
CA GLN G 134 114.10 15.42 -23.20
C GLN G 134 114.35 16.92 -23.33
N GLY G 135 113.43 17.76 -22.87
CA GLY G 135 113.59 19.19 -23.00
C GLY G 135 112.64 19.92 -22.08
N PHE G 136 112.75 21.25 -22.09
CA PHE G 136 111.95 22.11 -21.24
C PHE G 136 111.15 23.09 -22.09
N LEU G 137 109.95 23.42 -21.63
CA LEU G 137 109.08 24.40 -22.27
C LEU G 137 108.94 25.61 -21.35
N PHE G 138 109.15 26.80 -21.90
CA PHE G 138 109.09 28.04 -21.14
C PHE G 138 107.98 28.93 -21.71
N THR G 139 107.15 29.47 -20.83
CA THR G 139 106.10 30.40 -21.22
C THR G 139 106.09 31.56 -20.23
N HIS G 140 106.70 32.67 -20.63
CA HIS G 140 106.77 33.86 -19.79
C HIS G 140 106.63 35.09 -20.67
N SER G 141 106.22 36.19 -20.05
CA SER G 141 106.02 37.46 -20.74
C SER G 141 107.19 38.38 -20.44
N LEU G 142 107.84 38.86 -21.50
CA LEU G 142 108.94 39.81 -21.34
C LEU G 142 108.46 41.19 -20.92
N GLY G 143 107.16 41.46 -21.01
CA GLY G 143 106.62 42.70 -20.51
C GLY G 143 106.56 42.72 -19.00
N GLY G 144 105.86 41.75 -18.42
CA GLY G 144 105.83 41.59 -16.98
C GLY G 144 107.21 41.23 -16.46
N GLY G 145 107.71 41.98 -15.48
CA GLY G 145 109.03 41.71 -14.94
C GLY G 145 109.17 40.36 -14.28
N THR G 146 108.09 39.83 -13.72
CA THR G 146 108.13 38.50 -13.13
C THR G 146 108.60 37.47 -14.13
N GLY G 147 107.96 37.44 -15.31
CA GLY G 147 108.37 36.50 -16.34
C GLY G 147 109.83 36.65 -16.70
N SER G 148 110.22 37.86 -17.11
CA SER G 148 111.60 38.10 -17.51
C SER G 148 112.59 37.62 -16.46
N GLY G 149 112.51 38.20 -15.26
CA GLY G 149 113.47 37.90 -14.21
C GLY G 149 113.49 36.46 -13.78
N LEU G 150 112.35 35.94 -13.33
CA LEU G 150 112.32 34.57 -12.82
C LEU G 150 112.64 33.56 -13.91
N GLY G 151 112.10 33.75 -15.12
CA GLY G 151 112.42 32.85 -16.21
C GLY G 151 113.90 32.84 -16.54
N SER G 152 114.54 34.01 -16.58
CA SER G 152 115.97 34.05 -16.85
C SER G 152 116.76 33.35 -15.75
N LEU G 153 116.38 33.57 -14.49
CA LEU G 153 117.08 32.92 -13.39
C LEU G 153 116.97 31.40 -13.50
N LEU G 154 115.76 30.89 -13.75
CA LEU G 154 115.60 29.47 -14.03
C LEU G 154 116.42 29.03 -15.23
N LEU G 155 116.54 29.89 -16.25
CA LEU G 155 117.33 29.53 -17.42
C LEU G 155 118.78 29.23 -17.04
N GLU G 156 119.42 30.15 -16.31
CA GLU G 156 120.81 29.85 -15.97
C GLU G 156 120.91 28.68 -15.02
N GLU G 157 119.95 28.55 -14.08
CA GLU G 157 120.02 27.46 -13.11
C GLU G 157 119.94 26.09 -13.80
N LEU G 158 118.95 25.92 -14.70
CA LEU G 158 118.78 24.62 -15.34
C LEU G 158 119.73 24.42 -16.52
N SER G 159 120.36 25.48 -17.02
CA SER G 159 121.48 25.27 -17.95
C SER G 159 122.71 24.81 -17.19
N ALA G 160 122.86 25.24 -15.93
CA ALA G 160 123.98 24.77 -15.13
C ALA G 160 123.77 23.33 -14.64
N GLU G 161 122.54 22.96 -14.27
CA GLU G 161 122.32 21.66 -13.66
C GLU G 161 122.50 20.52 -14.66
N TYR G 162 122.00 20.68 -15.89
CA TYR G 162 122.15 19.66 -16.92
C TYR G 162 123.05 20.11 -18.06
N GLY G 163 122.72 21.21 -18.72
CA GLY G 163 123.51 21.67 -19.86
C GLY G 163 123.45 20.79 -21.09
N LYS G 164 122.55 19.79 -21.12
CA LYS G 164 122.46 18.89 -22.26
C LYS G 164 121.05 18.73 -22.80
N LYS G 165 120.06 19.39 -22.22
CA LYS G 165 118.67 19.25 -22.65
C LYS G 165 118.27 20.44 -23.51
N SER G 166 117.33 20.19 -24.42
CA SER G 166 116.82 21.25 -25.30
C SER G 166 116.04 22.27 -24.48
N LYS G 167 116.22 23.54 -24.83
CA LYS G 167 115.62 24.66 -24.10
C LYS G 167 114.73 25.43 -25.06
N LEU G 168 113.42 25.23 -24.94
CA LEU G 168 112.43 25.93 -25.76
C LEU G 168 111.74 26.99 -24.92
N GLU G 169 111.80 28.24 -25.39
CA GLU G 169 111.25 29.39 -24.65
C GLU G 169 110.24 30.12 -25.52
N PHE G 170 108.99 30.09 -25.10
CA PHE G 170 107.93 30.88 -25.74
C PHE G 170 107.77 32.16 -24.93
N ALA G 171 108.53 33.19 -25.32
CA ALA G 171 108.55 34.45 -24.60
C ALA G 171 107.64 35.46 -25.29
N VAL G 172 106.76 36.08 -24.51
CA VAL G 172 105.86 37.09 -25.04
C VAL G 172 106.60 38.42 -25.07
N TYR G 173 106.75 38.98 -26.27
CA TYR G 173 107.50 40.23 -26.40
C TYR G 173 106.58 41.43 -26.29
N PRO G 174 107.07 42.53 -25.73
CA PRO G 174 106.26 43.76 -25.68
C PRO G 174 105.96 44.27 -27.09
N ALA G 175 104.81 44.91 -27.23
CA ALA G 175 104.40 45.43 -28.51
C ALA G 175 105.36 46.52 -28.97
N PRO G 176 105.89 46.44 -30.19
CA PRO G 176 106.84 47.46 -30.65
C PRO G 176 106.21 48.81 -30.93
N GLN G 177 104.89 48.88 -31.10
CA GLN G 177 104.24 50.17 -31.32
C GLN G 177 104.21 50.99 -30.03
N VAL G 178 103.55 50.46 -28.99
CA VAL G 178 103.55 51.07 -27.67
C VAL G 178 103.80 49.98 -26.65
N SER G 179 104.29 50.39 -25.48
CA SER G 179 104.54 49.49 -24.37
C SER G 179 103.55 49.76 -23.26
N THR G 180 103.00 48.69 -22.68
CA THR G 180 102.04 48.85 -21.59
C THR G 180 102.68 49.46 -20.36
N SER G 181 103.96 49.14 -20.09
CA SER G 181 104.71 49.80 -19.03
C SER G 181 106.09 50.14 -19.56
N VAL G 182 106.70 51.17 -18.97
CA VAL G 182 107.95 51.72 -19.48
C VAL G 182 109.12 50.77 -19.26
N VAL G 183 109.10 50.00 -18.17
CA VAL G 183 110.25 49.18 -17.81
C VAL G 183 110.32 47.86 -18.58
N GLU G 184 109.34 47.58 -19.44
CA GLU G 184 109.35 46.33 -20.20
C GLU G 184 110.58 46.18 -21.09
N PRO G 185 111.04 47.21 -21.83
CA PRO G 185 112.28 47.04 -22.60
C PRO G 185 113.48 46.63 -21.75
N TYR G 186 113.62 47.19 -20.54
CA TYR G 186 114.67 46.72 -19.65
C TYR G 186 114.48 45.25 -19.29
N ASN G 187 113.26 44.87 -18.90
CA ASN G 187 113.00 43.49 -18.54
C ASN G 187 113.34 42.54 -19.68
N THR G 188 113.20 43.00 -20.92
CA THR G 188 113.54 42.16 -22.07
C THR G 188 115.05 42.12 -22.31
N VAL G 189 115.68 43.29 -22.45
CA VAL G 189 117.04 43.31 -22.95
C VAL G 189 118.06 42.98 -21.86
N LEU G 190 117.81 43.34 -20.61
CA LEU G 190 118.74 42.94 -19.54
C LEU G 190 118.77 41.43 -19.35
N THR G 191 117.81 40.70 -19.91
CA THR G 191 117.84 39.24 -19.94
C THR G 191 118.13 38.67 -21.34
N THR G 192 118.15 39.50 -22.38
CA THR G 192 118.53 39.01 -23.70
C THR G 192 119.93 38.40 -23.69
N HIS G 193 120.84 38.97 -22.90
CA HIS G 193 122.19 38.41 -22.82
C HIS G 193 122.16 37.01 -22.21
N THR G 194 121.41 36.83 -21.12
CA THR G 194 121.28 35.52 -20.52
C THR G 194 120.60 34.54 -21.47
N THR G 195 119.63 35.03 -22.25
CA THR G 195 118.99 34.18 -23.24
C THR G 195 119.99 33.76 -24.32
N LEU G 196 120.83 34.69 -24.77
CA LEU G 196 121.83 34.36 -25.78
C LEU G 196 122.81 33.31 -25.26
N GLU G 197 123.24 33.45 -24.01
CA GLU G 197 124.23 32.55 -23.44
C GLU G 197 123.64 31.25 -22.88
N HIS G 198 122.32 31.16 -22.72
CA HIS G 198 121.73 30.02 -22.03
C HIS G 198 120.44 29.53 -22.66
N ALA G 199 120.30 29.63 -23.98
CA ALA G 199 119.12 29.12 -24.67
C ALA G 199 119.54 28.36 -25.92
N ASP G 200 118.68 27.42 -26.33
CA ASP G 200 118.89 26.60 -27.51
C ASP G 200 117.93 26.94 -28.64
N CYS G 201 116.69 27.28 -28.32
CA CYS G 201 115.69 27.62 -29.34
C CYS G 201 114.64 28.51 -28.70
N THR G 202 114.52 29.74 -29.19
CA THR G 202 113.59 30.72 -28.66
C THR G 202 112.57 31.10 -29.72
N PHE G 203 111.31 31.18 -29.32
CA PHE G 203 110.21 31.52 -30.20
C PHE G 203 109.68 32.90 -29.83
N MET G 204 109.56 33.78 -30.83
CA MET G 204 109.11 35.15 -30.64
C MET G 204 107.64 35.27 -31.01
N VAL G 205 106.83 35.80 -30.10
CA VAL G 205 105.41 36.03 -30.32
C VAL G 205 105.09 37.47 -29.94
N ASP G 206 104.30 38.14 -30.77
CA ASP G 206 103.89 39.52 -30.54
C ASP G 206 102.38 39.59 -30.38
N ASN G 207 101.93 40.28 -29.33
CA ASN G 207 100.49 40.42 -29.11
C ASN G 207 99.85 41.32 -30.16
N GLU G 208 100.58 42.29 -30.68
CA GLU G 208 100.01 43.21 -31.66
C GLU G 208 99.60 42.48 -32.93
N ALA G 209 100.44 41.56 -33.42
CA ALA G 209 100.10 40.81 -34.61
C ALA G 209 98.89 39.90 -34.38
N ILE G 210 98.81 39.27 -33.21
CA ILE G 210 97.66 38.43 -32.89
C ILE G 210 96.39 39.27 -32.88
N TYR G 211 96.45 40.45 -32.26
CA TYR G 211 95.29 41.34 -32.28
C TYR G 211 94.94 41.78 -33.70
N ASP G 212 95.96 42.03 -34.52
CA ASP G 212 95.71 42.43 -35.90
C ASP G 212 94.98 41.34 -36.68
N MET G 213 95.43 40.09 -36.53
CA MET G 213 94.77 39.00 -37.23
C MET G 213 93.40 38.69 -36.65
N CYS G 214 93.21 38.91 -35.35
CA CYS G 214 91.88 38.77 -34.76
C CYS G 214 90.91 39.81 -35.33
N LYS G 215 91.38 41.04 -35.49
CA LYS G 215 90.54 42.09 -36.07
C LYS G 215 90.28 41.82 -37.55
N ARG G 216 91.28 41.34 -38.28
CA ARG G 216 91.16 41.17 -39.73
C ARG G 216 90.66 39.77 -40.10
N ASN G 217 91.41 38.73 -39.73
CA ASN G 217 91.05 37.38 -40.14
C ASN G 217 89.85 36.86 -39.36
N LEU G 218 89.83 37.09 -38.04
CA LEU G 218 88.74 36.60 -37.22
C LEU G 218 87.52 37.50 -37.24
N ASP G 219 87.65 38.73 -37.75
CA ASP G 219 86.56 39.70 -37.79
C ASP G 219 85.98 39.95 -36.39
N ILE G 220 86.84 39.94 -35.39
CA ILE G 220 86.46 40.17 -34.00
C ILE G 220 86.66 41.64 -33.69
N PRO G 221 85.60 42.40 -33.34
CA PRO G 221 85.81 43.82 -33.04
C PRO G 221 86.55 44.07 -31.74
N ARG G 222 86.38 43.20 -30.74
CA ARG G 222 87.06 43.32 -29.45
C ARG G 222 87.77 42.03 -29.12
N PRO G 223 88.97 41.81 -29.67
CA PRO G 223 89.75 40.63 -29.29
C PRO G 223 90.07 40.63 -27.79
N SER G 224 90.19 39.42 -27.25
CA SER G 224 90.49 39.24 -25.84
C SER G 224 91.80 38.49 -25.68
N PHE G 225 92.41 38.63 -24.51
CA PHE G 225 93.65 37.91 -24.22
C PHE G 225 93.45 36.41 -24.27
N ALA G 226 92.23 35.94 -23.95
CA ALA G 226 91.95 34.51 -24.03
C ALA G 226 92.07 33.99 -25.46
N ASN G 227 91.62 34.79 -26.44
CA ASN G 227 91.75 34.39 -27.84
C ASN G 227 93.21 34.28 -28.24
N LEU G 228 94.05 35.23 -27.80
CA LEU G 228 95.48 35.15 -28.06
C LEU G 228 96.08 33.90 -27.43
N ASN G 229 95.69 33.61 -26.19
CA ASN G 229 96.20 32.42 -25.51
C ASN G 229 95.81 31.16 -26.27
N ASN G 230 94.57 31.08 -26.73
CA ASN G 230 94.13 29.90 -27.48
C ASN G 230 94.88 29.76 -28.79
N LEU G 231 95.06 30.87 -29.51
CA LEU G 231 95.76 30.81 -30.80
C LEU G 231 97.19 30.32 -30.62
N ILE G 232 97.93 30.95 -29.69
CA ILE G 232 99.29 30.49 -29.46
C ILE G 232 99.29 29.11 -28.82
N ALA G 233 98.18 28.69 -28.21
CA ALA G 233 98.09 27.32 -27.70
C ALA G 233 98.05 26.32 -28.84
N GLN G 234 97.27 26.58 -29.90
CA GLN G 234 97.34 25.71 -31.07
C GLN G 234 98.74 25.77 -31.69
N VAL G 235 99.31 26.97 -31.76
CA VAL G 235 100.66 27.12 -32.33
C VAL G 235 101.65 26.24 -31.58
N VAL G 236 101.59 26.23 -30.25
CA VAL G 236 102.49 25.41 -29.45
C VAL G 236 102.17 23.93 -29.63
N SER G 237 100.88 23.57 -29.61
CA SER G 237 100.47 22.18 -29.65
C SER G 237 100.59 21.55 -31.02
N SER G 238 100.98 22.31 -32.04
CA SER G 238 101.23 21.75 -33.38
C SER G 238 102.72 21.66 -33.70
N VAL G 239 103.58 21.29 -32.74
CA VAL G 239 105.02 21.43 -32.90
C VAL G 239 105.76 20.08 -32.85
N THR G 240 105.60 19.28 -31.76
CA THR G 240 104.50 19.02 -30.80
C THR G 240 103.23 18.58 -31.56
N ALA G 241 103.42 18.22 -32.82
CA ALA G 241 102.34 17.63 -33.62
C ALA G 241 102.54 16.12 -33.82
N SER G 242 103.75 15.70 -34.16
CA SER G 242 104.05 14.29 -34.36
C SER G 242 104.58 13.60 -33.11
N LEU G 243 104.85 14.35 -32.04
CA LEU G 243 105.36 13.75 -30.81
C LEU G 243 104.29 13.00 -30.03
N ARG G 244 103.01 13.29 -30.28
CA ARG G 244 101.91 12.64 -29.59
C ARG G 244 100.99 11.86 -30.52
N PHE G 245 101.13 12.01 -31.84
CA PHE G 245 100.28 11.31 -32.79
C PHE G 245 101.14 10.69 -33.88
N ASP G 246 100.62 9.64 -34.50
CA ASP G 246 101.36 8.94 -35.54
C ASP G 246 101.46 9.79 -36.80
N GLY G 247 102.56 9.61 -37.52
CA GLY G 247 102.77 10.33 -38.76
C GLY G 247 103.68 9.54 -39.68
N SER G 248 103.56 9.80 -40.98
CA SER G 248 104.40 9.11 -41.96
C SER G 248 105.87 9.46 -41.77
N LEU G 249 106.17 10.72 -41.53
CA LEU G 249 107.54 11.20 -41.28
C LEU G 249 107.50 12.09 -40.05
N ASN G 250 107.73 11.49 -38.89
CA ASN G 250 107.74 12.24 -37.64
C ASN G 250 108.98 13.15 -37.57
N VAL G 251 108.82 14.26 -36.86
CA VAL G 251 109.90 15.24 -36.68
C VAL G 251 110.34 15.19 -35.23
N ASP G 252 111.65 15.14 -35.01
CA ASP G 252 112.23 15.06 -33.69
C ASP G 252 112.63 16.45 -33.20
N LEU G 253 112.63 16.62 -31.87
CA LEU G 253 113.00 17.90 -31.29
C LEU G 253 114.45 18.25 -31.58
N ASN G 254 115.34 17.25 -31.51
CA ASN G 254 116.75 17.49 -31.82
C ASN G 254 116.94 17.89 -33.28
N GLU G 255 116.09 17.38 -34.18
CA GLU G 255 116.22 17.70 -35.59
C GLU G 255 116.16 19.20 -35.83
N PHE G 256 115.37 19.92 -35.03
CA PHE G 256 115.26 21.37 -35.19
C PHE G 256 116.62 22.04 -35.03
N GLN G 257 117.36 21.69 -33.98
CA GLN G 257 118.67 22.30 -33.78
C GLN G 257 119.75 21.66 -34.64
N THR G 258 119.50 20.48 -35.20
CA THR G 258 120.48 19.92 -36.14
C THR G 258 120.41 20.62 -37.50
N ASN G 259 119.21 20.92 -37.99
CA ASN G 259 119.07 21.51 -39.32
C ASN G 259 118.96 23.02 -39.30
N LEU G 260 118.12 23.59 -38.43
CA LEU G 260 117.93 25.03 -38.42
C LEU G 260 119.15 25.76 -37.87
N VAL G 261 119.87 25.14 -36.94
CA VAL G 261 121.00 25.80 -36.28
C VAL G 261 122.28 25.02 -36.54
N PRO G 262 123.03 25.34 -37.59
CA PRO G 262 124.29 24.65 -37.87
C PRO G 262 125.53 25.28 -37.25
N TYR G 263 125.37 26.28 -36.39
CA TYR G 263 126.47 27.02 -35.78
C TYR G 263 126.24 27.16 -34.29
N PRO G 264 127.26 27.63 -33.55
CA PRO G 264 127.04 28.06 -32.17
C PRO G 264 126.37 29.43 -32.12
N ARG G 265 125.77 29.82 -33.24
CA ARG G 265 125.23 31.14 -33.53
C ARG G 265 123.71 31.06 -33.65
N ILE G 266 123.11 32.14 -34.17
CA ILE G 266 121.70 32.50 -34.01
C ILE G 266 120.76 31.30 -34.10
N HIS G 267 119.90 31.16 -33.11
CA HIS G 267 119.00 30.02 -32.95
C HIS G 267 117.62 30.49 -32.53
N PHE G 268 117.09 31.51 -33.20
CA PHE G 268 115.82 32.15 -32.82
C PHE G 268 114.88 32.11 -34.01
N PRO G 269 114.23 30.99 -34.26
CA PRO G 269 113.35 30.87 -35.43
C PRO G 269 111.98 31.48 -35.19
N LEU G 270 111.42 32.04 -36.26
CA LEU G 270 110.05 32.51 -36.25
C LEU G 270 109.07 31.35 -36.39
N VAL G 271 107.81 31.63 -36.09
CA VAL G 271 106.73 30.66 -36.20
C VAL G 271 105.55 31.33 -36.89
N SER G 272 104.73 30.53 -37.55
CA SER G 272 103.51 31.01 -38.19
C SER G 272 102.52 29.86 -38.29
N TYR G 273 101.24 30.19 -38.14
CA TYR G 273 100.17 29.20 -38.23
C TYR G 273 99.12 29.66 -39.22
N SER G 274 98.63 28.72 -40.03
CA SER G 274 97.62 29.00 -41.03
C SER G 274 97.02 27.67 -41.48
N PRO G 275 95.79 27.68 -42.03
CA PRO G 275 94.91 28.82 -42.31
C PRO G 275 94.28 29.42 -41.05
N VAL G 276 93.91 30.69 -41.11
CA VAL G 276 93.29 31.40 -40.02
C VAL G 276 91.97 31.96 -40.54
N LEU G 277 90.86 31.33 -40.17
CA LEU G 277 89.55 31.73 -40.64
C LEU G 277 88.53 31.53 -39.53
N SER G 278 87.39 32.21 -39.67
CA SER G 278 86.32 32.13 -38.69
C SER G 278 85.35 31.01 -39.05
N LYS G 279 84.33 30.83 -38.20
CA LYS G 279 83.33 29.80 -38.45
C LYS G 279 82.36 30.18 -39.56
N SER G 280 82.28 31.45 -39.93
CA SER G 280 81.40 31.89 -41.01
C SER G 280 82.08 31.91 -42.37
N LYS G 281 83.42 31.88 -42.41
CA LYS G 281 84.17 31.86 -43.66
C LYS G 281 84.56 30.45 -44.09
N ALA G 282 84.12 29.44 -43.35
CA ALA G 282 84.42 28.04 -43.69
C ALA G 282 83.53 27.50 -44.79
N PHE G 283 82.53 28.26 -45.23
CA PHE G 283 81.63 27.84 -46.29
C PHE G 283 82.05 28.39 -47.65
N HIS G 284 83.23 29.00 -47.75
CA HIS G 284 83.69 29.55 -49.02
C HIS G 284 85.14 29.22 -49.34
N GLU G 285 85.93 28.67 -48.42
CA GLU G 285 87.35 28.43 -48.64
C GLU G 285 87.66 26.95 -48.48
N SER G 286 88.26 26.37 -49.52
CA SER G 286 88.79 25.01 -49.50
C SER G 286 90.15 24.97 -50.17
N ASN G 287 91.01 25.93 -49.84
CA ASN G 287 92.26 26.12 -50.54
C ASN G 287 93.25 24.99 -50.28
N SER G 288 94.25 24.92 -51.14
CA SER G 288 95.33 23.93 -51.02
C SER G 288 96.45 24.50 -50.16
N VAL G 289 97.54 23.73 -50.04
CA VAL G 289 98.64 24.11 -49.17
C VAL G 289 99.42 25.30 -49.71
N SER G 290 99.35 25.58 -51.01
CA SER G 290 100.10 26.70 -51.57
C SER G 290 99.63 28.03 -50.99
N GLU G 291 98.32 28.23 -50.94
CA GLU G 291 97.80 29.48 -50.40
C GLU G 291 98.01 29.57 -48.89
N ILE G 292 98.00 28.42 -48.20
CA ILE G 292 98.31 28.41 -46.78
C ILE G 292 99.75 28.85 -46.53
N THR G 293 100.68 28.35 -47.36
CA THR G 293 102.07 28.79 -47.27
C THR G 293 102.19 30.28 -47.58
N ASN G 294 101.44 30.75 -48.59
CA ASN G 294 101.45 32.19 -48.90
C ASN G 294 100.95 33.01 -47.72
N ALA G 295 99.92 32.53 -47.03
CA ALA G 295 99.43 33.21 -45.84
C ALA G 295 100.48 33.19 -44.73
N CYS G 296 101.24 32.09 -44.62
CA CYS G 296 102.33 32.04 -43.66
C CYS G 296 103.39 33.07 -43.97
N PHE G 297 103.70 33.28 -45.25
CA PHE G 297 104.68 34.28 -45.66
C PHE G 297 104.19 35.71 -45.46
N GLU G 298 102.90 35.91 -45.22
CA GLU G 298 102.38 37.25 -45.01
C GLU G 298 102.92 37.82 -43.71
N PRO G 299 103.30 39.10 -43.70
CA PRO G 299 103.79 39.71 -42.45
C PRO G 299 102.79 39.67 -41.31
N GLY G 300 101.49 39.73 -41.61
CA GLY G 300 100.50 39.77 -40.55
C GLY G 300 100.37 38.47 -39.78
N ASN G 301 100.74 37.35 -40.41
CA ASN G 301 100.62 36.04 -39.79
C ASN G 301 101.94 35.52 -39.22
N GLN G 302 102.98 36.35 -39.21
CA GLN G 302 104.29 35.95 -38.71
C GLN G 302 104.48 36.23 -37.23
N MET G 303 103.49 36.84 -36.57
CA MET G 303 103.60 37.26 -35.16
C MET G 303 104.81 38.16 -34.92
N VAL G 304 105.11 39.02 -35.90
CA VAL G 304 106.15 40.04 -35.75
C VAL G 304 105.77 41.23 -36.63
N LYS G 305 105.96 42.44 -36.08
CA LYS G 305 105.61 43.66 -36.79
C LYS G 305 106.77 44.07 -37.69
N CYS G 306 106.98 43.27 -38.73
CA CYS G 306 108.05 43.49 -39.69
C CYS G 306 107.69 42.77 -40.99
N ASP G 307 108.54 42.91 -41.99
CA ASP G 307 108.33 42.24 -43.26
C ASP G 307 109.25 41.04 -43.37
N PRO G 308 108.75 39.81 -43.28
CA PRO G 308 109.63 38.65 -43.43
C PRO G 308 110.12 38.44 -44.85
N ARG G 309 109.44 39.01 -45.86
CA ARG G 309 109.87 38.86 -47.24
C ARG G 309 111.03 39.79 -47.60
N ASP G 310 111.31 40.80 -46.78
CA ASP G 310 112.42 41.70 -47.01
C ASP G 310 113.74 41.17 -46.47
N GLY G 311 113.72 40.08 -45.70
CA GLY G 311 114.92 39.50 -45.16
C GLY G 311 115.60 38.57 -46.14
N LYS G 312 116.54 37.80 -45.60
CA LYS G 312 117.31 36.84 -46.38
C LYS G 312 116.99 35.41 -45.91
N TYR G 313 117.03 34.47 -46.85
CA TYR G 313 116.57 33.12 -46.57
C TYR G 313 117.45 32.41 -45.54
N MET G 314 116.81 31.59 -44.71
CA MET G 314 117.49 30.74 -43.75
C MET G 314 116.73 29.42 -43.71
N ALA G 315 117.40 28.38 -43.21
CA ALA G 315 116.80 27.05 -43.15
C ALA G 315 115.47 27.10 -42.39
N THR G 316 114.47 26.43 -42.94
CA THR G 316 113.11 26.50 -42.43
C THR G 316 112.51 25.10 -42.35
N CYS G 317 111.50 24.96 -41.50
CA CYS G 317 110.78 23.71 -41.30
C CYS G 317 109.30 23.92 -41.61
N LEU G 318 108.70 22.96 -42.30
CA LEU G 318 107.28 22.99 -42.66
C LEU G 318 106.61 21.77 -42.05
N LEU G 319 105.62 21.99 -41.19
CA LEU G 319 104.90 20.92 -40.52
C LEU G 319 103.46 20.90 -41.00
N TYR G 320 102.98 19.72 -41.39
CA TYR G 320 101.69 19.55 -42.04
C TYR G 320 100.84 18.55 -41.25
N ARG G 321 99.57 18.88 -41.08
CA ARG G 321 98.63 18.04 -40.34
C ARG G 321 97.38 17.80 -41.18
N GLY G 322 96.81 16.61 -41.01
CA GLY G 322 95.60 16.25 -41.73
C GLY G 322 95.88 15.56 -43.05
N ASP G 323 95.05 15.83 -44.05
CA ASP G 323 95.18 15.20 -45.36
C ASP G 323 96.08 16.08 -46.24
N VAL G 324 97.31 15.62 -46.47
CA VAL G 324 98.27 16.34 -47.29
C VAL G 324 98.91 15.36 -48.28
N VAL G 325 99.44 15.92 -49.37
CA VAL G 325 100.07 15.14 -50.43
C VAL G 325 101.47 15.69 -50.65
N THR G 326 102.46 14.79 -50.66
CA THR G 326 103.85 15.23 -50.78
C THR G 326 104.12 15.89 -52.13
N ARG G 327 103.53 15.36 -53.20
CA ARG G 327 103.71 15.98 -54.51
C ARG G 327 103.14 17.39 -54.52
N ASP G 328 102.00 17.60 -53.88
CA ASP G 328 101.40 18.93 -53.81
C ASP G 328 102.31 19.91 -53.08
N VAL G 329 102.86 19.49 -51.95
CA VAL G 329 103.69 20.41 -51.16
C VAL G 329 105.03 20.64 -51.86
N GLN G 330 105.57 19.64 -52.56
CA GLN G 330 106.77 19.86 -53.34
C GLN G 330 106.53 20.85 -54.46
N ARG G 331 105.38 20.73 -55.14
CA ARG G 331 105.01 21.70 -56.16
C ARG G 331 104.86 23.09 -55.58
N ALA G 332 104.23 23.20 -54.40
CA ALA G 332 104.03 24.50 -53.77
C ALA G 332 105.36 25.15 -53.41
N VAL G 333 106.26 24.40 -52.78
CA VAL G 333 107.54 24.99 -52.39
C VAL G 333 108.39 25.33 -53.61
N GLU G 334 108.30 24.52 -54.68
CA GLU G 334 109.01 24.86 -55.91
C GLU G 334 108.45 26.15 -56.52
N GLN G 335 107.14 26.33 -56.48
CA GLN G 335 106.55 27.58 -56.95
C GLN G 335 107.04 28.75 -56.10
N VAL G 336 107.09 28.58 -54.79
CA VAL G 336 107.57 29.64 -53.90
C VAL G 336 109.00 30.02 -54.26
N LYS G 337 109.86 29.02 -54.49
CA LYS G 337 111.22 29.30 -54.93
C LYS G 337 111.23 30.00 -56.28
N ASN G 338 110.29 29.66 -57.17
CA ASN G 338 110.24 30.30 -58.48
C ASN G 338 109.82 31.76 -58.39
N LYS G 339 109.02 32.12 -57.38
CA LYS G 339 108.57 33.50 -57.24
C LYS G 339 109.66 34.46 -56.78
N LYS G 340 110.90 33.99 -56.62
CA LYS G 340 112.03 34.82 -56.19
C LYS G 340 111.75 35.47 -54.83
N THR G 341 111.60 34.62 -53.84
CA THR G 341 111.39 35.05 -52.46
C THR G 341 112.72 35.45 -51.84
N VAL G 342 112.77 35.54 -50.51
CA VAL G 342 113.95 35.93 -49.75
C VAL G 342 115.20 35.25 -50.28
N GLN G 343 116.29 36.02 -50.36
CA GLN G 343 117.49 35.58 -51.07
C GLN G 343 118.07 34.32 -50.44
N LEU G 344 118.12 33.25 -51.22
CA LEU G 344 118.64 31.98 -50.73
C LEU G 344 120.14 32.07 -50.46
N VAL G 345 120.57 31.46 -49.37
CA VAL G 345 121.98 31.44 -49.00
C VAL G 345 122.66 30.29 -49.73
N ASP G 346 123.98 30.36 -49.82
CA ASP G 346 124.77 29.34 -50.50
C ASP G 346 125.30 28.26 -49.55
N TRP G 347 124.94 28.32 -48.27
CA TRP G 347 125.45 27.36 -47.30
C TRP G 347 124.56 26.13 -47.15
N CYS G 348 123.24 26.27 -47.31
CA CYS G 348 122.35 25.13 -47.16
C CYS G 348 122.42 24.21 -48.37
N PRO G 349 122.24 24.71 -49.62
CA PRO G 349 121.87 26.05 -50.11
C PRO G 349 120.35 26.26 -50.15
N THR G 350 119.61 25.17 -50.32
CA THR G 350 118.14 25.20 -50.29
C THR G 350 117.66 24.02 -49.45
N GLY G 351 117.21 24.30 -48.24
CA GLY G 351 116.71 23.24 -47.38
C GLY G 351 115.31 23.50 -46.86
N PHE G 352 114.35 22.67 -47.29
CA PHE G 352 112.95 22.77 -46.88
C PHE G 352 112.61 21.50 -46.10
N LYS G 353 112.61 21.60 -44.78
CA LYS G 353 112.24 20.46 -43.96
C LYS G 353 110.72 20.29 -43.98
N ILE G 354 110.25 19.12 -44.39
CA ILE G 354 108.83 18.84 -44.56
C ILE G 354 108.41 17.84 -43.50
N GLY G 355 107.39 18.18 -42.73
CA GLY G 355 106.83 17.29 -41.73
C GLY G 355 105.39 16.93 -42.02
N ILE G 356 105.06 15.65 -41.98
CA ILE G 356 103.73 15.15 -42.30
C ILE G 356 103.16 14.50 -41.05
N CYS G 357 101.94 14.89 -40.67
CA CYS G 357 101.26 14.34 -39.50
C CYS G 357 99.89 13.85 -39.91
N TYR G 358 99.50 12.68 -39.38
CA TYR G 358 98.22 12.07 -39.74
C TYR G 358 97.04 12.75 -39.06
N GLU G 359 97.21 13.23 -37.83
CA GLU G 359 96.08 13.75 -37.08
C GLU G 359 95.54 15.02 -37.73
N PRO G 360 94.21 15.19 -37.77
CA PRO G 360 93.66 16.42 -38.34
C PRO G 360 93.96 17.62 -37.45
N PRO G 361 94.03 18.81 -38.03
CA PRO G 361 94.19 20.02 -37.21
C PRO G 361 93.00 20.20 -36.27
N THR G 362 93.29 20.76 -35.09
CA THR G 362 92.29 20.94 -34.05
C THR G 362 92.17 22.42 -33.70
N ALA G 363 90.99 22.82 -33.23
CA ALA G 363 90.70 24.20 -32.88
C ALA G 363 89.97 24.26 -31.55
N THR G 364 90.08 25.41 -30.89
CA THR G 364 89.49 25.58 -29.57
C THR G 364 88.04 26.04 -29.69
N PRO G 365 87.10 25.40 -29.00
CA PRO G 365 85.72 25.92 -28.98
C PRO G 365 85.61 27.31 -28.39
N ASN G 366 86.50 27.68 -27.46
CA ASN G 366 86.50 29.03 -26.91
C ASN G 366 86.99 30.07 -27.91
N SER G 367 87.70 29.65 -28.96
CA SER G 367 88.17 30.54 -30.01
C SER G 367 87.29 30.40 -31.24
N GLN G 368 87.37 31.40 -32.12
CA GLN G 368 86.56 31.45 -33.33
C GLN G 368 87.28 30.89 -34.54
N LEU G 369 88.20 29.95 -34.34
CA LEU G 369 88.92 29.33 -35.43
C LEU G 369 88.17 28.09 -35.91
N ALA G 370 87.81 28.08 -37.18
CA ALA G 370 87.08 26.93 -37.73
C ALA G 370 88.01 25.74 -37.92
N THR G 371 87.47 24.54 -37.68
CA THR G 371 88.23 23.33 -37.89
C THR G 371 88.50 23.13 -39.37
N VAL G 372 89.75 22.82 -39.71
CA VAL G 372 90.18 22.68 -41.09
C VAL G 372 90.83 21.30 -41.27
N ASP G 373 90.72 20.77 -42.48
CA ASP G 373 91.26 19.46 -42.79
C ASP G 373 92.78 19.46 -42.99
N ARG G 374 93.39 20.63 -43.16
CA ARG G 374 94.83 20.73 -43.34
C ARG G 374 95.30 22.08 -42.83
N ALA G 375 96.43 22.07 -42.12
CA ALA G 375 97.00 23.29 -41.54
C ALA G 375 98.52 23.24 -41.69
N VAL G 376 99.14 24.41 -41.68
CA VAL G 376 100.58 24.57 -41.82
C VAL G 376 101.13 25.35 -40.63
N CYS G 377 102.15 24.79 -39.98
CA CYS G 377 102.97 25.52 -39.01
C CYS G 377 104.36 25.63 -39.61
N MET G 378 104.82 26.87 -39.81
CA MET G 378 106.09 27.14 -40.47
C MET G 378 107.07 27.74 -39.47
N LEU G 379 108.26 27.15 -39.39
CA LEU G 379 109.33 27.64 -38.53
C LEU G 379 110.53 28.04 -39.38
N SER G 380 110.99 29.27 -39.20
CA SER G 380 112.12 29.79 -39.98
C SER G 380 112.89 30.78 -39.14
N ASN G 381 114.23 30.69 -39.22
CA ASN G 381 115.11 31.60 -38.50
C ASN G 381 115.50 32.77 -39.42
N THR G 382 114.48 33.46 -39.89
CA THR G 382 114.68 34.59 -40.79
C THR G 382 115.25 35.79 -40.02
N THR G 383 116.10 36.55 -40.72
CA THR G 383 116.77 37.71 -40.14
C THR G 383 115.93 38.98 -40.23
N SER G 384 114.60 38.86 -40.36
CA SER G 384 113.73 40.02 -40.55
C SER G 384 113.34 40.71 -39.24
N ILE G 385 113.65 40.13 -38.09
CA ILE G 385 113.36 40.81 -36.83
C ILE G 385 114.52 41.74 -36.44
N ALA G 386 115.55 41.81 -37.27
CA ALA G 386 116.70 42.65 -36.97
C ALA G 386 116.29 44.11 -36.84
N GLU G 387 115.44 44.60 -37.74
CA GLU G 387 114.93 45.96 -37.60
C GLU G 387 114.02 46.09 -36.39
N ALA G 388 113.39 45.01 -35.93
CA ALA G 388 112.60 45.10 -34.70
C ALA G 388 113.49 45.34 -33.49
N TRP G 389 114.57 44.54 -33.35
CA TRP G 389 115.52 44.88 -32.28
C TRP G 389 116.17 46.23 -32.50
N LYS G 390 116.32 46.66 -33.75
CA LYS G 390 116.88 47.98 -34.01
C LYS G 390 115.97 49.09 -33.49
N ARG G 391 114.66 48.94 -33.70
CA ARG G 391 113.70 49.91 -33.17
C ARG G 391 113.70 49.89 -31.64
N ILE G 392 113.74 48.70 -31.05
CA ILE G 392 113.81 48.60 -29.59
C ILE G 392 115.09 49.27 -29.08
N ASP G 393 116.19 49.11 -29.81
CA ASP G 393 117.46 49.68 -29.40
C ASP G 393 117.49 51.19 -29.59
N ARG G 394 116.78 51.70 -30.59
CA ARG G 394 116.66 53.16 -30.71
C ARG G 394 115.86 53.72 -29.55
N LYS G 395 114.77 53.05 -29.17
CA LYS G 395 114.07 53.41 -27.95
C LYS G 395 115.01 53.39 -26.76
N PHE G 396 115.87 52.35 -26.69
CA PHE G 396 116.84 52.25 -25.61
C PHE G 396 117.80 53.43 -25.59
N ASP G 397 118.31 53.82 -26.75
CA ASP G 397 119.24 54.96 -26.79
C ASP G 397 118.55 56.23 -26.33
N LEU G 398 117.33 56.47 -26.80
CA LEU G 398 116.65 57.72 -26.47
C LEU G 398 116.26 57.78 -24.99
N MET G 399 115.89 56.64 -24.41
CA MET G 399 115.55 56.68 -22.99
C MET G 399 116.74 56.37 -22.09
N TYR G 400 117.90 56.06 -22.67
CA TYR G 400 119.15 55.91 -21.94
C TYR G 400 119.99 57.17 -21.96
N ALA G 401 119.66 58.13 -22.83
CA ALA G 401 120.32 59.43 -22.79
C ALA G 401 120.22 60.05 -21.40
N LYS G 402 119.04 60.02 -20.79
CA LYS G 402 118.86 60.42 -19.40
C LYS G 402 118.96 59.24 -18.44
N ARG G 403 118.82 58.02 -18.95
CA ARG G 403 118.91 56.72 -18.29
C ARG G 403 117.70 56.41 -17.42
N ALA G 404 117.00 57.44 -16.98
CA ALA G 404 115.61 57.42 -16.51
C ALA G 404 115.31 56.48 -15.35
N PHE G 405 116.21 55.52 -15.06
CA PHE G 405 115.92 54.47 -14.09
C PHE G 405 117.14 54.07 -13.28
N VAL G 406 118.31 54.58 -13.68
CA VAL G 406 119.57 54.16 -13.06
C VAL G 406 119.60 54.49 -11.58
N HIS G 407 118.76 55.43 -11.12
CA HIS G 407 118.67 55.69 -9.69
C HIS G 407 118.38 54.40 -8.92
N TRP G 408 117.21 53.81 -9.16
CA TRP G 408 116.86 52.57 -8.50
C TRP G 408 117.77 51.42 -8.93
N TYR G 409 118.13 51.37 -10.22
CA TYR G 409 118.92 50.25 -10.69
C TYR G 409 120.28 50.18 -10.00
N VAL G 410 120.93 51.33 -9.79
CA VAL G 410 122.18 51.36 -9.05
C VAL G 410 121.92 51.19 -7.55
N GLY G 411 120.83 51.77 -7.05
CA GLY G 411 120.53 51.67 -5.63
C GLY G 411 120.34 50.25 -5.14
N GLU G 412 119.83 49.36 -6.00
CA GLU G 412 119.73 47.96 -5.61
C GLU G 412 121.03 47.20 -5.78
N GLY G 413 121.99 47.73 -6.54
CA GLY G 413 123.29 47.11 -6.63
C GLY G 413 123.90 47.02 -8.02
N MET G 414 123.17 47.44 -9.04
CA MET G 414 123.67 47.37 -10.41
C MET G 414 124.40 48.68 -10.77
N GLU G 415 124.80 48.79 -12.03
CA GLU G 415 125.49 49.98 -12.52
C GLU G 415 125.40 50.00 -14.04
N GLU G 416 125.77 51.15 -14.62
CA GLU G 416 125.58 51.39 -16.04
C GLU G 416 126.41 50.45 -16.92
N GLY G 417 127.42 49.79 -16.35
CA GLY G 417 128.23 48.88 -17.14
C GLY G 417 127.42 47.70 -17.68
N GLU G 418 126.48 47.19 -16.88
CA GLU G 418 125.62 46.11 -17.36
C GLU G 418 124.76 46.56 -18.52
N PHE G 419 124.19 47.78 -18.42
CA PHE G 419 123.38 48.30 -19.52
C PHE G 419 124.21 48.49 -20.77
N THR G 420 125.44 49.01 -20.63
CA THR G 420 126.31 49.17 -21.80
C THR G 420 126.67 47.81 -22.41
N GLU G 421 126.93 46.81 -21.57
CA GLU G 421 127.25 45.48 -22.07
C GLU G 421 126.06 44.88 -22.81
N ALA G 422 124.85 45.05 -22.28
CA ALA G 422 123.66 44.60 -23.00
C ALA G 422 123.48 45.33 -24.31
N ARG G 423 123.76 46.65 -24.32
CA ARG G 423 123.67 47.43 -25.55
C ARG G 423 124.62 46.90 -26.62
N GLU G 424 125.88 46.66 -26.24
CA GLU G 424 126.84 46.17 -27.23
C GLU G 424 126.56 44.74 -27.62
N ASP G 425 125.99 43.93 -26.72
CA ASP G 425 125.56 42.59 -27.09
C ASP G 425 124.45 42.62 -28.13
N LEU G 426 123.46 43.52 -27.94
CA LEU G 426 122.40 43.65 -28.92
C LEU G 426 122.93 44.16 -30.26
N ALA G 427 123.88 45.10 -30.22
CA ALA G 427 124.50 45.58 -31.45
C ALA G 427 125.24 44.45 -32.17
N ALA G 428 125.97 43.62 -31.41
CA ALA G 428 126.66 42.48 -32.01
C ALA G 428 125.69 41.48 -32.59
N LEU G 429 124.56 41.25 -31.91
CA LEU G 429 123.55 40.33 -32.45
C LEU G 429 122.98 40.86 -33.75
N GLU G 430 122.68 42.16 -33.83
CA GLU G 430 122.19 42.73 -35.08
C GLU G 430 123.24 42.65 -36.18
N ARG G 431 124.50 42.90 -35.84
CA ARG G 431 125.57 42.79 -36.82
C ARG G 431 125.70 41.35 -37.34
N ASP G 432 125.59 40.37 -36.45
CA ASP G 432 125.61 38.97 -36.88
C ASP G 432 124.40 38.65 -37.75
N TYR G 433 123.24 39.22 -37.41
CA TYR G 433 122.05 39.05 -38.25
C TYR G 433 122.32 39.53 -39.66
N ILE G 434 122.94 40.69 -39.80
CA ILE G 434 123.27 41.22 -41.12
C ILE G 434 124.30 40.34 -41.81
N GLU G 435 125.33 39.90 -41.06
CA GLU G 435 126.47 39.22 -41.67
C GLU G 435 126.11 37.82 -42.15
N VAL G 436 125.26 37.11 -41.39
CA VAL G 436 124.96 35.72 -41.75
C VAL G 436 124.28 35.64 -43.10
N GLY G 437 123.56 36.68 -43.50
CA GLY G 437 122.97 36.73 -44.83
C GLY G 437 123.85 37.46 -45.81
N ALA G 438 124.72 38.34 -45.31
CA ALA G 438 125.63 39.08 -46.18
C ALA G 438 126.79 38.23 -46.68
N ASP G 439 127.12 37.14 -45.98
CA ASP G 439 128.21 36.28 -46.42
C ASP G 439 127.90 35.63 -47.77
N SER G 440 126.67 35.18 -47.96
CA SER G 440 126.27 34.55 -49.21
C SER G 440 126.15 35.59 -50.33
N MET H 1 94.65 29.51 -69.22
CA MET H 1 93.82 29.74 -70.41
C MET H 1 92.50 28.98 -70.21
N ARG H 2 91.96 29.05 -69.01
CA ARG H 2 90.75 28.33 -68.68
C ARG H 2 89.66 29.20 -68.08
N GLU H 3 90.01 30.16 -67.25
CA GLU H 3 89.04 30.91 -66.46
C GLU H 3 88.93 32.35 -66.94
N VAL H 4 87.74 32.93 -66.74
CA VAL H 4 87.46 34.31 -67.08
C VAL H 4 86.98 35.02 -65.82
N ILE H 5 87.60 36.17 -65.52
CA ILE H 5 87.29 36.96 -64.33
C ILE H 5 86.48 38.17 -64.75
N SER H 6 85.37 38.41 -64.07
CA SER H 6 84.45 39.50 -64.39
C SER H 6 84.47 40.52 -63.27
N ILE H 7 84.55 41.80 -63.62
CA ILE H 7 84.56 42.90 -62.66
C ILE H 7 83.50 43.91 -63.07
N ASN H 8 82.66 44.32 -62.14
CA ASN H 8 81.61 45.30 -62.37
C ASN H 8 81.89 46.55 -61.56
N VAL H 9 81.85 47.71 -62.22
CA VAL H 9 82.10 49.00 -61.58
C VAL H 9 80.91 49.90 -61.85
N GLY H 10 80.44 50.58 -60.82
CA GLY H 10 79.31 51.47 -60.93
C GLY H 10 77.98 50.77 -60.63
N GLN H 11 76.98 51.58 -60.28
CA GLN H 11 75.68 51.01 -59.93
C GLN H 11 75.03 50.30 -61.11
N ALA H 12 75.13 50.89 -62.30
CA ALA H 12 74.57 50.24 -63.49
C ALA H 12 75.29 48.93 -63.78
N GLY H 13 76.62 48.92 -63.68
CA GLY H 13 77.36 47.69 -63.89
C GLY H 13 77.02 46.63 -62.86
N CYS H 14 76.81 47.04 -61.60
CA CYS H 14 76.41 46.09 -60.57
C CYS H 14 75.03 45.50 -60.85
N GLN H 15 74.08 46.34 -61.31
CA GLN H 15 72.77 45.81 -61.66
C GLN H 15 72.86 44.83 -62.83
N ILE H 16 73.66 45.16 -63.84
CA ILE H 16 73.83 44.26 -64.98
C ILE H 16 74.45 42.95 -64.52
N GLY H 17 75.45 43.02 -63.64
CA GLY H 17 76.04 41.80 -63.11
C GLY H 17 75.06 40.96 -62.33
N ASN H 18 74.27 41.61 -61.47
CA ASN H 18 73.25 40.89 -60.70
C ASN H 18 72.31 40.14 -61.64
N ALA H 19 71.83 40.83 -62.67
CA ALA H 19 70.95 40.18 -63.63
C ALA H 19 71.65 39.00 -64.32
N CYS H 20 72.91 39.19 -64.73
CA CYS H 20 73.57 38.15 -65.50
C CYS H 20 73.88 36.92 -64.66
N TRP H 21 74.27 37.11 -63.39
CA TRP H 21 74.43 35.92 -62.54
C TRP H 21 73.09 35.29 -62.20
N GLU H 22 72.02 36.07 -62.10
CA GLU H 22 70.71 35.47 -61.94
C GLU H 22 70.39 34.55 -63.12
N LEU H 23 70.62 35.02 -64.35
CA LEU H 23 70.45 34.14 -65.50
C LEU H 23 71.34 32.91 -65.39
N TYR H 24 72.65 33.13 -65.19
CA TYR H 24 73.59 32.00 -65.13
C TYR H 24 73.12 30.93 -64.16
N SER H 25 72.62 31.34 -63.00
CA SER H 25 71.99 30.39 -62.09
C SER H 25 70.77 29.74 -62.73
N LEU H 26 70.03 30.50 -63.55
CA LEU H 26 68.81 29.95 -64.13
C LEU H 26 69.10 28.83 -65.12
N GLU H 27 69.91 29.08 -66.16
CA GLU H 27 70.08 28.02 -67.16
C GLU H 27 70.92 26.87 -66.63
N HIS H 28 71.96 27.15 -65.83
CA HIS H 28 72.82 26.08 -65.35
C HIS H 28 72.27 25.40 -64.09
N GLY H 29 71.07 25.76 -63.65
CA GLY H 29 70.41 25.00 -62.62
C GLY H 29 70.88 25.23 -61.21
N ILE H 30 71.53 26.36 -60.94
CA ILE H 30 71.94 26.72 -59.59
C ILE H 30 70.82 27.53 -58.93
N LYS H 31 70.44 27.13 -57.72
CA LYS H 31 69.43 27.85 -56.97
C LYS H 31 69.98 29.22 -56.56
N PRO H 32 69.09 30.17 -56.22
CA PRO H 32 69.56 31.54 -55.91
C PRO H 32 70.51 31.63 -54.73
N ASP H 33 70.81 30.50 -54.07
CA ASP H 33 71.79 30.47 -53.01
C ASP H 33 72.95 29.52 -53.27
N GLY H 34 72.81 28.58 -54.20
CA GLY H 34 73.88 27.67 -54.54
C GLY H 34 73.91 26.43 -53.67
N HIS H 35 74.61 25.41 -54.17
CA HIS H 35 74.83 24.14 -53.45
C HIS H 35 73.49 23.46 -53.09
N LEU H 36 72.79 23.00 -54.11
CA LEU H 36 73.25 23.03 -55.50
C LEU H 36 72.33 23.88 -56.42
N GLU H 37 71.00 23.70 -56.49
CA GLU H 37 70.16 22.65 -55.89
C GLU H 37 69.14 22.15 -56.93
N ASP H 38 69.41 21.08 -57.65
CA ASP H 38 70.66 20.31 -57.58
C ASP H 38 71.46 20.48 -58.87
N GLY H 39 72.53 19.71 -59.00
CA GLY H 39 73.29 19.68 -60.22
C GLY H 39 72.46 19.11 -61.35
N LEU H 40 72.77 19.55 -62.57
CA LEU H 40 71.96 19.21 -63.73
C LEU H 40 72.70 18.36 -64.74
N SER H 41 73.88 18.81 -65.14
CA SER H 41 74.59 18.25 -66.29
C SER H 41 76.07 18.50 -66.06
N LYS H 42 76.96 17.81 -66.79
CA LYS H 42 76.83 16.85 -67.92
C LYS H 42 76.20 17.40 -69.22
N PRO H 43 76.80 18.44 -69.81
CA PRO H 43 77.92 19.26 -69.32
C PRO H 43 77.50 20.60 -68.68
N LYS H 44 77.73 20.75 -67.38
CA LYS H 44 77.70 22.04 -66.72
C LYS H 44 78.83 22.19 -65.72
N GLY H 45 79.65 21.16 -65.51
CA GLY H 45 80.71 21.18 -64.53
C GLY H 45 80.45 20.22 -63.37
N GLY H 46 81.05 19.03 -63.43
CA GLY H 46 81.81 18.61 -64.59
C GLY H 46 80.92 18.10 -65.72
N GLU H 47 81.46 18.03 -66.94
CA GLU H 47 82.85 18.40 -67.20
C GLU H 47 83.00 19.91 -67.41
N GLU H 48 84.25 20.37 -67.42
CA GLU H 48 84.54 21.79 -67.59
C GLU H 48 84.19 22.25 -69.00
N GLY H 49 83.52 23.40 -69.11
CA GLY H 49 83.06 24.16 -67.95
C GLY H 49 81.72 23.70 -67.44
N PHE H 50 81.40 24.00 -66.19
CA PHE H 50 82.20 24.83 -65.29
C PHE H 50 83.37 24.02 -64.70
N SER H 51 84.40 24.66 -64.14
CA SER H 51 84.45 26.09 -63.83
C SER H 51 84.91 26.99 -64.98
N THR H 52 84.06 27.96 -65.30
CA THR H 52 84.41 29.06 -66.19
C THR H 52 84.10 30.42 -65.60
N PHE H 53 83.01 30.56 -64.86
CA PHE H 53 82.67 31.81 -64.17
C PHE H 53 82.37 31.54 -62.70
N PHE H 54 81.85 30.35 -62.41
CA PHE H 54 81.54 29.93 -61.06
C PHE H 54 82.67 29.04 -60.54
N HIS H 55 83.22 29.42 -59.38
CA HIS H 55 84.27 28.60 -58.77
C HIS H 55 83.69 27.29 -58.28
N GLU H 56 84.42 26.20 -58.51
CA GLU H 56 84.00 24.87 -58.08
C GLU H 56 84.55 24.63 -56.68
N THR H 57 83.72 24.86 -55.67
CA THR H 57 84.11 24.64 -54.29
C THR H 57 84.29 23.14 -54.03
N GLY H 58 85.27 22.82 -53.17
CA GLY H 58 85.51 21.43 -52.84
C GLY H 58 84.32 20.77 -52.16
N TYR H 59 83.54 21.55 -51.41
CA TYR H 59 82.32 21.04 -50.80
C TYR H 59 81.22 20.77 -51.80
N GLY H 60 81.39 21.20 -53.06
CA GLY H 60 80.37 21.05 -54.08
C GLY H 60 79.60 22.32 -54.39
N LYS H 61 79.96 23.44 -53.77
CA LYS H 61 79.27 24.69 -54.00
C LYS H 61 79.78 25.38 -55.25
N PHE H 62 79.00 26.33 -55.75
CA PHE H 62 79.36 27.13 -56.92
C PHE H 62 79.44 28.59 -56.51
N VAL H 63 80.61 29.19 -56.70
CA VAL H 63 80.85 30.56 -56.26
C VAL H 63 81.28 31.41 -57.45
N PRO H 64 80.49 32.41 -57.85
CA PRO H 64 80.95 33.34 -58.89
C PRO H 64 82.24 34.02 -58.48
N ARG H 65 83.16 34.17 -59.45
CA ARG H 65 84.44 34.81 -59.21
C ARG H 65 84.36 36.23 -59.78
N ALA H 66 83.82 37.14 -58.98
CA ALA H 66 83.68 38.53 -59.38
C ALA H 66 84.10 39.44 -58.23
N ILE H 67 84.54 40.64 -58.58
CA ILE H 67 84.99 41.63 -57.62
C ILE H 67 84.12 42.87 -57.78
N TYR H 68 83.40 43.24 -56.72
CA TYR H 68 82.55 44.42 -56.71
C TYR H 68 83.31 45.57 -56.06
N VAL H 69 83.82 46.47 -56.88
CA VAL H 69 84.55 47.65 -56.40
C VAL H 69 83.71 48.88 -56.68
N ASP H 70 83.52 49.69 -55.64
CA ASP H 70 82.71 50.91 -55.72
C ASP H 70 82.92 51.70 -54.45
N LEU H 71 82.83 53.02 -54.56
CA LEU H 71 82.98 53.92 -53.43
C LEU H 71 81.65 54.30 -52.80
N GLU H 72 80.54 53.80 -53.34
CA GLU H 72 79.22 54.04 -52.77
C GLU H 72 78.75 52.78 -52.05
N PRO H 73 78.69 52.77 -50.72
CA PRO H 73 78.36 51.53 -50.00
C PRO H 73 76.93 51.06 -50.19
N ASN H 74 76.04 51.89 -50.74
CA ASN H 74 74.63 51.50 -50.86
C ASN H 74 74.46 50.30 -51.79
N VAL H 75 75.19 50.26 -52.91
CA VAL H 75 75.08 49.14 -53.83
C VAL H 75 75.58 47.86 -53.17
N ILE H 76 76.70 47.95 -52.45
CA ILE H 76 77.24 46.76 -51.79
C ILE H 76 76.28 46.26 -50.71
N ASP H 77 75.65 47.19 -49.97
CA ASP H 77 74.66 46.79 -48.98
C ASP H 77 73.45 46.13 -49.63
N GLU H 78 72.99 46.67 -50.76
CA GLU H 78 71.87 46.07 -51.46
C GLU H 78 72.22 44.68 -51.98
N VAL H 79 73.47 44.46 -52.39
CA VAL H 79 73.89 43.13 -52.80
C VAL H 79 73.95 42.19 -51.59
N ARG H 80 74.45 42.69 -50.46
CA ARG H 80 74.68 41.86 -49.28
C ARG H 80 73.41 41.51 -48.51
N ASN H 81 72.35 42.32 -48.62
CA ASN H 81 71.13 42.05 -47.88
C ASN H 81 70.13 41.21 -48.67
N GLY H 82 70.48 40.78 -49.88
CA GLY H 82 69.62 39.94 -50.68
C GLY H 82 70.15 38.54 -50.83
N PRO H 83 69.62 37.80 -51.80
CA PRO H 83 70.10 36.42 -52.01
C PRO H 83 71.50 36.34 -52.60
N TYR H 84 72.09 37.47 -53.01
CA TYR H 84 73.43 37.47 -53.59
C TYR H 84 74.52 37.22 -52.56
N LYS H 85 74.19 37.23 -51.27
CA LYS H 85 75.22 37.08 -50.24
C LYS H 85 75.85 35.70 -50.28
N ASP H 86 75.09 34.68 -50.67
CA ASP H 86 75.59 33.31 -50.70
C ASP H 86 76.40 33.01 -51.95
N LEU H 87 76.49 33.93 -52.90
CA LEU H 87 77.23 33.71 -54.13
C LEU H 87 78.61 34.37 -54.15
N PHE H 88 78.75 35.53 -53.50
CA PHE H 88 79.98 36.31 -53.56
C PHE H 88 80.77 36.15 -52.28
N HIS H 89 82.07 35.93 -52.41
CA HIS H 89 82.94 35.82 -51.25
C HIS H 89 82.98 37.15 -50.49
N PRO H 90 82.98 37.13 -49.16
CA PRO H 90 82.98 38.40 -48.41
C PRO H 90 84.13 39.32 -48.73
N GLU H 91 85.32 38.77 -48.98
CA GLU H 91 86.48 39.59 -49.30
C GLU H 91 86.44 40.12 -50.74
N GLN H 92 85.64 39.50 -51.62
CA GLN H 92 85.50 39.98 -52.98
C GLN H 92 84.59 41.18 -53.09
N LEU H 93 83.80 41.48 -52.06
CA LEU H 93 82.88 42.62 -52.06
C LEU H 93 83.60 43.80 -51.43
N ILE H 94 84.29 44.57 -52.26
CA ILE H 94 85.03 45.75 -51.81
C ILE H 94 84.08 46.91 -51.64
N SER H 95 83.65 47.15 -50.40
CA SER H 95 82.71 48.23 -50.10
C SER H 95 83.47 49.51 -49.79
N GLY H 96 83.13 50.58 -50.51
CA GLY H 96 83.75 51.87 -50.26
C GLY H 96 82.99 52.70 -49.25
N LYS H 97 83.72 53.63 -48.61
CA LYS H 97 83.14 54.50 -47.60
C LYS H 97 83.39 55.98 -47.84
N GLU H 98 84.04 56.35 -48.94
CA GLU H 98 84.36 57.74 -49.23
C GLU H 98 83.51 58.23 -50.40
N ASP H 99 82.78 59.31 -50.18
CA ASP H 99 81.90 59.91 -51.19
C ASP H 99 82.23 61.39 -51.31
N ALA H 100 82.83 61.78 -52.43
CA ALA H 100 83.15 63.18 -52.67
C ALA H 100 82.72 63.61 -54.06
N ALA H 101 82.50 62.64 -54.95
CA ALA H 101 82.04 62.90 -56.30
C ALA H 101 81.47 61.61 -56.86
N ASN H 102 80.79 61.71 -58.00
CA ASN H 102 80.26 60.53 -58.69
C ASN H 102 80.67 60.58 -60.17
N ASN H 103 81.88 60.10 -60.47
CA ASN H 103 82.95 59.93 -59.50
C ASN H 103 84.27 60.32 -60.17
N TYR H 104 84.17 60.65 -61.46
CA TYR H 104 85.35 60.81 -62.29
C TYR H 104 86.20 62.01 -61.88
N ALA H 105 85.66 62.93 -61.09
CA ALA H 105 86.46 64.07 -60.63
C ALA H 105 87.68 63.60 -59.85
N ARG H 106 87.48 62.64 -58.94
CA ARG H 106 88.57 62.08 -58.16
C ARG H 106 88.85 60.61 -58.48
N GLY H 107 87.98 59.95 -59.24
CA GLY H 107 88.17 58.53 -59.50
C GLY H 107 89.41 58.23 -60.30
N HIS H 108 89.68 59.01 -61.34
CA HIS H 108 90.81 58.78 -62.23
C HIS H 108 92.08 59.48 -61.78
N TYR H 109 92.23 59.73 -60.47
CA TYR H 109 93.35 60.50 -59.95
C TYR H 109 93.90 59.77 -58.73
N THR H 110 94.74 60.47 -57.97
CA THR H 110 95.44 59.86 -56.83
C THR H 110 94.48 59.33 -55.78
N VAL H 111 93.22 59.79 -55.77
CA VAL H 111 92.28 59.36 -54.75
C VAL H 111 91.95 57.88 -54.88
N GLY H 112 92.02 57.34 -56.10
CA GLY H 112 91.59 55.97 -56.31
C GLY H 112 92.70 54.95 -56.21
N ARG H 113 93.94 55.37 -56.44
CA ARG H 113 95.01 54.39 -56.60
C ARG H 113 95.63 53.93 -55.28
N GLU H 114 95.23 54.48 -54.14
CA GLU H 114 95.66 53.85 -52.89
C GLU H 114 94.77 52.68 -52.50
N ILE H 115 93.60 52.54 -53.12
CA ILE H 115 92.77 51.35 -52.97
C ILE H 115 93.03 50.33 -54.06
N LEU H 116 93.50 50.77 -55.25
CA LEU H 116 93.76 49.84 -56.33
C LEU H 116 94.78 48.77 -55.97
N GLY H 117 95.69 49.05 -55.04
CA GLY H 117 96.65 48.04 -54.64
C GLY H 117 95.99 46.81 -54.04
N ASP H 118 95.01 47.04 -53.16
CA ASP H 118 94.27 45.92 -52.57
C ASP H 118 93.49 45.16 -53.63
N VAL H 119 92.90 45.87 -54.59
CA VAL H 119 92.14 45.22 -55.66
C VAL H 119 93.06 44.34 -56.50
N LEU H 120 94.24 44.86 -56.87
CA LEU H 120 95.19 44.06 -57.64
C LEU H 120 95.68 42.85 -56.85
N ASP H 121 95.94 43.03 -55.56
CA ASP H 121 96.35 41.89 -54.74
C ASP H 121 95.25 40.83 -54.68
N ARG H 122 94.00 41.25 -54.52
CA ARG H 122 92.89 40.30 -54.45
C ARG H 122 92.72 39.56 -55.77
N ILE H 123 92.80 40.27 -56.90
CA ILE H 123 92.62 39.60 -58.18
C ILE H 123 93.80 38.68 -58.49
N ARG H 124 95.02 39.05 -58.06
CA ARG H 124 96.16 38.16 -58.22
C ARG H 124 95.98 36.90 -57.39
N LYS H 125 95.48 37.03 -56.15
CA LYS H 125 95.22 35.87 -55.33
C LYS H 125 94.14 34.98 -55.96
N LEU H 126 93.10 35.59 -56.52
CA LEU H 126 92.05 34.82 -57.17
C LEU H 126 92.58 34.10 -58.41
N ALA H 127 93.45 34.76 -59.19
CA ALA H 127 94.05 34.10 -60.34
C ALA H 127 94.93 32.93 -59.91
N ASP H 128 95.69 33.10 -58.82
CA ASP H 128 96.48 31.99 -58.29
C ASP H 128 95.57 30.87 -57.77
N GLN H 129 94.36 31.22 -57.33
CA GLN H 129 93.42 30.20 -56.86
C GLN H 129 93.04 29.23 -57.98
N CYS H 130 92.77 29.76 -59.17
CA CYS H 130 92.34 28.94 -60.28
C CYS H 130 93.52 28.51 -61.13
N ASP H 131 93.26 27.56 -62.04
CA ASP H 131 94.29 27.02 -62.93
C ASP H 131 94.14 27.71 -64.29
N GLY H 132 95.06 28.61 -64.60
CA GLY H 132 95.06 29.32 -65.86
C GLY H 132 94.16 30.54 -65.86
N LEU H 133 94.27 31.32 -66.93
CA LEU H 133 93.50 32.54 -67.08
C LEU H 133 93.33 32.83 -68.56
N GLN H 134 92.09 33.08 -68.98
CA GLN H 134 91.77 33.28 -70.39
C GLN H 134 91.50 34.74 -70.74
N GLY H 135 90.56 35.38 -70.06
CA GLY H 135 90.24 36.77 -70.36
C GLY H 135 89.46 37.39 -69.23
N PHE H 136 89.17 38.69 -69.39
CA PHE H 136 88.45 39.46 -68.39
C PHE H 136 87.16 40.04 -68.99
N LEU H 137 86.14 40.13 -68.15
CA LEU H 137 84.86 40.72 -68.52
C LEU H 137 84.67 42.01 -67.72
N PHE H 138 84.32 43.08 -68.41
CA PHE H 138 84.13 44.39 -67.79
C PHE H 138 82.70 44.85 -68.01
N THR H 139 82.07 45.33 -66.94
CA THR H 139 80.71 45.87 -66.99
C THR H 139 80.68 47.16 -66.18
N HIS H 140 80.75 48.29 -66.88
CA HIS H 140 80.73 49.58 -66.22
C HIS H 140 79.95 50.56 -67.09
N SER H 141 79.46 51.62 -66.47
CA SER H 141 78.68 52.64 -67.14
C SER H 141 79.55 53.87 -67.38
N LEU H 142 79.64 54.29 -68.64
CA LEU H 142 80.40 55.50 -68.97
C LEU H 142 79.69 56.77 -68.53
N GLY H 143 78.41 56.68 -68.17
CA GLY H 143 77.70 57.82 -67.62
C GLY H 143 78.13 58.10 -66.20
N GLY H 144 77.99 57.11 -65.32
CA GLY H 144 78.47 57.24 -63.96
C GLY H 144 79.99 57.33 -63.94
N GLY H 145 80.52 58.36 -63.28
CA GLY H 145 81.97 58.53 -63.23
C GLY H 145 82.72 57.41 -62.55
N THR H 146 82.07 56.74 -61.59
CA THR H 146 82.70 55.60 -60.93
C THR H 146 83.12 54.55 -61.96
N GLY H 147 82.17 54.14 -62.80
CA GLY H 147 82.49 53.16 -63.82
C GLY H 147 83.63 53.59 -64.71
N SER H 148 83.50 54.76 -65.34
CA SER H 148 84.53 55.26 -66.24
C SER H 148 85.90 55.26 -65.57
N GLY H 149 86.04 56.02 -64.48
CA GLY H 149 87.33 56.16 -63.83
C GLY H 149 87.93 54.88 -63.31
N LEU H 150 87.19 54.18 -62.43
CA LEU H 150 87.75 52.97 -61.82
C LEU H 150 87.98 51.89 -62.87
N GLY H 151 87.06 51.71 -63.81
CA GLY H 151 87.26 50.73 -64.85
C GLY H 151 88.49 51.02 -65.69
N SER H 152 88.70 52.29 -66.06
CA SER H 152 89.89 52.63 -66.84
C SER H 152 91.17 52.38 -66.04
N LEU H 153 91.16 52.73 -64.76
CA LEU H 153 92.33 52.48 -63.92
C LEU H 153 92.66 51.00 -63.86
N LEU H 154 91.64 50.17 -63.62
CA LEU H 154 91.83 48.73 -63.67
C LEU H 154 92.32 48.29 -65.05
N LEU H 155 91.84 48.93 -66.12
CA LEU H 155 92.28 48.57 -67.46
C LEU H 155 93.79 48.72 -67.60
N GLU H 156 94.33 49.89 -67.24
CA GLU H 156 95.77 50.03 -67.40
C GLU H 156 96.52 49.11 -66.44
N GLU H 157 96.00 48.94 -65.22
CA GLU H 157 96.70 48.09 -64.26
C GLU H 157 96.81 46.65 -64.74
N LEU H 158 95.70 46.06 -65.20
CA LEU H 158 95.73 44.67 -65.63
C LEU H 158 96.26 44.49 -67.04
N SER H 159 96.35 45.56 -67.83
CA SER H 159 97.11 45.47 -69.06
C SER H 159 98.61 45.49 -68.78
N ALA H 160 99.01 46.16 -67.70
CA ALA H 160 100.42 46.15 -67.31
C ALA H 160 100.82 44.83 -66.66
N GLU H 161 99.93 44.24 -65.83
CA GLU H 161 100.35 43.06 -65.08
C GLU H 161 100.52 41.83 -65.97
N TYR H 162 99.62 41.63 -66.95
CA TYR H 162 99.73 40.49 -67.86
C TYR H 162 100.05 40.94 -69.28
N GLY H 163 99.21 41.77 -69.88
CA GLY H 163 99.41 42.19 -71.26
C GLY H 163 99.22 41.11 -72.30
N LYS H 164 98.71 39.94 -71.92
CA LYS H 164 98.53 38.84 -72.85
C LYS H 164 97.13 38.23 -72.83
N LYS H 165 96.24 38.72 -71.99
CA LYS H 165 94.89 38.17 -71.88
C LYS H 165 93.89 39.03 -72.65
N SER H 166 92.84 38.38 -73.13
CA SER H 166 91.79 39.09 -73.84
C SER H 166 91.03 40.03 -72.90
N LYS H 167 90.71 41.22 -73.40
CA LYS H 167 90.06 42.26 -72.61
C LYS H 167 88.71 42.59 -73.24
N LEU H 168 87.64 42.09 -72.64
CA LEU H 168 86.28 42.35 -73.10
C LEU H 168 85.61 43.36 -72.17
N GLU H 169 85.14 44.46 -72.73
CA GLU H 169 84.55 45.56 -71.95
C GLU H 169 83.14 45.82 -72.46
N PHE H 170 82.15 45.57 -71.61
CA PHE H 170 80.76 45.92 -71.89
C PHE H 170 80.49 47.26 -71.20
N ALA H 171 80.74 48.35 -71.92
CA ALA H 171 80.62 49.70 -71.38
C ALA H 171 79.27 50.29 -71.78
N VAL H 172 78.54 50.80 -70.80
CA VAL H 172 77.26 51.45 -71.05
C VAL H 172 77.51 52.89 -71.46
N TYR H 173 77.10 53.23 -72.68
CA TYR H 173 77.36 54.57 -73.18
C TYR H 173 76.19 55.50 -72.85
N PRO H 174 76.49 56.78 -72.61
CA PRO H 174 75.41 57.75 -72.38
C PRO H 174 74.53 57.90 -73.62
N ALA H 175 73.26 58.19 -73.38
CA ALA H 175 72.32 58.34 -74.48
C ALA H 175 72.71 59.53 -75.35
N PRO H 176 72.82 59.36 -76.67
CA PRO H 176 73.22 60.48 -77.53
C PRO H 176 72.16 61.55 -77.68
N GLN H 177 70.89 61.25 -77.37
CA GLN H 177 69.85 62.28 -77.45
C GLN H 177 70.00 63.29 -76.31
N VAL H 178 69.89 62.82 -75.07
CA VAL H 178 70.14 63.65 -73.90
C VAL H 178 71.01 62.87 -72.94
N SER H 179 71.71 63.60 -72.07
CA SER H 179 72.56 63.01 -71.06
C SER H 179 71.95 63.24 -69.68
N THR H 180 71.97 62.18 -68.85
CA THR H 180 71.41 62.29 -67.51
C THR H 180 72.20 63.28 -66.65
N SER H 181 73.52 63.35 -66.84
CA SER H 181 74.34 64.36 -66.18
C SER H 181 75.31 64.93 -67.21
N VAL H 182 75.73 66.17 -66.96
CA VAL H 182 76.52 66.91 -67.95
C VAL H 182 77.93 66.35 -68.08
N VAL H 183 78.50 65.81 -67.00
CA VAL H 183 79.90 65.38 -67.01
C VAL H 183 80.11 64.00 -67.63
N GLU H 184 79.04 63.32 -68.04
CA GLU H 184 79.18 62.01 -68.65
C GLU H 184 80.04 62.00 -69.90
N PRO H 185 79.90 62.95 -70.84
CA PRO H 185 80.82 62.95 -71.99
C PRO H 185 82.29 63.04 -71.60
N TYR H 186 82.64 63.83 -70.58
CA TYR H 186 84.02 63.81 -70.10
C TYR H 186 84.39 62.44 -69.57
N ASN H 187 83.54 61.85 -68.72
CA ASN H 187 83.84 60.54 -68.17
C ASN H 187 84.07 59.50 -69.27
N THR H 188 83.40 59.67 -70.41
CA THR H 188 83.59 58.74 -71.51
C THR H 188 84.87 59.04 -72.29
N VAL H 189 85.04 60.28 -72.75
CA VAL H 189 86.10 60.55 -73.71
C VAL H 189 87.47 60.68 -73.04
N LEU H 190 87.54 61.20 -71.82
CA LEU H 190 88.83 61.26 -71.14
C LEU H 190 89.38 59.87 -70.83
N THR H 191 88.55 58.83 -70.95
CA THR H 191 89.00 57.44 -70.86
C THR H 191 88.99 56.71 -72.19
N THR H 192 88.43 57.32 -73.24
CA THR H 192 88.49 56.69 -74.56
C THR H 192 89.93 56.47 -75.00
N HIS H 193 90.84 57.38 -74.66
CA HIS H 193 92.24 57.20 -75.03
C HIS H 193 92.83 55.99 -74.33
N THR H 194 92.56 55.83 -73.03
CA THR H 194 93.03 54.66 -72.30
C THR H 194 92.41 53.39 -72.85
N THR H 195 91.15 53.45 -73.26
CA THR H 195 90.50 52.30 -73.88
C THR H 195 91.18 51.95 -75.21
N LEU H 196 91.51 52.96 -76.01
CA LEU H 196 92.19 52.70 -77.28
C LEU H 196 93.54 52.05 -77.05
N GLU H 197 94.29 52.52 -76.06
CA GLU H 197 95.63 52.02 -75.82
C GLU H 197 95.67 50.76 -74.97
N HIS H 198 94.56 50.36 -74.33
CA HIS H 198 94.61 49.27 -73.37
C HIS H 198 93.38 48.36 -73.45
N ALA H 199 92.81 48.17 -74.64
CA ALA H 199 91.69 47.26 -74.80
C ALA H 199 91.88 46.41 -76.04
N ASP H 200 91.27 45.23 -76.02
CA ASP H 200 91.32 44.28 -77.13
C ASP H 200 90.00 44.14 -77.86
N CYS H 201 88.87 44.21 -77.14
CA CYS H 201 87.56 44.10 -77.75
C CYS H 201 86.55 44.80 -76.85
N THR H 202 85.91 45.85 -77.38
CA THR H 202 84.95 46.65 -76.63
C THR H 202 83.57 46.55 -77.28
N PHE H 203 82.55 46.38 -76.47
CA PHE H 203 81.17 46.27 -76.91
C PHE H 203 80.40 47.52 -76.51
N MET H 204 79.71 48.12 -77.47
CA MET H 204 78.96 49.36 -77.24
C MET H 204 77.48 49.03 -77.07
N VAL H 205 76.90 49.50 -75.98
CA VAL H 205 75.47 49.33 -75.69
C VAL H 205 74.88 50.69 -75.35
N ASP H 206 73.69 50.97 -75.89
CA ASP H 206 72.99 52.22 -75.65
C ASP H 206 71.66 51.93 -74.97
N ASN H 207 71.39 52.67 -73.88
CA ASN H 207 70.13 52.49 -73.17
C ASN H 207 68.94 52.98 -73.99
N GLU H 208 69.14 54.00 -74.83
CA GLU H 208 68.04 54.55 -75.62
C GLU H 208 67.48 53.51 -76.58
N ALA H 209 68.35 52.76 -77.24
CA ALA H 209 67.88 51.73 -78.18
C ALA H 209 67.16 50.60 -77.44
N ILE H 210 67.65 50.21 -76.27
CA ILE H 210 66.96 49.18 -75.48
C ILE H 210 65.58 49.66 -75.08
N TYR H 211 65.47 50.91 -74.64
CA TYR H 211 64.16 51.47 -74.31
C TYR H 211 63.26 51.53 -75.53
N ASP H 212 63.83 51.86 -76.70
CA ASP H 212 63.05 51.92 -77.93
C ASP H 212 62.48 50.55 -78.29
N MET H 213 63.30 49.51 -78.18
CA MET H 213 62.81 48.17 -78.51
C MET H 213 61.85 47.65 -77.44
N CYS H 214 62.04 48.06 -76.19
CA CYS H 214 61.07 47.70 -75.15
C CYS H 214 59.72 48.34 -75.42
N LYS H 215 59.72 49.60 -75.85
CA LYS H 215 58.46 50.27 -76.18
C LYS H 215 57.82 49.68 -77.43
N ARG H 216 58.63 49.32 -78.42
CA ARG H 216 58.11 48.86 -79.71
C ARG H 216 57.96 47.34 -79.75
N ASN H 217 59.07 46.61 -79.59
CA ASN H 217 59.01 45.16 -79.72
C ASN H 217 58.35 44.51 -78.51
N LEU H 218 58.68 44.97 -77.30
CA LEU H 218 58.12 44.39 -76.09
C LEU H 218 56.74 44.94 -75.76
N ASP H 219 56.33 46.04 -76.39
CA ASP H 219 55.04 46.69 -76.11
C ASP H 219 54.90 47.03 -74.64
N ILE H 220 55.99 47.44 -74.01
CA ILE H 220 56.03 47.82 -72.60
C ILE H 220 55.87 49.33 -72.52
N PRO H 221 54.80 49.85 -71.88
CA PRO H 221 54.66 51.31 -71.81
C PRO H 221 55.68 51.97 -70.89
N ARG H 222 56.11 51.29 -69.83
CA ARG H 222 57.08 51.83 -68.88
C ARG H 222 58.22 50.83 -68.72
N PRO H 223 59.18 50.82 -69.64
CA PRO H 223 60.36 49.97 -69.47
C PRO H 223 61.12 50.33 -68.20
N SER H 224 61.78 49.32 -67.63
CA SER H 224 62.55 49.48 -66.41
C SER H 224 64.01 49.13 -66.68
N PHE H 225 64.89 49.64 -65.81
CA PHE H 225 66.31 49.33 -65.94
C PHE H 225 66.56 47.83 -65.78
N ALA H 226 65.72 47.14 -65.00
CA ALA H 226 65.87 45.70 -64.84
C ALA H 226 65.67 44.98 -66.17
N ASN H 227 64.71 45.43 -66.98
CA ASN H 227 64.50 44.83 -68.29
C ASN H 227 65.73 45.00 -69.18
N LEU H 228 66.32 46.20 -69.16
CA LEU H 228 67.55 46.44 -69.91
C LEU H 228 68.67 45.52 -69.44
N ASN H 229 68.81 45.38 -68.12
CA ASN H 229 69.83 44.50 -67.57
C ASN H 229 69.62 43.07 -68.01
N ASN H 230 68.38 42.59 -67.98
CA ASN H 230 68.10 41.22 -68.42
C ASN H 230 68.39 41.02 -69.90
N LEU H 231 68.00 41.98 -70.74
CA LEU H 231 68.23 41.86 -72.18
C LEU H 231 69.71 41.80 -72.49
N ILE H 232 70.49 42.75 -71.94
CA ILE H 232 71.93 42.70 -72.18
C ILE H 232 72.55 41.52 -71.46
N ALA H 233 71.87 40.94 -70.46
CA ALA H 233 72.36 39.72 -69.84
C ALA H 233 72.27 38.54 -70.80
N GLN H 234 71.14 38.40 -71.50
CA GLN H 234 71.10 37.37 -72.54
C GLN H 234 72.12 37.65 -73.63
N VAL H 235 72.26 38.93 -74.01
CA VAL H 235 73.24 39.29 -75.03
C VAL H 235 74.64 38.84 -74.63
N VAL H 236 75.01 39.08 -73.37
CA VAL H 236 76.32 38.67 -72.88
C VAL H 236 76.42 37.15 -72.80
N SER H 237 75.38 36.50 -72.29
CA SER H 237 75.42 35.06 -72.04
C SER H 237 75.27 34.23 -73.31
N SER H 238 75.07 34.86 -74.46
CA SER H 238 75.04 34.14 -75.74
C SER H 238 76.29 34.36 -76.57
N VAL H 239 77.49 34.41 -75.96
CA VAL H 239 78.69 34.87 -76.64
C VAL H 239 79.78 33.79 -76.74
N THR H 240 80.22 33.20 -75.61
CA THR H 240 79.62 32.85 -74.30
C THR H 240 78.38 31.98 -74.49
N ALA H 241 78.23 31.44 -75.70
CA ALA H 241 77.20 30.46 -76.01
C ALA H 241 77.75 29.05 -76.13
N SER H 242 78.87 28.88 -76.85
CA SER H 242 79.49 27.58 -77.01
C SER H 242 80.57 27.30 -75.98
N LEU H 243 80.93 28.28 -75.15
CA LEU H 243 81.97 28.06 -74.15
C LEU H 243 81.48 27.24 -72.97
N ARG H 244 80.17 27.15 -72.76
CA ARG H 244 79.61 26.37 -71.67
C ARG H 244 78.71 25.23 -72.12
N PHE H 245 78.36 25.16 -73.40
CA PHE H 245 77.51 24.10 -73.93
C PHE H 245 78.12 23.53 -75.19
N ASP H 246 77.77 22.28 -75.49
CA ASP H 246 78.31 21.61 -76.65
C ASP H 246 77.74 22.20 -77.93
N GLY H 247 78.55 22.17 -78.99
CA GLY H 247 78.12 22.67 -80.28
C GLY H 247 78.87 21.97 -81.40
N SER H 248 78.27 21.95 -82.58
CA SER H 248 78.91 21.31 -83.73
C SER H 248 80.19 22.05 -84.11
N LEU H 249 80.16 23.38 -84.11
CA LEU H 249 81.32 24.21 -84.43
C LEU H 249 81.42 25.28 -83.34
N ASN H 250 82.19 24.98 -82.30
CA ASN H 250 82.37 25.94 -81.21
C ASN H 250 83.22 27.12 -81.68
N VAL H 251 82.97 28.27 -81.06
CA VAL H 251 83.70 29.50 -81.36
C VAL H 251 84.59 29.85 -80.17
N ASP H 252 85.84 30.16 -80.45
CA ASP H 252 86.81 30.49 -79.41
C ASP H 252 86.92 32.00 -79.23
N LEU H 253 87.29 32.40 -78.02
CA LEU H 253 87.42 33.83 -77.73
C LEU H 253 88.54 34.46 -78.55
N ASN H 254 89.65 33.75 -78.72
CA ASN H 254 90.75 34.28 -79.54
C ASN H 254 90.33 34.43 -80.99
N GLU H 255 89.43 33.56 -81.47
CA GLU H 255 89.00 33.63 -82.87
C GLU H 255 88.41 34.99 -83.19
N PHE H 256 87.74 35.63 -82.22
CA PHE H 256 87.16 36.95 -82.46
C PHE H 256 88.23 37.96 -82.88
N GLN H 257 89.34 38.00 -82.14
CA GLN H 257 90.39 38.96 -82.48
C GLN H 257 91.28 38.46 -83.61
N THR H 258 91.23 37.17 -83.95
CA THR H 258 91.98 36.70 -85.12
C THR H 258 91.27 37.09 -86.41
N ASN H 259 89.94 36.98 -86.45
CA ASN H 259 89.22 37.26 -87.69
C ASN H 259 88.67 38.67 -87.77
N LEU H 260 88.01 39.15 -86.71
CA LEU H 260 87.42 40.49 -86.76
C LEU H 260 88.47 41.58 -86.76
N VAL H 261 89.61 41.35 -86.10
CA VAL H 261 90.63 42.39 -85.95
C VAL H 261 91.92 41.91 -86.60
N PRO H 262 92.16 42.22 -87.87
CA PRO H 262 93.42 41.82 -88.52
C PRO H 262 94.54 42.85 -88.44
N TYR H 263 94.38 43.92 -87.67
CA TYR H 263 95.32 45.01 -87.58
C TYR H 263 95.57 45.37 -86.13
N PRO H 264 96.59 46.20 -85.85
CA PRO H 264 96.69 46.82 -84.53
C PRO H 264 95.70 47.96 -84.36
N ARG H 265 94.68 47.98 -85.22
CA ARG H 265 93.71 49.04 -85.40
C ARG H 265 92.33 48.56 -84.96
N ILE H 266 91.29 49.34 -85.32
CA ILE H 266 89.98 49.36 -84.70
C ILE H 266 89.47 47.96 -84.35
N HIS H 267 89.06 47.81 -83.09
CA HIS H 267 88.63 46.53 -82.52
C HIS H 267 87.39 46.70 -81.67
N PHE H 268 86.39 47.42 -82.19
CA PHE H 268 85.19 47.77 -81.43
C PHE H 268 83.97 47.28 -82.20
N PRO H 269 83.64 46.00 -82.09
CA PRO H 269 82.52 45.45 -82.84
C PRO H 269 81.18 45.74 -82.18
N LEU H 270 80.16 45.91 -83.02
CA LEU H 270 78.78 46.02 -82.56
C LEU H 270 78.22 44.65 -82.23
N VAL H 271 77.09 44.66 -81.52
CA VAL H 271 76.38 43.45 -81.14
C VAL H 271 74.90 43.66 -81.42
N SER H 272 74.19 42.56 -81.66
CA SER H 272 72.75 42.60 -81.85
C SER H 272 72.17 41.24 -81.49
N TYR H 273 70.96 41.25 -80.92
CA TYR H 273 70.28 40.04 -80.52
C TYR H 273 68.87 40.02 -81.10
N SER H 274 68.47 38.85 -81.58
CA SER H 274 67.15 38.67 -82.19
C SER H 274 66.87 37.18 -82.25
N PRO H 275 65.57 36.78 -82.33
CA PRO H 275 64.36 37.60 -82.36
C PRO H 275 64.03 38.23 -81.02
N VAL H 276 63.29 39.34 -81.07
CA VAL H 276 62.86 40.06 -79.88
C VAL H 276 61.35 40.17 -79.94
N LEU H 277 60.66 39.37 -79.13
CA LEU H 277 59.20 39.33 -79.13
C LEU H 277 58.71 39.09 -77.72
N SER H 278 57.44 39.43 -77.49
CA SER H 278 56.81 39.27 -76.19
C SER H 278 56.16 37.89 -76.07
N LYS H 279 55.58 37.62 -74.90
CA LYS H 279 54.90 36.35 -74.68
C LYS H 279 53.57 36.25 -75.39
N SER H 280 52.99 37.38 -75.82
CA SER H 280 51.73 37.37 -76.54
C SER H 280 51.90 37.31 -78.05
N LYS H 281 53.09 37.60 -78.57
CA LYS H 281 53.36 37.54 -80.00
C LYS H 281 54.01 36.21 -80.41
N ALA H 282 54.15 35.28 -79.48
CA ALA H 282 54.73 33.97 -79.77
C ALA H 282 53.74 33.01 -80.43
N PHE H 283 52.48 33.40 -80.54
CA PHE H 283 51.45 32.58 -81.16
C PHE H 283 51.23 32.95 -82.62
N HIS H 284 52.07 33.81 -83.20
CA HIS H 284 51.92 34.21 -84.59
C HIS H 284 53.21 34.20 -85.39
N GLU H 285 54.37 34.05 -84.77
CA GLU H 285 55.65 34.13 -85.46
C GLU H 285 56.43 32.83 -85.30
N SER H 286 56.81 32.24 -86.43
CA SER H 286 57.69 31.08 -86.48
C SER H 286 58.71 31.25 -87.59
N ASN H 287 59.30 32.45 -87.68
CA ASN H 287 60.14 32.81 -88.81
C ASN H 287 61.45 32.03 -88.82
N SER H 288 62.11 32.04 -89.98
CA SER H 288 63.40 31.41 -90.17
C SER H 288 64.52 32.39 -89.82
N VAL H 289 65.76 31.95 -90.04
CA VAL H 289 66.92 32.76 -89.66
C VAL H 289 67.09 33.98 -90.55
N SER H 290 66.51 33.99 -91.75
CA SER H 290 66.68 35.13 -92.66
C SER H 290 66.04 36.38 -92.07
N GLU H 291 64.81 36.26 -91.56
CA GLU H 291 64.15 37.41 -90.97
C GLU H 291 64.80 37.83 -89.66
N ILE H 292 65.36 36.87 -88.92
CA ILE H 292 66.10 37.21 -87.70
C ILE H 292 67.34 38.03 -88.04
N THR H 293 68.06 37.64 -89.10
CA THR H 293 69.19 38.42 -89.56
C THR H 293 68.76 39.81 -90.03
N ASN H 294 67.63 39.88 -90.72
CA ASN H 294 67.10 41.17 -91.15
C ASN H 294 66.79 42.06 -89.94
N ALA H 295 66.21 41.48 -88.89
CA ALA H 295 65.97 42.24 -87.67
C ALA H 295 67.27 42.68 -87.02
N CYS H 296 68.31 41.84 -87.09
CA CYS H 296 69.62 42.24 -86.60
C CYS H 296 70.16 43.44 -87.37
N PHE H 297 69.96 43.47 -88.68
CA PHE H 297 70.41 44.59 -89.50
C PHE H 297 69.61 45.85 -89.27
N GLU H 298 68.46 45.77 -88.59
CA GLU H 298 67.65 46.95 -88.33
C GLU H 298 68.38 47.88 -87.37
N PRO H 299 68.35 49.19 -87.61
CA PRO H 299 69.01 50.13 -86.69
C PRO H 299 68.50 50.06 -85.26
N GLY H 300 67.21 49.73 -85.07
CA GLY H 300 66.65 49.72 -83.73
C GLY H 300 67.18 48.59 -82.85
N ASN H 301 67.65 47.51 -83.47
CA ASN H 301 68.13 46.34 -82.74
C ASN H 301 69.65 46.30 -82.64
N GLN H 302 70.34 47.34 -83.07
CA GLN H 302 71.79 47.39 -83.07
C GLN H 302 72.36 47.99 -81.78
N MET H 303 71.50 48.44 -80.86
CA MET H 303 71.92 49.13 -79.64
C MET H 303 72.81 50.33 -79.93
N VAL H 304 72.51 51.04 -81.01
CA VAL H 304 73.19 52.29 -81.35
C VAL H 304 72.21 53.16 -82.12
N LYS H 305 72.19 54.45 -81.80
CA LYS H 305 71.28 55.40 -82.45
C LYS H 305 71.91 55.92 -83.74
N CYS H 306 72.00 55.01 -84.70
CA CYS H 306 72.59 55.30 -86.00
C CYS H 306 72.06 54.28 -87.00
N ASP H 307 72.47 54.44 -88.26
CA ASP H 307 72.06 53.51 -89.31
C ASP H 307 73.22 52.59 -89.64
N PRO H 308 73.17 51.30 -89.26
CA PRO H 308 74.26 50.39 -89.62
C PRO H 308 74.31 50.05 -91.10
N ARG H 309 73.20 50.24 -91.83
CA ARG H 309 73.18 49.94 -93.26
C ARG H 309 73.83 51.04 -94.09
N ASP H 310 74.04 52.22 -93.52
CA ASP H 310 74.70 53.31 -94.23
C ASP H 310 76.21 53.25 -94.15
N GLY H 311 76.76 52.35 -93.34
CA GLY H 311 78.19 52.20 -93.21
C GLY H 311 78.77 51.30 -94.28
N LYS H 312 80.02 50.90 -94.06
CA LYS H 312 80.75 50.03 -94.97
C LYS H 312 81.04 48.70 -94.30
N TYR H 313 81.07 47.64 -95.10
CA TYR H 313 81.14 46.29 -94.56
C TYR H 313 82.47 46.03 -93.85
N MET H 314 82.41 45.25 -92.79
CA MET H 314 83.58 44.78 -92.06
C MET H 314 83.32 43.35 -91.63
N ALA H 315 84.39 42.63 -91.31
CA ALA H 315 84.28 41.23 -90.92
C ALA H 315 83.31 41.09 -89.74
N THR H 316 82.42 40.10 -89.83
CA THR H 316 81.36 39.91 -88.86
C THR H 316 81.27 38.45 -88.45
N CYS H 317 80.68 38.23 -87.28
CA CYS H 317 80.47 36.90 -86.73
C CYS H 317 78.98 36.67 -86.49
N LEU H 318 78.50 35.47 -86.83
CA LEU H 318 77.11 35.09 -86.65
C LEU H 318 77.06 33.87 -85.74
N LEU H 319 76.39 34.00 -84.60
CA LEU H 319 76.28 32.93 -83.63
C LEU H 319 74.83 32.46 -83.55
N TYR H 320 74.64 31.14 -83.62
CA TYR H 320 73.32 30.53 -83.74
C TYR H 320 73.11 29.52 -82.62
N ARG H 321 71.91 29.54 -82.04
CA ARG H 321 71.58 28.66 -80.93
C ARG H 321 70.26 27.96 -81.22
N GLY H 322 70.15 26.72 -80.76
CA GLY H 322 68.94 25.93 -80.96
C GLY H 322 68.97 25.11 -82.23
N ASP H 323 67.82 24.95 -82.87
CA ASP H 323 67.72 24.15 -84.09
C ASP H 323 67.98 25.05 -85.30
N VAL H 324 69.14 24.87 -85.93
CA VAL H 324 69.53 25.63 -87.10
C VAL H 324 70.07 24.68 -88.16
N VAL H 325 70.03 25.14 -89.41
CA VAL H 325 70.48 24.37 -90.55
C VAL H 325 71.52 25.19 -91.31
N THR H 326 72.67 24.59 -91.60
CA THR H 326 73.75 25.32 -92.25
C THR H 326 73.36 25.75 -93.66
N ARG H 327 72.63 24.90 -94.39
CA ARG H 327 72.18 25.29 -95.72
C ARG H 327 71.26 26.49 -95.67
N ASP H 328 70.37 26.52 -94.67
CA ASP H 328 69.46 27.65 -94.52
C ASP H 328 70.21 28.95 -94.26
N VAL H 329 71.20 28.91 -93.36
CA VAL H 329 71.92 30.13 -93.02
C VAL H 329 72.84 30.55 -94.17
N GLN H 330 73.38 29.61 -94.92
CA GLN H 330 74.16 29.97 -96.10
C GLN H 330 73.27 30.64 -97.13
N ARG H 331 72.07 30.10 -97.34
CA ARG H 331 71.11 30.74 -98.25
C ARG H 331 70.75 32.14 -97.77
N ALA H 332 70.53 32.30 -96.47
CA ALA H 332 70.16 33.61 -95.92
C ALA H 332 71.27 34.62 -96.12
N VAL H 333 72.51 34.26 -95.81
CA VAL H 333 73.60 35.21 -95.95
C VAL H 333 73.87 35.51 -97.43
N GLU H 334 73.69 34.52 -98.31
CA GLU H 334 73.83 34.79 -99.74
C GLU H 334 72.75 35.75 -100.22
N GLN H 335 71.52 35.61 -99.72
CA GLN H 335 70.48 36.57 -100.06
C GLN H 335 70.82 37.96 -99.55
N VAL H 336 71.35 38.05 -98.33
CA VAL H 336 71.74 39.35 -97.78
C VAL H 336 72.81 40.00 -98.66
N LYS H 337 73.80 39.22 -99.10
CA LYS H 337 74.79 39.74 -100.03
C LYS H 337 74.16 40.16 -101.35
N ASN H 338 73.13 39.43 -101.81
CA ASN H 338 72.47 39.78 -103.06
C ASN H 338 71.69 41.08 -102.95
N LYS H 339 71.18 41.41 -101.75
CA LYS H 339 70.40 42.64 -101.59
C LYS H 339 71.26 43.90 -101.63
N LYS H 340 72.56 43.80 -101.89
CA LYS H 340 73.46 44.95 -101.98
C LYS H 340 73.43 45.76 -100.68
N THR H 341 73.89 45.09 -99.62
CA THR H 341 74.02 45.71 -98.30
C THR H 341 75.29 46.55 -98.26
N VAL H 342 75.73 46.88 -97.04
CA VAL H 342 76.92 47.70 -96.79
C VAL H 342 78.08 47.28 -97.69
N GLN H 343 78.80 48.25 -98.23
CA GLN H 343 79.78 48.00 -99.28
C GLN H 343 80.89 47.08 -98.79
N LEU H 344 81.00 45.92 -99.44
CA LEU H 344 82.01 44.93 -99.06
C LEU H 344 83.41 45.45 -99.36
N VAL H 345 84.33 45.19 -98.44
CA VAL H 345 85.72 45.58 -98.61
C VAL H 345 86.45 44.52 -99.43
N ASP H 346 87.58 44.91 -100.00
CA ASP H 346 88.38 44.02 -100.83
C ASP H 346 89.48 43.30 -100.04
N TRP H 347 89.55 43.50 -98.73
CA TRP H 347 90.61 42.90 -97.93
C TRP H 347 90.23 41.54 -97.36
N CYS H 348 88.96 41.32 -97.05
CA CYS H 348 88.55 40.04 -96.48
C CYS H 348 88.49 38.95 -97.55
N PRO H 349 87.77 39.14 -98.68
CA PRO H 349 86.89 40.23 -99.13
C PRO H 349 85.45 40.04 -98.62
N THR H 350 85.05 38.79 -98.41
CA THR H 350 83.74 38.46 -97.86
C THR H 350 83.93 37.38 -96.81
N GLY H 351 83.83 37.76 -95.54
CA GLY H 351 83.97 36.79 -94.46
C GLY H 351 82.80 36.79 -93.50
N PHE H 352 82.06 35.68 -93.49
CA PHE H 352 80.90 35.50 -92.60
C PHE H 352 81.23 34.35 -91.65
N LYS H 353 81.62 34.69 -90.43
CA LYS H 353 81.90 33.68 -89.42
C LYS H 353 80.58 33.14 -88.88
N ILE H 354 80.39 31.82 -88.99
CA ILE H 354 79.14 31.17 -88.61
C ILE H 354 79.40 30.31 -87.38
N GLY H 355 78.62 30.53 -86.33
CA GLY H 355 78.72 29.73 -85.12
C GLY H 355 77.43 28.98 -84.83
N ILE H 356 77.54 27.68 -84.57
CA ILE H 356 76.39 26.82 -84.33
C ILE H 356 76.48 26.29 -82.91
N CYS H 357 75.38 26.43 -82.15
CA CYS H 357 75.31 25.97 -80.78
C CYS H 357 74.09 25.07 -80.61
N TYR H 358 74.27 23.97 -79.88
CA TYR H 358 73.20 23.00 -79.70
C TYR H 358 72.14 23.47 -78.69
N GLU H 359 72.55 24.20 -77.66
CA GLU H 359 71.62 24.56 -76.60
C GLU H 359 70.54 25.50 -77.12
N PRO H 360 69.29 25.33 -76.68
CA PRO H 360 68.24 26.24 -77.12
C PRO H 360 68.44 27.63 -76.53
N PRO H 361 67.95 28.68 -77.19
CA PRO H 361 68.00 30.01 -76.58
C PRO H 361 67.18 30.07 -75.30
N THR H 362 67.64 30.88 -74.36
CA THR H 362 67.03 31.00 -73.05
C THR H 362 66.60 32.45 -72.80
N ALA H 363 65.56 32.62 -72.00
CA ALA H 363 65.00 33.93 -71.69
C ALA H 363 64.76 34.05 -70.20
N THR H 364 64.72 35.29 -69.72
CA THR H 364 64.56 35.57 -68.29
C THR H 364 63.08 35.61 -67.92
N PRO H 365 62.66 34.90 -66.89
CA PRO H 365 61.27 35.05 -66.42
C PRO H 365 60.94 36.45 -65.94
N ASN H 366 61.93 37.20 -65.44
CA ASN H 366 61.70 38.60 -65.06
C ASN H 366 61.51 39.52 -66.25
N SER H 367 61.93 39.10 -67.45
CA SER H 367 61.75 39.86 -68.66
C SER H 367 60.60 39.27 -69.48
N GLN H 368 60.09 40.07 -70.40
CA GLN H 368 58.96 39.69 -71.24
C GLN H 368 59.38 39.11 -72.58
N LEU H 369 60.55 38.49 -72.64
CA LEU H 369 61.04 37.87 -73.87
C LEU H 369 60.59 36.42 -73.92
N ALA H 370 59.85 36.06 -74.97
CA ALA H 370 59.37 34.70 -75.11
C ALA H 370 60.49 33.77 -75.52
N THR H 371 60.44 32.54 -74.99
CA THR H 371 61.44 31.53 -75.35
C THR H 371 61.26 31.14 -76.81
N VAL H 372 62.37 31.09 -77.55
CA VAL H 372 62.35 30.80 -78.98
C VAL H 372 63.28 29.62 -79.25
N ASP H 373 62.96 28.87 -80.29
CA ASP H 373 63.74 27.69 -80.66
C ASP H 373 65.04 28.03 -81.39
N ARG H 374 65.18 29.27 -81.88
CA ARG H 374 66.38 29.69 -82.58
C ARG H 374 66.57 31.19 -82.39
N ALA H 375 67.81 31.60 -82.14
CA ALA H 375 68.15 33.00 -81.93
C ALA H 375 69.47 33.31 -82.61
N VAL H 376 69.68 34.59 -82.93
CA VAL H 376 70.89 35.07 -83.58
C VAL H 376 71.53 36.17 -82.74
N CYS H 377 72.81 36.01 -82.46
CA CYS H 377 73.65 37.09 -81.93
C CYS H 377 74.67 37.44 -83.01
N MET H 378 74.65 38.68 -83.47
CA MET H 378 75.50 39.14 -84.56
C MET H 378 76.51 40.14 -84.05
N LEU H 379 77.79 39.90 -84.35
CA LEU H 379 78.88 40.79 -83.98
C LEU H 379 79.55 41.31 -85.24
N SER H 380 79.66 42.63 -85.35
CA SER H 380 80.26 43.25 -86.52
C SER H 380 80.94 44.56 -86.12
N ASN H 381 82.13 44.79 -86.67
CA ASN H 381 82.89 46.01 -86.40
C ASN H 381 82.59 47.04 -87.49
N THR H 382 81.31 47.36 -87.63
CA THR H 382 80.86 48.30 -88.63
C THR H 382 81.26 49.73 -88.24
N THR H 383 81.57 50.54 -89.25
CA THR H 383 82.01 51.91 -89.07
C THR H 383 80.83 52.89 -88.96
N SER H 384 79.64 52.42 -88.59
CA SER H 384 78.46 53.26 -88.55
C SER H 384 78.32 54.07 -87.27
N ILE H 385 79.14 53.82 -86.24
CA ILE H 385 79.09 54.63 -85.03
C ILE H 385 79.96 55.87 -85.17
N ALA H 386 80.61 56.03 -86.33
CA ALA H 386 81.49 57.18 -86.54
C ALA H 386 80.72 58.49 -86.40
N GLU H 387 79.51 58.57 -86.97
CA GLU H 387 78.69 59.76 -86.77
C GLU H 387 78.22 59.90 -85.33
N ALA H 388 78.13 58.79 -84.58
CA ALA H 388 77.80 58.90 -83.16
C ALA H 388 78.92 59.59 -82.39
N TRP H 389 80.16 59.14 -82.57
CA TRP H 389 81.26 59.88 -81.96
C TRP H 389 81.37 61.29 -82.51
N LYS H 390 80.97 61.50 -83.77
CA LYS H 390 81.00 62.85 -84.33
C LYS H 390 80.01 63.76 -83.62
N ARG H 391 78.81 63.26 -83.32
CA ARG H 391 77.84 64.04 -82.58
C ARG H 391 78.33 64.32 -81.16
N ILE H 392 78.91 63.30 -80.51
CA ILE H 392 79.47 63.51 -79.17
C ILE H 392 80.58 64.55 -79.23
N ASP H 393 81.38 64.54 -80.29
CA ASP H 393 82.49 65.47 -80.41
C ASP H 393 82.00 66.88 -80.73
N ARG H 394 80.88 67.01 -81.45
CA ARG H 394 80.30 68.33 -81.65
C ARG H 394 79.78 68.90 -80.33
N LYS H 395 79.13 68.04 -79.53
CA LYS H 395 78.78 68.44 -78.17
C LYS H 395 80.03 68.88 -77.40
N PHE H 396 81.12 68.13 -77.56
CA PHE H 396 82.38 68.48 -76.91
C PHE H 396 82.88 69.84 -77.34
N ASP H 397 82.86 70.13 -78.64
CA ASP H 397 83.34 71.43 -79.11
C ASP H 397 82.48 72.56 -78.55
N LEU H 398 81.16 72.39 -78.56
CA LEU H 398 80.29 73.47 -78.12
C LEU H 398 80.39 73.70 -76.62
N MET H 399 80.60 72.63 -75.83
CA MET H 399 80.74 72.86 -74.39
C MET H 399 82.19 73.02 -73.96
N TYR H 400 83.13 72.92 -74.89
CA TYR H 400 84.53 73.23 -74.66
C TYR H 400 84.90 74.64 -75.10
N ALA H 401 84.04 75.29 -75.87
CA ALA H 401 84.25 76.70 -76.18
C ALA H 401 84.43 77.53 -74.91
N LYS H 402 83.57 77.31 -73.91
CA LYS H 402 83.73 77.91 -72.60
C LYS H 402 84.48 77.00 -71.63
N ARG H 403 84.56 75.71 -71.96
CA ARG H 403 85.24 74.62 -71.27
C ARG H 403 84.53 74.19 -69.98
N ALA H 404 83.72 75.09 -69.41
CA ALA H 404 82.64 74.80 -68.47
C ALA H 404 83.04 74.05 -67.20
N PHE H 405 84.22 73.42 -67.18
CA PHE H 405 84.59 72.53 -66.07
C PHE H 405 86.07 72.61 -65.74
N VAL H 406 86.84 73.32 -66.58
CA VAL H 406 88.28 73.35 -66.42
C VAL H 406 88.69 73.96 -65.09
N HIS H 407 87.80 74.71 -64.44
CA HIS H 407 88.11 75.21 -63.10
C HIS H 407 88.48 74.06 -62.16
N TRP H 408 87.53 73.16 -61.91
CA TRP H 408 87.80 72.01 -61.06
C TRP H 408 88.83 71.08 -61.69
N TYR H 409 88.74 70.87 -63.01
CA TYR H 409 89.65 69.91 -63.64
C TYR H 409 91.12 70.33 -63.48
N VAL H 410 91.41 71.62 -63.62
CA VAL H 410 92.77 72.10 -63.39
C VAL H 410 93.06 72.15 -61.89
N GLY H 411 92.08 72.53 -61.08
CA GLY H 411 92.29 72.62 -59.65
C GLY H 411 92.70 71.32 -59.00
N GLU H 412 92.23 70.18 -59.53
CA GLU H 412 92.69 68.91 -59.01
C GLU H 412 94.04 68.48 -59.57
N GLY H 413 94.48 69.07 -60.68
CA GLY H 413 95.82 68.80 -61.18
C GLY H 413 95.95 68.60 -62.67
N MET H 414 94.84 68.63 -63.40
CA MET H 414 94.86 68.43 -64.84
C MET H 414 95.01 69.78 -65.55
N GLU H 415 94.93 69.75 -66.88
CA GLU H 415 95.04 70.96 -67.68
C GLU H 415 94.46 70.67 -69.07
N GLU H 416 94.27 71.74 -69.83
CA GLU H 416 93.56 71.65 -71.12
C GLU H 416 94.30 70.80 -72.14
N GLY H 417 95.60 70.55 -71.93
CA GLY H 417 96.34 69.72 -72.87
C GLY H 417 95.79 68.31 -72.97
N GLU H 418 95.36 67.74 -71.84
CA GLU H 418 94.77 66.40 -71.88
C GLU H 418 93.47 66.40 -72.68
N PHE H 419 92.63 67.43 -72.50
CA PHE H 419 91.39 67.52 -73.26
C PHE H 419 91.68 67.66 -74.75
N THR H 420 92.68 68.49 -75.11
CA THR H 420 93.03 68.65 -76.52
C THR H 420 93.57 67.34 -77.10
N GLU H 421 94.38 66.62 -76.33
CA GLU H 421 94.90 65.33 -76.79
C GLU H 421 93.77 64.32 -77.00
N ALA H 422 92.81 64.28 -76.08
CA ALA H 422 91.65 63.41 -76.27
C ALA H 422 90.83 63.82 -77.49
N ARG H 423 90.69 65.13 -77.72
CA ARG H 423 89.98 65.63 -78.89
C ARG H 423 90.64 65.16 -80.18
N GLU H 424 91.97 65.32 -80.26
CA GLU H 424 92.67 64.91 -81.48
C GLU H 424 92.71 63.39 -81.61
N ASP H 425 92.73 62.66 -80.50
CA ASP H 425 92.64 61.20 -80.57
C ASP H 425 91.29 60.77 -81.13
N LEU H 426 90.21 61.40 -80.70
CA LEU H 426 88.89 61.08 -81.22
C LEU H 426 88.79 61.44 -82.70
N ALA H 427 89.37 62.58 -83.09
CA ALA H 427 89.38 62.95 -84.50
C ALA H 427 90.15 61.93 -85.33
N ALA H 428 91.30 61.48 -84.82
CA ALA H 428 92.08 60.46 -85.53
C ALA H 428 91.31 59.14 -85.63
N LEU H 429 90.59 58.77 -84.56
CA LEU H 429 89.78 57.55 -84.62
C LEU H 429 88.69 57.66 -85.67
N GLU H 430 88.01 58.81 -85.75
CA GLU H 430 86.99 58.99 -86.77
C GLU H 430 87.60 58.96 -88.17
N ARG H 431 88.77 59.58 -88.34
CA ARG H 431 89.45 59.55 -89.63
C ARG H 431 89.83 58.14 -90.03
N ASP H 432 90.32 57.34 -89.07
CA ASP H 432 90.61 55.94 -89.36
C ASP H 432 89.35 55.16 -89.69
N TYR H 433 88.24 55.48 -89.01
CA TYR H 433 86.96 54.86 -89.34
C TYR H 433 86.59 55.12 -90.79
N ILE H 434 86.77 56.35 -91.24
CA ILE H 434 86.47 56.68 -92.64
C ILE H 434 87.45 55.97 -93.58
N GLU H 435 88.73 55.96 -93.21
CA GLU H 435 89.76 55.48 -94.13
C GLU H 435 89.71 53.97 -94.32
N VAL H 436 89.41 53.23 -93.25
CA VAL H 436 89.44 51.77 -93.34
C VAL H 436 88.42 51.26 -94.36
N GLY H 437 87.33 52.00 -94.55
CA GLY H 437 86.37 51.64 -95.57
C GLY H 437 86.62 52.38 -96.87
N ALA H 438 87.30 53.52 -96.80
CA ALA H 438 87.61 54.29 -97.99
C ALA H 438 88.74 53.67 -98.81
N ASP H 439 89.60 52.86 -98.18
CA ASP H 439 90.70 52.23 -98.91
C ASP H 439 90.17 51.29 -99.99
N SER H 440 89.14 50.52 -99.68
CA SER H 440 88.56 49.58 -100.64
C SER H 440 87.79 50.31 -101.73
N MET I 1 55.04 34.02 -106.68
CA MET I 1 53.84 33.82 -107.48
C MET I 1 52.97 32.79 -106.76
N ARG I 2 52.87 32.91 -105.44
CA ARG I 2 52.13 31.95 -104.65
C ARG I 2 51.09 32.58 -103.73
N GLU I 3 51.39 33.74 -103.14
CA GLU I 3 50.57 34.31 -102.10
C GLU I 3 49.86 35.57 -102.58
N VAL I 4 48.69 35.83 -101.98
CA VAL I 4 47.90 37.02 -102.28
C VAL I 4 47.68 37.77 -100.97
N ILE I 5 47.98 39.08 -100.99
CA ILE I 5 47.87 39.93 -99.81
C ILE I 5 46.63 40.80 -99.98
N SER I 6 45.80 40.85 -98.94
CA SER I 6 44.54 41.58 -98.95
C SER I 6 44.62 42.74 -97.97
N ILE I 7 44.18 43.92 -98.40
CA ILE I 7 44.17 45.13 -97.58
C ILE I 7 42.78 45.74 -97.63
N ASN I 8 42.23 46.06 -96.47
CA ASN I 8 40.91 46.66 -96.35
C ASN I 8 41.05 48.07 -95.76
N VAL I 9 40.43 49.04 -96.42
CA VAL I 9 40.47 50.44 -96.01
C VAL I 9 39.04 50.94 -95.86
N GLY I 10 38.77 51.62 -94.76
CA GLY I 10 37.44 52.15 -94.49
C GLY I 10 36.60 51.18 -93.69
N GLN I 11 35.57 51.73 -93.03
CA GLN I 11 34.71 50.91 -92.19
C GLN I 11 33.96 49.87 -92.99
N ALA I 12 33.45 50.25 -94.17
CA ALA I 12 32.75 49.29 -95.03
C ALA I 12 33.69 48.19 -95.48
N GLY I 13 34.91 48.55 -95.89
CA GLY I 13 35.88 47.55 -96.29
C GLY I 13 36.25 46.62 -95.15
N CYS I 14 36.37 47.16 -93.94
CA CYS I 14 36.66 46.32 -92.78
C CYS I 14 35.52 45.36 -92.48
N GLN I 15 34.27 45.82 -92.61
CA GLN I 15 33.14 44.91 -92.41
C GLN I 15 33.13 43.80 -93.47
N ILE I 16 33.38 44.17 -94.72
CA ILE I 16 33.44 43.17 -95.79
C ILE I 16 34.54 42.17 -95.52
N GLY I 17 35.71 42.64 -95.09
CA GLY I 17 36.79 41.74 -94.76
C GLY I 17 36.45 40.81 -93.60
N ASN I 18 35.84 41.35 -92.56
CA ASN I 18 35.42 40.52 -91.42
C ASN I 18 34.50 39.40 -91.89
N ALA I 19 33.51 39.76 -92.72
CA ALA I 19 32.60 38.75 -93.24
C ALA I 19 33.35 37.70 -94.06
N CYS I 20 34.27 38.15 -94.93
CA CYS I 20 34.92 37.21 -95.84
C CYS I 20 35.86 36.27 -95.10
N TRP I 21 36.58 36.76 -94.08
CA TRP I 21 37.38 35.82 -93.29
C TRP I 21 36.50 34.92 -92.44
N GLU I 22 35.34 35.39 -91.98
CA GLU I 22 34.41 34.49 -91.31
C GLU I 22 34.02 33.34 -92.24
N LEU I 23 33.66 33.65 -93.48
CA LEU I 23 33.38 32.57 -94.43
C LEU I 23 34.59 31.67 -94.59
N TYR I 24 35.76 32.25 -94.91
CA TYR I 24 36.96 31.44 -95.15
C TYR I 24 37.20 30.46 -94.02
N SER I 25 37.03 30.91 -92.78
CA SER I 25 37.07 29.99 -91.65
C SER I 25 35.97 28.95 -91.75
N LEU I 26 34.80 29.33 -92.28
CA LEU I 26 33.69 28.38 -92.32
C LEU I 26 33.96 27.23 -93.28
N GLU I 27 34.25 27.52 -94.57
CA GLU I 27 34.39 26.38 -95.50
C GLU I 27 35.67 25.61 -95.25
N HIS I 28 36.78 26.28 -94.92
CA HIS I 28 38.04 25.57 -94.73
C HIS I 28 38.19 25.00 -93.33
N GLY I 29 37.16 25.09 -92.50
CA GLY I 29 37.15 24.36 -91.24
C GLY I 29 37.99 24.95 -90.12
N ILE I 30 38.30 26.23 -90.19
CA ILE I 30 39.01 26.90 -89.10
C ILE I 30 37.99 27.48 -88.13
N LYS I 31 38.19 27.21 -86.84
CA LYS I 31 37.33 27.75 -85.81
C LYS I 31 37.53 29.25 -85.70
N PRO I 32 36.56 29.99 -85.11
CA PRO I 32 36.66 31.45 -85.08
C PRO I 32 37.88 31.99 -84.34
N ASP I 33 38.71 31.10 -83.79
CA ASP I 33 39.96 31.51 -83.16
C ASP I 33 41.19 30.88 -83.80
N GLY I 34 41.04 29.79 -84.54
CA GLY I 34 42.16 29.16 -85.21
C GLY I 34 42.87 28.14 -84.35
N HIS I 35 43.63 27.27 -85.01
CA HIS I 35 44.47 26.25 -84.36
C HIS I 35 43.62 25.31 -83.49
N LEU I 36 42.79 24.51 -84.15
CA LEU I 36 42.70 24.43 -85.60
C LEU I 36 41.32 24.83 -86.17
N GLU I 37 40.17 24.30 -85.72
CA GLU I 37 39.94 23.18 -84.79
C GLU I 37 38.85 22.27 -85.34
N ASP I 38 39.18 21.19 -86.06
CA ASP I 38 40.54 20.82 -86.40
C ASP I 38 40.76 20.97 -87.91
N GLY I 39 41.91 20.51 -88.38
CA GLY I 39 42.18 20.48 -89.81
C GLY I 39 41.24 19.53 -90.51
N LEU I 40 40.97 19.82 -91.78
CA LEU I 40 39.95 19.09 -92.52
C LEU I 40 40.53 18.31 -93.69
N SER I 41 41.29 18.99 -94.54
CA SER I 41 41.71 18.46 -95.83
C SER I 41 43.02 19.13 -96.19
N LYS I 42 43.79 18.59 -97.16
CA LYS I 42 43.57 17.47 -98.09
C LYS I 42 42.41 17.59 -99.09
N PRO I 43 42.41 18.65 -99.92
CA PRO I 43 43.31 19.81 -99.93
C PRO I 43 42.75 21.07 -99.26
N LYS I 44 43.35 21.48 -98.15
CA LYS I 44 43.16 22.83 -97.61
C LYS I 44 44.46 23.43 -97.10
N GLY I 45 45.57 22.70 -97.16
CA GLY I 45 46.84 23.17 -96.65
C GLY I 45 47.30 22.39 -95.43
N GLY I 46 48.17 21.40 -95.64
CA GLY I 46 48.59 21.01 -96.97
C GLY I 46 47.57 20.11 -97.65
N GLU I 47 47.66 19.98 -98.98
CA GLU I 47 48.68 20.67 -99.77
C GLU I 47 48.28 22.10 -100.11
N GLU I 48 49.25 22.87 -100.61
CA GLU I 48 49.01 24.27 -100.95
C GLU I 48 48.08 24.38 -102.15
N GLY I 49 47.09 25.27 -102.06
CA GLY I 49 46.84 26.07 -100.87
C GLY I 49 45.95 25.36 -99.86
N PHE I 50 46.01 25.75 -98.60
CA PHE I 50 46.78 26.90 -98.12
C PHE I 50 48.27 26.55 -97.96
N SER I 51 49.17 27.53 -97.86
CA SER I 51 48.88 28.95 -97.68
C SER I 51 48.61 29.73 -98.96
N THR I 52 47.45 30.38 -99.00
CA THR I 52 47.12 31.37 -100.01
C THR I 52 46.62 32.68 -99.43
N PHE I 53 45.86 32.64 -98.33
CA PHE I 53 45.42 33.85 -97.65
C PHE I 53 45.73 33.75 -96.16
N PHE I 54 45.73 32.52 -95.63
CA PHE I 54 46.05 32.26 -94.24
C PHE I 54 47.50 31.82 -94.13
N HIS I 55 48.28 32.51 -93.29
CA HIS I 55 49.66 32.13 -93.07
C HIS I 55 49.72 30.80 -92.31
N GLU I 56 50.63 29.93 -92.75
CA GLU I 56 50.81 28.62 -92.11
C GLU I 56 51.85 28.77 -91.02
N THR I 57 51.38 28.93 -89.78
CA THR I 57 52.27 29.06 -88.63
C THR I 57 52.98 27.73 -88.38
N GLY I 58 54.25 27.83 -87.94
CA GLY I 58 55.00 26.63 -87.63
C GLY I 58 54.38 25.79 -86.52
N TYR I 59 53.70 26.44 -85.58
CA TYR I 59 52.98 25.74 -84.53
C TYR I 59 51.74 25.02 -85.05
N GLY I 60 51.33 25.26 -86.29
CA GLY I 60 50.13 24.69 -86.84
C GLY I 60 48.95 25.63 -86.91
N LYS I 61 49.13 26.90 -86.54
CA LYS I 61 48.04 27.86 -86.55
C LYS I 61 47.87 28.44 -87.96
N PHE I 62 46.71 29.06 -88.18
CA PHE I 62 46.38 29.71 -89.44
C PHE I 62 46.14 31.19 -89.16
N VAL I 63 46.93 32.05 -89.81
CA VAL I 63 46.87 33.48 -89.57
C VAL I 63 46.58 34.21 -90.89
N PRO I 64 45.44 34.88 -91.02
CA PRO I 64 45.21 35.71 -92.20
C PRO I 64 46.29 36.77 -92.35
N ARG I 65 46.72 36.99 -93.59
CA ARG I 65 47.74 37.99 -93.89
C ARG I 65 47.04 39.21 -94.47
N ALA I 66 46.55 40.08 -93.58
CA ALA I 66 45.86 41.29 -93.97
C ALA I 66 46.35 42.45 -93.12
N ILE I 67 46.24 43.66 -93.67
CA ILE I 67 46.67 44.88 -93.00
C ILE I 67 45.45 45.78 -92.90
N TYR I 68 45.07 46.12 -91.66
CA TYR I 68 43.94 47.01 -91.41
C TYR I 68 44.49 48.41 -91.15
N VAL I 69 44.38 49.28 -92.16
CA VAL I 69 44.83 50.67 -92.06
C VAL I 69 43.60 51.57 -92.06
N ASP I 70 43.54 52.46 -91.07
CA ASP I 70 42.42 53.38 -90.92
C ASP I 70 42.78 54.40 -89.85
N LEU I 71 42.27 55.62 -90.02
CA LEU I 71 42.50 56.69 -89.07
C LEU I 71 41.41 56.80 -88.00
N GLU I 72 40.40 55.94 -88.06
CA GLU I 72 39.35 55.92 -87.04
C GLU I 72 39.56 54.71 -86.14
N PRO I 73 39.96 54.90 -84.89
CA PRO I 73 40.29 53.76 -84.03
C PRO I 73 39.11 52.90 -83.64
N ASN I 74 37.88 53.36 -83.86
CA ASN I 74 36.70 52.60 -83.44
C ASN I 74 36.61 51.26 -84.16
N VAL I 75 36.89 51.24 -85.46
CA VAL I 75 36.83 49.98 -86.22
C VAL I 75 37.89 49.01 -85.71
N ILE I 76 39.10 49.51 -85.47
CA ILE I 76 40.17 48.63 -84.99
C ILE I 76 39.83 48.09 -83.60
N ASP I 77 39.25 48.92 -82.75
CA ASP I 77 38.83 48.45 -81.43
C ASP I 77 37.74 47.38 -81.54
N GLU I 78 36.79 47.59 -82.44
CA GLU I 78 35.73 46.60 -82.65
C GLU I 78 36.30 45.28 -83.18
N VAL I 79 37.33 45.35 -84.02
CA VAL I 79 37.99 44.13 -84.48
C VAL I 79 38.73 43.46 -83.32
N ARG I 80 39.41 44.25 -82.49
CA ARG I 80 40.26 43.71 -81.44
C ARG I 80 39.51 43.18 -80.24
N ASN I 81 38.28 43.64 -79.98
CA ASN I 81 37.53 43.18 -78.83
C ASN I 81 36.63 41.98 -79.14
N GLY I 82 36.67 41.47 -80.36
CA GLY I 82 35.89 40.32 -80.75
C GLY I 82 36.75 39.10 -80.99
N PRO I 83 36.18 38.09 -81.66
CA PRO I 83 36.96 36.87 -81.95
C PRO I 83 38.02 37.08 -83.02
N TYR I 84 38.06 38.24 -83.68
CA TYR I 84 39.05 38.49 -84.71
C TYR I 84 40.45 38.72 -84.17
N LYS I 85 40.60 38.86 -82.84
CA LYS I 85 41.90 39.17 -82.26
C LYS I 85 42.88 38.02 -82.46
N ASP I 86 42.38 36.78 -82.48
CA ASP I 86 43.23 35.61 -82.62
C ASP I 86 43.64 35.33 -84.06
N LEU I 87 43.10 36.08 -85.03
CA LEU I 87 43.41 35.85 -86.42
C LEU I 87 44.41 36.86 -86.99
N PHE I 88 44.41 38.10 -86.52
CA PHE I 88 45.24 39.16 -87.07
C PHE I 88 46.43 39.43 -86.17
N HIS I 89 47.60 39.55 -86.77
CA HIS I 89 48.81 39.87 -86.01
C HIS I 89 48.68 41.27 -85.40
N PRO I 90 49.15 41.47 -84.17
CA PRO I 90 49.01 42.79 -83.53
C PRO I 90 49.64 43.92 -84.33
N GLU I 91 50.78 43.67 -84.97
CA GLU I 91 51.44 44.71 -85.75
C GLU I 91 50.76 44.96 -87.09
N GLN I 92 49.95 44.02 -87.57
CA GLN I 92 49.21 44.22 -88.81
C GLN I 92 47.98 45.10 -88.64
N LEU I 93 47.55 45.33 -87.39
CA LEU I 93 46.38 46.17 -87.12
C LEU I 93 46.86 47.59 -86.88
N ILE I 94 46.95 48.36 -87.96
CA ILE I 94 47.41 49.75 -87.88
C ILE I 94 46.25 50.62 -87.43
N SER I 95 46.22 50.95 -86.14
CA SER I 95 45.15 51.77 -85.56
C SER I 95 45.54 53.24 -85.63
N GLY I 96 44.66 54.05 -86.23
CA GLY I 96 44.90 55.47 -86.31
C GLY I 96 44.32 56.24 -85.13
N LYS I 97 44.88 57.41 -84.87
CA LYS I 97 44.45 58.25 -83.76
C LYS I 97 44.13 59.69 -84.16
N GLU I 98 44.21 60.03 -85.44
CA GLU I 98 43.97 61.39 -85.91
C GLU I 98 42.67 61.43 -86.70
N ASP I 99 41.75 62.30 -86.28
CA ASP I 99 40.46 62.46 -86.92
C ASP I 99 40.25 63.94 -87.23
N ALA I 100 40.28 64.28 -88.52
CA ALA I 100 40.05 65.66 -88.94
C ALA I 100 39.06 65.72 -90.09
N ALA I 101 38.87 64.60 -90.79
CA ALA I 101 37.91 64.50 -91.87
C ALA I 101 37.62 63.02 -92.11
N ASN I 102 36.59 62.74 -92.91
CA ASN I 102 36.24 61.38 -93.29
C ASN I 102 36.10 61.29 -94.81
N ASN I 103 37.22 61.11 -95.52
CA ASN I 103 38.56 61.39 -95.01
C ASN I 103 39.37 62.00 -96.15
N TYR I 104 38.75 62.08 -97.32
CA TYR I 104 39.47 62.41 -98.54
C TYR I 104 39.99 63.84 -98.55
N ALA I 105 39.49 64.70 -97.66
CA ALA I 105 39.99 66.07 -97.60
C ALA I 105 41.49 66.08 -97.31
N ARG I 106 41.93 65.27 -96.34
CA ARG I 106 43.34 65.15 -96.00
C ARG I 106 43.93 63.79 -96.30
N GLY I 107 43.10 62.80 -96.66
CA GLY I 107 43.62 61.46 -96.88
C GLY I 107 44.55 61.37 -98.08
N HIS I 108 44.19 62.01 -99.18
CA HIS I 108 44.95 61.95 -100.42
C HIS I 108 46.03 63.02 -100.51
N TYR I 109 46.52 63.50 -99.37
CA TYR I 109 47.46 64.63 -99.36
C TYR I 109 48.60 64.29 -98.39
N THR I 110 49.39 65.31 -98.03
CA THR I 110 50.57 65.10 -97.21
C THR I 110 50.24 64.52 -95.84
N VAL I 111 48.99 64.62 -95.40
CA VAL I 111 48.63 64.14 -94.07
C VAL I 111 48.75 62.61 -93.99
N GLY I 112 48.56 61.91 -95.11
CA GLY I 112 48.52 60.47 -95.07
C GLY I 112 49.87 59.80 -95.33
N ARG I 113 50.77 60.50 -96.03
CA ARG I 113 51.96 59.83 -96.51
C ARG I 113 53.11 59.78 -95.51
N GLU I 114 52.97 60.38 -94.33
CA GLU I 114 53.97 60.11 -93.30
C GLU I 114 53.68 58.82 -92.54
N ILE I 115 52.47 58.28 -92.68
CA ILE I 115 52.15 56.96 -92.16
C ILE I 115 52.32 55.88 -93.21
N LEU I 116 52.20 56.21 -94.50
CA LEU I 116 52.35 55.21 -95.56
C LEU I 116 53.71 54.53 -95.53
N GLY I 117 54.75 55.20 -95.03
CA GLY I 117 56.05 54.56 -94.97
C GLY I 117 56.05 53.33 -94.09
N ASP I 118 55.41 53.42 -92.92
CA ASP I 118 55.29 52.26 -92.05
C ASP I 118 54.48 51.15 -92.69
N VAL I 119 53.41 51.52 -93.40
CA VAL I 119 52.58 50.51 -94.07
C VAL I 119 53.38 49.78 -95.14
N LEU I 120 54.13 50.53 -95.95
CA LEU I 120 54.96 49.90 -96.98
C LEU I 120 56.03 49.02 -96.35
N ASP I 121 56.66 49.47 -95.27
CA ASP I 121 57.65 48.63 -94.60
C ASP I 121 57.02 47.34 -94.09
N ARG I 122 55.84 47.44 -93.48
CA ARG I 122 55.17 46.25 -92.95
C ARG I 122 54.80 45.28 -94.07
N ILE I 123 54.26 45.79 -95.18
CA ILE I 123 53.88 44.89 -96.26
C ILE I 123 55.11 44.28 -96.94
N ARG I 124 56.21 45.04 -97.02
CA ARG I 124 57.46 44.46 -97.54
C ARG I 124 57.96 43.35 -96.63
N LYS I 125 57.91 43.55 -95.31
CA LYS I 125 58.31 42.51 -94.39
C LYS I 125 57.41 41.28 -94.52
N LEU I 126 56.11 41.49 -94.67
CA LEU I 126 55.19 40.37 -94.85
C LEU I 126 55.46 39.62 -96.15
N ALA I 127 55.77 40.35 -97.23
CA ALA I 127 56.12 39.70 -98.49
C ALA I 127 57.40 38.89 -98.35
N ASP I 128 58.39 39.43 -97.64
CA ASP I 128 59.62 38.67 -97.38
C ASP I 128 59.34 37.47 -96.49
N GLN I 129 58.30 37.53 -95.66
CA GLN I 129 57.95 36.40 -94.82
C GLN I 129 57.53 35.20 -95.65
N CYS I 130 56.71 35.42 -96.68
CA CYS I 130 56.20 34.34 -97.51
C CYS I 130 57.11 34.10 -98.71
N ASP I 131 56.86 33.00 -99.39
CA ASP I 131 57.63 32.62 -100.58
C ASP I 131 56.83 32.99 -101.82
N GLY I 132 57.26 34.05 -102.49
CA GLY I 132 56.62 34.51 -103.70
C GLY I 132 55.44 35.43 -103.43
N LEU I 133 54.94 36.03 -104.51
CA LEU I 133 53.82 36.95 -104.43
C LEU I 133 53.07 36.93 -105.76
N GLN I 134 51.75 36.77 -105.70
CA GLN I 134 50.92 36.64 -106.89
C GLN I 134 50.11 37.90 -107.20
N GLY I 135 49.32 38.37 -106.25
CA GLY I 135 48.50 39.55 -106.48
C GLY I 135 48.00 40.13 -105.19
N PHE I 136 47.28 41.23 -105.30
CA PHE I 136 46.74 41.95 -104.15
C PHE I 136 45.23 42.06 -104.25
N LEU I 137 44.57 42.01 -103.10
CA LEU I 137 43.12 42.17 -102.99
C LEU I 137 42.83 43.47 -102.25
N PHE I 138 41.95 44.29 -102.83
CA PHE I 138 41.59 45.58 -102.25
C PHE I 138 40.10 45.59 -101.94
N THR I 139 39.76 46.06 -100.74
CA THR I 139 38.37 46.20 -100.31
C THR I 139 38.22 47.55 -99.63
N HIS I 140 37.70 48.53 -100.36
CA HIS I 140 37.50 49.87 -99.82
C HIS I 140 36.21 50.43 -100.40
N SER I 141 35.65 51.41 -99.68
CA SER I 141 34.41 52.06 -100.08
C SER I 141 34.73 53.42 -100.69
N LEU I 142 34.25 53.64 -101.92
CA LEU I 142 34.43 54.93 -102.58
C LEU I 142 33.56 56.02 -101.97
N GLY I 143 32.58 55.65 -101.16
CA GLY I 143 31.79 56.64 -100.45
C GLY I 143 32.57 57.26 -99.30
N GLY I 144 33.04 56.43 -98.38
CA GLY I 144 33.89 56.89 -97.31
C GLY I 144 35.22 57.39 -97.86
N GLY I 145 35.60 58.62 -97.51
CA GLY I 145 36.84 59.18 -98.03
C GLY I 145 38.09 58.43 -97.60
N THR I 146 38.05 57.78 -96.43
CA THR I 146 39.18 56.96 -96.00
C THR I 146 39.53 55.92 -97.04
N GLY I 147 38.53 55.13 -97.45
CA GLY I 147 38.77 54.12 -98.46
C GLY I 147 39.35 54.69 -99.74
N SER I 148 38.66 55.66 -100.33
CA SER I 148 39.11 56.26 -101.58
C SER I 148 40.56 56.74 -101.47
N GLY I 149 40.82 57.68 -100.56
CA GLY I 149 42.13 58.27 -100.44
C GLY I 149 43.24 57.29 -100.11
N LEU I 150 43.11 56.57 -98.98
CA LEU I 150 44.18 55.68 -98.57
C LEU I 150 44.38 54.54 -99.56
N GLY I 151 43.28 53.97 -100.08
CA GLY I 151 43.41 52.91 -101.06
C GLY I 151 44.12 53.39 -102.32
N SER I 152 43.79 54.58 -102.81
CA SER I 152 44.48 55.10 -103.99
C SER I 152 45.95 55.33 -103.72
N LEU I 153 46.28 55.87 -102.54
CA LEU I 153 47.69 56.10 -102.20
C LEU I 153 48.46 54.78 -102.18
N LEU I 154 47.89 53.76 -101.52
CA LEU I 154 48.49 52.43 -101.57
C LEU I 154 48.59 51.92 -103.01
N LEU I 155 47.60 52.22 -103.84
CA LEU I 155 47.65 51.78 -105.23
C LEU I 155 48.90 52.30 -105.93
N GLU I 156 49.13 53.62 -105.87
CA GLU I 156 50.32 54.11 -106.57
C GLU I 156 51.59 53.60 -105.91
N GLU I 157 51.60 53.48 -104.57
CA GLU I 157 52.82 53.03 -103.89
C GLU I 157 53.19 51.61 -104.30
N LEU I 158 52.22 50.69 -104.27
CA LEU I 158 52.54 49.30 -104.60
C LEU I 158 52.59 49.04 -106.10
N SER I 159 52.07 49.95 -106.93
CA SER I 159 52.35 49.85 -108.35
C SER I 159 53.77 50.33 -108.65
N ALA I 160 54.28 51.25 -107.84
CA ALA I 160 55.67 51.67 -108.00
C ALA I 160 56.65 50.63 -107.47
N GLU I 161 56.34 49.98 -106.35
CA GLU I 161 57.32 49.09 -105.73
C GLU I 161 57.55 47.83 -106.55
N TYR I 162 56.48 47.23 -107.11
CA TYR I 162 56.62 46.05 -107.94
C TYR I 162 56.28 46.30 -109.40
N GLY I 163 55.07 46.77 -109.68
CA GLY I 163 54.66 46.99 -111.05
C GLY I 163 54.47 45.75 -111.89
N LYS I 164 54.50 44.56 -111.28
CA LYS I 164 54.37 43.31 -112.01
C LYS I 164 53.32 42.37 -111.44
N LYS I 165 52.66 42.74 -110.35
CA LYS I 165 51.68 41.87 -109.72
C LYS I 165 50.27 42.29 -110.09
N SER I 166 49.36 41.31 -110.12
CA SER I 166 47.96 41.59 -110.42
C SER I 166 47.33 42.44 -109.32
N LYS I 167 46.50 43.40 -109.73
CA LYS I 167 45.88 44.34 -108.80
C LYS I 167 44.37 44.19 -108.92
N LEU I 168 43.76 43.53 -107.92
CA LEU I 168 42.32 43.34 -107.86
C LEU I 168 41.73 44.27 -106.80
N GLU I 169 40.77 45.09 -107.20
CA GLU I 169 40.18 46.11 -106.33
C GLU I 169 38.67 45.90 -106.29
N PHE I 170 38.16 45.53 -105.12
CA PHE I 170 36.72 45.45 -104.87
C PHE I 170 36.31 46.76 -104.21
N ALA I 171 35.95 47.75 -105.03
CA ALA I 171 35.60 49.09 -104.56
C ALA I 171 34.09 49.21 -104.46
N VAL I 172 33.62 49.68 -103.30
CA VAL I 172 32.19 49.91 -103.10
C VAL I 172 31.84 51.27 -103.66
N TYR I 173 30.94 51.29 -104.65
CA TYR I 173 30.59 52.54 -105.28
C TYR I 173 29.38 53.18 -104.59
N PRO I 174 29.33 54.51 -104.56
CA PRO I 174 28.15 55.17 -104.00
C PRO I 174 26.91 54.87 -104.82
N ALA I 175 25.76 54.85 -104.15
CA ALA I 175 24.51 54.56 -104.81
C ALA I 175 24.20 55.65 -105.83
N PRO I 176 23.89 55.29 -107.08
CA PRO I 176 23.61 56.32 -108.09
C PRO I 176 22.28 57.04 -107.90
N GLN I 177 21.36 56.47 -107.13
CA GLN I 177 20.09 57.15 -106.86
C GLN I 177 20.29 58.32 -105.92
N VAL I 178 20.77 58.07 -104.70
CA VAL I 178 21.13 59.11 -103.76
C VAL I 178 22.48 58.76 -103.15
N SER I 179 23.16 59.78 -102.65
CA SER I 179 24.44 59.63 -102.00
C SER I 179 24.30 59.90 -100.50
N THR I 180 24.92 59.04 -99.69
CA THR I 180 24.86 59.22 -98.24
C THR I 180 25.54 60.51 -97.80
N SER I 181 26.63 60.90 -98.46
CA SER I 181 27.25 62.19 -98.23
C SER I 181 27.60 62.82 -99.57
N VAL I 182 27.67 64.15 -99.57
CA VAL I 182 27.81 64.90 -100.82
C VAL I 182 29.20 64.72 -101.44
N VAL I 183 30.24 64.54 -100.61
CA VAL I 183 31.61 64.51 -101.12
C VAL I 183 32.01 63.16 -101.70
N GLU I 184 31.13 62.16 -101.64
CA GLU I 184 31.45 60.83 -102.18
C GLU I 184 31.79 60.85 -103.67
N PRO I 185 31.06 61.56 -104.55
CA PRO I 185 31.47 61.62 -105.95
C PRO I 185 32.89 62.15 -106.14
N TYR I 186 33.30 63.16 -105.38
CA TYR I 186 34.70 63.60 -105.43
C TYR I 186 35.64 62.48 -105.01
N ASN I 187 35.35 61.83 -103.88
CA ASN I 187 36.21 60.76 -103.40
C ASN I 187 36.35 59.66 -104.45
N THR I 188 35.33 59.45 -105.26
CA THR I 188 35.41 58.44 -106.31
C THR I 188 36.19 58.93 -107.52
N VAL I 189 35.80 60.08 -108.08
CA VAL I 189 36.33 60.47 -109.38
C VAL I 189 37.73 61.06 -109.28
N LEU I 190 38.05 61.79 -108.20
CA LEU I 190 39.41 62.29 -108.06
C LEU I 190 40.42 61.17 -107.91
N THR I 191 39.98 59.94 -107.64
CA THR I 191 40.84 58.76 -107.64
C THR I 191 40.60 57.85 -108.84
N THR I 192 39.55 58.09 -109.63
CA THR I 192 39.35 57.30 -110.84
C THR I 192 40.54 57.40 -111.78
N HIS I 193 41.19 58.56 -111.84
CA HIS I 193 42.37 58.71 -112.69
C HIS I 193 43.51 57.83 -112.21
N THR I 194 43.75 57.83 -110.90
CA THR I 194 44.78 56.96 -110.34
C THR I 194 44.44 55.49 -110.54
N THR I 195 43.15 55.15 -110.44
CA THR I 195 42.73 53.78 -110.73
C THR I 195 42.99 53.41 -112.17
N LEU I 196 42.69 54.31 -113.11
CA LEU I 196 42.94 54.05 -114.51
C LEU I 196 44.43 53.84 -114.78
N GLU I 197 45.28 54.65 -114.16
CA GLU I 197 46.71 54.57 -114.41
C GLU I 197 47.43 53.52 -113.58
N HIS I 198 46.78 52.96 -112.55
CA HIS I 198 47.48 52.09 -111.61
C HIS I 198 46.66 50.89 -111.17
N ALA I 199 45.80 50.36 -112.05
CA ALA I 199 45.03 49.16 -111.73
C ALA I 199 45.04 48.20 -112.90
N ASP I 200 44.88 46.91 -112.58
CA ASP I 200 44.83 45.85 -113.58
C ASP I 200 43.45 45.25 -113.75
N CYS I 201 42.68 45.13 -112.66
CA CYS I 201 41.33 44.57 -112.73
C CYS I 201 40.52 45.12 -111.57
N THR I 202 39.46 45.85 -111.88
CA THR I 202 38.61 46.48 -110.87
C THR I 202 37.20 45.91 -110.96
N PHE I 203 36.62 45.61 -109.80
CA PHE I 203 35.27 45.06 -109.70
C PHE I 203 34.34 46.11 -109.10
N MET I 204 33.22 46.34 -109.77
CA MET I 204 32.24 47.35 -109.34
C MET I 204 31.09 46.68 -108.62
N VAL I 205 30.80 47.14 -107.41
CA VAL I 205 29.69 46.65 -106.61
C VAL I 205 28.85 47.84 -106.15
N ASP I 206 27.53 47.69 -106.21
CA ASP I 206 26.60 48.73 -105.81
C ASP I 206 25.74 48.22 -104.65
N ASN I 207 25.63 49.03 -103.60
CA ASN I 207 24.81 48.65 -102.45
C ASN I 207 23.33 48.65 -102.79
N GLU I 208 22.91 49.53 -103.71
CA GLU I 208 21.50 49.62 -104.05
C GLU I 208 20.99 48.33 -104.67
N ALA I 209 21.77 47.73 -105.57
CA ALA I 209 21.36 46.48 -106.20
C ALA I 209 21.31 45.34 -105.19
N ILE I 210 22.27 45.29 -104.27
CA ILE I 210 22.25 44.27 -103.22
C ILE I 210 21.01 44.42 -102.36
N TYR I 211 20.67 45.66 -101.98
CA TYR I 211 19.45 45.89 -101.22
C TYR I 211 18.21 45.49 -102.02
N ASP I 212 18.23 45.77 -103.32
CA ASP I 212 17.08 45.42 -104.18
C ASP I 212 16.89 43.91 -104.21
N MET I 213 17.97 43.15 -104.38
CA MET I 213 17.84 41.70 -104.42
C MET I 213 17.51 41.13 -103.04
N CYS I 214 17.98 41.77 -101.97
CA CYS I 214 17.59 41.34 -100.63
C CYS I 214 16.09 41.55 -100.41
N LYS I 215 15.55 42.67 -100.88
CA LYS I 215 14.12 42.91 -100.74
C LYS I 215 13.31 41.97 -101.63
N ARG I 216 13.80 41.69 -102.84
CA ARG I 216 13.04 40.90 -103.80
C ARG I 216 13.36 39.41 -103.71
N ASN I 217 14.63 39.04 -103.93
CA ASN I 217 15.00 37.63 -103.95
C ASN I 217 15.01 37.03 -102.55
N LEU I 218 15.58 37.76 -101.58
CA LEU I 218 15.66 37.25 -100.21
C LEU I 218 14.38 37.46 -99.42
N ASP I 219 13.46 38.30 -99.90
CA ASP I 219 12.21 38.61 -99.21
C ASP I 219 12.48 39.14 -97.80
N ILE I 220 13.54 39.92 -97.67
CA ILE I 220 13.93 40.53 -96.39
C ILE I 220 13.35 41.93 -96.34
N PRO I 221 12.47 42.25 -95.38
CA PRO I 221 11.91 43.61 -95.34
C PRO I 221 12.92 44.65 -94.91
N ARG I 222 13.87 44.31 -94.05
CA ARG I 222 14.89 45.23 -93.57
C ARG I 222 16.27 44.61 -93.78
N PRO I 223 16.81 44.71 -95.00
CA PRO I 223 18.18 44.25 -95.23
C PRO I 223 19.17 45.00 -94.36
N SER I 224 20.26 44.32 -94.02
CA SER I 224 21.32 44.88 -93.19
C SER I 224 22.63 44.89 -93.97
N PHE I 225 23.55 45.75 -93.53
CA PHE I 225 24.86 45.81 -94.15
C PHE I 225 25.61 44.49 -94.01
N ALA I 226 25.33 43.74 -92.95
CA ALA I 226 25.97 42.43 -92.77
C ALA I 226 25.57 41.47 -93.88
N ASN I 227 24.30 41.51 -94.30
CA ASN I 227 23.85 40.66 -95.41
C ASN I 227 24.58 41.02 -96.69
N LEU I 228 24.75 42.32 -96.96
CA LEU I 228 25.51 42.74 -98.13
C LEU I 228 26.94 42.25 -98.06
N ASN I 229 27.56 42.37 -96.88
CA ASN I 229 28.93 41.90 -96.71
C ASN I 229 29.04 40.41 -96.96
N ASN I 230 28.09 39.63 -96.45
CA ASN I 230 28.12 38.19 -96.66
C ASN I 230 27.93 37.83 -98.13
N LEU I 231 27.00 38.49 -98.81
CA LEU I 231 26.76 38.20 -100.22
C LEU I 231 27.99 38.49 -101.06
N ILE I 232 28.56 39.69 -100.91
CA ILE I 232 29.78 39.98 -101.66
C ILE I 232 30.95 39.15 -101.16
N ALA I 233 30.86 38.59 -99.94
CA ALA I 233 31.89 37.66 -99.49
C ALA I 233 31.84 36.36 -100.27
N GLN I 234 30.64 35.80 -100.49
CA GLN I 234 30.57 34.64 -101.38
C GLN I 234 31.02 35.00 -102.79
N VAL I 235 30.62 36.19 -103.26
CA VAL I 235 31.03 36.63 -104.60
C VAL I 235 32.55 36.65 -104.72
N VAL I 236 33.23 37.18 -103.70
CA VAL I 236 34.69 37.22 -103.73
C VAL I 236 35.28 35.82 -103.61
N SER I 237 34.72 35.01 -102.70
CA SER I 237 35.29 33.69 -102.40
C SER I 237 34.98 32.65 -103.48
N SER I 238 34.23 33.00 -104.51
CA SER I 238 33.98 32.10 -105.63
C SER I 238 34.74 32.51 -106.88
N VAL I 239 35.99 32.97 -106.77
CA VAL I 239 36.69 33.63 -107.88
C VAL I 239 37.96 32.88 -108.31
N THR I 240 38.92 32.62 -107.40
CA THR I 240 38.93 32.34 -105.94
C THR I 240 38.03 31.15 -105.61
N ALA I 241 37.66 30.40 -106.65
CA ALA I 241 36.95 29.14 -106.48
C ALA I 241 37.84 27.93 -106.72
N SER I 242 38.63 27.95 -107.80
CA SER I 242 39.53 26.86 -108.11
C SER I 242 40.94 27.04 -107.54
N LEU I 243 41.23 28.21 -106.96
CA LEU I 243 42.55 28.45 -106.41
C LEU I 243 42.78 27.72 -105.09
N ARG I 244 41.71 27.33 -104.40
CA ARG I 244 41.82 26.61 -103.14
C ARG I 244 41.22 25.23 -103.15
N PHE I 245 40.50 24.85 -104.21
CA PHE I 245 39.89 23.54 -104.31
C PHE I 245 40.18 22.94 -105.69
N ASP I 246 40.16 21.62 -105.75
CA ASP I 246 40.45 20.93 -107.00
C ASP I 246 39.32 21.12 -108.01
N GLY I 247 39.69 21.14 -109.28
CA GLY I 247 38.71 21.28 -110.35
C GLY I 247 39.22 20.64 -111.62
N SER I 248 38.29 20.26 -112.49
CA SER I 248 38.67 19.64 -113.75
C SER I 248 39.45 20.61 -114.62
N LEU I 249 39.01 21.86 -114.69
CA LEU I 249 39.68 22.91 -115.47
C LEU I 249 39.81 24.13 -114.56
N ASN I 250 40.93 24.24 -113.87
CA ASN I 250 41.16 25.37 -112.99
C ASN I 250 41.40 26.64 -113.79
N VAL I 251 41.04 27.77 -113.20
CA VAL I 251 41.20 29.08 -113.82
C VAL I 251 42.28 29.85 -113.07
N ASP I 252 43.21 30.44 -113.82
CA ASP I 252 44.32 31.17 -113.23
C ASP I 252 44.01 32.66 -113.19
N LEU I 253 44.62 33.35 -112.23
CA LEU I 253 44.40 34.79 -112.09
C LEU I 253 44.91 35.55 -113.31
N ASN I 254 46.06 35.15 -113.84
CA ASN I 254 46.59 35.80 -115.03
C ASN I 254 45.69 35.59 -116.24
N GLU I 255 44.99 34.45 -116.29
CA GLU I 255 44.11 34.17 -117.42
C GLU I 255 43.05 35.25 -117.59
N PHE I 256 42.60 35.84 -116.48
CA PHE I 256 41.59 36.90 -116.56
C PHE I 256 42.09 38.08 -117.39
N GLN I 257 43.31 38.54 -117.12
CA GLN I 257 43.83 39.66 -117.89
C GLN I 257 44.39 39.23 -119.24
N THR I 258 44.64 37.95 -119.46
CA THR I 258 45.04 37.50 -120.79
C THR I 258 43.85 37.47 -121.75
N ASN I 259 42.69 37.00 -121.29
CA ASN I 259 41.55 36.87 -122.18
C ASN I 259 40.59 38.05 -122.12
N LEU I 260 40.22 38.51 -120.92
CA LEU I 260 39.27 39.61 -120.82
C LEU I 260 39.86 40.93 -121.28
N VAL I 261 41.16 41.13 -121.08
CA VAL I 261 41.80 42.41 -121.39
C VAL I 261 42.88 42.20 -122.44
N PRO I 262 42.57 42.34 -123.72
CA PRO I 262 43.59 42.19 -124.78
C PRO I 262 44.28 43.47 -125.18
N TYR I 263 44.08 44.57 -124.47
CA TYR I 263 44.61 45.89 -124.80
C TYR I 263 45.21 46.53 -123.56
N PRO I 264 45.95 47.64 -123.74
CA PRO I 264 46.31 48.48 -122.58
C PRO I 264 45.12 49.32 -122.12
N ARG I 265 43.92 48.92 -122.53
CA ARG I 265 42.67 49.63 -122.41
C ARG I 265 41.74 48.89 -121.44
N ILE I 266 40.46 49.29 -121.45
CA ILE I 266 39.49 49.05 -120.38
C ILE I 266 39.60 47.66 -119.77
N HIS I 267 39.71 47.60 -118.45
CA HIS I 267 39.92 46.36 -117.70
C HIS I 267 39.05 46.34 -116.44
N PHE I 268 37.76 46.67 -116.60
CA PHE I 268 36.84 46.81 -115.46
C PHE I 268 35.65 45.89 -115.69
N PRO I 269 35.79 44.60 -115.40
CA PRO I 269 34.71 43.66 -115.64
C PRO I 269 33.65 43.69 -114.54
N LEU I 270 32.41 43.44 -114.96
CA LEU I 270 31.32 43.25 -114.02
C LEU I 270 31.34 41.85 -113.42
N VAL I 271 30.58 41.68 -112.35
CA VAL I 271 30.46 40.40 -111.66
C VAL I 271 28.98 40.16 -111.37
N SER I 272 28.60 38.89 -111.27
CA SER I 272 27.25 38.51 -110.91
C SER I 272 27.28 37.12 -110.28
N TYR I 273 26.41 36.91 -109.31
CA TYR I 273 26.31 35.63 -108.62
C TYR I 273 24.87 35.15 -108.62
N SER I 274 24.70 33.85 -108.85
CA SER I 274 23.38 33.23 -108.91
C SER I 274 23.56 31.73 -108.78
N PRO I 275 22.53 30.99 -108.35
CA PRO I 275 21.18 31.43 -107.97
C PRO I 275 21.14 32.17 -106.64
N VAL I 276 20.13 33.02 -106.47
CA VAL I 276 19.93 33.79 -105.25
C VAL I 276 18.53 33.47 -104.75
N LEU I 277 18.44 32.66 -103.69
CA LEU I 277 17.16 32.23 -103.14
C LEU I 277 17.27 32.12 -101.64
N SER I 278 16.12 32.13 -100.97
CA SER I 278 16.06 32.03 -99.52
C SER I 278 15.94 30.57 -99.10
N LYS I 279 15.91 30.35 -97.79
CA LYS I 279 15.77 29.00 -97.24
C LYS I 279 14.37 28.43 -97.40
N SER I 280 13.37 29.27 -97.64
CA SER I 280 12.01 28.81 -97.84
C SER I 280 11.66 28.53 -99.29
N LYS I 281 12.45 29.05 -100.24
CA LYS I 281 12.24 28.83 -101.66
C LYS I 281 13.07 27.68 -102.21
N ALA I 282 13.80 26.98 -101.35
CA ALA I 282 14.62 25.84 -101.77
C ALA I 282 13.82 24.57 -101.94
N PHE I 283 12.54 24.58 -101.59
CA PHE I 283 11.66 23.43 -101.75
C PHE I 283 10.85 23.47 -103.03
N HIS I 284 11.15 24.42 -103.92
CA HIS I 284 10.41 24.52 -105.18
C HIS I 284 11.29 24.73 -106.41
N GLU I 285 12.59 25.00 -106.26
CA GLU I 285 13.45 25.31 -107.38
C GLU I 285 14.61 24.30 -107.45
N SER I 286 14.74 23.66 -108.61
CA SER I 286 15.87 22.79 -108.92
C SER I 286 16.34 23.04 -110.34
N ASN I 287 16.47 24.31 -110.71
CA ASN I 287 16.72 24.70 -112.08
C ASN I 287 18.12 24.30 -112.55
N SER I 288 18.30 24.30 -113.87
CA SER I 288 19.58 24.01 -114.48
C SER I 288 20.39 25.30 -114.64
N VAL I 289 21.56 25.18 -115.28
CA VAL I 289 22.46 26.31 -115.41
C VAL I 289 21.94 27.38 -116.36
N SER I 290 21.01 27.03 -117.26
CA SER I 290 20.51 28.01 -118.22
C SER I 290 19.75 29.13 -117.51
N GLU I 291 18.87 28.76 -116.57
CA GLU I 291 18.11 29.79 -115.85
C GLU I 291 19.01 30.56 -114.90
N ILE I 292 20.06 29.93 -114.37
CA ILE I 292 21.02 30.65 -113.54
C ILE I 292 21.75 31.70 -114.37
N THR I 293 22.15 31.34 -115.59
CA THR I 293 22.78 32.32 -116.48
C THR I 293 21.80 33.44 -116.82
N ASN I 294 20.53 33.09 -117.06
CA ASN I 294 19.52 34.11 -117.32
C ASN I 294 19.37 35.06 -116.15
N ALA I 295 19.40 34.53 -114.93
CA ALA I 295 19.37 35.38 -113.74
C ALA I 295 20.60 36.27 -113.65
N CYS I 296 21.76 35.73 -114.06
CA CYS I 296 22.96 36.54 -114.12
C CYS I 296 22.82 37.70 -115.09
N PHE I 297 22.19 37.46 -116.24
CA PHE I 297 21.97 38.50 -117.23
C PHE I 297 20.93 39.53 -116.79
N GLU I 298 20.17 39.25 -115.73
CA GLU I 298 19.18 40.21 -115.25
C GLU I 298 19.87 41.45 -114.69
N PRO I 299 19.35 42.65 -114.97
CA PRO I 299 19.97 43.86 -114.41
C PRO I 299 20.01 43.88 -112.90
N GLY I 300 19.04 43.26 -112.22
CA GLY I 300 19.00 43.33 -110.77
C GLY I 300 20.11 42.54 -110.10
N ASN I 301 20.65 41.54 -110.78
CA ASN I 301 21.69 40.68 -110.22
C ASN I 301 23.08 41.06 -110.69
N GLN I 302 23.23 42.17 -111.41
CA GLN I 302 24.52 42.60 -111.94
C GLN I 302 25.27 43.53 -111.00
N MET I 303 24.67 43.89 -109.86
CA MET I 303 25.26 44.85 -108.92
C MET I 303 25.57 46.18 -109.59
N VAL I 304 24.71 46.60 -110.52
CA VAL I 304 24.81 47.91 -111.16
C VAL I 304 23.41 48.35 -111.57
N LYS I 305 23.10 49.63 -111.32
CA LYS I 305 21.78 50.17 -111.63
C LYS I 305 21.75 50.61 -113.09
N CYS I 306 21.78 49.61 -113.97
CA CYS I 306 21.77 49.84 -115.42
C CYS I 306 21.28 48.56 -116.09
N ASP I 307 21.16 48.61 -117.41
CA ASP I 307 20.73 47.45 -118.17
C ASP I 307 21.94 46.83 -118.86
N PRO I 308 22.41 45.66 -118.41
CA PRO I 308 23.54 45.03 -119.11
C PRO I 308 23.19 44.47 -120.47
N ARG I 309 21.90 44.23 -120.75
CA ARG I 309 21.49 43.70 -122.04
C ARG I 309 21.44 44.78 -123.12
N ASP I 310 21.45 46.05 -122.74
CA ASP I 310 21.46 47.15 -123.70
C ASP I 310 22.85 47.50 -124.19
N GLY I 311 23.90 46.93 -123.59
CA GLY I 311 25.25 47.20 -124.00
C GLY I 311 25.68 46.32 -125.16
N LYS I 312 27.00 46.31 -125.40
CA LYS I 312 27.60 45.53 -126.47
C LYS I 312 28.50 44.45 -125.88
N TYR I 313 28.58 43.32 -126.57
CA TYR I 313 29.25 42.15 -126.02
C TYR I 313 30.74 42.38 -125.85
N MET I 314 31.30 41.80 -124.80
CA MET I 314 32.73 41.80 -124.54
C MET I 314 33.08 40.43 -123.95
N ALA I 315 34.37 40.09 -124.03
CA ALA I 315 34.83 38.79 -123.53
C ALA I 315 34.42 38.60 -122.08
N THR I 316 33.91 37.40 -121.77
CA THR I 316 33.35 37.10 -120.47
C THR I 316 33.86 35.75 -119.97
N CYS I 317 33.80 35.57 -118.66
CA CYS I 317 34.21 34.35 -118.00
C CYS I 317 33.04 33.78 -117.20
N LEU I 318 32.87 32.46 -117.28
CA LEU I 318 31.82 31.75 -116.57
C LEU I 318 32.47 30.73 -115.64
N LEU I 319 32.21 30.87 -114.34
CA LEU I 319 32.78 29.97 -113.33
C LEU I 319 31.66 29.16 -112.70
N TYR I 320 31.87 27.85 -112.62
CA TYR I 320 30.84 26.89 -112.20
C TYR I 320 31.35 26.07 -111.02
N ARG I 321 30.49 25.86 -110.04
CA ARG I 321 30.83 25.11 -108.83
C ARG I 321 29.77 24.04 -108.58
N GLY I 322 30.23 22.92 -108.04
CA GLY I 322 29.33 21.82 -107.73
C GLY I 322 29.19 20.83 -108.86
N ASP I 323 27.99 20.28 -109.03
CA ASP I 323 27.72 19.28 -110.07
C ASP I 323 27.27 19.99 -111.34
N VAL I 324 28.15 20.04 -112.34
CA VAL I 324 27.86 20.68 -113.61
C VAL I 324 28.27 19.74 -114.74
N VAL I 325 27.66 19.96 -115.90
CA VAL I 325 27.92 19.16 -117.10
C VAL I 325 28.32 20.09 -118.22
N THR I 326 29.44 19.77 -118.89
CA THR I 326 29.95 20.64 -119.94
C THR I 326 28.98 20.72 -121.13
N ARG I 327 28.36 19.60 -121.48
CA ARG I 327 27.39 19.63 -122.57
C ARG I 327 26.21 20.53 -122.23
N ASP I 328 25.75 20.49 -120.98
CA ASP I 328 24.64 21.34 -120.56
C ASP I 328 25.00 22.82 -120.67
N VAL I 329 26.20 23.19 -120.22
CA VAL I 329 26.57 24.59 -120.24
C VAL I 329 26.87 25.06 -121.67
N GLN I 330 27.39 24.18 -122.52
CA GLN I 330 27.57 24.53 -123.93
C GLN I 330 26.22 24.77 -124.59
N ARG I 331 25.25 23.90 -124.29
CA ARG I 331 23.90 24.10 -124.82
C ARG I 331 23.30 25.40 -124.31
N ALA I 332 23.50 25.72 -123.03
CA ALA I 332 22.95 26.95 -122.47
C ALA I 332 23.55 28.18 -123.13
N VAL I 333 24.88 28.21 -123.27
CA VAL I 333 25.50 29.39 -123.87
C VAL I 333 25.14 29.50 -125.35
N GLU I 334 24.99 28.37 -126.05
CA GLU I 334 24.54 28.42 -127.43
C GLU I 334 23.13 28.98 -127.53
N GLN I 335 22.25 28.58 -126.60
CA GLN I 335 20.91 29.16 -126.57
C GLN I 335 20.96 30.66 -126.32
N VAL I 336 21.81 31.09 -125.38
CA VAL I 336 21.95 32.52 -125.10
C VAL I 336 22.39 33.27 -126.35
N LYS I 337 23.36 32.72 -127.08
CA LYS I 337 23.77 33.33 -128.34
C LYS I 337 22.63 33.35 -129.35
N ASN I 338 21.79 32.30 -129.35
CA ASN I 338 20.67 32.24 -130.28
C ASN I 338 19.61 33.29 -129.96
N LYS I 339 19.47 33.67 -128.69
CA LYS I 339 18.45 34.65 -128.31
C LYS I 339 18.79 36.07 -128.74
N LYS I 340 19.90 36.28 -129.46
CA LYS I 340 20.32 37.60 -129.94
C LYS I 340 20.48 38.58 -128.78
N THR I 341 21.45 38.24 -127.93
CA THR I 341 21.82 39.07 -126.80
C THR I 341 22.72 40.23 -127.27
N VAL I 342 23.41 40.86 -126.33
CA VAL I 342 24.30 42.00 -126.59
C VAL I 342 25.16 41.75 -127.83
N GLN I 343 25.31 42.78 -128.65
CA GLN I 343 25.91 42.64 -129.98
C GLN I 343 27.34 42.13 -129.89
N LEU I 344 27.57 40.95 -130.46
CA LEU I 344 28.91 40.35 -130.44
C LEU I 344 29.89 41.17 -131.26
N VAL I 345 31.09 41.31 -130.75
CA VAL I 345 32.15 42.03 -131.45
C VAL I 345 32.84 41.08 -132.42
N ASP I 346 33.54 41.66 -133.40
CA ASP I 346 34.25 40.89 -134.41
C ASP I 346 35.70 40.63 -134.05
N TRP I 347 36.16 41.07 -132.87
CA TRP I 347 37.55 40.90 -132.49
C TRP I 347 37.83 39.60 -131.74
N CYS I 348 36.87 39.11 -130.97
CA CYS I 348 37.10 37.88 -130.22
C CYS I 348 37.02 36.65 -131.13
N PRO I 349 35.94 36.46 -131.91
CA PRO I 349 34.68 37.17 -132.05
C PRO I 349 33.62 36.70 -131.05
N THR I 350 33.72 35.44 -130.63
CA THR I 350 32.85 34.87 -129.61
C THR I 350 33.71 34.07 -128.65
N GLY I 351 33.94 34.60 -127.45
CA GLY I 351 34.73 33.91 -126.46
C GLY I 351 34.02 33.75 -125.13
N PHE I 352 33.71 32.50 -124.78
CA PHE I 352 33.04 32.17 -123.52
C PHE I 352 34.00 31.32 -122.69
N LYS I 353 34.67 31.96 -121.72
CA LYS I 353 35.56 31.23 -120.84
C LYS I 353 34.74 30.45 -119.82
N ILE I 354 34.94 29.14 -119.77
CA ILE I 354 34.16 28.25 -118.91
C ILE I 354 35.08 27.70 -117.83
N GLY I 355 34.68 27.88 -116.57
CA GLY I 355 35.42 27.34 -115.45
C GLY I 355 34.61 26.34 -114.66
N ILE I 356 35.20 25.18 -114.38
CA ILE I 356 34.53 24.09 -113.68
C ILE I 356 35.25 23.85 -112.37
N CYS I 357 34.49 23.81 -111.27
CA CYS I 357 35.04 23.58 -109.94
C CYS I 357 34.29 22.43 -109.28
N TYR I 358 35.04 21.56 -108.60
CA TYR I 358 34.45 20.38 -107.98
C TYR I 358 33.71 20.71 -106.69
N GLU I 359 34.19 21.68 -105.92
CA GLU I 359 33.62 21.94 -104.61
C GLU I 359 32.19 22.48 -104.75
N PRO I 360 31.28 22.05 -103.87
CA PRO I 360 29.91 22.56 -103.93
C PRO I 360 29.87 24.03 -103.53
N PRO I 361 28.88 24.78 -104.02
CA PRO I 361 28.72 26.16 -103.55
C PRO I 361 28.41 26.21 -102.06
N THR I 362 28.89 27.27 -101.41
CA THR I 362 28.75 27.44 -99.97
C THR I 362 28.01 28.73 -99.67
N ALA I 363 27.31 28.75 -98.54
CA ALA I 363 26.51 29.89 -98.12
C ALA I 363 26.77 30.19 -96.65
N THR I 364 26.51 31.43 -96.27
CA THR I 364 26.77 31.89 -94.90
C THR I 364 25.56 31.60 -94.01
N PRO I 365 25.76 30.98 -92.85
CA PRO I 365 24.64 30.83 -91.91
C PRO I 365 24.08 32.15 -91.43
N ASN I 366 24.89 33.21 -91.37
CA ASN I 366 24.40 34.54 -91.01
C ASN I 366 23.52 35.15 -92.10
N SER I 367 23.63 34.68 -93.33
CA SER I 367 22.81 35.15 -94.44
C SER I 367 21.70 34.16 -94.73
N GLN I 368 20.69 34.63 -95.44
CA GLN I 368 19.51 33.82 -95.76
C GLN I 368 19.62 33.16 -97.14
N LEU I 369 20.83 32.87 -97.60
CA LEU I 369 21.04 32.21 -98.88
C LEU I 369 21.06 30.70 -98.67
N ALA I 370 20.16 30.00 -99.35
CA ALA I 370 20.09 28.55 -99.23
C ALA I 370 21.26 27.90 -99.97
N THR I 371 21.77 26.82 -99.40
CA THR I 371 22.83 26.05 -100.04
C THR I 371 22.31 25.39 -101.31
N VAL I 372 23.06 25.52 -102.40
CA VAL I 372 22.64 25.00 -103.70
C VAL I 372 23.75 24.09 -104.24
N ASP I 373 23.34 23.11 -105.04
CA ASP I 373 24.27 22.14 -105.60
C ASP I 373 25.06 22.71 -106.78
N ARG I 374 24.65 23.83 -107.35
CA ARG I 374 25.35 24.44 -108.47
C ARG I 374 25.11 25.94 -108.46
N ALA I 375 26.17 26.70 -108.71
CA ALA I 375 26.11 28.15 -108.72
C ALA I 375 26.97 28.69 -109.86
N VAL I 376 26.64 29.90 -110.31
CA VAL I 376 27.34 30.57 -111.40
C VAL I 376 27.85 31.92 -110.92
N CYS I 377 29.14 32.17 -111.14
CA CYS I 377 29.73 33.50 -111.02
C CYS I 377 30.16 33.93 -112.41
N MET I 378 29.61 35.04 -112.90
CA MET I 378 29.84 35.51 -114.25
C MET I 378 30.61 36.82 -114.21
N LEU I 379 31.71 36.87 -114.96
CA LEU I 379 32.54 38.08 -115.07
C LEU I 379 32.54 38.54 -116.52
N SER I 380 32.19 39.81 -116.74
CA SER I 380 32.13 40.36 -118.08
C SER I 380 32.47 41.85 -118.04
N ASN I 381 33.27 42.30 -119.00
CA ASN I 381 33.65 43.70 -119.11
C ASN I 381 32.70 44.42 -120.06
N THR I 382 31.41 44.36 -119.73
CA THR I 382 30.39 44.97 -120.54
C THR I 382 30.44 46.49 -120.42
N THR I 383 30.12 47.17 -121.51
CA THR I 383 30.14 48.63 -121.57
C THR I 383 28.84 49.27 -121.09
N SER I 384 28.05 48.56 -120.28
CA SER I 384 26.75 49.05 -119.84
C SER I 384 26.81 49.99 -118.65
N ILE I 385 27.98 50.14 -118.01
CA ILE I 385 28.08 51.09 -116.90
C ILE I 385 28.42 52.49 -117.43
N ALA I 386 28.56 52.62 -118.76
CA ALA I 386 28.90 53.92 -119.34
C ALA I 386 27.87 54.97 -118.99
N GLU I 387 26.58 54.63 -119.08
CA GLU I 387 25.56 55.58 -118.66
C GLU I 387 25.59 55.82 -117.16
N ALA I 388 26.10 54.87 -116.37
CA ALA I 388 26.25 55.11 -114.93
C ALA I 388 27.30 56.20 -114.67
N TRP I 389 28.49 56.07 -115.28
CA TRP I 389 29.43 57.18 -115.16
C TRP I 389 28.90 58.45 -115.80
N LYS I 390 28.06 58.33 -116.83
CA LYS I 390 27.47 59.53 -117.43
C LYS I 390 26.56 60.25 -116.46
N ARG I 391 25.74 59.50 -115.71
CA ARG I 391 24.89 60.11 -114.69
C ARG I 391 25.73 60.73 -113.58
N ILE I 392 26.78 60.03 -113.14
CA ILE I 392 27.67 60.59 -112.13
C ILE I 392 28.31 61.87 -112.64
N ASP I 393 28.67 61.90 -113.93
CA ASP I 393 29.33 63.06 -114.51
C ASP I 393 28.34 64.22 -114.70
N ARG I 394 27.07 63.92 -114.95
CA ARG I 394 26.06 64.98 -115.00
C ARG I 394 25.88 65.60 -113.62
N LYS I 395 25.84 64.75 -112.58
CA LYS I 395 25.88 65.26 -111.21
C LYS I 395 27.10 66.14 -111.00
N PHE I 396 28.25 65.70 -111.51
CA PHE I 396 29.48 66.47 -111.39
C PHE I 396 29.37 67.83 -112.05
N ASP I 397 28.81 67.88 -113.26
CA ASP I 397 28.67 69.15 -113.95
C ASP I 397 27.76 70.09 -113.18
N LEU I 398 26.63 69.58 -112.69
CA LEU I 398 25.67 70.44 -112.02
C LEU I 398 26.21 70.93 -110.67
N MET I 399 26.99 70.11 -109.97
CA MET I 399 27.53 70.61 -108.70
C MET I 399 28.91 71.22 -108.84
N TYR I 400 29.46 71.22 -110.06
CA TYR I 400 30.69 71.92 -110.38
C TYR I 400 30.44 73.29 -111.00
N ALA I 401 29.20 73.55 -111.43
CA ALA I 401 28.85 74.90 -111.89
C ALA I 401 29.19 75.94 -110.82
N LYS I 402 28.82 75.67 -109.57
CA LYS I 402 29.24 76.50 -108.44
C LYS I 402 30.51 75.99 -107.78
N ARG I 403 30.87 74.73 -108.04
CA ARG I 403 32.05 74.00 -107.59
C ARG I 403 31.98 73.62 -106.11
N ALA I 404 31.19 74.34 -105.33
CA ALA I 404 30.63 73.93 -104.04
C ALA I 404 31.64 73.54 -102.97
N PHE I 405 32.90 73.26 -103.35
CA PHE I 405 33.88 72.70 -102.42
C PHE I 405 35.29 73.23 -102.67
N VAL I 406 35.46 73.96 -103.77
CA VAL I 406 36.79 74.40 -104.16
C VAL I 406 37.41 75.31 -103.12
N HIS I 407 36.61 75.90 -102.23
CA HIS I 407 37.18 76.67 -101.13
C HIS I 407 38.19 75.83 -100.34
N TRP I 408 37.70 74.76 -99.70
CA TRP I 408 38.60 73.89 -98.94
C TRP I 408 39.58 73.17 -99.86
N TYR I 409 39.12 72.74 -101.05
CA TYR I 409 40.01 71.97 -101.91
C TYR I 409 41.23 72.78 -102.33
N VAL I 410 41.05 74.06 -102.65
CA VAL I 410 42.18 74.92 -102.97
C VAL I 410 42.95 75.29 -101.70
N GLY I 411 42.23 75.53 -100.60
CA GLY I 411 42.88 75.90 -99.36
C GLY I 411 43.87 74.88 -98.84
N GLU I 412 43.62 73.60 -99.09
CA GLU I 412 44.60 72.59 -98.70
C GLU I 412 45.73 72.45 -99.70
N GLY I 413 45.57 72.96 -100.92
CA GLY I 413 46.67 72.96 -101.87
C GLY I 413 46.35 72.56 -103.29
N MET I 414 45.09 72.17 -103.55
CA MET I 414 44.69 71.76 -104.88
C MET I 414 44.17 72.95 -105.68
N GLU I 415 43.66 72.69 -106.87
CA GLU I 415 43.10 73.72 -107.73
C GLU I 415 42.20 73.07 -108.77
N GLU I 416 41.43 73.91 -109.48
CA GLU I 416 40.40 73.42 -110.39
C GLU I 416 40.98 72.65 -111.57
N GLY I 417 42.28 72.79 -111.84
CA GLY I 417 42.88 72.04 -112.94
C GLY I 417 42.78 70.54 -112.76
N GLU I 418 42.97 70.07 -111.53
CA GLU I 418 42.83 68.64 -111.25
C GLU I 418 41.42 68.16 -111.51
N PHE I 419 40.42 68.94 -111.09
CA PHE I 419 39.02 68.57 -111.34
C PHE I 419 38.73 68.54 -112.83
N THR I 420 39.24 69.53 -113.58
CA THR I 420 39.02 69.54 -115.03
C THR I 420 39.71 68.34 -115.70
N GLU I 421 40.91 67.99 -115.24
CA GLU I 421 41.61 66.84 -115.79
C GLU I 421 40.86 65.55 -115.50
N ALA I 422 40.32 65.40 -114.29
CA ALA I 422 39.49 64.23 -113.98
C ALA I 422 38.24 64.21 -114.83
N ARG I 423 37.63 65.37 -115.07
CA ARG I 423 36.44 65.46 -115.91
C ARG I 423 36.74 64.98 -117.32
N GLU I 424 37.84 65.47 -117.91
CA GLU I 424 38.17 65.07 -119.27
C GLU I 424 38.63 63.62 -119.33
N ASP I 425 39.26 63.11 -118.27
CA ASP I 425 39.60 61.69 -118.21
C ASP I 425 38.34 60.82 -118.20
N LEU I 426 37.33 61.22 -117.42
CA LEU I 426 36.08 60.47 -117.40
C LEU I 426 35.39 60.54 -118.75
N ALA I 427 35.42 61.71 -119.40
CA ALA I 427 34.83 61.83 -120.73
C ALA I 427 35.54 60.94 -121.73
N ALA I 428 36.88 60.89 -121.66
CA ALA I 428 37.64 60.01 -122.55
C ALA I 428 37.34 58.54 -122.28
N LEU I 429 37.17 58.18 -121.01
CA LEU I 429 36.82 56.81 -120.68
C LEU I 429 35.45 56.43 -121.25
N GLU I 430 34.47 57.33 -121.14
CA GLU I 430 33.17 57.06 -121.72
C GLU I 430 33.24 56.97 -123.25
N ARG I 431 34.03 57.84 -123.87
CA ARG I 431 34.20 57.79 -125.32
C ARG I 431 34.84 56.47 -125.75
N ASP I 432 35.84 56.00 -125.00
CA ASP I 432 36.45 54.71 -125.29
C ASP I 432 35.45 53.58 -125.08
N TYR I 433 34.60 53.69 -124.06
CA TYR I 433 33.54 52.70 -123.85
C TYR I 433 32.64 52.61 -125.08
N ILE I 434 32.25 53.76 -125.62
CA ILE I 434 31.42 53.76 -126.82
C ILE I 434 32.19 53.19 -128.02
N GLU I 435 33.45 53.59 -128.16
CA GLU I 435 34.21 53.26 -129.37
C GLU I 435 34.57 51.78 -129.44
N VAL I 436 34.89 51.16 -128.30
CA VAL I 436 35.34 49.77 -128.31
C VAL I 436 34.24 48.85 -128.83
N GLY I 437 32.98 49.23 -128.65
CA GLY I 437 31.89 48.46 -129.22
C GLY I 437 31.44 49.01 -130.55
N ALA I 438 31.71 50.29 -130.80
CA ALA I 438 31.35 50.90 -132.08
C ALA I 438 32.26 50.48 -133.22
N ASP I 439 33.49 50.04 -132.91
CA ASP I 439 34.41 49.62 -133.95
C ASP I 439 33.87 48.41 -134.71
N SER I 440 33.30 47.45 -133.99
CA SER I 440 32.76 46.25 -134.61
C SER I 440 31.47 46.56 -135.38
N MET J 1 6.10 21.42 -127.52
CA MET J 1 4.82 20.80 -127.81
C MET J 1 4.58 19.69 -126.78
N ARG J 2 4.89 20.00 -125.53
CA ARG J 2 4.76 19.03 -124.45
C ARG J 2 3.96 19.52 -123.26
N GLU J 3 4.08 20.79 -122.89
CA GLU J 3 3.52 21.31 -121.65
C GLU J 3 2.36 22.25 -121.92
N VAL J 4 1.43 22.30 -120.96
CA VAL J 4 0.28 23.19 -121.02
C VAL J 4 0.30 24.07 -119.77
N ILE J 5 0.18 25.38 -119.98
CA ILE J 5 0.21 26.36 -118.89
C ILE J 5 -1.20 26.85 -118.65
N SER J 6 -1.62 26.86 -117.39
CA SER J 6 -2.96 27.24 -116.99
C SER J 6 -2.91 28.53 -116.17
N ILE J 7 -3.79 29.47 -116.50
CA ILE J 7 -3.87 30.75 -115.79
C ILE J 7 -5.32 30.98 -115.38
N ASN J 8 -5.52 31.33 -114.11
CA ASN J 8 -6.84 31.60 -113.56
C ASN J 8 -6.93 33.06 -113.15
N VAL J 9 -8.00 33.74 -113.60
CA VAL J 9 -8.22 35.15 -113.31
C VAL J 9 -9.61 35.29 -112.70
N GLY J 10 -9.69 36.05 -111.61
CA GLY J 10 -10.94 36.26 -110.91
C GLY J 10 -11.15 35.25 -109.80
N GLN J 11 -12.01 35.63 -108.84
CA GLN J 11 -12.26 34.77 -107.69
C GLN J 11 -12.90 33.45 -108.11
N ALA J 12 -13.86 33.51 -109.05
CA ALA J 12 -14.49 32.28 -109.53
C ALA J 12 -13.47 31.38 -110.23
N GLY J 13 -12.63 31.97 -111.07
CA GLY J 13 -11.59 31.19 -111.74
C GLY J 13 -10.61 30.58 -110.75
N CYS J 14 -10.27 31.32 -109.69
CA CYS J 14 -9.38 30.78 -108.68
C CYS J 14 -10.02 29.62 -107.93
N GLN J 15 -11.31 29.72 -107.61
CA GLN J 15 -12.00 28.60 -106.97
C GLN J 15 -12.04 27.38 -107.88
N ILE J 16 -12.33 27.59 -109.16
CA ILE J 16 -12.35 26.47 -110.12
C ILE J 16 -10.98 25.84 -110.20
N GLY J 17 -9.91 26.66 -110.25
CA GLY J 17 -8.58 26.12 -110.28
C GLY J 17 -8.23 25.33 -109.04
N ASN J 18 -8.59 25.87 -107.87
CA ASN J 18 -8.36 25.16 -106.61
C ASN J 18 -9.00 23.78 -106.65
N ALA J 19 -10.27 23.74 -107.07
CA ALA J 19 -10.97 22.46 -107.17
C ALA J 19 -10.26 21.52 -108.14
N CYS J 20 -9.85 22.03 -109.30
CA CYS J 20 -9.30 21.16 -110.33
C CYS J 20 -7.93 20.61 -109.93
N TRP J 21 -7.10 21.42 -109.28
CA TRP J 21 -5.85 20.86 -108.77
C TRP J 21 -6.08 19.90 -107.61
N GLU J 22 -7.11 20.14 -106.79
CA GLU J 22 -7.46 19.15 -105.77
C GLU J 22 -7.78 17.81 -106.42
N LEU J 23 -8.62 17.81 -107.47
CA LEU J 23 -8.86 16.57 -108.19
C LEU J 23 -7.56 15.98 -108.73
N TYR J 24 -6.79 16.77 -109.47
CA TYR J 24 -5.56 16.27 -110.09
C TYR J 24 -4.67 15.57 -109.06
N SER J 25 -4.55 16.16 -107.87
CA SER J 25 -3.87 15.48 -106.78
C SER J 25 -4.59 14.18 -106.40
N LEU J 26 -5.92 14.18 -106.50
CA LEU J 26 -6.66 12.98 -106.08
C LEU J 26 -6.40 11.80 -107.00
N GLU J 27 -6.65 11.93 -108.32
CA GLU J 27 -6.51 10.75 -109.16
C GLU J 27 -5.04 10.36 -109.34
N HIS J 28 -4.14 11.33 -109.48
CA HIS J 28 -2.74 11.00 -109.72
C HIS J 28 -1.97 10.72 -108.44
N GLY J 29 -2.64 10.68 -107.29
CA GLY J 29 -2.02 10.18 -106.08
C GLY J 29 -1.07 11.13 -105.39
N ILE J 30 -1.19 12.43 -105.64
CA ILE J 30 -0.39 13.42 -104.93
C ILE J 30 -1.14 13.87 -103.69
N LYS J 31 -0.47 13.86 -102.55
CA LYS J 31 -1.06 14.33 -101.30
C LYS J 31 -1.28 15.84 -101.37
N PRO J 32 -2.17 16.39 -100.52
CA PRO J 32 -2.49 17.82 -100.61
C PRO J 32 -1.30 18.75 -100.40
N ASP J 33 -0.12 18.22 -100.13
CA ASP J 33 1.09 19.01 -100.04
C ASP J 33 2.17 18.61 -101.03
N GLY J 34 2.10 17.42 -101.61
CA GLY J 34 3.07 16.98 -102.59
C GLY J 34 4.29 16.33 -101.97
N HIS J 35 5.01 15.59 -102.82
CA HIS J 35 6.26 14.92 -102.46
C HIS J 35 6.06 13.95 -101.29
N LEU J 36 5.33 12.87 -101.54
CA LEU J 36 4.80 12.54 -102.86
C LEU J 36 3.26 12.50 -102.91
N GLU J 37 2.53 11.76 -102.05
CA GLU J 37 2.96 10.79 -101.03
C GLU J 37 2.05 9.56 -101.08
N ASP J 38 2.44 8.50 -101.81
CA ASP J 38 3.66 8.43 -102.60
C ASP J 38 3.31 8.39 -104.09
N GLY J 39 4.31 8.16 -104.92
CA GLY J 39 4.09 7.97 -106.34
C GLY J 39 3.28 6.71 -106.59
N LEU J 40 2.54 6.73 -107.69
CA LEU J 40 1.59 5.65 -107.96
C LEU J 40 1.95 4.86 -109.22
N SER J 41 2.16 5.57 -110.32
CA SER J 41 2.26 4.96 -111.65
C SER J 41 3.13 5.88 -112.50
N LYS J 42 3.65 5.39 -113.64
CA LYS J 42 3.48 4.11 -114.36
C LYS J 42 2.06 3.78 -114.88
N PRO J 43 1.48 4.66 -115.73
CA PRO J 43 1.95 5.99 -116.13
C PRO J 43 1.30 7.16 -115.37
N LYS J 44 2.09 7.89 -114.59
CA LYS J 44 1.71 9.20 -114.09
C LYS J 44 2.86 10.19 -114.13
N GLY J 45 4.05 9.76 -114.55
CA GLY J 45 5.22 10.60 -114.55
C GLY J 45 6.26 10.17 -113.54
N GLY J 46 7.27 9.41 -113.99
CA GLY J 46 7.32 8.93 -115.36
C GLY J 46 6.44 7.71 -115.57
N GLU J 47 6.11 7.40 -116.82
CA GLU J 47 6.58 8.17 -117.98
C GLU J 47 5.69 9.39 -118.23
N GLU J 48 6.16 10.29 -119.09
CA GLU J 48 5.43 11.51 -119.41
C GLU J 48 4.16 11.19 -120.19
N GLY J 49 3.04 11.80 -119.80
CA GLY J 49 2.98 12.70 -118.66
C GLY J 49 2.73 11.95 -117.36
N PHE J 50 3.09 12.55 -116.23
CA PHE J 50 3.59 13.92 -116.13
C PHE J 50 5.09 13.98 -116.50
N SER J 51 5.65 15.16 -116.80
CA SER J 51 5.03 16.47 -116.60
C SER J 51 4.14 16.94 -117.75
N THR J 52 2.90 17.26 -117.41
CA THR J 52 1.97 17.96 -118.29
C THR J 52 1.34 19.19 -117.65
N PHE J 53 1.03 19.13 -116.35
CA PHE J 53 0.51 20.28 -115.62
C PHE J 53 1.31 20.51 -114.34
N PHE J 54 1.84 19.43 -113.78
CA PHE J 54 2.67 19.48 -112.59
C PHE J 54 4.14 19.44 -112.98
N HIS J 55 4.91 20.43 -112.52
CA HIS J 55 6.33 20.45 -112.80
C HIS J 55 7.02 19.30 -112.04
N GLU J 56 7.95 18.63 -112.72
CA GLU J 56 8.70 17.53 -112.11
C GLU J 56 9.96 18.11 -111.48
N THR J 57 9.89 18.34 -110.16
CA THR J 57 11.03 18.87 -109.44
C THR J 57 12.15 17.84 -109.37
N GLY J 58 13.40 18.30 -109.43
CA GLY J 58 14.53 17.40 -109.34
C GLY J 58 14.57 16.63 -108.05
N TYR J 59 14.09 17.23 -106.95
CA TYR J 59 14.01 16.54 -105.67
C TYR J 59 12.93 15.47 -105.65
N GLY J 60 12.09 15.39 -106.68
CA GLY J 60 10.99 14.46 -106.72
C GLY J 60 9.63 15.05 -106.41
N LYS J 61 9.54 16.36 -106.21
CA LYS J 61 8.28 17.01 -105.89
C LYS J 61 7.49 17.29 -107.17
N PHE J 62 6.19 17.55 -106.99
CA PHE J 62 5.30 17.89 -108.08
C PHE J 62 4.74 19.29 -107.83
N VAL J 63 4.98 20.20 -108.77
CA VAL J 63 4.59 21.60 -108.62
C VAL J 63 3.69 22.01 -109.78
N PRO J 64 2.43 22.34 -109.53
CA PRO J 64 1.58 22.88 -110.59
C PRO J 64 2.19 24.14 -111.19
N ARG J 65 2.10 24.26 -112.51
CA ARG J 65 2.63 25.42 -113.23
C ARG J 65 1.46 26.34 -113.58
N ALA J 66 1.06 27.17 -112.63
CA ALA J 66 -0.05 28.09 -112.81
C ALA J 66 0.34 29.45 -112.27
N ILE J 67 -0.28 30.49 -112.83
CA ILE J 67 -0.05 31.87 -112.42
C ILE J 67 -1.37 32.45 -111.94
N TYR J 68 -1.40 32.88 -110.69
CA TYR J 68 -2.58 33.49 -110.09
C TYR J 68 -2.42 35.00 -110.14
N VAL J 69 -3.10 35.65 -111.08
CA VAL J 69 -3.06 37.09 -111.24
C VAL J 69 -4.44 37.65 -110.85
N ASP J 70 -4.43 38.64 -109.96
CA ASP J 70 -5.65 39.26 -109.47
C ASP J 70 -5.26 40.49 -108.68
N LEU J 71 -6.14 41.50 -108.71
CA LEU J 71 -5.92 42.74 -107.98
C LEU J 71 -6.57 42.74 -106.60
N GLU J 72 -7.26 41.66 -106.23
CA GLU J 72 -7.86 41.53 -104.91
C GLU J 72 -7.01 40.58 -104.08
N PRO J 73 -6.30 41.07 -103.05
CA PRO J 73 -5.38 40.20 -102.32
C PRO J 73 -6.07 39.14 -101.47
N ASN J 74 -7.38 39.24 -101.26
CA ASN J 74 -8.06 38.28 -100.40
C ASN J 74 -8.00 36.86 -100.95
N VAL J 75 -8.18 36.71 -102.26
CA VAL J 75 -8.11 35.37 -102.86
C VAL J 75 -6.71 34.78 -102.72
N ILE J 76 -5.68 35.61 -102.97
CA ILE J 76 -4.31 35.12 -102.85
C ILE J 76 -4.00 34.73 -101.41
N ASP J 77 -4.48 35.52 -100.44
CA ASP J 77 -4.28 35.17 -99.04
C ASP J 77 -4.98 33.87 -98.68
N GLU J 78 -6.22 33.68 -99.19
CA GLU J 78 -6.93 32.44 -98.94
C GLU J 78 -6.22 31.24 -99.55
N VAL J 79 -5.59 31.43 -100.71
CA VAL J 79 -4.79 30.36 -101.30
C VAL J 79 -3.55 30.08 -100.46
N ARG J 80 -2.89 31.14 -99.99
CA ARG J 80 -1.62 31.01 -99.29
C ARG J 80 -1.75 30.51 -97.85
N ASN J 81 -2.90 30.67 -97.21
CA ASN J 81 -3.06 30.23 -95.83
C ASN J 81 -3.62 28.82 -95.72
N GLY J 82 -3.84 28.14 -96.85
CA GLY J 82 -4.33 26.79 -96.84
C GLY J 82 -3.29 25.80 -97.32
N PRO J 83 -3.72 24.59 -97.66
CA PRO J 83 -2.77 23.57 -98.15
C PRO J 83 -2.22 23.87 -99.53
N TYR J 84 -2.75 24.88 -100.23
CA TYR J 84 -2.28 25.21 -101.57
C TYR J 84 -0.91 25.86 -101.58
N LYS J 85 -0.38 26.24 -100.41
CA LYS J 85 0.89 26.95 -100.36
C LYS J 85 2.04 26.07 -100.83
N ASP J 86 1.95 24.76 -100.59
CA ASP J 86 3.02 23.84 -100.96
C ASP J 86 2.97 23.43 -102.43
N LEU J 87 1.96 23.86 -103.18
CA LEU J 87 1.84 23.51 -104.59
C LEU J 87 2.26 24.62 -105.53
N PHE J 88 2.05 25.88 -105.16
CA PHE J 88 2.30 27.01 -106.05
C PHE J 88 3.59 27.70 -105.65
N HIS J 89 4.41 28.03 -106.65
CA HIS J 89 5.64 28.75 -106.39
C HIS J 89 5.33 30.15 -105.87
N PRO J 90 6.11 30.66 -104.90
CA PRO J 90 5.80 31.98 -104.35
C PRO J 90 5.78 33.10 -105.38
N GLU J 91 6.66 33.04 -106.38
CA GLU J 91 6.69 34.08 -107.41
C GLU J 91 5.57 33.93 -108.42
N GLN J 92 4.95 32.75 -108.52
CA GLN J 92 3.82 32.55 -109.42
C GLN J 92 2.52 33.11 -108.85
N LEU J 93 2.47 33.42 -107.56
CA LEU J 93 1.27 33.98 -106.93
C LEU J 93 1.36 35.49 -106.96
N ILE J 94 0.87 36.09 -108.05
CA ILE J 94 0.90 37.53 -108.23
C ILE J 94 -0.25 38.15 -107.44
N SER J 95 0.05 38.66 -106.25
CA SER J 95 -0.95 39.27 -105.38
C SER J 95 -1.05 40.76 -105.68
N GLY J 96 -2.27 41.22 -105.96
CA GLY J 96 -2.50 42.63 -106.20
C GLY J 96 -2.86 43.38 -104.95
N LYS J 97 -2.60 44.70 -104.98
CA LYS J 97 -2.87 45.57 -103.85
C LYS J 97 -3.70 46.79 -104.19
N GLU J 98 -4.15 46.94 -105.43
CA GLU J 98 -4.92 48.10 -105.87
C GLU J 98 -6.36 47.68 -106.12
N ASP J 99 -7.30 48.36 -105.46
CA ASP J 99 -8.73 48.08 -105.59
C ASP J 99 -9.45 49.38 -105.90
N ALA J 100 -9.95 49.51 -107.13
CA ALA J 100 -10.69 50.71 -107.52
C ALA J 100 -11.98 50.33 -108.24
N ALA J 101 -12.05 49.10 -108.74
CA ALA J 101 -13.25 48.59 -109.40
C ALA J 101 -13.15 47.08 -109.42
N ASN J 102 -14.27 46.42 -109.78
CA ASN J 102 -14.30 44.96 -109.92
C ASN J 102 -14.91 44.60 -111.28
N ASN J 103 -14.09 44.60 -112.32
CA ASN J 103 -12.80 45.29 -112.36
C ASN J 103 -12.62 45.88 -113.75
N TYR J 104 -13.60 45.62 -114.62
CA TYR J 104 -13.45 45.92 -116.03
C TYR J 104 -13.40 47.41 -116.32
N ALA J 105 -13.80 48.25 -115.37
CA ALA J 105 -13.72 49.70 -115.58
C ALA J 105 -12.29 50.12 -115.86
N ARG J 106 -11.34 49.62 -115.07
CA ARG J 106 -9.92 49.92 -115.24
C ARG J 106 -9.10 48.71 -115.67
N GLY J 107 -9.67 47.50 -115.62
CA GLY J 107 -8.90 46.32 -115.94
C GLY J 107 -8.42 46.27 -117.38
N HIS J 108 -9.31 46.62 -118.32
CA HIS J 108 -9.00 46.55 -119.74
C HIS J 108 -8.39 47.83 -120.29
N TYR J 109 -7.71 48.61 -119.44
CA TYR J 109 -7.19 49.91 -119.82
C TYR J 109 -5.76 50.02 -119.32
N THR J 110 -5.23 51.25 -119.33
CA THR J 110 -3.82 51.48 -118.99
C THR J 110 -3.50 51.07 -117.57
N VAL J 111 -4.50 50.92 -116.71
CA VAL J 111 -4.24 50.57 -115.31
C VAL J 111 -3.67 49.16 -115.18
N GLY J 112 -4.01 48.28 -116.12
CA GLY J 112 -3.60 46.88 -115.97
C GLY J 112 -2.29 46.55 -116.67
N ARG J 113 -1.92 47.33 -117.69
CA ARG J 113 -0.81 46.91 -118.53
C ARG J 113 0.56 47.31 -118.01
N GLU J 114 0.66 48.04 -116.90
CA GLU J 114 1.97 48.20 -116.28
C GLU J 114 2.33 47.01 -115.39
N ILE J 115 1.36 46.18 -115.05
CA ILE J 115 1.64 44.92 -114.37
C ILE J 115 1.76 43.75 -115.35
N LEU J 116 1.13 43.84 -116.52
CA LEU J 116 1.19 42.76 -117.49
C LEU J 116 2.62 42.45 -117.92
N GLY J 117 3.53 43.43 -117.88
CA GLY J 117 4.91 43.16 -118.26
C GLY J 117 5.55 42.11 -117.36
N ASP J 118 5.34 42.23 -116.05
CA ASP J 118 5.87 41.24 -115.12
C ASP J 118 5.24 39.87 -115.36
N VAL J 119 3.93 39.84 -115.65
CA VAL J 119 3.27 38.56 -115.91
C VAL J 119 3.84 37.90 -117.16
N LEU J 120 4.03 38.66 -118.22
CA LEU J 120 4.62 38.11 -119.44
C LEU J 120 6.05 37.64 -119.20
N ASP J 121 6.84 38.39 -118.44
CA ASP J 121 8.19 37.95 -118.12
C ASP J 121 8.18 36.64 -117.34
N ARG J 122 7.28 36.53 -116.36
CA ARG J 122 7.20 35.32 -115.55
C ARG J 122 6.78 34.12 -116.39
N ILE J 123 5.79 34.30 -117.28
CA ILE J 123 5.35 33.16 -118.08
C ILE J 123 6.40 32.79 -119.12
N ARG J 124 7.15 33.77 -119.64
CA ARG J 124 8.25 33.45 -120.54
C ARG J 124 9.34 32.66 -119.81
N LYS J 125 9.66 33.06 -118.58
CA LYS J 125 10.64 32.31 -117.80
C LYS J 125 10.15 30.89 -117.52
N LEU J 126 8.86 30.73 -117.21
CA LEU J 126 8.31 29.41 -116.97
C LEU J 126 8.34 28.55 -118.23
N ALA J 127 8.04 29.15 -119.39
CA ALA J 127 8.13 28.42 -120.64
C ALA J 127 9.56 27.99 -120.93
N ASP J 128 10.53 28.86 -120.67
CA ASP J 128 11.93 28.49 -120.82
C ASP J 128 12.33 27.41 -119.83
N GLN J 129 11.66 27.35 -118.67
CA GLN J 129 11.94 26.31 -117.69
C GLN J 129 11.65 24.93 -118.24
N CYS J 130 10.51 24.78 -118.92
CA CYS J 130 10.09 23.48 -119.43
C CYS J 130 10.57 23.29 -120.87
N ASP J 131 10.45 22.06 -121.35
CA ASP J 131 10.85 21.69 -122.70
C ASP J 131 9.61 21.66 -123.58
N GLY J 132 9.47 22.67 -124.44
CA GLY J 132 8.36 22.75 -125.35
C GLY J 132 7.13 23.38 -124.73
N LEU J 133 6.14 23.64 -125.59
CA LEU J 133 4.89 24.26 -125.17
C LEU J 133 3.80 23.84 -126.13
N GLN J 134 2.67 23.37 -125.59
CA GLN J 134 1.57 22.85 -126.38
C GLN J 134 0.38 23.80 -126.45
N GLY J 135 -0.16 24.20 -125.31
CA GLY J 135 -1.32 25.08 -125.30
C GLY J 135 -1.50 25.71 -123.94
N PHE J 136 -2.51 26.58 -123.86
CA PHE J 136 -2.82 27.31 -122.64
C PHE J 136 -4.24 27.01 -122.19
N LEU J 137 -4.44 26.99 -120.88
CA LEU J 137 -5.74 26.80 -120.27
C LEU J 137 -6.15 28.08 -119.55
N PHE J 138 -7.36 28.55 -119.82
CA PHE J 138 -7.87 29.78 -119.23
C PHE J 138 -9.11 29.48 -118.40
N THR J 139 -9.15 30.02 -117.19
CA THR J 139 -10.30 29.88 -116.29
C THR J 139 -10.60 31.24 -115.69
N HIS J 140 -11.59 31.93 -116.24
CA HIS J 140 -11.99 33.24 -115.74
C HIS J 140 -13.49 33.37 -115.84
N SER J 141 -14.05 34.28 -115.04
CA SER J 141 -15.48 34.53 -115.01
C SER J 141 -15.79 35.80 -115.77
N LEU J 142 -16.69 35.70 -116.75
CA LEU J 142 -17.12 36.87 -117.51
C LEU J 142 -18.02 37.79 -116.69
N GLY J 143 -18.53 37.32 -115.56
CA GLY J 143 -19.29 38.18 -114.67
C GLY J 143 -18.39 39.15 -113.93
N GLY J 144 -17.42 38.62 -113.19
CA GLY J 144 -16.43 39.45 -112.53
C GLY J 144 -15.57 40.16 -113.56
N GLY J 145 -15.47 41.50 -113.45
CA GLY J 145 -14.69 42.26 -114.40
C GLY J 145 -13.22 41.91 -114.42
N THR J 146 -12.68 41.48 -113.28
CA THR J 146 -11.28 41.06 -113.24
C THR J 146 -11.00 39.98 -114.27
N GLY J 147 -11.81 38.92 -114.25
CA GLY J 147 -11.63 37.83 -115.20
C GLY J 147 -11.70 38.32 -116.63
N SER J 148 -12.81 38.98 -116.99
CA SER J 148 -12.98 39.48 -118.35
C SER J 148 -11.79 40.30 -118.81
N GLY J 149 -11.52 41.41 -118.12
CA GLY J 149 -10.48 42.32 -118.52
C GLY J 149 -9.09 41.72 -118.56
N LEU J 150 -8.63 41.18 -117.42
CA LEU J 150 -7.27 40.67 -117.35
C LEU J 150 -7.10 39.47 -118.28
N GLY J 151 -8.07 38.57 -118.33
CA GLY J 151 -7.98 37.43 -119.23
C GLY J 151 -7.89 37.86 -120.68
N SER J 152 -8.70 38.84 -121.09
CA SER J 152 -8.62 39.32 -122.48
C SER J 152 -7.28 39.95 -122.77
N LEU J 153 -6.74 40.75 -121.82
CA LEU J 153 -5.44 41.36 -122.03
C LEU J 153 -4.37 40.30 -122.22
N LEU J 154 -4.35 39.29 -121.33
CA LEU J 154 -3.44 38.17 -121.52
C LEU J 154 -3.69 37.48 -122.85
N LEU J 155 -4.94 37.38 -123.30
CA LEU J 155 -5.23 36.74 -124.58
C LEU J 155 -4.49 37.44 -125.71
N GLU J 156 -4.64 38.77 -125.82
CA GLU J 156 -3.95 39.42 -126.93
C GLU J 156 -2.43 39.36 -126.74
N GLU J 157 -1.95 39.47 -125.51
CA GLU J 157 -0.51 39.45 -125.28
C GLU J 157 0.10 38.12 -125.72
N LEU J 158 -0.48 37.01 -125.28
CA LEU J 158 0.10 35.71 -125.62
C LEU J 158 -0.28 35.23 -127.01
N SER J 159 -1.29 35.83 -127.64
CA SER J 159 -1.47 35.59 -129.06
C SER J 159 -0.44 36.34 -129.88
N ALA J 160 0.03 37.49 -129.38
CA ALA J 160 1.10 38.21 -130.06
C ALA J 160 2.45 37.56 -129.86
N GLU J 161 2.73 37.03 -128.66
CA GLU J 161 4.07 36.53 -128.39
C GLU J 161 4.38 35.24 -129.16
N TYR J 162 3.41 34.33 -129.25
CA TYR J 162 3.61 33.08 -130.00
C TYR J 162 2.75 33.02 -131.25
N GLY J 163 1.43 33.11 -131.11
CA GLY J 163 0.53 33.00 -132.24
C GLY J 163 0.45 31.63 -132.87
N LYS J 164 1.03 30.60 -132.25
CA LYS J 164 1.03 29.26 -132.80
C LYS J 164 0.56 28.19 -131.84
N LYS J 165 0.21 28.55 -130.60
CA LYS J 165 -0.20 27.57 -129.61
C LYS J 165 -1.73 27.56 -129.46
N SER J 166 -2.25 26.40 -129.09
CA SER J 166 -3.69 26.27 -128.90
C SER J 166 -4.14 27.09 -127.69
N LYS J 167 -5.29 27.73 -127.83
CA LYS J 167 -5.83 28.62 -126.81
C LYS J 167 -7.18 28.08 -126.34
N LEU J 168 -7.20 27.47 -125.17
CA LEU J 168 -8.42 26.93 -124.57
C LEU J 168 -8.86 27.84 -123.43
N GLU J 169 -10.10 28.33 -123.51
CA GLU J 169 -10.63 29.28 -122.55
C GLU J 169 -11.92 28.72 -121.94
N PHE J 170 -11.89 28.42 -120.64
CA PHE J 170 -13.06 28.03 -119.89
C PHE J 170 -13.61 29.27 -119.21
N ALA J 171 -14.48 30.00 -119.89
CA ALA J 171 -15.03 31.26 -119.41
C ALA J 171 -16.39 31.02 -118.77
N VAL J 172 -16.56 31.53 -117.56
CA VAL J 172 -17.84 31.42 -116.86
C VAL J 172 -18.75 32.55 -117.34
N TYR J 173 -19.88 32.18 -117.94
CA TYR J 173 -20.78 33.19 -118.48
C TYR J 173 -21.81 33.60 -117.45
N PRO J 174 -22.24 34.87 -117.47
CA PRO J 174 -23.30 35.29 -116.56
C PRO J 174 -24.61 34.56 -116.85
N ALA J 175 -25.39 34.36 -115.81
CA ALA J 175 -26.66 33.66 -115.96
C ALA J 175 -27.60 34.46 -116.86
N PRO J 176 -28.18 33.86 -117.90
CA PRO J 176 -29.07 34.60 -118.79
C PRO J 176 -30.40 34.98 -118.17
N GLN J 177 -30.81 34.33 -117.08
CA GLN J 177 -32.06 34.70 -116.42
C GLN J 177 -31.92 36.03 -115.70
N VAL J 178 -31.01 36.09 -114.71
CA VAL J 178 -30.67 37.33 -114.03
C VAL J 178 -29.16 37.43 -113.94
N SER J 179 -28.68 38.66 -113.78
CA SER J 179 -27.26 38.94 -113.63
C SER J 179 -26.98 39.41 -112.20
N THR J 180 -25.90 38.87 -111.62
CA THR J 180 -25.54 39.26 -110.26
C THR J 180 -25.15 40.73 -110.17
N SER J 181 -24.51 41.27 -111.21
CA SER J 181 -24.23 42.70 -111.30
C SER J 181 -24.56 43.17 -112.71
N VAL J 182 -24.87 44.45 -112.82
CA VAL J 182 -25.39 45.01 -114.08
C VAL J 182 -24.29 45.08 -115.14
N VAL J 183 -23.04 45.30 -114.75
CA VAL J 183 -21.97 45.54 -115.71
C VAL J 183 -21.40 44.25 -116.31
N GLU J 184 -21.89 43.09 -115.89
CA GLU J 184 -21.39 41.82 -116.42
C GLU J 184 -21.58 41.69 -117.92
N PRO J 185 -22.73 42.04 -118.51
CA PRO J 185 -22.84 41.97 -119.98
C PRO J 185 -21.79 42.80 -120.70
N TYR J 186 -21.47 44.00 -120.20
CA TYR J 186 -20.36 44.75 -120.79
C TYR J 186 -19.05 43.99 -120.66
N ASN J 187 -18.75 43.48 -119.46
CA ASN J 187 -17.49 42.75 -119.27
C ASN J 187 -17.39 41.56 -120.23
N THR J 188 -18.53 40.97 -120.61
CA THR J 188 -18.50 39.86 -121.55
C THR J 188 -18.35 40.34 -122.98
N VAL J 189 -19.22 41.24 -123.43
CA VAL J 189 -19.29 41.53 -124.86
C VAL J 189 -18.18 42.47 -125.32
N LEU J 190 -17.74 43.41 -124.47
CA LEU J 190 -16.61 44.26 -124.86
C LEU J 190 -15.32 43.47 -125.01
N THR J 191 -15.28 42.23 -124.53
CA THR J 191 -14.17 41.33 -124.78
C THR J 191 -14.51 40.19 -125.74
N THR J 192 -15.79 40.04 -126.11
CA THR J 192 -16.14 39.04 -127.12
C THR J 192 -15.40 39.27 -128.43
N HIS J 193 -15.19 40.54 -128.80
CA HIS J 193 -14.46 40.84 -130.03
C HIS J 193 -13.01 40.37 -129.94
N THR J 194 -12.35 40.63 -128.80
CA THR J 194 -10.99 40.16 -128.60
C THR J 194 -10.94 38.63 -128.58
N THR J 195 -11.96 38.00 -128.00
CA THR J 195 -12.04 36.54 -128.02
C THR J 195 -12.18 36.01 -129.45
N LEU J 196 -13.02 36.66 -130.25
CA LEU J 196 -13.18 36.24 -131.64
C LEU J 196 -11.88 36.37 -132.41
N GLU J 197 -11.14 37.46 -132.19
CA GLU J 197 -9.92 37.70 -132.95
C GLU J 197 -8.69 37.01 -132.36
N HIS J 198 -8.77 36.47 -131.14
CA HIS J 198 -7.57 35.98 -130.47
C HIS J 198 -7.82 34.69 -129.69
N ALA J 199 -8.72 33.83 -130.16
CA ALA J 199 -8.96 32.55 -129.51
C ALA J 199 -9.05 31.44 -130.54
N ASP J 200 -8.73 30.22 -130.11
CA ASP J 200 -8.78 29.04 -130.95
C ASP J 200 -9.91 28.08 -130.57
N CYS J 201 -10.21 27.95 -129.28
CA CYS J 201 -11.28 27.07 -128.82
C CYS J 201 -11.77 27.58 -127.48
N THR J 202 -13.05 27.96 -127.42
CA THR J 202 -13.65 28.51 -126.22
C THR J 202 -14.79 27.60 -125.75
N PHE J 203 -14.84 27.36 -124.44
CA PHE J 203 -15.85 26.52 -123.83
C PHE J 203 -16.80 27.37 -123.01
N MET J 204 -18.10 27.21 -123.23
CA MET J 204 -19.12 27.99 -122.54
C MET J 204 -19.72 27.18 -121.40
N VAL J 205 -19.72 27.75 -120.20
CA VAL J 205 -20.31 27.12 -119.03
C VAL J 205 -21.25 28.12 -118.36
N ASP J 206 -22.42 27.64 -117.94
CA ASP J 206 -23.42 28.47 -117.29
C ASP J 206 -23.66 27.95 -115.87
N ASN J 207 -23.64 28.87 -114.90
CA ASN J 207 -23.88 28.47 -113.52
C ASN J 207 -25.33 28.06 -113.29
N GLU J 208 -26.27 28.64 -114.05
CA GLU J 208 -27.67 28.33 -113.85
C GLU J 208 -27.96 26.87 -114.18
N ALA J 209 -27.38 26.34 -115.26
CA ALA J 209 -27.60 24.95 -115.62
C ALA J 209 -26.98 24.00 -114.59
N ILE J 210 -25.80 24.35 -114.07
CA ILE J 210 -25.17 23.53 -113.04
C ILE J 210 -26.04 23.51 -111.78
N TYR J 211 -26.58 24.66 -111.39
CA TYR J 211 -27.49 24.69 -110.25
C TYR J 211 -28.75 23.88 -110.53
N ASP J 212 -29.25 23.94 -111.76
CA ASP J 212 -30.46 23.19 -112.12
C ASP J 212 -30.21 21.69 -111.99
N MET J 213 -29.06 21.21 -112.48
CA MET J 213 -28.77 19.78 -112.38
C MET J 213 -28.44 19.38 -110.95
N CYS J 214 -27.85 20.28 -110.16
CA CYS J 214 -27.64 19.98 -108.75
C CYS J 214 -28.97 19.84 -108.02
N LYS J 215 -29.94 20.71 -108.32
CA LYS J 215 -31.25 20.60 -107.69
C LYS J 215 -31.99 19.35 -108.17
N ARG J 216 -31.87 19.02 -109.45
CA ARG J 216 -32.64 17.92 -110.03
C ARG J 216 -31.88 16.59 -109.97
N ASN J 217 -30.71 16.52 -110.60
CA ASN J 217 -29.99 15.26 -110.67
C ASN J 217 -29.33 14.92 -109.33
N LEU J 218 -28.72 15.90 -108.68
CA LEU J 218 -28.04 15.66 -107.41
C LEU J 218 -28.98 15.68 -106.22
N ASP J 219 -30.21 16.16 -106.40
CA ASP J 219 -31.20 16.26 -105.31
C ASP J 219 -30.64 17.06 -104.13
N ILE J 220 -29.87 18.10 -104.43
CA ILE J 220 -29.29 18.97 -103.43
C ILE J 220 -30.20 20.17 -103.26
N PRO J 221 -30.76 20.41 -102.07
CA PRO J 221 -31.64 21.57 -101.91
C PRO J 221 -30.90 22.89 -101.94
N ARG J 222 -29.66 22.94 -101.46
CA ARG J 222 -28.85 24.16 -101.45
C ARG J 222 -27.51 23.88 -102.11
N PRO J 223 -27.46 23.91 -103.44
CA PRO J 223 -26.17 23.78 -104.12
C PRO J 223 -25.20 24.89 -103.73
N SER J 224 -23.91 24.56 -103.76
CA SER J 224 -22.86 25.49 -103.41
C SER J 224 -21.94 25.70 -104.60
N PHE J 225 -21.22 26.83 -104.57
CA PHE J 225 -20.26 27.12 -105.63
C PHE J 225 -19.16 26.06 -105.70
N ALA J 226 -18.84 25.45 -104.56
CA ALA J 226 -17.84 24.39 -104.55
C ALA J 226 -18.28 23.19 -105.38
N ASN J 227 -19.58 22.84 -105.31
CA ASN J 227 -20.09 21.74 -106.13
C ASN J 227 -19.97 22.06 -107.62
N LEU J 228 -20.29 23.29 -108.01
CA LEU J 228 -20.11 23.71 -109.39
C LEU J 228 -18.65 23.61 -109.81
N ASN J 229 -17.75 24.07 -108.94
CA ASN J 229 -16.32 23.99 -109.26
C ASN J 229 -15.87 22.56 -109.44
N ASN J 230 -16.33 21.65 -108.57
CA ASN J 230 -15.95 20.25 -108.69
C ASN J 230 -16.50 19.62 -109.97
N LEU J 231 -17.76 19.92 -110.30
CA LEU J 231 -18.36 19.35 -111.51
C LEU J 231 -17.62 19.80 -112.75
N ILE J 232 -17.39 21.11 -112.89
CA ILE J 232 -16.65 21.58 -114.05
C ILE J 232 -15.18 21.14 -113.96
N ALA J 233 -14.70 20.80 -112.77
CA ALA J 233 -13.36 20.24 -112.65
C ALA J 233 -13.27 18.86 -113.28
N GLN J 234 -14.27 17.99 -113.03
CA GLN J 234 -14.29 16.71 -113.75
C GLN J 234 -14.45 16.96 -115.25
N VAL J 235 -15.31 17.91 -115.61
CA VAL J 235 -15.52 18.22 -117.03
C VAL J 235 -14.20 18.60 -117.69
N VAL J 236 -13.41 19.44 -117.04
CA VAL J 236 -12.12 19.84 -117.58
C VAL J 236 -11.14 18.68 -117.59
N SER J 237 -11.10 17.89 -116.51
CA SER J 237 -10.12 16.83 -116.36
C SER J 237 -10.44 15.59 -117.18
N SER J 238 -11.56 15.58 -117.88
CA SER J 238 -11.90 14.47 -118.79
C SER J 238 -11.75 14.85 -120.25
N VAL J 239 -10.72 15.63 -120.63
CA VAL J 239 -10.65 16.24 -121.95
C VAL J 239 -9.44 15.77 -122.77
N THR J 240 -8.20 15.91 -122.25
CA THR J 240 -7.62 15.90 -120.89
C THR J 240 -7.97 14.58 -120.18
N ALA J 241 -8.43 13.60 -120.96
CA ALA J 241 -8.65 12.25 -120.47
C ALA J 241 -7.58 11.27 -120.94
N SER J 242 -7.23 11.33 -122.24
CA SER J 242 -6.20 10.45 -122.78
C SER J 242 -4.81 11.07 -122.78
N LEU J 243 -4.69 12.35 -122.42
CA LEU J 243 -3.39 13.01 -122.40
C LEU J 243 -2.54 12.59 -121.21
N ARG J 244 -3.15 12.04 -120.15
CA ARG J 244 -2.43 11.60 -118.97
C ARG J 244 -2.56 10.11 -118.69
N PHE J 245 -3.46 9.40 -119.39
CA PHE J 245 -3.66 7.98 -119.18
C PHE J 245 -3.67 7.27 -120.53
N ASP J 246 -3.33 5.99 -120.51
CA ASP J 246 -3.29 5.20 -121.72
C ASP J 246 -4.69 4.95 -122.26
N GLY J 247 -4.78 4.84 -123.58
CA GLY J 247 -6.06 4.57 -124.23
C GLY J 247 -5.83 3.88 -125.55
N SER J 248 -6.85 3.14 -126.01
CA SER J 248 -6.75 2.45 -127.28
C SER J 248 -6.62 3.43 -128.43
N LEU J 249 -7.40 4.50 -128.42
CA LEU J 249 -7.35 5.55 -129.44
C LEU J 249 -7.30 6.89 -128.72
N ASN J 250 -6.09 7.38 -128.48
CA ASN J 250 -5.92 8.66 -127.82
C ASN J 250 -6.35 9.81 -128.73
N VAL J 251 -6.81 10.89 -128.13
CA VAL J 251 -7.25 12.09 -128.83
C VAL J 251 -6.25 13.20 -128.57
N ASP J 252 -5.84 13.88 -129.64
CA ASP J 252 -4.86 14.95 -129.55
C ASP J 252 -5.56 16.30 -129.49
N LEU J 253 -4.89 17.27 -128.87
CA LEU J 253 -5.47 18.60 -128.74
C LEU J 253 -5.63 19.27 -130.10
N ASN J 254 -4.65 19.08 -130.99
CA ASN J 254 -4.76 19.65 -132.33
C ASN J 254 -5.91 19.03 -133.11
N GLU J 255 -6.22 17.76 -132.84
CA GLU J 255 -7.31 17.09 -133.55
C GLU J 255 -8.63 17.83 -133.39
N PHE J 256 -8.84 18.46 -132.22
CA PHE J 256 -10.07 19.20 -132.00
C PHE J 256 -10.25 20.31 -133.02
N GLN J 257 -9.20 21.11 -133.26
CA GLN J 257 -9.31 22.18 -134.22
C GLN J 257 -9.13 21.70 -135.66
N THR J 258 -8.60 20.50 -135.87
CA THR J 258 -8.57 19.96 -137.23
C THR J 258 -9.94 19.49 -137.68
N ASN J 259 -10.68 18.83 -136.80
CA ASN J 259 -11.97 18.26 -137.21
C ASN J 259 -13.16 19.16 -136.88
N LEU J 260 -13.23 19.71 -135.66
CA LEU J 260 -14.37 20.52 -135.29
C LEU J 260 -14.37 21.86 -136.00
N VAL J 261 -13.19 22.41 -136.31
CA VAL J 261 -13.09 23.74 -136.90
C VAL J 261 -12.41 23.64 -138.26
N PRO J 262 -13.16 23.50 -139.34
CA PRO J 262 -12.54 23.43 -140.69
C PRO J 262 -12.43 24.77 -141.40
N TYR J 263 -12.71 25.87 -140.72
CA TYR J 263 -12.71 27.21 -141.31
C TYR J 263 -11.95 28.18 -140.42
N PRO J 264 -11.67 29.40 -140.91
CA PRO J 264 -11.22 30.47 -140.02
C PRO J 264 -12.37 31.05 -139.21
N ARG J 265 -13.47 30.30 -139.13
CA ARG J 265 -14.75 30.69 -138.61
C ARG J 265 -15.05 29.90 -137.33
N ILE J 266 -16.32 29.96 -136.89
CA ILE J 266 -16.76 29.67 -135.53
C ILE J 266 -16.06 28.45 -134.92
N HIS J 267 -15.51 28.64 -133.73
CA HIS J 267 -14.71 27.64 -133.03
C HIS J 267 -15.07 27.60 -131.55
N PHE J 268 -16.37 27.57 -131.25
CA PHE J 268 -16.86 27.66 -129.87
C PHE J 268 -17.74 26.44 -129.59
N PRO J 269 -17.14 25.29 -129.30
CA PRO J 269 -17.92 24.08 -129.07
C PRO J 269 -18.51 24.01 -127.66
N LEU J 270 -19.70 23.41 -127.58
CA LEU J 270 -20.31 23.10 -126.30
C LEU J 270 -19.67 21.86 -125.67
N VAL J 271 -19.96 21.68 -124.38
CA VAL J 271 -19.47 20.55 -123.62
C VAL J 271 -20.63 20.00 -122.80
N SER J 272 -20.56 18.70 -122.50
CA SER J 272 -21.55 18.06 -121.64
C SER J 272 -20.91 16.84 -120.99
N TYR J 273 -21.31 16.57 -119.74
CA TYR J 273 -20.79 15.44 -118.99
C TYR J 273 -21.95 14.61 -118.44
N SER J 274 -21.80 13.30 -118.52
CA SER J 274 -22.82 12.37 -118.05
C SER J 274 -22.18 10.99 -117.91
N PRO J 275 -22.75 10.11 -117.09
CA PRO J 275 -23.96 10.25 -116.28
C PRO J 275 -23.77 11.16 -115.06
N VAL J 276 -24.87 11.74 -114.58
CA VAL J 276 -24.87 12.62 -113.43
C VAL J 276 -25.87 12.04 -112.43
N LEU J 277 -25.36 11.42 -111.37
CA LEU J 277 -26.20 10.78 -110.37
C LEU J 277 -25.56 10.93 -109.01
N SER J 278 -26.39 10.77 -107.98
CA SER J 278 -25.94 10.89 -106.60
C SER J 278 -25.47 9.53 -106.07
N LYS J 279 -25.00 9.53 -104.83
CA LYS J 279 -24.55 8.29 -104.19
C LYS J 279 -25.69 7.37 -103.79
N SER J 280 -26.92 7.89 -103.71
CA SER J 280 -28.08 7.07 -103.37
C SER J 280 -28.79 6.49 -104.58
N LYS J 281 -28.54 7.02 -105.77
CA LYS J 281 -29.14 6.53 -107.00
C LYS J 281 -28.24 5.55 -107.74
N ALA J 282 -27.09 5.22 -107.17
CA ALA J 282 -26.16 4.27 -107.79
C ALA J 282 -26.57 2.81 -107.58
N PHE J 283 -27.61 2.57 -106.79
CA PHE J 283 -28.11 1.21 -106.54
C PHE J 283 -29.28 0.85 -107.45
N HIS J 284 -29.59 1.68 -108.44
CA HIS J 284 -30.69 1.40 -109.35
C HIS J 284 -30.37 1.62 -110.82
N GLU J 285 -29.23 2.22 -111.17
CA GLU J 285 -28.91 2.55 -112.55
C GLU J 285 -27.62 1.88 -112.97
N SER J 286 -27.69 1.12 -114.06
CA SER J 286 -26.52 0.51 -114.70
C SER J 286 -26.65 0.64 -116.21
N ASN J 287 -27.02 1.83 -116.68
CA ASN J 287 -27.37 2.04 -118.07
C ASN J 287 -26.14 1.93 -118.98
N SER J 288 -26.42 1.77 -120.28
CA SER J 288 -25.39 1.71 -121.29
C SER J 288 -25.09 3.12 -121.81
N VAL J 289 -24.23 3.20 -122.83
CA VAL J 289 -23.78 4.49 -123.35
C VAL J 289 -24.89 5.22 -124.10
N SER J 290 -25.90 4.51 -124.59
CA SER J 290 -26.97 5.16 -125.35
C SER J 290 -27.73 6.15 -124.49
N GLU J 291 -28.11 5.74 -123.27
CA GLU J 291 -28.84 6.64 -122.39
C GLU J 291 -27.95 7.77 -121.88
N ILE J 292 -26.64 7.51 -121.73
CA ILE J 292 -25.71 8.56 -121.35
C ILE J 292 -25.65 9.62 -122.45
N THR J 293 -25.57 9.18 -123.71
CA THR J 293 -25.61 10.13 -124.82
C THR J 293 -26.92 10.89 -124.86
N ASN J 294 -28.04 10.21 -124.59
CA ASN J 294 -29.33 10.88 -124.53
C ASN J 294 -29.36 11.95 -123.44
N ALA J 295 -28.76 11.65 -122.29
CA ALA J 295 -28.65 12.64 -121.22
C ALA J 295 -27.77 13.80 -121.65
N CYS J 296 -26.71 13.52 -122.41
CA CYS J 296 -25.88 14.59 -122.95
C CYS J 296 -26.67 15.49 -123.87
N PHE J 297 -27.55 14.93 -124.70
CA PHE J 297 -28.38 15.71 -125.60
C PHE J 297 -29.46 16.51 -124.87
N GLU J 298 -29.71 16.21 -123.60
CA GLU J 298 -30.72 16.95 -122.86
C GLU J 298 -30.27 18.40 -122.66
N PRO J 299 -31.19 19.37 -122.80
CA PRO J 299 -30.81 20.77 -122.59
C PRO J 299 -30.27 21.05 -121.19
N GLY J 300 -30.73 20.33 -120.18
CA GLY J 300 -30.31 20.61 -118.82
C GLY J 300 -28.86 20.25 -118.53
N ASN J 301 -28.30 19.31 -119.31
CA ASN J 301 -26.95 18.84 -119.11
C ASN J 301 -25.96 19.47 -120.08
N GLN J 302 -26.39 20.45 -120.88
CA GLN J 302 -25.53 21.11 -121.87
C GLN J 302 -24.82 22.33 -121.31
N MET J 303 -25.08 22.71 -120.06
CA MET J 303 -24.53 23.92 -119.46
C MET J 303 -24.86 25.17 -120.28
N VAL J 304 -26.05 25.20 -120.86
CA VAL J 304 -26.55 26.38 -121.56
C VAL J 304 -28.07 26.38 -121.45
N LYS J 305 -28.64 27.56 -121.20
CA LYS J 305 -30.09 27.70 -121.05
C LYS J 305 -30.73 27.88 -122.42
N CYS J 306 -30.71 26.80 -123.19
CA CYS J 306 -31.26 26.77 -124.54
C CYS J 306 -31.55 25.32 -124.90
N ASP J 307 -32.11 25.12 -126.09
CA ASP J 307 -32.41 23.79 -126.57
C ASP J 307 -31.37 23.39 -127.61
N PRO J 308 -30.46 22.46 -127.30
CA PRO J 308 -29.48 22.03 -128.32
C PRO J 308 -30.10 21.19 -129.42
N ARG J 309 -31.27 20.59 -129.19
CA ARG J 309 -31.92 19.79 -130.22
C ARG J 309 -32.63 20.62 -131.27
N ASP J 310 -32.86 21.90 -131.00
CA ASP J 310 -33.49 22.80 -131.96
C ASP J 310 -32.51 23.41 -132.94
N GLY J 311 -31.21 23.22 -132.73
CA GLY J 311 -30.20 23.75 -133.63
C GLY J 311 -29.94 22.83 -134.81
N LYS J 312 -28.84 23.11 -135.50
CA LYS J 312 -28.43 22.35 -136.66
C LYS J 312 -27.11 21.64 -136.38
N TYR J 313 -26.94 20.46 -136.98
CA TYR J 313 -25.82 19.60 -136.64
C TYR J 313 -24.49 20.23 -137.04
N MET J 314 -23.47 19.98 -136.22
CA MET J 314 -22.10 20.38 -136.50
C MET J 314 -21.19 19.26 -136.02
N ALA J 315 -19.95 19.24 -136.52
CA ALA J 315 -19.01 18.20 -136.15
C ALA J 315 -18.84 18.14 -134.64
N THR J 316 -18.85 16.92 -134.10
CA THR J 316 -18.83 16.70 -132.66
C THR J 316 -17.82 15.62 -132.30
N CYS J 317 -17.39 15.65 -131.04
CA CYS J 317 -16.43 14.69 -130.50
C CYS J 317 -17.06 13.98 -129.31
N LEU J 318 -16.85 12.66 -129.23
CA LEU J 318 -17.35 11.84 -128.14
C LEU J 318 -16.17 11.17 -127.46
N LEU J 319 -16.01 11.44 -126.16
CA LEU J 319 -14.91 10.90 -125.38
C LEU J 319 -15.45 9.94 -124.33
N TYR J 320 -14.85 8.75 -124.25
CA TYR J 320 -15.36 7.66 -123.44
C TYR J 320 -14.27 7.19 -122.48
N ARG J 321 -14.67 6.93 -121.23
CA ARG J 321 -13.75 6.50 -120.19
C ARG J 321 -14.29 5.25 -119.51
N GLY J 322 -13.38 4.37 -119.09
CA GLY J 322 -13.77 3.15 -118.42
C GLY J 322 -13.99 1.98 -119.36
N ASP J 323 -14.95 1.13 -119.05
CA ASP J 323 -15.24 -0.05 -119.85
C ASP J 323 -16.28 0.31 -120.91
N VAL J 324 -15.84 0.42 -122.16
CA VAL J 324 -16.70 0.75 -123.28
C VAL J 324 -16.43 -0.22 -124.43
N VAL J 325 -17.43 -0.35 -125.31
CA VAL J 325 -17.36 -1.26 -126.46
C VAL J 325 -17.65 -0.44 -127.70
N THR J 326 -16.77 -0.57 -128.71
CA THR J 326 -16.91 0.23 -129.93
C THR J 326 -18.19 -0.13 -130.69
N ARG J 327 -18.55 -1.42 -130.72
CA ARG J 327 -19.79 -1.81 -131.38
C ARG J 327 -21.00 -1.19 -130.70
N ASP J 328 -20.98 -1.14 -129.36
CA ASP J 328 -22.09 -0.54 -128.62
C ASP J 328 -22.23 0.94 -128.96
N VAL J 329 -21.11 1.67 -128.98
CA VAL J 329 -21.19 3.11 -129.23
C VAL J 329 -21.54 3.39 -130.68
N GLN J 330 -21.09 2.54 -131.61
CA GLN J 330 -21.50 2.70 -133.00
C GLN J 330 -23.00 2.48 -133.14
N ARG J 331 -23.52 1.45 -132.47
CA ARG J 331 -24.96 1.22 -132.47
C ARG J 331 -25.72 2.40 -131.87
N ALA J 332 -25.20 2.95 -130.77
CA ALA J 332 -25.87 4.08 -130.12
C ALA J 332 -25.90 5.31 -131.02
N VAL J 333 -24.77 5.65 -131.65
CA VAL J 333 -24.75 6.84 -132.51
C VAL J 333 -25.59 6.60 -133.76
N GLU J 334 -25.63 5.38 -134.28
CA GLU J 334 -26.51 5.10 -135.41
C GLU J 334 -27.98 5.25 -135.03
N GLN J 335 -28.34 4.80 -133.81
CA GLN J 335 -29.71 5.02 -133.34
C GLN J 335 -30.01 6.51 -133.21
N VAL J 336 -29.06 7.29 -132.68
CA VAL J 336 -29.26 8.72 -132.55
C VAL J 336 -29.49 9.36 -133.92
N LYS J 337 -28.70 8.96 -134.92
CA LYS J 337 -28.93 9.44 -136.27
C LYS J 337 -30.30 9.00 -136.80
N ASN J 338 -30.74 7.80 -136.43
CA ASN J 338 -32.04 7.31 -136.89
C ASN J 338 -33.19 8.10 -136.27
N LYS J 339 -33.01 8.63 -135.05
CA LYS J 339 -34.08 9.37 -134.39
C LYS J 339 -34.33 10.74 -135.00
N LYS J 340 -33.64 11.10 -136.08
CA LYS J 340 -33.81 12.38 -136.77
C LYS J 340 -33.55 13.56 -135.80
N THR J 341 -32.30 13.61 -135.35
CA THR J 341 -31.84 14.69 -134.47
C THR J 341 -31.53 15.93 -135.32
N VAL J 342 -30.78 16.87 -134.74
CA VAL J 342 -30.41 18.12 -135.37
C VAL J 342 -29.97 17.90 -136.81
N GLN J 343 -30.40 18.80 -137.70
CA GLN J 343 -30.27 18.60 -139.14
C GLN J 343 -28.81 18.48 -139.54
N LEU J 344 -28.44 17.33 -140.08
CA LEU J 344 -27.07 17.09 -140.51
C LEU J 344 -26.70 17.98 -141.69
N VAL J 345 -25.48 18.51 -141.65
CA VAL J 345 -24.98 19.35 -142.73
C VAL J 345 -24.40 18.45 -143.83
N ASP J 346 -24.27 19.03 -145.02
CA ASP J 346 -23.74 18.30 -146.18
C ASP J 346 -22.24 18.48 -146.35
N TRP J 347 -21.58 19.20 -145.45
CA TRP J 347 -20.14 19.45 -145.60
C TRP J 347 -19.27 18.41 -144.93
N CYS J 348 -19.73 17.81 -143.83
CA CYS J 348 -18.92 16.81 -143.13
C CYS J 348 -18.93 15.49 -143.88
N PRO J 349 -20.10 14.89 -144.20
CA PRO J 349 -21.50 15.24 -143.91
C PRO J 349 -21.97 14.69 -142.57
N THR J 350 -21.37 13.58 -142.15
CA THR J 350 -21.65 12.98 -140.84
C THR J 350 -20.33 12.59 -140.21
N GLY J 351 -19.88 13.35 -139.22
CA GLY J 351 -18.64 13.04 -138.54
C GLY J 351 -18.80 12.92 -137.04
N PHE J 352 -18.60 11.71 -136.51
CA PHE J 352 -18.68 11.43 -135.08
C PHE J 352 -17.29 11.00 -134.61
N LYS J 353 -16.56 11.91 -134.00
CA LYS J 353 -15.26 11.59 -133.45
C LYS J 353 -15.42 10.81 -132.15
N ILE J 354 -14.86 9.60 -132.10
CA ILE J 354 -15.00 8.70 -130.97
C ILE J 354 -13.66 8.59 -130.26
N GLY J 355 -13.66 8.86 -128.96
CA GLY J 355 -12.47 8.71 -128.15
C GLY J 355 -12.64 7.68 -127.06
N ILE J 356 -11.68 6.76 -126.95
CA ILE J 356 -11.74 5.66 -125.98
C ILE J 356 -10.58 5.82 -125.00
N CYS J 357 -10.89 5.78 -123.71
CA CYS J 357 -9.89 5.90 -122.66
C CYS J 357 -10.01 4.73 -121.70
N TYR J 358 -8.85 4.19 -121.29
CA TYR J 358 -8.84 3.02 -120.43
C TYR J 358 -9.17 3.36 -118.98
N GLU J 359 -8.77 4.53 -118.49
CA GLU J 359 -8.92 4.85 -117.08
C GLU J 359 -10.40 4.97 -116.73
N PRO J 360 -10.80 4.48 -115.55
CA PRO J 360 -12.21 4.61 -115.15
C PRO J 360 -12.54 6.07 -114.85
N PRO J 361 -13.80 6.46 -114.99
CA PRO J 361 -14.20 7.82 -114.58
C PRO J 361 -14.00 8.02 -113.09
N THR J 362 -13.66 9.26 -112.72
CA THR J 362 -13.36 9.62 -111.34
C THR J 362 -14.30 10.70 -110.87
N ALA J 363 -14.55 10.73 -109.56
CA ALA J 363 -15.47 11.70 -108.95
C ALA J 363 -14.83 12.28 -107.70
N THR J 364 -15.31 13.46 -107.32
CA THR J 364 -14.75 14.18 -106.18
C THR J 364 -15.45 13.75 -104.90
N PRO J 365 -14.72 13.39 -103.85
CA PRO J 365 -15.36 13.12 -102.55
C PRO J 365 -16.09 14.32 -101.98
N ASN J 366 -15.66 15.55 -102.29
CA ASN J 366 -16.37 16.73 -101.86
C ASN J 366 -17.69 16.95 -102.59
N SER J 367 -17.86 16.31 -103.74
CA SER J 367 -19.09 16.38 -104.51
C SER J 367 -19.90 15.10 -104.32
N GLN J 368 -21.19 15.18 -104.64
CA GLN J 368 -22.11 14.07 -104.47
C GLN J 368 -22.28 13.25 -105.74
N LEU J 369 -21.26 13.20 -106.58
CA LEU J 369 -21.31 12.42 -107.82
C LEU J 369 -20.77 11.01 -107.54
N ALA J 370 -21.60 10.01 -107.81
CA ALA J 370 -21.20 8.63 -107.58
C ALA J 370 -20.21 8.17 -108.64
N THR J 371 -19.25 7.36 -108.23
CA THR J 371 -18.29 6.80 -109.18
C THR J 371 -18.98 5.83 -110.12
N VAL J 372 -18.71 5.97 -111.41
CA VAL J 372 -19.36 5.16 -112.44
C VAL J 372 -18.29 4.49 -113.28
N ASP J 373 -18.63 3.31 -113.82
CA ASP J 373 -17.70 2.54 -114.63
C ASP J 373 -17.53 3.07 -116.05
N ARG J 374 -18.43 3.96 -116.50
CA ARG J 374 -18.35 4.53 -117.83
C ARG J 374 -19.00 5.91 -117.82
N ALA J 375 -18.35 6.86 -118.49
CA ALA J 375 -18.83 8.24 -118.56
C ALA J 375 -18.60 8.78 -119.96
N VAL J 376 -19.39 9.78 -120.33
CA VAL J 376 -19.31 10.42 -121.64
C VAL J 376 -19.10 11.91 -121.47
N CYS J 377 -18.08 12.45 -122.15
CA CYS J 377 -17.89 13.88 -122.34
C CYS J 377 -18.09 14.18 -123.82
N MET J 378 -19.08 15.00 -124.14
CA MET J 378 -19.46 15.30 -125.51
C MET J 378 -19.13 16.75 -125.83
N LEU J 379 -18.41 16.96 -126.93
CA LEU J 379 -18.05 18.29 -127.40
C LEU J 379 -18.67 18.51 -128.78
N SER J 380 -19.42 19.60 -128.94
CA SER J 380 -20.08 19.89 -130.20
C SER J 380 -20.19 21.40 -130.37
N ASN J 381 -19.92 21.88 -131.59
CA ASN J 381 -20.04 23.30 -131.90
C ASN J 381 -21.41 23.59 -132.49
N THR J 382 -22.43 23.26 -131.71
CA THR J 382 -23.80 23.46 -132.14
C THR J 382 -24.16 24.94 -132.12
N THR J 383 -25.00 25.35 -133.07
CA THR J 383 -25.44 26.73 -133.23
C THR J 383 -26.63 27.08 -132.35
N SER J 384 -26.86 26.34 -131.26
CA SER J 384 -28.03 26.55 -130.41
C SER J 384 -27.85 27.66 -129.38
N ILE J 385 -26.64 28.20 -129.21
CA ILE J 385 -26.45 29.32 -128.29
C ILE J 385 -26.73 30.65 -128.98
N ALA J 386 -27.08 30.60 -130.27
CA ALA J 386 -27.34 31.82 -131.02
C ALA J 386 -28.47 32.63 -130.39
N GLU J 387 -29.55 31.97 -129.98
CA GLU J 387 -30.60 32.68 -129.27
C GLU J 387 -30.15 33.16 -127.90
N ALA J 388 -29.15 32.51 -127.30
CA ALA J 388 -28.61 33.01 -126.03
C ALA J 388 -27.90 34.35 -126.23
N TRP J 389 -27.01 34.43 -127.22
CA TRP J 389 -26.43 35.74 -127.53
C TRP J 389 -27.49 36.72 -128.01
N LYS J 390 -28.56 36.24 -128.65
CA LYS J 390 -29.63 37.14 -129.07
C LYS J 390 -30.34 37.75 -127.87
N ARG J 391 -30.60 36.95 -126.84
CA ARG J 391 -31.21 37.48 -125.62
C ARG J 391 -30.27 38.46 -124.93
N ILE J 392 -28.98 38.12 -124.86
CA ILE J 392 -28.00 39.04 -124.28
C ILE J 392 -27.97 40.35 -125.07
N ASP J 393 -28.09 40.26 -126.39
CA ASP J 393 -28.03 41.43 -127.24
C ASP J 393 -29.31 42.26 -127.13
N ARG J 394 -30.45 41.61 -126.89
CA ARG J 394 -31.67 42.37 -126.63
C ARG J 394 -31.56 43.13 -125.32
N LYS J 395 -31.01 42.48 -124.29
CA LYS J 395 -30.68 43.20 -123.05
C LYS J 395 -29.76 44.38 -123.36
N PHE J 396 -28.76 44.16 -124.22
CA PHE J 396 -27.84 45.23 -124.60
C PHE J 396 -28.57 46.39 -125.27
N ASP J 397 -29.48 46.11 -126.19
CA ASP J 397 -30.21 47.18 -126.86
C ASP J 397 -31.04 47.97 -125.87
N LEU J 398 -31.74 47.28 -124.97
CA LEU J 398 -32.64 47.96 -124.05
C LEU J 398 -31.85 48.79 -123.02
N MET J 399 -30.68 48.31 -122.60
CA MET J 399 -29.91 49.11 -121.64
C MET J 399 -28.91 50.03 -122.33
N TYR J 400 -28.81 49.97 -123.65
CA TYR J 400 -28.02 50.89 -124.44
C TYR J 400 -28.85 52.03 -125.01
N ALA J 401 -30.18 51.91 -124.97
CA ALA J 401 -31.03 53.04 -125.35
C ALA J 401 -30.69 54.28 -124.55
N LYS J 402 -30.51 54.14 -123.24
CA LYS J 402 -30.01 55.21 -122.39
C LYS J 402 -28.50 55.16 -122.20
N ARG J 403 -27.90 54.00 -122.49
CA ARG J 403 -26.48 53.67 -122.46
C ARG J 403 -25.93 53.52 -121.05
N ALA J 404 -26.60 54.15 -120.07
CA ALA J 404 -26.56 53.82 -118.65
C ALA J 404 -25.18 53.88 -117.99
N PHE J 405 -24.10 53.86 -118.80
CA PHE J 405 -22.75 53.71 -118.24
C PHE J 405 -21.72 54.54 -119.01
N VAL J 406 -22.14 55.10 -120.15
CA VAL J 406 -21.20 55.80 -121.02
C VAL J 406 -20.56 56.98 -120.33
N HIS J 407 -21.16 57.49 -119.25
CA HIS J 407 -20.50 58.55 -118.49
C HIS J 407 -19.10 58.12 -118.06
N TRP J 408 -19.01 57.09 -117.22
CA TRP J 408 -17.70 56.60 -116.80
C TRP J 408 -16.92 56.02 -117.96
N TYR J 409 -17.59 55.29 -118.87
CA TYR J 409 -16.86 54.64 -119.95
C TYR J 409 -16.14 55.64 -120.83
N VAL J 410 -16.78 56.78 -121.14
CA VAL J 410 -16.12 57.83 -121.90
C VAL J 410 -15.13 58.59 -121.02
N GLY J 411 -15.47 58.80 -119.75
CA GLY J 411 -14.58 59.53 -118.85
C GLY J 411 -13.24 58.88 -118.67
N GLU J 412 -13.16 57.55 -118.73
CA GLU J 412 -11.86 56.90 -118.67
C GLU J 412 -11.13 56.89 -120.00
N GLY J 413 -11.83 57.13 -121.11
CA GLY J 413 -11.15 57.26 -122.40
C GLY J 413 -11.81 56.57 -123.57
N MET J 414 -12.90 55.84 -123.33
CA MET J 414 -13.58 55.14 -124.40
C MET J 414 -14.66 56.02 -125.02
N GLU J 415 -15.44 55.44 -125.94
CA GLU J 415 -16.53 56.16 -126.59
C GLU J 415 -17.49 55.14 -127.19
N GLU J 416 -18.66 55.64 -127.62
CA GLU J 416 -19.74 54.76 -128.07
C GLU J 416 -19.38 53.98 -129.33
N GLY J 417 -18.35 54.40 -130.05
CA GLY J 417 -17.97 53.66 -131.25
C GLY J 417 -17.54 52.23 -130.95
N GLU J 418 -16.84 52.02 -129.84
CA GLU J 418 -16.45 50.68 -129.45
C GLU J 418 -17.67 49.81 -129.15
N PHE J 419 -18.65 50.38 -128.44
CA PHE J 419 -19.88 49.63 -128.15
C PHE J 419 -20.63 49.28 -129.43
N THR J 420 -20.71 50.24 -130.38
CA THR J 420 -21.38 49.97 -131.64
C THR J 420 -20.64 48.89 -132.43
N GLU J 421 -19.31 48.93 -132.43
CA GLU J 421 -18.53 47.91 -133.12
C GLU J 421 -18.73 46.54 -132.50
N ALA J 422 -18.77 46.46 -131.17
CA ALA J 422 -19.07 45.19 -130.51
C ALA J 422 -20.48 44.71 -130.85
N ARG J 423 -21.44 45.63 -130.91
CA ARG J 423 -22.81 45.28 -131.27
C ARG J 423 -22.86 44.67 -132.67
N GLU J 424 -22.22 45.32 -133.64
CA GLU J 424 -22.26 44.81 -135.01
C GLU J 424 -21.44 43.52 -135.14
N ASP J 425 -20.37 43.37 -134.34
CA ASP J 425 -19.63 42.10 -134.33
C ASP J 425 -20.51 40.97 -133.82
N LEU J 426 -21.27 41.21 -132.74
CA LEU J 426 -22.16 40.19 -132.23
C LEU J 426 -23.27 39.86 -133.24
N ALA J 427 -23.79 40.88 -133.91
CA ALA J 427 -24.79 40.64 -134.95
C ALA J 427 -24.22 39.81 -136.09
N ALA J 428 -22.98 40.11 -136.50
CA ALA J 428 -22.34 39.33 -137.55
C ALA J 428 -22.10 37.89 -137.10
N LEU J 429 -21.72 37.70 -135.83
CA LEU J 429 -21.53 36.34 -135.32
C LEU J 429 -22.83 35.56 -135.33
N GLU J 430 -23.93 36.19 -134.93
CA GLU J 430 -25.23 35.51 -134.97
C GLU J 430 -25.63 35.19 -136.41
N ARG J 431 -25.38 36.12 -137.33
CA ARG J 431 -25.69 35.89 -138.73
C ARG J 431 -24.88 34.73 -139.29
N ASP J 432 -23.59 34.64 -138.93
CA ASP J 432 -22.78 33.51 -139.34
C ASP J 432 -23.27 32.21 -138.71
N TYR J 433 -23.73 32.28 -137.46
CA TYR J 433 -24.33 31.11 -136.82
C TYR J 433 -25.51 30.59 -137.62
N ILE J 434 -26.37 31.50 -138.07
CA ILE J 434 -27.52 31.10 -138.89
C ILE J 434 -27.06 30.56 -140.24
N GLU J 435 -26.09 31.23 -140.86
CA GLU J 435 -25.71 30.91 -142.24
C GLU J 435 -24.98 29.58 -142.33
N VAL J 436 -24.14 29.25 -141.35
CA VAL J 436 -23.33 28.04 -141.44
C VAL J 436 -24.22 26.80 -141.48
N GLY J 437 -25.40 26.87 -140.88
CA GLY J 437 -26.35 25.78 -140.96
C GLY J 437 -27.36 25.98 -142.07
N ALA J 438 -27.56 27.23 -142.47
CA ALA J 438 -28.49 27.52 -143.56
C ALA J 438 -27.92 27.16 -144.93
N ASP J 439 -26.59 27.10 -145.06
CA ASP J 439 -25.99 26.76 -146.35
C ASP J 439 -26.37 25.35 -146.78
N SER J 440 -26.37 24.40 -145.85
CA SER J 440 -26.71 23.01 -146.16
C SER J 440 -28.21 22.88 -146.41
N MET K 1 -41.13 -7.12 -128.34
CA MET K 1 -42.18 -8.10 -128.10
C MET K 1 -41.71 -9.04 -126.98
N ARG K 2 -41.11 -8.47 -125.95
CA ARG K 2 -40.57 -9.25 -124.85
C ARG K 2 -41.04 -8.80 -123.48
N GLU K 3 -41.19 -7.49 -123.26
CA GLU K 3 -41.43 -6.95 -121.93
C GLU K 3 -42.85 -6.40 -121.82
N VAL K 4 -43.36 -6.43 -120.58
CA VAL K 4 -44.69 -5.91 -120.26
C VAL K 4 -44.52 -4.86 -119.16
N ILE K 5 -45.10 -3.68 -119.38
CA ILE K 5 -45.01 -2.57 -118.45
C ILE K 5 -46.34 -2.42 -117.74
N SER K 6 -46.29 -2.32 -116.41
CA SER K 6 -47.47 -2.24 -115.57
C SER K 6 -47.54 -0.86 -114.91
N ILE K 7 -48.71 -0.26 -114.93
CA ILE K 7 -48.96 1.05 -114.33
C ILE K 7 -50.17 0.95 -113.42
N ASN K 8 -50.03 1.45 -112.19
CA ASN K 8 -51.11 1.45 -111.21
C ASN K 8 -51.51 2.88 -110.89
N VAL K 9 -52.80 3.16 -110.95
CA VAL K 9 -53.34 4.49 -110.69
C VAL K 9 -54.41 4.37 -109.61
N GLY K 10 -54.36 5.25 -108.62
CA GLY K 10 -55.30 5.23 -107.52
C GLY K 10 -54.80 4.40 -106.35
N GLN K 11 -55.37 4.70 -105.18
CA GLN K 11 -54.95 4.00 -103.96
C GLN K 11 -55.26 2.50 -104.04
N ALA K 12 -56.44 2.15 -104.56
CA ALA K 12 -56.79 0.74 -104.70
C ALA K 12 -55.85 0.04 -105.67
N GLY K 13 -55.56 0.69 -106.80
CA GLY K 13 -54.61 0.10 -107.75
C GLY K 13 -53.22 -0.05 -107.17
N CYS K 14 -52.79 0.91 -106.36
CA CYS K 14 -51.49 0.81 -105.70
C CYS K 14 -51.46 -0.35 -104.71
N GLN K 15 -52.54 -0.54 -103.95
CA GLN K 15 -52.60 -1.68 -103.02
C GLN K 15 -52.56 -3.00 -103.79
N ILE K 16 -53.32 -3.09 -104.88
CA ILE K 16 -53.31 -4.30 -105.70
C ILE K 16 -51.92 -4.57 -106.24
N GLY K 17 -51.25 -3.51 -106.72
CA GLY K 17 -49.88 -3.68 -107.21
C GLY K 17 -48.93 -4.14 -106.14
N ASN K 18 -49.02 -3.53 -104.95
CA ASN K 18 -48.17 -3.94 -103.83
C ASN K 18 -48.35 -5.43 -103.55
N ALA K 19 -49.60 -5.87 -103.47
CA ALA K 19 -49.87 -7.28 -103.23
C ALA K 19 -49.27 -8.15 -104.34
N CYS K 20 -49.46 -7.74 -105.59
CA CYS K 20 -49.04 -8.61 -106.70
C CYS K 20 -47.53 -8.69 -106.81
N TRP K 21 -46.80 -7.60 -106.55
CA TRP K 21 -45.35 -7.72 -106.51
C TRP K 21 -44.87 -8.49 -105.28
N GLU K 22 -45.60 -8.40 -104.16
CA GLU K 22 -45.27 -9.28 -103.03
C GLU K 22 -45.36 -10.74 -103.43
N LEU K 23 -46.46 -11.12 -104.09
CA LEU K 23 -46.53 -12.49 -104.60
C LEU K 23 -45.37 -12.80 -105.55
N TYR K 24 -45.18 -11.97 -106.57
CA TYR K 24 -44.13 -12.22 -107.57
C TYR K 24 -42.79 -12.48 -106.90
N SER K 25 -42.46 -11.70 -105.87
CA SER K 25 -41.28 -11.99 -105.06
C SER K 25 -41.41 -13.34 -104.38
N LEU K 26 -42.62 -13.72 -103.97
CA LEU K 26 -42.78 -14.97 -103.25
C LEU K 26 -42.50 -16.19 -104.13
N GLU K 27 -43.20 -16.33 -105.26
CA GLU K 27 -42.99 -17.57 -106.02
C GLU K 27 -41.63 -17.58 -106.71
N HIS K 28 -41.16 -16.44 -107.23
CA HIS K 28 -39.89 -16.43 -107.95
C HIS K 28 -38.69 -16.28 -107.03
N GLY K 29 -38.90 -16.31 -105.71
CA GLY K 29 -37.79 -16.42 -104.79
C GLY K 29 -36.99 -15.15 -104.54
N ILE K 30 -37.58 -13.99 -104.81
CA ILE K 30 -36.93 -12.71 -104.50
C ILE K 30 -37.33 -12.29 -103.10
N LYS K 31 -36.33 -11.93 -102.29
CA LYS K 31 -36.60 -11.44 -100.95
C LYS K 31 -37.27 -10.07 -101.02
N PRO K 32 -37.95 -9.64 -99.94
CA PRO K 32 -38.70 -8.38 -99.99
C PRO K 32 -37.86 -7.14 -100.29
N ASP K 33 -36.55 -7.30 -100.44
CA ASP K 33 -35.68 -6.21 -100.84
C ASP K 33 -34.93 -6.47 -102.14
N GLY K 34 -34.82 -7.71 -102.57
CA GLY K 34 -34.15 -8.04 -103.82
C GLY K 34 -32.66 -8.24 -103.67
N HIS K 35 -32.07 -8.89 -104.66
CA HIS K 35 -30.63 -9.14 -104.75
C HIS K 35 -30.11 -9.91 -103.53
N LEU K 36 -30.53 -11.17 -103.43
CA LEU K 36 -31.34 -11.85 -104.45
C LEU K 36 -32.72 -12.30 -103.92
N GLU K 37 -32.85 -13.05 -102.81
CA GLU K 37 -31.84 -13.69 -101.96
C GLU K 37 -32.29 -15.12 -101.61
N ASP K 38 -31.87 -16.14 -102.36
CA ASP K 38 -31.03 -16.02 -103.53
C ASP K 38 -31.81 -16.39 -104.79
N GLY K 39 -31.13 -16.49 -105.92
CA GLY K 39 -31.74 -16.95 -107.15
C GLY K 39 -32.16 -18.40 -107.01
N LEU K 40 -33.20 -18.77 -107.75
CA LEU K 40 -33.81 -20.08 -107.60
C LEU K 40 -33.67 -20.94 -108.85
N SER K 41 -34.06 -20.39 -110.00
CA SER K 41 -34.24 -21.17 -111.22
C SER K 41 -34.02 -20.21 -112.38
N LYS K 42 -33.80 -20.72 -113.61
CA LYS K 42 -33.80 -22.11 -114.13
C LYS K 42 -35.13 -22.88 -114.08
N PRO K 43 -36.20 -22.33 -114.70
CA PRO K 43 -36.32 -21.01 -115.33
C PRO K 43 -37.01 -19.95 -114.45
N LYS K 44 -36.26 -18.91 -114.05
CA LYS K 44 -36.84 -17.68 -113.53
C LYS K 44 -36.12 -16.45 -114.05
N GLY K 45 -35.07 -16.61 -114.85
CA GLY K 45 -34.28 -15.51 -115.33
C GLY K 45 -32.89 -15.47 -114.76
N GLY K 46 -31.91 -16.00 -115.50
CA GLY K 46 -32.18 -16.68 -116.75
C GLY K 46 -32.65 -18.10 -116.56
N GLU K 47 -33.27 -18.69 -117.59
CA GLU K 47 -33.48 -18.02 -118.87
C GLU K 47 -34.73 -17.14 -118.85
N GLU K 48 -34.86 -16.30 -119.88
CA GLU K 48 -36.00 -15.38 -119.98
C GLU K 48 -37.29 -16.16 -120.21
N GLY K 49 -38.34 -15.80 -119.48
CA GLY K 49 -38.29 -14.78 -118.45
C GLY K 49 -37.85 -15.34 -117.11
N PHE K 50 -37.34 -14.49 -116.21
CA PHE K 50 -37.28 -13.04 -116.40
C PHE K 50 -36.09 -12.65 -117.29
N SER K 51 -36.04 -11.43 -117.85
CA SER K 51 -36.93 -10.31 -117.51
C SER K 51 -38.25 -10.28 -118.28
N THR K 52 -39.34 -10.25 -117.51
CA THR K 52 -40.67 -9.98 -118.04
C THR K 52 -41.40 -8.88 -117.28
N PHE K 53 -41.22 -8.80 -115.96
CA PHE K 53 -41.79 -7.72 -115.16
C PHE K 53 -40.72 -7.09 -114.28
N PHE K 54 -39.73 -7.87 -113.90
CA PHE K 54 -38.61 -7.41 -113.09
C PHE K 54 -37.42 -7.14 -113.99
N HIS K 55 -36.89 -5.92 -113.92
CA HIS K 55 -35.71 -5.57 -114.69
C HIS K 55 -34.49 -6.34 -114.19
N GLU K 56 -33.68 -6.85 -115.11
CA GLU K 56 -32.48 -7.60 -114.77
C GLU K 56 -31.33 -6.62 -114.66
N THR K 57 -31.01 -6.20 -113.44
CA THR K 57 -29.91 -5.27 -113.21
C THR K 57 -28.58 -5.96 -113.50
N GLY K 58 -27.62 -5.19 -114.04
CA GLY K 58 -26.31 -5.74 -114.33
C GLY K 58 -25.60 -6.25 -113.08
N TYR K 59 -25.86 -5.62 -111.94
CA TYR K 59 -25.29 -6.08 -110.68
C TYR K 59 -25.92 -7.39 -110.20
N GLY K 60 -26.99 -7.84 -110.83
CA GLY K 60 -27.70 -9.04 -110.42
C GLY K 60 -28.99 -8.77 -109.67
N LYS K 61 -29.40 -7.51 -109.53
CA LYS K 61 -30.61 -7.19 -108.81
C LYS K 61 -31.84 -7.34 -109.71
N PHE K 62 -33.00 -7.40 -109.09
CA PHE K 62 -34.28 -7.49 -109.80
C PHE K 62 -35.11 -6.26 -109.43
N VAL K 63 -35.49 -5.49 -110.44
CA VAL K 63 -36.21 -4.25 -110.25
C VAL K 63 -37.54 -4.29 -111.01
N PRO K 64 -38.67 -4.26 -110.34
CA PRO K 64 -39.95 -4.14 -111.04
C PRO K 64 -39.99 -2.88 -111.90
N ARG K 65 -40.55 -3.00 -113.09
CA ARG K 65 -40.67 -1.88 -114.03
C ARG K 65 -42.12 -1.38 -113.98
N ALA K 66 -42.40 -0.53 -113.00
CA ALA K 66 -43.73 0.02 -112.81
C ALA K 66 -43.62 1.51 -112.52
N ILE K 67 -44.68 2.23 -112.87
CA ILE K 67 -44.76 3.67 -112.67
C ILE K 67 -45.95 3.96 -111.78
N TYR K 68 -45.69 4.56 -110.62
CA TYR K 68 -46.73 4.93 -109.67
C TYR K 68 -47.05 6.40 -109.87
N VAL K 69 -48.18 6.68 -110.53
CA VAL K 69 -48.64 8.04 -110.77
C VAL K 69 -49.90 8.28 -109.94
N ASP K 70 -49.90 9.36 -109.18
CA ASP K 70 -51.02 9.72 -108.31
C ASP K 70 -50.78 11.12 -107.79
N LEU K 71 -51.88 11.84 -107.55
CA LEU K 71 -51.82 13.19 -107.03
C LEU K 71 -51.93 13.25 -105.51
N GLU K 72 -52.09 12.11 -104.86
CA GLU K 72 -52.15 12.05 -103.40
C GLU K 72 -50.82 11.50 -102.87
N PRO K 73 -50.00 12.33 -102.23
CA PRO K 73 -48.67 11.85 -101.83
C PRO K 73 -48.68 10.80 -100.73
N ASN K 74 -49.80 10.59 -100.05
CA ASN K 74 -49.83 9.65 -98.94
C ASN K 74 -49.53 8.22 -99.39
N VAL K 75 -50.08 7.81 -100.53
CA VAL K 75 -49.82 6.46 -101.03
C VAL K 75 -48.35 6.29 -101.39
N ILE K 76 -47.76 7.30 -102.04
CA ILE K 76 -46.35 7.22 -102.41
C ILE K 76 -45.47 7.17 -101.17
N ASP K 77 -45.82 7.95 -100.13
CA ASP K 77 -45.07 7.90 -98.90
C ASP K 77 -45.17 6.54 -98.22
N GLU K 78 -46.38 5.95 -98.23
CA GLU K 78 -46.56 4.62 -97.66
C GLU K 78 -45.76 3.57 -98.42
N VAL K 79 -45.64 3.72 -99.74
CA VAL K 79 -44.81 2.82 -100.52
C VAL K 79 -43.33 3.02 -100.19
N ARG K 80 -42.91 4.28 -100.04
CA ARG K 80 -41.50 4.60 -99.86
C ARG K 80 -40.99 4.33 -98.44
N ASN K 81 -41.85 4.30 -97.43
CA ASN K 81 -41.39 4.06 -96.07
C ASN K 81 -41.42 2.59 -95.68
N GLY K 82 -41.79 1.71 -96.60
CA GLY K 82 -41.82 0.28 -96.34
C GLY K 82 -40.75 -0.46 -97.10
N PRO K 83 -40.88 -1.78 -97.19
CA PRO K 83 -39.88 -2.58 -97.93
C PRO K 83 -39.94 -2.39 -99.44
N TYR K 84 -40.96 -1.67 -99.95
CA TYR K 84 -41.08 -1.46 -101.39
C TYR K 84 -40.07 -0.48 -101.94
N LYS K 85 -39.32 0.21 -101.07
CA LYS K 85 -38.38 1.23 -101.54
C LYS K 85 -37.24 0.61 -102.34
N ASP K 86 -36.85 -0.61 -102.02
CA ASP K 86 -35.74 -1.27 -102.69
C ASP K 86 -36.14 -1.90 -104.02
N LEU K 87 -37.43 -1.89 -104.36
CA LEU K 87 -37.90 -2.49 -105.60
C LEU K 87 -38.18 -1.48 -106.71
N PHE K 88 -38.63 -0.27 -106.35
CA PHE K 88 -39.05 0.72 -107.33
C PHE K 88 -37.98 1.79 -107.48
N HIS K 89 -37.68 2.14 -108.73
CA HIS K 89 -36.71 3.21 -108.99
C HIS K 89 -37.25 4.54 -108.47
N PRO K 90 -36.39 5.38 -107.89
CA PRO K 90 -36.88 6.65 -107.33
C PRO K 90 -37.58 7.53 -108.35
N GLU K 91 -37.10 7.56 -109.60
CA GLU K 91 -37.74 8.37 -110.63
C GLU K 91 -39.04 7.77 -111.14
N GLN K 92 -39.25 6.47 -110.93
CA GLN K 92 -40.50 5.83 -111.34
C GLN K 92 -41.66 6.12 -110.38
N LEU K 93 -41.36 6.61 -109.18
CA LEU K 93 -42.39 6.92 -108.18
C LEU K 93 -42.77 8.39 -108.35
N ILE K 94 -43.76 8.64 -109.20
CA ILE K 94 -44.23 9.99 -109.46
C ILE K 94 -45.18 10.41 -108.35
N SER K 95 -44.67 11.18 -107.38
CA SER K 95 -45.46 11.62 -106.25
C SER K 95 -46.11 12.97 -106.57
N GLY K 96 -47.43 13.04 -106.41
CA GLY K 96 -48.14 14.28 -106.63
C GLY K 96 -48.27 15.12 -105.38
N LYS K 97 -48.45 16.42 -105.59
CA LYS K 97 -48.59 17.37 -104.48
C LYS K 97 -49.82 18.25 -104.57
N GLU K 98 -50.68 18.07 -105.57
CA GLU K 98 -51.86 18.90 -105.76
C GLU K 98 -53.10 18.08 -105.43
N ASP K 99 -53.91 18.59 -104.51
CA ASP K 99 -55.15 17.93 -104.10
C ASP K 99 -56.30 18.92 -104.19
N ALA K 100 -57.19 18.71 -105.15
CA ALA K 100 -58.35 19.59 -105.32
C ALA K 100 -59.62 18.77 -105.48
N ALA K 101 -59.48 17.51 -105.85
CA ALA K 101 -60.61 16.59 -106.00
C ALA K 101 -60.07 15.17 -105.96
N ASN K 102 -60.99 14.21 -105.85
CA ASN K 102 -60.61 12.78 -105.88
C ASN K 102 -61.50 12.06 -106.89
N ASN K 103 -61.12 12.10 -108.17
CA ASN K 103 -60.19 13.09 -108.72
C ASN K 103 -60.68 13.47 -110.10
N TYR K 104 -61.77 12.82 -110.54
CA TYR K 104 -62.20 12.91 -111.92
C TYR K 104 -62.70 14.30 -112.29
N ALA K 105 -63.00 15.15 -111.31
CA ALA K 105 -63.44 16.50 -111.62
C ALA K 105 -62.38 17.24 -112.43
N ARG K 106 -61.12 17.14 -112.02
CA ARG K 106 -60.01 17.76 -112.71
C ARG K 106 -59.04 16.77 -113.34
N GLY K 107 -59.17 15.48 -113.03
CA GLY K 107 -58.22 14.50 -113.54
C GLY K 107 -58.27 14.34 -115.04
N HIS K 108 -59.48 14.29 -115.61
CA HIS K 108 -59.67 14.07 -117.03
C HIS K 108 -59.68 15.36 -117.84
N TYR K 109 -59.03 16.41 -117.35
CA TYR K 109 -59.09 17.73 -117.98
C TYR K 109 -57.68 18.30 -118.04
N THR K 110 -57.59 19.60 -118.33
CA THR K 110 -56.29 20.24 -118.54
C THR K 110 -55.40 20.17 -117.30
N VAL K 111 -55.95 19.91 -116.13
CA VAL K 111 -55.16 19.88 -114.90
C VAL K 111 -54.17 18.72 -114.92
N GLY K 112 -54.52 17.63 -115.61
CA GLY K 112 -53.68 16.44 -115.55
C GLY K 112 -52.65 16.34 -116.65
N ARG K 113 -52.89 17.01 -117.78
CA ARG K 113 -52.05 16.77 -118.95
C ARG K 113 -50.78 17.60 -118.99
N GLU K 114 -50.55 18.49 -118.03
CA GLU K 114 -49.22 19.10 -117.96
C GLU K 114 -48.24 18.22 -117.19
N ILE K 115 -48.72 17.21 -116.47
CA ILE K 115 -47.87 16.20 -115.87
C ILE K 115 -47.74 14.97 -116.75
N LEU K 116 -48.72 14.69 -117.61
CA LEU K 116 -48.65 13.52 -118.48
C LEU K 116 -47.43 13.53 -119.39
N GLY K 117 -46.91 14.71 -119.73
CA GLY K 117 -45.72 14.75 -120.57
C GLY K 117 -44.53 14.07 -119.92
N ASP K 118 -44.32 14.34 -118.63
CA ASP K 118 -43.24 13.70 -117.90
C ASP K 118 -43.46 12.19 -117.81
N VAL K 119 -44.71 11.77 -117.61
CA VAL K 119 -45.01 10.34 -117.52
C VAL K 119 -44.70 9.65 -118.84
N LEU K 120 -45.13 10.25 -119.96
CA LEU K 120 -44.83 9.68 -121.28
C LEU K 120 -43.33 9.64 -121.54
N ASP K 121 -42.61 10.70 -121.17
CA ASP K 121 -41.17 10.68 -121.36
C ASP K 121 -40.52 9.57 -120.54
N ARG K 122 -40.95 9.39 -119.29
CA ARG K 122 -40.38 8.35 -118.45
C ARG K 122 -40.68 6.96 -119.00
N ILE K 123 -41.90 6.72 -119.47
CA ILE K 123 -42.23 5.39 -119.98
C ILE K 123 -41.52 5.15 -121.32
N ARG K 124 -41.33 6.19 -122.12
CA ARG K 124 -40.54 6.03 -123.35
C ARG K 124 -39.09 5.69 -123.03
N LYS K 125 -38.52 6.34 -122.03
CA LYS K 125 -37.16 6.02 -121.62
C LYS K 125 -37.06 4.59 -121.10
N LEU K 126 -38.06 4.16 -120.33
CA LEU K 126 -38.07 2.79 -119.81
C LEU K 126 -38.20 1.78 -120.95
N ALA K 127 -39.04 2.07 -121.96
CA ALA K 127 -39.16 1.19 -123.10
C ALA K 127 -37.85 1.11 -123.87
N ASP K 128 -37.16 2.24 -124.04
CA ASP K 128 -35.85 2.24 -124.67
C ASP K 128 -34.82 1.48 -123.83
N GLN K 129 -35.02 1.44 -122.51
CA GLN K 129 -34.12 0.69 -121.64
C GLN K 129 -34.16 -0.81 -121.97
N CYS K 130 -35.34 -1.36 -122.17
CA CYS K 130 -35.49 -2.78 -122.41
C CYS K 130 -35.49 -3.08 -123.91
N ASP K 131 -35.38 -4.36 -124.24
CA ASP K 131 -35.37 -4.82 -125.63
C ASP K 131 -36.76 -5.32 -125.99
N GLY K 132 -37.48 -4.54 -126.79
CA GLY K 132 -38.80 -4.91 -127.23
C GLY K 132 -39.88 -4.53 -126.23
N LEU K 133 -41.12 -4.68 -126.68
CA LEU K 133 -42.29 -4.36 -125.87
C LEU K 133 -43.47 -5.21 -126.34
N GLN K 134 -44.14 -5.85 -125.39
CA GLN K 134 -45.22 -6.77 -125.69
C GLN K 134 -46.59 -6.20 -125.37
N GLY K 135 -46.81 -5.77 -124.14
CA GLY K 135 -48.12 -5.23 -123.76
C GLY K 135 -48.02 -4.45 -122.47
N PHE K 136 -49.16 -3.88 -122.07
CA PHE K 136 -49.25 -3.07 -120.88
C PHE K 136 -50.28 -3.65 -119.92
N LEU K 137 -50.01 -3.51 -118.62
CA LEU K 137 -50.91 -3.94 -117.56
C LEU K 137 -51.41 -2.71 -116.83
N PHE K 138 -52.73 -2.62 -116.65
CA PHE K 138 -53.38 -1.49 -115.99
C PHE K 138 -54.10 -1.97 -114.75
N THR K 139 -53.90 -1.25 -113.64
CA THR K 139 -54.58 -1.55 -112.38
C THR K 139 -55.07 -0.24 -111.78
N HIS K 140 -56.35 0.07 -111.97
CA HIS K 140 -56.93 1.29 -111.45
C HIS K 140 -58.36 1.00 -110.99
N SER K 141 -58.85 1.85 -110.09
CA SER K 141 -60.19 1.71 -109.55
C SER K 141 -61.12 2.72 -110.22
N LEU K 142 -62.21 2.22 -110.80
CA LEU K 142 -63.20 3.09 -111.40
C LEU K 142 -64.01 3.87 -110.37
N GLY K 143 -63.95 3.49 -109.11
CA GLY K 143 -64.58 4.24 -108.06
C GLY K 143 -63.83 5.52 -107.75
N GLY K 144 -62.56 5.39 -107.40
CA GLY K 144 -61.71 6.55 -107.20
C GLY K 144 -61.51 7.29 -108.51
N GLY K 145 -61.78 8.60 -108.52
CA GLY K 145 -61.65 9.37 -109.74
C GLY K 145 -60.23 9.43 -110.27
N THR K 146 -59.23 9.35 -109.40
CA THR K 146 -57.84 9.32 -109.84
C THR K 146 -57.62 8.19 -110.84
N GLY K 147 -58.00 6.98 -110.45
CA GLY K 147 -57.83 5.84 -111.34
C GLY K 147 -58.52 6.06 -112.67
N SER K 148 -59.83 6.33 -112.64
CA SER K 148 -60.59 6.53 -113.87
C SER K 148 -59.92 7.55 -114.78
N GLY K 149 -59.79 8.79 -114.30
CA GLY K 149 -59.28 9.86 -115.11
C GLY K 149 -57.87 9.65 -115.62
N LEU K 150 -56.91 9.46 -114.69
CA LEU K 150 -55.52 9.33 -115.11
C LEU K 150 -55.31 8.09 -115.97
N GLY K 151 -55.93 6.96 -115.60
CA GLY K 151 -55.80 5.76 -116.40
C GLY K 151 -56.34 5.95 -117.80
N SER K 152 -57.49 6.60 -117.95
CA SER K 152 -58.03 6.84 -119.29
C SER K 152 -57.12 7.76 -120.09
N LEU K 153 -56.57 8.80 -119.46
CA LEU K 153 -55.67 9.70 -120.16
C LEU K 153 -54.45 8.94 -120.67
N LEU K 154 -53.83 8.14 -119.80
CA LEU K 154 -52.75 7.28 -120.23
C LEU K 154 -53.19 6.33 -121.34
N LEU K 155 -54.43 5.84 -121.29
CA LEU K 155 -54.92 4.95 -122.34
C LEU K 155 -54.85 5.62 -123.70
N GLU K 156 -55.42 6.83 -123.82
CA GLU K 156 -55.38 7.45 -125.15
C GLU K 156 -53.95 7.81 -125.53
N GLU K 157 -53.14 8.25 -124.56
CA GLU K 157 -51.77 8.65 -124.88
C GLU K 157 -50.96 7.47 -125.43
N LEU K 158 -51.00 6.33 -124.75
CA LEU K 158 -50.21 5.19 -125.19
C LEU K 158 -50.86 4.40 -126.32
N SER K 159 -52.15 4.61 -126.57
CA SER K 159 -52.72 4.09 -127.82
C SER K 159 -52.30 4.95 -129.00
N ALA K 160 -52.06 6.24 -128.76
CA ALA K 160 -51.56 7.10 -129.83
C ALA K 160 -50.08 6.87 -130.11
N GLU K 161 -49.28 6.63 -129.07
CA GLU K 161 -47.83 6.56 -129.28
C GLU K 161 -47.43 5.29 -130.04
N TYR K 162 -48.04 4.15 -129.71
CA TYR K 162 -47.73 2.90 -130.40
C TYR K 162 -48.90 2.41 -131.24
N GLY K 163 -50.06 2.17 -130.63
CA GLY K 163 -51.21 1.64 -131.35
C GLY K 163 -51.08 0.22 -131.82
N LYS K 164 -50.03 -0.51 -131.39
CA LYS K 164 -49.81 -1.88 -131.83
C LYS K 164 -49.58 -2.86 -130.70
N LYS K 165 -49.58 -2.41 -129.45
CA LYS K 165 -49.33 -3.28 -128.31
C LYS K 165 -50.63 -3.66 -127.62
N SER K 166 -50.62 -4.85 -127.02
CA SER K 166 -51.80 -5.32 -126.29
C SER K 166 -52.05 -4.46 -125.06
N LYS K 167 -53.32 -4.18 -124.80
CA LYS K 167 -53.72 -3.30 -123.70
C LYS K 167 -54.62 -4.10 -122.74
N LEU K 168 -54.05 -4.49 -121.61
CA LEU K 168 -54.77 -5.22 -120.58
C LEU K 168 -55.07 -4.29 -119.41
N GLU K 169 -56.35 -4.16 -119.06
CA GLU K 169 -56.78 -3.23 -118.02
C GLU K 169 -57.56 -4.01 -116.96
N PHE K 170 -57.00 -4.08 -115.75
CA PHE K 170 -57.69 -4.64 -114.59
C PHE K 170 -58.32 -3.48 -113.83
N ALA K 171 -59.56 -3.14 -114.19
CA ALA K 171 -60.27 -2.00 -113.62
C ALA K 171 -61.19 -2.47 -112.52
N VAL K 172 -61.10 -1.84 -111.35
CA VAL K 172 -61.97 -2.16 -110.22
C VAL K 172 -63.29 -1.41 -110.40
N TYR K 173 -64.38 -2.16 -110.51
CA TYR K 173 -65.67 -1.53 -110.75
C TYR K 173 -66.37 -1.24 -109.43
N PRO K 174 -67.14 -0.14 -109.37
CA PRO K 174 -67.92 0.13 -108.16
C PRO K 174 -68.95 -0.96 -107.91
N ALA K 175 -69.25 -1.18 -106.64
CA ALA K 175 -70.22 -2.20 -106.27
C ALA K 175 -71.60 -1.83 -106.81
N PRO K 176 -72.28 -2.74 -107.53
CA PRO K 176 -73.59 -2.41 -108.07
C PRO K 176 -74.69 -2.30 -107.03
N GLN K 177 -74.49 -2.85 -105.83
CA GLN K 177 -75.50 -2.72 -104.78
C GLN K 177 -75.53 -1.29 -104.23
N VAL K 178 -74.42 -0.84 -103.66
CA VAL K 178 -74.27 0.55 -103.23
C VAL K 178 -72.92 1.06 -103.69
N SER K 179 -72.80 2.37 -103.80
CA SER K 179 -71.58 3.04 -104.20
C SER K 179 -70.99 3.78 -103.01
N THR K 180 -69.68 3.65 -102.83
CA THR K 180 -69.02 4.35 -101.73
C THR K 180 -69.09 5.86 -101.88
N SER K 181 -69.03 6.37 -103.11
CA SER K 181 -69.26 7.78 -103.38
C SER K 181 -70.16 7.92 -104.59
N VAL K 182 -70.87 9.04 -104.65
CA VAL K 182 -71.91 9.22 -105.66
C VAL K 182 -71.32 9.40 -107.05
N VAL K 183 -70.13 10.02 -107.17
CA VAL K 183 -69.57 10.36 -108.47
C VAL K 183 -68.88 9.19 -109.16
N GLU K 184 -68.81 8.02 -108.51
CA GLU K 184 -68.15 6.87 -109.12
C GLU K 184 -68.79 6.43 -110.44
N PRO K 185 -70.12 6.37 -110.57
CA PRO K 185 -70.69 6.04 -111.90
C PRO K 185 -70.25 6.99 -113.00
N TYR K 186 -70.16 8.29 -112.73
CA TYR K 186 -69.59 9.20 -113.73
C TYR K 186 -68.16 8.84 -114.05
N ASN K 187 -67.32 8.64 -113.01
CA ASN K 187 -65.92 8.30 -113.25
C ASN K 187 -65.79 7.05 -114.11
N THR K 188 -66.75 6.12 -114.00
CA THR K 188 -66.70 4.92 -114.82
C THR K 188 -67.18 5.17 -116.25
N VAL K 189 -68.39 5.73 -116.39
CA VAL K 189 -69.01 5.76 -117.71
C VAL K 189 -68.46 6.87 -118.59
N LEU K 190 -68.07 8.01 -118.02
CA LEU K 190 -67.46 9.05 -118.84
C LEU K 190 -66.13 8.61 -119.42
N THR K 191 -65.55 7.52 -118.92
CA THR K 191 -64.36 6.91 -119.50
C THR K 191 -64.64 5.59 -120.20
N THR K 192 -65.85 5.04 -120.07
CA THR K 192 -66.20 3.83 -120.82
C THR K 192 -66.06 4.04 -122.32
N HIS K 193 -66.38 5.25 -122.81
CA HIS K 193 -66.22 5.51 -124.24
C HIS K 193 -64.75 5.46 -124.66
N THR K 194 -63.88 6.08 -123.86
CA THR K 194 -62.44 6.01 -124.15
C THR K 194 -61.94 4.58 -124.05
N THR K 195 -62.46 3.81 -123.11
CA THR K 195 -62.09 2.39 -123.01
C THR K 195 -62.53 1.62 -124.25
N LEU K 196 -63.74 1.89 -124.73
CA LEU K 196 -64.23 1.22 -125.94
C LEU K 196 -63.35 1.55 -127.14
N GLU K 197 -62.96 2.81 -127.28
CA GLU K 197 -62.19 3.24 -128.43
C GLU K 197 -60.69 3.01 -128.31
N HIS K 198 -60.19 2.68 -127.10
CA HIS K 198 -58.75 2.63 -126.89
C HIS K 198 -58.32 1.47 -126.00
N ALA K 199 -59.02 0.34 -126.05
CA ALA K 199 -58.62 -0.83 -125.29
C ALA K 199 -58.72 -2.09 -126.15
N ASP K 200 -57.91 -3.09 -125.80
CA ASP K 200 -57.88 -4.37 -126.49
C ASP K 200 -58.46 -5.50 -125.67
N CYS K 201 -58.26 -5.49 -124.35
CA CYS K 201 -58.79 -6.54 -123.48
C CYS K 201 -58.94 -5.97 -122.08
N THR K 202 -60.17 -5.92 -121.59
CA THR K 202 -60.48 -5.37 -120.27
C THR K 202 -61.05 -6.46 -119.37
N PHE K 203 -60.59 -6.49 -118.13
CA PHE K 203 -61.03 -7.45 -117.13
C PHE K 203 -61.85 -6.74 -116.07
N MET K 204 -63.05 -7.28 -115.79
CA MET K 204 -63.97 -6.69 -114.82
C MET K 204 -63.87 -7.45 -113.50
N VAL K 205 -63.65 -6.70 -112.42
CA VAL K 205 -63.58 -7.26 -111.07
C VAL K 205 -64.50 -6.44 -110.17
N ASP K 206 -65.26 -7.14 -109.32
CA ASP K 206 -66.18 -6.51 -108.39
C ASP K 206 -65.77 -6.83 -106.97
N ASN K 207 -65.70 -5.80 -106.13
CA ASN K 207 -65.35 -6.00 -104.72
C ASN K 207 -66.43 -6.75 -103.96
N GLU K 208 -67.69 -6.55 -104.35
CA GLU K 208 -68.79 -7.20 -103.64
C GLU K 208 -68.71 -8.72 -103.74
N ALA K 209 -68.40 -9.24 -104.92
CA ALA K 209 -68.28 -10.69 -105.10
C ALA K 209 -67.10 -11.25 -104.32
N ILE K 210 -65.97 -10.52 -104.30
CA ILE K 210 -64.83 -10.96 -103.51
C ILE K 210 -65.18 -11.02 -102.03
N TYR K 211 -65.88 -9.99 -101.54
CA TYR K 211 -66.31 -10.01 -100.15
C TYR K 211 -67.28 -11.15 -99.89
N ASP K 212 -68.16 -11.44 -100.84
CA ASP K 212 -69.12 -12.53 -100.70
C ASP K 212 -68.40 -13.88 -100.57
N MET K 213 -67.41 -14.11 -101.43
CA MET K 213 -66.68 -15.37 -101.37
C MET K 213 -65.78 -15.44 -100.13
N CYS K 214 -65.26 -14.29 -99.67
CA CYS K 214 -64.51 -14.28 -98.42
C CYS K 214 -65.40 -14.65 -97.23
N LYS K 215 -66.64 -14.13 -97.22
CA LYS K 215 -67.57 -14.47 -96.15
C LYS K 215 -68.01 -15.92 -96.24
N ARG K 216 -68.23 -16.42 -97.45
CA ARG K 216 -68.77 -17.78 -97.65
C ARG K 216 -67.67 -18.83 -97.78
N ASN K 217 -66.82 -18.69 -98.81
CA ASN K 217 -65.80 -19.71 -99.06
C ASN K 217 -64.67 -19.63 -98.03
N LEU K 218 -64.20 -18.43 -97.72
CA LEU K 218 -63.10 -18.27 -96.77
C LEU K 218 -63.55 -18.31 -95.32
N ASP K 219 -64.86 -18.21 -95.06
CA ASP K 219 -65.40 -18.19 -93.69
C ASP K 219 -64.76 -17.09 -92.85
N ILE K 220 -64.49 -15.95 -93.49
CA ILE K 220 -63.90 -14.80 -92.82
C ILE K 220 -65.02 -13.87 -92.39
N PRO K 221 -65.20 -13.60 -91.10
CA PRO K 221 -66.28 -12.70 -90.69
C PRO K 221 -66.04 -11.25 -91.07
N ARG K 222 -64.78 -10.80 -91.09
CA ARG K 222 -64.43 -9.43 -91.44
C ARG K 222 -63.37 -9.45 -92.53
N PRO K 223 -63.77 -9.62 -93.80
CA PRO K 223 -62.81 -9.52 -94.90
C PRO K 223 -62.15 -8.15 -94.94
N SER K 224 -60.92 -8.13 -95.42
CA SER K 224 -60.14 -6.91 -95.53
C SER K 224 -59.78 -6.66 -96.99
N PHE K 225 -59.47 -5.40 -97.31
CA PHE K 225 -59.07 -5.05 -98.67
C PHE K 225 -57.78 -5.77 -99.06
N ALA K 226 -56.92 -6.08 -98.09
CA ALA K 226 -55.71 -6.82 -98.39
C ALA K 226 -56.02 -8.22 -98.92
N ASN K 227 -57.04 -8.87 -98.36
CA ASN K 227 -57.44 -10.18 -98.86
C ASN K 227 -57.92 -10.10 -100.31
N LEU K 228 -58.71 -9.07 -100.62
CA LEU K 228 -59.15 -8.86 -102.00
C LEU K 228 -57.96 -8.64 -102.92
N ASN K 229 -57.00 -7.82 -102.48
CA ASN K 229 -55.82 -7.57 -103.29
C ASN K 229 -55.03 -8.85 -103.54
N ASN K 230 -54.87 -9.69 -102.50
CA ASN K 230 -54.15 -10.94 -102.68
C ASN K 230 -54.87 -11.88 -103.63
N LEU K 231 -56.20 -11.99 -103.49
CA LEU K 231 -56.97 -12.89 -104.35
C LEU K 231 -56.86 -12.47 -105.81
N ILE K 232 -57.11 -11.19 -106.09
CA ILE K 232 -56.96 -10.74 -107.48
C ILE K 232 -55.50 -10.75 -107.90
N ALA K 233 -54.56 -10.76 -106.95
CA ALA K 233 -53.15 -10.92 -107.31
C ALA K 233 -52.87 -12.31 -107.84
N GLN K 234 -53.41 -13.35 -107.19
CA GLN K 234 -53.28 -14.69 -107.78
C GLN K 234 -53.99 -14.76 -109.12
N VAL K 235 -55.19 -14.14 -109.21
CA VAL K 235 -55.93 -14.13 -110.46
C VAL K 235 -55.09 -13.53 -111.58
N VAL K 236 -54.42 -12.41 -111.31
CA VAL K 236 -53.58 -11.78 -112.32
C VAL K 236 -52.35 -12.64 -112.61
N SER K 237 -51.72 -13.19 -111.58
CA SER K 237 -50.46 -13.92 -111.74
C SER K 237 -50.65 -15.32 -112.31
N SER K 238 -51.89 -15.74 -112.55
CA SER K 238 -52.14 -17.03 -113.20
C SER K 238 -52.62 -16.87 -114.64
N VAL K 239 -52.06 -15.92 -115.41
CA VAL K 239 -52.63 -15.54 -116.70
C VAL K 239 -51.68 -15.80 -117.88
N THR K 240 -50.44 -15.26 -117.86
CA THR K 240 -49.47 -14.89 -116.81
C THR K 240 -49.14 -16.12 -115.93
N ALA K 241 -49.51 -17.30 -116.44
CA ALA K 241 -49.13 -18.56 -115.82
C ALA K 241 -48.04 -19.28 -116.60
N SER K 242 -48.18 -19.36 -117.93
CA SER K 242 -47.18 -20.00 -118.77
C SER K 242 -46.13 -19.05 -119.31
N LEU K 243 -46.29 -17.74 -119.09
CA LEU K 243 -45.31 -16.77 -119.59
C LEU K 243 -44.04 -16.75 -118.78
N ARG K 244 -44.07 -17.26 -117.55
CA ARG K 244 -42.89 -17.30 -116.69
C ARG K 244 -42.46 -18.70 -116.28
N PHE K 245 -43.27 -19.72 -116.56
CA PHE K 245 -42.95 -21.09 -116.21
C PHE K 245 -43.20 -22.00 -117.41
N ASP K 246 -42.50 -23.12 -117.44
CA ASP K 246 -42.62 -24.06 -118.54
C ASP K 246 -43.97 -24.76 -118.52
N GLY K 247 -44.47 -25.10 -119.70
CA GLY K 247 -45.74 -25.80 -119.82
C GLY K 247 -45.77 -26.61 -121.09
N SER K 248 -46.60 -27.65 -121.08
CA SER K 248 -46.72 -28.50 -122.27
C SER K 248 -47.30 -27.73 -123.45
N LEU K 249 -48.32 -26.91 -123.20
CA LEU K 249 -48.94 -26.07 -124.23
C LEU K 249 -49.05 -24.66 -123.67
N ASN K 250 -48.05 -23.84 -123.92
CA ASN K 250 -48.06 -22.46 -123.43
C ASN K 250 -49.10 -21.64 -124.20
N VAL K 251 -49.63 -20.63 -123.52
CA VAL K 251 -50.63 -19.73 -124.09
C VAL K 251 -50.00 -18.36 -124.28
N ASP K 252 -50.19 -17.78 -125.47
CA ASP K 252 -49.61 -16.49 -125.81
C ASP K 252 -50.63 -15.38 -125.58
N LEU K 253 -50.11 -14.18 -125.30
CA LEU K 253 -51.00 -13.04 -125.04
C LEU K 253 -51.80 -12.68 -126.29
N ASN K 254 -51.17 -12.74 -127.46
CA ASN K 254 -51.89 -12.45 -128.70
C ASN K 254 -52.99 -13.47 -128.97
N GLU K 255 -52.78 -14.72 -128.52
CA GLU K 255 -53.78 -15.76 -128.74
C GLU K 255 -55.13 -15.38 -128.15
N PHE K 256 -55.12 -14.65 -127.03
CA PHE K 256 -56.38 -14.23 -126.41
C PHE K 256 -57.21 -13.38 -127.35
N GLN K 257 -56.59 -12.39 -128.01
CA GLN K 257 -57.35 -11.56 -128.93
C GLN K 257 -57.52 -12.20 -130.29
N THR K 258 -56.75 -13.24 -130.62
CA THR K 258 -57.01 -13.96 -131.86
C THR K 258 -58.24 -14.85 -131.75
N ASN K 259 -58.41 -15.53 -130.62
CA ASN K 259 -59.52 -16.48 -130.49
C ASN K 259 -60.74 -15.88 -129.80
N LEU K 260 -60.56 -15.18 -128.68
CA LEU K 260 -61.71 -14.64 -127.96
C LEU K 260 -62.36 -13.49 -128.71
N VAL K 261 -61.58 -12.71 -129.45
CA VAL K 261 -62.09 -11.51 -130.11
C VAL K 261 -61.91 -11.65 -131.63
N PRO K 262 -62.89 -12.17 -132.35
CA PRO K 262 -62.78 -12.29 -133.81
C PRO K 262 -63.32 -11.10 -134.59
N TYR K 263 -63.67 -10.00 -133.93
CA TYR K 263 -64.28 -8.84 -134.54
C TYR K 263 -63.60 -7.57 -134.06
N PRO K 264 -63.89 -6.43 -134.69
CA PRO K 264 -63.51 -5.13 -134.10
C PRO K 264 -64.44 -4.75 -132.96
N ARG K 265 -65.16 -5.74 -132.43
CA ARG K 265 -66.26 -5.62 -131.50
C ARG K 265 -65.87 -6.24 -130.15
N ILE K 266 -66.86 -6.44 -129.29
CA ILE K 266 -66.71 -6.62 -127.85
C ILE K 266 -65.52 -7.49 -127.46
N HIS K 267 -64.68 -6.97 -126.57
CA HIS K 267 -63.43 -7.59 -126.16
C HIS K 267 -63.25 -7.48 -124.65
N PHE K 268 -64.29 -7.81 -123.89
CA PHE K 268 -64.30 -7.63 -122.44
C PHE K 268 -64.62 -8.97 -121.78
N PRO K 269 -63.62 -9.85 -121.66
CA PRO K 269 -63.88 -11.17 -121.09
C PRO K 269 -63.92 -11.16 -119.56
N LEU K 270 -64.76 -12.04 -119.02
CA LEU K 270 -64.78 -12.28 -117.58
C LEU K 270 -63.64 -13.18 -117.16
N VAL K 271 -63.40 -13.21 -115.85
CA VAL K 271 -62.36 -14.05 -115.25
C VAL K 271 -62.95 -14.74 -114.04
N SER K 272 -62.40 -15.90 -113.71
CA SER K 272 -62.80 -16.63 -112.52
C SER K 272 -61.64 -17.51 -112.07
N TYR K 273 -61.50 -17.67 -110.75
CA TYR K 273 -60.45 -18.48 -110.18
C TYR K 273 -61.05 -19.48 -109.19
N SER K 274 -60.53 -20.70 -109.23
CA SER K 274 -61.01 -21.78 -108.38
C SER K 274 -59.96 -22.89 -108.40
N PRO K 275 -59.93 -23.76 -107.37
CA PRO K 275 -60.78 -23.81 -106.17
C PRO K 275 -60.48 -22.69 -105.18
N VAL K 276 -61.49 -22.35 -104.37
CA VAL K 276 -61.36 -21.32 -103.35
C VAL K 276 -61.74 -21.97 -102.02
N LEU K 277 -60.75 -22.25 -101.19
CA LEU K 277 -60.97 -22.92 -99.92
C LEU K 277 -59.99 -22.38 -98.88
N SER K 278 -60.33 -22.58 -97.62
CA SER K 278 -59.50 -22.13 -96.51
C SER K 278 -58.50 -23.20 -96.11
N LYS K 279 -57.67 -22.88 -95.13
CA LYS K 279 -56.67 -23.83 -94.63
C LYS K 279 -57.28 -24.94 -93.79
N SER K 280 -58.50 -24.76 -93.29
CA SER K 280 -59.17 -25.79 -92.50
C SER K 280 -60.02 -26.73 -93.33
N LYS K 281 -60.37 -26.34 -94.56
CA LYS K 281 -61.17 -27.17 -95.45
C LYS K 281 -60.31 -27.98 -96.42
N ALA K 282 -58.99 -27.92 -96.29
CA ALA K 282 -58.09 -28.67 -97.14
C ALA K 282 -57.94 -30.12 -96.72
N PHE K 283 -58.52 -30.51 -95.59
CA PHE K 283 -58.47 -31.88 -95.10
C PHE K 283 -59.71 -32.68 -95.49
N HIS K 284 -60.57 -32.13 -96.34
CA HIS K 284 -61.77 -32.85 -96.76
C HIS K 284 -62.05 -32.79 -98.26
N GLU K 285 -61.33 -31.99 -99.03
CA GLU K 285 -61.61 -31.80 -100.45
C GLU K 285 -60.39 -32.18 -101.28
N SER K 286 -60.58 -33.10 -102.22
CA SER K 286 -59.57 -33.48 -103.20
C SER K 286 -60.22 -33.63 -104.58
N ASN K 287 -61.08 -32.68 -104.93
CA ASN K 287 -61.91 -32.80 -106.12
C ASN K 287 -61.10 -32.72 -107.40
N SER K 288 -61.72 -33.17 -108.49
CA SER K 288 -61.13 -33.12 -109.81
C SER K 288 -61.46 -31.79 -110.49
N VAL K 289 -61.06 -31.66 -111.76
CA VAL K 289 -61.23 -30.40 -112.47
C VAL K 289 -62.69 -30.12 -112.81
N SER K 290 -63.54 -31.14 -112.85
CA SER K 290 -64.94 -30.92 -113.20
C SER K 290 -65.64 -30.04 -112.17
N GLU K 291 -65.44 -30.34 -110.89
CA GLU K 291 -66.07 -29.52 -109.85
C GLU K 291 -65.45 -28.14 -109.77
N ILE K 292 -64.16 -28.02 -110.09
CA ILE K 292 -63.52 -26.70 -110.15
C ILE K 292 -64.15 -25.86 -111.25
N THR K 293 -64.38 -26.46 -112.42
CA THR K 293 -65.06 -25.76 -113.51
C THR K 293 -66.49 -25.38 -113.10
N ASN K 294 -67.18 -26.28 -112.39
CA ASN K 294 -68.52 -25.97 -111.91
C ASN K 294 -68.50 -24.79 -110.96
N ALA K 295 -67.49 -24.73 -110.08
CA ALA K 295 -67.35 -23.58 -109.19
C ALA K 295 -67.05 -22.31 -109.97
N CYS K 296 -66.28 -22.43 -111.06
CA CYS K 296 -66.05 -21.28 -111.93
C CYS K 296 -67.34 -20.78 -112.55
N PHE K 297 -68.22 -21.69 -112.95
CA PHE K 297 -69.50 -21.31 -113.53
C PHE K 297 -70.47 -20.72 -112.50
N GLU K 298 -70.17 -20.85 -111.21
CA GLU K 298 -71.05 -20.29 -110.20
C GLU K 298 -71.03 -18.77 -110.26
N PRO K 299 -72.18 -18.11 -110.12
CA PRO K 299 -72.20 -16.64 -110.14
C PRO K 299 -71.34 -16.01 -109.06
N GLY K 300 -71.20 -16.65 -107.90
CA GLY K 300 -70.45 -16.04 -106.81
C GLY K 300 -68.95 -15.97 -107.07
N ASN K 301 -68.43 -16.83 -107.94
CA ASN K 301 -67.01 -16.88 -108.23
C ASN K 301 -66.64 -16.19 -109.53
N GLN K 302 -67.60 -15.50 -110.15
CA GLN K 302 -67.36 -14.82 -111.43
C GLN K 302 -66.91 -13.36 -111.26
N MET K 303 -66.84 -12.87 -110.02
CA MET K 303 -66.51 -11.47 -109.73
C MET K 303 -67.46 -10.52 -110.45
N VAL K 304 -68.73 -10.89 -110.54
CA VAL K 304 -69.77 -10.02 -111.09
C VAL K 304 -71.09 -10.41 -110.43
N LYS K 305 -71.88 -9.39 -110.04
CA LYS K 305 -73.16 -9.61 -109.38
C LYS K 305 -74.24 -9.84 -110.43
N CYS K 306 -74.14 -10.99 -111.09
CA CYS K 306 -75.08 -11.38 -112.14
C CYS K 306 -75.02 -12.89 -112.28
N ASP K 307 -75.86 -13.42 -113.17
CA ASP K 307 -75.88 -14.85 -113.43
C ASP K 307 -75.18 -15.13 -114.75
N PRO K 308 -73.99 -15.72 -114.74
CA PRO K 308 -73.32 -16.04 -116.01
C PRO K 308 -73.98 -17.18 -116.77
N ARG K 309 -74.77 -18.02 -116.10
CA ARG K 309 -75.44 -19.13 -116.76
C ARG K 309 -76.68 -18.68 -117.52
N ASP K 310 -77.19 -17.49 -117.26
CA ASP K 310 -78.35 -16.96 -117.98
C ASP K 310 -77.99 -16.29 -119.29
N GLY K 311 -76.70 -16.09 -119.56
CA GLY K 311 -76.26 -15.47 -120.78
C GLY K 311 -76.14 -16.47 -121.92
N LYS K 312 -75.48 -16.02 -122.98
CA LYS K 312 -75.26 -16.84 -124.17
C LYS K 312 -73.78 -17.11 -124.35
N TYR K 313 -73.47 -18.28 -124.90
CA TYR K 313 -72.09 -18.75 -124.94
C TYR K 313 -71.23 -17.88 -125.85
N MET K 314 -69.97 -17.71 -125.45
CA MET K 314 -68.97 -17.02 -126.23
C MET K 314 -67.65 -17.76 -126.04
N ALA K 315 -66.71 -17.53 -126.97
CA ALA K 315 -65.43 -18.21 -126.92
C ALA K 315 -64.75 -17.98 -125.57
N THR K 316 -64.21 -19.05 -125.00
CA THR K 316 -63.65 -19.01 -123.66
C THR K 316 -62.30 -19.72 -123.62
N CYS K 317 -61.49 -19.36 -122.63
CA CYS K 317 -60.17 -19.94 -122.41
C CYS K 317 -60.11 -20.59 -121.04
N LEU K 318 -59.51 -21.77 -120.96
CA LEU K 318 -59.34 -22.51 -119.72
C LEU K 318 -57.85 -22.71 -119.48
N LEU K 319 -57.35 -22.20 -118.35
CA LEU K 319 -55.94 -22.30 -118.00
C LEU K 319 -55.79 -23.18 -116.77
N TYR K 320 -54.87 -24.14 -116.85
CA TYR K 320 -54.72 -25.19 -115.85
C TYR K 320 -53.28 -25.19 -115.32
N ARG K 321 -53.14 -25.33 -114.01
CA ARG K 321 -51.83 -25.33 -113.36
C ARG K 321 -51.72 -26.54 -112.44
N GLY K 322 -50.50 -27.07 -112.35
CA GLY K 322 -50.24 -28.22 -111.51
C GLY K 322 -50.40 -29.54 -112.23
N ASP K 323 -50.89 -30.56 -111.54
CA ASP K 323 -51.06 -31.89 -112.11
C ASP K 323 -52.45 -31.99 -112.73
N VAL K 324 -52.50 -31.97 -114.06
CA VAL K 324 -53.76 -32.08 -114.80
C VAL K 324 -53.60 -33.12 -115.90
N VAL K 325 -54.74 -33.65 -116.34
CA VAL K 325 -54.78 -34.68 -117.38
C VAL K 325 -55.72 -34.18 -118.49
N THR K 326 -55.23 -34.25 -119.73
CA THR K 326 -56.00 -33.72 -120.86
C THR K 326 -57.29 -34.52 -121.07
N ARG K 327 -57.22 -35.84 -120.90
CA ARG K 327 -58.43 -36.66 -121.03
C ARG K 327 -59.47 -36.27 -119.99
N ASP K 328 -59.02 -36.00 -118.76
CA ASP K 328 -59.94 -35.60 -117.70
C ASP K 328 -60.63 -34.28 -118.04
N VAL K 329 -59.87 -33.30 -118.52
CA VAL K 329 -60.46 -32.00 -118.80
C VAL K 329 -61.35 -32.05 -120.04
N GLN K 330 -61.00 -32.90 -121.02
CA GLN K 330 -61.88 -33.08 -122.17
C GLN K 330 -63.19 -33.72 -121.73
N ARG K 331 -63.12 -34.71 -120.85
CA ARG K 331 -64.34 -35.32 -120.31
C ARG K 331 -65.16 -34.29 -119.55
N ALA K 332 -64.51 -33.44 -118.75
CA ALA K 332 -65.23 -32.45 -117.97
C ALA K 332 -65.93 -31.44 -118.87
N VAL K 333 -65.24 -30.92 -119.88
CA VAL K 333 -65.87 -29.94 -120.75
C VAL K 333 -66.97 -30.57 -121.59
N GLU K 334 -66.80 -31.84 -121.99
CA GLU K 334 -67.87 -32.52 -122.70
C GLU K 334 -69.10 -32.70 -121.81
N GLN K 335 -68.89 -33.01 -120.53
CA GLN K 335 -70.01 -33.09 -119.60
C GLN K 335 -70.69 -31.74 -119.46
N VAL K 336 -69.91 -30.66 -119.35
CA VAL K 336 -70.49 -29.33 -119.24
C VAL K 336 -71.34 -29.01 -120.47
N LYS K 337 -70.85 -29.35 -121.66
CA LYS K 337 -71.66 -29.17 -122.86
C LYS K 337 -72.91 -30.04 -122.82
N ASN K 338 -72.82 -31.23 -122.25
CA ASN K 338 -73.98 -32.11 -122.17
C ASN K 338 -75.04 -31.57 -121.21
N LYS K 339 -74.63 -30.83 -120.18
CA LYS K 339 -75.59 -30.29 -119.22
C LYS K 339 -76.44 -29.14 -119.77
N LYS K 340 -76.29 -28.80 -121.05
CA LYS K 340 -77.07 -27.73 -121.70
C LYS K 340 -76.87 -26.40 -120.98
N THR K 341 -75.62 -25.94 -121.01
CA THR K 341 -75.24 -24.65 -120.44
C THR K 341 -75.63 -23.54 -121.40
N VAL K 342 -75.05 -22.36 -121.19
CA VAL K 342 -75.31 -21.15 -121.99
C VAL K 342 -75.33 -21.48 -123.49
N GLN K 343 -76.29 -20.90 -124.20
CA GLN K 343 -76.59 -21.29 -125.56
C GLN K 343 -75.39 -21.07 -126.48
N LEU K 344 -74.89 -22.17 -127.05
CA LEU K 344 -73.73 -22.11 -127.93
C LEU K 344 -74.07 -21.36 -129.21
N VAL K 345 -73.13 -20.53 -129.66
CA VAL K 345 -73.30 -19.78 -130.90
C VAL K 345 -72.89 -20.65 -132.08
N ASP K 346 -73.33 -20.27 -133.27
CA ASP K 346 -73.03 -21.01 -134.49
C ASP K 346 -71.81 -20.48 -135.22
N TRP K 347 -71.13 -19.47 -134.67
CA TRP K 347 -69.98 -18.87 -135.34
C TRP K 347 -68.66 -19.53 -134.97
N CYS K 348 -68.52 -20.03 -133.75
CA CYS K 348 -67.25 -20.65 -133.34
C CYS K 348 -67.11 -22.05 -133.96
N PRO K 349 -68.09 -22.97 -133.80
CA PRO K 349 -69.34 -22.95 -133.03
C PRO K 349 -69.15 -23.39 -131.58
N THR K 350 -68.13 -24.22 -131.34
CA THR K 350 -67.77 -24.64 -129.99
C THR K 350 -66.24 -24.57 -129.87
N GLY K 351 -65.76 -23.56 -129.15
CA GLY K 351 -64.32 -23.41 -128.96
C GLY K 351 -63.92 -23.32 -127.51
N PHE K 352 -63.20 -24.34 -127.02
CA PHE K 352 -62.72 -24.39 -125.65
C PHE K 352 -61.19 -24.35 -125.69
N LYS K 353 -60.62 -23.19 -125.45
CA LYS K 353 -59.16 -23.07 -125.40
C LYS K 353 -58.64 -23.64 -124.09
N ILE K 354 -57.75 -24.62 -124.18
CA ILE K 354 -57.23 -25.33 -123.02
C ILE K 354 -55.76 -24.97 -122.85
N GLY K 355 -55.41 -24.50 -121.66
CA GLY K 355 -54.03 -24.19 -121.33
C GLY K 355 -53.50 -25.05 -120.21
N ILE K 356 -52.33 -25.64 -120.39
CA ILE K 356 -51.72 -26.54 -119.41
C ILE K 356 -50.41 -25.93 -118.94
N CYS K 357 -50.24 -25.83 -117.63
CA CYS K 357 -49.04 -25.27 -117.03
C CYS K 357 -48.47 -26.27 -116.02
N TYR K 358 -47.14 -26.41 -116.04
CA TYR K 358 -46.48 -27.38 -115.17
C TYR K 358 -46.39 -26.91 -113.72
N GLU K 359 -46.23 -25.60 -113.50
CA GLU K 359 -45.99 -25.11 -112.15
C GLU K 359 -47.23 -25.32 -111.27
N PRO K 360 -47.05 -25.70 -110.00
CA PRO K 360 -48.20 -25.88 -109.13
C PRO K 360 -48.84 -24.54 -108.81
N PRO K 361 -50.14 -24.52 -108.50
CA PRO K 361 -50.77 -23.27 -108.06
C PRO K 361 -50.15 -22.78 -106.76
N THR K 362 -50.09 -21.45 -106.61
CA THR K 362 -49.48 -20.81 -105.46
C THR K 362 -50.49 -19.93 -104.75
N ALA K 363 -50.30 -19.76 -103.45
CA ALA K 363 -51.20 -18.99 -102.60
C ALA K 363 -50.40 -18.06 -101.70
N THR K 364 -51.05 -17.00 -101.25
CA THR K 364 -50.38 -15.99 -100.44
C THR K 364 -50.45 -16.36 -98.97
N PRO K 365 -49.34 -16.34 -98.24
CA PRO K 365 -49.39 -16.55 -96.78
C PRO K 365 -50.23 -15.51 -96.06
N ASN K 366 -50.32 -14.28 -96.57
CA ASN K 366 -51.17 -13.26 -95.98
C ASN K 366 -52.65 -13.54 -96.19
N SER K 367 -53.00 -14.37 -97.16
CA SER K 367 -54.38 -14.76 -97.41
C SER K 367 -54.64 -16.15 -96.86
N GLN K 368 -55.93 -16.48 -96.69
CA GLN K 368 -56.35 -17.74 -96.13
C GLN K 368 -56.67 -18.78 -97.20
N LEU K 369 -56.03 -18.70 -98.36
CA LEU K 369 -56.24 -19.65 -99.44
C LEU K 369 -55.26 -20.80 -99.30
N ALA K 370 -55.78 -22.02 -99.18
CA ALA K 370 -54.91 -23.19 -99.03
C ALA K 370 -54.26 -23.53 -100.36
N THR K 371 -53.01 -23.98 -100.28
CA THR K 371 -52.29 -24.42 -101.49
C THR K 371 -52.94 -25.68 -102.04
N VAL K 372 -53.17 -25.69 -103.35
CA VAL K 372 -53.85 -26.80 -104.01
C VAL K 372 -52.96 -27.30 -105.15
N ASP K 373 -53.09 -28.59 -105.46
CA ASP K 373 -52.29 -29.22 -106.51
C ASP K 373 -52.79 -28.90 -107.91
N ARG K 374 -54.01 -28.37 -108.05
CA ARG K 374 -54.55 -28.02 -109.35
C ARG K 374 -55.54 -26.88 -109.18
N ALA K 375 -55.48 -25.91 -110.10
CA ALA K 375 -56.35 -24.74 -110.08
C ALA K 375 -56.78 -24.40 -111.49
N VAL K 376 -57.92 -23.72 -111.60
CA VAL K 376 -58.48 -23.30 -112.88
C VAL K 376 -58.69 -21.80 -112.89
N CYS K 377 -58.17 -21.14 -113.92
CA CYS K 377 -58.50 -19.76 -114.25
C CYS K 377 -59.27 -19.77 -115.57
N MET K 378 -60.51 -19.29 -115.55
CA MET K 378 -61.38 -19.33 -116.71
C MET K 378 -61.65 -17.93 -117.21
N LEU K 379 -61.43 -17.71 -118.50
CA LEU K 379 -61.68 -16.43 -119.16
C LEU K 379 -62.75 -16.62 -120.22
N SER K 380 -63.80 -15.81 -120.15
CA SER K 380 -64.91 -15.90 -121.09
C SER K 380 -65.52 -14.53 -121.30
N ASN K 381 -65.84 -14.21 -122.56
CA ASN K 381 -66.48 -12.93 -122.90
C ASN K 381 -67.98 -13.12 -122.96
N THR K 382 -68.54 -13.57 -121.84
CA THR K 382 -69.97 -13.81 -121.74
C THR K 382 -70.73 -12.49 -121.68
N THR K 383 -71.93 -12.49 -122.27
CA THR K 383 -72.78 -11.32 -122.34
C THR K 383 -73.66 -11.14 -121.10
N SER K 384 -73.28 -11.73 -119.97
CA SER K 384 -74.10 -11.71 -118.77
C SER K 384 -73.93 -10.43 -117.94
N ILE K 385 -72.96 -9.57 -118.26
CA ILE K 385 -72.83 -8.30 -117.53
C ILE K 385 -73.71 -7.23 -118.16
N ALA K 386 -74.45 -7.58 -119.22
CA ALA K 386 -75.30 -6.61 -119.89
C ALA K 386 -76.34 -6.04 -118.94
N GLU K 387 -76.96 -6.88 -118.12
CA GLU K 387 -77.89 -6.36 -117.12
C GLU K 387 -77.16 -5.57 -116.04
N ALA K 388 -75.88 -5.83 -115.81
CA ALA K 388 -75.13 -4.99 -114.87
C ALA K 388 -74.98 -3.58 -115.40
N TRP K 389 -74.53 -3.42 -116.65
CA TRP K 389 -74.51 -2.08 -117.22
C TRP K 389 -75.92 -1.50 -117.33
N LYS K 390 -76.94 -2.35 -117.51
CA LYS K 390 -78.30 -1.85 -117.55
C LYS K 390 -78.72 -1.25 -116.22
N ARG K 391 -78.37 -1.91 -115.12
CA ARG K 391 -78.66 -1.37 -113.79
C ARG K 391 -77.89 -0.07 -113.56
N ILE K 392 -76.62 -0.04 -113.94
CA ILE K 392 -75.84 1.18 -113.81
C ILE K 392 -76.46 2.31 -114.63
N ASP K 393 -76.98 1.97 -115.81
CA ASP K 393 -77.58 2.97 -116.70
C ASP K 393 -78.93 3.44 -116.17
N ARG K 394 -79.68 2.56 -115.49
CA ARG K 394 -80.91 3.00 -114.84
C ARG K 394 -80.61 3.97 -113.72
N LYS K 395 -79.57 3.67 -112.92
CA LYS K 395 -79.08 4.64 -111.95
C LYS K 395 -78.72 5.95 -112.63
N PHE K 396 -78.05 5.87 -113.79
CA PHE K 396 -77.69 7.05 -114.55
C PHE K 396 -78.91 7.87 -114.96
N ASP K 397 -79.95 7.20 -115.47
CA ASP K 397 -81.15 7.92 -115.88
C ASP K 397 -81.80 8.61 -114.70
N LEU K 398 -81.91 7.92 -113.57
CA LEU K 398 -82.60 8.49 -112.43
C LEU K 398 -81.82 9.65 -111.81
N MET K 399 -80.48 9.57 -111.82
CA MET K 399 -79.73 10.69 -111.26
C MET K 399 -79.33 11.71 -112.32
N TYR K 400 -79.68 11.47 -113.58
CA TYR K 400 -79.51 12.43 -114.66
C TYR K 400 -80.79 13.20 -114.94
N ALA K 401 -81.93 12.74 -114.42
CA ALA K 401 -83.16 13.52 -114.53
C ALA K 401 -82.96 14.93 -113.98
N LYS K 402 -82.32 15.05 -112.81
CA LYS K 402 -81.92 16.34 -112.28
C LYS K 402 -80.49 16.71 -112.66
N ARG K 403 -79.70 15.73 -113.08
CA ARG K 403 -78.33 15.79 -113.56
C ARG K 403 -77.32 16.03 -112.43
N ALA K 404 -77.78 16.61 -111.31
CA ALA K 404 -77.17 16.54 -109.99
C ALA K 404 -75.74 17.07 -109.90
N PHE K 405 -75.04 17.21 -111.03
CA PHE K 405 -73.60 17.52 -111.01
C PHE K 405 -73.19 18.44 -112.16
N VAL K 406 -74.12 18.67 -113.09
CA VAL K 406 -73.79 19.44 -114.28
C VAL K 406 -73.35 20.85 -113.94
N HIS K 407 -73.67 21.35 -112.75
CA HIS K 407 -73.15 22.65 -112.35
C HIS K 407 -71.63 22.69 -112.44
N TRP K 408 -70.96 21.86 -111.64
CA TRP K 408 -69.50 21.82 -111.70
C TRP K 408 -69.01 21.28 -113.03
N TYR K 409 -69.69 20.27 -113.58
CA TYR K 409 -69.21 19.66 -114.81
C TYR K 409 -69.16 20.66 -115.96
N VAL K 410 -70.18 21.52 -116.08
CA VAL K 410 -70.17 22.56 -117.09
C VAL K 410 -69.22 23.68 -116.68
N GLY K 411 -69.16 24.01 -115.38
CA GLY K 411 -68.30 25.08 -114.93
C GLY K 411 -66.83 24.85 -115.21
N GLU K 412 -66.39 23.60 -115.22
CA GLU K 412 -65.00 23.33 -115.60
C GLU K 412 -64.80 23.30 -117.10
N GLY K 413 -65.87 23.16 -117.89
CA GLY K 413 -65.73 23.26 -119.33
C GLY K 413 -66.49 22.23 -120.15
N MET K 414 -67.16 21.29 -119.49
CA MET K 414 -67.91 20.26 -120.18
C MET K 414 -69.36 20.71 -120.41
N GLU K 415 -70.18 19.81 -120.93
CA GLU K 415 -71.58 20.09 -121.18
C GLU K 415 -72.34 18.78 -121.33
N GLU K 416 -73.67 18.88 -121.34
CA GLU K 416 -74.52 17.69 -121.30
C GLU K 416 -74.39 16.82 -122.55
N GLY K 417 -73.84 17.37 -123.63
CA GLY K 417 -73.67 16.58 -124.84
C GLY K 417 -72.76 15.38 -124.63
N GLU K 418 -71.68 15.55 -123.85
CA GLU K 418 -70.80 14.43 -123.55
C GLU K 418 -71.53 13.34 -122.77
N PHE K 419 -72.35 13.74 -121.79
CA PHE K 419 -73.10 12.76 -121.03
C PHE K 419 -74.11 12.02 -121.91
N THR K 420 -74.78 12.74 -122.81
CA THR K 420 -75.71 12.10 -123.73
C THR K 420 -74.99 11.14 -124.67
N GLU K 421 -73.82 11.54 -125.16
CA GLU K 421 -73.04 10.66 -126.03
C GLU K 421 -72.60 9.41 -125.30
N ALA K 422 -72.17 9.54 -124.05
CA ALA K 422 -71.83 8.36 -123.26
C ALA K 422 -73.05 7.48 -123.02
N ARG K 423 -74.20 8.09 -122.78
CA ARG K 423 -75.43 7.34 -122.59
C ARG K 423 -75.77 6.52 -123.82
N GLU K 424 -75.72 7.14 -125.00
CA GLU K 424 -76.04 6.41 -126.22
C GLU K 424 -74.97 5.39 -126.58
N ASP K 425 -73.71 5.66 -126.22
CA ASP K 425 -72.66 4.65 -126.40
C ASP K 425 -72.92 3.42 -125.54
N LEU K 426 -73.32 3.63 -124.28
CA LEU K 426 -73.64 2.50 -123.41
C LEU K 426 -74.85 1.74 -123.93
N ALA K 427 -75.86 2.46 -124.42
CA ALA K 427 -77.02 1.80 -124.99
C ALA K 427 -76.64 0.97 -126.21
N ALA K 428 -75.76 1.50 -127.07
CA ALA K 428 -75.30 0.76 -128.23
C ALA K 428 -74.50 -0.46 -127.82
N LEU K 429 -73.68 -0.34 -126.78
CA LEU K 429 -72.92 -1.49 -126.29
C LEU K 429 -73.85 -2.58 -125.77
N GLU K 430 -74.90 -2.20 -125.03
CA GLU K 430 -75.85 -3.20 -124.55
C GLU K 430 -76.60 -3.85 -125.72
N ARG K 431 -76.97 -3.04 -126.73
CA ARG K 431 -77.65 -3.58 -127.89
C ARG K 431 -76.75 -4.57 -128.64
N ASP K 432 -75.46 -4.25 -128.78
CA ASP K 432 -74.52 -5.17 -129.39
C ASP K 432 -74.36 -6.44 -128.55
N TYR K 433 -74.36 -6.29 -127.23
CA TYR K 433 -74.33 -7.46 -126.35
C TYR K 433 -75.50 -8.39 -126.63
N ILE K 434 -76.69 -7.82 -126.77
CA ILE K 434 -77.86 -8.63 -127.08
C ILE K 434 -77.75 -9.25 -128.48
N GLU K 435 -77.28 -8.46 -129.46
CA GLU K 435 -77.31 -8.90 -130.85
C GLU K 435 -76.29 -9.99 -131.13
N VAL K 436 -75.11 -9.91 -130.51
CA VAL K 436 -74.05 -10.87 -130.82
C VAL K 436 -74.47 -12.29 -130.46
N GLY K 437 -75.34 -12.43 -129.46
CA GLY K 437 -75.89 -13.73 -129.12
C GLY K 437 -77.22 -13.99 -129.79
N ALA K 438 -77.92 -12.92 -130.17
CA ALA K 438 -79.20 -13.07 -130.86
C ALA K 438 -79.04 -13.48 -132.32
N ASP K 439 -77.89 -13.22 -132.92
CA ASP K 439 -77.68 -13.59 -134.31
C ASP K 439 -77.72 -15.11 -134.49
N SER K 440 -77.12 -15.85 -133.57
CA SER K 440 -77.11 -17.30 -133.65
C SER K 440 -78.49 -17.88 -133.34
N MET L 1 -74.25 -46.32 -109.44
CA MET L 1 -74.79 -47.49 -108.79
C MET L 1 -73.72 -48.06 -107.85
N ARG L 2 -73.04 -47.16 -107.14
CA ARG L 2 -71.95 -47.55 -106.26
C ARG L 2 -72.08 -47.03 -104.84
N GLU L 3 -72.58 -45.79 -104.67
CA GLU L 3 -72.55 -45.12 -103.38
C GLU L 3 -73.95 -44.99 -102.80
N VAL L 4 -74.01 -44.95 -101.47
CA VAL L 4 -75.25 -44.77 -100.74
C VAL L 4 -75.10 -43.55 -99.83
N ILE L 5 -76.07 -42.63 -99.92
CA ILE L 5 -76.05 -41.39 -99.15
C ILE L 5 -77.05 -41.51 -98.02
N SER L 6 -76.62 -41.16 -96.81
CA SER L 6 -77.44 -41.28 -95.60
C SER L 6 -77.74 -39.89 -95.05
N ILE L 7 -78.99 -39.66 -94.70
CA ILE L 7 -79.44 -38.39 -94.14
C ILE L 7 -80.20 -38.66 -92.85
N ASN L 8 -79.84 -37.94 -91.79
CA ASN L 8 -80.50 -38.08 -90.49
C ASN L 8 -81.21 -36.78 -90.14
N VAL L 9 -82.48 -36.90 -89.76
CA VAL L 9 -83.31 -35.75 -89.41
C VAL L 9 -83.88 -35.98 -88.01
N GLY L 10 -83.80 -34.96 -87.16
CA GLY L 10 -84.29 -35.05 -85.80
C GLY L 10 -83.20 -35.49 -84.83
N GLN L 11 -83.43 -35.17 -83.55
CA GLN L 11 -82.44 -35.49 -82.53
C GLN L 11 -82.26 -37.01 -82.40
N ALA L 12 -83.36 -37.76 -82.43
CA ALA L 12 -83.25 -39.22 -82.35
C ALA L 12 -82.49 -39.77 -83.55
N GLY L 13 -82.80 -39.28 -84.75
CA GLY L 13 -82.08 -39.73 -85.92
C GLY L 13 -80.60 -39.39 -85.87
N CYS L 14 -80.27 -38.21 -85.33
CA CYS L 14 -78.88 -37.83 -85.17
C CYS L 14 -78.16 -38.73 -84.19
N GLN L 15 -78.81 -39.08 -83.07
CA GLN L 15 -78.19 -40.01 -82.13
C GLN L 15 -77.97 -41.39 -82.76
N ILE L 16 -78.97 -41.88 -83.51
CA ILE L 16 -78.82 -43.16 -84.19
C ILE L 16 -77.67 -43.11 -85.18
N GLY L 17 -77.57 -42.01 -85.93
CA GLY L 17 -76.47 -41.87 -86.87
C GLY L 17 -75.12 -41.83 -86.17
N ASN L 18 -75.02 -41.08 -85.07
CA ASN L 18 -73.78 -41.03 -84.31
C ASN L 18 -73.36 -42.43 -83.88
N ALA L 19 -74.31 -43.19 -83.33
CA ALA L 19 -74.01 -44.57 -82.92
C ALA L 19 -73.55 -45.41 -84.11
N CYS L 20 -74.24 -45.29 -85.25
CA CYS L 20 -73.94 -46.18 -86.37
C CYS L 20 -72.58 -45.85 -87.00
N TRP L 21 -72.23 -44.57 -87.09
CA TRP L 21 -70.87 -44.26 -87.56
C TRP L 21 -69.82 -44.65 -86.54
N GLU L 22 -70.13 -44.57 -85.23
CA GLU L 22 -69.20 -45.10 -84.25
C GLU L 22 -68.93 -46.58 -84.50
N LEU L 23 -69.98 -47.37 -84.70
CA LEU L 23 -69.76 -48.77 -85.05
C LEU L 23 -68.94 -48.89 -86.32
N TYR L 24 -69.36 -48.23 -87.40
CA TYR L 24 -68.66 -48.35 -88.69
C TYR L 24 -67.17 -48.09 -88.52
N SER L 25 -66.81 -47.09 -87.74
CA SER L 25 -65.40 -46.88 -87.39
C SER L 25 -64.86 -48.08 -86.61
N LEU L 26 -65.69 -48.70 -85.77
CA LEU L 26 -65.18 -49.81 -84.97
C LEU L 26 -64.82 -51.03 -85.81
N GLU L 27 -65.76 -51.56 -86.60
CA GLU L 27 -65.40 -52.80 -87.32
C GLU L 27 -64.41 -52.54 -88.44
N HIS L 28 -64.54 -51.43 -89.16
CA HIS L 28 -63.64 -51.18 -90.28
C HIS L 28 -62.32 -50.54 -89.86
N GLY L 29 -62.08 -50.39 -88.56
CA GLY L 29 -60.76 -50.03 -88.09
C GLY L 29 -60.40 -48.56 -88.22
N ILE L 30 -61.38 -47.68 -88.34
CA ILE L 30 -61.12 -46.24 -88.37
C ILE L 30 -61.16 -45.70 -86.95
N LYS L 31 -60.14 -44.94 -86.57
CA LYS L 31 -60.11 -44.32 -85.26
C LYS L 31 -61.18 -43.23 -85.18
N PRO L 32 -61.57 -42.84 -83.95
CA PRO L 32 -62.68 -41.87 -83.81
C PRO L 32 -62.43 -40.52 -84.47
N ASP L 33 -61.25 -40.32 -85.07
CA ASP L 33 -60.97 -39.11 -85.82
C ASP L 33 -60.62 -39.36 -87.28
N GLY L 34 -60.26 -40.59 -87.65
CA GLY L 34 -59.96 -40.92 -89.03
C GLY L 34 -58.51 -40.66 -89.39
N HIS L 35 -58.09 -41.28 -90.50
CA HIS L 35 -56.76 -41.12 -91.08
C HIS L 35 -55.66 -41.49 -90.07
N LEU L 36 -55.58 -42.78 -89.75
CA LEU L 36 -56.40 -43.82 -90.36
C LEU L 36 -57.32 -44.55 -89.36
N GLU L 37 -56.85 -45.10 -88.21
CA GLU L 37 -55.46 -45.27 -87.75
C GLU L 37 -55.28 -46.69 -87.17
N ASP L 38 -54.82 -47.66 -87.94
CA ASP L 38 -54.48 -47.51 -89.36
C ASP L 38 -55.46 -48.30 -90.21
N GLY L 39 -55.17 -48.39 -91.51
CA GLY L 39 -55.96 -49.23 -92.40
C GLY L 39 -55.81 -50.69 -92.03
N LEU L 40 -56.85 -51.46 -92.33
CA LEU L 40 -56.92 -52.85 -91.88
C LEU L 40 -56.91 -53.83 -93.05
N SER L 41 -57.80 -53.64 -94.00
CA SER L 41 -58.09 -54.62 -95.03
C SER L 41 -58.58 -53.86 -96.26
N LYS L 42 -58.60 -54.49 -97.44
CA LYS L 42 -58.32 -55.89 -97.85
C LYS L 42 -59.24 -56.98 -97.26
N PRO L 43 -60.57 -56.88 -97.50
CA PRO L 43 -61.30 -55.77 -98.12
C PRO L 43 -61.99 -54.82 -97.13
N LYS L 44 -61.53 -53.57 -97.10
CA LYS L 44 -62.28 -52.47 -96.49
C LYS L 44 -62.21 -51.20 -97.31
N GLY L 45 -61.47 -51.19 -98.41
CA GLY L 45 -61.29 -50.01 -99.23
C GLY L 45 -59.87 -49.48 -99.19
N GLY L 46 -59.07 -49.84 -100.19
CA GLY L 46 -59.49 -50.77 -101.22
C GLY L 46 -59.38 -52.21 -100.78
N GLU L 47 -60.07 -53.12 -101.47
CA GLU L 47 -60.88 -52.78 -102.64
C GLU L 47 -62.27 -52.29 -102.24
N GLU L 48 -62.99 -51.72 -103.20
CA GLU L 48 -64.33 -51.20 -102.95
C GLU L 48 -65.30 -52.33 -102.65
N GLY L 49 -66.13 -52.17 -101.62
CA GLY L 49 -66.09 -51.01 -100.74
C GLY L 49 -65.09 -51.18 -99.61
N PHE L 50 -64.63 -50.08 -99.02
CA PHE L 50 -65.10 -48.72 -99.31
C PHE L 50 -64.45 -48.17 -100.59
N SER L 51 -64.98 -47.11 -101.20
CA SER L 51 -66.03 -46.25 -100.65
C SER L 51 -67.46 -46.73 -100.89
N THR L 52 -68.20 -46.87 -99.80
CA THR L 52 -69.64 -47.09 -99.82
C THR L 52 -70.41 -46.12 -98.94
N PHE L 53 -69.86 -45.77 -97.77
CA PHE L 53 -70.46 -44.78 -96.89
C PHE L 53 -69.44 -43.71 -96.50
N PHE L 54 -68.17 -44.11 -96.44
CA PHE L 54 -67.07 -43.21 -96.11
C PHE L 54 -66.40 -42.77 -97.40
N HIS L 55 -66.29 -41.46 -97.60
CA HIS L 55 -65.60 -40.94 -98.77
C HIS L 55 -64.10 -41.23 -98.67
N GLU L 56 -63.51 -41.64 -99.79
CA GLU L 56 -62.08 -41.95 -99.85
C GLU L 56 -61.35 -40.66 -100.24
N THR L 57 -60.82 -39.98 -99.24
CA THR L 57 -60.07 -38.75 -99.48
C THR L 57 -58.75 -39.07 -100.18
N GLY L 58 -58.33 -38.17 -101.07
CA GLY L 58 -57.07 -38.37 -101.77
C GLY L 58 -55.88 -38.43 -100.83
N TYR L 59 -55.94 -37.71 -99.71
CA TYR L 59 -54.88 -37.77 -98.71
C TYR L 59 -54.87 -39.09 -97.95
N GLY L 60 -55.88 -39.94 -98.13
CA GLY L 60 -55.99 -41.18 -97.41
C GLY L 60 -56.98 -41.18 -96.26
N LYS L 61 -57.70 -40.08 -96.08
CA LYS L 61 -58.66 -39.98 -94.99
C LYS L 61 -59.99 -40.63 -95.39
N PHE L 62 -60.82 -40.91 -94.39
CA PHE L 62 -62.14 -41.48 -94.59
C PHE L 62 -63.17 -40.51 -94.04
N VAL L 63 -64.08 -40.06 -94.90
CA VAL L 63 -65.07 -39.05 -94.53
C VAL L 63 -66.47 -39.60 -94.77
N PRO L 64 -67.28 -39.78 -93.73
CA PRO L 64 -68.68 -40.16 -93.95
C PRO L 64 -69.40 -39.12 -94.81
N ARG L 65 -70.25 -39.61 -95.72
CA ARG L 65 -71.01 -38.75 -96.61
C ARG L 65 -72.44 -38.68 -96.09
N ALA L 66 -72.66 -37.78 -95.13
CA ALA L 66 -73.97 -37.61 -94.51
C ALA L 66 -74.27 -36.12 -94.39
N ILE L 67 -75.55 -35.80 -94.39
CA ILE L 67 -76.03 -34.43 -94.27
C ILE L 67 -76.90 -34.34 -93.02
N TYR L 68 -76.50 -33.50 -92.07
CA TYR L 68 -77.25 -33.28 -90.85
C TYR L 68 -78.08 -32.02 -91.01
N VAL L 69 -79.38 -32.19 -91.24
CA VAL L 69 -80.31 -31.08 -91.39
C VAL L 69 -81.24 -31.07 -90.18
N ASP L 70 -81.36 -29.92 -89.54
CA ASP L 70 -82.19 -29.75 -88.35
C ASP L 70 -82.28 -28.26 -88.05
N LEU L 71 -83.42 -27.86 -87.49
CA LEU L 71 -83.64 -26.47 -87.11
C LEU L 71 -83.28 -26.19 -85.66
N GLU L 72 -82.84 -27.20 -84.91
CA GLU L 72 -82.40 -27.02 -83.53
C GLU L 72 -80.88 -27.06 -83.48
N PRO L 73 -80.20 -25.94 -83.22
CA PRO L 73 -78.74 -25.94 -83.30
C PRO L 73 -78.05 -26.74 -82.20
N ASN L 74 -78.77 -27.13 -81.15
CA ASN L 74 -78.14 -27.84 -80.04
C ASN L 74 -77.55 -29.18 -80.47
N VAL L 75 -78.26 -29.92 -81.32
CA VAL L 75 -77.74 -31.21 -81.79
C VAL L 75 -76.49 -31.01 -82.64
N ILE L 76 -76.51 -30.01 -83.52
CA ILE L 76 -75.35 -29.74 -84.36
C ILE L 76 -74.15 -29.33 -83.52
N ASP L 77 -74.39 -28.52 -82.48
CA ASP L 77 -73.31 -28.12 -81.58
C ASP L 77 -72.75 -29.33 -80.84
N GLU L 78 -73.63 -30.22 -80.37
CA GLU L 78 -73.18 -31.43 -79.69
C GLU L 78 -72.37 -32.32 -80.62
N VAL L 79 -72.74 -32.38 -81.90
CA VAL L 79 -71.93 -33.14 -82.86
C VAL L 79 -70.59 -32.47 -83.09
N ARG L 80 -70.58 -31.13 -83.19
CA ARG L 80 -69.37 -30.39 -83.54
C ARG L 80 -68.37 -30.26 -82.40
N ASN L 81 -68.81 -30.35 -81.14
CA ASN L 81 -67.89 -30.21 -80.01
C ASN L 81 -67.31 -31.54 -79.54
N GLY L 82 -67.64 -32.65 -80.22
CA GLY L 82 -67.12 -33.94 -79.86
C GLY L 82 -66.16 -34.47 -80.92
N PRO L 83 -65.88 -35.78 -80.85
CA PRO L 83 -64.97 -36.37 -81.86
C PRO L 83 -65.56 -36.47 -83.25
N TYR L 84 -66.86 -36.18 -83.42
CA TYR L 84 -67.51 -36.26 -84.72
C TYR L 84 -67.09 -35.13 -85.66
N LYS L 85 -66.38 -34.13 -85.16
CA LYS L 85 -66.03 -32.98 -86.00
C LYS L 85 -65.06 -33.38 -87.11
N ASP L 86 -64.21 -34.38 -86.86
CA ASP L 86 -63.22 -34.79 -87.85
C ASP L 86 -63.79 -35.74 -88.89
N LEU L 87 -65.05 -36.15 -88.76
CA LEU L 87 -65.67 -37.07 -89.72
C LEU L 87 -66.60 -36.38 -90.70
N PHE L 88 -67.28 -35.31 -90.31
CA PHE L 88 -68.28 -34.67 -91.13
C PHE L 88 -67.74 -33.37 -91.72
N HIS L 89 -67.97 -33.17 -93.01
CA HIS L 89 -67.55 -31.95 -93.66
C HIS L 89 -68.29 -30.75 -93.09
N PRO L 90 -67.62 -29.62 -92.90
CA PRO L 90 -68.30 -28.46 -92.30
C PRO L 90 -69.53 -28.00 -93.05
N GLU L 91 -69.52 -28.07 -94.39
CA GLU L 91 -70.67 -27.65 -95.16
C GLU L 91 -71.79 -28.68 -95.14
N GLN L 92 -71.50 -29.93 -94.79
CA GLN L 92 -72.53 -30.96 -94.68
C GLN L 92 -73.34 -30.85 -93.39
N LEU L 93 -72.86 -30.08 -92.41
CA LEU L 93 -73.56 -29.91 -91.14
C LEU L 93 -74.43 -28.66 -91.25
N ILE L 94 -75.66 -28.86 -91.71
CA ILE L 94 -76.61 -27.76 -91.87
C ILE L 94 -77.24 -27.44 -90.52
N SER L 95 -76.72 -26.41 -89.86
CA SER L 95 -77.22 -26.00 -88.54
C SER L 95 -78.33 -24.98 -88.70
N GLY L 96 -79.48 -25.26 -88.09
CA GLY L 96 -80.59 -24.34 -88.13
C GLY L 96 -80.58 -23.36 -86.96
N LYS L 97 -81.23 -22.21 -87.17
CA LYS L 97 -81.31 -21.17 -86.16
C LYS L 97 -82.72 -20.70 -85.86
N GLU L 98 -83.75 -21.29 -86.47
CA GLU L 98 -85.13 -20.88 -86.28
C GLU L 98 -85.87 -21.94 -85.49
N ASP L 99 -86.46 -21.54 -84.36
CA ASP L 99 -87.22 -22.44 -83.49
C ASP L 99 -88.59 -21.84 -83.24
N ALA L 100 -89.62 -22.47 -83.81
CA ALA L 100 -90.99 -22.00 -83.60
C ALA L 100 -91.92 -23.16 -83.25
N ALA L 101 -91.48 -24.38 -83.56
CA ALA L 101 -92.25 -25.58 -83.23
C ALA L 101 -91.29 -26.76 -83.30
N ASN L 102 -91.75 -27.91 -82.81
CA ASN L 102 -90.96 -29.15 -82.87
C ASN L 102 -91.84 -30.27 -83.45
N ASN L 103 -91.92 -30.34 -84.78
CA ASN L 103 -91.59 -29.24 -85.69
C ASN L 103 -92.58 -29.26 -86.84
N TYR L 104 -93.47 -30.26 -86.81
CA TYR L 104 -94.34 -30.54 -87.95
C TYR L 104 -95.35 -29.43 -88.21
N ALA L 105 -95.58 -28.55 -87.24
CA ALA L 105 -96.52 -27.45 -87.46
C ALA L 105 -96.07 -26.60 -88.64
N ARG L 106 -94.78 -26.25 -88.70
CA ARG L 106 -94.22 -25.47 -89.79
C ARG L 106 -93.24 -26.26 -90.64
N GLY L 107 -92.83 -27.45 -90.22
CA GLY L 107 -91.83 -28.19 -90.98
C GLY L 107 -92.30 -28.62 -92.34
N HIS L 108 -93.53 -29.11 -92.44
CA HIS L 108 -94.08 -29.62 -93.69
C HIS L 108 -94.78 -28.54 -94.52
N TYR L 109 -94.39 -27.28 -94.37
CA TYR L 109 -95.07 -26.18 -95.01
C TYR L 109 -94.02 -25.25 -95.61
N THR L 110 -94.46 -24.04 -96.00
CA THR L 110 -93.58 -23.10 -96.70
C THR L 110 -92.36 -22.70 -95.88
N VAL L 111 -92.40 -22.91 -94.55
CA VAL L 111 -91.30 -22.49 -93.69
C VAL L 111 -90.04 -23.31 -93.98
N GLY L 112 -90.21 -24.57 -94.43
CA GLY L 112 -89.07 -25.43 -94.59
C GLY L 112 -88.46 -25.42 -95.99
N ARG L 113 -89.25 -25.05 -96.99
CA ARG L 113 -88.80 -25.25 -98.37
C ARG L 113 -87.95 -24.11 -98.91
N GLU L 114 -87.73 -23.03 -98.16
CA GLU L 114 -86.72 -22.08 -98.61
C GLU L 114 -85.31 -22.50 -98.19
N ILE L 115 -85.19 -23.46 -97.27
CA ILE L 115 -83.92 -24.07 -96.95
C ILE L 115 -83.67 -25.34 -97.74
N LEU L 116 -84.73 -26.04 -98.17
CA LEU L 116 -84.57 -27.27 -98.93
C LEU L 116 -83.77 -27.07 -100.21
N GLY L 117 -83.80 -25.87 -100.80
CA GLY L 117 -83.02 -25.63 -102.00
C GLY L 117 -81.54 -25.83 -101.77
N ASP L 118 -81.02 -25.28 -100.66
CA ASP L 118 -79.61 -25.47 -100.33
C ASP L 118 -79.29 -26.93 -100.07
N VAL L 119 -80.20 -27.65 -99.40
CA VAL L 119 -79.97 -29.06 -99.13
C VAL L 119 -79.90 -29.86 -100.43
N LEU L 120 -80.82 -29.61 -101.35
CA LEU L 120 -80.80 -30.29 -102.64
C LEU L 120 -79.54 -29.95 -103.43
N ASP L 121 -79.12 -28.68 -103.40
CA ASP L 121 -77.88 -28.32 -104.10
C ASP L 121 -76.68 -29.04 -103.50
N ARG L 122 -76.61 -29.12 -102.17
CA ARG L 122 -75.50 -29.80 -101.51
C ARG L 122 -75.48 -31.28 -101.84
N ILE L 123 -76.65 -31.94 -101.80
CA ILE L 123 -76.67 -33.37 -102.08
C ILE L 123 -76.38 -33.63 -103.56
N ARG L 124 -76.80 -32.74 -104.46
CA ARG L 124 -76.44 -32.88 -105.87
C ARG L 124 -74.93 -32.74 -106.06
N LYS L 125 -74.32 -31.78 -105.38
CA LYS L 125 -72.87 -31.62 -105.46
C LYS L 125 -72.16 -32.86 -104.92
N LEU L 126 -72.66 -33.42 -103.81
CA LEU L 126 -72.06 -34.62 -103.25
C LEU L 126 -72.21 -35.81 -104.19
N ALA L 127 -73.37 -35.94 -104.85
CA ALA L 127 -73.56 -37.00 -105.82
C ALA L 127 -72.60 -36.84 -107.00
N ASP L 128 -72.42 -35.60 -107.47
CA ASP L 128 -71.44 -35.35 -108.52
C ASP L 128 -70.02 -35.64 -108.06
N GLN L 129 -69.76 -35.51 -106.76
CA GLN L 129 -68.44 -35.79 -106.22
C GLN L 129 -68.09 -37.27 -106.41
N CYS L 130 -69.02 -38.17 -106.14
CA CYS L 130 -68.78 -39.60 -106.22
C CYS L 130 -69.16 -40.13 -107.60
N ASP L 131 -68.74 -41.37 -107.86
CA ASP L 131 -69.01 -42.04 -109.12
C ASP L 131 -70.21 -42.97 -108.94
N GLY L 132 -71.35 -42.58 -109.47
CA GLY L 132 -72.55 -43.38 -109.39
C GLY L 132 -73.32 -43.15 -108.11
N LEU L 133 -74.52 -43.73 -108.07
CA LEU L 133 -75.40 -43.60 -106.92
C LEU L 133 -76.32 -44.83 -106.88
N GLN L 134 -76.41 -45.46 -105.71
CA GLN L 134 -77.17 -46.69 -105.55
C GLN L 134 -78.48 -46.48 -104.80
N GLY L 135 -78.43 -45.92 -103.59
CA GLY L 135 -79.64 -45.72 -102.82
C GLY L 135 -79.40 -44.73 -101.70
N PHE L 136 -80.47 -44.45 -100.96
CA PHE L 136 -80.44 -43.49 -99.86
C PHE L 136 -80.86 -44.16 -98.57
N LEU L 137 -80.25 -43.73 -97.46
CA LEU L 137 -80.57 -44.21 -96.12
C LEU L 137 -81.20 -43.06 -95.34
N PHE L 138 -82.35 -43.32 -94.71
CA PHE L 138 -83.07 -42.32 -93.95
C PHE L 138 -83.16 -42.76 -92.49
N THR L 139 -82.87 -41.84 -91.58
CA THR L 139 -82.98 -42.09 -90.15
C THR L 139 -83.64 -40.89 -89.50
N HIS L 140 -84.96 -41.00 -89.24
CA HIS L 140 -85.70 -39.92 -88.62
C HIS L 140 -86.73 -40.51 -87.67
N SER L 141 -87.16 -39.69 -86.72
CA SER L 141 -88.14 -40.11 -85.73
C SER L 141 -89.50 -39.54 -86.08
N LEU L 142 -90.50 -40.42 -86.20
CA LEU L 142 -91.86 -39.98 -86.46
C LEU L 142 -92.51 -39.31 -85.27
N GLY L 143 -91.91 -39.43 -84.08
CA GLY L 143 -92.40 -38.71 -82.92
C GLY L 143 -92.05 -37.24 -83.00
N GLY L 144 -90.76 -36.93 -83.10
CA GLY L 144 -90.33 -35.56 -83.29
C GLY L 144 -90.80 -35.05 -84.63
N GLY L 145 -91.47 -33.89 -84.64
CA GLY L 145 -91.99 -33.33 -85.87
C GLY L 145 -90.93 -32.97 -86.88
N THR L 146 -89.72 -32.61 -86.41
CA THR L 146 -88.62 -32.32 -87.33
C THR L 146 -88.37 -33.50 -88.26
N GLY L 147 -88.19 -34.69 -87.69
CA GLY L 147 -87.96 -35.86 -88.50
C GLY L 147 -89.06 -36.09 -89.51
N SER L 148 -90.30 -36.20 -89.03
CA SER L 148 -91.43 -36.44 -89.92
C SER L 148 -91.47 -35.44 -91.07
N GLY L 149 -91.61 -34.16 -90.75
CA GLY L 149 -91.76 -33.13 -91.76
C GLY L 149 -90.59 -33.02 -92.72
N LEU L 150 -89.39 -32.79 -92.19
CA LEU L 150 -88.24 -32.58 -93.06
C LEU L 150 -87.91 -33.84 -93.86
N GLY L 151 -87.98 -35.01 -93.22
CA GLY L 151 -87.73 -36.24 -93.94
C GLY L 151 -88.71 -36.46 -95.07
N SER L 152 -90.00 -36.21 -94.83
CA SER L 152 -90.98 -36.37 -95.90
C SER L 152 -90.72 -35.39 -97.04
N LEU L 153 -90.39 -34.14 -96.71
CA LEU L 153 -90.09 -33.16 -97.74
C LEU L 153 -88.92 -33.60 -98.60
N LEU L 154 -87.83 -34.04 -97.96
CA LEU L 154 -86.72 -34.62 -98.70
C LEU L 154 -87.16 -35.83 -99.51
N LEU L 155 -88.09 -36.64 -98.98
CA LEU L 155 -88.56 -37.80 -99.73
C LEU L 155 -89.17 -37.39 -101.07
N GLU L 156 -90.11 -36.44 -101.05
CA GLU L 156 -90.69 -36.06 -102.35
C GLU L 156 -89.65 -35.38 -103.23
N GLU L 157 -88.77 -34.57 -102.65
CA GLU L 157 -87.78 -33.87 -103.47
C GLU L 157 -86.85 -34.84 -104.19
N LEU L 158 -86.30 -35.81 -103.46
CA LEU L 158 -85.35 -36.73 -104.09
C LEU L 158 -86.04 -37.85 -104.86
N SER L 159 -87.34 -38.07 -104.64
CA SER L 159 -88.07 -38.94 -105.56
C SER L 159 -88.35 -38.22 -106.87
N ALA L 160 -88.49 -36.89 -106.82
CA ALA L 160 -88.66 -36.13 -108.05
C ALA L 160 -87.36 -35.98 -108.82
N GLU L 161 -86.22 -35.78 -108.12
CA GLU L 161 -84.98 -35.48 -108.83
C GLU L 161 -84.45 -36.70 -109.59
N TYR L 162 -84.52 -37.89 -109.00
CA TYR L 162 -84.06 -39.11 -109.67
C TYR L 162 -85.20 -40.05 -110.01
N GLY L 163 -85.97 -40.49 -109.01
CA GLY L 163 -87.04 -41.43 -109.24
C GLY L 163 -86.61 -42.83 -109.62
N LYS L 164 -85.31 -43.14 -109.55
CA LYS L 164 -84.80 -44.44 -109.95
C LYS L 164 -83.92 -45.11 -108.91
N LYS L 165 -83.67 -44.46 -107.77
CA LYS L 165 -82.79 -45.01 -106.74
C LYS L 165 -83.61 -45.63 -105.62
N SER L 166 -83.03 -46.64 -104.98
CA SER L 166 -83.69 -47.29 -103.86
C SER L 166 -83.80 -46.33 -102.68
N LYS L 167 -84.94 -46.38 -101.99
CA LYS L 167 -85.25 -45.47 -100.89
C LYS L 167 -85.47 -46.31 -99.63
N LEU L 168 -84.48 -46.32 -98.74
CA LEU L 168 -84.56 -47.04 -97.47
C LEU L 168 -84.75 -46.04 -96.34
N GLU L 169 -85.81 -46.23 -95.57
CA GLU L 169 -86.18 -45.30 -94.51
C GLU L 169 -86.28 -46.05 -93.19
N PHE L 170 -85.38 -45.75 -92.26
CA PHE L 170 -85.44 -46.27 -90.89
C PHE L 170 -86.14 -45.22 -90.03
N ALA L 171 -87.46 -45.32 -89.96
CA ALA L 171 -88.29 -44.35 -89.24
C ALA L 171 -88.60 -44.86 -87.85
N VAL L 172 -88.37 -44.04 -86.85
CA VAL L 172 -88.67 -44.39 -85.46
C VAL L 172 -90.14 -44.09 -85.21
N TYR L 173 -90.91 -45.11 -84.87
CA TYR L 173 -92.33 -44.92 -84.67
C TYR L 173 -92.64 -44.62 -83.22
N PRO L 174 -93.66 -43.81 -82.95
CA PRO L 174 -94.07 -43.55 -81.56
C PRO L 174 -94.55 -44.83 -80.89
N ALA L 175 -94.34 -44.90 -79.58
CA ALA L 175 -94.75 -46.08 -78.84
C ALA L 175 -96.27 -46.21 -78.86
N PRO L 176 -96.80 -47.39 -79.23
CA PRO L 176 -98.26 -47.54 -79.29
C PRO L 176 -98.93 -47.57 -77.93
N GLN L 177 -98.20 -47.82 -76.85
CA GLN L 177 -98.81 -47.79 -75.52
C GLN L 177 -99.13 -46.37 -75.10
N VAL L 178 -98.10 -45.52 -74.99
CA VAL L 178 -98.28 -44.10 -74.73
C VAL L 178 -97.40 -43.31 -75.69
N SER L 179 -97.76 -42.05 -75.90
CA SER L 179 -97.01 -41.16 -76.76
C SER L 179 -96.36 -40.07 -75.91
N THR L 180 -95.08 -39.79 -76.20
CA THR L 180 -94.37 -38.76 -75.45
C THR L 180 -94.98 -37.38 -75.66
N SER L 181 -95.48 -37.10 -76.86
CA SER L 181 -96.23 -35.88 -77.13
C SER L 181 -97.46 -36.22 -77.95
N VAL L 182 -98.48 -35.38 -77.82
CA VAL L 182 -99.78 -35.68 -78.41
C VAL L 182 -99.77 -35.58 -79.93
N VAL L 183 -98.94 -34.69 -80.50
CA VAL L 183 -98.96 -34.43 -81.93
C VAL L 183 -98.19 -35.46 -82.74
N GLU L 184 -97.54 -36.43 -82.09
CA GLU L 184 -96.77 -37.44 -82.81
C GLU L 184 -97.62 -38.26 -83.79
N PRO L 185 -98.83 -38.72 -83.43
CA PRO L 185 -99.63 -39.42 -84.45
C PRO L 185 -99.91 -38.59 -85.69
N TYR L 186 -100.17 -37.30 -85.56
CA TYR L 186 -100.27 -36.45 -86.75
C TYR L 186 -98.97 -36.43 -87.54
N ASN L 187 -97.85 -36.21 -86.86
CA ASN L 187 -96.57 -36.17 -87.56
C ASN L 187 -96.31 -37.47 -88.32
N THR L 188 -96.83 -38.59 -87.82
CA THR L 188 -96.66 -39.86 -88.52
C THR L 188 -97.63 -40.01 -89.69
N VAL L 189 -98.92 -39.85 -89.44
CA VAL L 189 -99.91 -40.23 -90.44
C VAL L 189 -100.05 -39.17 -91.53
N LEU L 190 -99.91 -37.89 -91.22
CA LEU L 190 -99.96 -36.89 -92.27
C LEU L 190 -98.80 -37.01 -93.26
N THR L 191 -97.77 -37.79 -92.92
CA THR L 191 -96.71 -38.13 -93.85
C THR L 191 -96.75 -39.58 -94.31
N THR L 192 -97.61 -40.42 -93.73
CA THR L 192 -97.76 -41.78 -94.21
C THR L 192 -98.18 -41.81 -95.68
N HIS L 193 -99.01 -40.85 -96.10
CA HIS L 193 -99.41 -40.81 -97.51
C HIS L 193 -98.22 -40.51 -98.42
N THR L 194 -97.38 -39.54 -98.03
CA THR L 194 -96.18 -39.25 -98.80
C THR L 194 -95.24 -40.44 -98.80
N THR L 195 -95.15 -41.16 -97.69
CA THR L 195 -94.33 -42.35 -97.63
C THR L 195 -94.86 -43.43 -98.58
N LEU L 196 -96.18 -43.61 -98.62
CA LEU L 196 -96.77 -44.58 -99.52
C LEU L 196 -96.49 -44.24 -100.97
N GLU L 197 -96.59 -42.95 -101.32
CA GLU L 197 -96.42 -42.53 -102.71
C GLU L 197 -94.96 -42.30 -103.10
N HIS L 198 -94.03 -42.27 -102.15
CA HIS L 198 -92.67 -41.86 -102.46
C HIS L 198 -91.62 -42.68 -101.71
N ALA L 199 -91.88 -43.96 -101.44
CA ALA L 199 -90.91 -44.82 -100.78
C ALA L 199 -90.86 -46.18 -101.47
N ASP L 200 -89.70 -46.82 -101.36
CA ASP L 200 -89.47 -48.14 -101.93
C ASP L 200 -89.37 -49.24 -100.88
N CYS L 201 -88.77 -48.94 -99.73
CA CYS L 201 -88.63 -49.93 -98.67
C CYS L 201 -88.50 -49.19 -97.34
N THR L 202 -89.45 -49.41 -96.44
CA THR L 202 -89.49 -48.74 -95.15
C THR L 202 -89.36 -49.78 -94.03
N PHE L 203 -88.54 -49.45 -93.03
CA PHE L 203 -88.31 -50.32 -91.89
C PHE L 203 -88.94 -49.70 -90.64
N MET L 204 -89.72 -50.49 -89.93
CA MET L 204 -90.43 -50.04 -88.74
C MET L 204 -89.68 -50.48 -87.49
N VAL L 205 -89.38 -49.53 -86.62
CA VAL L 205 -88.71 -49.80 -85.34
C VAL L 205 -89.51 -49.13 -84.23
N ASP L 206 -89.69 -49.85 -83.12
CA ASP L 206 -90.42 -49.36 -81.97
C ASP L 206 -89.50 -49.30 -80.76
N ASN L 207 -89.51 -48.16 -80.07
CA ASN L 207 -88.67 -48.00 -78.88
C ASN L 207 -89.15 -48.88 -77.73
N GLU L 208 -90.47 -49.13 -77.65
CA GLU L 208 -91.01 -49.92 -76.56
C GLU L 208 -90.47 -51.35 -76.58
N ALA L 209 -90.40 -51.96 -77.77
CA ALA L 209 -89.87 -53.32 -77.87
C ALA L 209 -88.40 -53.37 -77.53
N ILE L 210 -87.63 -52.37 -77.96
CA ILE L 210 -86.21 -52.32 -77.61
C ILE L 210 -86.03 -52.21 -76.10
N TYR L 211 -86.83 -51.36 -75.45
CA TYR L 211 -86.77 -51.26 -74.01
C TYR L 211 -87.18 -52.57 -73.35
N ASP L 212 -88.18 -53.25 -73.91
CA ASP L 212 -88.62 -54.53 -73.35
C ASP L 212 -87.51 -55.57 -73.41
N MET L 213 -86.81 -55.65 -74.54
CA MET L 213 -85.74 -56.63 -74.65
C MET L 213 -84.52 -56.22 -73.82
N CYS L 214 -84.30 -54.91 -73.65
CA CYS L 214 -83.23 -54.47 -72.76
C CYS L 214 -83.53 -54.87 -71.31
N LYS L 215 -84.78 -54.73 -70.90
CA LYS L 215 -85.16 -55.13 -69.54
C LYS L 215 -85.11 -56.64 -69.37
N ARG L 216 -85.52 -57.39 -70.39
CA ARG L 216 -85.63 -58.84 -70.29
C ARG L 216 -84.35 -59.54 -70.74
N ASN L 217 -83.96 -59.35 -72.01
CA ASN L 217 -82.81 -60.06 -72.53
C ASN L 217 -81.50 -59.50 -72.00
N LEU L 218 -81.38 -58.17 -71.94
CA LEU L 218 -80.15 -57.55 -71.47
C LEU L 218 -80.07 -57.47 -69.95
N ASP L 219 -81.19 -57.68 -69.25
CA ASP L 219 -81.24 -57.59 -67.78
C ASP L 219 -80.76 -56.22 -67.30
N ILE L 220 -81.09 -55.18 -68.05
CA ILE L 220 -80.72 -53.80 -67.73
C ILE L 220 -81.90 -53.17 -67.00
N PRO L 221 -81.73 -52.75 -65.74
CA PRO L 221 -82.86 -52.13 -65.02
C PRO L 221 -83.24 -50.76 -65.57
N ARG L 222 -82.28 -49.99 -66.06
CA ARG L 222 -82.52 -48.65 -66.61
C ARG L 222 -81.91 -48.56 -68.00
N PRO L 223 -82.61 -49.07 -69.02
CA PRO L 223 -82.14 -48.89 -70.40
C PRO L 223 -82.02 -47.41 -70.76
N SER L 224 -81.08 -47.13 -71.66
CA SER L 224 -80.83 -45.78 -72.11
C SER L 224 -81.06 -45.70 -73.62
N PHE L 225 -81.29 -44.48 -74.10
CA PHE L 225 -81.47 -44.27 -75.53
C PHE L 225 -80.23 -44.65 -76.31
N ALA L 226 -79.05 -44.54 -75.69
CA ALA L 226 -77.81 -44.94 -76.36
C ALA L 226 -77.80 -46.43 -76.66
N ASN L 227 -78.33 -47.25 -75.72
CA ASN L 227 -78.41 -48.68 -75.96
C ASN L 227 -79.32 -48.99 -77.14
N LEU L 228 -80.47 -48.30 -77.22
CA LEU L 228 -81.36 -48.47 -78.36
C LEU L 228 -80.66 -48.09 -79.66
N ASN L 229 -79.94 -46.96 -79.65
CA ASN L 229 -79.22 -46.53 -80.84
C ASN L 229 -78.19 -47.56 -81.26
N ASN L 230 -77.44 -48.12 -80.31
CA ASN L 230 -76.45 -49.13 -80.65
C ASN L 230 -77.08 -50.39 -81.21
N LEU L 231 -78.19 -50.85 -80.59
CA LEU L 231 -78.85 -52.06 -81.07
C LEU L 231 -79.35 -51.89 -82.50
N ILE L 232 -80.08 -50.81 -82.75
CA ILE L 232 -80.54 -50.58 -84.12
C ILE L 232 -79.37 -50.24 -85.04
N ALA L 233 -78.23 -49.83 -84.49
CA ALA L 233 -77.04 -49.64 -85.31
C ALA L 233 -76.50 -50.96 -85.82
N GLN L 234 -76.43 -51.98 -84.95
CA GLN L 234 -76.07 -53.31 -85.46
C GLN L 234 -77.11 -53.81 -86.45
N VAL L 235 -78.39 -53.57 -86.15
CA VAL L 235 -79.46 -54.00 -87.05
C VAL L 235 -79.27 -53.39 -88.44
N VAL L 236 -78.95 -52.11 -88.49
CA VAL L 236 -78.72 -51.45 -89.78
C VAL L 236 -77.45 -51.95 -90.44
N SER L 237 -76.37 -52.11 -89.66
CA SER L 237 -75.07 -52.47 -90.21
C SER L 237 -74.96 -53.95 -90.58
N SER L 238 -76.00 -54.75 -90.33
CA SER L 238 -76.01 -56.14 -90.77
C SER L 238 -76.94 -56.38 -91.95
N VAL L 239 -77.01 -55.46 -92.93
CA VAL L 239 -78.04 -55.48 -93.95
C VAL L 239 -77.49 -55.67 -95.36
N THR L 240 -76.57 -54.80 -95.83
CA THR L 240 -75.47 -54.00 -95.22
C THR L 240 -74.51 -54.91 -94.44
N ALA L 241 -74.62 -56.22 -94.70
CA ALA L 241 -73.67 -57.19 -94.18
C ALA L 241 -72.70 -57.70 -95.25
N SER L 242 -73.22 -58.03 -96.43
CA SER L 242 -72.39 -58.51 -97.53
C SER L 242 -71.94 -57.40 -98.47
N LEU L 243 -72.45 -56.18 -98.30
CA LEU L 243 -72.06 -55.08 -99.17
C LEU L 243 -70.66 -54.55 -98.87
N ARG L 244 -70.13 -54.82 -97.68
CA ARG L 244 -68.81 -54.37 -97.29
C ARG L 244 -67.83 -55.50 -96.98
N PHE L 245 -68.31 -56.74 -96.89
CA PHE L 245 -67.46 -57.89 -96.58
C PHE L 245 -67.77 -59.02 -97.55
N ASP L 246 -66.78 -59.89 -97.76
CA ASP L 246 -66.94 -61.00 -98.68
C ASP L 246 -67.91 -62.04 -98.12
N GLY L 247 -68.61 -62.71 -99.03
CA GLY L 247 -69.55 -63.75 -98.64
C GLY L 247 -69.72 -64.75 -99.77
N SER L 248 -70.11 -65.97 -99.39
CA SER L 248 -70.33 -67.01 -100.40
C SER L 248 -71.46 -66.64 -101.34
N LEU L 249 -72.56 -66.11 -100.81
CA LEU L 249 -73.71 -65.69 -101.60
C LEU L 249 -74.09 -64.29 -101.12
N ASN L 250 -73.54 -63.26 -101.77
CA ASN L 250 -73.86 -61.89 -101.41
C ASN L 250 -75.30 -61.55 -101.80
N VAL L 251 -75.89 -60.62 -101.05
CA VAL L 251 -77.25 -60.16 -101.28
C VAL L 251 -77.19 -58.72 -101.77
N ASP L 252 -77.92 -58.43 -102.84
CA ASP L 252 -77.94 -57.12 -103.45
C ASP L 252 -79.13 -56.32 -102.94
N LEU L 253 -78.98 -55.00 -102.94
CA LEU L 253 -80.05 -54.12 -102.47
C LEU L 253 -81.29 -54.22 -103.37
N ASN L 254 -81.08 -54.32 -104.69
CA ASN L 254 -82.20 -54.46 -105.60
C ASN L 254 -82.93 -55.78 -105.38
N GLU L 255 -82.20 -56.82 -104.97
CA GLU L 255 -82.83 -58.12 -104.75
C GLU L 255 -83.96 -58.04 -103.75
N PHE L 256 -83.84 -57.15 -102.74
CA PHE L 256 -84.89 -57.00 -101.74
C PHE L 256 -86.22 -56.61 -102.39
N GLN L 257 -86.19 -55.62 -103.28
CA GLN L 257 -87.43 -55.20 -103.93
C GLN L 257 -87.81 -56.11 -105.09
N THR L 258 -86.88 -56.92 -105.60
CA THR L 258 -87.27 -57.89 -106.63
C THR L 258 -88.05 -59.06 -106.03
N ASN L 259 -87.62 -59.55 -104.86
CA ASN L 259 -88.25 -60.74 -104.29
C ASN L 259 -89.32 -60.39 -103.25
N LEU L 260 -89.03 -59.49 -102.32
CA LEU L 260 -89.99 -59.18 -101.26
C LEU L 260 -91.19 -58.41 -101.81
N VAL L 261 -90.99 -57.58 -102.83
CA VAL L 261 -92.04 -56.71 -103.34
C VAL L 261 -92.31 -57.05 -104.80
N PRO L 262 -93.25 -57.94 -105.10
CA PRO L 262 -93.58 -58.29 -106.49
C PRO L 262 -94.69 -57.45 -107.10
N TYR L 263 -95.15 -56.41 -106.44
CA TYR L 263 -96.28 -55.58 -106.87
C TYR L 263 -95.92 -54.11 -106.73
N PRO L 264 -96.75 -53.22 -107.30
CA PRO L 264 -96.66 -51.80 -106.96
C PRO L 264 -97.26 -51.51 -105.60
N ARG L 265 -97.41 -52.55 -104.79
CA ARG L 265 -98.11 -52.58 -103.53
C ARG L 265 -97.13 -52.82 -102.38
N ILE L 266 -97.68 -53.14 -101.20
CA ILE L 266 -97.04 -53.02 -99.90
C ILE L 266 -95.56 -53.43 -99.91
N HIS L 267 -94.70 -52.54 -99.41
CA HIS L 267 -93.26 -52.71 -99.44
C HIS L 267 -92.65 -52.29 -98.10
N PHE L 268 -93.23 -52.76 -97.00
CA PHE L 268 -92.84 -52.33 -95.65
C PHE L 268 -92.48 -53.57 -94.84
N PRO L 269 -91.26 -54.10 -95.02
CA PRO L 269 -90.88 -55.32 -94.31
C PRO L 269 -90.43 -55.05 -92.89
N LEU L 270 -90.73 -56.02 -92.01
CA LEU L 270 -90.22 -56.01 -90.66
C LEU L 270 -88.76 -56.46 -90.61
N VAL L 271 -88.13 -56.19 -89.47
CA VAL L 271 -86.74 -56.58 -89.23
C VAL L 271 -86.66 -57.20 -87.84
N SER L 272 -85.68 -58.08 -87.65
CA SER L 272 -85.41 -58.67 -86.35
C SER L 272 -83.95 -59.09 -86.29
N TYR L 273 -83.36 -58.97 -85.10
CA TYR L 273 -81.97 -59.33 -84.89
C TYR L 273 -81.87 -60.27 -83.70
N SER L 274 -81.02 -61.29 -83.84
CA SER L 274 -80.81 -62.30 -82.80
C SER L 274 -79.53 -63.04 -83.12
N PRO L 275 -78.89 -63.67 -82.12
CA PRO L 275 -79.26 -63.76 -80.70
C PRO L 275 -79.04 -62.45 -79.95
N VAL L 276 -79.78 -62.27 -78.86
CA VAL L 276 -79.68 -61.08 -78.02
C VAL L 276 -79.39 -61.56 -76.60
N LEU L 277 -78.15 -61.41 -76.16
CA LEU L 277 -77.73 -61.88 -74.85
C LEU L 277 -76.71 -60.91 -74.28
N SER L 278 -76.54 -60.97 -72.96
CA SER L 278 -75.60 -60.11 -72.25
C SER L 278 -74.23 -60.78 -72.17
N LYS L 279 -73.27 -60.07 -71.58
CA LYS L 279 -71.93 -60.59 -71.41
C LYS L 279 -71.84 -61.66 -70.33
N SER L 280 -72.82 -61.76 -69.44
CA SER L 280 -72.83 -62.78 -68.40
C SER L 280 -73.56 -64.05 -68.80
N LYS L 281 -74.38 -64.00 -69.85
CA LYS L 281 -75.10 -65.17 -70.35
C LYS L 281 -74.38 -65.86 -71.49
N ALA L 282 -73.18 -65.39 -71.85
CA ALA L 282 -72.40 -66.00 -72.92
C ALA L 282 -71.66 -67.25 -72.48
N PHE L 283 -71.69 -67.58 -71.19
CA PHE L 283 -71.05 -68.78 -70.66
C PHE L 283 -72.01 -69.96 -70.54
N HIS L 284 -73.23 -69.83 -71.07
CA HIS L 284 -74.20 -70.91 -70.98
C HIS L 284 -74.93 -71.20 -72.28
N GLU L 285 -74.80 -70.37 -73.31
CA GLU L 285 -75.56 -70.54 -74.54
C GLU L 285 -74.62 -70.68 -75.72
N SER L 286 -74.78 -71.78 -76.47
CA SER L 286 -74.08 -72.00 -77.73
C SER L 286 -75.05 -72.58 -78.75
N ASN L 287 -76.23 -71.98 -78.85
CA ASN L 287 -77.31 -72.55 -79.64
C ASN L 287 -77.02 -72.47 -81.14
N SER L 288 -77.78 -73.25 -81.91
CA SER L 288 -77.68 -73.27 -83.35
C SER L 288 -78.63 -72.22 -83.95
N VAL L 289 -78.71 -72.21 -85.28
CA VAL L 289 -79.50 -71.19 -85.97
C VAL L 289 -81.00 -71.40 -85.79
N SER L 290 -81.44 -72.62 -85.45
CA SER L 290 -82.87 -72.87 -85.29
C SER L 290 -83.45 -72.05 -84.15
N GLU L 291 -82.77 -72.06 -82.99
CA GLU L 291 -83.27 -71.29 -81.86
C GLU L 291 -83.14 -69.79 -82.10
N ILE L 292 -82.14 -69.37 -82.86
CA ILE L 292 -82.02 -67.95 -83.23
C ILE L 292 -83.20 -67.53 -84.09
N THR L 293 -83.58 -68.37 -85.06
CA THR L 293 -84.76 -68.09 -85.86
C THR L 293 -86.02 -68.07 -85.01
N ASN L 294 -86.12 -68.99 -84.04
CA ASN L 294 -87.26 -68.99 -83.14
C ASN L 294 -87.33 -67.70 -82.33
N ALA L 295 -86.17 -67.21 -81.87
CA ALA L 295 -86.13 -65.93 -81.17
C ALA L 295 -86.53 -64.78 -82.09
N CYS L 296 -86.15 -64.86 -83.37
CA CYS L 296 -86.59 -63.87 -84.34
C CYS L 296 -88.11 -63.87 -84.49
N PHE L 297 -88.72 -65.05 -84.50
CA PHE L 297 -90.17 -65.16 -84.60
C PHE L 297 -90.90 -64.69 -83.35
N GLU L 298 -90.19 -64.51 -82.24
CA GLU L 298 -90.82 -64.05 -81.01
C GLU L 298 -91.32 -62.62 -81.17
N PRO L 299 -92.52 -62.31 -80.67
CA PRO L 299 -93.02 -60.92 -80.79
C PRO L 299 -92.12 -59.89 -80.13
N GLY L 300 -91.42 -60.26 -79.05
CA GLY L 300 -90.61 -59.28 -78.35
C GLY L 300 -89.38 -58.83 -79.13
N ASN L 301 -88.90 -59.65 -80.06
CA ASN L 301 -87.72 -59.35 -80.84
C ASN L 301 -88.03 -58.82 -82.23
N GLN L 302 -89.30 -58.54 -82.52
CA GLN L 302 -89.72 -58.06 -83.83
C GLN L 302 -89.74 -56.54 -83.93
N MET L 303 -89.44 -55.84 -82.83
CA MET L 303 -89.52 -54.38 -82.77
C MET L 303 -90.90 -53.85 -83.16
N VAL L 304 -91.94 -54.59 -82.78
CA VAL L 304 -93.32 -54.16 -82.97
C VAL L 304 -94.17 -54.78 -81.86
N LYS L 305 -95.08 -53.98 -81.29
CA LYS L 305 -95.93 -54.44 -80.19
C LYS L 305 -97.15 -55.14 -80.77
N CYS L 306 -96.91 -56.32 -81.35
CA CYS L 306 -97.94 -57.13 -81.96
C CYS L 306 -97.44 -58.57 -82.02
N ASP L 307 -98.30 -59.46 -82.52
CA ASP L 307 -97.93 -60.86 -82.66
C ASP L 307 -97.63 -61.16 -84.12
N PRO L 308 -96.37 -61.37 -84.50
CA PRO L 308 -96.09 -61.70 -85.91
C PRO L 308 -96.54 -63.10 -86.30
N ARG L 309 -96.75 -64.00 -85.32
CA ARG L 309 -97.20 -65.35 -85.64
C ARG L 309 -98.69 -65.42 -85.93
N ASP L 310 -99.45 -64.38 -85.59
CA ASP L 310 -100.88 -64.34 -85.87
C ASP L 310 -101.19 -63.83 -87.27
N GLY L 311 -100.20 -63.33 -87.99
CA GLY L 311 -100.40 -62.83 -89.34
C GLY L 311 -100.33 -63.94 -90.37
N LYS L 312 -100.22 -63.52 -91.62
CA LYS L 312 -100.15 -64.43 -92.76
C LYS L 312 -98.79 -64.30 -93.43
N TYR L 313 -98.30 -65.42 -93.98
CA TYR L 313 -96.93 -65.47 -94.49
C TYR L 313 -96.75 -64.56 -95.69
N MET L 314 -95.56 -63.98 -95.78
CA MET L 314 -95.13 -63.17 -96.92
C MET L 314 -93.65 -63.47 -97.16
N ALA L 315 -93.19 -63.15 -98.37
CA ALA L 315 -91.81 -63.42 -98.74
C ALA L 315 -90.86 -62.77 -97.74
N THR L 316 -89.84 -63.53 -97.33
CA THR L 316 -88.93 -63.10 -96.28
C THR L 316 -87.48 -63.37 -96.69
N CYS L 317 -86.57 -62.64 -96.06
CA CYS L 317 -85.14 -62.78 -96.30
C CYS L 317 -84.43 -63.13 -94.99
N LEU L 318 -83.48 -64.05 -95.07
CA LEU L 318 -82.70 -64.49 -93.91
C LEU L 318 -81.23 -64.21 -94.22
N LEU L 319 -80.60 -63.39 -93.37
CA LEU L 319 -79.20 -63.02 -93.54
C LEU L 319 -78.39 -63.60 -92.39
N TYR L 320 -77.28 -64.26 -92.73
CA TYR L 320 -76.48 -65.02 -91.78
C TYR L 320 -75.04 -64.53 -91.80
N ARG L 321 -74.45 -64.39 -90.62
CA ARG L 321 -73.08 -63.91 -90.48
C ARG L 321 -72.29 -64.86 -89.58
N GLY L 322 -71.00 -64.99 -89.90
CA GLY L 322 -70.13 -65.86 -89.12
C GLY L 322 -70.06 -67.27 -89.67
N ASP L 323 -69.95 -68.25 -88.78
CA ASP L 323 -69.85 -69.65 -89.16
C ASP L 323 -71.25 -70.25 -89.23
N VAL L 324 -71.73 -70.49 -90.46
CA VAL L 324 -73.04 -71.07 -90.69
C VAL L 324 -72.91 -72.19 -91.71
N VAL L 325 -73.89 -73.10 -91.69
CA VAL L 325 -73.93 -74.25 -92.57
C VAL L 325 -75.26 -74.26 -93.30
N THR L 326 -75.22 -74.38 -94.63
CA THR L 326 -76.44 -74.31 -95.43
C THR L 326 -77.38 -75.47 -95.12
N ARG L 327 -76.84 -76.66 -94.89
CA ARG L 327 -77.69 -77.79 -94.54
C ARG L 327 -78.41 -77.55 -93.22
N ASP L 328 -77.71 -76.95 -92.25
CA ASP L 328 -78.32 -76.65 -90.96
C ASP L 328 -79.48 -75.66 -91.12
N VAL L 329 -79.27 -74.60 -91.90
CA VAL L 329 -80.31 -73.59 -92.04
C VAL L 329 -81.48 -74.11 -92.88
N GLN L 330 -81.20 -74.99 -93.86
CA GLN L 330 -82.28 -75.60 -94.61
C GLN L 330 -83.11 -76.49 -93.69
N ARG L 331 -82.44 -77.26 -92.83
CA ARG L 331 -83.16 -78.09 -91.85
C ARG L 331 -83.99 -77.21 -90.91
N ALA L 332 -83.42 -76.10 -90.46
CA ALA L 332 -84.14 -75.22 -89.54
C ALA L 332 -85.38 -74.62 -90.19
N VAL L 333 -85.26 -74.12 -91.41
CA VAL L 333 -86.42 -73.52 -92.07
C VAL L 333 -87.46 -74.58 -92.41
N GLU L 334 -87.02 -75.80 -92.76
CA GLU L 334 -87.97 -76.87 -93.00
C GLU L 334 -88.73 -77.23 -91.71
N GLN L 335 -88.03 -77.25 -90.58
CA GLN L 335 -88.70 -77.47 -89.31
C GLN L 335 -89.71 -76.36 -89.02
N VAL L 336 -89.33 -75.11 -89.27
CA VAL L 336 -90.24 -73.99 -89.06
C VAL L 336 -91.49 -74.15 -89.91
N LYS L 337 -91.33 -74.54 -91.17
CA LYS L 337 -92.48 -74.81 -92.02
C LYS L 337 -93.31 -75.97 -91.47
N ASN L 338 -92.65 -76.98 -90.90
CA ASN L 338 -93.38 -78.12 -90.34
C ASN L 338 -94.20 -77.75 -89.11
N LYS L 339 -93.75 -76.74 -88.35
CA LYS L 339 -94.47 -76.33 -87.15
C LYS L 339 -95.78 -75.60 -87.44
N LYS L 340 -96.17 -75.46 -88.71
CA LYS L 340 -97.40 -74.79 -89.10
C LYS L 340 -97.43 -73.35 -88.58
N THR L 341 -96.48 -72.57 -89.09
CA THR L 341 -96.39 -71.15 -88.77
C THR L 341 -97.40 -70.37 -89.61
N VAL L 342 -97.20 -69.05 -89.70
CA VAL L 342 -98.08 -68.14 -90.44
C VAL L 342 -98.47 -68.71 -91.79
N GLN L 343 -99.74 -68.56 -92.15
CA GLN L 343 -100.31 -69.26 -93.30
C GLN L 343 -99.61 -68.87 -94.58
N LEU L 344 -98.99 -69.86 -95.23
CA LEU L 344 -98.26 -69.62 -96.47
C LEU L 344 -99.20 -69.23 -97.59
N VAL L 345 -98.78 -68.27 -98.40
CA VAL L 345 -99.57 -67.82 -99.53
C VAL L 345 -99.29 -68.73 -100.73
N ASP L 346 -100.19 -68.71 -101.70
CA ASP L 346 -100.07 -69.53 -102.90
C ASP L 346 -99.38 -68.81 -104.05
N TRP L 347 -98.93 -67.57 -103.84
CA TRP L 347 -98.32 -66.81 -104.92
C TRP L 347 -96.82 -66.98 -105.00
N CYS L 348 -96.14 -67.21 -103.88
CA CYS L 348 -94.69 -67.36 -103.92
C CYS L 348 -94.29 -68.74 -104.44
N PRO L 349 -94.81 -69.85 -103.89
CA PRO L 349 -95.69 -70.07 -102.72
C PRO L 349 -94.91 -70.17 -101.41
N THR L 350 -93.67 -70.62 -101.50
CA THR L 350 -92.77 -70.68 -100.35
C THR L 350 -91.40 -70.15 -100.78
N GLY L 351 -91.06 -68.95 -100.35
CA GLY L 351 -89.78 -68.37 -100.69
C GLY L 351 -88.99 -67.91 -99.49
N PHE L 352 -87.87 -68.58 -99.23
CA PHE L 352 -86.98 -68.26 -98.12
C PHE L 352 -85.64 -67.79 -98.70
N LYS L 353 -85.43 -66.49 -98.75
CA LYS L 353 -84.17 -65.95 -99.24
C LYS L 353 -83.10 -66.12 -98.17
N ILE L 354 -82.01 -66.81 -98.51
CA ILE L 354 -80.95 -67.13 -97.55
C ILE L 354 -79.71 -66.34 -97.95
N GLY L 355 -79.16 -65.59 -97.00
CA GLY L 355 -77.94 -64.86 -97.21
C GLY L 355 -76.83 -65.31 -96.28
N ILE L 356 -75.65 -65.57 -96.84
CA ILE L 356 -74.51 -66.07 -96.09
C ILE L 356 -73.39 -65.05 -96.15
N CYS L 357 -72.85 -64.68 -94.99
CA CYS L 357 -71.77 -63.71 -94.90
C CYS L 357 -70.62 -64.30 -94.10
N TYR L 358 -69.39 -64.06 -94.58
CA TYR L 358 -68.21 -64.64 -93.94
C TYR L 358 -67.83 -63.91 -92.66
N GLU L 359 -68.04 -62.60 -92.59
CA GLU L 359 -67.56 -61.83 -91.45
C GLU L 359 -68.32 -62.23 -90.19
N PRO L 360 -67.63 -62.32 -89.04
CA PRO L 360 -68.32 -62.65 -87.79
C PRO L 360 -69.22 -61.51 -87.36
N PRO L 361 -70.29 -61.81 -86.61
CA PRO L 361 -71.12 -60.73 -86.06
C PRO L 361 -70.31 -59.87 -85.10
N THR L 362 -70.66 -58.58 -85.06
CA THR L 362 -69.95 -57.60 -84.26
C THR L 362 -70.91 -56.94 -83.29
N ALA L 363 -70.38 -56.49 -82.15
CA ALA L 363 -71.17 -55.87 -81.10
C ALA L 363 -70.47 -54.61 -80.61
N THR L 364 -71.26 -53.71 -80.02
CA THR L 364 -70.74 -52.43 -79.56
C THR L 364 -70.21 -52.54 -78.14
N PRO L 365 -68.98 -52.08 -77.87
CA PRO L 365 -68.51 -52.04 -76.47
C PRO L 365 -69.36 -51.17 -75.57
N ASN L 366 -70.00 -50.13 -76.10
CA ASN L 366 -70.91 -49.31 -75.31
C ASN L 366 -72.20 -50.02 -74.95
N SER L 367 -72.55 -51.08 -75.68
CA SER L 367 -73.74 -51.88 -75.41
C SER L 367 -73.34 -53.17 -74.71
N GLN L 368 -74.32 -53.80 -74.08
CA GLN L 368 -74.10 -55.03 -73.30
C GLN L 368 -74.40 -56.28 -74.12
N LEU L 369 -74.21 -56.22 -75.44
CA LEU L 369 -74.44 -57.37 -76.31
C LEU L 369 -73.14 -58.15 -76.45
N ALA L 370 -73.16 -59.42 -76.07
CA ALA L 370 -71.97 -60.25 -76.17
C ALA L 370 -71.69 -60.64 -77.62
N THR L 371 -70.40 -60.69 -77.97
CA THR L 371 -70.01 -61.10 -79.31
C THR L 371 -70.35 -62.58 -79.52
N VAL L 372 -70.97 -62.88 -80.66
CA VAL L 372 -71.42 -64.23 -80.96
C VAL L 372 -70.83 -64.65 -82.30
N ASP L 373 -70.63 -65.96 -82.46
CA ASP L 373 -70.04 -66.51 -83.67
C ASP L 373 -71.03 -66.58 -84.83
N ARG L 374 -72.33 -66.45 -84.56
CA ARG L 374 -73.35 -66.52 -85.61
C ARG L 374 -74.55 -65.69 -85.17
N ALA L 375 -75.11 -64.92 -86.11
CA ALA L 375 -76.25 -64.06 -85.85
C ALA L 375 -77.19 -64.11 -87.04
N VAL L 376 -78.46 -63.81 -86.78
CA VAL L 376 -79.50 -63.80 -87.80
C VAL L 376 -80.18 -62.43 -87.83
N CYS L 377 -80.27 -61.85 -89.02
CA CYS L 377 -81.11 -60.70 -89.30
C CYS L 377 -82.21 -61.16 -90.25
N MET L 378 -83.46 -61.05 -89.82
CA MET L 378 -84.60 -61.55 -90.59
C MET L 378 -85.46 -60.38 -91.05
N LEU L 379 -85.74 -60.34 -92.35
CA LEU L 379 -86.59 -59.32 -92.96
C LEU L 379 -87.82 -59.98 -93.55
N SER L 380 -89.00 -59.50 -93.16
CA SER L 380 -90.25 -60.08 -93.65
C SER L 380 -91.31 -58.99 -93.71
N ASN L 381 -92.10 -59.00 -94.79
CA ASN L 381 -93.19 -58.03 -94.97
C ASN L 381 -94.50 -58.65 -94.47
N THR L 382 -94.48 -59.04 -93.20
CA THR L 382 -95.64 -59.66 -92.58
C THR L 382 -96.74 -58.61 -92.34
N THR L 383 -97.99 -59.06 -92.46
CA THR L 383 -99.15 -58.20 -92.30
C THR L 383 -99.60 -58.07 -90.84
N SER L 384 -98.71 -58.32 -89.89
CA SER L 384 -99.06 -58.31 -88.47
C SER L 384 -99.07 -56.93 -87.85
N ILE L 385 -98.58 -55.89 -88.54
CA ILE L 385 -98.65 -54.54 -88.00
C ILE L 385 -99.98 -53.89 -88.34
N ALA L 386 -100.86 -54.61 -89.04
CA ALA L 386 -102.16 -54.05 -89.43
C ALA L 386 -102.96 -53.63 -88.21
N GLU L 387 -102.98 -54.48 -87.17
CA GLU L 387 -103.65 -54.08 -85.94
C GLU L 387 -102.94 -52.93 -85.24
N ALA L 388 -101.63 -52.76 -85.46
CA ALA L 388 -100.94 -51.60 -84.91
C ALA L 388 -101.43 -50.30 -85.55
N TRP L 389 -101.48 -50.26 -86.89
CA TRP L 389 -102.08 -49.08 -87.51
C TRP L 389 -103.56 -48.96 -87.16
N LYS L 390 -104.24 -50.08 -86.90
CA LYS L 390 -105.64 -50.01 -86.49
C LYS L 390 -105.78 -49.33 -85.14
N ARG L 391 -104.91 -49.66 -84.19
CA ARG L 391 -104.93 -48.99 -82.89
C ARG L 391 -104.59 -47.52 -83.02
N ILE L 392 -103.59 -47.19 -83.84
CA ILE L 392 -103.25 -45.78 -84.08
C ILE L 392 -104.43 -45.06 -84.70
N ASP L 393 -105.17 -45.73 -85.59
CA ASP L 393 -106.30 -45.10 -86.26
C ASP L 393 -107.49 -44.96 -85.32
N ARG L 394 -107.65 -45.88 -84.36
CA ARG L 394 -108.68 -45.70 -83.35
C ARG L 394 -108.37 -44.50 -82.47
N LYS L 395 -107.10 -44.35 -82.08
CA LYS L 395 -106.67 -43.13 -81.41
C LYS L 395 -106.99 -41.91 -82.26
N PHE L 396 -106.74 -42.01 -83.57
CA PHE L 396 -107.05 -40.90 -84.49
C PHE L 396 -108.52 -40.57 -84.49
N ASP L 397 -109.39 -41.57 -84.55
CA ASP L 397 -110.83 -41.30 -84.56
C ASP L 397 -111.27 -40.64 -83.27
N LEU L 398 -110.77 -41.13 -82.13
CA LEU L 398 -111.22 -40.59 -80.85
C LEU L 398 -110.71 -39.16 -80.63
N MET L 399 -109.49 -38.86 -81.12
CA MET L 399 -109.01 -37.49 -80.94
C MET L 399 -109.32 -36.59 -82.13
N TYR L 400 -109.94 -37.14 -83.17
CA TYR L 400 -110.46 -36.39 -84.30
C TYR L 400 -111.94 -36.07 -84.15
N ALA L 401 -112.63 -36.74 -83.23
CA ALA L 401 -114.01 -36.37 -82.94
C ALA L 401 -114.13 -34.88 -82.60
N LYS L 402 -113.24 -34.38 -81.74
CA LYS L 402 -113.12 -32.95 -81.47
C LYS L 402 -112.10 -32.26 -82.35
N ARG L 403 -111.21 -33.05 -82.97
CA ARG L 403 -110.15 -32.67 -83.90
C ARG L 403 -108.98 -31.98 -83.23
N ALA L 404 -109.22 -31.36 -82.07
CA ALA L 404 -108.23 -31.02 -81.05
C ALA L 404 -107.10 -30.10 -81.51
N PHE L 405 -106.88 -29.98 -82.81
CA PHE L 405 -105.70 -29.27 -83.33
C PHE L 405 -106.00 -28.48 -84.60
N VAL L 406 -107.20 -28.69 -85.16
CA VAL L 406 -107.54 -28.08 -86.44
C VAL L 406 -107.50 -26.57 -86.38
N HIS L 407 -107.56 -25.97 -85.18
CA HIS L 407 -107.41 -24.53 -85.07
C HIS L 407 -106.09 -24.08 -85.72
N TRP L 408 -104.97 -24.52 -85.14
CA TRP L 408 -103.67 -24.17 -85.72
C TRP L 408 -103.48 -24.78 -87.10
N TYR L 409 -103.94 -26.02 -87.30
CA TYR L 409 -103.69 -26.66 -88.58
C TYR L 409 -104.35 -25.90 -89.73
N VAL L 410 -105.57 -25.41 -89.54
CA VAL L 410 -106.22 -24.59 -90.55
C VAL L 410 -105.61 -23.20 -90.58
N GLY L 411 -105.26 -22.65 -89.41
CA GLY L 411 -104.70 -21.32 -89.37
C GLY L 411 -103.41 -21.16 -90.14
N GLU L 412 -102.61 -22.23 -90.22
CA GLU L 412 -101.41 -22.15 -91.05
C GLU L 412 -101.69 -22.39 -92.53
N GLY L 413 -102.84 -22.96 -92.87
CA GLY L 413 -103.22 -23.08 -94.27
C GLY L 413 -103.82 -24.41 -94.69
N MET L 414 -103.89 -25.37 -93.77
CA MET L 414 -104.45 -26.67 -94.09
C MET L 414 -105.95 -26.69 -93.82
N GLU L 415 -106.56 -27.87 -93.94
CA GLU L 415 -107.98 -28.05 -93.70
C GLU L 415 -108.27 -29.52 -93.49
N GLU L 416 -109.49 -29.81 -93.02
CA GLU L 416 -109.84 -31.16 -92.60
C GLU L 416 -109.85 -32.16 -93.76
N GLY L 417 -109.87 -31.68 -95.00
CA GLY L 417 -109.84 -32.59 -96.13
C GLY L 417 -108.58 -33.43 -96.19
N GLU L 418 -107.44 -32.82 -95.86
CA GLU L 418 -106.18 -33.57 -95.82
C GLU L 418 -106.23 -34.67 -94.76
N PHE L 419 -106.77 -34.36 -93.58
CA PHE L 419 -106.89 -35.37 -92.53
C PHE L 419 -107.82 -36.49 -92.96
N THR L 420 -108.94 -36.16 -93.60
CA THR L 420 -109.85 -37.19 -94.08
C THR L 420 -109.20 -38.06 -95.15
N GLU L 421 -108.43 -37.44 -96.05
CA GLU L 421 -107.73 -38.19 -97.09
C GLU L 421 -106.70 -39.13 -96.47
N ALA L 422 -105.95 -38.67 -95.47
CA ALA L 422 -105.02 -39.54 -94.78
C ALA L 422 -105.74 -40.67 -94.07
N ARG L 423 -106.90 -40.38 -93.47
CA ARG L 423 -107.68 -41.41 -92.80
C ARG L 423 -108.11 -42.50 -93.78
N GLU L 424 -108.63 -42.10 -94.94
CA GLU L 424 -109.08 -43.09 -95.91
C GLU L 424 -107.91 -43.81 -96.56
N ASP L 425 -106.76 -43.15 -96.69
CA ASP L 425 -105.56 -43.83 -97.16
C ASP L 425 -105.11 -44.90 -96.19
N LEU L 426 -105.13 -44.60 -94.89
CA LEU L 426 -104.77 -45.60 -93.89
C LEU L 426 -105.76 -46.76 -93.89
N ALA L 427 -107.06 -46.45 -94.04
CA ALA L 427 -108.06 -47.50 -94.12
C ALA L 427 -107.83 -48.39 -95.33
N ALA L 428 -107.50 -47.78 -96.48
CA ALA L 428 -107.21 -48.56 -97.68
C ALA L 428 -105.96 -49.41 -97.50
N LEU L 429 -104.94 -48.88 -96.83
CA LEU L 429 -103.74 -49.67 -96.57
C LEU L 429 -104.05 -50.87 -95.68
N GLU L 430 -104.86 -50.68 -94.65
CA GLU L 430 -105.25 -51.81 -93.80
C GLU L 430 -106.07 -52.83 -94.58
N ARG L 431 -106.98 -52.35 -95.43
CA ARG L 431 -107.77 -53.26 -96.25
C ARG L 431 -106.89 -54.06 -97.20
N ASP L 432 -105.89 -53.41 -97.80
CA ASP L 432 -104.95 -54.13 -98.65
C ASP L 432 -104.12 -55.13 -97.84
N TYR L 433 -103.75 -54.76 -96.61
CA TYR L 433 -103.07 -55.70 -95.72
C TYR L 433 -103.89 -56.95 -95.51
N ILE L 434 -105.19 -56.79 -95.26
CA ILE L 434 -106.06 -57.95 -95.08
C ILE L 434 -106.20 -58.74 -96.39
N GLU L 435 -106.35 -58.03 -97.51
CA GLU L 435 -106.69 -58.69 -98.76
C GLU L 435 -105.51 -59.48 -99.32
N VAL L 436 -104.28 -58.97 -99.17
CA VAL L 436 -103.12 -59.62 -99.77
C VAL L 436 -102.93 -61.01 -99.19
N GLY L 437 -103.34 -61.22 -97.94
CA GLY L 437 -103.28 -62.54 -97.35
C GLY L 437 -104.60 -63.28 -97.49
N ALA L 438 -105.70 -62.54 -97.66
CA ALA L 438 -107.00 -63.16 -97.83
C ALA L 438 -107.19 -63.76 -99.22
N ASP L 439 -106.44 -63.29 -100.22
CA ASP L 439 -106.57 -63.83 -101.56
C ASP L 439 -106.18 -65.30 -101.62
N SER L 440 -105.11 -65.67 -100.93
CA SER L 440 -104.64 -67.05 -100.90
C SER L 440 -105.58 -67.92 -100.08
N MET M 1 -86.28 -89.03 -78.03
CA MET M 1 -86.17 -90.18 -77.14
C MET M 1 -84.73 -90.27 -76.63
N ARG M 2 -84.17 -89.12 -76.28
CA ARG M 2 -82.78 -89.06 -75.85
C ARG M 2 -82.59 -88.35 -74.52
N GLU M 3 -83.33 -87.28 -74.26
CA GLU M 3 -83.08 -86.41 -73.13
C GLU M 3 -84.17 -86.54 -72.07
N VAL M 4 -83.80 -86.29 -70.83
CA VAL M 4 -84.71 -86.32 -69.70
C VAL M 4 -84.65 -84.96 -69.00
N ILE M 5 -85.81 -84.35 -68.78
CA ILE M 5 -85.92 -83.03 -68.16
C ILE M 5 -86.39 -83.21 -66.73
N SER M 6 -85.70 -82.56 -65.79
CA SER M 6 -85.99 -82.67 -64.37
C SER M 6 -86.49 -81.33 -63.84
N ILE M 7 -87.56 -81.38 -63.07
CA ILE M 7 -88.16 -80.18 -62.47
C ILE M 7 -88.33 -80.42 -60.97
N ASN M 8 -87.87 -79.47 -60.17
CA ASN M 8 -87.97 -79.54 -58.71
C ASN M 8 -88.89 -78.43 -58.21
N VAL M 9 -89.86 -78.79 -57.38
CA VAL M 9 -90.83 -77.86 -56.82
C VAL M 9 -90.79 -77.99 -55.30
N GLY M 10 -90.75 -76.84 -54.62
CA GLY M 10 -90.70 -76.83 -53.17
C GLY M 10 -89.28 -76.80 -52.64
N GLN M 11 -89.14 -76.33 -51.40
CA GLN M 11 -87.82 -76.21 -50.80
C GLN M 11 -87.15 -77.57 -50.63
N ALA M 12 -87.91 -78.57 -50.21
CA ALA M 12 -87.36 -79.92 -50.07
C ALA M 12 -86.90 -80.46 -51.43
N GLY M 13 -87.73 -80.29 -52.46
CA GLY M 13 -87.35 -80.72 -53.79
C GLY M 13 -86.12 -80.00 -54.30
N CYS M 14 -86.00 -78.71 -54.01
CA CYS M 14 -84.82 -77.96 -54.42
C CYS M 14 -83.57 -78.47 -53.70
N GLN M 15 -83.67 -78.78 -52.41
CA GLN M 15 -82.53 -79.33 -51.69
C GLN M 15 -82.13 -80.68 -52.27
N ILE M 16 -83.11 -81.54 -52.56
CA ILE M 16 -82.82 -82.84 -53.15
C ILE M 16 -82.14 -82.67 -54.51
N GLY M 17 -82.64 -81.73 -55.32
CA GLY M 17 -82.01 -81.47 -56.59
C GLY M 17 -80.58 -80.97 -56.45
N ASN M 18 -80.36 -80.04 -55.53
CA ASN M 18 -79.01 -79.54 -55.29
C ASN M 18 -78.07 -80.69 -54.95
N ALA M 19 -78.50 -81.57 -54.05
CA ALA M 19 -77.67 -82.71 -53.69
C ALA M 19 -77.41 -83.60 -54.90
N CYS M 20 -78.44 -83.86 -55.70
CA CYS M 20 -78.29 -84.83 -56.78
C CYS M 20 -77.39 -84.28 -57.89
N TRP M 21 -77.49 -82.98 -58.20
CA TRP M 21 -76.53 -82.43 -59.16
C TRP M 21 -75.13 -82.34 -58.58
N GLU M 22 -74.99 -82.13 -57.26
CA GLU M 22 -73.67 -82.21 -56.66
C GLU M 22 -73.07 -83.60 -56.88
N LEU M 23 -73.84 -84.65 -56.62
CA LEU M 23 -73.34 -85.99 -56.94
C LEU M 23 -72.99 -86.11 -58.42
N TYR M 24 -73.93 -85.78 -59.31
CA TYR M 24 -73.70 -85.93 -60.75
C TYR M 24 -72.39 -85.28 -61.17
N SER M 25 -72.11 -84.10 -60.64
CA SER M 25 -70.80 -83.48 -60.86
C SER M 25 -69.69 -84.33 -60.26
N LEU M 26 -69.96 -85.00 -59.13
CA LEU M 26 -68.91 -85.78 -58.48
C LEU M 26 -68.49 -86.99 -59.32
N GLU M 27 -69.44 -87.87 -59.68
CA GLU M 27 -68.99 -89.08 -60.38
C GLU M 27 -68.56 -88.78 -61.81
N HIS M 28 -69.25 -87.87 -62.51
CA HIS M 28 -68.89 -87.60 -63.90
C HIS M 28 -67.78 -86.58 -64.05
N GLY M 29 -67.16 -86.16 -62.94
CA GLY M 29 -65.94 -85.38 -63.02
C GLY M 29 -66.11 -83.93 -63.38
N ILE M 30 -67.29 -83.35 -63.18
CA ILE M 30 -67.50 -81.93 -63.41
C ILE M 30 -67.24 -81.18 -62.10
N LYS M 31 -66.43 -80.13 -62.19
CA LYS M 31 -66.14 -79.31 -61.03
C LYS M 31 -67.40 -78.53 -60.63
N PRO M 32 -67.46 -78.05 -59.37
CA PRO M 32 -68.69 -77.38 -58.90
C PRO M 32 -69.09 -76.15 -59.69
N ASP M 33 -68.31 -75.76 -60.69
CA ASP M 33 -68.67 -74.67 -61.59
C ASP M 33 -68.78 -75.07 -63.05
N GLY M 34 -68.21 -76.21 -63.44
CA GLY M 34 -68.30 -76.69 -64.81
C GLY M 34 -67.22 -76.13 -65.71
N HIS M 35 -67.03 -76.81 -66.83
CA HIS M 35 -66.08 -76.41 -67.88
C HIS M 35 -64.64 -76.31 -67.33
N LEU M 36 -64.08 -77.46 -66.98
CA LEU M 36 -64.71 -78.76 -67.16
C LEU M 36 -64.96 -79.51 -65.84
N GLU M 37 -63.99 -79.72 -64.93
CA GLU M 37 -62.54 -79.44 -65.00
C GLU M 37 -61.77 -80.64 -64.43
N ASP M 38 -61.31 -81.58 -65.26
CA ASP M 38 -61.53 -81.60 -66.70
C ASP M 38 -62.45 -82.75 -67.08
N GLY M 39 -62.61 -82.99 -68.37
CA GLY M 39 -63.35 -84.14 -68.86
C GLY M 39 -62.66 -85.42 -68.46
N LEU M 40 -63.45 -86.47 -68.30
CA LEU M 40 -62.94 -87.73 -67.77
C LEU M 40 -63.02 -88.87 -68.78
N SER M 41 -64.20 -89.07 -69.35
CA SER M 41 -64.50 -90.27 -70.12
C SER M 41 -65.58 -89.88 -71.13
N LYS M 42 -65.81 -90.69 -72.18
CA LYS M 42 -65.27 -92.02 -72.57
C LYS M 42 -65.56 -93.19 -71.61
N PRO M 43 -66.85 -93.48 -71.34
CA PRO M 43 -68.06 -92.73 -71.72
C PRO M 43 -68.63 -91.83 -70.62
N LYS M 44 -68.58 -90.51 -70.84
CA LYS M 44 -69.38 -89.56 -70.06
C LYS M 44 -69.98 -88.47 -70.93
N GLY M 45 -69.70 -88.46 -72.23
CA GLY M 45 -70.16 -87.43 -73.13
C GLY M 45 -69.04 -86.56 -73.66
N GLY M 46 -68.55 -86.86 -74.87
CA GLY M 46 -69.00 -88.04 -75.60
C GLY M 46 -68.31 -89.31 -75.13
N GLU M 47 -68.88 -90.46 -75.46
CA GLU M 47 -70.10 -90.55 -76.26
C GLU M 47 -71.36 -90.38 -75.40
N GLU M 48 -72.50 -90.19 -76.06
CA GLU M 48 -73.76 -89.99 -75.37
C GLU M 48 -74.20 -91.27 -74.66
N GLY M 49 -74.62 -91.14 -73.40
CA GLY M 49 -74.64 -89.88 -72.69
C GLY M 49 -73.32 -89.58 -72.00
N PHE M 50 -73.05 -88.32 -71.70
CA PHE M 50 -73.98 -87.20 -71.88
C PHE M 50 -73.99 -86.74 -73.35
N SER M 51 -75.00 -85.97 -73.79
CA SER M 51 -76.02 -85.33 -72.94
C SER M 51 -77.22 -86.20 -72.61
N THR M 52 -77.47 -86.33 -71.30
CA THR M 52 -78.70 -86.91 -70.78
C THR M 52 -79.38 -86.03 -69.75
N PHE M 53 -78.61 -85.35 -68.90
CA PHE M 53 -79.15 -84.42 -67.92
C PHE M 53 -78.42 -83.09 -68.01
N PHE M 54 -77.15 -83.13 -68.40
CA PHE M 54 -76.33 -81.93 -68.57
C PHE M 54 -76.30 -81.55 -70.05
N HIS M 55 -76.66 -80.31 -70.35
CA HIS M 55 -76.60 -79.84 -71.73
C HIS M 55 -75.15 -79.71 -72.17
N GLU M 56 -74.87 -80.15 -73.40
CA GLU M 56 -73.53 -80.08 -73.96
C GLU M 56 -73.39 -78.74 -74.68
N THR M 57 -72.79 -77.77 -74.00
CA THR M 57 -72.57 -76.46 -74.58
C THR M 57 -71.53 -76.54 -75.70
N GLY M 58 -71.72 -75.74 -76.74
CA GLY M 58 -70.78 -75.71 -77.84
C GLY M 58 -69.38 -75.30 -77.42
N TYR M 59 -69.28 -74.44 -76.40
CA TYR M 59 -67.98 -74.05 -75.86
C TYR M 59 -67.31 -75.18 -75.08
N GLY M 60 -68.02 -76.27 -74.82
CA GLY M 60 -67.49 -77.36 -74.02
C GLY M 60 -68.00 -77.42 -72.59
N LYS M 61 -68.92 -76.53 -72.23
CA LYS M 61 -69.44 -76.50 -70.87
C LYS M 61 -70.56 -77.52 -70.70
N PHE M 62 -70.87 -77.83 -69.45
CA PHE M 62 -71.95 -78.74 -69.10
C PHE M 62 -72.98 -77.99 -68.27
N VAL M 63 -74.22 -77.94 -68.76
CA VAL M 63 -75.29 -77.17 -68.12
C VAL M 63 -76.45 -78.10 -67.79
N PRO M 64 -76.77 -78.31 -66.51
CA PRO M 64 -77.97 -79.06 -66.17
C PRO M 64 -79.22 -78.41 -66.76
N ARG M 65 -80.13 -79.25 -67.26
CA ARG M 65 -81.36 -78.78 -67.87
C ARG M 65 -82.49 -79.00 -66.85
N ALA M 66 -82.63 -78.04 -65.94
CA ALA M 66 -83.64 -78.10 -64.90
C ALA M 66 -84.32 -76.74 -64.77
N ILE M 67 -85.56 -76.77 -64.31
CA ILE M 67 -86.37 -75.57 -64.12
C ILE M 67 -86.75 -75.49 -62.65
N TYR M 68 -86.32 -74.43 -61.98
CA TYR M 68 -86.64 -74.20 -60.57
C TYR M 68 -87.83 -73.24 -60.50
N VAL M 69 -89.01 -73.78 -60.22
CA VAL M 69 -90.23 -73.00 -60.09
C VAL M 69 -90.66 -73.02 -58.62
N ASP M 70 -90.89 -71.83 -58.07
CA ASP M 70 -91.29 -71.68 -56.67
C ASP M 70 -91.71 -70.24 -56.45
N LEU M 71 -92.66 -70.05 -55.54
CA LEU M 71 -93.16 -68.72 -55.20
C LEU M 71 -92.43 -68.11 -54.01
N GLU M 72 -91.49 -68.83 -53.41
CA GLU M 72 -90.68 -68.31 -52.31
C GLU M 72 -89.30 -67.95 -52.82
N PRO M 73 -88.95 -66.66 -52.91
CA PRO M 73 -87.66 -66.29 -53.53
C PRO M 73 -86.44 -66.68 -52.71
N ASN M 74 -86.62 -67.08 -51.44
CA ASN M 74 -85.46 -67.39 -50.60
C ASN M 74 -84.68 -68.59 -51.14
N VAL M 75 -85.37 -69.63 -51.61
CA VAL M 75 -84.68 -70.80 -52.15
C VAL M 75 -83.91 -70.42 -53.41
N ILE M 76 -84.52 -69.63 -54.28
CA ILE M 76 -83.85 -69.22 -55.52
C ILE M 76 -82.63 -68.37 -55.20
N ASP M 77 -82.74 -67.48 -54.21
CA ASP M 77 -81.59 -66.68 -53.82
C ASP M 77 -80.48 -67.55 -53.24
N GLU M 78 -80.83 -68.54 -52.43
CA GLU M 78 -79.83 -69.46 -51.89
C GLU M 78 -79.15 -70.26 -52.98
N VAL M 79 -79.88 -70.63 -54.03
CA VAL M 79 -79.27 -71.31 -55.16
C VAL M 79 -78.35 -70.36 -55.92
N ARG M 80 -78.77 -69.11 -56.10
CA ARG M 80 -78.04 -68.16 -56.94
C ARG M 80 -76.81 -67.57 -56.25
N ASN M 81 -76.75 -67.56 -54.92
CA ASN M 81 -75.59 -67.00 -54.23
C ASN M 81 -74.51 -68.03 -53.92
N GLY M 82 -74.71 -69.28 -54.34
CA GLY M 82 -73.73 -70.31 -54.13
C GLY M 82 -73.07 -70.76 -55.42
N PRO M 83 -72.40 -71.91 -55.39
CA PRO M 83 -71.75 -72.42 -56.61
C PRO M 83 -72.72 -72.90 -57.67
N TYR M 84 -74.01 -72.99 -57.36
CA TYR M 84 -75.00 -73.46 -58.32
C TYR M 84 -75.29 -72.45 -59.42
N LYS M 85 -74.79 -71.21 -59.30
CA LYS M 85 -75.10 -70.18 -60.28
C LYS M 85 -74.50 -70.50 -61.64
N ASP M 86 -73.35 -71.18 -61.66
CA ASP M 86 -72.67 -71.50 -62.91
C ASP M 86 -73.25 -72.73 -63.60
N LEU M 87 -74.20 -73.42 -62.99
CA LEU M 87 -74.79 -74.62 -63.58
C LEU M 87 -76.17 -74.37 -64.19
N PHE M 88 -76.96 -73.47 -63.64
CA PHE M 88 -78.34 -73.25 -64.08
C PHE M 88 -78.43 -71.99 -64.91
N HIS M 89 -79.14 -72.08 -66.03
CA HIS M 89 -79.35 -70.92 -66.88
C HIS M 89 -80.18 -69.88 -66.14
N PRO M 90 -79.86 -68.59 -66.31
CA PRO M 90 -80.61 -67.55 -65.57
C PRO M 90 -82.11 -67.57 -65.84
N GLU M 91 -82.52 -67.87 -67.08
CA GLU M 91 -83.94 -67.90 -67.40
C GLU M 91 -84.62 -69.17 -66.89
N GLN M 92 -83.86 -70.22 -66.59
CA GLN M 92 -84.43 -71.44 -66.03
C GLN M 92 -84.75 -71.31 -64.55
N LEU M 93 -84.23 -70.29 -63.87
CA LEU M 93 -84.47 -70.09 -62.44
C LEU M 93 -85.67 -69.16 -62.31
N ILE M 94 -86.87 -69.74 -62.26
CA ILE M 94 -88.09 -68.96 -62.13
C ILE M 94 -88.30 -68.59 -60.67
N SER M 95 -87.93 -67.36 -60.32
CA SER M 95 -88.05 -66.88 -58.95
C SER M 95 -89.41 -66.21 -58.75
N GLY M 96 -90.14 -66.67 -57.73
CA GLY M 96 -91.42 -66.09 -57.42
C GLY M 96 -91.32 -64.96 -56.41
N LYS M 97 -92.32 -64.08 -56.44
CA LYS M 97 -92.36 -62.93 -55.55
C LYS M 97 -93.66 -62.80 -54.77
N GLU M 98 -94.60 -63.72 -54.92
CA GLU M 98 -95.90 -63.65 -54.26
C GLU M 98 -95.97 -64.72 -53.18
N ASP M 99 -96.25 -64.30 -51.94
CA ASP M 99 -96.35 -65.20 -50.80
C ASP M 99 -97.68 -64.93 -50.09
N ALA M 100 -98.60 -65.89 -50.19
CA ALA M 100 -99.89 -65.76 -49.51
C ALA M 100 -100.24 -67.04 -48.77
N ALA M 101 -99.60 -68.14 -49.13
CA ALA M 101 -99.81 -69.43 -48.47
C ALA M 101 -98.61 -70.32 -48.81
N ASN M 102 -98.51 -71.44 -48.10
CA ASN M 102 -97.45 -72.44 -48.37
C ASN M 102 -98.09 -73.82 -48.51
N ASN M 103 -98.59 -74.13 -49.70
CA ASN M 103 -98.92 -73.17 -50.74
C ASN M 103 -100.20 -73.64 -51.43
N TYR M 104 -100.68 -74.81 -51.00
CA TYR M 104 -101.74 -75.49 -51.72
C TYR M 104 -103.07 -74.75 -51.67
N ALA M 105 -103.22 -73.81 -50.74
CA ALA M 105 -104.46 -73.04 -50.67
C ALA M 105 -104.72 -72.31 -51.99
N ARG M 106 -103.70 -71.67 -52.54
CA ARG M 106 -103.80 -70.98 -53.81
C ARG M 106 -102.97 -71.60 -54.92
N GLY M 107 -102.11 -72.56 -54.59
CA GLY M 107 -101.24 -73.14 -55.61
C GLY M 107 -101.99 -73.91 -56.68
N HIS M 108 -102.98 -74.71 -56.28
CA HIS M 108 -103.73 -75.55 -57.20
C HIS M 108 -104.95 -74.85 -57.78
N TYR M 109 -104.93 -73.53 -57.87
CA TYR M 109 -106.10 -72.77 -58.29
C TYR M 109 -105.64 -71.71 -59.29
N THR M 110 -106.52 -70.74 -59.58
CA THR M 110 -106.26 -69.74 -60.61
C THR M 110 -105.02 -68.91 -60.32
N VAL M 111 -104.55 -68.88 -59.07
CA VAL M 111 -103.40 -68.06 -58.72
C VAL M 111 -102.13 -68.56 -59.39
N GLY M 112 -102.06 -69.87 -59.67
CA GLY M 112 -100.81 -70.44 -60.18
C GLY M 112 -100.76 -70.51 -61.70
N ARG M 113 -101.92 -70.53 -62.36
CA ARG M 113 -101.91 -70.85 -63.78
C ARG M 113 -101.68 -69.64 -64.69
N GLU M 114 -101.56 -68.42 -64.15
CA GLU M 114 -101.10 -67.34 -65.00
C GLU M 114 -99.58 -67.30 -65.11
N ILE M 115 -98.87 -68.02 -64.23
CA ILE M 115 -97.44 -68.21 -64.36
C ILE M 115 -97.10 -69.50 -65.11
N LEU M 116 -97.98 -70.51 -65.06
CA LEU M 116 -97.71 -71.77 -65.74
C LEU M 116 -97.49 -71.59 -67.24
N GLY M 117 -98.07 -70.56 -67.85
CA GLY M 117 -97.86 -70.35 -69.28
C GLY M 117 -96.39 -70.11 -69.61
N ASP M 118 -95.74 -69.27 -68.80
CA ASP M 118 -94.32 -69.02 -69.01
C ASP M 118 -93.49 -70.29 -68.79
N VAL M 119 -93.86 -71.08 -67.78
CA VAL M 119 -93.13 -72.33 -67.51
C VAL M 119 -93.26 -73.29 -68.69
N LEU M 120 -94.49 -73.44 -69.22
CA LEU M 120 -94.68 -74.31 -70.38
C LEU M 120 -93.93 -73.79 -71.60
N ASP M 121 -93.93 -72.48 -71.82
CA ASP M 121 -93.17 -71.94 -72.95
C ASP M 121 -91.67 -72.21 -72.79
N ARG M 122 -91.14 -72.04 -71.57
CA ARG M 122 -89.73 -72.28 -71.33
C ARG M 122 -89.37 -73.75 -71.54
N ILE M 123 -90.20 -74.66 -71.03
CA ILE M 123 -89.88 -76.08 -71.20
C ILE M 123 -90.04 -76.51 -72.65
N ARG M 124 -91.00 -75.92 -73.38
CA ARG M 124 -91.09 -76.21 -74.81
C ARG M 124 -89.86 -75.72 -75.56
N LYS M 125 -89.37 -74.53 -75.22
CA LYS M 125 -88.15 -74.03 -75.84
C LYS M 125 -86.96 -74.91 -75.52
N LEU M 126 -86.86 -75.39 -74.28
CA LEU M 126 -85.78 -76.28 -73.90
C LEU M 126 -85.87 -77.61 -74.63
N ALA M 127 -87.08 -78.14 -74.80
CA ALA M 127 -87.25 -79.38 -75.56
C ALA M 127 -86.85 -79.18 -77.01
N ASP M 128 -87.22 -78.04 -77.61
CA ASP M 128 -86.78 -77.73 -78.96
C ASP M 128 -85.27 -77.55 -79.04
N GLN M 129 -84.65 -77.13 -77.94
CA GLN M 129 -83.20 -76.97 -77.91
C GLN M 129 -82.50 -78.32 -78.13
N CYS M 130 -82.97 -79.37 -77.46
CA CYS M 130 -82.35 -80.67 -77.54
C CYS M 130 -82.98 -81.52 -78.64
N ASP M 131 -82.33 -82.63 -78.95
CA ASP M 131 -82.79 -83.56 -79.97
C ASP M 131 -83.50 -84.72 -79.29
N GLY M 132 -84.83 -84.74 -79.39
CA GLY M 132 -85.63 -85.80 -78.81
C GLY M 132 -85.95 -85.55 -77.35
N LEU M 133 -86.84 -86.40 -76.83
CA LEU M 133 -87.28 -86.32 -75.45
C LEU M 133 -87.71 -87.71 -74.98
N GLN M 134 -87.20 -88.13 -73.83
CA GLN M 134 -87.46 -89.47 -73.31
C GLN M 134 -88.44 -89.48 -72.14
N GLY M 135 -88.15 -88.72 -71.09
CA GLY M 135 -89.03 -88.70 -69.93
C GLY M 135 -88.74 -87.52 -69.05
N PHE M 136 -89.53 -87.39 -67.98
CA PHE M 136 -89.42 -86.29 -67.05
C PHE M 136 -89.16 -86.81 -65.65
N LEU M 137 -88.38 -86.05 -64.87
CA LEU M 137 -88.08 -86.35 -63.48
C LEU M 137 -88.72 -85.29 -62.60
N PHE M 138 -89.45 -85.72 -61.58
CA PHE M 138 -90.14 -84.83 -60.67
C PHE M 138 -89.61 -85.02 -59.26
N THR M 139 -89.31 -83.91 -58.58
CA THR M 139 -88.85 -83.93 -57.20
C THR M 139 -89.60 -82.85 -56.43
N HIS M 140 -90.64 -83.24 -55.70
CA HIS M 140 -91.43 -82.30 -54.92
C HIS M 140 -91.84 -82.97 -53.63
N SER M 141 -92.16 -82.14 -52.63
CA SER M 141 -92.57 -82.61 -51.32
C SER M 141 -94.08 -82.48 -51.19
N LEU M 142 -94.74 -83.59 -50.86
CA LEU M 142 -96.17 -83.58 -50.64
C LEU M 142 -96.55 -82.90 -49.33
N GLY M 143 -95.59 -82.65 -48.44
CA GLY M 143 -95.85 -81.90 -47.24
C GLY M 143 -96.02 -80.43 -47.53
N GLY M 144 -94.99 -79.82 -48.13
CA GLY M 144 -95.09 -78.44 -48.57
C GLY M 144 -96.11 -78.30 -49.67
N GLY M 145 -97.07 -77.38 -49.50
CA GLY M 145 -98.11 -77.19 -50.49
C GLY M 145 -97.61 -76.74 -51.85
N THR M 146 -96.49 -76.02 -51.88
CA THR M 146 -95.90 -75.61 -53.15
C THR M 146 -95.64 -76.82 -54.03
N GLY M 147 -94.92 -77.81 -53.48
CA GLY M 147 -94.63 -79.01 -54.25
C GLY M 147 -95.88 -79.68 -54.76
N SER M 148 -96.80 -80.02 -53.84
CA SER M 148 -98.03 -80.70 -54.23
C SER M 148 -98.75 -79.96 -55.34
N GLY M 149 -99.15 -78.71 -55.09
CA GLY M 149 -99.94 -77.96 -56.04
C GLY M 149 -99.25 -77.72 -57.37
N LEU M 150 -98.08 -77.09 -57.35
CA LEU M 150 -97.40 -76.75 -58.59
C LEU M 150 -97.00 -78.00 -59.36
N GLY M 151 -96.49 -79.02 -58.67
CA GLY M 151 -96.13 -80.25 -59.34
C GLY M 151 -97.33 -80.91 -60.01
N SER M 152 -98.48 -80.96 -59.33
CA SER M 152 -99.66 -81.55 -59.93
C SER M 152 -100.11 -80.75 -61.15
N LEU M 153 -100.07 -79.42 -61.06
CA LEU M 153 -100.46 -78.58 -62.20
C LEU M 153 -99.57 -78.86 -63.40
N LEU M 154 -98.25 -78.88 -63.17
CA LEU M 154 -97.33 -79.28 -64.23
C LEU M 154 -97.63 -80.67 -64.74
N LEU M 155 -98.03 -81.59 -63.86
CA LEU M 155 -98.35 -82.95 -64.29
C LEU M 155 -99.46 -82.94 -65.34
N GLU M 156 -100.59 -82.28 -65.04
CA GLU M 156 -101.65 -82.30 -66.04
C GLU M 156 -101.23 -81.54 -67.29
N GLU M 157 -100.49 -80.44 -67.13
CA GLU M 157 -100.11 -79.65 -68.30
C GLU M 157 -99.22 -80.46 -69.25
N LEU M 158 -98.19 -81.11 -68.73
CA LEU M 158 -97.28 -81.86 -69.59
C LEU M 158 -97.81 -83.24 -69.97
N SER M 159 -98.83 -83.75 -69.27
CA SER M 159 -99.53 -84.91 -69.79
C SER M 159 -100.43 -84.53 -70.95
N ALA M 160 -100.95 -83.29 -70.94
CA ALA M 160 -101.74 -82.82 -72.07
C ALA M 160 -100.88 -82.48 -73.28
N GLU M 161 -99.70 -81.88 -73.07
CA GLU M 161 -98.92 -81.40 -74.20
C GLU M 161 -98.34 -82.55 -75.02
N TYR M 162 -97.83 -83.59 -74.36
CA TYR M 162 -97.29 -84.75 -75.08
C TYR M 162 -98.13 -86.00 -74.90
N GLY M 163 -98.34 -86.44 -73.66
CA GLY M 163 -99.09 -87.66 -73.41
C GLY M 163 -98.41 -88.94 -73.84
N LYS M 164 -97.14 -88.88 -74.24
CA LYS M 164 -96.43 -90.07 -74.70
C LYS M 164 -95.08 -90.28 -74.02
N LYS M 165 -94.68 -89.41 -73.10
CA LYS M 165 -93.39 -89.52 -72.44
C LYS M 165 -93.55 -90.13 -71.05
N SER M 166 -92.51 -90.83 -70.61
CA SER M 166 -92.52 -91.42 -69.28
C SER M 166 -92.51 -90.34 -68.21
N LYS M 167 -93.29 -90.56 -67.15
CA LYS M 167 -93.46 -89.59 -66.07
C LYS M 167 -92.98 -90.22 -64.77
N LEU M 168 -91.80 -89.83 -64.32
CA LEU M 168 -91.22 -90.30 -63.07
C LEU M 168 -91.33 -89.21 -62.01
N GLU M 169 -91.96 -89.53 -60.89
CA GLU M 169 -92.20 -88.56 -59.83
C GLU M 169 -91.62 -89.08 -58.52
N PHE M 170 -90.60 -88.38 -58.02
CA PHE M 170 -90.03 -88.66 -56.69
C PHE M 170 -90.70 -87.70 -55.71
N ALA M 171 -91.81 -88.12 -55.14
CA ALA M 171 -92.60 -87.28 -54.25
C ALA M 171 -92.26 -87.62 -52.80
N VAL M 172 -91.95 -86.59 -52.01
CA VAL M 172 -91.66 -86.77 -50.60
C VAL M 172 -92.98 -86.82 -49.83
N TYR M 173 -93.24 -87.94 -49.17
CA TYR M 173 -94.50 -88.09 -48.46
C TYR M 173 -94.38 -87.62 -47.02
N PRO M 174 -95.44 -87.07 -46.45
CA PRO M 174 -95.42 -86.69 -45.03
C PRO M 174 -95.24 -87.92 -44.15
N ALA M 175 -94.59 -87.71 -43.01
CA ALA M 175 -94.34 -88.80 -42.09
C ALA M 175 -95.66 -89.32 -41.54
N PRO M 176 -95.91 -90.64 -41.59
CA PRO M 176 -97.18 -91.18 -41.10
C PRO M 176 -97.32 -91.14 -39.59
N GLN M 177 -96.23 -90.99 -38.84
CA GLN M 177 -96.32 -90.90 -37.39
C GLN M 177 -96.90 -89.56 -36.98
N VAL M 178 -96.21 -88.47 -37.31
CA VAL M 178 -96.71 -87.12 -37.10
C VAL M 178 -96.49 -86.31 -38.37
N SER M 179 -97.27 -85.25 -38.52
CA SER M 179 -97.15 -84.34 -39.65
C SER M 179 -96.61 -83.00 -39.18
N THR M 180 -95.66 -82.45 -39.94
CA THR M 180 -95.09 -81.16 -39.59
C THR M 180 -96.12 -80.04 -39.65
N SER M 181 -97.05 -80.11 -40.60
CA SER M 181 -98.17 -79.19 -40.64
C SER M 181 -99.44 -79.98 -40.93
N VAL M 182 -100.58 -79.41 -40.48
CA VAL M 182 -101.85 -80.13 -40.52
C VAL M 182 -102.36 -80.30 -41.95
N VAL M 183 -102.10 -79.33 -42.83
CA VAL M 183 -102.67 -79.35 -44.17
C VAL M 183 -101.93 -80.27 -45.14
N GLU M 184 -100.85 -80.91 -44.71
CA GLU M 184 -100.10 -81.79 -45.60
C GLU M 184 -100.94 -82.95 -46.13
N PRO M 185 -101.75 -83.65 -45.32
CA PRO M 185 -102.61 -84.70 -45.91
C PRO M 185 -103.51 -84.20 -47.02
N TYR M 186 -104.09 -83.01 -46.89
CA TYR M 186 -104.85 -82.44 -48.01
C TYR M 186 -103.96 -82.23 -49.22
N ASN M 187 -102.80 -81.61 -49.03
CA ASN M 187 -101.89 -81.37 -50.15
C ASN M 187 -101.53 -82.66 -50.87
N THR M 188 -101.48 -83.77 -50.13
CA THR M 188 -101.17 -85.05 -50.76
C THR M 188 -102.39 -85.65 -51.48
N VAL M 189 -103.51 -85.78 -50.76
CA VAL M 189 -104.61 -86.58 -51.30
C VAL M 189 -105.44 -85.80 -52.34
N LEU M 190 -105.58 -84.49 -52.19
CA LEU M 190 -106.29 -83.72 -53.21
C LEU M 190 -105.56 -83.72 -54.54
N THR M 191 -104.28 -84.14 -54.55
CA THR M 191 -103.54 -84.35 -55.79
C THR M 191 -103.29 -85.81 -56.11
N THR M 192 -103.61 -86.73 -55.18
CA THR M 192 -103.49 -88.15 -55.50
C THR M 192 -104.36 -88.54 -56.69
N HIS M 193 -105.53 -87.92 -56.84
CA HIS M 193 -106.37 -88.22 -57.99
C HIS M 193 -105.71 -87.79 -59.30
N THR M 194 -105.12 -86.59 -59.31
CA THR M 194 -104.40 -86.13 -60.50
C THR M 194 -103.19 -87.01 -60.77
N THR M 195 -102.52 -87.48 -59.72
CA THR M 195 -101.41 -88.40 -59.90
C THR M 195 -101.88 -89.72 -60.51
N LEU M 196 -103.01 -90.24 -60.04
CA LEU M 196 -103.55 -91.48 -60.58
C LEU M 196 -103.89 -91.33 -62.06
N GLU M 197 -104.49 -90.19 -62.43
CA GLU M 197 -104.93 -89.99 -63.81
C GLU M 197 -103.83 -89.46 -64.72
N HIS M 198 -102.69 -89.02 -64.19
CA HIS M 198 -101.70 -88.34 -65.02
C HIS M 198 -100.26 -88.72 -64.66
N ALA M 199 -100.03 -89.95 -64.22
CA ALA M 199 -98.68 -90.41 -63.92
C ALA M 199 -98.45 -91.80 -64.49
N ASP M 200 -97.18 -92.10 -64.77
CA ASP M 200 -96.77 -93.40 -65.29
C ASP M 200 -95.99 -94.23 -64.29
N CYS M 201 -95.16 -93.59 -63.47
CA CYS M 201 -94.38 -94.31 -62.46
C CYS M 201 -94.04 -93.34 -61.33
N THR M 202 -94.52 -93.65 -60.13
CA THR M 202 -94.32 -92.80 -58.96
C THR M 202 -93.53 -93.55 -57.90
N PHE M 203 -92.55 -92.86 -57.31
CA PHE M 203 -91.70 -93.42 -56.28
C PHE M 203 -92.03 -92.79 -54.94
N MET M 204 -92.25 -93.61 -53.93
CA MET M 204 -92.62 -93.15 -52.59
C MET M 204 -91.40 -93.16 -51.68
N VAL M 205 -91.12 -92.03 -51.05
CA VAL M 205 -90.02 -91.90 -50.10
C VAL M 205 -90.56 -91.29 -48.81
N ASP M 206 -90.13 -91.82 -47.67
CA ASP M 206 -90.54 -91.34 -46.37
C ASP M 206 -89.33 -90.83 -45.60
N ASN M 207 -89.45 -89.63 -45.04
CA ASN M 207 -88.36 -89.07 -44.26
C ASN M 207 -88.14 -89.83 -42.96
N GLU M 208 -89.20 -90.39 -42.37
CA GLU M 208 -89.08 -91.10 -41.11
C GLU M 208 -88.17 -92.31 -41.23
N ALA M 209 -88.32 -93.08 -42.32
CA ALA M 209 -87.48 -94.25 -42.52
C ALA M 209 -86.03 -93.87 -42.74
N ILE M 210 -85.79 -92.79 -43.49
CA ILE M 210 -84.42 -92.32 -43.70
C ILE M 210 -83.79 -91.91 -42.38
N TYR M 211 -84.55 -91.19 -41.54
CA TYR M 211 -84.04 -90.84 -40.22
C TYR M 211 -83.78 -92.07 -39.37
N ASP M 212 -84.65 -93.08 -39.48
CA ASP M 212 -84.48 -94.31 -38.71
C ASP M 212 -83.19 -95.01 -39.11
N MET M 213 -82.93 -95.11 -40.42
CA MET M 213 -81.70 -95.78 -40.85
C MET M 213 -80.46 -94.94 -40.57
N CYS M 214 -80.59 -93.61 -40.58
CA CYS M 214 -79.48 -92.76 -40.17
C CYS M 214 -79.15 -92.96 -38.70
N LYS M 215 -80.18 -93.07 -37.85
CA LYS M 215 -79.92 -93.32 -36.43
C LYS M 215 -79.36 -94.72 -36.19
N ARG M 216 -79.86 -95.70 -36.93
CA ARG M 216 -79.47 -97.10 -36.70
C ARG M 216 -78.27 -97.51 -37.55
N ASN M 217 -78.41 -97.45 -38.87
CA ASN M 217 -77.34 -97.93 -39.74
C ASN M 217 -76.16 -96.95 -39.77
N LEU M 218 -76.44 -95.66 -39.85
CA LEU M 218 -75.37 -94.67 -39.91
C LEU M 218 -74.82 -94.30 -38.54
N ASP M 219 -75.51 -94.68 -37.47
CA ASP M 219 -75.09 -94.34 -36.10
C ASP M 219 -74.92 -92.84 -35.91
N ILE M 220 -75.79 -92.06 -36.56
CA ILE M 220 -75.76 -90.61 -36.49
C ILE M 220 -76.76 -90.18 -35.41
N PRO M 221 -76.32 -89.51 -34.35
CA PRO M 221 -77.27 -89.10 -33.30
C PRO M 221 -78.19 -87.99 -33.76
N ARG M 222 -77.74 -87.09 -34.63
CA ARG M 222 -78.55 -85.97 -35.13
C ARG M 222 -78.50 -85.97 -36.65
N PRO M 223 -79.32 -86.81 -37.30
CA PRO M 223 -79.41 -86.76 -38.76
C PRO M 223 -79.87 -85.39 -39.25
N SER M 224 -79.42 -85.03 -40.44
CA SER M 224 -79.77 -83.76 -41.05
C SER M 224 -80.49 -84.01 -42.37
N PHE M 225 -81.23 -82.98 -42.81
CA PHE M 225 -81.95 -83.08 -44.09
C PHE M 225 -80.98 -83.26 -45.25
N ALA M 226 -79.75 -82.74 -45.12
CA ALA M 226 -78.75 -82.92 -46.16
C ALA M 226 -78.39 -84.39 -46.33
N ASN M 227 -78.30 -85.14 -45.23
CA ASN M 227 -78.01 -86.56 -45.32
C ASN M 227 -79.14 -87.30 -46.05
N LEU M 228 -80.38 -86.96 -45.75
CA LEU M 228 -81.52 -87.54 -46.47
C LEU M 228 -81.45 -87.22 -47.95
N ASN M 229 -81.14 -85.97 -48.28
CA ASN M 229 -81.03 -85.57 -49.68
C ASN M 229 -79.94 -86.36 -50.39
N ASN M 230 -78.79 -86.54 -49.74
CA ASN M 230 -77.70 -87.29 -50.36
C ASN M 230 -78.08 -88.75 -50.55
N LEU M 231 -78.72 -89.37 -49.55
CA LEU M 231 -79.10 -90.77 -49.65
C LEU M 231 -80.07 -90.98 -50.80
N ILE M 232 -81.15 -90.18 -50.85
CA ILE M 232 -82.08 -90.32 -51.96
C ILE M 232 -81.45 -89.87 -53.26
N ALA M 233 -80.37 -89.08 -53.20
CA ALA M 233 -79.64 -88.73 -54.43
C ALA M 233 -78.94 -89.95 -55.00
N GLN M 234 -78.27 -90.75 -54.16
CA GLN M 234 -77.72 -92.01 -54.67
C GLN M 234 -78.83 -92.92 -55.17
N VAL M 235 -79.94 -92.97 -54.43
CA VAL M 235 -81.07 -93.81 -54.84
C VAL M 235 -81.55 -93.43 -56.24
N VAL M 236 -81.67 -92.13 -56.50
CA VAL M 236 -82.11 -91.66 -57.81
C VAL M 236 -81.03 -91.93 -58.86
N SER M 237 -79.76 -91.67 -58.53
CA SER M 237 -78.68 -91.77 -59.49
C SER M 237 -78.26 -93.20 -59.78
N SER M 238 -78.85 -94.19 -59.11
CA SER M 238 -78.59 -95.59 -59.41
C SER M 238 -79.75 -96.26 -60.15
N VAL M 239 -80.41 -95.58 -61.09
CA VAL M 239 -81.67 -96.05 -61.66
C VAL M 239 -81.60 -96.32 -63.15
N THR M 240 -81.19 -95.34 -63.99
CA THR M 240 -80.25 -94.19 -63.89
C THR M 240 -78.86 -94.67 -63.46
N ALA M 241 -78.65 -95.98 -63.58
CA ALA M 241 -77.33 -96.58 -63.38
C ALA M 241 -76.68 -96.99 -64.69
N SER M 242 -77.43 -97.66 -65.57
CA SER M 242 -76.91 -98.08 -66.86
C SER M 242 -77.16 -97.08 -67.98
N LEU M 243 -77.93 -96.01 -67.71
CA LEU M 243 -78.21 -95.02 -68.74
C LEU M 243 -77.02 -94.11 -69.02
N ARG M 244 -76.06 -94.02 -68.09
CA ARG M 244 -74.89 -93.19 -68.26
C ARG M 244 -73.58 -93.97 -68.26
N PHE M 245 -73.59 -95.25 -67.90
CA PHE M 245 -72.39 -96.06 -67.87
C PHE M 245 -72.65 -97.39 -68.57
N ASP M 246 -71.57 -97.99 -69.07
CA ASP M 246 -71.69 -99.24 -69.79
C ASP M 246 -72.05 -100.39 -68.84
N GLY M 247 -72.77 -101.36 -69.37
CA GLY M 247 -73.17 -102.52 -68.60
C GLY M 247 -73.40 -103.71 -69.51
N SER M 248 -73.25 -104.91 -68.93
CA SER M 248 -73.46 -106.13 -69.71
C SER M 248 -74.91 -106.24 -70.19
N LEU M 249 -75.86 -105.92 -69.32
CA LEU M 249 -77.28 -105.94 -69.65
C LEU M 249 -77.89 -104.63 -69.16
N ASN M 250 -77.93 -103.63 -70.04
CA ASN M 250 -78.51 -102.35 -69.68
C ASN M 250 -80.02 -102.46 -69.53
N VAL M 251 -80.57 -101.60 -68.68
CA VAL M 251 -82.01 -101.55 -68.42
C VAL M 251 -82.55 -100.26 -69.00
N ASP M 252 -83.66 -100.36 -69.73
CA ASP M 252 -84.28 -99.22 -70.38
C ASP M 252 -85.41 -98.67 -69.51
N LEU M 253 -85.68 -97.37 -69.67
CA LEU M 253 -86.74 -96.74 -68.89
C LEU M 253 -88.11 -97.31 -69.26
N ASN M 254 -88.34 -97.57 -70.54
CA ASN M 254 -89.60 -98.16 -70.96
C ASN M 254 -89.78 -99.57 -70.40
N GLU M 255 -88.68 -100.29 -70.22
CA GLU M 255 -88.76 -101.66 -69.69
C GLU M 255 -89.47 -101.70 -68.34
N PHE M 256 -89.29 -100.65 -67.53
CA PHE M 256 -89.94 -100.61 -66.22
C PHE M 256 -91.46 -100.68 -66.35
N GLN M 257 -92.04 -99.88 -67.25
CA GLN M 257 -93.48 -99.93 -67.41
C GLN M 257 -93.94 -101.08 -68.30
N THR M 258 -93.04 -101.71 -69.06
CA THR M 258 -93.43 -102.91 -69.79
C THR M 258 -93.57 -104.11 -68.87
N ASN M 259 -92.65 -104.27 -67.92
CA ASN M 259 -92.66 -105.46 -67.06
C ASN M 259 -93.37 -105.23 -65.74
N LEU M 260 -93.07 -104.13 -65.04
CA LEU M 260 -93.67 -103.91 -63.73
C LEU M 260 -95.15 -103.57 -63.84
N VAL M 261 -95.56 -102.90 -64.92
CA VAL M 261 -96.94 -102.45 -65.07
C VAL M 261 -97.56 -103.09 -66.29
N PRO M 262 -98.23 -104.23 -66.16
CA PRO M 262 -98.89 -104.88 -67.29
C PRO M 262 -100.34 -104.48 -67.51
N TYR M 263 -100.85 -103.50 -66.78
CA TYR M 263 -102.24 -103.08 -66.83
C TYR M 263 -102.33 -101.57 -66.93
N PRO M 264 -103.53 -101.04 -67.21
CA PRO M 264 -103.76 -99.59 -67.04
C PRO M 264 -103.92 -99.23 -65.56
N ARG M 265 -103.47 -100.12 -64.69
CA ARG M 265 -103.67 -100.12 -63.26
C ARG M 265 -102.33 -99.90 -62.54
N ILE M 266 -102.32 -100.14 -61.22
CA ILE M 266 -101.35 -99.63 -60.26
C ILE M 266 -99.93 -99.64 -60.80
N HIS M 267 -99.26 -98.50 -60.72
CA HIS M 267 -97.92 -98.28 -61.27
C HIS M 267 -97.07 -97.49 -60.29
N PHE M 268 -97.07 -97.89 -59.01
CA PHE M 268 -96.39 -97.16 -57.94
C PHE M 268 -95.42 -98.10 -57.24
N PRO M 269 -94.25 -98.33 -57.82
CA PRO M 269 -93.29 -99.26 -57.23
C PRO M 269 -92.49 -98.65 -56.08
N LEU M 270 -92.17 -99.49 -55.11
CA LEU M 270 -91.26 -99.11 -54.04
C LEU M 270 -89.82 -99.16 -54.51
N VAL M 271 -88.94 -98.55 -53.71
CA VAL M 271 -87.51 -98.52 -53.97
C VAL M 271 -86.78 -98.83 -52.67
N SER M 272 -85.58 -99.38 -52.81
CA SER M 272 -84.72 -99.66 -51.66
C SER M 272 -83.28 -99.67 -52.12
N TYR M 273 -82.39 -99.20 -51.25
CA TYR M 273 -80.96 -99.15 -51.54
C TYR M 273 -80.18 -99.81 -50.42
N SER M 274 -79.17 -100.59 -50.79
CA SER M 274 -78.34 -101.30 -49.84
C SER M 274 -77.08 -101.75 -50.56
N PRO M 275 -75.97 -102.00 -49.82
CA PRO M 275 -75.79 -101.92 -48.37
C PRO M 275 -75.74 -100.49 -47.85
N VAL M 276 -76.10 -100.33 -46.57
CA VAL M 276 -76.09 -99.03 -45.91
C VAL M 276 -75.21 -99.17 -44.68
N LEU M 277 -74.00 -98.62 -44.74
CA LEU M 277 -73.03 -98.74 -43.66
C LEU M 277 -72.23 -97.45 -43.56
N SER M 278 -71.61 -97.25 -42.41
CA SER M 278 -70.81 -96.07 -42.16
C SER M 278 -69.34 -96.33 -42.55
N LYS M 279 -68.51 -95.30 -42.40
CA LYS M 279 -67.09 -95.42 -42.71
C LYS M 279 -66.32 -96.23 -41.67
N SER M 280 -66.88 -96.42 -40.48
CA SER M 280 -66.24 -97.21 -39.44
C SER M 280 -66.63 -98.68 -39.46
N LYS M 281 -67.73 -99.03 -40.13
CA LYS M 281 -68.18 -100.41 -40.24
C LYS M 281 -67.72 -101.07 -41.52
N ALA M 282 -66.91 -100.39 -42.33
CA ALA M 282 -66.39 -100.95 -43.57
C ALA M 282 -65.20 -101.88 -43.36
N PHE M 283 -64.70 -101.98 -42.12
CA PHE M 283 -63.58 -102.85 -41.79
C PHE M 283 -64.04 -104.19 -41.24
N HIS M 284 -65.34 -104.48 -41.28
CA HIS M 284 -65.85 -105.75 -40.77
C HIS M 284 -66.85 -106.44 -41.68
N GLU M 285 -67.34 -105.79 -42.73
CA GLU M 285 -68.38 -106.35 -43.59
C GLU M 285 -67.89 -106.46 -45.03
N SER M 286 -67.96 -107.67 -45.58
CA SER M 286 -67.68 -107.92 -46.98
C SER M 286 -68.72 -108.89 -47.54
N ASN M 287 -69.98 -108.65 -47.23
CA ASN M 287 -71.05 -109.60 -47.52
C ASN M 287 -71.31 -109.72 -49.02
N SER M 288 -72.00 -110.79 -49.40
CA SER M 288 -72.40 -111.03 -50.78
C SER M 288 -73.76 -110.38 -51.05
N VAL M 289 -74.29 -110.62 -52.25
CA VAL M 289 -75.54 -109.97 -52.66
C VAL M 289 -76.75 -110.53 -51.92
N SER M 290 -76.66 -111.73 -51.36
CA SER M 290 -77.79 -112.32 -50.67
C SER M 290 -78.17 -111.49 -49.44
N GLU M 291 -77.19 -111.12 -48.63
CA GLU M 291 -77.48 -110.32 -47.44
C GLU M 291 -77.90 -108.91 -47.82
N ILE M 292 -77.39 -108.38 -48.93
CA ILE M 292 -77.83 -107.07 -49.40
C ILE M 292 -79.30 -107.12 -49.80
N THR M 293 -79.71 -108.18 -50.49
CA THR M 293 -81.13 -108.36 -50.82
C THR M 293 -81.97 -108.52 -49.55
N ASN M 294 -81.45 -109.25 -48.57
CA ASN M 294 -82.17 -109.39 -47.30
C ASN M 294 -82.34 -108.04 -46.61
N ALA M 295 -81.31 -107.20 -46.65
CA ALA M 295 -81.43 -105.84 -46.11
C ALA M 295 -82.45 -105.02 -46.90
N CYS M 296 -82.51 -105.22 -48.21
CA CYS M 296 -83.53 -104.55 -49.01
C CYS M 296 -84.93 -104.98 -48.59
N PHE M 297 -85.13 -106.26 -48.28
CA PHE M 297 -86.41 -106.75 -47.83
C PHE M 297 -86.78 -106.28 -46.43
N GLU M 298 -85.83 -105.73 -45.68
CA GLU M 298 -86.12 -105.25 -44.34
C GLU M 298 -87.06 -104.05 -44.41
N PRO M 299 -88.05 -103.96 -43.52
CA PRO M 299 -88.96 -102.80 -43.52
C PRO M 299 -88.25 -101.48 -43.33
N GLY M 300 -87.15 -101.45 -42.57
CA GLY M 300 -86.48 -100.20 -42.28
C GLY M 300 -85.79 -99.59 -43.49
N ASN M 301 -85.43 -100.41 -44.47
CA ASN M 301 -84.72 -99.94 -45.66
C ASN M 301 -85.63 -99.76 -46.86
N GLN M 302 -86.95 -99.88 -46.68
CA GLN M 302 -87.91 -99.76 -47.77
C GLN M 302 -88.41 -98.33 -47.95
N MET M 303 -88.00 -97.40 -47.10
CA MET M 303 -88.48 -96.01 -47.10
C MET M 303 -90.01 -95.95 -46.99
N VAL M 304 -90.58 -96.85 -46.20
CA VAL M 304 -92.01 -96.83 -45.89
C VAL M 304 -92.20 -97.45 -44.51
N LYS M 305 -93.06 -96.82 -43.70
CA LYS M 305 -93.32 -97.28 -42.34
C LYS M 305 -94.40 -98.36 -42.37
N CYS M 306 -94.00 -99.52 -42.91
CA CYS M 306 -94.89 -100.67 -43.04
C CYS M 306 -94.03 -101.91 -43.20
N ASP M 307 -94.69 -103.07 -43.28
CA ASP M 307 -93.99 -104.33 -43.44
C ASP M 307 -94.13 -104.80 -44.88
N PRO M 308 -93.06 -104.73 -45.69
CA PRO M 308 -93.17 -105.22 -47.07
C PRO M 308 -93.28 -106.73 -47.18
N ARG M 309 -92.88 -107.47 -46.14
CA ARG M 309 -92.97 -108.92 -46.17
C ARG M 309 -94.38 -109.43 -45.88
N ASP M 310 -95.26 -108.58 -45.35
CA ASP M 310 -96.64 -108.95 -45.08
C ASP M 310 -97.54 -108.79 -46.30
N GLY M 311 -97.05 -108.18 -47.37
CA GLY M 311 -97.83 -107.99 -48.57
C GLY M 311 -97.79 -109.21 -49.48
N LYS M 312 -98.24 -109.00 -50.71
CA LYS M 312 -98.27 -110.05 -51.72
C LYS M 312 -97.33 -109.69 -52.87
N TYR M 313 -96.74 -110.71 -53.48
CA TYR M 313 -95.67 -110.51 -54.45
C TYR M 313 -96.18 -109.80 -55.70
N MET M 314 -95.32 -108.95 -56.26
CA MET M 314 -95.58 -108.28 -57.53
C MET M 314 -94.25 -108.21 -58.28
N ALA M 315 -94.35 -108.01 -59.59
CA ALA M 315 -93.15 -107.96 -60.43
C ALA M 315 -92.16 -106.93 -59.90
N THR M 316 -90.89 -107.32 -59.85
CA THR M 316 -89.85 -106.49 -59.25
C THR M 316 -88.63 -106.45 -60.14
N CYS M 317 -87.82 -105.42 -59.95
CA CYS M 317 -86.58 -105.21 -60.69
C CYS M 317 -85.40 -105.14 -59.73
N LEU M 318 -84.30 -105.78 -60.09
CA LEU M 318 -83.09 -105.80 -59.29
C LEU M 318 -81.95 -105.21 -60.12
N LEU M 319 -81.36 -104.13 -59.63
CA LEU M 319 -80.28 -103.44 -60.33
C LEU M 319 -78.98 -103.58 -59.53
N TYR M 320 -77.92 -103.98 -60.22
CA TYR M 320 -76.66 -104.33 -59.58
C TYR M 320 -75.53 -103.50 -60.17
N ARG M 321 -74.64 -103.01 -59.30
CA ARG M 321 -73.53 -102.17 -59.71
C ARG M 321 -72.23 -102.71 -59.12
N GLY M 322 -71.14 -102.56 -59.88
CA GLY M 322 -69.85 -103.03 -59.43
C GLY M 322 -69.55 -104.45 -59.86
N ASP M 323 -68.85 -105.20 -59.01
CA ASP M 323 -68.46 -106.58 -59.30
C ASP M 323 -69.56 -107.51 -58.82
N VAL M 324 -70.32 -108.08 -59.75
CA VAL M 324 -71.39 -109.01 -59.45
C VAL M 324 -71.28 -110.22 -60.36
N VAL M 325 -71.87 -111.32 -59.91
CA VAL M 325 -71.85 -112.59 -60.64
C VAL M 325 -73.29 -113.06 -60.82
N THR M 326 -73.65 -113.40 -62.06
CA THR M 326 -75.02 -113.79 -62.35
C THR M 326 -75.41 -115.08 -61.63
N ARG M 327 -74.50 -116.03 -61.54
CA ARG M 327 -74.79 -117.26 -60.83
C ARG M 327 -75.07 -116.98 -59.35
N ASP M 328 -74.29 -116.07 -58.75
CA ASP M 328 -74.51 -115.71 -57.35
C ASP M 328 -75.88 -115.11 -57.13
N VAL M 329 -76.29 -114.18 -58.01
CA VAL M 329 -77.56 -113.51 -57.82
C VAL M 329 -78.72 -114.45 -58.12
N GLN M 330 -78.54 -115.37 -59.08
CA GLN M 330 -79.58 -116.38 -59.32
C GLN M 330 -79.73 -117.28 -58.10
N ARG M 331 -78.62 -117.69 -57.51
CA ARG M 331 -78.68 -118.48 -56.28
C ARG M 331 -79.36 -117.71 -55.16
N ALA M 332 -79.04 -116.42 -55.02
CA ALA M 332 -79.64 -115.62 -53.97
C ALA M 332 -81.15 -115.49 -54.14
N VAL M 333 -81.60 -115.18 -55.36
CA VAL M 333 -83.04 -115.02 -55.58
C VAL M 333 -83.76 -116.36 -55.44
N GLU M 334 -83.12 -117.47 -55.84
CA GLU M 334 -83.73 -118.77 -55.63
C GLU M 334 -83.86 -119.08 -54.15
N GLN M 335 -82.85 -118.72 -53.35
CA GLN M 335 -82.96 -118.89 -51.90
C GLN M 335 -84.09 -118.04 -51.34
N VAL M 336 -84.22 -116.80 -51.81
CA VAL M 336 -85.30 -115.93 -51.33
C VAL M 336 -86.66 -116.56 -51.65
N LYS M 337 -86.81 -117.10 -52.86
CA LYS M 337 -88.04 -117.80 -53.19
C LYS M 337 -88.25 -119.03 -52.30
N ASN M 338 -87.16 -119.71 -51.94
CA ASN M 338 -87.28 -120.90 -51.08
C ASN M 338 -87.70 -120.53 -49.67
N LYS M 339 -87.35 -119.34 -49.20
CA LYS M 339 -87.72 -118.93 -47.84
C LYS M 339 -89.20 -118.61 -47.67
N LYS M 340 -90.01 -118.80 -48.71
CA LYS M 340 -91.46 -118.55 -48.66
C LYS M 340 -91.74 -117.10 -48.26
N THR M 341 -91.31 -116.19 -49.14
CA THR M 341 -91.54 -114.77 -48.98
C THR M 341 -92.96 -114.44 -49.43
N VAL M 342 -93.22 -113.14 -49.68
CA VAL M 342 -94.53 -112.63 -50.09
C VAL M 342 -95.15 -113.51 -51.16
N GLN M 343 -96.45 -113.76 -51.03
CA GLN M 343 -97.14 -114.77 -51.84
C GLN M 343 -97.06 -114.44 -53.32
N LEU M 344 -96.42 -115.34 -54.08
CA LEU M 344 -96.25 -115.14 -55.51
C LEU M 344 -97.60 -115.20 -56.22
N VAL M 345 -97.79 -114.32 -57.19
CA VAL M 345 -99.00 -114.30 -57.99
C VAL M 345 -98.88 -115.29 -59.14
N ASP M 346 -100.02 -115.67 -59.70
CA ASP M 346 -100.06 -116.62 -60.80
C ASP M 346 -100.06 -115.96 -62.16
N TRP M 347 -99.96 -114.63 -62.23
CA TRP M 347 -100.01 -113.93 -63.51
C TRP M 347 -98.64 -113.73 -64.14
N CYS M 348 -97.59 -113.57 -63.33
CA CYS M 348 -96.26 -113.35 -63.89
C CYS M 348 -95.67 -114.66 -64.43
N PRO M 349 -95.60 -115.75 -63.65
CA PRO M 349 -95.94 -115.98 -62.23
C PRO M 349 -94.77 -115.64 -61.30
N THR M 350 -93.55 -115.76 -61.81
CA THR M 350 -92.35 -115.40 -61.08
C THR M 350 -91.43 -114.63 -62.01
N GLY M 351 -91.35 -113.31 -61.83
CA GLY M 351 -90.50 -112.49 -62.66
C GLY M 351 -89.53 -111.64 -61.87
N PHE M 352 -88.24 -111.94 -62.00
CA PHE M 352 -87.17 -111.20 -61.32
C PHE M 352 -86.32 -110.53 -62.40
N LYS M 353 -86.54 -109.24 -62.62
CA LYS M 353 -85.74 -108.48 -63.57
C LYS M 353 -84.37 -108.18 -62.95
N ILE M 354 -83.32 -108.62 -63.63
CA ILE M 354 -81.95 -108.49 -63.12
C ILE M 354 -81.20 -107.49 -64.00
N GLY M 355 -80.64 -106.47 -63.37
CA GLY M 355 -79.83 -105.49 -64.07
C GLY M 355 -78.39 -105.48 -63.60
N ILE M 356 -77.45 -105.52 -64.54
CA ILE M 356 -76.02 -105.57 -64.22
C ILE M 356 -75.36 -104.31 -64.77
N CYS M 357 -74.61 -103.63 -63.92
CA CYS M 357 -73.91 -102.41 -64.30
C CYS M 357 -72.43 -102.55 -63.96
N TYR M 358 -71.57 -102.08 -64.87
CA TYR M 358 -70.14 -102.21 -64.68
C TYR M 358 -69.58 -101.20 -63.68
N GLU M 359 -70.13 -100.00 -63.63
CA GLU M 359 -69.56 -98.95 -62.81
C GLU M 359 -69.68 -99.30 -61.32
N PRO M 360 -68.66 -99.01 -60.52
CA PRO M 360 -68.76 -99.29 -59.09
C PRO M 360 -69.77 -98.36 -58.42
N PRO M 361 -70.38 -98.79 -57.32
CA PRO M 361 -71.25 -97.89 -56.56
C PRO M 361 -70.48 -96.69 -56.03
N THR M 362 -71.17 -95.55 -55.97
CA THR M 362 -70.56 -94.29 -55.55
C THR M 362 -71.29 -93.74 -54.33
N ALA M 363 -70.56 -92.99 -53.51
CA ALA M 363 -71.10 -92.41 -52.28
C ALA M 363 -70.70 -90.95 -52.17
N THR M 364 -71.47 -90.20 -51.40
CA THR M 364 -71.25 -88.77 -51.26
C THR M 364 -70.27 -88.50 -50.13
N PRO M 365 -69.22 -87.69 -50.37
CA PRO M 365 -68.34 -87.29 -49.25
C PRO M 365 -69.06 -86.53 -48.16
N ASN M 366 -70.13 -85.80 -48.48
CA ASN M 366 -70.91 -85.11 -47.47
C ASN M 366 -71.73 -86.06 -46.61
N SER M 367 -71.97 -87.28 -47.08
CA SER M 367 -72.69 -88.30 -46.33
C SER M 367 -71.71 -89.29 -45.74
N GLN M 368 -72.19 -90.05 -44.75
CA GLN M 368 -71.35 -91.03 -44.04
C GLN M 368 -71.51 -92.43 -44.59
N LEU M 369 -71.82 -92.56 -45.89
CA LEU M 369 -71.96 -93.86 -46.53
C LEU M 369 -70.61 -94.29 -47.10
N ALA M 370 -70.12 -95.44 -46.65
CA ALA M 370 -68.84 -95.94 -47.12
C ALA M 370 -68.96 -96.47 -48.55
N THR M 371 -67.92 -96.26 -49.34
CA THR M 371 -67.89 -96.78 -50.70
C THR M 371 -67.82 -98.31 -50.67
N VAL M 372 -68.66 -98.95 -51.47
CA VAL M 372 -68.76 -100.41 -51.50
C VAL M 372 -68.55 -100.89 -52.93
N ASP M 373 -68.01 -102.10 -53.06
CA ASP M 373 -67.74 -102.68 -54.37
C ASP M 373 -68.99 -103.21 -55.06
N ARG M 374 -70.10 -103.38 -54.34
CA ARG M 374 -71.34 -103.88 -54.93
C ARG M 374 -72.51 -103.32 -54.13
N ALA M 375 -73.55 -102.90 -54.85
CA ALA M 375 -74.75 -102.33 -54.24
C ALA M 375 -75.98 -102.83 -54.98
N VAL M 376 -77.11 -102.82 -54.30
CA VAL M 376 -78.39 -103.26 -54.85
C VAL M 376 -79.42 -102.14 -54.72
N CYS M 377 -80.07 -101.82 -55.83
CA CYS M 377 -81.27 -100.99 -55.85
C CYS M 377 -82.42 -101.87 -56.30
N MET M 378 -83.43 -102.02 -55.44
CA MET M 378 -84.56 -102.92 -55.69
C MET M 378 -85.83 -102.11 -55.89
N LEU M 379 -86.53 -102.38 -56.98
CA LEU M 379 -87.80 -101.73 -57.30
C LEU M 379 -88.90 -102.78 -57.34
N SER M 380 -89.96 -102.56 -56.57
CA SER M 380 -91.07 -103.51 -56.52
C SER M 380 -92.36 -102.76 -56.26
N ASN M 381 -93.43 -103.15 -56.96
CA ASN M 381 -94.74 -102.55 -56.79
C ASN M 381 -95.55 -103.39 -55.80
N THR M 382 -95.00 -103.52 -54.60
CA THR M 382 -95.65 -104.31 -53.56
C THR M 382 -96.85 -103.56 -53.01
N THR M 383 -97.87 -104.33 -52.62
CA THR M 383 -99.12 -103.79 -52.09
C THR M 383 -99.06 -103.53 -50.59
N SER M 384 -97.87 -103.36 -50.02
CA SER M 384 -97.72 -103.21 -48.57
C SER M 384 -97.94 -101.79 -48.08
N ILE M 385 -98.05 -100.80 -48.99
CA ILE M 385 -98.34 -99.44 -48.54
C ILE M 385 -99.84 -99.22 -48.41
N ALA M 386 -100.64 -100.25 -48.68
CA ALA M 386 -102.09 -100.12 -48.60
C ALA M 386 -102.52 -99.72 -47.20
N GLU M 387 -101.94 -100.35 -46.17
CA GLU M 387 -102.25 -99.92 -44.81
C GLU M 387 -101.72 -98.52 -44.51
N ALA M 388 -100.68 -98.07 -45.22
CA ALA M 388 -100.23 -96.70 -45.03
C ALA M 388 -101.27 -95.70 -45.53
N TRP M 389 -101.78 -95.90 -46.76
CA TRP M 389 -102.88 -95.04 -47.18
C TRP M 389 -104.11 -95.25 -46.31
N LYS M 390 -104.31 -96.45 -45.75
CA LYS M 390 -105.44 -96.66 -44.86
C LYS M 390 -105.31 -95.82 -43.59
N ARG M 391 -104.11 -95.74 -43.02
CA ARG M 391 -103.89 -94.89 -41.86
C ARG M 391 -104.09 -93.42 -42.20
N ILE M 392 -103.57 -93.00 -43.36
CA ILE M 392 -103.78 -91.62 -43.80
C ILE M 392 -105.26 -91.34 -43.98
N ASP M 393 -106.01 -92.32 -44.49
CA ASP M 393 -107.44 -92.14 -44.73
C ASP M 393 -108.22 -92.15 -43.43
N ARG M 394 -107.77 -92.89 -42.42
CA ARG M 394 -108.41 -92.81 -41.11
C ARG M 394 -108.19 -91.44 -40.49
N LYS M 395 -106.96 -90.90 -40.61
CA LYS M 395 -106.73 -89.51 -40.24
C LYS M 395 -107.68 -88.58 -40.99
N PHE M 396 -107.87 -88.84 -42.28
CA PHE M 396 -108.78 -88.03 -43.09
C PHE M 396 -110.20 -88.09 -42.57
N ASP M 397 -110.69 -89.28 -42.23
CA ASP M 397 -112.05 -89.41 -41.72
C ASP M 397 -112.21 -88.65 -40.42
N LEU M 398 -111.24 -88.79 -39.51
CA LEU M 398 -111.38 -88.17 -38.20
C LEU M 398 -111.27 -86.65 -38.28
N MET M 399 -110.44 -86.13 -39.20
CA MET M 399 -110.36 -84.67 -39.31
C MET M 399 -111.32 -84.11 -40.36
N TYR M 400 -112.06 -84.98 -41.05
CA TYR M 400 -113.13 -84.58 -41.95
C TYR M 400 -114.49 -84.64 -41.29
N ALA M 401 -114.60 -85.30 -40.13
CA ALA M 401 -115.85 -85.25 -39.38
C ALA M 401 -116.29 -83.81 -39.11
N LYS M 402 -115.35 -82.95 -38.70
CA LYS M 402 -115.59 -81.52 -38.58
C LYS M 402 -115.19 -80.75 -39.83
N ARG M 403 -114.36 -81.38 -40.67
CA ARG M 403 -113.84 -80.91 -41.96
C ARG M 403 -112.78 -79.82 -41.82
N ALA M 404 -112.79 -79.10 -40.69
CA ALA M 404 -111.68 -78.35 -40.14
C ALA M 404 -111.09 -77.26 -41.04
N PHE M 405 -111.38 -77.30 -42.35
CA PHE M 405 -110.71 -76.42 -43.31
C PHE M 405 -111.65 -75.97 -44.43
N VAL M 406 -112.84 -76.58 -44.48
CA VAL M 406 -113.75 -76.30 -45.58
C VAL M 406 -114.16 -74.84 -45.65
N HIS M 407 -114.00 -74.10 -44.55
CA HIS M 407 -114.26 -72.66 -44.61
C HIS M 407 -113.44 -72.01 -45.71
N TRP M 408 -112.11 -72.03 -45.58
CA TRP M 408 -111.25 -71.47 -46.61
C TRP M 408 -111.37 -72.23 -47.93
N TYR M 409 -111.47 -73.56 -47.86
CA TYR M 409 -111.47 -74.34 -49.09
C TYR M 409 -112.68 -73.99 -49.97
N VAL M 410 -113.85 -73.80 -49.36
CA VAL M 410 -115.02 -73.36 -50.12
C VAL M 410 -114.91 -71.88 -50.46
N GLY M 411 -114.37 -71.07 -49.55
CA GLY M 411 -114.25 -69.65 -49.81
C GLY M 411 -113.41 -69.31 -51.01
N GLU M 412 -112.41 -70.12 -51.32
CA GLU M 412 -111.63 -69.88 -52.53
C GLU M 412 -112.31 -70.44 -53.79
N GLY M 413 -113.29 -71.33 -53.63
CA GLY M 413 -114.04 -71.79 -54.79
C GLY M 413 -114.33 -73.28 -54.86
N MET M 414 -113.79 -74.05 -53.91
CA MET M 414 -114.00 -75.50 -53.91
C MET M 414 -115.24 -75.85 -53.10
N GLU M 415 -115.47 -77.15 -52.93
CA GLU M 415 -116.61 -77.64 -52.15
C GLU M 415 -116.34 -79.09 -51.74
N GLU M 416 -117.18 -79.59 -50.83
CA GLU M 416 -116.95 -80.89 -50.23
C GLU M 416 -117.04 -82.04 -51.23
N GLY M 417 -117.62 -81.81 -52.40
CA GLY M 417 -117.70 -82.87 -53.40
C GLY M 417 -116.34 -83.34 -53.86
N GLU M 418 -115.39 -82.41 -54.02
CA GLU M 418 -114.04 -82.80 -54.40
C GLU M 418 -113.39 -83.67 -53.33
N PHE M 419 -113.57 -83.30 -52.06
CA PHE M 419 -113.02 -84.12 -50.97
C PHE M 419 -113.65 -85.50 -50.95
N THR M 420 -114.96 -85.58 -51.15
CA THR M 420 -115.62 -86.88 -51.18
C THR M 420 -115.14 -87.72 -52.36
N GLU M 421 -114.94 -87.09 -53.52
CA GLU M 421 -114.45 -87.81 -54.68
C GLU M 421 -113.03 -88.33 -54.44
N ALA M 422 -112.18 -87.52 -53.82
CA ALA M 422 -110.84 -87.98 -53.47
C ALA M 422 -110.90 -89.13 -52.47
N ARG M 423 -111.82 -89.04 -51.50
CA ARG M 423 -111.99 -90.12 -50.52
C ARG M 423 -112.36 -91.43 -51.20
N GLU M 424 -113.34 -91.38 -52.10
CA GLU M 424 -113.77 -92.61 -52.77
C GLU M 424 -112.72 -93.10 -53.75
N ASP M 425 -111.94 -92.20 -54.35
CA ASP M 425 -110.82 -92.61 -55.19
C ASP M 425 -109.77 -93.35 -54.38
N LEU M 426 -109.45 -92.84 -53.19
CA LEU M 426 -108.47 -93.54 -52.33
C LEU M 426 -109.01 -94.88 -51.88
N ALA M 427 -110.31 -94.95 -51.56
CA ALA M 427 -110.91 -96.22 -51.19
C ALA M 427 -110.85 -97.23 -52.34
N ALA M 428 -111.13 -96.77 -53.56
CA ALA M 428 -111.04 -97.63 -54.73
C ALA M 428 -109.61 -98.09 -54.97
N LEU M 429 -108.64 -97.20 -54.76
CA LEU M 429 -107.24 -97.60 -54.92
C LEU M 429 -106.85 -98.67 -53.90
N GLU M 430 -107.28 -98.51 -52.65
CA GLU M 430 -106.99 -99.54 -51.65
C GLU M 430 -107.68 -100.86 -51.99
N ARG M 431 -108.92 -100.79 -52.49
CA ARG M 431 -109.62 -102.00 -52.88
C ARG M 431 -108.92 -102.70 -54.03
N ASP M 432 -108.42 -101.93 -55.00
CA ASP M 432 -107.65 -102.51 -56.10
C ASP M 432 -106.35 -103.11 -55.59
N TYR M 433 -105.71 -102.46 -54.61
CA TYR M 433 -104.52 -103.00 -53.99
C TYR M 433 -104.80 -104.38 -53.39
N ILE M 434 -105.92 -104.51 -52.69
CA ILE M 434 -106.29 -105.81 -52.12
C ILE M 434 -106.61 -106.81 -53.22
N GLU M 435 -107.34 -106.38 -54.25
CA GLU M 435 -107.86 -107.31 -55.24
C GLU M 435 -106.76 -107.86 -56.15
N VAL M 436 -105.77 -107.02 -56.50
CA VAL M 436 -104.74 -107.45 -57.44
C VAL M 436 -103.95 -108.63 -56.89
N GLY M 437 -103.83 -108.71 -55.56
CA GLY M 437 -103.19 -109.86 -54.94
C GLY M 437 -104.18 -110.92 -54.53
N ALA M 438 -105.44 -110.53 -54.34
CA ALA M 438 -106.47 -111.49 -53.96
C ALA M 438 -106.92 -112.34 -55.14
N ASP M 439 -106.73 -111.87 -56.37
CA ASP M 439 -107.14 -112.66 -57.53
C ASP M 439 -106.36 -113.96 -57.63
N SER M 440 -105.06 -113.91 -57.36
CA SER M 440 -104.23 -115.10 -57.42
C SER M 440 -104.52 -116.04 -56.25
N MET N 1 -104.54 -32.23 38.43
CA MET N 1 -103.81 -33.17 39.29
C MET N 1 -102.33 -32.80 39.23
N ARG N 2 -102.04 -31.51 39.29
CA ARG N 2 -100.68 -31.01 39.20
C ARG N 2 -100.27 -30.08 40.32
N GLU N 3 -101.18 -29.21 40.78
CA GLU N 3 -100.83 -28.15 41.69
C GLU N 3 -101.42 -28.40 43.08
N VAL N 4 -100.74 -27.87 44.09
CA VAL N 4 -101.17 -27.95 45.48
C VAL N 4 -101.30 -26.53 46.03
N ILE N 5 -102.44 -26.22 46.63
CA ILE N 5 -102.73 -24.91 47.17
C ILE N 5 -102.62 -24.97 48.69
N SER N 6 -101.89 -24.03 49.28
CA SER N 6 -101.64 -23.99 50.71
C SER N 6 -102.30 -22.77 51.31
N ILE N 7 -103.00 -22.96 52.43
CA ILE N 7 -103.69 -21.89 53.14
C ILE N 7 -103.26 -21.93 54.60
N ASN N 8 -102.88 -20.78 55.14
CA ASN N 8 -102.46 -20.64 56.53
C ASN N 8 -103.45 -19.75 57.26
N VAL N 9 -103.92 -20.22 58.42
CA VAL N 9 -104.88 -19.49 59.24
C VAL N 9 -104.31 -19.37 60.64
N GLY N 10 -104.39 -18.17 61.21
CA GLY N 10 -103.86 -17.92 62.54
C GLY N 10 -102.42 -17.43 62.51
N GLN N 11 -102.03 -16.76 63.60
CA GLN N 11 -100.69 -16.20 63.67
C GLN N 11 -99.63 -17.31 63.65
N ALA N 12 -99.86 -18.40 64.37
CA ALA N 12 -98.92 -19.51 64.36
C ALA N 12 -98.81 -20.12 62.97
N GLY N 13 -99.94 -20.32 62.30
CA GLY N 13 -99.91 -20.85 60.94
C GLY N 13 -99.19 -19.92 59.98
N CYS N 14 -99.38 -18.61 60.15
CA CYS N 14 -98.68 -17.65 59.31
C CYS N 14 -97.18 -17.70 59.54
N GLN N 15 -96.74 -17.83 60.79
CA GLN N 15 -95.31 -17.95 61.07
C GLN N 15 -94.74 -19.22 60.46
N ILE N 16 -95.47 -20.34 60.59
CA ILE N 16 -95.02 -21.59 59.99
C ILE N 16 -94.91 -21.46 58.48
N GLY N 17 -95.90 -20.82 57.86
CA GLY N 17 -95.85 -20.60 56.44
C GLY N 17 -94.68 -19.73 56.02
N ASN N 18 -94.44 -18.65 56.75
CA ASN N 18 -93.31 -17.78 56.45
C ASN N 18 -92.01 -18.57 56.49
N ALA N 19 -91.83 -19.38 57.53
CA ALA N 19 -90.63 -20.20 57.63
C ALA N 19 -90.53 -21.17 56.45
N CYS N 20 -91.64 -21.81 56.09
CA CYS N 20 -91.57 -22.86 55.07
C CYS N 20 -91.31 -22.27 53.69
N TRP N 21 -91.89 -21.11 53.38
CA TRP N 21 -91.51 -20.48 52.10
C TRP N 21 -90.09 -19.95 52.13
N GLU N 22 -89.60 -19.50 53.29
CA GLU N 22 -88.19 -19.15 53.38
C GLU N 22 -87.31 -20.33 53.02
N LEU N 23 -87.60 -21.51 53.60
CA LEU N 23 -86.86 -22.70 53.19
C LEU N 23 -87.00 -22.94 51.69
N TYR N 24 -88.24 -23.02 51.19
CA TYR N 24 -88.46 -23.33 49.78
C TYR N 24 -87.63 -22.43 48.88
N SER N 25 -87.56 -21.14 49.20
CA SER N 25 -86.65 -20.25 48.49
C SER N 25 -85.20 -20.69 48.69
N LEU N 26 -84.87 -21.22 49.87
CA LEU N 26 -83.47 -21.59 50.13
C LEU N 26 -83.01 -22.76 49.26
N GLU N 27 -83.71 -23.90 49.32
CA GLU N 27 -83.18 -25.05 48.56
C GLU N 27 -83.37 -24.86 47.06
N HIS N 28 -84.49 -24.29 46.62
CA HIS N 28 -84.72 -24.16 45.19
C HIS N 28 -84.07 -22.91 44.59
N GLY N 29 -83.28 -22.17 45.38
CA GLY N 29 -82.45 -21.13 44.82
C GLY N 29 -83.15 -19.85 44.47
N ILE N 30 -84.31 -19.58 45.05
CA ILE N 30 -85.00 -18.31 44.85
C ILE N 30 -84.55 -17.32 45.92
N LYS N 31 -84.17 -16.12 45.49
CA LYS N 31 -83.78 -15.08 46.43
C LYS N 31 -85.00 -14.62 47.22
N PRO N 32 -84.79 -13.97 48.38
CA PRO N 32 -85.92 -13.59 49.24
C PRO N 32 -86.92 -12.64 48.59
N ASP N 33 -86.67 -12.22 47.34
CA ASP N 33 -87.62 -11.41 46.60
C ASP N 33 -88.08 -12.05 45.30
N GLY N 34 -87.36 -13.04 44.78
CA GLY N 34 -87.76 -13.74 43.57
C GLY N 34 -87.25 -13.06 42.31
N HIS N 35 -87.25 -13.83 41.22
CA HIS N 35 -86.87 -13.36 39.89
C HIS N 35 -85.43 -12.81 39.87
N LEU N 36 -84.47 -13.70 40.05
CA LEU N 36 -84.71 -15.14 40.17
C LEU N 36 -84.26 -15.72 41.53
N GLU N 37 -83.04 -15.52 42.04
CA GLU N 37 -81.84 -14.89 41.44
C GLU N 37 -80.60 -15.74 41.74
N ASP N 38 -80.19 -16.64 40.85
CA ASP N 38 -80.86 -16.94 39.59
C ASP N 38 -81.46 -18.35 39.64
N GLY N 39 -81.96 -18.81 38.50
CA GLY N 39 -82.45 -20.17 38.39
C GLY N 39 -81.31 -21.15 38.56
N LEU N 40 -81.65 -22.33 39.06
CA LEU N 40 -80.64 -23.32 39.42
C LEU N 40 -80.71 -24.58 38.57
N SER N 41 -81.89 -25.17 38.48
CA SER N 41 -82.07 -26.50 37.93
C SER N 41 -83.49 -26.59 37.37
N LYS N 42 -83.79 -27.57 36.52
CA LYS N 42 -83.05 -28.76 36.04
C LYS N 42 -82.64 -29.80 37.09
N PRO N 43 -83.61 -30.37 37.82
CA PRO N 43 -85.04 -30.03 37.87
C PRO N 43 -85.45 -29.15 39.06
N LYS N 44 -85.88 -27.91 38.77
CA LYS N 44 -86.62 -27.10 39.73
C LYS N 44 -87.77 -26.35 39.09
N GLY N 45 -87.96 -26.47 37.77
CA GLY N 45 -88.98 -25.75 37.05
C GLY N 45 -88.41 -24.70 36.11
N GLY N 46 -88.29 -25.05 34.83
CA GLY N 46 -88.58 -26.40 34.36
C GLY N 46 -87.43 -27.36 34.61
N GLU N 47 -87.71 -28.67 34.57
CA GLU N 47 -89.03 -29.19 34.28
C GLU N 47 -89.92 -29.22 35.52
N GLU N 48 -91.22 -29.44 35.31
CA GLU N 48 -92.17 -29.47 36.41
C GLU N 48 -91.94 -30.70 37.29
N GLY N 49 -91.95 -30.49 38.61
CA GLY N 49 -92.11 -29.18 39.22
C GLY N 49 -90.79 -28.45 39.36
N PHE N 50 -90.81 -27.13 39.48
CA PHE N 50 -92.04 -26.33 39.59
C PHE N 50 -92.68 -26.12 38.20
N SER N 51 -93.96 -25.72 38.12
CA SER N 51 -94.77 -25.24 39.25
C SER N 51 -95.48 -26.33 40.04
N THR N 52 -95.23 -26.33 41.35
CA THR N 52 -95.98 -27.12 42.31
C THR N 52 -96.51 -26.30 43.48
N PHE N 53 -95.74 -25.31 43.95
CA PHE N 53 -96.19 -24.42 45.01
C PHE N 53 -95.96 -22.97 44.59
N PHE N 54 -94.94 -22.73 43.77
CA PHE N 54 -94.62 -21.41 43.26
C PHE N 54 -95.19 -21.27 41.85
N HIS N 55 -96.00 -20.24 41.64
CA HIS N 55 -96.54 -19.98 40.31
C HIS N 55 -95.43 -19.55 39.36
N GLU N 56 -95.45 -20.08 38.15
CA GLU N 56 -94.46 -19.75 37.12
C GLU N 56 -94.97 -18.56 36.33
N THR N 57 -94.50 -17.36 36.71
CA THR N 57 -94.89 -16.14 36.01
C THR N 57 -94.31 -16.13 34.60
N GLY N 58 -95.08 -15.57 33.66
CA GLY N 58 -94.60 -15.47 32.29
C GLY N 58 -93.33 -14.64 32.15
N TYR N 59 -93.16 -13.65 33.02
CA TYR N 59 -91.94 -12.85 33.03
C TYR N 59 -90.75 -13.63 33.57
N GLY N 60 -90.96 -14.82 34.12
CA GLY N 60 -89.89 -15.60 34.73
C GLY N 60 -89.86 -15.56 36.24
N LYS N 61 -90.81 -14.89 36.88
CA LYS N 61 -90.84 -14.79 38.33
C LYS N 61 -91.49 -16.03 38.94
N PHE N 62 -91.26 -16.21 40.25
CA PHE N 62 -91.83 -17.31 41.01
C PHE N 62 -92.71 -16.73 42.11
N VAL N 63 -93.98 -17.09 42.10
CA VAL N 63 -94.95 -16.54 43.04
C VAL N 63 -95.60 -17.68 43.83
N PRO N 64 -95.41 -17.75 45.13
CA PRO N 64 -96.15 -18.73 45.95
C PRO N 64 -97.65 -18.53 45.80
N ARG N 65 -98.38 -19.64 45.71
CA ARG N 65 -99.83 -19.62 45.58
C ARG N 65 -100.43 -19.96 46.94
N ALA N 66 -100.54 -18.94 47.79
CA ALA N 66 -101.08 -19.11 49.12
C ALA N 66 -102.05 -17.97 49.43
N ILE N 67 -103.00 -18.25 50.31
CA ILE N 67 -104.01 -17.28 50.71
C ILE N 67 -103.89 -17.08 52.22
N TYR N 68 -103.61 -15.85 52.64
CA TYR N 68 -103.49 -15.50 54.05
C TYR N 68 -104.81 -14.88 54.50
N VAL N 69 -105.61 -15.66 55.21
CA VAL N 69 -106.89 -15.21 55.74
C VAL N 69 -106.78 -15.12 57.25
N ASP N 70 -107.16 -13.97 57.80
CA ASP N 70 -107.10 -13.71 59.24
C ASP N 70 -107.83 -12.41 59.51
N LEU N 71 -108.43 -12.33 60.70
CA LEU N 71 -109.16 -11.15 61.12
C LEU N 71 -108.30 -10.19 61.94
N GLU N 72 -107.04 -10.54 62.18
CA GLU N 72 -106.12 -9.66 62.89
C GLU N 72 -105.15 -9.04 61.89
N PRO N 73 -105.26 -7.73 61.62
CA PRO N 73 -104.42 -7.14 60.56
C PRO N 73 -102.94 -7.07 60.90
N ASN N 74 -102.56 -7.29 62.15
CA ASN N 74 -101.15 -7.16 62.54
C ASN N 74 -100.27 -8.17 61.81
N VAL N 75 -100.74 -9.43 61.69
CA VAL N 75 -99.94 -10.44 60.99
C VAL N 75 -99.78 -10.08 59.52
N ILE N 76 -100.87 -9.62 58.88
CA ILE N 76 -100.80 -9.25 57.47
C ILE N 76 -99.85 -8.06 57.28
N ASP N 77 -99.88 -7.09 58.19
CA ASP N 77 -98.97 -5.96 58.10
C ASP N 77 -97.52 -6.41 58.27
N GLU N 78 -97.27 -7.34 59.21
CA GLU N 78 -95.92 -7.86 59.41
C GLU N 78 -95.44 -8.61 58.18
N VAL N 79 -96.34 -9.32 57.49
CA VAL N 79 -95.96 -9.98 56.24
C VAL N 79 -95.67 -8.95 55.16
N ARG N 80 -96.48 -7.91 55.07
CA ARG N 80 -96.39 -6.93 54.00
C ARG N 80 -95.24 -5.95 54.15
N ASN N 81 -94.74 -5.71 55.36
CA ASN N 81 -93.65 -4.77 55.56
C ASN N 81 -92.27 -5.43 55.50
N GLY N 82 -92.21 -6.73 55.24
CA GLY N 82 -90.95 -7.42 55.14
C GLY N 82 -90.66 -7.87 53.73
N PRO N 83 -89.71 -8.80 53.57
CA PRO N 83 -89.38 -9.30 52.22
C PRO N 83 -90.45 -10.18 51.62
N TYR N 84 -91.49 -10.55 52.38
CA TYR N 84 -92.54 -11.41 51.86
C TYR N 84 -93.47 -10.69 50.89
N LYS N 85 -93.36 -9.37 50.76
CA LYS N 85 -94.27 -8.61 49.91
C LYS N 85 -94.09 -8.97 48.45
N ASP N 86 -92.87 -9.32 48.05
CA ASP N 86 -92.58 -9.65 46.65
C ASP N 86 -92.96 -11.07 46.27
N LEU N 87 -93.41 -11.89 47.23
CA LEU N 87 -93.77 -13.27 46.97
C LEU N 87 -95.27 -13.49 46.87
N PHE N 88 -96.07 -12.75 47.63
CA PHE N 88 -97.51 -12.97 47.72
C PHE N 88 -98.25 -11.92 46.91
N HIS N 89 -99.22 -12.37 46.13
CA HIS N 89 -100.05 -11.44 45.35
C HIS N 89 -100.85 -10.55 46.29
N PRO N 90 -101.01 -9.26 45.95
CA PRO N 90 -101.74 -8.36 46.86
C PRO N 90 -103.17 -8.81 47.15
N GLU N 91 -103.85 -9.39 46.17
CA GLU N 91 -105.23 -9.85 46.39
C GLU N 91 -105.29 -11.15 47.18
N GLN N 92 -104.19 -11.91 47.23
CA GLN N 92 -104.16 -13.13 48.02
C GLN N 92 -103.99 -12.87 49.51
N LEU N 93 -103.59 -11.66 49.90
CA LEU N 93 -103.40 -11.31 51.30
C LEU N 93 -104.70 -10.71 51.82
N ILE N 94 -105.59 -11.56 52.32
CA ILE N 94 -106.88 -11.13 52.85
C ILE N 94 -106.68 -10.60 54.27
N SER N 95 -106.60 -9.27 54.40
CA SER N 95 -106.39 -8.64 55.69
C SER N 95 -107.74 -8.33 56.33
N GLY N 96 -107.92 -8.80 57.57
CA GLY N 96 -109.14 -8.52 58.30
C GLY N 96 -109.04 -7.27 59.15
N LYS N 97 -110.22 -6.69 59.43
CA LYS N 97 -110.30 -5.47 60.22
C LYS N 97 -111.24 -5.56 61.41
N GLU N 98 -111.86 -6.71 61.65
CA GLU N 98 -112.81 -6.89 62.74
C GLU N 98 -112.19 -7.75 63.83
N ASP N 99 -112.16 -7.23 65.05
CA ASP N 99 -111.61 -7.94 66.20
C ASP N 99 -112.64 -7.93 67.33
N ALA N 100 -113.21 -9.09 67.62
CA ALA N 100 -114.18 -9.20 68.71
C ALA N 100 -113.87 -10.40 69.60
N ALA N 101 -113.08 -11.34 69.08
CA ALA N 101 -112.65 -12.51 69.84
C ALA N 101 -111.44 -13.10 69.14
N ASN N 102 -110.77 -14.04 69.82
CA ASN N 102 -109.62 -14.75 69.23
C ASN N 102 -109.82 -16.25 69.41
N ASN N 103 -110.57 -16.87 68.49
CA ASN N 103 -111.51 -16.20 67.60
C ASN N 103 -112.74 -17.09 67.44
N TYR N 104 -112.67 -18.26 68.08
CA TYR N 104 -113.67 -19.30 67.82
C TYR N 104 -115.05 -18.94 68.33
N ALA N 105 -115.16 -17.92 69.20
CA ALA N 105 -116.48 -17.51 69.67
C ALA N 105 -117.36 -17.09 68.51
N ARG N 106 -116.81 -16.30 67.58
CA ARG N 106 -117.54 -15.85 66.41
C ARG N 106 -116.99 -16.41 65.10
N GLY N 107 -115.81 -17.06 65.14
CA GLY N 107 -115.21 -17.53 63.91
C GLY N 107 -116.00 -18.62 63.22
N HIS N 108 -116.51 -19.58 64.00
CA HIS N 108 -117.24 -20.72 63.46
C HIS N 108 -118.74 -20.46 63.32
N TYR N 109 -119.14 -19.21 63.17
CA TYR N 109 -120.56 -18.85 63.17
C TYR N 109 -120.79 -17.88 62.01
N THR N 110 -121.97 -17.24 62.02
CA THR N 110 -122.38 -16.38 60.91
C THR N 110 -121.42 -15.21 60.68
N VAL N 111 -120.59 -14.87 61.67
CA VAL N 111 -119.70 -13.73 61.55
C VAL N 111 -118.63 -14.00 60.48
N GLY N 112 -118.26 -15.26 60.27
CA GLY N 112 -117.16 -15.55 59.37
C GLY N 112 -117.59 -15.83 57.94
N ARG N 113 -118.84 -16.26 57.74
CA ARG N 113 -119.21 -16.79 56.43
C ARG N 113 -119.67 -15.72 55.45
N GLU N 114 -119.74 -14.44 55.85
CA GLU N 114 -119.94 -13.41 54.84
C GLU N 114 -118.62 -13.00 54.18
N ILE N 115 -117.49 -13.36 54.77
CA ILE N 115 -116.19 -13.19 54.13
C ILE N 115 -115.75 -14.45 53.39
N LEU N 116 -116.23 -15.64 53.80
CA LEU N 116 -115.84 -16.88 53.13
C LEU N 116 -116.19 -16.87 51.65
N GLY N 117 -117.23 -16.15 51.24
CA GLY N 117 -117.57 -16.11 49.83
C GLY N 117 -116.44 -15.55 48.98
N ASP N 118 -115.83 -14.45 49.43
CA ASP N 118 -114.70 -13.87 48.72
C ASP N 118 -113.52 -14.82 48.69
N VAL N 119 -113.28 -15.53 49.80
CA VAL N 119 -112.17 -16.48 49.84
C VAL N 119 -112.39 -17.62 48.85
N LEU N 120 -113.60 -18.16 48.81
CA LEU N 120 -113.91 -19.22 47.85
C LEU N 120 -113.79 -18.72 46.41
N ASP N 121 -114.26 -17.50 46.14
CA ASP N 121 -114.12 -16.96 44.79
C ASP N 121 -112.65 -16.80 44.41
N ARG N 122 -111.83 -16.31 45.34
CA ARG N 122 -110.41 -16.14 45.06
C ARG N 122 -109.72 -17.47 44.81
N ILE N 123 -110.02 -18.49 45.63
CA ILE N 123 -109.36 -19.77 45.44
C ILE N 123 -109.85 -20.44 44.16
N ARG N 124 -111.12 -20.26 43.80
CA ARG N 124 -111.61 -20.78 42.52
C ARG N 124 -110.91 -20.10 41.35
N LYS N 125 -110.71 -18.79 41.42
CA LYS N 125 -109.98 -18.09 40.38
C LYS N 125 -108.54 -18.58 40.29
N LEU N 126 -107.90 -18.80 41.44
CA LEU N 126 -106.53 -19.32 41.45
C LEU N 126 -106.46 -20.72 40.86
N ALA N 127 -107.44 -21.57 41.18
CA ALA N 127 -107.49 -22.90 40.59
C ALA N 127 -107.66 -22.84 39.08
N ASP N 128 -108.53 -21.94 38.61
CA ASP N 128 -108.68 -21.75 37.17
C ASP N 128 -107.41 -21.19 36.54
N GLN N 129 -106.61 -20.46 37.32
CA GLN N 129 -105.35 -19.93 36.80
C GLN N 129 -104.40 -21.05 36.42
N CYS N 130 -104.28 -22.07 37.27
CA CYS N 130 -103.35 -23.17 37.04
C CYS N 130 -104.05 -24.31 36.29
N ASP N 131 -103.22 -25.25 35.82
CA ASP N 131 -103.70 -26.41 35.08
C ASP N 131 -103.76 -27.60 36.04
N GLY N 132 -104.98 -27.98 36.42
CA GLY N 132 -105.18 -29.11 37.30
C GLY N 132 -105.06 -28.74 38.77
N LEU N 133 -105.43 -29.69 39.62
CA LEU N 133 -105.38 -29.51 41.07
C LEU N 133 -105.20 -30.87 41.72
N GLN N 134 -104.23 -30.97 42.63
CA GLN N 134 -103.89 -32.23 43.28
C GLN N 134 -104.38 -32.31 44.72
N GLY N 135 -104.00 -31.36 45.57
CA GLY N 135 -104.40 -31.40 46.95
C GLY N 135 -104.21 -30.05 47.60
N PHE N 136 -104.60 -29.98 48.88
CA PHE N 136 -104.52 -28.74 49.66
C PHE N 136 -103.66 -28.95 50.89
N LEU N 137 -102.94 -27.91 51.28
CA LEU N 137 -102.11 -27.90 52.48
C LEU N 137 -102.70 -26.92 53.48
N PHE N 138 -102.89 -27.37 54.71
CA PHE N 138 -103.48 -26.55 55.77
C PHE N 138 -102.47 -26.38 56.89
N THR N 139 -102.31 -25.15 57.37
CA THR N 139 -101.43 -24.82 58.49
C THR N 139 -102.17 -23.86 59.41
N HIS N 140 -102.74 -24.41 60.49
CA HIS N 140 -103.47 -23.59 61.45
C HIS N 140 -103.20 -24.13 62.85
N SER N 141 -103.40 -23.27 63.84
CA SER N 141 -103.19 -23.63 65.24
C SER N 141 -104.54 -23.88 65.91
N LEU N 142 -104.68 -25.06 66.50
CA LEU N 142 -105.91 -25.38 67.24
C LEU N 142 -106.01 -24.63 68.55
N GLY N 143 -104.93 -24.01 69.02
CA GLY N 143 -104.98 -23.17 70.20
C GLY N 143 -105.67 -21.86 69.91
N GLY N 144 -105.14 -21.12 68.94
CA GLY N 144 -105.77 -19.89 68.50
C GLY N 144 -107.11 -20.19 67.84
N GLY N 145 -108.17 -19.53 68.30
CA GLY N 145 -109.49 -19.78 67.74
C GLY N 145 -109.62 -19.43 66.29
N THR N 146 -108.86 -18.45 65.80
CA THR N 146 -108.88 -18.11 64.39
C THR N 146 -108.57 -19.34 63.54
N GLY N 147 -107.45 -20.00 63.83
CA GLY N 147 -107.09 -21.19 63.07
C GLY N 147 -108.18 -22.24 63.09
N SER N 148 -108.59 -22.66 64.29
CA SER N 148 -109.62 -23.68 64.42
C SER N 148 -110.86 -23.33 63.60
N GLY N 149 -111.50 -22.22 63.93
CA GLY N 149 -112.74 -21.85 63.28
C GLY N 149 -112.64 -21.65 61.79
N LEU N 150 -111.77 -20.73 61.35
CA LEU N 150 -111.69 -20.43 59.93
C LEU N 150 -111.21 -21.64 59.13
N GLY N 151 -110.22 -22.36 59.65
CA GLY N 151 -109.76 -23.56 58.95
C GLY N 151 -110.85 -24.59 58.80
N SER N 152 -111.63 -24.82 59.86
CA SER N 152 -112.72 -25.80 59.74
C SER N 152 -113.77 -25.34 58.73
N LEU N 153 -114.11 -24.04 58.74
CA LEU N 153 -115.07 -23.53 57.78
C LEU N 153 -114.59 -23.74 56.35
N LEU N 154 -113.33 -23.39 56.09
CA LEU N 154 -112.74 -23.70 54.79
C LEU N 154 -112.76 -25.18 54.50
N LEU N 155 -112.56 -26.02 55.51
CA LEU N 155 -112.58 -27.47 55.29
C LEU N 155 -113.92 -27.90 54.72
N GLU N 156 -115.03 -27.53 55.38
CA GLU N 156 -116.30 -27.98 54.84
C GLU N 156 -116.58 -27.34 53.47
N GLU N 157 -116.20 -26.07 53.29
CA GLU N 157 -116.47 -25.40 52.03
C GLU N 157 -115.76 -26.10 50.87
N LEU N 158 -114.46 -26.36 51.01
CA LEU N 158 -113.71 -26.97 49.92
C LEU N 158 -113.90 -28.48 49.83
N SER N 159 -114.43 -29.11 50.87
CA SER N 159 -114.88 -30.49 50.70
C SER N 159 -116.19 -30.54 49.93
N ALA N 160 -117.01 -29.49 50.06
CA ALA N 160 -118.25 -29.43 49.28
C ALA N 160 -117.98 -29.06 47.83
N GLU N 161 -117.03 -28.15 47.57
CA GLU N 161 -116.85 -27.67 46.20
C GLU N 161 -116.27 -28.74 45.28
N TYR N 162 -115.28 -29.50 45.77
CA TYR N 162 -114.68 -30.57 44.96
C TYR N 162 -115.01 -31.95 45.51
N GLY N 163 -114.64 -32.24 46.76
CA GLY N 163 -114.87 -33.55 47.32
C GLY N 163 -114.03 -34.66 46.74
N LYS N 164 -113.03 -34.34 45.91
CA LYS N 164 -112.20 -35.35 45.27
C LYS N 164 -110.70 -35.11 45.43
N LYS N 165 -110.29 -34.03 46.09
CA LYS N 165 -108.89 -33.70 46.24
C LYS N 165 -108.39 -34.10 47.63
N SER N 166 -107.10 -34.43 47.70
CA SER N 166 -106.49 -34.79 48.97
C SER N 166 -106.45 -33.59 49.91
N LYS N 167 -106.74 -33.84 51.18
CA LYS N 167 -106.82 -32.79 52.20
C LYS N 167 -105.77 -33.07 53.27
N LEU N 168 -104.67 -32.31 53.24
CA LEU N 168 -103.60 -32.43 54.22
C LEU N 168 -103.67 -31.25 55.18
N GLU N 169 -103.76 -31.54 56.47
CA GLU N 169 -103.92 -30.51 57.50
C GLU N 169 -102.81 -30.65 58.52
N PHE N 170 -101.93 -29.65 58.59
CA PHE N 170 -100.91 -29.56 59.63
C PHE N 170 -101.46 -28.67 60.74
N ALA N 171 -102.14 -29.27 61.70
CA ALA N 171 -102.79 -28.54 62.77
C ALA N 171 -101.91 -28.55 64.01
N VAL N 172 -101.68 -27.37 64.58
CA VAL N 172 -100.90 -27.25 65.80
C VAL N 172 -101.80 -27.52 66.99
N TYR N 173 -101.48 -28.55 67.76
CA TYR N 173 -102.33 -28.91 68.87
C TYR N 173 -101.88 -28.21 70.15
N PRO N 174 -102.81 -27.87 71.04
CA PRO N 174 -102.42 -27.29 72.33
C PRO N 174 -101.60 -28.27 73.16
N ALA N 175 -100.71 -27.72 73.96
CA ALA N 175 -99.85 -28.55 74.79
C ALA N 175 -100.69 -29.32 75.80
N PRO N 176 -100.54 -30.65 75.91
CA PRO N 176 -101.35 -31.41 76.86
C PRO N 176 -100.99 -31.18 78.31
N GLN N 177 -99.81 -30.65 78.60
CA GLN N 177 -99.44 -30.36 79.99
C GLN N 177 -100.21 -29.16 80.51
N VAL N 178 -100.04 -28.00 79.88
CA VAL N 178 -100.82 -26.80 80.20
C VAL N 178 -101.27 -26.17 78.89
N SER N 179 -102.34 -25.39 78.99
CA SER N 179 -102.90 -24.67 77.85
C SER N 179 -102.65 -23.17 78.02
N THR N 180 -102.21 -22.53 76.94
CA THR N 180 -101.98 -21.09 76.99
C THR N 180 -103.26 -20.31 77.25
N SER N 181 -104.38 -20.76 76.72
CA SER N 181 -105.68 -20.18 77.03
C SER N 181 -106.67 -21.31 77.27
N VAL N 182 -107.70 -20.99 78.06
CA VAL N 182 -108.63 -22.02 78.52
C VAL N 182 -109.52 -22.53 77.40
N VAL N 183 -109.86 -21.68 76.42
CA VAL N 183 -110.83 -22.05 75.39
C VAL N 183 -110.22 -22.89 74.27
N GLU N 184 -108.91 -23.14 74.31
CA GLU N 184 -108.27 -23.93 73.25
C GLU N 184 -108.84 -25.34 73.12
N PRO N 185 -109.10 -26.09 74.21
CA PRO N 185 -109.75 -27.40 74.03
C PRO N 185 -111.07 -27.34 73.29
N TYR N 186 -111.91 -26.32 73.57
CA TYR N 186 -113.12 -26.16 72.77
C TYR N 186 -112.80 -25.92 71.31
N ASN N 187 -111.87 -24.98 71.03
CA ASN N 187 -111.51 -24.69 69.65
C ASN N 187 -111.04 -25.94 68.91
N THR N 188 -110.42 -26.88 69.64
CA THR N 188 -109.98 -28.12 69.01
C THR N 188 -111.12 -29.10 68.81
N VAL N 189 -111.85 -29.42 69.89
CA VAL N 189 -112.78 -30.55 69.83
C VAL N 189 -114.07 -30.18 69.13
N LEU N 190 -114.56 -28.94 69.26
CA LEU N 190 -115.76 -28.55 68.53
C LEU N 190 -115.55 -28.57 67.02
N THR N 191 -114.30 -28.64 66.56
CA THR N 191 -113.97 -28.84 65.15
C THR N 191 -113.42 -30.22 64.84
N THR N 192 -113.13 -31.03 65.87
CA THR N 192 -112.70 -32.40 65.61
C THR N 192 -113.75 -33.19 64.82
N HIS N 193 -115.04 -32.92 65.08
CA HIS N 193 -116.08 -33.60 64.33
C HIS N 193 -116.05 -33.23 62.85
N THR N 194 -115.89 -31.93 62.56
CA THR N 194 -115.78 -31.49 61.18
C THR N 194 -114.53 -32.07 60.53
N THR N 195 -113.44 -32.17 61.29
CA THR N 195 -112.22 -32.78 60.78
C THR N 195 -112.45 -34.25 60.43
N LEU N 196 -113.15 -34.97 61.32
CA LEU N 196 -113.44 -36.38 61.07
C LEU N 196 -114.29 -36.54 59.81
N GLU N 197 -115.28 -35.68 59.63
CA GLU N 197 -116.19 -35.82 58.50
C GLU N 197 -115.68 -35.17 57.22
N HIS N 198 -114.61 -34.37 57.27
CA HIS N 198 -114.21 -33.59 56.11
C HIS N 198 -112.69 -33.52 55.94
N ALA N 199 -111.96 -34.56 56.34
CA ALA N 199 -110.51 -34.59 56.14
C ALA N 199 -110.08 -35.96 55.60
N ASP N 200 -108.96 -35.96 54.90
CA ASP N 200 -108.38 -37.17 54.32
C ASP N 200 -107.10 -37.60 55.02
N CYS N 201 -106.27 -36.65 55.45
CA CYS N 201 -105.02 -36.96 56.13
C CYS N 201 -104.64 -35.79 57.01
N THR N 202 -104.57 -36.01 58.33
CA THR N 202 -104.26 -34.97 59.29
C THR N 202 -102.96 -35.32 60.02
N PHE N 203 -102.11 -34.32 60.19
CA PHE N 203 -100.83 -34.47 60.87
C PHE N 203 -100.87 -33.74 62.20
N MET N 204 -100.48 -34.43 63.27
CA MET N 204 -100.51 -33.88 64.61
C MET N 204 -99.10 -33.44 65.02
N VAL N 205 -98.99 -32.19 65.44
CA VAL N 205 -97.73 -31.63 65.92
C VAL N 205 -97.97 -30.99 67.28
N ASP N 206 -97.03 -31.20 68.21
CA ASP N 206 -97.12 -30.65 69.55
C ASP N 206 -95.93 -29.74 69.81
N ASN N 207 -96.21 -28.53 70.32
CA ASN N 207 -95.14 -27.59 70.61
C ASN N 207 -94.28 -28.05 71.78
N GLU N 208 -94.88 -28.78 72.74
CA GLU N 208 -94.13 -29.22 73.91
C GLU N 208 -93.00 -30.17 73.52
N ALA N 209 -93.27 -31.11 72.60
CA ALA N 209 -92.22 -32.04 72.18
C ALA N 209 -91.12 -31.32 71.42
N ILE N 210 -91.48 -30.35 70.57
CA ILE N 210 -90.47 -29.57 69.85
C ILE N 210 -89.59 -28.82 70.84
N TYR N 211 -90.20 -28.20 71.86
CA TYR N 211 -89.41 -27.52 72.87
C TYR N 211 -88.53 -28.50 73.64
N ASP N 212 -89.04 -29.70 73.91
CA ASP N 212 -88.26 -30.71 74.62
C ASP N 212 -87.03 -31.12 73.82
N MET N 213 -87.20 -31.34 72.52
CA MET N 213 -86.05 -31.72 71.70
C MET N 213 -85.11 -30.55 71.47
N CYS N 214 -85.62 -29.32 71.45
CA CYS N 214 -84.74 -28.16 71.38
C CYS N 214 -83.89 -28.03 72.62
N LYS N 215 -84.49 -28.28 73.79
CA LYS N 215 -83.74 -28.23 75.04
C LYS N 215 -82.73 -29.38 75.13
N ARG N 216 -83.12 -30.57 74.67
CA ARG N 216 -82.28 -31.75 74.82
C ARG N 216 -81.36 -31.97 73.62
N ASN N 217 -81.94 -32.15 72.43
CA ASN N 217 -81.14 -32.46 71.26
C ASN N 217 -80.38 -31.23 70.76
N LEU N 218 -81.04 -30.08 70.70
CA LEU N 218 -80.41 -28.86 70.21
C LEU N 218 -79.57 -28.15 71.27
N ASP N 219 -79.72 -28.53 72.54
CA ASP N 219 -78.99 -27.90 73.65
C ASP N 219 -79.22 -26.39 73.68
N ILE N 220 -80.44 -25.98 73.35
CA ILE N 220 -80.83 -24.57 73.33
C ILE N 220 -81.49 -24.26 74.67
N PRO N 221 -80.94 -23.34 75.47
CA PRO N 221 -81.57 -23.03 76.76
C PRO N 221 -82.89 -22.28 76.63
N ARG N 222 -83.04 -21.44 75.60
CA ARG N 222 -84.25 -20.67 75.37
C ARG N 222 -84.73 -20.90 73.94
N PRO N 223 -85.42 -22.00 73.68
CA PRO N 223 -86.00 -22.21 72.34
C PRO N 223 -86.99 -21.10 71.99
N SER N 224 -87.09 -20.83 70.70
CA SER N 224 -87.98 -19.80 70.18
C SER N 224 -89.00 -20.42 69.25
N PHE N 225 -90.11 -19.71 69.05
CA PHE N 225 -91.14 -20.18 68.13
C PHE N 225 -90.61 -20.28 66.70
N ALA N 226 -89.62 -19.45 66.35
CA ALA N 226 -89.02 -19.52 65.02
C ALA N 226 -88.32 -20.85 64.81
N ASN N 227 -87.65 -21.36 65.85
CA ASN N 227 -87.00 -22.67 65.73
C ASN N 227 -88.02 -23.77 65.49
N LEU N 228 -89.15 -23.73 66.22
CA LEU N 228 -90.22 -24.69 65.99
C LEU N 228 -90.75 -24.60 64.56
N ASN N 229 -90.95 -23.37 64.08
CA ASN N 229 -91.44 -23.18 62.72
C ASN N 229 -90.47 -23.76 61.70
N ASN N 230 -89.17 -23.53 61.90
CA ASN N 230 -88.17 -24.06 60.97
C ASN N 230 -88.14 -25.59 61.00
N LEU N 231 -88.20 -26.17 62.20
CA LEU N 231 -88.15 -27.63 62.30
C LEU N 231 -89.35 -28.26 61.60
N ILE N 232 -90.56 -27.79 61.91
CA ILE N 232 -91.72 -28.34 61.23
C ILE N 232 -91.73 -27.94 59.76
N ALA N 233 -90.98 -26.89 59.38
CA ALA N 233 -90.84 -26.57 57.97
C ALA N 233 -90.03 -27.63 57.23
N GLN N 234 -88.92 -28.09 57.82
CA GLN N 234 -88.23 -29.22 57.20
C GLN N 234 -89.10 -30.46 57.19
N VAL N 235 -89.84 -30.68 58.29
CA VAL N 235 -90.73 -31.85 58.36
C VAL N 235 -91.74 -31.81 57.22
N VAL N 236 -92.33 -30.65 56.95
CA VAL N 236 -93.29 -30.52 55.86
C VAL N 236 -92.60 -30.66 54.50
N SER N 237 -91.43 -30.03 54.35
CA SER N 237 -90.75 -29.99 53.06
C SER N 237 -90.04 -31.29 52.71
N SER N 238 -90.06 -32.28 53.60
CA SER N 238 -89.51 -33.60 53.29
C SER N 238 -90.59 -34.65 53.07
N VAL N 239 -91.70 -34.32 52.39
CA VAL N 239 -92.87 -35.19 52.35
C VAL N 239 -93.23 -35.66 50.94
N THR N 240 -93.43 -34.75 49.97
CA THR N 240 -92.90 -33.39 49.67
C THR N 240 -91.37 -33.43 49.57
N ALA N 241 -90.83 -34.64 49.47
CA ALA N 241 -89.40 -34.83 49.20
C ALA N 241 -89.14 -35.26 47.76
N SER N 242 -89.90 -36.22 47.25
CA SER N 242 -89.74 -36.69 45.89
C SER N 242 -90.64 -35.97 44.89
N LEU N 243 -91.55 -35.12 45.36
CA LEU N 243 -92.44 -34.40 44.45
C LEU N 243 -91.74 -33.26 43.72
N ARG N 244 -90.61 -32.79 44.23
CA ARG N 244 -89.86 -31.71 43.59
C ARG N 244 -88.46 -32.11 43.16
N PHE N 245 -87.97 -33.29 43.56
CA PHE N 245 -86.63 -33.73 43.21
C PHE N 245 -86.70 -35.18 42.71
N ASP N 246 -85.73 -35.55 41.88
CA ASP N 246 -85.69 -36.89 41.32
C ASP N 246 -85.37 -37.92 42.39
N GLY N 247 -85.90 -39.12 42.21
CA GLY N 247 -85.64 -40.21 43.13
C GLY N 247 -85.80 -41.54 42.44
N SER N 248 -85.12 -42.56 42.98
CA SER N 248 -85.20 -43.89 42.39
C SER N 248 -86.61 -44.45 42.48
N LEU N 249 -87.27 -44.26 43.61
CA LEU N 249 -88.65 -44.71 43.83
C LEU N 249 -89.43 -43.54 44.44
N ASN N 250 -90.05 -42.74 43.59
CA ASN N 250 -90.83 -41.61 44.06
C ASN N 250 -92.10 -42.08 44.75
N VAL N 251 -92.56 -41.28 45.71
CA VAL N 251 -93.78 -41.56 46.47
C VAL N 251 -94.85 -40.56 46.05
N ASP N 252 -96.04 -41.06 45.79
CA ASP N 252 -97.17 -40.24 45.35
C ASP N 252 -98.05 -39.88 46.54
N LEU N 253 -98.73 -38.74 46.42
CA LEU N 253 -99.61 -38.29 47.51
C LEU N 253 -100.78 -39.25 47.69
N ASN N 254 -101.34 -39.75 46.59
CA ASN N 254 -102.43 -40.71 46.70
C ASN N 254 -101.98 -42.01 47.34
N GLU N 255 -100.72 -42.39 47.15
CA GLU N 255 -100.22 -43.63 47.74
C GLU N 255 -100.38 -43.63 49.25
N PHE N 256 -100.27 -42.47 49.90
CA PHE N 256 -100.43 -42.39 51.35
C PHE N 256 -101.80 -42.88 51.78
N GLN N 257 -102.86 -42.41 51.11
CA GLN N 257 -104.19 -42.85 51.48
C GLN N 257 -104.55 -44.21 50.89
N THR N 258 -103.80 -44.69 49.88
CA THR N 258 -104.06 -46.04 49.41
C THR N 258 -103.51 -47.09 50.38
N ASN N 259 -102.31 -46.85 50.93
CA ASN N 259 -101.69 -47.86 51.79
C ASN N 259 -101.94 -47.62 53.28
N LEU N 260 -101.77 -46.39 53.76
CA LEU N 260 -101.95 -46.12 55.19
C LEU N 260 -103.41 -46.21 55.60
N VAL N 261 -104.33 -45.85 54.72
CA VAL N 261 -105.75 -45.80 55.06
C VAL N 261 -106.53 -46.77 54.18
N PRO N 262 -106.73 -48.01 54.61
CA PRO N 262 -107.51 -48.98 53.82
C PRO N 262 -109.00 -49.00 54.13
N TYR N 263 -109.50 -48.08 54.94
CA TYR N 263 -110.89 -48.05 55.38
C TYR N 263 -111.46 -46.66 55.24
N PRO N 264 -112.77 -46.50 55.39
CA PRO N 264 -113.36 -45.16 55.56
C PRO N 264 -113.12 -44.63 56.97
N ARG N 265 -112.16 -45.23 57.67
CA ARG N 265 -111.86 -45.06 59.07
C ARG N 265 -110.50 -44.39 59.24
N ILE N 266 -109.98 -44.41 60.47
CA ILE N 266 -108.94 -43.51 60.99
C ILE N 266 -107.83 -43.25 59.97
N HIS N 267 -107.55 -41.96 59.75
CA HIS N 267 -106.61 -41.50 58.74
C HIS N 267 -105.75 -40.37 59.30
N PHE N 268 -105.21 -40.56 60.50
CA PHE N 268 -104.47 -39.52 61.21
C PHE N 268 -103.08 -40.05 61.57
N PRO N 269 -102.16 -40.05 60.61
CA PRO N 269 -100.83 -40.60 60.86
C PRO N 269 -99.92 -39.63 61.60
N LEU N 270 -99.05 -40.19 62.43
CA LEU N 270 -97.99 -39.43 63.08
C LEU N 270 -96.84 -39.18 62.12
N VAL N 271 -95.98 -38.24 62.52
CA VAL N 271 -94.80 -37.87 61.74
C VAL N 271 -93.62 -37.78 62.70
N SER N 272 -92.42 -38.02 62.17
CA SER N 272 -91.19 -37.88 62.94
C SER N 272 -90.05 -37.58 61.99
N TYR N 273 -89.10 -36.77 62.46
CA TYR N 273 -87.94 -36.39 61.66
C TYR N 273 -86.67 -36.64 62.46
N SER N 274 -85.66 -37.17 61.78
CA SER N 274 -84.38 -37.49 62.40
C SER N 274 -83.36 -37.70 61.29
N PRO N 275 -82.06 -37.54 61.58
CA PRO N 275 -81.43 -37.20 62.87
C PRO N 275 -81.65 -35.75 63.27
N VAL N 276 -81.59 -35.48 64.58
CA VAL N 276 -81.74 -34.14 65.13
C VAL N 276 -80.50 -33.85 65.95
N LEU N 277 -79.60 -33.03 65.43
CA LEU N 277 -78.36 -32.71 66.09
C LEU N 277 -77.98 -31.26 65.82
N SER N 278 -77.10 -30.73 66.67
CA SER N 278 -76.65 -29.36 66.54
C SER N 278 -75.40 -29.29 65.66
N LYS N 279 -74.91 -28.06 65.44
CA LYS N 279 -73.71 -27.86 64.64
C LYS N 279 -72.44 -28.27 65.37
N SER N 280 -72.48 -28.41 66.69
CA SER N 280 -71.32 -28.83 67.47
C SER N 280 -71.24 -30.33 67.66
N LYS N 281 -72.34 -31.06 67.45
CA LYS N 281 -72.37 -32.50 67.60
C LYS N 281 -72.18 -33.23 66.26
N ALA N 282 -71.93 -32.48 65.18
CA ALA N 282 -71.72 -33.07 63.87
C ALA N 282 -70.30 -33.61 63.69
N PHE N 283 -69.42 -33.38 64.66
CA PHE N 283 -68.05 -33.88 64.60
C PHE N 283 -67.87 -35.19 65.35
N HIS N 284 -68.96 -35.81 65.80
CA HIS N 284 -68.87 -37.07 66.52
C HIS N 284 -69.86 -38.13 66.08
N GLU N 285 -70.84 -37.81 65.24
CA GLU N 285 -71.89 -38.74 64.86
C GLU N 285 -71.90 -38.93 63.35
N SER N 286 -71.79 -40.19 62.91
CA SER N 286 -71.93 -40.58 61.51
C SER N 286 -72.74 -41.86 61.43
N ASN N 287 -73.85 -41.92 62.16
CA ASN N 287 -74.61 -43.15 62.33
C ASN N 287 -75.31 -43.55 61.04
N SER N 288 -75.75 -44.81 61.00
CA SER N 288 -76.48 -45.35 59.87
C SER N 288 -77.98 -45.14 60.09
N VAL N 289 -78.78 -45.69 59.17
CA VAL N 289 -80.22 -45.47 59.20
C VAL N 289 -80.90 -46.19 60.36
N SER N 290 -80.27 -47.24 60.91
CA SER N 290 -80.88 -47.99 62.00
C SER N 290 -81.06 -47.11 63.24
N GLU N 291 -80.02 -46.37 63.61
CA GLU N 291 -80.13 -45.49 64.78
C GLU N 291 -81.04 -44.32 64.52
N ILE N 292 -81.12 -43.86 63.26
CA ILE N 292 -82.07 -42.80 62.92
C ILE N 292 -83.50 -43.29 63.10
N THR N 293 -83.78 -44.52 62.65
CA THR N 293 -85.09 -45.11 62.87
C THR N 293 -85.38 -45.27 64.36
N ASN N 294 -84.37 -45.69 65.13
CA ASN N 294 -84.54 -45.81 66.57
C ASN N 294 -84.88 -44.46 67.20
N ALA N 295 -84.22 -43.40 66.74
CA ALA N 295 -84.55 -42.06 67.23
C ALA N 295 -85.96 -41.66 66.83
N CYS N 296 -86.40 -42.07 65.64
CA CYS N 296 -87.78 -41.82 65.23
C CYS N 296 -88.76 -42.52 66.16
N PHE N 297 -88.45 -43.75 66.56
CA PHE N 297 -89.31 -44.49 67.48
C PHE N 297 -89.32 -43.92 68.89
N GLU N 298 -88.37 -43.03 69.21
CA GLU N 298 -88.33 -42.44 70.55
C GLU N 298 -89.56 -41.54 70.77
N PRO N 299 -90.17 -41.59 71.95
CA PRO N 299 -91.33 -40.72 72.21
C PRO N 299 -91.02 -39.24 72.07
N GLY N 300 -89.79 -38.82 72.38
CA GLY N 300 -89.48 -37.40 72.33
C GLY N 300 -89.45 -36.83 70.93
N ASN N 301 -89.21 -37.67 69.93
CA ASN N 301 -89.11 -37.23 68.54
C ASN N 301 -90.38 -37.47 67.74
N GLN N 302 -91.46 -37.90 68.40
CA GLN N 302 -92.71 -38.20 67.72
C GLN N 302 -93.66 -37.01 67.67
N MET N 303 -93.27 -35.87 68.27
CA MET N 303 -94.13 -34.68 68.36
C MET N 303 -95.47 -35.00 69.02
N VAL N 304 -95.45 -35.89 70.00
CA VAL N 304 -96.63 -36.20 70.81
C VAL N 304 -96.17 -36.61 72.20
N LYS N 305 -96.85 -36.12 73.24
CA LYS N 305 -96.49 -36.41 74.62
C LYS N 305 -97.13 -37.74 75.03
N CYS N 306 -96.62 -38.81 74.45
CA CYS N 306 -97.11 -40.16 74.70
C CYS N 306 -96.02 -41.14 74.32
N ASP N 307 -96.29 -42.43 74.54
CA ASP N 307 -95.35 -43.47 74.20
C ASP N 307 -95.81 -44.17 72.92
N PRO N 308 -95.15 -43.97 71.79
CA PRO N 308 -95.56 -44.68 70.57
C PRO N 308 -95.24 -46.16 70.59
N ARG N 309 -94.32 -46.60 71.45
CA ARG N 309 -93.97 -48.01 71.52
C ARG N 309 -94.99 -48.81 72.33
N ASP N 310 -95.85 -48.15 73.10
CA ASP N 310 -96.88 -48.83 73.88
C ASP N 310 -98.14 -49.10 73.06
N GLY N 311 -98.24 -48.55 71.86
CA GLY N 311 -99.40 -48.77 71.01
C GLY N 311 -99.29 -50.05 70.21
N LYS N 312 -100.17 -50.16 69.22
CA LYS N 312 -100.23 -51.32 68.34
C LYS N 312 -99.87 -50.91 66.92
N TYR N 313 -99.24 -51.83 66.19
CA TYR N 313 -98.68 -51.51 64.89
C TYR N 313 -99.76 -51.15 63.88
N MET N 314 -99.43 -50.21 62.99
CA MET N 314 -100.28 -49.83 61.88
C MET N 314 -99.36 -49.54 60.69
N ALA N 315 -99.94 -49.57 59.49
CA ALA N 315 -99.16 -49.35 58.27
C ALA N 315 -98.42 -48.02 58.35
N THR N 316 -97.14 -48.05 57.96
CA THR N 316 -96.27 -46.91 58.11
C THR N 316 -95.47 -46.69 56.81
N CYS N 317 -95.00 -45.45 56.65
CA CYS N 317 -94.20 -45.05 55.50
C CYS N 317 -92.85 -44.52 55.97
N LEU N 318 -91.79 -44.91 55.27
CA LEU N 318 -90.43 -44.48 55.58
C LEU N 318 -89.88 -43.75 54.35
N LEU N 319 -89.50 -42.49 54.53
CA LEU N 319 -88.98 -41.67 53.46
C LEU N 319 -87.52 -41.34 53.74
N TYR N 320 -86.66 -41.54 52.74
CA TYR N 320 -85.22 -41.45 52.89
C TYR N 320 -84.66 -40.45 51.89
N ARG N 321 -83.72 -39.62 52.34
CA ARG N 321 -83.11 -38.60 51.51
C ARG N 321 -81.60 -38.69 51.62
N GLY N 322 -80.92 -38.38 50.52
CA GLY N 322 -79.47 -38.41 50.48
C GLY N 322 -78.91 -39.75 50.05
N ASP N 323 -77.79 -40.15 50.62
CA ASP N 323 -77.12 -41.40 50.28
C ASP N 323 -77.66 -42.51 51.17
N VAL N 324 -78.49 -43.39 50.61
CA VAL N 324 -79.08 -44.51 51.34
C VAL N 324 -78.91 -45.78 50.51
N VAL N 325 -78.96 -46.91 51.20
CA VAL N 325 -78.80 -48.23 50.59
C VAL N 325 -80.01 -49.08 50.96
N THR N 326 -80.64 -49.70 49.96
CA THR N 326 -81.86 -50.46 50.20
C THR N 326 -81.59 -51.68 51.08
N ARG N 327 -80.44 -52.33 50.87
CA ARG N 327 -80.10 -53.49 51.72
C ARG N 327 -79.94 -53.05 53.17
N ASP N 328 -79.32 -51.89 53.40
CA ASP N 328 -79.15 -51.40 54.76
C ASP N 328 -80.49 -51.14 55.43
N VAL N 329 -81.41 -50.49 54.72
CA VAL N 329 -82.71 -50.16 55.32
C VAL N 329 -83.56 -51.41 55.51
N GLN N 330 -83.44 -52.39 54.61
CA GLN N 330 -84.15 -53.65 54.81
C GLN N 330 -83.61 -54.36 56.04
N ARG N 331 -82.29 -54.37 56.22
CA ARG N 331 -81.69 -54.95 57.42
C ARG N 331 -82.17 -54.22 58.67
N ALA N 332 -82.23 -52.89 58.61
CA ALA N 332 -82.64 -52.11 59.78
C ALA N 332 -84.10 -52.41 60.15
N VAL N 333 -85.00 -52.43 59.16
CA VAL N 333 -86.40 -52.69 59.48
C VAL N 333 -86.60 -54.12 59.93
N GLU N 334 -85.83 -55.07 59.39
CA GLU N 334 -85.91 -56.45 59.87
C GLU N 334 -85.44 -56.55 61.32
N GLN N 335 -84.38 -55.81 61.67
CA GLN N 335 -83.94 -55.78 63.06
C GLN N 335 -85.02 -55.19 63.97
N VAL N 336 -85.66 -54.11 63.51
CA VAL N 336 -86.73 -53.49 64.30
C VAL N 336 -87.87 -54.48 64.53
N LYS N 337 -88.24 -55.23 63.49
CA LYS N 337 -89.25 -56.27 63.66
C LYS N 337 -88.77 -57.35 64.62
N ASN N 338 -87.47 -57.67 64.61
CA ASN N 338 -86.94 -58.69 65.50
C ASN N 338 -86.96 -58.24 66.96
N LYS N 339 -86.85 -56.93 67.21
CA LYS N 339 -86.84 -56.43 68.58
C LYS N 339 -88.20 -56.50 69.26
N LYS N 340 -89.23 -57.05 68.59
CA LYS N 340 -90.57 -57.17 69.15
C LYS N 340 -91.13 -55.80 69.55
N THR N 341 -91.30 -54.97 68.54
CA THR N 341 -91.88 -53.64 68.69
C THR N 341 -93.41 -53.77 68.78
N VAL N 342 -94.10 -52.64 68.57
CA VAL N 342 -95.56 -52.56 68.63
C VAL N 342 -96.22 -53.73 67.91
N GLN N 343 -97.26 -54.28 68.51
CA GLN N 343 -97.84 -55.54 68.07
C GLN N 343 -98.35 -55.44 66.64
N LEU N 344 -97.77 -56.24 65.75
CA LEU N 344 -98.16 -56.23 64.35
C LEU N 344 -99.58 -56.76 64.19
N VAL N 345 -100.34 -56.11 63.30
CA VAL N 345 -101.70 -56.53 63.01
C VAL N 345 -101.67 -57.62 61.95
N ASP N 346 -102.76 -58.37 61.85
CA ASP N 346 -102.88 -59.47 60.90
C ASP N 346 -103.53 -59.04 59.59
N TRP N 347 -103.86 -57.76 59.42
CA TRP N 347 -104.54 -57.30 58.22
C TRP N 347 -103.59 -56.85 57.12
N CYS N 348 -102.43 -56.30 57.48
CA CYS N 348 -101.49 -55.83 56.47
C CYS N 348 -100.75 -57.00 55.82
N PRO N 349 -100.11 -57.90 56.58
CA PRO N 349 -99.86 -57.99 58.02
C PRO N 349 -98.61 -57.23 58.46
N THR N 350 -97.65 -57.10 57.54
CA THR N 350 -96.44 -56.32 57.76
C THR N 350 -96.17 -55.49 56.52
N GLY N 351 -96.43 -54.19 56.60
CA GLY N 351 -96.19 -53.31 55.47
C GLY N 351 -95.31 -52.13 55.81
N PHE N 352 -94.10 -52.10 55.24
CA PHE N 352 -93.14 -51.01 55.44
C PHE N 352 -92.94 -50.32 54.10
N LYS N 353 -93.60 -49.18 53.91
CA LYS N 353 -93.43 -48.40 52.70
C LYS N 353 -92.10 -47.66 52.75
N ILE N 354 -91.24 -47.90 51.76
CA ILE N 354 -89.89 -47.34 51.72
C ILE N 354 -89.81 -46.33 50.58
N GLY N 355 -89.40 -45.11 50.92
CA GLY N 355 -89.21 -44.08 49.92
C GLY N 355 -87.77 -43.62 49.84
N ILE N 356 -87.22 -43.55 48.63
CA ILE N 356 -85.83 -43.18 48.40
C ILE N 356 -85.80 -41.90 47.59
N CYS N 357 -85.05 -40.91 48.06
CA CYS N 357 -84.91 -39.63 47.39
C CYS N 357 -83.44 -39.32 47.19
N TYR N 358 -83.10 -38.80 46.00
CA TYR N 358 -81.71 -38.51 45.66
C TYR N 358 -81.19 -37.25 46.34
N GLU N 359 -82.04 -36.25 46.52
CA GLU N 359 -81.55 -34.97 47.03
C GLU N 359 -81.07 -35.11 48.47
N PRO N 360 -79.98 -34.44 48.83
CA PRO N 360 -79.50 -34.51 50.21
C PRO N 360 -80.46 -33.79 51.16
N PRO N 361 -80.50 -34.18 52.42
CA PRO N 361 -81.31 -33.43 53.39
C PRO N 361 -80.80 -32.00 53.55
N THR N 362 -81.72 -31.09 53.80
CA THR N 362 -81.43 -29.67 53.90
C THR N 362 -81.84 -29.15 55.27
N ALA N 363 -81.15 -28.11 55.73
CA ALA N 363 -81.39 -27.52 57.04
C ALA N 363 -81.42 -26.00 56.92
N THR N 364 -82.08 -25.37 57.89
CA THR N 364 -82.27 -23.92 57.86
C THR N 364 -81.09 -23.23 58.54
N PRO N 365 -80.47 -22.23 57.90
CA PRO N 365 -79.43 -21.45 58.60
C PRO N 365 -79.94 -20.73 59.84
N ASN N 366 -81.22 -20.36 59.89
CA ASN N 366 -81.80 -19.76 61.07
C ASN N 366 -81.96 -20.75 62.22
N SER N 367 -81.97 -22.05 61.93
CA SER N 367 -82.06 -23.09 62.95
C SER N 367 -80.68 -23.69 63.19
N GLN N 368 -80.55 -24.39 64.32
CA GLN N 368 -79.28 -24.98 64.73
C GLN N 368 -79.19 -26.45 64.34
N LEU N 369 -79.85 -26.84 63.26
CA LEU N 369 -79.80 -28.23 62.78
C LEU N 369 -78.66 -28.37 61.79
N ALA N 370 -77.72 -29.27 62.08
CA ALA N 370 -76.59 -29.49 61.20
C ALA N 370 -77.01 -30.25 59.95
N THR N 371 -76.41 -29.89 58.82
CA THR N 371 -76.67 -30.59 57.57
C THR N 371 -76.15 -32.03 57.65
N VAL N 372 -76.97 -32.99 57.25
CA VAL N 372 -76.64 -34.40 57.33
C VAL N 372 -76.79 -35.02 55.95
N ASP N 373 -75.99 -36.06 55.69
CA ASP N 373 -76.01 -36.74 54.41
C ASP N 373 -77.20 -37.69 54.24
N ARG N 374 -77.90 -38.03 55.33
CA ARG N 374 -79.05 -38.91 55.26
C ARG N 374 -80.00 -38.57 56.39
N ALA N 375 -81.30 -38.55 56.09
CA ALA N 375 -82.34 -38.23 57.05
C ALA N 375 -83.54 -39.13 56.83
N VAL N 376 -84.32 -39.32 57.89
CA VAL N 376 -85.52 -40.15 57.86
C VAL N 376 -86.72 -39.33 58.29
N CYS N 377 -87.78 -39.37 57.49
CA CYS N 377 -89.10 -38.89 57.86
C CYS N 377 -90.02 -40.10 57.90
N MET N 378 -90.59 -40.38 59.08
CA MET N 378 -91.41 -41.56 59.30
C MET N 378 -92.86 -41.15 59.54
N LEU N 379 -93.77 -41.76 58.79
CA LEU N 379 -95.20 -41.53 58.92
C LEU N 379 -95.88 -42.82 59.34
N SER N 380 -96.65 -42.77 60.43
CA SER N 380 -97.34 -43.96 60.93
C SER N 380 -98.63 -43.54 61.61
N ASN N 381 -99.69 -44.30 61.35
CA ASN N 381 -101.00 -44.05 61.97
C ASN N 381 -101.15 -44.90 63.23
N THR N 382 -100.21 -44.70 64.14
CA THR N 382 -100.20 -45.45 65.39
C THR N 382 -101.32 -44.97 66.31
N THR N 383 -101.87 -45.91 67.08
CA THR N 383 -102.97 -45.64 67.99
C THR N 383 -102.51 -45.15 69.36
N SER N 384 -101.30 -44.58 69.45
CA SER N 384 -100.73 -44.18 70.73
C SER N 384 -101.18 -42.80 71.18
N ILE N 385 -101.89 -42.03 70.34
CA ILE N 385 -102.40 -40.73 70.78
C ILE N 385 -103.76 -40.90 71.44
N ALA N 386 -104.26 -42.14 71.53
CA ALA N 386 -105.56 -42.38 72.13
C ALA N 386 -105.61 -41.89 73.57
N GLU N 387 -104.56 -42.17 74.35
CA GLU N 387 -104.50 -41.64 75.71
C GLU N 387 -104.34 -40.12 75.71
N ALA N 388 -103.80 -39.53 74.66
CA ALA N 388 -103.74 -38.08 74.59
C ALA N 388 -105.14 -37.48 74.46
N TRP N 389 -105.94 -37.99 73.51
CA TRP N 389 -107.33 -37.53 73.47
C TRP N 389 -108.08 -37.91 74.74
N LYS N 390 -107.70 -39.01 75.39
CA LYS N 390 -108.35 -39.37 76.65
C LYS N 390 -108.07 -38.35 77.73
N ARG N 391 -106.83 -37.87 77.83
CA ARG N 391 -106.49 -36.82 78.79
C ARG N 391 -107.23 -35.53 78.46
N ILE N 392 -107.27 -35.17 77.17
CA ILE N 392 -108.01 -33.98 76.77
C ILE N 392 -109.49 -34.12 77.13
N ASP N 393 -110.03 -35.33 76.98
CA ASP N 393 -111.44 -35.57 77.25
C ASP N 393 -111.71 -35.58 78.76
N ARG N 394 -110.74 -36.01 79.57
CA ARG N 394 -110.91 -35.90 81.01
C ARG N 394 -110.92 -34.44 81.44
N LYS N 395 -110.02 -33.63 80.86
CA LYS N 395 -110.10 -32.19 81.05
C LYS N 395 -111.48 -31.67 80.65
N PHE N 396 -112.00 -32.16 79.52
CA PHE N 396 -113.32 -31.76 79.06
C PHE N 396 -114.41 -32.10 80.06
N ASP N 397 -114.38 -33.31 80.62
CA ASP N 397 -115.39 -33.69 81.59
C ASP N 397 -115.32 -32.82 82.83
N LEU N 398 -114.10 -32.56 83.33
CA LEU N 398 -113.98 -31.81 84.56
C LEU N 398 -114.37 -30.34 84.36
N MET N 399 -114.09 -29.77 83.19
CA MET N 399 -114.49 -28.38 82.99
C MET N 399 -115.86 -28.25 82.33
N TYR N 400 -116.50 -29.38 82.00
CA TYR N 400 -117.87 -29.42 81.52
C TYR N 400 -118.86 -29.73 82.63
N ALA N 401 -118.37 -30.20 83.79
CA ALA N 401 -119.24 -30.37 84.94
C ALA N 401 -119.98 -29.07 85.28
N LYS N 402 -119.25 -27.95 85.28
CA LYS N 402 -119.86 -26.62 85.41
C LYS N 402 -120.15 -25.98 84.06
N ARG N 403 -119.50 -26.49 83.00
CA ARG N 403 -119.61 -26.11 81.59
C ARG N 403 -118.93 -24.77 81.29
N ALA N 404 -118.78 -23.92 82.30
CA ALA N 404 -117.83 -22.82 82.37
C ALA N 404 -117.93 -21.77 81.25
N PHE N 405 -118.62 -22.10 80.15
CA PHE N 405 -118.60 -21.23 78.97
C PHE N 405 -119.95 -21.21 78.24
N VAL N 406 -120.85 -22.11 78.65
CA VAL N 406 -122.11 -22.26 77.95
C VAL N 406 -122.94 -20.99 77.96
N HIS N 407 -122.65 -20.06 78.89
CA HIS N 407 -123.33 -18.77 78.85
C HIS N 407 -123.16 -18.10 77.49
N TRP N 408 -121.92 -17.77 77.13
CA TRP N 408 -121.66 -17.15 75.84
C TRP N 408 -121.98 -18.11 74.69
N TYR N 409 -121.63 -19.40 74.86
CA TYR N 409 -121.84 -20.34 73.75
C TYR N 409 -123.31 -20.45 73.36
N VAL N 410 -124.22 -20.48 74.34
CA VAL N 410 -125.63 -20.49 74.04
C VAL N 410 -126.10 -19.11 73.61
N GLY N 411 -125.55 -18.05 74.21
CA GLY N 411 -125.96 -16.70 73.86
C GLY N 411 -125.71 -16.34 72.41
N GLU N 412 -124.67 -16.90 71.80
CA GLU N 412 -124.46 -16.66 70.38
C GLU N 412 -125.31 -17.57 69.49
N GLY N 413 -125.86 -18.65 70.04
CA GLY N 413 -126.79 -19.46 69.27
C GLY N 413 -126.61 -20.96 69.38
N MET N 414 -125.59 -21.41 70.10
CA MET N 414 -125.35 -22.84 70.25
C MET N 414 -126.08 -23.38 71.48
N GLU N 415 -125.83 -24.65 71.80
CA GLU N 415 -126.45 -25.29 72.95
C GLU N 415 -125.64 -26.54 73.30
N GLU N 416 -125.95 -27.10 74.47
CA GLU N 416 -125.15 -28.19 75.03
C GLU N 416 -125.21 -29.46 74.19
N GLY N 417 -126.19 -29.56 73.30
CA GLY N 417 -126.29 -30.75 72.45
C GLY N 417 -125.08 -30.91 71.55
N GLU N 418 -124.56 -29.81 71.01
CA GLU N 418 -123.36 -29.89 70.18
C GLU N 418 -122.16 -30.39 70.99
N PHE N 419 -122.01 -29.89 72.22
CA PHE N 419 -120.91 -30.34 73.07
C PHE N 419 -121.05 -31.83 73.40
N THR N 420 -122.28 -32.28 73.69
CA THR N 420 -122.48 -33.70 73.96
C THR N 420 -122.19 -34.55 72.74
N GLU N 421 -122.60 -34.08 71.55
CA GLU N 421 -122.32 -34.80 70.32
C GLU N 421 -120.82 -34.90 70.06
N ALA N 422 -120.09 -33.81 70.29
CA ALA N 422 -118.63 -33.85 70.16
C ALA N 422 -118.02 -34.79 71.17
N ARG N 423 -118.54 -34.81 72.40
CA ARG N 423 -118.05 -35.72 73.42
C ARG N 423 -118.21 -37.18 73.01
N GLU N 424 -119.41 -37.53 72.51
CA GLU N 424 -119.65 -38.91 72.11
C GLU N 424 -118.88 -39.26 70.84
N ASP N 425 -118.66 -38.28 69.95
CA ASP N 425 -117.82 -38.53 68.78
C ASP N 425 -116.38 -38.82 69.19
N LEU N 426 -115.84 -38.07 70.16
CA LEU N 426 -114.50 -38.35 70.64
C LEU N 426 -114.41 -39.70 71.32
N ALA N 427 -115.45 -40.05 72.10
CA ALA N 427 -115.48 -41.37 72.73
C ALA N 427 -115.52 -42.48 71.68
N ALA N 428 -116.31 -42.30 70.62
CA ALA N 428 -116.36 -43.29 69.56
C ALA N 428 -115.02 -43.39 68.83
N LEU N 429 -114.34 -42.25 68.62
CA LEU N 429 -113.02 -42.29 68.00
C LEU N 429 -112.03 -43.05 68.85
N GLU N 430 -112.04 -42.82 70.16
CA GLU N 430 -111.14 -43.57 71.05
C GLU N 430 -111.48 -45.07 71.05
N ARG N 431 -112.77 -45.39 71.04
CA ARG N 431 -113.17 -46.79 70.99
C ARG N 431 -112.71 -47.45 69.70
N ASP N 432 -112.82 -46.74 68.56
CA ASP N 432 -112.32 -47.27 67.30
C ASP N 432 -110.80 -47.42 67.33
N TYR N 433 -110.11 -46.48 67.98
CA TYR N 433 -108.67 -46.59 68.15
C TYR N 433 -108.32 -47.88 68.87
N ILE N 434 -109.05 -48.20 69.94
CA ILE N 434 -108.80 -49.44 70.68
C ILE N 434 -109.14 -50.64 69.82
N GLU N 435 -110.27 -50.58 69.10
CA GLU N 435 -110.79 -51.77 68.41
C GLU N 435 -109.94 -52.13 67.20
N VAL N 436 -109.42 -51.14 66.48
CA VAL N 436 -108.69 -51.42 65.25
C VAL N 436 -107.44 -52.24 65.54
N GLY N 437 -106.88 -52.10 66.73
CA GLY N 437 -105.75 -52.92 67.13
C GLY N 437 -106.18 -54.14 67.93
N ALA N 438 -107.36 -54.05 68.55
CA ALA N 438 -107.87 -55.18 69.32
C ALA N 438 -108.42 -56.30 68.43
N ASP N 439 -108.79 -55.99 67.19
CA ASP N 439 -109.32 -57.03 66.30
C ASP N 439 -108.26 -58.07 66.00
N SER N 440 -107.02 -57.65 65.76
CA SER N 440 -105.93 -58.58 65.47
C SER N 440 -105.53 -59.36 66.72
N MET O 1 27.75 -30.81 107.25
CA MET O 1 28.38 -30.38 108.49
C MET O 1 29.12 -29.07 108.23
N ARG O 2 28.37 -28.02 107.91
CA ARG O 2 28.96 -26.73 107.52
C ARG O 2 28.36 -25.53 108.23
N GLU O 3 27.10 -25.60 108.69
CA GLU O 3 26.43 -24.42 109.20
C GLU O 3 27.11 -23.88 110.44
N ILE O 4 27.20 -22.55 110.51
CA ILE O 4 27.88 -21.84 111.59
C ILE O 4 26.90 -20.84 112.20
N ILE O 5 26.80 -20.84 113.52
CA ILE O 5 25.98 -19.88 114.25
C ILE O 5 26.91 -18.86 114.89
N HIS O 6 26.69 -17.58 114.57
CA HIS O 6 27.57 -16.50 115.01
C HIS O 6 26.95 -15.85 116.25
N ILE O 7 27.60 -16.04 117.40
CA ILE O 7 27.15 -15.43 118.65
C ILE O 7 27.88 -14.11 118.84
N SER O 8 27.14 -13.06 119.21
CA SER O 8 27.69 -11.73 119.39
C SER O 8 27.35 -11.24 120.79
N THR O 9 28.35 -10.72 121.49
CA THR O 9 28.15 -10.12 122.81
C THR O 9 29.20 -9.05 123.04
N GLY O 10 28.90 -8.14 123.95
CA GLY O 10 29.80 -7.06 124.28
C GLY O 10 29.63 -5.85 123.37
N GLN O 11 30.13 -4.71 123.85
CA GLN O 11 30.04 -3.47 123.08
C GLN O 11 30.84 -3.56 121.79
N CYS O 12 32.11 -3.97 121.90
CA CYS O 12 32.93 -4.16 120.70
C CYS O 12 32.48 -5.36 119.89
N GLY O 13 31.96 -6.39 120.56
CA GLY O 13 31.55 -7.59 119.86
C GLY O 13 30.40 -7.33 118.89
N ASN O 14 29.47 -6.46 119.27
CA ASN O 14 28.36 -6.14 118.38
C ASN O 14 28.86 -5.47 117.10
N GLN O 15 29.78 -4.52 117.23
CA GLN O 15 30.33 -3.85 116.05
C GLN O 15 31.10 -4.82 115.17
N ILE O 16 31.92 -5.68 115.78
CA ILE O 16 32.69 -6.66 115.01
C ILE O 16 31.75 -7.61 114.27
N GLY O 17 30.72 -8.09 114.95
CA GLY O 17 29.77 -8.99 114.30
C GLY O 17 29.02 -8.32 113.16
N ALA O 18 28.59 -7.08 113.38
CA ALA O 18 27.90 -6.34 112.33
C ALA O 18 28.79 -6.18 111.10
N ALA O 19 30.03 -5.72 111.33
CA ALA O 19 30.97 -5.53 110.21
C ALA O 19 31.24 -6.84 109.50
N PHE O 20 31.38 -7.93 110.26
CA PHE O 20 31.49 -9.25 109.65
C PHE O 20 30.28 -9.55 108.77
N TRP O 21 29.10 -9.12 109.22
CA TRP O 21 27.89 -9.37 108.43
C TRP O 21 27.91 -8.60 107.12
N GLU O 22 28.30 -7.32 107.13
CA GLU O 22 28.38 -6.62 105.85
C GLU O 22 29.46 -7.22 104.96
N THR O 23 30.60 -7.62 105.53
CA THR O 23 31.64 -8.24 104.71
C THR O 23 31.15 -9.53 104.08
N ILE O 24 30.41 -10.34 104.84
CA ILE O 24 29.87 -11.59 104.30
C ILE O 24 28.88 -11.29 103.17
N CYS O 25 27.91 -10.41 103.42
CA CYS O 25 26.89 -10.12 102.42
C CYS O 25 27.48 -9.46 101.18
N GLY O 26 28.64 -8.80 101.30
CA GLY O 26 29.29 -8.25 100.14
C GLY O 26 30.17 -9.25 99.41
N GLU O 27 30.77 -10.20 100.12
CA GLU O 27 31.67 -11.14 99.48
C GLU O 27 30.92 -12.21 98.71
N HIS O 28 29.75 -12.65 99.19
CA HIS O 28 28.97 -13.58 98.38
C HIS O 28 27.92 -12.89 97.53
N GLY O 29 27.45 -11.71 97.94
CA GLY O 29 26.52 -10.95 97.15
C GLY O 29 25.08 -11.17 97.54
N LEU O 30 24.49 -10.22 98.26
CA LEU O 30 23.08 -10.30 98.63
C LEU O 30 22.63 -8.91 99.04
N ASP O 31 21.68 -8.34 98.30
CA ASP O 31 21.14 -7.04 98.65
C ASP O 31 20.20 -7.17 99.85
N PHE O 32 20.01 -6.06 100.56
CA PHE O 32 19.27 -6.07 101.81
C PHE O 32 17.76 -6.21 101.63
N ASN O 33 17.25 -6.08 100.41
CA ASN O 33 15.82 -6.21 100.16
C ASN O 33 15.41 -7.63 99.79
N GLY O 34 16.35 -8.56 99.76
CA GLY O 34 16.04 -9.95 99.45
C GLY O 34 16.15 -10.27 97.98
N THR O 35 17.20 -9.78 97.33
CA THR O 35 17.43 -10.02 95.91
C THR O 35 18.63 -10.96 95.75
N TYR O 36 18.43 -12.01 94.97
CA TYR O 36 19.50 -12.98 94.75
C TYR O 36 20.56 -12.41 93.83
N HIS O 37 21.83 -12.54 94.23
CA HIS O 37 22.93 -12.02 93.43
C HIS O 37 24.11 -12.99 93.37
N GLY O 38 23.91 -14.25 93.76
CA GLY O 38 24.99 -15.21 93.68
C GLY O 38 25.33 -15.58 92.25
N HIS O 39 26.60 -15.90 92.02
CA HIS O 39 27.09 -16.26 90.69
C HIS O 39 28.09 -17.40 90.84
N ASP O 40 27.66 -18.62 90.53
CA ASP O 40 26.27 -18.88 90.16
C ASP O 40 25.65 -19.92 91.09
N ASP O 41 26.37 -21.02 91.29
CA ASP O 41 25.89 -22.13 92.13
C ASP O 41 26.61 -22.15 93.48
N ILE O 42 27.94 -22.11 93.47
CA ILE O 42 28.71 -22.24 94.70
C ILE O 42 28.38 -21.15 95.71
N GLN O 43 27.83 -20.02 95.25
CA GLN O 43 27.42 -18.93 96.13
C GLN O 43 25.99 -19.10 96.64
N LYS O 44 25.36 -20.24 96.37
CA LYS O 44 23.98 -20.48 96.78
C LYS O 44 23.86 -21.55 97.87
N GLU O 45 24.54 -22.68 97.72
CA GLU O 45 24.49 -23.70 98.77
C GLU O 45 25.35 -23.33 99.97
N ARG O 46 26.34 -22.46 99.80
CA ARG O 46 27.23 -22.07 100.90
C ARG O 46 26.67 -20.95 101.76
N LEU O 47 25.61 -20.27 101.33
CA LEU O 47 24.99 -19.26 102.16
C LEU O 47 24.04 -19.85 103.20
N ASN O 48 23.75 -21.15 103.11
CA ASN O 48 23.01 -21.85 104.16
C ASN O 48 23.79 -21.90 105.47
N VAL O 49 25.10 -21.68 105.42
CA VAL O 49 25.92 -21.70 106.63
C VAL O 49 25.49 -20.60 107.59
N TYR O 50 25.26 -19.39 107.07
CA TYR O 50 24.91 -18.25 107.90
C TYR O 50 23.44 -17.87 107.83
N PHE O 51 22.77 -18.14 106.71
CA PHE O 51 21.39 -17.73 106.51
C PHE O 51 20.50 -18.96 106.37
N ASN O 52 19.21 -18.76 106.65
CA ASN O 52 18.20 -19.80 106.48
C ASN O 52 17.08 -19.28 105.59
N GLU O 53 16.50 -20.17 104.80
CA GLU O 53 15.50 -19.78 103.81
C GLU O 53 14.19 -19.46 104.51
N ALA O 54 13.76 -18.21 104.41
CA ALA O 54 12.46 -17.79 104.93
C ALA O 54 11.42 -17.91 103.83
N SER O 55 10.21 -17.41 104.08
CA SER O 55 9.15 -17.46 103.09
C SER O 55 9.42 -16.48 101.94
N SER O 56 8.83 -16.78 100.79
CA SER O 56 8.93 -15.95 99.59
C SER O 56 10.38 -15.75 99.15
N GLY O 57 11.19 -16.80 99.28
CA GLY O 57 12.58 -16.73 98.85
C GLY O 57 13.43 -15.73 99.60
N LYS O 58 13.19 -15.56 100.91
CA LYS O 58 13.93 -14.63 101.73
C LYS O 58 14.96 -15.39 102.57
N TRP O 59 16.12 -14.76 102.75
CA TRP O 59 17.19 -15.34 103.56
C TRP O 59 17.40 -14.48 104.79
N VAL O 60 17.40 -15.11 105.96
CA VAL O 60 17.54 -14.39 107.22
C VAL O 60 18.66 -15.02 108.04
N PRO O 61 19.40 -14.24 108.82
CA PRO O 61 20.53 -14.80 109.57
C PRO O 61 20.08 -15.65 110.75
N ARG O 62 20.95 -16.59 111.14
CA ARG O 62 20.79 -17.38 112.34
C ARG O 62 21.92 -16.97 113.28
N SER O 63 21.68 -15.89 114.04
CA SER O 63 22.70 -15.33 114.92
C SER O 63 22.02 -14.70 116.12
N ILE O 64 22.47 -15.07 117.31
CA ILE O 64 21.90 -14.56 118.56
C ILE O 64 22.85 -13.48 119.06
N ASN O 65 22.40 -12.23 119.01
CA ASN O 65 23.15 -11.10 119.53
C ASN O 65 22.56 -10.72 120.89
N VAL O 66 23.43 -10.65 121.90
CA VAL O 66 23.01 -10.37 123.28
C VAL O 66 23.87 -9.25 123.83
N ASP O 67 23.22 -8.28 124.48
CA ASP O 67 23.92 -7.19 125.13
C ASP O 67 22.95 -6.52 126.11
N LEU O 68 23.50 -6.06 127.23
CA LEU O 68 22.66 -5.46 128.26
C LEU O 68 22.29 -4.01 127.95
N GLU O 69 22.94 -3.39 126.97
CA GLU O 69 22.54 -2.06 126.53
C GLU O 69 21.83 -2.16 125.19
N PRO O 70 20.61 -1.65 125.06
CA PRO O 70 19.85 -1.81 123.81
C PRO O 70 20.07 -0.73 122.76
N GLY O 71 21.09 0.11 122.92
CA GLY O 71 21.32 1.19 121.98
C GLY O 71 22.09 0.79 120.74
N THR O 72 22.73 -0.37 120.77
CA THR O 72 23.53 -0.81 119.63
C THR O 72 22.66 -1.33 118.49
N ILE O 73 21.52 -1.97 118.81
CA ILE O 73 20.67 -2.53 117.77
C ILE O 73 19.97 -1.43 116.98
N ASP O 74 19.73 -0.27 117.60
CA ASP O 74 19.17 0.86 116.87
C ASP O 74 20.13 1.32 115.78
N ALA O 75 21.43 1.32 116.07
CA ALA O 75 22.47 1.62 115.09
C ALA O 75 22.81 0.42 114.22
N VAL O 76 21.95 -0.60 114.19
CA VAL O 76 22.14 -1.78 113.36
C VAL O 76 20.98 -1.96 112.38
N ARG O 77 19.75 -1.90 112.88
CA ARG O 77 18.59 -2.11 112.02
C ARG O 77 18.34 -0.93 111.10
N ASN O 78 18.61 0.29 111.56
CA ASN O 78 18.41 1.49 110.73
C ASN O 78 19.66 1.91 109.97
N SER O 79 20.82 1.37 110.34
CA SER O 79 22.09 1.68 109.70
C SER O 79 22.30 0.72 108.52
N ALA O 80 23.55 0.55 108.09
CA ALA O 80 23.89 -0.34 106.99
C ALA O 80 23.48 -1.78 107.34
N ILE O 81 23.73 -2.72 106.42
CA ILE O 81 22.88 -3.89 106.27
C ILE O 81 22.78 -4.68 107.58
N GLY O 82 21.62 -4.59 108.21
CA GLY O 82 21.24 -5.43 109.33
C GLY O 82 19.74 -5.68 109.30
N ASN O 83 19.10 -5.23 108.21
CA ASN O 83 17.65 -5.35 108.09
C ASN O 83 17.20 -6.79 107.94
N LEU O 84 18.08 -7.69 107.52
CA LEU O 84 17.73 -9.10 107.42
C LEU O 84 17.51 -9.74 108.79
N PHE O 85 18.00 -9.11 109.86
CA PHE O 85 17.91 -9.68 111.20
C PHE O 85 16.44 -9.78 111.62
N ARG O 86 16.02 -10.99 111.94
CA ARG O 86 14.66 -11.22 112.42
C ARG O 86 14.49 -10.61 113.80
N PRO O 87 13.28 -10.12 114.14
CA PRO O 87 13.10 -9.45 115.44
C PRO O 87 13.37 -10.35 116.64
N ASP O 88 13.19 -11.67 116.49
CA ASP O 88 13.46 -12.58 117.60
C ASP O 88 14.95 -12.67 117.92
N ASN O 89 15.83 -12.33 116.97
CA ASN O 89 17.26 -12.35 117.23
C ASN O 89 17.69 -11.28 118.23
N TYR O 90 16.84 -10.29 118.48
CA TYR O 90 17.18 -9.20 119.40
C TYR O 90 16.85 -9.64 120.82
N ILE O 91 17.87 -10.11 121.54
CA ILE O 91 17.75 -10.45 122.96
C ILE O 91 18.58 -9.42 123.71
N PHE O 92 17.91 -8.40 124.24
CA PHE O 92 18.56 -7.32 124.98
C PHE O 92 17.80 -7.05 126.26
N GLY O 93 18.51 -6.54 127.26
CA GLY O 93 17.92 -6.22 128.54
C GLY O 93 18.30 -4.85 129.05
N GLN O 94 18.18 -4.64 130.36
CA GLN O 94 18.54 -3.38 131.00
C GLN O 94 19.34 -3.67 132.26
N SER O 95 20.39 -2.88 132.49
CA SER O 95 20.80 -1.83 131.57
C SER O 95 22.27 -1.96 131.20
N SER O 96 23.05 -2.55 132.11
CA SER O 96 24.47 -2.76 131.88
C SER O 96 24.98 -3.78 132.90
N ALA O 97 26.15 -4.35 132.61
CA ALA O 97 26.78 -5.28 133.52
C ALA O 97 27.67 -4.60 134.55
N GLY O 98 27.74 -3.27 134.53
CA GLY O 98 28.58 -2.53 135.45
C GLY O 98 30.03 -2.42 135.05
N ASN O 99 30.39 -2.91 133.86
CA ASN O 99 31.77 -2.91 133.38
C ASN O 99 32.72 -3.59 134.35
N VAL O 100 32.22 -4.62 135.04
CA VAL O 100 32.99 -5.36 136.03
C VAL O 100 32.73 -6.85 135.83
N TRP O 101 33.46 -7.67 136.61
CA TRP O 101 33.33 -9.11 136.54
C TRP O 101 32.44 -9.68 137.63
N ALA O 102 32.35 -9.01 138.80
CA ALA O 102 31.50 -9.51 139.87
C ALA O 102 30.02 -9.43 139.52
N LYS O 103 29.61 -8.40 138.77
CA LYS O 103 28.22 -8.24 138.36
C LYS O 103 27.97 -8.65 136.92
N GLY O 104 29.01 -9.04 136.18
CA GLY O 104 28.82 -9.41 134.80
C GLY O 104 27.99 -10.67 134.64
N HIS O 105 28.39 -11.75 135.32
CA HIS O 105 27.66 -13.01 135.23
C HIS O 105 27.50 -13.74 136.55
N TYR O 106 28.09 -13.26 137.65
CA TYR O 106 28.07 -14.04 138.88
C TYR O 106 26.70 -13.99 139.55
N THR O 107 26.07 -12.82 139.58
CA THR O 107 24.79 -12.66 140.28
C THR O 107 23.66 -12.27 139.35
N GLU O 108 23.83 -11.21 138.55
CA GLU O 108 22.75 -10.70 137.70
C GLU O 108 22.83 -11.19 136.27
N GLY O 109 23.99 -11.67 135.82
CA GLY O 109 24.13 -12.12 134.45
C GLY O 109 23.58 -13.51 134.19
N ALA O 110 23.11 -14.20 135.23
CA ALA O 110 22.61 -15.55 135.11
C ALA O 110 21.08 -15.63 135.03
N GLU O 111 20.42 -14.51 134.74
CA GLU O 111 18.96 -14.47 134.72
C GLU O 111 18.40 -14.70 133.32
N LEU O 112 18.73 -13.82 132.38
CA LEU O 112 18.26 -13.95 131.00
C LEU O 112 19.03 -14.98 130.20
N VAL O 113 20.17 -15.46 130.73
CA VAL O 113 20.98 -16.40 129.98
C VAL O 113 20.30 -17.76 129.87
N ASP O 114 19.34 -18.06 130.75
CA ASP O 114 18.53 -19.26 130.58
C ASP O 114 17.69 -19.18 129.31
N SER O 115 17.08 -18.02 129.06
CA SER O 115 16.36 -17.83 127.81
C SER O 115 17.30 -17.87 126.62
N VAL O 116 18.52 -17.33 126.79
CA VAL O 116 19.52 -17.43 125.73
C VAL O 116 19.83 -18.89 125.42
N MET O 117 20.01 -19.71 126.46
CA MET O 117 20.28 -21.13 126.26
C MET O 117 19.10 -21.83 125.59
N ASP O 118 17.88 -21.45 125.96
CA ASP O 118 16.70 -22.03 125.31
C ASP O 118 16.65 -21.68 123.82
N VAL O 119 16.93 -20.43 123.47
CA VAL O 119 16.89 -20.06 122.05
C VAL O 119 18.05 -20.71 121.31
N ILE O 120 19.19 -20.93 121.96
CA ILE O 120 20.26 -21.70 121.35
C ILE O 120 19.81 -23.12 121.06
N ARG O 121 19.11 -23.74 122.01
CA ARG O 121 18.58 -25.08 121.76
C ARG O 121 17.63 -25.09 120.57
N ARG O 122 16.70 -24.13 120.53
CA ARG O 122 15.69 -24.15 119.47
C ARG O 122 16.34 -23.89 118.12
N GLU O 123 17.38 -23.06 118.07
CA GLU O 123 18.16 -22.93 116.84
C GLU O 123 18.92 -24.21 116.53
N ALA O 124 19.30 -24.98 117.56
CA ALA O 124 20.01 -26.23 117.34
C ALA O 124 19.14 -27.25 116.64
N GLU O 125 17.90 -27.45 117.10
CA GLU O 125 17.04 -28.34 116.32
C GLU O 125 16.52 -27.66 115.06
N GLY O 126 16.58 -26.32 114.99
CA GLY O 126 16.31 -25.65 113.73
C GLY O 126 17.43 -25.77 112.72
N CYS O 127 18.63 -26.12 113.17
CA CYS O 127 19.78 -26.30 112.31
C CYS O 127 19.98 -27.78 111.99
N ASP O 128 20.52 -28.05 110.81
CA ASP O 128 20.71 -29.41 110.33
C ASP O 128 22.18 -29.86 110.33
N SER O 129 23.12 -28.96 110.07
CA SER O 129 24.53 -29.30 109.95
C SER O 129 25.38 -28.33 110.76
N LEU O 130 25.00 -28.12 112.02
CA LEU O 130 25.73 -27.23 112.91
C LEU O 130 27.18 -27.68 113.05
N GLN O 131 28.11 -26.77 112.75
CA GLN O 131 29.54 -27.07 112.70
C GLN O 131 30.33 -26.45 113.83
N GLY O 132 30.24 -25.13 114.01
CA GLY O 132 31.04 -24.44 114.99
C GLY O 132 30.30 -23.26 115.57
N PHE O 133 30.94 -22.59 116.54
CA PHE O 133 30.35 -21.47 117.26
C PHE O 133 31.35 -20.32 117.25
N GLN O 134 30.94 -19.20 116.68
CA GLN O 134 31.79 -18.01 116.60
C GLN O 134 31.30 -16.99 117.63
N ILE O 135 32.21 -16.52 118.48
CA ILE O 135 31.91 -15.51 119.48
C ILE O 135 32.92 -14.38 119.36
N THR O 136 32.42 -13.14 119.38
CA THR O 136 33.25 -11.94 119.38
C THR O 136 32.93 -11.14 120.63
N HIS O 137 33.95 -10.85 121.43
CA HIS O 137 33.76 -10.14 122.68
C HIS O 137 35.07 -9.44 123.04
N SER O 138 35.04 -8.69 124.14
CA SER O 138 36.18 -7.96 124.65
C SER O 138 36.70 -8.63 125.92
N LEU O 139 38.02 -8.85 125.97
CA LEU O 139 38.62 -9.48 127.14
C LEU O 139 38.48 -8.62 128.38
N GLY O 140 38.69 -7.31 128.27
CA GLY O 140 38.61 -6.43 129.40
C GLY O 140 37.24 -5.80 129.59
N GLY O 141 36.39 -5.90 128.58
CA GLY O 141 35.05 -5.34 128.69
C GLY O 141 34.21 -6.08 129.71
N GLY O 142 33.36 -5.32 130.42
CA GLY O 142 32.53 -5.89 131.46
C GLY O 142 31.51 -6.88 130.94
N THR O 143 30.82 -6.53 129.86
CA THR O 143 29.80 -7.43 129.32
C THR O 143 30.43 -8.62 128.62
N GLY O 144 31.37 -8.37 127.71
CA GLY O 144 31.95 -9.47 126.94
C GLY O 144 32.66 -10.48 127.82
N SER O 145 33.52 -10.02 128.73
CA SER O 145 34.17 -10.92 129.66
C SER O 145 33.20 -11.46 130.70
N GLY O 146 32.13 -10.72 130.97
CA GLY O 146 31.19 -11.14 132.00
C GLY O 146 30.41 -12.38 131.65
N MET O 147 29.47 -12.27 130.71
CA MET O 147 28.67 -13.46 130.40
C MET O 147 29.24 -14.26 129.23
N GLY O 148 30.33 -13.81 128.61
CA GLY O 148 30.93 -14.59 127.54
C GLY O 148 31.43 -15.93 128.03
N THR O 149 32.17 -15.93 129.14
CA THR O 149 32.69 -17.17 129.70
C THR O 149 31.56 -18.10 130.15
N LEU O 150 30.47 -17.54 130.69
CA LEU O 150 29.37 -18.38 131.15
C LEU O 150 28.59 -18.96 129.98
N LEU O 151 28.46 -18.20 128.89
CA LEU O 151 27.94 -18.76 127.65
C LEU O 151 28.83 -19.88 127.13
N ILE O 152 30.15 -19.72 127.24
CA ILE O 152 31.06 -20.80 126.86
C ILE O 152 30.81 -22.02 127.73
N SER O 153 30.57 -21.79 129.02
CA SER O 153 30.30 -22.91 129.94
C SER O 153 29.05 -23.67 129.50
N LYS O 154 27.96 -22.96 129.19
CA LYS O 154 26.75 -23.66 128.74
C LYS O 154 26.97 -24.35 127.40
N ILE O 155 27.68 -23.70 126.47
CA ILE O 155 27.84 -24.31 125.15
C ILE O 155 28.72 -25.54 125.23
N ARG O 156 29.60 -25.61 126.23
CA ARG O 156 30.32 -26.86 126.49
C ARG O 156 29.41 -27.88 127.16
N GLU O 157 28.55 -27.44 128.08
CA GLU O 157 27.68 -28.35 128.80
C GLU O 157 26.72 -29.06 127.86
N GLU O 158 26.10 -28.31 126.94
CA GLU O 158 25.09 -28.88 126.07
C GLU O 158 25.66 -29.50 124.80
N PHE O 159 26.86 -29.10 124.38
CA PHE O 159 27.53 -29.67 123.21
C PHE O 159 28.91 -30.17 123.61
N PRO O 160 29.04 -31.40 124.08
CA PRO O 160 30.36 -31.93 124.43
C PRO O 160 31.18 -32.40 123.23
N ASP O 161 30.59 -32.47 122.04
CA ASP O 161 31.29 -32.90 120.85
C ASP O 161 31.61 -31.76 119.89
N ARG O 162 31.19 -30.54 120.22
CA ARG O 162 31.44 -29.38 119.37
C ARG O 162 32.53 -28.52 119.98
N MET O 163 33.54 -28.19 119.18
CA MET O 163 34.60 -27.30 119.64
C MET O 163 34.08 -25.86 119.71
N MET O 164 34.86 -25.01 120.35
CA MET O 164 34.51 -23.60 120.53
C MET O 164 35.61 -22.71 119.98
N ALA O 165 35.21 -21.66 119.27
CA ALA O 165 36.15 -20.68 118.73
C ALA O 165 35.91 -19.33 119.39
N THR O 166 36.97 -18.73 119.92
CA THR O 166 36.88 -17.46 120.61
C THR O 166 37.85 -16.46 119.97
N PHE O 167 37.39 -15.22 119.83
CA PHE O 167 38.15 -14.15 119.19
C PHE O 167 38.11 -12.90 120.06
N SER O 168 38.37 -13.06 121.35
CA SER O 168 38.36 -11.95 122.28
C SER O 168 39.49 -10.98 121.96
N VAL O 169 39.23 -9.68 122.17
CA VAL O 169 40.21 -8.64 121.92
C VAL O 169 41.01 -8.40 123.19
N LEU O 170 42.32 -8.62 123.12
CA LEU O 170 43.18 -8.50 124.29
C LEU O 170 43.60 -7.06 124.49
N PRO O 171 43.27 -6.42 125.61
CA PRO O 171 43.75 -5.05 125.85
C PRO O 171 45.25 -5.01 125.98
N SER O 172 45.83 -3.90 125.53
CA SER O 172 47.27 -3.71 125.62
C SER O 172 47.70 -3.43 127.05
N PRO O 173 48.89 -3.88 127.45
CA PRO O 173 49.38 -3.60 128.81
C PRO O 173 49.77 -2.16 129.06
N LYS O 174 49.78 -1.31 128.03
CA LYS O 174 50.18 0.08 128.18
C LYS O 174 49.04 1.07 128.14
N THR O 175 47.85 0.65 127.70
CA THR O 175 46.67 1.51 127.66
C THR O 175 45.68 1.04 128.72
N SER O 176 45.21 1.97 129.55
CA SER O 176 44.30 1.67 130.66
C SER O 176 43.07 2.57 130.55
N ASP O 177 42.04 2.07 129.88
CA ASP O 177 40.76 2.80 129.86
C ASP O 177 40.16 2.87 131.25
N THR O 178 40.23 1.77 132.00
CA THR O 178 39.79 1.73 133.38
C THR O 178 40.81 0.96 134.20
N VAL O 179 40.81 1.21 135.52
CA VAL O 179 41.80 0.61 136.39
C VAL O 179 41.62 -0.91 136.51
N VAL O 180 40.45 -1.43 136.20
CA VAL O 180 40.15 -2.83 136.41
C VAL O 180 39.98 -3.59 135.08
N GLU O 181 40.40 -3.00 133.98
CA GLU O 181 40.32 -3.70 132.69
C GLU O 181 41.18 -4.96 132.67
N PRO O 182 42.47 -4.93 133.03
CA PRO O 182 43.22 -6.20 133.12
C PRO O 182 42.64 -7.13 134.18
N TYR O 183 42.05 -6.58 135.24
CA TYR O 183 41.43 -7.42 136.27
C TYR O 183 40.30 -8.24 135.68
N ASN O 184 39.40 -7.59 134.92
CA ASN O 184 38.32 -8.32 134.26
C ASN O 184 38.87 -9.28 133.22
N ALA O 185 39.92 -8.87 132.50
CA ALA O 185 40.52 -9.73 131.49
C ALA O 185 41.03 -11.03 132.10
N THR O 186 41.71 -10.93 133.25
CA THR O 186 42.24 -12.12 133.88
C THR O 186 41.15 -12.94 134.55
N LEU O 187 40.14 -12.29 135.13
CA LEU O 187 39.02 -13.04 135.68
C LEU O 187 38.26 -13.78 134.58
N SER O 188 38.33 -13.30 133.34
CA SER O 188 37.70 -14.00 132.23
C SER O 188 38.58 -15.16 131.74
N VAL O 189 39.88 -14.91 131.57
CA VAL O 189 40.77 -15.97 131.10
C VAL O 189 40.94 -17.07 132.16
N HIS O 190 40.57 -16.77 133.41
CA HIS O 190 40.56 -17.81 134.44
C HIS O 190 39.69 -19.00 134.04
N GLN O 191 38.59 -18.75 133.34
CA GLN O 191 37.74 -19.82 132.83
C GLN O 191 37.86 -20.00 131.32
N LEU O 192 38.41 -19.02 130.60
CA LEU O 192 38.57 -19.16 129.16
C LEU O 192 39.51 -20.30 128.82
N VAL O 193 40.62 -20.43 129.56
CA VAL O 193 41.57 -21.51 129.29
C VAL O 193 40.97 -22.86 129.63
N GLU O 194 40.04 -22.92 130.59
CA GLU O 194 39.42 -24.17 130.99
C GLU O 194 38.16 -24.50 130.21
N HIS O 195 37.75 -23.64 129.27
CA HIS O 195 36.51 -23.88 128.54
C HIS O 195 36.62 -23.64 127.04
N SER O 196 37.76 -23.21 126.52
CA SER O 196 37.91 -22.93 125.10
C SER O 196 38.95 -23.85 124.49
N ASP O 197 38.81 -24.08 123.18
CA ASP O 197 39.72 -24.95 122.44
C ASP O 197 40.74 -24.18 121.61
N GLU O 198 40.42 -22.95 121.18
CA GLU O 198 41.37 -22.12 120.45
C GLU O 198 40.93 -20.66 120.57
N THR O 199 41.90 -19.76 120.43
CA THR O 199 41.61 -18.34 120.55
C THR O 199 42.65 -17.55 119.74
N PHE O 200 42.28 -16.31 119.43
CA PHE O 200 43.13 -15.41 118.66
C PHE O 200 43.50 -14.19 119.50
N CYS O 201 44.75 -13.74 119.36
CA CYS O 201 45.24 -12.58 120.07
C CYS O 201 45.03 -11.35 119.20
N ILE O 202 44.18 -10.43 119.65
CA ILE O 202 43.85 -9.21 118.93
C ILE O 202 44.17 -8.02 119.81
N ASP O 203 44.96 -7.08 119.28
CA ASP O 203 45.34 -5.87 120.00
C ASP O 203 45.02 -4.66 119.12
N ASN O 204 44.32 -3.68 119.70
CA ASN O 204 43.93 -2.49 118.95
C ASN O 204 45.13 -1.61 118.64
N GLU O 205 46.12 -1.56 119.53
CA GLU O 205 47.30 -0.74 119.29
C GLU O 205 48.10 -1.25 118.09
N ALA O 206 48.15 -2.56 117.88
CA ALA O 206 48.76 -3.09 116.68
C ALA O 206 48.01 -2.64 115.44
N LEU O 207 46.68 -2.59 115.52
CA LEU O 207 45.88 -2.09 114.41
C LEU O 207 46.20 -0.62 114.14
N TYR O 208 46.34 0.18 115.20
CA TYR O 208 46.71 1.58 115.01
C TYR O 208 48.09 1.72 114.37
N ASP O 209 49.04 0.88 114.80
CA ASP O 209 50.38 0.93 114.24
C ASP O 209 50.37 0.56 112.75
N ILE O 210 49.62 -0.48 112.39
CA ILE O 210 49.59 -0.87 110.98
C ILE O 210 48.82 0.15 110.15
N CYS O 211 47.85 0.85 110.76
CA CYS O 211 47.16 1.91 110.04
C CYS O 211 48.07 3.11 109.79
N GLN O 212 48.87 3.48 110.79
CA GLN O 212 49.77 4.61 110.63
C GLN O 212 51.03 4.26 109.84
N ARG O 213 51.31 2.97 109.64
CA ARG O 213 52.48 2.56 108.87
C ARG O 213 52.16 2.41 107.39
N THR O 214 51.20 1.56 107.06
CA THR O 214 50.85 1.26 105.67
C THR O 214 49.61 2.03 105.20
N LEU O 215 48.56 2.08 106.02
CA LEU O 215 47.34 2.75 105.61
C LEU O 215 47.47 4.27 105.66
N LYS O 216 48.33 4.80 106.52
CA LYS O 216 48.47 6.24 106.73
C LYS O 216 47.12 6.88 107.05
N LEU O 217 46.34 6.19 107.89
CA LEU O 217 45.02 6.68 108.25
C LEU O 217 45.12 7.90 109.16
N ASN O 218 44.38 8.95 108.83
CA ASN O 218 44.42 10.18 109.60
C ASN O 218 43.39 10.21 110.73
N GLN O 219 42.23 9.59 110.52
CA GLN O 219 41.16 9.59 111.52
C GLN O 219 41.11 8.23 112.20
N PRO O 220 41.32 8.16 113.52
CA PRO O 220 41.22 6.86 114.19
C PRO O 220 39.79 6.37 114.28
N SER O 221 39.46 5.38 113.47
CA SER O 221 38.10 4.86 113.37
C SER O 221 38.09 3.37 113.64
N TYR O 222 37.14 2.92 114.46
CA TYR O 222 36.99 1.51 114.76
C TYR O 222 36.36 0.75 113.60
N GLY O 223 35.72 1.45 112.67
CA GLY O 223 35.09 0.78 111.54
C GLY O 223 36.08 0.11 110.61
N ASP O 224 37.18 0.80 110.30
CA ASP O 224 38.21 0.20 109.44
C ASP O 224 38.85 -1.01 110.12
N LEU O 225 39.08 -0.91 111.43
CA LEU O 225 39.64 -2.04 112.15
C LEU O 225 38.69 -3.22 112.15
N ASN O 226 37.40 -2.95 112.32
CA ASN O 226 36.40 -4.01 112.22
C ASN O 226 36.39 -4.62 110.82
N ASN O 227 36.53 -3.79 109.79
CA ASN O 227 36.60 -4.31 108.42
C ASN O 227 37.78 -5.25 108.25
N LEU O 228 38.95 -4.86 108.78
CA LEU O 228 40.14 -5.70 108.66
C LEU O 228 39.96 -7.02 109.39
N VAL O 229 39.48 -6.98 110.64
CA VAL O 229 39.33 -8.21 111.40
C VAL O 229 38.23 -9.09 110.80
N SER O 230 37.20 -8.49 110.19
CA SER O 230 36.16 -9.28 109.56
C SER O 230 36.65 -9.92 108.28
N SER O 231 37.51 -9.22 107.53
CA SER O 231 38.13 -9.84 106.35
C SER O 231 39.00 -11.02 106.77
N VAL O 232 39.74 -10.88 107.87
CA VAL O 232 40.54 -12.00 108.37
C VAL O 232 39.63 -13.16 108.77
N MET O 233 38.54 -12.85 109.47
CA MET O 233 37.62 -13.89 109.92
C MET O 233 36.95 -14.61 108.76
N SER O 234 36.60 -13.88 107.70
CA SER O 234 36.09 -14.53 106.50
C SER O 234 37.16 -15.40 105.85
N GLY O 235 38.40 -14.91 105.80
CA GLY O 235 39.48 -15.66 105.18
C GLY O 235 39.81 -16.97 105.85
N VAL O 236 39.66 -17.05 107.18
CA VAL O 236 39.97 -18.30 107.87
C VAL O 236 38.96 -19.40 107.59
N THR O 237 37.81 -19.07 106.99
CA THR O 237 36.80 -20.07 106.63
C THR O 237 36.48 -20.13 105.15
N THR O 238 37.10 -19.28 104.32
CA THR O 238 36.97 -19.43 102.87
C THR O 238 37.41 -20.81 102.40
N SER O 239 38.41 -21.39 103.07
CA SER O 239 38.86 -22.73 102.71
C SER O 239 37.75 -23.76 102.90
N LEU O 240 37.00 -23.64 103.99
CA LEU O 240 35.90 -24.56 104.23
C LEU O 240 34.76 -24.32 103.26
N ARG O 241 34.36 -23.07 103.07
CA ARG O 241 33.19 -22.80 102.24
C ARG O 241 33.51 -22.65 100.76
N TYR O 242 34.78 -22.77 100.38
CA TYR O 242 35.16 -22.82 98.96
C TYR O 242 36.23 -23.88 98.79
N PRO O 243 35.98 -24.92 97.98
CA PRO O 243 36.95 -26.01 97.87
C PRO O 243 38.25 -25.56 97.23
N GLY O 244 39.34 -26.21 97.65
CA GLY O 244 40.65 -25.98 97.08
C GLY O 244 41.48 -27.25 97.06
N GLN O 245 42.80 -27.12 97.01
CA GLN O 245 43.66 -28.30 97.08
C GLN O 245 43.54 -28.98 98.45
N LEU O 246 43.49 -28.19 99.52
CA LEU O 246 43.37 -28.72 100.88
C LEU O 246 42.40 -27.84 101.65
N ASN O 247 41.17 -28.28 101.81
CA ASN O 247 40.20 -27.55 102.62
C ASN O 247 40.57 -27.67 104.10
N SER O 248 40.39 -26.57 104.82
CA SER O 248 40.73 -26.50 106.23
C SER O 248 39.49 -26.25 107.06
N ASP O 249 39.42 -26.90 108.22
CA ASP O 249 38.31 -26.77 109.16
C ASP O 249 38.85 -26.42 110.54
N LEU O 250 37.97 -25.90 111.39
CA LEU O 250 38.38 -25.52 112.73
C LEU O 250 38.91 -26.71 113.52
N ARG O 251 38.30 -27.89 113.33
CA ARG O 251 38.83 -29.10 113.95
C ARG O 251 40.21 -29.44 113.39
N LYS O 252 40.46 -29.13 112.11
CA LYS O 252 41.80 -29.31 111.57
C LYS O 252 42.79 -28.36 112.21
N LEU O 253 42.36 -27.12 112.51
CA LEU O 253 43.19 -26.22 113.30
C LEU O 253 43.50 -26.81 114.67
N ALA O 254 42.50 -27.38 115.32
CA ALA O 254 42.72 -28.00 116.63
C ALA O 254 43.69 -29.17 116.54
N VAL O 255 43.56 -29.98 115.49
CA VAL O 255 44.43 -31.15 115.35
C VAL O 255 45.86 -30.74 115.05
N ASN O 256 46.05 -29.82 114.10
CA ASN O 256 47.38 -29.50 113.59
C ASN O 256 48.02 -28.34 114.36
N LEU O 257 47.39 -27.17 114.34
CA LEU O 257 47.99 -25.98 114.93
C LEU O 257 48.12 -26.08 116.45
N VAL O 258 47.07 -26.54 117.13
CA VAL O 258 47.09 -26.65 118.59
C VAL O 258 48.02 -27.79 118.99
N PRO O 259 48.99 -27.55 119.88
CA PRO O 259 49.83 -28.66 120.36
C PRO O 259 49.14 -29.50 121.41
N PHE O 260 48.30 -28.86 122.23
CA PHE O 260 47.46 -29.51 123.23
C PHE O 260 46.43 -28.50 123.71
N PRO O 261 45.26 -28.95 124.21
CA PRO O 261 44.17 -27.99 124.50
C PRO O 261 44.52 -26.94 125.55
N ARG O 262 45.51 -27.19 126.40
CA ARG O 262 45.93 -26.18 127.37
C ARG O 262 46.52 -24.96 126.67
N LEU O 263 47.35 -25.18 125.64
CA LEU O 263 47.97 -24.10 124.89
C LEU O 263 47.17 -23.89 123.60
N HIS O 264 46.42 -22.79 123.55
CA HIS O 264 45.59 -22.52 122.38
C HIS O 264 45.62 -21.05 121.97
N PHE O 265 46.63 -20.30 122.37
CA PHE O 265 46.74 -18.89 122.04
C PHE O 265 47.48 -18.72 120.72
N PHE O 266 46.88 -17.94 119.82
CA PHE O 266 47.43 -17.72 118.48
C PHE O 266 47.54 -16.23 118.22
N MET O 267 48.57 -15.84 117.46
CA MET O 267 48.68 -14.49 116.94
C MET O 267 48.24 -14.47 115.49
N VAL O 268 47.62 -13.36 115.09
CA VAL O 268 46.99 -13.26 113.78
C VAL O 268 47.79 -12.30 112.90
N GLY O 269 48.02 -12.72 111.65
CA GLY O 269 48.65 -11.86 110.68
C GLY O 269 47.89 -11.92 109.37
N TYR O 270 47.84 -10.78 108.68
CA TYR O 270 47.08 -10.66 107.46
C TYR O 270 47.93 -10.02 106.37
N ALA O 271 47.62 -10.38 105.13
CA ALA O 271 48.31 -9.85 103.96
C ALA O 271 47.36 -9.94 102.77
N PRO O 272 47.47 -9.01 101.80
CA PRO O 272 48.40 -7.89 101.75
C PRO O 272 47.96 -6.68 102.58
N LEU O 273 48.92 -5.99 103.17
CA LEU O 273 48.64 -4.78 103.94
C LEU O 273 48.99 -3.56 103.08
N THR O 274 48.13 -3.28 102.12
CA THR O 274 48.32 -2.18 101.17
C THR O 274 47.17 -1.20 101.28
N ALA O 275 47.45 0.05 100.92
CA ALA O 275 46.48 1.14 100.99
C ALA O 275 46.31 1.77 99.62
N ILE O 276 45.36 2.72 99.55
CA ILE O 276 45.12 3.46 98.32
C ILE O 276 46.33 4.35 98.02
N GLY O 277 46.75 4.35 96.75
CA GLY O 277 47.94 5.05 96.34
C GLY O 277 49.14 4.17 96.10
N SER O 278 49.06 2.90 96.46
CA SER O 278 50.12 1.93 96.20
C SER O 278 49.63 0.75 95.38
N GLN O 279 48.38 0.77 94.92
CA GLN O 279 47.82 -0.36 94.18
C GLN O 279 48.37 -0.46 92.77
N SER O 280 48.76 0.65 92.15
CA SER O 280 49.27 0.66 90.80
C SER O 280 50.79 0.52 90.73
N PHE O 281 51.45 0.31 91.86
CA PHE O 281 52.90 0.24 91.91
C PHE O 281 53.45 -1.07 92.46
N ARG O 282 52.63 -1.97 92.98
CA ARG O 282 53.09 -3.26 93.47
C ARG O 282 52.58 -4.38 92.59
N SER O 283 53.32 -5.48 92.60
CA SER O 283 52.89 -6.75 92.03
C SER O 283 52.43 -7.65 93.18
N LEU O 284 51.15 -7.99 93.21
CA LEU O 284 50.60 -8.81 94.28
C LEU O 284 50.83 -10.27 93.94
N THR O 285 51.83 -10.87 94.57
CA THR O 285 52.24 -12.24 94.29
C THR O 285 52.41 -13.00 95.59
N VAL O 286 52.52 -14.32 95.46
CA VAL O 286 52.71 -15.18 96.63
C VAL O 286 53.98 -14.82 97.40
N PRO O 287 55.16 -14.65 96.78
CA PRO O 287 56.34 -14.31 97.58
C PRO O 287 56.19 -13.02 98.36
N GLU O 288 55.62 -11.97 97.74
CA GLU O 288 55.44 -10.71 98.45
C GLU O 288 54.52 -10.87 99.65
N LEU O 289 53.42 -11.61 99.46
CA LEU O 289 52.55 -11.94 100.58
C LEU O 289 53.31 -12.69 101.66
N THR O 290 54.29 -13.50 101.27
CA THR O 290 55.06 -14.25 102.26
C THR O 290 55.98 -13.34 103.07
N GLN O 291 56.72 -12.44 102.41
CA GLN O 291 57.53 -11.52 103.20
C GLN O 291 56.66 -10.60 104.04
N GLN O 292 55.44 -10.31 103.58
CA GLN O 292 54.51 -9.59 104.44
C GLN O 292 53.98 -10.44 105.59
N MET O 293 54.03 -11.76 105.44
CA MET O 293 53.53 -12.65 106.50
C MET O 293 54.53 -12.73 107.65
N PHE O 294 55.79 -12.99 107.35
CA PHE O 294 56.82 -13.12 108.37
C PHE O 294 57.42 -11.80 108.79
N ASP O 295 56.96 -10.69 108.22
CA ASP O 295 57.42 -9.37 108.65
C ASP O 295 57.04 -9.15 110.11
N ALA O 296 57.99 -8.60 110.88
CA ALA O 296 57.82 -8.47 112.32
C ALA O 296 56.82 -7.38 112.70
N LYS O 297 56.35 -6.57 111.74
CA LYS O 297 55.43 -5.49 112.03
C LYS O 297 54.06 -5.71 111.40
N ASN O 298 53.69 -6.95 111.10
CA ASN O 298 52.44 -7.24 110.42
C ASN O 298 51.46 -8.06 111.26
N MET O 299 51.92 -8.72 112.31
CA MET O 299 51.02 -9.45 113.20
C MET O 299 50.41 -8.51 114.24
N MET O 300 49.30 -8.95 114.81
CA MET O 300 48.52 -8.14 115.74
C MET O 300 48.49 -8.72 117.14
N ALA O 301 49.59 -9.37 117.56
CA ALA O 301 49.61 -9.95 118.90
C ALA O 301 49.58 -8.87 120.00
N ALA O 302 50.46 -7.85 119.93
CA ALA O 302 51.58 -7.69 119.01
C ALA O 302 52.89 -7.80 119.78
N ALA O 303 53.76 -8.71 119.34
CA ALA O 303 55.02 -8.98 120.02
C ALA O 303 56.14 -9.07 118.98
N ASP O 304 57.32 -9.49 119.45
CA ASP O 304 58.50 -9.53 118.60
C ASP O 304 58.76 -10.97 118.18
N PRO O 305 58.66 -11.30 116.88
CA PRO O 305 58.80 -12.70 116.46
C PRO O 305 60.25 -13.17 116.34
N ARG O 306 61.18 -12.29 115.95
CA ARG O 306 62.54 -12.74 115.72
C ARG O 306 63.40 -12.70 116.97
N ASN O 307 62.85 -12.27 118.11
CA ASN O 307 63.54 -12.43 119.39
C ASN O 307 63.19 -13.73 120.08
N GLY O 308 62.11 -14.38 119.68
CA GLY O 308 61.76 -15.69 120.20
C GLY O 308 61.87 -16.75 119.13
N ARG O 309 60.90 -17.67 119.08
CA ARG O 309 60.88 -18.68 118.03
C ARG O 309 59.46 -19.20 117.87
N TYR O 310 59.16 -19.73 116.69
CA TYR O 310 57.86 -20.29 116.42
C TYR O 310 57.83 -21.77 116.81
N LEU O 311 56.63 -22.24 117.18
CA LEU O 311 56.40 -23.66 117.43
C LEU O 311 55.72 -24.36 116.27
N THR O 312 54.77 -23.70 115.62
CA THR O 312 54.16 -24.19 114.39
C THR O 312 53.46 -23.03 113.71
N VAL O 313 53.60 -22.95 112.39
CA VAL O 313 53.00 -21.87 111.62
C VAL O 313 52.11 -22.48 110.54
N ALA O 314 51.13 -21.69 110.10
CA ALA O 314 50.17 -22.15 109.12
C ALA O 314 49.91 -21.06 108.10
N ALA O 315 49.51 -21.48 106.90
CA ALA O 315 49.20 -20.57 105.81
C ALA O 315 47.82 -20.91 105.27
N PHE O 316 46.98 -19.89 105.11
CA PHE O 316 45.60 -20.06 104.60
C PHE O 316 45.46 -19.14 103.39
N PHE O 317 45.77 -19.68 102.21
CA PHE O 317 45.84 -18.89 101.00
C PHE O 317 44.48 -18.84 100.29
N ARG O 318 44.26 -17.75 99.56
CA ARG O 318 43.00 -17.50 98.87
C ARG O 318 43.28 -17.06 97.44
N GLY O 319 42.39 -17.46 96.54
CA GLY O 319 42.45 -17.01 95.15
C GLY O 319 43.07 -18.02 94.23
N LYS O 320 43.14 -17.63 92.96
CA LYS O 320 43.73 -18.46 91.91
C LYS O 320 45.25 -18.52 92.12
N VAL O 321 45.73 -19.62 92.68
CA VAL O 321 47.15 -19.80 92.95
C VAL O 321 47.59 -21.17 92.46
N SER O 322 48.80 -21.22 91.90
CA SER O 322 49.41 -22.46 91.50
C SER O 322 50.05 -23.15 92.70
N VAL O 323 50.10 -24.48 92.64
CA VAL O 323 50.66 -25.25 93.75
C VAL O 323 52.15 -25.02 93.88
N LYS O 324 52.84 -24.72 92.77
CA LYS O 324 54.30 -24.65 92.80
C LYS O 324 54.80 -23.39 93.48
N GLU O 325 54.11 -22.25 93.29
CA GLU O 325 54.58 -21.00 93.88
C GLU O 325 54.63 -21.10 95.40
N VAL O 326 53.54 -21.59 96.01
CA VAL O 326 53.44 -21.59 97.47
C VAL O 326 54.45 -22.55 98.08
N GLU O 327 54.60 -23.74 97.49
CA GLU O 327 55.56 -24.70 98.03
C GLU O 327 56.99 -24.24 97.81
N ASP O 328 57.29 -23.60 96.67
CA ASP O 328 58.63 -23.07 96.44
C ASP O 328 58.98 -21.99 97.45
N GLU O 329 58.04 -21.08 97.70
CA GLU O 329 58.27 -20.06 98.71
C GLU O 329 58.40 -20.66 100.10
N MET O 330 57.69 -21.77 100.36
CA MET O 330 57.81 -22.43 101.65
C MET O 330 59.17 -23.10 101.81
N HIS O 331 59.70 -23.69 100.74
CA HIS O 331 61.09 -24.13 100.76
C HIS O 331 62.04 -22.98 101.05
N LYS O 332 61.81 -21.83 100.41
CA LYS O 332 62.68 -20.68 100.62
C LYS O 332 62.68 -20.24 102.07
N VAL O 333 61.48 -20.13 102.67
CA VAL O 333 61.40 -19.65 104.05
C VAL O 333 61.96 -20.69 105.01
N GLN O 334 61.72 -21.98 104.75
CA GLN O 334 62.29 -23.02 105.60
C GLN O 334 63.81 -23.08 105.47
N SER O 335 64.37 -22.65 104.34
CA SER O 335 65.81 -22.62 104.19
C SER O 335 66.42 -21.41 104.89
N LYS O 336 65.79 -20.24 104.76
CA LYS O 336 66.36 -19.03 105.34
C LYS O 336 65.92 -18.77 106.77
N ASN O 337 64.75 -19.27 107.18
CA ASN O 337 64.22 -19.06 108.52
C ASN O 337 64.26 -20.34 109.36
N SER O 338 65.25 -21.20 109.12
CA SER O 338 65.30 -22.49 109.81
C SER O 338 65.61 -22.34 111.30
N ASP O 339 66.32 -21.27 111.68
CA ASP O 339 66.74 -21.12 113.07
C ASP O 339 65.57 -20.95 114.02
N TYR O 340 64.54 -20.22 113.61
CA TYR O 340 63.43 -19.89 114.50
C TYR O 340 62.32 -20.94 114.51
N PHE O 341 62.45 -22.00 113.72
CA PHE O 341 61.51 -23.11 113.77
C PHE O 341 61.97 -24.13 114.81
N VAL O 342 61.00 -24.80 115.44
CA VAL O 342 61.33 -25.82 116.42
C VAL O 342 62.03 -27.00 115.74
N GLU O 343 62.93 -27.62 116.48
CA GLU O 343 63.77 -28.69 115.95
C GLU O 343 63.17 -30.07 116.19
N TRP O 344 61.85 -30.17 116.28
CA TRP O 344 61.20 -31.45 116.51
C TRP O 344 60.02 -31.75 115.61
N ILE O 345 59.58 -30.83 114.77
CA ILE O 345 58.50 -31.13 113.84
C ILE O 345 59.03 -31.85 112.59
N PRO O 346 60.08 -31.34 111.91
CA PRO O 346 60.83 -30.08 112.02
C PRO O 346 60.32 -29.03 111.04
N ASN O 347 59.34 -29.41 110.22
CA ASN O 347 58.82 -28.55 109.16
C ASN O 347 57.48 -27.99 109.63
N ASN O 348 57.54 -26.82 110.27
CA ASN O 348 56.35 -26.16 110.79
C ASN O 348 55.58 -25.57 109.63
N VAL O 349 54.52 -26.25 109.18
CA VAL O 349 53.78 -25.82 108.01
C VAL O 349 52.41 -26.49 108.02
N GLN O 350 51.38 -25.69 107.69
CA GLN O 350 50.04 -26.17 107.41
C GLN O 350 49.46 -25.28 106.33
N THR O 351 49.06 -25.89 105.20
CA THR O 351 48.64 -25.14 104.03
C THR O 351 47.18 -25.41 103.69
N ALA O 352 46.50 -24.37 103.22
CA ALA O 352 45.12 -24.48 102.77
C ALA O 352 44.95 -23.58 101.56
N VAL O 353 44.13 -24.04 100.60
CA VAL O 353 43.93 -23.35 99.34
C VAL O 353 42.47 -22.99 99.20
N CYS O 354 42.19 -21.74 98.85
CA CYS O 354 40.84 -21.26 98.58
C CYS O 354 40.71 -20.90 97.11
N SER O 355 39.51 -21.09 96.57
CA SER O 355 39.31 -20.86 95.14
C SER O 355 39.00 -19.39 94.81
N VAL O 356 37.99 -18.81 95.44
CA VAL O 356 37.53 -17.47 95.08
C VAL O 356 38.51 -16.45 95.61
N ALA O 357 38.60 -15.33 94.91
CA ALA O 357 39.47 -14.23 95.30
C ALA O 357 38.81 -13.39 96.40
N PRO O 358 39.62 -12.76 97.26
CA PRO O 358 39.04 -11.90 98.30
C PRO O 358 38.35 -10.69 97.69
N GLN O 359 37.34 -10.19 98.41
CA GLN O 359 36.63 -9.00 97.97
C GLN O 359 37.54 -7.78 98.08
N GLY O 360 37.52 -6.95 97.04
CA GLY O 360 38.35 -5.76 97.02
C GLY O 360 39.82 -6.01 96.77
N LEU O 361 40.21 -7.24 96.46
CA LEU O 361 41.61 -7.58 96.26
C LEU O 361 41.69 -8.75 95.27
N ASP O 362 42.92 -9.12 94.93
CA ASP O 362 43.16 -10.24 94.02
C ASP O 362 43.61 -11.49 94.75
N MET O 363 44.62 -11.37 95.60
CA MET O 363 45.21 -12.50 96.31
C MET O 363 45.43 -12.08 97.75
N ALA O 364 45.11 -12.98 98.69
CA ALA O 364 45.23 -12.66 100.11
C ALA O 364 45.40 -13.95 100.90
N ALA O 365 45.77 -13.78 102.17
CA ALA O 365 46.05 -14.91 103.04
C ALA O 365 45.92 -14.47 104.50
N THR O 366 45.86 -15.46 105.38
CA THR O 366 45.87 -15.24 106.83
C THR O 366 46.99 -16.05 107.46
N PHE O 367 47.48 -15.56 108.60
CA PHE O 367 48.61 -16.15 109.29
C PHE O 367 48.17 -16.60 110.68
N ILE O 368 48.33 -17.89 110.95
CA ILE O 368 48.06 -18.47 112.26
C ILE O 368 49.28 -19.27 112.69
N ALA O 369 49.78 -19.02 113.90
CA ALA O 369 51.00 -19.65 114.35
C ALA O 369 51.02 -19.70 115.88
N ASN O 370 52.02 -20.41 116.40
CA ASN O 370 52.29 -20.48 117.84
C ASN O 370 53.74 -20.10 118.08
N SER O 371 53.96 -19.10 118.92
CA SER O 371 55.29 -18.69 119.34
C SER O 371 55.34 -18.59 120.85
N THR O 372 56.51 -18.24 121.37
CA THR O 372 56.73 -18.10 122.81
C THR O 372 56.60 -16.67 123.28
N SER O 373 56.00 -15.78 122.48
CA SER O 373 55.93 -14.36 122.81
C SER O 373 54.67 -13.99 123.60
N ILE O 374 53.73 -14.90 123.78
CA ILE O 374 52.50 -14.57 124.50
C ILE O 374 52.74 -14.61 126.01
N GLN O 375 53.71 -15.42 126.45
CA GLN O 375 54.05 -15.44 127.87
C GLN O 375 54.59 -14.09 128.34
N GLU O 376 55.19 -13.32 127.44
CA GLU O 376 55.62 -11.97 127.79
C GLU O 376 54.43 -11.08 128.13
N LEU O 377 53.38 -11.13 127.32
CA LEU O 377 52.17 -10.38 127.65
C LEU O 377 51.56 -10.87 128.96
N PHE O 378 51.55 -12.19 129.15
CA PHE O 378 51.00 -12.74 130.39
C PHE O 378 51.78 -12.25 131.61
N LYS O 379 53.11 -12.25 131.54
CA LYS O 379 53.87 -11.78 132.69
C LYS O 379 53.74 -10.27 132.86
N ARG O 380 53.54 -9.52 131.77
CA ARG O 380 53.28 -8.10 131.92
C ARG O 380 51.98 -7.87 132.71
N VAL O 381 50.93 -8.61 132.36
CA VAL O 381 49.67 -8.47 133.10
C VAL O 381 49.83 -8.92 134.54
N GLY O 382 50.55 -10.02 134.76
CA GLY O 382 50.78 -10.48 136.12
C GLY O 382 51.57 -9.50 136.96
N ASP O 383 52.56 -8.85 136.36
CA ASP O 383 53.32 -7.83 137.07
C ASP O 383 52.46 -6.60 137.36
N GLN O 384 51.57 -6.25 136.43
CA GLN O 384 50.62 -5.18 136.69
C GLN O 384 49.75 -5.50 137.90
N PHE O 385 49.30 -6.74 138.01
CA PHE O 385 48.55 -7.15 139.20
C PHE O 385 49.42 -7.07 140.45
N SER O 386 50.62 -7.64 140.39
CA SER O 386 51.49 -7.67 141.56
C SER O 386 51.93 -6.29 142.00
N ALA O 387 51.82 -5.28 141.12
CA ALA O 387 52.14 -3.91 141.49
C ALA O 387 50.92 -3.16 142.01
N MET O 388 49.86 -3.08 141.21
CA MET O 388 48.72 -2.24 141.56
C MET O 388 47.84 -2.86 142.65
N PHE O 389 47.61 -4.17 142.59
CA PHE O 389 46.58 -4.81 143.41
C PHE O 389 47.09 -5.24 144.79
N LYS O 390 48.36 -4.98 145.11
CA LYS O 390 48.83 -5.26 146.46
C LYS O 390 48.36 -4.21 147.47
N ARG O 391 47.88 -3.06 147.01
CA ARG O 391 47.34 -2.04 147.89
C ARG O 391 45.89 -2.30 148.27
N LYS O 392 45.22 -3.23 147.58
CA LYS O 392 43.81 -3.54 147.81
C LYS O 392 42.94 -2.28 147.72
N ALA O 393 43.21 -1.48 146.69
CA ALA O 393 42.47 -0.25 146.42
C ALA O 393 41.37 -0.55 145.41
N PHE O 394 40.14 -0.13 145.73
CA PHE O 394 38.96 -0.37 144.92
C PHE O 394 38.71 -1.85 144.66
N LEU O 395 39.23 -2.72 145.54
CA LEU O 395 39.06 -4.15 145.42
C LEU O 395 37.81 -4.66 146.14
N HIS O 396 37.23 -3.86 147.04
CA HIS O 396 36.04 -4.28 147.76
C HIS O 396 34.81 -4.38 146.86
N TRP O 397 34.82 -3.70 145.71
CA TRP O 397 33.66 -3.72 144.82
C TRP O 397 33.35 -5.13 144.33
N TYR O 398 34.35 -6.01 144.31
CA TYR O 398 34.15 -7.40 143.90
C TYR O 398 33.98 -8.34 145.08
N THR O 399 34.74 -8.15 146.15
CA THR O 399 34.58 -8.99 147.34
C THR O 399 33.27 -8.76 148.06
N SER O 400 32.56 -7.67 147.74
CA SER O 400 31.25 -7.44 148.35
C SER O 400 30.25 -8.51 147.96
N GLU O 401 30.42 -9.11 146.79
CA GLU O 401 29.51 -10.15 146.31
C GLU O 401 29.95 -11.57 146.67
N GLY O 402 31.11 -11.71 147.31
CA GLY O 402 31.56 -13.03 147.75
C GLY O 402 32.78 -13.56 147.02
N MET O 403 33.65 -12.66 146.59
CA MET O 403 34.90 -13.07 145.95
C MET O 403 35.98 -13.30 147.01
N ASP O 404 36.80 -14.33 146.78
CA ASP O 404 37.87 -14.69 147.69
C ASP O 404 39.22 -14.57 146.98
N GLU O 405 40.26 -14.38 147.80
CA GLU O 405 41.62 -14.30 147.25
C GLU O 405 42.09 -15.62 146.67
N LEU O 406 41.41 -16.72 147.01
CA LEU O 406 41.78 -18.02 146.46
C LEU O 406 41.63 -18.04 144.94
N GLU O 407 40.58 -17.41 144.42
CA GLU O 407 40.39 -17.36 142.98
C GLU O 407 41.50 -16.60 142.29
N PHE O 408 41.92 -15.46 142.86
CA PHE O 408 43.00 -14.68 142.25
C PHE O 408 44.33 -15.43 142.33
N SER O 409 44.60 -16.09 143.46
CA SER O 409 45.82 -16.89 143.55
C SER O 409 45.80 -18.04 142.55
N GLU O 410 44.64 -18.66 142.35
CA GLU O 410 44.52 -19.72 141.37
C GLU O 410 44.72 -19.20 139.95
N ALA O 411 44.23 -18.00 139.66
CA ALA O 411 44.48 -17.40 138.35
C ALA O 411 45.96 -17.10 138.15
N GLU O 412 46.63 -16.63 139.19
CA GLU O 412 48.08 -16.42 139.09
C GLU O 412 48.81 -17.73 138.86
N SER O 413 48.38 -18.80 139.54
CA SER O 413 48.96 -20.11 139.29
C SER O 413 48.69 -20.56 137.87
N ASN O 414 47.51 -20.26 137.34
CA ASN O 414 47.18 -20.62 135.96
C ASN O 414 48.09 -19.91 134.98
N MET O 415 48.35 -18.62 135.19
CA MET O 415 49.22 -17.90 134.25
C MET O 415 50.67 -18.36 134.40
N ASN O 416 51.08 -18.73 135.62
CA ASN O 416 52.38 -19.37 135.79
C ASN O 416 52.46 -20.69 135.01
N ASP O 417 51.40 -21.49 135.06
CA ASP O 417 51.37 -22.74 134.31
C ASP O 417 51.42 -22.48 132.81
N LEU O 418 50.72 -21.45 132.34
CA LEU O 418 50.79 -21.09 130.93
C LEU O 418 52.20 -20.68 130.52
N VAL O 419 52.88 -19.91 131.38
CA VAL O 419 54.26 -19.54 131.08
C VAL O 419 55.15 -20.79 131.02
N SER O 420 54.98 -21.70 131.97
CA SER O 420 55.77 -22.93 131.98
C SER O 420 55.51 -23.75 130.72
N GLU O 421 54.24 -23.81 130.29
CA GLU O 421 53.92 -24.47 129.02
C GLU O 421 54.59 -23.77 127.85
N TYR O 422 54.66 -22.45 127.88
CA TYR O 422 55.40 -21.68 126.89
C TYR O 422 56.92 -21.83 127.03
N GLN O 423 57.38 -22.64 127.98
CA GLN O 423 58.79 -22.90 128.18
C GLN O 423 59.07 -24.40 128.24
N GLN O 424 58.55 -25.16 127.28
CA GLN O 424 58.70 -26.61 127.27
C GLN O 424 59.56 -27.17 126.14
N TYR O 425 59.40 -26.82 124.84
CA TYR O 425 58.79 -25.63 124.20
C TYR O 425 59.43 -24.33 124.69
N GLN O 426 60.75 -24.37 124.83
CA GLN O 426 61.51 -23.21 125.29
C GLN O 426 61.51 -22.12 124.22
N GLU O 427 61.73 -20.89 124.67
CA GLU O 427 61.78 -19.74 123.76
C GLU O 427 63.09 -19.73 122.97
N MET P 1 -25.15 -36.78 109.54
CA MET P 1 -24.92 -36.68 110.98
C MET P 1 -23.80 -35.65 111.22
N ARG P 2 -24.09 -34.39 110.89
CA ARG P 2 -23.10 -33.33 110.96
C ARG P 2 -23.56 -32.06 111.67
N GLU P 3 -24.87 -31.79 111.68
CA GLU P 3 -25.35 -30.50 112.16
C GLU P 3 -25.04 -30.30 113.64
N ILE P 4 -24.63 -29.09 113.99
CA ILE P 4 -24.23 -28.73 115.34
C ILE P 4 -25.06 -27.53 115.79
N ILE P 5 -25.62 -27.62 116.99
CA ILE P 5 -26.36 -26.52 117.59
C ILE P 5 -25.49 -25.90 118.68
N HIS P 6 -25.24 -24.60 118.56
CA HIS P 6 -24.33 -23.89 119.46
C HIS P 6 -25.16 -23.19 120.54
N ILE P 7 -25.04 -23.68 121.77
CA ILE P 7 -25.72 -23.07 122.90
C ILE P 7 -24.79 -22.07 123.56
N SER P 8 -25.32 -20.89 123.87
CA SER P 8 -24.54 -19.82 124.48
C SER P 8 -25.22 -19.36 125.76
N THR P 9 -24.43 -19.24 126.84
CA THR P 9 -24.92 -18.74 128.11
C THR P 9 -23.79 -18.07 128.85
N GLY P 10 -24.15 -17.19 129.78
CA GLY P 10 -23.17 -16.49 130.58
C GLY P 10 -22.67 -15.21 129.92
N GLN P 11 -22.10 -14.34 130.74
CA GLN P 11 -21.59 -13.07 130.23
C GLN P 11 -20.42 -13.28 129.27
N CYS P 12 -19.44 -14.08 129.69
CA CYS P 12 -18.32 -14.40 128.81
C CYS P 12 -18.75 -15.32 127.68
N GLY P 13 -19.73 -16.20 127.94
CA GLY P 13 -20.16 -17.13 126.91
C GLY P 13 -20.76 -16.45 125.71
N ASN P 14 -21.52 -15.37 125.93
CA ASN P 14 -22.10 -14.63 124.81
C ASN P 14 -21.02 -14.05 123.92
N GLN P 15 -19.99 -13.44 124.51
CA GLN P 15 -18.91 -12.88 123.72
C GLN P 15 -18.15 -13.96 122.95
N ILE P 16 -17.87 -15.09 123.62
CA ILE P 16 -17.16 -16.17 122.95
C ILE P 16 -17.97 -16.72 121.79
N GLY P 17 -19.28 -16.92 122.00
CA GLY P 17 -20.12 -17.41 120.92
C GLY P 17 -20.23 -16.44 119.77
N ALA P 18 -20.35 -15.15 120.07
CA ALA P 18 -20.41 -14.15 119.01
C ALA P 18 -19.13 -14.16 118.19
N ALA P 19 -17.97 -14.14 118.88
CA ALA P 19 -16.69 -14.15 118.16
C ALA P 19 -16.53 -15.41 117.34
N PHE P 20 -16.96 -16.55 117.87
CA PHE P 20 -16.98 -17.78 117.09
C PHE P 20 -17.84 -17.61 115.84
N TRP P 21 -18.95 -16.87 115.96
CA TRP P 21 -19.81 -16.66 114.80
C TRP P 21 -19.12 -15.82 113.73
N GLU P 22 -18.45 -14.73 114.12
CA GLU P 22 -17.73 -13.98 113.09
C GLU P 22 -16.59 -14.81 112.48
N THR P 23 -15.89 -15.60 113.30
CA THR P 23 -14.82 -16.42 112.75
C THR P 23 -15.38 -17.44 111.76
N ILE P 24 -16.52 -18.04 112.07
CA ILE P 24 -17.14 -19.00 111.15
C ILE P 24 -17.55 -18.32 109.85
N CYS P 25 -18.27 -17.20 109.96
CA CYS P 25 -18.74 -16.52 108.75
C CYS P 25 -17.60 -15.96 107.92
N GLY P 26 -16.44 -15.72 108.53
CA GLY P 26 -15.29 -15.30 107.75
C GLY P 26 -14.50 -16.45 107.16
N GLU P 27 -14.48 -17.60 107.84
CA GLU P 27 -13.69 -18.72 107.34
C GLU P 27 -14.36 -19.43 106.17
N HIS P 28 -15.70 -19.51 106.17
CA HIS P 28 -16.35 -20.09 105.00
C HIS P 28 -16.81 -19.03 104.00
N GLY P 29 -17.06 -17.81 104.47
CA GLY P 29 -17.42 -16.71 103.59
C GLY P 29 -18.91 -16.50 103.45
N LEU P 30 -19.44 -15.49 104.11
CA LEU P 30 -20.86 -15.16 104.00
C LEU P 30 -21.05 -13.73 104.51
N ASP P 31 -21.48 -12.84 103.63
CA ASP P 31 -21.75 -11.47 104.04
C ASP P 31 -23.06 -11.41 104.82
N PHE P 32 -23.18 -10.36 105.65
CA PHE P 32 -24.30 -10.25 106.57
C PHE P 32 -25.62 -9.90 105.90
N ASN P 33 -25.62 -9.51 104.63
CA ASN P 33 -26.84 -9.15 103.92
C ASN P 33 -27.45 -10.34 103.18
N GLY P 34 -26.84 -11.51 103.27
CA GLY P 34 -27.37 -12.69 102.61
C GLY P 34 -26.82 -12.91 101.22
N THR P 35 -25.53 -12.70 101.04
CA THR P 35 -24.87 -12.88 99.76
C THR P 35 -23.99 -14.12 99.79
N TYR P 36 -24.16 -15.00 98.80
CA TYR P 36 -23.39 -16.23 98.75
C TYR P 36 -21.95 -15.93 98.33
N HIS P 37 -20.99 -16.49 99.09
CA HIS P 37 -19.58 -16.27 98.79
C HIS P 37 -18.76 -17.55 98.92
N GLY P 38 -19.40 -18.72 98.97
CA GLY P 38 -18.66 -19.96 99.06
C GLY P 38 -17.94 -20.28 97.76
N HIS P 39 -16.80 -20.96 97.89
CA HIS P 39 -15.99 -21.33 96.74
C HIS P 39 -15.44 -22.74 96.98
N ASP P 40 -16.03 -23.73 96.31
CA ASP P 40 -17.22 -23.51 95.49
C ASP P 40 -18.38 -24.38 95.96
N ASP P 41 -18.10 -25.67 96.15
CA ASP P 41 -19.11 -26.64 96.57
C ASP P 41 -18.97 -27.01 98.04
N ILE P 42 -17.76 -27.38 98.47
CA ILE P 42 -17.54 -27.85 99.83
C ILE P 42 -17.90 -26.81 100.87
N GLN P 43 -17.94 -25.54 100.49
CA GLN P 43 -18.34 -24.45 101.39
C GLN P 43 -19.84 -24.21 101.37
N LYS P 44 -20.62 -25.06 100.71
CA LYS P 44 -22.06 -24.91 100.62
C LYS P 44 -22.84 -25.97 101.38
N GLU P 45 -22.47 -27.24 101.24
CA GLU P 45 -23.15 -28.28 102.00
C GLU P 45 -22.72 -28.32 103.46
N ARG P 46 -21.54 -27.77 103.79
CA ARG P 46 -21.04 -27.78 105.15
C ARG P 46 -21.57 -26.64 106.00
N LEU P 47 -22.18 -25.61 105.39
CA LEU P 47 -22.76 -24.54 106.17
C LEU P 47 -24.14 -24.90 106.72
N ASN P 48 -24.71 -26.04 106.29
CA ASN P 48 -25.93 -26.54 106.91
C ASN P 48 -25.72 -26.97 108.35
N VAL P 49 -24.46 -27.17 108.76
CA VAL P 49 -24.17 -27.54 110.14
C VAL P 49 -24.60 -26.46 111.10
N TYR P 50 -24.31 -25.20 110.79
CA TYR P 50 -24.62 -24.08 111.66
C TYR P 50 -25.81 -23.25 111.21
N PHE P 51 -26.08 -23.19 109.91
CA PHE P 51 -27.14 -22.37 109.36
C PHE P 51 -28.21 -23.23 108.72
N ASN P 52 -29.42 -22.67 108.61
CA ASN P 52 -30.53 -23.32 107.94
C ASN P 52 -31.07 -22.39 106.86
N GLU P 53 -31.55 -22.99 105.76
CA GLU P 53 -32.00 -22.21 104.61
C GLU P 53 -33.34 -21.57 104.90
N ALA P 54 -33.36 -20.24 104.92
CA ALA P 54 -34.59 -19.48 105.06
C ALA P 54 -35.16 -19.17 103.68
N SER P 55 -36.21 -18.34 103.64
CA SER P 55 -36.81 -17.97 102.38
C SER P 55 -35.91 -17.03 101.59
N SER P 56 -36.11 -17.03 100.27
CA SER P 56 -35.36 -16.16 99.35
C SER P 56 -33.86 -16.39 99.43
N GLY P 57 -33.45 -17.64 99.62
CA GLY P 57 -32.04 -17.97 99.66
C GLY P 57 -31.28 -17.36 100.82
N LYS P 58 -31.91 -17.25 101.98
CA LYS P 58 -31.30 -16.67 103.16
C LYS P 58 -30.88 -17.77 104.12
N TRP P 59 -29.74 -17.58 104.78
CA TRP P 59 -29.21 -18.52 105.76
C TRP P 59 -29.25 -17.88 107.14
N VAL P 60 -29.84 -18.58 108.10
CA VAL P 60 -29.98 -18.06 109.45
C VAL P 60 -29.42 -19.07 110.45
N PRO P 61 -28.84 -18.64 111.56
CA PRO P 61 -28.24 -19.60 112.50
C PRO P 61 -29.29 -20.36 113.28
N ARG P 62 -28.89 -21.55 113.74
CA ARG P 62 -29.67 -22.37 114.67
C ARG P 62 -28.90 -22.41 115.98
N SER P 63 -29.10 -21.39 116.81
CA SER P 63 -28.35 -21.25 118.05
C SER P 63 -29.22 -20.55 119.08
N ILE P 64 -29.35 -21.15 120.25
CA ILE P 64 -30.16 -20.60 121.34
C ILE P 64 -29.21 -19.92 122.30
N ASN P 65 -29.27 -18.59 122.35
CA ASN P 65 -28.49 -17.81 123.30
C ASN P 65 -29.40 -17.38 124.45
N VAL P 66 -28.98 -17.68 125.68
CA VAL P 66 -29.77 -17.40 126.86
C VAL P 66 -28.89 -16.66 127.87
N ASP P 67 -29.45 -15.61 128.46
CA ASP P 67 -28.77 -14.84 129.50
C ASP P 67 -29.82 -14.00 130.22
N LEU P 68 -29.62 -13.84 131.53
CA LEU P 68 -30.57 -13.09 132.34
C LEU P 68 -30.42 -11.58 132.21
N GLU P 69 -29.32 -11.10 131.62
CA GLU P 69 -29.16 -9.69 131.35
C GLU P 69 -29.35 -9.44 129.85
N PRO P 70 -30.26 -8.56 129.45
CA PRO P 70 -30.54 -8.37 128.02
C PRO P 70 -29.68 -7.32 127.32
N GLY P 71 -28.60 -6.87 127.94
CA GLY P 71 -27.78 -5.83 127.35
C GLY P 71 -26.75 -6.34 126.36
N THR P 72 -26.49 -7.65 126.37
CA THR P 72 -25.48 -8.20 125.48
C THR P 72 -25.99 -8.32 124.05
N ILE P 73 -27.29 -8.61 123.87
CA ILE P 73 -27.83 -8.76 122.53
C ILE P 73 -27.89 -7.44 121.78
N ASP P 74 -28.02 -6.32 122.50
CA ASP P 74 -27.96 -5.01 121.86
C ASP P 74 -26.59 -4.77 121.24
N ALA P 75 -25.53 -5.21 121.92
CA ALA P 75 -24.17 -5.16 121.40
C ALA P 75 -23.87 -6.33 120.46
N VAL P 76 -24.89 -7.02 119.97
CA VAL P 76 -24.74 -8.13 119.03
C VAL P 76 -25.48 -7.85 117.72
N ARG P 77 -26.75 -7.45 117.81
CA ARG P 77 -27.52 -7.20 116.60
C ARG P 77 -27.11 -5.93 115.89
N ASN P 78 -26.71 -4.90 116.65
CA ASN P 78 -26.28 -3.64 116.05
C ASN P 78 -24.78 -3.55 115.81
N SER P 79 -24.01 -4.46 116.41
CA SER P 79 -22.57 -4.51 116.27
C SER P 79 -22.21 -5.38 115.06
N ALA P 80 -20.97 -5.89 115.02
CA ALA P 80 -20.52 -6.75 113.94
C ALA P 80 -21.37 -8.01 113.85
N ILE P 81 -21.08 -8.89 112.90
CA ILE P 81 -22.10 -9.72 112.27
C ILE P 81 -22.86 -10.55 113.29
N GLY P 82 -24.10 -10.17 113.54
CA GLY P 82 -25.06 -10.94 114.31
C GLY P 82 -26.45 -10.70 113.76
N ASN P 83 -26.53 -9.98 112.63
CA ASN P 83 -27.81 -9.62 112.04
C ASN P 83 -28.55 -10.83 111.49
N LEU P 84 -27.83 -11.92 111.20
CA LEU P 84 -28.48 -13.13 110.72
C LEU P 84 -29.34 -13.79 111.80
N PHE P 85 -29.12 -13.45 113.06
CA PHE P 85 -29.83 -14.08 114.17
C PHE P 85 -31.32 -13.75 114.08
N ARG P 86 -32.13 -14.80 114.01
CA ARG P 86 -33.57 -14.62 113.98
C ARG P 86 -34.07 -14.11 115.34
N PRO P 87 -35.14 -13.31 115.36
CA PRO P 87 -35.60 -12.73 116.64
C PRO P 87 -36.02 -13.78 117.66
N ASP P 88 -36.46 -14.96 117.22
CA ASP P 88 -36.86 -15.99 118.17
C ASP P 88 -35.68 -16.58 118.92
N ASN P 89 -34.45 -16.45 118.37
CA ASN P 89 -33.26 -16.93 119.05
C ASN P 89 -32.97 -16.14 120.33
N TYR P 90 -33.56 -14.96 120.49
CA TYR P 90 -33.30 -14.13 121.66
C TYR P 90 -34.21 -14.57 122.80
N ILE P 91 -33.68 -15.40 123.69
CA ILE P 91 -34.38 -15.80 124.90
C ILE P 91 -33.64 -15.15 126.06
N PHE P 92 -34.17 -14.03 126.54
CA PHE P 92 -33.56 -13.29 127.64
C PHE P 92 -34.64 -12.90 128.65
N GLY P 93 -34.21 -12.73 129.89
CA GLY P 93 -35.12 -12.35 130.96
C GLY P 93 -34.60 -11.22 131.82
N GLN P 94 -35.12 -11.11 133.04
CA GLN P 94 -34.69 -10.08 133.99
C GLN P 94 -34.51 -10.72 135.35
N SER P 95 -33.45 -10.33 136.05
CA SER P 95 -32.47 -9.37 135.53
C SER P 95 -31.06 -9.92 135.63
N SER P 96 -30.84 -10.81 136.59
CA SER P 96 -29.54 -11.44 136.80
C SER P 96 -29.72 -12.65 137.69
N ALA P 97 -28.72 -13.51 137.69
CA ALA P 97 -28.71 -14.69 138.55
C ALA P 97 -28.12 -14.41 139.93
N GLY P 98 -27.69 -13.17 140.19
CA GLY P 98 -27.08 -12.82 141.45
C GLY P 98 -25.59 -13.12 141.55
N ASN P 99 -24.98 -13.61 140.47
CA ASN P 99 -23.56 -13.99 140.46
C ASN P 99 -23.25 -15.02 141.53
N VAL P 100 -24.20 -15.90 141.82
CA VAL P 100 -24.07 -16.93 142.84
C VAL P 100 -24.62 -18.24 142.29
N TRP P 101 -24.46 -19.30 143.07
CA TRP P 101 -24.94 -20.63 142.70
C TRP P 101 -26.27 -20.98 143.33
N ALA P 102 -26.59 -20.43 144.50
CA ALA P 102 -27.87 -20.73 145.14
C ALA P 102 -29.05 -20.16 144.36
N LYS P 103 -28.88 -18.99 143.74
CA LYS P 103 -29.94 -18.37 142.95
C LYS P 103 -29.75 -18.56 141.45
N GLY P 104 -28.65 -19.18 141.02
CA GLY P 104 -28.43 -19.34 139.59
C GLY P 104 -29.45 -20.27 138.94
N HIS P 105 -29.61 -21.47 139.49
CA HIS P 105 -30.57 -22.42 138.94
C HIS P 105 -31.38 -23.18 139.98
N TYR P 106 -31.11 -23.02 141.28
CA TYR P 106 -31.78 -23.85 142.27
C TYR P 106 -33.23 -23.44 142.47
N THR P 107 -33.50 -22.14 142.52
CA THR P 107 -34.85 -21.64 142.80
C THR P 107 -35.43 -20.83 141.65
N GLU P 108 -34.72 -19.82 141.17
CA GLU P 108 -35.25 -18.93 140.14
C GLU P 108 -34.79 -19.29 138.73
N GLY P 109 -33.72 -20.06 138.59
CA GLY P 109 -33.23 -20.41 137.27
C GLY P 109 -33.98 -21.52 136.59
N ALA P 110 -34.96 -22.12 137.28
CA ALA P 110 -35.72 -23.23 136.75
C ALA P 110 -37.07 -22.82 136.18
N GLU P 111 -37.27 -21.53 135.92
CA GLU P 111 -38.56 -21.04 135.45
C GLU P 111 -38.63 -20.96 133.93
N LEU P 112 -37.75 -20.14 133.33
CA LEU P 112 -37.73 -20.00 131.88
C LEU P 112 -37.02 -21.14 131.18
N VAL P 113 -36.32 -21.99 131.92
CA VAL P 113 -35.56 -23.06 131.30
C VAL P 113 -36.49 -24.13 130.73
N ASP P 114 -37.74 -24.19 131.19
CA ASP P 114 -38.71 -25.07 130.54
C ASP P 114 -39.00 -24.61 129.11
N SER P 115 -39.15 -23.30 128.91
CA SER P 115 -39.30 -22.78 127.56
C SER P 115 -38.03 -23.01 126.74
N VAL P 116 -36.88 -22.90 127.39
CA VAL P 116 -35.62 -23.21 126.69
C VAL P 116 -35.61 -24.66 126.23
N MET P 117 -36.04 -25.58 127.09
CA MET P 117 -36.10 -26.99 126.72
C MET P 117 -37.09 -27.22 125.59
N ASP P 118 -38.23 -26.52 125.62
CA ASP P 118 -39.20 -26.64 124.54
C ASP P 118 -38.63 -26.17 123.20
N VAL P 119 -37.92 -25.04 123.21
CA VAL P 119 -37.36 -24.55 121.95
C VAL P 119 -36.22 -25.46 121.49
N ILE P 120 -35.49 -26.07 122.42
CA ILE P 120 -34.49 -27.08 122.04
C ILE P 120 -35.18 -28.27 121.36
N ARG P 121 -36.31 -28.72 121.90
CA ARG P 121 -37.05 -29.80 121.25
C ARG P 121 -37.48 -29.40 119.84
N ARG P 122 -38.05 -28.21 119.69
CA ARG P 122 -38.57 -27.80 118.39
C ARG P 122 -37.44 -27.64 117.38
N GLU P 123 -36.27 -27.18 117.83
CA GLU P 123 -35.10 -27.19 116.95
C GLU P 123 -34.64 -28.61 116.66
N ALA P 124 -34.88 -29.54 117.58
CA ALA P 124 -34.49 -30.93 117.37
C ALA P 124 -35.28 -31.56 116.23
N GLU P 125 -36.61 -31.42 116.25
CA GLU P 125 -37.34 -31.90 115.07
C GLU P 125 -37.17 -30.98 113.88
N GLY P 126 -36.74 -29.74 114.08
CA GLY P 126 -36.36 -28.90 112.96
C GLY P 126 -35.03 -29.28 112.34
N CYS P 127 -34.20 -30.02 113.07
CA CYS P 127 -32.91 -30.48 112.60
C CYS P 127 -33.01 -31.91 112.08
N ASP P 128 -32.17 -32.23 111.09
CA ASP P 128 -32.18 -33.54 110.46
C ASP P 128 -30.99 -34.42 110.83
N SER P 129 -29.83 -33.84 111.06
CA SER P 129 -28.60 -34.59 111.33
C SER P 129 -27.87 -34.01 112.54
N LEU P 130 -28.61 -33.81 113.63
CA LEU P 130 -28.03 -33.27 114.86
C LEU P 130 -26.91 -34.16 115.36
N GLN P 131 -25.72 -33.57 115.55
CA GLN P 131 -24.51 -34.29 115.89
C GLN P 131 -24.04 -34.05 117.32
N GLY P 132 -23.84 -32.80 117.70
CA GLY P 132 -23.30 -32.48 119.00
C GLY P 132 -23.86 -31.18 119.54
N PHE P 133 -23.45 -30.84 120.75
CA PHE P 133 -23.95 -29.66 121.46
C PHE P 133 -22.74 -28.89 121.99
N GLN P 134 -22.61 -27.64 121.54
CA GLN P 134 -21.52 -26.77 121.97
C GLN P 134 -22.05 -25.75 122.97
N ILE P 135 -21.41 -25.66 124.13
CA ILE P 135 -21.78 -24.71 125.16
C ILE P 135 -20.53 -23.93 125.58
N THR P 136 -20.66 -22.61 125.69
CA THR P 136 -19.60 -21.75 126.17
C THR P 136 -20.12 -21.00 127.39
N HIS P 137 -19.42 -21.11 128.51
CA HIS P 137 -19.85 -20.50 129.75
C HIS P 137 -18.63 -20.28 130.63
N SER P 138 -18.86 -19.66 131.79
CA SER P 138 -17.81 -19.37 132.76
C SER P 138 -17.97 -20.27 133.98
N LEU P 139 -16.87 -20.90 134.40
CA LEU P 139 -16.93 -21.79 135.55
C LEU P 139 -17.27 -21.04 136.83
N GLY P 140 -16.69 -19.86 137.03
CA GLY P 140 -16.95 -19.10 138.24
C GLY P 140 -18.06 -18.09 138.11
N GLY P 141 -18.51 -17.84 136.88
CA GLY P 141 -19.59 -16.89 136.67
C GLY P 141 -20.91 -17.42 137.20
N GLY P 142 -21.71 -16.50 137.74
CA GLY P 142 -22.98 -16.87 138.33
C GLY P 142 -23.96 -17.46 137.34
N THR P 143 -24.12 -16.81 136.19
CA THR P 143 -25.08 -17.28 135.20
C THR P 143 -24.56 -18.56 134.51
N GLY P 144 -23.33 -18.53 134.00
CA GLY P 144 -22.82 -19.67 133.28
C GLY P 144 -22.78 -20.93 134.12
N SER P 145 -22.21 -20.84 135.32
CA SER P 145 -22.19 -21.99 136.22
C SER P 145 -23.57 -22.28 136.77
N GLY P 146 -24.44 -21.28 136.83
CA GLY P 146 -25.75 -21.47 137.42
C GLY P 146 -26.66 -22.36 136.61
N MET P 147 -27.14 -21.90 135.45
CA MET P 147 -28.04 -22.73 134.68
C MET P 147 -27.33 -23.56 133.63
N GLY P 148 -26.02 -23.42 133.47
CA GLY P 148 -25.31 -24.26 132.52
C GLY P 148 -25.37 -25.73 132.88
N THR P 149 -25.11 -26.05 134.14
CA THR P 149 -25.18 -27.44 134.58
C THR P 149 -26.59 -28.00 134.47
N LEU P 150 -27.61 -27.18 134.73
CA LEU P 150 -28.98 -27.67 134.67
C LEU P 150 -29.42 -27.87 133.21
N LEU P 151 -28.94 -27.01 132.30
CA LEU P 151 -29.11 -27.27 130.88
C LEU P 151 -28.43 -28.56 130.46
N ILE P 152 -27.23 -28.83 131.01
CA ILE P 152 -26.57 -30.10 130.74
C ILE P 152 -27.43 -31.26 131.24
N SER P 153 -28.05 -31.09 132.41
CA SER P 153 -28.92 -32.14 132.94
C SER P 153 -30.07 -32.43 132.00
N LYS P 154 -30.75 -31.38 131.52
CA LYS P 154 -31.85 -31.63 130.58
C LYS P 154 -31.36 -32.23 129.26
N ILE P 155 -30.22 -31.76 128.75
CA ILE P 155 -29.77 -32.26 127.46
C ILE P 155 -29.33 -33.71 127.58
N ARG P 156 -28.91 -34.14 128.76
CA ARG P 156 -28.68 -35.56 129.00
C ARG P 156 -30.01 -36.31 129.13
N GLU P 157 -30.99 -35.70 129.81
CA GLU P 157 -32.27 -36.36 130.03
C GLU P 157 -32.99 -36.65 128.71
N GLU P 158 -33.01 -35.67 127.81
CA GLU P 158 -33.76 -35.81 126.56
C GLU P 158 -32.95 -36.46 125.44
N PHE P 159 -31.62 -36.42 125.52
CA PHE P 159 -30.76 -37.06 124.53
C PHE P 159 -29.79 -37.99 125.23
N PRO P 160 -30.17 -39.25 125.48
CA PRO P 160 -29.25 -40.20 126.12
C PRO P 160 -28.21 -40.79 125.18
N ASP P 161 -28.33 -40.57 123.87
CA ASP P 161 -27.38 -41.08 122.89
C ASP P 161 -26.46 -40.02 122.34
N ARG P 162 -26.63 -38.76 122.74
CA ARG P 162 -25.80 -37.66 122.25
C ARG P 162 -24.81 -37.25 123.33
N MET P 163 -23.54 -37.18 122.97
CA MET P 163 -22.52 -36.70 123.89
C MET P 163 -22.63 -35.20 124.07
N MET P 164 -21.93 -34.68 125.08
CA MET P 164 -21.95 -33.27 125.41
C MET P 164 -20.53 -32.72 125.40
N ALA P 165 -20.35 -31.54 124.83
CA ALA P 165 -19.07 -30.85 124.80
C ALA P 165 -19.17 -29.57 125.60
N THR P 166 -18.25 -29.38 126.55
CA THR P 166 -18.23 -28.20 127.40
C THR P 166 -16.88 -27.51 127.30
N PHE P 167 -16.92 -26.18 127.27
CA PHE P 167 -15.73 -25.34 127.13
C PHE P 167 -15.75 -24.23 128.16
N SER P 168 -16.02 -24.58 129.41
CA SER P 168 -16.07 -23.60 130.49
C SER P 168 -14.68 -23.01 130.73
N VAL P 169 -14.66 -21.74 131.08
CA VAL P 169 -13.41 -21.02 131.36
C VAL P 169 -13.09 -21.17 132.85
N LEU P 170 -11.94 -21.77 133.15
CA LEU P 170 -11.56 -22.03 134.53
C LEU P 170 -10.88 -20.82 135.12
N PRO P 171 -11.41 -20.21 136.18
CA PRO P 171 -10.71 -19.09 136.82
C PRO P 171 -9.39 -19.53 137.43
N SER P 172 -8.43 -18.62 137.41
CA SER P 172 -7.12 -18.90 137.97
C SER P 172 -7.17 -18.90 139.50
N PRO P 173 -6.35 -19.72 140.15
CA PRO P 173 -6.34 -19.74 141.62
C PRO P 173 -5.70 -18.52 142.26
N LYS P 174 -5.10 -17.63 141.47
CA LYS P 174 -4.42 -16.45 142.01
C LYS P 174 -5.18 -15.15 141.78
N THR P 175 -6.20 -15.13 140.93
CA THR P 175 -7.02 -13.95 140.69
C THR P 175 -8.41 -14.18 141.27
N SER P 176 -8.88 -13.24 142.07
CA SER P 176 -10.17 -13.34 142.75
C SER P 176 -10.99 -12.10 142.45
N ASP P 177 -11.81 -12.17 141.39
CA ASP P 177 -12.75 -11.09 141.11
C ASP P 177 -13.77 -10.96 142.23
N THR P 178 -14.27 -12.08 142.74
CA THR P 178 -15.17 -12.11 143.87
C THR P 178 -14.74 -13.23 144.80
N VAL P 179 -15.16 -13.11 146.07
CA VAL P 179 -14.74 -14.07 147.09
C VAL P 179 -15.33 -15.45 146.86
N VAL P 180 -16.43 -15.55 146.09
CA VAL P 180 -17.14 -16.82 145.92
C VAL P 180 -17.01 -17.35 144.49
N GLU P 181 -16.07 -16.82 143.71
CA GLU P 181 -15.87 -17.35 142.36
C GLU P 181 -15.42 -18.81 142.37
N PRO P 182 -14.38 -19.22 143.11
CA PRO P 182 -14.09 -20.65 143.19
C PRO P 182 -15.22 -21.46 143.81
N TYR P 183 -15.98 -20.84 144.72
CA TYR P 183 -17.13 -21.53 145.32
C TYR P 183 -18.16 -21.90 144.25
N ASN P 184 -18.51 -20.95 143.40
CA ASN P 184 -19.43 -21.23 142.30
C ASN P 184 -18.82 -22.23 141.32
N ALA P 185 -17.51 -22.10 141.06
CA ALA P 185 -16.85 -23.01 140.14
C ALA P 185 -16.95 -24.46 140.63
N THR P 186 -16.73 -24.67 141.92
CA THR P 186 -16.78 -26.02 142.45
C THR P 186 -18.21 -26.51 142.58
N LEU P 187 -19.15 -25.63 142.92
CA LEU P 187 -20.56 -26.04 142.94
C LEU P 187 -21.04 -26.41 141.54
N SER P 188 -20.41 -25.86 140.50
CA SER P 188 -20.75 -26.24 139.13
C SER P 188 -20.09 -27.55 138.73
N VAL P 189 -18.80 -27.71 139.03
CA VAL P 189 -18.11 -28.95 138.67
C VAL P 189 -18.63 -30.13 139.49
N HIS P 190 -19.33 -29.86 140.60
CA HIS P 190 -19.99 -30.92 141.36
C HIS P 190 -20.93 -31.74 140.47
N GLN P 191 -21.61 -31.10 139.52
CA GLN P 191 -22.46 -31.80 138.58
C GLN P 191 -21.87 -31.88 137.18
N LEU P 192 -20.87 -31.06 136.87
CA LEU P 192 -20.23 -31.10 135.55
C LEU P 192 -19.57 -32.45 135.32
N VAL P 193 -18.88 -32.98 136.33
CA VAL P 193 -18.21 -34.27 136.18
C VAL P 193 -19.22 -35.40 136.04
N GLU P 194 -20.41 -35.25 136.62
CA GLU P 194 -21.44 -36.28 136.56
C GLU P 194 -22.37 -36.13 135.38
N HIS P 195 -22.18 -35.10 134.55
CA HIS P 195 -23.09 -34.87 133.43
C HIS P 195 -22.40 -34.54 132.12
N SER P 196 -21.07 -34.45 132.07
CA SER P 196 -20.36 -34.10 130.85
C SER P 196 -19.45 -35.25 130.43
N ASP P 197 -19.17 -35.31 129.13
CA ASP P 197 -18.31 -36.34 128.56
C ASP P 197 -16.90 -35.85 128.26
N GLU P 198 -16.72 -34.56 128.00
CA GLU P 198 -15.39 -34.01 127.78
C GLU P 198 -15.44 -32.50 128.03
N THR P 199 -14.29 -31.94 128.38
CA THR P 199 -14.21 -30.52 128.67
C THR P 199 -12.79 -30.02 128.39
N PHE P 200 -12.68 -28.71 128.23
CA PHE P 200 -11.40 -28.06 127.95
C PHE P 200 -11.05 -27.10 129.09
N CYS P 201 -9.77 -27.05 129.44
CA CYS P 201 -9.28 -26.16 130.48
C CYS P 201 -8.83 -24.84 129.84
N ILE P 202 -9.52 -23.76 130.17
CA ILE P 202 -9.23 -22.44 129.61
C ILE P 202 -8.94 -21.49 130.77
N ASP P 203 -7.80 -20.80 130.70
CA ASP P 203 -7.40 -19.84 131.72
C ASP P 203 -7.05 -18.52 131.04
N ASN P 204 -7.63 -17.43 131.55
CA ASN P 204 -7.40 -16.11 130.96
C ASN P 204 -5.98 -15.61 131.22
N GLU P 205 -5.40 -15.97 132.36
CA GLU P 205 -4.04 -15.54 132.66
C GLU P 205 -3.03 -16.16 131.71
N ALA P 206 -3.26 -17.40 131.29
CA ALA P 206 -2.41 -17.99 130.25
C ALA P 206 -2.52 -17.21 128.95
N LEU P 207 -3.74 -16.76 128.62
CA LEU P 207 -3.92 -15.93 127.43
C LEU P 207 -3.15 -14.62 127.55
N TYR P 208 -3.20 -13.99 128.74
CA TYR P 208 -2.43 -12.77 128.96
C TYR P 208 -0.94 -13.02 128.82
N ASP P 209 -0.46 -14.14 129.36
CA ASP P 209 0.97 -14.47 129.26
C ASP P 209 1.39 -14.68 127.81
N ILE P 210 0.58 -15.40 127.03
CA ILE P 210 0.94 -15.63 125.64
C ILE P 210 0.82 -14.36 124.82
N CYS P 211 -0.08 -13.44 125.21
CA CYS P 211 -0.16 -12.15 124.53
C CYS P 211 1.06 -11.29 124.83
N GLN P 212 1.51 -11.28 126.07
CA GLN P 212 2.68 -10.48 126.43
C GLN P 212 3.99 -11.13 126.02
N ARG P 213 3.99 -12.41 125.67
CA ARG P 213 5.20 -13.09 125.26
C ARG P 213 5.40 -13.02 123.75
N THR P 214 4.44 -13.49 122.97
CA THR P 214 4.54 -13.53 121.52
C THR P 214 3.80 -12.39 120.84
N LEU P 215 2.58 -12.08 121.27
CA LEU P 215 1.81 -11.02 120.64
C LEU P 215 2.31 -9.64 121.01
N LYS P 216 2.91 -9.48 122.19
CA LYS P 216 3.33 -8.18 122.71
C LYS P 216 2.17 -7.18 122.71
N LEU P 217 1.00 -7.66 123.11
CA LEU P 217 -0.19 -6.82 123.12
C LEU P 217 -0.10 -5.78 124.24
N ASN P 218 -0.37 -4.53 123.88
CA ASN P 218 -0.29 -3.43 124.85
C ASN P 218 -1.61 -3.19 125.58
N GLN P 219 -2.74 -3.40 124.91
CA GLN P 219 -4.05 -3.15 125.49
C GLN P 219 -4.70 -4.48 125.85
N PRO P 220 -4.99 -4.73 127.13
CA PRO P 220 -5.66 -5.98 127.48
C PRO P 220 -7.11 -6.01 127.02
N SER P 221 -7.38 -6.78 125.96
CA SER P 221 -8.69 -6.83 125.34
C SER P 221 -9.20 -8.27 125.31
N TYR P 222 -10.46 -8.46 125.69
CA TYR P 222 -11.07 -9.78 125.64
C TYR P 222 -11.41 -10.20 124.21
N GLY P 223 -11.47 -9.25 123.28
CA GLY P 223 -11.81 -9.59 121.91
C GLY P 223 -10.76 -10.45 121.23
N ASP P 224 -9.48 -10.11 121.42
CA ASP P 224 -8.42 -10.92 120.83
C ASP P 224 -8.40 -12.32 121.43
N LEU P 225 -8.65 -12.43 122.74
CA LEU P 225 -8.68 -13.73 123.38
C LEU P 225 -9.85 -14.56 122.85
N ASN P 226 -11.00 -13.91 122.65
CA ASN P 226 -12.14 -14.59 122.03
C ASN P 226 -11.80 -15.04 120.61
N ASN P 227 -11.08 -14.21 119.86
CA ASN P 227 -10.68 -14.59 118.51
C ASN P 227 -9.80 -15.83 118.54
N LEU P 228 -8.85 -15.87 119.47
CA LEU P 228 -7.95 -17.04 119.57
C LEU P 228 -8.73 -18.30 119.95
N VAL P 229 -9.59 -18.21 120.96
CA VAL P 229 -10.32 -19.40 121.39
C VAL P 229 -11.31 -19.84 120.32
N SER P 230 -11.87 -18.90 119.55
CA SER P 230 -12.79 -19.26 118.48
C SER P 230 -12.05 -19.90 117.31
N SER P 231 -10.82 -19.45 117.02
CA SER P 231 -10.02 -20.11 116.01
C SER P 231 -9.70 -21.54 116.44
N VAL P 232 -9.38 -21.74 117.72
CA VAL P 232 -9.15 -23.09 118.22
C VAL P 232 -10.41 -23.94 118.09
N MET P 233 -11.56 -23.37 118.46
CA MET P 233 -12.82 -24.10 118.39
C MET P 233 -13.18 -24.48 116.96
N SER P 234 -12.94 -23.58 116.00
CA SER P 234 -13.13 -23.93 114.60
C SER P 234 -12.17 -25.02 114.17
N GLY P 235 -10.91 -24.95 114.61
CA GLY P 235 -9.91 -25.94 114.22
C GLY P 235 -10.21 -27.34 114.71
N VAL P 236 -10.83 -27.49 115.88
CA VAL P 236 -11.14 -28.83 116.38
C VAL P 236 -12.23 -29.53 115.58
N THR P 237 -12.95 -28.80 114.72
CA THR P 237 -13.99 -29.39 113.89
C THR P 237 -13.76 -29.23 112.39
N THR P 238 -12.68 -28.55 111.98
CA THR P 238 -12.33 -28.51 110.57
C THR P 238 -12.12 -29.91 110.00
N SER P 239 -11.62 -30.83 110.82
CA SER P 239 -11.44 -32.21 110.37
C SER P 239 -12.76 -32.85 110.01
N LEU P 240 -13.80 -32.60 110.82
CA LEU P 240 -15.12 -33.16 110.51
C LEU P 240 -15.73 -32.48 109.28
N ARG P 241 -15.69 -31.15 109.24
CA ARG P 241 -16.38 -30.46 108.15
C ARG P 241 -15.51 -30.29 106.90
N TYR P 242 -14.28 -30.76 106.91
CA TYR P 242 -13.43 -30.80 105.71
C TYR P 242 -12.69 -32.13 105.68
N PRO P 243 -12.90 -32.96 104.66
CA PRO P 243 -12.28 -34.28 104.64
C PRO P 243 -10.76 -34.21 104.56
N GLY P 244 -10.11 -35.20 105.15
CA GLY P 244 -8.67 -35.34 105.09
C GLY P 244 -8.27 -36.79 105.08
N GLN P 245 -7.02 -37.08 105.48
CA GLN P 245 -6.59 -38.48 105.59
C GLN P 245 -7.36 -39.20 106.70
N LEU P 246 -7.58 -38.54 107.83
CA LEU P 246 -8.32 -39.12 108.95
C LEU P 246 -9.22 -38.05 109.53
N ASN P 247 -10.51 -38.11 109.20
CA ASN P 247 -11.47 -37.19 109.78
C ASN P 247 -11.70 -37.54 111.25
N SER P 248 -11.84 -36.51 112.09
CA SER P 248 -12.01 -36.68 113.52
C SER P 248 -13.36 -36.12 113.95
N ASP P 249 -14.01 -36.82 114.88
CA ASP P 249 -15.30 -36.43 115.42
C ASP P 249 -15.22 -36.40 116.94
N LEU P 250 -16.18 -35.70 117.56
CA LEU P 250 -16.20 -35.60 119.01
C LEU P 250 -16.31 -36.96 119.67
N ARG P 251 -17.09 -37.86 119.08
CA ARG P 251 -17.16 -39.22 119.59
C ARG P 251 -15.81 -39.93 119.44
N LYS P 252 -15.05 -39.59 118.39
CA LYS P 252 -13.71 -40.14 118.27
C LYS P 252 -12.80 -39.60 119.37
N LEU P 253 -12.97 -38.34 119.75
CA LEU P 253 -12.27 -37.81 120.91
C LEU P 253 -12.63 -38.59 122.17
N ALA P 254 -13.92 -38.88 122.36
CA ALA P 254 -14.35 -39.64 123.52
C ALA P 254 -13.74 -41.03 123.52
N VAL P 255 -13.71 -41.68 122.35
CA VAL P 255 -13.19 -43.04 122.27
C VAL P 255 -11.69 -43.07 122.51
N ASN P 256 -10.93 -42.18 121.87
CA ASN P 256 -9.48 -42.25 121.87
C ASN P 256 -8.87 -41.42 123.01
N LEU P 257 -9.13 -40.11 123.03
CA LEU P 257 -8.48 -39.23 123.99
C LEU P 257 -8.95 -39.50 125.42
N VAL P 258 -10.24 -39.67 125.63
CA VAL P 258 -10.77 -39.90 126.98
C VAL P 258 -10.39 -41.31 127.42
N PRO P 259 -9.78 -41.47 128.60
CA PRO P 259 -9.49 -42.82 129.09
C PRO P 259 -10.71 -43.49 129.70
N PHE P 260 -11.58 -42.70 130.31
CA PHE P 260 -12.86 -43.14 130.85
C PHE P 260 -13.69 -41.91 131.18
N PRO P 261 -15.03 -42.00 131.18
CA PRO P 261 -15.86 -40.80 131.30
C PRO P 261 -15.64 -40.01 132.57
N ARG P 262 -15.13 -40.63 133.64
CA ARG P 262 -14.84 -39.88 134.87
C ARG P 262 -13.74 -38.85 134.64
N LEU P 263 -12.69 -39.23 133.90
CA LEU P 263 -11.58 -38.33 133.60
C LEU P 263 -11.78 -37.78 132.20
N HIS P 264 -12.14 -36.49 132.11
CA HIS P 264 -12.40 -35.87 130.82
C HIS P 264 -11.84 -34.45 130.73
N PHE P 265 -10.87 -34.10 131.57
CA PHE P 265 -10.29 -32.76 131.57
C PHE P 265 -9.12 -32.72 130.60
N PHE P 266 -9.12 -31.72 129.72
CA PHE P 266 -8.09 -31.56 128.71
C PHE P 266 -7.51 -30.16 128.78
N MET P 267 -6.22 -30.05 128.46
CA MET P 267 -5.57 -28.76 128.29
C MET P 267 -5.44 -28.47 126.80
N VAL P 268 -5.57 -27.19 126.44
CA VAL P 268 -5.63 -26.78 125.04
C VAL P 268 -4.35 -26.06 124.66
N GLY P 269 -3.81 -26.41 123.51
CA GLY P 269 -2.66 -25.71 122.96
C GLY P 269 -2.89 -25.41 121.49
N TYR P 270 -2.39 -24.26 121.05
CA TYR P 270 -2.61 -23.79 119.70
C TYR P 270 -1.29 -23.36 119.08
N ALA P 271 -1.21 -23.48 117.75
CA ALA P 271 -0.04 -23.10 116.98
C ALA P 271 -0.48 -22.77 115.56
N PRO P 272 0.20 -21.85 114.87
CA PRO P 272 1.35 -21.08 115.34
C PRO P 272 0.97 -19.87 116.20
N LEU P 273 1.80 -19.57 117.20
CA LEU P 273 1.60 -18.40 118.05
C LEU P 273 2.54 -17.29 117.60
N THR P 274 2.18 -16.65 116.49
CA THR P 274 2.98 -15.60 115.88
C THR P 274 2.17 -14.31 115.81
N ALA P 275 2.88 -13.19 115.80
CA ALA P 275 2.27 -11.87 115.77
C ALA P 275 2.77 -11.09 114.56
N ILE P 276 2.19 -9.90 114.38
CA ILE P 276 2.62 -9.01 113.30
C ILE P 276 4.03 -8.52 113.57
N GLY P 277 4.87 -8.54 112.53
CA GLY P 277 6.27 -8.20 112.65
C GLY P 277 7.20 -9.39 112.64
N SER P 278 6.66 -10.61 112.71
CA SER P 278 7.45 -11.82 112.61
C SER P 278 6.99 -12.73 111.46
N GLN P 279 6.05 -12.27 110.66
CA GLN P 279 5.51 -13.09 109.57
C GLN P 279 6.49 -13.24 108.41
N SER P 280 7.34 -12.25 108.18
CA SER P 280 8.29 -12.28 107.08
C SER P 280 9.64 -12.88 107.47
N PHE P 281 9.77 -13.39 108.69
CA PHE P 281 11.04 -13.91 109.17
C PHE P 281 11.00 -15.38 109.60
N ARG P 282 9.82 -16.01 109.66
CA ARG P 282 9.73 -17.41 110.02
C ARG P 282 9.29 -18.25 108.81
N SER P 283 9.67 -19.52 108.85
CA SER P 283 9.14 -20.54 107.95
C SER P 283 8.09 -21.34 108.70
N LEU P 284 6.85 -21.26 108.25
CA LEU P 284 5.76 -21.96 108.92
C LEU P 284 5.70 -23.38 108.38
N THR P 285 6.21 -24.33 109.18
CA THR P 285 6.31 -25.72 108.79
C THR P 285 5.79 -26.61 109.90
N VAL P 286 5.61 -27.88 109.56
CA VAL P 286 5.13 -28.86 110.55
C VAL P 286 6.08 -28.99 111.74
N PRO P 287 7.40 -29.14 111.55
CA PRO P 287 8.27 -29.25 112.74
C PRO P 287 8.19 -28.05 113.66
N GLU P 288 8.18 -26.84 113.11
CA GLU P 288 8.11 -25.64 113.96
C GLU P 288 6.80 -25.61 114.74
N LEU P 289 5.69 -25.95 114.08
CA LEU P 289 4.42 -26.09 114.79
C LEU P 289 4.52 -27.14 115.89
N THR P 290 5.32 -28.19 115.67
CA THR P 290 5.46 -29.22 116.69
C THR P 290 6.23 -28.71 117.91
N GLN P 291 7.37 -28.04 117.70
CA GLN P 291 8.06 -27.49 118.88
C GLN P 291 7.21 -26.43 119.55
N GLN P 292 6.36 -25.72 118.80
CA GLN P 292 5.41 -24.82 119.44
C GLN P 292 4.31 -25.58 120.17
N MET P 293 4.05 -26.83 119.81
CA MET P 293 3.00 -27.61 120.46
C MET P 293 3.45 -28.10 121.82
N PHE P 294 4.63 -28.71 121.90
CA PHE P 294 5.16 -29.25 123.15
C PHE P 294 5.89 -28.22 123.98
N ASP P 295 5.96 -26.98 123.51
CA ASP P 295 6.56 -25.92 124.31
C ASP P 295 5.77 -25.70 125.60
N ALA P 296 6.49 -25.57 126.72
CA ALA P 296 5.85 -25.51 128.03
C ALA P 296 5.10 -24.20 128.27
N LYS P 297 5.24 -23.21 127.40
CA LYS P 297 4.60 -21.92 127.56
C LYS P 297 3.53 -21.64 126.52
N ASN P 298 2.99 -22.68 125.87
CA ASN P 298 2.03 -22.49 124.80
C ASN P 298 0.64 -23.04 125.11
N MET P 299 0.50 -23.91 126.11
CA MET P 299 -0.82 -24.39 126.50
C MET P 299 -1.48 -23.41 127.46
N MET P 300 -2.81 -23.52 127.56
CA MET P 300 -3.62 -22.59 128.33
C MET P 300 -4.30 -23.27 129.52
N ALA P 301 -3.65 -24.26 130.13
CA ALA P 301 -4.25 -24.94 131.27
C ALA P 301 -4.38 -24.00 132.48
N ALA P 302 -3.32 -23.31 132.90
CA ALA P 302 -1.93 -23.42 132.42
C ALA P 302 -1.06 -24.00 133.52
N ALA P 303 -0.36 -25.10 133.23
CA ALA P 303 0.46 -25.80 134.19
C ALA P 303 1.80 -26.15 133.57
N ASP P 304 2.58 -26.95 134.29
CA ASP P 304 3.93 -27.30 133.87
C ASP P 304 3.94 -28.70 133.28
N PRO P 305 4.23 -28.86 131.99
CA PRO P 305 4.14 -30.19 131.37
C PRO P 305 5.35 -31.07 131.62
N ARG P 306 6.55 -30.50 131.72
CA ARG P 306 7.74 -31.33 131.85
C ARG P 306 8.08 -31.68 133.30
N ASN P 307 7.29 -31.19 134.26
CA ASN P 307 7.41 -31.68 135.63
C ASN P 307 6.51 -32.86 135.92
N GLY P 308 5.50 -33.10 135.08
CA GLY P 308 4.66 -34.27 135.20
C GLY P 308 4.86 -35.22 134.03
N ARG P 309 3.78 -35.78 133.51
CA ARG P 309 3.87 -36.64 132.34
C ARG P 309 2.51 -36.67 131.64
N TYR P 310 2.54 -36.97 130.35
CA TYR P 310 1.32 -37.07 129.57
C TYR P 310 0.76 -38.50 129.66
N LEU P 311 -0.56 -38.60 129.53
CA LEU P 311 -1.24 -39.89 129.41
C LEU P 311 -1.61 -40.24 127.98
N THR P 312 -2.07 -39.26 127.20
CA THR P 312 -2.30 -39.43 125.78
C THR P 312 -2.37 -38.04 125.14
N VAL P 313 -1.75 -37.89 123.98
CA VAL P 313 -1.74 -36.61 123.28
C VAL P 313 -2.30 -36.81 121.88
N ALA P 314 -2.83 -35.72 121.31
CA ALA P 314 -3.45 -35.77 120.01
C ALA P 314 -3.03 -34.56 119.19
N ALA P 315 -3.06 -34.73 117.87
CA ALA P 315 -2.72 -33.68 116.93
C ALA P 315 -3.85 -33.52 115.92
N PHE P 316 -4.29 -32.28 115.71
CA PHE P 316 -5.36 -31.96 114.77
C PHE P 316 -4.83 -30.94 113.78
N PHE P 317 -4.27 -31.44 112.68
CA PHE P 317 -3.56 -30.61 111.72
C PHE P 317 -4.51 -30.08 110.65
N ARG P 318 -4.16 -28.91 110.11
CA ARG P 318 -4.97 -28.22 109.12
C ARG P 318 -4.10 -27.77 107.95
N GLY P 319 -4.68 -27.77 106.76
CA GLY P 319 -4.02 -27.24 105.58
C GLY P 319 -3.39 -28.31 104.72
N LYS P 320 -2.77 -27.86 103.63
CA LYS P 320 -2.09 -28.73 102.69
C LYS P 320 -0.82 -29.28 103.36
N VAL P 321 -0.88 -30.52 103.82
CA VAL P 321 0.24 -31.16 104.49
C VAL P 321 0.46 -32.55 103.91
N SER P 322 1.72 -32.92 103.76
CA SER P 322 2.09 -34.26 103.33
C SER P 322 2.06 -35.21 104.51
N VAL P 323 1.78 -36.49 104.22
CA VAL P 323 1.68 -37.48 105.29
C VAL P 323 3.04 -37.75 105.92
N LYS P 324 4.13 -37.58 105.16
CA LYS P 324 5.44 -37.97 105.66
C LYS P 324 5.98 -36.99 106.71
N GLU P 325 5.72 -35.69 106.53
CA GLU P 325 6.26 -34.70 107.46
C GLU P 325 5.73 -34.95 108.87
N VAL P 326 4.42 -35.12 108.99
CA VAL P 326 3.80 -35.23 110.32
C VAL P 326 4.24 -36.50 111.02
N GLU P 327 4.27 -37.62 110.29
CA GLU P 327 4.68 -38.88 110.91
C GLU P 327 6.17 -38.87 111.25
N ASP P 328 7.00 -38.26 110.41
CA ASP P 328 8.43 -38.16 110.71
C ASP P 328 8.66 -37.33 111.97
N GLU P 329 7.97 -36.20 112.08
CA GLU P 329 8.09 -35.39 113.28
C GLU P 329 7.54 -36.13 114.50
N MET P 330 6.53 -36.98 114.30
CA MET P 330 5.99 -37.75 115.43
C MET P 330 6.99 -38.81 115.87
N HIS P 331 7.69 -39.45 114.93
CA HIS P 331 8.81 -40.31 115.30
C HIS P 331 9.86 -39.54 116.09
N LYS P 332 10.18 -38.33 115.65
CA LYS P 332 11.20 -37.54 116.33
C LYS P 332 10.78 -37.24 117.77
N VAL P 333 9.53 -36.82 117.97
CA VAL P 333 9.09 -36.47 119.32
C VAL P 333 8.97 -37.71 120.19
N GLN P 334 8.51 -38.84 119.62
CA GLN P 334 8.46 -40.07 120.40
C GLN P 334 9.84 -40.59 120.74
N SER P 335 10.86 -40.26 119.94
CA SER P 335 12.21 -40.67 120.27
C SER P 335 12.82 -39.77 121.35
N LYS P 336 12.60 -38.45 121.25
CA LYS P 336 13.23 -37.54 122.19
C LYS P 336 12.39 -37.29 123.44
N ASN P 337 11.07 -37.43 123.35
CA ASN P 337 10.17 -37.19 124.47
C ASN P 337 9.56 -38.48 125.02
N SER P 338 10.31 -39.59 124.95
CA SER P 338 9.77 -40.88 125.35
C SER P 338 9.56 -40.97 126.86
N ASP P 339 10.34 -40.21 127.65
CA ASP P 339 10.27 -40.33 129.10
C ASP P 339 8.92 -39.89 129.65
N TYR P 340 8.33 -38.84 129.08
CA TYR P 340 7.10 -38.26 129.62
C TYR P 340 5.84 -38.91 129.07
N PHE P 341 5.95 -39.88 128.18
CA PHE P 341 4.79 -40.64 127.73
C PHE P 341 4.57 -41.84 128.64
N VAL P 342 3.30 -42.23 128.79
CA VAL P 342 2.97 -43.38 129.62
C VAL P 342 3.53 -44.65 128.97
N GLU P 343 3.92 -45.60 129.82
CA GLU P 343 4.58 -46.83 129.39
C GLU P 343 3.59 -47.96 129.16
N TRP P 344 2.36 -47.65 128.80
CA TRP P 344 1.36 -48.68 128.57
C TRP P 344 0.54 -48.51 127.30
N ILE P 345 0.69 -47.41 126.56
CA ILE P 345 -0.03 -47.29 125.29
C ILE P 345 0.70 -48.01 124.17
N PRO P 346 2.02 -47.81 123.96
CA PRO P 346 2.98 -46.86 124.54
C PRO P 346 3.16 -45.62 123.67
N ASN P 347 2.48 -45.60 122.52
CA ASN P 347 2.61 -44.53 121.54
C ASN P 347 1.40 -43.62 121.67
N ASN P 348 1.52 -42.60 122.51
CA ASN P 348 0.43 -41.64 122.74
C ASN P 348 0.32 -40.73 121.52
N VAL P 349 -0.64 -41.02 120.66
CA VAL P 349 -0.78 -40.28 119.41
C VAL P 349 -2.19 -40.47 118.85
N GLN P 350 -2.78 -39.37 118.39
CA GLN P 350 -4.01 -39.37 117.61
C GLN P 350 -3.91 -38.26 116.59
N THR P 351 -4.02 -38.60 115.30
CA THR P 351 -3.77 -37.66 114.23
C THR P 351 -5.03 -37.44 113.40
N ALA P 352 -5.20 -36.20 112.95
CA ALA P 352 -6.31 -35.82 112.08
C ALA P 352 -5.80 -34.82 111.05
N VAL P 353 -6.30 -34.91 109.83
CA VAL P 353 -5.84 -34.08 108.72
C VAL P 353 -7.03 -33.28 108.20
N CYS P 354 -6.81 -31.97 108.03
CA CYS P 354 -7.81 -31.07 107.45
C CYS P 354 -7.30 -30.55 106.12
N SER P 355 -8.22 -30.31 105.19
CA SER P 355 -7.84 -29.91 103.84
C SER P 355 -7.61 -28.40 103.73
N VAL P 356 -8.60 -27.58 104.09
CA VAL P 356 -8.53 -26.14 103.87
C VAL P 356 -7.55 -25.53 104.87
N ALA P 357 -6.93 -24.43 104.46
CA ALA P 357 -6.01 -23.70 105.32
C ALA P 357 -6.77 -22.80 106.28
N PRO P 358 -6.20 -22.53 107.46
CA PRO P 358 -6.86 -21.63 108.41
C PRO P 358 -6.94 -20.21 107.86
N GLN P 359 -7.97 -19.50 108.31
CA GLN P 359 -8.14 -18.10 107.91
C GLN P 359 -7.04 -17.24 108.53
N GLY P 360 -6.47 -16.36 107.72
CA GLY P 360 -5.41 -15.49 108.18
C GLY P 360 -4.07 -16.17 108.37
N LEU P 361 -3.93 -17.42 107.98
CA LEU P 361 -2.70 -18.17 108.16
C LEU P 361 -2.58 -19.20 107.05
N ASP P 362 -1.44 -19.91 107.04
CA ASP P 362 -1.20 -20.95 106.05
C ASP P 362 -1.38 -22.35 106.65
N MET P 363 -0.74 -22.63 107.77
CA MET P 363 -0.78 -23.95 108.40
C MET P 363 -0.99 -23.75 109.89
N ALA P 364 -1.84 -24.58 110.48
CA ALA P 364 -2.16 -24.45 111.90
C ALA P 364 -2.62 -25.79 112.45
N ALA P 365 -2.71 -25.86 113.77
CA ALA P 365 -3.07 -27.10 114.45
C ALA P 365 -3.58 -26.77 115.85
N THR P 366 -4.22 -27.76 116.46
CA THR P 366 -4.66 -27.69 117.85
C THR P 366 -4.10 -28.86 118.65
N PHE P 367 -3.95 -28.65 119.95
CA PHE P 367 -3.33 -29.63 120.84
C PHE P 367 -4.34 -30.04 121.89
N ILE P 368 -4.64 -31.34 121.96
CA ILE P 368 -5.50 -31.92 122.97
C ILE P 368 -4.76 -33.10 123.60
N ALA P 369 -4.69 -33.12 124.93
CA ALA P 369 -3.92 -34.13 125.62
C ALA P 369 -4.46 -34.33 127.03
N ASN P 370 -3.95 -35.35 127.70
CA ASN P 370 -4.23 -35.64 129.10
C ASN P 370 -2.91 -35.75 129.85
N SER P 371 -2.76 -34.94 130.90
CA SER P 371 -1.61 -35.01 131.79
C SER P 371 -2.09 -35.07 133.23
N THR P 372 -1.13 -35.15 134.15
CA THR P 372 -1.42 -35.22 135.57
C THR P 372 -1.31 -33.86 136.25
N SER P 373 -1.34 -32.76 135.49
CA SER P 373 -1.15 -31.43 136.05
C SER P 373 -2.45 -30.75 136.45
N ILE P 374 -3.61 -31.35 136.15
CA ILE P 374 -4.87 -30.70 136.50
C ILE P 374 -5.21 -30.96 137.97
N GLN P 375 -4.72 -32.06 138.53
CA GLN P 375 -4.93 -32.31 139.95
C GLN P 375 -4.26 -31.26 140.81
N GLU P 376 -3.19 -30.62 140.31
CA GLU P 376 -2.58 -29.52 141.04
C GLU P 376 -3.53 -28.33 141.15
N LEU P 377 -4.20 -27.98 140.05
CA LEU P 377 -5.21 -26.92 140.12
C LEU P 377 -6.34 -27.31 141.05
N PHE P 378 -6.77 -28.57 140.97
CA PHE P 378 -7.85 -29.03 141.85
C PHE P 378 -7.47 -28.92 143.32
N LYS P 379 -6.25 -29.34 143.68
CA LYS P 379 -5.84 -29.23 145.08
C LYS P 379 -5.63 -27.78 145.49
N ARG P 380 -5.22 -26.91 144.55
CA ARG P 380 -5.15 -25.49 144.88
C ARG P 380 -6.52 -24.94 145.25
N VAL P 381 -7.54 -25.27 144.45
CA VAL P 381 -8.89 -24.82 144.76
C VAL P 381 -9.39 -25.42 146.07
N GLY P 382 -9.10 -26.71 146.29
CA GLY P 382 -9.51 -27.35 147.53
C GLY P 382 -8.84 -26.73 148.76
N ASP P 383 -7.57 -26.38 148.64
CA ASP P 383 -6.88 -25.71 149.73
C ASP P 383 -7.43 -24.31 149.95
N GLN P 384 -7.81 -23.61 148.88
CA GLN P 384 -8.46 -22.32 149.04
C GLN P 384 -9.76 -22.46 149.83
N PHE P 385 -10.54 -23.51 149.54
CA PHE P 385 -11.73 -23.77 150.34
C PHE P 385 -11.38 -24.07 151.79
N SER P 386 -10.43 -24.98 152.01
CA SER P 386 -10.08 -25.39 153.36
C SER P 386 -9.48 -24.25 154.17
N ALA P 387 -9.01 -23.20 153.51
CA ALA P 387 -8.48 -22.03 154.22
C ALA P 387 -9.57 -20.98 154.46
N MET P 388 -10.21 -20.51 153.40
CA MET P 388 -11.14 -19.39 153.53
C MET P 388 -12.47 -19.80 154.14
N PHE P 389 -13.01 -20.96 153.76
CA PHE P 389 -14.38 -21.31 154.08
C PHE P 389 -14.54 -22.00 155.44
N LYS P 390 -13.46 -22.19 156.19
CA LYS P 390 -13.58 -22.71 157.54
C LYS P 390 -14.10 -21.67 158.53
N ARG P 391 -14.05 -20.38 158.16
CA ARG P 391 -14.59 -19.34 159.02
C ARG P 391 -16.09 -19.16 158.86
N LYS P 392 -16.69 -19.76 157.83
CA LYS P 392 -18.12 -19.64 157.55
C LYS P 392 -18.53 -18.16 157.42
N ALA P 393 -17.71 -17.40 156.70
CA ALA P 393 -17.96 -15.99 156.46
C ALA P 393 -18.66 -15.83 155.11
N PHE P 394 -19.77 -15.09 155.11
CA PHE P 394 -20.59 -14.86 153.92
C PHE P 394 -21.12 -16.17 153.34
N LEU P 395 -21.19 -17.22 154.14
CA LEU P 395 -21.68 -18.52 153.70
C LEU P 395 -23.18 -18.68 153.88
N HIS P 396 -23.82 -17.81 154.69
CA HIS P 396 -25.26 -17.90 154.90
C HIS P 396 -26.06 -17.54 153.67
N TRP P 397 -25.46 -16.79 152.73
CA TRP P 397 -26.19 -16.38 151.53
C TRP P 397 -26.67 -17.56 150.71
N TYR P 398 -25.99 -18.71 150.83
CA TYR P 398 -26.37 -19.92 150.12
C TYR P 398 -27.20 -20.87 150.98
N THR P 399 -26.86 -21.02 152.27
CA THR P 399 -27.64 -21.87 153.14
C THR P 399 -29.02 -21.29 153.44
N SER P 400 -29.25 -20.01 153.14
CA SER P 400 -30.58 -19.44 153.33
C SER P 400 -31.63 -20.12 152.45
N GLU P 401 -31.22 -20.63 151.30
CA GLU P 401 -32.13 -21.28 150.37
C GLU P 401 -32.23 -22.79 150.58
N GLY P 402 -31.46 -23.36 151.51
CA GLY P 402 -31.56 -24.77 151.80
C GLY P 402 -30.35 -25.59 151.41
N MET P 403 -29.16 -24.99 151.45
CA MET P 403 -27.93 -25.71 151.18
C MET P 403 -27.40 -26.35 152.45
N ASP P 404 -26.87 -27.56 152.30
CA ASP P 404 -26.32 -28.32 153.41
C ASP P 404 -24.83 -28.57 153.21
N GLU P 405 -24.13 -28.78 154.32
CA GLU P 405 -22.71 -29.08 154.27
C GLU P 405 -22.42 -30.42 153.62
N LEU P 406 -23.44 -31.29 153.51
CA LEU P 406 -23.26 -32.58 152.86
C LEU P 406 -22.84 -32.42 151.40
N GLU P 407 -23.44 -31.45 150.71
CA GLU P 407 -23.08 -31.21 149.31
C GLU P 407 -21.63 -30.77 149.17
N PHE P 408 -21.17 -29.89 150.05
CA PHE P 408 -19.78 -29.43 149.99
C PHE P 408 -18.81 -30.55 150.33
N SER P 409 -19.14 -31.37 151.34
CA SER P 409 -18.30 -32.51 151.66
C SER P 409 -18.25 -33.51 150.50
N GLU P 410 -19.38 -33.71 149.83
CA GLU P 410 -19.42 -34.59 148.67
C GLU P 410 -18.60 -34.04 147.52
N ALA P 411 -18.61 -32.71 147.32
CA ALA P 411 -17.77 -32.11 146.30
C ALA P 411 -16.29 -32.28 146.63
N GLU P 412 -15.93 -32.13 147.90
CA GLU P 412 -14.55 -32.37 148.31
C GLU P 412 -14.16 -33.83 148.08
N SER P 413 -15.06 -34.76 148.37
CA SER P 413 -14.80 -36.17 148.06
C SER P 413 -14.65 -36.38 146.57
N ASN P 414 -15.45 -35.68 145.76
CA ASN P 414 -15.34 -35.80 144.31
C ASN P 414 -13.98 -35.32 143.82
N MET P 415 -13.49 -34.19 144.34
CA MET P 415 -12.19 -33.71 143.88
C MET P 415 -11.05 -34.60 144.39
N ASN P 416 -11.22 -35.19 145.58
CA ASN P 416 -10.29 -36.22 146.03
C ASN P 416 -10.28 -37.42 145.07
N ASP P 417 -11.46 -37.85 144.63
CA ASP P 417 -11.54 -38.95 143.68
C ASP P 417 -10.89 -38.59 142.36
N LEU P 418 -11.08 -37.36 141.91
CA LEU P 418 -10.43 -36.91 140.68
C LEU P 418 -8.91 -36.93 140.82
N VAL P 419 -8.40 -36.49 141.98
CA VAL P 419 -6.96 -36.55 142.21
C VAL P 419 -6.47 -37.99 142.19
N SER P 420 -7.20 -38.89 142.85
CA SER P 420 -6.81 -40.30 142.87
C SER P 420 -6.82 -40.89 141.46
N GLU P 421 -7.81 -40.50 140.65
CA GLU P 421 -7.82 -40.91 139.24
C GLU P 421 -6.61 -40.37 138.50
N TYR P 422 -6.22 -39.13 138.80
CA TYR P 422 -4.99 -38.55 138.27
C TYR P 422 -3.73 -39.18 138.85
N GLN P 423 -3.87 -40.17 139.72
CA GLN P 423 -2.74 -40.89 140.30
C GLN P 423 -2.91 -42.39 140.15
N GLN P 424 -3.23 -42.86 138.95
CA GLN P 424 -3.47 -44.27 138.71
C GLN P 424 -2.44 -44.98 137.82
N TYR P 425 -2.03 -44.48 136.64
CA TYR P 425 -2.04 -43.10 136.08
C TYR P 425 -1.30 -42.12 136.98
N GLN P 426 -0.18 -42.58 137.53
CA GLN P 426 0.64 -41.77 138.41
C GLN P 426 1.31 -40.64 137.62
N GLU P 427 1.68 -39.58 138.35
CA GLU P 427 2.35 -38.44 137.74
C GLU P 427 3.80 -38.77 137.43
N MET Q 1 -74.41 -27.42 93.48
CA MET Q 1 -74.70 -27.45 94.91
C MET Q 1 -73.54 -26.82 95.67
N ARG Q 2 -73.34 -25.52 95.46
CA ARG Q 2 -72.20 -24.81 96.02
C ARG Q 2 -72.55 -23.49 96.70
N GLU Q 3 -73.64 -22.84 96.33
CA GLU Q 3 -73.92 -21.49 96.81
C GLU Q 3 -74.13 -21.47 98.31
N ILE Q 4 -73.59 -20.45 98.96
CA ILE Q 4 -73.62 -20.29 100.41
C ILE Q 4 -74.22 -18.93 100.73
N ILE Q 5 -75.18 -18.90 101.65
CA ILE Q 5 -75.78 -17.66 102.12
C ILE Q 5 -75.23 -17.38 103.52
N HIS Q 6 -74.63 -16.21 103.69
CA HIS Q 6 -73.96 -15.84 104.94
C HIS Q 6 -74.91 -14.99 105.77
N ILE Q 7 -75.38 -15.55 106.88
CA ILE Q 7 -76.25 -14.82 107.80
C ILE Q 7 -75.40 -14.17 108.88
N SER Q 8 -75.68 -12.90 109.16
CA SER Q 8 -74.92 -12.15 110.16
C SER Q 8 -75.88 -11.57 111.19
N THR Q 9 -75.53 -11.74 112.47
CA THR Q 9 -76.32 -11.18 113.56
C THR Q 9 -75.40 -10.92 114.74
N GLY Q 10 -75.83 -10.02 115.62
CA GLY Q 10 -75.07 -9.67 116.79
C GLY Q 10 -74.06 -8.57 116.53
N GLN Q 11 -73.61 -7.95 117.63
CA GLN Q 11 -72.64 -6.87 117.52
C GLN Q 11 -71.30 -7.38 116.98
N CYS Q 12 -70.78 -8.44 117.59
CA CYS Q 12 -69.54 -9.04 117.09
C CYS Q 12 -69.75 -9.74 115.76
N GLY Q 13 -70.95 -10.30 115.54
CA GLY Q 13 -71.20 -11.01 114.30
C GLY Q 13 -71.13 -10.12 113.08
N ASN Q 14 -71.60 -8.88 113.20
CA ASN Q 14 -71.52 -7.95 112.08
C ASN Q 14 -70.08 -7.67 111.69
N GLN Q 15 -69.21 -7.43 112.68
CA GLN Q 15 -67.81 -7.18 112.40
C GLN Q 15 -67.13 -8.39 111.78
N ILE Q 16 -67.42 -9.58 112.32
CA ILE Q 16 -66.82 -10.80 111.77
C ILE Q 16 -67.27 -11.02 110.34
N GLY Q 17 -68.56 -10.83 110.06
CA GLY Q 17 -69.05 -10.99 108.70
C GLY Q 17 -68.46 -9.98 107.75
N ALA Q 18 -68.36 -8.72 108.17
CA ALA Q 18 -67.75 -7.71 107.33
C ALA Q 18 -66.31 -8.06 106.99
N ALA Q 19 -65.53 -8.41 108.02
CA ALA Q 19 -64.13 -8.77 107.79
C ALA Q 19 -64.00 -9.98 106.88
N PHE Q 20 -64.89 -10.97 107.06
CA PHE Q 20 -64.94 -12.09 106.14
C PHE Q 20 -65.20 -11.61 104.71
N TRP Q 21 -66.04 -10.59 104.57
CA TRP Q 21 -66.34 -10.07 103.24
C TRP Q 21 -65.11 -9.42 102.59
N GLU Q 22 -64.37 -8.61 103.35
CA GLU Q 22 -63.14 -8.06 102.75
C GLU Q 22 -62.14 -9.15 102.44
N THR Q 23 -62.01 -10.16 103.32
CA THR Q 23 -61.07 -11.23 103.04
C THR Q 23 -61.46 -11.99 101.78
N ILE Q 24 -62.76 -12.24 101.59
CA ILE Q 24 -63.23 -12.93 100.38
C ILE Q 24 -62.94 -12.08 99.15
N CYS Q 25 -63.33 -10.81 99.17
CA CYS Q 25 -63.14 -9.97 97.99
C CYS Q 25 -61.66 -9.73 97.68
N GLY Q 26 -60.78 -9.88 98.68
CA GLY Q 26 -59.36 -9.78 98.42
C GLY Q 26 -58.74 -11.08 97.96
N GLU Q 27 -59.26 -12.22 98.41
CA GLU Q 27 -58.67 -13.50 98.05
C GLU Q 27 -59.03 -13.92 96.62
N HIS Q 28 -60.25 -13.60 96.16
CA HIS Q 28 -60.54 -13.90 94.76
C HIS Q 28 -60.32 -12.70 93.85
N GLY Q 29 -60.40 -11.48 94.39
CA GLY Q 29 -60.10 -10.30 93.61
C GLY Q 29 -61.33 -9.65 93.01
N LEU Q 30 -61.78 -8.55 93.61
CA LEU Q 30 -62.93 -7.81 93.07
C LEU Q 30 -62.91 -6.42 93.70
N ASP Q 31 -62.74 -5.39 92.87
CA ASP Q 31 -62.78 -4.03 93.37
C ASP Q 31 -64.21 -3.62 93.67
N PHE Q 32 -64.36 -2.62 94.55
CA PHE Q 32 -65.66 -2.23 95.05
C PHE Q 32 -66.51 -1.46 94.03
N ASN Q 33 -65.93 -1.03 92.92
CA ASN Q 33 -66.68 -0.30 91.90
C ASN Q 33 -67.26 -1.21 90.83
N GLY Q 34 -67.05 -2.53 90.94
CA GLY Q 34 -67.59 -3.45 89.96
C GLY Q 34 -66.66 -3.75 88.82
N THR Q 35 -65.37 -3.94 89.12
CA THR Q 35 -64.35 -4.23 88.12
C THR Q 35 -63.92 -5.69 88.27
N TYR Q 36 -63.93 -6.42 87.15
CA TYR Q 36 -63.54 -7.82 87.18
C TYR Q 36 -62.03 -7.95 87.32
N HIS Q 37 -61.59 -8.79 88.26
CA HIS Q 37 -60.17 -8.99 88.49
C HIS Q 37 -59.81 -10.47 88.69
N GLY Q 38 -60.71 -11.38 88.35
CA GLY Q 38 -60.40 -12.80 88.49
C GLY Q 38 -59.37 -13.25 87.47
N HIS Q 39 -58.58 -14.25 87.87
CA HIS Q 39 -57.52 -14.79 87.02
C HIS Q 39 -57.48 -16.31 87.21
N ASP Q 40 -58.03 -17.04 86.25
CA ASP Q 40 -58.73 -16.44 85.11
C ASP Q 40 -60.17 -16.95 85.03
N ASP Q 41 -60.32 -18.27 85.11
CA ASP Q 41 -61.63 -18.91 85.01
C ASP Q 41 -62.14 -19.37 86.37
N ILE Q 42 -61.32 -20.11 87.12
CA ILE Q 42 -61.73 -20.70 88.38
C ILE Q 42 -62.18 -19.64 89.39
N GLN Q 43 -61.73 -18.39 89.21
CA GLN Q 43 -62.14 -17.29 90.07
C GLN Q 43 -63.41 -16.61 89.59
N LYS Q 44 -64.08 -17.16 88.58
CA LYS Q 44 -65.30 -16.58 88.04
C LYS Q 44 -66.55 -17.39 88.32
N GLU Q 45 -66.51 -18.71 88.12
CA GLU Q 45 -67.66 -19.53 88.44
C GLU Q 45 -67.82 -19.77 89.95
N ARG Q 46 -66.74 -19.63 90.72
CA ARG Q 46 -66.80 -19.85 92.15
C ARG Q 46 -67.27 -18.63 92.94
N LEU Q 47 -67.33 -17.45 92.32
CA LEU Q 47 -67.86 -16.29 93.02
C LEU Q 47 -69.39 -16.25 93.01
N ASN Q 48 -70.03 -17.14 92.25
CA ASN Q 48 -71.49 -17.29 92.33
C ASN Q 48 -71.93 -17.83 93.68
N VAL Q 49 -71.02 -18.41 94.45
CA VAL Q 49 -71.35 -18.93 95.78
C VAL Q 49 -71.82 -17.80 96.70
N TYR Q 50 -71.11 -16.67 96.69
CA TYR Q 50 -71.41 -15.56 97.57
C TYR Q 50 -72.10 -14.40 96.88
N PHE Q 51 -71.85 -14.19 95.58
CA PHE Q 51 -72.38 -13.06 94.84
C PHE Q 51 -73.33 -13.55 93.75
N ASN Q 52 -74.22 -12.64 93.32
CA ASN Q 52 -75.14 -12.90 92.23
C ASN Q 52 -74.98 -11.80 91.19
N GLU Q 53 -75.16 -12.17 89.92
CA GLU Q 53 -74.94 -11.26 88.81
C GLU Q 53 -76.07 -10.24 88.73
N ALA Q 54 -75.75 -8.97 88.95
CA ALA Q 54 -76.71 -7.89 88.79
C ALA Q 54 -76.63 -7.35 87.36
N SER Q 55 -77.33 -6.25 87.09
CA SER Q 55 -77.32 -5.66 85.77
C SER Q 55 -75.97 -5.00 85.48
N SER Q 56 -75.67 -4.87 84.19
CA SER Q 56 -74.44 -4.22 83.72
C SER Q 56 -73.19 -4.90 84.27
N GLY Q 57 -73.21 -6.22 84.38
CA GLY Q 57 -72.05 -6.96 84.85
C GLY Q 57 -71.65 -6.65 86.27
N LYS Q 58 -72.61 -6.41 87.16
CA LYS Q 58 -72.34 -6.10 88.55
C LYS Q 58 -72.60 -7.33 89.42
N TRP Q 59 -71.77 -7.51 90.44
CA TRP Q 59 -71.91 -8.61 91.38
C TRP Q 59 -72.28 -8.06 92.75
N VAL Q 60 -73.34 -8.60 93.33
CA VAL Q 60 -73.82 -8.12 94.63
C VAL Q 60 -73.96 -9.30 95.59
N PRO Q 61 -73.73 -9.12 96.88
CA PRO Q 61 -73.79 -10.26 97.81
C PRO Q 61 -75.21 -10.71 98.07
N ARG Q 62 -75.33 -11.99 98.44
CA ARG Q 62 -76.58 -12.57 98.92
C ARG Q 62 -76.38 -12.92 100.39
N SER Q 63 -76.60 -11.92 101.25
CA SER Q 63 -76.35 -12.07 102.68
C SER Q 63 -77.32 -11.19 103.45
N ILE Q 64 -78.02 -11.78 104.41
CA ILE Q 64 -79.01 -11.07 105.22
C ILE Q 64 -78.33 -10.75 106.54
N ASN Q 65 -78.06 -9.47 106.78
CA ASN Q 65 -77.50 -8.99 108.04
C ASN Q 65 -78.62 -8.38 108.86
N VAL Q 66 -78.77 -8.85 110.09
CA VAL Q 66 -79.84 -8.40 110.98
C VAL Q 66 -79.24 -8.00 112.32
N ASP Q 67 -79.67 -6.86 112.84
CA ASP Q 67 -79.25 -6.39 114.15
C ASP Q 67 -80.23 -5.30 114.60
N LEU Q 68 -80.48 -5.28 115.91
CA LEU Q 68 -81.44 -4.32 116.46
C LEU Q 68 -80.87 -2.93 116.62
N GLU Q 69 -79.54 -2.76 116.52
CA GLU Q 69 -78.94 -1.44 116.52
C GLU Q 69 -78.50 -1.08 115.11
N PRO Q 70 -78.93 0.04 114.55
CA PRO Q 70 -78.60 0.38 113.16
C PRO Q 70 -77.30 1.16 112.97
N GLY Q 71 -76.45 1.24 113.98
CA GLY Q 71 -75.23 2.02 113.86
C GLY Q 71 -74.08 1.28 113.21
N THR Q 72 -74.19 -0.05 113.12
CA THR Q 72 -73.11 -0.84 112.53
C THR Q 72 -73.08 -0.74 111.01
N ILE Q 73 -74.23 -0.61 110.37
CA ILE Q 73 -74.28 -0.54 108.91
C ILE Q 73 -73.70 0.79 108.41
N ASP Q 74 -73.80 1.86 109.21
CA ASP Q 74 -73.16 3.12 108.83
C ASP Q 74 -71.65 2.97 108.74
N ALA Q 75 -71.07 2.21 109.67
CA ALA Q 75 -69.65 1.87 109.64
C ALA Q 75 -69.34 0.71 108.70
N VAL Q 76 -70.26 0.38 107.79
CA VAL Q 76 -70.06 -0.67 106.80
C VAL Q 76 -70.17 -0.13 105.38
N ARG Q 77 -71.23 0.63 105.10
CA ARG Q 77 -71.42 1.15 103.75
C ARG Q 77 -70.46 2.29 103.43
N ASN Q 78 -70.11 3.11 104.42
CA ASN Q 78 -69.18 4.22 104.20
C ASN Q 78 -67.73 3.86 104.50
N SER Q 79 -67.50 2.73 105.17
CA SER Q 79 -66.18 2.26 105.52
C SER Q 79 -65.64 1.38 104.39
N ALA Q 80 -64.65 0.53 104.68
CA ALA Q 80 -64.07 -0.37 103.71
C ALA Q 80 -65.13 -1.31 103.14
N ILE Q 81 -64.75 -2.20 102.22
CA ILE Q 81 -65.64 -2.65 101.17
C ILE Q 81 -66.91 -3.27 101.74
N GLY Q 82 -68.02 -2.53 101.61
CA GLY Q 82 -69.35 -3.03 101.88
C GLY Q 82 -70.34 -2.36 100.94
N ASN Q 83 -69.80 -1.60 99.98
CA ASN Q 83 -70.64 -0.85 99.04
C ASN Q 83 -71.41 -1.76 98.10
N LEU Q 84 -70.95 -2.99 97.91
CA LEU Q 84 -71.67 -3.94 97.06
C LEU Q 84 -73.00 -4.36 97.67
N PHE Q 85 -73.18 -4.15 98.98
CA PHE Q 85 -74.38 -4.60 99.67
C PHE Q 85 -75.60 -3.85 99.13
N ARG Q 86 -76.58 -4.59 98.64
CA ARG Q 86 -77.80 -3.99 98.15
C ARG Q 86 -78.61 -3.43 99.33
N PRO Q 87 -79.36 -2.34 99.11
CA PRO Q 87 -80.09 -1.73 100.23
C PRO Q 87 -81.11 -2.64 100.88
N ASP Q 88 -81.66 -3.61 100.14
CA ASP Q 88 -82.63 -4.52 100.72
C ASP Q 88 -81.99 -5.47 101.73
N ASN Q 89 -80.68 -5.69 101.65
CA ASN Q 89 -79.98 -6.53 102.62
C ASN Q 89 -79.98 -5.94 104.02
N TYR Q 90 -80.26 -4.65 104.15
CA TYR Q 90 -80.24 -3.98 105.45
C TYR Q 90 -81.57 -4.18 106.13
N ILE Q 91 -81.65 -5.17 107.01
CA ILE Q 91 -82.83 -5.41 107.85
C ILE Q 91 -82.42 -5.06 109.28
N PHE Q 92 -82.78 -3.87 109.72
CA PHE Q 92 -82.44 -3.39 111.05
C PHE Q 92 -83.67 -2.75 111.69
N GLY Q 93 -83.70 -2.78 113.02
CA GLY Q 93 -84.81 -2.21 113.76
C GLY Q 93 -84.36 -1.31 114.90
N GLN Q 94 -85.25 -1.11 115.87
CA GLN Q 94 -84.95 -0.30 117.05
C GLN Q 94 -85.45 -1.03 118.29
N SER Q 95 -84.65 -1.01 119.35
CA SER Q 95 -83.34 -0.37 119.34
C SER Q 95 -82.26 -1.32 119.83
N SER Q 96 -82.64 -2.27 120.66
CA SER Q 96 -81.73 -3.27 121.20
C SER Q 96 -82.53 -4.41 121.79
N ALA Q 97 -81.85 -5.54 121.99
CA ALA Q 97 -82.47 -6.70 122.61
C ALA Q 97 -82.37 -6.67 124.13
N GLY Q 98 -81.76 -5.64 124.70
CA GLY Q 98 -81.59 -5.54 126.14
C GLY Q 98 -80.38 -6.28 126.68
N ASN Q 99 -79.56 -6.88 125.81
CA ASN Q 99 -78.39 -7.66 126.22
C ASN Q 99 -78.77 -8.78 127.17
N VAL Q 100 -79.95 -9.35 126.97
CA VAL Q 100 -80.48 -10.42 127.81
C VAL Q 100 -81.11 -11.48 126.92
N TRP Q 101 -81.52 -12.58 127.54
CA TRP Q 101 -82.16 -13.68 126.83
C TRP Q 101 -83.68 -13.66 126.90
N ALA Q 102 -84.26 -13.09 127.97
CA ALA Q 102 -85.70 -13.02 128.09
C ALA Q 102 -86.32 -12.10 127.06
N LYS Q 103 -85.64 -11.01 126.72
CA LYS Q 103 -86.13 -10.05 125.72
C LYS Q 103 -85.46 -10.21 124.36
N GLY Q 104 -84.49 -11.11 124.24
CA GLY Q 104 -83.81 -11.27 122.97
C GLY Q 104 -84.72 -11.82 121.87
N HIS Q 105 -85.38 -12.93 122.15
CA HIS Q 105 -86.28 -13.53 121.17
C HIS Q 105 -87.59 -14.07 121.75
N TYR Q 106 -87.78 -14.05 123.06
CA TYR Q 106 -88.96 -14.70 123.63
C TYR Q 106 -90.22 -13.88 123.39
N THR Q 107 -90.15 -12.56 123.55
CA THR Q 107 -91.32 -11.71 123.42
C THR Q 107 -91.21 -10.70 122.29
N GLU Q 108 -90.14 -9.92 122.24
CA GLU Q 108 -90.00 -8.87 121.24
C GLU Q 108 -89.17 -9.28 120.03
N GLY Q 109 -88.35 -10.33 120.15
CA GLY Q 109 -87.52 -10.75 119.04
C GLY Q 109 -88.25 -11.55 117.97
N ALA Q 110 -89.52 -11.86 118.19
CA ALA Q 110 -90.30 -12.67 117.27
C ALA Q 110 -91.19 -11.84 116.35
N GLU Q 111 -90.94 -10.55 116.24
CA GLU Q 111 -91.79 -9.67 115.44
C GLU Q 111 -91.27 -9.49 114.01
N LEU Q 112 -90.06 -8.95 113.87
CA LEU Q 112 -89.47 -8.75 112.56
C LEU Q 112 -88.86 -10.02 111.98
N VAL Q 113 -88.74 -11.08 112.78
CA VAL Q 113 -88.12 -12.30 112.29
C VAL Q 113 -89.01 -13.00 111.29
N ASP Q 114 -90.32 -12.72 111.29
CA ASP Q 114 -91.18 -13.23 110.22
C ASP Q 114 -90.79 -12.64 108.86
N SER Q 115 -90.51 -11.33 108.82
CA SER Q 115 -90.02 -10.72 107.60
C SER Q 115 -88.65 -11.28 107.23
N VAL Q 116 -87.81 -11.56 108.23
CA VAL Q 116 -86.52 -12.19 107.97
C VAL Q 116 -86.72 -13.55 107.32
N MET Q 117 -87.66 -14.34 107.83
CA MET Q 117 -87.95 -15.65 107.25
C MET Q 117 -88.48 -15.53 105.83
N ASP Q 118 -89.31 -14.51 105.58
CA ASP Q 118 -89.82 -14.28 104.23
C ASP Q 118 -88.70 -13.94 103.26
N VAL Q 119 -87.77 -13.08 103.67
CA VAL Q 119 -86.68 -12.73 102.77
C VAL Q 119 -85.74 -13.90 102.58
N ILE Q 120 -85.59 -14.76 103.61
CA ILE Q 120 -84.82 -15.98 103.43
C ILE Q 120 -85.48 -16.88 102.39
N ARG Q 121 -86.82 -17.00 102.44
CA ARG Q 121 -87.51 -17.78 101.42
C ARG Q 121 -87.28 -17.20 100.03
N ARG Q 122 -87.43 -15.88 99.88
CA ARG Q 122 -87.31 -15.29 98.55
C ARG Q 122 -85.89 -15.42 98.02
N GLU Q 123 -84.88 -15.35 98.90
CA GLU Q 123 -83.52 -15.67 98.48
C GLU Q 123 -83.38 -17.15 98.14
N ALA Q 124 -84.17 -18.01 98.79
CA ALA Q 124 -84.11 -19.44 98.51
C ALA Q 124 -84.57 -19.74 97.09
N GLU Q 125 -85.72 -19.20 96.68
CA GLU Q 125 -86.07 -19.41 95.26
C GLU Q 125 -85.23 -18.52 94.35
N GLY Q 126 -84.60 -17.47 94.88
CA GLY Q 126 -83.63 -16.73 94.09
C GLY Q 126 -82.31 -17.46 93.91
N CYS Q 127 -82.04 -18.44 94.75
CA CYS Q 127 -80.83 -19.24 94.67
C CYS Q 127 -81.10 -20.55 93.94
N ASP Q 128 -80.08 -21.06 93.26
CA ASP Q 128 -80.19 -22.28 92.46
C ASP Q 128 -79.50 -23.49 93.08
N SER Q 129 -78.38 -23.29 93.78
CA SER Q 129 -77.58 -24.38 94.31
C SER Q 129 -77.22 -24.11 95.77
N LEU Q 130 -78.23 -23.75 96.57
CA LEU Q 130 -78.02 -23.46 97.99
C LEU Q 130 -77.43 -24.67 98.70
N GLN Q 131 -76.29 -24.47 99.36
CA GLN Q 131 -75.52 -25.54 99.97
C GLN Q 131 -75.57 -25.52 101.49
N GLY Q 132 -75.19 -24.40 102.11
CA GLY Q 132 -75.10 -24.33 103.56
C GLY Q 132 -75.46 -22.94 104.05
N PHE Q 133 -75.46 -22.80 105.38
CA PHE Q 133 -75.85 -21.56 106.05
C PHE Q 133 -74.78 -21.20 107.06
N GLN Q 134 -74.16 -20.03 106.88
CA GLN Q 134 -73.11 -19.56 107.79
C GLN Q 134 -73.69 -18.47 108.68
N ILE Q 135 -73.53 -18.64 109.99
CA ILE Q 135 -73.98 -17.66 110.98
C ILE Q 135 -72.82 -17.32 111.90
N THR Q 136 -72.64 -16.03 112.15
CA THR Q 136 -71.64 -15.54 113.10
C THR Q 136 -72.36 -14.72 114.16
N HIS Q 137 -72.17 -15.11 115.43
CA HIS Q 137 -72.84 -14.45 116.53
C HIS Q 137 -72.02 -14.65 117.80
N SER Q 138 -72.49 -14.04 118.89
CA SER Q 138 -71.84 -14.12 120.18
C SER Q 138 -72.66 -14.99 121.12
N LEU Q 139 -71.99 -15.94 121.78
CA LEU Q 139 -72.69 -16.83 122.70
C LEU Q 139 -73.27 -16.07 123.89
N GLY Q 140 -72.53 -15.13 124.45
CA GLY Q 140 -73.00 -14.39 125.61
C GLY Q 140 -73.68 -13.09 125.26
N GLY Q 141 -73.56 -12.65 124.01
CA GLY Q 141 -74.21 -11.43 123.59
C GLY Q 141 -75.72 -11.56 123.57
N GLY Q 142 -76.39 -10.48 123.94
CA GLY Q 142 -77.84 -10.47 124.00
C GLY Q 142 -78.51 -10.69 122.66
N THR Q 143 -78.06 -9.97 121.64
CA THR Q 143 -78.67 -10.09 120.32
C THR Q 143 -78.30 -11.42 119.66
N GLY Q 144 -76.99 -11.73 119.61
CA GLY Q 144 -76.57 -12.95 118.93
C GLY Q 144 -77.17 -14.21 119.53
N SER Q 145 -77.08 -14.34 120.86
CA SER Q 145 -77.69 -15.49 121.52
C SER Q 145 -79.21 -15.38 121.53
N GLY Q 146 -79.75 -14.16 121.44
CA GLY Q 146 -81.18 -13.99 121.51
C GLY Q 146 -81.92 -14.53 120.32
N MET Q 147 -81.80 -13.88 119.16
CA MET Q 147 -82.55 -14.37 118.01
C MET Q 147 -81.74 -15.33 117.15
N GLY Q 148 -80.48 -15.57 117.47
CA GLY Q 148 -79.70 -16.53 116.70
C GLY Q 148 -80.29 -17.93 116.77
N THR Q 149 -80.60 -18.38 117.99
CA THR Q 149 -81.19 -19.71 118.17
C THR Q 149 -82.55 -19.82 117.50
N LEU Q 150 -83.34 -18.74 117.52
CA LEU Q 150 -84.67 -18.80 116.93
C LEU Q 150 -84.58 -18.79 115.40
N LEU Q 151 -83.59 -18.08 114.84
CA LEU Q 151 -83.29 -18.20 113.43
C LEU Q 151 -82.87 -19.62 113.07
N ILE Q 152 -82.07 -20.25 113.94
CA ILE Q 152 -81.71 -21.65 113.72
C ILE Q 152 -82.96 -22.53 113.72
N SER Q 153 -83.89 -22.23 114.62
CA SER Q 153 -85.14 -22.99 114.68
C SER Q 153 -85.91 -22.89 113.37
N LYS Q 154 -86.06 -21.67 112.84
CA LYS Q 154 -86.77 -21.53 111.56
C LYS Q 154 -86.00 -22.18 110.41
N ILE Q 155 -84.67 -22.05 110.39
CA ILE Q 155 -83.92 -22.60 109.27
C ILE Q 155 -83.95 -24.12 109.30
N ARG Q 156 -84.13 -24.71 110.49
CA ARG Q 156 -84.38 -26.14 110.56
C ARG Q 156 -85.81 -26.47 110.13
N GLU Q 157 -86.77 -25.63 110.51
CA GLU Q 157 -88.17 -25.89 110.19
C GLU Q 157 -88.41 -25.89 108.68
N GLU Q 158 -87.85 -24.90 107.99
CA GLU Q 158 -88.09 -24.75 106.55
C GLU Q 158 -87.13 -25.56 105.69
N PHE Q 159 -85.96 -25.92 106.21
CA PHE Q 159 -84.99 -26.73 105.49
C PHE Q 159 -84.62 -27.96 106.33
N PRO Q 160 -85.38 -29.05 106.23
CA PRO Q 160 -85.04 -30.26 106.99
C PRO Q 160 -83.92 -31.08 106.38
N ASP Q 161 -83.48 -30.77 105.15
CA ASP Q 161 -82.42 -31.50 104.49
C ASP Q 161 -81.11 -30.73 104.43
N ARG Q 162 -81.08 -29.50 104.95
CA ARG Q 162 -79.88 -28.68 104.94
C ARG Q 162 -79.28 -28.63 106.34
N MET Q 163 -77.99 -28.92 106.44
CA MET Q 163 -77.31 -28.83 107.71
C MET Q 163 -77.08 -27.36 108.08
N MET Q 164 -76.69 -27.13 109.33
CA MET Q 164 -76.45 -25.79 109.83
C MET Q 164 -75.05 -25.69 110.40
N ALA Q 165 -74.36 -24.58 110.11
CA ALA Q 165 -73.03 -24.31 110.62
C ALA Q 165 -73.08 -23.09 111.52
N THR Q 166 -72.56 -23.23 112.74
CA THR Q 166 -72.54 -22.16 113.71
C THR Q 166 -71.12 -21.89 114.18
N PHE Q 167 -70.79 -20.61 114.34
CA PHE Q 167 -69.46 -20.17 114.74
C PHE Q 167 -69.57 -19.15 115.86
N SER Q 168 -70.36 -19.47 116.88
CA SER Q 168 -70.54 -18.58 118.01
C SER Q 168 -69.24 -18.44 118.79
N VAL Q 169 -69.01 -17.24 119.33
CA VAL Q 169 -67.82 -16.94 120.11
C VAL Q 169 -68.11 -17.24 121.57
N LEU Q 170 -67.36 -18.18 122.16
CA LEU Q 170 -67.60 -18.62 123.52
C LEU Q 170 -66.87 -17.68 124.49
N PRO Q 171 -67.58 -17.01 125.39
CA PRO Q 171 -66.91 -16.17 126.38
C PRO Q 171 -66.06 -17.01 127.33
N SER Q 172 -64.95 -16.43 127.77
CA SER Q 172 -64.07 -17.12 128.69
C SER Q 172 -64.67 -17.17 130.10
N PRO Q 173 -64.40 -18.23 130.86
CA PRO Q 173 -64.93 -18.32 132.22
C PRO Q 173 -64.26 -17.39 133.21
N LYS Q 174 -63.21 -16.67 132.82
CA LYS Q 174 -62.50 -15.77 133.72
C LYS Q 174 -62.75 -14.30 133.46
N THR Q 175 -63.34 -13.94 132.33
CA THR Q 175 -63.68 -12.56 132.01
C THR Q 175 -65.19 -12.40 132.04
N SER Q 176 -65.67 -11.39 132.78
CA SER Q 176 -67.09 -11.14 132.96
C SER Q 176 -67.39 -9.69 132.58
N ASP Q 177 -67.76 -9.47 131.32
CA ASP Q 177 -68.21 -8.14 130.91
C ASP Q 177 -69.50 -7.76 131.62
N THR Q 178 -70.42 -8.71 131.75
CA THR Q 178 -71.66 -8.53 132.50
C THR Q 178 -71.91 -9.77 133.35
N VAL Q 179 -72.71 -9.59 134.40
CA VAL Q 179 -72.96 -10.68 135.34
C VAL Q 179 -73.76 -11.81 134.71
N VAL Q 180 -74.48 -11.54 133.62
CA VAL Q 180 -75.38 -12.52 133.03
C VAL Q 180 -74.89 -13.01 131.66
N GLU Q 181 -73.62 -12.74 131.33
CA GLU Q 181 -73.09 -13.24 130.06
C GLU Q 181 -73.06 -14.76 129.99
N PRO Q 182 -72.52 -15.50 130.98
CA PRO Q 182 -72.67 -16.96 130.93
C PRO Q 182 -74.11 -17.42 131.00
N TYR Q 183 -74.97 -16.66 131.69
CA TYR Q 183 -76.39 -16.99 131.76
C TYR Q 183 -77.01 -16.99 130.37
N ASN Q 184 -76.77 -15.93 129.59
CA ASN Q 184 -77.26 -15.88 128.22
C ASN Q 184 -76.61 -16.96 127.36
N ALA Q 185 -75.32 -17.21 127.58
CA ALA Q 185 -74.62 -18.24 126.82
C ALA Q 185 -75.27 -19.61 127.01
N THR Q 186 -75.59 -19.95 128.25
CA THR Q 186 -76.19 -21.24 128.53
C THR Q 186 -77.65 -21.30 128.08
N LEU Q 187 -78.38 -20.19 128.22
CA LEU Q 187 -79.74 -20.17 127.70
C LEU Q 187 -79.76 -20.29 126.18
N SER Q 188 -78.66 -19.91 125.51
CA SER Q 188 -78.58 -20.11 124.07
C SER Q 188 -78.19 -21.54 123.71
N VAL Q 189 -77.18 -22.09 124.40
CA VAL Q 189 -76.76 -23.46 124.11
C VAL Q 189 -77.83 -24.47 124.52
N HIS Q 190 -78.79 -24.05 125.35
CA HIS Q 190 -79.93 -24.90 125.68
C HIS Q 190 -80.66 -25.36 124.42
N GLN Q 191 -80.75 -24.50 123.41
CA GLN Q 191 -81.35 -24.87 122.13
C GLN Q 191 -80.33 -25.06 121.02
N LEU Q 192 -79.11 -24.56 121.19
CA LEU Q 192 -78.07 -24.72 120.17
C LEU Q 192 -77.74 -26.20 119.98
N VAL Q 193 -77.63 -26.96 121.07
CA VAL Q 193 -77.32 -28.38 120.95
C VAL Q 193 -78.46 -29.14 120.30
N GLU Q 194 -79.70 -28.68 120.48
CA GLU Q 194 -80.86 -29.34 119.93
C GLU Q 194 -81.23 -28.87 118.53
N HIS Q 195 -80.49 -27.90 117.97
CA HIS Q 195 -80.83 -27.36 116.66
C HIS Q 195 -79.64 -27.18 115.72
N SER Q 196 -78.42 -27.49 116.14
CA SER Q 196 -77.24 -27.32 115.31
C SER Q 196 -76.57 -28.66 115.04
N ASP Q 197 -75.86 -28.73 113.92
CA ASP Q 197 -75.15 -29.95 113.53
C ASP Q 197 -73.66 -29.89 113.80
N GLU Q 198 -73.07 -28.70 113.81
CA GLU Q 198 -71.65 -28.55 114.14
C GLU Q 198 -71.40 -27.12 114.59
N THR Q 199 -70.35 -26.94 115.38
CA THR Q 199 -70.01 -25.63 115.90
C THR Q 199 -68.53 -25.56 116.19
N PHE Q 200 -68.01 -24.33 116.28
CA PHE Q 200 -66.60 -24.07 116.55
C PHE Q 200 -66.45 -23.33 117.86
N CYS Q 201 -65.43 -23.68 118.63
CA CYS Q 201 -65.14 -23.02 119.91
C CYS Q 201 -64.16 -21.88 119.65
N ILE Q 202 -64.61 -20.65 119.89
CA ILE Q 202 -63.81 -19.45 119.68
C ILE Q 202 -63.72 -18.69 121.00
N ASP Q 203 -62.51 -18.37 121.43
CA ASP Q 203 -62.27 -17.62 122.65
C ASP Q 203 -61.37 -16.43 122.34
N ASN Q 204 -61.79 -15.24 122.79
CA ASN Q 204 -61.03 -14.04 122.50
C ASN Q 204 -59.72 -13.99 123.30
N GLU Q 205 -59.71 -14.56 124.51
CA GLU Q 205 -58.49 -14.56 125.31
C GLU Q 205 -57.40 -15.41 124.68
N ALA Q 206 -57.78 -16.51 124.01
CA ALA Q 206 -56.80 -17.27 123.24
C ALA Q 206 -56.21 -16.42 122.12
N LEU Q 207 -57.06 -15.63 121.47
CA LEU Q 207 -56.57 -14.72 120.43
C LEU Q 207 -55.60 -13.70 121.00
N TYR Q 208 -55.90 -13.16 122.18
CA TYR Q 208 -54.98 -12.23 122.83
C TYR Q 208 -53.66 -12.91 123.16
N ASP Q 209 -53.72 -14.15 123.66
CA ASP Q 209 -52.50 -14.87 124.00
C ASP Q 209 -51.64 -15.12 122.76
N ILE Q 210 -52.27 -15.53 121.66
CA ILE Q 210 -51.49 -15.80 120.45
C ILE Q 210 -50.97 -14.50 119.84
N CYS Q 211 -51.69 -13.39 120.04
CA CYS Q 211 -51.18 -12.10 119.57
C CYS Q 211 -49.97 -11.65 120.39
N GLN Q 212 -50.01 -11.83 121.71
CA GLN Q 212 -48.90 -11.44 122.55
C GLN Q 212 -47.74 -12.43 122.52
N ARG Q 213 -47.96 -13.63 121.99
CA ARG Q 213 -46.88 -14.63 121.90
C ARG Q 213 -46.13 -14.53 120.58
N THR Q 214 -46.84 -14.66 119.46
CA THR Q 214 -46.23 -14.67 118.14
C THR Q 214 -46.34 -13.32 117.44
N LEU Q 215 -47.51 -12.69 117.49
CA LEU Q 215 -47.70 -11.41 116.79
C LEU Q 215 -47.02 -10.26 117.52
N LYS Q 216 -46.88 -10.35 118.84
CA LYS Q 216 -46.34 -9.26 119.66
C LYS Q 216 -47.13 -7.97 119.42
N LEU Q 217 -48.44 -8.09 119.32
CA LEU Q 217 -49.29 -6.94 119.06
C LEU Q 217 -49.34 -6.03 120.29
N ASN Q 218 -49.14 -4.73 120.07
CA ASN Q 218 -49.14 -3.77 121.16
C ASN Q 218 -50.51 -3.17 121.42
N GLN Q 219 -51.33 -3.00 120.38
CA GLN Q 219 -52.65 -2.40 120.53
C GLN Q 219 -53.72 -3.50 120.44
N PRO Q 220 -54.51 -3.71 121.49
CA PRO Q 220 -55.57 -4.72 121.40
C PRO Q 220 -56.69 -4.30 120.47
N SER Q 221 -56.75 -4.90 119.29
CA SER Q 221 -57.71 -4.53 118.26
C SER Q 221 -58.51 -5.74 117.85
N TYR Q 222 -59.83 -5.57 117.75
CA TYR Q 222 -60.70 -6.64 117.30
C TYR Q 222 -60.60 -6.88 115.79
N GLY Q 223 -60.06 -5.91 115.05
CA GLY Q 223 -59.95 -6.06 113.61
C GLY Q 223 -58.99 -7.15 113.20
N ASP Q 224 -57.83 -7.23 113.86
CA ASP Q 224 -56.87 -8.29 113.55
C ASP Q 224 -57.45 -9.66 113.89
N LEU Q 225 -58.16 -9.75 115.01
CA LEU Q 225 -58.77 -11.01 115.40
C LEU Q 225 -59.84 -11.43 114.38
N ASN Q 226 -60.62 -10.46 113.91
CA ASN Q 226 -61.58 -10.73 112.85
C ASN Q 226 -60.89 -11.19 111.58
N ASN Q 227 -59.76 -10.58 111.25
CA ASN Q 227 -59.00 -11.00 110.07
C ASN Q 227 -58.54 -12.45 110.21
N LEU Q 228 -58.05 -12.82 111.38
CA LEU Q 228 -57.59 -14.19 111.60
C LEU Q 228 -58.75 -15.18 111.49
N VAL Q 229 -59.86 -14.90 112.16
CA VAL Q 229 -60.98 -15.84 112.13
C VAL Q 229 -61.59 -15.91 110.73
N SER Q 230 -61.56 -14.80 109.98
CA SER Q 230 -62.08 -14.83 108.62
C SER Q 230 -61.17 -15.60 107.68
N SER Q 231 -59.85 -15.51 107.90
CA SER Q 231 -58.92 -16.34 107.13
C SER Q 231 -59.18 -17.82 107.42
N VAL Q 232 -59.42 -18.16 108.69
CA VAL Q 232 -59.74 -19.55 109.03
C VAL Q 232 -61.04 -19.98 108.34
N MET Q 233 -62.05 -19.11 108.38
CA MET Q 233 -63.34 -19.43 107.78
C MET Q 233 -63.24 -19.61 106.28
N SER Q 234 -62.44 -18.78 105.61
CA SER Q 234 -62.18 -18.99 104.19
C SER Q 234 -61.45 -20.30 103.95
N GLY Q 235 -60.47 -20.62 104.79
CA GLY Q 235 -59.70 -21.84 104.62
C GLY Q 235 -60.50 -23.11 104.74
N VAL Q 236 -61.53 -23.12 105.61
CA VAL Q 236 -62.32 -24.34 105.76
C VAL Q 236 -63.20 -24.64 104.55
N THR Q 237 -63.34 -23.69 103.62
CA THR Q 237 -64.11 -23.91 102.41
C THR Q 237 -63.32 -23.74 101.12
N THR Q 238 -62.02 -23.39 101.20
CA THR Q 238 -61.18 -23.39 100.01
C THR Q 238 -61.16 -24.76 99.34
N SER Q 239 -61.25 -25.84 100.14
CA SER Q 239 -61.28 -27.17 99.56
C SER Q 239 -62.51 -27.38 98.69
N LEU Q 240 -63.66 -26.87 99.12
CA LEU Q 240 -64.87 -26.99 98.31
C LEU Q 240 -64.79 -26.11 97.07
N ARG Q 241 -64.39 -24.85 97.24
CA ARG Q 241 -64.42 -23.93 96.10
C ARG Q 241 -63.15 -23.96 95.26
N TYR Q 242 -62.17 -24.79 95.62
CA TYR Q 242 -61.00 -25.02 94.78
C TYR Q 242 -60.67 -26.50 94.80
N PRO Q 243 -60.69 -27.17 93.65
CA PRO Q 243 -60.48 -28.63 93.65
C PRO Q 243 -59.07 -29.00 94.09
N GLY Q 244 -58.96 -30.17 94.71
CA GLY Q 244 -57.69 -30.73 95.11
C GLY Q 244 -57.70 -32.24 95.02
N GLN Q 245 -56.81 -32.91 95.77
CA GLN Q 245 -56.84 -34.36 95.80
C GLN Q 245 -58.11 -34.89 96.46
N LEU Q 246 -58.55 -34.24 97.53
CA LEU Q 246 -59.77 -34.63 98.24
C LEU Q 246 -60.52 -33.36 98.64
N ASN Q 247 -61.55 -33.02 97.89
CA ASN Q 247 -62.40 -31.89 98.26
C ASN Q 247 -63.23 -32.22 99.49
N SER Q 248 -63.39 -31.24 100.38
CA SER Q 248 -64.11 -31.42 101.61
C SER Q 248 -65.33 -30.50 101.65
N ASP Q 249 -66.43 -31.03 102.19
CA ASP Q 249 -67.68 -30.30 102.32
C ASP Q 249 -68.16 -30.36 103.76
N LEU Q 250 -69.06 -29.45 104.11
CA LEU Q 250 -69.57 -29.40 105.49
C LEU Q 250 -70.27 -30.71 105.85
N ARG Q 251 -70.99 -31.30 104.90
CA ARG Q 251 -71.60 -32.61 105.14
C ARG Q 251 -70.52 -33.68 105.35
N LYS Q 252 -69.37 -33.53 104.68
CA LYS Q 252 -68.27 -34.45 104.94
C LYS Q 252 -67.72 -34.27 106.35
N LEU Q 253 -67.68 -33.01 106.83
CA LEU Q 253 -67.33 -32.79 108.23
C LEU Q 253 -68.33 -33.47 109.16
N ALA Q 254 -69.62 -33.37 108.85
CA ALA Q 254 -70.63 -34.03 109.68
C ALA Q 254 -70.46 -35.55 109.66
N VAL Q 255 -70.16 -36.11 108.49
CA VAL Q 255 -70.02 -37.56 108.38
C VAL Q 255 -68.78 -38.05 109.11
N ASN Q 256 -67.64 -37.39 108.90
CA ASN Q 256 -66.36 -37.88 109.39
C ASN Q 256 -66.01 -37.34 110.77
N LEU Q 257 -65.90 -36.02 110.90
CA LEU Q 257 -65.45 -35.42 112.15
C LEU Q 257 -66.46 -35.60 113.28
N VAL Q 258 -67.74 -35.39 113.02
CA VAL Q 258 -68.77 -35.51 114.04
C VAL Q 258 -68.96 -36.99 114.37
N PRO Q 259 -68.89 -37.38 115.66
CA PRO Q 259 -69.15 -38.79 116.01
C PRO Q 259 -70.64 -39.09 116.06
N PHE Q 260 -71.44 -38.10 116.46
CA PHE Q 260 -72.90 -38.18 116.46
C PHE Q 260 -73.44 -36.77 116.66
N PRO Q 261 -74.66 -36.46 116.20
CA PRO Q 261 -75.13 -35.06 116.22
C PRO Q 261 -75.20 -34.44 117.60
N ARG Q 262 -75.29 -35.24 118.66
CA ARG Q 262 -75.28 -34.67 120.02
C ARG Q 262 -73.95 -34.00 120.33
N LEU Q 263 -72.84 -34.64 119.94
CA LEU Q 263 -71.50 -34.09 120.18
C LEU Q 263 -71.03 -33.44 118.88
N HIS Q 264 -70.98 -32.11 118.88
CA HIS Q 264 -70.58 -31.37 117.69
C HIS Q 264 -69.68 -30.19 118.00
N PHE Q 265 -69.04 -30.18 119.17
CA PHE Q 265 -68.16 -29.08 119.57
C PHE Q 265 -66.75 -29.34 119.07
N PHE Q 266 -66.17 -28.34 118.40
CA PHE Q 266 -64.83 -28.45 117.83
C PHE Q 266 -63.97 -27.28 118.31
N MET Q 267 -62.68 -27.54 118.46
CA MET Q 267 -61.70 -26.51 118.71
C MET Q 267 -60.96 -26.19 117.41
N VAL Q 268 -60.61 -24.92 117.24
CA VAL Q 268 -60.06 -24.44 115.98
C VAL Q 268 -58.58 -24.11 116.17
N GLY Q 269 -57.76 -24.55 115.23
CA GLY Q 269 -56.35 -24.20 115.20
C GLY Q 269 -55.94 -23.78 113.81
N TYR Q 270 -55.05 -22.80 113.75
CA TYR Q 270 -54.61 -22.22 112.48
C TYR Q 270 -53.09 -22.18 112.42
N ALA Q 271 -52.58 -22.26 111.19
CA ALA Q 271 -51.14 -22.20 110.94
C ALA Q 271 -50.95 -21.70 109.52
N PRO Q 272 -49.84 -20.98 109.25
CA PRO Q 272 -48.78 -20.61 110.19
C PRO Q 272 -49.12 -19.39 111.04
N LEU Q 273 -48.66 -19.40 112.29
CA LEU Q 273 -48.85 -18.27 113.19
C LEU Q 273 -47.55 -17.46 113.26
N THR Q 274 -47.30 -16.70 112.21
CA THR Q 274 -46.10 -15.91 112.06
C THR Q 274 -46.46 -14.43 111.91
N ALA Q 275 -45.53 -13.57 112.32
CA ALA Q 275 -45.71 -12.13 112.29
C ALA Q 275 -44.62 -11.47 111.45
N ILE Q 276 -44.76 -10.15 111.28
CA ILE Q 276 -43.75 -9.38 110.55
C ILE Q 276 -42.46 -9.36 111.35
N GLY Q 277 -41.34 -9.57 110.67
CA GLY Q 277 -40.05 -9.66 111.30
C GLY Q 277 -39.52 -11.08 111.42
N SER Q 278 -40.34 -12.08 111.12
CA SER Q 278 -39.92 -13.48 111.11
C SER Q 278 -40.14 -14.14 109.75
N GLN Q 279 -40.57 -13.38 108.75
CA GLN Q 279 -40.87 -13.96 107.44
C GLN Q 279 -39.61 -14.33 106.66
N SER Q 280 -38.51 -13.64 106.89
CA SER Q 280 -37.26 -13.89 106.18
C SER Q 280 -36.35 -14.87 106.90
N PHE Q 281 -36.81 -15.47 108.01
CA PHE Q 281 -36.00 -16.36 108.81
C PHE Q 281 -36.57 -17.76 108.96
N ARG Q 282 -37.81 -18.02 108.53
CA ARG Q 282 -38.39 -19.35 108.61
C ARG Q 282 -38.56 -19.96 107.22
N SER Q 283 -38.57 -21.29 107.18
CA SER Q 283 -38.97 -22.05 106.02
C SER Q 283 -40.38 -22.54 106.24
N LEU Q 284 -41.32 -22.08 105.42
CA LEU Q 284 -42.72 -22.45 105.56
C LEU Q 284 -42.95 -23.77 104.83
N THR Q 285 -43.03 -24.85 105.60
CA THR Q 285 -43.15 -26.20 105.04
C THR Q 285 -44.26 -26.95 105.78
N VAL Q 286 -44.63 -28.09 105.20
CA VAL Q 286 -45.68 -28.92 105.82
C VAL Q 286 -45.29 -29.39 107.22
N PRO Q 287 -44.08 -29.91 107.47
CA PRO Q 287 -43.76 -30.35 108.85
C PRO Q 287 -43.87 -29.22 109.86
N GLU Q 288 -43.36 -28.02 109.54
CA GLU Q 288 -43.43 -26.91 110.47
C GLU Q 288 -44.87 -26.53 110.76
N LEU Q 289 -45.71 -26.49 109.73
CA LEU Q 289 -47.13 -26.28 109.95
C LEU Q 289 -47.73 -27.36 110.84
N THR Q 290 -47.19 -28.59 110.75
CA THR Q 290 -47.72 -29.67 111.58
C THR Q 290 -47.35 -29.47 113.05
N GLN Q 291 -46.08 -29.16 113.34
CA GLN Q 291 -45.75 -28.89 114.75
C GLN Q 291 -46.48 -27.66 115.26
N GLN Q 292 -46.78 -26.70 114.38
CA GLN Q 292 -47.62 -25.59 114.79
C GLN Q 292 -49.08 -26.02 114.99
N MET Q 293 -49.49 -27.12 114.36
CA MET Q 293 -50.88 -27.57 114.51
C MET Q 293 -51.10 -28.24 115.85
N PHE Q 294 -50.23 -29.18 116.22
CA PHE Q 294 -50.37 -29.92 117.46
C PHE Q 294 -49.75 -29.19 118.65
N ASP Q 295 -49.19 -28.00 118.44
CA ASP Q 295 -48.66 -27.21 119.54
C ASP Q 295 -49.79 -26.84 120.50
N ALA Q 296 -49.52 -26.98 121.80
CA ALA Q 296 -50.56 -26.79 122.82
C ALA Q 296 -50.98 -25.34 122.98
N LYS Q 297 -50.27 -24.39 122.37
CA LYS Q 297 -50.57 -22.97 122.51
C LYS Q 297 -51.07 -22.34 121.22
N ASN Q 298 -51.58 -23.14 120.28
CA ASN Q 298 -52.00 -22.63 118.98
C ASN Q 298 -53.50 -22.75 118.72
N MET Q 299 -54.22 -23.58 119.47
CA MET Q 299 -55.66 -23.67 119.32
C MET Q 299 -56.35 -22.58 120.13
N MET Q 300 -57.60 -22.30 119.77
CA MET Q 300 -58.37 -21.20 120.35
C MET Q 300 -59.59 -21.71 121.13
N ALA Q 301 -59.48 -22.87 121.76
CA ALA Q 301 -60.61 -23.39 122.52
C ALA Q 301 -60.94 -22.53 123.74
N ALA Q 302 -59.95 -22.20 124.59
CA ALA Q 302 -58.57 -22.70 124.60
C ALA Q 302 -58.36 -23.57 125.84
N ALA Q 303 -57.91 -24.80 125.61
CA ALA Q 303 -57.72 -25.76 126.69
C ALA Q 303 -56.37 -26.47 126.50
N ASP Q 304 -56.15 -27.50 127.32
CA ASP Q 304 -54.87 -28.21 127.32
C ASP Q 304 -55.02 -29.51 126.57
N PRO Q 305 -54.33 -29.69 125.43
CA PRO Q 305 -54.53 -30.91 124.63
C PRO Q 305 -53.77 -32.12 125.14
N ARG Q 306 -52.58 -31.93 125.72
CA ARG Q 306 -51.78 -33.09 126.12
C ARG Q 306 -52.10 -33.58 127.52
N ASN Q 307 -53.04 -32.95 128.23
CA ASN Q 307 -53.55 -33.50 129.46
C ASN Q 307 -54.77 -34.38 129.24
N GLY Q 308 -55.42 -34.27 128.09
CA GLY Q 308 -56.53 -35.14 127.74
C GLY Q 308 -56.17 -36.05 126.58
N ARG Q 309 -57.09 -36.23 125.65
CA ARG Q 309 -56.80 -37.02 124.45
C ARG Q 309 -57.77 -36.61 123.35
N TYR Q 310 -57.35 -36.85 122.11
CA TYR Q 310 -58.18 -36.55 120.96
C TYR Q 310 -59.08 -37.74 120.63
N LEU Q 311 -60.24 -37.43 120.05
CA LEU Q 311 -61.14 -38.46 119.53
C LEU Q 311 -61.04 -38.61 118.01
N THR Q 312 -60.91 -37.50 117.29
CA THR Q 312 -60.63 -37.53 115.86
C THR Q 312 -60.11 -36.16 115.46
N VAL Q 313 -59.09 -36.13 114.60
CA VAL Q 313 -58.48 -34.89 114.15
C VAL Q 313 -58.53 -34.84 112.64
N ALA Q 314 -58.51 -33.63 112.09
CA ALA Q 314 -58.60 -33.42 110.66
C ALA Q 314 -57.61 -32.34 110.23
N ALA Q 315 -57.21 -32.44 108.97
CA ALA Q 315 -56.27 -31.48 108.37
C ALA Q 315 -56.88 -30.95 107.08
N PHE Q 316 -56.86 -29.63 106.92
CA PHE Q 316 -57.40 -28.96 105.74
C PHE Q 316 -56.29 -28.10 105.15
N PHE Q 317 -55.52 -28.70 104.24
CA PHE Q 317 -54.33 -28.06 103.71
C PHE Q 317 -54.64 -27.22 102.48
N ARG Q 318 -53.83 -26.19 102.27
CA ARG Q 318 -54.02 -25.24 101.18
C ARG Q 318 -52.69 -25.01 100.47
N GLY Q 319 -52.77 -24.79 99.16
CA GLY Q 319 -51.61 -24.42 98.36
C GLY Q 319 -51.01 -25.59 97.63
N LYS Q 320 -49.94 -25.29 96.89
CA LYS Q 320 -49.20 -26.27 96.11
C LYS Q 320 -48.46 -27.20 97.06
N VAL Q 321 -49.01 -28.39 97.29
CA VAL Q 321 -48.41 -29.36 98.19
C VAL Q 321 -48.37 -30.73 97.50
N SER Q 322 -47.29 -31.45 97.74
CA SER Q 322 -47.15 -32.81 97.26
C SER Q 322 -47.86 -33.78 98.21
N VAL Q 323 -48.34 -34.89 97.65
CA VAL Q 323 -49.08 -35.86 98.45
C VAL Q 323 -48.15 -36.55 99.46
N LYS Q 324 -46.87 -36.68 99.15
CA LYS Q 324 -45.97 -37.46 99.99
C LYS Q 324 -45.62 -36.74 101.29
N GLU Q 325 -45.45 -35.41 101.24
CA GLU Q 325 -45.06 -34.68 102.43
C GLU Q 325 -46.10 -34.83 103.53
N VAL Q 326 -47.37 -34.61 103.18
CA VAL Q 326 -48.43 -34.58 104.18
C VAL Q 326 -48.63 -35.97 104.79
N GLU Q 327 -48.63 -37.01 103.96
CA GLU Q 327 -48.81 -38.36 104.48
C GLU Q 327 -47.61 -38.81 105.29
N ASP Q 328 -46.39 -38.44 104.89
CA ASP Q 328 -45.21 -38.79 105.66
C ASP Q 328 -45.24 -38.13 107.04
N GLU Q 329 -45.60 -36.84 107.08
CA GLU Q 329 -45.73 -36.17 108.37
C GLU Q 329 -46.86 -36.78 109.20
N MET Q 330 -47.92 -37.27 108.54
CA MET Q 330 -49.00 -37.90 109.29
C MET Q 330 -48.56 -39.24 109.87
N HIS Q 331 -47.75 -40.00 109.13
CA HIS Q 331 -47.11 -41.17 109.73
C HIS Q 331 -46.26 -40.79 110.92
N LYS Q 332 -45.49 -39.70 110.81
CA LYS Q 332 -44.63 -39.28 111.90
C LYS Q 332 -45.45 -38.95 113.15
N VAL Q 333 -46.53 -38.18 112.99
CA VAL Q 333 -47.33 -37.78 114.14
C VAL Q 333 -48.08 -38.97 114.72
N GLN Q 334 -48.57 -39.88 113.87
CA GLN Q 334 -49.23 -41.07 114.37
C GLN Q 334 -48.26 -42.00 115.09
N SER Q 335 -46.97 -41.95 114.73
CA SER Q 335 -45.98 -42.76 115.43
C SER Q 335 -45.59 -42.14 116.77
N LYS Q 336 -45.41 -40.82 116.81
CA LYS Q 336 -44.96 -40.17 118.04
C LYS Q 336 -46.10 -39.75 118.96
N ASN Q 337 -47.28 -39.48 118.41
CA ASN Q 337 -48.44 -39.04 119.18
C ASN Q 337 -49.52 -40.12 119.29
N SER Q 338 -49.11 -41.39 119.31
CA SER Q 338 -50.08 -42.48 119.30
C SER Q 338 -50.83 -42.58 120.62
N ASP Q 339 -50.24 -42.12 121.72
CA ASP Q 339 -50.86 -42.29 123.03
C ASP Q 339 -52.16 -41.49 123.16
N TYR Q 340 -52.20 -40.28 122.60
CA TYR Q 340 -53.34 -39.40 122.77
C TYR Q 340 -54.44 -39.61 121.74
N PHE Q 341 -54.26 -40.53 120.81
CA PHE Q 341 -55.33 -40.88 119.87
C PHE Q 341 -56.18 -42.02 120.46
N VAL Q 342 -57.46 -42.01 120.12
CA VAL Q 342 -58.36 -43.06 120.60
C VAL Q 342 -57.96 -44.40 120.00
N GLU Q 343 -58.17 -45.45 120.77
CA GLU Q 343 -57.73 -46.81 120.40
C GLU Q 343 -58.83 -47.58 119.68
N TRP Q 344 -59.73 -46.90 118.98
CA TRP Q 344 -60.81 -47.58 118.28
C TRP Q 344 -61.02 -47.11 116.84
N ILE Q 345 -60.34 -46.07 116.37
CA ILE Q 345 -60.48 -45.67 114.97
C ILE Q 345 -59.60 -46.53 114.07
N PRO Q 346 -58.30 -46.72 114.35
CA PRO Q 346 -57.40 -46.13 115.35
C PRO Q 346 -56.60 -44.96 114.79
N ASN Q 347 -56.79 -44.68 113.51
CA ASN Q 347 -56.03 -43.65 112.80
C ASN Q 347 -56.92 -42.42 112.64
N ASN Q 348 -56.85 -41.53 113.62
CA ASN Q 348 -57.66 -40.31 113.63
C ASN Q 348 -57.09 -39.34 112.59
N VAL Q 349 -57.70 -39.29 111.41
CA VAL Q 349 -57.17 -38.47 110.33
C VAL Q 349 -58.28 -38.22 109.31
N GLN Q 350 -58.34 -36.97 108.85
CA GLN Q 350 -59.17 -36.57 107.70
C GLN Q 350 -58.41 -35.48 106.95
N THR Q 351 -58.12 -35.72 105.68
CA THR Q 351 -57.26 -34.85 104.90
C THR Q 351 -58.03 -34.22 103.74
N ALA Q 352 -57.70 -32.97 103.45
CA ALA Q 352 -58.27 -32.24 102.32
C ALA Q 352 -57.17 -31.38 101.71
N VAL Q 353 -57.20 -31.25 100.38
CA VAL Q 353 -56.17 -30.55 99.63
C VAL Q 353 -56.81 -29.40 98.87
N CYS Q 354 -56.23 -28.21 98.99
CA CYS Q 354 -56.67 -27.03 98.25
C CYS Q 354 -55.59 -26.63 97.25
N SER Q 355 -56.02 -26.07 96.12
CA SER Q 355 -55.08 -25.73 95.06
C SER Q 355 -54.43 -24.37 95.26
N VAL Q 356 -55.24 -23.31 95.39
CA VAL Q 356 -54.72 -21.94 95.43
C VAL Q 356 -54.05 -21.69 96.78
N ALA Q 357 -53.07 -20.81 96.77
CA ALA Q 357 -52.37 -20.43 97.99
C ALA Q 357 -53.17 -19.39 98.78
N PRO Q 358 -53.01 -19.37 100.10
CA PRO Q 358 -53.71 -18.35 100.89
C PRO Q 358 -53.22 -16.95 100.58
N GLN Q 359 -54.12 -15.98 100.75
CA GLN Q 359 -53.75 -14.59 100.53
C GLN Q 359 -52.79 -14.13 101.61
N GLY Q 360 -51.74 -13.42 101.18
CA GLY Q 360 -50.74 -12.93 102.11
C GLY Q 360 -49.79 -13.98 102.64
N LEU Q 361 -49.84 -15.20 102.12
CA LEU Q 361 -49.00 -16.29 102.59
C LEU Q 361 -48.75 -17.26 101.44
N ASP Q 362 -47.93 -18.26 101.71
CA ASP Q 362 -47.63 -19.28 100.72
C ASP Q 362 -48.37 -20.59 100.99
N MET Q 363 -48.29 -21.11 102.21
CA MET Q 363 -48.89 -22.38 102.57
C MET Q 363 -49.57 -22.20 103.92
N ALA Q 364 -50.77 -22.77 104.06
CA ALA Q 364 -51.53 -22.61 105.29
C ALA Q 364 -52.49 -23.78 105.44
N ALA Q 365 -53.07 -23.89 106.64
CA ALA Q 365 -53.97 -24.99 106.95
C ALA Q 365 -54.85 -24.59 108.13
N THR Q 366 -55.90 -25.38 108.34
CA THR Q 366 -56.80 -25.24 109.48
C THR Q 366 -56.89 -26.56 110.23
N PHE Q 367 -57.16 -26.47 111.53
CA PHE Q 367 -57.20 -27.64 112.41
C PHE Q 367 -58.59 -27.78 112.99
N ILE Q 368 -59.22 -28.93 112.75
CA ILE Q 368 -60.51 -29.27 113.32
C ILE Q 368 -60.40 -30.65 113.97
N ALA Q 369 -60.82 -30.76 115.22
CA ALA Q 369 -60.64 -32.00 115.97
C ALA Q 369 -61.70 -32.09 117.07
N ASN Q 370 -61.75 -33.25 117.71
CA ASN Q 370 -62.60 -33.50 118.87
C ASN Q 370 -61.72 -34.04 120.00
N SER Q 371 -61.76 -33.36 121.14
CA SER Q 371 -61.07 -33.81 122.34
C SER Q 371 -62.04 -33.80 123.52
N THR Q 372 -61.54 -34.21 124.68
CA THR Q 372 -62.34 -34.25 125.90
C THR Q 372 -62.14 -33.02 126.77
N SER Q 373 -61.61 -31.93 126.22
CA SER Q 373 -61.29 -30.74 127.01
C SER Q 373 -62.42 -29.72 127.05
N ILE Q 374 -63.50 -29.93 126.28
CA ILE Q 374 -64.60 -28.96 126.28
C ILE Q 374 -65.50 -29.17 127.50
N GLN Q 375 -65.55 -30.39 128.02
CA GLN Q 375 -66.32 -30.66 129.23
C GLN Q 375 -65.76 -29.88 130.42
N GLU Q 376 -64.46 -29.57 130.41
CA GLU Q 376 -63.89 -28.73 131.46
C GLU Q 376 -64.48 -27.33 131.42
N LEU Q 377 -64.58 -26.73 130.23
CA LEU Q 377 -65.22 -25.43 130.12
C LEU Q 377 -66.68 -25.51 130.53
N PHE Q 378 -67.38 -26.58 130.13
CA PHE Q 378 -68.77 -26.74 130.51
C PHE Q 378 -68.94 -26.82 132.02
N LYS Q 379 -68.09 -27.59 132.70
CA LYS Q 379 -68.22 -27.69 134.15
C LYS Q 379 -67.79 -26.38 134.83
N ARG Q 380 -66.86 -25.63 134.23
CA ARG Q 380 -66.55 -24.32 134.77
C ARG Q 380 -67.76 -23.41 134.74
N VAL Q 381 -68.47 -23.38 133.61
CA VAL Q 381 -69.68 -22.55 133.51
C VAL Q 381 -70.76 -23.05 134.47
N GLY Q 382 -70.91 -24.37 134.57
CA GLY Q 382 -71.89 -24.92 135.49
C GLY Q 382 -71.60 -24.58 136.94
N ASP Q 383 -70.31 -24.63 137.32
CA ASP Q 383 -69.92 -24.25 138.67
C ASP Q 383 -70.13 -22.76 138.91
N GLN Q 384 -69.89 -21.94 137.88
CA GLN Q 384 -70.21 -20.51 138.00
C GLN Q 384 -71.69 -20.30 138.29
N PHE Q 385 -72.56 -21.04 137.60
CA PHE Q 385 -73.99 -20.98 137.90
C PHE Q 385 -74.28 -21.44 139.31
N SER Q 386 -73.74 -22.61 139.69
CA SER Q 386 -74.04 -23.17 141.01
C SER Q 386 -73.50 -22.29 142.14
N ALA Q 387 -72.57 -21.40 141.84
CA ALA Q 387 -72.05 -20.48 142.85
C ALA Q 387 -72.84 -19.17 142.87
N MET Q 388 -72.90 -18.47 141.74
CA MET Q 388 -73.48 -17.14 141.72
C MET Q 388 -75.01 -17.16 141.78
N PHE Q 389 -75.65 -18.09 141.07
CA PHE Q 389 -77.09 -18.03 140.86
C PHE Q 389 -77.90 -18.70 141.95
N LYS Q 390 -77.25 -19.24 142.99
CA LYS Q 390 -78.00 -19.76 144.12
C LYS Q 390 -78.55 -18.67 145.02
N ARG Q 391 -78.04 -17.44 144.90
CA ARG Q 391 -78.56 -16.32 145.67
C ARG Q 391 -79.80 -15.70 145.04
N LYS Q 392 -80.11 -16.05 143.79
CA LYS Q 392 -81.25 -15.48 143.07
C LYS Q 392 -81.19 -13.96 143.04
N ALA Q 393 -79.99 -13.44 142.76
CA ALA Q 393 -79.76 -12.01 142.67
C ALA Q 393 -79.85 -11.58 141.21
N PHE Q 394 -80.65 -10.54 140.95
CA PHE Q 394 -80.90 -10.03 139.60
C PHE Q 394 -81.49 -11.08 138.68
N LEU Q 395 -82.13 -12.11 139.25
CA LEU Q 395 -82.73 -13.18 138.47
C LEU Q 395 -84.19 -12.89 138.11
N HIS Q 396 -84.82 -11.91 138.78
CA HIS Q 396 -86.21 -11.58 138.48
C HIS Q 396 -86.38 -10.94 137.12
N TRP Q 397 -85.31 -10.36 136.56
CA TRP Q 397 -85.41 -9.69 135.26
C TRP Q 397 -85.84 -10.64 134.16
N TYR Q 398 -85.58 -11.93 134.32
CA TYR Q 398 -85.98 -12.94 133.35
C TYR Q 398 -87.28 -13.64 133.73
N THR Q 399 -87.48 -13.94 135.01
CA THR Q 399 -88.73 -14.57 135.44
C THR Q 399 -89.92 -13.62 135.34
N SER Q 400 -89.68 -12.32 135.17
CA SER Q 400 -90.79 -11.39 134.99
C SER Q 400 -91.58 -11.68 133.73
N GLU Q 401 -90.92 -12.24 132.70
CA GLU Q 401 -91.57 -12.54 131.43
C GLU Q 401 -92.13 -13.96 131.36
N GLY Q 402 -91.92 -14.77 132.40
CA GLY Q 402 -92.50 -16.10 132.43
C GLY Q 402 -91.49 -17.22 132.34
N MET Q 403 -90.29 -17.00 132.88
CA MET Q 403 -89.27 -18.05 132.93
C MET Q 403 -89.43 -18.87 134.19
N ASP Q 404 -89.21 -20.19 134.05
CA ASP Q 404 -89.32 -21.13 135.15
C ASP Q 404 -87.99 -21.79 135.43
N GLU Q 405 -87.82 -22.26 136.67
CA GLU Q 405 -86.60 -22.96 137.05
C GLU Q 405 -86.47 -24.30 136.34
N LEU Q 406 -87.56 -24.81 135.76
CA LEU Q 406 -87.49 -26.07 135.03
C LEU Q 406 -86.55 -25.97 133.83
N GLU Q 407 -86.57 -24.83 133.13
CA GLU Q 407 -85.68 -24.64 131.98
C GLU Q 407 -84.22 -24.66 132.42
N PHE Q 408 -83.90 -23.98 133.52
CA PHE Q 408 -82.51 -23.96 134.00
C PHE Q 408 -82.07 -25.34 134.48
N SER Q 409 -82.94 -26.07 135.17
CA SER Q 409 -82.60 -27.43 135.58
C SER Q 409 -82.40 -28.33 134.37
N GLU Q 410 -83.22 -28.16 133.33
CA GLU Q 410 -83.05 -28.93 132.11
C GLU Q 410 -81.75 -28.59 131.39
N ALA Q 411 -81.35 -27.32 131.41
CA ALA Q 411 -80.07 -26.93 130.84
C ALA Q 411 -78.91 -27.56 131.61
N GLU Q 412 -79.01 -27.58 132.95
CA GLU Q 412 -77.99 -28.24 133.75
C GLU Q 412 -77.94 -29.74 133.44
N SER Q 413 -79.09 -30.37 133.27
CA SER Q 413 -79.12 -31.77 132.86
C SER Q 413 -78.49 -31.96 131.49
N ASN Q 414 -78.72 -31.00 130.58
CA ASN Q 414 -78.12 -31.08 129.25
C ASN Q 414 -76.61 -31.00 129.31
N MET Q 415 -76.06 -30.10 130.14
CA MET Q 415 -74.61 -30.01 130.23
C MET Q 415 -74.02 -31.22 130.94
N ASN Q 416 -74.76 -31.79 131.90
CA ASN Q 416 -74.36 -33.07 132.47
C ASN Q 416 -74.31 -34.17 131.42
N ASP Q 417 -75.31 -34.21 130.54
CA ASP Q 417 -75.33 -35.19 129.47
C ASP Q 417 -74.17 -34.98 128.50
N LEU Q 418 -73.85 -33.72 128.21
CA LEU Q 418 -72.70 -33.43 127.35
C LEU Q 418 -71.41 -33.90 127.99
N VAL Q 419 -71.25 -33.69 129.31
CA VAL Q 419 -70.06 -34.19 130.00
C VAL Q 419 -70.00 -35.72 129.92
N SER Q 420 -71.13 -36.39 130.16
CA SER Q 420 -71.15 -37.84 130.09
C SER Q 420 -70.79 -38.33 128.69
N GLU Q 421 -71.28 -37.64 127.66
CA GLU Q 421 -70.89 -37.95 126.29
C GLU Q 421 -69.39 -37.75 126.08
N TYR Q 422 -68.83 -36.71 126.70
CA TYR Q 422 -67.39 -36.49 126.69
C TYR Q 422 -66.64 -37.49 127.56
N GLN Q 423 -67.34 -38.44 128.17
CA GLN Q 423 -66.73 -39.49 128.98
C GLN Q 423 -67.22 -40.87 128.57
N GLN Q 424 -67.18 -41.16 127.26
CA GLN Q 424 -67.68 -42.43 126.74
C GLN Q 424 -66.62 -43.36 126.16
N TYR Q 425 -65.68 -42.95 125.27
CA TYR Q 425 -65.14 -41.61 124.96
C TYR Q 425 -64.55 -40.94 126.20
N GLN Q 426 -63.86 -41.73 127.00
CA GLN Q 426 -63.24 -41.24 128.23
C GLN Q 426 -62.06 -40.33 127.90
N GLU Q 427 -61.73 -39.47 128.85
CA GLU Q 427 -60.61 -38.55 128.70
C GLU Q 427 -59.28 -39.27 128.84
N MET R 1 97.74 15.31 47.65
CA MET R 1 98.58 16.41 48.10
C MET R 1 98.13 17.69 47.39
N ARG R 2 96.91 18.13 47.69
CA ARG R 2 96.31 19.26 47.01
C ARG R 2 95.69 20.31 47.93
N GLU R 3 95.26 19.92 49.14
CA GLU R 3 94.49 20.82 49.97
C GLU R 3 95.30 22.04 50.38
N ILE R 4 94.65 23.21 50.36
CA ILE R 4 95.27 24.49 50.66
C ILE R 4 94.49 25.17 51.77
N ILE R 5 95.20 25.65 52.79
CA ILE R 5 94.60 26.40 53.87
C ILE R 5 94.94 27.88 53.68
N HIS R 6 93.91 28.71 53.60
CA HIS R 6 94.07 30.13 53.31
C HIS R 6 94.06 30.91 54.63
N ILE R 7 95.21 31.46 54.99
CA ILE R 7 95.33 32.29 56.18
C ILE R 7 95.13 33.75 55.81
N SER R 8 94.32 34.46 56.59
CA SER R 8 94.00 35.86 56.34
C SER R 8 94.33 36.68 57.57
N THR R 9 95.03 37.79 57.37
CA THR R 9 95.34 38.72 58.45
C THR R 9 95.49 40.12 57.87
N GLY R 10 95.32 41.11 58.74
CA GLY R 10 95.44 42.50 58.34
C GLY R 10 94.13 43.07 57.80
N GLN R 11 94.06 44.40 57.79
CA GLN R 11 92.85 45.08 57.32
C GLN R 11 92.64 44.82 55.83
N CYS R 12 93.67 45.03 55.01
CA CYS R 12 93.55 44.74 53.58
C CYS R 12 93.51 43.24 53.33
N GLY R 13 94.17 42.44 54.16
CA GLY R 13 94.19 41.00 53.96
C GLY R 13 92.81 40.38 54.07
N ASN R 14 92.00 40.87 55.00
CA ASN R 14 90.64 40.34 55.15
C ASN R 14 89.82 40.58 53.88
N GLN R 15 89.90 41.79 53.33
CA GLN R 15 89.15 42.09 52.11
C GLN R 15 89.65 41.26 50.94
N ILE R 16 90.97 41.11 50.80
CA ILE R 16 91.52 40.31 49.70
C ILE R 16 91.08 38.86 49.84
N GLY R 17 91.14 38.31 51.06
CA GLY R 17 90.71 36.94 51.25
C GLY R 17 89.23 36.74 50.99
N ALA R 18 88.40 37.68 51.44
CA ALA R 18 86.97 37.59 51.17
C ALA R 18 86.69 37.61 49.67
N ALA R 19 87.29 38.56 48.95
CA ALA R 19 87.09 38.65 47.51
C ALA R 19 87.57 37.40 46.80
N PHE R 20 88.71 36.86 47.25
CA PHE R 20 89.16 35.57 46.73
C PHE R 20 88.11 34.49 46.97
N TRP R 21 87.43 34.54 48.11
CA TRP R 21 86.42 33.54 48.41
C TRP R 21 85.22 33.66 47.46
N GLU R 22 84.74 34.88 47.20
CA GLU R 22 83.65 34.99 46.23
C GLU R 22 84.11 34.57 44.83
N THR R 23 85.33 34.92 44.44
CA THR R 23 85.81 34.50 43.12
C THR R 23 85.89 32.99 43.01
N ILE R 24 86.35 32.32 44.07
CA ILE R 24 86.42 30.86 44.07
C ILE R 24 85.03 30.27 43.97
N CYS R 25 84.10 30.71 44.83
CA CYS R 25 82.77 30.13 44.82
C CYS R 25 82.01 30.44 43.53
N GLY R 26 82.40 31.49 42.81
CA GLY R 26 81.79 31.74 41.52
C GLY R 26 82.44 30.99 40.38
N GLU R 27 83.75 30.72 40.47
CA GLU R 27 84.44 30.04 39.38
C GLU R 27 84.15 28.55 39.35
N HIS R 28 83.98 27.92 40.52
CA HIS R 28 83.59 26.51 40.49
C HIS R 28 82.09 26.33 40.63
N GLY R 29 81.39 27.27 41.26
CA GLY R 29 79.95 27.22 41.34
C GLY R 29 79.45 26.61 42.63
N LEU R 30 78.99 27.44 43.55
CA LEU R 30 78.43 26.96 44.82
C LEU R 30 77.61 28.09 45.43
N ASP R 31 76.30 27.88 45.56
CA ASP R 31 75.45 28.88 46.20
C ASP R 31 75.67 28.87 47.71
N PHE R 32 75.35 29.99 48.35
CA PHE R 32 75.65 30.18 49.75
C PHE R 32 74.74 29.39 50.69
N ASN R 33 73.65 28.80 50.18
CA ASN R 33 72.74 28.03 51.01
C ASN R 33 73.09 26.55 51.03
N GLY R 34 74.16 26.14 50.35
CA GLY R 34 74.56 24.75 50.35
C GLY R 34 73.96 23.94 49.22
N THR R 35 73.92 24.52 48.02
CA THR R 35 73.37 23.85 46.85
C THR R 35 74.50 23.49 45.90
N TYR R 36 74.54 22.23 45.47
CA TYR R 36 75.58 21.77 44.57
C TYR R 36 75.34 22.30 43.16
N HIS R 37 76.39 22.87 42.56
CA HIS R 37 76.29 23.42 41.23
C HIS R 37 77.48 23.06 40.35
N GLY R 38 78.31 22.10 40.76
CA GLY R 38 79.44 21.70 39.95
C GLY R 38 79.01 20.97 38.69
N HIS R 39 79.81 21.12 37.64
CA HIS R 39 79.53 20.49 36.35
C HIS R 39 80.85 20.02 35.75
N ASP R 40 81.10 18.72 35.83
CA ASP R 40 80.22 17.80 36.55
C ASP R 40 80.97 17.06 37.65
N ASP R 41 82.14 16.51 37.28
CA ASP R 41 82.97 15.75 38.20
C ASP R 41 84.19 16.54 38.67
N ILE R 42 84.93 17.12 37.73
CA ILE R 42 86.19 17.81 38.06
C ILE R 42 85.95 18.97 39.01
N GLN R 43 84.73 19.51 39.06
CA GLN R 43 84.39 20.58 39.98
C GLN R 43 83.93 20.07 41.34
N LYS R 44 84.05 18.77 41.60
CA LYS R 44 83.63 18.18 42.87
C LYS R 44 84.78 17.68 43.72
N GLU R 45 85.74 16.96 43.13
CA GLU R 45 86.89 16.52 43.91
C GLU R 45 87.89 17.64 44.17
N ARG R 46 87.88 18.69 43.35
CA ARG R 46 88.81 19.80 43.51
C ARG R 46 88.36 20.84 44.52
N LEU R 47 87.10 20.80 44.95
CA LEU R 47 86.65 21.73 45.99
C LEU R 47 87.03 21.26 47.38
N ASN R 48 87.54 20.04 47.52
CA ASN R 48 88.10 19.59 48.79
C ASN R 48 89.36 20.37 49.18
N VAL R 49 89.98 21.06 48.22
CA VAL R 49 91.17 21.85 48.50
C VAL R 49 90.85 22.97 49.48
N TYR R 50 89.73 23.67 49.27
CA TYR R 50 89.37 24.80 50.11
C TYR R 50 88.25 24.50 51.10
N PHE R 51 87.35 23.57 50.78
CA PHE R 51 86.20 23.26 51.61
C PHE R 51 86.28 21.84 52.13
N ASN R 52 85.58 21.60 53.24
CA ASN R 52 85.48 20.27 53.83
C ASN R 52 84.01 19.90 53.98
N GLU R 53 83.71 18.61 53.83
CA GLU R 53 82.33 18.14 53.82
C GLU R 53 81.78 18.14 55.25
N ALA R 54 80.77 18.98 55.48
CA ALA R 54 80.07 19.02 56.75
C ALA R 54 78.88 18.05 56.71
N SER R 55 78.04 18.09 57.73
CA SER R 55 76.88 17.22 57.78
C SER R 55 75.82 17.68 56.77
N SER R 56 74.97 16.74 56.37
CA SER R 56 73.85 17.00 55.44
C SER R 56 74.34 17.56 54.11
N GLY R 57 75.49 17.08 53.63
CA GLY R 57 76.01 17.52 52.35
C GLY R 57 76.38 18.98 52.29
N LYS R 58 76.91 19.54 53.38
CA LYS R 58 77.30 20.94 53.45
C LYS R 58 78.81 21.07 53.32
N TRP R 59 79.25 22.11 52.63
CA TRP R 59 80.67 22.40 52.45
C TRP R 59 81.02 23.68 53.19
N VAL R 60 82.06 23.62 54.02
CA VAL R 60 82.47 24.76 54.82
C VAL R 60 83.95 25.02 54.61
N PRO R 61 84.41 26.27 54.65
CA PRO R 61 85.82 26.55 54.39
C PRO R 61 86.71 26.14 55.54
N ARG R 62 87.97 25.86 55.20
CA ARG R 62 89.04 25.63 56.17
C ARG R 62 90.02 26.80 56.05
N SER R 63 89.71 27.89 56.75
CA SER R 63 90.49 29.11 56.67
C SER R 63 90.44 29.83 57.99
N ILE R 64 91.60 30.17 58.52
CA ILE R 64 91.71 30.86 59.81
C ILE R 64 91.94 32.34 59.51
N ASN R 65 90.94 33.16 59.78
CA ASN R 65 91.05 34.61 59.63
C ASN R 65 91.28 35.23 61.01
N VAL R 66 92.35 36.03 61.12
CA VAL R 66 92.73 36.64 62.39
C VAL R 66 92.92 38.13 62.18
N ASP R 67 92.38 38.93 63.10
CA ASP R 67 92.55 40.38 63.07
C ASP R 67 92.18 40.91 64.44
N LEU R 68 92.88 41.96 64.86
CA LEU R 68 92.66 42.54 66.18
C LEU R 68 91.44 43.46 66.22
N GLU R 69 90.89 43.84 65.08
CA GLU R 69 89.66 44.61 65.03
C GLU R 69 88.52 43.70 64.58
N PRO R 70 87.44 43.59 65.34
CA PRO R 70 86.36 42.65 65.00
C PRO R 70 85.27 43.22 64.09
N GLY R 71 85.49 44.38 63.48
CA GLY R 71 84.46 44.99 62.66
C GLY R 71 84.42 44.47 61.23
N THR R 72 85.48 43.79 60.81
CA THR R 72 85.53 43.30 59.43
C THR R 72 84.66 42.06 59.24
N ILE R 73 84.53 41.21 60.26
CA ILE R 73 83.73 40.00 60.12
C ILE R 73 82.25 40.31 60.05
N ASP R 74 81.81 41.42 60.66
CA ASP R 74 80.43 41.83 60.53
C ASP R 74 80.09 42.17 59.09
N ALA R 75 81.03 42.81 58.38
CA ALA R 75 80.90 43.08 56.95
C ALA R 75 81.27 41.88 56.09
N VAL R 76 81.33 40.68 56.67
CA VAL R 76 81.62 39.46 55.96
C VAL R 76 80.48 38.45 56.08
N ARG R 77 80.00 38.21 57.30
CA ARG R 77 78.94 37.22 57.50
C ARG R 77 77.59 37.74 57.01
N ASN R 78 77.33 39.04 57.15
CA ASN R 78 76.06 39.62 56.71
C ASN R 78 76.11 40.16 55.29
N SER R 79 77.31 40.33 54.73
CA SER R 79 77.51 40.84 53.38
C SER R 79 77.50 39.66 52.40
N ALA R 80 78.07 39.85 51.21
CA ALA R 80 78.14 38.82 50.19
C ALA R 80 78.91 37.61 50.72
N ILE R 81 79.05 36.57 49.90
CA ILE R 81 79.13 35.20 50.40
C ILE R 81 80.28 35.02 51.38
N GLY R 82 79.91 34.88 52.66
CA GLY R 82 80.81 34.48 53.73
C GLY R 82 80.06 33.66 54.75
N ASN R 83 78.80 33.35 54.43
CA ASN R 83 77.95 32.62 55.36
C ASN R 83 78.40 31.19 55.58
N LEU R 84 79.18 30.63 54.66
CA LEU R 84 79.71 29.29 54.83
C LEU R 84 80.74 29.22 55.95
N PHE R 85 81.30 30.35 56.38
CA PHE R 85 82.34 30.38 57.39
C PHE R 85 81.78 29.87 58.72
N ARG R 86 82.40 28.82 59.24
CA ARG R 86 82.00 28.28 60.54
C ARG R 86 82.36 29.27 61.64
N PRO R 87 81.58 29.32 62.72
CA PRO R 87 81.85 30.32 63.78
C PRO R 87 83.20 30.15 64.45
N ASP R 88 83.76 28.94 64.46
CA ASP R 88 85.08 28.74 65.07
C ASP R 88 86.18 29.39 64.25
N ASN R 89 85.96 29.64 62.96
CA ASN R 89 86.95 30.31 62.12
C ASN R 89 87.19 31.75 62.54
N TYR R 90 86.28 32.33 63.33
CA TYR R 90 86.40 33.73 63.73
C TYR R 90 87.28 33.80 64.98
N ILE R 91 88.57 34.10 64.77
CA ILE R 91 89.50 34.34 65.86
C ILE R 91 89.84 35.82 65.82
N PHE R 92 89.19 36.61 66.68
CA PHE R 92 89.39 38.05 66.74
C PHE R 92 89.54 38.48 68.19
N GLY R 93 90.25 39.59 68.38
CA GLY R 93 90.46 40.11 69.72
C GLY R 93 90.21 41.60 69.81
N GLN R 94 90.78 42.24 70.83
CA GLN R 94 90.65 43.68 71.03
C GLN R 94 92.01 44.27 71.37
N SER R 95 92.33 45.43 70.79
CA SER R 95 91.44 46.10 69.86
C SER R 95 92.17 46.43 68.55
N SER R 96 93.48 46.62 68.64
CA SER R 96 94.30 46.92 67.49
C SER R 96 95.76 46.68 67.85
N ALA R 97 96.60 46.58 66.83
CA ALA R 97 98.03 46.42 67.01
C ALA R 97 98.76 47.75 67.15
N GLY R 98 98.04 48.87 67.07
CA GLY R 98 98.65 50.17 67.13
C GLY R 98 99.20 50.70 65.83
N ASN R 99 99.01 49.95 64.73
CA ASN R 99 99.53 50.32 63.41
C ASN R 99 101.04 50.52 63.44
N VAL R 100 101.74 49.74 64.28
CA VAL R 100 103.18 49.84 64.45
C VAL R 100 103.75 48.43 64.49
N TRP R 101 105.08 48.36 64.53
CA TRP R 101 105.79 47.08 64.57
C TRP R 101 106.23 46.69 65.97
N ALA R 102 106.47 47.66 66.86
CA ALA R 102 106.86 47.34 68.22
C ALA R 102 105.75 46.67 69.01
N LYS R 103 104.49 47.06 68.77
CA LYS R 103 103.35 46.47 69.46
C LYS R 103 102.61 45.45 68.61
N GLY R 104 103.01 45.27 67.35
CA GLY R 104 102.30 44.33 66.49
C GLY R 104 102.43 42.89 66.97
N HIS R 105 103.66 42.43 67.17
CA HIS R 105 103.89 41.07 67.62
C HIS R 105 104.98 40.93 68.67
N TYR R 106 105.69 41.99 69.04
CA TYR R 106 106.84 41.82 69.93
C TYR R 106 106.40 41.58 71.37
N THR R 107 105.38 42.31 71.83
CA THR R 107 104.94 42.21 73.22
C THR R 107 103.51 41.70 73.37
N GLU R 108 102.56 42.33 72.68
CA GLU R 108 101.15 41.98 72.83
C GLU R 108 100.64 41.04 71.76
N GLY R 109 101.33 40.93 70.62
CA GLY R 109 100.87 40.07 69.55
C GLY R 109 101.18 38.60 69.75
N ALA R 110 101.89 38.26 70.82
CA ALA R 110 102.29 36.89 71.08
C ALA R 110 101.39 36.19 72.10
N GLU R 111 100.21 36.73 72.37
CA GLU R 111 99.31 36.16 73.38
C GLU R 111 98.30 35.19 72.78
N LEU R 112 97.46 35.68 71.87
CA LEU R 112 96.45 34.83 71.23
C LEU R 112 97.02 33.98 70.11
N VAL R 113 98.27 34.25 69.68
CA VAL R 113 98.83 33.50 68.58
C VAL R 113 99.14 32.07 68.98
N ASP R 114 99.26 31.79 70.28
CA ASP R 114 99.36 30.40 70.73
C ASP R 114 98.09 29.63 70.41
N SER R 115 96.93 30.24 70.67
CA SER R 115 95.67 29.61 70.29
C SER R 115 95.56 29.49 68.78
N VAL R 116 96.07 30.47 68.04
CA VAL R 116 96.10 30.38 66.58
C VAL R 116 96.92 29.18 66.14
N MET R 117 98.08 28.98 66.77
CA MET R 117 98.94 27.84 66.43
C MET R 117 98.24 26.53 66.78
N ASP R 118 97.53 26.50 67.90
CA ASP R 118 96.79 25.29 68.27
C ASP R 118 95.70 24.96 67.25
N VAL R 119 94.95 25.98 66.80
CA VAL R 119 93.90 25.69 65.83
C VAL R 119 94.51 25.32 64.48
N ILE R 120 95.69 25.87 64.14
CA ILE R 120 96.39 25.42 62.94
C ILE R 120 96.77 23.96 63.06
N ARG R 121 97.25 23.54 64.22
CA ARG R 121 97.55 22.12 64.42
C ARG R 121 96.31 21.26 64.25
N ARG R 122 95.19 21.66 64.87
CA ARG R 122 94.00 20.83 64.83
C ARG R 122 93.45 20.75 63.41
N GLU R 123 93.56 21.84 62.64
CA GLU R 123 93.23 21.77 61.22
C GLU R 123 94.23 20.89 60.46
N ALA R 124 95.47 20.82 60.94
CA ALA R 124 96.47 19.99 60.28
C ALA R 124 96.12 18.52 60.38
N GLU R 125 95.79 18.04 61.59
CA GLU R 125 95.32 16.64 61.64
C GLU R 125 93.90 16.50 61.10
N GLY R 126 93.15 17.61 61.01
CA GLY R 126 91.88 17.56 60.31
C GLY R 126 92.01 17.50 58.81
N CYS R 127 93.18 17.87 58.28
CA CYS R 127 93.45 17.84 56.85
C CYS R 127 94.21 16.57 56.49
N ASP R 128 94.00 16.10 55.26
CA ASP R 128 94.62 14.87 54.79
C ASP R 128 95.71 15.08 53.77
N SER R 129 95.61 16.10 52.92
CA SER R 129 96.56 16.34 51.84
C SER R 129 96.98 17.81 51.82
N LEU R 130 97.37 18.32 52.98
CA LEU R 130 97.82 19.71 53.09
C LEU R 130 99.01 19.96 52.18
N GLN R 131 98.87 20.98 51.31
CA GLN R 131 99.84 21.27 50.28
C GLN R 131 100.62 22.56 50.53
N GLY R 132 99.92 23.68 50.71
CA GLY R 132 100.58 24.97 50.85
C GLY R 132 99.80 25.87 51.79
N PHE R 133 100.36 27.05 52.01
CA PHE R 133 99.82 28.03 52.94
C PHE R 133 99.75 29.38 52.24
N GLN R 134 98.53 29.93 52.12
CA GLN R 134 98.32 31.22 51.47
C GLN R 134 98.06 32.26 52.54
N ILE R 135 98.82 33.36 52.51
CA ILE R 135 98.66 34.47 53.43
C ILE R 135 98.53 35.75 52.63
N THR R 136 97.56 36.58 53.00
CA THR R 136 97.37 37.90 52.41
C THR R 136 97.45 38.94 53.53
N HIS R 137 98.36 39.90 53.38
CA HIS R 137 98.57 40.92 54.40
C HIS R 137 99.15 42.16 53.75
N SER R 138 99.35 43.20 54.55
CA SER R 138 99.90 44.46 54.10
C SER R 138 101.33 44.62 54.64
N LEU R 139 102.25 44.99 53.76
CA LEU R 139 103.64 45.16 54.16
C LEU R 139 103.79 46.32 55.14
N GLY R 140 103.11 47.43 54.92
CA GLY R 140 103.23 48.59 55.79
C GLY R 140 102.18 48.64 56.88
N GLY R 141 101.15 47.79 56.77
CA GLY R 141 100.11 47.78 57.78
C GLY R 141 100.63 47.22 59.10
N GLY R 142 100.11 47.80 60.18
CA GLY R 142 100.54 47.40 61.51
C GLY R 142 100.21 45.97 61.86
N THR R 143 98.98 45.55 61.59
CA THR R 143 98.57 44.20 61.91
C THR R 143 99.21 43.18 60.97
N GLY R 144 99.09 43.40 59.66
CA GLY R 144 99.61 42.43 58.71
C GLY R 144 101.10 42.22 58.84
N SER R 145 101.87 43.31 58.88
CA SER R 145 103.31 43.19 59.08
C SER R 145 103.65 42.78 60.51
N GLY R 146 102.76 43.06 61.46
CA GLY R 146 103.04 42.75 62.85
C GLY R 146 103.08 41.27 63.15
N MET R 147 101.92 40.61 63.13
CA MET R 147 101.93 39.18 63.47
C MET R 147 102.05 38.29 62.25
N GLY R 148 102.07 38.85 61.04
CA GLY R 148 102.24 38.02 59.85
C GLY R 148 103.58 37.31 59.85
N THR R 149 104.65 38.05 60.12
CA THR R 149 105.98 37.45 60.16
C THR R 149 106.10 36.41 61.27
N LEU R 150 105.46 36.65 62.40
CA LEU R 150 105.56 35.71 63.52
C LEU R 150 104.75 34.45 63.23
N LEU R 151 103.61 34.59 62.54
CA LEU R 151 102.90 33.42 62.03
C LEU R 151 103.76 32.64 61.04
N ILE R 152 104.50 33.36 60.18
CA ILE R 152 105.43 32.69 59.28
C ILE R 152 106.47 31.92 60.07
N SER R 153 106.95 32.52 61.16
CA SER R 153 107.94 31.84 62.00
C SER R 153 107.39 30.54 62.57
N LYS R 154 106.17 30.58 63.11
CA LYS R 154 105.60 29.33 63.64
C LYS R 154 105.34 28.32 62.53
N ILE R 155 104.85 28.77 61.37
CA ILE R 155 104.51 27.81 60.33
C ILE R 155 105.77 27.18 59.76
N ARG R 156 106.91 27.87 59.85
CA ARG R 156 108.19 27.24 59.53
C ARG R 156 108.62 26.29 60.63
N GLU R 157 108.40 26.68 61.90
CA GLU R 157 108.83 25.86 63.03
C GLU R 157 108.11 24.51 63.04
N GLU R 158 106.81 24.51 62.81
CA GLU R 158 106.01 23.29 62.91
C GLU R 158 105.96 22.52 61.60
N PHE R 159 106.21 23.16 60.47
CA PHE R 159 106.24 22.49 59.16
C PHE R 159 107.56 22.79 58.47
N PRO R 160 108.60 22.01 58.71
CA PRO R 160 109.88 22.24 58.04
C PRO R 160 109.93 21.72 56.60
N ASP R 161 108.93 20.94 56.17
CA ASP R 161 108.90 20.39 54.83
C ASP R 161 107.88 21.10 53.93
N ARG R 162 107.14 22.07 54.45
CA ARG R 162 106.13 22.78 53.69
C ARG R 162 106.64 24.18 53.35
N MET R 163 106.59 24.53 52.07
CA MET R 163 106.97 25.87 51.65
C MET R 163 105.90 26.87 52.06
N MET R 164 106.25 28.16 51.97
CA MET R 164 105.35 29.23 52.35
C MET R 164 105.18 30.19 51.19
N ALA R 165 103.94 30.63 50.96
CA ALA R 165 103.61 31.60 49.92
C ALA R 165 103.10 32.88 50.56
N THR R 166 103.70 34.01 50.18
CA THR R 166 103.33 35.31 50.74
C THR R 166 102.95 36.25 49.60
N PHE R 167 101.91 37.04 49.83
CA PHE R 167 101.39 37.98 48.84
C PHE R 167 101.15 39.35 49.49
N SER R 168 102.16 39.82 50.22
CA SER R 168 102.07 41.11 50.89
C SER R 168 101.99 42.23 49.87
N VAL R 169 101.23 43.27 50.20
CA VAL R 169 101.07 44.43 49.33
C VAL R 169 102.15 45.46 49.67
N LEU R 170 102.99 45.77 48.70
CA LEU R 170 104.11 46.68 48.94
C LEU R 170 103.66 48.12 48.78
N PRO R 171 103.76 48.95 49.81
CA PRO R 171 103.40 50.37 49.65
C PRO R 171 104.35 51.07 48.67
N SER R 172 103.79 52.04 47.95
CA SER R 172 104.59 52.80 47.00
C SER R 172 105.50 53.78 47.72
N PRO R 173 106.69 54.05 47.16
CA PRO R 173 107.61 55.00 47.79
C PRO R 173 107.17 56.45 47.69
N LYS R 174 106.10 56.75 46.95
CA LYS R 174 105.64 58.13 46.78
C LYS R 174 104.38 58.46 47.56
N THR R 175 103.67 57.47 48.07
CA THR R 175 102.47 57.68 48.88
C THR R 175 102.77 57.32 50.33
N SER R 176 102.46 58.23 51.25
CA SER R 176 102.74 58.05 52.67
C SER R 176 101.44 58.26 53.46
N ASP R 177 100.72 57.17 53.71
CA ASP R 177 99.55 57.25 54.59
C ASP R 177 99.97 57.62 56.01
N THR R 178 101.06 57.03 56.49
CA THR R 178 101.63 57.37 57.78
C THR R 178 103.14 57.47 57.65
N VAL R 179 103.75 58.19 58.58
CA VAL R 179 105.19 58.45 58.52
C VAL R 179 106.01 57.18 58.72
N VAL R 180 105.43 56.14 59.32
CA VAL R 180 106.18 54.94 59.69
C VAL R 180 105.72 53.73 58.86
N GLU R 181 104.99 53.95 57.77
CA GLU R 181 104.61 52.83 56.91
C GLU R 181 105.80 52.12 56.29
N PRO R 182 106.75 52.81 55.65
CA PRO R 182 107.96 52.09 55.19
C PRO R 182 108.77 51.52 56.34
N TYR R 183 108.73 52.16 57.51
CA TYR R 183 109.43 51.62 58.68
C TYR R 183 108.88 50.26 59.06
N ASN R 184 107.56 50.13 59.16
CA ASN R 184 106.94 48.83 59.43
C ASN R 184 107.21 47.85 58.31
N ALA R 185 107.16 48.32 57.05
CA ALA R 185 107.42 47.45 55.92
C ALA R 185 108.80 46.82 56.00
N THR R 186 109.82 47.64 56.34
CA THR R 186 111.17 47.12 56.41
C THR R 186 111.39 46.27 57.65
N LEU R 187 110.76 46.63 58.77
CA LEU R 187 110.85 45.78 59.95
C LEU R 187 110.17 44.42 59.71
N SER R 188 109.22 44.36 58.78
CA SER R 188 108.61 43.09 58.42
C SER R 188 109.49 42.30 57.46
N VAL R 189 110.01 42.95 56.42
CA VAL R 189 110.87 42.25 55.46
C VAL R 189 112.19 41.83 56.10
N HIS R 190 112.54 42.41 57.25
CA HIS R 190 113.71 41.96 57.99
C HIS R 190 113.65 40.48 58.31
N GLN R 191 112.44 39.96 58.59
CA GLN R 191 112.25 38.53 58.82
C GLN R 191 111.56 37.83 57.67
N LEU R 192 110.90 38.58 56.78
CA LEU R 192 110.24 37.96 55.63
C LEU R 192 111.24 37.25 54.72
N VAL R 193 112.39 37.89 54.47
CA VAL R 193 113.41 37.28 53.62
C VAL R 193 114.01 36.05 54.28
N GLU R 194 114.05 36.01 55.61
CA GLU R 194 114.63 34.89 56.34
C GLU R 194 113.63 33.80 56.65
N HIS R 195 112.35 33.97 56.29
CA HIS R 195 111.34 33.00 56.64
C HIS R 195 110.39 32.64 55.50
N SER R 196 110.52 33.25 54.32
CA SER R 196 109.63 32.98 53.21
C SER R 196 110.40 32.38 52.04
N ASP R 197 109.69 31.61 51.21
CA ASP R 197 110.29 30.98 50.04
C ASP R 197 109.96 31.70 48.74
N GLU R 198 108.84 32.40 48.66
CA GLU R 198 108.50 33.19 47.47
C GLU R 198 107.49 34.26 47.87
N THR R 199 107.47 35.34 47.09
CA THR R 199 106.57 36.45 47.37
C THR R 199 106.26 37.19 46.08
N PHE R 200 105.16 37.94 46.09
CA PHE R 200 104.71 38.73 44.95
C PHE R 200 104.73 40.21 45.29
N CYS R 201 105.13 41.02 44.32
CA CYS R 201 105.17 42.48 44.49
C CYS R 201 103.84 43.05 44.01
N ILE R 202 103.10 43.65 44.93
CA ILE R 202 101.79 44.23 44.64
C ILE R 202 101.83 45.70 45.04
N ASP R 203 101.45 46.58 44.11
CA ASP R 203 101.40 48.01 44.36
C ASP R 203 100.03 48.54 43.97
N ASN R 204 99.40 49.30 44.87
CA ASN R 204 98.06 49.82 44.61
C ASN R 204 98.08 50.92 43.54
N GLU R 205 99.16 51.70 43.47
CA GLU R 205 99.24 52.76 42.48
C GLU R 205 99.31 52.19 41.07
N ALA R 206 99.96 51.04 40.89
CA ALA R 206 99.92 50.36 39.59
C ALA R 206 98.50 49.96 39.24
N LEU R 207 97.74 49.48 40.24
CA LEU R 207 96.35 49.15 40.00
C LEU R 207 95.54 50.38 39.59
N TYR R 208 95.78 51.51 40.24
CA TYR R 208 95.11 52.75 39.86
C TYR R 208 95.47 53.15 38.43
N ASP R 209 96.75 53.02 38.07
CA ASP R 209 97.18 53.37 36.73
C ASP R 209 96.52 52.47 35.68
N ILE R 210 96.45 51.17 35.94
CA ILE R 210 95.84 50.28 34.97
C ILE R 210 94.33 50.48 34.92
N CYS R 211 93.72 50.91 36.03
CA CYS R 211 92.29 51.22 36.00
C CYS R 211 92.02 52.48 35.19
N GLN R 212 92.85 53.50 35.33
CA GLN R 212 92.65 54.74 34.59
C GLN R 212 93.13 54.64 33.15
N ARG R 213 93.90 53.62 32.80
CA ARG R 213 94.38 53.44 31.43
C ARG R 213 93.41 52.60 30.59
N THR R 214 93.14 51.37 31.05
CA THR R 214 92.29 50.44 30.30
C THR R 214 90.87 50.39 30.84
N LEU R 215 90.69 50.34 32.16
CA LEU R 215 89.35 50.25 32.73
C LEU R 215 88.60 51.57 32.66
N LYS R 216 89.32 52.68 32.68
CA LYS R 216 88.71 54.01 32.73
C LYS R 216 87.74 54.13 33.91
N LEU R 217 88.15 53.59 35.06
CA LEU R 217 87.32 53.60 36.24
C LEU R 217 87.22 55.00 36.82
N ASN R 218 85.99 55.45 37.10
CA ASN R 218 85.76 56.78 37.63
C ASN R 218 85.80 56.84 39.14
N GLN R 219 85.35 55.78 39.81
CA GLN R 219 85.30 55.75 41.27
C GLN R 219 86.43 54.88 41.80
N PRO R 220 87.37 55.42 42.58
CA PRO R 220 88.44 54.58 43.13
C PRO R 220 87.91 53.63 44.20
N SER R 221 87.82 52.35 43.86
CA SER R 221 87.24 51.34 44.74
C SER R 221 88.24 50.21 44.94
N TYR R 222 88.41 49.80 46.20
CA TYR R 222 89.29 48.68 46.51
C TYR R 222 88.68 47.34 46.13
N GLY R 223 87.36 47.30 45.92
CA GLY R 223 86.72 46.04 45.56
C GLY R 223 87.13 45.52 44.19
N ASP R 224 87.22 46.40 43.20
CA ASP R 224 87.66 45.98 41.87
C ASP R 224 89.11 45.51 41.90
N LEU R 225 89.95 46.20 42.67
CA LEU R 225 91.35 45.79 42.79
C LEU R 225 91.46 44.43 43.45
N ASN R 226 90.63 44.20 44.48
CA ASN R 226 90.58 42.88 45.11
C ASN R 226 90.11 41.82 44.12
N ASN R 227 89.13 42.15 43.29
CA ASN R 227 88.67 41.21 42.28
C ASN R 227 89.79 40.84 41.32
N LEU R 228 90.56 41.84 40.88
CA LEU R 228 91.66 41.57 39.96
C LEU R 228 92.73 40.69 40.60
N VAL R 229 93.14 41.04 41.83
CA VAL R 229 94.19 40.27 42.47
C VAL R 229 93.71 38.87 42.81
N SER R 230 92.41 38.71 43.11
CA SER R 230 91.88 37.38 43.39
C SER R 230 91.78 36.54 42.13
N SER R 231 91.46 37.16 41.00
CA SER R 231 91.49 36.44 39.73
C SER R 231 92.90 35.97 39.41
N VAL R 232 93.89 36.82 39.66
CA VAL R 232 95.29 36.42 39.46
C VAL R 232 95.64 35.26 40.39
N MET R 233 95.23 35.36 41.66
CA MET R 233 95.54 34.30 42.63
C MET R 233 94.88 32.98 42.26
N SER R 234 93.64 33.02 41.76
CA SER R 234 93.01 31.80 41.26
C SER R 234 93.76 31.26 40.05
N GLY R 235 94.18 32.14 39.14
CA GLY R 235 94.88 31.71 37.94
C GLY R 235 96.19 31.03 38.19
N VAL R 236 96.94 31.43 39.24
CA VAL R 236 98.22 30.79 39.51
C VAL R 236 98.08 29.37 40.02
N THR R 237 96.87 28.93 40.39
CA THR R 237 96.63 27.58 40.85
C THR R 237 95.62 26.80 40.02
N THR R 238 95.02 27.42 38.99
CA THR R 238 94.19 26.67 38.07
C THR R 238 94.95 25.52 37.42
N SER R 239 96.25 25.71 37.18
CA SER R 239 97.06 24.64 36.61
C SER R 239 97.11 23.42 37.53
N LEU R 240 97.24 23.66 38.83
CA LEU R 240 97.25 22.55 39.78
C LEU R 240 95.87 21.90 39.89
N ARG R 241 94.82 22.70 40.04
CA ARG R 241 93.51 22.12 40.28
C ARG R 241 92.76 21.80 38.99
N TYR R 242 93.34 22.04 37.83
CA TYR R 242 92.77 21.60 36.55
C TYR R 242 93.90 21.09 35.68
N PRO R 243 93.87 19.81 35.28
CA PRO R 243 94.98 19.24 34.51
C PRO R 243 95.12 19.89 33.14
N GLY R 244 96.37 19.95 32.67
CA GLY R 244 96.68 20.45 31.35
C GLY R 244 97.88 19.72 30.76
N GLN R 245 98.55 20.34 29.79
CA GLN R 245 99.76 19.74 29.25
C GLN R 245 100.87 19.67 30.29
N LEU R 246 101.02 20.73 31.09
CA LEU R 246 102.03 20.79 32.14
C LEU R 246 101.42 21.44 33.37
N ASN R 247 101.03 20.62 34.35
CA ASN R 247 100.53 21.17 35.61
C ASN R 247 101.66 21.79 36.40
N SER R 248 101.36 22.92 37.04
CA SER R 248 102.35 23.68 37.81
C SER R 248 101.95 23.72 39.27
N ASP R 249 102.95 23.61 40.15
CA ASP R 249 102.76 23.65 41.58
C ASP R 249 103.68 24.70 42.19
N LEU R 250 103.37 25.11 43.41
CA LEU R 250 104.17 26.12 44.09
C LEU R 250 105.62 25.66 44.26
N ARG R 251 105.82 24.37 44.56
CA ARG R 251 107.17 23.83 44.63
C ARG R 251 107.85 23.88 43.26
N LYS R 252 107.07 23.73 42.18
CA LYS R 252 107.65 23.89 40.85
C LYS R 252 108.07 25.34 40.61
N LEU R 253 107.29 26.31 41.13
CA LEU R 253 107.73 27.70 41.10
C LEU R 253 109.04 27.88 41.86
N ALA R 254 109.16 27.26 43.03
CA ALA R 254 110.39 27.36 43.80
C ALA R 254 111.56 26.76 43.04
N VAL R 255 111.34 25.61 42.39
CA VAL R 255 112.42 24.93 41.69
C VAL R 255 112.86 25.73 40.46
N ASN R 256 111.90 26.19 39.65
CA ASN R 256 112.20 26.79 38.36
C ASN R 256 112.37 28.31 38.45
N LEU R 257 111.32 29.01 38.88
CA LEU R 257 111.36 30.47 38.88
C LEU R 257 112.37 31.04 39.87
N VAL R 258 112.42 30.51 41.09
CA VAL R 258 113.33 31.01 42.11
C VAL R 258 114.75 30.60 41.76
N PRO R 259 115.70 31.53 41.71
CA PRO R 259 117.10 31.15 41.45
C PRO R 259 117.77 30.59 42.69
N PHE R 260 117.39 31.10 43.86
CA PHE R 260 117.85 30.63 45.16
C PHE R 260 116.96 31.24 46.23
N PRO R 261 116.82 30.61 47.40
CA PRO R 261 115.81 31.07 48.37
C PRO R 261 116.03 32.49 48.87
N ARG R 262 117.25 33.02 48.78
CA ARG R 262 117.49 34.41 49.18
C ARG R 262 116.74 35.37 48.27
N LEU R 263 116.76 35.12 46.96
CA LEU R 263 116.07 35.96 45.98
C LEU R 263 114.74 35.30 45.63
N HIS R 264 113.63 35.88 46.12
CA HIS R 264 112.31 35.31 45.87
C HIS R 264 111.27 36.37 45.56
N PHE R 265 111.68 37.56 45.13
CA PHE R 265 110.76 38.65 44.83
C PHE R 265 110.32 38.55 43.37
N PHE R 266 109.00 38.59 43.14
CA PHE R 266 108.44 38.48 41.81
C PHE R 266 107.50 39.65 41.54
N MET R 267 107.44 40.07 40.28
CA MET R 267 106.45 41.04 39.84
C MET R 267 105.33 40.30 39.12
N VAL R 268 104.11 40.80 39.26
CA VAL R 268 102.92 40.11 38.77
C VAL R 268 102.34 40.87 37.58
N GLY R 269 102.00 40.13 36.55
CA GLY R 269 101.31 40.71 35.40
C GLY R 269 100.14 39.83 35.00
N TYR R 270 99.08 40.48 34.55
CA TYR R 270 97.84 39.80 34.22
C TYR R 270 97.35 40.23 32.84
N ALA R 271 96.65 39.32 32.18
CA ALA R 271 96.08 39.56 30.86
C ALA R 271 94.88 38.64 30.68
N PRO R 272 93.85 39.07 29.92
CA PRO R 272 93.75 40.35 29.23
C PRO R 272 93.28 41.49 30.13
N LEU R 273 93.80 42.69 29.89
CA LEU R 273 93.39 43.89 30.62
C LEU R 273 92.43 44.69 29.76
N THR R 274 91.19 44.19 29.70
CA THR R 274 90.14 44.80 28.88
C THR R 274 88.97 45.19 29.77
N ALA R 275 88.23 46.20 29.32
CA ALA R 275 87.09 46.73 30.04
C ALA R 275 85.82 46.65 29.20
N ILE R 276 84.69 47.02 29.81
CA ILE R 276 83.42 47.04 29.10
C ILE R 276 83.46 48.14 28.05
N GLY R 277 82.97 47.81 26.85
CA GLY R 277 83.02 48.71 25.71
C GLY R 277 84.09 48.36 24.69
N SER R 278 84.97 47.42 25.01
CA SER R 278 85.99 46.95 24.08
C SER R 278 85.89 45.44 23.84
N GLN R 279 84.88 44.78 24.39
CA GLN R 279 84.75 43.34 24.26
C GLN R 279 84.32 42.91 22.87
N SER R 280 83.57 43.74 22.16
CA SER R 280 83.07 43.41 20.83
C SER R 280 83.99 43.89 19.71
N PHE R 281 85.16 44.42 20.06
CA PHE R 281 86.08 44.96 19.08
C PHE R 281 87.46 44.32 19.07
N ARG R 282 87.79 43.46 20.03
CA ARG R 282 89.08 42.78 20.05
C ARG R 282 88.89 41.28 19.77
N SER R 283 89.96 40.68 19.26
CA SER R 283 90.09 39.23 19.17
C SER R 283 91.00 38.77 20.30
N LEU R 284 90.44 37.98 21.22
CA LEU R 284 91.21 37.52 22.38
C LEU R 284 91.97 36.26 21.97
N THR R 285 93.27 36.42 21.72
CA THR R 285 94.12 35.34 21.24
C THR R 285 95.40 35.30 22.04
N VAL R 286 96.13 34.20 21.86
CA VAL R 286 97.42 34.03 22.56
C VAL R 286 98.41 35.14 22.22
N PRO R 287 98.63 35.50 20.94
CA PRO R 287 99.60 36.58 20.68
C PRO R 287 99.24 37.90 21.34
N GLU R 288 97.96 38.29 21.31
CA GLU R 288 97.55 39.54 21.93
C GLU R 288 97.79 39.50 23.43
N LEU R 289 97.45 38.39 24.07
CA LEU R 289 97.79 38.21 25.48
C LEU R 289 99.28 38.32 25.71
N THR R 290 100.08 37.88 24.74
CA THR R 290 101.54 37.96 24.91
C THR R 290 102.03 39.40 24.84
N GLN R 291 101.57 40.19 23.85
CA GLN R 291 101.99 41.59 23.84
C GLN R 291 101.45 42.33 25.06
N GLN R 292 100.30 41.90 25.59
CA GLN R 292 99.84 42.47 26.85
C GLN R 292 100.68 42.00 28.03
N MET R 293 101.38 40.87 27.90
CA MET R 293 102.19 40.37 29.00
C MET R 293 103.50 41.15 29.12
N PHE R 294 104.21 41.32 28.01
CA PHE R 294 105.48 42.02 28.02
C PHE R 294 105.33 43.53 27.89
N ASP R 295 104.10 44.04 27.82
CA ASP R 295 103.89 45.48 27.81
C ASP R 295 104.38 46.09 29.10
N ALA R 296 105.08 47.22 28.98
CA ALA R 296 105.74 47.84 30.13
C ALA R 296 104.75 48.48 31.10
N LYS R 297 103.47 48.58 30.75
CA LYS R 297 102.48 49.22 31.60
C LYS R 297 101.44 48.24 32.12
N ASN R 298 101.75 46.94 32.15
CA ASN R 298 100.79 45.94 32.56
C ASN R 298 101.16 45.20 33.84
N MET R 299 102.41 45.26 34.27
CA MET R 299 102.80 44.65 35.52
C MET R 299 102.52 45.59 36.69
N MET R 300 102.45 45.01 37.89
CA MET R 300 102.07 45.74 39.10
C MET R 300 103.20 45.80 40.11
N ALA R 301 104.45 45.87 39.65
CA ALA R 301 105.57 45.93 40.57
C ALA R 301 105.58 47.24 41.37
N ALA R 302 105.48 48.41 40.71
CA ALA R 302 105.53 48.63 39.27
C ALA R 302 106.80 49.37 38.89
N ALA R 303 107.57 48.80 37.98
CA ALA R 303 108.85 49.35 37.57
C ALA R 303 108.96 49.30 36.05
N ASP R 304 110.15 49.62 35.55
CA ASP R 304 110.39 49.72 34.11
C ASP R 304 111.10 48.47 33.62
N PRO R 305 110.48 47.65 32.77
CA PRO R 305 111.11 46.39 32.37
C PRO R 305 112.15 46.53 31.27
N ARG R 306 111.96 47.47 30.35
CA ARG R 306 112.89 47.55 29.22
C ARG R 306 114.10 48.43 29.51
N ASN R 307 114.19 49.01 30.71
CA ASN R 307 115.42 49.66 31.12
C ASN R 307 116.37 48.72 31.86
N GLY R 308 115.86 47.59 32.35
CA GLY R 308 116.69 46.57 32.96
C GLY R 308 116.74 45.31 32.12
N ARG R 309 116.66 44.16 32.77
CA ARG R 309 116.61 42.90 32.03
C ARG R 309 115.98 41.84 32.92
N TYR R 310 115.41 40.81 32.28
CA TYR R 310 114.81 39.71 33.01
C TYR R 310 115.86 38.63 33.31
N LEU R 311 115.64 37.91 34.40
CA LEU R 311 116.44 36.75 34.75
C LEU R 311 115.76 35.43 34.40
N THR R 312 114.45 35.34 34.62
CA THR R 312 113.66 34.20 34.17
C THR R 312 112.19 34.61 34.17
N VAL R 313 111.46 34.22 33.14
CA VAL R 313 110.05 34.56 33.01
C VAL R 313 109.25 33.28 32.87
N ALA R 314 107.98 33.36 33.25
CA ALA R 314 107.10 32.20 33.23
C ALA R 314 105.74 32.59 32.69
N ALA R 315 105.05 31.62 32.11
CA ALA R 315 103.72 31.80 31.55
C ALA R 315 102.79 30.75 32.14
N PHE R 316 101.63 31.19 32.62
CA PHE R 316 100.62 30.30 33.21
C PHE R 316 99.31 30.53 32.46
N PHE R 317 99.11 29.73 31.41
CA PHE R 317 98.00 29.93 30.49
C PHE R 317 96.77 29.16 30.95
N ARG R 318 95.60 29.68 30.58
CA ARG R 318 94.32 29.10 30.97
C ARG R 318 93.41 29.01 29.76
N GLY R 319 92.57 27.97 29.75
CA GLY R 319 91.56 27.81 28.73
C GLY R 319 91.96 26.86 27.63
N LYS R 320 91.04 26.71 26.67
CA LYS R 320 91.25 25.84 25.51
C LYS R 320 92.29 26.49 24.60
N VAL R 321 93.52 25.99 24.65
CA VAL R 321 94.62 26.52 23.86
C VAL R 321 95.36 25.37 23.20
N SER R 322 95.77 25.60 21.95
CA SER R 322 96.59 24.64 21.23
C SER R 322 98.06 24.82 21.63
N VAL R 323 98.81 23.72 21.55
CA VAL R 323 100.21 23.74 21.95
C VAL R 323 101.04 24.59 20.98
N LYS R 324 100.63 24.67 19.71
CA LYS R 324 101.45 25.32 18.71
C LYS R 324 101.44 26.84 18.85
N GLU R 325 100.29 27.42 19.20
CA GLU R 325 100.19 28.88 19.29
C GLU R 325 101.15 29.42 20.33
N VAL R 326 101.15 28.82 21.53
CA VAL R 326 101.94 29.35 22.63
C VAL R 326 103.43 29.21 22.36
N GLU R 327 103.85 28.06 21.84
CA GLU R 327 105.26 27.87 21.54
C GLU R 327 105.72 28.73 20.39
N ASP R 328 104.88 28.93 19.37
CA ASP R 328 105.23 29.80 18.26
C ASP R 328 105.41 31.24 18.73
N GLU R 329 104.48 31.72 19.57
CA GLU R 329 104.64 33.06 20.12
C GLU R 329 105.86 33.16 21.03
N MET R 330 106.21 32.05 21.71
CA MET R 330 107.41 32.08 22.54
C MET R 330 108.67 32.14 21.70
N HIS R 331 108.69 31.44 20.56
CA HIS R 331 109.78 31.63 19.60
C HIS R 331 109.85 33.08 19.14
N LYS R 332 108.70 33.68 18.85
CA LYS R 332 108.68 35.06 18.38
C LYS R 332 109.28 36.00 19.42
N VAL R 333 108.86 35.86 20.68
CA VAL R 333 109.34 36.77 21.72
C VAL R 333 110.82 36.50 22.02
N GLN R 334 111.25 35.25 22.00
CA GLN R 334 112.67 34.96 22.20
C GLN R 334 113.52 35.46 21.05
N SER R 335 112.94 35.58 19.85
CA SER R 335 113.69 36.14 18.72
C SER R 335 113.77 37.66 18.79
N LYS R 336 112.66 38.32 19.14
CA LYS R 336 112.65 39.78 19.15
C LYS R 336 113.08 40.39 20.49
N ASN R 337 112.91 39.66 21.60
CA ASN R 337 113.26 40.15 22.92
C ASN R 337 114.48 39.45 23.49
N SER R 338 115.42 39.03 22.62
CA SER R 338 116.57 38.27 23.08
C SER R 338 117.54 39.11 23.91
N ASP R 339 117.56 40.42 23.69
CA ASP R 339 118.54 41.26 24.37
C ASP R 339 118.31 41.31 25.88
N TYR R 340 117.06 41.34 26.32
CA TYR R 340 116.74 41.52 27.72
C TYR R 340 116.67 40.21 28.51
N PHE R 341 116.90 39.07 27.86
CA PHE R 341 117.01 37.80 28.56
C PHE R 341 118.45 37.56 28.97
N VAL R 342 118.63 36.88 30.10
CA VAL R 342 119.96 36.55 30.58
C VAL R 342 120.64 35.58 29.60
N GLU R 343 121.95 35.72 29.47
CA GLU R 343 122.75 34.96 28.51
C GLU R 343 123.31 33.68 29.11
N TRP R 344 122.64 33.10 30.10
CA TRP R 344 123.13 31.87 30.72
C TRP R 344 122.07 30.80 30.90
N ILE R 345 120.80 31.06 30.63
CA ILE R 345 119.79 29.99 30.72
C ILE R 345 119.79 29.12 29.46
N PRO R 346 119.72 29.70 28.24
CA PRO R 346 119.52 31.08 27.79
C PRO R 346 118.06 31.36 27.44
N ASN R 347 117.22 30.33 27.55
CA ASN R 347 115.81 30.40 27.16
C ASN R 347 114.98 30.53 28.44
N ASN R 348 114.73 31.76 28.86
CA ASN R 348 113.97 32.03 30.07
C ASN R 348 112.49 31.75 29.78
N VAL R 349 112.01 30.59 30.21
CA VAL R 349 110.65 30.18 29.90
C VAL R 349 110.22 29.08 30.87
N GLN R 350 108.98 29.20 31.36
CA GLN R 350 108.30 28.16 32.10
C GLN R 350 106.82 28.22 31.74
N THR R 351 106.28 27.13 31.21
CA THR R 351 104.94 27.11 30.67
C THR R 351 104.04 26.16 31.47
N ALA R 352 102.78 26.56 31.61
CA ALA R 352 101.77 25.74 32.26
C ALA R 352 100.45 25.92 31.51
N VAL R 353 99.68 24.84 31.40
CA VAL R 353 98.43 24.83 30.65
C VAL R 353 97.29 24.48 31.59
N CYS R 354 96.23 25.27 31.53
CA CYS R 354 95.01 25.02 32.29
C CYS R 354 93.87 24.68 31.33
N SER R 355 92.96 23.83 31.79
CA SER R 355 91.87 23.37 30.93
C SER R 355 90.69 24.32 30.90
N VAL R 356 90.12 24.64 32.06
CA VAL R 356 88.89 25.42 32.13
C VAL R 356 89.20 26.87 31.81
N ALA R 357 88.20 27.56 31.26
CA ALA R 357 88.33 28.97 30.92
C ALA R 357 88.10 29.83 32.16
N PRO R 358 88.71 31.02 32.21
CA PRO R 358 88.50 31.91 33.36
C PRO R 358 87.06 32.39 33.42
N GLN R 359 86.61 32.68 34.63
CA GLN R 359 85.26 33.21 34.82
C GLN R 359 85.16 34.63 34.26
N GLY R 360 84.09 34.89 33.52
CA GLY R 360 83.88 36.19 32.93
C GLY R 360 84.75 36.49 31.73
N LEU R 361 85.50 35.50 31.24
CA LEU R 361 86.39 35.69 30.10
C LEU R 361 86.52 34.38 29.34
N ASP R 362 87.25 34.43 28.23
CA ASP R 362 87.50 33.24 27.43
C ASP R 362 88.90 32.68 27.63
N MET R 363 89.92 33.52 27.51
CA MET R 363 91.30 33.10 27.60
C MET R 363 92.04 34.10 28.48
N ALA R 364 92.90 33.61 29.36
CA ALA R 364 93.62 34.48 30.29
C ALA R 364 94.91 33.80 30.73
N ALA R 365 95.76 34.59 31.38
CA ALA R 365 97.07 34.12 31.81
C ALA R 365 97.60 35.00 32.93
N THR R 366 98.63 34.51 33.60
CA THR R 366 99.35 35.27 34.62
C THR R 366 100.83 35.30 34.28
N PHE R 367 101.50 36.37 34.75
CA PHE R 367 102.91 36.60 34.45
C PHE R 367 103.71 36.60 35.74
N ILE R 368 104.70 35.70 35.83
CA ILE R 368 105.62 35.64 36.95
C ILE R 368 107.03 35.63 36.39
N ALA R 369 107.88 36.52 36.90
CA ALA R 369 109.22 36.67 36.36
C ALA R 369 110.15 37.24 37.43
N ASN R 370 111.44 37.27 37.10
CA ASN R 370 112.47 37.89 37.94
C ASN R 370 113.24 38.88 37.09
N SER R 371 113.30 40.12 37.53
CA SER R 371 114.09 41.17 36.90
C SER R 371 114.95 41.86 37.93
N THR R 372 115.73 42.83 37.48
CA THR R 372 116.61 43.59 38.35
C THR R 372 116.00 44.93 38.77
N SER R 373 114.69 45.10 38.63
CA SER R 373 114.04 46.37 38.91
C SER R 373 113.55 46.50 40.35
N ILE R 374 113.62 45.43 41.15
CA ILE R 374 113.13 45.49 42.52
C ILE R 374 114.16 46.15 43.43
N GLN R 375 115.45 46.05 43.06
CA GLN R 375 116.48 46.73 43.83
C GLN R 375 116.32 48.24 43.78
N GLU R 376 115.70 48.76 42.72
CA GLU R 376 115.41 50.19 42.68
C GLU R 376 114.40 50.59 43.75
N LEU R 377 113.33 49.80 43.92
CA LEU R 377 112.39 50.07 45.00
C LEU R 377 113.08 49.94 46.36
N PHE R 378 113.92 48.92 46.51
CA PHE R 378 114.63 48.74 47.76
C PHE R 378 115.51 49.93 48.09
N LYS R 379 116.26 50.44 47.11
CA LYS R 379 117.11 51.59 47.38
C LYS R 379 116.29 52.86 47.59
N ARG R 380 115.12 52.96 46.96
CA ARG R 380 114.24 54.08 47.27
C ARG R 380 113.81 54.07 48.73
N VAL R 381 113.40 52.90 49.22
CA VAL R 381 113.01 52.80 50.63
C VAL R 381 114.20 53.06 51.55
N GLY R 382 115.37 52.53 51.20
CA GLY R 382 116.56 52.78 52.00
C GLY R 382 116.95 54.25 52.05
N ASP R 383 116.83 54.94 50.91
CA ASP R 383 117.10 56.37 50.89
C ASP R 383 116.07 57.15 51.70
N GLN R 384 114.82 56.71 51.67
CA GLN R 384 113.80 57.33 52.52
C GLN R 384 114.18 57.20 54.00
N PHE R 385 114.67 56.03 54.39
CA PHE R 385 115.16 55.86 55.75
C PHE R 385 116.35 56.77 56.04
N SER R 386 117.34 56.76 55.15
CA SER R 386 118.56 57.55 55.37
C SER R 386 118.27 59.04 55.37
N ALA R 387 117.14 59.48 54.83
CA ALA R 387 116.77 60.87 54.86
C ALA R 387 115.93 61.21 56.09
N MET R 388 114.80 60.54 56.27
CA MET R 388 113.86 60.92 57.32
C MET R 388 114.33 60.49 58.71
N PHE R 389 114.89 59.28 58.83
CA PHE R 389 115.13 58.68 60.14
C PHE R 389 116.46 59.07 60.76
N LYS R 390 117.26 59.92 60.11
CA LYS R 390 118.47 60.42 60.73
C LYS R 390 118.19 61.49 61.78
N ARG R 391 116.99 62.06 61.78
CA ARG R 391 116.61 63.04 62.79
C ARG R 391 116.13 62.39 64.08
N LYS R 392 115.85 61.09 64.07
CA LYS R 392 115.34 60.35 65.22
C LYS R 392 114.06 61.00 65.76
N ALA R 393 113.18 61.37 64.84
CA ALA R 393 111.90 61.97 65.17
C ALA R 393 110.82 60.90 65.22
N PHE R 394 110.07 60.86 66.32
CA PHE R 394 109.02 59.87 66.57
C PHE R 394 109.57 58.44 66.57
N LEU R 395 110.87 58.29 66.83
CA LEU R 395 111.50 56.99 66.86
C LEU R 395 111.48 56.36 68.24
N HIS R 396 111.21 57.14 69.29
CA HIS R 396 111.17 56.61 70.65
C HIS R 396 109.99 55.67 70.87
N TRP R 397 108.93 55.78 70.05
CA TRP R 397 107.75 54.95 70.22
C TRP R 397 108.08 53.47 70.10
N TYR R 398 109.15 53.13 69.38
CA TYR R 398 109.58 51.75 69.21
C TYR R 398 110.69 51.36 70.18
N THR R 399 111.65 52.25 70.42
CA THR R 399 112.73 51.96 71.36
C THR R 399 112.23 51.91 72.80
N SER R 400 111.02 52.41 73.07
CA SER R 400 110.47 52.31 74.43
C SER R 400 110.28 50.86 74.85
N GLU R 401 110.03 49.96 73.91
CA GLU R 401 109.80 48.56 74.20
C GLU R 401 111.07 47.72 74.14
N GLY R 402 112.20 48.31 73.79
CA GLY R 402 113.46 47.58 73.78
C GLY R 402 114.06 47.34 72.41
N MET R 403 113.82 48.26 71.48
CA MET R 403 114.41 48.17 70.16
C MET R 403 115.79 48.83 70.14
N ASP R 404 116.71 48.22 69.40
CA ASP R 404 118.07 48.70 69.30
C ASP R 404 118.39 49.07 67.86
N GLU R 405 119.36 49.97 67.69
CA GLU R 405 119.80 50.37 66.36
C GLU R 405 120.48 49.24 65.62
N LEU R 406 120.90 48.19 66.33
CA LEU R 406 121.52 47.04 65.68
C LEU R 406 120.57 46.37 64.71
N GLU R 407 119.30 46.26 65.07
CA GLU R 407 118.32 45.65 64.18
C GLU R 407 118.14 46.46 62.91
N PHE R 408 118.08 47.79 63.02
CA PHE R 408 117.92 48.62 61.83
C PHE R 408 119.17 48.57 60.95
N SER R 409 120.35 48.58 61.55
CA SER R 409 121.58 48.45 60.77
C SER R 409 121.64 47.09 60.07
N GLU R 410 121.19 46.03 60.74
CA GLU R 410 121.15 44.72 60.12
C GLU R 410 120.15 44.67 58.98
N ALA R 411 119.00 45.35 59.12
CA ALA R 411 118.05 45.43 58.02
C ALA R 411 118.64 46.18 56.82
N GLU R 412 119.37 47.27 57.09
CA GLU R 412 120.05 47.98 56.01
C GLU R 412 121.08 47.09 55.33
N SER R 413 121.82 46.32 56.11
CA SER R 413 122.77 45.36 55.53
C SER R 413 122.03 44.31 54.71
N ASN R 414 120.85 43.88 55.17
CA ASN R 414 120.07 42.90 54.42
C ASN R 414 119.63 43.46 53.07
N MET R 415 119.17 44.71 53.04
CA MET R 415 118.74 45.29 51.77
C MET R 415 119.94 45.55 50.85
N ASN R 416 121.09 45.89 51.42
CA ASN R 416 122.32 45.96 50.63
C ASN R 416 122.65 44.59 50.02
N ASP R 417 122.51 43.52 50.81
CA ASP R 417 122.77 42.18 50.29
C ASP R 417 121.78 41.81 49.20
N LEU R 418 120.51 42.21 49.35
CA LEU R 418 119.53 41.96 48.31
C LEU R 418 119.89 42.70 47.03
N VAL R 419 120.35 43.96 47.14
CA VAL R 419 120.79 44.71 45.96
C VAL R 419 121.97 44.00 45.29
N SER R 420 122.95 43.56 46.10
CA SER R 420 124.10 42.86 45.53
C SER R 420 123.68 41.58 44.82
N GLU R 421 122.72 40.85 45.41
CA GLU R 421 122.17 39.68 44.74
C GLU R 421 121.49 40.05 43.42
N TYR R 422 120.80 41.20 43.41
CA TYR R 422 120.23 41.74 42.17
C TYR R 422 121.28 42.27 41.22
N GLN R 423 122.56 42.16 41.57
CA GLN R 423 123.66 42.60 40.71
C GLN R 423 124.70 41.49 40.56
N GLN R 424 124.27 40.28 40.24
CA GLN R 424 125.16 39.13 40.12
C GLN R 424 125.33 38.57 38.72
N TYR R 425 124.29 38.29 37.91
CA TYR R 425 122.88 38.77 37.89
C TYR R 425 122.82 40.29 37.79
N GLN R 426 123.69 40.85 36.96
CA GLN R 426 123.75 42.29 36.75
C GLN R 426 122.51 42.76 35.99
N GLU R 427 122.21 44.04 36.16
CA GLU R 427 121.06 44.65 35.47
C GLU R 427 121.37 44.87 34.00
N MET S 1 101.50 40.86 0.93
CA MET S 1 102.04 42.21 0.99
C MET S 1 100.99 43.19 0.44
N ARG S 2 99.87 43.30 1.14
CA ARG S 2 98.74 44.09 0.67
C ARG S 2 98.16 45.03 1.71
N GLU S 3 98.30 44.73 3.00
CA GLU S 3 97.60 45.50 4.04
C GLU S 3 98.06 46.95 4.06
N ILE S 4 97.10 47.85 4.24
CA ILE S 4 97.34 49.29 4.23
C ILE S 4 96.79 49.87 5.53
N ILE S 5 97.60 50.69 6.20
CA ILE S 5 97.18 51.40 7.40
C ILE S 5 96.94 52.86 7.03
N HIS S 6 95.72 53.35 7.30
CA HIS S 6 95.32 54.69 6.90
C HIS S 6 95.49 55.62 8.10
N ILE S 7 96.45 56.53 8.00
CA ILE S 7 96.67 57.52 9.04
C ILE S 7 95.91 58.79 8.70
N SER S 8 95.22 59.35 9.70
CA SER S 8 94.40 60.54 9.51
C SER S 8 94.82 61.61 10.51
N THR S 9 95.01 62.83 10.02
CA THR S 9 95.35 63.96 10.88
C THR S 9 94.83 65.23 10.23
N GLY S 10 94.65 66.26 11.05
CA GLY S 10 94.17 67.54 10.57
C GLY S 10 92.66 67.62 10.54
N GLN S 11 92.16 68.85 10.49
CA GLN S 11 90.71 69.08 10.46
C GLN S 11 90.11 68.53 9.16
N CYS S 12 90.69 68.91 8.02
CA CYS S 12 90.21 68.38 6.74
C CYS S 12 90.56 66.91 6.58
N GLY S 13 91.69 66.48 7.16
CA GLY S 13 92.11 65.09 7.01
C GLY S 13 91.12 64.12 7.64
N ASN S 14 90.55 64.50 8.79
CA ASN S 14 89.56 63.63 9.44
C ASN S 14 88.35 63.43 8.55
N GLN S 15 87.84 64.50 7.95
CA GLN S 15 86.68 64.39 7.07
C GLN S 15 87.00 63.57 5.83
N ILE S 16 88.18 63.78 5.24
CA ILE S 16 88.56 63.02 4.05
C ILE S 16 88.69 61.54 4.39
N GLY S 17 89.32 61.22 5.53
CA GLY S 17 89.45 59.83 5.92
C GLY S 17 88.11 59.18 6.20
N ALA S 18 87.23 59.90 6.89
CA ALA S 18 85.90 59.35 7.16
C ALA S 18 85.16 59.06 5.87
N ALA S 19 85.14 60.03 4.95
CA ALA S 19 84.45 59.83 3.67
C ALA S 19 85.05 58.68 2.90
N PHE S 20 86.38 58.55 2.92
CA PHE S 20 87.03 57.39 2.32
C PHE S 20 86.53 56.10 2.97
N TRP S 21 86.29 56.14 4.28
CA TRP S 21 85.80 54.94 4.96
C TRP S 21 84.40 54.56 4.51
N GLU S 22 83.49 55.55 4.39
CA GLU S 22 82.16 55.18 3.87
C GLU S 22 82.25 54.70 2.42
N THR S 23 83.09 55.33 1.61
CA THR S 23 83.21 54.87 0.22
C THR S 23 83.74 53.44 0.16
N ILE S 24 84.72 53.11 1.00
CA ILE S 24 85.25 51.75 1.03
C ILE S 24 84.16 50.77 1.47
N CYS S 25 83.49 51.05 2.58
CA CYS S 25 82.49 50.12 3.09
C CYS S 25 81.30 49.98 2.15
N GLY S 26 81.06 50.99 1.29
CA GLY S 26 80.02 50.85 0.29
C GLY S 26 80.47 50.15 -0.97
N GLU S 27 81.74 50.28 -1.34
CA GLU S 27 82.20 49.68 -2.59
C GLU S 27 82.43 48.18 -2.44
N HIS S 28 82.87 47.72 -1.27
CA HIS S 28 82.97 46.27 -1.09
C HIS S 28 81.74 45.68 -0.42
N GLY S 29 81.03 46.47 0.38
CA GLY S 29 79.79 46.01 0.99
C GLY S 29 79.98 45.49 2.40
N LEU S 30 79.60 46.29 3.38
CA LEU S 30 79.67 45.87 4.78
C LEU S 30 78.78 46.80 5.60
N ASP S 31 77.73 46.24 6.20
CA ASP S 31 76.87 47.04 7.06
C ASP S 31 77.57 47.32 8.39
N PHE S 32 77.13 48.39 9.06
CA PHE S 32 77.80 48.88 10.25
C PHE S 32 77.55 48.01 11.48
N ASN S 33 76.61 47.06 11.43
CA ASN S 33 76.32 46.19 12.56
C ASN S 33 77.12 44.90 12.52
N GLY S 34 77.98 44.72 11.51
CA GLY S 34 78.79 43.52 11.42
C GLY S 34 78.15 42.41 10.62
N THR S 35 77.53 42.75 9.50
CA THR S 35 76.87 41.79 8.63
C THR S 35 77.67 41.63 7.35
N TYR S 36 77.97 40.37 7.00
CA TYR S 36 78.76 40.09 5.80
C TYR S 36 77.90 40.32 4.55
N HIS S 37 78.45 41.07 3.58
CA HIS S 37 77.73 41.35 2.35
C HIS S 37 78.63 41.22 1.12
N GLY S 38 79.80 40.61 1.25
CA GLY S 38 80.66 40.45 0.10
C GLY S 38 80.11 39.44 -0.89
N HIS S 39 80.42 39.65 -2.17
CA HIS S 39 79.94 38.77 -3.24
C HIS S 39 81.08 38.61 -4.25
N ASP S 40 81.74 37.46 -4.21
CA ASP S 40 81.50 36.45 -3.19
C ASP S 40 82.78 36.14 -2.41
N ASP S 41 83.87 35.90 -3.15
CA ASP S 41 85.16 35.56 -2.55
C ASP S 41 86.13 36.73 -2.60
N ILE S 42 86.30 37.35 -3.76
CA ILE S 42 87.28 38.42 -3.94
C ILE S 42 87.01 39.60 -3.03
N GLN S 43 85.78 39.75 -2.55
CA GLN S 43 85.43 40.82 -1.61
C GLN S 43 85.64 40.41 -0.16
N LYS S 44 86.25 39.26 0.10
CA LYS S 44 86.48 38.77 1.45
C LYS S 44 87.95 38.76 1.84
N GLU S 45 88.85 38.26 0.99
CA GLU S 45 90.27 38.30 1.31
C GLU S 45 90.87 39.69 1.15
N ARG S 46 90.24 40.55 0.34
CA ARG S 46 90.77 41.90 0.10
C ARG S 46 90.36 42.90 1.17
N LEU S 47 89.39 42.57 2.02
CA LEU S 47 89.04 43.48 3.11
C LEU S 47 90.00 43.36 4.30
N ASN S 48 90.89 42.38 4.29
CA ASN S 48 91.95 42.31 5.29
C ASN S 48 92.94 43.47 5.16
N VAL S 49 92.94 44.15 4.01
CA VAL S 49 93.84 45.28 3.81
C VAL S 49 93.52 46.39 4.80
N TYR S 50 92.24 46.70 4.99
CA TYR S 50 91.82 47.80 5.85
C TYR S 50 91.25 47.34 7.18
N PHE S 51 90.65 46.15 7.24
CA PHE S 51 89.99 45.66 8.44
C PHE S 51 90.71 44.42 8.96
N ASN S 52 90.53 44.16 10.25
CA ASN S 52 91.07 42.97 10.90
C ASN S 52 89.93 42.22 11.58
N GLU S 53 90.04 40.88 11.60
CA GLU S 53 88.97 40.05 12.12
C GLU S 53 88.94 40.12 13.65
N ALA S 54 87.85 40.64 14.20
CA ALA S 54 87.64 40.68 15.64
C ALA S 54 86.88 39.41 16.05
N SER S 55 86.46 39.36 17.32
CA SER S 55 85.73 38.21 17.81
C SER S 55 84.31 38.20 17.24
N SER S 56 83.72 36.99 17.21
CA SER S 56 82.35 36.77 16.75
C SER S 56 82.17 37.24 15.30
N GLY S 57 83.18 37.04 14.47
CA GLY S 57 83.08 37.41 13.07
C GLY S 57 82.91 38.89 12.81
N LYS S 58 83.56 39.74 13.62
CA LYS S 58 83.47 41.18 13.48
C LYS S 58 84.73 41.72 12.81
N TRP S 59 84.55 42.73 11.97
CA TRP S 59 85.66 43.37 11.27
C TRP S 59 85.80 44.80 11.78
N VAL S 60 87.01 45.17 12.18
CA VAL S 60 87.26 46.50 12.73
C VAL S 60 88.43 47.13 11.98
N PRO S 61 88.44 48.46 11.81
CA PRO S 61 89.51 49.08 11.04
C PRO S 61 90.83 49.13 11.80
N ARG S 62 91.91 49.19 11.04
CA ARG S 62 93.26 49.42 11.57
C ARG S 62 93.70 50.78 11.06
N SER S 63 93.31 51.83 11.78
CA SER S 63 93.58 53.20 11.36
C SER S 63 93.73 54.07 12.60
N ILE S 64 94.83 54.82 12.66
CA ILE S 64 95.12 55.70 13.78
C ILE S 64 94.76 57.11 13.35
N ASN S 65 93.70 57.64 13.94
CA ASN S 65 93.28 59.02 13.70
C ASN S 65 93.73 59.89 14.87
N VAL S 66 94.44 60.96 14.57
CA VAL S 66 95.01 61.85 15.58
C VAL S 66 94.63 63.28 15.25
N ASP S 67 94.19 64.02 16.27
CA ASP S 67 93.87 65.43 16.12
C ASP S 67 93.81 66.05 17.52
N LEU S 68 94.24 67.31 17.60
CA LEU S 68 94.28 67.97 18.89
C LEU S 68 92.92 68.51 19.33
N GLU S 69 91.94 68.54 18.44
CA GLU S 69 90.57 68.90 18.82
C GLU S 69 89.71 67.65 18.84
N PRO S 70 89.04 67.34 19.96
CA PRO S 70 88.27 66.09 20.06
C PRO S 70 86.82 66.18 19.59
N GLY S 71 86.44 67.25 18.89
CA GLY S 71 85.06 67.39 18.47
C GLY S 71 84.72 66.68 17.18
N THR S 72 85.74 66.27 16.42
CA THR S 72 85.49 65.61 15.15
C THR S 72 85.05 64.16 15.34
N ILE S 73 85.57 63.47 16.36
CA ILE S 73 85.20 62.07 16.58
C ILE S 73 83.76 61.94 17.04
N ASP S 74 83.21 62.95 17.72
CA ASP S 74 81.80 62.92 18.08
C ASP S 74 80.92 62.92 16.84
N ALA S 75 81.31 63.68 15.82
CA ALA S 75 80.64 63.68 14.53
C ALA S 75 81.08 62.53 13.64
N VAL S 76 81.70 61.49 14.21
CA VAL S 76 82.13 60.31 13.48
C VAL S 76 81.48 59.05 14.05
N ARG S 77 81.54 58.87 15.37
CA ARG S 77 80.98 57.67 15.98
C ARG S 77 79.46 57.70 16.00
N ASN S 78 78.85 58.87 16.17
CA ASN S 78 77.40 58.98 16.20
C ASN S 78 76.79 59.29 14.83
N SER S 79 77.62 59.71 13.86
CA SER S 79 77.19 60.04 12.52
C SER S 79 77.24 58.77 11.66
N ALA S 80 77.28 58.94 10.33
CA ALA S 80 77.35 57.82 9.39
C ALA S 80 78.59 56.98 9.66
N ILE S 81 78.79 55.91 8.89
CA ILE S 81 79.47 54.72 9.39
C ILE S 81 80.86 55.03 9.90
N GLY S 82 81.01 54.99 11.22
CA GLY S 82 82.29 55.04 11.90
C GLY S 82 82.22 54.21 13.16
N ASN S 83 81.10 53.49 13.34
CA ASN S 83 80.88 52.70 14.54
C ASN S 83 81.83 51.51 14.64
N LEU S 84 82.40 51.07 13.52
CA LEU S 84 83.36 49.98 13.55
C LEU S 84 84.66 50.38 14.23
N PHE S 85 84.92 51.68 14.37
CA PHE S 85 86.17 52.16 14.94
C PHE S 85 86.29 51.72 16.40
N ARG S 86 87.35 51.00 16.70
CA ARG S 86 87.59 50.57 18.07
C ARG S 86 87.97 51.78 18.94
N PRO S 87 87.60 51.77 20.22
CA PRO S 87 87.87 52.94 21.08
C PRO S 87 89.35 53.29 21.21
N ASP S 88 90.24 52.31 21.07
CA ASP S 88 91.67 52.59 21.17
C ASP S 88 92.18 53.39 19.98
N ASN S 89 91.46 53.36 18.84
CA ASN S 89 91.85 54.16 17.68
C ASN S 89 91.73 55.65 17.92
N TYR S 90 91.00 56.06 18.96
CA TYR S 90 90.79 57.47 19.24
C TYR S 90 91.95 57.99 20.08
N ILE S 91 92.92 58.61 19.41
CA ILE S 91 94.04 59.27 20.07
C ILE S 91 93.84 60.78 19.85
N PHE S 92 93.29 61.45 20.85
CA PHE S 92 93.02 62.88 20.77
C PHE S 92 93.49 63.55 22.05
N GLY S 93 93.83 64.83 21.94
CA GLY S 93 94.29 65.61 23.07
C GLY S 93 93.61 66.95 23.19
N GLN S 94 94.24 67.88 23.91
CA GLN S 94 93.73 69.23 24.08
C GLN S 94 94.86 70.23 23.88
N SER S 95 94.57 71.33 23.18
CA SER S 95 93.26 71.56 22.60
C SER S 95 93.36 71.89 21.11
N SER S 96 94.50 72.45 20.72
CA SER S 96 94.75 72.80 19.33
C SER S 96 96.24 73.05 19.15
N ALA S 97 96.68 73.03 17.89
CA ALA S 97 98.07 73.33 17.56
C ALA S 97 98.32 74.81 17.37
N GLY S 98 97.30 75.65 17.51
CA GLY S 98 97.44 77.07 17.30
C GLY S 98 97.32 77.52 15.86
N ASN S 99 97.04 76.60 14.93
CA ASN S 99 96.94 76.90 13.50
C ASN S 99 98.23 77.53 12.98
N VAL S 100 99.36 77.12 13.54
CA VAL S 100 100.67 77.65 13.16
C VAL S 100 101.65 76.48 13.05
N TRP S 101 102.87 76.81 12.61
CA TRP S 101 103.92 75.81 12.45
C TRP S 101 104.90 75.78 13.62
N ALA S 102 105.09 76.90 14.32
CA ALA S 102 105.99 76.93 15.45
C ALA S 102 105.49 76.09 16.62
N LYS S 103 104.17 76.07 16.83
CA LYS S 103 103.57 75.29 17.91
C LYS S 103 102.96 73.98 17.43
N GLY S 104 102.96 73.73 16.12
CA GLY S 104 102.35 72.50 15.63
C GLY S 104 103.09 71.26 16.08
N HIS S 105 104.40 71.20 15.83
CA HIS S 105 105.20 70.05 16.24
C HIS S 105 106.55 70.40 16.82
N TYR S 106 106.96 71.67 16.86
CA TYR S 106 108.32 71.98 17.29
C TYR S 106 108.48 71.84 18.79
N THR S 107 107.50 72.30 19.57
CA THR S 107 107.61 72.29 21.02
C THR S 107 106.55 71.43 21.68
N GLU S 108 105.27 71.64 21.37
CA GLU S 108 104.19 70.93 22.03
C GLU S 108 103.68 69.73 21.26
N GLY S 109 103.96 69.66 19.96
CA GLY S 109 103.48 68.54 19.17
C GLY S 109 104.29 67.27 19.30
N ALA S 110 105.39 67.32 20.05
CA ALA S 110 106.28 66.17 20.21
C ALA S 110 106.04 65.42 21.51
N GLU S 111 104.90 65.63 22.17
CA GLU S 111 104.63 64.99 23.45
C GLU S 111 103.85 63.69 23.30
N LEU S 112 102.64 63.76 22.74
CA LEU S 112 101.81 62.58 22.54
C LEU S 112 102.23 61.76 21.33
N VAL S 113 103.10 62.31 20.47
CA VAL S 113 103.48 61.59 19.26
C VAL S 113 104.35 60.38 19.59
N ASP S 114 104.98 60.36 20.77
CA ASP S 114 105.66 59.14 21.20
C ASP S 114 104.68 58.00 21.41
N SER S 115 103.54 58.28 22.03
CA SER S 115 102.50 57.27 22.16
C SER S 115 101.94 56.89 20.80
N VAL S 116 101.83 57.86 19.89
CA VAL S 116 101.41 57.55 18.53
C VAL S 116 102.38 56.58 17.86
N MET S 117 103.69 56.83 18.03
CA MET S 117 104.70 55.95 17.46
C MET S 117 104.62 54.56 18.09
N ASP S 118 104.37 54.49 19.40
CA ASP S 118 104.22 53.20 20.06
C ASP S 118 103.04 52.41 19.51
N VAL S 119 101.90 53.09 19.32
CA VAL S 119 100.73 52.36 18.81
C VAL S 119 100.94 51.98 17.34
N ILE S 120 101.70 52.79 16.59
CA ILE S 120 102.07 52.39 15.23
C ILE S 120 102.92 51.12 15.27
N ARG S 121 103.87 51.04 16.20
CA ARG S 121 104.66 49.82 16.33
C ARG S 121 103.78 48.63 16.65
N ARG S 122 102.88 48.78 17.62
CA ARG S 122 102.07 47.64 18.04
C ARG S 122 101.13 47.19 16.92
N GLU S 123 100.63 48.14 16.12
CA GLU S 123 99.90 47.76 14.93
C GLU S 123 100.80 47.10 13.89
N ALA S 124 102.09 47.46 13.88
CA ALA S 124 103.03 46.87 12.94
C ALA S 124 103.23 45.38 13.23
N GLU S 125 103.49 45.03 14.49
CA GLU S 125 103.54 43.59 14.76
C GLU S 125 102.16 42.96 14.79
N GLY S 126 101.10 43.76 14.93
CA GLY S 126 99.76 43.25 14.74
C GLY S 126 99.39 43.00 13.28
N CYS S 127 100.13 43.60 12.36
CA CYS S 127 99.92 43.44 10.93
C CYS S 127 100.88 42.41 10.37
N ASP S 128 100.45 41.70 9.33
CA ASP S 128 101.24 40.63 8.72
C ASP S 128 101.81 41.00 7.36
N SER S 129 101.11 41.80 6.57
CA SER S 129 101.51 42.14 5.21
C SER S 129 101.41 43.64 4.97
N LEU S 130 101.97 44.42 5.89
CA LEU S 130 101.95 45.87 5.79
C LEU S 130 102.61 46.33 4.49
N GLN S 131 101.88 47.10 3.69
CA GLN S 131 102.30 47.51 2.35
C GLN S 131 102.65 48.99 2.26
N GLY S 132 101.73 49.87 2.64
CA GLY S 132 101.95 51.30 2.48
C GLY S 132 101.28 52.08 3.59
N PHE S 133 101.47 53.39 3.55
CA PHE S 133 100.97 54.30 4.57
C PHE S 133 100.23 55.45 3.89
N GLN S 134 98.95 55.59 4.18
CA GLN S 134 98.12 56.65 3.61
C GLN S 134 97.91 57.74 4.66
N ILE S 135 98.21 58.98 4.30
CA ILE S 135 98.01 60.12 5.18
C ILE S 135 97.23 61.18 4.43
N THR S 136 96.21 61.75 5.09
CA THR S 136 95.42 62.84 4.55
C THR S 136 95.53 64.02 5.52
N HIS S 137 95.98 65.16 5.02
CA HIS S 137 96.17 66.34 5.85
C HIS S 137 96.07 67.58 4.97
N SER S 138 96.17 68.74 5.61
CA SER S 138 96.11 70.03 4.94
C SER S 138 97.49 70.67 4.92
N LEU S 139 97.89 71.16 3.74
CA LEU S 139 99.20 71.78 3.62
C LEU S 139 99.29 73.07 4.43
N GLY S 140 98.25 73.89 4.41
CA GLY S 140 98.27 75.14 5.13
C GLY S 140 97.68 75.06 6.52
N GLY S 141 97.00 73.95 6.83
CA GLY S 141 96.43 73.78 8.15
C GLY S 141 97.49 73.62 9.22
N GLY S 142 97.21 74.18 10.40
CA GLY S 142 98.16 74.13 11.49
C GLY S 142 98.45 72.73 11.99
N THR S 143 97.40 71.94 12.20
CA THR S 143 97.59 70.59 12.71
C THR S 143 98.16 69.67 11.64
N GLY S 144 97.56 69.65 10.45
CA GLY S 144 98.01 68.73 9.42
C GLY S 144 99.46 68.99 9.01
N SER S 145 99.79 70.25 8.73
CA SER S 145 101.17 70.58 8.39
C SER S 145 102.08 70.50 9.62
N GLY S 146 101.52 70.65 10.82
CA GLY S 146 102.32 70.66 12.02
C GLY S 146 102.93 69.33 12.35
N MET S 147 102.12 68.35 12.78
CA MET S 147 102.69 67.07 13.16
C MET S 147 102.69 66.07 12.01
N GLY S 148 102.12 66.42 10.85
CA GLY S 148 102.16 65.50 9.72
C GLY S 148 103.57 65.21 9.25
N THR S 149 104.38 66.27 9.09
CA THR S 149 105.76 66.09 8.67
C THR S 149 106.57 65.32 9.71
N LEU S 150 106.30 65.53 10.99
CA LEU S 150 107.05 64.84 12.03
C LEU S 150 106.65 63.36 12.11
N LEU S 151 105.37 63.07 11.87
CA LEU S 151 104.95 61.68 11.69
C LEU S 151 105.64 61.05 10.49
N ILE S 152 105.78 61.79 9.40
CA ILE S 152 106.52 61.28 8.25
C ILE S 152 107.96 60.99 8.64
N SER S 153 108.56 61.86 9.46
CA SER S 153 109.93 61.64 9.91
C SER S 153 110.05 60.34 10.70
N LYS S 154 109.13 60.11 11.64
CA LYS S 154 109.21 58.85 12.39
C LYS S 154 108.93 57.64 11.49
N ILE S 155 107.97 57.75 10.57
CA ILE S 155 107.64 56.59 9.76
C ILE S 155 108.78 56.27 8.80
N ARG S 156 109.59 57.26 8.45
CA ARG S 156 110.82 56.98 7.71
C ARG S 156 111.88 56.37 8.63
N GLU S 157 111.97 56.87 9.87
CA GLU S 157 112.99 56.39 10.80
C GLU S 157 112.80 54.92 11.12
N GLU S 158 111.57 54.51 11.39
CA GLU S 158 111.29 53.14 11.81
C GLU S 158 111.07 52.19 10.64
N PHE S 159 110.69 52.70 9.47
CA PHE S 159 110.50 51.88 8.27
C PHE S 159 111.34 52.43 7.14
N PRO S 160 112.61 52.03 7.02
CA PRO S 160 113.45 52.51 5.91
C PRO S 160 113.20 51.81 4.59
N ASP S 161 112.42 50.73 4.58
CA ASP S 161 112.11 49.99 3.37
C ASP S 161 110.70 50.22 2.87
N ARG S 162 109.90 51.00 3.58
CA ARG S 162 108.52 51.27 3.19
C ARG S 162 108.41 52.69 2.63
N MET S 163 107.82 52.81 1.46
CA MET S 163 107.59 54.12 0.87
C MET S 163 106.45 54.82 1.60
N MET S 164 106.31 56.12 1.34
CA MET S 164 105.29 56.95 1.97
C MET S 164 104.45 57.62 0.90
N ALA S 165 103.13 57.65 1.12
CA ALA S 165 102.19 58.29 0.23
C ALA S 165 101.52 59.46 0.96
N THR S 166 101.56 60.64 0.36
CA THR S 166 101.00 61.84 0.94
C THR S 166 99.99 62.45 -0.02
N PHE S 167 98.88 62.94 0.54
CA PHE S 167 97.78 63.52 -0.23
C PHE S 167 97.35 64.84 0.40
N SER S 168 98.32 65.69 0.71
CA SER S 168 98.04 66.98 1.30
C SER S 168 97.27 67.87 0.33
N VAL S 169 96.38 68.70 0.88
CA VAL S 169 95.57 69.60 0.08
C VAL S 169 96.30 70.93 -0.03
N LEU S 170 96.64 71.33 -1.26
CA LEU S 170 97.41 72.54 -1.49
C LEU S 170 96.49 73.75 -1.53
N PRO S 171 96.64 74.72 -0.65
CA PRO S 171 95.82 75.94 -0.72
C PRO S 171 96.10 76.72 -1.99
N SER S 172 95.06 77.37 -2.51
CA SER S 172 95.20 78.16 -3.71
C SER S 172 95.94 79.47 -3.42
N PRO S 173 96.72 79.98 -4.38
CA PRO S 173 97.44 81.24 -4.16
C PRO S 173 96.54 82.48 -4.16
N LYS S 174 95.25 82.33 -4.47
CA LYS S 174 94.34 83.47 -4.52
C LYS S 174 93.37 83.54 -3.36
N THR S 175 93.24 82.48 -2.57
CA THR S 175 92.37 82.47 -1.40
C THR S 175 93.23 82.43 -0.14
N SER S 176 92.95 83.34 0.80
CA SER S 176 93.73 83.47 2.02
C SER S 176 92.78 83.42 3.22
N ASP S 177 92.57 82.21 3.76
CA ASP S 177 91.80 82.09 4.99
C ASP S 177 92.52 82.78 6.15
N THR S 178 93.84 82.62 6.23
CA THR S 178 94.66 83.29 7.21
C THR S 178 95.93 83.80 6.53
N VAL S 179 96.54 84.81 7.15
CA VAL S 179 97.71 85.45 6.56
C VAL S 179 98.91 84.51 6.50
N VAL S 180 98.94 83.47 7.32
CA VAL S 180 100.10 82.60 7.44
C VAL S 180 99.82 81.20 6.88
N GLU S 181 98.75 81.03 6.12
CA GLU S 181 98.49 79.73 5.52
C GLU S 181 99.58 79.31 4.53
N PRO S 182 99.97 80.13 3.55
CA PRO S 182 101.13 79.74 2.72
C PRO S 182 102.41 79.60 3.53
N TYR S 183 102.56 80.37 4.60
CA TYR S 183 103.73 80.25 5.46
C TYR S 183 103.83 78.86 6.07
N ASN S 184 102.71 78.37 6.64
CA ASN S 184 102.69 77.02 7.18
C ASN S 184 102.86 75.98 6.07
N ALA S 185 102.27 76.23 4.91
CA ALA S 185 102.40 75.30 3.80
C ALA S 185 103.86 75.13 3.39
N THR S 186 104.59 76.23 3.31
CA THR S 186 106.00 76.15 2.90
C THR S 186 106.87 75.59 4.02
N LEU S 187 106.57 75.93 5.27
CA LEU S 187 107.30 75.33 6.37
C LEU S 187 107.06 73.82 6.45
N SER S 188 105.94 73.35 5.93
CA SER S 188 105.70 71.91 5.87
C SER S 188 106.42 71.26 4.69
N VAL S 189 106.32 71.88 3.50
CA VAL S 189 106.99 71.31 2.33
C VAL S 189 108.51 71.40 2.46
N HIS S 190 109.01 72.22 3.39
CA HIS S 190 110.44 72.25 3.67
C HIS S 190 110.96 70.88 4.06
N GLN S 191 110.17 70.09 4.77
CA GLN S 191 110.53 68.72 5.11
C GLN S 191 109.76 67.68 4.32
N LEU S 192 108.65 68.06 3.69
CA LEU S 192 107.88 67.11 2.90
C LEU S 192 108.70 66.59 1.72
N VAL S 193 109.43 67.48 1.05
CA VAL S 193 110.24 67.06 -0.09
C VAL S 193 111.40 66.17 0.34
N GLU S 194 111.88 66.35 1.57
CA GLU S 194 113.00 65.58 2.09
C GLU S 194 112.56 64.31 2.80
N HIS S 195 111.26 64.05 2.91
CA HIS S 195 110.79 62.88 3.64
C HIS S 195 109.70 62.10 2.94
N SER S 196 109.23 62.53 1.77
CA SER S 196 108.15 61.84 1.07
C SER S 196 108.64 61.32 -0.28
N ASP S 197 107.99 60.27 -0.76
CA ASP S 197 108.33 59.66 -2.04
C ASP S 197 107.39 60.04 -3.17
N GLU S 198 106.14 60.38 -2.86
CA GLU S 198 105.19 60.84 -3.87
C GLU S 198 104.09 61.61 -3.19
N THR S 199 103.46 62.52 -3.95
CA THR S 199 102.39 63.34 -3.41
C THR S 199 101.45 63.75 -4.54
N PHE S 200 100.24 64.16 -4.14
CA PHE S 200 99.21 64.58 -5.08
C PHE S 200 98.86 66.05 -4.83
N CYS S 201 98.63 66.78 -5.92
CA CYS S 201 98.25 68.19 -5.84
C CYS S 201 96.73 68.28 -5.83
N ILE S 202 96.17 68.77 -4.72
CA ILE S 202 94.73 68.90 -4.55
C ILE S 202 94.42 70.36 -4.25
N ASP S 203 93.49 70.94 -5.01
CA ASP S 203 93.07 72.32 -4.82
C ASP S 203 91.55 72.36 -4.70
N ASN S 204 91.04 73.04 -3.67
CA ASN S 204 89.60 73.11 -3.46
C ASN S 204 88.91 73.98 -4.50
N GLU S 205 89.59 75.02 -4.98
CA GLU S 205 88.99 75.89 -5.99
C GLU S 205 88.77 75.16 -7.31
N ALA S 206 89.66 74.23 -7.66
CA ALA S 206 89.41 73.38 -8.82
C ALA S 206 88.17 72.52 -8.62
N LEU S 207 87.98 72.02 -7.40
CA LEU S 207 86.77 71.26 -7.10
C LEU S 207 85.53 72.12 -7.24
N TYR S 208 85.59 73.37 -6.77
CA TYR S 208 84.47 74.29 -6.94
C TYR S 208 84.18 74.56 -8.41
N ASP S 209 85.25 74.74 -9.20
CA ASP S 209 85.07 74.99 -10.63
C ASP S 209 84.43 73.79 -11.33
N ILE S 210 84.88 72.59 -11.01
CA ILE S 210 84.30 71.41 -11.66
C ILE S 210 82.88 71.16 -11.17
N CYS S 211 82.56 71.56 -9.93
CA CYS S 211 81.19 71.43 -9.44
C CYS S 211 80.27 72.42 -10.16
N GLN S 212 80.73 73.66 -10.37
CA GLN S 212 79.90 74.65 -11.04
C GLN S 212 79.88 74.47 -12.55
N ARG S 213 80.79 73.67 -13.11
CA ARG S 213 80.81 73.43 -14.56
C ARG S 213 79.96 72.23 -14.94
N THR S 214 80.26 71.06 -14.37
CA THR S 214 79.57 69.82 -14.72
C THR S 214 78.49 69.45 -13.70
N LEU S 215 78.80 69.55 -12.41
CA LEU S 215 77.82 69.16 -11.39
C LEU S 215 76.71 70.18 -11.24
N LYS S 216 76.99 71.46 -11.52
CA LYS S 216 76.02 72.54 -11.31
C LYS S 216 75.53 72.55 -9.87
N LEU S 217 76.45 72.33 -8.93
CA LEU S 217 76.09 72.28 -7.52
C LEU S 217 75.74 73.68 -7.02
N ASN S 218 74.60 73.78 -6.33
CA ASN S 218 74.13 75.07 -5.81
C ASN S 218 74.66 75.36 -4.41
N GLN S 219 74.82 74.33 -3.57
CA GLN S 219 75.26 74.51 -2.20
C GLN S 219 76.73 74.09 -2.08
N PRO S 220 77.63 75.00 -1.71
CA PRO S 220 79.04 74.60 -1.55
C PRO S 220 79.23 73.72 -0.33
N SER S 221 79.45 72.43 -0.56
CA SER S 221 79.56 71.45 0.51
C SER S 221 80.88 70.70 0.39
N TYR S 222 81.58 70.54 1.51
CA TYR S 222 82.82 69.79 1.53
C TYR S 222 82.59 68.29 1.44
N GLY S 223 81.36 67.83 1.72
CA GLY S 223 81.08 66.41 1.68
C GLY S 223 81.17 65.82 0.28
N ASP S 224 80.62 66.53 -0.71
CA ASP S 224 80.71 66.05 -2.09
C ASP S 224 82.16 66.03 -2.56
N LEU S 225 82.95 67.04 -2.18
CA LEU S 225 84.36 67.07 -2.56
C LEU S 225 85.11 65.93 -1.92
N ASN S 226 84.80 65.62 -0.66
CA ASN S 226 85.38 64.47 0.00
C ASN S 226 84.99 63.17 -0.71
N ASN S 227 83.73 63.08 -1.14
CA ASN S 227 83.30 61.90 -1.88
C ASN S 227 84.09 61.73 -3.17
N LEU S 228 84.30 62.82 -3.89
CA LEU S 228 85.07 62.75 -5.14
C LEU S 228 86.51 62.33 -4.88
N VAL S 229 87.17 62.96 -3.90
CA VAL S 229 88.57 62.63 -3.65
C VAL S 229 88.70 61.22 -3.10
N SER S 230 87.70 60.74 -2.35
CA SER S 230 87.75 59.37 -1.84
C SER S 230 87.52 58.36 -2.94
N SER S 231 86.65 58.68 -3.91
CA SER S 231 86.50 57.81 -5.07
C SER S 231 87.80 57.72 -5.86
N VAL S 232 88.49 58.86 -6.01
CA VAL S 232 89.78 58.85 -6.68
C VAL S 232 90.78 57.99 -5.91
N MET S 233 90.81 58.16 -4.58
CA MET S 233 91.74 57.41 -3.75
C MET S 233 91.47 55.91 -3.79
N SER S 234 90.19 55.51 -3.81
CA SER S 234 89.87 54.11 -4.00
C SER S 234 90.30 53.62 -5.38
N GLY S 235 90.09 54.44 -6.41
CA GLY S 235 90.45 54.04 -7.77
C GLY S 235 91.93 53.81 -7.98
N VAL S 236 92.79 54.57 -7.29
CA VAL S 236 94.23 54.38 -7.48
C VAL S 236 94.73 53.07 -6.89
N THR S 237 93.92 52.38 -6.09
CA THR S 237 94.31 51.09 -5.52
C THR S 237 93.38 49.94 -5.90
N THR S 238 92.31 50.20 -6.66
CA THR S 238 91.51 49.11 -7.19
C THR S 238 92.35 48.14 -8.02
N SER S 239 93.37 48.66 -8.72
CA SER S 239 94.23 47.79 -9.51
C SER S 239 94.98 46.80 -8.62
N LEU S 240 95.44 47.25 -7.46
CA LEU S 240 96.13 46.35 -6.53
C LEU S 240 95.16 45.36 -5.90
N ARG S 241 94.01 45.83 -5.43
CA ARG S 241 93.12 44.95 -4.70
C ARG S 241 92.13 44.22 -5.61
N TYR S 242 92.18 44.45 -6.92
CA TYR S 242 91.39 43.67 -7.88
C TYR S 242 92.28 43.36 -9.08
N PRO S 243 92.53 42.09 -9.39
CA PRO S 243 93.46 41.77 -10.49
C PRO S 243 92.92 42.21 -11.84
N GLY S 244 93.85 42.56 -12.72
CA GLY S 244 93.53 42.91 -14.09
C GLY S 244 94.63 42.47 -15.04
N GLN S 245 94.71 43.10 -16.22
CA GLN S 245 95.80 42.80 -17.13
C GLN S 245 97.14 43.22 -16.56
N LEU S 246 97.19 44.38 -15.91
CA LEU S 246 98.42 44.88 -15.31
C LEU S 246 98.08 45.52 -13.96
N ASN S 247 98.31 44.78 -12.87
CA ASN S 247 98.11 45.35 -11.55
C ASN S 247 99.16 46.39 -11.24
N SER S 248 98.75 47.47 -10.58
CA SER S 248 99.63 48.59 -10.26
C SER S 248 99.75 48.73 -8.75
N ASP S 249 100.96 49.05 -8.30
CA ASP S 249 101.26 49.26 -6.89
C ASP S 249 101.93 50.61 -6.71
N LEU S 250 101.93 51.09 -5.47
CA LEU S 250 102.54 52.39 -5.17
C LEU S 250 104.02 52.40 -5.51
N ARG S 251 104.70 51.27 -5.26
CA ARG S 251 106.10 51.17 -5.66
C ARG S 251 106.24 51.19 -7.17
N LYS S 252 105.25 50.67 -7.90
CA LYS S 252 105.27 50.79 -9.35
C LYS S 252 105.09 52.23 -9.79
N LEU S 253 104.26 53.00 -9.07
CA LEU S 253 104.19 54.44 -9.30
C LEU S 253 105.53 55.11 -9.08
N ALA S 254 106.23 54.74 -8.00
CA ALA S 254 107.54 55.31 -7.73
C ALA S 254 108.53 54.95 -8.84
N VAL S 255 108.50 53.72 -9.32
CA VAL S 255 109.44 53.28 -10.34
C VAL S 255 109.16 53.96 -11.67
N ASN S 256 107.90 53.99 -12.10
CA ASN S 256 107.55 54.45 -13.44
C ASN S 256 107.23 55.95 -13.48
N LEU S 257 106.22 56.38 -12.72
CA LEU S 257 105.78 57.77 -12.80
C LEU S 257 106.81 58.75 -12.26
N VAL S 258 107.42 58.45 -11.12
CA VAL S 258 108.41 59.33 -10.51
C VAL S 258 109.68 59.30 -11.36
N PRO S 259 110.21 60.45 -11.78
CA PRO S 259 111.49 60.46 -12.51
C PRO S 259 112.68 60.31 -11.58
N PHE S 260 112.56 60.87 -10.37
CA PHE S 260 113.55 60.75 -9.31
C PHE S 260 112.92 61.24 -8.01
N PRO S 261 113.38 60.77 -6.84
CA PRO S 261 112.66 61.08 -5.59
C PRO S 261 112.56 62.56 -5.27
N ARG S 262 113.44 63.41 -5.81
CA ARG S 262 113.32 64.83 -5.58
C ARG S 262 112.05 65.39 -6.21
N LEU S 263 111.72 64.96 -7.42
CA LEU S 263 110.51 65.41 -8.10
C LEU S 263 109.43 64.34 -7.93
N HIS S 264 108.43 64.65 -7.11
CA HIS S 264 107.36 63.70 -6.83
C HIS S 264 105.99 64.35 -6.79
N PHE S 265 105.83 65.53 -7.38
CA PHE S 265 104.54 66.23 -7.38
C PHE S 265 103.71 65.79 -8.58
N PHE S 266 102.46 65.42 -8.32
CA PHE S 266 101.55 64.95 -9.34
C PHE S 266 100.26 65.74 -9.31
N MET S 267 99.65 65.92 -10.47
CA MET S 267 98.31 66.48 -10.57
C MET S 267 97.32 65.36 -10.82
N VAL S 268 96.13 65.50 -10.25
CA VAL S 268 95.13 64.43 -10.25
C VAL S 268 93.99 64.80 -11.17
N GLY S 269 93.57 63.84 -12.00
CA GLY S 269 92.40 64.01 -12.83
C GLY S 269 91.52 62.78 -12.75
N TYR S 270 90.21 63.02 -12.80
CA TYR S 270 89.23 61.96 -12.64
C TYR S 270 88.20 62.02 -13.77
N ALA S 271 87.65 60.85 -14.10
CA ALA S 271 86.63 60.72 -15.12
C ALA S 271 85.80 59.48 -14.81
N PRO S 272 84.51 59.46 -15.17
CA PRO S 272 83.77 60.54 -15.83
C PRO S 272 83.29 61.62 -14.87
N LEU S 273 83.28 62.87 -15.35
CA LEU S 273 82.77 63.98 -14.56
C LEU S 273 81.37 64.35 -15.04
N THR S 274 80.42 63.51 -14.63
CA THR S 274 79.02 63.65 -15.04
C THR S 274 78.14 63.83 -13.80
N ALA S 275 77.01 64.49 -14.00
CA ALA S 275 76.07 64.78 -12.93
C ALA S 275 74.70 64.19 -13.26
N ILE S 276 73.78 64.32 -12.29
CA ILE S 276 72.41 63.87 -12.49
C ILE S 276 71.73 64.75 -13.54
N GLY S 277 71.01 64.12 -14.46
CA GLY S 277 70.39 64.81 -15.57
C GLY S 277 71.12 64.63 -16.89
N SER S 278 72.31 64.05 -16.88
CA SER S 278 73.06 63.74 -18.09
C SER S 278 73.37 62.26 -18.22
N GLN S 279 72.88 61.43 -17.31
CA GLN S 279 73.20 60.00 -17.33
C GLN S 279 72.49 59.26 -18.45
N SER S 280 71.32 59.72 -18.87
CA SER S 280 70.54 59.07 -19.91
C SER S 280 70.84 59.61 -21.31
N PHE S 281 71.82 60.50 -21.44
CA PHE S 281 72.13 61.13 -22.71
C PHE S 281 73.57 60.92 -23.18
N ARG S 282 74.45 60.34 -22.37
CA ARG S 282 75.81 60.06 -22.79
C ARG S 282 76.05 58.57 -22.92
N SER S 283 77.02 58.23 -23.76
CA SER S 283 77.58 56.89 -23.83
C SER S 283 78.90 56.89 -23.09
N LEU S 284 78.97 56.12 -22.00
CA LEU S 284 80.18 56.07 -21.18
C LEU S 284 81.13 55.05 -21.78
N THR S 285 82.15 55.52 -22.50
CA THR S 285 83.08 54.67 -23.21
C THR S 285 84.51 55.13 -22.92
N VAL S 286 85.46 54.28 -23.31
CA VAL S 286 86.87 54.60 -23.11
C VAL S 286 87.29 55.88 -23.83
N PRO S 287 86.95 56.09 -25.11
CA PRO S 287 87.37 57.34 -25.76
C PRO S 287 86.84 58.59 -25.06
N GLU S 288 85.56 58.59 -24.65
CA GLU S 288 85.00 59.75 -23.97
C GLU S 288 85.72 60.01 -22.66
N LEU S 289 86.00 58.96 -21.90
CA LEU S 289 86.80 59.11 -20.69
C LEU S 289 88.19 59.67 -21.02
N THR S 290 88.72 59.35 -22.20
CA THR S 290 90.02 59.87 -22.57
C THR S 290 89.98 61.36 -22.87
N GLN S 291 88.99 61.82 -23.66
CA GLN S 291 88.90 63.25 -23.88
C GLN S 291 88.58 63.99 -22.59
N GLN S 292 87.89 63.34 -21.65
CA GLN S 292 87.71 63.94 -20.34
C GLN S 292 88.99 63.91 -19.53
N MET S 293 89.93 63.02 -19.85
CA MET S 293 91.18 62.95 -19.10
C MET S 293 92.12 64.09 -19.49
N PHE S 294 92.33 64.29 -20.79
CA PHE S 294 93.23 65.32 -21.28
C PHE S 294 92.57 66.69 -21.40
N ASP S 295 91.29 66.79 -21.04
CA ASP S 295 90.63 68.09 -21.03
C ASP S 295 91.30 69.01 -20.03
N ALA S 296 91.51 70.27 -20.44
CA ALA S 296 92.26 71.22 -19.64
C ALA S 296 91.51 71.69 -18.41
N LYS S 297 90.23 71.36 -18.27
CA LYS S 297 89.42 71.81 -17.15
C LYS S 297 88.99 70.66 -16.25
N ASN S 298 89.69 69.53 -16.28
CA ASN S 298 89.30 68.36 -15.50
C ASN S 298 90.29 67.97 -14.42
N MET S 299 91.53 68.46 -14.48
CA MET S 299 92.49 68.18 -13.42
C MET S 299 92.32 69.17 -12.27
N MET S 300 92.83 68.78 -11.10
CA MET S 300 92.66 69.55 -9.87
C MET S 300 93.98 70.09 -9.34
N ALA S 301 94.91 70.45 -10.23
CA ALA S 301 96.20 70.97 -9.77
C ALA S 301 96.04 72.33 -9.09
N ALA S 302 95.36 73.31 -9.71
CA ALA S 302 94.84 73.31 -11.08
C ALA S 302 95.60 74.31 -11.92
N ALA S 303 96.18 73.85 -13.03
CA ALA S 303 96.99 74.69 -13.90
C ALA S 303 96.61 74.44 -15.35
N ASP S 304 97.39 75.00 -16.26
CA ASP S 304 97.10 74.94 -17.69
C ASP S 304 97.97 73.89 -18.34
N PRO S 305 97.41 72.80 -18.87
CA PRO S 305 98.25 71.74 -19.43
C PRO S 305 98.76 72.00 -20.83
N ARG S 306 97.99 72.69 -21.67
CA ARG S 306 98.40 72.87 -23.06
C ARG S 306 99.29 74.09 -23.27
N ASN S 307 99.59 74.85 -22.21
CA ASN S 307 100.60 75.89 -22.30
C ASN S 307 101.98 75.39 -21.90
N GLY S 308 102.06 74.24 -21.22
CA GLY S 308 103.33 73.61 -20.92
C GLY S 308 103.50 72.30 -21.66
N ARG S 309 104.02 71.29 -20.98
CA ARG S 309 104.14 69.97 -21.59
C ARG S 309 104.21 68.93 -20.49
N TYR S 310 103.84 67.70 -20.84
CA TYR S 310 103.91 66.59 -19.90
C TYR S 310 105.28 65.93 -19.95
N LEU S 311 105.68 65.35 -18.82
CA LEU S 311 106.88 64.53 -18.75
C LEU S 311 106.59 63.04 -18.77
N THR S 312 105.53 62.60 -18.09
CA THR S 312 105.05 61.23 -18.17
C THR S 312 103.62 61.20 -17.66
N VAL S 313 102.76 60.45 -18.35
CA VAL S 313 101.36 60.35 -17.96
C VAL S 313 101.02 58.89 -17.75
N ALA S 314 99.99 58.65 -16.94
CA ALA S 314 99.57 57.30 -16.60
C ALA S 314 98.06 57.20 -16.63
N ALA S 315 97.58 55.99 -16.87
CA ALA S 315 96.15 55.70 -16.92
C ALA S 315 95.86 54.52 -15.99
N PHE S 316 94.84 54.68 -15.14
CA PHE S 316 94.44 53.65 -14.19
C PHE S 316 92.96 53.36 -14.43
N PHE S 317 92.70 52.39 -15.30
CA PHE S 317 91.34 52.12 -15.76
C PHE S 317 90.65 51.09 -14.86
N ARG S 318 89.32 51.20 -14.80
CA ARG S 318 88.50 50.35 -13.95
C ARG S 318 87.32 49.80 -14.74
N GLY S 319 86.92 48.58 -14.42
CA GLY S 319 85.73 47.98 -14.98
C GLY S 319 86.03 47.03 -16.12
N LYS S 320 84.95 46.47 -16.67
CA LYS S 320 85.03 45.54 -17.80
C LYS S 320 85.44 46.30 -19.04
N VAL S 321 86.72 46.20 -19.42
CA VAL S 321 87.26 46.90 -20.57
C VAL S 321 88.07 45.93 -21.41
N SER S 322 87.95 46.06 -22.74
CA SER S 322 88.76 45.29 -23.67
C SER S 322 90.12 45.94 -23.82
N VAL S 323 91.12 45.10 -24.12
CA VAL S 323 92.48 45.60 -24.26
C VAL S 323 92.63 46.48 -25.50
N LYS S 324 91.82 46.24 -26.53
CA LYS S 324 92.01 46.95 -27.80
C LYS S 324 91.55 48.40 -27.72
N GLU S 325 90.45 48.66 -27.00
CA GLU S 325 89.93 50.03 -26.95
C GLU S 325 90.95 50.98 -26.34
N VAL S 326 91.54 50.59 -25.21
CA VAL S 326 92.42 51.49 -24.48
C VAL S 326 93.70 51.75 -25.27
N GLU S 327 94.28 50.70 -25.85
CA GLU S 327 95.50 50.88 -26.64
C GLU S 327 95.24 51.66 -27.92
N ASP S 328 94.09 51.43 -28.56
CA ASP S 328 93.76 52.20 -29.77
C ASP S 328 93.61 53.68 -29.45
N GLU S 329 92.91 53.99 -28.36
CA GLU S 329 92.79 55.39 -27.95
C GLU S 329 94.13 55.97 -27.55
N MET S 330 95.03 55.14 -27.01
CA MET S 330 96.37 55.64 -26.66
C MET S 330 97.19 55.93 -27.91
N HIS S 331 97.06 55.08 -28.94
CA HIS S 331 97.64 55.43 -30.24
C HIS S 331 97.08 56.76 -30.74
N LYS S 332 95.77 56.95 -30.62
CA LYS S 332 95.15 58.18 -31.12
C LYS S 332 95.72 59.40 -30.40
N VAL S 333 95.81 59.34 -29.07
CA VAL S 333 96.28 60.50 -28.32
C VAL S 333 97.77 60.72 -28.57
N GLN S 334 98.57 59.65 -28.69
CA GLN S 334 99.97 59.81 -29.01
C GLN S 334 100.19 60.36 -30.40
N SER S 335 99.24 60.12 -31.32
CA SER S 335 99.35 60.70 -32.65
C SER S 335 98.95 62.16 -32.68
N LYS S 336 97.88 62.52 -31.97
CA LYS S 336 97.40 63.89 -32.02
C LYS S 336 98.02 64.80 -30.97
N ASN S 337 98.46 64.24 -29.84
CA ASN S 337 99.06 65.02 -28.75
C ASN S 337 100.56 64.78 -28.64
N SER S 338 101.23 64.54 -29.76
CA SER S 338 102.66 64.20 -29.73
C SER S 338 103.51 65.40 -29.33
N ASP S 339 103.04 66.63 -29.60
CA ASP S 339 103.86 67.81 -29.36
C ASP S 339 104.13 68.02 -27.87
N TYR S 340 103.16 67.75 -27.01
CA TYR S 340 103.28 68.04 -25.59
C TYR S 340 103.90 66.91 -24.79
N PHE S 341 104.26 65.80 -25.43
CA PHE S 341 105.00 64.74 -24.75
C PHE S 341 106.50 64.99 -24.89
N VAL S 342 107.25 64.55 -23.87
CA VAL S 342 108.70 64.72 -23.90
C VAL S 342 109.28 63.85 -25.01
N GLU S 343 110.37 64.34 -25.61
CA GLU S 343 111.00 63.70 -26.76
C GLU S 343 112.11 62.74 -26.36
N TRP S 344 112.03 62.15 -25.17
CA TRP S 344 113.06 61.23 -24.72
C TRP S 344 112.53 59.93 -24.11
N ILE S 345 111.23 59.77 -23.93
CA ILE S 345 110.71 58.49 -23.43
C ILE S 345 110.58 57.48 -24.57
N PRO S 346 109.94 57.81 -25.71
CA PRO S 346 109.16 58.99 -26.10
C PRO S 346 107.66 58.77 -25.92
N ASN S 347 107.28 57.57 -25.47
CA ASN S 347 105.89 57.19 -25.31
C ASN S 347 105.53 57.25 -23.84
N ASN S 348 105.04 58.41 -23.41
CA ASN S 348 104.67 58.64 -22.02
C ASN S 348 103.37 57.91 -21.74
N VAL S 349 103.45 56.73 -21.11
CA VAL S 349 102.29 55.90 -20.90
C VAL S 349 102.57 54.90 -19.79
N GLN S 350 101.60 54.73 -18.90
CA GLN S 350 101.58 53.65 -17.91
C GLN S 350 100.13 53.23 -17.72
N THR S 351 99.83 51.96 -17.97
CA THR S 351 98.46 51.47 -17.99
C THR S 351 98.24 50.45 -16.88
N ALA S 352 97.04 50.47 -16.31
CA ALA S 352 96.62 49.51 -15.31
C ALA S 352 95.15 49.20 -15.52
N VAL S 353 94.78 47.92 -15.30
CA VAL S 353 93.43 47.45 -15.57
C VAL S 353 92.84 46.93 -14.26
N CYS S 354 91.62 47.35 -13.96
CA CYS S 354 90.87 46.89 -12.80
C CYS S 354 89.65 46.09 -13.26
N SER S 355 89.27 45.09 -12.48
CA SER S 355 88.18 44.21 -12.87
C SER S 355 86.81 44.77 -12.50
N VAL S 356 86.58 45.09 -11.23
CA VAL S 356 85.27 45.48 -10.75
C VAL S 356 84.96 46.89 -11.23
N ALA S 357 83.67 47.17 -11.42
CA ALA S 357 83.21 48.48 -11.82
C ALA S 357 83.15 49.43 -10.62
N PRO S 358 83.33 50.73 -10.85
CA PRO S 358 83.22 51.68 -9.74
C PRO S 358 81.80 51.74 -9.18
N GLN S 359 81.70 52.06 -7.90
CA GLN S 359 80.41 52.21 -7.27
C GLN S 359 79.67 53.43 -7.80
N GLY S 360 78.39 53.26 -8.11
CA GLY S 360 77.60 54.34 -8.65
C GLY S 360 77.87 54.68 -10.09
N LEU S 361 78.69 53.89 -10.78
CA LEU S 361 79.05 54.16 -12.16
C LEU S 361 79.33 52.84 -12.86
N ASP S 362 79.61 52.92 -14.17
CA ASP S 362 79.94 51.74 -14.96
C ASP S 362 81.43 51.65 -15.25
N MET S 363 82.03 52.72 -15.77
CA MET S 363 83.43 52.73 -16.15
C MET S 363 84.04 54.04 -15.66
N ALA S 364 85.25 53.95 -15.12
CA ALA S 364 85.91 55.12 -14.55
C ALA S 364 87.42 54.92 -14.58
N ALA S 365 88.14 56.01 -14.32
CA ALA S 365 89.59 56.00 -14.38
C ALA S 365 90.13 57.16 -13.55
N THR S 366 91.44 57.11 -13.29
CA THR S 366 92.16 58.18 -12.63
C THR S 366 93.36 58.59 -13.47
N PHE S 367 93.76 59.86 -13.32
CA PHE S 367 94.83 60.44 -14.13
C PHE S 367 95.97 60.86 -13.21
N ILE S 368 97.16 60.32 -13.45
CA ILE S 368 98.38 60.69 -12.74
C ILE S 368 99.44 61.01 -13.77
N ALA S 369 100.08 62.18 -13.63
CA ALA S 369 101.04 62.63 -14.63
C ALA S 369 102.03 63.59 -13.99
N ASN S 370 103.06 63.94 -14.76
CA ASN S 370 104.05 64.95 -14.39
C ASN S 370 104.13 65.97 -15.50
N SER S 371 103.91 67.24 -15.16
CA SER S 371 104.07 68.36 -16.09
C SER S 371 104.95 69.42 -15.45
N THR S 372 105.19 70.49 -16.20
CA THR S 372 106.00 71.61 -15.74
C THR S 372 105.18 72.75 -15.19
N SER S 373 103.90 72.51 -14.84
CA SER S 373 103.02 73.58 -14.39
C SER S 373 103.00 73.77 -12.88
N ILE S 374 103.68 72.89 -12.12
CA ILE S 374 103.68 73.03 -10.67
C ILE S 374 104.68 74.09 -10.23
N GLN S 375 105.72 74.31 -11.02
CA GLN S 375 106.69 75.38 -10.71
C GLN S 375 106.03 76.75 -10.76
N GLU S 376 104.96 76.90 -11.55
CA GLU S 376 104.21 78.16 -11.55
C GLU S 376 103.55 78.41 -10.19
N LEU S 377 102.92 77.38 -9.62
CA LEU S 377 102.35 77.53 -8.28
C LEU S 377 103.44 77.81 -7.26
N PHE S 378 104.58 77.11 -7.39
CA PHE S 378 105.68 77.34 -6.46
C PHE S 378 106.19 78.78 -6.53
N LYS S 379 106.37 79.32 -7.74
CA LYS S 379 106.84 80.71 -7.84
C LYS S 379 105.76 81.68 -7.39
N ARG S 380 104.48 81.35 -7.57
CA ARG S 380 103.43 82.20 -7.01
C ARG S 380 103.55 82.29 -5.50
N VAL S 381 103.72 81.15 -4.83
CA VAL S 381 103.87 81.16 -3.37
C VAL S 381 105.15 81.90 -2.96
N GLY S 382 106.24 81.67 -3.70
CA GLY S 382 107.48 82.37 -3.39
C GLY S 382 107.37 83.87 -3.55
N ASP S 383 106.66 84.32 -4.59
CA ASP S 383 106.43 85.75 -4.77
C ASP S 383 105.54 86.31 -3.67
N GLN S 384 104.55 85.53 -3.23
CA GLN S 384 103.74 85.95 -2.09
C GLN S 384 104.60 86.16 -0.85
N PHE S 385 105.54 85.26 -0.61
CA PHE S 385 106.48 85.46 0.50
C PHE S 385 107.33 86.71 0.29
N SER S 386 107.92 86.85 -0.90
CA SER S 386 108.81 87.96 -1.17
C SER S 386 108.08 89.31 -1.13
N ALA S 387 106.76 89.29 -1.23
CA ALA S 387 105.98 90.53 -1.13
C ALA S 387 105.54 90.79 0.31
N MET S 388 104.80 89.85 0.91
CA MET S 388 104.20 90.09 2.22
C MET S 388 105.22 90.04 3.35
N PHE S 389 106.14 89.09 3.31
CA PHE S 389 106.98 88.79 4.47
C PHE S 389 108.25 89.63 4.55
N LYS S 390 108.45 90.56 3.61
CA LYS S 390 109.57 91.48 3.74
C LYS S 390 109.32 92.57 4.77
N ARG S 391 108.08 92.77 5.18
CA ARG S 391 107.76 93.74 6.23
C ARG S 391 107.96 93.19 7.63
N LYS S 392 108.14 91.87 7.76
CA LYS S 392 108.30 91.22 9.06
C LYS S 392 107.14 91.54 9.99
N ALA S 393 105.93 91.48 9.44
CA ALA S 393 104.71 91.74 10.19
C ALA S 393 104.12 90.42 10.68
N PHE S 394 103.82 90.35 11.97
CA PHE S 394 103.30 89.14 12.62
C PHE S 394 104.24 87.95 12.48
N LEU S 395 105.53 88.22 12.25
CA LEU S 395 106.54 87.18 12.10
C LEU S 395 107.17 86.78 13.43
N HIS S 396 107.02 87.61 14.48
CA HIS S 396 107.60 87.31 15.77
C HIS S 396 106.93 86.11 16.45
N TRP S 397 105.70 85.78 16.06
CA TRP S 397 104.97 84.68 16.68
C TRP S 397 105.71 83.36 16.51
N TYR S 398 106.52 83.23 15.47
CA TYR S 398 107.30 82.03 15.22
C TYR S 398 108.73 82.13 15.72
N THR S 399 109.37 83.29 15.56
CA THR S 399 110.73 83.47 16.07
C THR S 399 110.78 83.50 17.59
N SER S 400 109.64 83.67 18.26
CA SER S 400 109.63 83.62 19.72
C SER S 400 110.06 82.27 20.26
N GLU S 401 109.83 81.20 19.50
CA GLU S 401 110.18 79.85 19.91
C GLU S 401 111.56 79.41 19.43
N GLY S 402 112.25 80.24 18.67
CA GLY S 402 113.60 79.92 18.24
C GLY S 402 113.75 79.65 16.76
N MET S 403 112.94 80.31 15.94
CA MET S 403 113.06 80.19 14.49
C MET S 403 114.06 81.21 13.96
N ASP S 404 114.83 80.79 12.96
CA ASP S 404 115.85 81.62 12.35
C ASP S 404 115.53 81.84 10.88
N GLU S 405 116.05 82.94 10.34
CA GLU S 405 115.87 83.24 8.92
C GLU S 405 116.60 82.25 8.02
N LEU S 406 117.55 81.49 8.59
CA LEU S 406 118.26 80.49 7.79
C LEU S 406 117.30 79.43 7.26
N GLU S 407 116.34 79.01 8.07
CA GLU S 407 115.36 78.01 7.62
C GLU S 407 114.53 78.53 6.46
N PHE S 408 114.08 79.78 6.53
CA PHE S 408 113.28 80.35 5.46
C PHE S 408 114.11 80.52 4.18
N SER S 409 115.36 80.97 4.32
CA SER S 409 116.22 81.07 3.14
C SER S 409 116.48 79.71 2.54
N GLU S 410 116.65 78.68 3.36
CA GLU S 410 116.84 77.33 2.86
C GLU S 410 115.59 76.81 2.16
N ALA S 411 114.40 77.15 2.67
CA ALA S 411 113.17 76.78 1.98
C ALA S 411 113.06 77.47 0.63
N GLU S 412 113.44 78.75 0.56
CA GLU S 412 113.45 79.46 -0.71
C GLU S 412 114.43 78.81 -1.69
N SER S 413 115.60 78.41 -1.19
CA SER S 413 116.55 77.69 -2.03
C SER S 413 115.97 76.36 -2.50
N ASN S 414 115.22 75.68 -1.62
CA ASN S 414 114.59 74.42 -2.00
C ASN S 414 113.58 74.61 -3.11
N MET S 415 112.76 75.67 -3.03
CA MET S 415 111.77 75.88 -4.08
C MET S 415 112.44 76.33 -5.37
N ASN S 416 113.54 77.08 -5.27
CA ASN S 416 114.35 77.37 -6.46
C ASN S 416 114.88 76.09 -7.09
N ASP S 417 115.36 75.16 -6.27
CA ASP S 417 115.86 73.88 -6.78
C ASP S 417 114.74 73.08 -7.43
N LEU S 418 113.53 73.12 -6.85
CA LEU S 418 112.40 72.44 -7.45
C LEU S 418 112.06 73.05 -8.81
N VAL S 419 112.10 74.38 -8.91
CA VAL S 419 111.86 75.03 -10.20
C VAL S 419 112.91 74.60 -11.22
N SER S 420 114.18 74.59 -10.81
CA SER S 420 115.24 74.18 -11.72
C SER S 420 115.06 72.73 -12.17
N GLU S 421 114.63 71.86 -11.26
CA GLU S 421 114.30 70.49 -11.64
C GLU S 421 113.15 70.44 -12.63
N TYR S 422 112.16 71.32 -12.45
CA TYR S 422 111.07 71.48 -13.40
C TYR S 422 111.52 72.14 -14.70
N GLN S 423 112.81 72.46 -14.83
CA GLN S 423 113.35 73.05 -16.04
C GLN S 423 114.58 72.30 -16.52
N GLN S 424 114.48 70.96 -16.60
CA GLN S 424 115.62 70.13 -16.99
C GLN S 424 115.48 69.41 -18.34
N TYR S 425 114.38 68.73 -18.70
CA TYR S 425 112.98 68.78 -18.23
C TYR S 425 112.39 70.18 -18.37
N GLN S 426 112.71 70.83 -19.47
CA GLN S 426 112.22 72.18 -19.75
C GLN S 426 110.72 72.15 -20.03
N GLU S 427 110.09 73.31 -19.82
CA GLU S 427 108.66 73.45 -20.06
C GLU S 427 108.37 73.51 -21.56
N MET T 1 80.66 58.25 -44.86
CA MET T 1 80.75 59.69 -45.09
C MET T 1 79.34 60.24 -45.29
N ARG T 2 78.53 60.18 -44.24
CA ARG T 2 77.13 60.56 -44.32
C ARG T 2 76.66 61.48 -43.21
N GLU T 3 77.30 61.45 -42.04
CA GLU T 3 76.77 62.17 -40.89
C GLU T 3 76.75 63.67 -41.12
N ILE T 4 75.67 64.31 -40.67
CA ILE T 4 75.44 65.73 -40.85
C ILE T 4 75.20 66.37 -39.49
N ILE T 5 75.89 67.47 -39.22
CA ILE T 5 75.69 68.25 -38.00
C ILE T 5 74.91 69.50 -38.36
N HIS T 6 73.77 69.69 -37.70
CA HIS T 6 72.86 70.79 -38.00
C HIS T 6 73.12 71.93 -37.02
N ILE T 7 73.67 73.03 -37.52
CA ILE T 7 73.92 74.21 -36.71
C ILE T 7 72.72 75.15 -36.82
N SER T 8 72.26 75.67 -35.69
CA SER T 8 71.11 76.55 -35.64
C SER T 8 71.49 77.85 -34.94
N THR T 9 71.12 78.98 -35.55
CA THR T 9 71.36 80.28 -34.95
C THR T 9 70.30 81.26 -35.46
N GLY T 10 70.10 82.32 -34.69
CA GLY T 10 69.12 83.33 -35.05
C GLY T 10 67.72 83.00 -34.55
N GLN T 11 66.89 84.04 -34.49
CA GLN T 11 65.51 83.87 -34.02
C GLN T 11 64.72 82.97 -34.96
N CYS T 12 64.75 83.28 -36.26
CA CYS T 12 64.08 82.45 -37.24
C CYS T 12 64.78 81.11 -37.42
N GLY T 13 66.11 81.09 -37.26
CA GLY T 13 66.86 79.86 -37.45
C GLY T 13 66.48 78.78 -36.44
N ASN T 14 66.22 79.18 -35.20
CA ASN T 14 65.81 78.22 -34.18
C ASN T 14 64.49 77.55 -34.56
N GLN T 15 63.52 78.34 -35.01
CA GLN T 15 62.23 77.78 -35.39
C GLN T 15 62.37 76.87 -36.60
N ILE T 16 63.16 77.28 -37.60
CA ILE T 16 63.35 76.45 -38.79
C ILE T 16 64.02 75.15 -38.42
N GLY T 17 65.05 75.20 -37.57
CA GLY T 17 65.72 73.98 -37.16
C GLY T 17 64.82 73.06 -36.36
N ALA T 18 64.03 73.63 -35.46
CA ALA T 18 63.09 72.81 -34.68
C ALA T 18 62.10 72.12 -35.60
N ALA T 19 61.49 72.87 -36.52
CA ALA T 19 60.51 72.29 -37.43
C ALA T 19 61.15 71.22 -38.31
N PHE T 20 62.39 71.45 -38.75
CA PHE T 20 63.13 70.42 -39.46
C PHE T 20 63.29 69.18 -38.60
N TRP T 21 63.49 69.36 -37.29
CA TRP T 21 63.64 68.22 -36.40
C TRP T 21 62.34 67.41 -36.29
N GLU T 22 61.19 68.08 -36.14
CA GLU T 22 59.95 67.30 -36.12
C GLU T 22 59.70 66.62 -37.46
N THR T 23 59.99 67.30 -38.57
CA THR T 23 59.79 66.67 -39.87
C THR T 23 60.68 65.44 -40.03
N ILE T 24 61.93 65.53 -39.57
CA ILE T 24 62.83 64.37 -39.63
C ILE T 24 62.31 63.23 -38.78
N CYS T 25 61.97 63.51 -37.52
CA CYS T 25 61.53 62.45 -36.62
C CYS T 25 60.19 61.85 -37.07
N GLY T 26 59.40 62.60 -37.85
CA GLY T 26 58.18 62.03 -38.39
C GLY T 26 58.38 61.26 -39.67
N GLU T 27 59.36 61.66 -40.49
CA GLU T 27 59.56 61.00 -41.77
C GLU T 27 60.27 59.65 -41.61
N HIS T 28 61.18 59.52 -40.65
CA HIS T 28 61.78 58.21 -40.42
C HIS T 28 61.07 57.44 -39.31
N GLY T 29 60.45 58.14 -38.37
CA GLY T 29 59.68 57.49 -37.33
C GLY T 29 60.45 57.28 -36.05
N LEU T 30 60.20 58.11 -35.04
CA LEU T 30 60.85 57.96 -33.74
C LEU T 30 60.03 58.75 -32.73
N ASP T 31 59.46 58.05 -31.74
CA ASP T 31 58.73 58.73 -30.69
C ASP T 31 59.70 59.41 -29.73
N PHE T 32 59.19 60.42 -29.02
CA PHE T 32 60.03 61.26 -28.18
C PHE T 32 60.47 60.58 -26.88
N ASN T 33 59.90 59.43 -26.54
CA ASN T 33 60.28 58.72 -25.32
C ASN T 33 61.38 57.69 -25.56
N GLY T 34 61.87 57.57 -26.79
CA GLY T 34 62.93 56.63 -27.09
C GLY T 34 62.43 55.27 -27.53
N THR T 35 61.41 55.24 -28.37
CA THR T 35 60.83 54.01 -28.88
C THR T 35 61.19 53.84 -30.34
N TYR T 36 61.71 52.67 -30.70
CA TYR T 36 62.11 52.42 -32.08
C TYR T 36 60.88 52.20 -32.95
N HIS T 37 60.83 52.89 -34.10
CA HIS T 37 59.70 52.76 -35.01
C HIS T 37 60.14 52.65 -36.46
N GLY T 38 61.42 52.40 -36.72
CA GLY T 38 61.87 52.27 -38.09
C GLY T 38 61.35 51.00 -38.74
N HIS T 39 61.15 51.07 -40.06
CA HIS T 39 60.64 49.93 -40.82
C HIS T 39 61.38 49.90 -42.17
N ASP T 40 62.34 48.98 -42.30
CA ASP T 40 62.76 48.14 -41.18
C ASP T 40 64.24 48.32 -40.90
N ASP T 41 65.06 48.24 -41.96
CA ASP T 41 66.51 48.36 -41.85
C ASP T 41 67.01 49.72 -42.32
N ILE T 42 66.60 50.15 -43.51
CA ILE T 42 67.09 51.39 -44.10
C ILE T 42 66.79 52.60 -43.23
N GLN T 43 65.80 52.50 -42.35
CA GLN T 43 65.46 53.57 -41.43
C GLN T 43 66.24 53.50 -40.12
N LYS T 44 67.23 52.61 -40.03
CA LYS T 44 68.02 52.43 -38.82
C LYS T 44 69.47 52.88 -38.98
N GLU T 45 70.14 52.49 -40.06
CA GLU T 45 71.51 52.95 -40.28
C GLU T 45 71.57 54.41 -40.75
N ARG T 46 70.49 54.92 -41.33
CA ARG T 46 70.48 56.29 -41.83
C ARG T 46 70.15 57.32 -40.77
N LEU T 47 69.66 56.90 -39.59
CA LEU T 47 69.43 57.86 -38.52
C LEU T 47 70.70 58.20 -37.75
N ASN T 48 71.80 57.50 -38.01
CA ASN T 48 73.09 57.87 -37.46
C ASN T 48 73.59 59.20 -38.01
N VAL T 49 73.00 59.66 -39.13
CA VAL T 49 73.40 60.94 -39.72
C VAL T 49 73.09 62.09 -38.75
N TYR T 50 71.90 62.08 -38.15
CA TYR T 50 71.48 63.15 -37.26
C TYR T 50 71.54 62.79 -35.79
N PHE T 51 71.39 61.53 -35.44
CA PHE T 51 71.35 61.09 -34.05
C PHE T 51 72.54 60.18 -33.74
N ASN T 52 72.87 60.11 -32.45
CA ASN T 52 73.92 59.23 -31.97
C ASN T 52 73.35 58.33 -30.87
N GLU T 53 73.86 57.10 -30.79
CA GLU T 53 73.33 56.11 -29.88
C GLU T 53 73.78 56.43 -28.45
N ALA T 54 72.82 56.74 -27.59
CA ALA T 54 73.10 56.95 -26.17
C ALA T 54 72.93 55.63 -25.42
N SER T 55 72.98 55.69 -24.10
CA SER T 55 72.83 54.49 -23.28
C SER T 55 71.39 54.00 -23.31
N SER T 56 71.22 52.70 -23.04
CA SER T 56 69.90 52.05 -22.98
C SER T 56 69.12 52.21 -24.27
N GLY T 57 69.82 52.14 -25.41
CA GLY T 57 69.16 52.23 -26.70
C GLY T 57 68.48 53.56 -26.97
N LYS T 58 69.06 54.65 -26.51
CA LYS T 58 68.49 55.98 -26.71
C LYS T 58 69.25 56.70 -27.82
N TRP T 59 68.51 57.48 -28.62
CA TRP T 59 69.07 58.26 -29.70
C TRP T 59 68.93 59.74 -29.37
N VAL T 60 70.04 60.47 -29.46
CA VAL T 60 70.04 61.90 -29.13
C VAL T 60 70.65 62.69 -30.28
N PRO T 61 70.20 63.91 -30.55
CA PRO T 61 70.71 64.66 -31.69
C PRO T 61 72.13 65.17 -31.46
N ARG T 62 72.83 65.38 -32.56
CA ARG T 62 74.14 66.04 -32.57
C ARG T 62 73.96 67.37 -33.30
N SER T 63 73.52 68.38 -32.56
CA SER T 63 73.21 69.68 -33.14
C SER T 63 73.48 70.76 -32.11
N ILE T 64 74.26 71.77 -32.50
CA ILE T 64 74.62 72.87 -31.60
C ILE T 64 73.72 74.04 -31.98
N ASN T 65 72.80 74.37 -31.08
CA ASN T 65 71.92 75.53 -31.25
C ASN T 65 72.45 76.67 -30.38
N VAL T 66 72.66 77.83 -31.00
CA VAL T 66 73.23 78.99 -30.31
C VAL T 66 72.34 80.20 -30.57
N ASP T 67 72.06 80.96 -29.52
CA ASP T 67 71.29 82.19 -29.63
C ASP T 67 71.51 83.00 -28.36
N LEU T 68 71.54 84.32 -28.51
CA LEU T 68 71.79 85.19 -27.37
C LEU T 68 70.55 85.41 -26.51
N GLU T 69 69.37 85.03 -26.99
CA GLU T 69 68.17 85.09 -26.18
C GLU T 69 67.78 83.67 -25.75
N PRO T 70 67.64 83.40 -24.45
CA PRO T 70 67.36 82.03 -24.00
C PRO T 70 65.89 81.65 -23.92
N GLY T 71 64.99 82.44 -24.50
CA GLY T 71 63.57 82.16 -24.40
C GLY T 71 63.07 81.16 -25.43
N THR T 72 63.86 80.92 -26.48
CA THR T 72 63.42 80.01 -27.52
C THR T 72 63.53 78.54 -27.10
N ILE T 73 64.53 78.21 -26.28
CA ILE T 73 64.70 76.82 -25.86
C ILE T 73 63.60 76.38 -24.90
N ASP T 74 63.03 77.32 -24.14
CA ASP T 74 61.89 76.99 -23.29
C ASP T 74 60.70 76.55 -24.12
N ALA T 75 60.48 77.20 -25.27
CA ALA T 75 59.46 76.80 -26.23
C ALA T 75 59.92 75.67 -27.13
N VAL T 76 60.97 74.95 -26.76
CA VAL T 76 61.48 73.80 -27.51
C VAL T 76 61.47 72.54 -26.66
N ARG T 77 62.00 72.62 -25.44
CA ARG T 77 62.07 71.43 -24.60
C ARG T 77 60.71 71.06 -24.02
N ASN T 78 59.86 72.04 -23.73
CA ASN T 78 58.53 71.77 -23.19
C ASN T 78 57.45 71.68 -24.26
N SER T 79 57.75 72.13 -25.49
CA SER T 79 56.83 72.10 -26.61
C SER T 79 56.97 70.76 -27.33
N ALA T 80 56.54 70.70 -28.60
CA ALA T 80 56.63 69.50 -29.42
C ALA T 80 58.09 69.06 -29.56
N ILE T 81 58.33 67.97 -30.28
CA ILE T 81 59.46 67.10 -29.98
C ILE T 81 60.79 67.86 -30.03
N GLY T 82 61.36 68.08 -28.85
CA GLY T 82 62.70 68.58 -28.68
C GLY T 82 63.31 67.98 -27.43
N ASN T 83 62.59 67.03 -26.82
CA ASN T 83 63.02 66.43 -25.57
C ASN T 83 64.27 65.58 -25.74
N LEU T 84 64.55 65.11 -26.95
CA LEU T 84 65.74 64.33 -27.20
C LEU T 84 67.01 65.16 -27.07
N PHE T 85 66.90 66.49 -27.12
CA PHE T 85 68.05 67.37 -27.07
C PHE T 85 68.76 67.23 -25.72
N ARG T 86 70.03 66.87 -25.77
CA ARG T 86 70.83 66.77 -24.56
C ARG T 86 71.07 68.17 -23.96
N PRO T 87 71.18 68.27 -22.64
CA PRO T 87 71.33 69.60 -22.02
C PRO T 87 72.60 70.33 -22.46
N ASP T 88 73.65 69.61 -22.84
CA ASP T 88 74.86 70.27 -23.28
C ASP T 88 74.69 70.97 -24.63
N ASN T 89 73.70 70.56 -25.43
CA ASN T 89 73.43 71.22 -26.69
C ASN T 89 72.94 72.65 -26.53
N TYR T 90 72.50 73.02 -25.33
CA TYR T 90 71.97 74.36 -25.09
C TYR T 90 73.13 75.29 -24.77
N ILE T 91 73.59 76.02 -25.78
CA ILE T 91 74.60 77.06 -25.61
C ILE T 91 73.90 78.39 -25.84
N PHE T 92 73.53 79.06 -24.76
CA PHE T 92 72.82 80.34 -24.84
C PHE T 92 73.45 81.32 -23.86
N GLY T 93 73.33 82.61 -24.18
CA GLY T 93 73.88 83.65 -23.33
C GLY T 93 72.89 84.77 -23.06
N GLN T 94 73.42 85.94 -22.69
CA GLN T 94 72.60 87.11 -22.44
C GLN T 94 73.25 88.33 -23.09
N SER T 95 72.42 89.17 -23.72
CA SER T 95 70.98 88.95 -23.80
C SER T 95 70.49 89.04 -25.24
N SER T 96 71.21 89.81 -26.06
CA SER T 96 70.89 89.97 -27.47
C SER T 96 72.08 90.57 -28.18
N ALA T 97 72.08 90.46 -29.51
CA ALA T 97 73.12 91.03 -30.34
C ALA T 97 72.83 92.48 -30.72
N GLY T 98 71.70 93.04 -30.27
CA GLY T 98 71.33 94.39 -30.62
C GLY T 98 70.62 94.54 -31.95
N ASN T 99 70.34 93.43 -32.64
CA ASN T 99 69.70 93.44 -33.95
C ASN T 99 70.49 94.29 -34.95
N VAL T 100 71.82 94.29 -34.81
CA VAL T 100 72.70 95.08 -35.66
C VAL T 100 73.89 94.21 -36.04
N TRP T 101 74.75 94.75 -36.92
CA TRP T 101 75.94 94.06 -37.37
C TRP T 101 77.21 94.48 -36.64
N ALA T 102 77.26 95.72 -36.13
CA ALA T 102 78.44 96.17 -35.41
C ALA T 102 78.61 95.44 -34.08
N LYS T 103 77.51 95.11 -33.41
CA LYS T 103 77.56 94.39 -32.14
C LYS T 103 77.26 92.91 -32.28
N GLY T 104 76.91 92.45 -33.47
CA GLY T 104 76.57 91.04 -33.63
C GLY T 104 77.76 90.12 -33.40
N HIS T 105 78.87 90.38 -34.09
CA HIS T 105 80.06 89.56 -33.93
C HIS T 105 81.37 90.34 -33.89
N TYR T 106 81.36 91.66 -34.09
CA TYR T 106 82.62 92.38 -34.21
C TYR T 106 83.30 92.55 -32.85
N THR T 107 82.53 92.87 -31.81
CA THR T 107 83.10 93.13 -30.50
C THR T 107 82.63 92.14 -29.44
N GLU T 108 81.31 91.96 -29.28
CA GLU T 108 80.77 91.12 -28.22
C GLU T 108 80.44 89.71 -28.69
N GLY T 109 80.30 89.49 -29.99
CA GLY T 109 79.93 88.17 -30.48
C GLY T 109 81.09 87.20 -30.55
N ALA T 110 82.31 87.66 -30.27
CA ALA T 110 83.51 86.84 -30.36
C ALA T 110 83.94 86.26 -29.01
N GLU T 111 83.07 86.28 -28.00
CA GLU T 111 83.44 85.83 -26.67
C GLU T 111 83.08 84.36 -26.44
N LEU T 112 81.80 84.02 -26.53
CA LEU T 112 81.36 82.64 -26.33
C LEU T 112 81.58 81.77 -27.56
N VAL T 113 81.92 82.37 -28.71
CA VAL T 113 82.09 81.59 -29.92
C VAL T 113 83.34 80.72 -29.85
N ASP T 114 84.29 81.06 -28.98
CA ASP T 114 85.42 80.17 -28.74
C ASP T 114 84.95 78.85 -28.12
N SER T 115 84.05 78.93 -27.13
CA SER T 115 83.46 77.71 -26.58
C SER T 115 82.64 76.97 -27.61
N VAL T 116 81.95 77.71 -28.49
CA VAL T 116 81.23 77.08 -29.58
C VAL T 116 82.18 76.31 -30.49
N MET T 117 83.32 76.90 -30.82
CA MET T 117 84.31 76.23 -31.65
C MET T 117 84.87 75.00 -30.95
N ASP T 118 85.09 75.09 -29.63
CA ASP T 118 85.57 73.94 -28.88
C ASP T 118 84.56 72.79 -28.90
N VAL T 119 83.27 73.10 -28.71
CA VAL T 119 82.28 72.03 -28.74
C VAL T 119 82.12 71.47 -30.14
N ILE T 120 82.31 72.31 -31.17
CA ILE T 120 82.32 71.79 -32.54
C ILE T 120 83.47 70.81 -32.72
N ARG T 121 84.65 71.14 -32.20
CA ARG T 121 85.77 70.21 -32.28
C ARG T 121 85.45 68.90 -31.59
N ARG T 122 84.91 68.98 -30.37
CA ARG T 122 84.66 67.75 -29.61
C ARG T 122 83.60 66.90 -30.28
N GLU T 123 82.61 67.53 -30.91
CA GLU T 123 81.67 66.77 -31.73
C GLU T 123 82.36 66.20 -32.97
N ALA T 124 83.40 66.89 -33.47
CA ALA T 124 84.10 66.40 -34.64
C ALA T 124 84.84 65.09 -34.35
N GLU T 125 85.59 65.04 -33.24
CA GLU T 125 86.16 63.73 -32.92
C GLU T 125 85.12 62.77 -32.35
N GLY T 126 83.97 63.29 -31.90
CA GLY T 126 82.87 62.41 -31.55
C GLY T 126 82.14 61.84 -32.75
N CYS T 127 82.32 62.44 -33.92
CA CYS T 127 81.72 61.99 -35.16
C CYS T 127 82.72 61.17 -35.96
N ASP T 128 82.19 60.21 -36.72
CA ASP T 128 83.02 59.30 -37.51
C ASP T 128 82.98 59.55 -39.00
N SER T 129 81.85 60.01 -39.54
CA SER T 129 81.67 60.20 -40.98
C SER T 129 81.04 61.55 -41.25
N LEU T 130 81.62 62.60 -40.66
CA LEU T 130 81.11 63.95 -40.85
C LEU T 130 81.16 64.34 -42.32
N GLN T 131 80.00 64.75 -42.85
CA GLN T 131 79.83 65.02 -44.27
C GLN T 131 79.65 66.50 -44.59
N GLY T 132 78.69 67.16 -43.97
CA GLY T 132 78.39 68.54 -44.29
C GLY T 132 77.91 69.30 -43.06
N PHE T 133 77.68 70.60 -43.26
CA PHE T 133 77.29 71.50 -42.19
C PHE T 133 76.06 72.28 -42.63
N GLN T 134 74.95 72.14 -41.90
CA GLN T 134 73.71 72.82 -42.21
C GLN T 134 73.52 73.98 -41.23
N ILE T 135 73.30 75.18 -41.76
CA ILE T 135 73.06 76.37 -40.95
C ILE T 135 71.78 77.04 -41.44
N THR T 136 70.93 77.42 -40.49
CA THR T 136 69.72 78.17 -40.79
C THR T 136 69.76 79.47 -40.00
N HIS T 137 69.65 80.60 -40.70
CA HIS T 137 69.74 81.90 -40.09
C HIS T 137 68.99 82.92 -40.95
N SER T 138 68.93 84.15 -40.47
CA SER T 138 68.26 85.24 -41.16
C SER T 138 69.29 86.21 -41.71
N LEU T 139 69.13 86.58 -42.99
CA LEU T 139 70.07 87.50 -43.62
C LEU T 139 70.02 88.88 -42.98
N GLY T 140 68.83 89.38 -42.67
CA GLY T 140 68.70 90.70 -42.10
C GLY T 140 68.65 90.71 -40.58
N GLY T 141 68.48 89.53 -39.98
CA GLY T 141 68.45 89.44 -38.54
C GLY T 141 69.80 89.74 -37.92
N GLY T 142 69.76 90.40 -36.76
CA GLY T 142 70.98 90.79 -36.08
C GLY T 142 71.82 89.62 -35.62
N THR T 143 71.19 88.64 -34.99
CA THR T 143 71.94 87.49 -34.49
C THR T 143 72.39 86.58 -35.64
N GLY T 144 71.47 86.19 -36.52
CA GLY T 144 71.82 85.27 -37.59
C GLY T 144 72.90 85.82 -38.51
N SER T 145 72.72 87.05 -38.98
CA SER T 145 73.75 87.67 -39.80
C SER T 145 74.98 88.04 -38.98
N GLY T 146 74.83 88.25 -37.68
CA GLY T 146 75.94 88.67 -36.85
C GLY T 146 77.00 87.61 -36.68
N MET T 147 76.70 86.56 -35.91
CA MET T 147 77.73 85.54 -35.69
C MET T 147 77.66 84.40 -36.69
N GLY T 148 76.66 84.40 -37.58
CA GLY T 148 76.61 83.34 -38.58
C GLY T 148 77.82 83.35 -39.51
N THR T 149 78.16 84.54 -40.02
CA THR T 149 79.32 84.66 -40.90
C THR T 149 80.61 84.31 -40.18
N LEU T 150 80.72 84.65 -38.89
CA LEU T 150 81.95 84.38 -38.16
C LEU T 150 82.06 82.88 -37.84
N LEU T 151 80.93 82.22 -37.58
CA LEU T 151 80.92 80.76 -37.50
C LEU T 151 81.34 80.14 -38.82
N ILE T 152 80.88 80.70 -39.93
CA ILE T 152 81.33 80.22 -41.24
C ILE T 152 82.83 80.38 -41.38
N SER T 153 83.37 81.50 -40.89
CA SER T 153 84.81 81.73 -40.94
C SER T 153 85.57 80.66 -40.17
N LYS T 154 85.12 80.35 -38.94
CA LYS T 154 85.82 79.30 -38.20
C LYS T 154 85.65 77.93 -38.85
N ILE T 155 84.45 77.63 -39.36
CA ILE T 155 84.24 76.29 -39.93
C ILE T 155 85.05 76.13 -41.20
N ARG T 156 85.36 77.22 -41.90
CA ARG T 156 86.31 77.15 -43.00
C ARG T 156 87.74 77.02 -42.49
N GLU T 157 88.07 77.73 -41.40
CA GLU T 157 89.43 77.70 -40.88
C GLU T 157 89.82 76.29 -40.40
N GLU T 158 88.91 75.63 -39.68
CA GLU T 158 89.23 74.33 -39.10
C GLU T 158 88.93 73.16 -40.04
N PHE T 159 88.07 73.35 -41.03
CA PHE T 159 87.76 72.32 -42.02
C PHE T 159 87.98 72.87 -43.42
N PRO T 160 89.19 72.81 -43.95
CA PRO T 160 89.44 73.29 -45.32
C PRO T 160 88.99 72.33 -46.41
N ASP T 161 88.62 71.10 -46.06
CA ASP T 161 88.18 70.12 -47.04
C ASP T 161 86.68 69.87 -47.01
N ARG T 162 85.95 70.53 -46.11
CA ARG T 162 84.51 70.37 -45.99
C ARG T 162 83.81 71.58 -46.57
N MET T 163 82.85 71.34 -47.46
CA MET T 163 82.06 72.42 -48.01
C MET T 163 81.06 72.93 -46.97
N MET T 164 80.46 74.08 -47.26
CA MET T 164 79.50 74.70 -46.35
C MET T 164 78.19 74.94 -47.08
N ALA T 165 77.08 74.66 -46.40
CA ALA T 165 75.75 74.88 -46.94
C ALA T 165 75.04 75.94 -46.10
N THR T 166 74.52 76.96 -46.75
CA THR T 166 73.83 78.06 -46.09
C THR T 166 72.43 78.22 -46.65
N PHE T 167 71.47 78.48 -45.76
CA PHE T 167 70.06 78.62 -46.12
C PHE T 167 69.48 79.87 -45.48
N SER T 168 70.19 80.98 -45.60
CA SER T 168 69.74 82.24 -45.03
C SER T 168 68.46 82.72 -45.71
N VAL T 169 67.58 83.35 -44.95
CA VAL T 169 66.33 83.87 -45.45
C VAL T 169 66.55 85.31 -45.92
N LEU T 170 66.32 85.55 -47.20
CA LEU T 170 66.58 86.88 -47.78
C LEU T 170 65.36 87.77 -47.56
N PRO T 171 65.50 88.90 -46.86
CA PRO T 171 64.36 89.82 -46.72
C PRO T 171 63.97 90.42 -48.06
N SER T 172 62.68 90.67 -48.20
CA SER T 172 62.16 91.26 -49.43
C SER T 172 62.52 92.75 -49.51
N PRO T 173 62.75 93.27 -50.71
CA PRO T 173 63.08 94.69 -50.86
C PRO T 173 61.91 95.63 -50.62
N LYS T 174 60.69 95.11 -50.43
CA LYS T 174 59.52 95.95 -50.22
C LYS T 174 59.01 95.96 -48.80
N THR T 175 59.46 95.04 -47.94
CA THR T 175 59.07 95.00 -46.54
C THR T 175 60.26 95.40 -45.68
N SER T 176 60.04 96.36 -44.77
CA SER T 176 61.10 96.89 -43.92
C SER T 176 60.64 96.80 -42.46
N ASP T 177 61.00 95.70 -41.80
CA ASP T 177 60.75 95.59 -40.37
C ASP T 177 61.56 96.62 -39.60
N THR T 178 62.82 96.83 -39.99
CA THR T 178 63.67 97.85 -39.42
C THR T 178 64.42 98.56 -40.53
N VAL T 179 64.87 99.77 -40.25
CA VAL T 179 65.53 100.60 -41.27
C VAL T 179 66.88 100.01 -41.69
N VAL T 180 67.48 99.15 -40.86
CA VAL T 180 68.83 98.66 -41.12
C VAL T 180 68.83 97.17 -41.44
N GLU T 181 67.66 96.59 -41.75
CA GLU T 181 67.62 95.18 -42.13
C GLU T 181 68.41 94.90 -43.41
N PRO T 182 68.20 95.62 -44.52
CA PRO T 182 69.09 95.40 -45.68
C PRO T 182 70.54 95.74 -45.38
N TYR T 183 70.78 96.70 -44.49
CA TYR T 183 72.15 97.03 -44.11
C TYR T 183 72.85 95.84 -43.48
N ASN T 184 72.19 95.18 -42.52
CA ASN T 184 72.76 93.98 -41.91
C ASN T 184 72.87 92.86 -42.94
N ALA T 185 71.88 92.74 -43.83
CA ALA T 185 71.92 91.70 -44.84
C ALA T 185 73.15 91.84 -45.74
N THR T 186 73.44 93.07 -46.16
CA THR T 186 74.59 93.29 -47.03
C THR T 186 75.90 93.18 -46.27
N LEU T 187 75.93 93.64 -45.01
CA LEU T 187 77.14 93.45 -44.21
C LEU T 187 77.42 91.97 -43.96
N SER T 188 76.38 91.13 -44.01
CA SER T 188 76.58 89.69 -43.87
C SER T 188 77.03 89.06 -45.19
N VAL T 189 76.38 89.42 -46.30
CA VAL T 189 76.77 88.86 -47.59
C VAL T 189 78.15 89.36 -48.02
N HIS T 190 78.64 90.44 -47.40
CA HIS T 190 80.00 90.88 -47.65
C HIS T 190 81.02 89.78 -47.39
N GLN T 191 80.77 88.94 -46.39
CA GLN T 191 81.64 87.79 -46.11
C GLN T 191 81.00 86.47 -46.49
N LEU T 192 79.69 86.42 -46.71
CA LEU T 192 79.03 85.18 -47.10
C LEU T 192 79.54 84.71 -48.46
N VAL T 193 79.70 85.64 -49.41
CA VAL T 193 80.18 85.26 -50.74
C VAL T 193 81.63 84.79 -50.68
N GLU T 194 82.41 85.30 -49.73
CA GLU T 194 83.82 84.94 -49.60
C GLU T 194 84.04 83.74 -48.70
N HIS T 195 82.99 83.17 -48.11
CA HIS T 195 83.17 82.07 -47.18
C HIS T 195 82.20 80.91 -47.38
N SER T 196 81.25 81.00 -48.33
CA SER T 196 80.28 79.95 -48.54
C SER T 196 80.44 79.35 -49.94
N ASP T 197 80.02 78.09 -50.08
CA ASP T 197 80.10 77.39 -51.36
C ASP T 197 78.77 77.32 -52.10
N GLU T 198 77.65 77.36 -51.38
CA GLU T 198 76.33 77.37 -52.01
C GLU T 198 75.32 77.95 -51.03
N THR T 199 74.24 78.51 -51.57
CA THR T 199 73.21 79.11 -50.73
C THR T 199 71.87 79.05 -51.47
N PHE T 200 70.79 79.20 -50.71
CA PHE T 200 69.44 79.17 -51.22
C PHE T 200 68.76 80.51 -50.97
N CYS T 201 67.97 80.97 -51.95
CA CYS T 201 67.23 82.22 -51.83
C CYS T 201 65.85 81.92 -51.28
N ILE T 202 65.56 82.42 -50.08
CA ILE T 202 64.28 82.20 -49.40
C ILE T 202 63.66 83.55 -49.11
N ASP T 203 62.41 83.73 -49.53
CA ASP T 203 61.67 84.97 -49.29
C ASP T 203 60.33 84.62 -48.64
N ASN T 204 60.01 85.31 -47.55
CA ASN T 204 58.77 85.04 -46.84
C ASN T 204 57.54 85.51 -47.61
N GLU T 205 57.69 86.60 -48.37
CA GLU T 205 56.55 87.09 -49.16
C GLU T 205 56.15 86.11 -50.24
N ALA T 206 57.12 85.40 -50.83
CA ALA T 206 56.77 84.34 -51.77
C ALA T 206 55.99 83.23 -51.08
N LEU T 207 56.37 82.91 -49.84
CA LEU T 207 55.62 81.92 -49.06
C LEU T 207 54.19 82.40 -48.81
N TYR T 208 54.02 83.68 -48.49
CA TYR T 208 52.68 84.23 -48.30
C TYR T 208 51.87 84.15 -49.58
N ASP T 209 52.50 84.47 -50.71
CA ASP T 209 51.80 84.42 -51.99
C ASP T 209 51.37 83.00 -52.33
N ILE T 210 52.25 82.02 -52.11
CA ILE T 210 51.88 80.64 -52.43
C ILE T 210 50.84 80.12 -51.45
N CYS T 211 50.84 80.63 -50.20
CA CYS T 211 49.80 80.24 -49.25
C CYS T 211 48.44 80.81 -49.65
N GLN T 212 48.42 82.07 -50.09
CA GLN T 212 47.15 82.68 -50.49
C GLN T 212 46.70 82.25 -51.88
N ARG T 213 47.57 81.63 -52.67
CA ARG T 213 47.19 81.17 -54.00
C ARG T 213 46.67 79.73 -53.97
N THR T 214 47.48 78.80 -53.48
CA THR T 214 47.12 77.38 -53.46
C THR T 214 46.60 76.92 -52.11
N LEU T 215 47.26 77.31 -51.02
CA LEU T 215 46.86 76.86 -49.69
C LEU T 215 45.59 77.57 -49.22
N LYS T 216 45.35 78.80 -49.68
CA LYS T 216 44.24 79.62 -49.20
C LYS T 216 44.25 79.74 -47.68
N LEU T 217 45.44 79.93 -47.12
CA LEU T 217 45.60 80.04 -45.68
C LEU T 217 45.02 81.35 -45.18
N ASN T 218 44.20 81.27 -44.13
CA ASN T 218 43.57 82.46 -43.57
C ASN T 218 44.39 83.11 -42.47
N GLN T 219 45.12 82.32 -41.68
CA GLN T 219 45.91 82.84 -40.58
C GLN T 219 47.39 82.85 -40.97
N PRO T 220 48.05 84.01 -41.01
CA PRO T 220 49.47 84.02 -41.34
C PRO T 220 50.31 83.44 -40.22
N SER T 221 50.83 82.22 -40.42
CA SER T 221 51.57 81.50 -39.40
C SER T 221 52.94 81.13 -39.94
N TYR T 222 53.98 81.35 -39.14
CA TYR T 222 55.33 80.97 -39.53
C TYR T 222 55.55 79.46 -39.42
N GLY T 223 54.69 78.75 -38.68
CA GLY T 223 54.85 77.32 -38.52
C GLY T 223 54.65 76.55 -39.82
N ASP T 224 53.63 76.91 -40.59
CA ASP T 224 53.40 76.25 -41.88
C ASP T 224 54.55 76.52 -42.84
N LEU T 225 55.07 77.75 -42.83
CA LEU T 225 56.19 78.09 -43.70
C LEU T 225 57.43 77.29 -43.29
N ASN T 226 57.66 77.15 -41.98
CA ASN T 226 58.75 76.32 -41.50
C ASN T 226 58.56 74.86 -41.93
N ASN T 227 57.32 74.37 -41.88
CA ASN T 227 57.04 73.01 -42.32
C ASN T 227 57.39 72.84 -43.80
N LEU T 228 57.02 73.81 -44.63
CA LEU T 228 57.31 73.72 -46.06
C LEU T 228 58.82 73.74 -46.31
N VAL T 229 59.53 74.69 -45.69
CA VAL T 229 60.97 74.78 -45.94
C VAL T 229 61.70 73.56 -45.37
N SER T 230 61.19 72.98 -44.28
CA SER T 230 61.82 71.78 -43.73
C SER T 230 61.56 70.57 -44.60
N SER T 231 60.37 70.49 -45.21
CA SER T 231 60.12 69.42 -46.18
C SER T 231 61.06 69.54 -47.38
N VAL T 232 61.27 70.78 -47.84
CA VAL T 232 62.23 70.99 -48.94
C VAL T 232 63.63 70.56 -48.52
N MET T 233 64.04 70.96 -47.30
CA MET T 233 65.37 70.63 -46.81
C MET T 233 65.56 69.13 -46.65
N SER T 234 64.54 68.41 -46.19
CA SER T 234 64.61 66.96 -46.15
C SER T 234 64.71 66.37 -47.55
N GLY T 235 63.93 66.92 -48.50
CA GLY T 235 63.93 66.41 -49.86
C GLY T 235 65.25 66.54 -50.58
N VAL T 236 66.02 67.61 -50.30
CA VAL T 236 67.31 67.76 -50.97
C VAL T 236 68.35 66.76 -50.51
N THR T 237 68.09 66.01 -49.44
CA THR T 237 69.01 64.99 -48.95
C THR T 237 68.41 63.59 -48.90
N THR T 238 67.13 63.43 -49.25
CA THR T 238 66.57 62.09 -49.38
C THR T 238 67.34 61.26 -50.39
N SER T 239 67.87 61.89 -51.43
CA SER T 239 68.66 61.16 -52.42
C SER T 239 69.91 60.56 -51.79
N LEU T 240 70.58 61.31 -50.91
CA LEU T 240 71.76 60.79 -50.24
C LEU T 240 71.40 59.70 -49.24
N ARG T 241 70.39 59.94 -48.40
CA ARG T 241 70.08 58.99 -47.35
C ARG T 241 69.13 57.88 -47.79
N TYR T 242 68.68 57.88 -49.05
CA TYR T 242 67.90 56.79 -49.61
C TYR T 242 68.39 56.52 -51.02
N PRO T 243 68.91 55.33 -51.32
CA PRO T 243 69.47 55.07 -52.64
C PRO T 243 68.42 55.12 -53.73
N GLY T 244 68.86 55.54 -54.92
CA GLY T 244 68.02 55.56 -56.10
C GLY T 244 68.83 55.27 -57.35
N GLN T 245 68.33 55.70 -58.51
CA GLN T 245 69.09 55.52 -59.74
C GLN T 245 70.36 56.37 -59.71
N LEU T 246 70.26 57.60 -59.21
CA LEU T 246 71.41 58.52 -59.12
C LEU T 246 71.34 59.25 -57.80
N ASN T 247 72.13 58.80 -56.82
CA ASN T 247 72.21 59.50 -55.54
C ASN T 247 72.94 60.83 -55.72
N SER T 248 72.44 61.85 -55.03
CA SER T 248 73.00 63.20 -55.11
C SER T 248 73.56 63.63 -53.77
N ASP T 249 74.68 64.32 -53.81
CA ASP T 249 75.35 64.84 -52.61
C ASP T 249 75.60 66.33 -52.79
N LEU T 250 75.86 67.00 -51.65
CA LEU T 250 76.10 68.45 -51.69
C LEU T 250 77.32 68.77 -52.54
N ARG T 251 78.35 67.93 -52.48
CA ARG T 251 79.51 68.13 -53.35
C ARG T 251 79.13 67.94 -54.81
N LYS T 252 78.17 67.05 -55.09
CA LYS T 252 77.67 66.92 -56.46
C LYS T 252 76.93 68.17 -56.89
N LEU T 253 76.19 68.81 -55.97
CA LEU T 253 75.61 70.11 -56.27
C LEU T 253 76.68 71.14 -56.59
N ALA T 254 77.77 71.15 -55.81
CA ALA T 254 78.86 72.09 -56.08
C ALA T 254 79.50 71.82 -57.44
N VAL T 255 79.68 70.54 -57.78
CA VAL T 255 80.33 70.20 -59.04
C VAL T 255 79.45 70.56 -60.24
N ASN T 256 78.17 70.18 -60.18
CA ASN T 256 77.27 70.30 -61.32
C ASN T 256 76.52 71.63 -61.35
N LEU T 257 75.73 71.91 -60.31
CA LEU T 257 74.88 73.10 -60.32
C LEU T 257 75.69 74.40 -60.26
N VAL T 258 76.70 74.46 -59.40
CA VAL T 258 77.51 75.67 -59.25
C VAL T 258 78.38 75.82 -60.49
N PRO T 259 78.37 76.98 -61.15
CA PRO T 259 79.27 77.20 -62.29
C PRO T 259 80.69 77.53 -61.84
N PHE T 260 80.80 78.24 -60.72
CA PHE T 260 82.07 78.56 -60.08
C PHE T 260 81.78 79.08 -58.67
N PRO T 261 82.71 78.95 -57.72
CA PRO T 261 82.38 79.26 -56.32
C PRO T 261 81.94 80.70 -56.09
N ARG T 262 82.30 81.64 -56.96
CA ARG T 262 81.83 83.01 -56.81
C ARG T 262 80.33 83.11 -56.96
N LEU T 263 79.76 82.40 -57.94
CA LEU T 263 78.32 82.39 -58.18
C LEU T 263 77.74 81.13 -57.55
N HIS T 264 77.01 81.30 -56.45
CA HIS T 264 76.44 80.16 -55.73
C HIS T 264 75.02 80.43 -55.25
N PHE T 265 74.32 81.40 -55.82
CA PHE T 265 72.97 81.74 -55.40
C PHE T 265 71.97 80.91 -56.19
N PHE T 266 71.04 80.26 -55.47
CA PHE T 266 70.04 79.40 -56.07
C PHE T 266 68.66 79.82 -55.62
N MET T 267 67.67 79.64 -56.50
CA MET T 267 66.27 79.81 -56.14
C MET T 267 65.65 78.43 -55.93
N VAL T 268 64.72 78.35 -54.99
CA VAL T 268 64.15 77.08 -54.55
C VAL T 268 62.71 76.98 -55.03
N GLY T 269 62.36 75.82 -55.57
CA GLY T 269 60.99 75.53 -55.95
C GLY T 269 60.61 74.15 -55.46
N TYR T 270 59.34 74.02 -55.06
CA TYR T 270 58.84 72.79 -54.48
C TYR T 270 57.54 72.38 -55.17
N ALA T 271 57.30 71.07 -55.19
CA ALA T 271 56.09 70.51 -55.77
C ALA T 271 55.83 69.16 -55.11
N PRO T 272 54.56 68.74 -54.96
CA PRO T 272 53.36 69.47 -55.39
C PRO T 272 52.91 70.53 -54.39
N LEU T 273 52.37 71.64 -54.92
CA LEU T 273 51.82 72.70 -54.07
C LEU T 273 50.29 72.60 -54.04
N THR T 274 49.83 71.62 -53.27
CA THR T 274 48.41 71.32 -53.15
C THR T 274 47.97 71.47 -51.69
N ALA T 275 46.69 71.77 -51.51
CA ALA T 275 46.11 71.98 -50.20
C ALA T 275 44.95 71.01 -49.96
N ILE T 276 44.40 71.05 -48.75
CA ILE T 276 43.25 70.24 -48.42
C ILE T 276 42.04 70.71 -49.20
N GLY T 277 41.28 69.76 -49.75
CA GLY T 277 40.16 70.07 -50.62
C GLY T 277 40.43 69.87 -52.09
N SER T 278 41.68 69.63 -52.47
CA SER T 278 42.05 69.33 -53.85
C SER T 278 42.75 67.99 -53.98
N GLN T 279 42.84 67.21 -52.89
CA GLN T 279 43.56 65.94 -52.94
C GLN T 279 42.79 64.86 -53.67
N SER T 280 41.46 64.92 -53.67
CA SER T 280 40.63 63.92 -54.32
C SER T 280 40.28 64.27 -55.76
N PHE T 281 40.84 65.36 -56.29
CA PHE T 281 40.52 65.82 -57.63
C PHE T 281 41.71 65.91 -58.57
N ARG T 282 42.93 65.74 -58.10
CA ARG T 282 44.11 65.76 -58.97
C ARG T 282 44.73 64.37 -59.06
N SER T 283 45.43 64.15 -60.17
CA SER T 283 46.32 63.01 -60.35
C SER T 283 47.75 63.49 -60.14
N LEU T 284 48.40 62.97 -59.09
CA LEU T 284 49.76 63.38 -58.77
C LEU T 284 50.73 62.55 -59.61
N THR T 285 51.25 63.15 -60.66
CA THR T 285 52.12 62.46 -61.61
C THR T 285 53.35 63.32 -61.88
N VAL T 286 54.34 62.69 -62.53
CA VAL T 286 55.57 63.39 -62.87
C VAL T 286 55.31 64.60 -63.78
N PRO T 287 54.54 64.49 -64.87
CA PRO T 287 54.32 65.69 -65.70
C PRO T 287 53.69 66.84 -64.95
N GLU T 288 52.68 66.58 -64.11
CA GLU T 288 52.05 67.65 -63.35
C GLU T 288 53.03 68.32 -62.41
N LEU T 289 53.85 67.52 -61.73
CA LEU T 289 54.92 68.07 -60.91
C LEU T 289 55.88 68.92 -61.75
N THR T 290 56.07 68.55 -63.02
CA THR T 290 56.97 69.31 -63.87
C THR T 290 56.37 70.67 -64.24
N GLN T 291 55.10 70.71 -64.64
CA GLN T 291 54.51 72.02 -64.92
C GLN T 291 54.41 72.85 -63.65
N GLN T 292 54.29 72.21 -62.48
CA GLN T 292 54.38 72.95 -61.23
C GLN T 292 55.80 73.41 -60.93
N MET T 293 56.80 72.75 -61.52
CA MET T 293 58.19 73.15 -61.27
C MET T 293 58.56 74.40 -62.05
N PHE T 294 58.27 74.42 -63.34
CA PHE T 294 58.61 75.56 -64.19
C PHE T 294 57.56 76.66 -64.15
N ASP T 295 56.49 76.49 -63.37
CA ASP T 295 55.50 77.55 -63.21
C ASP T 295 56.14 78.77 -62.58
N ALA T 296 55.83 79.94 -63.13
CA ALA T 296 56.47 81.19 -62.72
C ALA T 296 56.05 81.64 -61.33
N LYS T 297 55.05 81.02 -60.72
CA LYS T 297 54.56 81.43 -59.41
C LYS T 297 54.80 80.38 -58.34
N ASN T 298 55.77 79.48 -58.54
CA ASN T 298 56.02 78.40 -57.60
C ASN T 298 57.39 78.48 -56.93
N MET T 299 58.33 79.25 -57.46
CA MET T 299 59.62 79.41 -56.80
C MET T 299 59.54 80.50 -55.74
N MET T 300 60.49 80.47 -54.81
CA MET T 300 60.50 81.37 -53.66
C MET T 300 61.70 82.31 -53.67
N ALA T 301 62.13 82.74 -54.86
CA ALA T 301 63.27 83.66 -54.94
C ALA T 301 62.94 85.03 -54.34
N ALA T 302 61.83 85.67 -54.74
CA ALA T 302 60.92 85.29 -55.82
C ALA T 302 61.03 86.32 -56.95
N ALA T 303 61.31 85.83 -58.16
CA ALA T 303 61.52 86.69 -59.31
C ALA T 303 60.77 86.10 -60.51
N ASP T 304 61.01 86.70 -61.68
CA ASP T 304 60.30 86.32 -62.89
C ASP T 304 61.20 85.44 -63.75
N PRO T 305 60.84 84.17 -63.96
CA PRO T 305 61.74 83.27 -64.71
C PRO T 305 61.66 83.42 -66.22
N ARG T 306 60.49 83.73 -66.77
CA ARG T 306 60.36 83.77 -68.22
C ARG T 306 60.72 85.13 -68.82
N ASN T 307 61.08 86.11 -67.99
CA ASN T 307 61.65 87.35 -68.50
C ASN T 307 63.17 87.30 -68.60
N GLY T 308 63.81 86.34 -67.93
CA GLY T 308 65.24 86.14 -68.05
C GLY T 308 65.54 84.81 -68.71
N ARG T 309 66.54 84.09 -68.21
CA ARG T 309 66.85 82.77 -68.73
C ARG T 309 67.60 81.98 -67.66
N TYR T 310 67.52 80.66 -67.77
CA TYR T 310 68.22 79.79 -66.85
C TYR T 310 69.63 79.50 -67.34
N LEU T 311 70.53 79.25 -66.40
CA LEU T 311 71.88 78.80 -66.70
C LEU T 311 72.06 77.31 -66.52
N THR T 312 71.47 76.73 -65.47
CA THR T 312 71.44 75.28 -65.29
C THR T 312 70.33 74.96 -64.29
N VAL T 313 69.56 73.91 -64.57
CA VAL T 313 68.46 73.52 -63.70
C VAL T 313 68.67 72.07 -63.28
N ALA T 314 68.09 71.72 -62.14
CA ALA T 314 68.24 70.39 -61.58
C ALA T 314 66.90 69.90 -61.05
N ALA T 315 66.75 68.57 -61.03
CA ALA T 315 65.55 67.92 -60.54
C ALA T 315 65.95 66.88 -59.49
N PHE T 316 65.27 66.91 -58.35
CA PHE T 316 65.53 65.98 -57.24
C PHE T 316 64.22 65.28 -56.92
N PHE T 317 63.99 64.14 -57.57
CA PHE T 317 62.71 63.46 -57.49
C PHE T 317 62.70 62.46 -56.34
N ARG T 318 61.51 62.21 -55.80
CA ARG T 318 61.31 61.34 -54.66
C ARG T 318 60.16 60.38 -54.93
N GLY T 319 60.28 59.17 -54.40
CA GLY T 319 59.20 58.19 -54.46
C GLY T 319 59.39 57.17 -55.57
N LYS T 320 58.42 56.26 -55.64
CA LYS T 320 58.41 55.20 -56.66
C LYS T 320 58.14 55.84 -58.02
N VAL T 321 59.19 56.01 -58.82
CA VAL T 321 59.08 56.61 -60.13
C VAL T 321 59.83 55.75 -61.15
N SER T 322 59.25 55.63 -62.33
CA SER T 322 59.91 54.95 -63.44
C SER T 322 60.89 55.89 -64.13
N VAL T 323 61.94 55.31 -64.71
CA VAL T 323 62.97 56.11 -65.37
C VAL T 323 62.42 56.78 -66.63
N LYS T 324 61.43 56.16 -67.27
CA LYS T 324 60.98 56.67 -68.57
C LYS T 324 60.15 57.94 -68.44
N GLU T 325 59.32 58.03 -67.39
CA GLU T 325 58.46 59.20 -67.24
C GLU T 325 59.28 60.48 -67.11
N VAL T 326 60.28 60.45 -66.24
CA VAL T 326 61.04 61.66 -65.94
C VAL T 326 61.86 62.10 -67.16
N GLU T 327 62.50 61.15 -67.85
CA GLU T 327 63.28 61.51 -69.02
C GLU T 327 62.39 61.96 -70.16
N ASP T 328 61.22 61.34 -70.34
CA ASP T 328 60.30 61.78 -71.39
C ASP T 328 59.82 63.20 -71.14
N GLU T 329 59.45 63.50 -69.89
CA GLU T 329 59.06 64.87 -69.56
C GLU T 329 60.21 65.84 -69.72
N MET T 330 61.44 65.38 -69.48
CA MET T 330 62.60 66.25 -69.67
C MET T 330 62.84 66.54 -71.15
N HIS T 331 62.65 65.53 -72.01
CA HIS T 331 62.64 65.79 -73.45
C HIS T 331 61.57 66.82 -73.81
N LYS T 332 60.37 66.68 -73.24
CA LYS T 332 59.28 67.60 -73.55
C LYS T 332 59.66 69.03 -73.17
N VAL T 333 60.20 69.22 -71.96
CA VAL T 333 60.52 70.57 -71.51
C VAL T 333 61.70 71.13 -72.30
N GLN T 334 62.69 70.30 -72.63
CA GLN T 334 63.80 70.78 -73.43
C GLN T 334 63.37 71.11 -74.86
N SER T 335 62.30 70.48 -75.35
CA SER T 335 61.79 70.82 -76.67
C SER T 335 60.97 72.11 -76.64
N LYS T 336 60.13 72.30 -75.63
CA LYS T 336 59.26 73.47 -75.59
C LYS T 336 59.90 74.66 -74.89
N ASN T 337 60.83 74.44 -73.97
CA ASN T 337 61.48 75.51 -73.22
C ASN T 337 62.93 75.71 -73.64
N SER T 338 63.25 75.45 -74.92
CA SER T 338 64.63 75.52 -75.37
C SER T 338 65.16 76.95 -75.39
N ASP T 339 64.28 77.94 -75.56
CA ASP T 339 64.73 79.32 -75.71
C ASP T 339 65.40 79.85 -74.45
N TYR T 340 64.89 79.48 -73.28
CA TYR T 340 65.36 80.04 -72.01
C TYR T 340 66.54 79.26 -71.41
N PHE T 341 66.98 78.19 -72.06
CA PHE T 341 68.18 77.48 -71.63
C PHE T 341 69.40 78.09 -72.30
N VAL T 342 70.53 78.04 -71.60
CA VAL T 342 71.77 78.57 -72.17
C VAL T 342 72.20 77.71 -73.36
N GLU T 343 72.84 78.36 -74.34
CA GLU T 343 73.21 77.72 -75.59
C GLU T 343 74.64 77.17 -75.55
N TRP T 344 75.13 76.79 -74.37
CA TRP T 344 76.48 76.27 -74.26
C TRP T 344 76.60 75.00 -73.43
N ILE T 345 75.54 74.53 -72.77
CA ILE T 345 75.63 73.27 -72.03
C ILE T 345 75.45 72.08 -72.98
N PRO T 346 74.40 72.02 -73.83
CA PRO T 346 73.22 72.88 -74.00
C PRO T 346 72.00 72.31 -73.26
N ASN T 347 72.17 71.15 -72.64
CA ASN T 347 71.08 70.44 -71.95
C ASN T 347 71.24 70.67 -70.46
N ASN T 348 70.58 71.72 -69.96
CA ASN T 348 70.63 72.07 -68.55
C ASN T 348 69.78 71.08 -67.77
N VAL T 349 70.42 70.09 -67.16
CA VAL T 349 69.69 69.03 -66.46
C VAL T 349 70.62 68.34 -65.47
N GLN T 350 70.09 68.08 -64.28
CA GLN T 350 70.72 67.22 -63.28
C GLN T 350 69.60 66.48 -62.55
N THR T 351 69.65 65.14 -62.59
CA THR T 351 68.56 64.32 -62.08
C THR T 351 69.03 63.47 -60.90
N ALA T 352 68.14 63.30 -59.94
CA ALA T 352 68.38 62.43 -58.79
C ALA T 352 67.09 61.71 -58.44
N VAL T 353 67.21 60.46 -58.02
CA VAL T 353 66.08 59.60 -57.74
C VAL T 353 66.13 59.17 -56.28
N CYS T 354 64.99 59.31 -55.59
CA CYS T 354 64.85 58.87 -54.20
C CYS T 354 63.85 57.71 -54.14
N SER T 355 64.07 56.80 -53.20
CA SER T 355 63.24 55.61 -53.12
C SER T 355 61.95 55.84 -52.33
N VAL T 356 62.06 56.30 -51.08
CA VAL T 356 60.92 56.41 -50.19
C VAL T 356 60.06 57.60 -50.61
N ALA T 357 58.77 57.49 -50.34
CA ALA T 357 57.82 58.56 -50.65
C ALA T 357 57.87 59.63 -49.57
N PRO T 358 57.56 60.88 -49.93
CA PRO T 358 57.53 61.95 -48.92
C PRO T 358 56.43 61.72 -47.90
N GLN T 359 56.67 62.23 -46.70
CA GLN T 359 55.66 62.13 -45.64
C GLN T 359 54.46 63.01 -45.97
N GLY T 360 53.26 62.46 -45.77
CA GLY T 360 52.05 63.20 -46.06
C GLY T 360 51.72 63.34 -47.52
N LEU T 361 52.46 62.68 -48.41
CA LEU T 361 52.26 62.79 -49.84
C LEU T 361 52.69 61.49 -50.51
N ASP T 362 52.48 61.43 -51.82
CA ASP T 362 52.88 60.26 -52.60
C ASP T 362 54.15 60.51 -53.41
N MET T 363 54.19 61.59 -54.17
CA MET T 363 55.31 61.91 -55.04
C MET T 363 55.63 63.39 -54.89
N ALA T 364 56.92 63.72 -54.81
CA ALA T 364 57.33 65.09 -54.60
C ALA T 364 58.74 65.30 -55.16
N ALA T 365 59.13 66.56 -55.25
CA ALA T 365 60.42 66.92 -55.83
C ALA T 365 60.82 68.31 -55.34
N THR T 366 62.08 68.64 -55.56
CA THR T 366 62.62 69.97 -55.27
C THR T 366 63.29 70.53 -56.52
N PHE T 367 63.32 71.85 -56.61
CA PHE T 367 63.84 72.55 -57.79
C PHE T 367 65.02 73.41 -57.37
N ILE T 368 66.18 73.16 -57.99
CA ILE T 368 67.38 73.96 -57.79
C ILE T 368 67.91 74.36 -59.15
N ALA T 369 68.17 75.66 -59.34
CA ALA T 369 68.56 76.17 -60.64
C ALA T 369 69.36 77.45 -60.47
N ASN T 370 69.93 77.92 -61.58
CA ASN T 370 70.63 79.20 -61.65
C ASN T 370 70.04 80.01 -62.79
N SER T 371 69.57 81.21 -62.48
CA SER T 371 69.07 82.15 -63.47
C SER T 371 69.73 83.50 -63.27
N THR T 372 69.38 84.45 -64.13
CA THR T 372 69.92 85.81 -64.07
C THR T 372 69.01 86.78 -63.32
N SER T 373 68.06 86.27 -62.54
CA SER T 373 67.09 87.12 -61.88
C SER T 373 67.51 87.56 -60.48
N ILE T 374 68.62 87.04 -59.95
CA ILE T 374 69.05 87.42 -58.61
C ILE T 374 69.77 88.77 -58.63
N GLN T 375 70.38 89.11 -59.76
CA GLN T 375 71.02 90.42 -59.89
C GLN T 375 69.99 91.54 -59.79
N GLU T 376 68.74 91.28 -60.16
CA GLU T 376 67.69 92.27 -59.96
C GLU T 376 67.47 92.57 -58.49
N LEU T 377 67.39 91.53 -57.65
CA LEU T 377 67.27 91.74 -56.22
C LEU T 377 68.50 92.47 -55.68
N PHE T 378 69.68 92.09 -56.16
CA PHE T 378 70.91 92.75 -55.71
C PHE T 378 70.90 94.23 -56.06
N LYS T 379 70.50 94.59 -57.28
CA LYS T 379 70.47 96.01 -57.63
C LYS T 379 69.36 96.74 -56.89
N ARG T 380 68.26 96.06 -56.56
CA ARG T 380 67.23 96.69 -55.74
C ARG T 380 67.80 97.06 -54.37
N VAL T 381 68.52 96.14 -53.74
CA VAL T 381 69.13 96.43 -52.44
C VAL T 381 70.17 97.53 -52.57
N GLY T 382 70.99 97.48 -53.63
CA GLY T 382 71.99 98.52 -53.84
C GLY T 382 71.37 99.89 -54.04
N ASP T 383 70.26 99.96 -54.78
CA ASP T 383 69.57 101.22 -54.97
C ASP T 383 68.95 101.71 -53.66
N GLN T 384 68.45 100.79 -52.84
CA GLN T 384 67.95 101.17 -51.53
C GLN T 384 69.07 101.80 -50.69
N PHE T 385 70.27 101.23 -50.75
CA PHE T 385 71.41 101.85 -50.07
C PHE T 385 71.72 103.22 -50.65
N SER T 386 71.82 103.31 -51.98
CA SER T 386 72.19 104.56 -52.63
C SER T 386 71.15 105.65 -52.42
N ALA T 387 69.92 105.28 -52.04
CA ALA T 387 68.89 106.26 -51.74
C ALA T 387 68.88 106.65 -50.27
N MET T 388 68.71 105.66 -49.38
CA MET T 388 68.52 105.96 -47.97
C MET T 388 69.81 106.37 -47.27
N PHE T 389 70.92 105.69 -47.57
CA PHE T 389 72.14 105.83 -46.78
C PHE T 389 73.03 106.97 -47.22
N LYS T 390 72.64 107.76 -48.23
CA LYS T 390 73.41 108.94 -48.58
C LYS T 390 73.19 110.09 -47.60
N ARG T 391 72.13 110.01 -46.77
CA ARG T 391 71.90 111.03 -45.76
C ARG T 391 72.70 110.80 -44.49
N LYS T 392 73.30 109.62 -44.34
CA LYS T 392 74.07 109.25 -43.15
C LYS T 392 73.24 109.42 -41.89
N ALA T 393 71.99 108.96 -41.96
CA ALA T 393 71.06 109.01 -40.84
C ALA T 393 71.10 107.69 -40.09
N PHE T 394 71.27 107.76 -38.76
CA PHE T 394 71.38 106.59 -37.90
C PHE T 394 72.55 105.68 -38.28
N LEU T 395 73.54 106.23 -38.98
CA LEU T 395 74.71 105.48 -39.41
C LEU T 395 75.83 105.50 -38.38
N HIS T 396 75.78 106.42 -37.41
CA HIS T 396 76.82 106.50 -36.39
C HIS T 396 76.80 105.31 -35.44
N TRP T 397 75.67 104.61 -35.34
CA TRP T 397 75.56 103.48 -34.42
C TRP T 397 76.57 102.38 -34.75
N TYR T 398 76.99 102.30 -36.01
CA TYR T 398 77.98 101.32 -36.44
C TYR T 398 79.39 101.87 -36.49
N THR T 399 79.55 103.12 -36.95
CA THR T 399 80.88 103.73 -36.98
C THR T 399 81.42 104.03 -35.59
N SER T 400 80.56 103.99 -34.56
CA SER T 400 81.03 104.21 -33.20
C SER T 400 82.01 103.12 -32.77
N GLU T 401 81.88 101.91 -33.32
CA GLU T 401 82.74 100.79 -32.96
C GLU T 401 83.95 100.66 -33.88
N GLY T 402 84.08 101.50 -34.90
CA GLY T 402 85.24 101.46 -35.76
C GLY T 402 84.98 101.00 -37.18
N MET T 403 83.78 101.27 -37.68
CA MET T 403 83.45 100.95 -39.06
C MET T 403 83.86 102.08 -39.99
N ASP T 404 84.37 101.72 -41.17
CA ASP T 404 84.82 102.67 -42.16
C ASP T 404 83.99 102.54 -43.44
N GLU T 405 83.94 103.64 -44.20
CA GLU T 405 83.22 103.64 -45.47
C GLU T 405 83.89 102.72 -46.50
N LEU T 406 85.15 102.35 -46.27
CA LEU T 406 85.84 101.45 -47.19
C LEU T 406 85.13 100.10 -47.27
N GLU T 407 84.66 99.58 -46.13
CA GLU T 407 83.95 98.31 -46.14
C GLU T 407 82.67 98.39 -46.96
N PHE T 408 81.91 99.48 -46.82
CA PHE T 408 80.66 99.62 -47.57
C PHE T 408 80.94 99.78 -49.06
N SER T 409 81.97 100.56 -49.41
CA SER T 409 82.33 100.69 -50.82
C SER T 409 82.78 99.35 -51.39
N GLU T 410 83.52 98.56 -50.61
CA GLU T 410 83.92 97.24 -51.06
C GLU T 410 82.74 96.30 -51.23
N ALA T 411 81.73 96.40 -50.35
CA ALA T 411 80.52 95.60 -50.51
C ALA T 411 79.76 96.01 -51.78
N GLU T 412 79.71 97.32 -52.06
CA GLU T 412 79.09 97.77 -53.31
C GLU T 412 79.85 97.25 -54.52
N SER T 413 81.18 97.26 -54.45
CA SER T 413 81.97 96.67 -55.53
C SER T 413 81.71 95.18 -55.67
N ASN T 414 81.53 94.49 -54.53
CA ASN T 414 81.22 93.06 -54.58
C ASN T 414 79.89 92.79 -55.26
N MET T 415 78.87 93.59 -54.95
CA MET T 415 77.57 93.36 -55.59
C MET T 415 77.61 93.75 -57.07
N ASN T 416 78.41 94.76 -57.42
CA ASN T 416 78.66 95.04 -58.83
C ASN T 416 79.32 93.85 -59.53
N ASP T 417 80.30 93.24 -58.87
CA ASP T 417 80.96 92.07 -59.44
C ASP T 417 79.99 90.90 -59.59
N LEU T 418 79.10 90.71 -58.61
CA LEU T 418 78.08 89.68 -58.72
C LEU T 418 77.15 89.93 -59.90
N VAL T 419 76.75 91.19 -60.10
CA VAL T 419 75.92 91.52 -61.26
C VAL T 419 76.66 91.23 -62.56
N SER T 420 77.94 91.62 -62.63
CA SER T 420 78.72 91.35 -63.84
C SER T 420 78.84 89.85 -64.09
N GLU T 421 79.03 89.06 -63.03
CA GLU T 421 79.03 87.60 -63.17
C GLU T 421 77.69 87.10 -63.67
N TYR T 422 76.59 87.70 -63.20
CA TYR T 422 75.26 87.41 -63.71
C TYR T 422 75.04 87.93 -65.13
N GLN T 423 76.04 88.55 -65.73
CA GLN T 423 75.96 89.06 -67.10
C GLN T 423 77.14 88.57 -67.93
N GLN T 424 77.43 87.26 -67.89
CA GLN T 424 78.57 86.70 -68.59
C GLN T 424 78.23 85.76 -69.76
N TYR T 425 77.34 84.76 -69.65
CA TYR T 425 76.22 84.52 -68.72
C TYR T 425 75.22 85.68 -68.72
N GLN T 426 74.95 86.18 -69.92
CA GLN T 426 74.02 87.29 -70.09
C GLN T 426 72.59 86.83 -69.80
N GLU T 427 71.73 87.79 -69.46
CA GLU T 427 70.33 87.51 -69.18
C GLU T 427 69.56 87.25 -70.47
N MET U 1 42.16 61.53 -80.30
CA MET U 1 41.73 62.88 -80.66
C MET U 1 40.23 62.99 -80.38
N ARG U 2 39.86 62.92 -79.10
CA ARG U 2 38.46 62.89 -78.71
C ARG U 2 38.11 63.85 -77.59
N GLU U 3 39.06 64.21 -76.71
CA GLU U 3 38.74 64.95 -75.51
C GLU U 3 38.18 66.34 -75.84
N ILE U 4 37.16 66.74 -75.10
CA ILE U 4 36.45 68.00 -75.31
C ILE U 4 36.48 68.78 -74.00
N ILE U 5 36.84 70.06 -74.09
CA ILE U 5 36.82 70.97 -72.94
C ILE U 5 35.62 71.88 -73.09
N HIS U 6 34.74 71.89 -72.09
CA HIS U 6 33.49 72.64 -72.14
C HIS U 6 33.68 73.96 -71.41
N ILE U 7 33.68 75.05 -72.16
CA ILE U 7 33.79 76.39 -71.58
C ILE U 7 32.40 76.95 -71.34
N SER U 8 32.19 77.52 -70.16
CA SER U 8 30.89 78.08 -69.78
C SER U 8 31.06 79.53 -69.37
N THR U 9 30.19 80.40 -69.89
CA THR U 9 30.19 81.80 -69.53
C THR U 9 28.79 82.36 -69.69
N GLY U 10 28.52 83.45 -68.99
CA GLY U 10 27.21 84.09 -69.06
C GLY U 10 26.23 83.51 -68.07
N GLN U 11 25.17 84.28 -67.80
CA GLN U 11 24.14 83.85 -66.86
C GLN U 11 23.40 82.62 -67.38
N CYS U 12 22.93 82.68 -68.62
CA CYS U 12 22.26 81.53 -69.22
C CYS U 12 23.25 80.42 -69.53
N GLY U 13 24.50 80.78 -69.87
CA GLY U 13 25.49 79.77 -70.21
C GLY U 13 25.81 78.85 -69.05
N ASN U 14 25.84 79.38 -67.83
CA ASN U 14 26.10 78.54 -66.66
C ASN U 14 25.01 77.49 -66.48
N GLN U 15 23.75 77.91 -66.61
CA GLN U 15 22.64 76.97 -66.47
C GLN U 15 22.66 75.93 -67.56
N ILE U 16 22.92 76.34 -68.80
CA ILE U 16 22.97 75.39 -69.91
C ILE U 16 24.09 74.39 -69.71
N GLY U 17 25.28 74.87 -69.29
CA GLY U 17 26.38 73.96 -69.05
C GLY U 17 26.11 72.99 -67.91
N ALA U 18 25.51 73.49 -66.83
CA ALA U 18 25.17 72.62 -65.71
C ALA U 18 24.20 71.53 -66.15
N ALA U 19 23.13 71.92 -66.84
CA ALA U 19 22.14 70.94 -67.30
C ALA U 19 22.77 69.94 -68.26
N PHE U 20 23.66 70.40 -69.13
CA PHE U 20 24.42 69.48 -69.98
C PHE U 20 25.22 68.50 -69.12
N TRP U 21 25.76 68.97 -68.00
CA TRP U 21 26.52 68.08 -67.13
C TRP U 21 25.65 67.02 -66.50
N GLU U 22 24.45 67.37 -66.01
CA GLU U 22 23.59 66.32 -65.48
C GLU U 22 23.15 65.35 -66.58
N THR U 23 22.85 65.88 -67.77
CA THR U 23 22.45 64.98 -68.86
C THR U 23 23.58 64.02 -69.22
N ILE U 24 24.82 64.50 -69.25
CA ILE U 24 25.95 63.64 -69.54
C ILE U 24 26.11 62.57 -68.46
N CYS U 25 26.13 62.99 -67.20
CA CYS U 25 26.34 62.03 -66.11
C CYS U 25 25.19 61.04 -66.00
N GLY U 26 24.00 61.39 -66.49
CA GLY U 26 22.91 60.43 -66.52
C GLY U 26 22.92 59.52 -67.73
N GLU U 27 23.42 60.01 -68.87
CA GLU U 27 23.39 59.20 -70.08
C GLU U 27 24.48 58.14 -70.08
N HIS U 28 25.65 58.43 -69.50
CA HIS U 28 26.65 57.37 -69.39
C HIS U 28 26.62 56.67 -68.04
N GLY U 29 26.14 57.34 -67.01
CA GLY U 29 25.99 56.72 -65.71
C GLY U 29 27.16 56.95 -64.78
N LEU U 30 26.98 57.86 -63.82
CA LEU U 30 28.03 58.13 -62.83
C LEU U 30 27.38 58.85 -61.66
N ASP U 31 27.40 58.22 -60.48
CA ASP U 31 26.86 58.87 -59.29
C ASP U 31 27.84 59.93 -58.79
N PHE U 32 27.29 60.89 -58.05
CA PHE U 32 28.05 62.06 -57.63
C PHE U 32 29.07 61.76 -56.53
N ASN U 33 29.03 60.59 -55.91
CA ASN U 33 29.98 60.25 -54.85
C ASN U 33 31.20 59.51 -55.39
N GLY U 34 31.28 59.30 -56.70
CA GLY U 34 32.43 58.63 -57.28
C GLY U 34 32.27 57.12 -57.39
N THR U 35 31.08 56.68 -57.81
CA THR U 35 30.79 55.27 -57.97
C THR U 35 30.68 54.94 -59.46
N TYR U 36 31.41 53.90 -59.88
CA TYR U 36 31.41 53.50 -61.28
C TYR U 36 30.09 52.81 -61.63
N HIS U 37 29.47 53.25 -62.73
CA HIS U 37 28.21 52.66 -63.16
C HIS U 37 28.16 52.41 -64.67
N GLY U 38 29.30 52.46 -65.36
CA GLY U 38 29.32 52.21 -66.78
C GLY U 38 29.04 50.74 -67.10
N HIS U 39 28.42 50.52 -68.25
CA HIS U 39 28.07 49.16 -68.69
C HIS U 39 28.31 49.08 -70.20
N ASP U 40 29.41 48.44 -70.59
CA ASP U 40 30.41 47.95 -69.63
C ASP U 40 31.78 48.55 -69.92
N ASP U 41 32.18 48.51 -71.19
CA ASP U 41 33.49 49.01 -71.62
C ASP U 41 33.37 50.35 -72.35
N ILE U 42 32.49 50.43 -73.34
CA ILE U 42 32.36 51.62 -74.17
C ILE U 42 32.00 52.86 -73.34
N GLN U 43 31.42 52.66 -72.17
CA GLN U 43 31.07 53.77 -71.28
C GLN U 43 32.22 54.13 -70.34
N LYS U 44 33.40 53.56 -70.53
CA LYS U 44 34.55 53.82 -69.68
C LYS U 44 35.65 54.60 -70.38
N GLU U 45 36.04 54.20 -71.60
CA GLU U 45 37.05 54.96 -72.32
C GLU U 45 36.51 56.26 -72.89
N ARG U 46 35.20 56.37 -73.10
CA ARG U 46 34.60 57.57 -73.67
C ARG U 46 34.33 58.66 -72.64
N LEU U 47 34.39 58.35 -71.35
CA LEU U 47 34.23 59.39 -70.33
C LEU U 47 35.51 60.18 -70.11
N ASN U 48 36.64 59.75 -70.68
CA ASN U 48 37.86 60.56 -70.66
C ASN U 48 37.70 61.85 -71.46
N VAL U 49 36.69 61.92 -72.34
CA VAL U 49 36.46 63.13 -73.12
C VAL U 49 36.14 64.31 -72.21
N TYR U 50 35.28 64.11 -71.22
CA TYR U 50 34.84 65.18 -70.33
C TYR U 50 35.48 65.13 -68.95
N PHE U 51 35.85 63.94 -68.47
CA PHE U 51 36.39 63.77 -67.13
C PHE U 51 37.82 63.28 -67.19
N ASN U 52 38.56 63.53 -66.11
CA ASN U 52 39.93 63.06 -65.96
C ASN U 52 40.05 62.27 -64.67
N GLU U 53 40.90 61.24 -64.69
CA GLU U 53 41.02 60.33 -63.55
C GLU U 53 41.78 61.01 -62.42
N ALA U 54 41.11 61.22 -61.29
CA ALA U 54 41.73 61.75 -60.09
C ALA U 54 42.24 60.59 -59.23
N SER U 55 42.69 60.90 -58.02
CA SER U 55 43.19 59.87 -57.12
C SER U 55 42.03 59.03 -56.58
N SER U 56 42.37 57.81 -56.16
CA SER U 56 41.41 56.87 -55.58
C SER U 56 40.24 56.57 -56.52
N GLY U 57 40.53 56.48 -57.82
CA GLY U 57 39.50 56.15 -58.79
C GLY U 57 38.39 57.18 -58.90
N LYS U 58 38.71 58.46 -58.78
CA LYS U 58 37.73 59.53 -58.87
C LYS U 58 37.83 60.21 -60.23
N TRP U 59 36.69 60.60 -60.76
CA TRP U 59 36.61 61.30 -62.04
C TRP U 59 36.12 62.72 -61.81
N VAL U 60 36.86 63.69 -62.34
CA VAL U 60 36.53 65.09 -62.15
C VAL U 60 36.46 65.78 -63.51
N PRO U 61 35.60 66.78 -63.69
CA PRO U 61 35.47 67.42 -65.00
C PRO U 61 36.65 68.32 -65.33
N ARG U 62 36.87 68.50 -66.63
CA ARG U 62 37.83 69.46 -67.15
C ARG U 62 37.02 70.54 -67.87
N SER U 63 36.56 71.53 -67.11
CA SER U 63 35.69 72.57 -67.64
C SER U 63 35.94 73.85 -66.87
N ILE U 64 36.20 74.94 -67.59
CA ILE U 64 36.46 76.24 -66.99
C ILE U 64 35.18 77.05 -67.10
N ASN U 65 34.53 77.29 -65.96
CA ASN U 65 33.34 78.13 -65.90
C ASN U 65 33.73 79.50 -65.37
N VAL U 66 33.38 80.54 -66.11
CA VAL U 66 33.74 81.91 -65.78
C VAL U 66 32.49 82.78 -65.80
N ASP U 67 32.34 83.62 -64.79
CA ASP U 67 31.24 84.57 -64.71
C ASP U 67 31.59 85.62 -63.67
N LEU U 68 31.16 86.85 -63.94
CA LEU U 68 31.47 87.96 -63.03
C LEU U 68 30.58 87.99 -61.81
N GLU U 69 29.48 87.24 -61.80
CA GLU U 69 28.64 87.13 -60.61
C GLU U 69 28.87 85.77 -59.97
N PRO U 70 29.24 85.71 -58.68
CA PRO U 70 29.56 84.42 -58.05
C PRO U 70 28.38 83.70 -57.42
N GLY U 71 27.14 84.10 -57.70
CA GLY U 71 25.99 83.48 -57.08
C GLY U 71 25.52 82.22 -57.78
N THR U 72 25.98 82.00 -59.01
CA THR U 72 25.53 80.83 -59.76
C THR U 72 26.21 79.55 -59.28
N ILE U 73 27.47 79.64 -58.85
CA ILE U 73 28.19 78.45 -58.41
C ILE U 73 27.65 77.93 -57.08
N ASP U 74 27.08 78.80 -56.25
CA ASP U 74 26.43 78.34 -55.02
C ASP U 74 25.24 77.46 -55.34
N ALA U 75 24.47 77.82 -56.38
CA ALA U 75 23.38 77.00 -56.86
C ALA U 75 23.85 75.87 -57.78
N VAL U 76 25.14 75.55 -57.75
CA VAL U 76 25.70 74.45 -58.53
C VAL U 76 26.35 73.40 -57.64
N ARG U 77 27.19 73.83 -56.71
CA ARG U 77 27.89 72.89 -55.85
C ARG U 77 26.96 72.28 -54.80
N ASN U 78 25.99 73.04 -54.30
CA ASN U 78 25.06 72.54 -53.30
C ASN U 78 23.78 71.98 -53.91
N SER U 79 23.52 72.26 -55.18
CA SER U 79 22.34 71.78 -55.90
C SER U 79 22.65 70.42 -56.52
N ALA U 80 21.88 70.02 -57.53
CA ALA U 80 22.08 68.75 -58.23
C ALA U 80 23.47 68.70 -58.85
N ILE U 81 23.80 67.59 -59.52
CA ILE U 81 25.18 67.12 -59.58
C ILE U 81 26.11 68.17 -60.16
N GLY U 82 26.94 68.74 -59.29
CA GLY U 82 28.05 69.60 -59.65
C GLY U 82 29.18 69.42 -58.65
N ASN U 83 29.01 68.46 -57.75
CA ASN U 83 29.98 68.22 -56.68
C ASN U 83 31.30 67.70 -57.22
N LEU U 84 31.31 67.11 -58.41
CA LEU U 84 32.54 66.64 -59.01
C LEU U 84 33.47 67.79 -59.41
N PHE U 85 32.94 69.00 -59.52
CA PHE U 85 33.73 70.15 -59.97
C PHE U 85 34.83 70.45 -58.95
N ARG U 86 36.07 70.43 -59.43
CA ARG U 86 37.20 70.76 -58.58
C ARG U 86 37.17 72.25 -58.23
N PRO U 87 37.65 72.63 -57.04
CA PRO U 87 37.58 74.04 -56.63
C PRO U 87 38.35 74.98 -57.54
N ASP U 88 39.39 74.50 -58.21
CA ASP U 88 40.14 75.36 -59.12
C ASP U 88 39.34 75.73 -60.37
N ASN U 89 38.32 74.95 -60.72
CA ASN U 89 37.48 75.26 -61.86
C ASN U 89 36.65 76.52 -61.64
N TYR U 90 36.51 76.98 -60.39
CA TYR U 90 35.71 78.15 -60.09
C TYR U 90 36.55 79.40 -60.28
N ILE U 91 36.43 80.03 -61.45
CA ILE U 91 37.07 81.30 -61.74
C ILE U 91 35.95 82.34 -61.82
N PHE U 92 35.76 83.08 -60.74
CA PHE U 92 34.71 84.09 -60.65
C PHE U 92 35.29 85.37 -60.04
N GLY U 93 34.68 86.49 -60.40
CA GLY U 93 35.12 87.78 -59.90
C GLY U 93 33.97 88.63 -59.39
N GLN U 94 34.20 89.95 -59.32
CA GLN U 94 33.18 90.90 -58.89
C GLN U 94 33.18 92.10 -59.83
N SER U 95 31.99 92.57 -60.18
CA SER U 95 30.73 91.97 -59.72
C SER U 95 29.81 91.66 -60.90
N SER U 96 29.96 92.43 -61.98
CA SER U 96 29.16 92.24 -63.18
C SER U 96 29.83 92.98 -64.33
N ALA U 97 29.44 92.62 -65.55
CA ALA U 97 29.92 93.30 -66.74
C ALA U 97 29.10 94.52 -67.11
N GLY U 98 28.06 94.84 -66.34
CA GLY U 98 27.20 95.96 -66.63
C GLY U 98 26.09 95.67 -67.62
N ASN U 99 25.97 94.42 -68.08
CA ASN U 99 24.97 94.03 -69.07
C ASN U 99 25.10 94.85 -70.35
N VAL U 100 26.32 95.23 -70.70
CA VAL U 100 26.62 96.04 -71.87
C VAL U 100 27.83 95.47 -72.58
N TRP U 101 28.14 96.04 -73.74
CA TRP U 101 29.28 95.61 -74.53
C TRP U 101 30.51 96.48 -74.34
N ALA U 102 30.35 97.76 -74.00
CA ALA U 102 31.49 98.63 -73.78
C ALA U 102 32.30 98.22 -72.54
N LYS U 103 31.63 97.74 -71.50
CA LYS U 103 32.30 97.31 -70.28
C LYS U 103 32.43 95.80 -70.18
N GLY U 104 31.88 95.05 -71.13
CA GLY U 104 31.97 93.60 -71.04
C GLY U 104 33.38 93.09 -71.17
N HIS U 105 34.09 93.49 -72.24
CA HIS U 105 35.46 93.06 -72.45
C HIS U 105 36.40 94.13 -72.95
N TYR U 106 35.93 95.36 -73.24
CA TYR U 106 36.80 96.35 -73.85
C TYR U 106 37.78 96.93 -72.85
N THR U 107 37.32 97.22 -71.63
CA THR U 107 38.17 97.86 -70.63
C THR U 107 38.39 97.00 -69.41
N GLU U 108 37.32 96.52 -68.77
CA GLU U 108 37.44 95.77 -67.53
C GLU U 108 37.43 94.26 -67.71
N GLY U 109 36.94 93.77 -68.86
CA GLY U 109 36.87 92.34 -69.08
C GLY U 109 38.19 91.70 -69.49
N ALA U 110 39.23 92.51 -69.69
CA ALA U 110 40.52 92.02 -70.14
C ALA U 110 41.53 91.84 -69.00
N GLU U 111 41.05 91.82 -67.76
CA GLU U 111 41.95 91.73 -66.60
C GLU U 111 42.17 90.28 -66.15
N LEU U 112 41.08 89.61 -65.74
CA LEU U 112 41.17 88.23 -65.29
C LEU U 112 41.25 87.24 -66.44
N VAL U 113 41.01 87.68 -67.67
CA VAL U 113 41.01 86.76 -68.80
C VAL U 113 42.42 86.28 -69.12
N ASP U 114 43.45 87.01 -68.67
CA ASP U 114 44.82 86.49 -68.78
C ASP U 114 44.99 85.24 -67.93
N SER U 115 44.47 85.26 -66.70
CA SER U 115 44.50 84.06 -65.86
C SER U 115 43.66 82.95 -66.48
N VAL U 116 42.54 83.31 -67.11
CA VAL U 116 41.73 82.33 -67.81
C VAL U 116 42.54 81.67 -68.93
N MET U 117 43.27 82.48 -69.69
CA MET U 117 44.10 81.94 -70.77
C MET U 117 45.21 81.05 -70.23
N ASP U 118 45.79 81.44 -69.09
CA ASP U 118 46.81 80.61 -68.47
C ASP U 118 46.26 79.26 -68.04
N VAL U 119 45.06 79.25 -67.42
CA VAL U 119 44.50 77.96 -66.99
C VAL U 119 44.09 77.14 -68.20
N ILE U 120 43.67 77.79 -69.29
CA ILE U 120 43.40 77.06 -70.53
C ILE U 120 44.68 76.39 -71.03
N ARG U 121 45.80 77.12 -70.99
CA ARG U 121 47.06 76.51 -71.40
C ARG U 121 47.41 75.31 -70.53
N ARG U 122 47.28 75.46 -69.21
CA ARG U 122 47.69 74.38 -68.31
C ARG U 122 46.78 73.16 -68.49
N GLU U 123 45.49 73.38 -68.77
CA GLU U 123 44.63 72.28 -69.14
C GLU U 123 45.02 71.68 -70.49
N ALA U 124 45.58 72.52 -71.38
CA ALA U 124 46.00 72.03 -72.68
C ALA U 124 47.15 71.03 -72.57
N GLU U 125 48.19 71.38 -71.80
CA GLU U 125 49.21 70.35 -71.59
C GLU U 125 48.74 69.27 -70.62
N GLY U 126 47.70 69.54 -69.83
CA GLY U 126 47.10 68.49 -69.04
C GLY U 126 46.24 67.54 -69.86
N CYS U 127 45.85 67.95 -71.06
CA CYS U 127 45.05 67.13 -71.96
C CYS U 127 45.95 66.46 -72.99
N ASP U 128 45.53 65.27 -73.43
CA ASP U 128 46.31 64.49 -74.39
C ASP U 128 45.70 64.45 -75.78
N SER U 129 44.39 64.49 -75.92
CA SER U 129 43.71 64.35 -77.20
C SER U 129 42.64 65.43 -77.35
N LEU U 130 43.01 66.67 -77.08
CA LEU U 130 42.09 67.79 -77.19
C LEU U 130 41.54 67.90 -78.61
N GLN U 131 40.20 67.89 -78.71
CA GLN U 131 39.52 67.84 -79.99
C GLN U 131 38.81 69.14 -80.35
N GLY U 132 37.92 69.63 -79.48
CA GLY U 132 37.14 70.80 -79.78
C GLY U 132 36.86 71.62 -78.54
N PHE U 133 36.18 72.75 -78.73
CA PHE U 133 35.90 73.70 -77.67
C PHE U 133 34.42 74.04 -77.71
N GLN U 134 33.71 73.74 -76.62
CA GLN U 134 32.28 74.02 -76.52
C GLN U 134 32.07 75.24 -75.63
N ILE U 135 31.34 76.23 -76.15
CA ILE U 135 31.02 77.44 -75.41
C ILE U 135 29.51 77.65 -75.45
N THR U 136 28.92 77.96 -74.30
CA THR U 136 27.50 78.30 -74.19
C THR U 136 27.40 79.70 -73.59
N HIS U 137 26.73 80.60 -74.29
CA HIS U 137 26.61 81.99 -73.85
C HIS U 137 25.34 82.58 -74.46
N SER U 138 25.07 83.83 -74.10
CA SER U 138 23.91 84.56 -74.59
C SER U 138 24.36 85.65 -75.55
N LEU U 139 23.69 85.71 -76.72
CA LEU U 139 24.05 86.71 -77.72
C LEU U 139 23.79 88.13 -77.21
N GLY U 140 22.66 88.35 -76.54
CA GLY U 140 22.32 89.68 -76.07
C GLY U 140 22.76 89.94 -74.64
N GLY U 141 23.16 88.90 -73.93
CA GLY U 141 23.61 89.07 -72.56
C GLY U 141 24.93 89.82 -72.49
N GLY U 142 25.07 90.65 -71.46
CA GLY U 142 26.25 91.46 -71.29
C GLY U 142 27.52 90.66 -71.07
N THR U 143 27.45 89.67 -70.18
CA THR U 143 28.64 88.86 -69.90
C THR U 143 28.96 87.92 -71.04
N GLY U 144 27.97 87.15 -71.50
CA GLY U 144 28.23 86.17 -72.55
C GLY U 144 28.73 86.80 -73.84
N SER U 145 28.05 87.84 -74.31
CA SER U 145 28.51 88.54 -75.49
C SER U 145 29.76 89.37 -75.21
N GLY U 146 29.97 89.76 -73.95
CA GLY U 146 31.10 90.60 -73.62
C GLY U 146 32.43 89.91 -73.75
N MET U 147 32.74 88.97 -72.85
CA MET U 147 34.04 88.32 -72.93
C MET U 147 34.02 87.03 -73.74
N GLY U 148 32.84 86.60 -74.21
CA GLY U 148 32.80 85.40 -75.04
C GLY U 148 33.58 85.56 -76.32
N THR U 149 33.36 86.68 -77.02
CA THR U 149 34.08 86.93 -78.26
C THR U 149 35.58 87.07 -78.03
N LEU U 150 35.98 87.67 -76.90
CA LEU U 150 37.41 87.86 -76.65
C LEU U 150 38.06 86.53 -76.26
N LEU U 151 37.33 85.65 -75.56
CA LEU U 151 37.80 84.29 -75.36
C LEU U 151 37.95 83.56 -76.69
N ILE U 152 37.01 83.77 -77.61
CA ILE U 152 37.14 83.19 -78.94
C ILE U 152 38.40 83.71 -79.62
N SER U 153 38.68 85.00 -79.45
CA SER U 153 39.88 85.58 -80.03
C SER U 153 41.14 84.91 -79.51
N LYS U 154 41.24 84.73 -78.19
CA LYS U 154 42.42 84.05 -77.65
C LYS U 154 42.48 82.59 -78.08
N ILE U 155 41.34 81.89 -78.10
CA ILE U 155 41.38 80.47 -78.45
C ILE U 155 41.76 80.29 -79.92
N ARG U 156 41.46 81.29 -80.76
CA ARG U 156 41.99 81.26 -82.11
C ARG U 156 43.48 81.60 -82.15
N GLU U 157 43.90 82.55 -81.31
CA GLU U 157 45.30 82.98 -81.30
C GLU U 157 46.22 81.83 -80.90
N GLU U 158 45.86 81.10 -79.84
CA GLU U 158 46.72 80.06 -79.30
C GLU U 158 46.52 78.71 -79.98
N PHE U 159 45.36 78.48 -80.61
CA PHE U 159 45.10 77.24 -81.34
C PHE U 159 44.67 77.56 -82.76
N PRO U 160 45.61 77.72 -83.69
CA PRO U 160 45.25 77.99 -85.08
C PRO U 160 44.80 76.77 -85.87
N ASP U 161 44.95 75.57 -85.31
CA ASP U 161 44.55 74.34 -85.98
C ASP U 161 43.29 73.72 -85.40
N ARG U 162 42.72 74.33 -84.34
CA ARG U 162 41.52 73.81 -83.71
C ARG U 162 40.33 74.68 -84.08
N MET U 163 39.26 74.04 -84.56
CA MET U 163 38.05 74.76 -84.87
C MET U 163 37.33 75.16 -83.58
N MET U 164 36.34 76.04 -83.72
CA MET U 164 35.58 76.55 -82.60
C MET U 164 34.10 76.30 -82.83
N ALA U 165 33.41 75.87 -81.77
CA ALA U 165 31.97 75.63 -81.81
C ALA U 165 31.28 76.60 -80.85
N THR U 166 30.28 77.32 -81.37
CA THR U 166 29.54 78.30 -80.59
C THR U 166 28.06 77.98 -80.63
N PHE U 167 27.41 78.14 -79.48
CA PHE U 167 25.99 77.84 -79.31
C PHE U 167 25.28 78.99 -78.61
N SER U 168 25.54 80.21 -79.08
CA SER U 168 24.92 81.39 -78.48
C SER U 168 23.42 81.39 -78.70
N VAL U 169 22.68 81.90 -77.72
CA VAL U 169 21.23 81.97 -77.79
C VAL U 169 20.84 83.30 -78.41
N LEU U 170 20.15 83.25 -79.54
CA LEU U 170 19.79 84.46 -80.27
C LEU U 170 18.49 85.03 -79.72
N PRO U 171 18.49 86.26 -79.20
CA PRO U 171 17.24 86.86 -78.73
C PRO U 171 16.27 87.09 -79.89
N SER U 172 14.99 86.96 -79.58
CA SER U 172 13.95 87.16 -80.58
C SER U 172 13.79 88.65 -80.91
N PRO U 173 13.45 88.98 -82.15
CA PRO U 173 13.26 90.39 -82.52
C PRO U 173 12.00 91.02 -81.95
N LYS U 174 11.13 90.24 -81.30
CA LYS U 174 9.88 90.76 -80.76
C LYS U 174 9.87 90.91 -79.24
N THR U 175 10.84 90.31 -78.54
CA THR U 175 10.95 90.43 -77.10
C THR U 175 12.16 91.28 -76.75
N SER U 176 11.97 92.29 -75.90
CA SER U 176 13.02 93.23 -75.54
C SER U 176 13.11 93.29 -74.02
N ASP U 177 13.97 92.46 -73.44
CA ASP U 177 14.25 92.55 -72.01
C ASP U 177 14.89 93.88 -71.67
N THR U 178 15.84 94.33 -72.50
CA THR U 178 16.45 95.64 -72.34
C THR U 178 16.56 96.29 -73.72
N VAL U 179 16.68 97.62 -73.71
CA VAL U 179 16.69 98.37 -74.95
C VAL U 179 17.95 98.10 -75.78
N VAL U 180 19.01 97.60 -75.16
CA VAL U 180 20.29 97.43 -75.84
C VAL U 180 20.65 95.96 -76.02
N GLU U 181 19.69 95.05 -75.85
CA GLU U 181 19.96 93.64 -76.07
C GLU U 181 20.35 93.34 -77.52
N PRO U 182 19.59 93.76 -78.54
CA PRO U 182 20.08 93.58 -79.92
C PRO U 182 21.37 94.33 -80.19
N TYR U 183 21.58 95.46 -79.52
CA TYR U 183 22.82 96.21 -79.68
C TYR U 183 24.02 95.37 -79.26
N ASN U 184 23.94 94.76 -78.07
CA ASN U 184 25.01 93.88 -77.61
C ASN U 184 25.12 92.66 -78.52
N ALA U 185 23.99 92.12 -78.98
CA ALA U 185 24.02 90.96 -79.85
C ALA U 185 24.80 91.25 -81.13
N THR U 186 24.55 92.41 -81.73
CA THR U 186 25.23 92.76 -82.97
C THR U 186 26.69 93.14 -82.73
N LEU U 187 26.97 93.82 -81.61
CA LEU U 187 28.37 94.10 -81.28
C LEU U 187 29.15 92.81 -81.02
N SER U 188 28.46 91.74 -80.62
CA SER U 188 29.13 90.45 -80.45
C SER U 188 29.31 89.74 -81.79
N VAL U 189 28.26 89.70 -82.62
CA VAL U 189 28.38 89.02 -83.92
C VAL U 189 29.31 89.78 -84.85
N HIS U 190 29.62 91.04 -84.54
CA HIS U 190 30.63 91.78 -85.30
C HIS U 190 31.96 91.04 -85.33
N GLN U 191 32.32 90.37 -84.23
CA GLN U 191 33.54 89.56 -84.19
C GLN U 191 33.25 88.07 -84.23
N LEU U 192 32.02 87.65 -83.94
CA LEU U 192 31.68 86.22 -83.98
C LEU U 192 31.85 85.66 -85.39
N VAL U 193 31.41 86.40 -86.40
CA VAL U 193 31.53 85.93 -87.77
C VAL U 193 33.00 85.87 -88.20
N GLU U 194 33.84 86.74 -87.64
CA GLU U 194 35.25 86.79 -87.99
C GLU U 194 36.12 85.88 -87.14
N HIS U 195 35.54 85.17 -86.17
CA HIS U 195 36.33 84.33 -85.27
C HIS U 195 35.75 82.94 -85.02
N SER U 196 34.59 82.62 -85.58
CA SER U 196 33.96 81.33 -85.34
C SER U 196 33.84 80.55 -86.65
N ASP U 197 33.81 79.22 -86.53
CA ASP U 197 33.68 78.34 -87.68
C ASP U 197 32.28 77.79 -87.89
N GLU U 198 31.49 77.67 -86.82
CA GLU U 198 30.11 77.23 -86.94
C GLU U 198 29.34 77.67 -85.70
N THR U 199 28.03 77.83 -85.87
CA THR U 199 27.18 78.28 -84.78
C THR U 199 25.77 77.75 -84.97
N PHE U 200 25.00 77.74 -83.88
CA PHE U 200 23.62 77.27 -83.89
C PHE U 200 22.69 78.41 -83.51
N CYS U 201 21.53 78.46 -84.18
CA CYS U 201 20.52 79.48 -83.90
C CYS U 201 19.55 78.91 -82.87
N ILE U 202 19.51 79.55 -81.69
CA ILE U 202 18.66 79.13 -80.59
C ILE U 202 17.78 80.30 -80.20
N ASP U 203 16.46 80.07 -80.16
CA ASP U 203 15.49 81.09 -79.77
C ASP U 203 14.61 80.53 -78.67
N ASN U 204 14.45 81.30 -77.58
CA ASN U 204 13.65 80.85 -76.45
C ASN U 204 12.17 80.84 -76.77
N GLU U 205 11.71 81.77 -77.63
CA GLU U 205 10.30 81.80 -77.98
C GLU U 205 9.89 80.56 -78.77
N ALA U 206 10.78 80.03 -79.61
CA ALA U 206 10.51 78.76 -80.27
C ALA U 206 10.37 77.64 -79.26
N LEU U 207 11.20 77.65 -78.21
CA LEU U 207 11.07 76.67 -77.15
C LEU U 207 9.73 76.79 -76.44
N TYR U 208 9.29 78.03 -76.17
CA TYR U 208 7.98 78.23 -75.56
C TYR U 208 6.86 77.71 -76.47
N ASP U 209 6.97 77.96 -77.77
CA ASP U 209 5.96 77.50 -78.71
C ASP U 209 5.90 75.99 -78.75
N ILE U 210 7.05 75.32 -78.77
CA ILE U 210 7.05 73.86 -78.83
C ILE U 210 6.59 73.28 -77.50
N CYS U 211 6.83 73.98 -76.39
CA CYS U 211 6.32 73.52 -75.11
C CYS U 211 4.81 73.63 -75.02
N GLN U 212 4.25 74.74 -75.53
CA GLN U 212 2.81 74.92 -75.50
C GLN U 212 2.08 74.13 -76.59
N ARG U 213 2.81 73.63 -77.59
CA ARG U 213 2.18 72.85 -78.66
C ARG U 213 2.17 71.36 -78.32
N THR U 214 3.34 70.77 -78.08
CA THR U 214 3.46 69.34 -77.83
C THR U 214 3.57 69.01 -76.34
N LEU U 215 4.39 69.76 -75.60
CA LEU U 215 4.58 69.47 -74.18
C LEU U 215 3.39 69.89 -73.34
N LYS U 216 2.64 70.92 -73.77
CA LYS U 216 1.54 71.49 -73.01
C LYS U 216 2.00 71.89 -71.60
N LEU U 217 3.19 72.49 -71.53
CA LEU U 217 3.76 72.88 -70.25
C LEU U 217 3.00 74.07 -69.69
N ASN U 218 2.61 73.98 -68.41
CA ASN U 218 1.86 75.04 -67.76
C ASN U 218 2.76 76.07 -67.09
N GLN U 219 3.90 75.66 -66.55
CA GLN U 219 4.80 76.56 -65.85
C GLN U 219 5.99 76.88 -66.74
N PRO U 220 6.21 78.14 -67.11
CA PRO U 220 7.39 78.47 -67.93
C PRO U 220 8.68 78.35 -67.14
N SER U 221 9.44 77.29 -67.42
CA SER U 221 10.66 76.99 -66.68
C SER U 221 11.83 76.88 -67.63
N TYR U 222 12.95 77.52 -67.28
CA TYR U 222 14.16 77.43 -68.09
C TYR U 222 14.85 76.09 -67.94
N GLY U 223 14.53 75.32 -66.89
CA GLY U 223 15.17 74.03 -66.69
C GLY U 223 14.81 73.02 -67.77
N ASP U 224 13.54 72.95 -68.14
CA ASP U 224 13.13 72.03 -69.21
C ASP U 224 13.77 72.41 -70.54
N LEU U 225 13.86 73.72 -70.81
CA LEU U 225 14.49 74.18 -72.05
C LEU U 225 15.97 73.82 -72.06
N ASN U 226 16.63 73.97 -70.91
CA ASN U 226 18.03 73.55 -70.78
C ASN U 226 18.16 72.05 -70.99
N ASN U 227 17.22 71.27 -70.47
CA ASN U 227 17.25 69.82 -70.67
C ASN U 227 17.15 69.48 -72.15
N LEU U 228 16.25 70.16 -72.87
CA LEU U 228 16.09 69.89 -74.30
C LEU U 228 17.35 70.25 -75.07
N VAL U 229 17.90 71.45 -74.82
CA VAL U 229 19.07 71.87 -75.57
C VAL U 229 20.28 71.00 -75.21
N SER U 230 20.36 70.52 -73.97
CA SER U 230 21.47 69.65 -73.58
C SER U 230 21.33 68.26 -74.20
N SER U 231 20.10 67.77 -74.34
CA SER U 231 19.89 66.52 -75.06
C SER U 231 20.31 66.67 -76.52
N VAL U 232 19.98 67.80 -77.14
CA VAL U 232 20.41 68.05 -78.51
C VAL U 232 21.93 68.10 -78.58
N MET U 233 22.57 68.79 -77.63
CA MET U 233 24.03 68.92 -77.63
C MET U 233 24.70 67.57 -77.44
N SER U 234 24.16 66.72 -76.57
CA SER U 234 24.68 65.36 -76.44
C SER U 234 24.49 64.58 -77.73
N GLY U 235 23.33 64.72 -78.38
CA GLY U 235 23.06 63.99 -79.61
C GLY U 235 23.97 64.33 -80.76
N VAL U 236 24.42 65.58 -80.86
CA VAL U 236 25.32 65.95 -81.96
C VAL U 236 26.71 65.35 -81.83
N THR U 237 27.04 64.78 -80.67
CA THR U 237 28.34 64.14 -80.48
C THR U 237 28.25 62.67 -80.09
N THR U 238 27.04 62.11 -79.94
CA THR U 238 26.91 60.67 -79.75
C THR U 238 27.54 59.90 -80.90
N SER U 239 27.48 60.44 -82.12
CA SER U 239 28.10 59.79 -83.26
C SER U 239 29.61 59.65 -83.07
N LEU U 240 30.25 60.70 -82.55
CA LEU U 240 31.69 60.64 -82.31
C LEU U 240 32.02 59.70 -81.16
N ARG U 241 31.29 59.81 -80.04
CA ARG U 241 31.66 59.02 -78.87
C ARG U 241 31.00 57.65 -78.85
N TYR U 242 30.20 57.30 -79.87
CA TYR U 242 29.66 55.94 -80.01
C TYR U 242 29.74 55.56 -81.48
N PRO U 243 30.47 54.52 -81.84
CA PRO U 243 30.63 54.17 -83.26
C PRO U 243 29.33 53.74 -83.91
N GLY U 244 29.22 54.05 -85.20
CA GLY U 244 28.08 53.62 -86.00
C GLY U 244 28.50 53.33 -87.43
N GLN U 245 27.54 53.39 -88.36
CA GLN U 245 27.89 53.21 -89.76
C GLN U 245 28.78 54.35 -90.27
N LEU U 246 28.47 55.58 -89.86
CA LEU U 246 29.24 56.75 -90.26
C LEU U 246 29.38 57.67 -89.06
N ASN U 247 30.53 57.64 -88.40
CA ASN U 247 30.79 58.56 -87.31
C ASN U 247 30.98 59.97 -87.83
N SER U 248 30.45 60.94 -87.09
CA SER U 248 30.50 62.34 -87.49
C SER U 248 31.30 63.15 -86.46
N ASP U 249 32.08 64.10 -86.96
CA ASP U 249 32.90 64.97 -86.13
C ASP U 249 32.61 66.42 -86.50
N LEU U 250 32.99 67.33 -85.60
CA LEU U 250 32.75 68.75 -85.83
C LEU U 250 33.47 69.23 -87.09
N ARG U 251 34.68 68.72 -87.33
CA ARG U 251 35.38 69.04 -88.57
C ARG U 251 34.64 68.49 -89.78
N LYS U 252 33.95 67.35 -89.62
CA LYS U 252 33.11 66.84 -90.71
C LYS U 252 31.93 67.77 -90.95
N LEU U 253 31.36 68.34 -89.88
CA LEU U 253 30.34 69.37 -90.06
C LEU U 253 30.89 70.56 -90.82
N ALA U 254 32.11 71.00 -90.49
CA ALA U 254 32.71 72.12 -91.20
C ALA U 254 32.93 71.78 -92.67
N VAL U 255 33.38 70.57 -92.97
CA VAL U 255 33.67 70.18 -94.34
C VAL U 255 32.38 70.07 -95.15
N ASN U 256 31.36 69.39 -94.61
CA ASN U 256 30.17 69.06 -95.36
C ASN U 256 29.08 70.12 -95.23
N LEU U 257 28.61 70.36 -94.01
CA LEU U 257 27.48 71.27 -93.80
C LEU U 257 27.83 72.72 -94.14
N VAL U 258 28.98 73.20 -93.71
CA VAL U 258 29.39 74.58 -93.95
C VAL U 258 29.73 74.74 -95.43
N PRO U 259 29.14 75.71 -96.14
CA PRO U 259 29.53 75.93 -97.54
C PRO U 259 30.83 76.70 -97.66
N PHE U 260 31.08 77.61 -96.71
CA PHE U 260 32.32 78.37 -96.60
C PHE U 260 32.35 79.04 -95.23
N PRO U 261 33.52 79.33 -94.67
CA PRO U 261 33.57 79.80 -93.26
C PRO U 261 32.82 81.09 -93.01
N ARG U 262 32.57 81.91 -94.03
CA ARG U 262 31.78 83.12 -93.83
C ARG U 262 30.34 82.80 -93.44
N LEU U 263 29.75 81.79 -94.09
CA LEU U 263 28.38 81.37 -93.80
C LEU U 263 28.45 80.13 -92.90
N HIS U 264 28.09 80.31 -91.62
CA HIS U 264 28.16 79.20 -90.67
C HIS U 264 26.96 79.18 -89.72
N PHE U 265 25.86 79.82 -90.10
CA PHE U 265 24.67 79.86 -89.25
C PHE U 265 23.78 78.66 -89.54
N PHE U 266 23.38 77.94 -88.50
CA PHE U 266 22.56 76.75 -88.63
C PHE U 266 21.32 76.88 -87.74
N MET U 267 20.22 76.30 -88.19
CA MET U 267 19.03 76.15 -87.37
C MET U 267 18.96 74.72 -86.84
N VAL U 268 18.45 74.58 -85.64
CA VAL U 268 18.48 73.31 -84.91
C VAL U 268 17.06 72.74 -84.84
N GLY U 269 16.94 71.45 -85.13
CA GLY U 269 15.68 70.75 -84.96
C GLY U 269 15.91 69.43 -84.25
N TYR U 270 14.95 69.05 -83.42
CA TYR U 270 15.05 67.86 -82.60
C TYR U 270 13.80 67.01 -82.73
N ALA U 271 13.98 65.70 -82.56
CA ALA U 271 12.88 64.74 -82.62
C ALA U 271 13.28 63.52 -81.80
N PRO U 272 12.32 62.83 -81.18
CA PRO U 272 10.87 63.11 -81.21
C PRO U 272 10.46 64.19 -80.21
N LEU U 273 9.47 65.00 -80.59
CA LEU U 273 8.93 66.02 -79.70
C LEU U 273 7.60 65.52 -79.12
N THR U 274 7.73 64.62 -78.15
CA THR U 274 6.58 64.00 -77.49
C THR U 274 6.61 64.28 -76.00
N ALA U 275 5.43 64.27 -75.40
CA ALA U 275 5.26 64.56 -73.98
C ALA U 275 4.59 63.38 -73.28
N ILE U 276 4.48 63.50 -71.96
CA ILE U 276 3.80 62.48 -71.16
C ILE U 276 2.32 62.48 -71.50
N GLY U 277 1.76 61.28 -71.67
CA GLY U 277 0.38 61.12 -72.08
C GLY U 277 0.21 60.73 -73.54
N SER U 278 1.30 60.76 -74.31
CA SER U 278 1.27 60.31 -75.70
C SER U 278 2.27 59.19 -75.97
N GLN U 279 2.94 58.70 -74.94
CA GLN U 279 3.96 57.67 -75.13
C GLN U 279 3.37 56.30 -75.44
N SER U 280 2.16 56.02 -74.98
CA SER U 280 1.51 54.73 -75.20
C SER U 280 0.64 54.71 -76.45
N PHE U 281 0.63 55.78 -77.22
CA PHE U 281 -0.23 55.90 -78.39
C PHE U 281 0.52 56.12 -79.70
N ARG U 282 1.83 56.37 -79.68
CA ARG U 282 2.59 56.54 -80.92
C ARG U 282 3.54 55.37 -81.12
N SER U 283 3.88 55.14 -82.39
CA SER U 283 4.98 54.25 -82.78
C SER U 283 6.18 55.11 -83.13
N LEU U 284 7.26 54.98 -82.35
CA LEU U 284 8.45 55.78 -82.57
C LEU U 284 9.31 55.10 -83.62
N THR U 285 9.26 55.61 -84.85
CA THR U 285 9.95 55.02 -85.98
C THR U 285 10.70 56.09 -86.74
N VAL U 286 11.57 55.64 -87.65
CA VAL U 286 12.35 56.57 -88.47
C VAL U 286 11.46 57.47 -89.31
N PRO U 287 10.45 56.97 -90.04
CA PRO U 287 9.62 57.89 -90.84
C PRO U 287 8.94 58.97 -90.01
N GLU U 288 8.39 58.61 -88.85
CA GLU U 288 7.73 59.60 -87.99
C GLU U 288 8.71 60.65 -87.52
N LEU U 289 9.91 60.23 -87.12
CA LEU U 289 10.96 61.19 -86.79
C LEU U 289 11.28 62.09 -87.98
N THR U 290 11.16 61.55 -89.19
CA THR U 290 11.46 62.36 -90.37
C THR U 290 10.39 63.42 -90.61
N GLN U 291 9.10 63.05 -90.53
CA GLN U 291 8.08 64.09 -90.68
C GLN U 291 8.15 65.09 -89.54
N GLN U 292 8.61 64.66 -88.36
CA GLN U 292 8.85 65.62 -87.29
C GLN U 292 10.09 66.47 -87.55
N MET U 293 11.00 66.01 -88.41
CA MET U 293 12.20 66.78 -88.70
C MET U 293 11.90 67.93 -89.66
N PHE U 294 11.22 67.64 -90.77
CA PHE U 294 10.90 68.65 -91.76
C PHE U 294 9.63 69.42 -91.44
N ASP U 295 8.98 69.13 -90.32
CA ASP U 295 7.82 69.90 -89.90
C ASP U 295 8.22 71.35 -89.64
N ALA U 296 7.40 72.27 -90.14
CA ALA U 296 7.73 73.69 -90.08
C ALA U 296 7.66 74.28 -88.68
N LYS U 297 7.13 73.53 -87.71
CA LYS U 297 6.98 74.03 -86.35
C LYS U 297 7.87 73.30 -85.35
N ASN U 298 8.94 72.66 -85.81
CA ASN U 298 9.81 71.88 -84.95
C ASN U 298 11.23 72.43 -84.81
N MET U 299 11.66 73.31 -85.71
CA MET U 299 12.98 73.92 -85.57
C MET U 299 12.91 75.13 -84.65
N MET U 300 14.07 75.51 -84.13
CA MET U 300 14.16 76.57 -83.13
C MET U 300 14.94 77.78 -83.64
N ALA U 301 14.82 78.08 -84.94
CA ALA U 301 15.53 79.23 -85.49
C ALA U 301 15.01 80.56 -84.92
N ALA U 302 13.68 80.81 -84.95
CA ALA U 302 12.64 80.02 -85.60
C ALA U 302 12.06 80.80 -86.77
N ALA U 303 12.09 80.20 -87.96
CA ALA U 303 11.64 80.85 -89.18
C ALA U 303 10.76 79.88 -89.98
N ASP U 304 10.42 80.29 -91.19
CA ASP U 304 9.52 79.52 -92.04
C ASP U 304 10.32 78.77 -93.09
N PRO U 305 10.33 77.43 -93.06
CA PRO U 305 11.17 76.68 -93.99
C PRO U 305 10.57 76.52 -95.39
N ARG U 306 9.24 76.42 -95.50
CA ARG U 306 8.65 76.16 -96.81
C ARG U 306 8.37 77.43 -97.60
N ASN U 307 8.66 78.60 -97.04
CA ASN U 307 8.62 79.83 -97.82
C ASN U 307 9.96 80.15 -98.46
N GLY U 308 11.05 79.55 -97.98
CA GLY U 308 12.35 79.69 -98.60
C GLY U 308 12.82 78.40 -99.22
N ARG U 309 14.10 78.07 -99.04
CA ARG U 309 14.62 76.80 -99.53
C ARG U 309 15.87 76.45 -98.74
N TYR U 310 16.18 75.15 -98.70
CA TYR U 310 17.37 74.67 -98.03
C TYR U 310 18.56 74.68 -98.97
N LEU U 311 19.75 74.85 -98.39
CA LEU U 311 21.00 74.72 -99.13
C LEU U 311 21.68 73.39 -98.90
N THR U 312 21.67 72.88 -97.67
CA THR U 312 22.13 71.53 -97.36
C THR U 312 21.55 71.13 -96.02
N VAL U 313 21.11 69.88 -95.91
CA VAL U 313 20.52 69.38 -94.68
C VAL U 313 21.28 68.13 -94.25
N ALA U 314 21.23 67.86 -92.95
CA ALA U 314 21.96 66.73 -92.38
C ALA U 314 21.08 66.02 -91.36
N ALA U 315 21.37 64.72 -91.19
CA ALA U 315 20.65 63.89 -90.25
C ALA U 315 21.66 63.20 -89.33
N PHE U 316 21.41 63.26 -88.02
CA PHE U 316 22.28 62.65 -87.01
C PHE U 316 21.42 61.70 -86.18
N PHE U 317 21.36 60.45 -86.61
CA PHE U 317 20.44 59.47 -86.02
C PHE U 317 21.11 58.73 -84.86
N ARG U 318 20.28 58.29 -83.92
CA ARG U 318 20.74 57.62 -82.72
C ARG U 318 19.92 56.36 -82.49
N GLY U 319 20.57 55.34 -81.93
CA GLY U 319 19.89 54.12 -81.52
C GLY U 319 20.02 53.00 -82.53
N LYS U 320 19.40 51.88 -82.19
CA LYS U 320 19.39 50.68 -83.05
C LYS U 320 18.53 50.97 -84.27
N VAL U 321 19.16 51.25 -85.40
CA VAL U 321 18.46 51.55 -86.63
C VAL U 321 19.07 50.75 -87.78
N SER U 322 18.22 50.27 -88.66
CA SER U 322 18.66 49.59 -89.87
C SER U 322 19.03 50.61 -90.93
N VAL U 323 19.96 50.22 -91.80
CA VAL U 323 20.43 51.14 -92.85
C VAL U 323 19.33 51.39 -93.88
N LYS U 324 18.43 50.43 -94.08
CA LYS U 324 17.45 50.55 -95.16
C LYS U 324 16.36 51.57 -94.84
N GLU U 325 15.92 51.64 -93.57
CA GLU U 325 14.83 52.54 -93.22
C GLU U 325 15.22 53.99 -93.50
N VAL U 326 16.41 54.39 -93.06
CA VAL U 326 16.81 55.79 -93.15
C VAL U 326 17.01 56.19 -94.60
N GLU U 327 17.67 55.34 -95.39
CA GLU U 327 17.89 55.67 -96.80
C GLU U 327 16.58 55.65 -97.59
N ASP U 328 15.66 54.74 -97.27
CA ASP U 328 14.37 54.71 -97.96
C ASP U 328 13.58 55.98 -97.66
N GLU U 329 13.56 56.40 -96.39
CA GLU U 329 12.89 57.65 -96.06
C GLU U 329 13.58 58.84 -96.70
N MET U 330 14.90 58.77 -96.88
CA MET U 330 15.60 59.86 -97.54
C MET U 330 15.26 59.93 -99.03
N HIS U 331 15.12 58.77 -99.67
CA HIS U 331 14.58 58.75 -101.04
C HIS U 331 13.19 59.37 -101.07
N LYS U 332 12.34 59.03 -100.09
CA LYS U 332 10.98 59.57 -100.08
C LYS U 332 10.99 61.09 -99.97
N VAL U 333 11.80 61.62 -99.06
CA VAL U 333 11.82 63.07 -98.86
C VAL U 333 12.45 63.78 -100.06
N GLN U 334 13.49 63.18 -100.65
CA GLN U 334 14.09 63.77 -101.84
C GLN U 334 13.15 63.71 -103.04
N SER U 335 12.22 62.75 -103.06
CA SER U 335 11.23 62.70 -104.13
C SER U 335 10.12 63.71 -103.93
N LYS U 336 9.62 63.85 -102.69
CA LYS U 336 8.50 64.75 -102.44
C LYS U 336 8.92 66.17 -102.11
N ASN U 337 10.13 66.37 -101.57
CA ASN U 337 10.60 67.70 -101.19
C ASN U 337 11.72 68.18 -102.12
N SER U 338 11.67 67.79 -103.39
CA SER U 338 12.75 68.13 -104.32
C SER U 338 12.78 69.62 -104.65
N ASP U 339 11.63 70.30 -104.57
CA ASP U 339 11.56 71.70 -104.98
C ASP U 339 12.40 72.60 -104.08
N TYR U 340 12.42 72.34 -102.78
CA TYR U 340 13.09 73.22 -101.83
C TYR U 340 14.56 72.90 -101.63
N PHE U 341 15.09 71.88 -102.30
CA PHE U 341 16.52 71.60 -102.28
C PHE U 341 17.22 72.37 -103.40
N VAL U 342 18.47 72.76 -103.14
CA VAL U 342 19.23 73.48 -104.15
C VAL U 342 19.51 72.55 -105.34
N GLU U 343 19.56 73.16 -106.53
CA GLU U 343 19.69 72.42 -107.77
C GLU U 343 21.15 72.27 -108.21
N TRP U 344 22.08 72.26 -107.26
CA TRP U 344 23.49 72.13 -107.60
C TRP U 344 24.26 71.11 -106.76
N ILE U 345 23.67 70.52 -105.74
CA ILE U 345 24.36 69.47 -104.98
C ILE U 345 24.27 68.13 -105.69
N PRO U 346 23.08 67.66 -106.11
CA PRO U 346 21.69 68.11 -105.91
C PRO U 346 21.01 67.40 -104.74
N ASN U 347 21.73 66.47 -104.13
CA ASN U 347 21.20 65.63 -103.06
C ASN U 347 21.73 66.16 -101.73
N ASN U 348 20.98 67.07 -101.12
CA ASN U 348 21.37 67.68 -99.85
C ASN U 348 21.16 66.66 -98.74
N VAL U 349 22.23 66.00 -98.32
CA VAL U 349 22.13 64.93 -97.32
C VAL U 349 23.49 64.70 -96.68
N GLN U 350 23.47 64.54 -95.36
CA GLN U 350 24.61 64.06 -94.58
C GLN U 350 24.08 63.21 -93.45
N THR U 351 24.52 61.95 -93.40
CA THR U 351 23.97 60.98 -92.46
C THR U 351 25.02 60.52 -91.47
N ALA U 352 24.59 60.28 -90.24
CA ALA U 352 25.43 59.75 -89.18
C ALA U 352 24.61 58.79 -88.34
N VAL U 353 25.24 57.70 -87.89
CA VAL U 353 24.57 56.64 -87.15
C VAL U 353 25.21 56.52 -85.78
N CYS U 354 24.38 56.49 -84.74
CA CYS U 354 24.82 56.28 -83.37
C CYS U 354 24.31 54.94 -82.86
N SER U 355 25.08 54.30 -81.99
CA SER U 355 24.72 52.97 -81.52
C SER U 355 23.76 53.01 -80.34
N VAL U 356 24.12 53.69 -79.25
CA VAL U 356 23.34 53.67 -78.03
C VAL U 356 22.07 54.48 -78.20
N ALA U 357 21.02 54.09 -77.48
CA ALA U 357 19.75 54.80 -77.51
C ALA U 357 19.80 56.04 -76.61
N PRO U 358 19.03 57.07 -76.94
CA PRO U 358 18.99 58.26 -76.08
C PRO U 358 18.39 57.95 -74.72
N GLN U 359 18.84 58.71 -73.72
CA GLN U 359 18.31 58.55 -72.37
C GLN U 359 16.85 59.01 -72.32
N GLY U 360 16.02 58.20 -71.66
CA GLY U 360 14.61 58.53 -71.56
C GLY U 360 13.81 58.31 -72.81
N LEU U 361 14.40 57.73 -73.84
CA LEU U 361 13.71 57.52 -75.12
C LEU U 361 14.29 56.28 -75.78
N ASP U 362 13.71 55.92 -76.92
CA ASP U 362 14.18 54.78 -77.70
C ASP U 362 14.98 55.19 -78.92
N MET U 363 14.44 56.10 -79.73
CA MET U 363 15.07 56.52 -80.97
C MET U 363 14.96 58.04 -81.06
N ALA U 364 16.03 58.69 -81.49
CA ALA U 364 16.04 60.15 -81.55
C ALA U 364 17.06 60.60 -82.59
N ALA U 365 16.99 61.89 -82.91
CA ALA U 365 17.85 62.47 -83.94
C ALA U 365 17.94 63.97 -83.74
N THR U 366 18.90 64.58 -84.43
CA THR U 366 19.07 66.03 -84.47
C THR U 366 19.10 66.51 -85.91
N PHE U 367 18.68 67.76 -86.11
CA PHE U 367 18.56 68.33 -87.45
C PHE U 367 19.49 69.54 -87.56
N ILE U 368 20.40 69.49 -88.52
CA ILE U 368 21.30 70.59 -88.82
C ILE U 368 21.21 70.86 -90.32
N ALA U 369 20.98 72.12 -90.69
CA ALA U 369 20.77 72.47 -92.09
C ALA U 369 21.15 73.92 -92.32
N ASN U 370 21.16 74.32 -93.59
CA ASN U 370 21.36 75.70 -94.01
C ASN U 370 20.22 76.10 -94.92
N SER U 371 19.53 77.17 -94.56
CA SER U 371 18.48 77.76 -95.38
C SER U 371 18.72 79.26 -95.54
N THR U 372 17.84 79.90 -96.29
CA THR U 372 17.92 81.33 -96.54
C THR U 372 17.04 82.15 -95.60
N SER U 373 16.60 81.57 -94.49
CA SER U 373 15.67 82.24 -93.58
C SER U 373 16.36 83.03 -92.47
N ILE U 374 17.69 82.92 -92.34
CA ILE U 374 18.39 83.64 -91.28
C ILE U 374 18.61 85.09 -91.67
N GLN U 375 18.69 85.37 -92.97
CA GLN U 375 18.82 86.76 -93.43
C GLN U 375 17.59 87.58 -93.05
N GLU U 376 16.42 86.93 -92.92
CA GLU U 376 15.24 87.64 -92.45
C GLU U 376 15.42 88.12 -91.02
N LEU U 377 15.93 87.27 -90.13
CA LEU U 377 16.22 87.71 -88.78
C LEU U 377 17.26 88.82 -88.77
N PHE U 378 18.29 88.67 -89.61
CA PHE U 378 19.33 89.70 -89.68
C PHE U 378 18.76 91.05 -90.11
N LYS U 379 17.89 91.06 -91.14
CA LYS U 379 17.32 92.32 -91.58
C LYS U 379 16.33 92.86 -90.55
N ARG U 380 15.66 91.99 -89.79
CA ARG U 380 14.81 92.47 -88.71
C ARG U 380 15.64 93.23 -87.67
N VAL U 381 16.78 92.66 -87.27
CA VAL U 381 17.64 93.32 -86.30
C VAL U 381 18.20 94.62 -86.88
N GLY U 382 18.60 94.58 -88.16
CA GLY U 382 19.11 95.80 -88.79
C GLY U 382 18.08 96.90 -88.88
N ASP U 383 16.82 96.54 -89.17
CA ASP U 383 15.75 97.52 -89.20
C ASP U 383 15.47 98.06 -87.80
N GLN U 384 15.57 97.20 -86.78
CA GLN U 384 15.43 97.67 -85.41
C GLN U 384 16.48 98.72 -85.09
N PHE U 385 17.73 98.49 -85.53
CA PHE U 385 18.77 99.49 -85.35
C PHE U 385 18.44 100.77 -86.12
N SER U 386 18.08 100.64 -87.40
CA SER U 386 17.83 101.81 -88.24
C SER U 386 16.62 102.59 -87.75
N ALA U 387 15.76 101.99 -86.94
CA ALA U 387 14.62 102.71 -86.36
C ALA U 387 14.97 103.34 -85.02
N MET U 388 15.40 102.53 -84.05
CA MET U 388 15.58 103.01 -82.69
C MET U 388 16.84 103.87 -82.54
N PHE U 389 17.95 103.46 -83.17
CA PHE U 389 19.25 104.05 -82.88
C PHE U 389 19.56 105.30 -83.70
N LYS U 390 18.64 105.74 -84.56
CA LYS U 390 18.85 107.01 -85.26
C LYS U 390 18.61 108.21 -84.35
N ARG U 391 17.96 108.03 -83.21
CA ARG U 391 17.76 109.11 -82.27
C ARG U 391 18.96 109.33 -81.36
N LYS U 392 19.90 108.40 -81.34
CA LYS U 392 21.08 108.47 -80.47
C LYS U 392 20.68 108.65 -79.01
N ALA U 393 19.68 107.87 -78.59
CA ALA U 393 19.19 107.88 -77.22
C ALA U 393 19.87 106.77 -76.43
N PHE U 394 20.43 107.13 -75.27
CA PHE U 394 21.17 106.20 -74.41
C PHE U 394 22.36 105.58 -75.11
N LEU U 395 22.87 106.23 -76.16
CA LEU U 395 24.01 105.74 -76.91
C LEU U 395 25.34 106.24 -76.36
N HIS U 396 25.32 107.28 -75.52
CA HIS U 396 26.54 107.81 -74.95
C HIS U 396 27.20 106.85 -73.96
N TRP U 397 26.43 105.92 -73.40
CA TRP U 397 26.98 104.99 -72.42
C TRP U 397 28.11 104.14 -73.00
N TYR U 398 28.11 103.94 -74.31
CA TYR U 398 29.17 103.19 -74.99
C TYR U 398 30.25 104.08 -75.59
N THR U 399 29.86 105.22 -76.17
CA THR U 399 30.85 106.14 -76.73
C THR U 399 31.68 106.82 -75.64
N SER U 400 31.26 106.75 -74.39
CA SER U 400 32.06 107.32 -73.31
C SER U 400 33.39 106.62 -73.17
N GLU U 401 33.47 105.35 -73.53
CA GLU U 401 34.71 104.57 -73.41
C GLU U 401 35.54 104.59 -74.69
N GLY U 402 35.06 105.24 -75.75
CA GLY U 402 35.85 105.36 -76.97
C GLY U 402 35.30 104.59 -78.15
N MET U 403 33.99 104.44 -78.23
CA MET U 403 33.35 103.79 -79.36
C MET U 403 33.07 104.81 -80.46
N ASP U 404 33.26 104.38 -81.71
CA ASP U 404 33.06 105.22 -82.88
C ASP U 404 31.95 104.64 -83.75
N GLU U 405 31.32 105.53 -84.53
CA GLU U 405 30.28 105.11 -85.46
C GLU U 405 30.83 104.23 -86.58
N LEU U 406 32.15 104.25 -86.79
CA LEU U 406 32.75 103.40 -87.82
C LEU U 406 32.51 101.93 -87.54
N GLU U 407 32.60 101.53 -86.26
CA GLU U 407 32.35 100.13 -85.90
C GLU U 407 30.92 99.72 -86.21
N PHE U 408 29.94 100.58 -85.90
CA PHE U 408 28.55 100.25 -86.17
C PHE U 408 28.27 100.21 -87.66
N SER U 409 28.84 101.14 -88.43
CA SER U 409 28.68 101.10 -89.88
C SER U 409 29.32 99.84 -90.45
N GLU U 410 30.47 99.43 -89.92
CA GLU U 410 31.11 98.20 -90.39
C GLU U 410 30.27 96.97 -90.05
N ALA U 411 29.62 96.98 -88.87
CA ALA U 411 28.72 95.88 -88.53
C ALA U 411 27.52 95.82 -89.46
N GLU U 412 26.97 96.99 -89.82
CA GLU U 412 25.88 97.03 -90.78
C GLU U 412 26.33 96.51 -92.14
N SER U 413 27.55 96.88 -92.56
CA SER U 413 28.10 96.34 -93.80
C SER U 413 28.28 94.83 -93.70
N ASN U 414 28.69 94.33 -92.53
CA ASN U 414 28.85 92.90 -92.35
C ASN U 414 27.51 92.16 -92.49
N MET U 415 26.44 92.71 -91.90
CA MET U 415 25.15 92.04 -92.01
C MET U 415 24.61 92.15 -93.43
N ASN U 416 24.89 93.25 -94.13
CA ASN U 416 24.58 93.32 -95.55
C ASN U 416 25.31 92.25 -96.34
N ASP U 417 26.60 92.03 -96.03
CA ASP U 417 27.36 90.99 -96.71
C ASP U 417 26.80 89.61 -96.40
N LEU U 418 26.38 89.38 -95.16
CA LEU U 418 25.75 88.11 -94.81
C LEU U 418 24.46 87.89 -95.59
N VAL U 419 23.65 88.94 -95.74
CA VAL U 419 22.44 88.83 -96.54
C VAL U 419 22.78 88.50 -97.99
N SER U 420 23.78 89.19 -98.55
CA SER U 420 24.18 88.92 -99.93
C SER U 420 24.67 87.49 -100.09
N GLU U 421 25.41 86.98 -99.10
CA GLU U 421 25.82 85.58 -99.11
C GLU U 421 24.61 84.66 -99.05
N TYR U 422 23.59 85.03 -98.28
CA TYR U 422 22.33 84.31 -98.25
C TYR U 422 21.51 84.49 -99.53
N GLN U 423 22.04 85.23 -100.50
CA GLN U 423 21.38 85.44 -101.79
C GLN U 423 22.31 85.12 -102.95
N GLN U 424 22.99 83.97 -102.90
CA GLN U 424 23.96 83.60 -103.93
C GLN U 424 23.57 82.42 -104.81
N TYR U 425 23.11 81.26 -104.31
CA TYR U 425 22.48 80.89 -103.01
C TYR U 425 21.23 81.74 -102.75
N GLN U 426 20.45 81.93 -103.81
CA GLN U 426 19.22 82.70 -103.72
C GLN U 426 18.17 81.94 -102.91
N GLU U 427 17.23 82.70 -102.36
CA GLU U 427 16.14 82.12 -101.58
C GLU U 427 15.12 81.44 -102.49
N MET V 1 -5.64 48.74 -100.36
CA MET V 1 -6.54 49.86 -100.60
C MET V 1 -7.82 49.63 -99.80
N ARG V 2 -7.69 49.66 -98.47
CA ARG V 2 -8.81 49.35 -97.58
C ARG V 2 -9.02 50.34 -96.46
N GLU V 3 -7.97 51.06 -96.03
CA GLU V 3 -8.08 51.88 -94.83
C GLU V 3 -9.09 53.01 -95.01
N ILE V 4 -9.87 53.25 -93.95
CA ILE V 4 -10.94 54.24 -93.96
C ILE V 4 -10.70 55.20 -92.79
N ILE V 5 -10.78 56.49 -93.08
CA ILE V 5 -10.67 57.53 -92.05
C ILE V 5 -12.07 58.08 -91.79
N HIS V 6 -12.51 58.02 -90.54
CA HIS V 6 -13.87 58.41 -90.15
C HIS V 6 -13.83 59.83 -89.63
N ILE V 7 -14.41 60.76 -90.38
CA ILE V 7 -14.52 62.15 -89.96
C ILE V 7 -15.84 62.37 -89.24
N SER V 8 -15.79 63.04 -88.10
CA SER V 8 -16.98 63.31 -87.30
C SER V 8 -17.12 64.80 -87.05
N THR V 9 -18.33 65.33 -87.27
CA THR V 9 -18.62 66.73 -87.00
C THR V 9 -20.09 66.87 -86.66
N GLY V 10 -20.42 67.95 -85.97
CA GLY V 10 -21.78 68.22 -85.58
C GLY V 10 -22.16 67.57 -84.26
N GLN V 11 -23.24 68.09 -83.66
CA GLN V 11 -23.71 67.55 -82.39
C GLN V 11 -24.19 66.11 -82.54
N CYS V 12 -25.06 65.86 -83.52
CA CYS V 12 -25.51 64.50 -83.77
C CYS V 12 -24.41 63.64 -84.36
N GLY V 13 -23.52 64.25 -85.14
CA GLY V 13 -22.45 63.48 -85.78
C GLY V 13 -21.50 62.85 -84.77
N ASN V 14 -21.21 63.56 -83.68
CA ASN V 14 -20.33 63.01 -82.65
C ASN V 14 -20.94 61.76 -82.03
N GLN V 15 -22.24 61.82 -81.70
CA GLN V 15 -22.90 60.67 -81.12
C GLN V 15 -22.95 59.49 -82.09
N ILE V 16 -23.26 59.77 -83.35
CA ILE V 16 -23.31 58.70 -84.35
C ILE V 16 -21.94 58.06 -84.52
N GLY V 17 -20.90 58.88 -84.60
CA GLY V 17 -19.55 58.33 -84.73
C GLY V 17 -19.13 57.53 -83.53
N ALA V 18 -19.44 58.01 -82.33
CA ALA V 18 -19.11 57.27 -81.11
C ALA V 18 -19.81 55.91 -81.11
N ALA V 19 -21.11 55.91 -81.38
CA ALA V 19 -21.86 54.66 -81.38
C ALA V 19 -21.34 53.70 -82.45
N PHE V 20 -20.97 54.24 -83.62
CA PHE V 20 -20.31 53.42 -84.63
C PHE V 20 -19.02 52.83 -84.09
N TRP V 21 -18.30 53.59 -83.26
CA TRP V 21 -17.05 53.07 -82.70
C TRP V 21 -17.31 51.91 -81.73
N GLU V 22 -18.31 52.03 -80.85
CA GLU V 22 -18.58 50.88 -79.98
C GLU V 22 -19.08 49.69 -80.79
N THR V 23 -19.90 49.93 -81.82
CA THR V 23 -20.36 48.80 -82.63
C THR V 23 -19.20 48.11 -83.34
N ILE V 24 -18.24 48.89 -83.85
CA ILE V 24 -17.07 48.30 -84.49
C ILE V 24 -16.26 47.50 -83.49
N CYS V 25 -15.93 48.10 -82.34
CA CYS V 25 -15.09 47.40 -81.37
C CYS V 25 -15.79 46.18 -80.79
N GLY V 26 -17.13 46.14 -80.82
CA GLY V 26 -17.82 44.94 -80.39
C GLY V 26 -17.96 43.88 -81.47
N GLU V 27 -18.05 44.30 -82.74
CA GLU V 27 -18.25 43.33 -83.81
C GLU V 27 -16.95 42.59 -84.15
N HIS V 28 -15.80 43.26 -84.07
CA HIS V 28 -14.56 42.53 -84.29
C HIS V 28 -13.93 42.05 -82.98
N GLY V 29 -14.20 42.74 -81.88
CA GLY V 29 -13.71 42.30 -80.58
C GLY V 29 -12.42 42.97 -80.17
N LEU V 30 -12.51 43.94 -79.26
CA LEU V 30 -11.33 44.62 -78.74
C LEU V 30 -11.71 45.33 -77.45
N ASP V 31 -11.12 44.91 -76.34
CA ASP V 31 -11.37 45.57 -75.08
C ASP V 31 -10.66 46.91 -75.02
N PHE V 32 -11.16 47.81 -74.17
CA PHE V 32 -10.68 49.19 -74.14
C PHE V 32 -9.31 49.34 -73.49
N ASN V 33 -8.79 48.30 -72.83
CA ASN V 33 -7.49 48.36 -72.18
C ASN V 33 -6.36 47.89 -73.09
N GLY V 34 -6.67 47.51 -74.32
CA GLY V 34 -5.64 47.07 -75.25
C GLY V 34 -5.39 45.58 -75.22
N THR V 35 -6.46 44.80 -75.14
CA THR V 35 -6.36 43.33 -75.11
C THR V 35 -6.86 42.77 -76.43
N TYR V 36 -6.05 41.90 -77.04
CA TYR V 36 -6.42 41.30 -78.32
C TYR V 36 -7.51 40.25 -78.12
N HIS V 37 -8.57 40.34 -78.94
CA HIS V 37 -9.67 39.39 -78.84
C HIS V 37 -10.15 38.91 -80.20
N GLY V 38 -9.38 39.14 -81.26
CA GLY V 38 -9.78 38.67 -82.57
C GLY V 38 -9.70 37.16 -82.69
N HIS V 39 -10.58 36.60 -83.52
CA HIS V 39 -10.64 35.16 -83.73
C HIS V 39 -10.92 34.90 -85.21
N ASP V 40 -9.88 34.52 -85.95
CA ASP V 40 -8.53 34.45 -85.41
C ASP V 40 -7.57 35.33 -86.21
N ASP V 41 -7.62 35.19 -87.53
CA ASP V 41 -6.76 35.94 -88.44
C ASP V 41 -7.50 37.07 -89.14
N ILE V 42 -8.65 36.76 -89.74
CA ILE V 42 -9.40 37.75 -90.53
C ILE V 42 -9.81 38.96 -89.69
N GLN V 43 -9.87 38.81 -88.37
CA GLN V 43 -10.20 39.91 -87.48
C GLN V 43 -8.96 40.70 -87.05
N LYS V 44 -7.80 40.42 -87.64
CA LYS V 44 -6.56 41.10 -87.28
C LYS V 44 -6.03 42.01 -88.39
N GLU V 45 -6.00 41.55 -89.63
CA GLU V 45 -5.56 42.41 -90.73
C GLU V 45 -6.62 43.43 -91.12
N ARG V 46 -7.89 43.16 -90.82
CA ARG V 46 -8.97 44.07 -91.20
C ARG V 46 -9.18 45.20 -90.20
N LEU V 47 -8.59 45.12 -89.01
CA LEU V 47 -8.70 46.24 -88.07
C LEU V 47 -7.71 47.35 -88.37
N ASN V 48 -6.78 47.13 -89.30
CA ASN V 48 -5.92 48.21 -89.78
C ASN V 48 -6.70 49.28 -90.53
N VAL V 49 -7.92 48.96 -90.97
CA VAL V 49 -8.76 49.94 -91.67
C VAL V 49 -9.08 51.13 -90.78
N TYR V 50 -9.46 50.86 -89.53
CA TYR V 50 -9.85 51.91 -88.60
C TYR V 50 -8.80 52.24 -87.55
N PHE V 51 -7.96 51.28 -87.17
CA PHE V 51 -6.97 51.46 -86.12
C PHE V 51 -5.56 51.35 -86.69
N ASN V 52 -4.62 51.94 -85.97
CA ASN V 52 -3.20 51.86 -86.32
C ASN V 52 -2.42 51.33 -85.12
N GLU V 53 -1.37 50.58 -85.40
CA GLU V 53 -0.60 49.92 -84.34
C GLU V 53 0.26 50.93 -83.61
N ALA V 54 -0.02 51.13 -82.33
CA ALA V 54 0.79 51.98 -81.47
C ALA V 54 1.87 51.15 -80.80
N SER V 55 2.60 51.74 -79.86
CA SER V 55 3.65 51.02 -79.16
C SER V 55 3.04 50.01 -78.18
N SER V 56 3.84 48.99 -77.85
CA SER V 56 3.47 47.94 -76.91
C SER V 56 2.20 47.21 -77.34
N GLY V 57 2.04 47.00 -78.64
CA GLY V 57 0.88 46.28 -79.14
C GLY V 57 -0.45 46.95 -78.89
N LYS V 58 -0.49 48.28 -78.97
CA LYS V 58 -1.71 49.04 -78.74
C LYS V 58 -2.29 49.50 -80.08
N TRP V 59 -3.61 49.50 -80.16
CA TRP V 59 -4.32 49.94 -81.35
C TRP V 59 -5.09 51.22 -81.04
N VAL V 60 -4.90 52.24 -81.86
CA VAL V 60 -5.54 53.54 -81.63
C VAL V 60 -6.27 53.97 -82.90
N PRO V 61 -7.39 54.67 -82.80
CA PRO V 61 -8.14 55.04 -84.00
C PRO V 61 -7.46 56.15 -84.79
N ARG V 62 -7.76 56.18 -86.09
CA ARG V 62 -7.35 57.26 -86.98
C ARG V 62 -8.64 57.97 -87.40
N SER V 63 -9.09 58.91 -86.58
CA SER V 63 -10.34 59.60 -86.80
C SER V 63 -10.25 61.01 -86.25
N ILE V 64 -10.58 62.00 -87.07
CA ILE V 64 -10.52 63.40 -86.68
C ILE V 64 -11.94 63.83 -86.34
N ASN V 65 -12.20 64.07 -85.07
CA ASN V 65 -13.48 64.58 -84.61
C ASN V 65 -13.36 66.08 -84.34
N VAL V 66 -14.24 66.86 -84.95
CA VAL V 66 -14.20 68.31 -84.84
C VAL V 66 -15.58 68.82 -84.45
N ASP V 67 -15.62 69.74 -83.49
CA ASP V 67 -16.85 70.37 -83.06
C ASP V 67 -16.50 71.63 -82.28
N LEU V 68 -17.33 72.66 -82.44
CA LEU V 68 -17.07 73.93 -81.78
C LEU V 68 -17.46 73.93 -80.30
N GLU V 69 -18.22 72.93 -79.85
CA GLU V 69 -18.52 72.80 -78.44
C GLU V 69 -17.71 71.66 -77.85
N PRO V 70 -16.92 71.89 -76.80
CA PRO V 70 -16.04 70.84 -76.25
C PRO V 70 -16.67 69.95 -75.19
N GLY V 71 -17.99 69.98 -75.03
CA GLY V 71 -18.63 69.19 -73.99
C GLY V 71 -18.91 67.75 -74.39
N THR V 72 -18.86 67.47 -75.69
CA THR V 72 -19.18 66.13 -76.15
C THR V 72 -18.02 65.15 -75.90
N ILE V 73 -16.77 65.62 -75.97
CA ILE V 73 -15.63 64.74 -75.76
C ILE V 73 -15.53 64.31 -74.31
N ASP V 74 -15.99 65.13 -73.37
CA ASP V 74 -16.02 64.73 -71.97
C ASP V 74 -16.94 63.52 -71.78
N ALA V 75 -18.07 63.51 -72.48
CA ALA V 75 -18.99 62.38 -72.48
C ALA V 75 -18.55 61.28 -73.44
N VAL V 76 -17.29 61.29 -73.88
CA VAL V 76 -16.73 60.27 -74.76
C VAL V 76 -15.54 59.57 -74.12
N ARG V 77 -14.59 60.35 -73.59
CA ARG V 77 -13.40 59.75 -72.99
C ARG V 77 -13.69 59.10 -71.64
N ASN V 78 -14.61 59.66 -70.87
CA ASN V 78 -14.96 59.09 -69.57
C ASN V 78 -16.15 58.15 -69.63
N SER V 79 -16.90 58.15 -70.72
CA SER V 79 -18.05 57.28 -70.92
C SER V 79 -17.59 55.96 -71.55
N ALA V 80 -18.50 55.23 -72.18
CA ALA V 80 -18.20 53.96 -72.84
C ALA V 80 -17.14 54.17 -73.93
N ILE V 81 -16.75 53.09 -74.61
CA ILE V 81 -15.40 52.98 -75.14
C ILE V 81 -15.06 54.13 -76.09
N GLY V 82 -14.21 55.02 -75.61
CA GLY V 82 -13.60 56.06 -76.40
C GLY V 82 -12.19 56.33 -75.88
N ASN V 83 -11.75 55.51 -74.94
CA ASN V 83 -10.45 55.70 -74.30
C ASN V 83 -9.29 55.45 -75.26
N LEU V 84 -9.52 54.71 -76.34
CA LEU V 84 -8.48 54.48 -77.32
C LEU V 84 -8.13 55.75 -78.09
N PHE V 85 -9.00 56.76 -78.06
CA PHE V 85 -8.78 57.98 -78.83
C PHE V 85 -7.55 58.70 -78.32
N ARG V 86 -6.59 58.93 -79.21
CA ARG V 86 -5.39 59.67 -78.86
C ARG V 86 -5.73 61.13 -78.60
N PRO V 87 -5.02 61.80 -77.69
CA PRO V 87 -5.35 63.19 -77.36
C PRO V 87 -5.26 64.15 -78.55
N ASP V 88 -4.41 63.85 -79.54
CA ASP V 88 -4.30 64.72 -80.69
C ASP V 88 -5.54 64.68 -81.58
N ASN V 89 -6.35 63.61 -81.48
CA ASN V 89 -7.58 63.52 -82.24
C ASN V 89 -8.62 64.55 -81.80
N TYR V 90 -8.45 65.15 -80.62
CA TYR V 90 -9.41 66.10 -80.10
C TYR V 90 -9.09 67.48 -80.66
N ILE V 91 -9.78 67.87 -81.72
CA ILE V 91 -9.67 69.20 -82.30
C ILE V 91 -11.00 69.90 -82.01
N PHE V 92 -11.03 70.73 -80.97
CA PHE V 92 -12.23 71.44 -80.56
C PHE V 92 -11.88 72.89 -80.28
N GLY V 93 -12.88 73.76 -80.44
CA GLY V 93 -12.69 75.18 -80.21
C GLY V 93 -13.79 75.78 -79.35
N GLN V 94 -13.96 77.10 -79.44
CA GLN V 94 -15.00 77.82 -78.72
C GLN V 94 -15.67 78.81 -79.65
N SER V 95 -16.99 78.90 -79.56
CA SER V 95 -17.78 78.09 -78.64
C SER V 95 -18.92 77.37 -79.38
N SER V 96 -19.37 77.98 -80.47
CA SER V 96 -20.44 77.40 -81.28
C SER V 96 -20.45 78.11 -82.63
N ALA V 97 -21.11 77.48 -83.60
CA ALA V 97 -21.28 78.06 -84.91
C ALA V 97 -22.51 78.96 -85.02
N GLY V 98 -23.25 79.12 -83.93
CA GLY V 98 -24.46 79.92 -83.94
C GLY V 98 -25.70 79.21 -84.44
N ASN V 99 -25.60 77.91 -84.75
CA ASN V 99 -26.72 77.13 -85.28
C ASN V 99 -27.28 77.75 -86.57
N VAL V 100 -26.41 78.37 -87.35
CA VAL V 100 -26.79 79.04 -88.59
C VAL V 100 -25.78 78.69 -89.68
N TRP V 101 -26.06 79.14 -90.89
CA TRP V 101 -25.19 78.88 -92.03
C TRP V 101 -24.27 80.06 -92.36
N ALA V 102 -24.68 81.29 -92.04
CA ALA V 102 -23.84 82.45 -92.31
C ALA V 102 -22.59 82.46 -91.44
N LYS V 103 -22.68 82.00 -90.19
CA LYS V 103 -21.55 81.94 -89.28
C LYS V 103 -20.94 80.55 -89.17
N GLY V 104 -21.53 79.55 -89.81
CA GLY V 104 -21.00 78.20 -89.69
C GLY V 104 -19.63 78.05 -90.31
N HIS V 105 -19.49 78.44 -91.57
CA HIS V 105 -18.20 78.35 -92.25
C HIS V 105 -17.85 79.54 -93.12
N TYR V 106 -18.73 80.53 -93.27
CA TYR V 106 -18.46 81.61 -94.22
C TYR V 106 -17.40 82.57 -93.68
N THR V 107 -17.48 82.92 -92.40
CA THR V 107 -16.58 83.90 -91.82
C THR V 107 -15.71 83.33 -90.71
N GLU V 108 -16.30 82.69 -89.71
CA GLU V 108 -15.55 82.21 -88.56
C GLU V 108 -15.19 80.72 -88.65
N GLY V 109 -15.87 79.96 -89.51
CA GLY V 109 -15.59 78.54 -89.62
C GLY V 109 -14.37 78.21 -90.44
N ALA V 110 -13.75 79.22 -91.06
CA ALA V 110 -12.59 79.01 -91.93
C ALA V 110 -11.26 79.27 -91.23
N GLU V 111 -11.24 79.31 -89.90
CA GLU V 111 -10.03 79.64 -89.17
C GLU V 111 -9.27 78.38 -88.74
N LEU V 112 -9.89 77.54 -87.94
CA LEU V 112 -9.25 76.30 -87.47
C LEU V 112 -9.28 75.20 -88.52
N VAL V 113 -10.05 75.37 -89.60
CA VAL V 113 -10.16 74.32 -90.59
C VAL V 113 -8.86 74.17 -91.38
N ASP V 114 -8.00 75.20 -91.38
CA ASP V 114 -6.68 75.03 -91.97
C ASP V 114 -5.86 74.02 -91.18
N SER V 115 -5.92 74.09 -89.85
CA SER V 115 -5.24 73.09 -89.02
C SER V 115 -5.89 71.72 -89.23
N VAL V 116 -7.20 71.69 -89.40
CA VAL V 116 -7.88 70.42 -89.71
C VAL V 116 -7.34 69.83 -91.01
N MET V 117 -7.19 70.67 -92.03
CA MET V 117 -6.66 70.20 -93.31
C MET V 117 -5.22 69.71 -93.16
N ASP V 118 -4.42 70.41 -92.35
CA ASP V 118 -3.05 69.97 -92.11
C ASP V 118 -3.00 68.61 -91.43
N VAL V 119 -3.85 68.39 -90.43
CA VAL V 119 -3.84 67.10 -89.74
C VAL V 119 -4.38 66.01 -90.67
N ILE V 120 -5.32 66.35 -91.56
CA ILE V 120 -5.76 65.39 -92.57
C ILE V 120 -4.60 65.01 -93.47
N ARG V 121 -3.80 65.99 -93.90
CA ARG V 121 -2.62 65.67 -94.70
C ARG V 121 -1.67 64.74 -93.96
N ARG V 122 -1.38 65.07 -92.70
CA ARG V 122 -0.39 64.28 -91.96
C ARG V 122 -0.90 62.86 -91.73
N GLU V 123 -2.22 62.70 -91.52
CA GLU V 123 -2.79 61.36 -91.48
C GLU V 123 -2.73 60.69 -92.85
N ALA V 124 -2.77 61.48 -93.93
CA ALA V 124 -2.70 60.91 -95.27
C ALA V 124 -1.35 60.28 -95.53
N GLU V 125 -0.25 60.99 -95.22
CA GLU V 125 1.04 60.30 -95.36
C GLU V 125 1.27 59.31 -94.23
N GLY V 126 0.53 59.43 -93.12
CA GLY V 126 0.57 58.39 -92.11
C GLY V 126 -0.19 57.14 -92.50
N CYS V 127 -1.09 57.25 -93.49
CA CYS V 127 -1.86 56.11 -93.98
C CYS V 127 -1.22 55.55 -95.25
N ASP V 128 -1.39 54.24 -95.44
CA ASP V 128 -0.79 53.54 -96.56
C ASP V 128 -1.78 53.13 -97.64
N SER V 129 -3.03 52.81 -97.27
CA SER V 129 -4.03 52.31 -98.20
C SER V 129 -5.35 53.03 -98.00
N LEU V 130 -5.28 54.37 -97.96
CA LEU V 130 -6.48 55.18 -97.78
C LEU V 130 -7.49 54.92 -98.89
N GLN V 131 -8.71 54.56 -98.50
CA GLN V 131 -9.75 54.13 -99.43
C GLN V 131 -10.88 55.14 -99.56
N GLY V 132 -11.52 55.52 -98.46
CA GLY V 132 -12.67 56.39 -98.50
C GLY V 132 -12.73 57.30 -97.29
N PHE V 133 -13.73 58.17 -97.28
CA PHE V 133 -13.91 59.17 -96.25
C PHE V 133 -15.34 59.11 -95.74
N GLN V 134 -15.52 58.82 -94.46
CA GLN V 134 -16.84 58.74 -93.85
C GLN V 134 -17.09 59.98 -93.01
N ILE V 135 -18.21 60.65 -93.27
CA ILE V 135 -18.60 61.85 -92.52
C ILE V 135 -20.02 61.67 -92.02
N THR V 136 -20.24 61.99 -90.75
CA THR V 136 -21.57 61.97 -90.15
C THR V 136 -21.87 63.36 -89.62
N HIS V 137 -22.98 63.95 -90.07
CA HIS V 137 -23.34 65.30 -89.69
C HIS V 137 -24.86 65.47 -89.82
N SER V 138 -25.35 66.64 -89.45
CA SER V 138 -26.77 66.97 -89.52
C SER V 138 -27.01 67.97 -90.63
N LEU V 139 -28.02 67.68 -91.47
CA LEU V 139 -28.32 68.57 -92.58
C LEU V 139 -28.81 69.94 -92.09
N GLY V 140 -29.65 69.96 -91.06
CA GLY V 140 -30.18 71.22 -90.56
C GLY V 140 -29.38 71.81 -89.41
N GLY V 141 -28.47 71.02 -88.85
CA GLY V 141 -27.65 71.51 -87.76
C GLY V 141 -26.68 72.57 -88.22
N GLY V 142 -26.45 73.56 -87.35
CA GLY V 142 -25.58 74.66 -87.68
C GLY V 142 -24.13 74.25 -87.90
N THR V 143 -23.59 73.43 -87.01
CA THR V 143 -22.20 73.01 -87.13
C THR V 143 -22.03 72.01 -88.27
N GLY V 144 -22.84 70.95 -88.28
CA GLY V 144 -22.68 69.92 -89.31
C GLY V 144 -22.85 70.46 -90.71
N SER V 145 -23.93 71.20 -90.96
CA SER V 145 -24.12 71.81 -92.27
C SER V 145 -23.15 72.95 -92.50
N GLY V 146 -22.65 73.57 -91.44
CA GLY V 146 -21.78 74.72 -91.59
C GLY V 146 -20.43 74.37 -92.17
N MET V 147 -19.57 73.69 -91.40
CA MET V 147 -18.24 73.40 -91.93
C MET V 147 -18.17 72.02 -92.59
N GLY V 148 -19.25 71.25 -92.58
CA GLY V 148 -19.21 69.97 -93.27
C GLY V 148 -19.00 70.12 -94.76
N THR V 149 -19.77 71.02 -95.39
CA THR V 149 -19.62 71.25 -96.81
C THR V 149 -18.24 71.80 -97.15
N LEU V 150 -17.67 72.64 -96.29
CA LEU V 150 -16.37 73.23 -96.58
C LEU V 150 -15.27 72.19 -96.41
N LEU V 151 -15.42 71.28 -95.44
CA LEU V 151 -14.53 70.12 -95.35
C LEU V 151 -14.64 69.26 -96.60
N ILE V 152 -15.85 69.08 -97.12
CA ILE V 152 -16.02 68.35 -98.38
C ILE V 152 -15.28 69.06 -99.50
N SER V 153 -15.34 70.38 -99.52
CA SER V 153 -14.64 71.16 -100.54
C SER V 153 -13.14 70.92 -100.47
N LYS V 154 -12.55 70.98 -99.27
CA LYS V 154 -11.12 70.71 -99.18
C LYS V 154 -10.78 69.27 -99.53
N ILE V 155 -11.60 68.31 -99.09
CA ILE V 155 -11.25 66.92 -99.35
C ILE V 155 -11.38 66.60 -100.83
N ARG V 156 -12.21 67.35 -101.57
CA ARG V 156 -12.20 67.25 -103.02
C ARG V 156 -10.98 67.95 -103.61
N GLU V 157 -10.59 69.09 -103.05
CA GLU V 157 -9.47 69.85 -103.58
C GLU V 157 -8.17 69.06 -103.48
N GLU V 158 -7.93 68.43 -102.34
CA GLU V 158 -6.67 67.74 -102.10
C GLU V 158 -6.68 66.29 -102.59
N PHE V 159 -7.85 65.69 -102.72
CA PHE V 159 -7.98 64.32 -103.23
C PHE V 159 -8.94 64.30 -104.42
N PRO V 160 -8.46 64.54 -105.63
CA PRO V 160 -9.34 64.49 -106.81
C PRO V 160 -9.66 63.09 -107.29
N ASP V 161 -8.97 62.07 -106.78
CA ASP V 161 -9.19 60.69 -107.19
C ASP V 161 -9.95 59.87 -106.14
N ARG V 162 -10.27 60.46 -105.00
CA ARG V 162 -10.97 59.77 -103.92
C ARG V 162 -12.42 60.24 -103.88
N MET V 163 -13.34 59.28 -103.89
CA MET V 163 -14.75 59.61 -103.77
C MET V 163 -15.07 60.01 -102.33
N MET V 164 -16.26 60.58 -102.15
CA MET V 164 -16.71 61.04 -100.84
C MET V 164 -18.03 60.39 -100.49
N ALA V 165 -18.17 59.97 -99.24
CA ALA V 165 -19.39 59.37 -98.72
C ALA V 165 -19.97 60.27 -97.63
N THR V 166 -21.24 60.63 -97.77
CA THR V 166 -21.93 61.50 -96.83
C THR V 166 -23.17 60.80 -96.30
N PHE V 167 -23.42 60.97 -95.00
CA PHE V 167 -24.54 60.35 -94.31
C PHE V 167 -25.27 61.38 -93.46
N SER V 168 -25.56 62.53 -94.05
CA SER V 168 -26.25 63.59 -93.33
C SER V 168 -27.67 63.18 -92.98
N VAL V 169 -28.14 63.63 -91.82
CA VAL V 169 -29.48 63.31 -91.35
C VAL V 169 -30.43 64.39 -91.85
N LEU V 170 -31.42 63.99 -92.64
CA LEU V 170 -32.35 64.93 -93.25
C LEU V 170 -33.49 65.24 -92.28
N PRO V 171 -33.67 66.49 -91.87
CA PRO V 171 -34.81 66.82 -91.01
C PRO V 171 -36.13 66.61 -91.73
N SER V 172 -37.15 66.22 -90.96
CA SER V 172 -38.46 65.99 -91.52
C SER V 172 -39.15 67.32 -91.84
N PRO V 173 -39.97 67.35 -92.89
CA PRO V 173 -40.68 68.59 -93.23
C PRO V 173 -41.80 68.95 -92.27
N LYS V 174 -42.13 68.10 -91.29
CA LYS V 174 -43.22 68.36 -90.36
C LYS V 174 -42.75 68.73 -88.97
N THR V 175 -41.47 68.51 -88.64
CA THR V 175 -40.91 68.88 -87.34
C THR V 175 -39.97 70.06 -87.52
N SER V 176 -40.15 71.10 -86.72
CA SER V 176 -39.36 72.32 -86.81
C SER V 176 -38.78 72.64 -85.43
N ASP V 177 -37.56 72.16 -85.18
CA ASP V 177 -36.86 72.54 -83.96
C ASP V 177 -36.56 74.03 -83.95
N THR V 178 -36.13 74.57 -85.09
CA THR V 178 -35.91 76.00 -85.25
C THR V 178 -36.47 76.43 -86.59
N VAL V 179 -36.75 77.73 -86.70
CA VAL V 179 -37.39 78.26 -87.91
C VAL V 179 -36.47 78.19 -89.12
N VAL V 180 -35.15 78.08 -88.92
CA VAL V 180 -34.19 78.14 -90.01
C VAL V 180 -33.51 76.79 -90.23
N GLU V 181 -34.04 75.71 -89.67
CA GLU V 181 -33.45 74.39 -89.91
C GLU V 181 -33.52 73.98 -91.37
N PRO V 182 -34.67 74.03 -92.06
CA PRO V 182 -34.64 73.77 -93.51
C PRO V 182 -33.80 74.77 -94.27
N TYR V 183 -33.72 76.01 -93.80
CA TYR V 183 -32.89 77.02 -94.44
C TYR V 183 -31.42 76.60 -94.45
N ASN V 184 -30.91 76.17 -93.29
CA ASN V 184 -29.55 75.67 -93.22
C ASN V 184 -29.38 74.39 -94.03
N ALA V 185 -30.39 73.52 -94.01
CA ALA V 185 -30.33 72.28 -94.77
C ALA V 185 -30.15 72.56 -96.26
N THR V 186 -30.92 73.51 -96.78
CA THR V 186 -30.84 73.83 -98.21
C THR V 186 -29.57 74.60 -98.54
N LEU V 187 -29.13 75.49 -97.64
CA LEU V 187 -27.85 76.16 -97.87
C LEU V 187 -26.69 75.18 -97.85
N SER V 188 -26.86 74.03 -97.17
CA SER V 188 -25.82 73.00 -97.20
C SER V 188 -25.90 72.16 -98.47
N VAL V 189 -27.11 71.73 -98.84
CA VAL V 189 -27.26 70.92 -100.06
C VAL V 189 -26.96 71.73 -101.30
N HIS V 190 -26.95 73.06 -101.19
CA HIS V 190 -26.52 73.90 -102.31
C HIS V 190 -25.12 73.53 -102.80
N GLN V 191 -24.23 73.15 -101.88
CA GLN V 191 -22.90 72.70 -102.25
C GLN V 191 -22.72 71.19 -102.09
N LEU V 192 -23.60 70.52 -101.35
CA LEU V 192 -23.49 69.08 -101.19
C LEU V 192 -23.66 68.36 -102.52
N VAL V 193 -24.62 68.80 -103.34
CA VAL V 193 -24.83 68.17 -104.63
C VAL V 193 -23.66 68.41 -105.57
N GLU V 194 -22.96 69.54 -105.41
CA GLU V 194 -21.84 69.89 -106.26
C GLU V 194 -20.51 69.37 -105.75
N HIS V 195 -20.49 68.70 -104.59
CA HIS V 195 -19.23 68.24 -104.01
C HIS V 195 -19.27 66.82 -103.49
N SER V 196 -20.39 66.11 -103.55
CA SER V 196 -20.49 64.76 -103.03
C SER V 196 -20.81 63.79 -104.17
N ASP V 197 -20.41 62.53 -103.97
CA ASP V 197 -20.66 61.48 -104.95
C ASP V 197 -21.81 60.56 -104.59
N GLU V 198 -22.13 60.42 -103.30
CA GLU V 198 -23.27 59.62 -102.88
C GLU V 198 -23.67 60.05 -101.48
N THR V 199 -24.94 59.84 -101.14
CA THR V 199 -25.46 60.22 -99.84
C THR V 199 -26.64 59.32 -99.48
N PHE V 200 -26.94 59.29 -98.18
CA PHE V 200 -28.03 58.49 -97.64
C PHE V 200 -29.09 59.40 -97.01
N CYS V 201 -30.35 59.05 -97.20
CA CYS V 201 -31.47 59.80 -96.62
C CYS V 201 -31.82 59.19 -95.28
N ILE V 202 -31.63 59.96 -94.21
CA ILE V 202 -31.90 59.51 -92.84
C ILE V 202 -32.89 60.47 -92.22
N ASP V 203 -33.99 59.92 -91.68
CA ASP V 203 -35.02 60.70 -91.02
C ASP V 203 -35.28 60.13 -89.63
N ASN V 204 -35.27 60.99 -88.62
CA ASN V 204 -35.46 60.53 -87.24
C ASN V 204 -36.90 60.09 -86.99
N GLU V 205 -37.87 60.73 -87.66
CA GLU V 205 -39.26 60.34 -87.48
C GLU V 205 -39.54 58.94 -87.99
N ALA V 206 -38.87 58.53 -89.07
CA ALA V 206 -38.96 57.15 -89.52
C ALA V 206 -38.42 56.20 -88.46
N LEU V 207 -37.32 56.58 -87.80
CA LEU V 207 -36.78 55.78 -86.72
C LEU V 207 -37.77 55.66 -85.57
N TYR V 208 -38.44 56.77 -85.22
CA TYR V 208 -39.47 56.72 -84.18
C TYR V 208 -40.61 55.81 -84.58
N ASP V 209 -41.04 55.88 -85.84
CA ASP V 209 -42.13 55.03 -86.31
C ASP V 209 -41.75 53.55 -86.25
N ILE V 210 -40.53 53.21 -86.67
CA ILE V 210 -40.12 51.80 -86.64
C ILE V 210 -39.91 51.34 -85.21
N CYS V 211 -39.53 52.25 -84.30
CA CYS V 211 -39.40 51.87 -82.90
C CYS V 211 -40.77 51.62 -82.27
N GLN V 212 -41.76 52.44 -82.59
CA GLN V 212 -43.10 52.26 -82.03
C GLN V 212 -43.88 51.15 -82.74
N ARG V 213 -43.43 50.70 -83.90
CA ARG V 213 -44.11 49.63 -84.62
C ARG V 213 -43.58 48.25 -84.23
N THR V 214 -42.27 48.03 -84.41
CA THR V 214 -41.66 46.74 -84.14
C THR V 214 -40.96 46.69 -82.79
N LEU V 215 -40.20 47.72 -82.44
CA LEU V 215 -39.46 47.71 -81.18
C LEU V 215 -40.37 47.95 -79.98
N LYS V 216 -41.48 48.66 -80.17
CA LYS V 216 -42.37 49.05 -79.07
C LYS V 216 -41.60 49.76 -77.97
N LEU V 217 -40.68 50.65 -78.37
CA LEU V 217 -39.86 51.37 -77.42
C LEU V 217 -40.70 52.41 -76.67
N ASN V 218 -40.57 52.41 -75.34
CA ASN V 218 -41.33 53.33 -74.51
C ASN V 218 -40.61 54.65 -74.27
N GLN V 219 -39.28 54.63 -74.18
CA GLN V 219 -38.51 55.83 -73.91
C GLN V 219 -37.84 56.30 -75.19
N PRO V 220 -38.14 57.51 -75.69
CA PRO V 220 -37.46 57.99 -76.90
C PRO V 220 -36.01 58.32 -76.63
N SER V 221 -35.11 57.46 -77.12
CA SER V 221 -33.68 57.60 -76.87
C SER V 221 -32.93 57.64 -78.19
N TYR V 222 -32.00 58.60 -78.30
CA TYR V 222 -31.17 58.70 -79.50
C TYR V 222 -30.11 57.61 -79.55
N GLY V 223 -29.82 56.96 -78.41
CA GLY V 223 -28.80 55.93 -78.40
C GLY V 223 -29.18 54.70 -79.21
N ASP V 224 -30.43 54.25 -79.08
CA ASP V 224 -30.87 53.10 -79.88
C ASP V 224 -30.87 53.42 -81.36
N LEU V 225 -31.27 54.64 -81.72
CA LEU V 225 -31.26 55.05 -83.12
C LEU V 225 -29.84 55.08 -83.66
N ASN V 226 -28.90 55.58 -82.84
CA ASN V 226 -27.49 55.55 -83.22
C ASN V 226 -26.99 54.12 -83.39
N ASN V 227 -27.43 53.23 -82.51
CA ASN V 227 -27.04 51.82 -82.64
C ASN V 227 -27.54 51.24 -83.95
N LEU V 228 -28.79 51.54 -84.32
CA LEU V 228 -29.34 51.02 -85.57
C LEU V 228 -28.59 51.57 -86.78
N VAL V 229 -28.37 52.88 -86.81
CA VAL V 229 -27.68 53.47 -87.97
C VAL V 229 -26.24 53.01 -88.04
N SER V 230 -25.60 52.76 -86.89
CA SER V 230 -24.22 52.27 -86.89
C SER V 230 -24.16 50.82 -87.35
N SER V 231 -25.15 50.02 -86.99
CA SER V 231 -25.22 48.65 -87.51
C SER V 231 -25.38 48.67 -89.03
N VAL V 232 -26.22 49.58 -89.53
CA VAL V 232 -26.37 49.71 -90.99
C VAL V 232 -25.05 50.13 -91.62
N MET V 233 -24.37 51.10 -91.01
CA MET V 233 -23.11 51.60 -91.55
C MET V 233 -22.03 50.51 -91.55
N SER V 234 -21.98 49.69 -90.50
CA SER V 234 -21.07 48.56 -90.51
C SER V 234 -21.44 47.56 -91.60
N GLY V 235 -22.73 47.29 -91.77
CA GLY V 235 -23.19 46.33 -92.77
C GLY V 235 -22.86 46.71 -94.20
N VAL V 236 -22.87 48.01 -94.52
CA VAL V 236 -22.55 48.41 -95.89
C VAL V 236 -21.09 48.21 -96.25
N THR V 237 -20.22 47.94 -95.28
CA THR V 237 -18.81 47.68 -95.54
C THR V 237 -18.32 46.32 -95.07
N THR V 238 -19.20 45.51 -94.45
CA THR V 238 -18.82 44.13 -94.16
C THR V 238 -18.43 43.37 -95.41
N SER V 239 -19.05 43.69 -96.55
CA SER V 239 -18.68 43.03 -97.80
C SER V 239 -17.24 43.32 -98.19
N LEU V 240 -16.80 44.57 -98.00
CA LEU V 240 -15.41 44.91 -98.30
C LEU V 240 -14.45 44.27 -97.31
N ARG V 241 -14.75 44.38 -96.01
CA ARG V 241 -13.79 43.89 -95.02
C ARG V 241 -13.98 42.41 -94.68
N TYR V 242 -14.93 41.73 -95.30
CA TYR V 242 -15.06 40.27 -95.17
C TYR V 242 -15.39 39.70 -96.54
N PRO V 243 -14.54 38.83 -97.09
CA PRO V 243 -14.78 38.33 -98.46
C PRO V 243 -16.05 37.48 -98.54
N GLY V 244 -16.67 37.54 -99.71
CA GLY V 244 -17.83 36.72 -100.02
C GLY V 244 -17.86 36.33 -101.47
N GLN V 245 -19.05 35.99 -102.00
CA GLN V 245 -19.16 35.70 -103.42
C GLN V 245 -18.88 36.93 -104.27
N LEU V 246 -19.37 38.09 -103.84
CA LEU V 246 -19.17 39.35 -104.56
C LEU V 246 -18.90 40.44 -103.55
N ASN V 247 -17.64 40.80 -103.37
CA ASN V 247 -17.31 41.92 -102.49
C ASN V 247 -17.73 43.24 -103.12
N SER V 248 -18.23 44.15 -102.29
CA SER V 248 -18.74 45.43 -102.75
C SER V 248 -17.91 46.56 -102.14
N ASP V 249 -17.66 47.59 -102.94
CA ASP V 249 -16.90 48.76 -102.52
C ASP V 249 -17.71 50.01 -102.83
N LEU V 250 -17.33 51.12 -102.18
CA LEU V 250 -18.04 52.38 -102.39
C LEU V 250 -17.96 52.82 -103.84
N ARG V 251 -16.82 52.60 -104.49
CA ARG V 251 -16.71 52.89 -105.92
C ARG V 251 -17.63 51.99 -106.73
N LYS V 252 -17.85 50.76 -106.28
CA LYS V 252 -18.82 49.89 -106.94
C LYS V 252 -20.23 50.43 -106.77
N LEU V 253 -20.54 51.01 -105.60
CA LEU V 253 -21.81 51.70 -105.44
C LEU V 253 -21.94 52.85 -106.42
N ALA V 254 -20.87 53.63 -106.58
CA ALA V 254 -20.90 54.75 -107.53
C ALA V 254 -21.10 54.26 -108.96
N VAL V 255 -20.44 53.16 -109.32
CA VAL V 255 -20.54 52.65 -110.69
C VAL V 255 -21.93 52.09 -110.96
N ASN V 256 -22.45 51.27 -110.04
CA ASN V 256 -23.69 50.52 -110.28
C ASN V 256 -24.92 51.29 -109.81
N LEU V 257 -24.99 51.60 -108.51
CA LEU V 257 -26.20 52.20 -107.95
C LEU V 257 -26.43 53.61 -108.47
N VAL V 258 -25.39 54.44 -108.53
CA VAL V 258 -25.53 55.83 -108.98
C VAL V 258 -25.77 55.83 -110.48
N PRO V 259 -26.81 56.50 -110.97
CA PRO V 259 -27.01 56.60 -112.43
C PRO V 259 -26.12 57.64 -113.06
N PHE V 260 -25.84 58.72 -112.31
CA PHE V 260 -24.92 59.77 -112.70
C PHE V 260 -24.63 60.63 -111.48
N PRO V 261 -23.47 61.30 -111.42
CA PRO V 261 -23.08 61.98 -110.17
C PRO V 261 -24.05 63.05 -109.71
N ARG V 262 -24.86 63.62 -110.61
CA ARG V 262 -25.86 64.61 -110.20
C ARG V 262 -26.91 63.99 -109.28
N LEU V 263 -27.36 62.78 -109.61
CA LEU V 263 -28.36 62.07 -108.81
C LEU V 263 -27.63 61.05 -107.94
N HIS V 264 -27.56 61.32 -106.63
CA HIS V 264 -26.86 60.44 -105.72
C HIS V 264 -27.60 60.25 -104.40
N PHE V 265 -28.90 60.53 -104.36
CA PHE V 265 -29.69 60.40 -103.14
C PHE V 265 -30.23 58.98 -103.02
N PHE V 266 -30.02 58.36 -101.87
CA PHE V 266 -30.45 56.99 -101.62
C PHE V 266 -31.29 56.93 -100.35
N MET V 267 -32.26 56.02 -100.33
CA MET V 267 -33.01 55.70 -99.12
C MET V 267 -32.46 54.41 -98.53
N VAL V 268 -32.46 54.33 -97.20
CA VAL V 268 -31.83 53.24 -96.49
C VAL V 268 -32.89 52.35 -95.86
N GLY V 269 -32.73 51.04 -96.01
CA GLY V 269 -33.59 50.08 -95.36
C GLY V 269 -32.75 48.99 -94.71
N TYR V 270 -33.22 48.51 -93.57
CA TYR V 270 -32.49 47.53 -92.78
C TYR V 270 -33.41 46.38 -92.40
N ALA V 271 -32.81 45.20 -92.23
CA ALA V 271 -33.53 43.99 -91.84
C ALA V 271 -32.53 43.07 -91.16
N PRO V 272 -32.98 42.24 -90.19
CA PRO V 272 -34.36 42.15 -89.69
C PRO V 272 -34.70 43.23 -88.67
N LEU V 273 -35.96 43.69 -88.70
CA LEU V 273 -36.44 44.66 -87.73
C LEU V 273 -37.28 43.95 -86.67
N THR V 274 -36.57 43.27 -85.77
CA THR V 274 -37.18 42.48 -84.71
C THR V 274 -36.74 42.98 -83.35
N ALA V 275 -37.58 42.77 -82.35
CA ALA V 275 -37.34 43.22 -80.99
C ALA V 275 -37.35 42.04 -80.02
N ILE V 276 -37.04 42.33 -78.76
CA ILE V 276 -37.07 41.31 -77.73
C ILE V 276 -38.51 40.88 -77.49
N GLY V 277 -38.72 39.57 -77.38
CA GLY V 277 -40.05 39.00 -77.25
C GLY V 277 -40.57 38.36 -78.51
N SER V 278 -39.88 38.54 -79.64
CA SER V 278 -40.24 37.89 -80.89
C SER V 278 -39.11 37.04 -81.45
N GLN V 279 -38.01 36.89 -80.71
CA GLN V 279 -36.87 36.14 -81.21
C GLN V 279 -37.11 34.64 -81.21
N SER V 280 -37.95 34.14 -80.32
CA SER V 280 -38.22 32.70 -80.22
C SER V 280 -39.42 32.26 -81.04
N PHE V 281 -40.01 33.17 -81.82
CA PHE V 281 -41.20 32.88 -82.59
C PHE V 281 -41.05 33.07 -84.10
N ARG V 282 -39.95 33.64 -84.58
CA ARG V 282 -39.73 33.81 -86.01
C ARG V 282 -38.61 32.91 -86.50
N SER V 283 -38.66 32.58 -87.78
CA SER V 283 -37.57 31.95 -88.50
C SER V 283 -36.86 33.02 -89.32
N LEU V 284 -35.61 33.29 -88.99
CA LEU V 284 -34.84 34.33 -89.68
C LEU V 284 -34.23 33.73 -90.93
N THR V 285 -34.83 34.01 -92.08
CA THR V 285 -34.43 33.45 -93.35
C THR V 285 -34.34 34.55 -94.40
N VAL V 286 -33.74 34.19 -95.54
CA VAL V 286 -33.59 35.15 -96.63
C VAL V 286 -34.94 35.65 -97.14
N PRO V 287 -35.94 34.80 -97.41
CA PRO V 287 -37.23 35.35 -97.89
C PRO V 287 -37.87 36.33 -96.92
N GLU V 288 -37.85 36.03 -95.62
CA GLU V 288 -38.45 36.93 -94.64
C GLU V 288 -37.72 38.28 -94.62
N LEU V 289 -36.39 38.24 -94.67
CA LEU V 289 -35.63 39.47 -94.80
C LEU V 289 -36.01 40.22 -96.07
N THR V 290 -36.36 39.49 -97.14
CA THR V 290 -36.74 40.15 -98.37
C THR V 290 -38.08 40.86 -98.26
N GLN V 291 -39.10 40.19 -97.69
CA GLN V 291 -40.36 40.91 -97.50
C GLN V 291 -40.21 42.05 -96.51
N GLN V 292 -39.27 41.94 -95.57
CA GLN V 292 -38.97 43.08 -94.72
C GLN V 292 -38.21 44.18 -95.47
N MET V 293 -37.54 43.83 -96.57
CA MET V 293 -36.80 44.82 -97.34
C MET V 293 -37.73 45.69 -98.17
N PHE V 294 -38.63 45.07 -98.93
CA PHE V 294 -39.56 45.79 -99.78
C PHE V 294 -40.81 46.26 -99.05
N ASP V 295 -40.92 45.98 -97.76
CA ASP V 295 -42.04 46.49 -96.99
C ASP V 295 -42.02 48.02 -96.97
N ALA V 296 -43.20 48.62 -97.17
CA ALA V 296 -43.30 50.06 -97.32
C ALA V 296 -43.06 50.82 -96.02
N LYS V 297 -42.98 50.13 -94.88
CA LYS V 297 -42.79 50.78 -93.59
C LYS V 297 -41.44 50.46 -92.97
N ASN V 298 -40.45 50.06 -93.76
CA ASN V 298 -39.15 49.66 -93.23
C ASN V 298 -38.00 50.56 -93.66
N MET V 299 -38.18 51.38 -94.69
CA MET V 299 -37.13 52.31 -95.09
C MET V 299 -37.24 53.60 -94.27
N MET V 300 -36.14 54.34 -94.23
CA MET V 300 -36.02 55.54 -93.40
C MET V 300 -35.86 56.81 -94.24
N ALA V 301 -36.50 56.86 -95.40
CA ALA V 301 -36.39 58.06 -96.23
C ALA V 301 -37.06 59.27 -95.59
N ALA V 302 -38.31 59.17 -95.14
CA ALA V 302 -39.24 58.05 -95.31
C ALA V 302 -40.38 58.46 -96.23
N ALA V 303 -40.59 57.72 -97.30
CA ALA V 303 -41.60 58.03 -98.30
C ALA V 303 -42.37 56.77 -98.66
N ASP V 304 -43.21 56.88 -99.69
CA ASP V 304 -44.08 55.79 -100.10
C ASP V 304 -43.50 55.10 -101.33
N PRO V 305 -43.09 53.83 -101.23
CA PRO V 305 -42.43 53.18 -102.38
C PRO V 305 -43.39 52.67 -103.44
N ARG V 306 -44.58 52.21 -103.05
CA ARG V 306 -45.48 51.60 -104.03
C ARG V 306 -46.38 52.62 -104.72
N ASN V 307 -46.28 53.90 -104.37
CA ASN V 307 -46.93 54.94 -105.15
C ASN V 307 -46.05 55.50 -106.26
N GLY V 308 -44.74 55.27 -106.18
CA GLY V 308 -43.82 55.65 -107.23
C GLY V 308 -43.23 54.44 -107.92
N ARG V 309 -41.93 54.47 -108.21
CA ARG V 309 -41.27 53.32 -108.80
C ARG V 309 -39.77 53.42 -108.51
N TYR V 310 -39.11 52.27 -108.52
CA TYR V 310 -37.67 52.23 -108.31
C TYR V 310 -36.93 52.39 -109.63
N LEU V 311 -35.73 52.94 -109.53
CA LEU V 311 -34.81 53.02 -110.67
C LEU V 311 -33.74 51.95 -110.65
N THR V 312 -33.19 51.66 -109.47
CA THR V 312 -32.26 50.54 -109.30
C THR V 312 -32.21 50.22 -107.81
N VAL V 313 -32.20 48.92 -107.48
CA VAL V 313 -32.17 48.48 -106.10
C VAL V 313 -30.97 47.56 -105.91
N ALA V 314 -30.49 47.48 -104.67
CA ALA V 314 -29.32 46.69 -104.34
C ALA V 314 -29.54 45.94 -103.05
N ALA V 315 -28.85 44.81 -102.92
CA ALA V 315 -28.93 43.97 -101.74
C ALA V 315 -27.51 43.71 -101.23
N PHE V 316 -27.31 43.91 -99.93
CA PHE V 316 -26.01 43.71 -99.28
C PHE V 316 -26.22 42.71 -98.14
N PHE V 317 -26.05 41.43 -98.45
CA PHE V 317 -26.38 40.36 -97.51
C PHE V 317 -25.18 40.01 -96.65
N ARG V 318 -25.46 39.52 -95.45
CA ARG V 318 -24.45 39.18 -94.46
C ARG V 318 -24.73 37.81 -93.87
N GLY V 319 -23.67 37.08 -93.55
CA GLY V 319 -23.78 35.82 -92.86
C GLY V 319 -23.68 34.62 -93.79
N LYS V 320 -23.78 33.43 -93.18
CA LYS V 320 -23.73 32.18 -93.90
C LYS V 320 -25.00 32.03 -94.73
N VAL V 321 -24.90 32.28 -96.02
CA VAL V 321 -26.04 32.20 -96.93
C VAL V 321 -25.64 31.41 -98.17
N SER V 322 -26.57 30.59 -98.66
CA SER V 322 -26.38 29.87 -99.90
C SER V 322 -26.72 30.78 -101.08
N VAL V 323 -26.06 30.51 -102.22
CA VAL V 323 -26.27 31.34 -103.40
C VAL V 323 -27.68 31.14 -103.96
N LYS V 324 -28.28 29.97 -103.77
CA LYS V 324 -29.54 29.66 -104.41
C LYS V 324 -30.71 30.41 -103.77
N GLU V 325 -30.69 30.56 -102.44
CA GLU V 325 -31.81 31.20 -101.75
C GLU V 325 -31.98 32.63 -102.23
N VAL V 326 -30.88 33.39 -102.27
CA VAL V 326 -30.97 34.82 -102.58
C VAL V 326 -31.40 35.02 -104.03
N GLU V 327 -30.84 34.25 -104.96
CA GLU V 327 -31.21 34.40 -106.36
C GLU V 327 -32.65 33.94 -106.61
N ASP V 328 -33.08 32.87 -105.93
CA ASP V 328 -34.47 32.41 -106.08
C ASP V 328 -35.45 33.47 -105.58
N GLU V 329 -35.16 34.06 -104.42
CA GLU V 329 -36.01 35.13 -103.93
C GLU V 329 -35.96 36.35 -104.84
N MET V 330 -34.82 36.59 -105.49
CA MET V 330 -34.74 37.71 -106.42
C MET V 330 -35.56 37.45 -107.68
N HIS V 331 -35.57 36.21 -108.17
CA HIS V 331 -36.51 35.84 -109.22
C HIS V 331 -37.95 36.08 -108.78
N LYS V 332 -38.28 35.68 -107.54
CA LYS V 332 -39.64 35.86 -107.05
C LYS V 332 -40.04 37.33 -107.03
N VAL V 333 -39.17 38.19 -106.51
CA VAL V 333 -39.51 39.60 -106.41
C VAL V 333 -39.55 40.25 -107.79
N GLN V 334 -38.65 39.86 -108.69
CA GLN V 334 -38.70 40.39 -110.05
C GLN V 334 -39.94 39.91 -110.80
N SER V 335 -40.49 38.75 -110.44
CA SER V 335 -41.71 38.29 -111.07
C SER V 335 -42.94 39.00 -110.51
N LYS V 336 -43.00 39.20 -109.19
CA LYS V 336 -44.18 39.80 -108.58
C LYS V 336 -44.12 41.32 -108.52
N ASN V 337 -42.92 41.90 -108.48
CA ASN V 337 -42.74 43.35 -108.38
C ASN V 337 -42.21 43.95 -109.67
N SER V 338 -42.57 43.36 -110.82
CA SER V 338 -42.02 43.82 -112.09
C SER V 338 -42.55 45.20 -112.49
N ASP V 339 -43.75 45.57 -112.01
CA ASP V 339 -44.36 46.83 -112.45
C ASP V 339 -43.56 48.04 -111.97
N TYR V 340 -43.02 47.99 -110.76
CA TYR V 340 -42.37 49.15 -110.17
C TYR V 340 -40.89 49.25 -110.51
N PHE V 341 -40.34 48.31 -111.28
CA PHE V 341 -38.98 48.41 -111.77
C PHE V 341 -38.96 49.15 -113.10
N VAL V 342 -37.88 49.88 -113.36
CA VAL V 342 -37.73 50.60 -114.62
C VAL V 342 -37.63 49.60 -115.77
N GLU V 343 -38.16 50.01 -116.92
CA GLU V 343 -38.25 49.14 -118.10
C GLU V 343 -37.05 49.30 -119.02
N TRP V 344 -35.89 49.68 -118.49
CA TRP V 344 -34.72 49.86 -119.32
C TRP V 344 -33.44 49.21 -118.77
N ILE V 345 -33.45 48.65 -117.57
CA ILE V 345 -32.27 47.96 -117.08
C ILE V 345 -32.20 46.54 -117.63
N PRO V 346 -33.27 45.71 -117.54
CA PRO V 346 -34.56 45.84 -116.87
C PRO V 346 -34.57 45.17 -115.50
N ASN V 347 -33.44 44.54 -115.14
CA ASN V 347 -33.31 43.78 -113.91
C ASN V 347 -32.54 44.62 -112.91
N ASN V 348 -33.27 45.40 -112.11
CA ASN V 348 -32.67 46.28 -111.11
C ASN V 348 -32.18 45.43 -109.94
N VAL V 349 -30.89 45.14 -109.92
CA VAL V 349 -30.32 44.24 -108.90
C VAL V 349 -28.83 44.47 -108.80
N GLN V 350 -28.34 44.51 -107.57
CA GLN V 350 -26.92 44.48 -107.24
C GLN V 350 -26.75 43.70 -105.94
N THR V 351 -25.97 42.61 -105.99
CA THR V 351 -25.87 41.69 -104.87
C THR V 351 -24.45 41.67 -104.32
N ALA V 352 -24.35 41.53 -103.00
CA ALA V 352 -23.08 41.40 -102.31
C ALA V 352 -23.25 40.40 -101.17
N VAL V 353 -22.22 39.60 -100.93
CA VAL V 353 -22.25 38.54 -99.94
C VAL V 353 -21.17 38.80 -98.90
N CYS V 354 -21.55 38.71 -97.63
CA CYS V 354 -20.63 38.83 -96.51
C CYS V 354 -20.53 37.51 -95.78
N SER V 355 -19.35 37.23 -95.22
CA SER V 355 -19.12 35.94 -94.58
C SER V 355 -19.59 35.91 -93.13
N VAL V 356 -19.10 36.83 -92.29
CA VAL V 356 -19.38 36.80 -90.86
C VAL V 356 -20.81 37.23 -90.61
N ALA V 357 -21.38 36.71 -89.52
CA ALA V 357 -22.73 37.05 -89.12
C ALA V 357 -22.74 38.38 -88.38
N PRO V 358 -23.85 39.12 -88.44
CA PRO V 358 -23.94 40.38 -87.69
C PRO V 358 -23.91 40.15 -86.19
N GLN V 359 -23.41 41.14 -85.47
CA GLN V 359 -23.37 41.06 -84.02
C GLN V 359 -24.78 41.14 -83.45
N GLY V 360 -25.08 40.27 -82.49
CA GLY V 360 -26.40 40.23 -81.89
C GLY V 360 -27.48 39.62 -82.75
N LEU V 361 -27.13 39.05 -83.89
CA LEU V 361 -28.11 38.48 -84.80
C LEU V 361 -27.46 37.33 -85.57
N ASP V 362 -28.26 36.68 -86.40
CA ASP V 362 -27.77 35.58 -87.23
C ASP V 362 -27.59 35.99 -88.69
N MET V 363 -28.61 36.59 -89.28
CA MET V 363 -28.59 36.96 -90.69
C MET V 363 -29.18 38.37 -90.80
N ALA V 364 -28.56 39.21 -91.63
CA ALA V 364 -29.00 40.59 -91.77
C ALA V 364 -28.58 41.12 -93.13
N ALA V 365 -29.12 42.28 -93.48
CA ALA V 365 -28.87 42.88 -94.78
C ALA V 365 -29.17 44.38 -94.71
N THR V 366 -28.71 45.10 -95.73
CA THR V 366 -29.01 46.51 -95.90
C THR V 366 -29.61 46.74 -97.28
N PHE V 367 -30.42 47.80 -97.38
CA PHE V 367 -31.15 48.12 -98.60
C PHE V 367 -30.71 49.48 -99.11
N ILE V 368 -30.21 49.51 -100.34
CA ILE V 368 -29.84 50.75 -101.02
C ILE V 368 -30.50 50.76 -102.39
N ALA V 369 -31.20 51.85 -102.71
CA ALA V 369 -31.97 51.91 -103.94
C ALA V 369 -32.14 53.36 -104.37
N ASN V 370 -32.67 53.53 -105.58
CA ASN V 370 -33.04 54.83 -106.12
C ASN V 370 -34.49 54.79 -106.56
N SER V 371 -35.31 55.70 -106.03
CA SER V 371 -36.69 55.86 -106.42
C SER V 371 -36.96 57.32 -106.74
N THR V 372 -38.20 57.59 -107.14
CA THR V 372 -38.63 58.95 -107.47
C THR V 372 -39.33 59.65 -106.33
N SER V 373 -39.18 59.16 -105.10
CA SER V 373 -39.90 59.71 -103.96
C SER V 373 -39.13 60.80 -103.22
N ILE V 374 -37.87 61.05 -103.59
CA ILE V 374 -37.10 62.08 -102.90
C ILE V 374 -37.46 63.47 -103.42
N GLN V 375 -37.92 63.56 -104.67
CA GLN V 375 -38.36 64.84 -105.21
C GLN V 375 -39.58 65.36 -104.45
N GLU V 376 -40.38 64.47 -103.86
CA GLU V 376 -41.49 64.92 -103.02
C GLU V 376 -40.98 65.65 -101.79
N LEU V 377 -39.96 65.11 -101.12
CA LEU V 377 -39.38 65.81 -99.98
C LEU V 377 -38.77 67.13 -100.42
N PHE V 378 -38.09 67.13 -101.58
CA PHE V 378 -37.49 68.37 -102.08
C PHE V 378 -38.55 69.43 -102.35
N LYS V 379 -39.67 69.07 -102.97
CA LYS V 379 -40.70 70.06 -103.23
C LYS V 379 -41.40 70.48 -101.94
N ARG V 380 -41.48 69.59 -100.95
CA ARG V 380 -42.02 70.01 -99.65
C ARG V 380 -41.14 71.10 -99.03
N VAL V 381 -39.82 70.91 -99.06
CA VAL V 381 -38.92 71.91 -98.51
C VAL V 381 -38.99 73.20 -99.33
N GLY V 382 -39.06 73.08 -100.66
CA GLY V 382 -39.18 74.26 -101.50
C GLY V 382 -40.45 75.04 -101.25
N ASP V 383 -41.56 74.33 -101.04
CA ASP V 383 -42.82 74.99 -100.72
C ASP V 383 -42.76 75.65 -99.35
N GLN V 384 -42.08 75.02 -98.39
CA GLN V 384 -41.87 75.65 -97.10
C GLN V 384 -41.12 76.96 -97.24
N PHE V 385 -40.09 76.98 -98.10
CA PHE V 385 -39.40 78.24 -98.37
C PHE V 385 -40.33 79.25 -99.04
N SER V 386 -41.05 78.84 -100.08
CA SER V 386 -41.90 79.75 -100.82
C SER V 386 -43.04 80.29 -99.96
N ALA V 387 -43.36 79.62 -98.86
CA ALA V 387 -44.39 80.10 -97.95
C ALA V 387 -43.81 81.00 -96.86
N MET V 388 -42.86 80.48 -96.09
CA MET V 388 -42.37 81.21 -94.91
C MET V 388 -41.45 82.36 -95.28
N PHE V 389 -40.55 82.17 -96.25
CA PHE V 389 -39.46 83.10 -96.50
C PHE V 389 -39.83 84.24 -97.44
N LYS V 390 -41.07 84.29 -97.91
CA LYS V 390 -41.49 85.45 -98.70
C LYS V 390 -41.75 86.68 -97.86
N ARG V 391 -41.90 86.51 -96.53
CA ARG V 391 -42.08 87.64 -95.64
C ARG V 391 -40.77 88.30 -95.25
N LYS V 392 -39.63 87.66 -95.54
CA LYS V 392 -38.31 88.15 -95.17
C LYS V 392 -38.21 88.44 -93.68
N ALA V 393 -38.74 87.51 -92.88
CA ALA V 393 -38.71 87.61 -91.43
C ALA V 393 -37.52 86.85 -90.89
N PHE V 394 -36.73 87.51 -90.04
CA PHE V 394 -35.50 86.95 -89.46
C PHE V 394 -34.49 86.55 -90.53
N LEU V 395 -34.59 87.15 -91.72
CA LEU V 395 -33.67 86.85 -92.82
C LEU V 395 -32.45 87.76 -92.82
N HIS V 396 -32.48 88.87 -92.09
CA HIS V 396 -31.35 89.78 -92.04
C HIS V 396 -30.15 89.18 -91.32
N TRP V 397 -30.37 88.18 -90.47
CA TRP V 397 -29.28 87.58 -89.71
C TRP V 397 -28.22 86.97 -90.62
N TYR V 398 -28.60 86.59 -91.83
CA TYR V 398 -27.67 86.02 -92.81
C TYR V 398 -27.17 87.06 -93.81
N THR V 399 -28.04 87.96 -94.27
CA THR V 399 -27.62 89.00 -95.20
C THR V 399 -26.71 90.02 -94.54
N SER V 400 -26.64 90.05 -93.21
CA SER V 400 -25.73 90.97 -92.53
C SER V 400 -24.28 90.67 -92.86
N GLU V 401 -23.96 89.41 -93.16
CA GLU V 401 -22.59 89.00 -93.47
C GLU V 401 -22.29 89.04 -94.97
N GLY V 402 -23.26 89.36 -95.81
CA GLY V 402 -23.00 89.48 -97.23
C GLY V 402 -23.67 88.43 -98.09
N MET V 403 -24.83 87.94 -97.66
CA MET V 403 -25.60 86.98 -98.44
C MET V 403 -26.52 87.71 -99.41
N ASP V 404 -26.64 87.16 -100.62
CA ASP V 404 -27.47 87.72 -101.67
C ASP V 404 -28.59 86.76 -102.04
N GLU V 405 -29.67 87.32 -102.57
CA GLU V 405 -30.79 86.51 -103.03
C GLU V 405 -30.43 85.64 -104.23
N LEU V 406 -29.33 85.95 -104.90
CA LEU V 406 -28.89 85.15 -106.04
C LEU V 406 -28.58 83.72 -105.61
N GLU V 407 -27.95 83.55 -104.44
CA GLU V 407 -27.63 82.22 -103.95
C GLU V 407 -28.90 81.41 -103.68
N PHE V 408 -29.91 82.03 -103.08
CA PHE V 408 -31.15 81.32 -102.78
C PHE V 408 -31.90 80.97 -104.07
N SER V 409 -31.92 81.89 -105.04
CA SER V 409 -32.54 81.59 -106.32
C SER V 409 -31.82 80.45 -107.03
N GLU V 410 -30.48 80.44 -106.94
CA GLU V 410 -29.72 79.36 -107.54
C GLU V 410 -29.98 78.03 -106.85
N ALA V 411 -30.16 78.04 -105.52
CA ALA V 411 -30.52 76.82 -104.81
C ALA V 411 -31.90 76.32 -105.23
N GLU V 412 -32.85 77.25 -105.42
CA GLU V 412 -34.17 76.85 -105.91
C GLU V 412 -34.07 76.26 -107.31
N SER V 413 -33.24 76.86 -108.17
CA SER V 413 -33.01 76.29 -109.50
C SER V 413 -32.38 74.91 -109.40
N ASN V 414 -31.47 74.72 -108.44
CA ASN V 414 -30.84 73.42 -108.24
C ASN V 414 -31.86 72.36 -107.84
N MET V 415 -32.77 72.70 -106.94
CA MET V 415 -33.77 71.71 -106.52
C MET V 415 -34.78 71.45 -107.64
N ASN V 416 -35.07 72.47 -108.45
CA ASN V 416 -35.86 72.24 -109.66
C ASN V 416 -35.15 71.28 -110.60
N ASP V 417 -33.85 71.45 -110.78
CA ASP V 417 -33.09 70.55 -111.64
C ASP V 417 -33.07 69.13 -111.07
N LEU V 418 -32.97 69.00 -109.75
CA LEU V 418 -33.03 67.69 -109.13
C LEU V 418 -34.39 67.02 -109.37
N VAL V 419 -35.47 67.80 -109.27
CA VAL V 419 -36.80 67.25 -109.55
C VAL V 419 -36.89 66.81 -111.01
N SER V 420 -36.39 67.63 -111.93
CA SER V 420 -36.42 67.25 -113.34
C SER V 420 -35.62 65.98 -113.59
N GLU V 421 -34.46 65.85 -112.93
CA GLU V 421 -33.70 64.61 -113.02
C GLU V 421 -34.49 63.44 -112.47
N TYR V 422 -35.24 63.65 -111.39
CA TYR V 422 -36.15 62.64 -110.85
C TYR V 422 -37.35 62.41 -111.75
N GLN V 423 -37.44 63.10 -112.89
CA GLN V 423 -38.54 62.92 -113.84
C GLN V 423 -38.00 62.69 -115.25
N GLN V 424 -37.04 61.77 -115.40
CA GLN V 424 -36.41 61.50 -116.69
C GLN V 424 -36.71 60.13 -117.30
N TYR V 425 -36.61 58.99 -116.60
CA TYR V 425 -36.63 58.69 -115.15
C TYR V 425 -37.91 59.22 -114.49
N GLN V 426 -39.02 59.03 -115.19
CA GLN V 426 -40.31 59.47 -114.70
C GLN V 426 -40.75 58.61 -113.52
N GLU V 427 -41.64 59.18 -112.69
CA GLU V 427 -42.17 58.46 -111.53
C GLU V 427 -43.18 57.40 -111.97
N MET W 1 -50.84 20.13 -100.40
CA MET W 1 -52.07 20.91 -100.36
C MET W 1 -52.87 20.50 -99.13
N ARG W 2 -52.34 20.79 -97.95
CA ARG W 2 -52.93 20.37 -96.69
C ARG W 2 -53.05 21.46 -95.64
N GLU W 3 -52.21 22.49 -95.68
CA GLU W 3 -52.14 23.46 -94.59
C GLU W 3 -53.45 24.23 -94.47
N ILE W 4 -53.87 24.44 -93.22
CA ILE W 4 -55.13 25.10 -92.90
C ILE W 4 -54.83 26.28 -91.97
N ILE W 5 -55.39 27.44 -92.30
CA ILE W 5 -55.28 28.63 -91.47
C ILE W 5 -56.62 28.83 -90.75
N HIS W 6 -56.57 28.87 -89.42
CA HIS W 6 -57.77 28.96 -88.60
C HIS W 6 -58.00 30.42 -88.22
N ILE W 7 -59.06 31.01 -88.77
CA ILE W 7 -59.43 32.39 -88.44
C ILE W 7 -60.44 32.37 -87.31
N SER W 8 -60.24 33.23 -86.31
CA SER W 8 -61.10 33.30 -85.15
C SER W 8 -61.60 34.73 -84.98
N THR W 9 -62.92 34.88 -84.77
CA THR W 9 -63.52 36.17 -84.52
C THR W 9 -64.77 35.98 -83.67
N GLY W 10 -65.17 37.05 -82.99
CA GLY W 10 -66.33 37.02 -82.14
C GLY W 10 -66.03 36.53 -80.73
N GLN W 11 -66.95 36.85 -79.81
CA GLN W 11 -66.78 36.45 -78.42
C GLN W 11 -66.81 34.93 -78.27
N CYS W 12 -67.84 34.29 -78.84
CA CYS W 12 -67.90 32.84 -78.80
C CYS W 12 -66.85 32.21 -79.70
N GLY W 13 -66.50 32.88 -80.80
CA GLY W 13 -65.53 32.31 -81.72
C GLY W 13 -64.16 32.15 -81.11
N ASN W 14 -63.75 33.09 -80.25
CA ASN W 14 -62.45 32.98 -79.59
C ASN W 14 -62.41 31.75 -78.69
N GLN W 15 -63.48 31.53 -77.91
CA GLN W 15 -63.51 30.36 -77.03
C GLN W 15 -63.52 29.07 -77.83
N ILE W 16 -64.29 29.02 -78.91
CA ILE W 16 -64.35 27.81 -79.73
C ILE W 16 -62.99 27.53 -80.35
N GLY W 17 -62.32 28.57 -80.88
CA GLY W 17 -61.01 28.38 -81.46
C GLY W 17 -59.97 27.94 -80.44
N ALA W 18 -60.00 28.54 -79.25
CA ALA W 18 -59.08 28.13 -78.20
C ALA W 18 -59.28 26.67 -77.83
N ALA W 19 -60.53 26.28 -77.60
CA ALA W 19 -60.82 24.88 -77.24
C ALA W 19 -60.40 23.93 -78.35
N PHE W 20 -60.63 24.32 -79.60
CA PHE W 20 -60.13 23.55 -80.73
C PHE W 20 -58.61 23.41 -80.66
N TRP W 21 -57.93 24.48 -80.22
CA TRP W 21 -56.48 24.41 -80.12
C TRP W 21 -56.02 23.42 -79.05
N GLU W 22 -56.65 23.43 -77.87
CA GLU W 22 -56.27 22.42 -76.88
C GLU W 22 -56.60 21.01 -77.36
N THR W 23 -57.74 20.83 -78.02
CA THR W 23 -58.09 19.50 -78.52
C THR W 23 -57.07 19.03 -79.55
N ILE W 24 -56.62 19.92 -80.44
CA ILE W 24 -55.62 19.56 -81.43
C ILE W 24 -54.31 19.19 -80.74
N CYS W 25 -53.82 20.05 -79.85
CA CYS W 25 -52.53 19.78 -79.21
C CYS W 25 -52.58 18.55 -78.32
N GLY W 26 -53.78 18.15 -77.86
CA GLY W 26 -53.88 16.91 -77.11
C GLY W 26 -54.04 15.68 -77.98
N GLU W 27 -54.67 15.82 -79.15
CA GLU W 27 -54.90 14.66 -79.99
C GLU W 27 -53.64 14.24 -80.74
N HIS W 28 -52.78 15.19 -81.14
CA HIS W 28 -51.52 14.78 -81.75
C HIS W 28 -50.38 14.73 -80.75
N GLY W 29 -50.46 15.50 -79.67
CA GLY W 29 -49.47 15.45 -78.62
C GLY W 29 -48.39 16.50 -78.76
N LEU W 30 -48.46 17.56 -77.96
CA LEU W 30 -47.44 18.61 -77.97
C LEU W 30 -47.58 19.40 -76.69
N ASP W 31 -46.54 19.36 -75.85
CA ASP W 31 -46.56 20.15 -74.62
C ASP W 31 -46.32 21.63 -74.94
N PHE W 32 -46.77 22.49 -74.03
CA PHE W 32 -46.75 23.93 -74.28
C PHE W 32 -45.36 24.54 -74.19
N ASN W 33 -44.36 23.81 -73.69
CA ASN W 33 -43.01 24.35 -73.59
C ASN W 33 -42.16 24.03 -74.81
N GLY W 34 -42.73 23.36 -75.81
CA GLY W 34 -41.99 23.05 -77.02
C GLY W 34 -41.29 21.70 -76.98
N THR W 35 -41.97 20.68 -76.45
CA THR W 35 -41.43 19.34 -76.35
C THR W 35 -42.13 18.43 -77.35
N TYR W 36 -41.35 17.71 -78.15
CA TYR W 36 -41.90 16.82 -79.15
C TYR W 36 -42.49 15.57 -78.48
N HIS W 37 -43.72 15.23 -78.86
CA HIS W 37 -44.38 14.06 -78.29
C HIS W 37 -45.12 13.24 -79.34
N GLY W 38 -44.85 13.46 -80.62
CA GLY W 38 -45.51 12.68 -81.65
C GLY W 38 -45.01 11.25 -81.68
N HIS W 39 -45.89 10.34 -82.09
CA HIS W 39 -45.57 8.91 -82.15
C HIS W 39 -46.23 8.34 -83.40
N ASP W 40 -45.44 8.11 -84.43
CA ASP W 40 -44.03 8.49 -84.43
C ASP W 40 -43.72 9.44 -85.60
N ASP W 41 -44.16 9.06 -86.79
CA ASP W 41 -43.92 9.82 -88.01
C ASP W 41 -45.16 10.58 -88.46
N ILE W 42 -46.30 9.88 -88.57
CA ILE W 42 -47.52 10.48 -89.09
C ILE W 42 -47.98 11.67 -88.25
N GLN W 43 -47.56 11.74 -87.00
CA GLN W 43 -47.88 12.87 -86.14
C GLN W 43 -46.89 14.02 -86.25
N LYS W 44 -45.97 13.96 -87.21
CA LYS W 44 -44.95 14.99 -87.38
C LYS W 44 -45.14 15.78 -88.67
N GLU W 45 -45.37 15.12 -89.80
CA GLU W 45 -45.60 15.86 -91.04
C GLU W 45 -47.00 16.49 -91.09
N ARG W 46 -47.96 15.96 -90.33
CA ARG W 46 -49.32 16.46 -90.34
C ARG W 46 -49.53 17.66 -89.42
N LEU W 47 -48.58 17.96 -88.53
CA LEU W 47 -48.70 19.14 -87.69
C LEU W 47 -48.27 20.42 -88.42
N ASN W 48 -47.68 20.29 -89.61
CA ASN W 48 -47.41 21.44 -90.45
C ASN W 48 -48.69 22.12 -90.94
N VAL W 49 -49.83 21.42 -90.87
CA VAL W 49 -51.10 21.99 -91.28
C VAL W 49 -51.46 23.20 -90.42
N TYR W 50 -51.29 23.08 -89.10
CA TYR W 50 -51.66 24.13 -88.17
C TYR W 50 -50.48 24.90 -87.61
N PHE W 51 -49.31 24.29 -87.51
CA PHE W 51 -48.14 24.91 -86.91
C PHE W 51 -47.03 25.07 -87.95
N ASN W 52 -46.13 26.01 -87.69
CA ASN W 52 -44.97 26.25 -88.52
C ASN W 52 -43.71 26.16 -87.66
N GLU W 53 -42.62 25.67 -88.25
CA GLU W 53 -41.39 25.42 -87.51
C GLU W 53 -40.69 26.75 -87.23
N ALA W 54 -40.57 27.09 -85.95
CA ALA W 54 -39.84 28.27 -85.52
C ALA W 54 -38.38 27.87 -85.24
N SER W 55 -37.62 28.81 -84.68
CA SER W 55 -36.22 28.52 -84.37
C SER W 55 -36.12 27.58 -83.17
N SER W 56 -34.99 26.88 -83.09
CA SER W 56 -34.68 25.96 -82.00
C SER W 56 -35.73 24.86 -81.87
N GLY W 57 -36.24 24.37 -83.00
CA GLY W 57 -37.21 23.30 -82.98
C GLY W 57 -38.53 23.64 -82.31
N LYS W 58 -38.99 24.87 -82.46
CA LYS W 58 -40.24 25.32 -81.85
C LYS W 58 -41.34 25.36 -82.90
N TRP W 59 -42.55 25.01 -82.50
CA TRP W 59 -43.72 25.02 -83.37
C TRP W 59 -44.69 26.08 -82.89
N VAL W 60 -45.11 26.96 -83.78
CA VAL W 60 -46.01 28.05 -83.43
C VAL W 60 -47.21 28.05 -84.38
N PRO W 61 -48.39 28.43 -83.91
CA PRO W 61 -49.57 28.38 -84.77
C PRO W 61 -49.57 29.47 -85.84
N ARG W 62 -50.28 29.18 -86.93
CA ARG W 62 -50.56 30.15 -87.98
C ARG W 62 -52.07 30.41 -87.95
N SER W 63 -52.47 31.34 -87.09
CA SER W 63 -53.89 31.62 -86.88
C SER W 63 -54.04 33.08 -86.50
N ILE W 64 -54.92 33.79 -87.22
CA ILE W 64 -55.16 35.20 -86.98
C ILE W 64 -56.46 35.30 -86.17
N ASN W 65 -56.34 35.69 -84.91
CA ASN W 65 -57.49 35.91 -84.05
C ASN W 65 -57.75 37.42 -83.95
N VAL W 66 -58.98 37.82 -84.25
CA VAL W 66 -59.36 39.23 -84.27
C VAL W 66 -60.61 39.42 -83.43
N ASP W 67 -60.61 40.46 -82.60
CA ASP W 67 -61.77 40.80 -81.79
C ASP W 67 -61.58 42.22 -81.29
N LEU W 68 -62.69 42.96 -81.19
CA LEU W 68 -62.63 44.35 -80.79
C LEU W 68 -62.49 44.51 -79.27
N GLU W 69 -62.71 43.45 -78.50
CA GLU W 69 -62.46 43.50 -77.06
C GLU W 69 -61.19 42.73 -76.74
N PRO W 70 -60.21 43.35 -76.08
CA PRO W 70 -58.93 42.68 -75.82
C PRO W 70 -58.86 41.86 -74.54
N GLY W 71 -59.99 41.57 -73.90
CA GLY W 71 -59.96 40.84 -72.64
C GLY W 71 -59.91 39.34 -72.81
N THR W 72 -60.21 38.85 -74.02
CA THR W 72 -60.22 37.40 -74.23
C THR W 72 -58.82 36.83 -74.35
N ILE W 73 -57.88 37.59 -74.90
CA ILE W 73 -56.52 37.09 -75.07
C ILE W 73 -55.79 36.97 -73.74
N ASP W 74 -56.17 37.80 -72.75
CA ASP W 74 -55.59 37.65 -71.42
C ASP W 74 -55.97 36.31 -70.81
N ALA W 75 -57.22 35.87 -71.03
CA ALA W 75 -57.68 34.55 -70.62
C ALA W 75 -57.27 33.45 -71.60
N VAL W 76 -56.29 33.72 -72.47
CA VAL W 76 -55.77 32.75 -73.41
C VAL W 76 -54.28 32.50 -73.21
N ARG W 77 -53.50 33.59 -73.13
CA ARG W 77 -52.06 33.44 -72.98
C ARG W 77 -51.67 32.99 -71.57
N ASN W 78 -52.41 33.42 -70.55
CA ASN W 78 -52.11 33.03 -69.18
C ASN W 78 -52.89 31.79 -68.72
N SER W 79 -53.92 31.40 -69.46
CA SER W 79 -54.74 30.25 -69.16
C SER W 79 -54.13 29.01 -69.81
N ALA W 80 -54.93 27.96 -70.00
CA ALA W 80 -54.48 26.72 -70.64
C ALA W 80 -53.98 27.00 -72.04
N ILE W 81 -53.52 25.96 -72.75
CA ILE W 81 -52.46 26.10 -73.73
C ILE W 81 -52.84 27.12 -74.81
N GLY W 82 -52.19 28.28 -74.75
CA GLY W 82 -52.23 29.28 -75.79
C GLY W 82 -50.89 30.00 -75.86
N ASN W 83 -49.92 29.50 -75.08
CA ASN W 83 -48.61 30.14 -74.98
C ASN W 83 -47.82 30.03 -76.28
N LEU W 84 -48.16 29.07 -77.14
CA LEU W 84 -47.49 28.95 -78.43
C LEU W 84 -47.82 30.11 -79.36
N PHE W 85 -48.90 30.85 -79.08
CA PHE W 85 -49.35 31.92 -79.97
C PHE W 85 -48.29 33.03 -80.01
N ARG W 86 -47.81 33.33 -81.20
CA ARG W 86 -46.84 34.41 -81.37
C ARG W 86 -47.52 35.76 -81.11
N PRO W 87 -46.78 36.74 -80.59
CA PRO W 87 -47.40 38.03 -80.26
C PRO W 87 -48.00 38.75 -81.46
N ASP W 88 -47.49 38.51 -82.66
CA ASP W 88 -48.05 39.15 -83.84
C ASP W 88 -49.43 38.63 -84.19
N ASN W 89 -49.79 37.43 -83.73
CA ASN W 89 -51.12 36.88 -83.97
C ASN W 89 -52.21 37.67 -83.25
N TYR W 90 -51.85 38.48 -82.27
CA TYR W 90 -52.83 39.23 -81.49
C TYR W 90 -53.15 40.53 -82.23
N ILE W 91 -54.24 40.53 -82.99
CA ILE W 91 -54.76 41.71 -83.66
C ILE W 91 -56.05 42.07 -82.95
N PHE W 92 -55.99 43.03 -82.04
CA PHE W 92 -57.14 43.47 -81.27
C PHE W 92 -57.19 44.99 -81.24
N GLY W 93 -58.40 45.52 -81.08
CA GLY W 93 -58.59 46.96 -81.04
C GLY W 93 -59.47 47.40 -79.89
N GLN W 94 -60.07 48.59 -80.01
CA GLN W 94 -60.97 49.13 -79.00
C GLN W 94 -62.18 49.72 -79.69
N SER W 95 -63.36 49.48 -79.12
CA SER W 95 -63.50 48.67 -77.92
C SER W 95 -64.54 47.56 -78.12
N SER W 96 -65.49 47.82 -79.01
CA SER W 96 -66.54 46.85 -79.33
C SER W 96 -67.21 47.27 -80.62
N ALA W 97 -67.94 46.33 -81.22
CA ALA W 97 -68.71 46.60 -82.43
C ALA W 97 -70.10 47.12 -82.13
N GLY W 98 -70.47 47.26 -80.86
CA GLY W 98 -71.79 47.71 -80.48
C GLY W 98 -72.84 46.62 -80.42
N ASN W 99 -72.45 45.37 -80.66
CA ASN W 99 -73.38 44.23 -80.68
C ASN W 99 -74.50 44.45 -81.69
N VAL W 100 -74.17 45.11 -82.80
CA VAL W 100 -75.14 45.43 -83.85
C VAL W 100 -74.49 45.17 -85.21
N TRP W 101 -75.28 45.30 -86.26
CA TRP W 101 -74.81 45.09 -87.62
C TRP W 101 -74.46 46.38 -88.35
N ALA W 102 -75.10 47.50 -87.99
CA ALA W 102 -74.79 48.77 -88.64
C ALA W 102 -73.39 49.27 -88.30
N LYS W 103 -72.93 49.02 -87.08
CA LYS W 103 -71.60 49.43 -86.66
C LYS W 103 -70.59 48.29 -86.66
N GLY W 104 -71.02 47.07 -86.97
CA GLY W 104 -70.08 45.95 -86.95
C GLY W 104 -69.02 46.06 -88.02
N HIS W 105 -69.44 46.24 -89.28
CA HIS W 105 -68.49 46.36 -90.38
C HIS W 105 -68.83 47.43 -91.40
N TYR W 106 -69.98 48.12 -91.28
CA TYR W 106 -70.38 49.04 -92.34
C TYR W 106 -69.56 50.32 -92.31
N THR W 107 -69.31 50.87 -91.12
CA THR W 107 -68.61 52.14 -90.98
C THR W 107 -67.29 52.02 -90.24
N GLU W 108 -67.30 51.43 -89.04
CA GLU W 108 -66.09 51.37 -88.22
C GLU W 108 -65.35 50.05 -88.34
N GLY W 109 -66.00 48.99 -88.82
CA GLY W 109 -65.34 47.70 -88.92
C GLY W 109 -64.43 47.56 -90.12
N ALA W 110 -64.39 48.56 -90.99
CA ALA W 110 -63.59 48.52 -92.21
C ALA W 110 -62.25 49.24 -92.08
N GLU W 111 -61.81 49.53 -90.85
CA GLU W 111 -60.58 50.29 -90.64
C GLU W 111 -59.37 49.37 -90.45
N LEU W 112 -59.40 48.55 -89.40
CA LEU W 112 -58.29 47.63 -89.13
C LEU W 112 -58.33 46.39 -90.00
N VAL W 113 -59.42 46.15 -90.72
CA VAL W 113 -59.52 44.95 -91.53
C VAL W 113 -58.59 45.01 -92.73
N ASP W 114 -58.14 46.21 -93.12
CA ASP W 114 -57.10 46.29 -94.15
C ASP W 114 -55.80 45.69 -93.65
N SER W 115 -55.42 45.98 -92.40
CA SER W 115 -54.25 45.35 -91.81
C SER W 115 -54.46 43.85 -91.66
N VAL W 116 -55.69 43.43 -91.34
CA VAL W 116 -55.99 42.01 -91.27
C VAL W 116 -55.77 41.35 -92.64
N MET W 117 -56.23 42.00 -93.70
CA MET W 117 -56.04 41.47 -95.04
C MET W 117 -54.56 41.41 -95.40
N ASP W 118 -53.79 42.43 -95.01
CA ASP W 118 -52.35 42.42 -95.26
C ASP W 118 -51.66 41.25 -94.54
N VAL W 119 -52.02 41.01 -93.28
CA VAL W 119 -51.38 39.91 -92.57
C VAL W 119 -51.83 38.56 -93.14
N ILE W 120 -53.07 38.49 -93.64
CA ILE W 120 -53.50 37.28 -94.34
C ILE W 120 -52.66 37.05 -95.58
N ARG W 121 -52.38 38.12 -96.34
CA ARG W 121 -51.51 37.98 -97.51
C ARG W 121 -50.13 37.48 -97.10
N ARG W 122 -49.54 38.10 -96.06
CA ARG W 122 -48.18 37.73 -95.69
C ARG W 122 -48.11 36.30 -95.18
N GLU W 123 -49.16 35.84 -94.49
CA GLU W 123 -49.24 34.43 -94.15
C GLU W 123 -49.44 33.57 -95.39
N ALA W 124 -50.08 34.11 -96.43
CA ALA W 124 -50.30 33.35 -97.65
C ALA W 124 -48.97 33.06 -98.35
N GLU W 125 -48.12 34.08 -98.53
CA GLU W 125 -46.80 33.73 -99.07
C GLU W 125 -45.91 33.05 -98.04
N GLY W 126 -46.24 33.18 -96.75
CA GLY W 126 -45.56 32.38 -95.75
C GLY W 126 -45.97 30.93 -95.74
N CYS W 127 -47.12 30.61 -96.33
CA CYS W 127 -47.63 29.25 -96.42
C CYS W 127 -47.30 28.66 -97.79
N ASP W 128 -47.12 27.33 -97.81
CA ASP W 128 -46.74 26.63 -99.02
C ASP W 128 -47.87 25.78 -99.62
N SER W 129 -48.74 25.22 -98.79
CA SER W 129 -49.79 24.32 -99.26
C SER W 129 -51.13 24.70 -98.62
N LEU W 130 -51.47 25.98 -98.71
CA LEU W 130 -52.73 26.48 -98.16
C LEU W 130 -53.91 25.77 -98.79
N GLN W 131 -54.76 25.17 -97.95
CA GLN W 131 -55.86 24.33 -98.39
C GLN W 131 -57.23 24.96 -98.18
N GLY W 132 -57.53 25.36 -96.94
CA GLY W 132 -58.85 25.88 -96.62
C GLY W 132 -58.78 26.94 -95.55
N PHE W 133 -59.94 27.50 -95.23
CA PHE W 133 -60.06 28.59 -94.28
C PHE W 133 -61.16 28.25 -93.27
N GLN W 134 -60.80 28.16 -92.00
CA GLN W 134 -61.75 27.83 -90.93
C GLN W 134 -62.07 29.11 -90.17
N ILE W 135 -63.36 29.41 -90.04
CA ILE W 135 -63.84 30.56 -89.28
C ILE W 135 -64.88 30.11 -88.28
N THR W 136 -64.75 30.59 -87.04
CA THR W 136 -65.73 30.33 -85.99
C THR W 136 -66.26 31.67 -85.50
N HIS W 137 -67.57 31.85 -85.54
CA HIS W 137 -68.19 33.11 -85.15
C HIS W 137 -69.62 32.84 -84.72
N SER W 138 -70.31 33.89 -84.28
CA SER W 138 -71.69 33.82 -83.84
C SER W 138 -72.59 34.51 -84.86
N LEU W 139 -73.67 33.82 -85.24
CA LEU W 139 -74.60 34.39 -86.21
C LEU W 139 -75.29 35.63 -85.68
N GLY W 140 -75.70 35.63 -84.42
CA GLY W 140 -76.40 36.76 -83.85
C GLY W 140 -75.48 37.74 -83.13
N GLY W 141 -74.24 37.33 -82.88
CA GLY W 141 -73.30 38.21 -82.21
C GLY W 141 -72.92 39.39 -83.09
N GLY W 142 -72.73 40.54 -82.43
CA GLY W 142 -72.40 41.75 -83.14
C GLY W 142 -71.06 41.70 -83.86
N THR W 143 -70.02 41.23 -83.16
CA THR W 143 -68.70 41.17 -83.77
C THR W 143 -68.62 40.07 -84.82
N GLY W 144 -69.03 38.84 -84.46
CA GLY W 144 -68.89 37.73 -85.37
C GLY W 144 -69.68 37.93 -86.65
N SER W 145 -70.95 38.31 -86.53
CA SER W 145 -71.75 38.60 -87.72
C SER W 145 -71.31 39.90 -88.39
N GLY W 146 -70.70 40.81 -87.63
CA GLY W 146 -70.34 42.10 -88.17
C GLY W 146 -69.21 42.02 -89.19
N MET W 147 -67.98 41.75 -88.75
CA MET W 147 -66.89 41.71 -89.70
C MET W 147 -66.62 40.32 -90.24
N GLY W 148 -67.33 39.30 -89.78
CA GLY W 148 -67.14 37.97 -90.33
C GLY W 148 -67.50 37.89 -91.80
N THR W 149 -68.65 38.44 -92.16
CA THR W 149 -69.07 38.44 -93.57
C THR W 149 -68.13 39.27 -94.43
N LEU W 150 -67.60 40.37 -93.90
CA LEU W 150 -66.72 41.21 -94.70
C LEU W 150 -65.34 40.54 -94.87
N LEU W 151 -64.88 39.82 -93.85
CA LEU W 151 -63.71 38.97 -94.02
C LEU W 151 -63.95 37.90 -95.07
N ILE W 152 -65.15 37.32 -95.09
CA ILE W 152 -65.49 36.35 -96.14
C ILE W 152 -65.42 37.02 -97.50
N SER W 153 -65.90 38.26 -97.59
CA SER W 153 -65.85 38.99 -98.85
C SER W 153 -64.41 39.17 -99.33
N LYS W 154 -63.51 39.59 -98.44
CA LYS W 154 -62.12 39.74 -98.86
C LYS W 154 -61.48 38.39 -99.21
N ILE W 155 -61.78 37.35 -98.44
CA ILE W 155 -61.13 36.07 -98.69
C ILE W 155 -61.63 35.47 -100.00
N ARG W 156 -62.85 35.83 -100.43
CA ARG W 156 -63.29 35.48 -101.77
C ARG W 156 -62.61 36.36 -102.82
N GLU W 157 -62.44 37.64 -102.52
CA GLU W 157 -61.86 38.57 -103.49
C GLU W 157 -60.41 38.18 -103.82
N GLU W 158 -59.62 37.85 -102.80
CA GLU W 158 -58.21 37.56 -103.00
C GLU W 158 -57.93 36.10 -103.34
N PHE W 159 -58.84 35.19 -102.99
CA PHE W 159 -58.70 33.77 -103.32
C PHE W 159 -59.94 33.29 -104.05
N PRO W 160 -59.99 33.42 -105.38
CA PRO W 160 -61.15 32.94 -106.13
C PRO W 160 -61.16 31.44 -106.36
N ASP W 161 -60.06 30.74 -106.06
CA ASP W 161 -59.97 29.30 -106.26
C ASP W 161 -60.03 28.52 -104.96
N ARG W 162 -60.12 29.20 -103.82
CA ARG W 162 -60.18 28.55 -102.52
C ARG W 162 -61.61 28.61 -101.97
N MET W 163 -62.14 27.47 -101.57
CA MET W 163 -63.45 27.44 -100.95
C MET W 163 -63.39 27.99 -99.54
N MET W 164 -64.56 28.25 -98.96
CA MET W 164 -64.66 28.81 -97.62
C MET W 164 -65.53 27.90 -96.76
N ALA W 165 -65.10 27.69 -95.52
CA ALA W 165 -65.84 26.90 -94.55
C ALA W 165 -66.27 27.79 -93.39
N THR W 166 -67.56 27.77 -93.08
CA THR W 166 -68.12 28.59 -92.01
C THR W 166 -68.85 27.70 -91.01
N PHE W 167 -68.67 28.02 -89.73
CA PHE W 167 -69.27 27.26 -88.63
C PHE W 167 -69.94 28.20 -87.64
N SER W 168 -70.75 29.12 -88.16
CA SER W 168 -71.45 30.07 -87.32
C SER W 168 -72.47 29.36 -86.44
N VAL W 169 -72.65 29.88 -85.23
CA VAL W 169 -73.59 29.32 -84.27
C VAL W 169 -74.94 29.99 -84.45
N LEU W 170 -75.96 29.21 -84.80
CA LEU W 170 -77.28 29.76 -85.08
C LEU W 170 -78.06 29.93 -83.79
N PRO W 171 -78.48 31.13 -83.43
CA PRO W 171 -79.31 31.31 -82.23
C PRO W 171 -80.66 30.63 -82.39
N SER W 172 -81.18 30.13 -81.27
CA SER W 172 -82.47 29.47 -81.29
C SER W 172 -83.60 30.49 -81.42
N PRO W 173 -84.70 30.12 -82.10
CA PRO W 173 -85.83 31.05 -82.24
C PRO W 173 -86.61 31.27 -80.96
N LYS W 174 -86.33 30.55 -79.88
CA LYS W 174 -87.05 30.68 -78.64
C LYS W 174 -86.29 31.40 -77.54
N THR W 175 -84.98 31.60 -77.69
CA THR W 175 -84.17 32.32 -76.72
C THR W 175 -83.74 33.65 -77.33
N SER W 176 -83.97 34.74 -76.59
CA SER W 176 -83.67 36.09 -77.06
C SER W 176 -82.79 36.79 -76.02
N ASP W 177 -81.48 36.69 -76.20
CA ASP W 177 -80.56 37.46 -75.35
C ASP W 177 -80.75 38.96 -75.57
N THR W 178 -80.91 39.37 -76.82
CA THR W 178 -81.20 40.75 -77.16
C THR W 178 -82.29 40.77 -78.23
N VAL W 179 -82.98 41.91 -78.32
CA VAL W 179 -84.11 42.04 -79.24
C VAL W 179 -83.67 41.99 -80.70
N VAL W 180 -82.40 42.27 -80.99
CA VAL W 180 -81.93 42.37 -82.36
C VAL W 180 -80.97 41.24 -82.72
N GLU W 181 -80.92 40.17 -81.92
CA GLU W 181 -80.07 39.04 -82.27
C GLU W 181 -80.49 38.37 -83.57
N PRO W 182 -81.76 38.00 -83.78
CA PRO W 182 -82.14 37.49 -85.11
C PRO W 182 -81.96 38.53 -86.21
N TYR W 183 -82.11 39.81 -85.88
CA TYR W 183 -81.89 40.86 -86.87
C TYR W 183 -80.46 40.84 -87.38
N ASN W 184 -79.49 40.78 -86.47
CA ASN W 184 -78.09 40.68 -86.86
C ASN W 184 -77.82 39.36 -87.59
N ALA W 185 -78.45 38.28 -87.13
CA ALA W 185 -78.26 36.98 -87.78
C ALA W 185 -78.69 37.03 -89.24
N THR W 186 -79.84 37.63 -89.51
CA THR W 186 -80.34 37.70 -90.88
C THR W 186 -79.55 38.70 -91.70
N LEU W 187 -79.13 39.82 -91.11
CA LEU W 187 -78.28 40.75 -91.85
C LEU W 187 -76.93 40.13 -92.18
N SER W 188 -76.50 39.13 -91.41
CA SER W 188 -75.27 38.42 -91.74
C SER W 188 -75.51 37.36 -92.82
N VAL W 189 -76.57 36.57 -92.70
CA VAL W 189 -76.85 35.55 -93.70
C VAL W 189 -77.26 36.17 -95.04
N HIS W 190 -77.62 37.45 -95.03
CA HIS W 190 -77.87 38.17 -96.28
C HIS W 190 -76.67 38.10 -97.22
N GLN W 191 -75.45 38.13 -96.68
CA GLN W 191 -74.25 37.98 -97.47
C GLN W 191 -73.58 36.63 -97.29
N LEU W 192 -73.91 35.89 -96.23
CA LEU W 192 -73.31 34.58 -96.02
C LEU W 192 -73.68 33.62 -97.14
N VAL W 193 -74.94 33.64 -97.56
CA VAL W 193 -75.37 32.75 -98.65
C VAL W 193 -74.71 33.13 -99.97
N GLU W 194 -74.39 34.41 -100.15
CA GLU W 194 -73.77 34.88 -101.39
C GLU W 194 -72.25 34.83 -101.36
N HIS W 195 -71.65 34.41 -100.25
CA HIS W 195 -70.20 34.41 -100.15
C HIS W 195 -69.61 33.14 -99.54
N SER W 196 -70.41 32.16 -99.14
CA SER W 196 -69.92 30.94 -98.53
C SER W 196 -70.28 29.74 -99.38
N ASP W 197 -69.47 28.68 -99.26
CA ASP W 197 -69.69 27.44 -100.00
C ASP W 197 -70.31 26.35 -99.17
N GLU W 198 -70.12 26.35 -97.86
CA GLU W 198 -70.75 25.37 -96.98
C GLU W 198 -70.77 25.92 -95.56
N THR W 199 -71.73 25.45 -94.77
CA THR W 199 -71.87 25.91 -93.40
C THR W 199 -72.52 24.81 -92.56
N PHE W 200 -72.36 24.94 -91.25
CA PHE W 200 -72.91 24.00 -90.28
C PHE W 200 -73.91 24.69 -89.37
N CYS W 201 -75.00 23.99 -89.06
CA CYS W 201 -76.03 24.51 -88.17
C CYS W 201 -75.71 24.08 -86.74
N ILE W 202 -75.42 25.06 -85.88
CA ILE W 202 -75.07 24.81 -84.49
C ILE W 202 -76.05 25.57 -83.60
N ASP W 203 -76.67 24.86 -82.65
CA ASP W 203 -77.61 25.45 -81.72
C ASP W 203 -77.20 25.08 -80.30
N ASN W 204 -77.12 26.09 -79.43
CA ASN W 204 -76.70 25.85 -78.05
C ASN W 204 -77.76 25.10 -77.25
N GLU W 205 -79.04 25.33 -77.55
CA GLU W 205 -80.10 24.63 -76.84
C GLU W 205 -80.08 23.13 -77.11
N ALA W 206 -79.71 22.73 -78.32
CA ALA W 206 -79.52 21.31 -78.60
C ALA W 206 -78.39 20.74 -77.76
N LEU W 207 -77.32 21.51 -77.59
CA LEU W 207 -76.22 21.09 -76.73
C LEU W 207 -76.69 20.93 -75.28
N TYR W 208 -77.51 21.86 -74.80
CA TYR W 208 -78.06 21.73 -73.45
C TYR W 208 -78.93 20.50 -73.33
N ASP W 209 -79.76 20.22 -74.35
CA ASP W 209 -80.62 19.04 -74.31
C ASP W 209 -79.81 17.76 -74.29
N ILE W 210 -78.76 17.68 -75.10
CA ILE W 210 -77.96 16.46 -75.13
C ILE W 210 -77.13 16.34 -73.84
N CYS W 211 -76.78 17.46 -73.21
CA CYS W 211 -76.09 17.38 -71.93
C CYS W 211 -77.02 16.89 -70.82
N GLN W 212 -78.26 17.37 -70.82
CA GLN W 212 -79.21 16.94 -69.79
C GLN W 212 -79.80 15.56 -70.07
N ARG W 213 -79.64 15.04 -71.28
CA ARG W 213 -80.16 13.71 -71.62
C ARG W 213 -79.13 12.61 -71.35
N THR W 214 -77.96 12.72 -71.99
CA THR W 214 -76.92 11.70 -71.87
C THR W 214 -75.83 12.07 -70.88
N LEU W 215 -75.35 13.32 -70.91
CA LEU W 215 -74.28 13.72 -70.01
C LEU W 215 -74.77 13.92 -68.59
N LYS W 216 -76.03 14.29 -68.41
CA LYS W 216 -76.58 14.62 -67.08
C LYS W 216 -75.75 15.70 -66.40
N LEU W 217 -75.35 16.70 -67.18
CA LEU W 217 -74.52 17.77 -66.65
C LEU W 217 -75.33 18.67 -65.72
N ASN W 218 -74.78 18.94 -64.54
CA ASN W 218 -75.47 19.76 -63.55
C ASN W 218 -75.16 21.25 -63.70
N GLN W 219 -73.94 21.59 -64.11
CA GLN W 219 -73.52 22.98 -64.23
C GLN W 219 -73.50 23.37 -65.70
N PRO W 220 -74.30 24.35 -66.13
CA PRO W 220 -74.26 24.77 -67.53
C PRO W 220 -72.97 25.51 -67.86
N SER W 221 -72.07 24.85 -68.58
CA SER W 221 -70.76 25.39 -68.89
C SER W 221 -70.54 25.40 -70.38
N TYR W 222 -70.04 26.52 -70.91
CA TYR W 222 -69.73 26.62 -72.33
C TYR W 222 -68.46 25.86 -72.70
N GLY W 223 -67.63 25.52 -71.71
CA GLY W 223 -66.40 24.81 -72.00
C GLY W 223 -66.62 23.40 -72.52
N ASP W 224 -67.55 22.67 -71.91
CA ASP W 224 -67.87 21.33 -72.38
C ASP W 224 -68.45 21.36 -73.79
N LEU W 225 -69.31 22.36 -74.06
CA LEU W 225 -69.89 22.49 -75.39
C LEU W 225 -68.81 22.80 -76.42
N ASN W 226 -67.85 23.67 -76.05
CA ASN W 226 -66.72 23.94 -76.92
C ASN W 226 -65.90 22.68 -77.15
N ASN W 227 -65.71 21.87 -76.11
CA ASN W 227 -64.97 20.62 -76.26
C ASN W 227 -65.68 19.70 -77.27
N LEU W 228 -67.00 19.59 -77.16
CA LEU W 228 -67.75 18.73 -78.08
C LEU W 228 -67.65 19.23 -79.51
N VAL W 229 -67.86 20.54 -79.73
CA VAL W 229 -67.82 21.05 -81.09
C VAL W 229 -66.41 20.99 -81.65
N SER W 230 -65.38 21.13 -80.80
CA SER W 230 -64.01 21.02 -81.29
C SER W 230 -63.65 19.58 -81.62
N SER W 231 -64.18 18.62 -80.87
CA SER W 231 -63.99 17.22 -81.23
C SER W 231 -64.64 16.91 -82.57
N VAL W 232 -65.84 17.46 -82.80
CA VAL W 232 -66.50 17.29 -84.10
C VAL W 232 -65.66 17.92 -85.21
N MET W 233 -65.15 19.13 -84.96
CA MET W 233 -64.36 19.83 -85.96
C MET W 233 -63.06 19.09 -86.29
N SER W 234 -62.41 18.51 -85.28
CA SER W 234 -61.26 17.67 -85.54
C SER W 234 -61.64 16.43 -86.33
N GLY W 235 -62.78 15.81 -85.99
CA GLY W 235 -63.21 14.61 -86.68
C GLY W 235 -63.51 14.79 -88.15
N VAL W 236 -64.02 15.96 -88.55
CA VAL W 236 -64.32 16.18 -89.97
C VAL W 236 -63.08 16.31 -90.82
N THR W 237 -61.90 16.46 -90.21
CA THR W 237 -60.65 16.54 -90.97
C THR W 237 -59.64 15.45 -90.61
N THR W 238 -59.96 14.57 -89.66
CA THR W 238 -59.10 13.41 -89.42
C THR W 238 -58.93 12.57 -90.68
N SER W 239 -59.96 12.51 -91.53
CA SER W 239 -59.85 11.76 -92.77
C SER W 239 -58.78 12.34 -93.69
N LEU W 240 -58.70 13.67 -93.76
CA LEU W 240 -57.68 14.30 -94.58
C LEU W 240 -56.30 14.12 -93.97
N ARG W 241 -56.16 14.37 -92.67
CA ARG W 241 -54.83 14.35 -92.07
C ARG W 241 -54.43 12.96 -91.58
N TYR W 242 -55.27 11.94 -91.75
CA TYR W 242 -54.89 10.56 -91.47
C TYR W 242 -55.47 9.68 -92.59
N PRO W 243 -54.62 8.98 -93.35
CA PRO W 243 -55.13 8.19 -94.48
C PRO W 243 -56.03 7.05 -94.04
N GLY W 244 -57.00 6.74 -94.89
CA GLY W 244 -57.88 5.60 -94.67
C GLY W 244 -58.27 4.95 -95.99
N GLN W 245 -59.39 4.23 -96.00
CA GLN W 245 -59.87 3.67 -97.26
C GLN W 245 -60.28 4.75 -98.24
N LEU W 246 -60.95 5.80 -97.75
CA LEU W 246 -61.39 6.92 -98.59
C LEU W 246 -61.16 8.21 -97.82
N ASN W 247 -60.08 8.92 -98.15
CA ASN W 247 -59.83 10.23 -97.54
C ASN W 247 -60.83 11.25 -98.07
N SER W 248 -61.29 12.12 -97.17
CA SER W 248 -62.28 13.13 -97.51
C SER W 248 -61.69 14.52 -97.33
N ASP W 249 -62.05 15.42 -98.23
CA ASP W 249 -61.60 16.80 -98.22
C ASP W 249 -62.82 17.72 -98.30
N LEU W 250 -62.60 18.98 -97.92
CA LEU W 250 -63.70 19.96 -97.94
C LEU W 250 -64.25 20.14 -99.35
N ARG W 251 -63.37 20.12 -100.35
CA ARG W 251 -63.84 20.17 -101.73
C ARG W 251 -64.65 18.93 -102.09
N LYS W 252 -64.31 17.78 -101.48
CA LYS W 252 -65.13 16.59 -101.67
C LYS W 252 -66.50 16.75 -101.04
N LEU W 253 -66.57 17.42 -99.88
CA LEU W 253 -67.86 17.78 -99.31
C LEU W 253 -68.65 18.68 -100.26
N ALA W 254 -67.99 19.66 -100.86
CA ALA W 254 -68.68 20.54 -101.80
C ALA W 254 -69.18 19.76 -103.01
N VAL W 255 -68.38 18.83 -103.53
CA VAL W 255 -68.76 18.07 -104.71
C VAL W 255 -69.92 17.13 -104.40
N ASN W 256 -69.82 16.38 -103.30
CA ASN W 256 -70.78 15.31 -103.01
C ASN W 256 -71.95 15.78 -102.17
N LEU W 257 -71.68 16.30 -100.97
CA LEU W 257 -72.76 16.66 -100.04
C LEU W 257 -73.58 17.85 -100.55
N VAL W 258 -72.92 18.89 -101.04
CA VAL W 258 -73.62 20.09 -101.51
C VAL W 258 -74.34 19.76 -102.81
N PRO W 259 -75.64 20.03 -102.93
CA PRO W 259 -76.33 19.81 -104.21
C PRO W 259 -76.06 20.92 -105.20
N PHE W 260 -75.90 22.14 -104.70
CA PHE W 260 -75.53 23.33 -105.48
C PHE W 260 -75.13 24.43 -104.52
N PRO W 261 -74.29 25.38 -104.93
CA PRO W 261 -73.74 26.34 -103.96
C PRO W 261 -74.78 27.20 -103.26
N ARG W 262 -75.98 27.37 -103.84
CA ARG W 262 -77.03 28.11 -103.15
C ARG W 262 -77.47 27.41 -101.88
N LEU W 263 -77.62 26.09 -101.92
CA LEU W 263 -78.02 25.30 -100.76
C LEU W 263 -76.77 24.68 -100.15
N HIS W 264 -76.35 25.19 -98.99
CA HIS W 264 -75.14 24.70 -98.33
C HIS W 264 -75.31 24.57 -96.83
N PHE W 265 -76.54 24.49 -96.32
CA PHE W 265 -76.80 24.38 -94.90
C PHE W 265 -76.81 22.91 -94.48
N PHE W 266 -76.04 22.59 -93.45
CA PHE W 266 -75.92 21.22 -92.95
C PHE W 266 -76.22 21.18 -91.46
N MET W 267 -76.80 20.06 -91.03
CA MET W 267 -76.96 19.78 -89.61
C MET W 267 -75.88 18.81 -89.16
N VAL W 268 -75.42 18.96 -87.93
CA VAL W 268 -74.28 18.22 -87.42
C VAL W 268 -74.74 17.21 -86.38
N GLY W 269 -74.24 15.99 -86.49
CA GLY W 269 -74.49 14.97 -85.49
C GLY W 269 -73.20 14.27 -85.13
N TYR W 270 -73.09 13.90 -83.86
CA TYR W 270 -71.87 13.30 -83.34
C TYR W 270 -72.21 12.03 -82.55
N ALA W 271 -71.26 11.11 -82.54
CA ALA W 271 -71.39 9.84 -81.82
C ALA W 271 -69.99 9.34 -81.48
N PRO W 272 -69.81 8.63 -80.37
CA PRO W 272 -70.85 8.26 -79.39
C PRO W 272 -71.15 9.38 -78.38
N LEU W 273 -72.41 9.49 -77.99
CA LEU W 273 -72.83 10.45 -76.98
C LEU W 273 -73.00 9.75 -75.63
N THR W 274 -71.86 9.45 -75.01
CA THR W 274 -71.81 8.73 -73.75
C THR W 274 -71.12 9.57 -72.69
N ALA W 275 -71.47 9.32 -71.43
CA ALA W 275 -70.94 10.06 -70.30
C ALA W 275 -70.27 9.11 -69.32
N ILE W 276 -69.65 9.70 -68.29
CA ILE W 276 -69.03 8.91 -67.24
C ILE W 276 -70.10 8.16 -66.45
N GLY W 277 -69.84 6.89 -66.17
CA GLY W 277 -70.80 6.02 -65.53
C GLY W 277 -71.49 5.05 -66.46
N SER W 278 -71.31 5.19 -67.77
CA SER W 278 -71.86 4.27 -68.75
C SER W 278 -70.77 3.65 -69.62
N GLN W 279 -69.49 3.93 -69.34
CA GLN W 279 -68.41 3.43 -70.17
C GLN W 279 -68.16 1.94 -69.97
N SER W 280 -68.45 1.40 -68.80
CA SER W 280 -68.21 -0.01 -68.50
C SER W 280 -69.43 -0.89 -68.78
N PHE W 281 -70.49 -0.32 -69.36
CA PHE W 281 -71.72 -1.05 -69.60
C PHE W 281 -72.14 -1.09 -71.07
N ARG W 282 -71.50 -0.35 -71.97
CA ARG W 282 -71.83 -0.39 -73.38
C ARG W 282 -70.71 -1.04 -74.18
N SER W 283 -71.09 -1.60 -75.33
CA SER W 283 -70.16 -2.03 -76.35
C SER W 283 -70.14 -0.98 -77.45
N LEU W 284 -68.98 -0.33 -77.63
CA LEU W 284 -68.85 0.72 -78.63
C LEU W 284 -68.54 0.09 -79.97
N THR W 285 -69.56 0.00 -80.83
CA THR W 285 -69.44 -0.67 -82.11
C THR W 285 -70.04 0.22 -83.20
N VAL W 286 -69.77 -0.16 -84.45
CA VAL W 286 -70.32 0.58 -85.59
C VAL W 286 -71.84 0.61 -85.59
N PRO W 287 -72.56 -0.50 -85.41
CA PRO W 287 -74.03 -0.41 -85.41
C PRO W 287 -74.57 0.53 -84.36
N GLU W 288 -74.05 0.49 -83.13
CA GLU W 288 -74.52 1.36 -82.07
C GLU W 288 -74.29 2.82 -82.42
N LEU W 289 -73.11 3.13 -82.96
CA LEU W 289 -72.84 4.48 -83.46
C LEU W 289 -73.83 4.86 -84.54
N THR W 290 -74.28 3.89 -85.34
CA THR W 290 -75.24 4.19 -86.40
C THR W 290 -76.61 4.53 -85.84
N GLN W 291 -77.13 3.73 -84.89
CA GLN W 291 -78.41 4.11 -84.30
C GLN W 291 -78.30 5.41 -83.52
N GLN W 292 -77.12 5.73 -82.99
CA GLN W 292 -76.91 7.04 -82.41
C GLN W 292 -76.83 8.14 -83.45
N MET W 293 -76.49 7.79 -84.69
CA MET W 293 -76.39 8.79 -85.75
C MET W 293 -77.77 9.22 -86.24
N PHE W 294 -78.63 8.26 -86.56
CA PHE W 294 -79.96 8.55 -87.07
C PHE W 294 -80.98 8.79 -85.97
N ASP W 295 -80.56 8.74 -84.70
CA ASP W 295 -81.46 9.07 -83.60
C ASP W 295 -81.91 10.52 -83.71
N ALA W 296 -83.21 10.74 -83.50
CA ALA W 296 -83.79 12.06 -83.70
C ALA W 296 -83.39 13.07 -82.65
N LYS W 297 -82.72 12.65 -81.59
CA LYS W 297 -82.33 13.54 -80.50
C LYS W 297 -80.82 13.71 -80.39
N ASN W 298 -80.07 13.44 -81.46
CA ASN W 298 -78.62 13.50 -81.43
C ASN W 298 -78.01 14.58 -82.31
N MET W 299 -78.77 15.12 -83.26
CA MET W 299 -78.26 16.21 -84.09
C MET W 299 -78.47 17.55 -83.38
N MET W 300 -77.71 18.54 -83.81
CA MET W 300 -77.70 19.86 -83.18
C MET W 300 -78.23 20.96 -84.09
N ALA W 301 -79.20 20.63 -84.95
CA ALA W 301 -79.75 21.64 -85.86
C ALA W 301 -80.50 22.74 -85.10
N ALA W 302 -81.44 22.40 -84.20
CA ALA W 302 -81.97 21.05 -83.94
C ALA W 302 -83.43 20.99 -84.39
N ALA W 303 -83.74 20.03 -85.26
CA ALA W 303 -85.07 19.88 -85.82
C ALA W 303 -85.48 18.42 -85.79
N ASP W 304 -86.60 18.12 -86.44
CA ASP W 304 -87.18 16.79 -86.41
C ASP W 304 -86.86 16.07 -87.71
N PRO W 305 -86.07 14.99 -87.69
CA PRO W 305 -85.67 14.34 -88.94
C PRO W 305 -86.72 13.40 -89.52
N ARG W 306 -87.51 12.73 -88.70
CA ARG W 306 -88.45 11.75 -89.22
C ARG W 306 -89.79 12.35 -89.60
N ASN W 307 -89.98 13.65 -89.42
CA ASN W 307 -91.14 14.33 -89.97
C ASN W 307 -90.90 14.89 -91.36
N GLY W 308 -89.63 15.03 -91.75
CA GLY W 308 -89.28 15.44 -93.10
C GLY W 308 -88.61 14.33 -93.86
N ARG W 309 -87.56 14.64 -94.62
CA ARG W 309 -86.81 13.62 -95.32
C ARG W 309 -85.40 14.15 -95.62
N TYR W 310 -84.47 13.23 -95.79
CA TYR W 310 -83.10 13.61 -96.12
C TYR W 310 -82.93 13.72 -97.64
N LEU W 311 -82.00 14.58 -98.04
CA LEU W 311 -81.59 14.69 -99.43
C LEU W 311 -80.30 13.96 -99.73
N THR W 312 -79.32 14.03 -98.82
CA THR W 312 -78.10 13.25 -98.92
C THR W 312 -77.44 13.22 -97.54
N VAL W 313 -76.94 12.06 -97.14
CA VAL W 313 -76.31 11.90 -95.85
C VAL W 313 -74.89 11.38 -96.05
N ALA W 314 -74.03 11.65 -95.07
CA ALA W 314 -72.64 11.26 -95.15
C ALA W 314 -72.17 10.72 -93.82
N ALA W 315 -71.16 9.85 -93.88
CA ALA W 315 -70.57 9.25 -92.68
C ALA W 315 -69.07 9.46 -92.72
N PHE W 316 -68.51 9.94 -91.60
CA PHE W 316 -67.08 10.21 -91.47
C PHE W 316 -66.57 9.41 -90.26
N PHE W 317 -66.14 8.19 -90.52
CA PHE W 317 -65.78 7.26 -89.46
C PHE W 317 -64.31 7.39 -89.08
N ARG W 318 -64.02 7.07 -87.82
CA ARG W 318 -62.68 7.19 -87.26
C ARG W 318 -62.32 5.91 -86.52
N GLY W 319 -61.03 5.57 -86.55
CA GLY W 319 -60.51 4.46 -85.78
C GLY W 319 -60.36 3.19 -86.60
N LYS W 320 -59.89 2.16 -85.90
CA LYS W 320 -59.69 0.84 -86.50
C LYS W 320 -61.05 0.21 -86.78
N VAL W 321 -61.48 0.25 -88.05
CA VAL W 321 -62.77 -0.29 -88.44
C VAL W 321 -62.58 -1.15 -89.70
N SER W 322 -63.31 -2.26 -89.73
CA SER W 322 -63.34 -3.12 -90.91
C SER W 322 -64.31 -2.56 -91.94
N VAL W 323 -64.02 -2.85 -93.21
CA VAL W 323 -64.86 -2.33 -94.29
C VAL W 323 -66.24 -2.98 -94.28
N LYS W 324 -66.34 -4.21 -93.79
CA LYS W 324 -67.60 -4.95 -93.90
C LYS W 324 -68.65 -4.44 -92.92
N GLU W 325 -68.24 -4.06 -91.71
CA GLU W 325 -69.20 -3.61 -90.71
C GLU W 325 -69.96 -2.38 -91.18
N VAL W 326 -69.23 -1.38 -91.68
CA VAL W 326 -69.85 -0.11 -92.04
C VAL W 326 -70.78 -0.29 -93.24
N GLU W 327 -70.35 -1.04 -94.25
CA GLU W 327 -71.20 -1.25 -95.42
C GLU W 327 -72.40 -2.11 -95.08
N ASP W 328 -72.24 -3.11 -94.22
CA ASP W 328 -73.38 -3.94 -93.82
C ASP W 328 -74.41 -3.11 -93.07
N GLU W 329 -73.96 -2.26 -92.14
CA GLU W 329 -74.88 -1.37 -91.44
C GLU W 329 -75.52 -0.37 -92.39
N MET W 330 -74.80 0.04 -93.44
CA MET W 330 -75.38 0.96 -94.41
C MET W 330 -76.45 0.27 -95.25
N HIS W 331 -76.24 -1.00 -95.61
CA HIS W 331 -77.32 -1.79 -96.21
C HIS W 331 -78.52 -1.86 -95.28
N LYS W 332 -78.27 -2.09 -93.99
CA LYS W 332 -79.38 -2.20 -93.04
C LYS W 332 -80.18 -0.91 -92.98
N VAL W 333 -79.50 0.23 -92.89
CA VAL W 333 -80.22 1.50 -92.77
C VAL W 333 -80.91 1.86 -94.09
N GLN W 334 -80.28 1.55 -95.22
CA GLN W 334 -80.94 1.81 -96.50
C GLN W 334 -82.15 0.89 -96.71
N SER W 335 -82.15 -0.28 -96.08
CA SER W 335 -83.31 -1.16 -96.17
C SER W 335 -84.44 -0.70 -95.25
N LYS W 336 -84.12 -0.30 -94.02
CA LYS W 336 -85.15 0.07 -93.07
C LYS W 336 -85.54 1.55 -93.15
N ASN W 337 -84.64 2.42 -93.58
CA ASN W 337 -84.90 3.86 -93.66
C ASN W 337 -85.04 4.34 -95.10
N SER W 338 -85.57 3.48 -95.99
CA SER W 338 -85.64 3.83 -97.41
C SER W 338 -86.66 4.92 -97.67
N ASP W 339 -87.69 5.04 -96.82
CA ASP W 339 -88.77 6.00 -97.09
C ASP W 339 -88.28 7.44 -97.03
N TYR W 340 -87.38 7.75 -96.11
CA TYR W 340 -86.95 9.14 -95.88
C TYR W 340 -85.78 9.56 -96.76
N PHE W 341 -85.26 8.66 -97.60
CA PHE W 341 -84.24 9.04 -98.57
C PHE W 341 -84.89 9.49 -99.87
N VAL W 342 -84.24 10.43 -100.55
CA VAL W 342 -84.76 10.92 -101.82
C VAL W 342 -84.74 9.80 -102.86
N GLU W 343 -85.73 9.83 -103.76
CA GLU W 343 -85.92 8.79 -104.75
C GLU W 343 -85.22 9.08 -106.07
N TRP W 344 -84.12 9.83 -106.03
CA TRP W 344 -83.40 10.17 -107.25
C TRP W 344 -81.88 9.99 -107.16
N ILE W 345 -81.32 9.67 -106.01
CA ILE W 345 -79.88 9.41 -105.93
C ILE W 345 -79.56 7.98 -106.37
N PRO W 346 -80.23 6.94 -105.84
CA PRO W 346 -81.21 6.84 -104.74
C PRO W 346 -80.55 6.43 -103.43
N ASN W 347 -79.23 6.21 -103.47
CA ASN W 347 -78.48 5.74 -102.31
C ASN W 347 -77.71 6.93 -101.74
N ASN W 348 -78.33 7.61 -100.78
CA ASN W 348 -77.74 8.77 -100.15
C ASN W 348 -76.66 8.31 -99.19
N VAL W 349 -75.40 8.38 -99.62
CA VAL W 349 -74.29 7.86 -98.83
C VAL W 349 -72.99 8.48 -99.30
N GLN W 350 -72.16 8.87 -98.34
CA GLN W 350 -70.77 9.27 -98.56
C GLN W 350 -69.96 8.80 -97.37
N THR W 351 -68.93 7.98 -97.62
CA THR W 351 -68.19 7.33 -96.56
C THR W 351 -66.74 7.78 -96.57
N ALA W 352 -66.17 7.91 -95.36
CA ALA W 352 -64.77 8.24 -95.19
C ALA W 352 -64.22 7.46 -94.01
N VAL W 353 -62.97 7.01 -94.12
CA VAL W 353 -62.35 6.17 -93.10
C VAL W 353 -61.12 6.88 -92.56
N CYS W 354 -61.01 6.94 -91.23
CA CYS W 354 -59.86 7.50 -90.55
C CYS W 354 -59.12 6.40 -89.81
N SER W 355 -57.79 6.54 -89.71
CA SER W 355 -56.97 5.50 -89.11
C SER W 355 -56.90 5.61 -87.59
N VAL W 356 -56.47 6.75 -87.07
CA VAL W 356 -56.23 6.90 -85.64
C VAL W 356 -57.55 6.99 -84.90
N ALA W 357 -57.55 6.53 -83.66
CA ALA W 357 -58.72 6.58 -82.80
C ALA W 357 -58.89 7.97 -82.19
N PRO W 358 -60.13 8.37 -81.90
CA PRO W 358 -60.36 9.67 -81.28
C PRO W 358 -59.76 9.72 -79.87
N GLN W 359 -59.37 10.93 -79.46
CA GLN W 359 -58.83 11.13 -78.13
C GLN W 359 -59.93 10.94 -77.09
N GLY W 360 -59.60 10.19 -76.02
CA GLY W 360 -60.56 9.93 -74.98
C GLY W 360 -61.63 8.92 -75.32
N LEU W 361 -61.52 8.26 -76.47
CA LEU W 361 -62.52 7.30 -76.91
C LEU W 361 -61.84 6.26 -77.78
N ASP W 362 -62.62 5.26 -78.20
CA ASP W 362 -62.13 4.20 -79.07
C ASP W 362 -62.57 4.37 -80.52
N MET W 363 -63.87 4.57 -80.73
CA MET W 363 -64.44 4.68 -82.07
C MET W 363 -65.43 5.83 -82.06
N ALA W 364 -65.41 6.64 -83.12
CA ALA W 364 -66.27 7.81 -83.19
C ALA W 364 -66.51 8.18 -84.65
N ALA W 365 -67.48 9.08 -84.84
CA ALA W 365 -67.87 9.49 -86.19
C ALA W 365 -68.57 10.84 -86.11
N THR W 366 -68.73 11.45 -87.28
CA THR W 366 -69.49 12.69 -87.44
C THR W 366 -70.56 12.51 -88.51
N PHE W 367 -71.63 13.28 -88.38
CA PHE W 367 -72.80 13.16 -89.25
C PHE W 367 -73.00 14.48 -89.99
N ILE W 368 -72.96 14.42 -91.32
CA ILE W 368 -73.24 15.58 -92.18
C ILE W 368 -74.29 15.16 -93.19
N ALA W 369 -75.35 15.95 -93.31
CA ALA W 369 -76.46 15.59 -94.17
C ALA W 369 -77.21 16.84 -94.61
N ASN W 370 -78.14 16.65 -95.55
CA ASN W 370 -79.05 17.70 -96.01
C ASN W 370 -80.48 17.19 -95.87
N SER W 371 -81.31 17.94 -95.15
CA SER W 371 -82.73 17.65 -95.01
C SER W 371 -83.53 18.91 -95.31
N THR W 372 -84.85 18.77 -95.24
CA THR W 372 -85.75 19.89 -95.49
C THR W 372 -86.22 20.58 -94.22
N SER W 373 -85.53 20.36 -93.10
CA SER W 373 -85.96 20.90 -91.81
C SER W 373 -85.36 22.27 -91.50
N ILE W 374 -84.45 22.78 -92.32
CA ILE W 374 -83.84 24.08 -92.05
C ILE W 374 -84.76 25.20 -92.49
N GLN W 375 -85.61 24.95 -93.49
CA GLN W 375 -86.59 25.94 -93.92
C GLN W 375 -87.58 26.26 -92.80
N GLU W 376 -87.82 25.31 -91.89
CA GLU W 376 -88.66 25.60 -90.73
C GLU W 376 -88.04 26.65 -89.84
N LEU W 377 -86.74 26.52 -89.55
CA LEU W 377 -86.05 27.54 -88.76
C LEU W 377 -86.06 28.88 -89.51
N PHE W 378 -85.85 28.85 -90.82
CA PHE W 378 -85.86 30.08 -91.60
C PHE W 378 -87.22 30.77 -91.53
N LYS W 379 -88.31 30.01 -91.67
CA LYS W 379 -89.63 30.64 -91.59
C LYS W 379 -89.94 31.09 -90.18
N ARG W 380 -89.42 30.40 -89.16
CA ARG W 380 -89.59 30.90 -87.80
C ARG W 380 -88.95 32.27 -87.63
N VAL W 381 -87.72 32.42 -88.12
CA VAL W 381 -87.05 33.72 -88.03
C VAL W 381 -87.78 34.77 -88.85
N GLY W 382 -88.24 34.40 -90.05
CA GLY W 382 -88.98 35.34 -90.87
C GLY W 382 -90.28 35.78 -90.22
N ASP W 383 -90.99 34.86 -89.56
CA ASP W 383 -92.21 35.21 -88.84
C ASP W 383 -91.90 36.10 -87.65
N GLN W 384 -90.77 35.84 -86.97
CA GLN W 384 -90.36 36.74 -85.89
C GLN W 384 -90.13 38.15 -86.40
N PHE W 385 -89.52 38.29 -87.57
CA PHE W 385 -89.38 39.61 -88.18
C PHE W 385 -90.74 40.21 -88.52
N SER W 386 -91.59 39.45 -89.19
CA SER W 386 -92.88 39.96 -89.62
C SER W 386 -93.79 40.31 -88.45
N ALA W 387 -93.49 39.79 -87.26
CA ALA W 387 -94.26 40.14 -86.07
C ALA W 387 -93.65 41.34 -85.34
N MET W 388 -92.39 41.24 -84.93
CA MET W 388 -91.79 42.26 -84.09
C MET W 388 -91.46 43.54 -84.86
N PHE W 389 -90.91 43.41 -86.07
CA PHE W 389 -90.32 44.53 -86.77
C PHE W 389 -91.31 45.35 -87.59
N LYS W 390 -92.59 45.00 -87.58
CA LYS W 390 -93.59 45.83 -88.23
C LYS W 390 -93.91 47.09 -87.44
N ARG W 391 -93.55 47.13 -86.15
CA ARG W 391 -93.77 48.31 -85.34
C ARG W 391 -92.66 49.35 -85.52
N LYS W 392 -91.55 48.98 -86.15
CA LYS W 392 -90.41 49.87 -86.34
C LYS W 392 -89.92 50.44 -85.02
N ALA W 393 -89.83 49.56 -84.02
CA ALA W 393 -89.36 49.93 -82.69
C ALA W 393 -87.87 49.62 -82.58
N PHE W 394 -87.09 50.60 -82.13
CA PHE W 394 -85.64 50.50 -82.00
C PHE W 394 -84.96 50.19 -83.34
N LEU W 395 -85.63 50.51 -84.45
CA LEU W 395 -85.09 50.27 -85.78
C LEU W 395 -84.28 51.45 -86.31
N HIS W 396 -84.41 52.62 -85.69
CA HIS W 396 -83.66 53.80 -86.14
C HIS W 396 -82.17 53.68 -85.87
N TRP W 397 -81.78 52.81 -84.92
CA TRP W 397 -80.36 52.68 -84.58
C TRP W 397 -79.53 52.21 -85.78
N TYR W 398 -80.16 51.53 -86.73
CA TYR W 398 -79.48 51.07 -87.94
C TYR W 398 -79.69 52.00 -89.13
N THR W 399 -80.90 52.53 -89.30
CA THR W 399 -81.15 53.47 -90.39
C THR W 399 -80.44 54.80 -90.20
N SER W 400 -79.94 55.07 -88.99
CA SER W 400 -79.19 56.31 -88.76
C SER W 400 -77.91 56.34 -89.59
N GLU W 401 -77.34 55.18 -89.89
CA GLU W 401 -76.10 55.10 -90.65
C GLU W 401 -76.33 54.94 -92.15
N GLY W 402 -77.58 54.84 -92.59
CA GLY W 402 -77.87 54.77 -94.02
C GLY W 402 -78.42 53.44 -94.49
N MET W 403 -79.16 52.75 -93.62
CA MET W 403 -79.80 51.51 -93.99
C MET W 403 -81.16 51.77 -94.61
N ASP W 404 -81.51 51.00 -95.64
CA ASP W 404 -82.78 51.14 -96.34
C ASP W 404 -83.60 49.86 -96.20
N GLU W 405 -84.91 50.02 -96.34
CA GLU W 405 -85.82 48.87 -96.28
C GLU W 405 -85.62 47.93 -97.46
N LEU W 406 -84.96 48.39 -98.52
CA LEU W 406 -84.70 47.53 -99.67
C LEU W 406 -83.84 46.34 -99.30
N GLU W 407 -82.84 46.56 -98.43
CA GLU W 407 -81.98 45.46 -98.00
C GLU W 407 -82.77 44.41 -97.23
N PHE W 408 -83.66 44.85 -96.32
CA PHE W 408 -84.46 43.90 -95.55
C PHE W 408 -85.44 43.15 -96.43
N SER W 409 -86.06 43.84 -97.39
CA SER W 409 -86.96 43.15 -98.33
C SER W 409 -86.19 42.14 -99.17
N GLU W 410 -84.96 42.50 -99.58
CA GLU W 410 -84.14 41.56 -100.34
C GLU W 410 -83.74 40.36 -99.50
N ALA W 411 -83.46 40.57 -98.21
CA ALA W 411 -83.17 39.44 -97.34
C ALA W 411 -84.38 38.53 -97.18
N GLU W 412 -85.58 39.12 -97.06
CA GLU W 412 -86.79 38.31 -97.00
C GLU W 412 -87.00 37.53 -98.29
N SER W 413 -86.72 38.16 -99.44
CA SER W 413 -86.79 37.44 -100.71
C SER W 413 -85.76 36.31 -100.74
N ASN W 414 -84.57 36.54 -100.18
CA ASN W 414 -83.54 35.51 -100.14
C ASN W 414 -83.99 34.31 -99.31
N MET W 415 -84.61 34.55 -98.15
CA MET W 415 -85.05 33.44 -97.33
C MET W 415 -86.24 32.72 -97.98
N ASN W 416 -87.09 33.46 -98.69
CA ASN W 416 -88.13 32.82 -99.50
C ASN W 416 -87.52 31.93 -100.57
N ASP W 417 -86.46 32.40 -101.23
CA ASP W 417 -85.79 31.59 -102.23
C ASP W 417 -85.15 30.36 -101.63
N LEU W 418 -84.57 30.49 -100.43
CA LEU W 418 -84.02 29.34 -99.74
C LEU W 418 -85.10 28.31 -99.40
N VAL W 419 -86.27 28.79 -98.96
CA VAL W 419 -87.38 27.88 -98.69
C VAL W 419 -87.80 27.16 -99.97
N SER W 420 -87.92 27.91 -101.07
CA SER W 420 -88.31 27.30 -102.34
C SER W 420 -87.28 26.25 -102.79
N GLU W 421 -85.99 26.54 -102.59
CA GLU W 421 -84.96 25.55 -102.86
C GLU W 421 -85.11 24.33 -101.97
N TYR W 422 -85.49 24.53 -100.71
CA TYR W 422 -85.81 23.44 -99.81
C TYR W 422 -87.12 22.73 -100.17
N GLN W 423 -87.79 23.16 -101.24
CA GLN W 423 -89.02 22.54 -101.71
C GLN W 423 -88.93 22.21 -103.19
N GLN W 424 -87.85 21.56 -103.62
CA GLN W 424 -87.64 21.23 -105.03
C GLN W 424 -87.69 19.75 -105.38
N TYR W 425 -87.00 18.82 -104.69
CA TYR W 425 -86.44 18.79 -103.32
C TYR W 425 -87.52 19.06 -102.27
N GLN W 426 -88.70 18.48 -102.50
CA GLN W 426 -89.82 18.65 -101.59
C GLN W 426 -89.55 17.92 -100.27
N GLU W 427 -90.24 18.37 -99.22
CA GLU W 427 -90.11 17.77 -97.90
C GLU W 427 -90.83 16.43 -97.84
N MET X 1 -82.31 -18.19 -81.96
CA MET X 1 -83.65 -17.80 -81.53
C MET X 1 -83.83 -18.19 -80.07
N ARG X 2 -83.07 -17.56 -79.18
CA ARG X 2 -83.06 -17.92 -77.77
C ARG X 2 -83.17 -16.75 -76.82
N GLU X 3 -82.75 -15.54 -77.23
CA GLU X 3 -82.66 -14.42 -76.29
C GLU X 3 -84.03 -14.04 -75.75
N ILE X 4 -84.07 -13.74 -74.45
CA ILE X 4 -85.30 -13.41 -73.74
C ILE X 4 -85.11 -12.06 -73.07
N ILE X 5 -86.08 -11.17 -73.23
CA ILE X 5 -86.09 -9.87 -72.57
C ILE X 5 -87.11 -9.92 -71.44
N HIS X 6 -86.67 -9.64 -70.22
CA HIS X 6 -87.49 -9.76 -69.02
C HIS X 6 -88.04 -8.37 -68.67
N ILE X 7 -89.34 -8.21 -68.85
CA ILE X 7 -90.00 -6.96 -68.49
C ILE X 7 -90.55 -7.06 -67.07
N SER X 8 -90.31 -6.02 -66.27
CA SER X 8 -90.73 -5.99 -64.88
C SER X 8 -91.58 -4.75 -64.63
N THR X 9 -92.72 -4.95 -63.97
CA THR X 9 -93.59 -3.84 -63.60
C THR X 9 -94.36 -4.22 -62.34
N GLY X 10 -94.84 -3.22 -61.63
CA GLY X 10 -95.59 -3.42 -60.42
C GLY X 10 -94.71 -3.55 -59.19
N GLN X 11 -95.34 -3.36 -58.03
CA GLN X 11 -94.60 -3.45 -56.76
C GLN X 11 -94.10 -4.87 -56.52
N CYS X 12 -94.99 -5.85 -56.65
CA CYS X 12 -94.57 -7.25 -56.50
C CYS X 12 -93.73 -7.70 -57.67
N GLY X 13 -93.99 -7.16 -58.87
CA GLY X 13 -93.24 -7.57 -60.03
C GLY X 13 -91.76 -7.25 -59.94
N ASN X 14 -91.43 -6.10 -59.36
CA ASN X 14 -90.03 -5.72 -59.19
C ASN X 14 -89.31 -6.72 -58.30
N GLN X 15 -89.93 -7.10 -57.19
CA GLN X 15 -89.30 -8.06 -56.27
C GLN X 15 -89.15 -9.42 -56.94
N ILE X 16 -90.17 -9.87 -57.66
CA ILE X 16 -90.11 -11.17 -58.34
C ILE X 16 -89.00 -11.16 -59.38
N GLY X 17 -88.92 -10.08 -60.17
CA GLY X 17 -87.87 -9.99 -61.18
C GLY X 17 -86.49 -9.94 -60.58
N ALA X 18 -86.32 -9.19 -59.49
CA ALA X 18 -85.02 -9.14 -58.83
C ALA X 18 -84.61 -10.52 -58.33
N ALA X 19 -85.52 -11.20 -57.62
CA ALA X 19 -85.22 -12.53 -57.10
C ALA X 19 -84.90 -13.51 -58.22
N PHE X 20 -85.64 -13.41 -59.34
CA PHE X 20 -85.30 -14.20 -60.52
C PHE X 20 -83.90 -13.89 -60.99
N TRP X 21 -83.48 -12.63 -60.90
CA TRP X 21 -82.13 -12.26 -61.32
C TRP X 21 -81.07 -12.89 -60.43
N GLU X 22 -81.26 -12.86 -59.11
CA GLU X 22 -80.26 -13.53 -58.26
C GLU X 22 -80.27 -15.04 -58.50
N THR X 23 -81.45 -15.64 -58.68
CA THR X 23 -81.48 -17.08 -58.96
C THR X 23 -80.75 -17.42 -60.25
N ILE X 24 -80.94 -16.60 -61.28
CA ILE X 24 -80.25 -16.83 -62.55
C ILE X 24 -78.74 -16.71 -62.36
N CYS X 25 -78.28 -15.61 -61.76
CA CYS X 25 -76.85 -15.38 -61.60
C CYS X 25 -76.21 -16.43 -60.68
N GLY X 26 -76.99 -17.04 -59.80
CA GLY X 26 -76.45 -18.12 -58.99
C GLY X 26 -76.48 -19.48 -59.67
N GLU X 27 -77.46 -19.71 -60.54
CA GLU X 27 -77.58 -21.02 -61.17
C GLU X 27 -76.56 -21.20 -62.29
N HIS X 28 -76.23 -20.13 -63.03
CA HIS X 28 -75.17 -20.27 -64.03
C HIS X 28 -73.81 -19.83 -63.50
N GLY X 29 -73.78 -18.94 -62.52
CA GLY X 29 -72.54 -18.54 -61.90
C GLY X 29 -71.96 -17.27 -62.49
N LEU X 30 -72.11 -16.15 -61.78
CA LEU X 30 -71.54 -14.88 -62.22
C LEU X 30 -71.50 -13.94 -61.03
N ASP X 31 -70.30 -13.55 -60.61
CA ASP X 31 -70.17 -12.60 -59.52
C ASP X 31 -70.52 -11.20 -60.00
N PHE X 32 -70.90 -10.34 -59.04
CA PHE X 32 -71.43 -9.03 -59.36
C PHE X 32 -70.36 -8.04 -59.81
N ASN X 33 -69.07 -8.37 -59.68
CA ASN X 33 -68.00 -7.48 -60.09
C ASN X 33 -67.54 -7.75 -61.52
N GLY X 34 -68.16 -8.71 -62.21
CA GLY X 34 -67.79 -9.01 -63.58
C GLY X 34 -66.72 -10.07 -63.70
N THR X 35 -66.83 -11.13 -62.91
CA THR X 35 -65.89 -12.24 -62.93
C THR X 35 -66.55 -13.46 -63.55
N TYR X 36 -65.88 -14.06 -64.52
CA TYR X 36 -66.42 -15.23 -65.20
C TYR X 36 -66.32 -16.46 -64.30
N HIS X 37 -67.44 -17.18 -64.18
CA HIS X 37 -67.47 -18.38 -63.34
C HIS X 37 -68.20 -19.55 -64.00
N GLY X 38 -68.45 -19.47 -65.30
CA GLY X 38 -69.11 -20.57 -65.98
C GLY X 38 -68.22 -21.79 -66.10
N HIS X 39 -68.85 -22.96 -66.10
CA HIS X 39 -68.13 -24.23 -66.19
C HIS X 39 -68.94 -25.17 -67.08
N ASP X 40 -68.49 -25.34 -68.32
CA ASP X 40 -67.36 -24.58 -68.85
C ASP X 40 -67.76 -23.80 -70.10
N ASP X 41 -68.43 -24.49 -71.03
CA ASP X 41 -68.84 -23.90 -72.29
C ASP X 41 -70.34 -23.62 -72.30
N ILE X 42 -71.16 -24.62 -71.96
CA ILE X 42 -72.62 -24.48 -72.04
C ILE X 42 -73.13 -23.34 -71.16
N GLN X 43 -72.37 -22.93 -70.15
CA GLN X 43 -72.75 -21.81 -69.31
C GLN X 43 -72.27 -20.47 -69.84
N LYS X 44 -71.73 -20.44 -71.06
CA LYS X 44 -71.22 -19.21 -71.66
C LYS X 44 -72.05 -18.72 -72.83
N GLU X 45 -72.42 -19.61 -73.76
CA GLU X 45 -73.26 -19.18 -74.87
C GLU X 45 -74.71 -18.99 -74.46
N ARG X 46 -75.15 -19.62 -73.37
CA ARG X 46 -76.53 -19.52 -72.91
C ARG X 46 -76.80 -18.30 -72.06
N LEU X 47 -75.76 -17.60 -71.59
CA LEU X 47 -75.98 -16.37 -70.84
C LEU X 47 -76.24 -15.18 -71.75
N ASN X 48 -76.06 -15.33 -73.07
CA ASN X 48 -76.46 -14.31 -74.02
C ASN X 48 -77.97 -14.11 -74.05
N VAL X 49 -78.74 -15.07 -73.53
CA VAL X 49 -80.19 -14.95 -73.50
C VAL X 49 -80.61 -13.76 -72.64
N TYR X 50 -80.00 -13.61 -71.46
CA TYR X 50 -80.37 -12.56 -70.53
C TYR X 50 -79.38 -11.40 -70.49
N PHE X 51 -78.10 -11.65 -70.77
CA PHE X 51 -77.06 -10.63 -70.68
C PHE X 51 -76.48 -10.35 -72.05
N ASN X 52 -75.87 -9.17 -72.18
CA ASN X 52 -75.18 -8.76 -73.40
C ASN X 52 -73.77 -8.35 -73.04
N GLU X 53 -72.84 -8.62 -73.96
CA GLU X 53 -71.42 -8.37 -73.70
C GLU X 53 -71.12 -6.87 -73.77
N ALA X 54 -70.72 -6.30 -72.65
CA ALA X 54 -70.30 -4.91 -72.58
C ALA X 54 -68.79 -4.83 -72.82
N SER X 55 -68.22 -3.64 -72.64
CA SER X 55 -66.79 -3.48 -72.83
C SER X 55 -66.01 -4.13 -71.70
N SER X 56 -64.75 -4.46 -71.99
CA SER X 56 -63.82 -5.07 -71.02
C SER X 56 -64.37 -6.38 -70.46
N GLY X 57 -65.04 -7.16 -71.29
CA GLY X 57 -65.56 -8.45 -70.86
C GLY X 57 -66.61 -8.38 -69.78
N LYS X 58 -67.47 -7.38 -69.83
CA LYS X 58 -68.53 -7.19 -68.84
C LYS X 58 -69.87 -7.64 -69.42
N TRP X 59 -70.70 -8.24 -68.59
CA TRP X 59 -72.02 -8.70 -68.98
C TRP X 59 -73.07 -7.88 -68.24
N VAL X 60 -74.02 -7.31 -68.99
CA VAL X 60 -75.05 -6.47 -68.40
C VAL X 60 -76.42 -6.97 -68.85
N PRO X 61 -77.45 -6.85 -68.01
CA PRO X 61 -78.77 -7.39 -68.39
C PRO X 61 -79.46 -6.54 -69.44
N ARG X 62 -80.35 -7.19 -70.18
CA ARG X 62 -81.25 -6.52 -71.12
C ARG X 62 -82.66 -6.70 -70.57
N SER X 63 -83.04 -5.79 -69.68
CA SER X 63 -84.32 -5.88 -69.00
C SER X 63 -84.81 -4.47 -68.68
N ILE X 64 -86.04 -4.17 -69.07
CA ILE X 64 -86.64 -2.86 -68.84
C ILE X 64 -87.56 -3.00 -67.63
N ASN X 65 -87.17 -2.37 -66.52
CA ASN X 65 -87.99 -2.33 -65.32
C ASN X 65 -88.67 -0.97 -65.23
N VAL X 66 -89.99 -0.98 -65.08
CA VAL X 66 -90.78 0.24 -65.06
C VAL X 66 -91.68 0.21 -63.84
N ASP X 67 -91.74 1.34 -63.12
CA ASP X 67 -92.63 1.48 -61.97
C ASP X 67 -92.75 2.97 -61.67
N LEU X 68 -93.95 3.36 -61.23
CA LEU X 68 -94.20 4.77 -60.94
C LEU X 68 -93.64 5.22 -59.59
N GLU X 69 -93.24 4.28 -58.73
CA GLU X 69 -92.57 4.64 -57.49
C GLU X 69 -91.09 4.33 -57.60
N PRO X 70 -90.21 5.29 -57.37
CA PRO X 70 -88.76 5.06 -57.56
C PRO X 70 -88.03 4.53 -56.35
N GLY X 71 -88.73 4.05 -55.32
CA GLY X 71 -88.07 3.58 -54.12
C GLY X 71 -87.60 2.15 -54.19
N THR X 72 -88.10 1.39 -55.18
CA THR X 72 -87.72 -0.01 -55.29
C THR X 72 -86.32 -0.18 -55.87
N ILE X 73 -85.91 0.70 -56.78
CA ILE X 73 -84.59 0.57 -57.39
C ILE X 73 -83.48 0.89 -56.39
N ASP X 74 -83.75 1.74 -55.41
CA ASP X 74 -82.76 1.98 -54.35
C ASP X 74 -82.48 0.71 -53.57
N ALA X 75 -83.51 -0.08 -53.31
CA ALA X 75 -83.37 -1.39 -52.68
C ALA X 75 -82.97 -2.48 -53.66
N VAL X 76 -82.47 -2.11 -54.84
CA VAL X 76 -82.00 -3.06 -55.84
C VAL X 76 -80.53 -2.82 -56.17
N ARG X 77 -80.16 -1.57 -56.45
CA ARG X 77 -78.78 -1.28 -56.82
C ARG X 77 -77.83 -1.36 -55.63
N ASN X 78 -78.29 -0.99 -54.43
CA ASN X 78 -77.46 -1.04 -53.24
C ASN X 78 -77.61 -2.34 -52.46
N SER X 79 -78.65 -3.13 -52.76
CA SER X 79 -78.91 -4.40 -52.10
C SER X 79 -78.18 -5.51 -52.86
N ALA X 80 -78.61 -6.76 -52.67
CA ALA X 80 -78.02 -7.91 -53.35
C ALA X 80 -78.12 -7.75 -54.86
N ILE X 81 -77.61 -8.73 -55.61
CA ILE X 81 -77.03 -8.46 -56.92
C ILE X 81 -78.04 -7.79 -57.85
N GLY X 82 -77.81 -6.50 -58.12
CA GLY X 82 -78.50 -5.74 -59.13
C GLY X 82 -77.57 -4.70 -59.70
N ASN X 83 -76.29 -4.77 -59.30
CA ASN X 83 -75.31 -3.79 -59.73
C ASN X 83 -74.98 -3.89 -61.21
N LEU X 84 -75.25 -5.05 -61.83
CA LEU X 84 -75.04 -5.18 -63.27
C LEU X 84 -76.00 -4.34 -64.08
N PHE X 85 -77.11 -3.89 -63.49
CA PHE X 85 -78.14 -3.15 -64.20
C PHE X 85 -77.56 -1.82 -64.69
N ARG X 86 -77.61 -1.60 -65.99
CA ARG X 86 -77.16 -0.35 -66.57
C ARG X 86 -78.11 0.79 -66.17
N PRO X 87 -77.59 2.01 -66.01
CA PRO X 87 -78.46 3.11 -65.56
C PRO X 87 -79.60 3.42 -66.50
N ASP X 88 -79.46 3.13 -67.79
CA ASP X 88 -80.55 3.38 -68.73
C ASP X 88 -81.73 2.45 -68.52
N ASN X 89 -81.50 1.29 -67.90
CA ASN X 89 -82.60 0.37 -67.61
C ASN X 89 -83.58 0.92 -66.59
N TYR X 90 -83.21 1.96 -65.86
CA TYR X 90 -84.07 2.54 -64.82
C TYR X 90 -85.01 3.54 -65.48
N ILE X 91 -86.23 3.11 -65.79
CA ILE X 91 -87.28 3.97 -66.29
C ILE X 91 -88.33 4.08 -65.19
N PHE X 92 -88.27 5.16 -64.43
CA PHE X 92 -89.20 5.38 -63.32
C PHE X 92 -89.71 6.81 -63.37
N GLY X 93 -90.91 7.00 -62.82
CA GLY X 93 -91.53 8.31 -62.79
C GLY X 93 -92.08 8.68 -61.44
N GLN X 94 -93.02 9.63 -61.40
CA GLN X 94 -93.67 10.05 -60.19
C GLN X 94 -95.17 10.17 -60.42
N SER X 95 -95.96 9.71 -59.45
CA SER X 95 -95.43 9.10 -58.22
C SER X 95 -96.07 7.73 -57.98
N SER X 96 -97.29 7.56 -58.47
CA SER X 96 -98.01 6.30 -58.33
C SER X 96 -99.17 6.29 -59.32
N ALA X 97 -99.69 5.09 -59.56
CA ALA X 97 -100.87 4.93 -60.42
C ALA X 97 -102.18 5.08 -59.68
N GLY X 98 -102.13 5.33 -58.37
CA GLY X 98 -103.33 5.46 -57.57
C GLY X 98 -103.90 4.15 -57.07
N ASN X 99 -103.23 3.02 -57.35
CA ASN X 99 -103.71 1.69 -56.97
C ASN X 99 -105.09 1.41 -57.53
N VAL X 100 -105.39 1.95 -58.71
CA VAL X 100 -106.68 1.79 -59.36
C VAL X 100 -106.45 1.50 -60.84
N TRP X 101 -107.55 1.23 -61.54
CA TRP X 101 -107.50 0.92 -62.97
C TRP X 101 -107.84 2.12 -63.85
N ALA X 102 -108.65 3.06 -63.35
CA ALA X 102 -108.99 4.24 -64.14
C ALA X 102 -107.79 5.15 -64.36
N LYS X 103 -106.90 5.26 -63.39
CA LYS X 103 -105.71 6.09 -63.49
C LYS X 103 -104.45 5.29 -63.80
N GLY X 104 -104.54 3.96 -63.84
CA GLY X 104 -103.36 3.16 -64.10
C GLY X 104 -102.78 3.38 -65.49
N HIS X 105 -103.62 3.23 -66.51
CA HIS X 105 -103.17 3.41 -67.89
C HIS X 105 -104.15 4.16 -68.78
N TYR X 106 -105.35 4.50 -68.30
CA TYR X 106 -106.34 5.09 -69.20
C TYR X 106 -106.01 6.53 -69.54
N THR X 107 -105.58 7.32 -68.55
CA THR X 107 -105.33 8.74 -68.77
C THR X 107 -103.88 9.12 -68.54
N GLU X 108 -103.30 8.78 -67.39
CA GLU X 108 -101.94 9.18 -67.05
C GLU X 108 -100.89 8.12 -67.35
N GLY X 109 -101.29 6.86 -67.50
CA GLY X 109 -100.32 5.81 -67.75
C GLY X 109 -99.86 5.72 -69.18
N ALA X 110 -100.42 6.53 -70.07
CA ALA X 110 -100.09 6.50 -71.49
C ALA X 110 -99.09 7.58 -71.89
N GLU X 111 -98.39 8.19 -70.93
CA GLU X 111 -97.47 9.28 -71.22
C GLU X 111 -96.03 8.78 -71.43
N LEU X 112 -95.45 8.17 -70.40
CA LEU X 112 -94.09 7.66 -70.48
C LEU X 112 -94.00 6.32 -71.21
N VAL X 113 -95.14 5.68 -71.46
CA VAL X 113 -95.11 4.37 -72.10
C VAL X 113 -94.69 4.48 -73.56
N ASP X 114 -94.80 5.67 -74.17
CA ASP X 114 -94.23 5.87 -75.50
C ASP X 114 -92.71 5.74 -75.47
N SER X 115 -92.07 6.33 -74.45
CA SER X 115 -90.62 6.17 -74.30
C SER X 115 -90.29 4.71 -73.99
N VAL X 116 -91.14 4.04 -73.22
CA VAL X 116 -90.94 2.61 -72.96
C VAL X 116 -90.98 1.82 -74.27
N MET X 117 -91.93 2.13 -75.13
CA MET X 117 -92.03 1.45 -76.42
C MET X 117 -90.81 1.75 -77.29
N ASP X 118 -90.32 2.99 -77.24
CA ASP X 118 -89.12 3.34 -78.01
C ASP X 118 -87.90 2.55 -77.51
N VAL X 119 -87.74 2.43 -76.20
CA VAL X 119 -86.58 1.69 -75.69
C VAL X 119 -86.74 0.20 -75.98
N ILE X 120 -87.99 -0.31 -75.99
CA ILE X 120 -88.21 -1.69 -76.42
C ILE X 120 -87.78 -1.88 -77.86
N ARG X 121 -88.12 -0.92 -78.74
CA ARG X 121 -87.68 -1.01 -80.13
C ARG X 121 -86.15 -1.02 -80.23
N ARG X 122 -85.50 -0.11 -79.50
CA ARG X 122 -84.04 -0.01 -79.62
C ARG X 122 -83.36 -1.26 -79.08
N GLU X 123 -83.93 -1.87 -78.03
CA GLU X 123 -83.44 -3.17 -77.60
C GLU X 123 -83.74 -4.25 -78.62
N ALA X 124 -84.82 -4.08 -79.40
CA ALA X 124 -85.16 -5.07 -80.41
C ALA X 124 -84.13 -5.10 -81.52
N GLU X 125 -83.74 -3.93 -82.06
CA GLU X 125 -82.63 -3.99 -83.02
C GLU X 125 -81.29 -4.20 -82.34
N GLY X 126 -81.21 -3.96 -81.03
CA GLY X 126 -80.01 -4.36 -80.29
C GLY X 126 -79.92 -5.85 -80.05
N CYS X 127 -81.04 -6.56 -80.17
CA CYS X 127 -81.08 -8.00 -79.97
C CYS X 127 -81.04 -8.71 -81.33
N ASP X 128 -80.46 -9.91 -81.33
CA ASP X 128 -80.30 -10.69 -82.56
C ASP X 128 -81.21 -11.88 -82.66
N SER X 129 -81.55 -12.52 -81.54
CA SER X 129 -82.34 -13.75 -81.53
C SER X 129 -83.46 -13.65 -80.49
N LEU X 130 -84.20 -12.54 -80.52
CA LEU X 130 -85.29 -12.33 -79.59
C LEU X 130 -86.33 -13.45 -79.70
N GLN X 131 -86.62 -14.10 -78.59
CA GLN X 131 -87.48 -15.28 -78.55
C GLN X 131 -88.83 -15.02 -77.89
N GLY X 132 -88.83 -14.52 -76.65
CA GLY X 132 -90.07 -14.35 -75.91
C GLY X 132 -89.98 -13.14 -75.00
N PHE X 133 -91.10 -12.87 -74.32
CA PHE X 133 -91.24 -11.71 -73.45
C PHE X 133 -91.79 -12.18 -72.11
N GLN X 134 -91.02 -11.94 -71.05
CA GLN X 134 -91.42 -12.33 -69.70
C GLN X 134 -91.87 -11.08 -68.94
N ILE X 135 -93.08 -11.13 -68.36
CA ILE X 135 -93.62 -10.04 -67.57
C ILE X 135 -94.08 -10.59 -66.24
N THR X 136 -93.72 -9.90 -65.16
CA THR X 136 -94.17 -10.23 -63.81
C THR X 136 -94.90 -9.03 -63.24
N HIS X 137 -96.15 -9.23 -62.83
CA HIS X 137 -96.98 -8.15 -62.31
C HIS X 137 -98.03 -8.73 -61.38
N SER X 138 -98.82 -7.84 -60.79
CA SER X 138 -99.89 -8.22 -59.88
C SER X 138 -101.24 -7.99 -60.55
N LEU X 139 -102.11 -9.01 -60.47
CA LEU X 139 -103.43 -8.90 -61.07
C LEU X 139 -104.28 -7.82 -60.40
N GLY X 140 -104.23 -7.72 -59.08
CA GLY X 140 -105.03 -6.74 -58.37
C GLY X 140 -104.30 -5.45 -58.09
N GLY X 141 -102.98 -5.44 -58.28
CA GLY X 141 -102.21 -4.24 -58.05
C GLY X 141 -102.52 -3.16 -59.07
N GLY X 142 -102.51 -1.92 -58.61
CA GLY X 142 -102.84 -0.79 -59.47
C GLY X 142 -101.86 -0.59 -60.61
N THR X 143 -100.57 -0.63 -60.30
CA THR X 143 -99.56 -0.43 -61.34
C THR X 143 -99.47 -1.64 -62.27
N GLY X 144 -99.32 -2.84 -61.71
CA GLY X 144 -99.15 -4.01 -62.56
C GLY X 144 -100.33 -4.25 -63.47
N SER X 145 -101.55 -4.23 -62.93
CA SER X 145 -102.73 -4.38 -63.76
C SER X 145 -102.98 -3.14 -64.61
N GLY X 146 -102.48 -1.98 -64.19
CA GLY X 146 -102.73 -0.75 -64.90
C GLY X 146 -102.04 -0.68 -66.25
N MET X 147 -100.71 -0.53 -66.26
CA MET X 147 -100.03 -0.41 -67.55
C MET X 147 -99.53 -1.75 -68.07
N GLY X 148 -99.69 -2.84 -67.31
CA GLY X 148 -99.27 -4.14 -67.82
C GLY X 148 -100.04 -4.55 -69.05
N THR X 149 -101.37 -4.43 -69.00
CA THR X 149 -102.19 -4.78 -70.16
C THR X 149 -101.90 -3.89 -71.35
N LEU X 150 -101.61 -2.61 -71.12
CA LEU X 150 -101.34 -1.70 -72.23
C LEU X 150 -99.97 -1.97 -72.85
N LEU X 151 -98.99 -2.35 -72.01
CA LEU X 151 -97.73 -2.87 -72.54
C LEU X 151 -97.95 -4.13 -73.37
N ILE X 152 -98.83 -5.01 -72.92
CA ILE X 152 -99.16 -6.20 -73.71
C ILE X 152 -99.76 -5.78 -75.05
N SER X 153 -100.60 -4.75 -75.03
CA SER X 153 -101.20 -4.26 -76.27
C SER X 153 -100.13 -3.77 -77.24
N LYS X 154 -99.19 -2.98 -76.77
CA LYS X 154 -98.13 -2.52 -77.68
C LYS X 154 -97.24 -3.67 -78.14
N ILE X 155 -96.92 -4.61 -77.25
CA ILE X 155 -96.02 -5.69 -77.65
C ILE X 155 -96.70 -6.61 -78.65
N ARG X 156 -98.03 -6.68 -78.62
CA ARG X 156 -98.75 -7.37 -79.69
C ARG X 156 -98.76 -6.53 -80.97
N GLU X 157 -98.93 -5.22 -80.83
CA GLU X 157 -99.01 -4.35 -82.00
C GLU X 157 -97.72 -4.37 -82.80
N GLU X 158 -96.57 -4.29 -82.13
CA GLU X 158 -95.29 -4.20 -82.81
C GLU X 158 -94.69 -5.56 -83.13
N PHE X 159 -95.09 -6.61 -82.42
CA PHE X 159 -94.61 -7.97 -82.69
C PHE X 159 -95.81 -8.90 -82.89
N PRO X 160 -96.32 -9.01 -84.12
CA PRO X 160 -97.45 -9.92 -84.37
C PRO X 160 -97.04 -11.38 -84.50
N ASP X 161 -95.75 -11.69 -84.57
CA ASP X 161 -95.27 -13.05 -84.69
C ASP X 161 -94.66 -13.59 -83.41
N ARG X 162 -94.59 -12.78 -82.36
CA ARG X 162 -94.01 -13.19 -81.08
C ARG X 162 -95.12 -13.42 -80.07
N MET X 163 -95.09 -14.59 -79.43
CA MET X 163 -96.06 -14.89 -78.38
C MET X 163 -95.71 -14.10 -77.12
N MET X 164 -96.66 -14.08 -76.18
CA MET X 164 -96.50 -13.35 -74.93
C MET X 164 -96.70 -14.30 -73.75
N ALA X 165 -95.85 -14.17 -72.74
CA ALA X 165 -95.94 -14.96 -71.52
C ALA X 165 -96.23 -14.04 -70.35
N THR X 166 -97.28 -14.37 -69.59
CA THR X 166 -97.69 -13.57 -68.45
C THR X 166 -97.73 -14.44 -67.19
N PHE X 167 -97.26 -13.87 -66.09
CA PHE X 167 -97.18 -14.56 -64.80
C PHE X 167 -97.77 -13.69 -63.69
N SER X 168 -98.95 -13.14 -63.95
CA SER X 168 -99.61 -12.29 -62.97
C SER X 168 -100.01 -13.10 -61.74
N VAL X 169 -99.94 -12.44 -60.58
CA VAL X 169 -100.28 -13.08 -59.31
C VAL X 169 -101.76 -12.84 -59.04
N LEU X 170 -102.53 -13.92 -58.94
CA LEU X 170 -103.98 -13.82 -58.77
C LEU X 170 -104.31 -13.66 -57.29
N PRO X 171 -104.95 -12.57 -56.88
CA PRO X 171 -105.35 -12.44 -55.48
C PRO X 171 -106.39 -13.48 -55.10
N SER X 172 -106.33 -13.91 -53.84
CA SER X 172 -107.28 -14.90 -53.35
C SER X 172 -108.65 -14.27 -53.13
N PRO X 173 -109.73 -15.03 -53.33
CA PRO X 173 -111.08 -14.50 -53.12
C PRO X 173 -111.44 -14.29 -51.65
N LYS X 174 -110.59 -14.70 -50.71
CA LYS X 174 -110.89 -14.57 -49.30
C LYS X 174 -110.08 -13.49 -48.59
N THR X 175 -109.03 -12.97 -49.23
CA THR X 175 -108.23 -11.90 -48.66
C THR X 175 -108.46 -10.62 -49.46
N SER X 176 -108.77 -9.53 -48.76
CA SER X 176 -109.09 -8.24 -49.39
C SER X 176 -108.19 -7.17 -48.78
N ASP X 177 -107.05 -6.92 -49.41
CA ASP X 177 -106.21 -5.80 -49.00
C ASP X 177 -106.92 -4.48 -49.24
N THR X 178 -107.60 -4.34 -50.36
CA THR X 178 -108.42 -3.17 -50.65
C THR X 178 -109.74 -3.64 -51.26
N VAL X 179 -110.75 -2.76 -51.16
CA VAL X 179 -112.08 -3.12 -51.62
C VAL X 179 -112.15 -3.29 -53.13
N VAL X 180 -111.21 -2.72 -53.87
CA VAL X 180 -111.26 -2.72 -55.34
C VAL X 180 -110.17 -3.59 -55.95
N GLU X 181 -109.53 -4.44 -55.16
CA GLU X 181 -108.52 -5.34 -55.70
C GLU X 181 -109.10 -6.31 -56.73
N PRO X 182 -110.17 -7.05 -56.45
CA PRO X 182 -110.78 -7.86 -57.52
C PRO X 182 -111.31 -7.03 -58.66
N TYR X 183 -111.75 -5.80 -58.39
CA TYR X 183 -112.21 -4.91 -59.45
C TYR X 183 -111.09 -4.62 -60.45
N ASN X 184 -109.91 -4.25 -59.94
CA ASN X 184 -108.76 -4.02 -60.81
C ASN X 184 -108.35 -5.32 -61.50
N ALA X 185 -108.40 -6.44 -60.78
CA ALA X 185 -108.03 -7.72 -61.36
C ALA X 185 -108.90 -8.05 -62.57
N THR X 186 -110.21 -7.84 -62.45
CA THR X 186 -111.11 -8.15 -63.55
C THR X 186 -111.00 -7.12 -64.67
N LEU X 187 -110.79 -5.85 -64.32
CA LEU X 187 -110.57 -4.85 -65.38
C LEU X 187 -109.28 -5.13 -66.14
N SER X 188 -108.33 -5.83 -65.51
CA SER X 188 -107.12 -6.22 -66.22
C SER X 188 -107.34 -7.46 -67.08
N VAL X 189 -107.99 -8.48 -66.53
CA VAL X 189 -108.24 -9.69 -67.30
C VAL X 189 -109.23 -9.44 -68.43
N HIS X 190 -109.96 -8.33 -68.38
CA HIS X 190 -110.81 -7.94 -69.50
C HIS X 190 -110.03 -7.84 -70.80
N GLN X 191 -108.79 -7.37 -70.74
CA GLN X 191 -107.92 -7.32 -71.90
C GLN X 191 -106.82 -8.37 -71.89
N LEU X 192 -106.54 -8.98 -70.74
CA LEU X 192 -105.53 -10.01 -70.67
C LEU X 192 -105.91 -11.22 -71.52
N VAL X 193 -107.17 -11.63 -71.48
CA VAL X 193 -107.62 -12.77 -72.27
C VAL X 193 -107.58 -12.45 -73.76
N GLU X 194 -107.76 -11.19 -74.12
CA GLU X 194 -107.77 -10.78 -75.52
C GLU X 194 -106.39 -10.40 -76.04
N HIS X 195 -105.35 -10.44 -75.20
CA HIS X 195 -104.03 -10.03 -75.63
C HIS X 195 -102.91 -10.96 -75.21
N SER X 196 -103.19 -12.04 -74.47
CA SER X 196 -102.15 -12.95 -74.00
C SER X 196 -102.37 -14.33 -74.60
N ASP X 197 -101.27 -15.08 -74.70
CA ASP X 197 -101.30 -16.44 -75.25
C ASP X 197 -101.24 -17.51 -74.18
N GLU X 198 -100.64 -17.23 -73.02
CA GLU X 198 -100.61 -18.18 -71.92
C GLU X 198 -100.34 -17.42 -70.63
N THR X 199 -100.79 -18.01 -69.52
CA THR X 199 -100.63 -17.38 -68.22
C THR X 199 -100.59 -18.44 -67.13
N PHE X 200 -100.05 -18.06 -65.98
CA PHE X 200 -99.92 -18.95 -64.83
C PHE X 200 -100.74 -18.41 -63.66
N CYS X 201 -101.39 -19.31 -62.94
CA CYS X 201 -102.19 -18.96 -61.76
C CYS X 201 -101.29 -19.03 -60.52
N ILE X 202 -101.07 -17.88 -59.88
CA ILE X 202 -100.23 -17.79 -58.70
C ILE X 202 -101.06 -17.19 -57.57
N ASP X 203 -101.08 -17.88 -56.43
CA ASP X 203 -101.80 -17.42 -55.25
C ASP X 203 -100.86 -17.41 -54.06
N ASN X 204 -100.82 -16.29 -53.33
CA ASN X 204 -99.93 -16.17 -52.19
C ASN X 204 -100.37 -17.04 -51.02
N GLU X 205 -101.68 -17.23 -50.85
CA GLU X 205 -102.17 -18.06 -49.76
C GLU X 205 -101.77 -19.51 -49.92
N ALA X 206 -101.71 -20.00 -51.17
CA ALA X 206 -101.18 -21.34 -51.41
C ALA X 206 -99.72 -21.42 -51.00
N LEU X 207 -98.95 -20.36 -51.27
CA LEU X 207 -97.56 -20.31 -50.84
C LEU X 207 -97.46 -20.35 -49.32
N TYR X 208 -98.32 -19.61 -48.63
CA TYR X 208 -98.34 -19.65 -47.17
C TYR X 208 -98.69 -21.05 -46.66
N ASP X 209 -99.65 -21.71 -47.30
CA ASP X 209 -100.04 -23.05 -46.88
C ASP X 209 -98.90 -24.04 -47.07
N ILE X 210 -98.20 -23.96 -48.21
CA ILE X 210 -97.10 -24.88 -48.44
C ILE X 210 -95.92 -24.56 -47.53
N CYS X 211 -95.75 -23.30 -47.14
CA CYS X 211 -94.70 -22.95 -46.19
C CYS X 211 -95.01 -23.49 -44.80
N GLN X 212 -96.26 -23.39 -44.37
CA GLN X 212 -96.64 -23.89 -43.05
C GLN X 212 -96.82 -25.39 -43.01
N ARG X 213 -96.91 -26.05 -44.17
CA ARG X 213 -97.05 -27.51 -44.22
C ARG X 213 -95.70 -28.22 -44.27
N THR X 214 -94.89 -27.90 -45.28
CA THR X 214 -93.61 -28.55 -45.49
C THR X 214 -92.43 -27.73 -44.98
N LEU X 215 -92.42 -26.43 -45.27
CA LEU X 215 -91.31 -25.59 -44.84
C LEU X 215 -91.34 -25.29 -43.35
N LYS X 216 -92.53 -25.27 -42.74
CA LYS X 216 -92.69 -24.89 -41.34
C LYS X 216 -92.07 -23.52 -41.07
N LEU X 217 -92.28 -22.59 -42.00
CA LEU X 217 -91.72 -21.26 -41.87
C LEU X 217 -92.43 -20.48 -40.77
N ASN X 218 -91.64 -19.87 -39.88
CA ASN X 218 -92.20 -19.10 -38.77
C ASN X 218 -92.44 -17.65 -39.11
N GLN X 219 -91.60 -17.05 -39.94
CA GLN X 219 -91.71 -15.65 -40.30
C GLN X 219 -92.30 -15.52 -41.69
N PRO X 220 -93.46 -14.89 -41.87
CA PRO X 220 -94.01 -14.73 -43.23
C PRO X 220 -93.21 -13.72 -44.03
N SER X 221 -92.42 -14.21 -44.99
CA SER X 221 -91.53 -13.38 -45.78
C SER X 221 -91.82 -13.58 -47.25
N TYR X 222 -91.91 -12.46 -47.99
CA TYR X 222 -92.12 -12.53 -49.43
C TYR X 222 -90.87 -12.96 -50.18
N GLY X 223 -89.70 -12.87 -49.54
CA GLY X 223 -88.46 -13.25 -50.21
C GLY X 223 -88.39 -14.73 -50.52
N ASP X 224 -88.78 -15.58 -49.57
CA ASP X 224 -88.79 -17.02 -49.83
C ASP X 224 -89.77 -17.39 -50.92
N LEU X 225 -90.94 -16.73 -50.93
CA LEU X 225 -91.93 -17.00 -51.96
C LEU X 225 -91.40 -16.58 -53.33
N ASN X 226 -90.71 -15.44 -53.38
CA ASN X 226 -90.07 -15.00 -54.62
C ASN X 226 -89.01 -16.00 -55.06
N ASN X 227 -88.25 -16.54 -54.10
CA ASN X 227 -87.25 -17.55 -54.44
C ASN X 227 -87.90 -18.78 -55.05
N LEU X 228 -89.00 -19.24 -54.48
CA LEU X 228 -89.70 -20.41 -55.00
C LEU X 228 -90.23 -20.16 -56.41
N VAL X 229 -90.91 -19.03 -56.60
CA VAL X 229 -91.48 -18.75 -57.93
C VAL X 229 -90.38 -18.52 -58.95
N SER X 230 -89.24 -17.96 -58.54
CA SER X 230 -88.14 -17.76 -59.48
C SER X 230 -87.47 -19.08 -59.83
N SER X 231 -87.38 -20.01 -58.88
CA SER X 231 -86.88 -21.33 -59.21
C SER X 231 -87.80 -22.03 -60.20
N VAL X 232 -89.12 -21.88 -60.01
CA VAL X 232 -90.07 -22.45 -60.97
C VAL X 232 -89.89 -21.81 -62.35
N MET X 233 -89.74 -20.49 -62.37
CA MET X 233 -89.58 -19.77 -63.64
C MET X 233 -88.30 -20.17 -64.36
N SER X 234 -87.21 -20.37 -63.61
CA SER X 234 -85.99 -20.88 -64.23
C SER X 234 -86.20 -22.30 -64.74
N GLY X 235 -86.90 -23.14 -63.99
CA GLY X 235 -87.12 -24.51 -64.39
C GLY X 235 -87.93 -24.67 -65.67
N VAL X 236 -88.88 -23.77 -65.93
CA VAL X 236 -89.68 -23.89 -67.15
C VAL X 236 -88.89 -23.57 -68.40
N THR X 237 -87.68 -23.01 -68.28
CA THR X 237 -86.84 -22.70 -69.43
C THR X 237 -85.49 -23.39 -69.39
N THR X 238 -85.18 -24.15 -68.34
CA THR X 238 -83.97 -24.97 -68.36
C THR X 238 -83.95 -25.94 -69.54
N SER X 239 -85.13 -26.43 -69.94
CA SER X 239 -85.20 -27.32 -71.10
C SER X 239 -84.72 -26.62 -72.36
N LEU X 240 -85.10 -25.36 -72.55
CA LEU X 240 -84.66 -24.62 -73.72
C LEU X 240 -83.17 -24.30 -73.63
N ARG X 241 -82.70 -23.80 -72.49
CA ARG X 241 -81.32 -23.36 -72.41
C ARG X 241 -80.35 -24.47 -72.02
N TYR X 242 -80.84 -25.69 -71.81
CA TYR X 242 -79.97 -26.85 -71.61
C TYR X 242 -80.56 -28.03 -72.38
N PRO X 243 -79.84 -28.59 -73.34
CA PRO X 243 -80.40 -29.66 -74.17
C PRO X 243 -80.69 -30.91 -73.36
N GLY X 244 -81.72 -31.64 -73.79
CA GLY X 244 -82.09 -32.91 -73.21
C GLY X 244 -82.65 -33.86 -74.25
N GLN X 245 -83.43 -34.85 -73.82
CA GLN X 245 -84.08 -35.73 -74.77
C GLN X 245 -85.11 -34.98 -75.60
N LEU X 246 -85.87 -34.10 -74.97
CA LEU X 246 -86.89 -33.30 -75.66
C LEU X 246 -86.86 -31.89 -75.11
N ASN X 247 -86.23 -30.98 -75.85
CA ASN X 247 -86.22 -29.57 -75.45
C ASN X 247 -87.62 -28.97 -75.64
N SER X 248 -88.02 -28.12 -74.70
CA SER X 248 -89.33 -27.50 -74.72
C SER X 248 -89.19 -25.99 -74.85
N ASP X 249 -90.10 -25.39 -75.62
CA ASP X 249 -90.13 -23.95 -75.85
C ASP X 249 -91.52 -23.43 -75.54
N LEU X 250 -91.62 -22.11 -75.34
CA LEU X 250 -92.91 -21.50 -75.02
C LEU X 250 -93.91 -21.73 -76.15
N ARG X 251 -93.45 -21.68 -77.40
CA ARG X 251 -94.33 -21.99 -78.52
C ARG X 251 -94.78 -23.45 -78.47
N LYS X 252 -93.91 -24.34 -77.97
CA LYS X 252 -94.32 -25.73 -77.79
C LYS X 252 -95.39 -25.84 -76.70
N LEU X 253 -95.29 -25.03 -75.65
CA LEU X 253 -96.36 -24.95 -74.67
C LEU X 253 -97.66 -24.49 -75.32
N ALA X 254 -97.58 -23.47 -76.18
CA ALA X 254 -98.78 -23.00 -76.87
C ALA X 254 -99.38 -24.07 -77.76
N VAL X 255 -98.52 -24.82 -78.46
CA VAL X 255 -99.01 -25.85 -79.39
C VAL X 255 -99.64 -27.00 -78.63
N ASN X 256 -98.96 -27.50 -77.59
CA ASN X 256 -99.37 -28.73 -76.91
C ASN X 256 -100.30 -28.46 -75.74
N LEU X 257 -99.83 -27.70 -74.74
CA LEU X 257 -100.61 -27.50 -73.53
C LEU X 257 -101.87 -26.69 -73.76
N VAL X 258 -101.79 -25.61 -74.52
CA VAL X 258 -102.95 -24.75 -74.78
C VAL X 258 -103.90 -25.48 -75.72
N PRO X 259 -105.18 -25.60 -75.37
CA PRO X 259 -106.14 -26.22 -76.30
C PRO X 259 -106.58 -25.26 -77.40
N PHE X 260 -106.67 -23.97 -77.05
CA PHE X 260 -106.97 -22.90 -77.99
C PHE X 260 -106.65 -21.56 -77.30
N PRO X 261 -106.34 -20.51 -78.05
CA PRO X 261 -105.84 -19.27 -77.42
C PRO X 261 -106.82 -18.64 -76.43
N ARG X 262 -108.12 -18.92 -76.55
CA ARG X 262 -109.08 -18.38 -75.58
C ARG X 262 -108.83 -18.95 -74.18
N LEU X 263 -108.56 -20.25 -74.10
CA LEU X 263 -108.29 -20.91 -72.82
C LEU X 263 -106.78 -21.05 -72.67
N HIS X 264 -106.19 -20.25 -71.77
CA HIS X 264 -104.75 -20.28 -71.56
C HIS X 264 -104.37 -20.18 -70.09
N PHE X 265 -105.28 -20.52 -69.18
CA PHE X 265 -105.00 -20.45 -67.74
C PHE X 265 -104.41 -21.77 -67.27
N PHE X 266 -103.28 -21.68 -66.55
CA PHE X 266 -102.58 -22.85 -66.06
C PHE X 266 -102.36 -22.73 -64.56
N MET X 267 -102.37 -23.87 -63.87
CA MET X 267 -101.97 -23.93 -62.48
C MET X 267 -100.55 -24.49 -62.39
N VAL X 268 -99.79 -24.00 -61.43
CA VAL X 268 -98.37 -24.30 -61.32
C VAL X 268 -98.12 -25.20 -60.12
N GLY X 269 -97.32 -26.24 -60.33
CA GLY X 269 -96.90 -27.10 -59.25
C GLY X 269 -95.41 -27.35 -59.33
N TYR X 270 -94.77 -27.45 -58.17
CA TYR X 270 -93.33 -27.58 -58.08
C TYR X 270 -92.97 -28.74 -57.15
N ALA X 271 -91.83 -29.35 -57.43
CA ALA X 271 -91.31 -30.46 -56.63
C ALA X 271 -89.79 -30.50 -56.79
N PRO X 272 -89.05 -30.93 -55.76
CA PRO X 272 -89.53 -31.39 -54.46
C PRO X 272 -89.84 -30.25 -53.49
N LEU X 273 -90.87 -30.43 -52.67
CA LEU X 273 -91.22 -29.46 -51.64
C LEU X 273 -90.71 -29.95 -50.29
N THR X 274 -89.39 -29.81 -50.10
CA THR X 274 -88.71 -30.27 -48.90
C THR X 274 -88.02 -29.09 -48.21
N ALA X 275 -87.86 -29.22 -46.90
CA ALA X 275 -87.25 -28.17 -46.08
C ALA X 275 -86.02 -28.72 -45.36
N ILE X 276 -85.34 -27.83 -44.65
CA ILE X 276 -84.19 -28.21 -43.85
C ILE X 276 -84.64 -29.08 -42.69
N GLY X 277 -83.92 -30.17 -42.44
CA GLY X 277 -84.29 -31.15 -41.45
C GLY X 277 -84.89 -32.42 -41.99
N SER X 278 -85.20 -32.45 -43.30
CA SER X 278 -85.70 -33.64 -43.95
C SER X 278 -84.82 -34.07 -45.12
N GLN X 279 -83.69 -33.41 -45.33
CA GLN X 279 -82.83 -33.72 -46.46
C GLN X 279 -82.07 -35.03 -46.28
N SER X 280 -81.77 -35.42 -45.05
CA SER X 280 -81.02 -36.63 -44.77
C SER X 280 -81.91 -37.85 -44.54
N PHE X 281 -83.23 -37.70 -44.73
CA PHE X 281 -84.17 -38.78 -44.47
C PHE X 281 -85.00 -39.18 -45.68
N ARG X 282 -84.95 -38.45 -46.79
CA ARG X 282 -85.70 -38.82 -47.99
C ARG X 282 -84.75 -39.27 -49.10
N SER X 283 -85.28 -40.09 -49.98
CA SER X 283 -84.64 -40.42 -51.26
C SER X 283 -85.32 -39.60 -52.35
N LEU X 284 -84.55 -38.71 -52.97
CA LEU X 284 -85.10 -37.84 -54.01
C LEU X 284 -85.06 -38.58 -55.34
N THR X 285 -86.21 -39.10 -55.76
CA THR X 285 -86.32 -39.91 -56.96
C THR X 285 -87.49 -39.43 -57.80
N VAL X 286 -87.53 -39.93 -59.04
CA VAL X 286 -88.61 -39.57 -59.95
C VAL X 286 -89.97 -39.96 -59.41
N PRO X 287 -90.20 -41.18 -58.92
CA PRO X 287 -91.54 -41.50 -58.40
C PRO X 287 -91.99 -40.58 -57.27
N GLU X 288 -91.11 -40.27 -56.31
CA GLU X 288 -91.47 -39.40 -55.20
C GLU X 288 -91.84 -38.01 -55.71
N LEU X 289 -91.06 -37.48 -56.66
CA LEU X 289 -91.42 -36.22 -57.29
C LEU X 289 -92.78 -36.32 -57.98
N THR X 290 -93.12 -37.50 -58.50
CA THR X 290 -94.41 -37.65 -59.15
C THR X 290 -95.57 -37.62 -58.15
N GLN X 291 -95.46 -38.36 -57.04
CA GLN X 291 -96.52 -38.26 -56.05
C GLN X 291 -96.60 -36.86 -55.45
N GLN X 292 -95.47 -36.15 -55.40
CA GLN X 292 -95.52 -34.74 -55.01
C GLN X 292 -96.13 -33.86 -56.09
N MET X 293 -96.13 -34.32 -57.34
CA MET X 293 -96.70 -33.52 -58.43
C MET X 293 -98.22 -33.58 -58.41
N PHE X 294 -98.79 -34.78 -58.34
CA PHE X 294 -100.23 -34.96 -58.35
C PHE X 294 -100.86 -34.82 -56.97
N ASP X 295 -100.06 -34.54 -55.94
CA ASP X 295 -100.60 -34.30 -54.61
C ASP X 295 -101.51 -33.07 -54.64
N ALA X 296 -102.66 -33.18 -53.98
CA ALA X 296 -103.68 -32.13 -54.05
C ALA X 296 -103.29 -30.88 -53.28
N LYS X 297 -102.22 -30.91 -52.50
CA LYS X 297 -101.80 -29.78 -51.69
C LYS X 297 -100.48 -29.19 -52.14
N ASN X 298 -100.08 -29.42 -53.39
CA ASN X 298 -98.79 -28.95 -53.89
C ASN X 298 -98.88 -27.91 -55.00
N MET X 299 -100.03 -27.77 -55.65
CA MET X 299 -100.20 -26.74 -56.65
C MET X 299 -100.59 -25.42 -56.00
N MET X 300 -100.37 -24.33 -56.75
CA MET X 300 -100.57 -22.98 -56.23
C MET X 300 -101.69 -22.24 -56.96
N ALA X 301 -102.73 -22.96 -57.39
CA ALA X 301 -103.83 -22.31 -58.10
C ALA X 301 -104.60 -21.36 -57.18
N ALA X 302 -105.04 -21.79 -55.99
CA ALA X 302 -105.01 -23.17 -55.48
C ALA X 302 -106.43 -23.70 -55.36
N ALA X 303 -106.67 -24.85 -56.00
CA ALA X 303 -108.00 -25.45 -56.05
C ALA X 303 -107.89 -26.95 -55.76
N ASP X 304 -109.00 -27.65 -55.95
CA ASP X 304 -109.08 -29.06 -55.63
C ASP X 304 -108.98 -29.88 -56.91
N PRO X 305 -107.93 -30.67 -57.11
CA PRO X 305 -107.76 -31.39 -58.38
C PRO X 305 -108.59 -32.67 -58.50
N ARG X 306 -108.81 -33.38 -57.39
CA ARG X 306 -109.50 -34.65 -57.49
C ARG X 306 -111.02 -34.52 -57.40
N ASN X 307 -111.54 -33.31 -57.23
CA ASN X 307 -112.97 -33.09 -57.37
C ASN X 307 -113.38 -32.72 -58.79
N GLY X 308 -112.42 -32.31 -59.62
CA GLY X 308 -112.69 -32.06 -61.02
C GLY X 308 -111.98 -33.06 -61.90
N ARG X 309 -111.39 -32.59 -63.01
CA ARG X 309 -110.62 -33.47 -63.87
C ARG X 309 -109.63 -32.63 -64.68
N TYR X 310 -108.56 -33.26 -65.13
CA TYR X 310 -107.57 -32.59 -65.95
C TYR X 310 -107.94 -32.69 -67.43
N LEU X 311 -107.52 -31.68 -68.19
CA LEU X 311 -107.64 -31.71 -69.64
C LEU X 311 -106.35 -32.08 -70.34
N THR X 312 -105.21 -31.59 -69.86
CA THR X 312 -103.90 -32.01 -70.33
C THR X 312 -102.87 -31.62 -69.29
N VAL X 313 -101.92 -32.52 -69.03
CA VAL X 313 -100.89 -32.27 -68.04
C VAL X 313 -99.52 -32.41 -68.71
N ALA X 314 -98.53 -31.75 -68.13
CA ALA X 314 -97.19 -31.73 -68.68
C ALA X 314 -96.17 -31.89 -67.56
N ALA X 315 -95.01 -32.43 -67.93
CA ALA X 315 -93.91 -32.65 -67.00
C ALA X 315 -92.65 -32.03 -67.58
N PHE X 316 -91.95 -31.24 -66.77
CA PHE X 316 -90.71 -30.56 -67.19
C PHE X 316 -89.62 -30.97 -66.21
N PHE X 317 -88.92 -32.05 -66.53
CA PHE X 317 -87.96 -32.65 -65.60
C PHE X 317 -86.58 -32.05 -65.79
N ARG X 318 -85.81 -32.07 -64.71
CA ARG X 318 -84.47 -31.49 -64.67
C ARG X 318 -83.49 -32.46 -64.02
N GLY X 319 -82.25 -32.44 -64.50
CA GLY X 319 -81.18 -33.21 -63.90
C GLY X 319 -80.90 -34.51 -64.64
N LYS X 320 -79.93 -35.24 -64.10
CA LYS X 320 -79.53 -36.53 -64.65
C LYS X 320 -80.63 -37.54 -64.38
N VAL X 321 -81.43 -37.85 -65.41
CA VAL X 321 -82.54 -38.78 -65.28
C VAL X 321 -82.50 -39.75 -66.45
N SER X 322 -82.81 -41.01 -66.16
CA SER X 322 -82.94 -42.03 -67.19
C SER X 322 -84.32 -41.95 -67.84
N VAL X 323 -84.38 -42.35 -69.11
CA VAL X 323 -85.63 -42.28 -69.84
C VAL X 323 -86.66 -43.27 -69.29
N LYS X 324 -86.20 -44.39 -68.72
CA LYS X 324 -87.11 -45.45 -68.33
C LYS X 324 -87.90 -45.09 -67.06
N GLU X 325 -87.26 -44.41 -66.11
CA GLU X 325 -87.93 -44.09 -64.86
C GLU X 325 -89.16 -43.22 -65.10
N VAL X 326 -88.99 -42.16 -65.90
CA VAL X 326 -90.06 -41.19 -66.09
C VAL X 326 -91.22 -41.82 -66.85
N GLU X 327 -90.93 -42.58 -67.90
CA GLU X 327 -91.99 -43.21 -68.67
C GLU X 327 -92.69 -44.31 -67.88
N ASP X 328 -91.94 -45.07 -67.06
CA ASP X 328 -92.56 -46.09 -66.23
C ASP X 328 -93.50 -45.46 -65.21
N GLU X 329 -93.07 -44.37 -64.57
CA GLU X 329 -93.95 -43.68 -63.64
C GLU X 329 -95.15 -43.07 -64.35
N MET X 330 -94.97 -42.66 -65.61
CA MET X 330 -96.10 -42.12 -66.36
C MET X 330 -97.11 -43.21 -66.72
N HIS X 331 -96.62 -44.41 -67.05
CA HIS X 331 -97.52 -45.55 -67.17
C HIS X 331 -98.28 -45.79 -65.86
N LYS X 332 -97.56 -45.73 -64.74
CA LYS X 332 -98.21 -45.98 -63.45
C LYS X 332 -99.32 -44.97 -63.18
N VAL X 333 -99.05 -43.69 -63.42
CA VAL X 333 -100.05 -42.66 -63.12
C VAL X 333 -101.21 -42.74 -64.12
N GLN X 334 -100.92 -43.04 -65.39
CA GLN X 334 -101.99 -43.22 -66.35
C GLN X 334 -102.85 -44.45 -66.06
N SER X 335 -102.28 -45.45 -65.39
CA SER X 335 -103.05 -46.62 -65.01
C SER X 335 -103.91 -46.34 -63.77
N LYS X 336 -103.35 -45.66 -62.78
CA LYS X 336 -104.09 -45.43 -61.54
C LYS X 336 -104.93 -44.16 -61.55
N ASN X 337 -104.55 -43.16 -62.35
CA ASN X 337 -105.26 -41.89 -62.42
C ASN X 337 -106.01 -41.72 -63.73
N SER X 338 -106.48 -42.82 -64.31
CA SER X 338 -107.13 -42.76 -65.63
C SER X 338 -108.48 -42.05 -65.58
N ASP X 339 -109.15 -42.08 -64.42
CA ASP X 339 -110.50 -41.52 -64.33
C ASP X 339 -110.51 -40.01 -64.55
N TYR X 340 -109.51 -39.30 -64.03
CA TYR X 340 -109.50 -37.84 -64.07
C TYR X 340 -108.86 -37.27 -65.32
N PHE X 341 -108.39 -38.11 -66.24
CA PHE X 341 -107.92 -37.65 -67.54
C PHE X 341 -109.07 -37.61 -68.53
N VAL X 342 -109.00 -36.66 -69.47
CA VAL X 342 -110.04 -36.56 -70.49
C VAL X 342 -110.00 -37.79 -71.39
N GLU X 343 -111.17 -38.18 -71.88
CA GLU X 343 -111.33 -39.40 -72.66
C GLU X 343 -111.23 -39.14 -74.16
N TRP X 344 -110.48 -38.12 -74.57
CA TRP X 344 -110.34 -37.81 -75.98
C TRP X 344 -108.91 -37.55 -76.44
N ILE X 345 -107.93 -37.49 -75.55
CA ILE X 345 -106.54 -37.34 -75.99
C ILE X 345 -105.94 -38.67 -76.42
N PRO X 346 -106.04 -39.75 -75.61
CA PRO X 346 -106.51 -39.93 -74.25
C PRO X 346 -105.37 -39.90 -73.23
N ASN X 347 -104.14 -39.76 -73.73
CA ASN X 347 -102.94 -39.80 -72.90
C ASN X 347 -102.45 -38.36 -72.71
N ASN X 348 -102.92 -37.74 -71.64
CA ASN X 348 -102.55 -36.34 -71.33
C ASN X 348 -101.13 -36.33 -70.80
N VAL X 349 -100.17 -35.99 -71.66
CA VAL X 349 -98.77 -36.04 -71.28
C VAL X 349 -97.96 -35.17 -72.23
N GLN X 350 -97.03 -34.40 -71.66
CA GLN X 350 -96.00 -33.68 -72.40
C GLN X 350 -94.73 -33.68 -71.56
N THR X 351 -93.65 -34.23 -72.10
CA THR X 351 -92.43 -34.45 -71.34
C THR X 351 -91.28 -33.62 -71.91
N ALA X 352 -90.44 -33.14 -71.00
CA ALA X 352 -89.23 -32.41 -71.37
C ALA X 352 -88.11 -32.80 -70.40
N VAL X 353 -86.89 -32.89 -70.93
CA VAL X 353 -85.74 -33.35 -70.16
C VAL X 353 -84.69 -32.24 -70.14
N CYS X 354 -84.19 -31.93 -68.95
CA CYS X 354 -83.12 -30.96 -68.76
C CYS X 354 -81.86 -31.68 -68.28
N SER X 355 -80.70 -31.15 -68.68
CA SER X 355 -79.44 -31.81 -68.34
C SER X 355 -78.92 -31.43 -66.96
N VAL X 356 -78.74 -30.14 -66.70
CA VAL X 356 -78.11 -29.69 -65.47
C VAL X 356 -79.07 -29.85 -64.31
N ALA X 357 -78.51 -30.07 -63.12
CA ALA X 357 -79.31 -30.20 -61.91
C ALA X 357 -79.70 -28.83 -61.37
N PRO X 358 -80.84 -28.75 -60.68
CA PRO X 358 -81.25 -27.46 -60.08
C PRO X 358 -80.29 -27.01 -59.01
N GLN X 359 -80.19 -25.70 -58.84
CA GLN X 359 -79.34 -25.14 -57.79
C GLN X 359 -79.92 -25.45 -56.41
N GLY X 360 -79.05 -25.87 -55.51
CA GLY X 360 -79.48 -26.21 -54.17
C GLY X 360 -80.21 -27.52 -54.04
N LEU X 361 -80.28 -28.32 -55.11
CA LEU X 361 -81.00 -29.57 -55.11
C LEU X 361 -80.35 -30.52 -56.09
N ASP X 362 -80.87 -31.75 -56.14
CA ASP X 362 -80.36 -32.76 -57.06
C ASP X 362 -81.29 -32.96 -58.26
N MET X 363 -82.57 -33.18 -58.00
CA MET X 363 -83.55 -33.46 -59.05
C MET X 363 -84.80 -32.64 -58.76
N ALA X 364 -85.38 -32.05 -59.80
CA ALA X 364 -86.55 -31.20 -59.62
C ALA X 364 -87.35 -31.16 -60.91
N ALA X 365 -88.56 -30.61 -60.81
CA ALA X 365 -89.48 -30.57 -61.94
C ALA X 365 -90.51 -29.47 -61.70
N THR X 366 -91.23 -29.13 -62.77
CA THR X 366 -92.34 -28.21 -62.72
C THR X 366 -93.59 -28.85 -63.32
N PHE X 367 -94.75 -28.40 -62.85
CA PHE X 367 -96.04 -28.97 -63.25
C PHE X 367 -96.86 -27.91 -63.94
N ILE X 368 -97.25 -28.18 -65.19
CA ILE X 368 -98.15 -27.31 -65.95
C ILE X 368 -99.27 -28.17 -66.50
N ALA X 369 -100.51 -27.75 -66.27
CA ALA X 369 -101.67 -28.54 -66.66
C ALA X 369 -102.88 -27.64 -66.87
N ASN X 370 -103.95 -28.23 -67.39
CA ASN X 370 -105.23 -27.58 -67.55
C ASN X 370 -106.31 -28.43 -66.88
N SER X 371 -107.04 -27.83 -65.96
CA SER X 371 -108.17 -28.47 -65.30
C SER X 371 -109.38 -27.55 -65.37
N THR X 372 -110.49 -28.03 -64.81
CA THR X 372 -111.74 -27.28 -64.80
C THR X 372 -111.95 -26.54 -63.48
N SER X 373 -110.91 -26.36 -62.68
CA SER X 373 -111.05 -25.75 -61.37
C SER X 373 -110.86 -24.24 -61.37
N ILE X 374 -110.47 -23.64 -62.50
CA ILE X 374 -110.25 -22.20 -62.53
C ILE X 374 -111.59 -21.46 -62.68
N GLN X 375 -112.58 -22.12 -63.30
CA GLN X 375 -113.90 -21.52 -63.40
C GLN X 375 -114.53 -21.30 -62.02
N GLU X 376 -114.15 -22.11 -61.04
CA GLU X 376 -114.62 -21.88 -59.67
C GLU X 376 -114.10 -20.55 -59.12
N LEU X 377 -112.82 -20.27 -59.31
CA LEU X 377 -112.28 -18.99 -58.90
C LEU X 377 -112.95 -17.85 -59.67
N PHE X 378 -113.16 -18.04 -60.96
CA PHE X 378 -113.83 -17.01 -61.76
C PHE X 378 -115.24 -16.72 -61.24
N LYS X 379 -116.02 -17.76 -60.94
CA LYS X 379 -117.36 -17.53 -60.43
C LYS X 379 -117.33 -16.95 -59.03
N ARG X 380 -116.32 -17.27 -58.23
CA ARG X 380 -116.18 -16.63 -56.92
C ARG X 380 -115.99 -15.12 -57.09
N VAL X 381 -115.10 -14.72 -58.00
CA VAL X 381 -114.89 -13.29 -58.23
C VAL X 381 -116.15 -12.64 -58.80
N GLY X 382 -116.83 -13.32 -59.72
CA GLY X 382 -118.05 -12.78 -60.27
C GLY X 382 -119.14 -12.61 -59.24
N ASP X 383 -119.26 -13.57 -58.31
CA ASP X 383 -120.23 -13.45 -57.22
C ASP X 383 -119.85 -12.32 -56.27
N GLN X 384 -118.55 -12.13 -56.04
CA GLN X 384 -118.11 -10.99 -55.23
C GLN X 384 -118.53 -9.68 -55.88
N PHE X 385 -118.41 -9.58 -57.21
CA PHE X 385 -118.90 -8.39 -57.90
C PHE X 385 -120.42 -8.26 -57.75
N SER X 386 -121.14 -9.34 -58.03
CA SER X 386 -122.61 -9.29 -58.00
C SER X 386 -123.13 -9.00 -56.60
N ALA X 387 -122.32 -9.21 -55.57
CA ALA X 387 -122.74 -8.89 -54.20
C ALA X 387 -122.35 -7.46 -53.81
N MET X 388 -121.05 -7.14 -53.89
CA MET X 388 -120.58 -5.86 -53.38
C MET X 388 -120.93 -4.70 -54.29
N PHE X 389 -120.80 -4.87 -55.61
CA PHE X 389 -120.85 -3.75 -56.55
C PHE X 389 -122.26 -3.40 -57.00
N LYS X 390 -123.29 -4.09 -56.50
CA LYS X 390 -124.65 -3.68 -56.81
C LYS X 390 -125.09 -2.45 -56.02
N ARG X 391 -124.37 -2.10 -54.96
CA ARG X 391 -124.67 -0.89 -54.21
C ARG X 391 -124.08 0.36 -54.83
N LYS X 392 -123.17 0.21 -55.80
CA LYS X 392 -122.51 1.34 -56.45
C LYS X 392 -121.81 2.23 -55.42
N ALA X 393 -121.14 1.60 -54.46
CA ALA X 393 -120.40 2.30 -53.43
C ALA X 393 -118.95 2.43 -53.84
N PHE X 394 -118.42 3.66 -53.76
CA PHE X 394 -117.05 3.99 -54.17
C PHE X 394 -116.79 3.66 -55.63
N LEU X 395 -117.84 3.59 -56.44
CA LEU X 395 -117.71 3.29 -57.86
C LEU X 395 -117.54 4.54 -58.71
N HIS X 396 -117.84 5.72 -58.17
CA HIS X 396 -117.69 6.96 -58.92
C HIS X 396 -116.23 7.30 -59.21
N TRP X 397 -115.29 6.76 -58.42
CA TRP X 397 -113.88 7.07 -58.61
C TRP X 397 -113.39 6.67 -59.98
N TYR X 398 -114.03 5.68 -60.61
CA TYR X 398 -113.67 5.23 -61.95
C TYR X 398 -114.54 5.84 -63.03
N THR X 399 -115.84 5.99 -62.78
CA THR X 399 -116.71 6.62 -63.78
C THR X 399 -116.45 8.10 -63.93
N SER X 400 -115.70 8.71 -63.00
CA SER X 400 -115.36 10.12 -63.14
C SER X 400 -114.49 10.38 -64.36
N GLU X 401 -113.72 9.38 -64.79
CA GLU X 401 -112.83 9.51 -65.94
C GLU X 401 -113.47 9.05 -67.24
N GLY X 402 -114.70 8.54 -67.20
CA GLY X 402 -115.38 8.15 -68.41
C GLY X 402 -115.60 6.66 -68.57
N MET X 403 -115.77 5.95 -67.45
CA MET X 403 -116.06 4.53 -67.49
C MET X 403 -117.56 4.29 -67.59
N ASP X 404 -117.95 3.29 -68.37
CA ASP X 404 -119.34 2.95 -68.58
C ASP X 404 -119.63 1.54 -68.07
N GLU X 405 -120.89 1.30 -67.73
CA GLU X 405 -121.31 -0.02 -67.29
C GLU X 405 -121.21 -1.06 -68.40
N LEU X 406 -121.12 -0.62 -69.66
CA LEU X 406 -120.99 -1.56 -70.76
C LEU X 406 -119.72 -2.38 -70.64
N GLU X 407 -118.61 -1.76 -70.22
CA GLU X 407 -117.36 -2.48 -70.06
C GLU X 407 -117.48 -3.56 -68.99
N PHE X 408 -118.12 -3.24 -67.86
CA PHE X 408 -118.27 -4.22 -66.79
C PHE X 408 -119.20 -5.36 -67.21
N SER X 409 -120.29 -5.04 -67.92
CA SER X 409 -121.16 -6.09 -68.42
C SER X 409 -120.43 -6.98 -69.43
N GLU X 410 -119.58 -6.38 -70.27
CA GLU X 410 -118.81 -7.16 -71.22
C GLU X 410 -117.79 -8.05 -70.51
N ALA X 411 -117.19 -7.56 -69.42
CA ALA X 411 -116.28 -8.39 -68.64
C ALA X 411 -117.02 -9.56 -68.00
N GLU X 412 -118.23 -9.32 -67.50
CA GLU X 412 -119.04 -10.40 -66.95
C GLU X 412 -119.38 -11.42 -68.03
N SER X 413 -119.71 -10.94 -69.24
CA SER X 413 -119.95 -11.85 -70.36
C SER X 413 -118.69 -12.64 -70.70
N ASN X 414 -117.52 -12.00 -70.61
CA ASN X 414 -116.26 -12.69 -70.88
C ASN X 414 -116.01 -13.81 -69.87
N MET X 415 -116.27 -13.55 -68.59
CA MET X 415 -116.04 -14.59 -67.59
C MET X 415 -117.09 -15.70 -67.72
N ASN X 416 -118.31 -15.35 -68.13
CA ASN X 416 -119.28 -16.38 -68.46
C ASN X 416 -118.80 -17.25 -69.62
N ASP X 417 -118.22 -16.62 -70.65
CA ASP X 417 -117.69 -17.36 -71.79
C ASP X 417 -116.53 -18.26 -71.36
N LEU X 418 -115.67 -17.77 -70.46
CA LEU X 418 -114.59 -18.59 -69.95
C LEU X 418 -115.12 -19.80 -69.18
N VAL X 419 -116.16 -19.60 -68.38
CA VAL X 419 -116.77 -20.73 -67.67
C VAL X 419 -117.34 -21.74 -68.67
N SER X 420 -118.04 -21.25 -69.70
CA SER X 420 -118.60 -22.15 -70.70
C SER X 420 -117.49 -22.93 -71.42
N GLU X 421 -116.38 -22.26 -71.71
CA GLU X 421 -115.23 -22.95 -72.29
C GLU X 421 -114.68 -24.01 -71.33
N TYR X 422 -114.67 -23.70 -70.03
CA TYR X 422 -114.33 -24.67 -69.00
C TYR X 422 -115.38 -25.76 -68.83
N GLN X 423 -116.46 -25.72 -69.61
CA GLN X 423 -117.51 -26.74 -69.56
C GLN X 423 -117.81 -27.28 -70.96
N GLN X 424 -116.76 -27.66 -71.70
CA GLN X 424 -116.93 -28.15 -73.07
C GLN X 424 -116.61 -29.62 -73.29
N TYR X 425 -115.49 -30.20 -72.84
CA TYR X 425 -114.54 -29.84 -71.76
C TYR X 425 -115.25 -29.69 -70.42
N GLN X 426 -116.18 -30.61 -70.17
CA GLN X 426 -116.93 -30.62 -68.93
C GLN X 426 -116.04 -31.01 -67.74
N GLU X 427 -116.45 -30.59 -66.55
CA GLU X 427 -115.72 -30.90 -65.34
C GLU X 427 -115.92 -32.36 -64.94
N MET Y 1 -92.58 -60.00 -51.20
CA MET Y 1 -93.75 -59.87 -50.34
C MET Y 1 -93.31 -60.04 -48.89
N ARG Y 2 -92.51 -59.10 -48.40
CA ARG Y 2 -91.91 -59.20 -47.07
C ARG Y 2 -92.04 -57.94 -46.23
N GLU Y 3 -92.15 -56.76 -46.84
CA GLU Y 3 -92.08 -55.51 -46.10
C GLU Y 3 -93.24 -55.39 -45.11
N ILE Y 4 -92.92 -54.89 -43.92
CA ILE Y 4 -93.87 -54.75 -42.82
C ILE Y 4 -93.87 -53.30 -42.36
N ILE Y 5 -95.06 -52.73 -42.22
CA ILE Y 5 -95.22 -51.37 -41.70
C ILE Y 5 -95.73 -51.48 -40.27
N HIS Y 6 -95.00 -50.89 -39.33
CA HIS Y 6 -95.31 -50.99 -37.90
C HIS Y 6 -96.08 -49.75 -37.47
N ILE Y 7 -97.37 -49.94 -37.16
CA ILE Y 7 -98.20 -48.84 -36.67
C ILE Y 7 -98.17 -48.83 -35.15
N SER Y 8 -97.99 -47.65 -34.57
CA SER Y 8 -97.91 -47.48 -33.13
C SER Y 8 -98.94 -46.47 -32.67
N THR Y 9 -99.68 -46.82 -31.62
CA THR Y 9 -100.66 -45.91 -31.03
C THR Y 9 -100.82 -46.25 -29.55
N GLY Y 10 -101.30 -45.28 -28.79
CA GLY Y 10 -101.51 -45.45 -27.37
C GLY Y 10 -100.26 -45.16 -26.56
N GLN Y 11 -100.48 -44.92 -25.26
CA GLN Y 11 -99.38 -44.61 -24.36
C GLN Y 11 -98.44 -45.80 -24.22
N CYS Y 12 -98.98 -46.98 -23.93
CA CYS Y 12 -98.16 -48.18 -23.85
C CYS Y 12 -97.66 -48.61 -25.23
N GLY Y 13 -98.45 -48.36 -26.27
CA GLY Y 13 -98.06 -48.78 -27.61
C GLY Y 13 -96.81 -48.09 -28.09
N ASN Y 14 -96.64 -46.81 -27.75
CA ASN Y 14 -95.44 -46.08 -28.15
C ASN Y 14 -94.20 -46.70 -27.52
N GLN Y 15 -94.26 -47.02 -26.22
CA GLN Y 15 -93.12 -47.63 -25.55
C GLN Y 15 -92.81 -49.01 -26.13
N ILE Y 16 -93.85 -49.81 -26.37
CA ILE Y 16 -93.64 -51.14 -26.94
C ILE Y 16 -93.01 -51.04 -28.32
N GLY Y 17 -93.51 -50.13 -29.15
CA GLY Y 17 -92.94 -49.96 -30.49
C GLY Y 17 -91.50 -49.48 -30.44
N ALA Y 18 -91.21 -48.53 -29.56
CA ALA Y 18 -89.84 -48.04 -29.43
C ALA Y 18 -88.90 -49.17 -29.01
N ALA Y 19 -89.28 -49.93 -27.99
CA ALA Y 19 -88.45 -51.03 -27.52
C ALA Y 19 -88.26 -52.08 -28.61
N PHE Y 20 -89.32 -52.36 -29.36
CA PHE Y 20 -89.19 -53.24 -30.52
C PHE Y 20 -88.18 -52.68 -31.51
N TRP Y 21 -88.14 -51.35 -31.66
CA TRP Y 21 -87.19 -50.75 -32.58
C TRP Y 21 -85.75 -50.93 -32.11
N GLU Y 22 -85.48 -50.71 -30.82
CA GLU Y 22 -84.11 -50.98 -30.36
C GLU Y 22 -83.75 -52.45 -30.47
N THR Y 23 -84.70 -53.35 -30.17
CA THR Y 23 -84.41 -54.77 -30.30
C THR Y 23 -84.10 -55.15 -31.74
N ILE Y 24 -84.84 -54.58 -32.69
CA ILE Y 24 -84.59 -54.85 -34.10
C ILE Y 24 -83.20 -54.33 -34.50
N CYS Y 25 -82.91 -53.06 -34.18
CA CYS Y 25 -81.65 -52.48 -34.59
C CYS Y 25 -80.46 -53.15 -33.91
N GLY Y 26 -80.68 -53.79 -32.75
CA GLY Y 26 -79.61 -54.54 -32.12
C GLY Y 26 -79.47 -55.96 -32.65
N GLU Y 27 -80.58 -56.58 -33.07
CA GLU Y 27 -80.50 -57.96 -33.53
C GLU Y 27 -79.92 -58.07 -34.93
N HIS Y 28 -80.19 -57.10 -35.80
CA HIS Y 28 -79.54 -57.14 -37.11
C HIS Y 28 -78.27 -56.31 -37.16
N GLY Y 29 -78.18 -55.27 -36.33
CA GLY Y 29 -76.97 -54.47 -36.24
C GLY Y 29 -77.02 -53.23 -37.10
N LEU Y 30 -77.23 -52.08 -36.46
CA LEU Y 30 -77.25 -50.81 -37.18
C LEU Y 30 -77.07 -49.69 -36.15
N ASP Y 31 -75.97 -48.95 -36.24
CA ASP Y 31 -75.76 -47.83 -35.34
C ASP Y 31 -76.65 -46.65 -35.75
N PHE Y 32 -76.92 -45.78 -34.79
CA PHE Y 32 -77.88 -44.69 -34.98
C PHE Y 32 -77.37 -43.58 -35.88
N ASN Y 33 -76.08 -43.55 -36.19
CA ASN Y 33 -75.51 -42.51 -37.05
C ASN Y 33 -75.50 -42.89 -38.52
N GLY Y 34 -76.00 -44.08 -38.86
CA GLY Y 34 -76.05 -44.51 -40.24
C GLY Y 34 -74.83 -45.29 -40.68
N THR Y 35 -74.36 -46.19 -39.83
CA THR Y 35 -73.20 -47.02 -40.12
C THR Y 35 -73.64 -48.45 -40.36
N TYR Y 36 -73.19 -49.03 -41.47
CA TYR Y 36 -73.57 -50.40 -41.82
C TYR Y 36 -72.83 -51.38 -40.93
N HIS Y 37 -73.56 -52.34 -40.35
CA HIS Y 37 -72.95 -53.33 -39.47
C HIS Y 37 -73.50 -54.75 -39.73
N GLY Y 38 -74.19 -54.96 -40.85
CA GLY Y 38 -74.69 -56.28 -41.15
C GLY Y 38 -73.57 -57.24 -41.51
N HIS Y 39 -73.79 -58.52 -41.19
CA HIS Y 39 -72.81 -59.57 -41.45
C HIS Y 39 -73.56 -60.82 -41.90
N ASP Y 40 -73.52 -61.08 -43.21
CA ASP Y 40 -72.92 -60.18 -44.17
C ASP Y 40 -73.92 -59.75 -45.23
N ASP Y 41 -74.63 -60.73 -45.80
CA ASP Y 41 -75.61 -60.49 -46.85
C ASP Y 41 -77.04 -60.57 -46.33
N ILE Y 42 -77.36 -61.67 -45.63
CA ILE Y 42 -78.73 -61.91 -45.18
C ILE Y 42 -79.23 -60.80 -44.26
N GLN Y 43 -78.33 -60.05 -43.64
CA GLN Y 43 -78.70 -58.93 -42.79
C GLN Y 43 -78.84 -57.62 -43.56
N LYS Y 44 -78.78 -57.67 -44.89
CA LYS Y 44 -78.88 -56.48 -45.72
C LYS Y 44 -80.16 -56.42 -46.54
N GLU Y 45 -80.55 -57.51 -47.20
CA GLU Y 45 -81.81 -57.50 -47.94
C GLU Y 45 -83.02 -57.60 -47.02
N ARG Y 46 -82.85 -58.13 -45.81
CA ARG Y 46 -83.97 -58.30 -44.89
C ARG Y 46 -84.28 -57.04 -44.08
N LEU Y 47 -83.39 -56.05 -44.08
CA LEU Y 47 -83.70 -54.80 -43.39
C LEU Y 47 -84.58 -53.87 -44.23
N ASN Y 48 -84.82 -54.21 -45.50
CA ASN Y 48 -85.80 -53.48 -46.30
C ASN Y 48 -87.22 -53.67 -45.79
N VAL Y 49 -87.45 -54.69 -44.95
CA VAL Y 49 -88.78 -54.93 -44.39
C VAL Y 49 -89.21 -53.75 -43.52
N TYR Y 50 -88.30 -53.25 -42.67
CA TYR Y 50 -88.63 -52.18 -41.74
C TYR Y 50 -88.06 -50.82 -42.15
N PHE Y 51 -86.95 -50.80 -42.88
CA PHE Y 51 -86.28 -49.56 -43.25
C PHE Y 51 -86.29 -49.38 -44.76
N ASN Y 52 -86.16 -48.12 -45.19
CA ASN Y 52 -86.06 -47.78 -46.60
C ASN Y 52 -84.79 -46.97 -46.83
N GLU Y 53 -84.19 -47.16 -48.01
CA GLU Y 53 -82.91 -46.53 -48.31
C GLU Y 53 -83.10 -45.05 -48.59
N ALA Y 54 -82.52 -44.21 -47.74
CA ALA Y 54 -82.53 -42.76 -47.94
C ALA Y 54 -81.28 -42.36 -48.72
N SER Y 55 -81.05 -41.06 -48.86
CA SER Y 55 -79.89 -40.58 -49.57
C SER Y 55 -78.61 -40.82 -48.76
N SER Y 56 -77.49 -40.87 -49.48
CA SER Y 56 -76.17 -41.06 -48.89
C SER Y 56 -76.08 -42.35 -48.07
N GLY Y 57 -76.73 -43.41 -48.54
CA GLY Y 57 -76.67 -44.69 -47.85
C GLY Y 57 -77.28 -44.69 -46.46
N LYS Y 58 -78.35 -43.95 -46.26
CA LYS Y 58 -79.01 -43.87 -44.97
C LYS Y 58 -80.28 -44.72 -44.98
N TRP Y 59 -80.57 -45.35 -43.85
CA TRP Y 59 -81.76 -46.19 -43.70
C TRP Y 59 -82.69 -45.54 -42.68
N VAL Y 60 -83.95 -45.35 -43.06
CA VAL Y 60 -84.92 -44.70 -42.19
C VAL Y 60 -86.15 -45.60 -42.05
N PRO Y 61 -86.82 -45.59 -40.91
CA PRO Y 61 -87.98 -46.48 -40.72
C PRO Y 61 -89.19 -46.02 -41.50
N ARG Y 62 -90.05 -46.99 -41.82
CA ARG Y 62 -91.37 -46.74 -42.40
C ARG Y 62 -92.39 -47.15 -41.35
N SER Y 63 -92.70 -46.23 -40.45
CA SER Y 63 -93.59 -46.51 -39.33
C SER Y 63 -94.33 -45.24 -38.95
N ILE Y 64 -95.65 -45.31 -38.88
CA ILE Y 64 -96.50 -44.17 -38.54
C ILE Y 64 -96.87 -44.32 -37.07
N ASN Y 65 -96.32 -43.44 -36.23
CA ASN Y 65 -96.66 -43.40 -34.82
C ASN Y 65 -97.64 -42.26 -34.58
N VAL Y 66 -98.77 -42.56 -33.96
CA VAL Y 66 -99.83 -41.58 -33.73
C VAL Y 66 -100.22 -41.62 -32.25
N ASP Y 67 -100.36 -40.44 -31.65
CA ASP Y 67 -100.80 -40.31 -30.27
C ASP Y 67 -101.24 -38.88 -30.05
N LEU Y 68 -102.27 -38.71 -29.22
CA LEU Y 68 -102.82 -37.39 -28.96
C LEU Y 68 -102.00 -36.60 -27.96
N GLU Y 69 -101.07 -37.24 -27.23
CA GLU Y 69 -100.16 -36.52 -26.36
C GLU Y 69 -98.78 -36.47 -27.00
N PRO Y 70 -98.19 -35.30 -27.18
CA PRO Y 70 -96.89 -35.20 -27.88
C PRO Y 70 -95.67 -35.31 -26.99
N GLY Y 71 -95.81 -35.77 -25.74
CA GLY Y 71 -94.68 -35.85 -24.84
C GLY Y 71 -93.87 -37.12 -24.98
N THR Y 72 -94.43 -38.13 -25.65
CA THR Y 72 -93.71 -39.39 -25.79
C THR Y 72 -92.61 -39.32 -26.84
N ILE Y 73 -92.80 -38.52 -27.91
CA ILE Y 73 -91.79 -38.43 -28.94
C ILE Y 73 -90.55 -37.69 -28.47
N ASP Y 74 -90.70 -36.77 -27.50
CA ASP Y 74 -89.54 -36.12 -26.92
C ASP Y 74 -88.65 -37.13 -26.21
N ALA Y 75 -89.26 -38.09 -25.52
CA ALA Y 75 -88.54 -39.19 -24.90
C ALA Y 75 -88.20 -40.30 -25.88
N VAL Y 76 -88.26 -40.02 -27.18
CA VAL Y 76 -87.90 -40.98 -28.23
C VAL Y 76 -86.76 -40.46 -29.09
N ARG Y 77 -86.88 -39.22 -29.58
CA ARG Y 77 -85.85 -38.67 -30.45
C ARG Y 77 -84.58 -38.31 -29.69
N ASN Y 78 -84.71 -37.87 -28.45
CA ASN Y 78 -83.54 -37.50 -27.65
C ASN Y 78 -83.03 -38.66 -26.78
N SER Y 79 -83.83 -39.70 -26.61
CA SER Y 79 -83.48 -40.87 -25.81
C SER Y 79 -82.75 -41.88 -26.70
N ALA Y 80 -82.73 -43.15 -26.28
CA ALA Y 80 -82.08 -44.21 -27.04
C ALA Y 80 -82.72 -44.35 -28.42
N ILE Y 81 -82.25 -45.28 -29.24
CA ILE Y 81 -82.24 -45.11 -30.68
C ILE Y 81 -83.65 -44.89 -31.22
N GLY Y 82 -83.91 -43.64 -31.64
CA GLY Y 82 -85.09 -43.25 -32.37
C GLY Y 82 -84.75 -42.14 -33.33
N ASN Y 83 -83.45 -41.82 -33.43
CA ASN Y 83 -83.00 -40.71 -34.26
C ASN Y 83 -83.19 -40.99 -35.74
N LEU Y 84 -83.30 -42.26 -36.13
CA LEU Y 84 -83.55 -42.59 -37.53
C LEU Y 84 -84.93 -42.16 -37.98
N PHE Y 85 -85.85 -41.90 -37.05
CA PHE Y 85 -87.23 -41.57 -37.39
C PHE Y 85 -87.26 -40.24 -38.15
N ARG Y 86 -87.82 -40.27 -39.35
CA ARG Y 86 -87.97 -39.07 -40.14
C ARG Y 86 -89.01 -38.14 -39.51
N PRO Y 87 -88.86 -36.83 -39.63
CA PRO Y 87 -89.80 -35.91 -38.97
C PRO Y 87 -91.24 -36.06 -39.44
N ASP Y 88 -91.46 -36.52 -40.67
CA ASP Y 88 -92.82 -36.70 -41.15
C ASP Y 88 -93.53 -37.85 -40.45
N ASN Y 89 -92.78 -38.79 -39.87
CA ASN Y 89 -93.40 -39.89 -39.12
C ASN Y 89 -94.10 -39.43 -37.86
N TYR Y 90 -93.81 -38.21 -37.40
CA TYR Y 90 -94.41 -37.71 -36.16
C TYR Y 90 -95.76 -37.09 -36.49
N ILE Y 91 -96.83 -37.85 -36.30
CA ILE Y 91 -98.20 -37.37 -36.43
C ILE Y 91 -98.78 -37.34 -35.03
N PHE Y 92 -98.80 -36.16 -34.42
CA PHE Y 92 -99.31 -35.98 -33.07
C PHE Y 92 -100.21 -34.76 -33.02
N GLY Y 93 -101.15 -34.78 -32.08
CA GLY Y 93 -102.08 -33.67 -31.92
C GLY Y 93 -102.22 -33.22 -30.49
N GLN Y 94 -103.33 -32.56 -30.17
CA GLN Y 94 -103.62 -32.09 -28.83
C GLN Y 94 -105.08 -32.39 -28.50
N SER Y 95 -105.32 -32.86 -27.27
CA SER Y 95 -104.27 -33.09 -26.30
C SER Y 95 -104.35 -34.52 -25.74
N SER Y 96 -105.56 -35.06 -25.73
CA SER Y 96 -105.79 -36.42 -25.23
C SER Y 96 -107.15 -36.87 -25.72
N ALA Y 97 -107.37 -38.19 -25.66
CA ALA Y 97 -108.65 -38.78 -26.01
C ALA Y 97 -109.63 -38.83 -24.84
N GLY Y 98 -109.22 -38.35 -23.67
CA GLY Y 98 -110.05 -38.39 -22.49
C GLY Y 98 -110.01 -39.70 -21.73
N ASN Y 99 -109.18 -40.65 -22.15
CA ASN Y 99 -109.09 -41.97 -21.53
C ASN Y 99 -110.44 -42.69 -21.50
N VAL Y 100 -111.26 -42.44 -22.53
CA VAL Y 100 -112.59 -43.01 -22.65
C VAL Y 100 -112.80 -43.49 -24.08
N TRP Y 101 -113.93 -44.15 -24.30
CA TRP Y 101 -114.29 -44.66 -25.62
C TRP Y 101 -115.24 -43.76 -26.38
N ALA Y 102 -116.06 -42.97 -25.70
CA ALA Y 102 -116.99 -42.07 -26.38
C ALA Y 102 -116.25 -40.94 -27.10
N LYS Y 103 -115.15 -40.46 -26.53
CA LYS Y 103 -114.36 -39.39 -27.13
C LYS Y 103 -113.11 -39.90 -27.82
N GLY Y 104 -112.82 -41.19 -27.74
CA GLY Y 104 -111.60 -41.71 -28.36
C GLY Y 104 -111.63 -41.60 -29.87
N HIS Y 105 -112.68 -42.13 -30.50
CA HIS Y 105 -112.80 -42.07 -31.96
C HIS Y 105 -114.19 -41.75 -32.47
N TYR Y 106 -115.20 -41.64 -31.61
CA TYR Y 106 -116.57 -41.48 -32.11
C TYR Y 106 -116.81 -40.08 -32.66
N THR Y 107 -116.32 -39.05 -31.95
CA THR Y 107 -116.57 -37.67 -32.34
C THR Y 107 -115.30 -36.92 -32.71
N GLU Y 108 -114.30 -36.91 -31.83
CA GLU Y 108 -113.10 -36.13 -32.05
C GLU Y 108 -111.94 -36.93 -32.64
N GLY Y 109 -111.99 -38.25 -32.54
CA GLY Y 109 -110.90 -39.07 -33.05
C GLY Y 109 -110.94 -39.28 -34.55
N ALA Y 110 -111.98 -38.80 -35.22
CA ALA Y 110 -112.15 -38.99 -36.65
C ALA Y 110 -111.70 -37.79 -37.48
N GLU Y 111 -110.93 -36.88 -36.89
CA GLU Y 111 -110.52 -35.65 -37.59
C GLU Y 111 -109.16 -35.81 -38.26
N LEU Y 112 -108.11 -36.08 -37.48
CA LEU Y 112 -106.77 -36.25 -38.03
C LEU Y 112 -106.55 -37.62 -38.64
N VAL Y 113 -107.47 -38.57 -38.42
CA VAL Y 113 -107.28 -39.91 -38.93
C VAL Y 113 -107.42 -39.94 -40.44
N ASP Y 114 -108.07 -38.95 -41.04
CA ASP Y 114 -108.07 -38.85 -42.50
C ASP Y 114 -106.67 -38.59 -43.03
N SER Y 115 -105.92 -37.69 -42.37
CA SER Y 115 -104.52 -37.48 -42.75
C SER Y 115 -103.70 -38.73 -42.48
N VAL Y 116 -104.01 -39.45 -41.40
CA VAL Y 116 -103.32 -40.71 -41.14
C VAL Y 116 -103.57 -41.70 -42.28
N MET Y 117 -104.81 -41.79 -42.75
CA MET Y 117 -105.13 -42.69 -43.85
C MET Y 117 -104.42 -42.25 -45.13
N ASP Y 118 -104.32 -40.94 -45.37
CA ASP Y 118 -103.61 -40.44 -46.54
C ASP Y 118 -102.12 -40.81 -46.48
N VAL Y 119 -101.49 -40.65 -45.31
CA VAL Y 119 -100.08 -41.00 -45.23
C VAL Y 119 -99.88 -42.50 -45.33
N ILE Y 120 -100.86 -43.30 -44.85
CA ILE Y 120 -100.80 -44.75 -45.06
C ILE Y 120 -100.85 -45.07 -46.54
N ARG Y 121 -101.73 -44.39 -47.29
CA ARG Y 121 -101.77 -44.60 -48.74
C ARG Y 121 -100.43 -44.25 -49.38
N ARG Y 122 -99.86 -43.09 -49.03
CA ARG Y 122 -98.64 -42.67 -49.69
C ARG Y 122 -97.48 -43.60 -49.35
N GLU Y 123 -97.45 -44.14 -48.13
CA GLU Y 123 -96.50 -45.19 -47.81
C GLU Y 123 -96.80 -46.47 -48.58
N ALA Y 124 -98.08 -46.71 -48.90
CA ALA Y 124 -98.44 -47.91 -49.65
C ALA Y 124 -97.87 -47.87 -51.06
N GLU Y 125 -98.05 -46.76 -51.77
CA GLU Y 125 -97.37 -46.71 -53.07
C GLU Y 125 -95.87 -46.47 -52.93
N GLY Y 126 -95.42 -45.99 -51.76
CA GLY Y 126 -94.00 -45.94 -51.50
C GLY Y 126 -93.39 -47.31 -51.20
N CYS Y 127 -94.22 -48.27 -50.84
CA CYS Y 127 -93.78 -49.63 -50.55
C CYS Y 127 -93.99 -50.53 -51.76
N ASP Y 128 -93.13 -51.53 -51.90
CA ASP Y 128 -93.16 -52.44 -53.04
C ASP Y 128 -93.67 -53.83 -52.70
N SER Y 129 -93.41 -54.32 -51.50
CA SER Y 129 -93.77 -55.70 -51.11
C SER Y 129 -94.43 -55.69 -49.73
N LEU Y 130 -95.43 -54.82 -49.57
CA LEU Y 130 -96.16 -54.72 -48.31
C LEU Y 130 -96.81 -56.07 -47.96
N GLN Y 131 -96.50 -56.56 -46.76
CA GLN Y 131 -96.91 -57.89 -46.33
C GLN Y 131 -97.97 -57.87 -45.23
N GLY Y 132 -97.70 -57.18 -44.13
CA GLY Y 132 -98.61 -57.19 -42.99
C GLY Y 132 -98.58 -55.86 -42.26
N PHE Y 133 -99.43 -55.77 -41.24
CA PHE Y 133 -99.60 -54.54 -40.47
C PHE Y 133 -99.50 -54.88 -38.99
N GLN Y 134 -98.52 -54.30 -38.30
CA GLN Y 134 -98.31 -54.53 -36.88
C GLN Y 134 -98.83 -53.32 -36.10
N ILE Y 135 -99.69 -53.56 -35.12
CA ILE Y 135 -100.23 -52.52 -34.26
C ILE Y 135 -100.02 -52.93 -32.81
N THR Y 136 -99.54 -52.00 -31.99
CA THR Y 136 -99.39 -52.19 -30.56
C THR Y 136 -100.21 -51.12 -29.85
N HIS Y 137 -101.12 -51.55 -28.98
CA HIS Y 137 -102.01 -50.63 -28.28
C HIS Y 137 -102.47 -51.29 -26.99
N SER Y 138 -103.24 -50.53 -26.21
CA SER Y 138 -103.77 -50.99 -24.93
C SER Y 138 -105.27 -51.22 -25.07
N LEU Y 139 -105.73 -52.38 -24.59
CA LEU Y 139 -107.15 -52.72 -24.67
C LEU Y 139 -108.00 -51.77 -23.82
N GLY Y 140 -107.54 -51.45 -22.61
CA GLY Y 140 -108.30 -50.58 -21.74
C GLY Y 140 -107.92 -49.12 -21.84
N GLY Y 141 -106.81 -48.83 -22.51
CA GLY Y 141 -106.39 -47.45 -22.67
C GLY Y 141 -107.33 -46.68 -23.57
N GLY Y 142 -107.52 -45.41 -23.24
CA GLY Y 142 -108.43 -44.56 -23.98
C GLY Y 142 -108.00 -44.33 -25.41
N THR Y 143 -106.72 -44.00 -25.61
CA THR Y 143 -106.23 -43.73 -26.97
C THR Y 143 -106.12 -45.02 -27.78
N GLY Y 144 -105.45 -46.04 -27.23
CA GLY Y 144 -105.24 -47.25 -27.98
C GLY Y 144 -106.53 -47.93 -28.39
N SER Y 145 -107.44 -48.11 -27.42
CA SER Y 145 -108.74 -48.69 -27.74
C SER Y 145 -109.61 -47.72 -28.53
N GLY Y 146 -109.36 -46.41 -28.40
CA GLY Y 146 -110.19 -45.43 -29.06
C GLY Y 146 -110.05 -45.42 -30.57
N MET Y 147 -108.90 -44.96 -31.08
CA MET Y 147 -108.76 -44.91 -32.53
C MET Y 147 -108.10 -46.14 -33.11
N GLY Y 148 -107.67 -47.09 -32.27
CA GLY Y 148 -107.07 -48.31 -32.80
C GLY Y 148 -108.07 -49.11 -33.63
N THR Y 149 -109.28 -49.31 -33.10
CA THR Y 149 -110.31 -50.04 -33.84
C THR Y 149 -110.69 -49.32 -35.12
N LEU Y 150 -110.73 -47.99 -35.10
CA LEU Y 150 -111.13 -47.25 -36.29
C LEU Y 150 -110.04 -47.28 -37.35
N LEU Y 151 -108.77 -47.27 -36.92
CA LEU Y 151 -107.67 -47.53 -37.84
C LEU Y 151 -107.77 -48.92 -38.44
N ILE Y 152 -108.17 -49.91 -37.62
CA ILE Y 152 -108.38 -51.27 -38.15
C ILE Y 152 -109.49 -51.23 -39.20
N SER Y 153 -110.53 -50.46 -38.94
CA SER Y 153 -111.63 -50.36 -39.90
C SER Y 153 -111.15 -49.81 -41.23
N LYS Y 154 -110.37 -48.72 -41.21
CA LYS Y 154 -109.85 -48.19 -42.47
C LYS Y 154 -108.89 -49.15 -43.15
N ILE Y 155 -108.02 -49.81 -42.38
CA ILE Y 155 -107.04 -50.68 -43.00
C ILE Y 155 -107.71 -51.91 -43.61
N ARG Y 156 -108.88 -52.29 -43.08
CA ARG Y 156 -109.69 -53.31 -43.76
C ARG Y 156 -110.38 -52.73 -44.99
N GLU Y 157 -110.86 -51.49 -44.90
CA GLU Y 157 -111.58 -50.89 -46.01
C GLU Y 157 -110.68 -50.73 -47.24
N GLU Y 158 -109.46 -50.26 -47.03
CA GLU Y 158 -108.56 -49.98 -48.15
C GLU Y 158 -107.73 -51.17 -48.57
N PHE Y 159 -107.55 -52.16 -47.69
CA PHE Y 159 -106.82 -53.38 -48.03
C PHE Y 159 -107.68 -54.60 -47.71
N PRO Y 160 -108.53 -55.04 -48.64
CA PRO Y 160 -109.35 -56.23 -48.39
C PRO Y 160 -108.61 -57.54 -48.55
N ASP Y 161 -107.40 -57.53 -49.08
CA ASP Y 161 -106.61 -58.74 -49.28
C ASP Y 161 -105.47 -58.89 -48.27
N ARG Y 162 -105.29 -57.91 -47.38
CA ARG Y 162 -104.22 -57.94 -46.40
C ARG Y 162 -104.80 -58.26 -45.03
N MET Y 163 -104.22 -59.26 -44.37
CA MET Y 163 -104.65 -59.60 -43.01
C MET Y 163 -104.15 -58.54 -42.02
N MET Y 164 -104.68 -58.60 -40.81
CA MET Y 164 -104.33 -57.65 -39.76
C MET Y 164 -103.83 -58.40 -38.53
N ALA Y 165 -102.77 -57.89 -37.92
CA ALA Y 165 -102.20 -58.46 -36.71
C ALA Y 165 -102.34 -57.45 -35.57
N THR Y 166 -102.92 -57.89 -34.46
CA THR Y 166 -103.15 -57.03 -33.30
C THR Y 166 -102.50 -57.66 -32.07
N PHE Y 167 -101.88 -56.80 -31.26
CA PHE Y 167 -101.17 -57.23 -30.05
C PHE Y 167 -101.57 -56.35 -28.87
N SER Y 168 -102.88 -56.16 -28.71
CA SER Y 168 -103.39 -55.34 -27.61
C SER Y 168 -103.09 -55.99 -26.26
N VAL Y 169 -102.82 -55.16 -25.26
CA VAL Y 169 -102.53 -55.63 -23.92
C VAL Y 169 -103.82 -55.72 -23.13
N LEU Y 170 -104.17 -56.92 -22.68
CA LEU Y 170 -105.43 -57.15 -21.99
C LEU Y 170 -105.27 -56.82 -20.51
N PRO Y 171 -106.02 -55.87 -19.98
CA PRO Y 171 -105.95 -55.61 -18.53
C PRO Y 171 -106.46 -56.79 -17.72
N SER Y 172 -105.86 -56.96 -16.55
CA SER Y 172 -106.25 -58.05 -15.67
C SER Y 172 -107.59 -57.75 -15.00
N PRO Y 173 -108.39 -58.78 -14.73
CA PRO Y 173 -109.69 -58.56 -14.08
C PRO Y 173 -109.58 -58.20 -12.60
N LYS Y 174 -108.38 -58.24 -12.01
CA LYS Y 174 -108.20 -57.94 -10.60
C LYS Y 174 -107.56 -56.58 -10.33
N THR Y 175 -106.98 -55.93 -11.33
CA THR Y 175 -106.38 -54.61 -11.20
C THR Y 175 -107.23 -53.60 -11.94
N SER Y 176 -107.59 -52.51 -11.25
CA SER Y 176 -108.46 -51.47 -11.80
C SER Y 176 -107.77 -50.13 -11.65
N ASP Y 177 -107.03 -49.71 -12.68
CA ASP Y 177 -106.46 -48.37 -12.69
C ASP Y 177 -107.56 -47.32 -12.73
N THR Y 178 -108.60 -47.56 -13.53
CA THR Y 178 -109.77 -46.68 -13.58
C THR Y 178 -111.02 -47.56 -13.62
N VAL Y 179 -112.14 -46.95 -13.22
CA VAL Y 179 -113.40 -47.70 -13.12
C VAL Y 179 -113.91 -48.13 -14.48
N VAL Y 180 -113.48 -47.50 -15.56
CA VAL Y 180 -114.02 -47.76 -16.89
C VAL Y 180 -112.99 -48.42 -17.81
N GLU Y 181 -111.90 -48.94 -17.25
CA GLU Y 181 -110.93 -49.65 -18.07
C GLU Y 181 -111.51 -50.90 -18.73
N PRO Y 182 -112.16 -51.82 -18.02
CA PRO Y 182 -112.84 -52.93 -18.72
C PRO Y 182 -113.93 -52.45 -19.65
N TYR Y 183 -114.59 -51.33 -19.32
CA TYR Y 183 -115.61 -50.78 -20.19
C TYR Y 183 -115.04 -50.40 -21.55
N ASN Y 184 -113.92 -49.67 -21.54
CA ASN Y 184 -113.25 -49.33 -22.80
C ASN Y 184 -112.73 -50.57 -23.50
N ALA Y 185 -112.21 -51.54 -22.73
CA ALA Y 185 -111.70 -52.77 -23.32
C ALA Y 185 -112.80 -53.50 -24.09
N THR Y 186 -113.99 -53.59 -23.50
CA THR Y 186 -115.08 -54.31 -24.16
C THR Y 186 -115.65 -53.49 -25.31
N LEU Y 187 -115.72 -52.17 -25.16
CA LEU Y 187 -116.16 -51.35 -26.29
C LEU Y 187 -115.19 -51.43 -27.46
N SER Y 188 -113.92 -51.75 -27.18
CA SER Y 188 -112.96 -51.94 -28.26
C SER Y 188 -113.08 -53.33 -28.89
N VAL Y 189 -113.19 -54.38 -28.05
CA VAL Y 189 -113.31 -55.73 -28.60
C VAL Y 189 -114.66 -55.92 -29.29
N HIS Y 190 -115.63 -55.03 -29.05
CA HIS Y 190 -116.88 -55.07 -29.79
C HIS Y 190 -116.65 -54.99 -31.29
N GLN Y 191 -115.64 -54.23 -31.74
CA GLN Y 191 -115.28 -54.17 -33.14
C GLN Y 191 -113.99 -54.91 -33.46
N LEU Y 192 -113.17 -55.21 -32.46
CA LEU Y 192 -111.94 -55.95 -32.70
C LEU Y 192 -112.22 -57.34 -33.26
N VAL Y 193 -113.22 -58.03 -32.71
CA VAL Y 193 -113.55 -59.36 -33.20
C VAL Y 193 -114.11 -59.31 -34.62
N GLU Y 194 -114.77 -58.21 -34.98
CA GLU Y 194 -115.36 -58.06 -36.30
C GLU Y 194 -114.42 -57.45 -37.33
N HIS Y 195 -113.19 -57.09 -36.92
CA HIS Y 195 -112.27 -56.44 -37.84
C HIS Y 195 -110.85 -56.98 -37.81
N SER Y 196 -110.54 -57.95 -36.95
CA SER Y 196 -109.19 -58.48 -36.83
C SER Y 196 -109.17 -59.96 -37.21
N ASP Y 197 -108.01 -60.43 -37.66
CA ASP Y 197 -107.83 -61.83 -38.05
C ASP Y 197 -107.11 -62.65 -37.01
N GLU Y 198 -106.27 -62.04 -36.18
CA GLU Y 198 -105.59 -62.74 -35.11
C GLU Y 198 -105.13 -61.73 -34.06
N THR Y 199 -104.99 -62.21 -32.83
CA THR Y 199 -104.59 -61.34 -31.72
C THR Y 199 -103.87 -62.17 -30.66
N PHE Y 200 -103.11 -61.47 -29.82
CA PHE Y 200 -102.35 -62.09 -28.75
C PHE Y 200 -102.85 -61.58 -27.40
N CYS Y 201 -102.92 -62.47 -26.41
CA CYS Y 201 -103.34 -62.13 -25.06
C CYS Y 201 -102.11 -61.76 -24.24
N ILE Y 202 -102.03 -60.52 -23.81
CA ILE Y 202 -100.90 -60.01 -23.04
C ILE Y 202 -101.43 -59.45 -21.73
N ASP Y 203 -100.86 -59.91 -20.62
CA ASP Y 203 -101.25 -59.45 -19.29
C ASP Y 203 -100.01 -59.00 -18.54
N ASN Y 204 -100.06 -57.80 -17.96
CA ASN Y 204 -98.91 -57.26 -17.24
C ASN Y 204 -98.66 -58.00 -15.93
N GLU Y 205 -99.71 -58.48 -15.28
CA GLU Y 205 -99.54 -59.20 -14.02
C GLU Y 205 -98.82 -60.52 -14.22
N ALA Y 206 -99.04 -61.18 -15.36
CA ALA Y 206 -98.26 -62.36 -15.69
C ALA Y 206 -96.78 -62.02 -15.84
N LEU Y 207 -96.50 -60.86 -16.46
CA LEU Y 207 -95.12 -60.41 -16.58
C LEU Y 207 -94.50 -60.16 -15.20
N TYR Y 208 -95.27 -59.55 -14.29
CA TYR Y 208 -94.77 -59.34 -12.94
C TYR Y 208 -94.51 -60.67 -12.24
N ASP Y 209 -95.40 -61.64 -12.41
CA ASP Y 209 -95.22 -62.94 -11.79
C ASP Y 209 -93.96 -63.64 -12.32
N ILE Y 210 -93.75 -63.59 -13.63
CA ILE Y 210 -92.57 -64.25 -14.19
C ILE Y 210 -91.30 -63.50 -13.82
N CYS Y 211 -91.39 -62.18 -13.61
CA CYS Y 211 -90.22 -61.43 -13.16
C CYS Y 211 -89.88 -61.78 -11.72
N GLN Y 212 -90.89 -61.91 -10.85
CA GLN Y 212 -90.63 -62.25 -9.45
C GLN Y 212 -90.33 -63.73 -9.25
N ARG Y 213 -90.62 -64.59 -10.24
CA ARG Y 213 -90.34 -66.01 -10.12
C ARG Y 213 -88.94 -66.36 -10.63
N THR Y 214 -88.65 -66.05 -11.89
CA THR Y 214 -87.38 -66.38 -12.51
C THR Y 214 -86.40 -65.22 -12.53
N LEU Y 215 -86.86 -64.03 -12.89
CA LEU Y 215 -85.96 -62.88 -12.98
C LEU Y 215 -85.57 -62.34 -11.61
N LYS Y 216 -86.44 -62.51 -10.60
CA LYS Y 216 -86.22 -61.94 -9.26
C LYS Y 216 -85.98 -60.45 -9.35
N LEU Y 217 -86.75 -59.77 -10.20
CA LEU Y 217 -86.59 -58.33 -10.38
C LEU Y 217 -87.08 -57.58 -9.15
N ASN Y 218 -86.25 -56.64 -8.67
CA ASN Y 218 -86.60 -55.87 -7.48
C ASN Y 218 -87.36 -54.60 -7.81
N GLN Y 219 -87.06 -53.97 -8.94
CA GLN Y 219 -87.69 -52.71 -9.32
C GLN Y 219 -88.72 -52.98 -10.42
N PRO Y 220 -90.00 -52.69 -10.19
CA PRO Y 220 -90.99 -52.90 -11.24
C PRO Y 220 -90.84 -51.87 -12.36
N SER Y 221 -90.32 -52.32 -13.50
CA SER Y 221 -90.02 -51.45 -14.63
C SER Y 221 -90.73 -51.96 -15.87
N TYR Y 222 -91.38 -51.05 -16.60
CA TYR Y 222 -92.04 -51.41 -17.84
C TYR Y 222 -91.04 -51.63 -18.98
N GLY Y 223 -89.80 -51.16 -18.83
CA GLY Y 223 -88.81 -51.33 -19.88
C GLY Y 223 -88.42 -52.79 -20.09
N ASP Y 224 -88.21 -53.53 -19.00
CA ASP Y 224 -87.87 -54.95 -19.14
C ASP Y 224 -89.03 -55.73 -19.75
N LEU Y 225 -90.26 -55.39 -19.37
CA LEU Y 225 -91.42 -56.07 -19.95
C LEU Y 225 -91.53 -55.76 -21.44
N ASN Y 226 -91.26 -54.51 -21.82
CA ASN Y 226 -91.23 -54.16 -23.24
C ASN Y 226 -90.14 -54.93 -23.96
N ASN Y 227 -88.97 -55.09 -23.33
CA ASN Y 227 -87.90 -55.86 -23.94
C ASN Y 227 -88.34 -57.30 -24.18
N LEU Y 228 -89.00 -57.91 -23.20
CA LEU Y 228 -89.46 -59.30 -23.35
C LEU Y 228 -90.48 -59.42 -24.47
N VAL Y 229 -91.48 -58.54 -24.48
CA VAL Y 229 -92.52 -58.64 -25.50
C VAL Y 229 -91.95 -58.33 -26.88
N SER Y 230 -90.96 -57.45 -26.97
CA SER Y 230 -90.35 -57.15 -28.25
C SER Y 230 -89.48 -58.30 -28.74
N SER Y 231 -88.81 -59.01 -27.83
CA SER Y 231 -88.09 -60.21 -28.22
C SER Y 231 -89.04 -61.26 -28.75
N VAL Y 232 -90.20 -61.41 -28.09
CA VAL Y 232 -91.21 -62.35 -28.59
C VAL Y 232 -91.70 -61.93 -29.97
N MET Y 233 -91.96 -60.63 -30.15
CA MET Y 233 -92.45 -60.13 -31.42
C MET Y 233 -91.43 -60.32 -32.55
N SER Y 234 -90.15 -60.11 -32.24
CA SER Y 234 -89.12 -60.41 -33.23
C SER Y 234 -89.06 -61.91 -33.54
N GLY Y 235 -89.20 -62.75 -32.51
CA GLY Y 235 -89.12 -64.19 -32.71
C GLY Y 235 -90.23 -64.75 -33.57
N VAL Y 236 -91.44 -64.17 -33.52
CA VAL Y 236 -92.53 -64.70 -34.34
C VAL Y 236 -92.34 -64.41 -35.83
N THR Y 237 -91.38 -63.55 -36.20
CA THR Y 237 -91.11 -63.26 -37.59
C THR Y 237 -89.67 -63.58 -38.02
N THR Y 238 -88.82 -64.05 -37.11
CA THR Y 238 -87.51 -64.54 -37.51
C THR Y 238 -87.61 -65.65 -38.55
N SER Y 239 -88.66 -66.47 -38.45
CA SER Y 239 -88.85 -67.54 -39.43
C SER Y 239 -89.05 -66.98 -40.82
N LEU Y 240 -89.83 -65.90 -40.95
CA LEU Y 240 -90.04 -65.29 -42.25
C LEU Y 240 -88.78 -64.60 -42.75
N ARG Y 241 -88.12 -63.81 -41.89
CA ARG Y 241 -86.98 -63.04 -42.37
C ARG Y 241 -85.66 -63.80 -42.28
N TYR Y 242 -85.66 -65.05 -41.83
CA TYR Y 242 -84.49 -65.91 -41.87
C TYR Y 242 -84.93 -67.30 -42.28
N PRO Y 243 -84.44 -67.82 -43.41
CA PRO Y 243 -84.92 -69.13 -43.88
C PRO Y 243 -84.54 -70.27 -42.94
N GLY Y 244 -85.40 -71.28 -42.91
CA GLY Y 244 -85.15 -72.48 -42.14
C GLY Y 244 -85.73 -73.70 -42.82
N GLN Y 245 -85.99 -74.76 -42.06
CA GLN Y 245 -86.64 -75.93 -42.64
C GLN Y 245 -88.07 -75.61 -43.07
N LEU Y 246 -88.80 -74.84 -42.28
CA LEU Y 246 -90.16 -74.45 -42.58
C LEU Y 246 -90.36 -72.99 -42.20
N ASN Y 247 -90.31 -72.10 -43.18
CA ASN Y 247 -90.59 -70.70 -42.92
C ASN Y 247 -92.06 -70.49 -42.61
N SER Y 248 -92.35 -69.62 -41.66
CA SER Y 248 -93.72 -69.35 -41.23
C SER Y 248 -94.08 -67.90 -41.50
N ASP Y 249 -95.32 -67.68 -41.93
CA ASP Y 249 -95.85 -66.36 -42.23
C ASP Y 249 -97.14 -66.15 -41.46
N LEU Y 250 -97.55 -64.88 -41.33
CA LEU Y 250 -98.77 -64.56 -40.61
C LEU Y 250 -99.98 -65.21 -41.26
N ARG Y 251 -100.01 -65.26 -42.59
CA ARG Y 251 -101.08 -65.98 -43.28
C ARG Y 251 -101.04 -67.46 -42.97
N LYS Y 252 -99.84 -68.02 -42.76
CA LYS Y 252 -99.74 -69.41 -42.33
C LYS Y 252 -100.30 -69.59 -40.93
N LEU Y 253 -100.09 -68.62 -40.05
CA LEU Y 253 -100.75 -68.64 -38.74
C LEU Y 253 -102.26 -68.63 -38.89
N ALA Y 254 -102.77 -67.78 -39.80
CA ALA Y 254 -104.21 -67.74 -40.01
C ALA Y 254 -104.73 -69.07 -40.55
N VAL Y 255 -104.00 -69.69 -41.46
CA VAL Y 255 -104.44 -70.95 -42.07
C VAL Y 255 -104.42 -72.08 -41.04
N ASN Y 256 -103.31 -72.21 -40.30
CA ASN Y 256 -103.10 -73.37 -39.43
C ASN Y 256 -103.61 -73.14 -38.01
N LEU Y 257 -103.07 -72.13 -37.33
CA LEU Y 257 -103.41 -71.91 -35.93
C LEU Y 257 -104.86 -71.48 -35.74
N VAL Y 258 -105.36 -70.56 -36.54
CA VAL Y 258 -106.72 -70.08 -36.42
C VAL Y 258 -107.68 -71.16 -36.87
N PRO Y 259 -108.68 -71.54 -36.07
CA PRO Y 259 -109.67 -72.53 -36.53
C PRO Y 259 -110.72 -71.90 -37.44
N PHE Y 260 -111.06 -70.63 -37.19
CA PHE Y 260 -111.95 -69.85 -38.02
C PHE Y 260 -111.83 -68.38 -37.60
N PRO Y 261 -112.11 -67.42 -38.48
CA PRO Y 261 -111.81 -66.01 -38.16
C PRO Y 261 -112.53 -65.48 -36.94
N ARG Y 262 -113.65 -66.08 -36.55
CA ARG Y 262 -114.34 -65.64 -35.32
C ARG Y 262 -113.49 -65.89 -34.09
N LEU Y 263 -112.83 -67.05 -34.02
CA LEU Y 263 -111.96 -67.39 -32.89
C LEU Y 263 -110.52 -67.12 -33.30
N HIS Y 264 -109.93 -66.07 -32.74
CA HIS Y 264 -108.56 -65.70 -33.08
C HIS Y 264 -107.75 -65.26 -31.87
N PHE Y 265 -108.16 -65.65 -30.66
CA PHE Y 265 -107.45 -65.27 -29.44
C PHE Y 265 -106.37 -66.30 -29.13
N PHE Y 266 -105.15 -65.83 -28.89
CA PHE Y 266 -104.01 -66.69 -28.61
C PHE Y 266 -103.34 -66.24 -27.32
N MET Y 267 -102.80 -67.22 -26.60
CA MET Y 267 -101.94 -66.96 -25.45
C MET Y 267 -100.49 -67.11 -25.86
N VAL Y 268 -99.62 -66.28 -25.28
CA VAL Y 268 -98.23 -66.21 -25.69
C VAL Y 268 -97.33 -66.80 -24.61
N GLY Y 269 -96.39 -67.63 -25.02
CA GLY Y 269 -95.39 -68.17 -24.12
C GLY Y 269 -94.02 -68.05 -24.73
N TYR Y 270 -93.03 -67.79 -23.88
CA TYR Y 270 -91.66 -67.55 -24.32
C TYR Y 270 -90.69 -68.42 -23.52
N ALA Y 271 -89.58 -68.76 -24.16
CA ALA Y 271 -88.53 -69.56 -23.53
C ALA Y 271 -87.22 -69.25 -24.25
N PRO Y 272 -86.08 -69.30 -23.54
CA PRO Y 272 -85.94 -69.63 -22.12
C PRO Y 272 -86.22 -68.46 -21.20
N LEU Y 273 -86.81 -68.74 -20.04
CA LEU Y 273 -87.05 -67.72 -19.03
C LEU Y 273 -86.00 -67.84 -17.92
N THR Y 274 -84.80 -67.34 -18.26
CA THR Y 274 -83.65 -67.40 -17.36
C THR Y 274 -83.14 -66.00 -17.07
N ALA Y 275 -82.51 -65.85 -15.91
CA ALA Y 275 -82.00 -64.57 -15.45
C ALA Y 275 -80.50 -64.67 -15.20
N ILE Y 276 -79.91 -63.52 -14.86
CA ILE Y 276 -78.49 -63.47 -14.52
C ILE Y 276 -78.26 -64.21 -13.21
N GLY Y 277 -77.21 -65.03 -13.17
CA GLY Y 277 -76.92 -65.87 -12.04
C GLY Y 277 -77.27 -67.33 -12.24
N SER Y 278 -77.98 -67.66 -13.33
CA SER Y 278 -78.31 -69.04 -13.66
C SER Y 278 -77.79 -69.43 -15.03
N GLN Y 279 -77.04 -68.56 -15.70
CA GLN Y 279 -76.56 -68.83 -17.05
C GLN Y 279 -75.43 -69.87 -17.08
N SER Y 280 -74.64 -69.96 -16.01
CA SER Y 280 -73.52 -70.88 -15.95
C SER Y 280 -73.89 -72.21 -15.32
N PHE Y 281 -75.16 -72.44 -15.02
CA PHE Y 281 -75.61 -73.65 -14.35
C PHE Y 281 -76.65 -74.45 -15.13
N ARG Y 282 -77.19 -73.93 -16.22
CA ARG Y 282 -78.15 -74.68 -17.03
C ARG Y 282 -77.55 -75.06 -18.38
N SER Y 283 -78.09 -76.13 -18.94
CA SER Y 283 -77.84 -76.51 -20.34
C SER Y 283 -79.05 -76.07 -21.16
N LEU Y 284 -78.85 -75.14 -22.07
CA LEU Y 284 -79.94 -74.63 -22.90
C LEU Y 284 -80.13 -75.55 -24.09
N THR Y 285 -81.15 -76.39 -24.01
CA THR Y 285 -81.42 -77.41 -25.03
C THR Y 285 -82.89 -77.38 -25.41
N VAL Y 286 -83.20 -78.07 -26.51
CA VAL Y 286 -84.58 -78.15 -26.97
C VAL Y 286 -85.52 -78.77 -25.93
N PRO Y 287 -85.19 -79.90 -25.30
CA PRO Y 287 -86.13 -80.44 -24.29
C PRO Y 287 -86.41 -79.48 -23.16
N GLU Y 288 -85.38 -78.82 -22.62
CA GLU Y 288 -85.59 -77.88 -21.52
C GLU Y 288 -86.50 -76.73 -21.95
N LEU Y 289 -86.27 -76.20 -23.16
CA LEU Y 289 -87.18 -75.19 -23.70
C LEU Y 289 -88.59 -75.73 -23.83
N THR Y 290 -88.73 -77.03 -24.09
CA THR Y 290 -90.06 -77.61 -24.21
C THR Y 290 -90.77 -77.69 -22.86
N GLN Y 291 -90.08 -78.18 -21.82
CA GLN Y 291 -90.74 -78.17 -20.51
C GLN Y 291 -91.01 -76.75 -20.03
N GLN Y 292 -90.19 -75.79 -20.46
CA GLN Y 292 -90.50 -74.39 -20.16
C GLN Y 292 -91.67 -73.89 -21.00
N MET Y 293 -91.96 -74.54 -22.13
CA MET Y 293 -93.07 -74.10 -22.98
C MET Y 293 -94.41 -74.52 -22.39
N PHE Y 294 -94.54 -75.80 -22.03
CA PHE Y 294 -95.78 -76.33 -21.49
C PHE Y 294 -95.92 -76.12 -19.99
N ASP Y 295 -94.94 -75.47 -19.36
CA ASP Y 295 -95.06 -75.15 -17.94
C ASP Y 295 -96.23 -74.20 -17.71
N ALA Y 296 -97.01 -74.47 -16.68
CA ALA Y 296 -98.25 -73.74 -16.43
C ALA Y 296 -98.01 -72.31 -15.95
N LYS Y 297 -96.76 -71.96 -15.62
CA LYS Y 297 -96.45 -70.63 -15.11
C LYS Y 297 -95.59 -69.82 -16.07
N ASN Y 298 -95.59 -70.15 -17.36
CA ASN Y 298 -94.73 -69.47 -18.32
C ASN Y 298 -95.49 -68.70 -19.39
N MET Y 299 -96.79 -68.95 -19.57
CA MET Y 299 -97.58 -68.18 -20.52
C MET Y 299 -98.09 -66.91 -19.86
N MET Y 300 -98.46 -65.94 -20.71
CA MET Y 300 -98.85 -64.62 -20.26
C MET Y 300 -100.32 -64.32 -20.57
N ALA Y 301 -101.19 -65.33 -20.53
CA ALA Y 301 -102.60 -65.10 -20.82
C ALA Y 301 -103.26 -64.22 -19.75
N ALA Y 302 -103.12 -64.54 -18.45
CA ALA Y 302 -102.52 -65.75 -17.89
C ALA Y 302 -103.60 -66.59 -17.23
N ALA Y 303 -103.70 -67.86 -17.64
CA ALA Y 303 -104.73 -68.76 -17.15
C ALA Y 303 -104.10 -70.11 -16.82
N ASP Y 304 -104.96 -71.09 -16.53
CA ASP Y 304 -104.50 -72.41 -16.11
C ASP Y 304 -104.62 -73.38 -17.27
N PRO Y 305 -103.51 -73.91 -17.79
CA PRO Y 305 -103.58 -74.77 -18.98
C PRO Y 305 -103.98 -76.21 -18.68
N ARG Y 306 -103.61 -76.76 -17.52
CA ARG Y 306 -103.88 -78.16 -17.26
C ARG Y 306 -105.25 -78.39 -16.63
N ASN Y 307 -106.02 -77.33 -16.37
CA ASN Y 307 -107.41 -77.50 -15.98
C ASN Y 307 -108.35 -77.50 -17.16
N GLY Y 308 -107.90 -77.01 -18.32
CA GLY Y 308 -108.68 -77.08 -19.54
C GLY Y 308 -108.05 -78.00 -20.55
N ARG Y 309 -108.04 -77.61 -21.82
CA ARG Y 309 -107.38 -78.40 -22.85
C ARG Y 309 -107.03 -77.49 -24.02
N TYR Y 310 -106.03 -77.92 -24.78
CA TYR Y 310 -105.62 -77.17 -25.96
C TYR Y 310 -106.42 -77.61 -27.18
N LEU Y 311 -106.58 -76.69 -28.13
CA LEU Y 311 -107.18 -76.98 -29.41
C LEU Y 311 -106.15 -77.15 -30.52
N THR Y 312 -105.12 -76.32 -30.53
CA THR Y 312 -103.98 -76.48 -31.43
C THR Y 312 -102.82 -75.68 -30.87
N VAL Y 313 -101.61 -76.24 -30.92
CA VAL Y 313 -100.42 -75.58 -30.40
C VAL Y 313 -99.39 -75.51 -31.52
N ALA Y 314 -98.50 -74.52 -31.39
CA ALA Y 314 -97.48 -74.28 -32.41
C ALA Y 314 -96.15 -73.99 -31.75
N ALA Y 315 -95.08 -74.29 -32.47
CA ALA Y 315 -93.72 -74.06 -32.01
C ALA Y 315 -92.97 -73.26 -33.06
N PHE Y 316 -92.29 -72.19 -32.64
CA PHE Y 316 -91.52 -71.32 -33.52
C PHE Y 316 -90.09 -71.27 -32.99
N PHE Y 317 -89.26 -72.19 -33.47
CA PHE Y 317 -87.92 -72.36 -32.92
C PHE Y 317 -86.92 -71.49 -33.66
N ARG Y 318 -85.86 -71.12 -32.93
CA ARG Y 318 -84.82 -70.23 -33.45
C ARG Y 318 -83.44 -70.82 -33.14
N GLY Y 319 -82.51 -70.57 -34.05
CA GLY Y 319 -81.11 -70.94 -33.84
C GLY Y 319 -80.74 -72.24 -34.54
N LYS Y 320 -79.47 -72.60 -34.35
CA LYS Y 320 -78.92 -73.84 -34.92
C LYS Y 320 -79.52 -75.03 -34.19
N VAL Y 321 -80.50 -75.68 -34.81
CA VAL Y 321 -81.18 -76.83 -34.22
C VAL Y 321 -81.25 -77.95 -35.25
N SER Y 322 -81.07 -79.18 -34.77
CA SER Y 322 -81.23 -80.36 -35.60
C SER Y 322 -82.70 -80.72 -35.69
N VAL Y 323 -83.08 -81.35 -36.81
CA VAL Y 323 -84.47 -81.71 -37.03
C VAL Y 323 -84.91 -82.81 -36.08
N LYS Y 324 -83.98 -83.67 -35.65
CA LYS Y 324 -84.36 -84.84 -34.86
C LYS Y 324 -84.74 -84.47 -33.42
N GLU Y 325 -84.04 -83.50 -32.83
CA GLU Y 325 -84.32 -83.14 -31.44
C GLU Y 325 -85.75 -82.66 -31.27
N VAL Y 326 -86.18 -81.74 -32.15
CA VAL Y 326 -87.48 -81.11 -31.99
C VAL Y 326 -88.59 -82.12 -32.22
N GLU Y 327 -88.47 -82.97 -33.26
CA GLU Y 327 -89.49 -83.95 -33.52
C GLU Y 327 -89.53 -85.03 -32.45
N ASP Y 328 -88.37 -85.44 -31.92
CA ASP Y 328 -88.34 -86.42 -30.85
C ASP Y 328 -89.03 -85.88 -29.59
N GLU Y 329 -88.74 -84.63 -29.24
CA GLU Y 329 -89.41 -84.02 -28.10
C GLU Y 329 -90.90 -83.85 -28.36
N MET Y 330 -91.29 -83.64 -29.62
CA MET Y 330 -92.71 -83.53 -29.94
C MET Y 330 -93.41 -84.87 -29.81
N HIS Y 331 -92.75 -85.95 -30.22
CA HIS Y 331 -93.26 -87.28 -29.91
C HIS Y 331 -93.42 -87.48 -28.40
N LYS Y 332 -92.42 -87.05 -27.63
CA LYS Y 332 -92.49 -87.23 -26.18
C LYS Y 332 -93.69 -86.49 -25.60
N VAL Y 333 -93.90 -85.23 -26.00
CA VAL Y 333 -95.00 -84.46 -25.43
C VAL Y 333 -96.34 -84.99 -25.92
N GLN Y 334 -96.42 -85.42 -27.18
CA GLN Y 334 -97.67 -86.02 -27.65
C GLN Y 334 -97.97 -87.34 -26.98
N SER Y 335 -96.94 -88.05 -26.50
CA SER Y 335 -97.17 -89.30 -25.77
C SER Y 335 -97.61 -89.03 -24.34
N LYS Y 336 -96.96 -88.06 -23.67
CA LYS Y 336 -97.27 -87.81 -22.26
C LYS Y 336 -98.39 -86.81 -22.05
N ASN Y 337 -98.61 -85.90 -23.00
CA ASN Y 337 -99.65 -84.87 -22.88
C ASN Y 337 -100.81 -85.12 -23.84
N SER Y 338 -101.11 -86.39 -24.13
CA SER Y 338 -102.15 -86.71 -25.11
C SER Y 338 -103.54 -86.35 -24.61
N ASP Y 339 -103.75 -86.35 -23.29
CA ASP Y 339 -105.09 -86.14 -22.75
C ASP Y 339 -105.61 -84.73 -23.05
N TYR Y 340 -104.75 -83.72 -22.99
CA TYR Y 340 -105.17 -82.34 -23.13
C TYR Y 340 -105.21 -81.86 -24.57
N PHE Y 341 -104.84 -82.70 -25.53
CA PHE Y 341 -104.99 -82.36 -26.95
C PHE Y 341 -106.37 -82.77 -27.44
N VAL Y 342 -106.90 -82.02 -28.40
CA VAL Y 342 -108.20 -82.35 -28.97
C VAL Y 342 -108.10 -83.67 -29.74
N GLU Y 343 -109.22 -84.41 -29.71
CA GLU Y 343 -109.27 -85.75 -30.29
C GLU Y 343 -109.75 -85.74 -31.74
N TRP Y 344 -109.51 -84.65 -32.47
CA TRP Y 344 -109.96 -84.56 -33.85
C TRP Y 344 -108.91 -84.03 -34.82
N ILE Y 345 -107.74 -83.59 -34.37
CA ILE Y 345 -106.70 -83.17 -35.30
C ILE Y 345 -105.92 -84.38 -35.82
N PRO Y 346 -105.41 -85.29 -34.98
CA PRO Y 346 -105.33 -85.35 -33.51
C PRO Y 346 -103.97 -84.86 -33.00
N ASN Y 347 -103.08 -84.51 -33.92
CA ASN Y 347 -101.72 -84.11 -33.61
C ASN Y 347 -101.63 -82.59 -33.71
N ASN Y 348 -101.88 -81.91 -32.59
CA ASN Y 348 -101.84 -80.46 -32.54
C ASN Y 348 -100.39 -80.00 -32.59
N VAL Y 349 -99.93 -79.58 -33.76
CA VAL Y 349 -98.52 -79.22 -33.93
C VAL Y 349 -98.38 -78.36 -35.18
N GLN Y 350 -97.57 -77.30 -35.04
CA GLN Y 350 -97.11 -76.49 -36.16
C GLN Y 350 -95.69 -76.03 -35.85
N THR Y 351 -94.75 -76.39 -36.72
CA THR Y 351 -93.33 -76.17 -36.46
C THR Y 351 -92.74 -75.20 -37.46
N ALA Y 352 -91.81 -74.37 -36.97
CA ALA Y 352 -91.07 -73.43 -37.81
C ALA Y 352 -89.64 -73.37 -37.31
N VAL Y 353 -88.69 -73.25 -38.25
CA VAL Y 353 -87.27 -73.27 -37.93
C VAL Y 353 -86.65 -71.95 -38.38
N CYS Y 354 -85.87 -71.33 -37.49
CA CYS Y 354 -85.14 -70.11 -37.78
C CYS Y 354 -83.65 -70.40 -37.75
N SER Y 355 -82.89 -69.68 -38.58
CA SER Y 355 -81.46 -69.95 -38.70
C SER Y 355 -80.64 -69.22 -37.64
N VAL Y 356 -80.76 -67.90 -37.55
CA VAL Y 356 -79.92 -67.10 -36.69
C VAL Y 356 -80.35 -67.29 -35.24
N ALA Y 357 -79.37 -67.15 -34.33
CA ALA Y 357 -79.63 -67.27 -32.91
C ALA Y 357 -80.22 -65.97 -32.36
N PRO Y 358 -81.02 -66.05 -31.30
CA PRO Y 358 -81.56 -64.82 -30.70
C PRO Y 358 -80.46 -63.98 -30.08
N GLN Y 359 -80.70 -62.66 -30.06
CA GLN Y 359 -79.75 -61.75 -29.45
C GLN Y 359 -79.71 -61.95 -27.93
N GLY Y 360 -78.50 -61.97 -27.38
CA GLY Y 360 -78.34 -62.18 -25.96
C GLY Y 360 -78.58 -63.59 -25.48
N LEU Y 361 -78.76 -64.54 -26.39
CA LEU Y 361 -79.04 -65.92 -26.03
C LEU Y 361 -78.52 -66.84 -27.11
N ASP Y 362 -78.63 -68.14 -26.88
CA ASP Y 362 -78.20 -69.14 -27.85
C ASP Y 362 -79.38 -69.77 -28.60
N MET Y 363 -80.38 -70.24 -27.86
CA MET Y 363 -81.52 -70.93 -28.44
C MET Y 363 -82.78 -70.41 -27.78
N ALA Y 364 -83.83 -70.17 -28.56
CA ALA Y 364 -85.06 -69.60 -28.02
C ALA Y 364 -86.23 -69.99 -28.92
N ALA Y 365 -87.43 -69.74 -28.42
CA ALA Y 365 -88.65 -70.12 -29.13
C ALA Y 365 -89.81 -69.29 -28.60
N THR Y 366 -90.91 -69.33 -29.34
CA THR Y 366 -92.16 -68.71 -28.95
C THR Y 366 -93.29 -69.72 -29.00
N PHE Y 367 -94.31 -69.51 -28.16
CA PHE Y 367 -95.42 -70.43 -28.01
C PHE Y 367 -96.71 -69.74 -28.42
N ILE Y 368 -97.40 -70.30 -29.41
CA ILE Y 368 -98.70 -69.83 -29.86
C ILE Y 368 -99.65 -71.02 -29.87
N ALA Y 369 -100.81 -70.87 -29.24
CA ALA Y 369 -101.75 -71.98 -29.09
C ALA Y 369 -103.16 -71.45 -28.91
N ASN Y 370 -104.12 -72.38 -28.96
CA ASN Y 370 -105.53 -72.10 -28.68
C ASN Y 370 -106.01 -73.06 -27.59
N SER Y 371 -106.53 -72.50 -26.50
CA SER Y 371 -107.12 -73.28 -25.43
C SER Y 371 -108.50 -72.71 -25.11
N THR Y 372 -109.17 -73.35 -24.15
CA THR Y 372 -110.49 -72.93 -23.72
C THR Y 372 -110.47 -72.06 -22.48
N SER Y 373 -109.31 -71.48 -22.14
CA SER Y 373 -109.18 -70.71 -20.91
C SER Y 373 -109.44 -69.23 -21.09
N ILE Y 374 -109.64 -68.76 -22.33
CA ILE Y 374 -109.89 -67.33 -22.54
C ILE Y 374 -111.34 -66.98 -22.24
N GLN Y 375 -112.24 -67.95 -22.39
CA GLN Y 375 -113.64 -67.72 -22.04
C GLN Y 375 -113.80 -67.43 -20.56
N GLU Y 376 -112.88 -67.94 -19.71
CA GLU Y 376 -112.92 -67.60 -18.29
C GLU Y 376 -112.66 -66.12 -18.08
N LEU Y 377 -111.65 -65.57 -18.75
CA LEU Y 377 -111.40 -64.13 -18.66
C LEU Y 377 -112.59 -63.34 -19.19
N PHE Y 378 -113.18 -63.81 -20.31
CA PHE Y 378 -114.33 -63.13 -20.87
C PHE Y 378 -115.51 -63.11 -19.89
N LYS Y 379 -115.79 -64.24 -19.24
CA LYS Y 379 -116.89 -64.25 -18.29
C LYS Y 379 -116.56 -63.45 -17.04
N ARG Y 380 -115.28 -63.39 -16.65
CA ARG Y 380 -114.91 -62.50 -15.54
C ARG Y 380 -115.24 -61.04 -15.87
N VAL Y 381 -114.87 -60.60 -17.08
CA VAL Y 381 -115.16 -59.23 -17.47
C VAL Y 381 -116.67 -59.02 -17.58
N GLY Y 382 -117.39 -59.99 -18.13
CA GLY Y 382 -118.84 -59.87 -18.23
C GLY Y 382 -119.52 -59.80 -16.86
N ASP Y 383 -119.04 -60.58 -15.90
CA ASP Y 383 -119.57 -60.51 -14.55
C ASP Y 383 -119.24 -59.18 -13.89
N GLN Y 384 -118.04 -58.65 -14.16
CA GLN Y 384 -117.71 -57.31 -13.66
C GLN Y 384 -118.70 -56.28 -14.19
N PHE Y 385 -119.05 -56.37 -15.48
CA PHE Y 385 -120.07 -55.48 -16.02
C PHE Y 385 -121.42 -55.70 -15.34
N SER Y 386 -121.86 -56.96 -15.24
CA SER Y 386 -123.16 -57.26 -14.67
C SER Y 386 -123.26 -56.88 -13.20
N ALA Y 387 -122.12 -56.69 -12.53
CA ALA Y 387 -122.12 -56.25 -11.14
C ALA Y 387 -122.06 -54.73 -11.02
N MET Y 388 -121.01 -54.12 -11.60
CA MET Y 388 -120.79 -52.70 -11.40
C MET Y 388 -121.75 -51.83 -12.20
N PHE Y 389 -122.03 -52.19 -13.45
CA PHE Y 389 -122.72 -51.30 -14.38
C PHE Y 389 -124.24 -51.39 -14.30
N LYS Y 390 -124.78 -52.21 -13.40
CA LYS Y 390 -126.23 -52.21 -13.21
C LYS Y 390 -126.71 -51.01 -12.41
N ARG Y 391 -125.80 -50.31 -11.72
CA ARG Y 391 -126.17 -49.10 -10.99
C ARG Y 391 -126.23 -47.87 -11.87
N LYS Y 392 -125.70 -47.95 -13.10
CA LYS Y 392 -125.64 -46.83 -14.03
C LYS Y 392 -124.94 -45.63 -13.40
N ALA Y 393 -123.82 -45.90 -12.73
CA ALA Y 393 -123.02 -44.87 -12.08
C ALA Y 393 -121.89 -44.46 -13.03
N PHE Y 394 -121.76 -43.15 -13.23
CA PHE Y 394 -120.76 -42.57 -14.14
C PHE Y 394 -120.93 -43.07 -15.57
N LEU Y 395 -122.12 -43.54 -15.92
CA LEU Y 395 -122.40 -44.05 -17.26
C LEU Y 395 -122.90 -42.95 -18.20
N HIS Y 396 -123.32 -41.80 -17.67
CA HIS Y 396 -123.81 -40.72 -18.52
C HIS Y 396 -122.69 -40.08 -19.35
N TRP Y 397 -121.43 -40.23 -18.93
CA TRP Y 397 -120.32 -39.61 -19.64
C TRP Y 397 -120.22 -40.13 -21.08
N TYR Y 398 -120.72 -41.32 -21.34
CA TYR Y 398 -120.72 -41.90 -22.68
C TYR Y 398 -122.04 -41.71 -23.40
N THR Y 399 -123.17 -41.84 -22.71
CA THR Y 399 -124.47 -41.63 -23.34
C THR Y 399 -124.71 -40.17 -23.68
N SER Y 400 -123.91 -39.25 -23.15
CA SER Y 400 -124.06 -37.84 -23.51
C SER Y 400 -123.77 -37.60 -24.98
N GLU Y 401 -122.92 -38.43 -25.59
CA GLU Y 401 -122.56 -38.29 -27.00
C GLU Y 401 -123.44 -39.12 -27.93
N GLY Y 402 -124.37 -39.90 -27.40
CA GLY Y 402 -125.29 -40.65 -28.23
C GLY Y 402 -125.10 -42.14 -28.19
N MET Y 403 -124.66 -42.68 -27.05
CA MET Y 403 -124.53 -44.11 -26.87
C MET Y 403 -125.84 -44.71 -26.38
N ASP Y 404 -126.16 -45.90 -26.89
CA ASP Y 404 -127.38 -46.61 -26.56
C ASP Y 404 -127.04 -47.93 -25.87
N GLU Y 405 -128.00 -48.41 -25.07
CA GLU Y 405 -127.83 -49.70 -24.41
C GLU Y 405 -127.83 -50.86 -25.40
N LEU Y 406 -128.30 -50.63 -26.63
CA LEU Y 406 -128.28 -51.68 -27.64
C LEU Y 406 -126.85 -52.13 -27.94
N GLU Y 407 -125.91 -51.19 -28.01
CA GLU Y 407 -124.52 -51.55 -28.27
C GLU Y 407 -123.95 -52.42 -27.16
N PHE Y 408 -124.24 -52.08 -25.89
CA PHE Y 408 -123.72 -52.87 -24.78
C PHE Y 408 -124.37 -54.26 -24.76
N SER Y 409 -125.67 -54.34 -25.02
CA SER Y 409 -126.32 -55.65 -25.09
C SER Y 409 -125.75 -56.49 -26.23
N GLU Y 410 -125.45 -55.86 -27.36
CA GLU Y 410 -124.85 -56.57 -28.47
C GLU Y 410 -123.44 -57.04 -28.14
N ALA Y 411 -122.68 -56.25 -27.39
CA ALA Y 411 -121.35 -56.69 -26.94
C ALA Y 411 -121.46 -57.87 -25.98
N GLU Y 412 -122.45 -57.84 -25.09
CA GLU Y 412 -122.68 -58.98 -24.21
C GLU Y 412 -123.05 -60.23 -25.01
N SER Y 413 -123.89 -60.07 -26.03
CA SER Y 413 -124.21 -61.18 -26.91
C SER Y 413 -122.97 -61.68 -27.63
N ASN Y 414 -122.09 -60.77 -28.04
CA ASN Y 414 -120.85 -61.17 -28.71
C ASN Y 414 -119.96 -61.99 -27.79
N MET Y 415 -119.83 -61.59 -26.53
CA MET Y 415 -118.98 -62.35 -25.62
C MET Y 415 -119.64 -63.69 -25.27
N ASN Y 416 -120.97 -63.74 -25.21
CA ASN Y 416 -121.66 -65.02 -25.09
C ASN Y 416 -121.36 -65.92 -26.28
N ASP Y 417 -121.38 -65.35 -27.49
CA ASP Y 417 -121.07 -66.13 -28.68
C ASP Y 417 -119.63 -66.63 -28.66
N LEU Y 418 -118.70 -65.79 -28.19
CA LEU Y 418 -117.32 -66.22 -28.05
C LEU Y 418 -117.19 -67.37 -27.06
N VAL Y 419 -117.91 -67.30 -25.94
CA VAL Y 419 -117.89 -68.40 -24.98
C VAL Y 419 -118.43 -69.68 -25.62
N SER Y 420 -119.55 -69.57 -26.35
CA SER Y 420 -120.12 -70.74 -27.01
C SER Y 420 -119.16 -71.33 -28.02
N GLU Y 421 -118.44 -70.47 -28.77
CA GLU Y 421 -117.41 -70.94 -29.67
C GLU Y 421 -116.29 -71.65 -28.91
N TYR Y 422 -115.94 -71.14 -27.74
CA TYR Y 422 -114.99 -71.80 -26.85
C TYR Y 422 -115.56 -73.06 -26.21
N GLN Y 423 -116.80 -73.43 -26.54
CA GLN Y 423 -117.43 -74.64 -26.03
C GLN Y 423 -118.00 -75.48 -27.17
N GLN Y 424 -117.21 -75.71 -28.22
CA GLN Y 424 -117.68 -76.45 -29.39
C GLN Y 424 -117.05 -77.83 -29.61
N TYR Y 425 -115.71 -78.02 -29.57
CA TYR Y 425 -114.60 -77.26 -28.94
C TYR Y 425 -114.84 -77.06 -27.45
N GLN Y 426 -115.32 -78.12 -26.80
CA GLN Y 426 -115.58 -78.09 -25.37
C GLN Y 426 -114.26 -78.04 -24.59
N GLU Y 427 -114.35 -77.55 -23.36
CA GLU Y 427 -113.20 -77.45 -22.49
C GLU Y 427 -112.81 -78.83 -21.94
N MET Z 1 -110.45 -1.71 63.69
CA MET Z 1 -111.25 -1.77 64.92
C MET Z 1 -110.31 -1.58 66.11
N ARG Z 2 -109.72 -0.38 66.21
CA ARG Z 2 -108.72 -0.09 67.23
C ARG Z 2 -108.95 1.21 67.99
N GLU Z 3 -109.64 2.19 67.41
CA GLU Z 3 -109.72 3.51 68.02
C GLU Z 3 -110.45 3.47 69.36
N ILE Z 4 -109.92 4.21 70.32
CA ILE Z 4 -110.44 4.26 71.68
C ILE Z 4 -110.74 5.71 72.04
N ILE Z 5 -111.93 5.95 72.58
CA ILE Z 5 -112.32 7.27 73.07
C ILE Z 5 -112.26 7.25 74.58
N HIS Z 6 -111.48 8.16 75.15
CA HIS Z 6 -111.24 8.21 76.60
C HIS Z 6 -112.18 9.23 77.21
N ILE Z 7 -113.13 8.75 78.00
CA ILE Z 7 -114.06 9.63 78.71
C ILE Z 7 -113.52 9.90 80.10
N SER Z 8 -113.55 11.17 80.52
CA SER Z 8 -113.03 11.58 81.81
C SER Z 8 -114.13 12.32 82.59
N THR Z 9 -114.32 11.95 83.84
CA THR Z 9 -115.26 12.63 84.71
C THR Z 9 -114.80 12.50 86.16
N GLY Z 10 -115.27 13.42 86.99
CA GLY Z 10 -114.91 13.41 88.40
C GLY Z 10 -113.63 14.18 88.67
N GLN Z 11 -113.47 14.55 89.95
CA GLN Z 11 -112.28 15.30 90.36
C GLN Z 11 -111.02 14.46 90.19
N CYS Z 12 -111.03 13.23 90.72
CA CYS Z 12 -109.89 12.36 90.54
C CYS Z 12 -109.78 11.85 89.10
N GLY Z 13 -110.92 11.70 88.42
CA GLY Z 13 -110.89 11.20 87.05
C GLY Z 13 -110.16 12.12 86.11
N ASN Z 14 -110.31 13.44 86.30
CA ASN Z 14 -109.61 14.40 85.45
C ASN Z 14 -108.10 14.26 85.60
N GLN Z 15 -107.63 14.15 86.83
CA GLN Z 15 -106.18 14.00 87.06
C GLN Z 15 -105.67 12.70 86.48
N ILE Z 16 -106.42 11.60 86.67
CA ILE Z 16 -105.99 10.31 86.14
C ILE Z 16 -105.93 10.36 84.62
N GLY Z 17 -106.95 10.94 83.99
CA GLY Z 17 -106.95 11.05 82.54
C GLY Z 17 -105.83 11.92 82.01
N ALA Z 18 -105.56 13.04 82.69
CA ALA Z 18 -104.46 13.91 82.27
C ALA Z 18 -103.14 13.16 82.35
N ALA Z 19 -102.88 12.51 83.49
CA ALA Z 19 -101.63 11.77 83.66
C ALA Z 19 -101.50 10.66 82.63
N PHE Z 20 -102.60 9.98 82.34
CA PHE Z 20 -102.60 9.00 81.26
C PHE Z 20 -102.22 9.64 79.94
N TRP Z 21 -102.67 10.89 79.72
CA TRP Z 21 -102.33 11.58 78.48
C TRP Z 21 -100.83 11.88 78.39
N GLU Z 22 -100.22 12.37 79.49
CA GLU Z 22 -98.77 12.58 79.42
C GLU Z 22 -98.03 11.27 79.24
N THR Z 23 -98.47 10.21 79.92
CA THR Z 23 -97.80 8.92 79.76
C THR Z 23 -97.90 8.42 78.33
N ILE Z 24 -99.06 8.59 77.69
CA ILE Z 24 -99.22 8.18 76.30
C ILE Z 24 -98.31 8.99 75.40
N CYS Z 25 -98.35 10.31 75.52
CA CYS Z 25 -97.55 11.16 74.64
C CYS Z 25 -96.05 10.97 74.87
N GLY Z 26 -95.65 10.49 76.05
CA GLY Z 26 -94.25 10.17 76.26
C GLY Z 26 -93.86 8.79 75.80
N GLU Z 27 -94.78 7.83 75.85
CA GLU Z 27 -94.43 6.46 75.47
C GLU Z 27 -94.35 6.29 73.95
N HIS Z 28 -95.20 6.99 73.20
CA HIS Z 28 -95.05 6.93 71.74
C HIS Z 28 -94.22 8.07 71.18
N GLY Z 29 -94.18 9.20 71.87
CA GLY Z 29 -93.33 10.32 71.46
C GLY Z 29 -94.06 11.35 70.64
N LEU Z 30 -94.41 12.47 71.24
CA LEU Z 30 -95.06 13.57 70.53
C LEU Z 30 -94.93 14.83 71.36
N ASP Z 31 -94.22 15.82 70.84
CA ASP Z 31 -94.09 17.09 71.53
C ASP Z 31 -95.39 17.88 71.42
N PHE Z 32 -95.57 18.79 72.38
CA PHE Z 32 -96.84 19.51 72.50
C PHE Z 32 -97.04 20.58 71.43
N ASN Z 33 -96.02 20.92 70.65
CA ASN Z 33 -96.14 21.92 69.60
C ASN Z 33 -96.50 21.31 68.25
N GLY Z 34 -96.69 20.00 68.18
CA GLY Z 34 -97.06 19.36 66.94
C GLY Z 34 -95.88 18.88 66.12
N THR Z 35 -94.89 18.30 66.77
CA THR Z 35 -93.70 17.80 66.11
C THR Z 35 -93.71 16.27 66.12
N TYR Z 36 -93.51 15.68 64.95
CA TYR Z 36 -93.52 14.22 64.83
C TYR Z 36 -92.25 13.64 65.43
N HIS Z 37 -92.40 12.62 66.29
CA HIS Z 37 -91.25 11.99 66.92
C HIS Z 37 -91.36 10.48 66.95
N GLY Z 38 -92.28 9.89 66.18
CA GLY Z 38 -92.41 8.45 66.15
C GLY Z 38 -91.23 7.79 65.46
N HIS Z 39 -90.91 6.58 65.90
CA HIS Z 39 -89.79 5.81 65.34
C HIS Z 39 -90.21 4.35 65.26
N ASP Z 40 -90.54 3.90 64.05
CA ASP Z 40 -90.62 4.77 62.88
C ASP Z 40 -92.00 4.73 62.25
N ASP Z 41 -92.50 3.50 62.04
CA ASP Z 41 -93.81 3.29 61.41
C ASP Z 41 -94.87 2.88 62.43
N ILE Z 42 -94.57 1.88 63.26
CA ILE Z 42 -95.54 1.34 64.20
C ILE Z 42 -96.03 2.40 65.18
N GLN Z 43 -95.27 3.46 65.38
CA GLN Z 43 -95.66 4.56 66.26
C GLN Z 43 -96.47 5.63 65.53
N LYS Z 44 -96.85 5.38 64.28
CA LYS Z 44 -97.60 6.35 63.49
C LYS Z 44 -99.03 5.92 63.21
N GLU Z 45 -99.25 4.67 62.79
CA GLU Z 45 -100.62 4.20 62.58
C GLU Z 45 -101.35 3.91 63.88
N ARG Z 46 -100.62 3.66 64.96
CA ARG Z 46 -101.24 3.34 66.25
C ARG Z 46 -101.64 4.57 67.05
N LEU Z 47 -101.18 5.77 66.68
CA LEU Z 47 -101.62 6.97 67.37
C LEU Z 47 -102.97 7.46 66.87
N ASN Z 48 -103.51 6.87 65.80
CA ASN Z 48 -104.88 7.15 65.38
C ASN Z 48 -105.89 6.66 66.40
N VAL Z 49 -105.49 5.78 67.31
CA VAL Z 49 -106.40 5.27 68.33
C VAL Z 49 -106.86 6.40 69.25
N TYR Z 50 -105.94 7.26 69.68
CA TYR Z 50 -106.25 8.34 70.60
C TYR Z 50 -106.32 9.71 69.94
N PHE Z 51 -105.59 9.93 68.86
CA PHE Z 51 -105.52 11.23 68.21
C PHE Z 51 -106.10 11.15 66.80
N ASN Z 52 -106.53 12.31 66.29
CA ASN Z 52 -107.03 12.43 64.93
C ASN Z 52 -106.24 13.51 64.21
N GLU Z 53 -106.05 13.32 62.90
CA GLU Z 53 -105.22 14.22 62.11
C GLU Z 53 -105.96 15.52 61.86
N ALA Z 54 -105.43 16.62 62.39
CA ALA Z 54 -105.96 17.95 62.14
C ALA Z 54 -105.25 18.56 60.93
N SER Z 55 -105.51 19.83 60.66
CA SER Z 55 -104.88 20.50 59.54
C SER Z 55 -103.40 20.75 59.82
N SER Z 56 -102.63 20.90 58.74
CA SER Z 56 -101.19 21.19 58.80
C SER Z 56 -100.43 20.13 59.59
N GLY Z 57 -100.83 18.87 59.45
CA GLY Z 57 -100.14 17.78 60.12
C GLY Z 57 -100.20 17.83 61.63
N LYS Z 58 -101.32 18.27 62.19
CA LYS Z 58 -101.49 18.37 63.63
C LYS Z 58 -102.35 17.21 64.13
N TRP Z 59 -102.01 16.70 65.31
CA TRP Z 59 -102.75 15.62 65.94
C TRP Z 59 -103.43 16.14 67.20
N VAL Z 60 -104.73 15.89 67.31
CA VAL Z 60 -105.51 16.38 68.45
C VAL Z 60 -106.27 15.21 69.08
N PRO Z 61 -106.47 15.21 70.39
CA PRO Z 61 -107.14 14.08 71.03
C PRO Z 61 -108.64 14.04 70.73
N ARG Z 62 -109.19 12.84 70.82
CA ARG Z 62 -110.63 12.61 70.75
C ARG Z 62 -111.06 12.10 72.13
N SER Z 63 -111.32 13.03 73.03
CA SER Z 63 -111.64 12.70 74.41
C SER Z 63 -112.56 13.77 74.98
N ILE Z 64 -113.68 13.33 75.55
CA ILE Z 64 -114.68 14.23 76.11
C ILE Z 64 -114.48 14.22 77.63
N ASN Z 65 -113.98 15.34 78.16
CA ASN Z 65 -113.81 15.53 79.59
C ASN Z 65 -114.96 16.38 80.12
N VAL Z 66 -115.66 15.86 81.14
CA VAL Z 66 -116.82 16.53 81.70
C VAL Z 66 -116.65 16.62 83.21
N ASP Z 67 -116.95 17.79 83.76
CA ASP Z 67 -116.92 18.01 85.20
C ASP Z 67 -117.69 19.29 85.51
N LEU Z 68 -118.38 19.28 86.65
CA LEU Z 68 -119.19 20.43 87.02
C LEU Z 68 -118.38 21.58 87.61
N GLU Z 69 -117.12 21.34 87.96
CA GLU Z 69 -116.24 22.42 88.41
C GLU Z 69 -115.25 22.74 87.30
N PRO Z 70 -115.16 23.99 86.84
CA PRO Z 70 -114.29 24.34 85.72
C PRO Z 70 -112.86 24.70 86.09
N GLY Z 71 -112.42 24.45 87.32
CA GLY Z 71 -111.09 24.83 87.74
C GLY Z 71 -110.01 23.83 87.36
N THR Z 72 -110.41 22.61 87.00
CA THR Z 72 -109.42 21.59 86.66
C THR Z 72 -108.82 21.80 85.28
N ILE Z 73 -109.61 22.33 84.33
CA ILE Z 73 -109.10 22.53 82.98
C ILE Z 73 -108.08 23.66 82.93
N ASP Z 74 -108.18 24.64 83.83
CA ASP Z 74 -107.16 25.68 83.91
C ASP Z 74 -105.81 25.10 84.28
N ALA Z 75 -105.81 24.12 85.19
CA ALA Z 75 -104.60 23.38 85.56
C ALA Z 75 -104.28 22.26 84.57
N VAL Z 76 -104.86 22.30 83.37
CA VAL Z 76 -104.60 21.32 82.32
C VAL Z 76 -104.06 21.99 81.06
N ARG Z 77 -104.71 23.05 80.60
CA ARG Z 77 -104.28 23.71 79.38
C ARG Z 77 -103.01 24.54 79.60
N ASN Z 78 -102.83 25.13 80.77
CA ASN Z 78 -101.65 25.92 81.06
C ASN Z 78 -100.55 25.12 81.74
N SER Z 79 -100.85 23.94 82.24
CA SER Z 79 -99.90 23.06 82.90
C SER Z 79 -99.24 22.16 81.86
N ALA Z 80 -98.67 21.03 82.29
CA ALA Z 80 -98.02 20.08 81.41
C ALA Z 80 -99.01 19.56 80.37
N ILE Z 81 -98.56 18.67 79.48
CA ILE Z 81 -99.11 18.60 78.13
C ILE Z 81 -100.61 18.34 78.14
N GLY Z 82 -101.37 19.37 77.80
CA GLY Z 82 -102.79 19.28 77.54
C GLY Z 82 -103.17 20.28 76.47
N ASN Z 83 -102.16 20.94 75.88
CA ASN Z 83 -102.39 21.98 74.89
C ASN Z 83 -102.97 21.42 73.60
N LEU Z 84 -102.81 20.12 73.34
CA LEU Z 84 -103.39 19.52 72.15
C LEU Z 84 -104.91 19.46 72.23
N PHE Z 85 -105.49 19.59 73.42
CA PHE Z 85 -106.93 19.48 73.60
C PHE Z 85 -107.63 20.59 72.85
N ARG Z 86 -108.52 20.22 71.94
CA ARG Z 86 -109.31 21.20 71.21
C ARG Z 86 -110.32 21.87 72.14
N PRO Z 87 -110.65 23.15 71.90
CA PRO Z 87 -111.54 23.86 72.83
C PRO Z 87 -112.92 23.24 72.93
N ASP Z 88 -113.39 22.54 71.90
CA ASP Z 88 -114.70 21.91 71.97
C ASP Z 88 -114.72 20.73 72.93
N ASN Z 89 -113.56 20.14 73.25
CA ASN Z 89 -113.50 19.05 74.21
C ASN Z 89 -113.85 19.50 75.62
N TYR Z 90 -113.83 20.80 75.90
CA TYR Z 90 -114.10 21.31 77.23
C TYR Z 90 -115.60 21.47 77.40
N ILE Z 91 -116.23 20.48 78.01
CA ILE Z 91 -117.64 20.52 78.38
C ILE Z 91 -117.70 20.61 79.90
N PHE Z 92 -117.88 21.83 80.42
CA PHE Z 92 -117.94 22.07 81.84
C PHE Z 92 -119.10 22.99 82.16
N GLY Z 93 -119.62 22.87 83.39
CA GLY Z 93 -120.74 23.68 83.83
C GLY Z 93 -120.52 24.29 85.19
N GLN Z 94 -121.60 24.68 85.85
CA GLN Z 94 -121.55 25.24 87.19
C GLN Z 94 -122.63 24.60 88.06
N SER Z 95 -122.28 24.29 89.30
CA SER Z 95 -120.93 24.52 89.83
C SER Z 95 -120.37 23.25 90.45
N SER Z 96 -121.26 22.39 90.94
CA SER Z 96 -120.87 21.12 91.54
C SER Z 96 -122.10 20.23 91.62
N ALA Z 97 -121.84 18.94 91.82
CA ALA Z 97 -122.91 17.96 91.99
C ALA Z 97 -123.35 17.82 93.45
N GLY Z 98 -122.75 18.58 94.37
CA GLY Z 98 -123.08 18.50 95.76
C GLY Z 98 -122.37 17.40 96.53
N ASN Z 99 -121.47 16.66 95.87
CA ASN Z 99 -120.76 15.54 96.47
C ASN Z 99 -121.72 14.50 97.03
N VAL Z 100 -122.86 14.33 96.37
CA VAL Z 100 -123.90 13.40 96.79
C VAL Z 100 -124.42 12.65 95.57
N TRP Z 101 -125.30 11.68 95.81
CA TRP Z 101 -125.88 10.87 94.75
C TRP Z 101 -127.28 11.34 94.35
N ALA Z 102 -128.02 11.96 95.26
CA ALA Z 102 -129.36 12.46 94.92
C ALA Z 102 -129.31 13.61 93.93
N LYS Z 103 -128.31 14.47 94.02
CA LYS Z 103 -128.15 15.60 93.11
C LYS Z 103 -127.11 15.37 92.03
N GLY Z 104 -126.41 14.23 92.06
CA GLY Z 104 -125.39 13.98 91.06
C GLY Z 104 -125.95 13.83 89.67
N HIS Z 105 -126.93 12.94 89.50
CA HIS Z 105 -127.54 12.72 88.20
C HIS Z 105 -129.05 12.55 88.23
N TYR Z 106 -129.69 12.52 89.39
CA TYR Z 106 -131.11 12.20 89.43
C TYR Z 106 -131.96 13.37 88.95
N THR Z 107 -131.62 14.59 89.36
CA THR Z 107 -132.42 15.77 89.03
C THR Z 107 -131.66 16.77 88.19
N GLU Z 108 -130.48 17.21 88.63
CA GLU Z 108 -129.73 18.25 87.93
C GLU Z 108 -128.66 17.71 87.00
N GLY Z 109 -128.25 16.46 87.17
CA GLY Z 109 -127.19 15.92 86.32
C GLY Z 109 -127.67 15.46 84.96
N ALA Z 110 -128.97 15.52 84.70
CA ALA Z 110 -129.55 15.06 83.45
C ALA Z 110 -129.81 16.19 82.47
N GLU Z 111 -129.22 17.36 82.68
CA GLU Z 111 -129.49 18.52 81.82
C GLU Z 111 -128.47 18.64 80.69
N LEU Z 112 -127.19 18.81 81.04
CA LEU Z 112 -126.13 18.94 80.05
C LEU Z 112 -125.71 17.60 79.46
N VAL Z 113 -126.14 16.49 80.06
CA VAL Z 113 -125.71 15.19 79.58
C VAL Z 113 -126.34 14.86 78.23
N ASP Z 114 -127.44 15.53 77.87
CA ASP Z 114 -127.96 15.39 76.50
C ASP Z 114 -126.98 15.94 75.48
N SER Z 115 -126.39 17.11 75.76
CA SER Z 115 -125.36 17.64 74.89
C SER Z 115 -124.13 16.73 74.89
N VAL Z 116 -123.81 16.13 76.04
CA VAL Z 116 -122.71 15.17 76.09
C VAL Z 116 -123.00 13.99 75.17
N MET Z 117 -124.23 13.48 75.20
CA MET Z 117 -124.61 12.37 74.34
C MET Z 117 -124.54 12.76 72.87
N ASP Z 118 -124.96 13.99 72.55
CA ASP Z 118 -124.87 14.47 71.17
C ASP Z 118 -123.43 14.55 70.69
N VAL Z 119 -122.53 15.06 71.52
CA VAL Z 119 -121.14 15.15 71.09
C VAL Z 119 -120.51 13.76 71.01
N ILE Z 120 -120.96 12.82 71.85
CA ILE Z 120 -120.51 11.43 71.71
C ILE Z 120 -120.96 10.87 70.37
N ARG Z 121 -122.21 11.15 69.97
CA ARG Z 121 -122.67 10.70 68.66
C ARG Z 121 -121.81 11.30 67.54
N ARG Z 122 -121.57 12.60 67.61
CA ARG Z 122 -120.84 13.25 66.52
C ARG Z 122 -119.40 12.74 66.44
N GLU Z 123 -118.80 12.44 67.59
CA GLU Z 123 -117.51 11.77 67.58
C GLU Z 123 -117.62 10.35 67.04
N ALA Z 124 -118.78 9.71 67.22
CA ALA Z 124 -118.97 8.35 66.73
C ALA Z 124 -118.97 8.32 65.21
N GLU Z 125 -119.72 9.21 64.56
CA GLU Z 125 -119.58 9.24 63.10
C GLU Z 125 -118.28 9.91 62.66
N GLY Z 126 -117.64 10.68 63.56
CA GLY Z 126 -116.30 11.15 63.26
C GLY Z 126 -115.23 10.09 63.38
N CYS Z 127 -115.53 8.99 64.07
CA CYS Z 127 -114.61 7.88 64.24
C CYS Z 127 -114.92 6.78 63.24
N ASP Z 128 -113.88 6.05 62.83
CA ASP Z 128 -114.01 4.99 61.84
C ASP Z 128 -113.90 3.59 62.41
N SER Z 129 -113.11 3.38 63.45
CA SER Z 129 -112.85 2.06 64.01
C SER Z 129 -112.97 2.10 65.53
N LEU Z 130 -114.07 2.67 66.02
CA LEU Z 130 -114.33 2.76 67.45
C LEU Z 130 -114.35 1.36 68.08
N GLN Z 131 -113.51 1.16 69.10
CA GLN Z 131 -113.30 -0.13 69.72
C GLN Z 131 -113.88 -0.23 71.12
N GLY Z 132 -113.49 0.68 72.02
CA GLY Z 132 -113.90 0.61 73.41
C GLY Z 132 -114.05 1.99 74.00
N PHE Z 133 -114.49 2.01 75.27
CA PHE Z 133 -114.77 3.24 75.99
C PHE Z 133 -114.07 3.18 77.34
N GLN Z 134 -113.16 4.12 77.59
CA GLN Z 134 -112.42 4.18 78.83
C GLN Z 134 -112.99 5.31 79.68
N ILE Z 135 -113.34 5.00 80.93
CA ILE Z 135 -113.87 5.98 81.88
C ILE Z 135 -113.06 5.88 83.17
N THR Z 136 -112.66 7.03 83.70
CA THR Z 136 -111.98 7.12 84.98
C THR Z 136 -112.80 8.02 85.89
N HIS Z 137 -113.18 7.51 87.06
CA HIS Z 137 -114.01 8.24 87.99
C HIS Z 137 -113.78 7.69 89.40
N SER Z 138 -114.43 8.32 90.38
CA SER Z 138 -114.33 7.94 91.77
C SER Z 138 -115.62 7.28 92.22
N LEU Z 139 -115.50 6.12 92.88
CA LEU Z 139 -116.68 5.41 93.35
C LEU Z 139 -117.43 6.20 94.41
N GLY Z 140 -116.72 6.83 95.34
CA GLY Z 140 -117.37 7.58 96.40
C GLY Z 140 -117.54 9.05 96.09
N GLY Z 141 -116.88 9.52 95.05
CA GLY Z 141 -117.01 10.93 94.67
C GLY Z 141 -118.39 11.24 94.15
N GLY Z 142 -118.85 12.45 94.48
CA GLY Z 142 -120.18 12.87 94.07
C GLY Z 142 -120.36 12.98 92.58
N THR Z 143 -119.40 13.62 91.90
CA THR Z 143 -119.51 13.79 90.46
C THR Z 143 -119.28 12.47 89.72
N GLY Z 144 -118.17 11.79 90.03
CA GLY Z 144 -117.85 10.57 89.30
C GLY Z 144 -118.92 9.51 89.45
N SER Z 145 -119.34 9.23 90.69
CA SER Z 145 -120.42 8.28 90.91
C SER Z 145 -121.76 8.82 90.46
N GLY Z 146 -121.91 10.14 90.41
CA GLY Z 146 -123.18 10.74 90.06
C GLY Z 146 -123.56 10.54 88.62
N MET Z 147 -122.87 11.22 87.69
CA MET Z 147 -123.26 11.07 86.29
C MET Z 147 -122.47 9.99 85.57
N GLY Z 148 -121.51 9.36 86.23
CA GLY Z 148 -120.78 8.27 85.58
C GLY Z 148 -121.68 7.11 85.22
N THR Z 149 -122.51 6.68 86.18
CA THR Z 149 -123.43 5.58 85.91
C THR Z 149 -124.44 5.94 84.83
N LEU Z 150 -124.89 7.19 84.79
CA LEU Z 150 -125.89 7.58 83.81
C LEU Z 150 -125.27 7.69 82.42
N LEU Z 151 -124.00 8.13 82.35
CA LEU Z 151 -123.26 8.04 81.09
C LEU Z 151 -123.11 6.59 80.64
N ILE Z 152 -122.85 5.68 81.59
CA ILE Z 152 -122.80 4.25 81.25
C ILE Z 152 -124.14 3.80 80.69
N SER Z 153 -125.24 4.28 81.28
CA SER Z 153 -126.56 3.93 80.80
C SER Z 153 -126.76 4.36 79.36
N LYS Z 154 -126.41 5.62 79.04
CA LYS Z 154 -126.56 6.07 77.65
C LYS Z 154 -125.62 5.31 76.72
N ILE Z 155 -124.38 5.05 77.13
CA ILE Z 155 -123.44 4.39 76.23
C ILE Z 155 -123.86 2.95 75.98
N ARG Z 156 -124.59 2.34 76.92
CA ARG Z 156 -125.20 1.05 76.64
C ARG Z 156 -126.41 1.20 75.73
N GLU Z 157 -127.20 2.26 75.93
CA GLU Z 157 -128.41 2.45 75.13
C GLU Z 157 -128.09 2.65 73.66
N GLU Z 158 -127.08 3.47 73.37
CA GLU Z 158 -126.76 3.81 71.99
C GLU Z 158 -125.78 2.83 71.34
N PHE Z 159 -125.01 2.10 72.14
CA PHE Z 159 -124.08 1.09 71.62
C PHE Z 159 -124.36 -0.24 72.30
N PRO Z 160 -125.28 -1.06 71.77
CA PRO Z 160 -125.55 -2.37 72.36
C PRO Z 160 -124.53 -3.44 72.01
N ASP Z 161 -123.63 -3.17 71.05
CA ASP Z 161 -122.62 -4.12 70.64
C ASP Z 161 -121.23 -3.77 71.15
N ARG Z 162 -121.07 -2.66 71.86
CA ARG Z 162 -119.78 -2.23 72.39
C ARG Z 162 -119.73 -2.48 73.89
N MET Z 163 -118.68 -3.15 74.33
CA MET Z 163 -118.48 -3.37 75.76
C MET Z 163 -118.04 -2.07 76.43
N MET Z 164 -118.08 -2.08 77.77
CA MET Z 164 -117.71 -0.91 78.55
C MET Z 164 -116.62 -1.29 79.55
N ALA Z 165 -115.64 -0.41 79.69
CA ALA Z 165 -114.55 -0.60 80.63
C ALA Z 165 -114.60 0.51 81.68
N THR Z 166 -114.60 0.11 82.96
CA THR Z 166 -114.68 1.05 84.06
C THR Z 166 -113.49 0.84 85.00
N PHE Z 167 -112.93 1.94 85.48
CA PHE Z 167 -111.76 1.94 86.36
C PHE Z 167 -112.00 2.84 87.56
N SER Z 168 -113.16 2.69 88.19
CA SER Z 168 -113.50 3.50 89.35
C SER Z 168 -112.58 3.18 90.52
N VAL Z 169 -112.26 4.21 91.31
CA VAL Z 169 -111.40 4.06 92.47
C VAL Z 169 -112.25 3.74 93.68
N LEU Z 170 -112.01 2.58 94.28
CA LEU Z 170 -112.83 2.13 95.41
C LEU Z 170 -112.29 2.72 96.71
N PRO Z 171 -113.08 3.50 97.44
CA PRO Z 171 -112.61 4.00 98.73
C PRO Z 171 -112.40 2.87 99.73
N SER Z 172 -111.41 3.06 100.60
CA SER Z 172 -111.11 2.06 101.61
C SER Z 172 -112.17 2.08 102.72
N PRO Z 173 -112.46 0.92 103.31
CA PRO Z 173 -113.45 0.88 104.40
C PRO Z 173 -112.97 1.49 105.70
N LYS Z 174 -111.70 1.89 105.81
CA LYS Z 174 -111.16 2.45 107.03
C LYS Z 174 -110.93 3.95 106.99
N THR Z 175 -110.97 4.56 105.81
CA THR Z 175 -110.81 6.00 105.65
C THR Z 175 -112.14 6.60 105.23
N SER Z 176 -112.57 7.64 105.95
CA SER Z 176 -113.86 8.29 105.71
C SER Z 176 -113.63 9.80 105.53
N ASP Z 177 -113.46 10.22 104.28
CA ASP Z 177 -113.40 11.64 103.98
C ASP Z 177 -114.72 12.33 104.31
N THR Z 178 -115.83 11.69 103.96
CA THR Z 178 -117.15 12.17 104.31
C THR Z 178 -118.00 11.00 104.78
N VAL Z 179 -119.04 11.31 105.55
CA VAL Z 179 -119.88 10.28 106.14
C VAL Z 179 -120.66 9.50 105.09
N VAL Z 180 -120.86 10.05 103.90
CA VAL Z 180 -121.70 9.43 102.88
C VAL Z 180 -120.89 8.95 101.69
N GLU Z 181 -119.56 8.85 101.83
CA GLU Z 181 -118.76 8.32 100.72
C GLU Z 181 -119.10 6.87 100.39
N PRO Z 182 -119.14 5.93 101.34
CA PRO Z 182 -119.62 4.58 100.99
C PRO Z 182 -121.05 4.57 100.52
N TYR Z 183 -121.88 5.49 101.01
CA TYR Z 183 -123.26 5.60 100.57
C TYR Z 183 -123.33 5.89 99.07
N ASN Z 184 -122.57 6.90 98.63
CA ASN Z 184 -122.52 7.21 97.21
C ASN Z 184 -121.90 6.06 96.42
N ALA Z 185 -120.87 5.42 96.98
CA ALA Z 185 -120.23 4.30 96.31
C ALA Z 185 -121.23 3.17 96.03
N THR Z 186 -122.04 2.85 97.03
CA THR Z 186 -123.01 1.76 96.85
C THR Z 186 -124.17 2.19 95.97
N LEU Z 187 -124.61 3.45 96.06
CA LEU Z 187 -125.64 3.92 95.15
C LEU Z 187 -125.15 3.93 93.71
N SER Z 188 -123.83 4.02 93.50
CA SER Z 188 -123.28 3.94 92.15
C SER Z 188 -123.16 2.48 91.69
N VAL Z 189 -122.64 1.60 92.55
CA VAL Z 189 -122.51 0.20 92.16
C VAL Z 189 -123.86 -0.47 92.02
N HIS Z 190 -124.92 0.14 92.57
CA HIS Z 190 -126.28 -0.37 92.35
C HIS Z 190 -126.60 -0.47 90.87
N GLN Z 191 -126.10 0.45 90.05
CA GLN Z 191 -126.27 0.38 88.60
C GLN Z 191 -125.01 0.00 87.86
N LEU Z 192 -123.84 0.09 88.51
CA LEU Z 192 -122.60 -0.29 87.85
C LEU Z 192 -122.60 -1.77 87.51
N VAL Z 193 -123.07 -2.62 88.42
CA VAL Z 193 -123.11 -4.05 88.16
C VAL Z 193 -124.10 -4.38 87.05
N GLU Z 194 -125.16 -3.59 86.91
CA GLU Z 194 -126.18 -3.83 85.89
C GLU Z 194 -125.88 -3.15 84.57
N HIS Z 195 -124.77 -2.41 84.46
CA HIS Z 195 -124.48 -1.68 83.23
C HIS Z 195 -123.04 -1.79 82.77
N SER Z 196 -122.16 -2.48 83.50
CA SER Z 196 -120.77 -2.59 83.13
C SER Z 196 -120.40 -4.05 82.84
N ASP Z 197 -119.38 -4.24 82.01
CA ASP Z 197 -118.92 -5.57 81.65
C ASP Z 197 -117.65 -5.99 82.38
N GLU Z 198 -116.82 -5.03 82.80
CA GLU Z 198 -115.62 -5.33 83.58
C GLU Z 198 -115.20 -4.09 84.34
N THR Z 199 -114.50 -4.29 85.45
CA THR Z 199 -114.04 -3.19 86.28
C THR Z 199 -112.78 -3.59 87.03
N PHE Z 200 -112.05 -2.58 87.50
CA PHE Z 200 -110.82 -2.78 88.24
C PHE Z 200 -110.97 -2.22 89.66
N CYS Z 201 -110.40 -2.93 90.63
CA CYS Z 201 -110.43 -2.50 92.02
C CYS Z 201 -109.18 -1.68 92.30
N ILE Z 202 -109.36 -0.40 92.62
CA ILE Z 202 -108.26 0.52 92.89
C ILE Z 202 -108.46 1.11 94.28
N ASP Z 203 -107.44 1.02 95.12
CA ASP Z 203 -107.47 1.56 96.47
C ASP Z 203 -106.26 2.45 96.68
N ASN Z 204 -106.49 3.67 97.18
CA ASN Z 204 -105.40 4.61 97.39
C ASN Z 204 -104.50 4.19 98.55
N GLU Z 205 -105.06 3.56 99.57
CA GLU Z 205 -104.26 3.12 100.70
C GLU Z 205 -103.26 2.04 100.30
N ALA Z 206 -103.64 1.17 99.37
CA ALA Z 206 -102.67 0.21 98.83
C ALA Z 206 -101.54 0.93 98.12
N LEU Z 207 -101.86 2.00 97.38
CA LEU Z 207 -100.82 2.80 96.74
C LEU Z 207 -99.89 3.44 97.77
N TYR Z 208 -100.46 3.95 98.87
CA TYR Z 208 -99.63 4.49 99.94
C TYR Z 208 -98.72 3.43 100.54
N ASP Z 209 -99.26 2.23 100.76
CA ASP Z 209 -98.47 1.14 101.33
C ASP Z 209 -97.33 0.75 100.41
N ILE Z 210 -97.59 0.65 99.10
CA ILE Z 210 -96.53 0.26 98.18
C ILE Z 210 -95.52 1.40 98.02
N CYS Z 211 -95.95 2.65 98.18
CA CYS Z 211 -95.01 3.76 98.14
C CYS Z 211 -94.10 3.76 99.36
N GLN Z 212 -94.66 3.48 100.54
CA GLN Z 212 -93.84 3.47 101.76
C GLN Z 212 -93.05 2.18 101.91
N ARG Z 213 -93.36 1.14 101.14
CA ARG Z 213 -92.61 -0.12 101.22
C ARG Z 213 -91.44 -0.14 100.24
N THR Z 214 -91.71 0.04 98.95
CA THR Z 214 -90.69 -0.04 97.92
C THR Z 214 -90.19 1.34 97.47
N LEU Z 215 -91.11 2.29 97.25
CA LEU Z 215 -90.71 3.61 96.79
C LEU Z 215 -90.07 4.45 97.88
N LYS Z 216 -90.44 4.20 99.14
CA LYS Z 216 -89.98 5.01 100.27
C LYS Z 216 -90.28 6.50 100.04
N LEU Z 217 -91.45 6.78 99.51
CA LEU Z 217 -91.84 8.15 99.20
C LEU Z 217 -92.10 8.93 100.49
N ASN Z 218 -91.50 10.12 100.58
CA ASN Z 218 -91.65 10.95 101.78
C ASN Z 218 -92.84 11.90 101.69
N GLN Z 219 -93.16 12.39 100.49
CA GLN Z 219 -94.25 13.34 100.32
C GLN Z 219 -95.44 12.63 99.71
N PRO Z 220 -96.60 12.57 100.38
CA PRO Z 220 -97.77 11.93 99.78
C PRO Z 220 -98.33 12.75 98.64
N SER Z 221 -98.12 12.29 97.41
CA SER Z 221 -98.52 13.02 96.22
C SER Z 221 -99.41 12.14 95.35
N TYR Z 222 -100.51 12.71 94.87
CA TYR Z 222 -101.41 11.98 93.98
C TYR Z 222 -100.84 11.86 92.57
N GLY Z 223 -99.84 12.67 92.23
CA GLY Z 223 -99.27 12.62 90.89
C GLY Z 223 -98.53 11.32 90.62
N ASP Z 224 -97.73 10.86 91.58
CA ASP Z 224 -97.03 9.59 91.41
C ASP Z 224 -98.01 8.42 91.30
N LEU Z 225 -99.08 8.46 92.10
CA LEU Z 225 -100.09 7.41 92.03
C LEU Z 225 -100.78 7.41 90.67
N ASN Z 226 -101.08 8.61 90.16
CA ASN Z 226 -101.64 8.73 88.82
C ASN Z 226 -100.67 8.18 87.77
N ASN Z 227 -99.38 8.46 87.93
CA ASN Z 227 -98.39 7.93 87.00
C ASN Z 227 -98.39 6.40 87.01
N LEU Z 228 -98.45 5.80 88.21
CA LEU Z 228 -98.47 4.35 88.30
C LEU Z 228 -99.71 3.76 87.65
N VAL Z 229 -100.88 4.31 87.97
CA VAL Z 229 -102.12 3.76 87.42
C VAL Z 229 -102.18 3.99 85.91
N SER Z 230 -101.62 5.09 85.41
CA SER Z 230 -101.61 5.34 83.98
C SER Z 230 -100.64 4.41 83.27
N SER Z 231 -99.51 4.08 83.90
CA SER Z 231 -98.62 3.08 83.32
C SER Z 231 -99.30 1.73 83.24
N VAL Z 232 -100.06 1.36 84.29
CA VAL Z 232 -100.82 0.11 84.25
C VAL Z 232 -101.85 0.15 83.13
N MET Z 233 -102.57 1.27 82.99
CA MET Z 233 -103.59 1.41 81.98
C MET Z 233 -103.01 1.33 80.57
N SER Z 234 -101.84 1.93 80.35
CA SER Z 234 -101.16 1.79 79.08
C SER Z 234 -100.74 0.34 78.84
N GLY Z 235 -100.24 -0.34 79.87
CA GLY Z 235 -99.79 -1.71 79.74
C GLY Z 235 -100.88 -2.70 79.38
N VAL Z 236 -102.11 -2.47 79.85
CA VAL Z 236 -103.18 -3.41 79.52
C VAL Z 236 -103.61 -3.32 78.06
N THR Z 237 -103.17 -2.31 77.32
CA THR Z 237 -103.49 -2.17 75.90
C THR Z 237 -102.27 -2.14 74.99
N THR Z 238 -101.06 -2.21 75.54
CA THR Z 238 -99.87 -2.36 74.70
C THR Z 238 -99.96 -3.61 73.85
N SER Z 239 -100.59 -4.67 74.35
CA SER Z 239 -100.74 -5.89 73.57
C SER Z 239 -101.58 -5.65 72.32
N LEU Z 240 -102.66 -4.86 72.45
CA LEU Z 240 -103.48 -4.54 71.30
C LEU Z 240 -102.75 -3.63 70.33
N ARG Z 241 -102.13 -2.56 70.84
CA ARG Z 241 -101.53 -1.58 69.94
C ARG Z 241 -100.09 -1.91 69.55
N TYR Z 242 -99.55 -3.03 70.04
CA TYR Z 242 -98.24 -3.52 69.60
C TYR Z 242 -98.33 -5.03 69.45
N PRO Z 243 -98.11 -5.57 68.25
CA PRO Z 243 -98.27 -7.02 68.05
C PRO Z 243 -97.26 -7.82 68.84
N GLY Z 244 -97.68 -9.02 69.24
CA GLY Z 244 -96.82 -9.97 69.92
C GLY Z 244 -97.17 -11.39 69.56
N GLN Z 245 -96.80 -12.35 70.42
CA GLN Z 245 -97.20 -13.73 70.17
C GLN Z 245 -98.72 -13.90 70.29
N LEU Z 246 -99.33 -13.24 71.26
CA LEU Z 246 -100.78 -13.31 71.47
C LEU Z 246 -101.28 -11.93 71.83
N ASN Z 247 -101.87 -11.22 70.86
CA ASN Z 247 -102.46 -9.93 71.14
C ASN Z 247 -103.73 -10.10 71.96
N SER Z 248 -103.95 -9.20 72.91
CA SER Z 248 -105.09 -9.25 73.81
C SER Z 248 -105.97 -8.02 73.62
N ASP Z 249 -107.28 -8.24 73.68
CA ASP Z 249 -108.27 -7.18 73.53
C ASP Z 249 -109.22 -7.22 74.72
N LEU Z 250 -109.94 -6.11 74.92
CA LEU Z 250 -110.88 -6.03 76.04
C LEU Z 250 -111.96 -7.10 75.91
N ARG Z 251 -112.42 -7.37 74.69
CA ARG Z 251 -113.38 -8.45 74.49
C ARG Z 251 -112.76 -9.80 74.83
N LYS Z 252 -111.45 -9.95 74.60
CA LYS Z 252 -110.77 -11.18 75.03
C LYS Z 252 -110.73 -11.28 76.54
N LEU Z 253 -110.56 -10.15 77.24
CA LEU Z 253 -110.69 -10.15 78.69
C LEU Z 253 -112.09 -10.59 79.12
N ALA Z 254 -113.12 -10.08 78.43
CA ALA Z 254 -114.48 -10.47 78.76
C ALA Z 254 -114.71 -11.96 78.53
N VAL Z 255 -114.16 -12.49 77.43
CA VAL Z 255 -114.36 -13.90 77.11
C VAL Z 255 -113.62 -14.80 78.10
N ASN Z 256 -112.35 -14.50 78.37
CA ASN Z 256 -111.50 -15.39 79.15
C ASN Z 256 -111.54 -15.09 80.65
N LEU Z 257 -111.16 -13.87 81.04
CA LEU Z 257 -111.06 -13.53 82.46
C LEU Z 257 -112.41 -13.51 83.16
N VAL Z 258 -113.42 -12.91 82.54
CA VAL Z 258 -114.74 -12.80 83.14
C VAL Z 258 -115.40 -14.18 83.13
N PRO Z 259 -115.88 -14.68 84.27
CA PRO Z 259 -116.61 -15.96 84.26
C PRO Z 259 -118.04 -15.82 83.77
N PHE Z 260 -118.65 -14.67 84.07
CA PHE Z 260 -119.97 -14.30 83.60
C PHE Z 260 -120.19 -12.82 83.87
N PRO Z 261 -121.04 -12.13 83.11
CA PRO Z 261 -121.12 -10.67 83.23
C PRO Z 261 -121.52 -10.16 84.61
N ARG Z 262 -122.18 -10.98 85.42
CA ARG Z 262 -122.53 -10.56 86.78
C ARG Z 262 -121.27 -10.35 87.63
N LEU Z 263 -120.29 -11.25 87.50
CA LEU Z 263 -119.03 -11.15 88.23
C LEU Z 263 -117.97 -10.57 87.31
N HIS Z 264 -117.60 -9.31 87.56
CA HIS Z 264 -116.63 -8.64 86.71
C HIS Z 264 -115.63 -7.80 87.51
N PHE Z 265 -115.47 -8.08 88.79
CA PHE Z 265 -114.55 -7.33 89.64
C PHE Z 265 -113.16 -7.95 89.59
N PHE Z 266 -112.15 -7.12 89.33
CA PHE Z 266 -110.77 -7.57 89.21
C PHE Z 266 -109.88 -6.77 90.14
N MET Z 267 -108.83 -7.41 90.64
CA MET Z 267 -107.78 -6.73 91.38
C MET Z 267 -106.58 -6.54 90.46
N VAL Z 268 -105.87 -5.43 90.63
CA VAL Z 268 -104.81 -5.03 89.73
C VAL Z 268 -103.46 -5.17 90.43
N GLY Z 269 -102.51 -5.76 89.73
CA GLY Z 269 -101.14 -5.84 90.22
C GLY Z 269 -100.17 -5.44 89.14
N TYR Z 270 -99.10 -4.78 89.55
CA TYR Z 270 -98.11 -4.25 88.61
C TYR Z 270 -96.71 -4.66 89.04
N ALA Z 271 -95.83 -4.78 88.05
CA ALA Z 271 -94.43 -5.14 88.28
C ALA Z 271 -93.61 -4.59 87.11
N PRO Z 272 -92.35 -4.21 87.34
CA PRO Z 272 -91.63 -4.26 88.62
C PRO Z 272 -91.93 -3.07 89.53
N LEU Z 273 -91.98 -3.32 90.84
CA LEU Z 273 -92.19 -2.26 91.82
C LEU Z 273 -90.84 -1.89 92.45
N THR Z 274 -90.05 -1.15 91.68
CA THR Z 274 -88.72 -0.73 92.07
C THR Z 274 -88.61 0.78 92.10
N ALA Z 275 -87.71 1.30 92.92
CA ALA Z 275 -87.51 2.72 93.09
C ALA Z 275 -86.06 3.09 92.78
N ILE Z 276 -85.79 4.40 92.81
CA ILE Z 276 -84.44 4.89 92.60
C ILE Z 276 -83.55 4.47 93.76
N GLY Z 277 -82.34 3.99 93.44
CA GLY Z 277 -81.44 3.45 94.42
C GLY Z 277 -81.35 1.94 94.44
N SER Z 278 -82.24 1.26 93.71
CA SER Z 278 -82.20 -0.18 93.59
C SER Z 278 -82.09 -0.64 92.13
N GLN Z 279 -81.92 0.29 91.20
CA GLN Z 279 -81.87 -0.06 89.78
C GLN Z 279 -80.56 -0.72 89.39
N SER Z 280 -79.47 -0.41 90.09
CA SER Z 280 -78.16 -0.96 89.77
C SER Z 280 -77.84 -2.23 90.56
N PHE Z 281 -78.80 -2.75 91.33
CA PHE Z 281 -78.58 -3.91 92.17
C PHE Z 281 -79.50 -5.08 91.88
N ARG Z 282 -80.52 -4.93 91.03
CA ARG Z 282 -81.41 -6.03 90.68
C ARG Z 282 -81.21 -6.43 89.23
N SER Z 283 -81.53 -7.69 88.96
CA SER Z 283 -81.67 -8.21 87.60
C SER Z 283 -83.16 -8.27 87.27
N LEU Z 284 -83.59 -7.47 86.30
CA LEU Z 284 -85.00 -7.42 85.91
C LEU Z 284 -85.28 -8.55 84.92
N THR Z 285 -85.88 -9.63 85.41
CA THR Z 285 -86.14 -10.81 84.62
C THR Z 285 -87.58 -11.26 84.81
N VAL Z 286 -88.00 -12.19 83.95
CA VAL Z 286 -89.37 -12.72 84.03
C VAL Z 286 -89.63 -13.39 85.38
N PRO Z 287 -88.77 -14.28 85.90
CA PRO Z 287 -89.09 -14.89 87.20
C PRO Z 287 -89.25 -13.88 88.32
N GLU Z 288 -88.39 -12.87 88.40
CA GLU Z 288 -88.49 -11.87 89.44
C GLU Z 288 -89.81 -11.11 89.33
N LEU Z 289 -90.18 -10.72 88.11
CA LEU Z 289 -91.49 -10.12 87.88
C LEU Z 289 -92.61 -11.04 88.33
N THR Z 290 -92.41 -12.36 88.20
CA THR Z 290 -93.45 -13.30 88.61
C THR Z 290 -93.58 -13.36 90.13
N GLN Z 291 -92.46 -13.45 90.86
CA GLN Z 291 -92.61 -13.42 92.32
C GLN Z 291 -93.13 -12.07 92.80
N GLN Z 292 -92.86 -11.00 92.05
CA GLN Z 292 -93.49 -9.72 92.36
C GLN Z 292 -94.97 -9.71 92.01
N MET Z 293 -95.40 -10.59 91.10
CA MET Z 293 -96.81 -10.62 90.71
C MET Z 293 -97.66 -11.30 91.77
N PHE Z 294 -97.25 -12.48 92.21
CA PHE Z 294 -97.99 -13.25 93.20
C PHE Z 294 -97.67 -12.83 94.63
N ASP Z 295 -96.79 -11.86 94.82
CA ASP Z 295 -96.52 -11.35 96.16
C ASP Z 295 -97.79 -10.74 96.76
N ALA Z 296 -98.04 -11.06 98.03
CA ALA Z 296 -99.27 -10.67 98.68
C ALA Z 296 -99.36 -9.17 98.97
N LYS Z 297 -98.27 -8.43 98.80
CA LYS Z 297 -98.24 -7.01 99.09
C LYS Z 297 -98.06 -6.15 97.84
N ASN Z 298 -98.39 -6.68 96.66
CA ASN Z 298 -98.18 -5.95 95.42
C ASN Z 298 -99.46 -5.60 94.67
N MET Z 299 -100.58 -6.24 95.00
CA MET Z 299 -101.85 -5.89 94.37
C MET Z 299 -102.49 -4.71 95.11
N MET Z 300 -103.41 -4.04 94.43
CA MET Z 300 -104.04 -2.82 94.92
C MET Z 300 -105.54 -2.99 95.16
N ALA Z 301 -105.97 -4.19 95.58
CA ALA Z 301 -107.39 -4.41 95.83
C ALA Z 301 -107.89 -3.60 97.02
N ALA Z 302 -107.23 -3.65 98.18
CA ALA Z 302 -106.12 -4.54 98.54
C ALA Z 302 -106.58 -5.53 99.60
N ALA Z 303 -106.40 -6.82 99.31
CA ALA Z 303 -106.85 -7.88 100.20
C ALA Z 303 -105.75 -8.94 100.32
N ASP Z 304 -106.10 -10.05 100.97
CA ASP Z 304 -105.14 -11.10 101.25
C ASP Z 304 -105.32 -12.24 100.27
N PRO Z 305 -104.34 -12.52 99.39
CA PRO Z 305 -104.54 -13.54 98.37
C PRO Z 305 -104.33 -14.97 98.86
N ARG Z 306 -103.43 -15.20 99.81
CA ARG Z 306 -103.14 -16.56 100.22
C ARG Z 306 -104.06 -17.07 101.34
N ASN Z 307 -104.98 -16.23 101.81
CA ASN Z 307 -106.04 -16.72 102.70
C ASN Z 307 -107.27 -17.16 101.96
N GLY Z 308 -107.42 -16.77 100.68
CA GLY Z 308 -108.50 -17.24 99.85
C GLY Z 308 -108.00 -18.11 98.73
N ARG Z 309 -108.54 -17.93 97.53
CA ARG Z 309 -108.06 -18.67 96.37
C ARG Z 309 -108.42 -17.91 95.11
N TYR Z 310 -107.66 -18.14 94.05
CA TYR Z 310 -107.94 -17.52 92.77
C TYR Z 310 -108.91 -18.36 91.95
N LEU Z 311 -109.69 -17.68 91.10
CA LEU Z 311 -110.56 -18.34 90.14
C LEU Z 311 -109.97 -18.37 88.74
N THR Z 312 -109.31 -17.31 88.30
CA THR Z 312 -108.57 -17.29 87.05
C THR Z 312 -107.61 -16.11 87.10
N VAL Z 313 -106.38 -16.32 86.63
CA VAL Z 313 -105.36 -15.28 86.63
C VAL Z 313 -104.85 -15.10 85.21
N ALA Z 314 -104.33 -13.90 84.94
CA ALA Z 314 -103.86 -13.56 83.62
C ALA Z 314 -102.55 -12.80 83.72
N ALA Z 315 -101.75 -12.90 82.67
CA ALA Z 315 -100.46 -12.22 82.57
C ALA Z 315 -100.41 -11.42 81.27
N PHE Z 316 -100.00 -10.16 81.38
CA PHE Z 316 -99.90 -9.26 80.22
C PHE Z 316 -98.48 -8.73 80.18
N PHE Z 317 -97.61 -9.43 79.47
CA PHE Z 317 -96.19 -9.15 79.48
C PHE Z 317 -95.82 -8.15 78.39
N ARG Z 318 -94.75 -7.39 78.64
CA ARG Z 318 -94.30 -6.35 77.74
C ARG Z 318 -92.80 -6.46 77.54
N GLY Z 319 -92.34 -6.12 76.34
CA GLY Z 319 -90.92 -6.05 76.04
C GLY Z 319 -90.41 -7.28 75.31
N LYS Z 320 -89.11 -7.23 75.02
CA LYS Z 320 -88.42 -8.34 74.35
C LYS Z 320 -88.32 -9.52 75.31
N VAL Z 321 -89.19 -10.51 75.14
CA VAL Z 321 -89.23 -11.69 75.99
C VAL Z 321 -89.29 -12.94 75.11
N SER Z 322 -88.56 -13.97 75.54
CA SER Z 322 -88.62 -15.27 74.89
C SER Z 322 -89.84 -16.04 75.38
N VAL Z 323 -90.34 -16.92 74.50
CA VAL Z 323 -91.54 -17.69 74.84
C VAL Z 323 -91.25 -18.71 75.95
N LYS Z 324 -90.00 -19.18 76.04
CA LYS Z 324 -89.70 -20.27 76.97
C LYS Z 324 -89.66 -19.80 78.41
N GLU Z 325 -89.16 -18.58 78.66
CA GLU Z 325 -89.04 -18.10 80.04
C GLU Z 325 -90.42 -18.01 80.70
N VAL Z 326 -91.38 -17.41 80.01
CA VAL Z 326 -92.68 -17.14 80.61
C VAL Z 326 -93.42 -18.46 80.86
N GLU Z 327 -93.38 -19.38 79.89
CA GLU Z 327 -94.07 -20.65 80.08
C GLU Z 327 -93.40 -21.50 81.14
N ASP Z 328 -92.06 -21.48 81.21
CA ASP Z 328 -91.36 -22.23 82.25
C ASP Z 328 -91.71 -21.70 83.63
N GLU Z 329 -91.74 -20.37 83.79
CA GLU Z 329 -92.14 -19.81 85.07
C GLU Z 329 -93.60 -20.11 85.38
N MET Z 330 -94.44 -20.21 84.34
CA MET Z 330 -95.84 -20.57 84.58
C MET Z 330 -95.99 -22.01 85.02
N HIS Z 331 -95.19 -22.92 84.45
CA HIS Z 331 -95.11 -24.27 84.99
C HIS Z 331 -94.68 -24.26 86.45
N LYS Z 332 -93.67 -23.45 86.77
CA LYS Z 332 -93.19 -23.39 88.15
C LYS Z 332 -94.29 -22.94 89.11
N VAL Z 333 -95.00 -21.87 88.75
CA VAL Z 333 -96.03 -21.35 89.65
C VAL Z 333 -97.22 -22.31 89.73
N GLN Z 334 -97.58 -22.95 88.61
CA GLN Z 334 -98.66 -23.94 88.66
C GLN Z 334 -98.27 -25.17 89.45
N SER Z 335 -96.97 -25.47 89.55
CA SER Z 335 -96.53 -26.60 90.38
C SER Z 335 -96.51 -26.23 91.85
N LYS Z 336 -96.02 -25.03 92.19
CA LYS Z 336 -95.90 -24.65 93.60
C LYS Z 336 -97.15 -23.99 94.16
N ASN Z 337 -97.95 -23.34 93.32
CA ASN Z 337 -99.15 -22.64 93.76
C ASN Z 337 -100.43 -23.35 93.32
N SER Z 338 -100.39 -24.69 93.23
CA SER Z 338 -101.53 -25.43 92.72
C SER Z 338 -102.71 -25.41 93.69
N ASP Z 339 -102.45 -25.25 94.99
CA ASP Z 339 -103.52 -25.34 95.98
C ASP Z 339 -104.53 -24.20 95.83
N TYR Z 340 -104.07 -22.99 95.50
CA TYR Z 340 -104.93 -21.82 95.47
C TYR Z 340 -105.61 -21.61 94.12
N PHE Z 341 -105.34 -22.46 93.14
CA PHE Z 341 -106.06 -22.40 91.87
C PHE Z 341 -107.31 -23.27 91.94
N VAL Z 342 -108.35 -22.86 91.21
CA VAL Z 342 -109.59 -23.62 91.18
C VAL Z 342 -109.35 -24.97 90.51
N GLU Z 343 -110.08 -25.98 90.98
CA GLU Z 343 -109.90 -27.36 90.52
C GLU Z 343 -110.82 -27.72 89.36
N TRP Z 344 -111.21 -26.72 88.55
CA TRP Z 344 -112.10 -27.00 87.43
C TRP Z 344 -111.67 -26.37 86.11
N ILE Z 345 -110.63 -25.55 86.07
CA ILE Z 345 -110.15 -25.01 84.80
C ILE Z 345 -109.25 -26.01 84.08
N PRO Z 346 -108.22 -26.60 84.72
CA PRO Z 346 -107.63 -26.39 86.05
C PRO Z 346 -106.41 -25.47 86.00
N ASN Z 347 -106.05 -25.04 84.79
CA ASN Z 347 -104.86 -24.22 84.56
C ASN Z 347 -105.31 -22.78 84.36
N ASN Z 348 -105.36 -22.03 85.45
CA ASN Z 348 -105.78 -20.63 85.42
C ASN Z 348 -104.66 -19.80 84.82
N VAL Z 349 -104.78 -19.47 83.53
CA VAL Z 349 -103.71 -18.76 82.83
C VAL Z 349 -104.28 -18.11 81.58
N GLN Z 350 -103.86 -16.86 81.36
CA GLN Z 350 -104.09 -16.13 80.11
C GLN Z 350 -102.87 -15.27 79.85
N THR Z 351 -102.23 -15.47 78.71
CA THR Z 351 -100.95 -14.83 78.42
C THR Z 351 -101.07 -13.90 77.21
N ALA Z 352 -100.35 -12.78 77.27
CA ALA Z 352 -100.28 -11.84 76.18
C ALA Z 352 -98.87 -11.28 76.11
N VAL Z 353 -98.38 -11.05 74.89
CA VAL Z 353 -97.01 -10.62 74.64
C VAL Z 353 -97.04 -9.27 73.94
N CYS Z 354 -96.25 -8.33 74.45
CA CYS Z 354 -96.09 -7.02 73.83
C CYS Z 354 -94.66 -6.87 73.33
N SER Z 355 -94.51 -6.11 72.24
CA SER Z 355 -93.20 -5.98 71.62
C SER Z 355 -92.35 -4.89 72.25
N VAL Z 356 -92.85 -3.66 72.30
CA VAL Z 356 -92.06 -2.52 72.76
C VAL Z 356 -91.88 -2.59 74.27
N ALA Z 357 -90.76 -2.05 74.74
CA ALA Z 357 -90.47 -2.01 76.16
C ALA Z 357 -91.22 -0.84 76.83
N PRO Z 358 -91.54 -0.97 78.11
CA PRO Z 358 -92.20 0.13 78.81
C PRO Z 358 -91.29 1.35 78.93
N GLN Z 359 -91.92 2.52 78.98
CA GLN Z 359 -91.17 3.75 79.15
C GLN Z 359 -90.56 3.82 80.55
N GLY Z 360 -89.29 4.22 80.61
CA GLY Z 360 -88.59 4.30 81.88
C GLY Z 360 -88.19 2.99 82.48
N LEU Z 361 -88.36 1.88 81.75
CA LEU Z 361 -88.04 0.56 82.26
C LEU Z 361 -87.65 -0.34 81.09
N ASP Z 362 -87.27 -1.57 81.42
CA ASP Z 362 -86.89 -2.55 80.42
C ASP Z 362 -87.98 -3.59 80.19
N MET Z 363 -88.47 -4.21 81.26
CA MET Z 363 -89.46 -5.27 81.18
C MET Z 363 -90.51 -5.02 82.25
N ALA Z 364 -91.78 -5.21 81.90
CA ALA Z 364 -92.87 -4.93 82.82
C ALA Z 364 -94.08 -5.77 82.44
N ALA Z 365 -95.05 -5.80 83.35
CA ALA Z 365 -96.25 -6.61 83.17
C ALA Z 365 -97.36 -6.06 84.04
N THR Z 366 -98.59 -6.52 83.77
CA THR Z 366 -99.76 -6.22 84.57
C THR Z 366 -100.44 -7.51 85.00
N PHE Z 367 -101.13 -7.45 86.14
CA PHE Z 367 -101.77 -8.62 86.74
C PHE Z 367 -103.27 -8.39 86.81
N ILE Z 368 -104.03 -9.28 86.18
CA ILE Z 368 -105.49 -9.27 86.23
C ILE Z 368 -105.96 -10.66 86.62
N ALA Z 369 -106.80 -10.74 87.64
CA ALA Z 369 -107.23 -12.03 88.16
C ALA Z 369 -108.60 -11.90 88.84
N ASN Z 370 -109.16 -13.05 89.20
CA ASN Z 370 -110.40 -13.12 89.97
C ASN Z 370 -110.15 -13.99 91.20
N SER Z 371 -110.42 -13.44 92.38
CA SER Z 371 -110.35 -14.17 93.63
C SER Z 371 -111.63 -13.97 94.41
N THR Z 372 -111.69 -14.60 95.58
CA THR Z 372 -112.85 -14.51 96.46
C THR Z 372 -112.68 -13.47 97.55
N SER Z 373 -111.72 -12.55 97.41
CA SER Z 373 -111.43 -11.58 98.46
C SER Z 373 -112.21 -10.27 98.32
N ILE Z 374 -112.96 -10.09 97.23
CA ILE Z 374 -113.70 -8.85 97.04
C ILE Z 374 -115.00 -8.87 97.86
N GLN Z 375 -115.53 -10.07 98.10
CA GLN Z 375 -116.73 -10.18 98.94
C GLN Z 375 -116.46 -9.72 100.36
N GLU Z 376 -115.20 -9.81 100.82
CA GLU Z 376 -114.86 -9.26 102.13
C GLU Z 376 -115.02 -7.75 102.16
N LEU Z 377 -114.54 -7.06 101.14
CA LEU Z 377 -114.75 -5.62 101.06
C LEU Z 377 -116.23 -5.29 100.97
N PHE Z 378 -116.97 -6.07 100.18
CA PHE Z 378 -118.42 -5.84 100.06
C PHE Z 378 -119.12 -5.99 101.40
N LYS Z 379 -118.79 -7.04 102.16
CA LYS Z 379 -119.44 -7.21 103.46
C LYS Z 379 -118.98 -6.15 104.45
N ARG Z 380 -117.75 -5.67 104.33
CA ARG Z 380 -117.32 -4.55 105.17
C ARG Z 380 -118.18 -3.32 104.92
N VAL Z 381 -118.41 -2.99 103.65
CA VAL Z 381 -119.25 -1.84 103.33
C VAL Z 381 -120.68 -2.07 103.79
N GLY Z 382 -121.19 -3.28 103.58
CA GLY Z 382 -122.55 -3.59 104.03
C GLY Z 382 -122.70 -3.49 105.54
N ASP Z 383 -121.70 -3.94 106.28
CA ASP Z 383 -121.73 -3.81 107.74
C ASP Z 383 -121.64 -2.34 108.16
N GLN Z 384 -120.85 -1.55 107.44
CA GLN Z 384 -120.82 -0.12 107.71
C GLN Z 384 -122.20 0.50 107.54
N PHE Z 385 -122.92 0.10 106.49
CA PHE Z 385 -124.29 0.57 106.32
C PHE Z 385 -125.18 0.10 107.47
N SER Z 386 -125.13 -1.19 107.78
CA SER Z 386 -125.99 -1.75 108.80
C SER Z 386 -125.70 -1.18 110.18
N ALA Z 387 -124.52 -0.58 110.38
CA ALA Z 387 -124.19 0.06 111.64
C ALA Z 387 -124.58 1.54 111.65
N MET Z 388 -124.06 2.31 110.71
CA MET Z 388 -124.24 3.75 110.74
C MET Z 388 -125.64 4.18 110.31
N PHE Z 389 -126.20 3.56 109.27
CA PHE Z 389 -127.40 4.06 108.62
C PHE Z 389 -128.70 3.56 109.27
N LYS Z 390 -128.62 2.78 110.34
CA LYS Z 390 -129.83 2.40 111.06
C LYS Z 390 -130.37 3.53 111.93
N ARG Z 391 -129.55 4.55 112.19
CA ARG Z 391 -130.02 5.71 112.95
C ARG Z 391 -130.76 6.73 112.08
N LYS Z 392 -130.68 6.59 110.76
CA LYS Z 392 -131.30 7.53 109.82
C LYS Z 392 -130.85 8.96 110.09
N ALA Z 393 -129.55 9.12 110.31
CA ALA Z 393 -128.95 10.42 110.56
C ALA Z 393 -128.40 10.98 109.25
N PHE Z 394 -128.77 12.23 108.93
CA PHE Z 394 -128.38 12.90 107.71
C PHE Z 394 -128.85 12.15 106.46
N LEU Z 395 -129.88 11.32 106.60
CA LEU Z 395 -130.42 10.55 105.48
C LEU Z 395 -131.53 11.29 104.75
N HIS Z 396 -132.10 12.34 105.34
CA HIS Z 396 -133.16 13.10 104.68
C HIS Z 396 -132.66 13.88 103.47
N TRP Z 397 -131.35 14.15 103.40
CA TRP Z 397 -130.80 14.93 102.29
C TRP Z 397 -131.05 14.25 100.95
N TYR Z 398 -131.19 12.93 100.95
CA TYR Z 398 -131.46 12.17 99.74
C TYR Z 398 -132.94 11.86 99.55
N THR Z 399 -133.66 11.53 100.62
CA THR Z 399 -135.09 11.27 100.51
C THR Z 399 -135.88 12.52 100.20
N SER Z 400 -135.28 13.71 100.36
CA SER Z 400 -135.98 14.94 100.02
C SER Z 400 -136.31 15.00 98.54
N GLU Z 401 -135.50 14.36 97.69
CA GLU Z 401 -135.71 14.37 96.25
C GLU Z 401 -136.54 13.20 95.75
N GLY Z 402 -136.93 12.28 96.62
CA GLY Z 402 -137.79 11.18 96.23
C GLY Z 402 -137.13 9.82 96.27
N MET Z 403 -136.18 9.62 97.19
CA MET Z 403 -135.54 8.33 97.38
C MET Z 403 -136.35 7.47 98.34
N ASP Z 404 -136.42 6.18 98.05
CA ASP Z 404 -137.16 5.23 98.86
C ASP Z 404 -136.21 4.17 99.43
N GLU Z 405 -136.63 3.58 100.54
CA GLU Z 405 -135.85 2.51 101.16
C GLU Z 405 -135.81 1.26 100.30
N LEU Z 406 -136.71 1.15 99.31
CA LEU Z 406 -136.71 -0.01 98.43
C LEU Z 406 -135.40 -0.09 97.64
N GLU Z 407 -134.89 1.06 97.19
CA GLU Z 407 -133.63 1.06 96.44
C GLU Z 407 -132.47 0.58 97.29
N PHE Z 408 -132.41 1.03 98.55
CA PHE Z 408 -131.32 0.60 99.43
C PHE Z 408 -131.43 -0.89 99.77
N SER Z 409 -132.65 -1.37 100.01
CA SER Z 409 -132.84 -2.80 100.25
C SER Z 409 -132.45 -3.61 99.03
N GLU Z 410 -132.78 -3.12 97.83
CA GLU Z 410 -132.39 -3.80 96.61
C GLU Z 410 -130.87 -3.81 96.42
N ALA Z 411 -130.20 -2.71 96.80
CA ALA Z 411 -128.74 -2.69 96.74
C ALA Z 411 -128.13 -3.69 97.72
N GLU Z 412 -128.71 -3.79 98.92
CA GLU Z 412 -128.25 -4.80 99.87
C GLU Z 412 -128.46 -6.21 99.33
N SER Z 413 -129.59 -6.45 98.68
CA SER Z 413 -129.83 -7.74 98.05
C SER Z 413 -128.81 -7.98 96.93
N ASN Z 414 -128.46 -6.94 96.18
CA ASN Z 414 -127.47 -7.08 95.13
C ASN Z 414 -126.10 -7.46 95.68
N MET Z 415 -125.69 -6.83 96.78
CA MET Z 415 -124.38 -7.18 97.35
C MET Z 415 -124.41 -8.57 97.99
N ASN Z 416 -125.57 -8.98 98.53
CA ASN Z 416 -125.72 -10.37 98.97
C ASN Z 416 -125.57 -11.32 97.80
N ASP Z 417 -126.18 -10.99 96.66
CA ASP Z 417 -126.06 -11.83 95.47
C ASP Z 417 -124.62 -11.89 94.98
N LEU Z 418 -123.91 -10.77 95.04
CA LEU Z 418 -122.50 -10.77 94.66
C LEU Z 418 -121.67 -11.65 95.59
N VAL Z 419 -121.96 -11.62 96.89
CA VAL Z 419 -121.27 -12.50 97.83
C VAL Z 419 -121.56 -13.95 97.50
N SER Z 420 -122.83 -14.28 97.24
CA SER Z 420 -123.19 -15.65 96.89
C SER Z 420 -122.49 -16.11 95.61
N GLU Z 421 -122.39 -15.22 94.63
CA GLU Z 421 -121.61 -15.52 93.43
C GLU Z 421 -120.15 -15.75 93.75
N TYR Z 422 -119.60 -14.98 94.67
CA TYR Z 422 -118.25 -15.20 95.18
C TYR Z 422 -118.14 -16.45 96.04
N GLN Z 423 -119.23 -17.20 96.22
CA GLN Z 423 -119.22 -18.45 96.98
C GLN Z 423 -119.85 -19.58 96.18
N GLN Z 424 -119.44 -19.75 94.93
CA GLN Z 424 -120.02 -20.77 94.05
C GLN Z 424 -119.08 -21.92 93.67
N TYR Z 425 -117.82 -21.73 93.23
CA TYR Z 425 -116.89 -20.59 93.36
C TYR Z 425 -116.63 -20.23 94.82
N GLN Z 426 -116.50 -21.27 95.64
CA GLN Z 426 -116.25 -21.08 97.07
C GLN Z 426 -114.84 -20.54 97.29
N GLU Z 427 -114.67 -19.90 98.45
CA GLU Z 427 -113.38 -19.34 98.82
C GLU Z 427 -112.41 -20.44 99.25
#